data_9P72
#
_entry.id   9P72
#
loop_
_entity.id
_entity.type
_entity.pdbx_description
1 polymer 'P site tRNA'
2 polymer 'E site tRNA'
3 polymer '28S rRNA'
4 polymer '5S rRNA'
5 polymer '5.8S rRNA [Homo sapiens]'
6 polymer '60S ribosomal protein L8'
7 polymer 'Large ribosomal subunit protein uL3'
8 polymer '60S ribosomal protein L4'
9 polymer 'Large ribosomal subunit protein uL18'
10 polymer 'Large ribosomal subunit protein eL6'
11 polymer '60S ribosomal protein L7'
12 polymer '60S ribosomal protein L7a'
13 polymer '60S ribosomal protein L9'
14 polymer 'Ribosomal protein uL16-like'
15 polymer '60S ribosomal protein L11'
16 polymer 'Large ribosomal subunit protein eL13'
17 polymer '60S ribosomal protein L14'
18 polymer '60S ribosomal protein L15'
19 polymer '60S ribosomal protein L13a'
20 polymer '60S ribosomal protein L17'
21 polymer '60S ribosomal protein L18'
22 polymer '60S ribosomal protein L19'
23 polymer '60S ribosomal protein L18a'
24 polymer '60S ribosomal protein L21'
25 polymer 'Heparin-binding protein HBp15'
26 polymer '60S ribosomal protein L23'
27 polymer 'Ribosomal protein L24'
28 polymer '60S ribosomal protein L23a'
29 polymer '60S ribosomal protein L26'
30 polymer '60S ribosomal protein L27'
31 polymer '60S ribosomal protein L27a'
32 polymer 'Large ribosomal subunit protein eL29'
33 polymer '60S ribosomal protein L30'
34 polymer '60S ribosomal protein L31'
35 polymer '60S ribosomal protein L32'
36 polymer '60S ribosomal protein L35a'
37 polymer '60S ribosomal protein L34'
38 polymer '60S ribosomal protein L35'
39 polymer '60S ribosomal protein L36'
40 polymer '60S ribosomal protein L37'
41 polymer '60S ribosomal protein L38'
42 polymer '60S ribosomal protein L39'
43 polymer 'Large ribosomal subunit protein eL40'
44 polymer '60S ribosomal protein L41'
45 polymer '60S ribosomal protein L36a'
46 polymer '60S ribosomal protein L37a'
47 polymer '60S ribosomal protein L28'
48 polymer '60S acidic ribosomal protein P0'
49 polymer 'Large ribosomal subunit protein uL11'
50 polymer 'Small ribosomal subunit protein uS3'
51 polymer '40S ribosomal protein S5'
52 polymer '40S ribosomal protein S10'
53 polymer 'Small ribosomal subunit protein eS12'
54 polymer 'Small ribosomal subunit protein uS19'
55 polymer 'Small ribosomal subunit protein uS9'
56 polymer 'Small ribosomal subunit protein eS17'
57 polymer '40S ribosomal protein S18'
58 polymer '40S ribosomal protein S19'
59 polymer '40S ribosomal protein S20'
60 polymer 'Small ribosomal subunit protein eS25'
61 polymer '40S ribosomal protein S28'
62 polymer '40S ribosomal protein S29'
63 polymer 'Ubiquitin-40S ribosomal protein S27a'
64 polymer 'Receptor of activated protein C kinase 1'
65 polymer '40S ribosomal protein SA'
66 polymer '40S ribosomal protein S3a'
67 polymer '40S ribosomal protein S2'
68 polymer 'Small ribosomal subunit protein eS4, X isoform'
69 polymer '40S ribosomal protein S6'
70 polymer 'Small ribosomal subunit protein eS7'
71 polymer '40S ribosomal protein S8'
72 polymer '40S ribosomal protein S9'
73 polymer '40S ribosomal protein S11'
74 polymer '40S ribosomal protein S13'
75 polymer 'Small ribosomal subunit protein uS11'
76 polymer 'Small ribosomal subunit protein eS21'
77 polymer '40S ribosomal protein S15a'
78 polymer '40S ribosomal protein S23'
79 polymer '40S ribosomal protein S24'
80 polymer '40S ribosomal protein S26'
81 polymer 'Small ribosomal subunit protein eS27'
82 polymer 'Small ribosomal subunit protein eS30'
83 polymer '18S rRNA'
84 polymer 'Transcription factor BTF3'
85 non-polymer 'MAGNESIUM ION'
86 non-polymer SPERMINE
87 non-polymer SPERMIDINE
88 non-polymer 'ZINC ION'
#
loop_
_entity_poly.entity_id
_entity_poly.type
_entity_poly.pdbx_seq_one_letter_code
_entity_poly.pdbx_strand_id
1 'polyribonucleotide' GUCUCCGUAGUGUAGGGUAUCACGUUCGCCUAACACGCGAAAGGUCCUCGGUUCGAAACCGGGCGGAAACACCA Pt
2 'polyribonucleotide' GCCCGGAUAGCUCAGCUGUAGAGCAUCAGACUUUUAAUCUGAGGGUCCAGGGUUCAAGUCCCUGUUCGGGCGCCA Et
3 'polyribonucleotide'
;CGCGACCUCAGAUCAGACGUGGCGACCCGCUGAAUUUAAGCAUAUUAGUCAGCGGAGGAGAAGAAACUAACCAGGAUUCC
CUCAGUAACGGCGAGUGAACAGGGAAGAGCCCAGCGCCGAAUCCCCGCCCCGCGGCGGGGCGCGGGACAUGUGGCGUACG
GAAGACCCGCUCCCCGGCGCCGCUCGUGGGGGGCCCAAGUCCUUCUGAUCGAGGCCCAGCCCGUGGACGGUGUGAGGCCG
GUAGCGGCCCCCGGCGCGCCGGGCCCGGGUCUUCCCGGAGUCGGGUUGCUUGGGAAUGCAGCCCAAAGCGGGUGGUAAAC
UCCAUCUAAGGCUAAAUACCGGCACGAGACCGAUAGUCAACAAGUACCGUAAGGGAAAGUUGAAAAGAACUUUGAAG
(A2M)G(A2M)GAGUUCAAGAGGGCGUGAAACCGUUAAGAGGUAAACGGGUGGGGUCCGCGCAGUCCGCCCGGAGGAUUC
AACCCGGCGGCGGGUCCGGCCGUGUCGGCGGCCCGGCGGAUCUUUCCCGCGCGGGGGACCGUCCCCCGACCGGCGACCGG
CCGCCGCCGGGCGCAUUUCCACCGCGGCGGUGCGCCGCGACCGGCUCCGGGACGGCUGGGAAGGCCCGGCGGGGAAGGUG
GCUCGGGGGCCCCCGAGUGUUACAGCCCCCCCGGCAGCAGCACUCGCCGAAUCCCGGGGCCGAGGGAGCGAGACCCGUCG
CCGCGCUCUCCCCCCUCGGGGGGGCCGGGCCACCCCUCCCACGGCGCGACCGCUCGGGGCGGACUGUCCCCAGUGCGCCC
CGGGCGGGUCGCGCCGUCGGGCCCGGGGGAGGCCACGCGCGCGUCCCCCGAAGAGGGGGACGGCGGAGCGAGCGCACGGG
GUCGGCGGCGACGUCGGCUACCCACCCGACCC(OMG)UCUUG(1MA)(A2M)AC(A2M)CGGACCAAGGAGU(OMC)UAA
CACGUGCGCGAGUCGGGGGCUCGCACGAAAGCCGCCGUGGCGCAAUGAAGGUGAAGGCCGGCGCGCUCGCCGGCCGAGGU
GGGAUCCCGAGGCCUCUCCAGUCCGCCGAGGGCGCACCACCGGCCCGUCUCGCCCGCCGCGCCGGGGAGGUGGAGCACGA
GCGCACGUGUUAGGACCC(OMG)A(A2M)AGAUGGUGA(A2M)C(PSU)AUGCCUGGGCAGGGCGAAGCCAGAGGAAACU
CUGGUGGAGGUCCG(PSU)AGCGGUCCUGACGUGCAAAUCGGUCGUCCGACCUGGGUAUAG(OMG)GGCGAAAGACUAAU
CGAACCAUCUAGUAGCUGGUUCCCUCCGAAGUUUCCC(PSU)CAGGA(PSU)AGCUGGCGCUCUCGCAGACCCGAGCCAC
GCAGUUUUAUCCGGUAAAGCGAA(PSU)GAUUAGAGGUCUUGGGGCCGAAACGAUCUCAACCUA(PSU)(PSU)CUCAAA
CUU(PSU)AAAUGGGUAAGAAGCCCGGCUCGCUGGCGUGGAGCCGGGCGUGGAAUGCGAGUGCCUAGUGGGCCAC(PSU)
U(PSU)UGGUAAGC(A2M)GAACUGGCGCUGCGGGAUGAACCGAACGCCGGGUUAAGGCGCCCGAUGCCGACGCUCAUCA
GACCCCAGAAAAGGUGUUGGUUGAUAUAGACAGCAGGACGGUGGCCAUGGAAGUCGGAAUCCGCUAAGGAGUGUGUAACA
ACUCACCUGCCGAAUCAACUAGCCCUGAAAAUGGAUGGCGCUGGAGCGUCGGGCCCAUACCCGGCCGUCGCCGGCAGUCG
AGAGUGGACGGGAGCGGCGGCCGGAGCCCCGCGGACGCUACGCCGCGACGAGUAGGAGGGCCGCUGCGGUGAGCCUUGAA
GCCUAGGGCGCGGGCCCGGGUGGAGCCGCCGCAGGUGCAGAU(OMC)UUGGUGGUAGU(A2M)(OMG)(OMC)AAAUAUU
CAAACGAGAACUUUGAAGGCCGAAGUGG(A2M)GAAGGGUUCCAUGUGAACAG(OMC)A(OMG)UUGAACAUGGGUCAGU
CGGUCCUGAGAGAUGGGCGAGCGCCGUUCCGAAGGGACGGGCGAUGGCCUCCGUUGCCCUCGGCCGAUCGAAAGGGAGUC
GGGUUCAGAUCCCCGAAUCCGGAGUGGCGGAGAUGGGCGCCGCGAGGCGUCCAGUGCGGUAACGCGACCGAUCCCGGAGA
AGCCGGCGGGAGCCCCGGGGAGAGUUCUCUU(PSU)UCUUUGUGAAGGGCAGGGCGCCCUGGAAUGGGUUCGCCCCGAGA
GAGGGGCCCGUGCCUUGGAAAGCGUCGCGGUUCCGGCGGCGUCCGGUGAGCUCUCGCUGGCCCUUGAAAAUCCGGGGGAG
AGGGUGUAAAUCUCGCGCCGGGCCGUACCC(A2M)UAUCCGCAGCAGGUCU(OMC)CAAGGUGAAC(A2M)GCCUCUGG
(OMC)AUGUUGGAACAA(OMU)G(PSU)AGGUAAGGGAAGUCGGCAAGC(OMC)GGAUCCGUAACUUC(OMG)GGAUAAG
GAUUGGCUCUAAGGGCUGGGUCGGUCGCGGCCGGCGCCUAGCAGCCGACUUAGAACUGGUGCGGACCAGG(OMG)GAAUC
CGAC(PSU)G(PSU)UUAAUUAAAACAAAGCAUCGCGAAGGCCCGCGGCGGGUGUUGACGCGAUGUGAUU(PSU)CUGCC
(OMC)AGUGCUCUGAAUGUCA(A2M)AGUGAAGAAAUUCAAUGAAGCGCGG(OMG)UAAACGGCGGGAGUAACUAUGACU
CUCUUAAGGUAGC(5MC)AA(A2M)UGCCUC(OMG)UCAUCUAAUUAGUGA(OMC)GCGCAUGAA(UY1)GGA(PSU)GA
(A2M)CGAG(A2M)UUCCCACUGU(OMC)CC(PSU)ACCUAC(PSU)A(PSU)CCAGCGAAACCAC(A2M)G(OMC)CAA
GGGAACGGGCU(PSU)GG(OMC)GGAAUCAGCGG(OMG)GAAAGAAGACCCUGUUGAGC(PSU)UGAC(OMU)CUAGUCU
GGCACGGUGAAGAGACAUGAGAACUCUGAUCGUUUUUUCACUGACCCGGUGAGGCGGGGGGGCGAGCCCCGAGGGGCUCU
CGCUUCUGGCGCCAAGCGCCCGGCCGCGCGCCGGCCGGGCGCGACCCGCUCCGGGGACAGUGCCAGGUGGGGAGUUUGAC
UG(OMG)GGCGGUACACCUGUCAAACGGUA(6MZ)CGCAGG(OMU)(OMG)UCCUAAGGCGAGCUCAGGGAGGACAGAAA
CCUCCCGUGGAGCAGAAGGGCAAAAGCUCGCUUGA(PSU)CU(PSU)GA(PSU)UUUCAG(OMU)ACGAA(PSU)ACAGA
CCGUGAAAGCGGGGCCUCACGAUCCUUCUGACCUU(PSU)UGGGUUU(PSU)AAGCAGGA(OMG)GUGUCAGAAAAGUUA
CCACAG(OMG)GAUAACUGGC(PSU)UGUGGCGGCCAAGCGUUCAUAGCGACG(PSU)CGCUUUUUGA(PSU)CCUU
(5MC)GAUGUCGG(OMC)(PSU)CUUCCUAUCAUUG(PSU)GAAGCAGAAUUCACCAAGCGU(PSU)(OMG)GAU(OMU)
(OMG)(PSU)UCACCCACUAAUAGGGAACG(PSU)G(A2M)GCUGGG(UR3)U(PSU)AGA(OMC)CGUCGUGAGACAGG
U(PSU)AGUUUUACCCUACUGAUG(A2M)UGUG(PSU)UG(PSU)UGCCAUGGUA(A2M)UCCUGCUCAGUACGAGAGGA
ACCGCAG(OMG)U(OMU)CA(OMG)ACAU(PSU)UGGUGUA(PSU)(OMG)UGCUUGGCUGAGGAGCCAAUGGGGCGAAG
CUACCA(PSU)CUGUGGGAUUAUGAC(PSU)GAACGCCUCUAAGUCAGAAUCCCGCCCAGGCGGAACGAUACGGCAGCGC
CGCGGAGCCUCGGUUGGCCUCGGAUAGCCGGUCCCCCGCCGGGGUCCGGUGCGGAGUGCCCUUCGUCCUGGGAAACGGGG
CGCGGCCGGAGAGGCGGCCGCCCCCUCGCCCGUCACGCACCGCACGUUCGUGGGGAACCUGGCGCUAAACCA(PSU)
(PSU)CGUAGACGACCUGCUUCUGGGUCGGGG(PSU)UUCGUACG(PSU)AGCAGAGCAGCUCCCUCGCUGCGAUCUAUU
GAAAGUCAGCCCUCGACACAAGGGUUUGU
;
L5
4 'polyribonucleotide'
;GUCUACGGCCAUACCACCCUGAACGCGCCCGAUCUCGUCUGAUCUCGGAAGCUAAGCAGGGUCGGGCCUGGUUAGUACUU
GGAUGGGAGACCGCCUGGGAAUACCGGGUGCUGUAGGCUU
;
L7
5 'polyribonucleotide'
;CGACUCUUAGCGGUGGAUCACUCGGCUCGUGCGUCGAUGAAGAACGCAGCUAGC(PSU)GCGAGAAUUAAUG(PSU)GAA
UU(OMG)CAGGACACAUUGAUCAUCGACACUUCGAACGCACUUGCGGCCCCGGGUUCCUCCCGGGGCUACGCCUGUCUGA
GCGUCGCU
;
L8
6 'polypeptide(L)'
;GRVIRGQRKGAGSVFRAHVKHRKGAARLRAVDFAERHGYIKGIVKDIIHDPGRGAPLAKVVFRDPYRFKKRTELFIAAEG
IHTGQFVYCGKKAQLNIGNVLPVGTMPEGTIVCCLEEKPGDRGKLARASGNYATVISHNPETKKTRVKLPSGSKKVISSA
NRAVVGVVAGGGRIDKPILKAGRAYHKYKAKRNCWPRVRGVAMNPVEHPFGGGNHQHIGKPSTIRRDAPAGRKVGLIAAR
RTGRLRGT
;
LA
7 'polypeptide(L)'
;SHRKFSAPRHGSLGFLPRKRSSRHRGKVKSFPKDDPSKPVHLTAFLGYKAGMTHIVREVDRPGSKVNKKEVVEAVTIVET
PPMVVVGIVGYVETPRGLRTFKTVFAEHISDECKRRFYKNWHKSKKKAFTKYCKKWQDEDGKKQLEKDFSSMKKYCQVIR
VIAHTQMRLLPLRQKKAHLMEIQVNGGTVAEKLDWARERLEQQVPVNQVFGQDEMIDVIGVTKGKGYKGVTSRWHTKKLP
RKTHRGLRKVACIGAWHPARVAFSVARAGQKGYHHRTEINKKIYKIGQGYLIKDGKLIKNNASTDYDLSDKSINPLGGFV
HYGEVTNDFVMLKGCVVGTKKRVLTLRKSLLVQTKRRALEKIDLKFIDTTSKFGHGRFQTMEEKKAFMGPLKKDRIAKEE
GA
;
LB
8 'polypeptide(L)'
;MACARPLISVYSEKGESSGKNVTLPAVFKAPIRPDIVNFVHTNLRKNNRQPYAVSELAGHQTSAESWGTGRAVARIPRVR
GGGTHRSGQGAFGNMCRGGRMFAPTKTWRRWHRRVNTTQKRYAICSALAASALPALVMSKGHRIEEVPELPLVVEDKVEG
YKKTKEAVLLLKKLKAWNDIKKVYASQRMRAGKGKMRNRRRIQRRGPCIIYNEDNGIIKAFRNIPGITLLNVSKLNILKL
APGGHVGRFCIWTESAFRKLDELYGTWRKAASLKSNYNLPMHKMINTDLSRILKSPEIQRALRAPRKKIHRRVLKKNPLK
NLRIMLKLNPYAKTMRRNTILRQARNHKLRVDKAAAAAAALQAKSDEK
;
LC
9 'polypeptide(L)'
;GFVKVVKNKAYFKRYQVKFRRRREGKTDYYARKRLVIQDKNKYNTPKYRMIVRVTNRDIICQIAYARIEGDMIVCAAYAH
ELPKYGVKVGLTNYAAAYCTGLLLARRLLNRFGMDKIYEGQVEVTGDEYNVESIDGQPGAFTCYLDAGLARTTTGNKVFG
ALKGAVDGGLSIPHSTKRFPGYDSESKEFNAEVHRKHIMGQNVADYMRYLMEEDEDAYKKQFSQYIKNSVTPDMMEEMYK
KAHAAIRENPVYEKKPKKEVKKKRWNRPKMSLAQKKDRVAQKKASFLRAQERA
;
LD
10 'polypeptide(L)'
;KGKPHCSRNPVLVRGIGRYSRSAMYSRKAMYKRKYSAAKVLATVTKPVGGDKNGGTRVVKLRKMPRYYPTEDVPRKLLSH
GKKPFSQHVRKLRASITPGTILIILTGRHRGKRVVFLKQLASGLLLVTGPLVLNRVPLRRTHQKFVIATSTKIDISNVKI
PKHLTDAYFKKKKLRKPRHQEGEIFDTEKEKYEITEQRKIDQKAVDSQILPKIKAIPQLQGYLRSVFALTNGIYPHKLVF
;
LE
11 'polypeptide(L)'
;NFAELKIKRLRKKFAQKMLRKARRKLIYEKAKHYHKEYRQMYRTEIRMARMARKAGNFYVPAEPKLAFVIRIRGINGVSP
KVRKVLQLLRLRQIFNGTFVKLNKASINMLRIVEPYIAWGYPNLKSVNELIYKRGYGKINKKRIALTDNALIARSLGKYG
IICMEDLIHEIYTVGKRFKEANNFLWPFKLSSPRGGMKKKTTHFVEGGDAGNREDQINRLIRRMN
;
LF
12 'polypeptide(L)'
;KVVNPLFEKRPKNFGIGQDIQPKRDLTRFVKWPRYIRLQRQRAILYKRLKVPPAINQFTQALDRQTATQLLKLAHKYRPE
TKQEKKQRLLARAEKKAAGKGDVPTKRPPVLRAGVNTVTTLVENKKAQLVVIAHDVDPIELVVFLPALCRKMGVPYCIIK
GKARLGRLVHRKTCTTVAFTQVNSEDKGALAKLVEAIRTNYNDRYDEIRRHWGGNVLGPKSVARIAKLEKAKAKELATKL
G
;
LG
13 'polypeptide(L)'
;MKTILSNQTVDIPENVDITLKGRTVIVKGPRGTLRRDFNHINVELSLLGKKKKRLRVDKWWGNRKELATVRTICSHVQNM
IKGVTLGFRYKMRSVYAHFPINVVIQENGSLVEIRNFLGEKYIRRVRMRPGVACSVSQAQKDELILEGNDIELVSNSAAL
IQQATTVKNKDIRKFLDGIYVSEKGTVQQA
;
LH
14 'polypeptide(L)'
;GRRPARCYRYCKNKPYPKSRFCRGVPDAKIRIFDLGRKKAKVDEFPLGGHMVSDEYEQLSSEALEAARICANKYMVKSCG
RDGFHMRVRLHPFHVIRINKMLSCAGADRLQTGMRGAFGKPQGTVARVHIGQVIMSIRTKLQNEEHVIEALRRAKFKFPG
RQKIHISKKWGFTKFNADEFEDMVAKKCLIPDGCGVKYVPSHGPLDKWRVLHS
;
LI
15 'polypeptide(L)'
;QDQGEKENPMRELRIRKLCLNICVGESGDRLTRAAKVLEQLTGQTPVFSKARYTVRSFGIRRNEKIAVHCTVRGAKAEEI
LEKGLKVREYELRKNNFSDTGNFGFGIQEHIDLGIKYDPSIGIYGLDFYVVLGRPGFSIADKKRRTGCIGAKHRISKEEA
MRWFQQKYDGIILPGK
;
LJ
16 'polypeptide(L)'
;APSRNGMVLKPHFHKDWQRRVATWFNQPARKIRRRKARQAKARRIAPRPASGPIRPIVRCPTVRYHTKVRAGRGFSLEEL
RVAGIHKKVARTIGISVDPRRRNKSTESLQANVQRLKEYRSKLILFPRKPSAPKKGDSSAEELKLATQLTGPVMPVRNVY
KKEKARVITEEEKNFKAFASLRMARANARLFGIRAKRAKEAAEQDVEKKK
;
LL
17 'polypeptide(L)'
;VFRRFVEVGRVAYVSFGPHAGKLVAIVDVIDQNRALVDGPCTQVRRQAMPFKCMQLTDFILKFPHSAHQKYVRQAWQKAD
INTKWAATRWAKKIEARERKAKMTDFDRFKVMKAKKMRNRIIKNEVKKLQKAALLKASP
;
LM
18 'polypeptide(L)'
;GAYKYIQELWRKKQSDVMRFLLRVRCWQYRQLSALHRAPRPTRPDKARRLGYKAKQGYVIYRIRVRRGGRKRPVPKGATY
GKPVHHGVNQLKFARSLQSVAEERAGRHCGALRVLNSYWVGEDSTYKFFEVILIDPFHKAIRRNPDTQWITKPVHKHREM
RGLTSAGRKSRGLGKGHKFHHTIGGSRRAAWRRRNTLQLHRYR
;
LN
19 'polypeptide(L)'
;EVQVLVLDGRGHLLGRLAAIVAKQVLLGRKVVVVRCEGINISGNFYRNKLKYLAFLRKRMNTNPSRGPYHFRAPSRIFWR
TVRGMLPHKTKRGQAALDRLKVFDGIPPPYDKKKRMVVPAALKVVRLKPTRKFAYLGRLAHEVGWKYQAVTATLEEKRKE
KAKIHYRKKKQLMRLRKQAEKNVEKKIDKYTEVLKTHGLLV
;
LO
20 'polypeptide(L)'
;VRYSLDPENPTKSCKSRGSNLRVHFKNTRETAQAIKGMHIRKATKYLKDVTLQKQCVPFRRYNGGVGRCAQAKQWGWTQG
RWPKKSAEFLLHMLKNAESNAELKGLDVDSLVIEHIQVNKAPKMRRRTYRAHGRINPYMSSPCHIEMILTEKE
;
LP
21 'polypeptide(L)'
;GVDIRHNKDRKVRRKEPKSQDIYLRLLVKLYRFLARRTNSTFNQVVLKRLFMSRTNRPPLSLSRMIRKMKLPGRENKTAV
VVGTITDDVRVQEVPKLKVCALRVTSRARSRILRAGGKILTFDQLALDSPKGCGTVLLSGPRKGREVYRHFGKAPGTPHS
HTKPYVRSKGRKFERARGRRASRGYKN
;
LQ
22 'polypeptide(L)'
;SMLRLQKRLASSVLRCGKKKVWLDPNETNEIANANSRQQIRKLIKDGLIIRKPVTVHSRARCRKNTLARRKGRHMGIGKR
KGTANARMPEKVTWMRRMRILRRLLRRYRESKKIDRHMYHSLYLKVKGNVFKNKRILMEHIHKLKADKARKKLLADQAEA
RRSKTKEARKRREERLQAKKEEIIKTL
;
LR
23 'polypeptide(L)'
;KASGTLREYKVVGRCLPTPKCHTPPLYRMRIFAPNHVVAKSRFWYFVSQLKKMKKSSGEIVYCGQVFEKSPLRVKNFGIW
LRYDSRSGTHNMYREYRDLTTAGAVTQCYRDMGARHRARAHSIQIMKVEEIAASKCRRPAVKQFHDSKIKFPLPHRVLRR
QHKPRFTTKRPNTFF
;
LS
24 'polypeptide(L)'
;TNTKGKRRGTRYMFSRPFRKHGVVPLATYMRIYKKGDIVDIKGMGTVQKGMPHKCYHGKTGRVYNVTQHAVGIVVNKQVK
GKILAKRINVRIEHIKHSKSRDSFLKRVKENDQKKKEAKEKGTWVQLKRQPAPPREAHFVRTNGKEPELLEPIPYEFMA
;
LT
25 'polypeptide(L)'
;QVLKFTLDCTHPVEDGIMDAANFEQFLQERIKVNGKAGNLGGGVVTIERSKSKITVTSEVPFSKRYLKYLTKKYLKKNNL
RDWLRVVANSKESYELRYFQI
;
LU
26 'polypeptide(L)'
;SGAKFRISLGLPVGAVINCADNTGAKNLYIISVKGIKGRLNRLPAAGVGDMVMATVKKGKPELRKKVHPAVVIRQRKSYR
RKDGVFLYFEDNAGVIVNNKGEMKGSAITGPVAKECADLWPRIASNAGSIA
;
LV
27 'polypeptide(L)'
;MKVELCSFSGYKIYPGHGRRYARTDGKVFQFLNAKCESAFLSKRNPRQINWTVLYRRKHKKGQKRTRRAVKFQRAITGAS
LADIMAKRNQKPEVRKAQREQAIRAAKEAKKAKQASKK
;
LW
28 'polypeptide(L)'
;KKKIRTSPTFRRPKTLRLRRQPKYPRKSAPRRNKLDHYAIIKFPLTTESAMKKIEDNNTLVFIVDVKANKHQIKQAVKKL
YDIDVAKVNTLIRPDGEKKAYVRLAPDYDALDVANKIGII
;
LX
29 'polypeptide(L)'
;MKFNPFVTSDRSKNRKRHFNAPSHIRRKIMSSPLSKELRQKYNVRSMPIRKDDEVQVVRGHYKGQQIGKVVQVYRKKYVI
YIERVQREKANGTTVHVGIHPSKVVITRLKLDKDRKKILERKAKSRQVGKEKGK
;
LY
30 'polypeptide(L)'
;GKFMKPGKVVLVLAGRYSGRKAVIVKNIDDGTSDRPYSHALVAGIDRYPRKVTAAMGKKKIAKRSKIKSFVKVYNYNHLM
PTRYSVDIPLDKTVVNKDVFRDPALKRKARREAKVKFEERYKTGKNKWFFQKLRF
;
LZ
31 'polypeptide(L)'
;PSRLRKTRKLRGHVSHGHGRIGKHRKHPGGRGNAGGLHHHRINFDKYHPGYFGKVGMKHYHLKRNQSFCPTVNLDKLWTL
VSEQTRVNAAKNKTGAAPIIDVVRSGYYKVLGKGKLPKQPVIVKAKFFSRRAEEKIKSVGGACVLVA
;
La
32 'polypeptide(L)'
;AKSKNHTTHNQSRKWHRNGIKKPRSQRYESLKGVDPKFLRNMRFAKKHNKKGLKKMQANNAKAMSARAEAIKALVVSRKL
DRLAYIAHPKLGKRARARIAKGLRLCRPK
;
Lb
33 'polypeptide(L)'
;KSLESINSRLQLVMKSGKYVLGYKQTLKMIRQGKAKLVILANNCPALRKSEIEYYAMLAKTGVHHYSGNNIELGTACGKY
YRVCTLAIIDPGDSDIIR
;
Lc
34 'polypeptide(L)'
;NEVVTREYTINIHKRIHGVGFKKRAPRALKEIRKFAMKEMGTPDVRIDTRLNKAVWAKGIRNVPYRIRVRLSRKRNEDED
SPNKLYTLVTYVPVTTFKNLQTVNVDE
;
Ld
35 'polypeptide(L)'
;AALRPLVKPKIVKKRTKKFIRHQSDRYVKIKRNWRKPRGIDNRVRRRFKGQILMPNIGYGSNKKTKHMLPSGFRKFLVHN
VKELEVLLMCNKSYCAEIAHNVSSKNRKAIVERAAQLAIRVTNPNARL
;
Le
36 'polypeptide(L)'
;SGRLWSKAIFAGYKRGLRNQREHTALLKIEGVYARDETEFYLGKRCAYVYKAKNNTVTPGGKPNKTRVIWGKVTRAHGNS
GMVRAKFRSNLPAKAIGHRIRVMLYPSRI
;
Lf
37 'polypeptide(L)'
;VQRLTYRRRLSYNTASNKTRLSRTPGNRIVYLYTKKVGKAPKSACGVCPGRLRGVRAVRPKVLMRLSKTKKHVSRAYGGS
MCAKCVRDRIKRAFLIEEQKIVVKVLKAQAQSQK
;
Lg
38 'polypeptide(L)'
;AKIKARDLRGKKKEELLKQLDDLKVELSQLRVAKVTGGAASKLSKIRVVRKSIARVLTVINQTQKENLRKFYKGKKYKPL
DLRPKKTRAMRRRLNKHEENLKTKKQQRKERLYPLRKYAVKA
;
Lh
39 'polypeptide(L)'
;ALRYPMAVGLNKGHKVTKNVSKPRHSRRRGRLTKHTKFVRDMIREVCGFAPYERRAMELLKVSKDKRALKFIKKRVGTHI
RAKRKREELSNVLAAMRKAAAK
;
Li
40 'polypeptide(L)'
;TKGTSSFGKRRNKTHTLCRRCGSKAYHLQKSTCGKCGYPAKRKRKYNWSAKAKRRNTTGTGRMRHLKIVYRRFRHGFREG
TTPKPK
;
Lj
41 'polypeptide(L)' PRKIEEIKDFLLTARRKDAKSVKIKKNKDNVKFKVRCSRYLYTLVITDKEKAEKLKQSLPPGLAVKELK Lk
42 'polypeptide(L)' SSHKTFRIKRFLAKKQKQNRPIPQWIRMKTGNKIRYNSKRRHWRRTKLGL Ll
43 'polypeptide(L)' IIEPSLRQLAQKYNCDKMICRKCYARLHPRAVNCRKKKCGHTNNLRPKKKVK Lm
44 'polypeptide(L)' MRAKWRKKRMRRLKRKRRKMRQRS Ln
45 'polypeptide(L)'
;VNVPKTRRTFCKKCGKHQPHKVTQYKKGKDSLYAQGKRRYDRKQSGYGGQTKPIFRKKAKTTKKIVLRLECVEPNCRSKR
MLAIKRCKHFELGGDKKRKGQVIQF
;
Lo
46 'polypeptide(L)'
;AKRTKKVGIVGKYGTRYGASLRKMVKKIEISQHAKYTCSFCGKTKMKRRAVGIWHCGSCMKTVAGGAWTYNTTSAVTVKS
AIRRLKELKDQ
;
Lp
47 'polypeptide(L)'
;SAHLQWMVVRNCSSFLIKRNKQTYSTEPNNLKARNSFRYNGLIHRKTVGVEPAADGKGVVVVIKRRSGQRKPATSYVRTT
INKNARATLSSIRHMIRKNKYRPDLRMAAIRRASAILRSQKPVMV
;
Lr
48 'polypeptide(L)'
;DRATWKSNYFLKIIQLLDDYPKCFIVGADNVGSKQMQQIRMSLRGKAVVLMGKNTMMRKAIRGHLENNPALEKLLPHIRG
NVGFVFTKEDLTEIRDMLLANKVPAAARAGAIAPCEVTVPAQNTGLGPEKTSFFQALGITTKISRGTIEILSDVQLIKTG
DKVGASEATLLNMLNISPFSFGLVIQQVFDNGSIYN
;
Ls
49 'polypeptide(L)'
;PNEIKVVYLRCTGGEVGATSALAPKIGPLGLSPKKVGDDIAKATGDWKGLRITVKLTIQNRQAQIEVVPSASALIIKALK
EITFDEIVNIARQMRHRSLARELSGTIKEILGTAQSVGCNVDGRHPHDIIDDINSGAVECP
;
Lt
50 'polypeptide(L)'
;MAVQISKKRKFVADGIFKAELNEFLTRELAEDGYSGVEVRVTPTRTEIIILATRTQNVLGEKGRRIRELTAVVQKRFGFP
EGSVELYAEKVATRGLCAIAQAESLRYKLLGGLAVRRACYGVLRFIMESGAKGCEVVVSGKLRGQRAKSMKFVDGLMIHS
GDPVNYYVDTAVRHVLLRQGVLGIKVKIMLPWDPTGKIGPKKPLPDHVSIVEPKDEILPTTPISEQK
;
SD
51 'polypeptide(L)'
;DIKLFGKWSTDDVQINDISLQDYIAVKEKYAKYLPHSAGRYAAKRFRKAQCPIVERLTNSMMMHGRNNGKKLMTVRIVKH
AFEIIHLLTGENPLQVLVNAIINSGPREDSTRIGRAGTVRRQAVDVSPLRRVNQAIWLLCTGAREAAFRNIKTIAECLAD
ELINAAKGSSNSYAIKKKDELERVAKSNR
;
SF
52 'polypeptide(L)'
;MLMPKKNRIAIYELLFKEGVMVAKKDVHMPKHPELADKNVPNLHVMKAMQSLKSRGYVKEQFAWRHFYWYLTNEGIQYLR
DYLHLPPEIVPATLRRSR
;
SK
53 'polypeptide(L)'
;VMDVNTALQEVLKTALIHDGLARGIREAAKALDKRQAHLCVLASNCDEPMYVKLVEALCAEHQINLIKVDDNKKLGEWVG
LCKIDREGKPRKVVGCSCVVVKDYGKESQAKDVIEEYFKCKK
;
SM
54 'polypeptide(L)'
;TYRGVDLDQLLDMSYEQLMQLYSARQRRRLNRGLRRKQHSLLKRLRKAKKEAPPMEKPEVVKTHLRDMIILPEMVGSMVG
VYNGKTFNQVEIKPEMIGHYLGEFSITYKPVKHGRPGIGAT
;
SP
55 'polypeptide(L)'
;SKGPLQSVQVFGRKKTATAVAHCKRGNGLIKVNGRPLEMIEPRTLQYKLLEPVLLLGKERFAGVDIRVRVKGGGHVAQIY
AIRQSISKALVAYYQKYVDEASKKEIKDILIQYDRTLLVADPRRCESKKFGGPGARARYQKSYR
;
SQ
56 'polypeptide(L)'
;MGRVRTKTVKKAARVIIEKYYTRLGNDFHTNKRVCEEIAIIPSKKLRNKIAGYVTHLMKRIQRGPVRGISIKLQEEERER
RDNYVPEVSALDQEIIEVDPDTKEMLKLLDFGSLSNLQVTQPTVGMNFKTPRGPV
;
SR
57 'polypeptide(L)'
;MSLVIPEKFQHILRVLNTNIDGRRKIAFAITAIKGVGRRYAHVVLRKADIDLTKRAGELTEDEVERVITIMQNPRQYKIP
DWFLNRQKDVKDGKYSQVLANGLDNKLREDLERLKKIRAHRGLRHFWGLRVRGQHTKTTGRRGRT
;
SS
58 'polypeptide(L)'
;PGVTVKDVNQQEFVRALAAFLKKSGKLKVPEWVDTVKLAKHKELAPYDENWFYTRAASTARHLYLRGGAGVGSMTKIYGG
RQRNGVMPSHFSRGSKSVARRVLQALEGLKMVEKDQDGGRKLTPQGQRDLDRIAGQVAAANKK
;
ST
59 'polypeptide(L)'
;AIHRIRITLTSRNVKSLEKVCADLIRGAKEKNLKVKGPVRMPTKTLRITTRKTPCGEGSKTWDRFQMRIHKRLIDLHSPS
EIVKQITSISIEPGVEVEVTIADA
;
SU
60 'polypeptide(L)' RDKLNNLVLFDKATYDKLCKEVPNYKLITPAVVSERLKIRGSLARAALQELLSKGLIKLVSKHRAQVIYTRNTKG SZ
61 'polypeptide(L)' RVQPIKLARVTKVLGRTGSQGQCTQVRVEFMDDTSRSIIRNVKGPVREGDVLTLLESEREARRL Sc
62 'polypeptide(L)' GHQQLYWSHPRKFGQGSRSCRVCSNRHGLIRKYGLNMCRQCFRQYAKDIGFIKLD Sd
63 'polypeptide(L)' YTTPKKNKHKRKKVKLAVLKYYKVDENGKISRLRRECPSDECGAGVFMASHFDRHYCGKCCLTYCFN Sf
64 'polypeptide(L)'
;TEQMTLRGTLKGHNGWVTQIATTPQFPDMILSASRDKTIIMWKLTRDETNYGIPQRALRGHSHFVSDVVISSDGQFALSG
SWDGTLRLWDLTTGTTTRRFVGHTKDVLSVAFSSDNRQIVSGSRDKTIKLWNTLGVCKYTVQDESHSEWVSCVRFSPNSS
NPIIVSCGWDKLVKVWNLANCKLKTNHIGHTGYLNTVTVSPDGSLCASGGKDGQAMLWDLNEGKHLYTLDGGDIINALCF
SPNRYWLCAATGPSIKIWDLEGKIIVDELKQEVISTSSKAEPPQCTSLAWSADGQTLFAGYTDNLVRVWQVTI
;
Sg
65 'polypeptide(L)'
;GALDVLQMKEEDVLKFLAAGTHLGGTNLDFQMEQYIYKRKSDGIYIINLKRTWEKLLLAARAIVAIENPADVSVISSRNT
GQRAVLKFAAATGATPIAGRFTPGTFTNQIQAAFREPRLLVVTDPRADHQPLTEASYVNLPTIALCNTDSPLRYVDIAIP
CNNKGAHSVGLMWWMLAREVLRMRGTISREHPWEVMPDLYFYRDPEEIEKEEQAAAEKAVT
;
SA
66 'polypeptide(L)'
;VVDPFSKKDWYDVKAPAMFNIRNIGKTLVTRTQGTKIASDGLKGRVFEVSLADLQNDEVAFRKFKLITEDVQGKNCLTNF
HGMDLTRDKMCSMVKKWQTMIEAHVDVKTTDGYLLRLFCVGFTKKRNNQIRKTSYAQHQQVRQIRKKMMEIMTREVQTND
LKEVVNKLIPDSIGKDIEKACQSIYPLHDVFVRKVKMLKKPKFELGKLMELHGE
;
SB
67 'polypeptide(L)'
;EWMPVTKLGRLVKDMKIKSLEEIYLFSLPIKESEIIDFFLGASLKDEVLKIMPVQKQTRAGQRTRFKAFVAIGDYNGHVG
LGVKCSKEVATAIRGAIILAKLSIVPVRRGYWGNKIGKPHTVPCKVTGRCGSVLVRLIPAPRGTGIVSAPVPKKLLMMAG
IDDCYTSARGCTATLGNFAKATFDAISKTYSYLTPDLWKETVFTKSPYQEFTDHLVKTHTRV
;
SC
68 'polypeptide(L)'
;ARGPKKHLKRVAAPKHWMLDKLTGVFAPRPSTGPHKLRECLPLIIFLRNRLKYALTGDEVKKICMQRFIKIDGKVRTDIT
YPAGFMDVISIDKTGENFRLIYDTKGRFAVHRITPEEAKYKLCKVRKIFVGTKGIPHLVTHDARTIRYPDPLIKVNDTIQ
IDLETGKITDFIKFDTGNLCMVTGGANLGRIGVITNRERHPGSFDVVHVKDANGNSFATRLSNIFVIGKGNKPWISLPRG
KGIRLTIAEERDKRLAAKQSSG
;
SE
69 'polypeptide(L)'
;MKLNISFPATGCQKLIEVDDERKLRTFYEKRMATEVAADALGEEWKGYVVRISGGNDKQGFPMKQGVLTHGRVRLLLSKG
HSCYRPRRTGERKRKSVRGCIVDANLSVLNLVIVKKGEKDIPGLTDTTVPRRLGPKRASRIRKLFNLSKEDDVRQYVVRK
PLNKEGKKPRTKAPKIQRLVTPRVLQHKRRRIALKKQRTKKNKEEAAEYAKLLAKRMKEAKEKRQEQIAKRRRLSSL
;
SG
70 'polypeptide(L)'
;SAKIVKPNGEKPDEFESGISQALLELEMNSDLKAQLRELNITAAKEIEVGGGRKAIIIFVPVPQLKSFQKIQVRLVRELE
KKFSGKHVVFIAQRRILPKPTRKKNKQKRPRSRTLTAVHDAILEDLVFPSEIVGKRIRVKLDGSRLIKVHLDKAQQNNVE
HKVETFSGVYKKLTGKDVNFEFPEFQ
;
SH
71 'polypeptide(L)'
;GISRDNWHKRRKTGGKRKPYHKKRKYELGRPAANTKIGPRRIHTVRVRGGNKKYRALRLDVGNFSWGSECCTRKTRIIDV
VYNASNNELVRTKTLVKNCIVLIDSTPYRQWYESHYALPLGRKKGAKLTPEEEEILNKKRSKKIQKKYDERKKNAKISSL
LEEQFQQGKLLACIASRPGQCGRADGYVLEGKELEFYLRKIKARKG
;
SI
72 'polypeptide(L)'
;PVARSWVCRKTYVTPRRPFEKSRLDQELKLIGEYGLRNKREVWRVKFTLAKIRKAARELLTLDEKDPRRLFEGNALLRRL
VRIGVLDEGKMKLDYILGLKIEDFLERRLQTQVFKLGLAKSIHHARVLIRQRHIRVRKQVVNIPSFIVRLDSQKHIDFSL
RSPYGGGRPGRVKRKNAKKGQGGAG
;
SJ
73 'polypeptide(L)'
;ADIQTERAYQKQPTIFQNKKRVLLGETGKEKLPRYYKNIGLGFKTPKEAIEGTYIDKKCPFTGNVSIRGRILSGVVTKMK
MQRTIVIRRDYLHYIRKYNRFEKRHKNMSVHLSPCFRDVQIGDIVTVGECRPLSKTVRFNVLKVTKAAGTKKQ
;
SL
74 'polypeptide(L)'
;GRMHAPGKGLSQSALPYRRSVPTWLKLTSDDVKEQIYKLAKKGLTPSQIGVILRDSHGVAQVRFVTGNKILRILKSKGLA
PDLPEDLYHLIKKAVAVRKHLERNRKDKDAKFRLILIESRIHRLARYYKTKRVLPPNWKYESSTASALVA
;
SN
75 'polypeptide(L)'
;EQVISLGPQVAEGENVFGVCHIFASFNDTFVHVTDLSGKETICRVTGGMKVKADRDESSPYAAMLAAQDVAQRCKELGIT
ALHIKLRATGGNRTKTPGPGAQSALRALARSGMKIGRIEDVTPIPSDSTRRKGGRRGRRL
;
SO
76 'polypeptide(L)'
;MQNDAGEFVDLYVPRKCSASNRIIGAKDHASIQMNVAEVDKVTGRFNGQFKTYAICGAIRRMGESDDSILRLAKADGIVS
KNF
;
SV
77 'polypeptide(L)'
;VRMNVLADALKSINNAEKRGKRQVLIRPCSKVIVRFLTVMMKHGYIGEFEIIDDHRAGKIVVNLTGRLNKCGVISPRFDV
QLKDLEKWQNNLLPSRQFGFIVLTTSAGIMDHEEARRKHTGGKILGFFF
;
SW
78 'polypeptide(L)'
;GKCRGLRTARKLRSHRRDQKWHDKQYKKAHLGTALKANPFGGASHAKGIVLEKVGVEAKQPNSAIRKCVRVQLIKNGKKI
TAFVPNDGCLNFIEENDEVLVAGFGRKGHAVGDIPGVRFKVVKVANVSLLALYKGKKERPR
;
SX
79 'polypeptide(L)'
;NDTVTIRTRKFMTNRLLQRKQMVIDVLHPGKATVPKTEIREKLAKMYKTTPDVIFVFGFRTHFGGGKTTGFGMIYDSLDY
AKKNEPKHRLARHGLYEKKKTSRKQRKERKNRMKKVRGTAKANVGAGKKPK
;
SY
80 'polypeptide(L)'
;TKKRRNNGRAKKGRGHVQPIRCTNCARCVPKDKAIKKFVIRNIVEAAAVRDISEASVFDAYVLPKLYVKLHYCVSCAIHS
KVVRNRSREARKDRTPPPRFRP
;
Sa
81 'polypeptide(L)'
;PLAKDLLHPSPEEEKRKHKKKRLVQSPNSYFMDVKCPGCYKITTVFSHAQTVVLCVGCSTVLCQPTGGKARLTEGCSFRR
KQH
;
Sb
82 'polypeptide(L)' VHGSLARAGKVRGQTPKVAKQEKKKKKTGRAKRRMQYNRRFVNVVPTFGKKKGPNANS Se
83 'polyribonucleotide'
;UACCUGGUUGAUCCUGCCAGUAGCAU(A2M)UGCUUGUCUCAAAGAUUAAGCCAUGCAUGUCUAAGUACGCACGGCCGGU
ACAGUGAAACUGCGAA(PSU)GGCUC(A2M)UUAAA(PSU)CAG(PSU)UAUGGU(OMU)CCUU(OMU)GGUCGCUCGCU
CCUCUCCCACUUGGAUAACUGUGGUA(A2M)UUCUAG(A2M)GCUAA(OMU)A(OMC)AUGCCGACGGGCGCUGACCCCC
UUCGCGGGGGGGAUGCGUGCAUUUAUCAGUGGUGACUCUAGAUAACCUCGGGCCGAUCGCACGCCCCCCGUGGCGGCGAC
GACCCAUUCGAACGUC(OMU)GCCCUAUCAACUUUCGAUGGUAGUCGCCGUGCCUACCAUGGUGACCACGGG(PSU)GAC
GGGGAAUCAGGGUUCGAU(OMU)CCGGAGA(OMG)GGAGCCUGAGAAACGGCUACCACAU(OMC)CAAGG(A2M)AGGCA
GCAGGCGCGC(A2M)AAUUACCCACUCCCGACCCGGGGA(OMG)GUAGUGA(OMC)GAAAAAUAACAAUACAGGACUCUU
UCGAGGCCCUGUAAUUGGAAUGAGUCCACUUUAA(A2M)UCCUUUAACGAGGAUCCAUUGGAG(OMG)GCAAGUCUGGUG
CCAGCAGCCGCGG(OMU)AAUUCCAGCUCCAAUA(OMG)CGUA(PSU)A(PSU)UAAAGUUGCUGCAGUU(A2M)AAAAG
CUCGUAG(PSU)U(OMG)GA(PSU)CUUGGGAGCGGGCGUCCCCGCCCUCUCGGCCGGGGCCCGAAGCG(OMU)U(PSU)
ACUUUGAAAAAA(PSU)UAGAGUGUUCAAAGCAGGCCCGAGCCGCCUGGAUACCGCAGCUAGGAA(PSU)AA(PSU)
(OMG)GAAUAGGACCGCGGUUCUAUUUUGUUGGUUUUCGGAACUGAGGCCAUGAUUAAGAGGGACGGCCGGGGGCAUUCG
UAUUGCGCCGCUAGAGGUGAAAU(PSU)CUUGGACCGGCGCAAGACGGACCAGAGCGAAAGCAUU(PSU)GCCAAGAAUG
UUUUCAUUAAUCAAGA(A2M)CGAAAGUCGGAGG(PSU)(PSU)CGAAGACGA(PSU)CAGAUACCGUCGUAGUUCCGAC
CA(PSU)AAACGAUGCCGACCGGCGAUGCGGCGGCGUUAUUCCCAUGACCCGCCGGGCAGCUUCCGGGAAACCAAAGUCU
UUGGGUUCCGGGGGGAGUA(PSU)GG(PSU)UGCAAAGCUGAAACUUAAAGGAAUUGACGGAAGGGCACCACCAGGAGUG
GAGCC(PSU)GCGGCUUAAUU(PSU)GAC(B8N)CAACACGGGAAACCUCACCCGGC(OMC)CGGACACGGACAGGA
(OMU)UGACAGAUUGAUAGCUCUUUCUCGAUUCCGUGGGUGG(OMU)G(OMG)UGCAUGGC(4AC)GUUCUUAGUUGGUG
GAGCGAUUUGUCUGG(PSU)UAAUUCCGAUAACGA(A2M)CGAGACU(OMC)UGGCAUGCUAACUAGUUACGCGACCCCC
GAGCGGUCGGCGUCCCCCAACU(OMU)CUUAGAGGGACAAGUGGCGUUCAGCCACCCGAGAUUGAGCAAUAACA(OMG)G
UCUGUGAUGCCCUUAGAUGUCCGGGGCUGCACGCGCGCUACACUGACUGGCUCAGCGUGUGCCUACCCUACGCCGGCAGG
CGCGGGUAACCCGUUGAACCCCAUUCGUGAUGGGGAUCGGGGAUUGCAAUUAUUCCCCAUGAACGAG(G7M)AAUUCCCA
GUAAGUGCGGGUCAUAAGCUUGCGUUGAUUAAGUCCCUGCCCUUUGUACACACCG(OMC)CCGUCGCUACUACCGAUUGG
AUGGUUUAGUGAGGCCCUCGGAUCGGCCCCGCCGGGGUCGGCCCACGGCCCUGGCGGAGCGCUGAGAAGACGGUCGAACU
UGACUAUCUAGAGGAAGUAAAAGUCGUA(6MZ)CAAGGUUUC(4AC)GUAGGUG(MA6)(MA6)CCUGCGGAAGGAUCAU
UA
;
S2
84 'polypeptide(L)' IMNQEKLAKLQAQVRIGGKGTARRKKKVVHR CI
#
# COMPACT_ATOMS: atom_id res chain seq x y z
N GLY F 1 -33.18 14.99 3.59
CA GLY F 1 -34.57 15.39 3.68
C GLY F 1 -34.97 15.92 5.03
N ARG F 2 -34.10 15.71 6.02
CA ARG F 2 -34.40 16.04 7.41
C ARG F 2 -33.76 17.37 7.78
N VAL F 3 -34.46 18.14 8.61
CA VAL F 3 -33.94 19.42 9.06
C VAL F 3 -32.72 19.18 9.94
N ILE F 4 -31.63 19.88 9.62
CA ILE F 4 -30.35 19.62 10.25
C ILE F 4 -30.26 20.35 11.58
N ARG F 5 -29.31 19.93 12.40
CA ARG F 5 -28.99 20.68 13.61
C ARG F 5 -28.39 22.02 13.23
N GLY F 6 -28.75 23.06 13.98
CA GLY F 6 -28.36 24.41 13.61
C GLY F 6 -29.53 25.09 12.95
N GLN F 7 -30.23 24.36 12.07
CA GLN F 7 -31.53 24.81 11.61
C GLN F 7 -32.56 24.69 12.72
N ARG F 8 -32.42 23.69 13.58
CA ARG F 8 -33.34 23.49 14.68
C ARG F 8 -33.09 24.45 15.83
N LYS F 9 -31.95 25.16 15.81
CA LYS F 9 -31.64 26.07 16.91
C LYS F 9 -32.46 27.34 16.86
N GLY F 10 -32.95 27.71 15.68
CA GLY F 10 -33.72 28.94 15.56
C GLY F 10 -35.09 28.86 16.19
N ALA F 11 -35.71 27.68 16.21
CA ALA F 11 -36.97 27.52 16.92
C ALA F 11 -36.80 27.75 18.41
N GLY F 12 -35.68 27.30 18.98
CA GLY F 12 -35.30 27.64 20.33
C GLY F 12 -35.82 26.72 21.40
N SER F 13 -36.75 25.82 21.06
CA SER F 13 -37.48 25.01 22.03
C SER F 13 -36.57 24.37 23.08
N VAL F 14 -35.59 23.59 22.62
CA VAL F 14 -34.60 23.01 23.52
C VAL F 14 -33.37 23.91 23.66
N PHE F 15 -33.15 24.82 22.71
CA PHE F 15 -31.91 25.59 22.62
C PHE F 15 -32.05 27.01 23.14
N ARG F 16 -33.06 27.29 23.97
CA ARG F 16 -33.06 28.56 24.68
C ARG F 16 -31.98 28.57 25.75
N ALA F 17 -31.60 29.79 26.15
CA ALA F 17 -30.61 29.95 27.20
C ALA F 17 -31.18 29.51 28.55
N HIS F 18 -30.30 29.11 29.44
CA HIS F 18 -30.68 28.67 30.79
C HIS F 18 -30.58 29.87 31.71
N VAL F 19 -31.60 30.71 31.71
CA VAL F 19 -31.58 32.00 32.38
C VAL F 19 -32.29 31.95 33.73
N LYS F 20 -32.44 30.75 34.32
CA LYS F 20 -33.20 30.62 35.55
C LYS F 20 -32.51 31.31 36.72
N HIS F 21 -31.22 31.07 36.90
CA HIS F 21 -30.49 31.57 38.06
C HIS F 21 -29.65 32.79 37.75
N ARG F 22 -29.77 33.34 36.55
CA ARG F 22 -29.02 34.55 36.22
C ARG F 22 -29.51 35.72 37.05
N LYS F 23 -28.60 36.64 37.34
CA LYS F 23 -28.84 37.70 38.31
C LYS F 23 -29.45 38.95 37.69
N GLY F 24 -29.64 39.00 36.38
CA GLY F 24 -30.22 40.15 35.72
C GLY F 24 -29.35 40.65 34.58
N ALA F 25 -29.95 41.53 33.79
CA ALA F 25 -29.26 42.12 32.65
C ALA F 25 -28.21 43.11 33.14
N ALA F 26 -26.96 42.88 32.78
CA ALA F 26 -25.87 43.75 33.20
C ALA F 26 -25.84 44.98 32.30
N ARG F 27 -26.08 46.14 32.88
CA ARG F 27 -26.26 47.36 32.11
C ARG F 27 -25.77 48.56 32.93
N LEU F 28 -25.35 49.60 32.22
CA LEU F 28 -25.15 50.88 32.86
C LEU F 28 -26.49 51.49 33.23
N ARG F 29 -26.46 52.48 34.11
CA ARG F 29 -27.69 53.19 34.44
C ARG F 29 -28.13 54.03 33.26
N ALA F 30 -29.44 54.26 33.18
CA ALA F 30 -29.99 55.05 32.09
C ALA F 30 -29.48 56.48 32.16
N VAL F 31 -29.20 57.06 31.00
CA VAL F 31 -28.69 58.42 30.95
C VAL F 31 -29.78 59.40 31.38
N ASP F 32 -29.40 60.39 32.17
CA ASP F 32 -30.34 61.37 32.69
C ASP F 32 -29.60 62.69 32.83
N PHE F 33 -30.17 63.62 33.60
CA PHE F 33 -29.59 64.94 33.76
C PHE F 33 -28.22 64.86 34.44
N ALA F 34 -28.09 64.02 35.47
CA ALA F 34 -26.81 63.90 36.16
C ALA F 34 -25.73 63.32 35.27
N GLU F 35 -26.06 62.30 34.48
CA GLU F 35 -25.11 61.76 33.51
C GLU F 35 -24.71 62.81 32.49
N ARG F 36 -25.65 63.67 32.10
CA ARG F 36 -25.45 64.55 30.97
C ARG F 36 -24.74 65.84 31.36
N HIS F 37 -24.83 66.25 32.62
CA HIS F 37 -24.29 67.54 33.04
C HIS F 37 -23.28 67.48 34.18
N GLY F 38 -23.38 66.51 35.07
CA GLY F 38 -22.45 66.42 36.18
C GLY F 38 -22.04 65.00 36.47
N TYR F 39 -22.05 64.62 37.75
CA TYR F 39 -21.82 63.23 38.12
C TYR F 39 -22.75 62.87 39.27
N ILE F 40 -22.98 61.57 39.44
CA ILE F 40 -23.74 61.03 40.55
C ILE F 40 -22.91 59.96 41.23
N LYS F 41 -22.91 59.97 42.55
CA LYS F 41 -22.09 59.06 43.33
C LYS F 41 -22.87 57.79 43.66
N GLY F 42 -22.26 56.64 43.38
CA GLY F 42 -22.84 55.37 43.76
C GLY F 42 -21.81 54.52 44.48
N ILE F 43 -22.31 53.65 45.34
CA ILE F 43 -21.46 52.81 46.18
C ILE F 43 -21.61 51.36 45.74
N VAL F 44 -20.47 50.68 45.59
CA VAL F 44 -20.45 49.26 45.23
C VAL F 44 -20.87 48.49 46.48
N LYS F 45 -22.03 47.84 46.42
CA LYS F 45 -22.52 47.11 47.58
C LYS F 45 -22.13 45.64 47.54
N ASP F 46 -22.03 45.05 46.35
CA ASP F 46 -21.66 43.65 46.25
C ASP F 46 -21.06 43.36 44.88
N ILE F 47 -20.26 42.31 44.84
CA ILE F 47 -19.72 41.75 43.60
C ILE F 47 -20.13 40.28 43.58
N ILE F 48 -20.88 39.88 42.56
CA ILE F 48 -21.52 38.58 42.54
C ILE F 48 -21.14 37.84 41.26
N HIS F 49 -21.37 36.53 41.30
CA HIS F 49 -21.08 35.65 40.17
C HIS F 49 -22.35 35.38 39.40
N ASP F 50 -22.43 35.93 38.19
CA ASP F 50 -23.57 35.66 37.31
C ASP F 50 -23.36 34.33 36.61
N PRO F 51 -24.27 33.36 36.79
CA PRO F 51 -24.14 32.10 36.07
C PRO F 51 -24.19 32.30 34.56
N GLY F 52 -23.38 31.53 33.85
CA GLY F 52 -23.35 31.56 32.40
C GLY F 52 -22.40 32.57 31.80
N ARG F 53 -21.83 33.45 32.60
CA ARG F 53 -20.81 34.39 32.14
C ARG F 53 -19.59 34.31 33.05
N GLY F 54 -18.45 34.72 32.52
CA GLY F 54 -17.22 34.68 33.27
C GLY F 54 -16.93 35.96 34.03
N ALA F 55 -17.52 37.06 33.59
CA ALA F 55 -17.29 38.35 34.24
C ALA F 55 -18.12 38.44 35.51
N PRO F 56 -17.55 38.86 36.63
CA PRO F 56 -18.36 39.16 37.80
C PRO F 56 -19.22 40.38 37.58
N LEU F 57 -20.36 40.43 38.27
CA LEU F 57 -21.25 41.57 38.23
C LEU F 57 -21.13 42.38 39.53
N ALA F 58 -21.29 43.68 39.40
CA ALA F 58 -21.20 44.60 40.53
C ALA F 58 -22.59 45.13 40.83
N LYS F 59 -22.97 45.08 42.10
CA LYS F 59 -24.25 45.63 42.55
C LYS F 59 -24.00 46.99 43.16
N VAL F 60 -24.40 48.05 42.45
CA VAL F 60 -24.09 49.41 42.84
C VAL F 60 -25.39 50.14 43.16
N VAL F 61 -25.42 50.84 44.28
CA VAL F 61 -26.60 51.55 44.76
C VAL F 61 -26.40 53.04 44.55
N PHE F 62 -27.33 53.66 43.81
CA PHE F 62 -27.35 55.10 43.61
C PHE F 62 -28.54 55.70 44.33
N ARG F 63 -28.50 57.01 44.47
CA ARG F 63 -29.62 57.78 45.00
C ARG F 63 -30.48 58.27 43.84
N ASP F 64 -31.78 58.10 43.97
CA ASP F 64 -32.70 58.60 42.95
C ASP F 64 -32.71 60.13 43.02
N PRO F 65 -32.39 60.84 41.94
CA PRO F 65 -32.29 62.30 42.04
C PRO F 65 -33.61 63.02 42.13
N TYR F 66 -34.74 62.35 41.86
CA TYR F 66 -36.02 63.03 41.80
C TYR F 66 -37.01 62.60 42.86
N ARG F 67 -36.75 61.50 43.56
CA ARG F 67 -37.63 61.06 44.63
C ARG F 67 -36.81 60.32 45.67
N PHE F 68 -37.35 60.27 46.89
CA PHE F 68 -36.66 59.63 47.98
C PHE F 68 -36.66 58.12 47.80
N LYS F 69 -35.60 57.58 47.20
CA LYS F 69 -35.53 56.16 46.92
C LYS F 69 -34.07 55.81 46.66
N LYS F 70 -33.78 54.51 46.70
CA LYS F 70 -32.45 53.99 46.41
C LYS F 70 -32.53 53.15 45.14
N ARG F 71 -31.67 53.47 44.17
CA ARG F 71 -31.64 52.78 42.88
C ARG F 71 -30.45 51.85 42.86
N THR F 72 -30.71 50.58 42.54
CA THR F 72 -29.68 49.55 42.50
C THR F 72 -29.40 49.19 41.05
N GLU F 73 -28.13 49.24 40.67
CA GLU F 73 -27.71 48.89 39.32
C GLU F 73 -26.86 47.63 39.36
N LEU F 74 -26.64 47.07 38.17
CA LEU F 74 -26.00 45.77 38.00
C LEU F 74 -24.84 45.91 37.02
N PHE F 75 -23.96 46.87 37.30
CA PHE F 75 -22.79 47.12 36.46
C PHE F 75 -21.96 45.87 36.27
N ILE F 76 -21.25 45.82 35.14
CA ILE F 76 -20.24 44.80 34.94
C ILE F 76 -18.99 45.21 35.69
N ALA F 77 -18.47 44.30 36.50
CA ALA F 77 -17.36 44.63 37.41
C ALA F 77 -16.09 44.82 36.61
N ALA F 78 -15.62 46.05 36.51
CA ALA F 78 -14.28 46.31 35.99
C ALA F 78 -13.27 45.87 37.04
N GLU F 79 -12.19 45.24 36.58
CA GLU F 79 -11.25 44.62 37.50
C GLU F 79 -10.55 45.66 38.35
N GLY F 80 -10.51 45.41 39.66
CA GLY F 80 -9.93 46.32 40.63
C GLY F 80 -10.93 46.95 41.56
N ILE F 81 -12.21 46.99 41.18
CA ILE F 81 -13.22 47.57 42.04
C ILE F 81 -13.52 46.61 43.18
N HIS F 82 -13.94 47.17 44.32
CA HIS F 82 -14.24 46.39 45.51
C HIS F 82 -15.49 46.94 46.16
N THR F 83 -16.02 46.17 47.11
CA THR F 83 -17.17 46.61 47.86
C THR F 83 -16.80 47.76 48.78
N GLY F 84 -17.75 48.65 49.00
CA GLY F 84 -17.50 49.85 49.77
C GLY F 84 -16.76 50.94 49.01
N GLN F 85 -16.62 50.81 47.70
CA GLN F 85 -15.97 51.81 46.88
C GLN F 85 -17.02 52.71 46.23
N PHE F 86 -16.71 53.98 46.13
CA PHE F 86 -17.58 54.94 45.45
C PHE F 86 -17.21 54.98 43.98
N VAL F 87 -18.22 54.78 43.13
CA VAL F 87 -18.05 54.93 41.69
C VAL F 87 -18.91 56.10 41.24
N TYR F 88 -18.34 56.92 40.36
CA TYR F 88 -18.96 58.16 39.94
C TYR F 88 -19.28 58.09 38.46
N CYS F 89 -20.53 58.37 38.11
CA CYS F 89 -21.01 58.23 36.75
C CYS F 89 -21.49 59.59 36.26
N GLY F 90 -21.02 60.00 35.09
CA GLY F 90 -21.47 61.25 34.51
C GLY F 90 -20.35 61.91 33.73
N LYS F 91 -20.66 63.11 33.24
CA LYS F 91 -19.71 63.82 32.39
C LYS F 91 -18.53 64.36 33.20
N LYS F 92 -18.78 64.83 34.42
CA LYS F 92 -17.75 65.42 35.26
C LYS F 92 -17.01 64.41 36.12
N ALA F 93 -17.26 63.12 35.91
CA ALA F 93 -16.53 62.09 36.64
C ALA F 93 -15.07 62.07 36.24
N GLN F 94 -14.21 61.66 37.17
CA GLN F 94 -12.79 61.60 36.93
C GLN F 94 -12.38 60.22 36.41
N LEU F 95 -11.15 60.15 35.90
CA LEU F 95 -10.62 58.89 35.36
C LEU F 95 -10.19 57.99 36.52
N ASN F 96 -11.05 57.06 36.88
CA ASN F 96 -10.72 56.05 37.87
C ASN F 96 -11.34 54.74 37.44
N ILE F 97 -10.76 53.64 37.90
CA ILE F 97 -11.29 52.32 37.56
C ILE F 97 -12.68 52.18 38.15
N GLY F 98 -13.65 51.87 37.30
CA GLY F 98 -15.03 51.74 37.71
C GLY F 98 -15.90 52.93 37.39
N ASN F 99 -15.32 54.09 37.13
CA ASN F 99 -16.12 55.27 36.82
C ASN F 99 -16.67 55.19 35.40
N VAL F 100 -17.82 55.81 35.20
CA VAL F 100 -18.48 55.86 33.90
C VAL F 100 -18.53 57.31 33.45
N LEU F 101 -18.01 57.58 32.25
CA LEU F 101 -18.01 58.93 31.69
C LEU F 101 -17.95 58.81 30.18
N PRO F 102 -18.41 59.84 29.46
CA PRO F 102 -18.44 59.75 27.99
C PRO F 102 -17.05 59.67 27.39
N VAL F 103 -16.96 58.98 26.26
CA VAL F 103 -15.66 58.80 25.60
C VAL F 103 -15.13 60.12 25.06
N GLY F 104 -16.01 61.06 24.74
CA GLY F 104 -15.56 62.36 24.26
C GLY F 104 -14.77 63.15 25.27
N THR F 105 -14.89 62.81 26.55
CA THR F 105 -14.16 63.46 27.62
C THR F 105 -12.94 62.67 28.08
N MET F 106 -12.51 61.71 27.33
CA MET F 106 -11.40 60.91 27.78
C MET F 106 -10.17 61.14 26.92
N PRO F 107 -8.97 60.94 27.47
CA PRO F 107 -7.75 61.14 26.69
C PRO F 107 -7.57 60.15 25.56
N GLU F 108 -6.48 60.27 24.82
CA GLU F 108 -6.31 59.60 23.53
C GLU F 108 -5.76 58.19 23.65
N GLY F 109 -5.51 57.69 24.86
CA GLY F 109 -4.97 56.35 25.00
C GLY F 109 -5.65 55.54 26.08
N THR F 110 -6.69 56.10 26.68
CA THR F 110 -7.42 55.42 27.73
C THR F 110 -8.14 54.20 27.17
N ILE F 111 -8.40 53.24 28.03
CA ILE F 111 -9.14 52.06 27.62
C ILE F 111 -10.34 51.89 28.53
N VAL F 112 -11.38 51.26 27.99
CA VAL F 112 -12.70 51.26 28.61
C VAL F 112 -13.22 49.83 28.73
N CYS F 113 -14.27 49.68 29.54
CA CYS F 113 -14.77 48.37 29.92
C CYS F 113 -16.11 48.04 29.29
N CYS F 114 -17.13 48.87 29.48
CA CYS F 114 -18.48 48.55 28.99
C CYS F 114 -18.95 49.69 28.10
N LEU F 115 -18.56 49.64 26.83
CA LEU F 115 -18.77 50.74 25.90
C LEU F 115 -20.15 50.66 25.27
N GLU F 116 -20.74 51.83 25.02
CA GLU F 116 -22.04 51.92 24.37
C GLU F 116 -21.86 51.95 22.86
N GLU F 117 -22.64 51.11 22.17
CA GLU F 117 -22.61 51.13 20.70
C GLU F 117 -23.27 52.39 20.16
N LYS F 118 -24.32 52.87 20.82
CA LYS F 118 -25.07 54.04 20.41
C LYS F 118 -25.16 55.02 21.56
N PRO F 119 -25.25 56.31 21.28
CA PRO F 119 -25.26 57.29 22.38
C PRO F 119 -26.57 57.31 23.13
N GLY F 120 -26.72 56.43 24.10
CA GLY F 120 -27.92 56.44 24.93
C GLY F 120 -28.37 55.09 25.43
N ASP F 121 -28.03 54.03 24.72
CA ASP F 121 -28.31 52.69 25.24
C ASP F 121 -27.35 52.38 26.37
N ARG F 122 -27.46 51.19 26.93
CA ARG F 122 -26.54 50.79 27.99
C ARG F 122 -25.32 50.13 27.35
N GLY F 123 -24.47 49.52 28.18
CA GLY F 123 -23.21 48.99 27.66
C GLY F 123 -23.44 47.85 26.69
N LYS F 124 -22.67 47.85 25.60
CA LYS F 124 -22.77 46.83 24.57
C LYS F 124 -21.45 46.20 24.17
N LEU F 125 -20.32 46.89 24.33
CA LEU F 125 -19.05 46.41 23.79
C LEU F 125 -18.07 46.12 24.92
N ALA F 126 -17.16 45.17 24.64
CA ALA F 126 -16.07 44.81 25.55
C ALA F 126 -16.59 44.28 26.89
N ARG F 127 -17.74 43.61 26.85
CA ARG F 127 -18.39 43.14 28.07
C ARG F 127 -17.84 41.82 28.58
N ALA F 128 -17.32 40.96 27.70
CA ALA F 128 -16.85 39.65 28.13
C ALA F 128 -15.54 39.76 28.89
N SER F 129 -15.32 38.80 29.78
CA SER F 129 -14.27 38.90 30.80
C SER F 129 -12.89 39.07 30.18
N GLY F 130 -12.11 39.97 30.76
CA GLY F 130 -10.77 40.27 30.32
C GLY F 130 -10.65 41.22 29.15
N ASN F 131 -11.75 41.55 28.49
CA ASN F 131 -11.70 42.34 27.28
C ASN F 131 -11.76 43.83 27.58
N TYR F 132 -11.35 44.63 26.60
CA TYR F 132 -11.38 46.07 26.74
C TYR F 132 -11.35 46.70 25.35
N ALA F 133 -11.79 47.95 25.28
CA ALA F 133 -11.68 48.76 24.09
C ALA F 133 -10.85 50.00 24.40
N THR F 134 -10.18 50.52 23.38
CA THR F 134 -9.24 51.63 23.56
C THR F 134 -9.74 52.84 22.81
N VAL F 135 -9.77 53.99 23.47
CA VAL F 135 -10.09 55.25 22.82
C VAL F 135 -8.85 55.69 22.05
N ILE F 136 -9.01 55.92 20.74
CA ILE F 136 -7.85 56.19 19.89
C ILE F 136 -7.76 57.67 19.58
N SER F 137 -8.77 58.22 18.90
CA SER F 137 -8.72 59.56 18.37
C SER F 137 -10.05 60.26 18.57
N HIS F 138 -10.03 61.58 18.47
CA HIS F 138 -11.22 62.40 18.56
C HIS F 138 -11.29 63.36 17.40
N ASN F 139 -12.48 63.91 17.20
CA ASN F 139 -12.67 65.17 16.50
C ASN F 139 -13.81 65.89 17.20
N PRO F 140 -13.54 67.03 17.85
CA PRO F 140 -14.63 67.77 18.49
C PRO F 140 -15.73 68.17 17.53
N GLU F 141 -15.38 68.50 16.29
CA GLU F 141 -16.36 68.65 15.24
C GLU F 141 -16.88 67.28 14.83
N THR F 142 -18.18 67.23 14.51
CA THR F 142 -18.95 66.02 14.18
C THR F 142 -19.12 65.10 15.37
N LYS F 143 -18.51 65.44 16.51
CA LYS F 143 -18.71 64.77 17.79
C LYS F 143 -18.52 63.25 17.68
N LYS F 144 -17.44 62.84 17.03
CA LYS F 144 -17.15 61.44 16.81
C LYS F 144 -15.90 61.03 17.58
N THR F 145 -15.76 59.73 17.80
CA THR F 145 -14.62 59.17 18.51
C THR F 145 -14.32 57.79 17.92
N ARG F 146 -13.04 57.50 17.75
CA ARG F 146 -12.61 56.22 17.17
C ARG F 146 -12.08 55.32 18.27
N VAL F 147 -12.57 54.09 18.32
CA VAL F 147 -12.18 53.13 19.33
C VAL F 147 -11.72 51.85 18.66
N LYS F 148 -10.86 51.12 19.37
CA LYS F 148 -10.37 49.82 18.93
C LYS F 148 -11.05 48.74 19.75
N LEU F 149 -11.81 47.89 19.08
CA LEU F 149 -12.59 46.86 19.72
C LEU F 149 -11.72 45.66 20.05
N PRO F 150 -12.18 44.77 20.95
CA PRO F 150 -11.41 43.57 21.27
C PRO F 150 -11.07 42.71 20.06
N SER F 151 -11.92 42.71 19.04
CA SER F 151 -11.61 41.98 17.81
C SER F 151 -10.47 42.62 17.02
N GLY F 152 -10.04 43.82 17.40
CA GLY F 152 -9.05 44.55 16.65
C GLY F 152 -9.61 45.49 15.61
N SER F 153 -10.91 45.44 15.36
CA SER F 153 -11.51 46.35 14.40
C SER F 153 -11.59 47.76 14.96
N LYS F 154 -11.60 48.73 14.06
CA LYS F 154 -11.72 50.13 14.41
C LYS F 154 -13.15 50.59 14.17
N LYS F 155 -13.70 51.35 15.11
CA LYS F 155 -15.07 51.81 15.01
C LYS F 155 -15.16 53.29 15.34
N VAL F 156 -16.05 53.99 14.64
CA VAL F 156 -16.30 55.40 14.89
C VAL F 156 -17.65 55.52 15.58
N ILE F 157 -17.66 56.10 16.78
CA ILE F 157 -18.87 56.22 17.59
C ILE F 157 -18.99 57.66 18.05
N SER F 158 -20.17 57.99 18.56
CA SER F 158 -20.43 59.33 19.06
C SER F 158 -19.60 59.61 20.32
N SER F 159 -19.26 60.88 20.50
CA SER F 159 -18.51 61.30 21.67
C SER F 159 -19.32 61.22 22.96
N ALA F 160 -20.63 61.00 22.86
CA ALA F 160 -21.50 60.93 24.03
C ALA F 160 -21.69 59.52 24.55
N ASN F 161 -21.08 58.51 23.92
CA ASN F 161 -21.19 57.15 24.41
C ASN F 161 -20.44 57.01 25.72
N ARG F 162 -21.08 56.37 26.70
CA ARG F 162 -20.47 56.19 28.01
C ARG F 162 -19.80 54.83 28.10
N ALA F 163 -18.84 54.73 29.02
CA ALA F 163 -18.14 53.46 29.23
C ALA F 163 -17.48 53.49 30.60
N VAL F 164 -17.22 52.29 31.12
CA VAL F 164 -16.53 52.13 32.39
C VAL F 164 -15.03 52.13 32.12
N VAL F 165 -14.28 52.85 32.95
CA VAL F 165 -12.83 52.89 32.82
C VAL F 165 -12.23 51.63 33.42
N GLY F 166 -11.32 51.00 32.69
CA GLY F 166 -10.63 49.82 33.16
C GLY F 166 -10.96 48.61 32.30
N VAL F 167 -10.40 47.48 32.71
CA VAL F 167 -10.67 46.21 32.05
C VAL F 167 -11.67 45.43 32.90
N VAL F 168 -12.55 44.71 32.22
CA VAL F 168 -13.54 43.90 32.91
C VAL F 168 -12.86 42.76 33.66
N ALA F 169 -13.34 42.50 34.87
CA ALA F 169 -12.78 41.44 35.69
C ALA F 169 -13.06 40.07 35.07
N GLY F 170 -12.55 39.03 35.72
CA GLY F 170 -12.63 37.69 35.19
C GLY F 170 -11.37 37.21 34.51
N GLY F 171 -10.35 38.06 34.41
CA GLY F 171 -8.98 37.80 34.02
C GLY F 171 -8.87 36.94 32.79
N GLY F 172 -7.79 36.16 32.76
CA GLY F 172 -7.55 35.24 31.66
C GLY F 172 -8.20 33.90 31.89
N ARG F 173 -9.53 33.86 31.80
CA ARG F 173 -10.28 32.65 32.10
C ARG F 173 -9.96 31.52 31.13
N ILE F 174 -9.61 31.85 29.89
CA ILE F 174 -9.40 30.83 28.87
C ILE F 174 -8.01 30.21 28.91
N ASP F 175 -7.19 30.57 29.90
CA ASP F 175 -5.86 29.98 30.00
C ASP F 175 -5.90 28.57 30.54
N LYS F 176 -6.82 28.30 31.46
CA LYS F 176 -6.89 27.00 32.10
C LYS F 176 -7.50 25.97 31.18
N PRO F 177 -6.80 24.88 30.87
CA PRO F 177 -7.45 23.79 30.12
C PRO F 177 -8.60 23.21 30.91
N ILE F 178 -9.67 22.87 30.21
CA ILE F 178 -10.85 22.33 30.85
C ILE F 178 -10.58 20.94 31.40
N LEU F 179 -9.81 20.14 30.64
CA LEU F 179 -9.22 18.86 31.05
C LEU F 179 -10.23 17.73 31.17
N LYS F 180 -11.52 18.03 31.12
CA LYS F 180 -12.52 17.00 31.39
C LYS F 180 -13.75 17.29 30.55
N ALA F 181 -14.37 16.22 30.04
CA ALA F 181 -15.68 16.38 29.42
C ALA F 181 -16.71 16.85 30.44
N GLY F 182 -16.54 16.44 31.69
CA GLY F 182 -17.50 16.84 32.73
C GLY F 182 -17.46 18.32 33.04
N ARG F 183 -16.25 18.90 33.06
CA ARG F 183 -16.15 20.33 33.32
C ARG F 183 -16.77 21.15 32.19
N ALA F 184 -16.60 20.69 30.95
CA ALA F 184 -17.28 21.33 29.83
C ALA F 184 -18.79 21.15 29.93
N TYR F 185 -19.23 19.98 30.39
CA TYR F 185 -20.65 19.73 30.59
C TYR F 185 -21.24 20.71 31.59
N HIS F 186 -20.54 20.92 32.70
CA HIS F 186 -21.01 21.88 33.70
C HIS F 186 -20.90 23.30 33.21
N LYS F 187 -19.89 23.60 32.39
CA LYS F 187 -19.77 24.94 31.81
C LYS F 187 -20.95 25.27 30.93
N TYR F 188 -21.31 24.37 30.03
CA TYR F 188 -22.37 24.65 29.08
C TYR F 188 -23.76 24.33 29.62
N LYS F 189 -23.86 23.60 30.73
CA LYS F 189 -25.16 23.37 31.35
C LYS F 189 -25.77 24.67 31.84
N ALA F 190 -24.92 25.62 32.24
CA ALA F 190 -25.38 26.91 32.72
C ALA F 190 -25.52 27.96 31.62
N LYS F 191 -25.30 27.59 30.36
CA LYS F 191 -25.42 28.54 29.27
C LYS F 191 -26.57 28.22 28.33
N ARG F 192 -26.57 27.04 27.72
CA ARG F 192 -27.55 26.62 26.72
C ARG F 192 -27.20 25.21 26.28
N ASN F 193 -28.08 24.59 25.50
CA ASN F 193 -27.88 23.22 25.04
C ASN F 193 -27.14 23.24 23.72
N CYS F 194 -25.81 23.23 23.80
CA CYS F 194 -24.98 23.23 22.61
C CYS F 194 -23.75 22.35 22.68
N TRP F 195 -23.41 21.79 23.83
CA TRP F 195 -22.04 21.31 24.00
C TRP F 195 -21.70 19.99 23.32
N PRO F 196 -22.44 18.87 23.56
CA PRO F 196 -22.00 17.61 22.94
C PRO F 196 -22.23 17.69 21.44
N ARG F 197 -21.15 17.89 20.70
CA ARG F 197 -21.23 18.32 19.31
C ARG F 197 -20.80 17.17 18.42
N VAL F 198 -21.75 16.63 17.67
CA VAL F 198 -21.50 15.52 16.76
C VAL F 198 -21.01 16.09 15.44
N ARG F 199 -19.94 15.50 14.90
CA ARG F 199 -19.42 15.90 13.62
C ARG F 199 -20.41 15.53 12.51
N GLY F 200 -20.53 16.40 11.51
CA GLY F 200 -21.41 16.12 10.40
C GLY F 200 -20.98 14.93 9.57
N VAL F 201 -19.68 14.70 9.46
CA VAL F 201 -19.18 13.54 8.74
C VAL F 201 -19.59 12.24 9.40
N ALA F 202 -19.85 12.27 10.70
CA ALA F 202 -20.31 11.08 11.42
C ALA F 202 -21.82 10.90 11.36
N MET F 203 -22.52 11.78 10.67
CA MET F 203 -23.97 11.70 10.54
C MET F 203 -24.35 10.99 9.25
N ASN F 204 -25.64 10.76 9.09
CA ASN F 204 -26.20 10.22 7.86
C ASN F 204 -26.49 11.35 6.89
N PRO F 205 -26.58 11.06 5.58
CA PRO F 205 -26.81 12.14 4.61
C PRO F 205 -28.12 12.88 4.81
N VAL F 206 -29.11 12.28 5.46
CA VAL F 206 -30.42 12.92 5.55
C VAL F 206 -30.38 14.11 6.51
N GLU F 207 -29.58 14.05 7.57
CA GLU F 207 -29.55 15.13 8.55
C GLU F 207 -28.32 16.02 8.45
N HIS F 208 -27.47 15.83 7.43
CA HIS F 208 -26.35 16.76 7.26
C HIS F 208 -25.85 16.70 5.83
N PRO F 209 -25.41 17.83 5.27
CA PRO F 209 -24.75 17.78 3.95
C PRO F 209 -23.48 16.96 3.94
N PHE F 210 -22.76 16.91 5.06
CA PHE F 210 -21.49 16.21 5.12
C PHE F 210 -21.63 14.74 5.47
N GLY F 211 -22.83 14.28 5.78
CA GLY F 211 -23.01 12.92 6.22
C GLY F 211 -22.91 11.92 5.09
N GLY F 212 -22.77 10.65 5.48
CA GLY F 212 -22.77 9.56 4.53
C GLY F 212 -21.39 9.18 4.04
N GLY F 213 -21.38 8.14 3.23
CA GLY F 213 -20.16 7.61 2.66
C GLY F 213 -19.62 6.43 3.46
N ASN F 214 -18.90 5.54 2.77
CA ASN F 214 -18.30 4.40 3.43
C ASN F 214 -17.07 4.80 4.24
N HIS F 215 -16.44 5.92 3.91
CA HIS F 215 -15.41 6.52 4.74
C HIS F 215 -15.91 7.86 5.24
N GLN F 216 -15.42 8.27 6.41
CA GLN F 216 -15.83 9.54 6.99
C GLN F 216 -15.06 10.65 6.31
N HIS F 217 -15.61 11.14 5.20
CA HIS F 217 -15.03 12.23 4.44
C HIS F 217 -16.14 13.20 4.05
N ILE F 218 -15.76 14.46 3.84
CA ILE F 218 -16.74 15.46 3.48
C ILE F 218 -17.24 15.23 2.06
N GLY F 219 -16.31 15.06 1.11
CA GLY F 219 -16.67 14.77 -0.26
C GLY F 219 -16.90 15.97 -1.13
N LYS F 220 -17.13 17.14 -0.57
CA LYS F 220 -17.33 18.38 -1.29
C LYS F 220 -16.50 19.45 -0.60
N PRO F 221 -16.20 20.55 -1.28
CA PRO F 221 -15.46 21.64 -0.62
C PRO F 221 -16.20 22.14 0.61
N SER F 222 -15.50 22.16 1.74
CA SER F 222 -16.13 22.54 3.01
C SER F 222 -16.42 24.02 3.09
N THR F 223 -15.76 24.84 2.28
CA THR F 223 -16.09 26.25 2.21
C THR F 223 -17.40 26.42 1.43
N ILE F 224 -18.31 27.20 1.98
CA ILE F 224 -19.65 27.36 1.43
C ILE F 224 -19.93 28.84 1.23
N ARG F 225 -20.67 29.16 0.19
CA ARG F 225 -20.93 30.54 -0.19
C ARG F 225 -21.80 31.23 0.86
N ARG F 226 -21.76 32.56 0.85
CA ARG F 226 -22.50 33.35 1.83
C ARG F 226 -24.00 33.23 1.63
N ASP F 227 -24.46 33.25 0.38
CA ASP F 227 -25.88 33.21 0.08
C ASP F 227 -26.43 31.80 -0.05
N ALA F 228 -25.76 30.82 0.54
CA ALA F 228 -26.28 29.45 0.52
C ALA F 228 -27.55 29.36 1.35
N PRO F 229 -28.49 28.51 0.97
CA PRO F 229 -29.72 28.36 1.75
C PRO F 229 -29.44 27.74 3.12
N ALA F 230 -30.34 28.04 4.06
CA ALA F 230 -30.27 27.43 5.38
C ALA F 230 -30.45 25.92 5.26
N GLY F 231 -29.68 25.18 6.04
CA GLY F 231 -29.58 23.75 5.88
C GLY F 231 -28.50 23.30 4.93
N ARG F 232 -27.81 24.23 4.29
CA ARG F 232 -26.71 23.91 3.40
C ARG F 232 -25.41 24.59 3.79
N LYS F 233 -25.46 25.83 4.29
CA LYS F 233 -24.24 26.54 4.63
C LYS F 233 -23.72 26.01 5.97
N VAL F 234 -22.99 24.90 5.87
CA VAL F 234 -22.29 24.30 6.99
C VAL F 234 -20.83 24.21 6.63
N GLY F 235 -19.99 24.08 7.65
CA GLY F 235 -18.56 24.11 7.42
C GLY F 235 -18.01 25.50 7.57
N LEU F 236 -17.10 25.87 6.66
CA LEU F 236 -16.49 27.20 6.67
C LEU F 236 -17.36 28.14 5.85
N ILE F 237 -18.12 28.99 6.52
CA ILE F 237 -19.11 29.84 5.88
C ILE F 237 -18.41 31.09 5.35
N ALA F 238 -18.46 31.29 4.03
CA ALA F 238 -17.94 32.48 3.37
C ALA F 238 -16.48 32.73 3.71
N ALA F 239 -15.70 31.65 3.71
CA ALA F 239 -14.30 31.74 4.13
C ALA F 239 -13.47 32.50 3.10
N ARG F 240 -12.81 33.56 3.56
CA ARG F 240 -11.91 34.30 2.68
C ARG F 240 -10.63 33.53 2.41
N ARG F 241 -10.22 32.68 3.35
CA ARG F 241 -9.02 31.87 3.19
C ARG F 241 -9.13 30.68 4.14
N THR F 242 -8.29 29.69 3.93
CA THR F 242 -8.19 28.55 4.82
C THR F 242 -6.72 28.25 5.07
N GLY F 243 -6.45 27.38 6.03
CA GLY F 243 -5.09 26.93 6.24
C GLY F 243 -4.55 27.09 7.64
N ARG F 244 -3.50 27.87 7.80
CA ARG F 244 -2.73 27.87 9.04
C ARG F 244 -2.51 29.25 9.63
N LEU F 245 -2.77 30.33 8.88
CA LEU F 245 -2.58 31.71 9.35
C LEU F 245 -1.11 31.94 9.75
N ARG F 246 -0.25 31.82 8.77
CA ARG F 246 1.19 32.03 8.94
C ARG F 246 1.54 33.42 8.42
N GLY F 247 1.77 34.36 9.33
CA GLY F 247 2.20 35.68 8.95
C GLY F 247 1.42 36.82 9.57
N THR F 248 0.18 36.55 9.99
CA THR F 248 -0.66 37.58 10.59
C THR F 248 -1.76 36.96 11.43
N SER G 1 -21.33 -38.10 -0.08
CA SER G 1 -19.89 -38.07 0.09
C SER G 1 -19.45 -38.99 1.21
N HIS G 2 -18.25 -39.55 1.07
CA HIS G 2 -17.73 -40.48 2.06
C HIS G 2 -17.44 -39.78 3.37
N ARG G 3 -17.36 -40.57 4.44
CA ARG G 3 -16.90 -40.02 5.71
C ARG G 3 -15.40 -39.77 5.64
N LYS G 4 -14.96 -38.72 6.33
CA LYS G 4 -13.63 -38.19 6.08
C LYS G 4 -12.55 -39.12 6.64
N PHE G 5 -12.78 -39.70 7.80
CA PHE G 5 -11.87 -40.68 8.38
C PHE G 5 -12.59 -41.99 8.61
N SER G 6 -11.87 -43.09 8.46
CA SER G 6 -12.43 -44.41 8.68
C SER G 6 -12.53 -44.71 10.17
N ALA G 7 -13.57 -45.45 10.55
CA ALA G 7 -13.76 -45.86 11.93
C ALA G 7 -14.57 -47.13 11.96
N PRO G 8 -14.19 -48.10 12.79
CA PRO G 8 -14.96 -49.35 12.88
C PRO G 8 -16.33 -49.12 13.48
N ARG G 9 -17.25 -50.02 13.14
CA ARG G 9 -18.63 -49.90 13.58
C ARG G 9 -18.76 -50.14 15.08
N HIS G 10 -19.69 -49.40 15.71
CA HIS G 10 -19.96 -49.58 17.13
C HIS G 10 -20.94 -50.73 17.32
N GLY G 11 -20.53 -51.74 18.07
CA GLY G 11 -21.40 -52.87 18.37
C GLY G 11 -21.38 -53.92 17.28
N SER G 12 -22.02 -55.04 17.58
CA SER G 12 -22.09 -56.18 16.68
C SER G 12 -23.49 -56.32 16.11
N LEU G 13 -23.57 -56.64 14.83
CA LEU G 13 -24.85 -56.95 14.20
C LEU G 13 -25.25 -58.41 14.35
N GLY G 14 -24.43 -59.21 15.02
CA GLY G 14 -24.76 -60.60 15.29
C GLY G 14 -25.67 -60.82 16.47
N PHE G 15 -25.93 -59.78 17.26
CA PHE G 15 -26.82 -59.85 18.41
C PHE G 15 -27.92 -58.80 18.28
N LEU G 16 -28.38 -58.54 17.06
CA LEU G 16 -29.26 -57.39 16.83
C LEU G 16 -30.57 -57.38 17.60
N PRO G 17 -31.33 -58.46 17.73
CA PRO G 17 -32.56 -58.35 18.52
C PRO G 17 -32.21 -58.10 19.97
N ARG G 18 -31.80 -56.86 20.24
CA ARG G 18 -31.29 -56.44 21.54
C ARG G 18 -32.47 -56.23 22.50
N LYS G 19 -33.17 -57.33 22.75
CA LYS G 19 -34.44 -57.36 23.43
C LYS G 19 -34.31 -58.20 24.69
N ARG G 20 -35.29 -58.06 25.58
CA ARG G 20 -35.38 -58.92 26.74
C ARG G 20 -35.53 -60.36 26.28
N SER G 21 -34.72 -61.24 26.88
CA SER G 21 -34.75 -62.65 26.51
C SER G 21 -36.14 -63.22 26.76
N SER G 22 -36.63 -63.99 25.79
CA SER G 22 -37.93 -64.63 25.93
C SER G 22 -37.94 -65.73 26.99
N ARG G 23 -36.76 -66.12 27.49
CA ARG G 23 -36.64 -67.13 28.51
C ARG G 23 -35.74 -66.62 29.61
N HIS G 24 -35.92 -67.19 30.81
CA HIS G 24 -35.09 -66.86 31.95
C HIS G 24 -33.99 -67.90 32.19
N ARG G 25 -34.23 -69.15 31.82
CA ARG G 25 -33.26 -70.22 32.09
C ARG G 25 -32.05 -70.11 31.18
N GLY G 26 -32.25 -70.04 29.88
CA GLY G 26 -31.16 -70.04 28.95
C GLY G 26 -30.99 -71.41 28.32
N LYS G 27 -31.48 -71.57 27.11
CA LYS G 27 -31.51 -72.88 26.47
C LYS G 27 -30.24 -73.14 25.68
N VAL G 28 -29.95 -74.41 25.47
CA VAL G 28 -28.66 -74.82 24.92
C VAL G 28 -28.53 -74.43 23.46
N LYS G 29 -29.55 -74.76 22.65
CA LYS G 29 -29.67 -74.43 21.23
C LYS G 29 -28.70 -75.20 20.34
N SER G 30 -27.73 -75.90 20.93
CA SER G 30 -26.82 -76.74 20.15
C SER G 30 -26.14 -77.71 21.09
N PHE G 31 -26.47 -78.97 20.98
CA PHE G 31 -25.79 -79.97 21.79
C PHE G 31 -24.57 -80.49 21.04
N PRO G 32 -23.58 -81.02 21.76
CA PRO G 32 -22.41 -81.59 21.08
C PRO G 32 -22.81 -82.73 20.14
N LYS G 33 -22.12 -82.80 19.01
CA LYS G 33 -22.43 -83.78 17.99
C LYS G 33 -22.19 -85.19 18.55
N ASP G 34 -23.17 -86.06 18.33
CA ASP G 34 -23.18 -87.37 18.97
C ASP G 34 -22.45 -88.40 18.11
N ASP G 35 -21.57 -89.17 18.74
CA ASP G 35 -20.87 -90.26 18.08
C ASP G 35 -21.07 -91.53 18.89
N PRO G 36 -21.50 -92.63 18.26
CA PRO G 36 -21.81 -93.85 19.03
C PRO G 36 -20.60 -94.50 19.67
N SER G 37 -19.38 -94.13 19.28
CA SER G 37 -18.19 -94.80 19.81
C SER G 37 -17.96 -94.50 21.28
N LYS G 38 -18.30 -93.28 21.71
CA LYS G 38 -18.03 -92.86 23.07
C LYS G 38 -18.97 -93.57 24.05
N PRO G 39 -18.61 -93.62 25.33
CA PRO G 39 -19.54 -94.15 26.33
C PRO G 39 -20.72 -93.22 26.53
N VAL G 40 -21.80 -93.78 27.08
CA VAL G 40 -23.02 -93.02 27.30
C VAL G 40 -22.80 -91.98 28.38
N HIS G 41 -23.16 -90.73 28.10
CA HIS G 41 -22.91 -89.65 29.03
C HIS G 41 -23.91 -88.53 28.78
N LEU G 42 -24.06 -87.66 29.77
CA LEU G 42 -24.84 -86.45 29.63
C LEU G 42 -23.97 -85.32 29.09
N THR G 43 -24.63 -84.29 28.59
CA THR G 43 -23.93 -83.21 27.90
C THR G 43 -24.11 -81.85 28.56
N ALA G 44 -24.98 -81.73 29.56
CA ALA G 44 -25.25 -80.43 30.13
C ALA G 44 -25.68 -80.56 31.58
N PHE G 45 -25.78 -79.42 32.24
CA PHE G 45 -26.09 -79.34 33.67
C PHE G 45 -26.65 -77.96 33.97
N LEU G 46 -27.31 -77.83 35.12
CA LEU G 46 -27.87 -76.56 35.56
C LEU G 46 -27.24 -76.16 36.89
N GLY G 47 -26.67 -74.95 36.92
CA GLY G 47 -26.08 -74.42 38.13
C GLY G 47 -26.55 -73.01 38.39
N TYR G 48 -26.18 -72.50 39.57
CA TYR G 48 -26.62 -71.18 40.02
C TYR G 48 -25.40 -70.37 40.42
N LYS G 49 -25.29 -69.16 39.88
CA LYS G 49 -24.13 -68.31 40.10
C LYS G 49 -24.11 -67.85 41.55
N ALA G 50 -23.23 -68.45 42.35
CA ALA G 50 -23.14 -68.09 43.76
C ALA G 50 -22.37 -66.80 43.96
N GLY G 51 -21.31 -66.60 43.19
CA GLY G 51 -20.50 -65.41 43.35
C GLY G 51 -19.09 -65.67 42.87
N MET G 52 -18.25 -64.64 43.00
CA MET G 52 -16.90 -64.67 42.50
C MET G 52 -15.90 -64.59 43.65
N THR G 53 -14.70 -65.07 43.38
CA THR G 53 -13.55 -64.95 44.26
C THR G 53 -12.30 -65.09 43.41
N HIS G 54 -11.13 -65.16 44.04
CA HIS G 54 -9.90 -65.30 43.30
C HIS G 54 -9.00 -66.34 43.96
N ILE G 55 -8.13 -66.91 43.15
CA ILE G 55 -7.29 -68.04 43.55
C ILE G 55 -5.84 -67.70 43.28
N VAL G 56 -4.95 -68.55 43.79
CA VAL G 56 -3.53 -68.50 43.49
C VAL G 56 -3.10 -69.88 43.00
N ARG G 57 -2.43 -69.91 41.85
CA ARG G 57 -1.97 -71.18 41.31
C ARG G 57 -0.66 -70.96 40.58
N GLU G 58 0.08 -72.05 40.41
CA GLU G 58 1.34 -72.04 39.68
C GLU G 58 1.11 -72.48 38.25
N VAL G 59 1.64 -71.72 37.31
CA VAL G 59 1.37 -71.92 35.89
C VAL G 59 2.41 -72.85 35.30
N ASP G 60 1.97 -73.73 34.41
CA ASP G 60 2.83 -74.73 33.79
C ASP G 60 2.85 -74.48 32.29
N ARG G 61 3.07 -73.24 31.90
CA ARG G 61 3.09 -72.83 30.50
C ARG G 61 4.53 -72.57 30.07
N PRO G 62 5.19 -73.51 29.40
CA PRO G 62 6.59 -73.30 29.01
C PRO G 62 6.74 -72.19 27.99
N GLY G 63 7.85 -71.47 28.10
CA GLY G 63 8.14 -70.36 27.22
C GLY G 63 7.43 -69.06 27.56
N SER G 64 6.67 -69.03 28.65
CA SER G 64 5.92 -67.85 29.05
C SER G 64 6.64 -67.12 30.18
N LYS G 65 6.24 -65.87 30.40
CA LYS G 65 6.82 -65.10 31.50
C LYS G 65 6.30 -65.58 32.85
N VAL G 66 5.15 -66.24 32.86
CA VAL G 66 4.57 -66.76 34.09
C VAL G 66 4.84 -68.25 34.25
N ASN G 67 5.85 -68.78 33.57
CA ASN G 67 6.16 -70.18 33.67
C ASN G 67 6.71 -70.49 35.06
N LYS G 68 6.10 -71.46 35.74
CA LYS G 68 6.41 -71.84 37.12
C LYS G 68 6.25 -70.67 38.08
N LYS G 69 5.46 -69.67 37.69
CA LYS G 69 5.20 -68.49 38.50
C LYS G 69 3.78 -68.51 39.02
N GLU G 70 3.58 -67.86 40.16
CA GLU G 70 2.26 -67.74 40.76
C GLU G 70 1.45 -66.67 40.03
N VAL G 71 0.16 -66.93 39.86
CA VAL G 71 -0.77 -65.95 39.33
C VAL G 71 -1.98 -65.88 40.24
N VAL G 72 -2.66 -64.75 40.20
CA VAL G 72 -3.95 -64.56 40.86
C VAL G 72 -5.02 -64.46 39.79
N GLU G 73 -6.02 -65.32 39.86
CA GLU G 73 -7.01 -65.41 38.81
C GLU G 73 -8.42 -65.41 39.41
N ALA G 74 -9.28 -64.56 38.86
CA ALA G 74 -10.66 -64.49 39.32
C ALA G 74 -11.43 -65.72 38.89
N VAL G 75 -12.19 -66.30 39.82
CA VAL G 75 -12.97 -67.50 39.55
C VAL G 75 -14.41 -67.26 39.98
N THR G 76 -15.32 -67.93 39.30
CA THR G 76 -16.74 -67.85 39.59
C THR G 76 -17.20 -69.16 40.19
N ILE G 77 -17.95 -69.07 41.30
CA ILE G 77 -18.48 -70.23 41.99
C ILE G 77 -19.92 -70.45 41.54
N VAL G 78 -20.20 -71.63 40.99
CA VAL G 78 -21.53 -71.99 40.53
C VAL G 78 -21.98 -73.19 41.34
N GLU G 79 -22.99 -73.00 42.19
CA GLU G 79 -23.51 -74.11 42.98
C GLU G 79 -24.30 -75.05 42.10
N THR G 80 -24.01 -76.35 42.21
CA THR G 80 -24.63 -77.37 41.38
C THR G 80 -25.08 -78.55 42.23
N PRO G 81 -26.23 -78.44 42.89
CA PRO G 81 -26.83 -79.64 43.48
C PRO G 81 -27.21 -80.63 42.40
N PRO G 82 -27.21 -81.92 42.70
CA PRO G 82 -27.40 -82.93 41.64
C PRO G 82 -28.75 -82.83 40.96
N MET G 83 -28.74 -82.98 39.64
CA MET G 83 -29.96 -83.02 38.85
C MET G 83 -30.71 -84.32 39.11
N VAL G 84 -32.04 -84.25 39.02
CA VAL G 84 -32.91 -85.41 39.21
C VAL G 84 -33.62 -85.69 37.90
N VAL G 85 -33.48 -86.91 37.40
CA VAL G 85 -34.02 -87.29 36.09
C VAL G 85 -35.45 -87.76 36.28
N VAL G 86 -36.39 -87.16 35.54
CA VAL G 86 -37.81 -87.45 35.68
C VAL G 86 -38.47 -87.81 34.36
N GLY G 87 -37.76 -87.79 33.25
CA GLY G 87 -38.41 -88.10 31.99
C GLY G 87 -37.42 -88.40 30.90
N ILE G 88 -37.94 -88.91 29.79
CA ILE G 88 -37.17 -89.21 28.59
C ILE G 88 -37.95 -88.73 27.38
N VAL G 89 -37.29 -88.00 26.48
CA VAL G 89 -37.85 -87.58 25.21
C VAL G 89 -37.04 -88.22 24.09
N GLY G 90 -37.75 -88.70 23.07
CA GLY G 90 -37.11 -89.17 21.85
C GLY G 90 -37.43 -88.25 20.70
N TYR G 91 -36.45 -88.02 19.83
CA TYR G 91 -36.60 -87.18 18.66
C TYR G 91 -36.35 -87.99 17.41
N VAL G 92 -37.05 -87.63 16.33
CA VAL G 92 -36.88 -88.29 15.05
C VAL G 92 -36.50 -87.25 14.01
N GLU G 93 -35.55 -87.59 13.15
CA GLU G 93 -35.06 -86.67 12.14
C GLU G 93 -35.98 -86.67 10.94
N THR G 94 -36.49 -85.50 10.60
CA THR G 94 -37.44 -85.33 9.51
C THR G 94 -36.83 -84.35 8.52
N PRO G 95 -37.32 -84.34 7.26
CA PRO G 95 -36.84 -83.34 6.30
C PRO G 95 -37.27 -81.93 6.66
N ARG G 96 -38.06 -81.77 7.72
CA ARG G 96 -38.43 -80.46 8.25
C ARG G 96 -37.69 -80.11 9.52
N GLY G 97 -36.79 -80.97 9.99
CA GLY G 97 -36.04 -80.77 11.20
C GLY G 97 -36.30 -81.87 12.18
N LEU G 98 -35.74 -81.73 13.38
CA LEU G 98 -36.06 -82.64 14.46
C LEU G 98 -37.46 -82.34 14.97
N ARG G 99 -38.23 -83.39 15.26
CA ARG G 99 -39.51 -83.24 15.91
C ARG G 99 -39.62 -84.22 17.06
N THR G 100 -40.34 -83.80 18.10
CA THR G 100 -40.52 -84.63 19.28
C THR G 100 -41.38 -85.83 18.91
N PHE G 101 -40.88 -87.03 19.21
CA PHE G 101 -41.59 -88.25 18.88
C PHE G 101 -42.44 -88.76 20.03
N LYS G 102 -41.85 -88.95 21.21
CA LYS G 102 -42.58 -89.51 22.33
C LYS G 102 -41.89 -89.08 23.62
N THR G 103 -42.68 -88.73 24.61
CA THR G 103 -42.18 -88.35 25.93
C THR G 103 -42.74 -89.30 26.97
N VAL G 104 -41.86 -89.87 27.78
CA VAL G 104 -42.24 -90.77 28.86
C VAL G 104 -41.70 -90.17 30.15
N PHE G 105 -42.58 -90.01 31.14
CA PHE G 105 -42.22 -89.44 32.42
C PHE G 105 -42.16 -90.53 33.48
N ALA G 106 -41.26 -90.36 34.44
CA ALA G 106 -41.11 -91.32 35.51
C ALA G 106 -42.25 -91.19 36.51
N GLU G 107 -42.43 -92.25 37.29
CA GLU G 107 -43.31 -92.19 38.44
C GLU G 107 -42.65 -91.35 39.54
N HIS G 108 -43.47 -90.94 40.52
CA HIS G 108 -43.00 -90.20 41.70
C HIS G 108 -42.18 -88.97 41.30
N ILE G 109 -42.80 -88.10 40.52
CA ILE G 109 -42.17 -86.83 40.18
C ILE G 109 -42.12 -85.97 41.44
N SER G 110 -40.96 -85.40 41.72
CA SER G 110 -40.73 -84.69 42.97
C SER G 110 -41.67 -83.51 43.10
N ASP G 111 -41.90 -83.11 44.36
CA ASP G 111 -42.87 -82.05 44.64
C ASP G 111 -42.41 -80.73 44.05
N GLU G 112 -41.12 -80.42 44.18
CA GLU G 112 -40.60 -79.18 43.61
C GLU G 112 -40.64 -79.19 42.10
N CYS G 113 -40.49 -80.36 41.47
CA CYS G 113 -40.60 -80.44 40.02
C CYS G 113 -42.01 -80.14 39.56
N LYS G 114 -43.01 -80.64 40.30
CA LYS G 114 -44.40 -80.38 39.96
C LYS G 114 -44.76 -78.91 40.06
N ARG G 115 -43.99 -78.12 40.80
CA ARG G 115 -44.27 -76.69 40.92
C ARG G 115 -44.04 -75.97 39.61
N ARG G 116 -43.19 -76.51 38.74
CA ARG G 116 -42.90 -75.86 37.46
C ARG G 116 -44.15 -75.80 36.57
N PHE G 117 -45.02 -76.79 36.68
CA PHE G 117 -46.19 -76.89 35.82
C PHE G 117 -47.31 -75.94 36.22
N TYR G 118 -47.20 -75.25 37.34
CA TYR G 118 -48.27 -74.41 37.86
C TYR G 118 -47.81 -72.97 37.98
N LYS G 119 -48.60 -72.04 37.45
CA LYS G 119 -48.34 -70.63 37.70
C LYS G 119 -48.61 -70.26 39.15
N ASN G 120 -49.72 -70.75 39.71
CA ASN G 120 -50.12 -70.43 41.07
C ASN G 120 -50.20 -71.75 41.85
N TRP G 121 -49.09 -72.10 42.50
CA TRP G 121 -49.03 -73.33 43.27
C TRP G 121 -49.86 -73.23 44.54
N HIS G 122 -50.06 -72.00 45.03
CA HIS G 122 -50.78 -71.81 46.30
C HIS G 122 -52.24 -72.25 46.18
N LYS G 123 -52.90 -71.88 45.08
CA LYS G 123 -54.30 -72.22 44.86
C LYS G 123 -54.49 -73.54 44.14
N SER G 124 -53.41 -74.16 43.67
CA SER G 124 -53.54 -75.36 42.85
C SER G 124 -54.01 -76.54 43.69
N LYS G 125 -54.64 -77.50 43.01
CA LYS G 125 -55.02 -78.76 43.62
C LYS G 125 -53.92 -79.80 43.53
N LYS G 126 -52.76 -79.44 42.96
CA LYS G 126 -51.58 -80.31 42.90
C LYS G 126 -51.87 -81.57 42.09
N LYS G 127 -52.71 -81.44 41.07
CA LYS G 127 -53.22 -82.59 40.34
C LYS G 127 -52.34 -83.04 39.18
N ALA G 128 -51.24 -82.32 38.89
CA ALA G 128 -50.45 -82.64 37.72
C ALA G 128 -49.80 -84.02 37.82
N PHE G 129 -49.84 -84.75 36.71
CA PHE G 129 -49.27 -86.09 36.57
C PHE G 129 -49.88 -87.10 37.53
N THR G 130 -51.04 -86.82 38.10
CA THR G 130 -51.66 -87.77 39.02
C THR G 130 -52.27 -88.95 38.27
N LYS G 131 -52.95 -88.70 37.15
CA LYS G 131 -53.48 -89.80 36.36
C LYS G 131 -52.39 -90.48 35.55
N TYR G 132 -51.37 -89.72 35.11
CA TYR G 132 -50.27 -90.31 34.36
C TYR G 132 -49.49 -91.30 35.21
N CYS G 133 -49.22 -90.95 36.47
CA CYS G 133 -48.42 -91.82 37.33
C CYS G 133 -49.14 -93.11 37.69
N LYS G 134 -50.44 -93.20 37.43
CA LYS G 134 -51.18 -94.43 37.70
C LYS G 134 -50.99 -95.47 36.59
N LYS G 135 -50.41 -95.08 35.45
CA LYS G 135 -50.15 -96.04 34.40
C LYS G 135 -48.82 -96.76 34.59
N TRP G 136 -48.04 -96.39 35.59
CA TRP G 136 -46.84 -97.15 35.94
C TRP G 136 -47.14 -98.33 36.85
N GLN G 137 -48.41 -98.50 37.26
CA GLN G 137 -48.79 -99.56 38.18
C GLN G 137 -49.63 -100.65 37.52
N ASP G 138 -50.67 -100.27 36.78
CA ASP G 138 -51.50 -101.26 36.12
C ASP G 138 -50.75 -101.90 34.95
N GLU G 139 -51.22 -103.08 34.55
CA GLU G 139 -50.57 -103.80 33.46
C GLU G 139 -50.79 -103.11 32.11
N ASP G 140 -51.95 -102.46 31.92
CA ASP G 140 -52.24 -101.82 30.65
C ASP G 140 -51.28 -100.65 30.41
N GLY G 141 -51.14 -99.78 31.41
CA GLY G 141 -50.22 -98.66 31.27
C GLY G 141 -48.77 -99.11 31.13
N LYS G 142 -48.41 -100.18 31.83
CA LYS G 142 -47.05 -100.70 31.71
C LYS G 142 -46.78 -101.24 30.31
N LYS G 143 -47.75 -101.95 29.73
CA LYS G 143 -47.59 -102.42 28.36
C LYS G 143 -47.50 -101.26 27.38
N GLN G 144 -48.31 -100.23 27.60
CA GLN G 144 -48.24 -99.05 26.74
C GLN G 144 -46.88 -98.36 26.85
N LEU G 145 -46.34 -98.29 28.07
CA LEU G 145 -45.02 -97.71 28.27
C LEU G 145 -43.94 -98.53 27.57
N GLU G 146 -44.05 -99.86 27.65
CA GLU G 146 -43.09 -100.71 26.94
C GLU G 146 -43.18 -100.51 25.44
N LYS G 147 -44.39 -100.36 24.91
CA LYS G 147 -44.54 -100.07 23.48
C LYS G 147 -43.94 -98.72 23.13
N ASP G 148 -44.11 -97.73 24.00
CA ASP G 148 -43.50 -96.42 23.76
C ASP G 148 -41.98 -96.50 23.76
N PHE G 149 -41.42 -97.27 24.68
CA PHE G 149 -39.97 -97.45 24.71
C PHE G 149 -39.48 -98.18 23.47
N SER G 150 -40.23 -99.18 23.01
CA SER G 150 -39.87 -99.85 21.76
C SER G 150 -39.91 -98.90 20.58
N SER G 151 -40.93 -98.05 20.52
CA SER G 151 -41.03 -97.06 19.44
C SER G 151 -39.86 -96.09 19.47
N MET G 152 -39.48 -95.64 20.67
CA MET G 152 -38.29 -94.79 20.80
C MET G 152 -37.04 -95.53 20.34
N LYS G 153 -36.93 -96.81 20.71
CA LYS G 153 -35.75 -97.59 20.36
C LYS G 153 -35.61 -97.75 18.86
N LYS G 154 -36.72 -97.98 18.16
CA LYS G 154 -36.66 -98.31 16.74
C LYS G 154 -36.83 -97.12 15.82
N TYR G 155 -37.34 -95.99 16.29
CA TYR G 155 -37.62 -94.86 15.42
C TYR G 155 -36.85 -93.60 15.72
N CYS G 156 -36.43 -93.40 16.97
CA CYS G 156 -35.78 -92.15 17.35
C CYS G 156 -34.29 -92.19 17.04
N GLN G 157 -33.74 -91.02 16.71
CA GLN G 157 -32.33 -90.85 16.42
C GLN G 157 -31.55 -90.29 17.60
N VAL G 158 -32.08 -89.27 18.25
CA VAL G 158 -31.47 -88.69 19.45
C VAL G 158 -32.52 -88.67 20.55
N ILE G 159 -32.07 -88.95 21.78
CA ILE G 159 -32.96 -88.91 22.93
C ILE G 159 -32.38 -87.95 23.96
N ARG G 160 -33.27 -87.39 24.78
CA ARG G 160 -32.90 -86.45 25.82
C ARG G 160 -33.64 -86.84 27.09
N VAL G 161 -33.08 -86.45 28.23
CA VAL G 161 -33.66 -86.72 29.53
C VAL G 161 -34.14 -85.41 30.13
N ILE G 162 -35.30 -85.44 30.77
CA ILE G 162 -35.80 -84.27 31.48
C ILE G 162 -35.28 -84.34 32.90
N ALA G 163 -34.40 -83.40 33.26
CA ALA G 163 -33.85 -83.33 34.60
C ALA G 163 -34.23 -82.00 35.22
N HIS G 164 -34.38 -81.98 36.54
CA HIS G 164 -34.72 -80.77 37.26
C HIS G 164 -33.78 -80.58 38.44
N THR G 165 -33.60 -79.32 38.81
CA THR G 165 -32.77 -78.95 39.93
C THR G 165 -33.51 -79.17 41.24
N GLN G 166 -32.77 -79.12 42.34
CA GLN G 166 -33.31 -79.35 43.67
C GLN G 166 -33.34 -78.03 44.42
N MET G 167 -34.51 -77.40 44.44
CA MET G 167 -34.66 -76.09 45.06
C MET G 167 -34.46 -76.14 46.56
N ARG G 168 -34.87 -77.24 47.20
CA ARG G 168 -34.85 -77.33 48.65
C ARG G 168 -33.45 -77.29 49.23
N LEU G 169 -32.43 -77.54 48.41
CA LEU G 169 -31.04 -77.54 48.86
C LEU G 169 -30.34 -76.22 48.61
N LEU G 170 -31.02 -75.24 48.11
CA LEU G 170 -30.47 -73.93 47.82
C LEU G 170 -30.99 -72.90 48.81
N PRO G 171 -30.22 -71.86 49.11
CA PRO G 171 -30.68 -70.82 50.05
C PRO G 171 -31.59 -69.77 49.44
N LEU G 172 -32.11 -69.99 48.24
CA LEU G 172 -32.90 -68.98 47.57
C LEU G 172 -34.35 -69.04 48.03
N ARG G 173 -35.11 -68.00 47.67
CA ARG G 173 -36.53 -67.99 47.99
C ARG G 173 -37.28 -68.99 47.13
N GLN G 174 -36.88 -69.13 45.87
CA GLN G 174 -37.65 -69.88 44.89
C GLN G 174 -37.66 -71.36 45.23
N LYS G 175 -38.86 -71.93 45.28
CA LYS G 175 -39.03 -73.37 45.44
C LYS G 175 -39.40 -74.07 44.15
N LYS G 176 -39.67 -73.31 43.09
CA LYS G 176 -40.00 -73.89 41.80
C LYS G 176 -38.72 -74.39 41.13
N ALA G 177 -38.66 -75.69 40.86
CA ALA G 177 -37.48 -76.27 40.24
C ALA G 177 -37.38 -75.89 38.78
N HIS G 178 -36.17 -75.98 38.24
CA HIS G 178 -35.91 -75.66 36.83
C HIS G 178 -35.81 -76.95 36.03
N LEU G 179 -36.71 -77.12 35.08
CA LEU G 179 -36.69 -78.29 34.19
C LEU G 179 -35.77 -78.03 33.01
N MET G 180 -35.28 -79.12 32.42
CA MET G 180 -34.37 -79.01 31.29
C MET G 180 -34.26 -80.35 30.59
N GLU G 181 -34.22 -80.32 29.26
CA GLU G 181 -33.86 -81.49 28.46
C GLU G 181 -32.35 -81.51 28.26
N ILE G 182 -31.71 -82.57 28.72
CA ILE G 182 -30.27 -82.77 28.54
C ILE G 182 -30.06 -83.93 27.58
N GLN G 183 -29.34 -83.67 26.49
CA GLN G 183 -29.12 -84.69 25.49
C GLN G 183 -28.21 -85.79 26.02
N VAL G 184 -28.52 -87.02 25.66
CA VAL G 184 -27.69 -88.18 25.98
C VAL G 184 -26.89 -88.52 24.73
N ASN G 185 -25.57 -88.64 24.88
CA ASN G 185 -24.68 -88.90 23.77
C ASN G 185 -23.88 -90.17 24.01
N GLY G 186 -23.29 -90.68 22.94
CA GLY G 186 -22.34 -91.77 23.08
C GLY G 186 -22.89 -93.17 23.08
N GLY G 187 -23.56 -93.58 22.02
CA GLY G 187 -23.93 -94.96 21.87
C GLY G 187 -25.07 -95.12 20.89
N THR G 188 -25.52 -96.36 20.78
CA THR G 188 -26.74 -96.64 20.03
C THR G 188 -27.94 -96.08 20.78
N VAL G 189 -29.04 -95.91 20.06
CA VAL G 189 -30.26 -95.42 20.70
C VAL G 189 -30.73 -96.38 21.77
N ALA G 190 -30.58 -97.68 21.53
CA ALA G 190 -30.95 -98.68 22.52
C ALA G 190 -30.12 -98.54 23.79
N GLU G 191 -28.80 -98.36 23.65
CA GLU G 191 -27.93 -98.26 24.82
C GLU G 191 -28.24 -97.03 25.65
N LYS G 192 -28.40 -95.87 24.99
CA LYS G 192 -28.70 -94.66 25.74
C LYS G 192 -30.10 -94.70 26.33
N LEU G 193 -31.05 -95.37 25.66
CA LEU G 193 -32.37 -95.54 26.26
C LEU G 193 -32.32 -96.42 27.50
N ASP G 194 -31.54 -97.50 27.45
CA ASP G 194 -31.38 -98.33 28.65
C ASP G 194 -30.74 -97.55 29.78
N TRP G 195 -29.69 -96.79 29.46
CA TRP G 195 -29.00 -95.99 30.46
C TRP G 195 -29.94 -94.97 31.09
N ALA G 196 -30.70 -94.25 30.26
CA ALA G 196 -31.64 -93.25 30.76
C ALA G 196 -32.74 -93.89 31.60
N ARG G 197 -33.25 -95.05 31.15
CA ARG G 197 -34.31 -95.71 31.89
C ARG G 197 -33.82 -96.20 33.24
N GLU G 198 -32.55 -96.60 33.34
CA GLU G 198 -31.98 -96.89 34.65
C GLU G 198 -31.82 -95.62 35.48
N ARG G 199 -31.52 -94.49 34.85
CA ARG G 199 -31.32 -93.26 35.61
C ARG G 199 -32.61 -92.54 35.97
N LEU G 200 -33.78 -93.11 35.69
CA LEU G 200 -35.03 -92.46 36.06
C LEU G 200 -35.18 -92.41 37.58
N GLU G 201 -35.73 -91.30 38.07
CA GLU G 201 -35.93 -90.99 39.49
C GLU G 201 -34.63 -90.83 40.26
N GLN G 202 -33.48 -90.92 39.60
CA GLN G 202 -32.19 -90.91 40.27
C GLN G 202 -31.60 -89.50 40.24
N GLN G 203 -30.58 -89.31 41.06
CA GLN G 203 -29.86 -88.04 41.14
C GLN G 203 -28.53 -88.16 40.43
N VAL G 204 -28.22 -87.20 39.58
CA VAL G 204 -27.00 -87.18 38.78
C VAL G 204 -26.12 -86.04 39.30
N PRO G 205 -25.06 -86.33 40.05
CA PRO G 205 -24.17 -85.28 40.51
C PRO G 205 -23.34 -84.70 39.37
N VAL G 206 -22.85 -83.48 39.59
CA VAL G 206 -22.14 -82.75 38.54
C VAL G 206 -20.80 -83.39 38.20
N ASN G 207 -20.20 -84.16 39.12
CA ASN G 207 -18.93 -84.79 38.81
C ASN G 207 -19.06 -85.92 37.80
N GLN G 208 -20.28 -86.42 37.59
CA GLN G 208 -20.51 -87.43 36.56
C GLN G 208 -20.67 -86.82 35.17
N VAL G 209 -21.13 -85.57 35.08
CA VAL G 209 -21.31 -84.89 33.82
C VAL G 209 -20.04 -84.20 33.36
N PHE G 210 -19.37 -83.48 34.26
CA PHE G 210 -18.17 -82.73 33.94
C PHE G 210 -17.00 -83.26 34.75
N GLY G 211 -15.79 -82.99 34.26
CA GLY G 211 -14.58 -83.40 34.90
C GLY G 211 -13.71 -82.21 35.29
N GLN G 212 -12.59 -82.53 35.93
CA GLN G 212 -11.62 -81.51 36.31
C GLN G 212 -10.99 -80.90 35.06
N ASP G 213 -10.58 -79.63 35.21
CA ASP G 213 -9.78 -78.85 34.24
C ASP G 213 -10.11 -79.16 32.78
N GLU G 214 -11.41 -79.15 32.50
CA GLU G 214 -11.92 -79.20 31.14
C GLU G 214 -12.68 -77.91 30.87
N MET G 215 -12.68 -77.49 29.61
CA MET G 215 -13.25 -76.19 29.24
C MET G 215 -14.64 -76.40 28.67
N ILE G 216 -15.63 -75.75 29.27
CA ILE G 216 -17.03 -75.95 28.93
C ILE G 216 -17.65 -74.63 28.52
N ASP G 217 -18.88 -74.69 28.00
CA ASP G 217 -19.62 -73.50 27.59
C ASP G 217 -20.65 -73.15 28.65
N VAL G 218 -20.80 -71.86 28.91
CA VAL G 218 -21.77 -71.36 29.89
C VAL G 218 -22.85 -70.61 29.14
N ILE G 219 -24.10 -71.00 29.36
CA ILE G 219 -25.25 -70.41 28.69
C ILE G 219 -26.16 -69.83 29.77
N GLY G 220 -26.57 -68.59 29.57
CA GLY G 220 -27.43 -67.94 30.54
C GLY G 220 -27.89 -66.60 30.01
N VAL G 221 -28.61 -65.88 30.86
CA VAL G 221 -29.14 -64.56 30.55
C VAL G 221 -28.36 -63.54 31.37
N THR G 222 -27.94 -62.45 30.72
CA THR G 222 -27.08 -61.47 31.37
C THR G 222 -27.90 -60.64 32.37
N LYS G 223 -27.22 -59.70 33.02
CA LYS G 223 -27.88 -58.82 33.99
C LYS G 223 -28.68 -57.76 33.26
N GLY G 224 -29.92 -57.55 33.69
CA GLY G 224 -30.75 -56.53 33.09
C GLY G 224 -30.30 -55.14 33.50
N LYS G 225 -30.34 -54.22 32.55
CA LYS G 225 -29.99 -52.83 32.79
C LYS G 225 -31.12 -51.86 32.46
N GLY G 226 -32.28 -52.36 32.06
CA GLY G 226 -33.40 -51.49 31.80
C GLY G 226 -33.31 -50.83 30.43
N TYR G 227 -33.93 -49.65 30.36
CA TYR G 227 -33.99 -48.89 29.12
C TYR G 227 -32.78 -47.96 29.09
N LYS G 228 -31.96 -48.08 28.04
CA LYS G 228 -30.69 -47.36 28.01
C LYS G 228 -30.54 -46.62 26.68
N GLY G 229 -29.81 -45.51 26.72
CA GLY G 229 -29.53 -44.72 25.55
C GLY G 229 -28.36 -45.27 24.76
N VAL G 230 -28.10 -44.63 23.62
CA VAL G 230 -27.10 -45.16 22.68
C VAL G 230 -25.70 -45.12 23.27
N THR G 231 -25.41 -44.15 24.14
CA THR G 231 -24.08 -44.05 24.69
C THR G 231 -23.78 -45.20 25.64
N SER G 232 -24.79 -45.65 26.38
CA SER G 232 -24.61 -46.79 27.26
C SER G 232 -24.91 -48.12 26.58
N ARG G 233 -25.77 -48.13 25.57
CA ARG G 233 -26.18 -49.37 24.93
C ARG G 233 -25.21 -49.80 23.84
N TRP G 234 -24.86 -48.88 22.94
CA TRP G 234 -23.97 -49.18 21.83
C TRP G 234 -22.60 -48.55 21.98
N HIS G 235 -22.34 -47.84 23.08
CA HIS G 235 -21.03 -47.25 23.38
C HIS G 235 -20.58 -46.31 22.28
N THR G 236 -21.49 -45.49 21.78
CA THR G 236 -21.14 -44.50 20.78
C THR G 236 -20.46 -43.30 21.45
N LYS G 237 -19.91 -42.44 20.61
CA LYS G 237 -19.19 -41.27 21.11
C LYS G 237 -20.16 -40.26 21.69
N LYS G 238 -19.80 -39.69 22.84
CA LYS G 238 -20.58 -38.60 23.40
C LYS G 238 -20.36 -37.33 22.60
N LEU G 239 -21.45 -36.63 22.30
CA LEU G 239 -21.36 -35.39 21.56
C LEU G 239 -20.78 -34.29 22.44
N PRO G 240 -20.24 -33.23 21.84
CA PRO G 240 -19.59 -32.18 22.65
C PRO G 240 -20.56 -31.46 23.57
N ARG G 241 -19.98 -30.73 24.52
CA ARG G 241 -20.76 -30.06 25.55
C ARG G 241 -21.67 -28.99 24.96
N LYS G 242 -21.27 -28.38 23.84
CA LYS G 242 -22.03 -27.30 23.23
C LYS G 242 -23.28 -27.78 22.50
N THR G 243 -23.55 -29.08 22.49
CA THR G 243 -24.70 -29.61 21.76
C THR G 243 -26.00 -29.17 22.43
N HIS G 244 -26.96 -28.74 21.61
CA HIS G 244 -28.16 -28.09 22.12
C HIS G 244 -29.15 -29.08 22.72
N ARG G 245 -29.68 -29.98 21.91
CA ARG G 245 -30.78 -30.85 22.34
C ARG G 245 -30.30 -32.15 22.96
N GLY G 246 -29.07 -32.21 23.45
CA GLY G 246 -28.58 -33.43 24.06
C GLY G 246 -27.32 -33.97 23.42
N LEU G 247 -26.41 -34.47 24.24
CA LEU G 247 -25.14 -34.96 23.75
C LEU G 247 -24.96 -36.47 23.90
N ARG G 248 -25.84 -37.14 24.64
CA ARG G 248 -25.81 -38.59 24.73
C ARG G 248 -26.69 -39.23 23.66
N LYS G 249 -26.44 -38.86 22.40
CA LYS G 249 -27.24 -39.32 21.28
C LYS G 249 -26.31 -39.66 20.12
N VAL G 250 -26.91 -40.18 19.04
CA VAL G 250 -26.22 -40.34 17.77
C VAL G 250 -26.63 -39.18 16.88
N ALA G 251 -25.65 -38.46 16.35
CA ALA G 251 -25.93 -37.22 15.64
C ALA G 251 -26.70 -37.48 14.34
N CYS G 252 -26.20 -38.39 13.51
CA CYS G 252 -26.83 -38.71 12.24
C CYS G 252 -27.28 -40.16 12.26
N ILE G 253 -28.57 -40.39 12.04
CA ILE G 253 -29.14 -41.72 12.04
C ILE G 253 -29.41 -42.21 10.61
N GLY G 254 -28.77 -41.60 9.62
CA GLY G 254 -28.91 -42.01 8.24
C GLY G 254 -28.84 -40.84 7.30
N ALA G 255 -28.56 -41.15 6.04
CA ALA G 255 -28.52 -40.14 4.99
C ALA G 255 -29.94 -39.81 4.53
N TRP G 256 -30.05 -38.87 3.60
CA TRP G 256 -31.34 -38.57 3.00
C TRP G 256 -31.91 -39.79 2.31
N HIS G 257 -31.09 -40.51 1.55
CA HIS G 257 -31.52 -41.77 0.98
C HIS G 257 -30.67 -42.89 1.54
N PRO G 258 -31.24 -44.09 1.78
CA PRO G 258 -32.54 -44.64 1.34
C PRO G 258 -33.83 -44.15 1.99
N ALA G 259 -33.93 -42.94 2.55
CA ALA G 259 -35.17 -42.34 3.05
C ALA G 259 -35.81 -43.15 4.16
N ARG G 260 -35.00 -43.95 4.87
CA ARG G 260 -35.47 -44.71 6.01
C ARG G 260 -34.32 -44.82 7.00
N VAL G 261 -34.65 -45.25 8.20
CA VAL G 261 -33.62 -45.54 9.20
C VAL G 261 -33.25 -47.02 9.07
N ALA G 262 -31.97 -47.28 8.87
CA ALA G 262 -31.50 -48.64 8.70
C ALA G 262 -31.52 -49.39 10.03
N PHE G 263 -31.58 -50.72 9.93
CA PHE G 263 -31.53 -51.56 11.11
C PHE G 263 -30.17 -51.56 11.79
N SER G 264 -29.14 -51.02 11.13
CA SER G 264 -27.79 -51.02 11.66
C SER G 264 -27.44 -49.74 12.41
N VAL G 265 -28.42 -48.87 12.65
CA VAL G 265 -28.19 -47.61 13.33
C VAL G 265 -28.44 -47.78 14.81
N ALA G 266 -27.52 -47.28 15.64
CA ALA G 266 -27.63 -47.42 17.08
C ALA G 266 -28.78 -46.57 17.62
N ARG G 267 -29.72 -47.22 18.31
CA ARG G 267 -30.88 -46.52 18.85
C ARG G 267 -31.18 -47.04 20.26
N ALA G 268 -31.77 -46.16 21.07
CA ALA G 268 -31.98 -46.45 22.47
C ALA G 268 -33.06 -47.51 22.67
N GLY G 269 -32.93 -48.26 23.76
CA GLY G 269 -33.90 -49.29 24.08
C GLY G 269 -33.40 -50.14 25.23
N GLN G 270 -33.92 -51.37 25.28
CA GLN G 270 -33.53 -52.32 26.31
C GLN G 270 -32.04 -52.64 26.23
N LYS G 271 -31.39 -52.65 27.38
CA LYS G 271 -30.02 -53.12 27.52
C LYS G 271 -29.96 -54.16 28.62
N GLY G 272 -29.23 -55.23 28.38
CA GLY G 272 -29.11 -56.30 29.34
C GLY G 272 -30.26 -57.28 29.25
N TYR G 273 -30.17 -58.32 30.08
CA TYR G 273 -31.11 -59.44 30.09
C TYR G 273 -31.21 -60.08 28.71
N HIS G 274 -30.06 -60.31 28.09
CA HIS G 274 -29.97 -60.94 26.79
C HIS G 274 -29.45 -62.36 26.96
N HIS G 275 -29.94 -63.26 26.13
CA HIS G 275 -29.45 -64.63 26.15
C HIS G 275 -28.09 -64.68 25.47
N ARG G 276 -27.09 -65.20 26.18
CA ARG G 276 -25.73 -65.23 25.66
C ARG G 276 -25.10 -66.58 25.93
N THR G 277 -24.24 -67.00 25.00
CA THR G 277 -23.47 -68.23 25.14
C THR G 277 -22.00 -67.87 25.10
N GLU G 278 -21.26 -68.27 26.13
CA GLU G 278 -19.82 -68.09 26.19
C GLU G 278 -19.15 -69.44 26.24
N ILE G 279 -18.14 -69.63 25.41
CA ILE G 279 -17.44 -70.90 25.32
C ILE G 279 -16.09 -70.77 26.01
N ASN G 280 -15.46 -71.92 26.23
CA ASN G 280 -14.09 -72.01 26.73
C ASN G 280 -13.97 -71.42 28.13
N LYS G 281 -14.76 -71.95 29.05
CA LYS G 281 -14.67 -71.61 30.47
C LYS G 281 -14.13 -72.81 31.22
N LYS G 282 -12.86 -72.73 31.61
CA LYS G 282 -12.18 -73.85 32.23
C LYS G 282 -12.72 -74.11 33.63
N ILE G 283 -12.71 -75.37 34.04
CA ILE G 283 -13.23 -75.77 35.35
C ILE G 283 -12.02 -75.93 36.26
N TYR G 284 -11.80 -74.95 37.14
CA TYR G 284 -10.65 -75.04 38.04
C TYR G 284 -10.87 -76.01 39.18
N LYS G 285 -12.10 -76.19 39.63
CA LYS G 285 -12.38 -77.08 40.74
C LYS G 285 -13.83 -77.51 40.69
N ILE G 286 -14.08 -78.75 41.09
CA ILE G 286 -15.42 -79.27 41.30
C ILE G 286 -15.54 -79.53 42.79
N GLY G 287 -16.28 -78.68 43.50
CA GLY G 287 -16.42 -78.83 44.92
C GLY G 287 -17.24 -80.06 45.29
N GLN G 288 -17.00 -80.55 46.50
CA GLN G 288 -17.58 -81.82 46.93
C GLN G 288 -18.82 -81.63 47.80
N GLY G 289 -18.99 -80.47 48.42
CA GLY G 289 -20.17 -80.23 49.23
C GLY G 289 -20.00 -80.69 50.66
N TYR G 290 -21.06 -80.46 51.43
CA TYR G 290 -21.00 -80.74 52.87
C TYR G 290 -21.45 -82.17 53.15
N LEU G 291 -20.77 -82.82 54.09
CA LEU G 291 -21.09 -84.18 54.49
C LEU G 291 -21.21 -84.27 56.00
N ILE G 292 -21.89 -85.32 56.45
CA ILE G 292 -21.99 -85.66 57.87
C ILE G 292 -21.64 -87.13 57.97
N LYS G 293 -20.40 -87.43 58.34
CA LYS G 293 -20.02 -88.80 58.67
C LYS G 293 -19.94 -88.98 60.19
N ASP G 294 -19.16 -88.17 60.84
CA ASP G 294 -19.16 -87.98 62.29
C ASP G 294 -19.42 -86.54 62.67
N GLY G 295 -18.83 -85.59 61.95
CA GLY G 295 -19.18 -84.20 62.08
C GLY G 295 -19.33 -83.58 60.71
N LYS G 296 -19.77 -82.33 60.69
CA LYS G 296 -19.91 -81.60 59.45
C LYS G 296 -18.55 -81.37 58.79
N LEU G 297 -18.47 -81.65 57.49
CA LEU G 297 -17.25 -81.45 56.71
C LEU G 297 -17.44 -80.28 55.77
N ILE G 298 -16.49 -79.33 55.82
CA ILE G 298 -16.52 -78.18 54.94
C ILE G 298 -15.15 -78.03 54.30
N LYS G 299 -14.19 -78.81 54.78
CA LYS G 299 -12.80 -78.63 54.38
C LYS G 299 -12.58 -78.96 52.90
N ASN G 300 -13.38 -79.87 52.34
CA ASN G 300 -13.19 -80.27 50.95
C ASN G 300 -13.60 -79.19 49.95
N ASN G 301 -13.96 -78.00 50.41
CA ASN G 301 -14.46 -76.94 49.54
C ASN G 301 -13.38 -75.93 49.16
N ALA G 302 -12.57 -75.47 50.12
CA ALA G 302 -11.55 -74.48 49.83
C ALA G 302 -10.15 -74.84 50.33
N SER G 303 -10.00 -75.93 51.07
CA SER G 303 -8.65 -76.37 51.43
C SER G 303 -8.00 -77.06 50.24
N THR G 304 -6.75 -76.69 49.97
CA THR G 304 -5.99 -77.24 48.86
C THR G 304 -4.88 -78.14 49.40
N ASP G 305 -4.04 -78.63 48.50
CA ASP G 305 -2.89 -79.43 48.89
C ASP G 305 -1.80 -78.60 49.57
N TYR G 306 -1.91 -77.27 49.52
CA TYR G 306 -0.94 -76.38 50.12
C TYR G 306 -1.53 -75.52 51.22
N ASP G 307 -2.85 -75.51 51.40
CA ASP G 307 -3.49 -74.68 52.41
C ASP G 307 -3.77 -75.48 53.69
N LEU G 308 -4.50 -76.58 53.56
CA LEU G 308 -4.85 -77.45 54.70
C LEU G 308 -5.56 -76.68 55.80
N SER G 309 -6.39 -75.73 55.40
CA SER G 309 -7.19 -74.94 56.34
C SER G 309 -8.63 -75.42 56.29
N ASP G 310 -9.19 -75.72 57.47
CA ASP G 310 -10.53 -76.26 57.58
C ASP G 310 -11.53 -75.14 57.32
N LYS G 311 -11.63 -74.74 56.05
CA LYS G 311 -12.54 -73.70 55.63
C LYS G 311 -13.27 -74.13 54.37
N SER G 312 -14.45 -73.56 54.16
CA SER G 312 -15.25 -73.86 52.99
C SER G 312 -15.11 -72.75 51.95
N ILE G 313 -15.80 -72.95 50.82
CA ILE G 313 -15.78 -71.95 49.76
C ILE G 313 -16.57 -70.72 50.15
N ASN G 314 -17.42 -70.81 51.16
CA ASN G 314 -18.20 -69.65 51.60
C ASN G 314 -17.26 -68.59 52.15
N PRO G 315 -17.33 -67.36 51.66
CA PRO G 315 -16.50 -66.29 52.24
C PRO G 315 -16.98 -65.94 53.63
N LEU G 316 -16.11 -65.22 54.34
CA LEU G 316 -16.45 -64.72 55.66
C LEU G 316 -17.67 -63.81 55.54
N GLY G 317 -18.69 -64.05 56.35
CA GLY G 317 -19.92 -63.31 56.25
C GLY G 317 -20.86 -63.76 55.15
N GLY G 318 -20.51 -64.82 54.42
CA GLY G 318 -21.39 -65.37 53.42
C GLY G 318 -21.25 -64.69 52.06
N PHE G 319 -21.67 -65.41 51.02
CA PHE G 319 -21.72 -64.85 49.68
C PHE G 319 -22.72 -63.71 49.64
N VAL G 320 -22.29 -62.56 49.14
CA VAL G 320 -23.14 -61.38 49.14
C VAL G 320 -24.28 -61.57 48.15
N HIS G 321 -25.50 -61.28 48.60
CA HIS G 321 -26.73 -61.34 47.81
C HIS G 321 -27.08 -62.74 47.34
N TYR G 322 -26.35 -63.78 47.79
CA TYR G 322 -26.69 -65.14 47.40
C TYR G 322 -27.11 -66.00 48.58
N GLY G 323 -26.27 -66.13 49.60
CA GLY G 323 -26.52 -67.06 50.67
C GLY G 323 -25.27 -67.87 50.96
N GLU G 324 -25.48 -69.05 51.53
CA GLU G 324 -24.39 -69.96 51.87
C GLU G 324 -24.40 -71.14 50.91
N VAL G 325 -23.22 -71.55 50.45
CA VAL G 325 -23.09 -72.64 49.50
C VAL G 325 -22.75 -73.91 50.27
N THR G 326 -23.62 -74.92 50.15
CA THR G 326 -23.45 -76.16 50.87
C THR G 326 -23.44 -77.40 49.98
N ASN G 327 -23.78 -77.27 48.71
CA ASN G 327 -23.85 -78.40 47.80
C ASN G 327 -22.57 -78.47 46.95
N ASP G 328 -22.59 -79.34 45.95
CA ASP G 328 -21.51 -79.38 44.97
C ASP G 328 -21.43 -78.04 44.25
N PHE G 329 -20.21 -77.59 43.98
CA PHE G 329 -20.04 -76.38 43.20
C PHE G 329 -18.95 -76.60 42.16
N VAL G 330 -19.00 -75.80 41.11
CA VAL G 330 -18.04 -75.83 40.02
C VAL G 330 -17.32 -74.49 40.01
N MET G 331 -16.00 -74.53 40.12
CA MET G 331 -15.19 -73.31 40.12
C MET G 331 -14.73 -73.05 38.70
N LEU G 332 -15.45 -72.20 37.99
CA LEU G 332 -15.07 -71.80 36.64
C LEU G 332 -14.00 -70.72 36.69
N LYS G 333 -13.42 -70.42 35.53
CA LYS G 333 -12.41 -69.39 35.43
C LYS G 333 -13.00 -68.14 34.80
N GLY G 334 -12.81 -67.01 35.46
CA GLY G 334 -13.25 -65.73 34.94
C GLY G 334 -14.66 -65.39 35.34
N CYS G 335 -15.30 -64.57 34.50
CA CYS G 335 -16.63 -64.07 34.75
C CYS G 335 -17.66 -64.89 33.98
N VAL G 336 -18.90 -64.83 34.47
CA VAL G 336 -20.02 -65.57 33.92
C VAL G 336 -21.22 -64.64 33.81
N VAL G 337 -21.95 -64.73 32.71
CA VAL G 337 -23.12 -63.89 32.51
C VAL G 337 -24.14 -64.12 33.62
N GLY G 338 -24.92 -63.08 33.91
CA GLY G 338 -26.02 -63.18 34.86
C GLY G 338 -25.70 -62.55 36.19
N THR G 339 -26.77 -62.30 36.95
CA THR G 339 -26.65 -61.75 38.29
C THR G 339 -26.21 -62.86 39.24
N LYS G 340 -26.17 -62.56 40.53
CA LYS G 340 -26.08 -63.62 41.52
C LYS G 340 -27.37 -64.42 41.52
N LYS G 341 -27.27 -65.66 42.01
CA LYS G 341 -28.34 -66.67 42.02
C LYS G 341 -29.12 -66.73 40.72
N ARG G 342 -28.44 -66.49 39.60
CA ARG G 342 -29.02 -66.63 38.28
C ARG G 342 -28.73 -68.02 37.75
N VAL G 343 -29.76 -68.69 37.25
CA VAL G 343 -29.61 -70.06 36.77
C VAL G 343 -28.76 -70.08 35.51
N LEU G 344 -27.74 -70.93 35.50
CA LEU G 344 -26.83 -71.03 34.37
C LEU G 344 -26.85 -72.44 33.81
N THR G 345 -26.68 -72.54 32.50
CA THR G 345 -26.56 -73.81 31.82
C THR G 345 -25.10 -74.05 31.46
N LEU G 346 -24.54 -75.13 31.98
CA LEU G 346 -23.18 -75.54 31.66
C LEU G 346 -23.23 -76.64 30.61
N ARG G 347 -22.59 -76.40 29.48
CA ARG G 347 -22.68 -77.31 28.33
C ARG G 347 -21.29 -77.78 27.96
N LYS G 348 -21.19 -79.05 27.56
CA LYS G 348 -19.95 -79.57 27.01
C LYS G 348 -19.56 -78.79 25.76
N SER G 349 -18.26 -78.61 25.57
CA SER G 349 -17.78 -77.82 24.44
C SER G 349 -18.04 -78.53 23.12
N LEU G 350 -18.50 -77.77 22.14
CA LEU G 350 -18.76 -78.31 20.81
C LEU G 350 -17.49 -78.53 20.01
N LEU G 351 -16.37 -77.93 20.41
CA LEU G 351 -15.13 -77.97 19.67
C LEU G 351 -14.25 -79.11 20.16
N VAL G 352 -13.04 -79.15 19.62
CA VAL G 352 -12.02 -80.10 20.05
C VAL G 352 -10.90 -79.32 20.71
N GLN G 353 -10.66 -79.60 22.00
CA GLN G 353 -9.69 -78.84 22.77
C GLN G 353 -8.30 -79.44 22.55
N THR G 354 -7.48 -78.76 21.75
CA THR G 354 -6.12 -79.19 21.51
C THR G 354 -5.09 -78.12 21.78
N LYS G 355 -5.49 -76.87 22.01
CA LYS G 355 -4.53 -75.83 22.34
C LYS G 355 -3.94 -76.08 23.73
N ARG G 356 -2.79 -75.44 23.97
CA ARG G 356 -2.12 -75.63 25.24
C ARG G 356 -2.76 -74.80 26.35
N ARG G 357 -3.60 -73.82 26.00
CA ARG G 357 -4.51 -73.23 26.97
C ARG G 357 -5.44 -74.27 27.55
N ALA G 358 -6.03 -75.08 26.68
CA ALA G 358 -6.83 -76.22 27.10
C ALA G 358 -5.91 -77.36 27.53
N LEU G 359 -6.51 -78.44 28.03
CA LEU G 359 -5.82 -79.66 28.47
C LEU G 359 -4.62 -79.37 29.38
N GLU G 360 -4.63 -78.24 30.06
CA GLU G 360 -3.57 -77.87 30.99
C GLU G 360 -4.03 -78.18 32.41
N LYS G 361 -3.20 -78.92 33.15
CA LYS G 361 -3.57 -79.32 34.49
C LYS G 361 -3.61 -78.11 35.42
N ILE G 362 -4.65 -78.05 36.25
CA ILE G 362 -4.87 -76.93 37.16
C ILE G 362 -4.67 -77.44 38.58
N ASP G 363 -3.79 -76.79 39.33
CA ASP G 363 -3.48 -77.18 40.71
C ASP G 363 -3.48 -75.91 41.56
N LEU G 364 -4.56 -75.70 42.30
CA LEU G 364 -4.70 -74.50 43.11
C LEU G 364 -3.79 -74.56 44.32
N LYS G 365 -3.23 -73.40 44.69
CA LYS G 365 -2.45 -73.28 45.91
C LYS G 365 -3.19 -72.53 47.01
N PHE G 366 -4.14 -71.67 46.66
CA PHE G 366 -4.83 -70.84 47.63
C PHE G 366 -6.15 -70.38 47.04
N ILE G 367 -7.19 -70.37 47.87
CA ILE G 367 -8.51 -69.86 47.49
C ILE G 367 -8.87 -68.75 48.47
N ASP G 368 -9.16 -67.56 47.95
CA ASP G 368 -9.43 -66.42 48.82
C ASP G 368 -10.85 -66.51 49.36
N THR G 369 -10.97 -66.44 50.69
CA THR G 369 -12.27 -66.49 51.34
C THR G 369 -12.47 -65.28 52.25
N THR G 370 -11.81 -64.18 51.95
CA THR G 370 -12.04 -62.94 52.69
C THR G 370 -13.47 -62.45 52.43
N SER G 371 -13.96 -61.63 53.35
CA SER G 371 -15.33 -61.14 53.24
C SER G 371 -15.48 -60.23 52.03
N LYS G 372 -16.41 -60.57 51.15
CA LYS G 372 -16.69 -59.76 49.98
C LYS G 372 -17.69 -58.65 50.26
N PHE G 373 -18.25 -58.61 51.47
CA PHE G 373 -19.17 -57.56 51.90
C PHE G 373 -18.41 -56.37 52.48
N GLY G 374 -17.43 -55.89 51.74
CA GLY G 374 -16.52 -54.85 52.18
C GLY G 374 -15.10 -55.21 51.80
N HIS G 375 -14.15 -54.57 52.47
CA HIS G 375 -12.74 -54.91 52.28
C HIS G 375 -12.36 -55.95 53.33
N GLY G 376 -12.81 -57.18 53.09
CA GLY G 376 -12.47 -58.26 54.00
C GLY G 376 -10.97 -58.50 54.05
N ARG G 377 -10.49 -58.83 55.24
CA ARG G 377 -9.06 -58.98 55.46
C ARG G 377 -8.69 -60.19 56.31
N PHE G 378 -9.64 -61.08 56.60
CA PHE G 378 -9.38 -62.29 57.36
C PHE G 378 -10.02 -63.46 56.64
N GLN G 379 -9.24 -64.53 56.45
CA GLN G 379 -9.72 -65.67 55.68
C GLN G 379 -10.81 -66.43 56.42
N THR G 380 -10.67 -66.58 57.74
CA THR G 380 -11.56 -67.44 58.51
C THR G 380 -11.96 -66.76 59.80
N MET G 381 -12.99 -67.33 60.45
CA MET G 381 -13.40 -66.86 61.77
C MET G 381 -12.27 -67.02 62.78
N GLU G 382 -11.61 -68.18 62.78
CA GLU G 382 -10.59 -68.48 63.77
C GLU G 382 -9.38 -67.57 63.62
N GLU G 383 -8.99 -67.29 62.38
CA GLU G 383 -7.85 -66.40 62.16
C GLU G 383 -8.16 -64.99 62.66
N LYS G 384 -9.39 -64.52 62.41
CA LYS G 384 -9.79 -63.20 62.89
C LYS G 384 -9.81 -63.15 64.41
N LYS G 385 -10.32 -64.20 65.06
CA LYS G 385 -10.32 -64.23 66.52
C LYS G 385 -8.90 -64.28 67.08
N ALA G 386 -8.03 -65.08 66.46
CA ALA G 386 -6.65 -65.18 66.93
C ALA G 386 -5.89 -63.88 66.74
N PHE G 387 -6.24 -63.12 65.70
CA PHE G 387 -5.57 -61.84 65.48
C PHE G 387 -6.09 -60.78 66.46
N MET G 388 -7.41 -60.64 66.56
CA MET G 388 -7.98 -59.54 67.34
C MET G 388 -8.16 -59.88 68.81
N GLY G 389 -8.00 -61.14 69.20
CA GLY G 389 -8.13 -61.52 70.58
C GLY G 389 -9.55 -61.36 71.10
N PRO G 390 -9.71 -61.37 72.41
CA PRO G 390 -11.03 -61.15 73.00
C PRO G 390 -11.49 -59.71 72.79
N LEU G 391 -12.80 -59.54 72.71
CA LEU G 391 -13.44 -58.24 72.57
C LEU G 391 -14.36 -57.98 73.76
N LYS G 392 -15.01 -56.83 73.75
CA LYS G 392 -15.89 -56.45 74.84
C LYS G 392 -17.09 -57.38 74.93
N LYS G 393 -17.70 -57.71 73.79
CA LYS G 393 -18.87 -58.59 73.82
C LYS G 393 -18.48 -60.01 74.24
N ASP G 394 -17.28 -60.45 73.89
CA ASP G 394 -16.78 -61.71 74.41
C ASP G 394 -16.65 -61.65 75.93
N ARG G 395 -16.17 -60.54 76.46
CA ARG G 395 -16.04 -60.39 77.91
C ARG G 395 -17.38 -60.40 78.61
N ILE G 396 -18.38 -59.71 78.04
CA ILE G 396 -19.68 -59.66 78.69
C ILE G 396 -20.44 -60.97 78.51
N ALA G 397 -20.13 -61.76 77.48
CA ALA G 397 -20.70 -63.11 77.39
C ALA G 397 -20.00 -64.05 78.36
N LYS G 398 -18.70 -63.86 78.58
CA LYS G 398 -17.93 -64.75 79.43
C LYS G 398 -18.23 -64.52 80.90
N GLU G 399 -18.54 -63.27 81.29
CA GLU G 399 -18.97 -63.03 82.66
C GLU G 399 -20.29 -63.73 82.95
N GLU G 400 -21.23 -63.69 81.99
CA GLU G 400 -22.47 -64.42 82.17
C GLU G 400 -22.27 -65.93 82.12
N GLY G 401 -21.28 -66.40 81.36
CA GLY G 401 -21.00 -67.82 81.30
C GLY G 401 -20.26 -68.38 82.49
N ALA G 402 -19.81 -67.52 83.41
CA ALA G 402 -19.09 -67.91 84.62
C ALA G 402 -17.85 -68.75 84.30
N MET H 1 -115.62 -10.38 -44.63
CA MET H 1 -115.90 -10.28 -43.20
C MET H 1 -115.46 -8.93 -42.65
N ALA H 2 -114.26 -8.49 -43.04
CA ALA H 2 -113.77 -7.19 -42.61
C ALA H 2 -114.60 -6.07 -43.22
N CYS H 3 -115.03 -6.23 -44.47
CA CYS H 3 -115.85 -5.22 -45.13
C CYS H 3 -117.31 -5.30 -44.74
N ALA H 4 -117.75 -6.37 -44.11
CA ALA H 4 -119.14 -6.53 -43.71
C ALA H 4 -119.29 -6.19 -42.24
N ARG H 5 -120.23 -5.30 -41.92
CA ARG H 5 -120.45 -4.87 -40.55
C ARG H 5 -121.88 -5.20 -40.14
N PRO H 6 -122.09 -6.17 -39.25
CA PRO H 6 -123.46 -6.54 -38.87
C PRO H 6 -124.09 -5.52 -37.94
N LEU H 7 -125.32 -5.78 -37.53
CA LEU H 7 -126.07 -4.92 -36.61
C LEU H 7 -126.14 -5.60 -35.26
N ILE H 8 -125.81 -4.86 -34.21
CA ILE H 8 -125.84 -5.35 -32.84
C ILE H 8 -127.03 -4.73 -32.13
N SER H 9 -127.91 -5.57 -31.62
CA SER H 9 -129.03 -5.11 -30.83
C SER H 9 -128.54 -4.54 -29.50
N VAL H 10 -129.15 -3.44 -29.08
CA VAL H 10 -128.86 -2.85 -27.79
C VAL H 10 -129.83 -3.44 -26.78
N TYR H 11 -129.31 -4.09 -25.75
CA TYR H 11 -130.13 -4.79 -24.79
C TYR H 11 -130.53 -3.87 -23.66
N SER H 12 -131.82 -3.87 -23.34
CA SER H 12 -132.33 -3.04 -22.26
C SER H 12 -131.78 -3.53 -20.92
N GLU H 13 -132.07 -2.74 -19.87
CA GLU H 13 -131.58 -3.07 -18.54
C GLU H 13 -132.14 -4.37 -18.00
N LYS H 14 -133.24 -4.87 -18.56
CA LYS H 14 -133.82 -6.13 -18.13
C LYS H 14 -133.26 -7.33 -18.87
N GLY H 15 -132.30 -7.12 -19.78
CA GLY H 15 -131.58 -8.19 -20.41
C GLY H 15 -132.03 -8.55 -21.80
N GLU H 16 -133.23 -8.12 -22.20
CA GLU H 16 -133.76 -8.44 -23.52
C GLU H 16 -133.47 -7.29 -24.50
N SER H 17 -133.61 -7.59 -25.79
CA SER H 17 -133.36 -6.60 -26.82
C SER H 17 -134.37 -5.47 -26.73
N SER H 18 -133.88 -4.24 -26.90
CA SER H 18 -134.71 -3.05 -26.83
C SER H 18 -135.22 -2.61 -28.19
N GLY H 19 -134.85 -3.31 -29.26
CA GLY H 19 -135.25 -2.94 -30.60
C GLY H 19 -134.34 -1.95 -31.29
N LYS H 20 -133.35 -1.41 -30.58
CA LYS H 20 -132.37 -0.53 -31.20
C LYS H 20 -131.22 -1.36 -31.76
N ASN H 21 -130.66 -0.91 -32.87
CA ASN H 21 -129.56 -1.60 -33.52
C ASN H 21 -128.46 -0.61 -33.86
N VAL H 22 -127.22 -0.99 -33.56
CA VAL H 22 -126.05 -0.19 -33.90
C VAL H 22 -125.20 -1.00 -34.87
N THR H 23 -124.87 -0.40 -36.00
CA THR H 23 -123.95 -1.03 -36.93
C THR H 23 -122.59 -1.21 -36.26
N LEU H 24 -121.99 -2.37 -36.46
CA LEU H 24 -120.72 -2.71 -35.81
C LEU H 24 -119.66 -1.68 -36.16
N PRO H 25 -119.01 -1.07 -35.18
CA PRO H 25 -117.91 -0.14 -35.48
C PRO H 25 -116.78 -0.86 -36.19
N ALA H 26 -116.14 -0.14 -37.11
CA ALA H 26 -115.08 -0.73 -37.92
C ALA H 26 -113.87 -1.12 -37.10
N VAL H 27 -113.75 -0.62 -35.86
CA VAL H 27 -112.63 -0.99 -35.00
C VAL H 27 -112.69 -2.46 -34.60
N PHE H 28 -113.87 -3.09 -34.68
CA PHE H 28 -113.99 -4.49 -34.33
C PHE H 28 -113.62 -5.42 -35.47
N LYS H 29 -113.29 -4.88 -36.64
CA LYS H 29 -112.76 -5.65 -37.75
C LYS H 29 -111.28 -5.38 -37.96
N ALA H 30 -110.64 -4.68 -37.04
CA ALA H 30 -109.23 -4.35 -37.15
C ALA H 30 -108.39 -5.62 -37.00
N PRO H 31 -107.17 -5.62 -37.54
CA PRO H 31 -106.31 -6.80 -37.42
C PRO H 31 -106.00 -7.14 -35.96
N ILE H 32 -106.25 -8.38 -35.59
CA ILE H 32 -105.93 -8.86 -34.25
C ILE H 32 -104.47 -9.28 -34.25
N ARG H 33 -103.68 -8.63 -33.42
CA ARG H 33 -102.22 -8.77 -33.44
C ARG H 33 -101.72 -9.03 -32.02
N PRO H 34 -101.80 -10.28 -31.56
CA PRO H 34 -101.40 -10.57 -30.17
C PRO H 34 -99.94 -10.26 -29.86
N ASP H 35 -99.05 -10.29 -30.86
CA ASP H 35 -97.66 -9.99 -30.58
C ASP H 35 -97.45 -8.51 -30.31
N ILE H 36 -98.10 -7.64 -31.09
CA ILE H 36 -98.00 -6.21 -30.86
C ILE H 36 -98.69 -5.83 -29.55
N VAL H 37 -99.81 -6.48 -29.25
CA VAL H 37 -100.48 -6.25 -27.98
C VAL H 37 -99.58 -6.66 -26.82
N ASN H 38 -98.91 -7.80 -26.95
CA ASN H 38 -98.00 -8.23 -25.89
C ASN H 38 -96.83 -7.28 -25.74
N PHE H 39 -96.29 -6.78 -26.85
CA PHE H 39 -95.17 -5.84 -26.80
C PHE H 39 -95.58 -4.54 -26.11
N VAL H 40 -96.72 -3.98 -26.51
CA VAL H 40 -97.20 -2.73 -25.93
C VAL H 40 -97.53 -2.91 -24.46
N HIS H 41 -98.18 -4.03 -24.11
CA HIS H 41 -98.49 -4.30 -22.72
C HIS H 41 -97.23 -4.46 -21.89
N THR H 42 -96.22 -5.15 -22.44
CA THR H 42 -94.96 -5.34 -21.74
C THR H 42 -94.27 -4.02 -21.46
N ASN H 43 -94.24 -3.12 -22.45
CA ASN H 43 -93.51 -1.88 -22.27
C ASN H 43 -94.30 -0.84 -21.49
N LEU H 44 -95.63 -0.86 -21.51
CA LEU H 44 -96.40 0.10 -20.74
C LEU H 44 -96.65 -0.35 -19.30
N ARG H 45 -96.47 -1.64 -18.99
CA ARG H 45 -96.54 -2.05 -17.60
C ARG H 45 -95.33 -1.61 -16.80
N LYS H 46 -94.25 -1.21 -17.46
CA LYS H 46 -93.08 -0.69 -16.77
C LYS H 46 -93.22 0.77 -16.38
N ASN H 47 -94.18 1.50 -16.97
CA ASN H 47 -94.25 2.93 -16.76
C ASN H 47 -94.87 3.31 -15.43
N ASN H 48 -95.62 2.42 -14.79
CA ASN H 48 -96.18 2.70 -13.48
C ASN H 48 -95.27 2.23 -12.36
N ARG H 49 -94.08 1.76 -12.69
CA ARG H 49 -93.17 1.23 -11.68
C ARG H 49 -92.60 2.35 -10.82
N GLN H 50 -92.14 1.96 -9.65
CA GLN H 50 -91.58 2.87 -8.67
C GLN H 50 -90.17 2.42 -8.35
N PRO H 51 -89.19 3.33 -8.34
CA PRO H 51 -87.79 2.90 -8.27
C PRO H 51 -87.44 2.26 -6.94
N TYR H 52 -86.51 1.31 -7.01
CA TYR H 52 -85.91 0.70 -5.84
C TYR H 52 -84.39 0.69 -6.01
N ALA H 53 -83.70 0.81 -4.89
CA ALA H 53 -82.24 0.80 -4.88
C ALA H 53 -81.77 0.56 -3.46
N VAL H 54 -80.53 0.11 -3.35
CA VAL H 54 -79.89 -0.01 -2.05
C VAL H 54 -79.20 1.31 -1.72
N SER H 55 -78.92 1.51 -0.44
CA SER H 55 -78.22 2.71 -0.02
C SER H 55 -76.80 2.70 -0.59
N GLU H 56 -76.39 3.86 -1.11
CA GLU H 56 -75.05 3.95 -1.68
C GLU H 56 -73.97 3.91 -0.60
N LEU H 57 -74.34 4.08 0.66
CA LEU H 57 -73.42 3.96 1.78
C LEU H 57 -73.36 2.55 2.34
N ALA H 58 -74.17 1.64 1.83
CA ALA H 58 -74.27 0.31 2.41
C ALA H 58 -72.97 -0.46 2.22
N GLY H 59 -72.40 -0.95 3.32
CA GLY H 59 -71.20 -1.75 3.27
C GLY H 59 -69.93 -0.98 3.05
N HIS H 60 -69.98 0.36 3.01
CA HIS H 60 -68.81 1.17 2.70
C HIS H 60 -68.63 2.28 3.71
N GLN H 61 -68.91 2.01 4.98
CA GLN H 61 -68.72 2.96 6.07
C GLN H 61 -67.99 2.28 7.21
N THR H 62 -66.91 1.61 6.86
CA THR H 62 -66.17 0.73 7.75
C THR H 62 -64.74 1.19 8.01
N SER H 63 -64.12 1.90 7.06
CA SER H 63 -62.73 2.36 7.16
C SER H 63 -61.76 1.18 7.22
N ALA H 64 -62.19 0.04 6.70
CA ALA H 64 -61.35 -1.16 6.69
C ALA H 64 -60.23 -1.02 5.67
N GLU H 65 -59.20 -1.86 5.83
CA GLU H 65 -58.15 -1.95 4.84
C GLU H 65 -57.51 -3.33 4.91
N SER H 66 -56.82 -3.70 3.84
CA SER H 66 -56.20 -5.01 3.76
C SER H 66 -55.04 -5.13 4.74
N TRP H 67 -54.88 -6.32 5.30
CA TRP H 67 -53.80 -6.58 6.25
C TRP H 67 -52.46 -6.77 5.56
N GLY H 68 -52.43 -6.88 4.24
CA GLY H 68 -51.20 -7.22 3.55
C GLY H 68 -51.22 -8.66 3.08
N THR H 69 -50.05 -9.29 3.02
CA THR H 69 -49.96 -10.66 2.52
C THR H 69 -49.15 -11.59 3.40
N GLY H 70 -48.42 -11.09 4.38
CA GLY H 70 -47.57 -11.96 5.18
C GLY H 70 -48.15 -12.34 6.52
N ARG H 71 -49.47 -12.56 6.58
CA ARG H 71 -50.14 -12.86 7.84
C ARG H 71 -51.08 -14.04 7.74
N ALA H 72 -50.92 -14.88 6.71
CA ALA H 72 -51.62 -16.16 6.56
C ALA H 72 -53.13 -16.01 6.46
N VAL H 73 -53.61 -14.85 6.02
CA VAL H 73 -55.03 -14.62 5.80
C VAL H 73 -55.22 -14.01 4.43
N ALA H 74 -56.45 -14.11 3.93
CA ALA H 74 -56.77 -13.57 2.61
C ALA H 74 -56.61 -12.05 2.61
N ARG H 75 -56.33 -11.50 1.43
CA ARG H 75 -56.00 -10.10 1.27
C ARG H 75 -57.22 -9.19 1.22
N ILE H 76 -58.39 -9.70 1.63
CA ILE H 76 -59.62 -8.92 1.69
C ILE H 76 -59.44 -7.83 2.74
N PRO H 77 -60.03 -6.65 2.57
CA PRO H 77 -59.95 -5.63 3.64
C PRO H 77 -60.57 -6.13 4.94
N ARG H 78 -59.93 -5.76 6.04
CA ARG H 78 -60.36 -6.18 7.37
C ARG H 78 -60.68 -4.96 8.22
N VAL H 79 -61.75 -5.09 9.02
CA VAL H 79 -62.12 -4.01 9.92
C VAL H 79 -61.01 -3.78 10.93
N ARG H 80 -60.73 -2.52 11.22
CA ARG H 80 -59.64 -2.18 12.11
C ARG H 80 -60.12 -2.15 13.56
N GLY H 81 -59.20 -1.84 14.46
CA GLY H 81 -59.50 -1.81 15.87
C GLY H 81 -59.49 -3.19 16.50
N GLY H 82 -59.93 -3.23 17.75
CA GLY H 82 -60.01 -4.47 18.49
C GLY H 82 -61.11 -4.43 19.53
N GLY H 83 -61.22 -5.48 20.33
CA GLY H 83 -62.18 -5.50 21.41
C GLY H 83 -63.62 -5.77 21.03
N THR H 84 -63.87 -6.15 19.78
CA THR H 84 -65.22 -6.45 19.35
C THR H 84 -65.15 -7.55 18.28
N HIS H 85 -66.30 -8.21 18.07
CA HIS H 85 -66.36 -9.28 17.07
C HIS H 85 -66.05 -8.77 15.68
N ARG H 86 -66.41 -7.53 15.37
CA ARG H 86 -66.24 -6.98 14.03
C ARG H 86 -64.77 -6.84 13.64
N SER H 87 -63.88 -6.74 14.62
CA SER H 87 -62.48 -6.46 14.33
C SER H 87 -61.82 -7.63 13.61
N GLY H 88 -61.15 -7.33 12.51
CA GLY H 88 -60.49 -8.34 11.72
C GLY H 88 -61.37 -9.09 10.75
N GLN H 89 -62.62 -8.67 10.58
CA GLN H 89 -63.55 -9.32 9.68
C GLN H 89 -63.49 -8.66 8.31
N GLY H 90 -63.80 -9.46 7.28
CA GLY H 90 -63.76 -8.95 5.92
C GLY H 90 -64.81 -7.88 5.68
N ALA H 91 -64.47 -6.95 4.78
CA ALA H 91 -65.34 -5.83 4.49
C ALA H 91 -65.19 -5.41 3.04
N PHE H 92 -66.17 -4.64 2.56
CA PHE H 92 -66.18 -3.96 1.27
C PHE H 92 -66.38 -4.91 0.09
N GLY H 93 -66.41 -6.21 0.35
CA GLY H 93 -66.52 -7.20 -0.71
C GLY H 93 -67.94 -7.75 -0.83
N ASN H 94 -68.30 -8.11 -2.07
CA ASN H 94 -69.57 -8.79 -2.28
C ASN H 94 -69.63 -10.15 -1.63
N MET H 95 -68.47 -10.78 -1.39
CA MET H 95 -68.41 -12.08 -0.76
C MET H 95 -68.32 -12.01 0.76
N CYS H 96 -68.24 -10.81 1.31
CA CYS H 96 -68.08 -10.62 2.75
C CYS H 96 -69.44 -10.39 3.40
N ARG H 97 -69.60 -10.91 4.61
CA ARG H 97 -70.82 -10.66 5.36
C ARG H 97 -70.82 -9.22 5.86
N GLY H 98 -71.91 -8.51 5.60
CA GLY H 98 -71.96 -7.10 5.92
C GLY H 98 -71.27 -6.20 4.92
N GLY H 99 -70.84 -6.75 3.78
CA GLY H 99 -70.17 -5.97 2.76
C GLY H 99 -71.13 -5.37 1.78
N ARG H 100 -70.55 -4.78 0.73
CA ARG H 100 -71.32 -4.13 -0.33
C ARG H 100 -71.70 -5.14 -1.40
N MET H 101 -72.95 -5.08 -1.84
CA MET H 101 -73.40 -5.99 -2.90
C MET H 101 -72.74 -5.62 -4.22
N PHE H 102 -72.56 -6.64 -5.07
CA PHE H 102 -71.93 -6.41 -6.37
C PHE H 102 -72.82 -5.54 -7.24
N ALA H 103 -72.24 -4.46 -7.77
CA ALA H 103 -72.94 -3.52 -8.64
C ALA H 103 -74.24 -3.08 -7.97
N PRO H 104 -74.17 -2.25 -6.93
CA PRO H 104 -75.37 -1.90 -6.17
C PRO H 104 -76.44 -1.29 -7.06
N THR H 105 -77.68 -1.69 -6.81
CA THR H 105 -78.79 -1.21 -7.63
C THR H 105 -78.94 0.29 -7.43
N LYS H 106 -79.23 0.99 -8.52
CA LYS H 106 -79.26 2.43 -8.53
C LYS H 106 -80.59 2.91 -9.09
N THR H 107 -81.02 4.10 -8.66
CA THR H 107 -82.35 4.58 -8.99
C THR H 107 -82.50 4.92 -10.46
N TRP H 108 -81.41 5.15 -11.18
CA TRP H 108 -81.50 5.47 -12.60
C TRP H 108 -81.36 4.19 -13.44
N ARG H 109 -82.36 3.32 -13.31
CA ARG H 109 -82.38 2.05 -14.03
C ARG H 109 -83.08 2.15 -15.38
N ARG H 110 -83.64 3.30 -15.73
CA ARG H 110 -84.51 3.44 -16.90
C ARG H 110 -85.74 2.53 -16.75
N TRP H 111 -86.54 2.86 -15.75
CA TRP H 111 -87.71 2.05 -15.41
C TRP H 111 -88.80 2.18 -16.46
N HIS H 112 -88.83 3.29 -17.19
CA HIS H 112 -89.93 3.60 -18.08
C HIS H 112 -89.53 3.34 -19.53
N ARG H 113 -90.50 2.92 -20.33
CA ARG H 113 -90.34 2.77 -21.76
C ARG H 113 -91.37 3.63 -22.47
N ARG H 114 -90.96 4.25 -23.56
CA ARG H 114 -91.87 5.01 -24.40
C ARG H 114 -92.19 4.18 -25.65
N VAL H 115 -93.46 4.15 -26.01
CA VAL H 115 -93.95 3.39 -27.15
C VAL H 115 -94.49 4.37 -28.18
N ASN H 116 -94.35 4.04 -29.46
CA ASN H 116 -94.91 4.86 -30.52
C ASN H 116 -96.42 4.95 -30.37
N THR H 117 -96.95 6.16 -30.57
CA THR H 117 -98.38 6.38 -30.39
C THR H 117 -99.19 5.53 -31.36
N THR H 118 -98.70 5.39 -32.60
CA THR H 118 -99.40 4.57 -33.57
C THR H 118 -99.44 3.12 -33.14
N GLN H 119 -98.36 2.62 -32.54
CA GLN H 119 -98.35 1.25 -32.04
C GLN H 119 -99.30 1.07 -30.87
N LYS H 120 -99.41 2.07 -30.00
CA LYS H 120 -100.36 1.97 -28.89
C LYS H 120 -101.80 1.96 -29.41
N ARG H 121 -102.11 2.80 -30.39
CA ARG H 121 -103.43 2.77 -31.00
C ARG H 121 -103.68 1.46 -31.72
N TYR H 122 -102.64 0.91 -32.35
CA TYR H 122 -102.74 -0.40 -32.99
C TYR H 122 -103.10 -1.47 -31.98
N ALA H 123 -102.43 -1.46 -30.83
CA ALA H 123 -102.71 -2.44 -29.79
C ALA H 123 -104.11 -2.29 -29.24
N ILE H 124 -104.57 -1.05 -29.08
CA ILE H 124 -105.95 -0.82 -28.62
C ILE H 124 -106.94 -1.39 -29.63
N CYS H 125 -106.69 -1.15 -30.92
CA CYS H 125 -107.58 -1.67 -31.96
C CYS H 125 -107.59 -3.20 -31.95
N SER H 126 -106.42 -3.83 -31.80
CA SER H 126 -106.36 -5.28 -31.78
C SER H 126 -107.06 -5.85 -30.54
N ALA H 127 -106.93 -5.18 -29.40
CA ALA H 127 -107.63 -5.63 -28.21
C ALA H 127 -109.14 -5.51 -28.35
N LEU H 128 -109.60 -4.41 -28.95
CA LEU H 128 -111.03 -4.24 -29.17
C LEU H 128 -111.57 -5.27 -30.15
N ALA H 129 -110.83 -5.53 -31.23
CA ALA H 129 -111.29 -6.49 -32.24
C ALA H 129 -111.38 -7.89 -31.66
N ALA H 130 -110.50 -8.22 -30.70
CA ALA H 130 -110.51 -9.55 -30.12
C ALA H 130 -111.57 -9.69 -29.04
N SER H 131 -112.14 -8.57 -28.57
CA SER H 131 -113.20 -8.65 -27.57
C SER H 131 -114.55 -8.94 -28.17
N ALA H 132 -114.67 -8.97 -29.50
CA ALA H 132 -115.93 -9.28 -30.18
C ALA H 132 -115.98 -10.70 -30.70
N LEU H 133 -114.95 -11.50 -30.44
CA LEU H 133 -114.91 -12.89 -30.90
C LEU H 133 -115.14 -13.82 -29.71
N PRO H 134 -116.23 -14.60 -29.71
CA PRO H 134 -116.55 -15.41 -28.53
C PRO H 134 -115.46 -16.41 -28.15
N ALA H 135 -114.75 -16.96 -29.13
CA ALA H 135 -113.73 -17.94 -28.82
C ALA H 135 -112.60 -17.35 -27.99
N LEU H 136 -112.16 -16.13 -28.31
CA LEU H 136 -111.06 -15.52 -27.59
C LEU H 136 -111.46 -15.12 -26.17
N VAL H 137 -112.67 -14.57 -26.02
CA VAL H 137 -113.15 -14.19 -24.69
C VAL H 137 -113.39 -15.42 -23.84
N MET H 138 -113.86 -16.51 -24.44
CA MET H 138 -113.94 -17.77 -23.72
C MET H 138 -112.57 -18.28 -23.33
N SER H 139 -111.58 -18.12 -24.21
CA SER H 139 -110.23 -18.58 -23.92
C SER H 139 -109.56 -17.72 -22.86
N LYS H 140 -110.08 -16.52 -22.61
CA LYS H 140 -109.66 -15.78 -21.43
C LYS H 140 -110.41 -16.24 -20.18
N GLY H 141 -111.35 -17.18 -20.32
CA GLY H 141 -112.02 -17.79 -19.19
C GLY H 141 -113.12 -16.94 -18.60
N HIS H 142 -113.87 -16.24 -19.44
CA HIS H 142 -114.78 -15.21 -18.96
C HIS H 142 -116.22 -15.68 -18.81
N ARG H 143 -116.49 -16.98 -18.99
CA ARG H 143 -117.78 -17.58 -18.71
C ARG H 143 -118.92 -16.89 -19.49
N ILE H 144 -118.70 -16.71 -20.78
CA ILE H 144 -119.72 -16.21 -21.68
C ILE H 144 -120.38 -17.42 -22.36
N GLU H 145 -121.41 -17.95 -21.72
CA GLU H 145 -122.22 -18.98 -22.33
C GLU H 145 -123.69 -18.62 -22.44
N GLU H 146 -124.14 -17.62 -21.68
CA GLU H 146 -125.53 -17.17 -21.73
C GLU H 146 -125.62 -15.68 -22.04
N VAL H 147 -124.51 -15.06 -22.40
CA VAL H 147 -124.55 -13.68 -22.88
C VAL H 147 -125.25 -13.64 -24.24
N PRO H 148 -126.30 -12.83 -24.39
CA PRO H 148 -127.07 -12.87 -25.65
C PRO H 148 -126.28 -12.48 -26.88
N GLU H 149 -125.35 -11.54 -26.76
CA GLU H 149 -124.57 -11.07 -27.89
C GLU H 149 -123.23 -10.59 -27.35
N LEU H 150 -122.13 -11.10 -27.91
CA LEU H 150 -120.83 -10.79 -27.32
C LEU H 150 -120.48 -9.32 -27.36
N PRO H 151 -120.62 -8.60 -28.50
CA PRO H 151 -120.48 -7.14 -28.40
C PRO H 151 -121.66 -6.59 -27.61
N LEU H 152 -121.59 -6.77 -26.29
CA LEU H 152 -122.74 -6.56 -25.43
C LEU H 152 -122.93 -5.08 -25.19
N VAL H 153 -124.03 -4.54 -25.69
CA VAL H 153 -124.33 -3.12 -25.63
C VAL H 153 -125.63 -2.93 -24.85
N VAL H 154 -125.59 -2.07 -23.85
CA VAL H 154 -126.77 -1.78 -23.04
C VAL H 154 -127.17 -0.33 -23.26
N GLU H 155 -128.40 -0.02 -22.85
CA GLU H 155 -128.94 1.32 -23.01
C GLU H 155 -128.22 2.29 -22.10
N ASP H 156 -128.38 3.58 -22.41
CA ASP H 156 -127.70 4.64 -21.67
C ASP H 156 -128.23 4.82 -20.25
N LYS H 157 -129.34 4.17 -19.90
CA LYS H 157 -129.87 4.26 -18.54
C LYS H 157 -128.86 3.74 -17.52
N VAL H 158 -127.97 2.85 -17.93
CA VAL H 158 -126.99 2.26 -17.02
C VAL H 158 -126.01 3.33 -16.52
N GLU H 159 -125.67 4.29 -17.36
CA GLU H 159 -124.71 5.32 -16.98
C GLU H 159 -125.19 6.17 -15.81
N GLY H 160 -126.50 6.21 -15.56
CA GLY H 160 -127.07 6.95 -14.47
C GLY H 160 -127.40 6.15 -13.23
N TYR H 161 -126.92 4.91 -13.14
CA TYR H 161 -127.16 4.08 -11.97
C TYR H 161 -126.49 4.69 -10.74
N LYS H 162 -127.08 4.46 -9.58
CA LYS H 162 -126.56 5.03 -8.34
C LYS H 162 -126.22 4.01 -7.28
N LYS H 163 -127.05 2.99 -7.10
CA LYS H 163 -126.84 2.00 -6.06
C LYS H 163 -126.13 0.78 -6.61
N THR H 164 -125.52 0.01 -5.71
CA THR H 164 -124.85 -1.22 -6.12
C THR H 164 -125.84 -2.34 -6.41
N LYS H 165 -126.99 -2.32 -5.74
CA LYS H 165 -127.99 -3.38 -5.93
C LYS H 165 -128.48 -3.43 -7.37
N GLU H 166 -128.74 -2.27 -7.97
CA GLU H 166 -129.21 -2.24 -9.34
C GLU H 166 -128.12 -2.63 -10.32
N ALA H 167 -126.86 -2.32 -10.02
CA ALA H 167 -125.76 -2.79 -10.86
C ALA H 167 -125.65 -4.31 -10.82
N VAL H 168 -125.80 -4.90 -9.63
CA VAL H 168 -125.80 -6.35 -9.51
C VAL H 168 -126.96 -6.96 -10.26
N LEU H 169 -128.13 -6.33 -10.16
CA LEU H 169 -129.30 -6.79 -10.91
C LEU H 169 -129.05 -6.74 -12.41
N LEU H 170 -128.43 -5.66 -12.89
CA LEU H 170 -128.12 -5.54 -14.31
C LEU H 170 -127.15 -6.63 -14.76
N LEU H 171 -126.12 -6.90 -13.97
CA LEU H 171 -125.18 -7.95 -14.33
C LEU H 171 -125.86 -9.32 -14.31
N LYS H 172 -126.81 -9.52 -13.40
CA LYS H 172 -127.54 -10.79 -13.36
C LYS H 172 -128.42 -10.96 -14.58
N LYS H 173 -129.16 -9.92 -14.96
CA LYS H 173 -130.08 -10.05 -16.09
C LYS H 173 -129.35 -10.18 -17.42
N LEU H 174 -128.15 -9.61 -17.52
CA LEU H 174 -127.32 -9.79 -18.69
C LEU H 174 -126.63 -11.15 -18.72
N LYS H 175 -126.87 -11.98 -17.70
CA LYS H 175 -126.21 -13.28 -17.52
C LYS H 175 -124.70 -13.13 -17.45
N ALA H 176 -124.23 -11.98 -16.98
CA ALA H 176 -122.81 -11.74 -16.74
C ALA H 176 -122.43 -11.96 -15.29
N TRP H 177 -123.37 -12.37 -14.45
CA TRP H 177 -123.09 -12.60 -13.05
C TRP H 177 -122.20 -13.81 -12.82
N ASN H 178 -122.18 -14.76 -13.76
CA ASN H 178 -121.32 -15.93 -13.60
C ASN H 178 -119.85 -15.54 -13.60
N ASP H 179 -119.48 -14.52 -14.38
CA ASP H 179 -118.11 -14.02 -14.34
C ASP H 179 -117.77 -13.46 -12.97
N ILE H 180 -118.71 -12.74 -12.36
CA ILE H 180 -118.49 -12.19 -11.03
C ILE H 180 -118.38 -13.31 -9.99
N LYS H 181 -119.20 -14.35 -10.14
CA LYS H 181 -119.10 -15.49 -9.23
C LYS H 181 -117.76 -16.21 -9.39
N LYS H 182 -117.24 -16.26 -10.62
CA LYS H 182 -115.92 -16.82 -10.84
C LYS H 182 -114.85 -15.98 -10.15
N VAL H 183 -114.97 -14.65 -10.25
CA VAL H 183 -114.04 -13.75 -9.56
C VAL H 183 -114.11 -13.98 -8.05
N TYR H 184 -115.32 -14.11 -7.51
CA TYR H 184 -115.49 -14.40 -6.09
C TYR H 184 -114.82 -15.72 -5.71
N ALA H 185 -115.03 -16.76 -6.51
CA ALA H 185 -114.44 -18.05 -6.21
C ALA H 185 -112.92 -18.03 -6.34
N SER H 186 -112.39 -17.06 -7.11
CA SER H 186 -110.95 -16.98 -7.30
C SER H 186 -110.24 -16.15 -6.26
N GLN H 187 -110.94 -15.61 -5.28
CA GLN H 187 -110.29 -14.74 -4.29
C GLN H 187 -109.51 -15.61 -3.32
N ARG H 188 -108.25 -15.87 -3.65
CA ARG H 188 -107.40 -16.64 -2.76
C ARG H 188 -106.25 -15.78 -2.28
N MET H 189 -105.29 -16.37 -1.57
CA MET H 189 -104.21 -15.62 -0.94
C MET H 189 -102.94 -15.80 -1.77
N ARG H 190 -102.27 -14.68 -2.04
CA ARG H 190 -101.09 -14.70 -2.89
C ARG H 190 -99.96 -15.51 -2.26
N ALA H 191 -99.10 -16.07 -3.10
CA ALA H 191 -97.98 -16.87 -2.65
C ALA H 191 -96.69 -16.07 -2.71
N GLY H 192 -96.02 -15.94 -1.57
CA GLY H 192 -94.66 -15.44 -1.54
C GLY H 192 -94.54 -14.16 -0.73
N LYS H 193 -93.47 -13.41 -1.02
CA LYS H 193 -93.13 -12.20 -0.29
C LYS H 193 -94.10 -11.05 -0.54
N GLY H 194 -94.98 -11.16 -1.53
CA GLY H 194 -95.91 -10.08 -1.81
C GLY H 194 -96.92 -9.88 -0.70
N LYS H 195 -97.11 -10.89 0.15
CA LYS H 195 -98.01 -10.74 1.29
C LYS H 195 -97.47 -9.73 2.29
N MET H 196 -96.15 -9.61 2.40
CA MET H 196 -95.56 -8.62 3.28
C MET H 196 -95.40 -7.27 2.62
N ARG H 197 -95.70 -7.15 1.34
CA ARG H 197 -95.49 -5.93 0.59
C ARG H 197 -96.79 -5.36 0.05
N ASN H 198 -97.88 -5.51 0.81
CA ASN H 198 -99.19 -4.93 0.61
C ASN H 198 -99.97 -5.57 -0.54
N ARG H 199 -99.39 -6.50 -1.28
CA ARG H 199 -100.12 -7.25 -2.30
C ARG H 199 -100.61 -8.57 -1.72
N ARG H 200 -101.39 -8.45 -0.64
CA ARG H 200 -101.76 -9.61 0.15
C ARG H 200 -102.75 -10.52 -0.58
N ARG H 201 -103.70 -9.93 -1.31
CA ARG H 201 -104.79 -10.69 -1.91
C ARG H 201 -104.75 -10.57 -3.43
N ILE H 202 -105.18 -11.64 -4.11
CA ILE H 202 -105.25 -11.69 -5.55
C ILE H 202 -106.60 -12.28 -5.95
N GLN H 203 -107.03 -11.97 -7.17
CA GLN H 203 -108.31 -12.46 -7.67
C GLN H 203 -108.34 -12.38 -9.19
N ARG H 204 -109.31 -13.09 -9.75
CA ARG H 204 -109.57 -13.11 -11.19
C ARG H 204 -110.05 -11.74 -11.66
N ARG H 205 -109.73 -11.42 -12.92
CA ARG H 205 -110.25 -10.22 -13.56
C ARG H 205 -111.68 -10.45 -14.02
N GLY H 206 -112.52 -9.43 -13.90
CA GLY H 206 -113.90 -9.54 -14.27
C GLY H 206 -114.23 -8.80 -15.54
N PRO H 207 -115.52 -8.69 -15.86
CA PRO H 207 -115.94 -7.95 -17.05
C PRO H 207 -115.61 -6.47 -16.95
N CYS H 208 -115.42 -5.87 -18.11
CA CYS H 208 -115.08 -4.45 -18.22
C CYS H 208 -116.32 -3.70 -18.66
N ILE H 209 -116.72 -2.69 -17.89
CA ILE H 209 -117.84 -1.83 -18.25
C ILE H 209 -117.28 -0.58 -18.89
N ILE H 210 -117.64 -0.34 -20.14
CA ILE H 210 -117.16 0.83 -20.88
C ILE H 210 -118.32 1.78 -21.07
N TYR H 211 -118.18 2.98 -20.55
CA TYR H 211 -119.19 4.02 -20.58
C TYR H 211 -118.65 5.22 -21.36
N ASN H 212 -119.54 6.14 -21.68
CA ASN H 212 -119.11 7.40 -22.28
C ASN H 212 -119.17 8.55 -21.29
N GLU H 213 -120.29 8.69 -20.58
CA GLU H 213 -120.49 9.78 -19.63
C GLU H 213 -120.83 9.20 -18.27
N ASP H 214 -120.15 9.67 -17.24
CA ASP H 214 -120.42 9.23 -15.88
C ASP H 214 -121.53 10.06 -15.28
N ASN H 215 -122.62 9.40 -14.88
CA ASN H 215 -123.66 10.03 -14.08
C ASN H 215 -123.91 9.24 -12.81
N GLY H 216 -122.85 8.61 -12.29
CA GLY H 216 -122.95 7.73 -11.15
C GLY H 216 -122.62 6.29 -11.43
N ILE H 217 -122.26 5.94 -12.67
CA ILE H 217 -122.05 4.53 -13.02
C ILE H 217 -120.84 3.96 -12.27
N ILE H 218 -119.78 4.76 -12.10
CA ILE H 218 -118.62 4.28 -11.37
C ILE H 218 -118.97 4.00 -9.93
N LYS H 219 -119.73 4.89 -9.29
CA LYS H 219 -120.09 4.68 -7.90
C LYS H 219 -121.07 3.52 -7.75
N ALA H 220 -121.96 3.32 -8.73
CA ALA H 220 -122.88 2.20 -8.67
C ALA H 220 -122.12 0.87 -8.69
N PHE H 221 -121.21 0.72 -9.65
CA PHE H 221 -120.24 -0.37 -9.67
C PHE H 221 -119.10 0.01 -8.73
N ARG H 222 -117.93 -0.58 -8.90
CA ARG H 222 -116.65 -0.37 -8.22
C ARG H 222 -116.62 -1.00 -6.83
N ASN H 223 -117.73 -1.53 -6.33
CA ASN H 223 -117.69 -2.43 -5.19
C ASN H 223 -117.85 -3.87 -5.61
N ILE H 224 -118.04 -4.13 -6.89
CA ILE H 224 -118.12 -5.49 -7.43
C ILE H 224 -116.70 -5.94 -7.74
N PRO H 225 -116.20 -7.01 -7.14
CA PRO H 225 -114.86 -7.50 -7.46
C PRO H 225 -114.76 -7.91 -8.92
N GLY H 226 -113.61 -7.62 -9.52
CA GLY H 226 -113.36 -7.91 -10.91
C GLY H 226 -113.87 -6.86 -11.88
N ILE H 227 -114.94 -6.16 -11.53
CA ILE H 227 -115.50 -5.15 -12.43
C ILE H 227 -114.53 -3.98 -12.53
N THR H 228 -114.19 -3.62 -13.76
CA THR H 228 -113.35 -2.47 -14.05
C THR H 228 -114.07 -1.57 -15.03
N LEU H 229 -114.17 -0.28 -14.71
CA LEU H 229 -114.84 0.67 -15.57
C LEU H 229 -113.81 1.45 -16.37
N LEU H 230 -114.16 1.79 -17.60
CA LEU H 230 -113.23 2.40 -18.53
C LEU H 230 -113.95 3.40 -19.40
N ASN H 231 -113.51 4.66 -19.34
CA ASN H 231 -114.06 5.69 -20.21
C ASN H 231 -113.64 5.41 -21.65
N VAL H 232 -114.60 5.50 -22.56
CA VAL H 232 -114.32 5.15 -23.95
C VAL H 232 -113.33 6.12 -24.58
N SER H 233 -113.29 7.36 -24.09
CA SER H 233 -112.34 8.33 -24.63
C SER H 233 -110.94 8.16 -24.06
N LYS H 234 -110.76 7.27 -23.10
CA LYS H 234 -109.48 7.04 -22.44
C LYS H 234 -109.20 5.55 -22.31
N LEU H 235 -109.38 4.82 -23.40
CA LEU H 235 -109.21 3.37 -23.39
C LEU H 235 -107.77 2.99 -23.03
N ASN H 236 -107.64 1.99 -22.16
CA ASN H 236 -106.36 1.58 -21.61
C ASN H 236 -106.05 0.17 -22.08
N ILE H 237 -104.86 -0.02 -22.64
CA ILE H 237 -104.46 -1.36 -23.06
C ILE H 237 -104.16 -2.23 -21.83
N LEU H 238 -103.81 -1.62 -20.71
CA LEU H 238 -103.57 -2.39 -19.49
C LEU H 238 -104.85 -2.94 -18.90
N LYS H 239 -106.00 -2.42 -19.30
CA LYS H 239 -107.29 -2.91 -18.82
C LYS H 239 -108.02 -3.73 -19.86
N LEU H 240 -107.74 -3.51 -21.15
CA LEU H 240 -108.38 -4.31 -22.20
C LEU H 240 -107.70 -5.66 -22.40
N ALA H 241 -106.39 -5.72 -22.18
CA ALA H 241 -105.63 -6.96 -22.26
C ALA H 241 -104.87 -7.09 -20.95
N PRO H 242 -105.53 -7.55 -19.88
CA PRO H 242 -104.94 -7.44 -18.54
C PRO H 242 -103.60 -8.14 -18.36
N GLY H 243 -103.41 -9.30 -18.96
CA GLY H 243 -102.15 -10.00 -18.82
C GLY H 243 -101.29 -9.92 -20.05
N GLY H 244 -101.62 -9.00 -20.94
CA GLY H 244 -101.05 -9.00 -22.27
C GLY H 244 -101.76 -9.92 -23.23
N HIS H 245 -102.82 -10.57 -22.81
CA HIS H 245 -103.60 -11.47 -23.64
C HIS H 245 -104.92 -10.79 -23.99
N VAL H 246 -105.25 -10.80 -25.27
CA VAL H 246 -106.48 -10.16 -25.74
C VAL H 246 -107.67 -11.04 -25.42
N GLY H 247 -108.84 -10.42 -25.26
CA GLY H 247 -110.05 -11.18 -25.08
C GLY H 247 -110.74 -10.98 -23.74
N ARG H 248 -110.61 -9.80 -23.15
CA ARG H 248 -111.34 -9.49 -21.94
C ARG H 248 -112.81 -9.24 -22.28
N PHE H 249 -113.69 -9.79 -21.46
CA PHE H 249 -115.12 -9.54 -21.61
C PHE H 249 -115.41 -8.07 -21.35
N CYS H 250 -116.03 -7.41 -22.32
CA CYS H 250 -116.31 -5.99 -22.23
C CYS H 250 -117.80 -5.75 -22.46
N ILE H 251 -118.39 -4.96 -21.57
CA ILE H 251 -119.78 -4.54 -21.69
C ILE H 251 -119.77 -3.06 -22.08
N TRP H 252 -120.54 -2.72 -23.10
CA TRP H 252 -120.52 -1.38 -23.66
C TRP H 252 -121.83 -0.67 -23.37
N THR H 253 -121.74 0.62 -23.07
CA THR H 253 -122.91 1.48 -23.12
C THR H 253 -123.11 1.94 -24.55
N GLU H 254 -124.37 2.23 -24.89
CA GLU H 254 -124.70 2.53 -26.29
C GLU H 254 -123.97 3.77 -26.79
N SER H 255 -123.87 4.79 -25.95
CA SER H 255 -123.19 6.02 -26.36
C SER H 255 -121.71 5.78 -26.64
N ALA H 256 -121.04 4.96 -25.82
CA ALA H 256 -119.65 4.62 -26.08
C ALA H 256 -119.52 3.81 -27.36
N PHE H 257 -120.44 2.87 -27.58
CA PHE H 257 -120.43 2.06 -28.79
C PHE H 257 -120.58 2.93 -30.02
N ARG H 258 -121.41 3.97 -29.93
CA ARG H 258 -121.57 4.88 -31.06
C ARG H 258 -120.37 5.81 -31.21
N LYS H 259 -119.70 6.16 -30.11
CA LYS H 259 -118.56 7.06 -30.18
C LYS H 259 -117.29 6.36 -30.66
N LEU H 260 -117.28 5.03 -30.66
CA LEU H 260 -116.09 4.31 -31.11
C LEU H 260 -115.67 4.70 -32.52
N ASP H 261 -116.65 4.90 -33.42
CA ASP H 261 -116.31 5.24 -34.81
C ASP H 261 -115.66 6.61 -34.90
N GLU H 262 -116.16 7.60 -34.15
CA GLU H 262 -115.50 8.89 -34.16
C GLU H 262 -114.14 8.83 -33.47
N LEU H 263 -113.97 7.89 -32.53
CA LEU H 263 -112.70 7.79 -31.84
C LEU H 263 -111.61 7.19 -32.73
N TYR H 264 -111.93 6.13 -33.48
CA TYR H 264 -110.92 5.41 -34.23
C TYR H 264 -111.13 5.41 -35.75
N GLY H 265 -112.30 5.81 -36.24
CA GLY H 265 -112.51 5.95 -37.66
C GLY H 265 -112.87 4.64 -38.33
N THR H 266 -113.51 4.77 -39.49
CA THR H 266 -113.77 3.66 -40.38
C THR H 266 -112.51 3.46 -41.23
N TRP H 267 -112.52 2.49 -42.14
CA TRP H 267 -111.48 2.49 -43.16
C TRP H 267 -111.77 3.49 -44.27
N ARG H 268 -112.99 4.00 -44.32
CA ARG H 268 -113.38 5.03 -45.28
C ARG H 268 -113.24 6.44 -44.71
N LYS H 269 -113.20 6.57 -43.38
CA LYS H 269 -113.08 7.86 -42.70
C LYS H 269 -111.85 7.89 -41.82
N ALA H 270 -111.23 9.05 -41.70
CA ALA H 270 -110.24 9.26 -40.66
C ALA H 270 -110.94 9.53 -39.34
N ALA H 271 -110.25 9.24 -38.23
CA ALA H 271 -110.83 9.47 -36.92
C ALA H 271 -111.06 10.96 -36.70
N SER H 272 -112.29 11.31 -36.32
CA SER H 272 -112.64 12.72 -36.13
C SER H 272 -112.31 13.23 -34.74
N LEU H 273 -111.87 12.36 -33.84
CA LEU H 273 -111.46 12.76 -32.50
C LEU H 273 -109.96 12.54 -32.27
N LYS H 274 -109.22 12.18 -33.31
CA LYS H 274 -107.79 12.03 -33.23
C LYS H 274 -107.04 12.79 -34.31
N SER H 275 -107.73 13.24 -35.36
CA SER H 275 -107.27 14.27 -36.29
C SER H 275 -106.13 13.81 -37.20
N ASN H 276 -105.55 12.65 -36.92
CA ASN H 276 -104.57 12.10 -37.85
C ASN H 276 -104.62 10.59 -37.94
N TYR H 277 -105.54 9.92 -37.26
CA TYR H 277 -105.49 8.48 -37.13
C TYR H 277 -106.50 7.80 -38.05
N ASN H 278 -106.09 6.70 -38.64
CA ASN H 278 -106.95 5.83 -39.42
C ASN H 278 -106.70 4.39 -39.01
N LEU H 279 -107.70 3.55 -39.25
CA LEU H 279 -107.59 2.16 -38.86
C LEU H 279 -106.47 1.47 -39.65
N PRO H 280 -105.71 0.59 -39.01
CA PRO H 280 -104.65 -0.12 -39.73
C PRO H 280 -105.19 -1.07 -40.76
N MET H 281 -104.37 -1.31 -41.79
CA MET H 281 -104.78 -2.10 -42.93
C MET H 281 -104.42 -3.57 -42.73
N HIS H 282 -105.16 -4.44 -43.40
CA HIS H 282 -104.93 -5.86 -43.38
C HIS H 282 -103.94 -6.24 -44.47
N LYS H 283 -102.92 -7.03 -44.09
CA LYS H 283 -102.03 -7.64 -45.07
C LYS H 283 -102.54 -8.98 -45.56
N MET H 284 -103.69 -9.43 -45.05
CA MET H 284 -104.33 -10.66 -45.50
C MET H 284 -105.84 -10.44 -45.37
N ILE H 285 -106.50 -10.15 -46.49
CA ILE H 285 -107.92 -9.82 -46.45
C ILE H 285 -108.74 -11.03 -46.00
N ASN H 286 -108.52 -12.17 -46.63
CA ASN H 286 -109.26 -13.39 -46.34
C ASN H 286 -108.34 -14.32 -45.55
N THR H 287 -108.65 -14.50 -44.28
CA THR H 287 -107.86 -15.35 -43.40
C THR H 287 -108.38 -16.78 -43.32
N ASP H 288 -109.45 -17.09 -44.03
CA ASP H 288 -110.00 -18.44 -44.04
C ASP H 288 -109.12 -19.31 -44.92
N LEU H 289 -108.16 -20.00 -44.29
CA LEU H 289 -107.23 -20.84 -45.05
C LEU H 289 -107.96 -22.03 -45.67
N SER H 290 -108.97 -22.57 -44.99
CA SER H 290 -109.66 -23.76 -45.49
C SER H 290 -110.35 -23.46 -46.82
N ARG H 291 -111.05 -22.33 -46.90
CA ARG H 291 -111.80 -22.02 -48.11
C ARG H 291 -110.89 -21.57 -49.24
N ILE H 292 -109.74 -20.96 -48.91
CA ILE H 292 -108.76 -20.61 -49.92
C ILE H 292 -108.14 -21.87 -50.52
N LEU H 293 -107.71 -22.79 -49.66
CA LEU H 293 -107.07 -24.01 -50.12
C LEU H 293 -108.04 -24.92 -50.85
N LYS H 294 -109.30 -24.94 -50.44
CA LYS H 294 -110.31 -25.78 -51.08
C LYS H 294 -111.03 -25.07 -52.21
N SER H 295 -110.62 -23.85 -52.56
CA SER H 295 -111.25 -23.14 -53.66
C SER H 295 -110.90 -23.83 -54.98
N PRO H 296 -111.83 -23.88 -55.93
CA PRO H 296 -111.56 -24.61 -57.18
C PRO H 296 -110.38 -24.07 -57.97
N GLU H 297 -110.14 -22.76 -57.96
CA GLU H 297 -109.04 -22.21 -58.73
C GLU H 297 -107.68 -22.58 -58.13
N ILE H 298 -107.60 -22.75 -56.81
CA ILE H 298 -106.39 -23.30 -56.21
C ILE H 298 -106.24 -24.77 -56.57
N GLN H 299 -107.35 -25.53 -56.52
CA GLN H 299 -107.28 -26.97 -56.69
C GLN H 299 -106.85 -27.37 -58.10
N ARG H 300 -107.21 -26.58 -59.11
CA ARG H 300 -106.86 -26.96 -60.48
C ARG H 300 -105.36 -26.91 -60.72
N ALA H 301 -104.65 -25.99 -60.07
CA ALA H 301 -103.22 -25.82 -60.30
C ALA H 301 -102.37 -26.84 -59.56
N LEU H 302 -102.95 -27.61 -58.66
CA LEU H 302 -102.19 -28.53 -57.84
C LEU H 302 -101.92 -29.84 -58.58
N ARG H 303 -100.71 -30.36 -58.41
CA ARG H 303 -100.41 -31.72 -58.80
C ARG H 303 -101.03 -32.69 -57.79
N ALA H 304 -101.19 -33.95 -58.21
CA ALA H 304 -101.84 -34.93 -57.37
C ALA H 304 -101.01 -35.22 -56.13
N PRO H 305 -101.67 -35.44 -54.98
CA PRO H 305 -100.92 -35.73 -53.76
C PRO H 305 -100.23 -37.10 -53.82
N ARG H 306 -99.06 -37.17 -53.19
CA ARG H 306 -98.28 -38.40 -53.13
C ARG H 306 -98.45 -38.97 -51.73
N LYS H 307 -99.45 -39.83 -51.59
CA LYS H 307 -99.90 -40.29 -50.28
C LYS H 307 -99.40 -41.68 -49.92
N LYS H 308 -98.51 -42.25 -50.72
CA LYS H 308 -97.92 -43.55 -50.42
C LYS H 308 -96.62 -43.37 -49.68
N ILE H 309 -96.41 -44.18 -48.64
CA ILE H 309 -95.19 -44.16 -47.86
C ILE H 309 -94.24 -45.21 -48.43
N HIS H 310 -93.00 -44.80 -48.72
CA HIS H 310 -91.98 -45.69 -49.24
C HIS H 310 -90.95 -45.91 -48.13
N ARG H 311 -91.19 -46.93 -47.30
CA ARG H 311 -90.26 -47.27 -46.24
C ARG H 311 -89.05 -47.99 -46.82
N ARG H 312 -88.00 -48.07 -46.01
CA ARG H 312 -86.74 -48.62 -46.50
C ARG H 312 -86.88 -50.11 -46.81
N VAL H 313 -86.20 -50.53 -47.85
CA VAL H 313 -86.24 -51.91 -48.32
C VAL H 313 -85.06 -52.66 -47.72
N LEU H 314 -85.35 -53.76 -47.03
CA LEU H 314 -84.29 -54.60 -46.50
C LEU H 314 -83.55 -55.25 -47.66
N LYS H 315 -82.27 -54.92 -47.81
CA LYS H 315 -81.52 -55.41 -48.96
C LYS H 315 -81.23 -56.90 -48.81
N LYS H 316 -82.12 -57.73 -49.34
CA LYS H 316 -81.86 -59.16 -49.37
C LYS H 316 -80.79 -59.46 -50.41
N ASN H 317 -79.89 -60.37 -50.06
CA ASN H 317 -78.70 -60.58 -50.88
C ASN H 317 -79.04 -61.41 -52.12
N PRO H 318 -78.83 -60.89 -53.32
CA PRO H 318 -78.68 -61.78 -54.47
C PRO H 318 -77.40 -62.57 -54.32
N LEU H 319 -77.29 -63.64 -55.12
CA LEU H 319 -76.24 -64.66 -55.03
C LEU H 319 -76.49 -65.57 -53.83
N LYS H 320 -77.52 -65.23 -53.03
CA LYS H 320 -77.93 -66.05 -51.90
C LYS H 320 -79.44 -66.25 -51.91
N ASN H 321 -80.16 -65.28 -52.50
CA ASN H 321 -81.61 -65.33 -52.65
C ASN H 321 -81.90 -65.48 -54.13
N LEU H 322 -82.60 -66.56 -54.50
CA LEU H 322 -82.85 -66.84 -55.90
C LEU H 322 -83.80 -65.82 -56.51
N ARG H 323 -84.91 -65.54 -55.82
CA ARG H 323 -85.94 -64.71 -56.42
C ARG H 323 -85.54 -63.25 -56.49
N ILE H 324 -84.71 -62.79 -55.56
CA ILE H 324 -84.16 -61.43 -55.67
C ILE H 324 -83.28 -61.30 -56.90
N MET H 325 -82.42 -62.30 -57.13
CA MET H 325 -81.58 -62.29 -58.32
C MET H 325 -82.42 -62.37 -59.59
N LEU H 326 -83.48 -63.17 -59.58
CA LEU H 326 -84.37 -63.24 -60.73
C LEU H 326 -85.10 -61.93 -60.96
N LYS H 327 -85.45 -61.23 -59.90
CA LYS H 327 -86.03 -59.90 -60.04
C LYS H 327 -85.04 -58.95 -60.69
N LEU H 328 -83.78 -58.96 -60.25
CA LEU H 328 -82.77 -58.11 -60.85
C LEU H 328 -82.27 -58.64 -62.20
N ASN H 329 -82.05 -59.94 -62.32
CA ASN H 329 -81.53 -60.53 -63.55
C ASN H 329 -82.33 -61.78 -63.91
N PRO H 330 -83.39 -61.64 -64.69
CA PRO H 330 -84.23 -62.81 -65.00
C PRO H 330 -83.51 -63.89 -65.79
N TYR H 331 -82.42 -63.57 -66.47
CA TYR H 331 -81.65 -64.57 -67.20
C TYR H 331 -80.90 -65.52 -66.30
N ALA H 332 -80.72 -65.17 -65.02
CA ALA H 332 -79.93 -66.01 -64.12
C ALA H 332 -80.60 -67.36 -63.89
N LYS H 333 -81.92 -67.44 -64.03
CA LYS H 333 -82.59 -68.72 -63.85
C LYS H 333 -82.21 -69.71 -64.94
N THR H 334 -82.10 -69.25 -66.18
CA THR H 334 -81.75 -70.14 -67.27
C THR H 334 -80.29 -70.54 -67.20
N MET H 335 -79.40 -69.61 -66.83
CA MET H 335 -78.01 -69.97 -66.61
C MET H 335 -77.88 -71.00 -65.51
N ARG H 336 -78.62 -70.81 -64.42
CA ARG H 336 -78.53 -71.74 -63.30
C ARG H 336 -79.08 -73.11 -63.68
N ARG H 337 -80.20 -73.16 -64.40
CA ARG H 337 -80.76 -74.42 -64.84
C ARG H 337 -79.83 -75.13 -65.82
N ASN H 338 -79.23 -74.38 -66.75
CA ASN H 338 -78.27 -74.97 -67.67
C ASN H 338 -77.06 -75.52 -66.92
N THR H 339 -76.57 -74.77 -65.92
CA THR H 339 -75.44 -75.24 -65.13
C THR H 339 -75.77 -76.53 -64.40
N ILE H 340 -76.95 -76.59 -63.79
CA ILE H 340 -77.32 -77.79 -63.03
C ILE H 340 -77.46 -78.99 -63.96
N LEU H 341 -78.13 -78.81 -65.11
CA LEU H 341 -78.29 -79.91 -66.04
C LEU H 341 -76.95 -80.37 -66.60
N ARG H 342 -76.09 -79.42 -66.97
CA ARG H 342 -74.77 -79.76 -67.49
C ARG H 342 -73.93 -80.51 -66.47
N GLN H 343 -73.94 -80.03 -65.22
CA GLN H 343 -73.16 -80.68 -64.17
C GLN H 343 -73.69 -82.08 -63.90
N ALA H 344 -75.02 -82.26 -63.92
CA ALA H 344 -75.58 -83.59 -63.74
C ALA H 344 -75.19 -84.51 -64.89
N ARG H 345 -75.21 -84.00 -66.12
CA ARG H 345 -74.81 -84.82 -67.27
C ARG H 345 -73.34 -85.22 -67.18
N ASN H 346 -72.48 -84.28 -66.79
CA ASN H 346 -71.06 -84.58 -66.67
C ASN H 346 -70.79 -85.56 -65.55
N HIS H 347 -71.50 -85.43 -64.43
CA HIS H 347 -71.36 -86.38 -63.34
C HIS H 347 -71.80 -87.77 -63.78
N LYS H 348 -72.90 -87.86 -64.52
CA LYS H 348 -73.34 -89.14 -65.04
C LYS H 348 -72.31 -89.73 -66.00
N LEU H 349 -71.73 -88.90 -66.86
CA LEU H 349 -70.73 -89.37 -67.81
C LEU H 349 -69.49 -89.90 -67.10
N ARG H 350 -69.02 -89.18 -66.09
CA ARG H 350 -67.82 -89.63 -65.38
C ARG H 350 -68.09 -90.87 -64.53
N VAL H 351 -69.28 -90.96 -63.93
CA VAL H 351 -69.63 -92.16 -63.17
C VAL H 351 -69.71 -93.36 -64.10
N ASP H 352 -70.33 -93.21 -65.27
CA ASP H 352 -70.41 -94.31 -66.22
C ASP H 352 -69.04 -94.70 -66.75
N LYS H 353 -68.18 -93.71 -67.00
CA LYS H 353 -66.83 -94.00 -67.48
C LYS H 353 -66.02 -94.75 -66.43
N ALA H 354 -66.12 -94.35 -65.17
CA ALA H 354 -65.41 -95.05 -64.11
C ALA H 354 -65.96 -96.46 -63.91
N ALA H 355 -67.28 -96.63 -64.00
CA ALA H 355 -67.87 -97.96 -63.87
C ALA H 355 -67.43 -98.86 -65.02
N ALA H 356 -67.37 -98.32 -66.23
CA ALA H 356 -66.89 -99.09 -67.37
C ALA H 356 -65.43 -99.48 -67.21
N ALA H 357 -64.60 -98.56 -66.69
CA ALA H 357 -63.20 -98.87 -66.45
C ALA H 357 -63.05 -99.98 -65.42
N ALA H 358 -63.82 -99.91 -64.33
CA ALA H 358 -63.75 -100.96 -63.31
C ALA H 358 -64.23 -102.31 -63.86
N ALA H 359 -65.31 -102.29 -64.63
CA ALA H 359 -65.81 -103.53 -65.24
C ALA H 359 -64.79 -104.11 -66.21
N ALA H 360 -64.12 -103.25 -66.99
CA ALA H 360 -63.08 -103.73 -67.90
C ALA H 360 -61.89 -104.31 -67.14
N LEU H 361 -61.53 -103.69 -66.01
CA LEU H 361 -60.46 -104.24 -65.19
C LEU H 361 -60.83 -105.61 -64.65
N GLN H 362 -62.07 -105.77 -64.18
CA GLN H 362 -62.52 -107.07 -63.71
C GLN H 362 -62.54 -108.10 -64.83
N ALA H 363 -62.96 -107.69 -66.03
CA ALA H 363 -63.01 -108.61 -67.15
C ALA H 363 -61.61 -109.04 -67.59
N LYS H 364 -60.66 -108.10 -67.62
CA LYS H 364 -59.30 -108.42 -68.02
C LYS H 364 -58.52 -109.14 -66.94
N SER H 365 -58.96 -109.08 -65.68
CA SER H 365 -58.32 -109.84 -64.61
C SER H 365 -58.97 -111.20 -64.37
N ASP H 366 -60.24 -111.37 -64.73
CA ASP H 366 -60.96 -112.62 -64.54
C ASP H 366 -61.39 -113.22 -65.89
N GLU H 367 -60.52 -113.18 -66.89
CA GLU H 367 -60.90 -113.61 -68.23
C GLU H 367 -61.02 -115.12 -68.35
N LYS H 368 -60.36 -115.88 -67.47
CA LYS H 368 -60.36 -117.34 -67.49
C LYS H 368 -59.94 -117.90 -68.84
N GLY I 1 8.78 -19.97 -76.52
CA GLY I 1 7.85 -19.06 -75.88
C GLY I 1 7.90 -19.15 -74.36
N PHE I 2 8.15 -18.01 -73.72
CA PHE I 2 8.30 -17.96 -72.27
C PHE I 2 7.24 -17.11 -71.60
N VAL I 3 6.34 -16.51 -72.36
CA VAL I 3 5.18 -15.83 -71.82
C VAL I 3 3.98 -16.75 -72.01
N LYS I 4 3.03 -16.70 -71.08
CA LYS I 4 1.80 -17.47 -71.20
C LYS I 4 1.14 -17.24 -72.54
N VAL I 5 0.88 -18.34 -73.26
CA VAL I 5 0.16 -18.26 -74.52
C VAL I 5 -1.27 -17.82 -74.19
N VAL I 6 -1.61 -16.59 -74.55
CA VAL I 6 -2.90 -16.03 -74.17
C VAL I 6 -4.04 -16.77 -74.87
N LYS I 7 -3.87 -17.04 -76.16
CA LYS I 7 -4.91 -17.68 -76.95
C LYS I 7 -4.76 -19.20 -76.88
N ASN I 8 -4.84 -19.71 -75.66
CA ASN I 8 -4.77 -21.13 -75.38
C ASN I 8 -6.16 -21.76 -75.53
N LYS I 9 -6.31 -22.99 -75.05
CA LYS I 9 -7.60 -23.68 -75.15
C LYS I 9 -8.68 -22.95 -74.39
N ALA I 10 -8.39 -22.50 -73.16
CA ALA I 10 -9.41 -21.87 -72.33
C ALA I 10 -9.90 -20.55 -72.92
N TYR I 11 -9.00 -19.81 -73.58
CA TYR I 11 -9.37 -18.54 -74.18
C TYR I 11 -10.44 -18.75 -75.25
N PHE I 12 -10.25 -19.77 -76.09
CA PHE I 12 -11.25 -20.06 -77.12
C PHE I 12 -12.49 -20.71 -76.52
N LYS I 13 -12.32 -21.45 -75.42
CA LYS I 13 -13.47 -22.08 -74.78
C LYS I 13 -14.44 -21.03 -74.22
N ARG I 14 -13.89 -19.96 -73.63
CA ARG I 14 -14.74 -18.91 -73.07
C ARG I 14 -14.97 -17.75 -74.02
N TYR I 15 -14.41 -17.80 -75.22
CA TYR I 15 -14.57 -16.69 -76.15
C TYR I 15 -16.01 -16.63 -76.65
N GLN I 16 -16.60 -15.43 -76.62
CA GLN I 16 -17.93 -15.19 -77.17
C GLN I 16 -17.78 -14.27 -78.37
N VAL I 17 -18.12 -14.77 -79.55
CA VAL I 17 -18.02 -13.96 -80.75
C VAL I 17 -19.10 -12.89 -80.73
N LYS I 18 -18.81 -11.76 -81.37
CA LYS I 18 -19.81 -10.71 -81.53
C LYS I 18 -20.72 -11.08 -82.68
N PHE I 19 -21.74 -10.25 -82.91
CA PHE I 19 -22.66 -10.49 -84.02
C PHE I 19 -21.89 -10.48 -85.34
N ARG I 20 -22.41 -11.24 -86.31
CA ARG I 20 -21.66 -11.47 -87.54
C ARG I 20 -21.42 -10.16 -88.28
N ARG I 21 -22.41 -9.27 -88.31
CA ARG I 21 -22.23 -8.01 -89.00
C ARG I 21 -21.45 -7.01 -88.14
N ARG I 22 -21.26 -7.32 -86.86
CA ARG I 22 -20.31 -6.57 -86.05
C ARG I 22 -18.88 -7.02 -86.31
N ARG I 23 -18.67 -8.34 -86.44
CA ARG I 23 -17.35 -8.84 -86.80
C ARG I 23 -16.95 -8.38 -88.20
N GLU I 24 -17.91 -8.38 -89.13
CA GLU I 24 -17.65 -7.88 -90.48
C GLU I 24 -17.43 -6.39 -90.50
N GLY I 25 -17.73 -5.68 -89.42
CA GLY I 25 -17.60 -4.24 -89.39
C GLY I 25 -18.54 -3.52 -90.32
N LYS I 26 -19.81 -3.91 -90.35
CA LYS I 26 -20.78 -3.31 -91.23
C LYS I 26 -21.95 -2.65 -90.51
N THR I 27 -22.38 -3.19 -89.37
CA THR I 27 -23.56 -2.70 -88.68
C THR I 27 -23.20 -2.20 -87.29
N ASP I 28 -23.61 -0.98 -86.98
CA ASP I 28 -23.53 -0.45 -85.62
C ASP I 28 -24.87 -0.74 -84.96
N TYR I 29 -24.89 -1.77 -84.12
CA TYR I 29 -26.15 -2.22 -83.55
C TYR I 29 -26.69 -1.25 -82.51
N TYR I 30 -25.80 -0.51 -81.85
CA TYR I 30 -26.24 0.54 -80.93
C TYR I 30 -27.11 1.56 -81.64
N ALA I 31 -26.63 2.08 -82.78
CA ALA I 31 -27.44 3.01 -83.56
C ALA I 31 -28.62 2.31 -84.21
N ARG I 32 -28.45 1.05 -84.62
CA ARG I 32 -29.51 0.34 -85.31
C ARG I 32 -30.74 0.15 -84.42
N LYS I 33 -30.53 -0.18 -83.14
CA LYS I 33 -31.66 -0.38 -82.25
C LYS I 33 -32.48 0.90 -82.10
N ARG I 34 -31.82 2.04 -81.91
CA ARG I 34 -32.53 3.31 -81.84
C ARG I 34 -33.12 3.71 -83.18
N LEU I 35 -32.61 3.19 -84.29
CA LEU I 35 -33.01 3.65 -85.61
C LEU I 35 -34.14 2.84 -86.23
N VAL I 36 -34.26 1.55 -85.94
CA VAL I 36 -35.20 0.69 -86.66
C VAL I 36 -36.35 0.19 -85.79
N ILE I 37 -36.27 0.35 -84.48
CA ILE I 37 -37.26 -0.25 -83.58
C ILE I 37 -38.44 0.70 -83.45
N GLN I 38 -39.64 0.18 -83.71
CA GLN I 38 -40.87 0.94 -83.63
C GLN I 38 -41.45 0.85 -82.22
N ASP I 39 -42.21 1.88 -81.85
CA ASP I 39 -42.91 1.87 -80.57
C ASP I 39 -43.88 0.70 -80.51
N LYS I 40 -44.01 0.11 -79.32
CA LYS I 40 -44.86 -1.08 -79.19
C LYS I 40 -46.34 -0.74 -79.27
N ASN I 41 -46.72 0.49 -78.93
CA ASN I 41 -48.12 0.87 -79.08
C ASN I 41 -48.46 1.30 -80.50
N LYS I 42 -47.48 1.28 -81.41
CA LYS I 42 -47.74 1.46 -82.83
C LYS I 42 -47.87 0.15 -83.57
N TYR I 43 -47.57 -0.98 -82.91
CA TYR I 43 -47.84 -2.34 -83.38
C TYR I 43 -47.10 -2.58 -84.69
N ASN I 44 -47.77 -2.98 -85.77
CA ASN I 44 -47.11 -3.32 -87.02
C ASN I 44 -46.96 -2.14 -87.95
N THR I 45 -46.94 -0.92 -87.42
CA THR I 45 -46.68 0.24 -88.25
C THR I 45 -45.22 0.20 -88.69
N PRO I 46 -44.93 0.17 -89.99
CA PRO I 46 -43.54 0.11 -90.43
C PRO I 46 -42.80 1.39 -90.12
N LYS I 47 -41.52 1.24 -89.77
CA LYS I 47 -40.63 2.37 -89.54
C LYS I 47 -39.63 2.41 -90.67
N TYR I 48 -39.88 3.28 -91.66
CA TYR I 48 -39.08 3.36 -92.86
C TYR I 48 -37.83 4.17 -92.56
N ARG I 49 -36.70 3.73 -93.12
CA ARG I 49 -35.47 4.48 -93.03
C ARG I 49 -34.77 4.47 -94.38
N MET I 50 -33.99 5.52 -94.64
CA MET I 50 -33.32 5.69 -95.93
C MET I 50 -31.85 5.37 -95.74
N ILE I 51 -31.42 4.23 -96.26
CA ILE I 51 -30.05 3.78 -96.12
C ILE I 51 -29.23 4.38 -97.25
N VAL I 52 -28.15 5.08 -96.89
CA VAL I 52 -27.19 5.61 -97.85
C VAL I 52 -25.84 4.99 -97.54
N ARG I 53 -25.23 4.38 -98.55
CA ARG I 53 -23.92 3.75 -98.43
C ARG I 53 -23.05 4.20 -99.59
N VAL I 54 -22.07 5.04 -99.32
CA VAL I 54 -21.15 5.51 -100.33
C VAL I 54 -20.02 4.49 -100.47
N THR I 55 -19.78 4.05 -101.69
CA THR I 55 -18.81 3.01 -101.98
C THR I 55 -17.65 3.62 -102.78
N ASN I 56 -16.54 2.88 -102.87
CA ASN I 56 -15.38 3.34 -103.62
C ASN I 56 -15.73 3.68 -105.06
N ARG I 57 -16.73 3.01 -105.65
CA ARG I 57 -17.11 3.26 -107.03
C ARG I 57 -18.63 3.34 -107.22
N ASP I 58 -19.40 3.54 -106.16
CA ASP I 58 -20.85 3.52 -106.30
C ASP I 58 -21.48 4.24 -105.12
N ILE I 59 -22.76 4.56 -105.26
CA ILE I 59 -23.60 5.04 -104.17
C ILE I 59 -24.85 4.19 -104.14
N ILE I 60 -25.17 3.65 -102.97
CA ILE I 60 -26.34 2.80 -102.78
C ILE I 60 -27.33 3.54 -101.89
N CYS I 61 -28.53 3.76 -102.41
CA CYS I 61 -29.61 4.37 -101.64
C CYS I 61 -30.78 3.41 -101.56
N GLN I 62 -31.17 3.04 -100.35
CA GLN I 62 -32.23 2.08 -100.13
C GLN I 62 -33.19 2.61 -99.08
N ILE I 63 -34.46 2.24 -99.25
CA ILE I 63 -35.49 2.51 -98.24
C ILE I 63 -36.00 1.17 -97.76
N ALA I 64 -35.98 0.96 -96.45
CA ALA I 64 -36.32 -0.33 -95.88
C ALA I 64 -36.99 -0.16 -94.53
N TYR I 65 -37.72 -1.18 -94.12
CA TYR I 65 -38.28 -1.27 -92.78
C TYR I 65 -37.95 -2.64 -92.21
N ALA I 66 -37.82 -2.71 -90.89
CA ALA I 66 -37.31 -3.91 -90.24
C ALA I 66 -38.43 -4.90 -89.95
N ARG I 67 -38.12 -6.18 -90.15
CA ARG I 67 -38.96 -7.28 -89.73
C ARG I 67 -38.08 -8.34 -89.06
N ILE I 68 -38.75 -9.30 -88.41
CA ILE I 68 -38.02 -10.32 -87.66
C ILE I 68 -37.15 -11.16 -88.60
N GLU I 69 -37.69 -11.53 -89.76
CA GLU I 69 -36.93 -12.28 -90.74
C GLU I 69 -35.82 -11.45 -91.40
N GLY I 70 -35.82 -10.14 -91.21
CA GLY I 70 -34.82 -9.29 -91.82
C GLY I 70 -35.42 -8.02 -92.37
N ASP I 71 -34.57 -7.10 -92.81
CA ASP I 71 -35.05 -5.84 -93.36
C ASP I 71 -35.75 -6.06 -94.70
N MET I 72 -36.91 -5.45 -94.86
CA MET I 72 -37.68 -5.49 -96.10
C MET I 72 -37.40 -4.21 -96.87
N ILE I 73 -36.77 -4.35 -98.03
CA ILE I 73 -36.40 -3.21 -98.86
C ILE I 73 -37.52 -2.99 -99.88
N VAL I 74 -38.10 -1.80 -99.89
CA VAL I 74 -39.20 -1.49 -100.80
C VAL I 74 -38.74 -0.74 -102.04
N CYS I 75 -37.58 -0.08 -101.99
CA CYS I 75 -37.09 0.67 -103.13
C CYS I 75 -35.58 0.82 -103.00
N ALA I 76 -34.89 0.66 -104.13
CA ALA I 76 -33.45 0.83 -104.15
C ALA I 76 -33.05 1.59 -105.40
N ALA I 77 -32.17 2.56 -105.25
CA ALA I 77 -31.62 3.32 -106.36
C ALA I 77 -30.12 3.37 -106.24
N TYR I 78 -29.44 3.27 -107.38
CA TYR I 78 -27.99 3.17 -107.41
C TYR I 78 -27.41 4.27 -108.29
N ALA I 79 -26.16 4.62 -108.01
CA ALA I 79 -25.45 5.58 -108.83
C ALA I 79 -24.95 4.98 -110.14
N HIS I 80 -24.89 3.65 -110.25
CA HIS I 80 -24.41 3.02 -111.47
C HIS I 80 -25.46 2.96 -112.57
N GLU I 81 -26.73 3.22 -112.25
CA GLU I 81 -27.76 3.36 -113.27
C GLU I 81 -27.98 4.81 -113.67
N LEU I 82 -27.24 5.74 -113.06
CA LEU I 82 -27.21 7.11 -113.56
C LEU I 82 -26.72 7.23 -115.01
N PRO I 83 -25.72 6.48 -115.48
CA PRO I 83 -25.35 6.58 -116.90
C PRO I 83 -26.45 6.24 -117.89
N LYS I 84 -27.58 5.68 -117.44
CA LYS I 84 -28.71 5.47 -118.35
C LYS I 84 -29.17 6.79 -118.96
N TYR I 85 -29.15 7.87 -118.18
CA TYR I 85 -29.60 9.17 -118.66
C TYR I 85 -28.88 10.27 -117.89
N GLY I 86 -28.39 11.27 -118.62
CA GLY I 86 -27.67 12.36 -118.01
C GLY I 86 -26.24 12.03 -117.67
N VAL I 87 -25.90 12.07 -116.38
CA VAL I 87 -24.52 11.93 -115.95
C VAL I 87 -24.03 10.51 -116.21
N LYS I 88 -22.82 10.40 -116.78
CA LYS I 88 -22.20 9.11 -117.03
C LYS I 88 -20.85 8.95 -116.35
N VAL I 89 -20.13 10.03 -116.07
CA VAL I 89 -18.81 9.97 -115.48
C VAL I 89 -18.84 10.84 -114.22
N GLY I 90 -17.90 10.58 -113.33
CA GLY I 90 -17.90 11.30 -112.07
C GLY I 90 -19.04 10.91 -111.15
N LEU I 91 -19.26 9.61 -110.99
CA LEU I 91 -20.19 9.11 -109.99
C LEU I 91 -19.55 9.24 -108.62
N THR I 92 -20.22 8.69 -107.60
CA THR I 92 -19.79 8.65 -106.20
C THR I 92 -19.29 10.02 -105.68
N ASN I 93 -19.76 11.11 -106.27
CA ASN I 93 -19.49 12.45 -105.77
C ASN I 93 -20.78 13.04 -105.21
N TYR I 94 -20.70 14.28 -104.72
CA TYR I 94 -21.85 14.91 -104.08
C TYR I 94 -23.00 15.10 -105.06
N ALA I 95 -22.71 15.53 -106.28
CA ALA I 95 -23.76 15.73 -107.26
C ALA I 95 -24.45 14.42 -107.61
N ALA I 96 -23.68 13.34 -107.77
CA ALA I 96 -24.30 12.04 -108.02
C ALA I 96 -25.06 11.55 -106.81
N ALA I 97 -24.62 11.91 -105.60
CA ALA I 97 -25.39 11.55 -104.40
C ALA I 97 -26.74 12.24 -104.42
N TYR I 98 -26.78 13.53 -104.77
CA TYR I 98 -28.05 14.22 -104.91
C TYR I 98 -28.91 13.58 -106.00
N CYS I 99 -28.28 13.23 -107.12
CA CYS I 99 -29.03 12.63 -108.23
C CYS I 99 -29.64 11.28 -107.83
N THR I 100 -28.88 10.44 -107.11
CA THR I 100 -29.42 9.14 -106.75
C THR I 100 -30.43 9.24 -105.62
N GLY I 101 -30.28 10.22 -104.72
CA GLY I 101 -31.34 10.45 -103.74
C GLY I 101 -32.62 10.91 -104.38
N LEU I 102 -32.53 11.81 -105.36
CA LEU I 102 -33.70 12.24 -106.09
C LEU I 102 -34.33 11.08 -106.87
N LEU I 103 -33.49 10.24 -107.48
CA LEU I 103 -34.01 9.09 -108.20
C LEU I 103 -34.74 8.12 -107.26
N LEU I 104 -34.17 7.88 -106.08
CA LEU I 104 -34.82 7.02 -105.10
C LEU I 104 -36.17 7.59 -104.67
N ALA I 105 -36.21 8.90 -104.38
CA ALA I 105 -37.46 9.52 -103.93
C ALA I 105 -38.52 9.45 -105.04
N ARG I 106 -38.14 9.78 -106.27
CA ARG I 106 -39.10 9.76 -107.37
C ARG I 106 -39.59 8.35 -107.65
N ARG I 107 -38.68 7.36 -107.61
CA ARG I 107 -39.07 5.99 -107.88
C ARG I 107 -40.03 5.46 -106.81
N LEU I 108 -39.73 5.74 -105.54
CA LEU I 108 -40.64 5.30 -104.47
C LEU I 108 -41.99 5.98 -104.58
N LEU I 109 -41.99 7.30 -104.85
CA LEU I 109 -43.25 8.03 -104.98
C LEU I 109 -44.07 7.52 -106.17
N ASN I 110 -43.39 7.14 -107.25
CA ASN I 110 -44.08 6.57 -108.39
C ASN I 110 -44.67 5.20 -108.05
N ARG I 111 -43.93 4.37 -107.31
CA ARG I 111 -44.46 3.08 -106.92
C ARG I 111 -45.68 3.22 -106.02
N PHE I 112 -45.65 4.17 -105.09
CA PHE I 112 -46.79 4.39 -104.20
C PHE I 112 -47.90 5.19 -104.85
N GLY I 113 -47.70 5.67 -106.08
CA GLY I 113 -48.74 6.41 -106.76
C GLY I 113 -48.89 7.85 -106.32
N MET I 114 -47.83 8.44 -105.76
CA MET I 114 -47.85 9.85 -105.35
C MET I 114 -46.86 10.59 -106.23
N ASP I 115 -47.32 11.00 -107.41
CA ASP I 115 -46.49 11.77 -108.33
C ASP I 115 -47.04 13.15 -108.61
N LYS I 116 -48.34 13.25 -108.92
CA LYS I 116 -48.95 14.56 -109.13
C LYS I 116 -48.93 15.37 -107.84
N ILE I 117 -49.17 14.71 -106.71
CA ILE I 117 -48.99 15.30 -105.40
C ILE I 117 -47.56 15.04 -104.96
N TYR I 118 -47.05 15.93 -104.10
CA TYR I 118 -45.67 15.87 -103.60
C TYR I 118 -44.68 15.84 -104.77
N GLU I 119 -44.72 16.90 -105.58
CA GLU I 119 -43.76 17.05 -106.65
C GLU I 119 -42.37 17.37 -106.13
N GLY I 120 -42.24 17.71 -104.85
CA GLY I 120 -40.96 18.10 -104.30
C GLY I 120 -40.56 19.49 -104.76
N GLN I 121 -39.25 19.73 -104.71
CA GLN I 121 -38.68 21.00 -105.15
C GLN I 121 -38.05 20.79 -106.52
N VAL I 122 -38.80 21.15 -107.57
CA VAL I 122 -38.32 20.94 -108.93
C VAL I 122 -37.14 21.86 -109.25
N GLU I 123 -37.27 23.15 -108.91
CA GLU I 123 -36.21 24.12 -109.13
C GLU I 123 -35.22 24.02 -107.99
N VAL I 124 -34.01 23.57 -108.29
CA VAL I 124 -33.04 23.22 -107.25
C VAL I 124 -32.39 24.49 -106.72
N THR I 125 -32.48 24.69 -105.40
CA THR I 125 -31.68 25.67 -104.70
C THR I 125 -31.15 25.03 -103.42
N GLY I 126 -30.08 25.61 -102.90
CA GLY I 126 -29.44 25.01 -101.74
C GLY I 126 -30.16 25.20 -100.43
N ASP I 127 -31.26 25.96 -100.43
CA ASP I 127 -31.97 26.26 -99.19
C ASP I 127 -32.68 25.01 -98.66
N GLU I 128 -33.10 25.10 -97.41
CA GLU I 128 -33.84 24.01 -96.80
C GLU I 128 -35.22 23.87 -97.42
N TYR I 129 -35.67 22.63 -97.54
CA TYR I 129 -37.01 22.36 -98.04
C TYR I 129 -37.56 21.17 -97.28
N ASN I 130 -38.81 21.29 -96.83
CA ASN I 130 -39.47 20.21 -96.12
C ASN I 130 -40.89 20.10 -96.66
N VAL I 131 -41.22 18.96 -97.25
CA VAL I 131 -42.54 18.76 -97.84
C VAL I 131 -43.57 18.67 -96.72
N GLU I 132 -44.77 19.19 -96.98
CA GLU I 132 -45.87 19.12 -96.05
C GLU I 132 -46.93 18.18 -96.61
N SER I 133 -47.55 17.39 -95.73
CA SER I 133 -48.68 16.59 -96.14
C SER I 133 -49.86 17.50 -96.50
N ILE I 134 -50.54 17.16 -97.58
CA ILE I 134 -51.68 17.94 -98.05
C ILE I 134 -52.95 17.26 -97.54
N ASP I 135 -53.80 18.03 -96.86
CA ASP I 135 -55.04 17.49 -96.34
C ASP I 135 -55.98 17.07 -97.46
N GLY I 136 -56.75 16.01 -97.21
CA GLY I 136 -57.57 15.41 -98.25
C GLY I 136 -56.79 14.55 -99.22
N GLN I 137 -55.52 14.31 -98.95
CA GLN I 137 -54.63 13.53 -99.79
C GLN I 137 -53.80 12.64 -98.88
N PRO I 138 -53.25 11.54 -99.40
CA PRO I 138 -52.36 10.72 -98.58
C PRO I 138 -51.16 11.51 -98.08
N GLY I 139 -50.72 11.19 -96.87
CA GLY I 139 -49.63 11.92 -96.27
C GLY I 139 -48.31 11.69 -96.96
N ALA I 140 -47.38 12.62 -96.74
CA ALA I 140 -46.06 12.50 -97.32
C ALA I 140 -45.31 11.32 -96.72
N PHE I 141 -44.53 10.65 -97.54
CA PHE I 141 -43.76 9.50 -97.08
C PHE I 141 -42.67 9.98 -96.11
N THR I 142 -42.66 9.39 -94.91
CA THR I 142 -41.74 9.79 -93.85
C THR I 142 -40.75 8.68 -93.60
N CYS I 143 -39.46 9.02 -93.65
CA CYS I 143 -38.39 8.08 -93.37
C CYS I 143 -37.23 8.84 -92.74
N TYR I 144 -36.29 8.10 -92.20
CA TYR I 144 -35.16 8.66 -91.48
C TYR I 144 -33.87 8.23 -92.14
N LEU I 145 -32.81 9.03 -91.94
CA LEU I 145 -31.54 8.72 -92.59
C LEU I 145 -30.75 7.71 -91.77
N ASP I 146 -30.27 6.66 -92.45
CA ASP I 146 -29.36 5.68 -91.88
C ASP I 146 -27.99 5.92 -92.51
N ALA I 147 -27.14 6.65 -91.81
CA ALA I 147 -25.81 6.96 -92.32
C ALA I 147 -24.79 5.85 -92.09
N GLY I 148 -25.13 4.86 -91.26
CA GLY I 148 -24.20 3.78 -91.01
C GLY I 148 -23.01 4.27 -90.21
N LEU I 149 -21.83 3.74 -90.53
CA LEU I 149 -20.60 4.09 -89.83
C LEU I 149 -19.92 5.32 -90.40
N ALA I 150 -20.56 6.01 -91.34
CA ALA I 150 -19.97 7.22 -91.90
C ALA I 150 -19.89 8.31 -90.84
N ARG I 151 -18.81 9.08 -90.88
CA ARG I 151 -18.65 10.20 -89.98
C ARG I 151 -19.48 11.37 -90.49
N THR I 152 -20.54 11.71 -89.76
CA THR I 152 -21.51 12.70 -90.22
C THR I 152 -21.04 14.11 -89.85
N THR I 153 -20.05 14.57 -90.60
CA THR I 153 -19.64 15.96 -90.52
C THR I 153 -20.28 16.77 -91.64
N THR I 154 -19.98 18.06 -91.65
CA THR I 154 -20.53 18.93 -92.68
C THR I 154 -19.96 18.56 -94.05
N GLY I 155 -20.84 18.38 -95.02
CA GLY I 155 -20.43 18.08 -96.38
C GLY I 155 -20.38 16.62 -96.76
N ASN I 156 -20.80 15.72 -95.89
CA ASN I 156 -20.83 14.30 -96.21
C ASN I 156 -21.82 14.02 -97.32
N LYS I 157 -21.51 13.04 -98.16
CA LYS I 157 -22.36 12.71 -99.30
C LYS I 157 -23.68 12.09 -98.90
N VAL I 158 -23.76 11.49 -97.70
CA VAL I 158 -25.03 10.96 -97.24
C VAL I 158 -26.05 12.07 -97.07
N PHE I 159 -25.59 13.26 -96.66
CA PHE I 159 -26.50 14.40 -96.58
C PHE I 159 -26.84 14.94 -97.96
N GLY I 160 -25.97 14.74 -98.94
CA GLY I 160 -26.34 15.03 -100.31
C GLY I 160 -27.46 14.14 -100.81
N ALA I 161 -27.37 12.84 -100.50
CA ALA I 161 -28.46 11.93 -100.82
C ALA I 161 -29.73 12.31 -100.08
N LEU I 162 -29.60 12.73 -98.82
CA LEU I 162 -30.76 13.21 -98.07
C LEU I 162 -31.39 14.42 -98.74
N LYS I 163 -30.58 15.37 -99.19
CA LYS I 163 -31.11 16.55 -99.86
C LYS I 163 -31.82 16.17 -101.15
N GLY I 164 -31.24 15.24 -101.92
CA GLY I 164 -31.90 14.77 -103.12
C GLY I 164 -33.24 14.11 -102.83
N ALA I 165 -33.29 13.31 -101.77
CA ALA I 165 -34.54 12.64 -101.42
C ALA I 165 -35.60 13.62 -100.95
N VAL I 166 -35.23 14.59 -100.11
CA VAL I 166 -36.23 15.54 -99.63
C VAL I 166 -36.67 16.48 -100.74
N ASP I 167 -35.79 16.76 -101.72
CA ASP I 167 -36.24 17.53 -102.87
C ASP I 167 -37.04 16.67 -103.83
N GLY I 168 -36.94 15.34 -103.70
CA GLY I 168 -37.79 14.46 -104.47
C GLY I 168 -39.19 14.30 -103.91
N GLY I 169 -39.41 14.71 -102.67
CA GLY I 169 -40.74 14.67 -102.10
C GLY I 169 -40.88 13.78 -100.88
N LEU I 170 -39.77 13.37 -100.29
CA LEU I 170 -39.77 12.54 -99.10
C LEU I 170 -39.58 13.39 -97.85
N SER I 171 -40.44 13.19 -96.86
CA SER I 171 -40.39 13.96 -95.62
C SER I 171 -39.40 13.29 -94.67
N ILE I 172 -38.17 13.77 -94.68
CA ILE I 172 -37.11 13.28 -93.80
C ILE I 172 -36.77 14.38 -92.81
N PRO I 173 -36.88 14.14 -91.51
CA PRO I 173 -36.47 15.17 -90.54
C PRO I 173 -34.97 15.38 -90.59
N HIS I 174 -34.56 16.64 -90.71
CA HIS I 174 -33.15 16.97 -90.84
C HIS I 174 -32.96 18.44 -90.49
N SER I 175 -31.70 18.86 -90.49
CA SER I 175 -31.33 20.26 -90.36
C SER I 175 -30.19 20.54 -91.31
N THR I 176 -29.97 21.82 -91.59
CA THR I 176 -28.99 22.25 -92.59
C THR I 176 -27.57 22.31 -92.05
N LYS I 177 -27.36 21.92 -90.79
CA LYS I 177 -26.03 22.04 -90.18
C LYS I 177 -24.99 21.18 -90.88
N ARG I 178 -25.40 20.12 -91.58
CA ARG I 178 -24.48 19.21 -92.22
C ARG I 178 -24.43 19.36 -93.73
N PHE I 179 -25.01 20.40 -94.27
CA PHE I 179 -24.89 20.65 -95.71
C PHE I 179 -23.62 21.45 -95.99
N PRO I 180 -23.08 21.33 -97.22
CA PRO I 180 -21.81 22.02 -97.52
C PRO I 180 -21.85 23.53 -97.38
N GLY I 181 -23.03 24.15 -97.47
CA GLY I 181 -23.11 25.59 -97.34
C GLY I 181 -22.96 26.10 -95.92
N TYR I 182 -23.03 25.23 -94.92
CA TYR I 182 -23.01 25.66 -93.53
C TYR I 182 -21.64 26.20 -93.15
N ASP I 183 -21.63 27.33 -92.44
CA ASP I 183 -20.42 27.92 -91.90
C ASP I 183 -20.38 27.65 -90.40
N SER I 184 -19.33 26.95 -89.95
CA SER I 184 -19.23 26.62 -88.53
C SER I 184 -18.85 27.81 -87.66
N GLU I 185 -18.21 28.82 -88.23
CA GLU I 185 -17.80 29.99 -87.47
C GLU I 185 -18.96 30.95 -87.24
N SER I 186 -19.68 31.30 -88.31
CA SER I 186 -20.81 32.20 -88.21
C SER I 186 -22.10 31.51 -87.81
N LYS I 187 -22.12 30.17 -87.82
CA LYS I 187 -23.33 29.38 -87.55
C LYS I 187 -24.47 29.77 -88.48
N GLU I 188 -24.12 30.05 -89.74
CA GLU I 188 -25.08 30.49 -90.74
C GLU I 188 -24.96 29.63 -91.99
N PHE I 189 -26.09 29.28 -92.57
CA PHE I 189 -26.15 28.43 -93.74
C PHE I 189 -26.24 29.31 -94.99
N ASN I 190 -25.29 29.15 -95.90
CA ASN I 190 -25.23 30.00 -97.08
C ASN I 190 -26.32 29.65 -98.08
N ALA I 191 -26.57 28.35 -98.27
CA ALA I 191 -27.61 27.83 -99.16
C ALA I 191 -27.38 28.19 -100.62
N GLU I 192 -26.18 28.65 -100.95
CA GLU I 192 -25.80 28.91 -102.34
C GLU I 192 -24.64 28.05 -102.81
N VAL I 193 -23.56 27.99 -102.03
CA VAL I 193 -22.48 27.06 -102.35
C VAL I 193 -22.95 25.63 -102.15
N HIS I 194 -24.00 25.42 -101.37
CA HIS I 194 -24.64 24.11 -101.34
C HIS I 194 -25.25 23.77 -102.69
N ARG I 195 -25.87 24.76 -103.35
CA ARG I 195 -26.38 24.54 -104.70
C ARG I 195 -25.25 24.29 -105.68
N LYS I 196 -24.11 24.94 -105.48
CA LYS I 196 -22.94 24.68 -106.31
C LYS I 196 -22.45 23.25 -106.13
N HIS I 197 -22.44 22.76 -104.89
CA HIS I 197 -22.08 21.37 -104.64
C HIS I 197 -23.08 20.41 -105.27
N ILE I 198 -24.37 20.74 -105.21
CA ILE I 198 -25.39 19.90 -105.81
C ILE I 198 -25.18 19.80 -107.31
N MET I 199 -24.81 20.90 -107.95
CA MET I 199 -24.56 20.89 -109.38
C MET I 199 -23.12 20.55 -109.73
N GLY I 200 -22.32 20.13 -108.76
CA GLY I 200 -20.95 19.74 -109.03
C GLY I 200 -20.04 20.86 -109.43
N GLN I 201 -20.32 22.09 -109.00
CA GLN I 201 -19.49 23.23 -109.39
C GLN I 201 -18.10 23.18 -108.75
N ASN I 202 -17.96 22.51 -107.61
CA ASN I 202 -16.62 22.33 -107.03
C ASN I 202 -15.75 21.47 -107.93
N VAL I 203 -16.34 20.43 -108.53
CA VAL I 203 -15.59 19.58 -109.45
C VAL I 203 -15.18 20.37 -110.70
N ALA I 204 -16.08 21.19 -111.22
CA ALA I 204 -15.74 22.03 -112.37
C ALA I 204 -14.64 23.02 -112.03
N ASP I 205 -14.70 23.60 -110.83
CA ASP I 205 -13.66 24.51 -110.38
C ASP I 205 -12.32 23.79 -110.29
N TYR I 206 -12.31 22.56 -109.77
CA TYR I 206 -11.08 21.79 -109.72
C TYR I 206 -10.55 21.49 -111.12
N MET I 207 -11.43 21.14 -112.04
CA MET I 207 -11.00 20.83 -113.40
C MET I 207 -10.35 22.04 -114.06
N ARG I 208 -11.03 23.18 -114.02
CA ARG I 208 -10.47 24.38 -114.64
C ARG I 208 -9.29 24.95 -113.85
N TYR I 209 -9.15 24.57 -112.57
CA TYR I 209 -7.97 24.94 -111.81
C TYR I 209 -6.77 24.09 -112.21
N LEU I 210 -6.99 22.81 -112.49
CA LEU I 210 -5.92 21.94 -112.95
C LEU I 210 -5.54 22.23 -114.39
N MET I 211 -6.48 22.76 -115.18
CA MET I 211 -6.15 23.12 -116.56
C MET I 211 -5.10 24.21 -116.63
N GLU I 212 -5.16 25.19 -115.72
CA GLU I 212 -4.29 26.36 -115.83
C GLU I 212 -2.95 26.19 -115.15
N GLU I 213 -2.72 25.12 -114.39
CA GLU I 213 -1.43 24.93 -113.73
C GLU I 213 -0.67 23.72 -114.28
N ASP I 214 -1.26 22.53 -114.24
CA ASP I 214 -0.53 21.32 -114.63
C ASP I 214 -1.45 20.50 -115.52
N GLU I 215 -1.21 20.58 -116.84
CA GLU I 215 -2.09 19.93 -117.81
C GLU I 215 -2.06 18.41 -117.66
N ASP I 216 -0.87 17.84 -117.45
CA ASP I 216 -0.77 16.40 -117.30
C ASP I 216 -1.40 15.92 -116.00
N ALA I 217 -1.32 16.71 -114.93
CA ALA I 217 -2.04 16.36 -113.70
C ALA I 217 -3.54 16.38 -113.93
N TYR I 218 -4.02 17.35 -114.72
CA TYR I 218 -5.42 17.38 -115.09
C TYR I 218 -5.81 16.14 -115.88
N LYS I 219 -4.92 15.68 -116.77
CA LYS I 219 -5.17 14.45 -117.51
C LYS I 219 -5.23 13.25 -116.57
N LYS I 220 -4.31 13.19 -115.60
CA LYS I 220 -4.24 12.06 -114.69
C LYS I 220 -5.46 12.00 -113.79
N GLN I 221 -5.88 13.14 -113.25
CA GLN I 221 -7.00 13.14 -112.30
C GLN I 221 -8.31 12.88 -113.01
N PHE I 222 -8.68 13.73 -113.96
CA PHE I 222 -9.93 13.58 -114.71
C PHE I 222 -9.67 12.91 -116.06
N SER I 223 -9.22 11.65 -115.98
CA SER I 223 -8.93 10.90 -117.21
C SER I 223 -10.21 10.50 -117.93
N GLN I 224 -11.17 9.94 -117.19
CA GLN I 224 -12.42 9.51 -117.80
C GLN I 224 -13.34 10.68 -118.11
N TYR I 225 -13.09 11.85 -117.51
CA TYR I 225 -13.81 13.05 -117.91
C TYR I 225 -13.45 13.48 -119.33
N ILE I 226 -12.20 13.21 -119.74
CA ILE I 226 -11.80 13.53 -121.11
C ILE I 226 -12.59 12.71 -122.11
N LYS I 227 -12.79 11.42 -121.81
CA LYS I 227 -13.60 10.57 -122.68
C LYS I 227 -15.04 11.09 -122.71
N ASN I 228 -15.60 11.13 -123.92
CA ASN I 228 -16.93 11.68 -124.23
C ASN I 228 -17.04 13.17 -123.95
N SER I 229 -15.93 13.82 -123.56
CA SER I 229 -15.84 15.27 -123.43
C SER I 229 -16.86 15.82 -122.44
N VAL I 230 -16.71 15.43 -121.19
CA VAL I 230 -17.44 16.06 -120.09
C VAL I 230 -16.54 17.17 -119.55
N THR I 231 -16.93 18.41 -119.81
CA THR I 231 -16.11 19.58 -119.54
C THR I 231 -16.79 20.45 -118.48
N PRO I 232 -16.01 21.29 -117.77
CA PRO I 232 -16.60 22.09 -116.68
C PRO I 232 -17.75 22.99 -117.10
N ASP I 233 -17.73 23.50 -118.33
CA ASP I 233 -18.76 24.45 -118.75
C ASP I 233 -20.14 23.81 -118.79
N MET I 234 -20.24 22.57 -119.25
CA MET I 234 -21.53 21.91 -119.44
C MET I 234 -21.95 21.05 -118.27
N MET I 235 -21.20 21.05 -117.17
CA MET I 235 -21.49 20.12 -116.07
C MET I 235 -22.82 20.45 -115.40
N GLU I 236 -23.07 21.73 -115.13
CA GLU I 236 -24.33 22.11 -114.48
C GLU I 236 -25.52 21.82 -115.37
N GLU I 237 -25.40 22.08 -116.66
CA GLU I 237 -26.47 21.76 -117.60
C GLU I 237 -26.71 20.25 -117.66
N MET I 238 -25.62 19.47 -117.63
CA MET I 238 -25.73 18.01 -117.59
C MET I 238 -26.50 17.56 -116.37
N TYR I 239 -26.16 18.11 -115.20
CA TYR I 239 -26.82 17.68 -113.97
C TYR I 239 -28.29 18.10 -113.96
N LYS I 240 -28.60 19.27 -114.51
CA LYS I 240 -30.00 19.70 -114.57
C LYS I 240 -30.81 18.81 -115.50
N LYS I 241 -30.27 18.46 -116.67
CA LYS I 241 -31.04 17.56 -117.52
C LYS I 241 -31.08 16.14 -116.97
N ALA I 242 -30.08 15.76 -116.16
CA ALA I 242 -30.16 14.48 -115.45
C ALA I 242 -31.29 14.49 -114.44
N HIS I 243 -31.46 15.59 -113.70
CA HIS I 243 -32.59 15.72 -112.78
C HIS I 243 -33.91 15.67 -113.54
N ALA I 244 -33.98 16.36 -114.68
CA ALA I 244 -35.20 16.35 -115.47
C ALA I 244 -35.53 14.95 -115.98
N ALA I 245 -34.52 14.20 -116.41
CA ALA I 245 -34.75 12.84 -116.87
C ALA I 245 -35.10 11.90 -115.72
N ILE I 246 -34.60 12.21 -114.51
CA ILE I 246 -35.01 11.46 -113.32
C ILE I 246 -36.50 11.67 -113.07
N ARG I 247 -36.94 12.93 -113.12
CA ARG I 247 -38.36 13.23 -112.91
C ARG I 247 -39.23 12.61 -113.99
N GLU I 248 -38.77 12.65 -115.24
CA GLU I 248 -39.58 12.15 -116.35
C GLU I 248 -39.82 10.65 -116.25
N ASN I 249 -38.77 9.88 -115.95
CA ASN I 249 -38.87 8.43 -115.90
C ASN I 249 -38.17 7.91 -114.66
N PRO I 250 -38.90 7.77 -113.55
CA PRO I 250 -38.32 7.16 -112.33
C PRO I 250 -38.50 5.65 -112.23
N VAL I 251 -39.11 5.01 -113.22
CA VAL I 251 -39.38 3.57 -113.14
C VAL I 251 -38.10 2.80 -113.46
N TYR I 252 -37.79 1.82 -112.63
CA TYR I 252 -36.68 0.91 -112.86
C TYR I 252 -37.19 -0.37 -113.50
N GLU I 253 -36.56 -0.78 -114.59
CA GLU I 253 -36.84 -2.05 -115.23
C GLU I 253 -35.61 -2.95 -115.14
N LYS I 254 -35.83 -4.22 -114.83
CA LYS I 254 -34.72 -5.14 -114.62
C LYS I 254 -34.17 -5.62 -115.95
N LYS I 255 -33.01 -6.27 -115.88
CA LYS I 255 -32.35 -6.80 -117.05
C LYS I 255 -32.42 -8.32 -117.05
N PRO I 256 -32.99 -8.94 -118.08
CA PRO I 256 -33.16 -10.39 -118.09
C PRO I 256 -31.91 -11.13 -118.53
N LYS I 257 -31.57 -12.18 -117.78
CA LYS I 257 -30.41 -13.00 -118.11
C LYS I 257 -30.64 -14.39 -117.53
N LYS I 258 -30.96 -15.35 -118.39
CA LYS I 258 -31.19 -16.73 -117.96
C LYS I 258 -30.44 -17.76 -118.78
N GLU I 259 -29.76 -17.37 -119.87
CA GLU I 259 -29.06 -18.30 -120.74
C GLU I 259 -27.67 -18.61 -120.19
N VAL I 260 -27.59 -18.98 -118.92
CA VAL I 260 -26.33 -19.20 -118.23
C VAL I 260 -26.19 -20.69 -117.91
N LYS I 261 -25.11 -21.29 -118.40
CA LYS I 261 -24.80 -22.66 -118.02
C LYS I 261 -24.39 -22.73 -116.55
N LYS I 262 -24.70 -23.85 -115.92
CA LYS I 262 -24.40 -24.02 -114.50
C LYS I 262 -22.96 -24.52 -114.36
N LYS I 263 -22.03 -23.58 -114.34
CA LYS I 263 -20.62 -23.86 -114.09
C LYS I 263 -20.28 -23.45 -112.67
N ARG I 264 -19.51 -24.29 -111.99
CA ARG I 264 -19.14 -24.05 -110.60
C ARG I 264 -17.69 -23.59 -110.55
N TRP I 265 -17.47 -22.44 -109.89
CA TRP I 265 -16.16 -21.81 -109.85
C TRP I 265 -15.45 -22.00 -108.53
N ASN I 266 -16.05 -22.72 -107.58
CA ASN I 266 -15.47 -22.93 -106.26
C ASN I 266 -15.26 -24.41 -106.02
N ARG I 267 -14.16 -24.75 -105.36
CA ARG I 267 -13.91 -26.15 -105.02
C ARG I 267 -14.96 -26.64 -104.05
N PRO I 268 -15.64 -27.75 -104.34
CA PRO I 268 -16.64 -28.26 -103.40
C PRO I 268 -15.98 -28.83 -102.16
N LYS I 269 -16.78 -28.90 -101.09
CA LYS I 269 -16.28 -29.41 -99.82
C LYS I 269 -15.94 -30.89 -99.94
N MET I 270 -14.74 -31.26 -99.49
CA MET I 270 -14.33 -32.66 -99.52
C MET I 270 -15.17 -33.48 -98.54
N SER I 271 -15.39 -34.74 -98.90
CA SER I 271 -16.12 -35.66 -98.04
C SER I 271 -15.22 -36.24 -96.98
N LEU I 272 -15.84 -36.92 -96.01
CA LEU I 272 -15.09 -37.53 -94.92
C LEU I 272 -14.19 -38.64 -95.42
N ALA I 273 -14.68 -39.45 -96.38
CA ALA I 273 -13.89 -40.55 -96.90
C ALA I 273 -12.63 -40.05 -97.60
N GLN I 274 -12.75 -38.96 -98.35
CA GLN I 274 -11.58 -38.39 -99.02
C GLN I 274 -10.54 -37.90 -98.02
N LYS I 275 -10.99 -37.25 -96.94
CA LYS I 275 -10.05 -36.78 -95.92
C LYS I 275 -9.36 -37.94 -95.22
N LYS I 276 -10.12 -39.00 -94.89
CA LYS I 276 -9.52 -40.17 -94.27
C LYS I 276 -8.52 -40.84 -95.20
N ASP I 277 -8.84 -40.94 -96.49
CA ASP I 277 -7.90 -41.52 -97.44
C ASP I 277 -6.65 -40.66 -97.58
N ARG I 278 -6.81 -39.33 -97.55
CA ARG I 278 -5.65 -38.45 -97.61
C ARG I 278 -4.74 -38.65 -96.40
N VAL I 279 -5.34 -38.78 -95.21
CA VAL I 279 -4.55 -39.03 -94.01
C VAL I 279 -3.81 -40.36 -94.13
N ALA I 280 -4.50 -41.40 -94.60
CA ALA I 280 -3.87 -42.70 -94.75
C ALA I 280 -2.72 -42.66 -95.75
N GLN I 281 -2.91 -41.96 -96.87
CA GLN I 281 -1.87 -41.84 -97.87
C GLN I 281 -0.65 -41.09 -97.31
N LYS I 282 -0.90 -40.03 -96.55
CA LYS I 282 0.23 -39.29 -95.96
C LYS I 282 1.00 -40.15 -94.97
N LYS I 283 0.30 -40.92 -94.15
CA LYS I 283 0.97 -41.83 -93.22
C LYS I 283 1.78 -42.88 -93.97
N ALA I 284 1.20 -43.46 -95.01
CA ALA I 284 1.90 -44.48 -95.79
C ALA I 284 3.12 -43.91 -96.47
N SER I 285 3.02 -42.70 -97.01
CA SER I 285 4.16 -42.07 -97.66
C SER I 285 5.27 -41.75 -96.67
N PHE I 286 4.90 -41.32 -95.46
CA PHE I 286 5.91 -41.06 -94.44
C PHE I 286 6.63 -42.34 -94.05
N LEU I 287 5.89 -43.44 -93.88
CA LEU I 287 6.52 -44.71 -93.56
C LEU I 287 7.39 -45.20 -94.70
N ARG I 288 6.97 -44.96 -95.94
CA ARG I 288 7.78 -45.31 -97.10
C ARG I 288 9.08 -44.51 -97.13
N ALA I 289 9.00 -43.22 -96.79
CA ALA I 289 10.20 -42.41 -96.72
C ALA I 289 11.15 -42.91 -95.63
N GLN I 290 10.60 -43.35 -94.50
CA GLN I 290 11.44 -43.93 -93.46
C GLN I 290 12.09 -45.24 -93.91
N GLU I 291 11.33 -46.11 -94.57
CA GLU I 291 11.90 -47.41 -94.95
C GLU I 291 12.95 -47.25 -96.04
N ARG I 292 12.76 -46.28 -96.95
CA ARG I 292 13.83 -45.97 -97.88
C ARG I 292 15.04 -45.41 -97.16
N ALA I 293 14.81 -44.53 -96.18
CA ALA I 293 15.86 -43.94 -95.34
C ALA I 293 16.94 -43.24 -96.15
N LYS J 1 -114.89 -77.25 -66.17
CA LYS J 1 -113.69 -77.62 -65.44
C LYS J 1 -113.23 -79.04 -65.80
N GLY J 2 -111.91 -79.23 -65.88
CA GLY J 2 -111.35 -80.51 -66.22
C GLY J 2 -110.60 -81.10 -65.04
N LYS J 3 -110.14 -82.34 -65.23
CA LYS J 3 -109.37 -83.01 -64.19
C LYS J 3 -108.04 -82.30 -63.99
N PRO J 4 -107.63 -82.06 -62.75
CA PRO J 4 -106.29 -81.49 -62.51
C PRO J 4 -105.21 -82.45 -62.97
N HIS J 5 -104.14 -81.88 -63.52
CA HIS J 5 -103.01 -82.65 -64.01
C HIS J 5 -101.80 -82.43 -63.11
N CYS J 6 -100.82 -83.31 -63.25
CA CYS J 6 -99.57 -83.17 -62.52
C CYS J 6 -98.81 -81.93 -63.01
N SER J 7 -97.69 -81.65 -62.35
CA SER J 7 -96.99 -80.39 -62.57
C SER J 7 -96.39 -80.30 -63.97
N ARG J 8 -95.94 -81.41 -64.54
CA ARG J 8 -95.35 -81.47 -65.88
C ARG J 8 -94.09 -80.63 -66.01
N ASN J 9 -93.63 -80.03 -64.92
CA ASN J 9 -92.36 -79.33 -64.85
C ASN J 9 -91.64 -79.92 -63.65
N PRO J 10 -90.88 -81.00 -63.84
CA PRO J 10 -90.19 -81.63 -62.72
C PRO J 10 -89.20 -80.67 -62.07
N VAL J 11 -89.14 -80.72 -60.75
CA VAL J 11 -88.22 -79.88 -59.99
C VAL J 11 -86.87 -80.58 -59.92
N LEU J 12 -85.81 -79.85 -60.22
CA LEU J 12 -84.45 -80.34 -60.07
C LEU J 12 -83.70 -79.64 -58.95
N VAL J 13 -83.96 -78.35 -58.75
CA VAL J 13 -83.56 -77.61 -57.56
C VAL J 13 -84.75 -76.75 -57.14
N ARG J 14 -84.96 -76.63 -55.83
CA ARG J 14 -86.07 -75.84 -55.29
C ARG J 14 -86.11 -74.45 -55.88
N GLY J 15 -87.24 -74.12 -56.52
CA GLY J 15 -87.42 -72.85 -57.17
C GLY J 15 -87.11 -72.84 -58.66
N ILE J 16 -86.57 -73.92 -59.21
CA ILE J 16 -86.21 -73.99 -60.61
C ILE J 16 -86.81 -75.25 -61.20
N GLY J 17 -87.53 -75.09 -62.31
CA GLY J 17 -88.04 -76.23 -63.03
C GLY J 17 -87.02 -76.79 -64.02
N ARG J 18 -87.25 -78.04 -64.43
CA ARG J 18 -86.34 -78.67 -65.37
C ARG J 18 -86.51 -78.14 -66.78
N TYR J 19 -87.66 -77.54 -67.08
CA TYR J 19 -87.96 -77.08 -68.43
C TYR J 19 -88.11 -75.57 -68.44
N SER J 20 -87.78 -74.97 -69.59
CA SER J 20 -87.80 -73.53 -69.75
C SER J 20 -89.21 -73.04 -70.04
N ARG J 21 -89.32 -71.78 -70.45
CA ARG J 21 -90.62 -71.20 -70.72
C ARG J 21 -91.23 -71.76 -72.01
N SER J 22 -90.42 -71.86 -73.07
CA SER J 22 -90.94 -72.39 -74.33
C SER J 22 -91.20 -73.89 -74.23
N ALA J 23 -90.34 -74.61 -73.52
CA ALA J 23 -90.56 -76.04 -73.32
C ALA J 23 -91.87 -76.31 -72.61
N MET J 24 -92.14 -75.54 -71.54
CA MET J 24 -93.40 -75.70 -70.82
C MET J 24 -94.58 -75.18 -71.64
N TYR J 25 -94.35 -74.19 -72.49
CA TYR J 25 -95.39 -73.73 -73.41
C TYR J 25 -95.82 -74.84 -74.35
N SER J 26 -94.85 -75.59 -74.87
CA SER J 26 -95.18 -76.71 -75.75
C SER J 26 -95.80 -77.86 -74.96
N ARG J 27 -95.27 -78.14 -73.76
CA ARG J 27 -95.78 -79.25 -72.95
C ARG J 27 -97.22 -79.00 -72.51
N LYS J 28 -97.55 -77.75 -72.19
CA LYS J 28 -98.92 -77.40 -71.84
C LYS J 28 -99.83 -77.26 -73.04
N ALA J 29 -99.28 -77.28 -74.26
CA ALA J 29 -100.02 -76.99 -75.49
C ALA J 29 -100.73 -75.65 -75.39
N MET J 30 -100.01 -74.63 -74.94
CA MET J 30 -100.58 -73.29 -74.85
C MET J 30 -100.87 -72.69 -76.21
N TYR J 31 -100.37 -73.30 -77.29
CA TYR J 31 -100.68 -72.81 -78.63
C TYR J 31 -102.13 -73.02 -79.01
N LYS J 32 -102.81 -74.02 -78.44
CA LYS J 32 -104.20 -74.27 -78.75
C LYS J 32 -105.16 -73.92 -77.61
N ARG J 33 -104.65 -73.75 -76.39
CA ARG J 33 -105.50 -73.35 -75.27
C ARG J 33 -105.42 -71.83 -75.07
N LYS J 34 -106.04 -71.11 -76.00
CA LYS J 34 -106.01 -69.66 -76.01
C LYS J 34 -107.42 -69.12 -75.83
N TYR J 35 -107.58 -68.15 -74.93
CA TYR J 35 -108.87 -67.62 -74.55
C TYR J 35 -108.84 -66.10 -74.68
N SER J 36 -109.96 -65.53 -75.16
CA SER J 36 -110.07 -64.09 -75.35
C SER J 36 -111.17 -63.49 -74.49
N ALA J 37 -112.34 -64.13 -74.44
CA ALA J 37 -113.46 -63.65 -73.66
C ALA J 37 -114.18 -64.85 -73.06
N ALA J 38 -115.39 -64.63 -72.54
CA ALA J 38 -116.18 -65.70 -71.93
C ALA J 38 -116.59 -66.73 -72.98
N LYS J 39 -123.37 -61.50 -52.82
CA LYS J 39 -123.21 -62.94 -52.79
C LYS J 39 -123.88 -63.53 -51.56
N VAL J 40 -123.25 -63.33 -50.40
CA VAL J 40 -123.85 -63.76 -49.14
C VAL J 40 -124.86 -62.71 -48.70
N LEU J 41 -126.04 -63.18 -48.29
CA LEU J 41 -127.12 -62.28 -47.90
C LEU J 41 -126.80 -61.66 -46.54
N ALA J 42 -126.79 -60.32 -46.49
CA ALA J 42 -126.54 -59.62 -45.23
C ALA J 42 -127.81 -59.57 -44.38
N THR J 43 -128.94 -59.27 -44.99
CA THR J 43 -130.21 -59.13 -44.29
C THR J 43 -131.11 -60.32 -44.62
N VAL J 44 -131.92 -60.71 -43.65
CA VAL J 44 -132.89 -61.78 -43.82
C VAL J 44 -134.28 -61.27 -43.48
N THR J 45 -135.23 -61.55 -44.36
CA THR J 45 -136.61 -61.14 -44.16
C THR J 45 -137.36 -62.20 -43.38
N LYS J 46 -137.95 -61.81 -42.26
CA LYS J 46 -138.65 -62.75 -41.39
C LYS J 46 -140.01 -62.19 -41.01
N PRO J 47 -141.06 -63.03 -41.03
CA PRO J 47 -142.39 -62.58 -40.58
C PRO J 47 -142.39 -62.35 -39.08
N VAL J 48 -142.59 -61.09 -38.68
CA VAL J 48 -142.51 -60.73 -37.27
C VAL J 48 -143.68 -61.31 -36.49
N GLY J 49 -144.84 -61.48 -37.13
CA GLY J 49 -146.01 -61.99 -36.46
C GLY J 49 -146.74 -60.92 -35.67
N GLY J 50 -147.95 -61.26 -35.23
CA GLY J 50 -148.80 -60.31 -34.55
C GLY J 50 -149.50 -59.38 -35.52
N ASP J 51 -150.72 -58.99 -35.18
CA ASP J 51 -151.49 -58.10 -36.06
C ASP J 51 -150.85 -56.72 -36.11
N LYS J 52 -151.05 -56.04 -37.25
CA LYS J 52 -150.58 -54.68 -37.54
C LYS J 52 -149.18 -54.40 -37.01
N ASN J 53 -148.28 -55.37 -37.16
CA ASN J 53 -146.85 -55.19 -36.93
C ASN J 53 -146.10 -55.01 -38.24
N GLY J 54 -146.76 -54.49 -39.27
CA GLY J 54 -146.21 -54.50 -40.60
C GLY J 54 -146.22 -55.89 -41.19
N GLY J 55 -145.75 -55.99 -42.42
CA GLY J 55 -145.68 -57.29 -43.06
C GLY J 55 -144.62 -58.18 -42.45
N THR J 56 -143.35 -57.81 -42.66
CA THR J 56 -142.22 -58.56 -42.15
C THR J 56 -141.21 -57.58 -41.58
N ARG J 57 -140.01 -58.07 -41.29
CA ARG J 57 -138.90 -57.25 -40.86
C ARG J 57 -137.69 -57.56 -41.72
N VAL J 58 -136.91 -56.53 -42.06
CA VAL J 58 -135.64 -56.72 -42.75
C VAL J 58 -134.59 -56.83 -41.66
N VAL J 59 -134.41 -58.04 -41.15
CA VAL J 59 -133.45 -58.30 -40.08
C VAL J 59 -132.08 -58.53 -40.69
N LYS J 60 -131.10 -57.74 -40.27
CA LYS J 60 -129.75 -57.87 -40.77
C LYS J 60 -128.92 -58.75 -39.83
N LEU J 61 -127.92 -59.40 -40.42
CA LEU J 61 -126.94 -60.14 -39.64
C LEU J 61 -125.77 -59.22 -39.32
N ARG J 62 -125.02 -59.57 -38.26
CA ARG J 62 -123.84 -58.83 -37.82
C ARG J 62 -124.18 -57.36 -37.56
N LYS J 63 -124.99 -57.15 -36.53
CA LYS J 63 -125.32 -55.79 -36.12
C LYS J 63 -124.06 -55.02 -35.72
N MET J 64 -124.17 -53.69 -35.81
CA MET J 64 -123.03 -52.84 -35.53
C MET J 64 -122.64 -52.92 -34.06
N PRO J 65 -121.37 -52.66 -33.74
CA PRO J 65 -120.92 -52.78 -32.35
C PRO J 65 -121.67 -51.85 -31.42
N ARG J 66 -121.95 -52.33 -30.21
CA ARG J 66 -122.62 -51.53 -29.20
C ARG J 66 -121.66 -50.54 -28.54
N TYR J 67 -120.38 -50.89 -28.45
CA TYR J 67 -119.38 -50.11 -27.76
C TYR J 67 -118.12 -50.06 -28.60
N TYR J 68 -117.47 -48.91 -28.60
CA TYR J 68 -116.17 -48.74 -29.24
C TYR J 68 -115.15 -48.38 -28.18
N PRO J 69 -113.99 -49.05 -28.14
CA PRO J 69 -112.93 -48.63 -27.22
C PRO J 69 -112.41 -47.25 -27.60
N THR J 70 -111.76 -46.61 -26.62
CA THR J 70 -111.33 -45.23 -26.80
C THR J 70 -110.27 -45.08 -27.89
N GLU J 71 -109.53 -46.15 -28.19
CA GLU J 71 -108.52 -46.10 -29.23
C GLU J 71 -108.11 -47.53 -29.58
N ASP J 72 -107.72 -47.73 -30.83
CA ASP J 72 -107.38 -49.05 -31.36
C ASP J 72 -105.93 -49.07 -31.85
N VAL J 73 -105.55 -50.23 -32.37
CA VAL J 73 -104.20 -50.48 -32.86
C VAL J 73 -104.27 -50.59 -34.39
N PRO J 74 -103.39 -49.94 -35.13
CA PRO J 74 -103.36 -50.13 -36.58
C PRO J 74 -103.04 -51.56 -36.95
N ARG J 75 -103.63 -52.02 -38.04
CA ARG J 75 -103.42 -53.39 -38.48
C ARG J 75 -101.99 -53.56 -39.00
N LYS J 76 -101.54 -54.81 -38.98
CA LYS J 76 -100.18 -55.13 -39.34
C LYS J 76 -99.98 -55.10 -40.85
N LEU J 77 -98.73 -55.08 -41.27
CA LEU J 77 -98.39 -55.23 -42.68
C LEU J 77 -98.47 -56.70 -43.07
N LEU J 78 -98.03 -57.02 -44.28
CA LEU J 78 -98.13 -58.38 -44.81
C LEU J 78 -96.72 -58.95 -44.99
N SER J 79 -96.58 -60.25 -44.72
CA SER J 79 -95.27 -60.85 -44.51
C SER J 79 -94.89 -61.93 -45.52
N HIS J 80 -95.80 -62.34 -46.40
CA HIS J 80 -95.54 -63.29 -47.49
C HIS J 80 -94.80 -64.55 -47.02
N GLY J 81 -94.99 -64.92 -45.76
CA GLY J 81 -94.40 -66.13 -45.22
C GLY J 81 -95.02 -66.44 -43.88
N LYS J 82 -94.19 -66.87 -42.92
CA LYS J 82 -94.58 -67.04 -41.53
C LYS J 82 -95.80 -67.95 -41.40
N LYS J 83 -95.63 -69.18 -41.89
CA LYS J 83 -96.72 -70.13 -41.88
C LYS J 83 -97.02 -70.59 -40.45
N PRO J 84 -98.23 -71.08 -40.20
CA PRO J 84 -98.53 -71.66 -38.89
C PRO J 84 -97.77 -72.96 -38.69
N PHE J 85 -97.67 -73.37 -37.43
CA PHE J 85 -96.88 -74.54 -37.08
C PHE J 85 -97.42 -75.81 -37.72
N SER J 86 -98.74 -75.91 -37.88
CA SER J 86 -99.32 -77.10 -38.49
C SER J 86 -98.95 -77.25 -39.96
N GLN J 87 -98.53 -76.16 -40.61
CA GLN J 87 -98.14 -76.19 -42.00
C GLN J 87 -96.64 -76.16 -42.20
N HIS J 88 -95.86 -76.24 -41.14
CA HIS J 88 -94.42 -76.34 -41.28
C HIS J 88 -94.02 -77.70 -41.83
N VAL J 89 -92.92 -77.72 -42.57
CA VAL J 89 -92.36 -78.97 -43.04
C VAL J 89 -91.55 -79.58 -41.91
N ARG J 90 -91.67 -80.90 -41.73
CA ARG J 90 -91.05 -81.60 -40.62
C ARG J 90 -89.78 -82.28 -41.11
N LYS J 91 -88.68 -82.03 -40.40
CA LYS J 91 -87.38 -82.58 -40.76
C LYS J 91 -86.97 -83.64 -39.76
N LEU J 92 -86.31 -84.69 -40.26
CA LEU J 92 -85.81 -85.77 -39.43
C LEU J 92 -84.34 -86.01 -39.75
N ARG J 93 -83.54 -86.20 -38.71
CA ARG J 93 -82.12 -86.50 -38.91
C ARG J 93 -81.95 -87.84 -39.62
N ALA J 94 -80.98 -87.90 -40.52
CA ALA J 94 -80.82 -89.07 -41.38
C ALA J 94 -80.41 -90.31 -40.60
N SER J 95 -79.94 -90.17 -39.36
CA SER J 95 -79.56 -91.32 -38.57
C SER J 95 -80.73 -91.94 -37.81
N ILE J 96 -81.93 -91.38 -37.94
CA ILE J 96 -83.11 -91.86 -37.24
C ILE J 96 -84.02 -92.51 -38.28
N THR J 97 -84.03 -93.83 -38.32
CA THR J 97 -84.91 -94.62 -39.15
C THR J 97 -85.77 -95.50 -38.25
N PRO J 98 -86.94 -95.93 -38.72
CA PRO J 98 -87.81 -96.76 -37.87
C PRO J 98 -87.10 -98.02 -37.41
N GLY J 99 -87.09 -98.21 -36.09
CA GLY J 99 -86.36 -99.30 -35.46
C GLY J 99 -85.04 -98.91 -34.85
N THR J 100 -84.60 -97.66 -35.03
CA THR J 100 -83.35 -97.21 -34.44
C THR J 100 -83.47 -97.17 -32.91
N ILE J 101 -82.42 -97.62 -32.23
CA ILE J 101 -82.34 -97.49 -30.79
C ILE J 101 -81.87 -96.08 -30.46
N LEU J 102 -82.69 -95.34 -29.73
CA LEU J 102 -82.37 -93.98 -29.33
C LEU J 102 -82.05 -93.94 -27.85
N ILE J 103 -81.50 -92.81 -27.41
CA ILE J 103 -81.22 -92.56 -26.00
C ILE J 103 -81.93 -91.27 -25.60
N ILE J 104 -82.84 -91.37 -24.65
CA ILE J 104 -83.56 -90.20 -24.16
C ILE J 104 -82.61 -89.37 -23.31
N LEU J 105 -82.59 -88.06 -23.54
CA LEU J 105 -81.69 -87.18 -22.83
C LEU J 105 -82.36 -86.32 -21.77
N THR J 106 -83.69 -86.25 -21.74
CA THR J 106 -84.41 -85.41 -20.80
C THR J 106 -85.63 -86.13 -20.27
N GLY J 107 -86.21 -85.58 -19.22
CA GLY J 107 -87.42 -86.14 -18.64
C GLY J 107 -87.13 -87.15 -17.55
N ARG J 108 -88.22 -87.75 -17.06
CA ARG J 108 -88.09 -88.78 -16.04
C ARG J 108 -87.49 -90.06 -16.60
N HIS J 109 -87.51 -90.23 -17.91
CA HIS J 109 -86.87 -91.37 -18.58
C HIS J 109 -85.49 -91.00 -19.10
N ARG J 110 -84.77 -90.18 -18.34
CA ARG J 110 -83.46 -89.67 -18.73
C ARG J 110 -82.44 -90.80 -18.83
N GLY J 111 -81.78 -90.88 -19.98
CA GLY J 111 -80.71 -91.84 -20.17
C GLY J 111 -81.15 -93.23 -20.57
N LYS J 112 -82.45 -93.47 -20.73
CA LYS J 112 -82.92 -94.79 -21.11
C LYS J 112 -82.78 -94.98 -22.62
N ARG J 113 -82.67 -96.23 -23.03
CA ARG J 113 -82.57 -96.59 -24.43
C ARG J 113 -83.92 -97.13 -24.91
N VAL J 114 -84.47 -96.50 -25.95
CA VAL J 114 -85.81 -96.81 -26.43
C VAL J 114 -85.72 -97.16 -27.92
N VAL J 115 -86.85 -97.58 -28.47
CA VAL J 115 -86.96 -98.00 -29.86
C VAL J 115 -87.82 -96.98 -30.60
N PHE J 116 -87.29 -96.44 -31.69
CA PHE J 116 -88.01 -95.47 -32.50
C PHE J 116 -88.93 -96.18 -33.47
N LEU J 117 -90.16 -95.67 -33.58
CA LEU J 117 -91.17 -96.25 -34.46
C LEU J 117 -91.46 -95.38 -35.67
N LYS J 118 -91.88 -94.14 -35.45
CA LYS J 118 -92.28 -93.28 -36.56
C LYS J 118 -92.32 -91.84 -36.09
N GLN J 119 -92.05 -90.92 -37.03
CA GLN J 119 -92.25 -89.50 -36.79
C GLN J 119 -93.71 -89.16 -36.94
N LEU J 120 -94.22 -88.34 -36.03
CA LEU J 120 -95.63 -87.97 -36.04
C LEU J 120 -95.83 -86.72 -36.90
N ALA J 121 -97.05 -86.20 -36.92
CA ALA J 121 -97.37 -85.08 -37.81
C ALA J 121 -96.72 -83.79 -37.35
N SER J 122 -96.43 -83.66 -36.06
CA SER J 122 -95.78 -82.47 -35.53
C SER J 122 -94.26 -82.59 -35.49
N GLY J 123 -93.71 -83.71 -35.95
CA GLY J 123 -92.29 -83.95 -35.91
C GLY J 123 -91.78 -84.62 -34.65
N LEU J 124 -92.62 -84.74 -33.63
CA LEU J 124 -92.22 -85.47 -32.43
C LEU J 124 -92.13 -86.95 -32.73
N LEU J 125 -91.01 -87.56 -32.34
CA LEU J 125 -90.82 -88.99 -32.55
C LEU J 125 -91.73 -89.78 -31.63
N LEU J 126 -92.26 -90.87 -32.17
CA LEU J 126 -93.02 -91.85 -31.38
C LEU J 126 -92.10 -93.01 -31.06
N VAL J 127 -91.81 -93.21 -29.79
CA VAL J 127 -90.87 -94.23 -29.35
C VAL J 127 -91.53 -95.10 -28.30
N THR J 128 -91.08 -96.35 -28.22
CA THR J 128 -91.45 -97.22 -27.10
C THR J 128 -90.30 -98.21 -26.86
N GLY J 129 -89.41 -97.85 -25.95
CA GLY J 129 -88.58 -98.85 -25.32
C GLY J 129 -89.52 -99.70 -24.49
N PRO J 130 -89.73 -100.95 -24.88
CA PRO J 130 -90.92 -101.69 -24.42
C PRO J 130 -91.05 -101.71 -22.91
N LEU J 131 -92.28 -101.49 -22.45
CA LEU J 131 -92.53 -101.22 -21.03
C LEU J 131 -92.07 -102.36 -20.14
N VAL J 132 -92.08 -103.59 -20.66
CA VAL J 132 -91.57 -104.72 -19.89
C VAL J 132 -90.07 -104.65 -19.71
N LEU J 133 -89.37 -103.87 -20.54
CA LEU J 133 -87.91 -103.80 -20.49
C LEU J 133 -87.41 -102.63 -19.67
N ASN J 134 -87.84 -101.41 -19.99
CA ASN J 134 -87.31 -100.23 -19.30
C ASN J 134 -88.39 -99.23 -18.91
N ARG J 135 -89.65 -99.64 -18.83
CA ARG J 135 -90.74 -98.82 -18.29
C ARG J 135 -90.93 -97.52 -19.08
N VAL J 136 -90.83 -97.59 -20.40
CA VAL J 136 -91.09 -96.44 -21.25
C VAL J 136 -92.26 -96.80 -22.17
N PRO J 137 -93.46 -96.33 -21.88
CA PRO J 137 -94.63 -96.69 -22.69
C PRO J 137 -94.58 -96.01 -24.05
N LEU J 138 -95.65 -96.21 -24.83
CA LEU J 138 -95.79 -95.49 -26.09
C LEU J 138 -95.84 -94.00 -25.77
N ARG J 139 -94.78 -93.27 -26.13
CA ARG J 139 -94.58 -91.94 -25.60
C ARG J 139 -93.88 -91.10 -26.66
N ARG J 140 -94.36 -89.86 -26.82
CA ARG J 140 -93.72 -88.94 -27.75
C ARG J 140 -92.40 -88.45 -27.19
N THR J 141 -91.53 -88.01 -28.10
CA THR J 141 -90.26 -87.40 -27.72
C THR J 141 -89.79 -86.52 -28.86
N HIS J 142 -88.85 -85.64 -28.55
CA HIS J 142 -88.34 -84.67 -29.50
C HIS J 142 -87.00 -85.17 -30.07
N GLN J 143 -86.84 -85.04 -31.38
CA GLN J 143 -85.61 -85.50 -32.02
C GLN J 143 -84.39 -84.68 -31.61
N LYS J 144 -84.59 -83.45 -31.16
CA LYS J 144 -83.46 -82.63 -30.74
C LYS J 144 -82.84 -83.16 -29.46
N PHE J 145 -83.64 -83.80 -28.60
CA PHE J 145 -83.21 -84.25 -27.28
C PHE J 145 -82.99 -85.75 -27.21
N VAL J 146 -82.60 -86.38 -28.32
CA VAL J 146 -82.28 -87.80 -28.34
C VAL J 146 -80.96 -88.00 -29.08
N ILE J 147 -80.33 -89.14 -28.80
CA ILE J 147 -79.12 -89.56 -29.51
C ILE J 147 -79.46 -90.83 -30.26
N ALA J 148 -79.29 -90.81 -31.58
CA ALA J 148 -79.58 -91.96 -32.42
C ALA J 148 -78.35 -92.86 -32.46
N THR J 149 -78.46 -94.04 -31.86
CA THR J 149 -77.36 -94.98 -31.85
C THR J 149 -77.31 -95.75 -33.17
N SER J 150 -76.16 -96.36 -33.45
CA SER J 150 -75.95 -97.11 -34.68
C SER J 150 -76.75 -98.40 -34.72
N THR J 151 -77.07 -99.00 -33.58
CA THR J 151 -77.77 -100.27 -33.57
C THR J 151 -79.23 -100.07 -33.95
N LYS J 152 -79.71 -100.89 -34.89
CA LYS J 152 -81.07 -100.81 -35.38
C LYS J 152 -81.67 -102.21 -35.44
N ILE J 153 -82.98 -102.29 -35.30
CA ILE J 153 -83.72 -103.51 -35.54
C ILE J 153 -84.71 -103.26 -36.67
N ASP J 154 -85.01 -104.32 -37.41
CA ASP J 154 -85.93 -104.21 -38.55
C ASP J 154 -87.36 -104.30 -38.03
N ILE J 155 -87.97 -103.14 -37.81
CA ILE J 155 -89.36 -103.09 -37.37
C ILE J 155 -90.24 -102.82 -38.57
N SER J 156 -89.76 -103.15 -39.76
CA SER J 156 -90.66 -103.18 -40.91
C SER J 156 -91.71 -104.25 -40.71
N ASN J 157 -92.78 -104.14 -41.48
CA ASN J 157 -93.98 -104.99 -41.47
C ASN J 157 -94.57 -105.23 -40.08
N VAL J 158 -94.34 -104.31 -39.13
CA VAL J 158 -95.11 -104.30 -37.90
C VAL J 158 -96.18 -103.23 -38.07
N LYS J 159 -97.34 -103.48 -37.47
CA LYS J 159 -98.52 -102.66 -37.71
C LYS J 159 -98.67 -101.67 -36.56
N ILE J 160 -98.24 -100.44 -36.79
CA ILE J 160 -98.50 -99.36 -35.84
C ILE J 160 -99.97 -98.96 -35.97
N PRO J 161 -100.72 -98.91 -34.86
CA PRO J 161 -102.12 -98.50 -34.94
C PRO J 161 -102.27 -97.09 -35.49
N LYS J 162 -103.31 -96.90 -36.30
CA LYS J 162 -103.48 -95.65 -37.01
C LYS J 162 -103.90 -94.51 -36.09
N HIS J 163 -104.65 -94.81 -35.03
CA HIS J 163 -105.10 -93.77 -34.13
C HIS J 163 -103.98 -93.21 -33.27
N LEU J 164 -102.79 -93.81 -33.29
CA LEU J 164 -101.67 -93.31 -32.52
C LEU J 164 -101.13 -92.02 -33.15
N THR J 165 -101.83 -90.91 -32.93
CA THR J 165 -101.50 -89.64 -33.54
C THR J 165 -101.18 -88.63 -32.44
N ASP J 166 -100.91 -87.39 -32.85
CA ASP J 166 -100.58 -86.34 -31.89
C ASP J 166 -101.76 -86.04 -30.98
N ALA J 167 -102.98 -86.07 -31.53
CA ALA J 167 -104.16 -85.86 -30.71
C ALA J 167 -104.33 -86.98 -29.67
N TYR J 168 -103.88 -88.18 -30.02
CA TYR J 168 -103.94 -89.29 -29.06
C TYR J 168 -103.02 -89.04 -27.87
N PHE J 169 -101.82 -88.53 -28.11
CA PHE J 169 -100.82 -88.38 -27.07
C PHE J 169 -100.86 -87.02 -26.38
N LYS J 170 -101.74 -86.12 -26.79
CA LYS J 170 -101.78 -84.80 -26.18
C LYS J 170 -102.25 -84.88 -24.74
N LYS J 171 -101.64 -84.05 -23.89
CA LYS J 171 -102.02 -84.01 -22.49
C LYS J 171 -103.45 -83.52 -22.32
N LYS J 172 -104.15 -84.14 -21.39
CA LYS J 172 -105.51 -83.75 -21.01
C LYS J 172 -105.45 -82.97 -19.71
N LYS J 173 -106.44 -82.10 -19.51
CA LYS J 173 -106.51 -81.29 -18.30
C LYS J 173 -107.95 -81.25 -17.81
N LEU J 174 -108.08 -81.00 -16.51
CA LEU J 174 -109.38 -80.76 -15.88
C LEU J 174 -109.64 -79.30 -15.58
N ARG J 175 -108.73 -78.67 -14.84
CA ARG J 175 -108.93 -77.30 -14.37
C ARG J 175 -108.84 -76.31 -15.52
N LYS J 176 -109.67 -75.25 -15.44
CA LYS J 176 -110.61 -74.98 -14.36
C LYS J 176 -111.96 -74.44 -14.85
N PRO J 177 -112.95 -75.32 -14.94
CA PRO J 177 -114.32 -74.88 -15.19
C PRO J 177 -115.04 -74.61 -13.88
N ARG J 178 -116.20 -73.93 -14.00
CA ARG J 178 -117.16 -73.71 -12.91
C ARG J 178 -116.51 -73.30 -11.58
N HIS J 179 -115.41 -72.54 -11.66
CA HIS J 179 -114.65 -72.17 -10.47
C HIS J 179 -113.72 -71.02 -10.83
N GLN J 180 -113.73 -69.97 -10.02
CA GLN J 180 -112.90 -68.79 -10.27
C GLN J 180 -111.78 -68.62 -9.26
N GLU J 181 -112.09 -68.54 -7.97
CA GLU J 181 -111.12 -68.27 -6.93
C GLU J 181 -110.97 -69.50 -6.04
N GLY J 182 -109.73 -69.90 -5.80
CA GLY J 182 -109.50 -71.14 -5.07
C GLY J 182 -109.57 -70.98 -3.57
N GLU J 183 -110.71 -71.37 -2.99
CA GLU J 183 -110.90 -71.44 -1.55
C GLU J 183 -110.98 -72.87 -1.04
N ILE J 184 -111.40 -73.80 -1.88
CA ILE J 184 -111.34 -75.23 -1.61
C ILE J 184 -110.39 -75.85 -2.60
N PHE J 185 -109.44 -76.65 -2.11
CA PHE J 185 -108.38 -77.19 -2.94
C PHE J 185 -108.94 -78.08 -4.05
N ASP J 186 -108.43 -77.87 -5.27
CA ASP J 186 -108.82 -78.65 -6.44
C ASP J 186 -107.76 -79.67 -6.84
N THR J 187 -106.98 -80.17 -5.88
CA THR J 187 -105.93 -81.14 -6.17
C THR J 187 -106.46 -82.50 -6.63
N GLU J 188 -107.78 -82.65 -6.72
CA GLU J 188 -108.37 -83.87 -7.26
C GLU J 188 -108.00 -84.04 -8.73
N LYS J 189 -108.04 -85.30 -9.18
CA LYS J 189 -107.76 -85.74 -10.55
C LYS J 189 -106.28 -85.58 -10.91
N GLU J 190 -105.46 -85.02 -10.01
CA GLU J 190 -104.03 -84.91 -10.24
C GLU J 190 -103.37 -86.27 -10.48
N LYS J 191 -103.95 -87.34 -9.95
CA LYS J 191 -103.49 -88.69 -10.24
C LYS J 191 -103.90 -89.02 -11.66
N TYR J 192 -102.96 -88.84 -12.60
CA TYR J 192 -103.19 -89.23 -13.98
C TYR J 192 -103.46 -90.72 -14.07
N GLU J 193 -104.51 -91.09 -14.81
CA GLU J 193 -104.97 -92.46 -14.90
C GLU J 193 -104.62 -93.05 -16.26
N ILE J 194 -104.02 -94.23 -16.25
CA ILE J 194 -103.69 -94.91 -17.49
C ILE J 194 -104.95 -95.54 -18.04
N THR J 195 -105.32 -95.16 -19.26
CA THR J 195 -106.52 -95.68 -19.90
C THR J 195 -106.30 -97.13 -20.34
N GLU J 196 -107.38 -97.91 -20.31
CA GLU J 196 -107.35 -99.24 -20.89
C GLU J 196 -107.03 -99.19 -22.38
N GLN J 197 -107.42 -98.12 -23.05
CA GLN J 197 -107.06 -97.94 -24.45
C GLN J 197 -105.54 -97.88 -24.62
N ARG J 198 -104.87 -97.13 -23.75
CA ARG J 198 -103.41 -97.03 -23.81
C ARG J 198 -102.77 -98.38 -23.51
N LYS J 199 -103.30 -99.11 -22.54
CA LYS J 199 -102.74 -100.42 -22.21
C LYS J 199 -102.89 -101.39 -23.38
N ILE J 200 -104.06 -101.37 -24.05
CA ILE J 200 -104.28 -102.22 -25.21
C ILE J 200 -103.32 -101.85 -26.33
N ASP J 201 -103.15 -100.56 -26.59
CA ASP J 201 -102.24 -100.14 -27.66
C ASP J 201 -100.80 -100.54 -27.36
N GLN J 202 -100.38 -100.33 -26.11
CA GLN J 202 -99.02 -100.68 -25.72
C GLN J 202 -98.79 -102.18 -25.85
N LYS J 203 -99.76 -102.98 -25.41
CA LYS J 203 -99.65 -104.43 -25.55
C LYS J 203 -99.58 -104.84 -27.01
N ALA J 204 -100.41 -104.24 -27.87
CA ALA J 204 -100.44 -104.60 -29.27
C ALA J 204 -99.13 -104.26 -29.97
N VAL J 205 -98.55 -103.11 -29.64
CA VAL J 205 -97.27 -102.72 -30.26
C VAL J 205 -96.14 -103.61 -29.74
N ASP J 206 -96.09 -103.80 -28.41
CA ASP J 206 -94.98 -104.54 -27.83
C ASP J 206 -95.02 -106.01 -28.19
N SER J 207 -96.21 -106.59 -28.40
CA SER J 207 -96.31 -107.99 -28.75
C SER J 207 -95.61 -108.32 -30.07
N GLN J 208 -95.45 -107.34 -30.95
CA GLN J 208 -94.75 -107.54 -32.20
C GLN J 208 -93.44 -106.78 -32.31
N ILE J 209 -93.12 -105.93 -31.33
CA ILE J 209 -91.76 -105.39 -31.23
C ILE J 209 -90.84 -106.34 -30.47
N LEU J 210 -91.32 -106.92 -29.37
CA LEU J 210 -90.47 -107.72 -28.48
C LEU J 210 -89.83 -108.94 -29.14
N PRO J 211 -90.53 -109.76 -29.94
CA PRO J 211 -89.84 -110.91 -30.54
C PRO J 211 -88.66 -110.53 -31.41
N LYS J 212 -88.70 -109.38 -32.08
CA LYS J 212 -87.57 -108.95 -32.88
C LYS J 212 -86.43 -108.43 -32.02
N ILE J 213 -86.72 -107.99 -30.80
CA ILE J 213 -85.66 -107.63 -29.86
C ILE J 213 -84.92 -108.88 -29.38
N LYS J 214 -85.68 -109.93 -29.04
CA LYS J 214 -85.07 -111.19 -28.62
C LYS J 214 -84.32 -111.89 -29.75
N ALA J 215 -84.58 -111.51 -31.01
CA ALA J 215 -83.92 -112.18 -32.14
C ALA J 215 -82.41 -111.96 -32.15
N ILE J 216 -81.94 -110.75 -31.88
CA ILE J 216 -80.51 -110.50 -31.85
C ILE J 216 -80.03 -110.63 -30.41
N PRO J 217 -78.87 -111.24 -30.17
CA PRO J 217 -78.47 -111.57 -28.80
C PRO J 217 -78.28 -110.33 -27.94
N GLN J 218 -78.69 -110.47 -26.67
CA GLN J 218 -78.51 -109.50 -25.57
C GLN J 218 -78.77 -108.05 -26.01
N LEU J 219 -79.76 -107.84 -26.88
CA LEU J 219 -80.26 -106.48 -27.08
C LEU J 219 -81.20 -106.07 -25.96
N GLN J 220 -81.95 -107.03 -25.40
CA GLN J 220 -82.83 -106.71 -24.28
C GLN J 220 -82.04 -106.25 -23.06
N GLY J 221 -80.89 -106.88 -22.81
CA GLY J 221 -80.03 -106.40 -21.74
C GLY J 221 -79.50 -105.00 -22.03
N TYR J 222 -79.23 -104.71 -23.29
CA TYR J 222 -78.81 -103.37 -23.68
C TYR J 222 -79.91 -102.35 -23.42
N LEU J 223 -81.16 -102.72 -23.70
CA LEU J 223 -82.27 -101.79 -23.52
C LEU J 223 -82.64 -101.64 -22.04
N ARG J 224 -82.36 -102.64 -21.22
CA ARG J 224 -82.68 -102.51 -19.79
C ARG J 224 -81.76 -101.52 -19.09
N SER J 225 -80.50 -101.46 -19.50
CA SER J 225 -79.56 -100.57 -18.84
C SER J 225 -79.79 -99.13 -19.30
N VAL J 226 -79.13 -98.20 -18.61
CA VAL J 226 -79.25 -96.78 -18.91
C VAL J 226 -77.89 -96.26 -19.36
N PHE J 227 -77.93 -95.24 -20.21
CA PHE J 227 -76.72 -94.60 -20.69
C PHE J 227 -76.17 -93.66 -19.63
N ALA J 228 -74.85 -93.61 -19.52
CA ALA J 228 -74.19 -92.77 -18.54
C ALA J 228 -72.80 -92.42 -19.04
N LEU J 229 -72.26 -91.34 -18.51
CA LEU J 229 -70.91 -90.88 -18.87
C LEU J 229 -69.93 -91.32 -17.79
N THR J 230 -69.15 -92.34 -18.09
CA THR J 230 -68.01 -92.70 -17.27
C THR J 230 -66.98 -91.57 -17.32
N ASN J 231 -66.20 -91.44 -16.25
CA ASN J 231 -65.24 -90.33 -16.18
C ASN J 231 -64.18 -90.40 -17.27
N GLY J 232 -63.88 -91.58 -17.78
CA GLY J 232 -62.86 -91.71 -18.80
C GLY J 232 -63.33 -91.50 -20.22
N ILE J 233 -64.66 -91.47 -20.44
CA ILE J 233 -65.21 -91.44 -21.78
C ILE J 233 -65.75 -90.05 -22.09
N TYR J 234 -65.49 -89.59 -23.30
CA TYR J 234 -65.88 -88.26 -23.74
C TYR J 234 -66.82 -88.39 -24.93
N PRO J 235 -67.96 -87.69 -24.92
CA PRO J 235 -68.98 -87.94 -25.96
C PRO J 235 -68.51 -87.62 -27.37
N HIS J 236 -67.55 -86.72 -27.54
CA HIS J 236 -67.06 -86.42 -28.88
C HIS J 236 -66.17 -87.51 -29.44
N LYS J 237 -65.59 -88.34 -28.59
CA LYS J 237 -64.80 -89.49 -29.03
C LYS J 237 -65.61 -90.78 -29.07
N LEU J 238 -66.91 -90.72 -28.79
CA LEU J 238 -67.75 -91.90 -28.74
C LEU J 238 -68.55 -92.04 -30.02
N VAL J 239 -68.58 -93.25 -30.57
CA VAL J 239 -69.47 -93.58 -31.68
C VAL J 239 -70.72 -94.22 -31.08
N PHE J 240 -71.88 -93.66 -31.39
CA PHE J 240 -73.13 -94.15 -30.80
C PHE J 240 -73.83 -95.13 -31.71
N ASN K 1 -121.73 -43.87 -66.53
CA ASN K 1 -120.37 -43.54 -66.94
C ASN K 1 -119.36 -44.45 -66.26
N PHE K 2 -119.84 -45.31 -65.36
CA PHE K 2 -118.95 -46.16 -64.59
C PHE K 2 -118.29 -47.23 -65.46
N ALA K 3 -119.06 -47.82 -66.39
CA ALA K 3 -118.51 -48.88 -67.24
C ALA K 3 -117.38 -48.36 -68.10
N GLU K 4 -117.55 -47.16 -68.68
CA GLU K 4 -116.51 -46.60 -69.54
C GLU K 4 -115.23 -46.30 -68.77
N LEU K 5 -115.36 -45.77 -67.55
CA LEU K 5 -114.15 -45.49 -66.77
C LEU K 5 -113.49 -46.77 -66.28
N LYS K 6 -114.28 -47.81 -65.97
CA LYS K 6 -113.70 -49.11 -65.69
C LYS K 6 -112.91 -49.63 -66.87
N ILE K 7 -113.46 -49.49 -68.08
CA ILE K 7 -112.74 -49.90 -69.28
C ILE K 7 -111.45 -49.09 -69.43
N LYS K 8 -111.53 -47.79 -69.16
CA LYS K 8 -110.34 -46.94 -69.26
C LYS K 8 -109.24 -47.42 -68.32
N ARG K 9 -109.58 -47.66 -67.05
CA ARG K 9 -108.56 -48.08 -66.10
C ARG K 9 -108.02 -49.47 -66.45
N LEU K 10 -108.88 -50.38 -66.89
CA LEU K 10 -108.41 -51.70 -67.28
C LEU K 10 -107.46 -51.63 -68.47
N ARG K 11 -107.79 -50.80 -69.46
CA ARG K 11 -106.91 -50.68 -70.63
C ARG K 11 -105.57 -50.06 -70.26
N LYS K 12 -105.59 -49.04 -69.39
CA LYS K 12 -104.34 -48.44 -68.95
C LYS K 12 -103.48 -49.44 -68.18
N LYS K 13 -104.11 -50.21 -67.28
CA LYS K 13 -103.39 -51.22 -66.52
C LYS K 13 -102.80 -52.29 -67.43
N PHE K 14 -103.58 -52.73 -68.43
CA PHE K 14 -103.10 -53.78 -69.30
C PHE K 14 -101.96 -53.28 -70.19
N ALA K 15 -102.04 -52.03 -70.63
CA ALA K 15 -100.93 -51.45 -71.38
C ALA K 15 -99.67 -51.34 -70.53
N GLN K 16 -99.81 -50.94 -69.26
CA GLN K 16 -98.65 -50.88 -68.38
C GLN K 16 -98.06 -52.26 -68.15
N LYS K 17 -98.92 -53.27 -67.96
CA LYS K 17 -98.42 -54.63 -67.76
C LYS K 17 -97.69 -55.14 -69.00
N MET K 18 -98.21 -54.85 -70.19
CA MET K 18 -97.53 -55.24 -71.41
C MET K 18 -96.19 -54.54 -71.54
N LEU K 19 -96.13 -53.26 -71.16
CA LEU K 19 -94.87 -52.54 -71.19
C LEU K 19 -93.84 -53.16 -70.26
N ARG K 20 -94.25 -53.52 -69.04
CA ARG K 20 -93.33 -54.15 -68.10
C ARG K 20 -92.89 -55.52 -68.61
N LYS K 21 -93.80 -56.27 -69.22
CA LYS K 21 -93.45 -57.58 -69.76
C LYS K 21 -92.42 -57.45 -70.89
N ALA K 22 -92.62 -56.48 -71.79
CA ALA K 22 -91.66 -56.27 -72.87
C ALA K 22 -90.30 -55.84 -72.35
N ARG K 23 -90.29 -54.95 -71.35
CA ARG K 23 -89.02 -54.53 -70.76
C ARG K 23 -88.31 -55.67 -70.07
N ARG K 24 -89.06 -56.56 -69.39
CA ARG K 24 -88.44 -57.72 -68.77
C ARG K 24 -87.83 -58.65 -69.83
N LYS K 25 -88.53 -58.85 -70.94
CA LYS K 25 -87.99 -59.66 -72.02
C LYS K 25 -86.72 -59.04 -72.59
N LEU K 26 -86.71 -57.72 -72.74
CA LEU K 26 -85.52 -57.03 -73.22
C LEU K 26 -84.34 -57.20 -72.26
N ILE K 27 -84.61 -57.09 -70.94
CA ILE K 27 -83.56 -57.27 -69.95
C ILE K 27 -82.99 -58.68 -70.04
N TYR K 28 -83.86 -59.68 -70.16
CA TYR K 28 -83.43 -61.07 -70.27
C TYR K 28 -82.52 -61.26 -71.48
N GLU K 29 -82.94 -60.74 -72.64
CA GLU K 29 -82.15 -60.97 -73.85
C GLU K 29 -80.84 -60.20 -73.84
N LYS K 30 -80.83 -59.00 -73.24
CA LYS K 30 -79.57 -58.26 -73.10
C LYS K 30 -78.60 -59.01 -72.22
N ALA K 31 -79.09 -59.62 -71.13
CA ALA K 31 -78.21 -60.41 -70.28
C ALA K 31 -77.67 -61.62 -71.03
N LYS K 32 -78.51 -62.26 -71.85
CA LYS K 32 -78.04 -63.39 -72.65
C LYS K 32 -76.94 -62.98 -73.62
N HIS K 33 -77.14 -61.85 -74.30
CA HIS K 33 -76.13 -61.35 -75.23
C HIS K 33 -74.83 -60.99 -74.50
N TYR K 34 -74.93 -60.42 -73.30
CA TYR K 34 -73.75 -60.11 -72.51
C TYR K 34 -73.01 -61.38 -72.12
N HIS K 35 -73.73 -62.44 -71.78
CA HIS K 35 -73.09 -63.72 -71.49
C HIS K 35 -72.32 -64.23 -72.70
N LYS K 36 -72.94 -64.13 -73.88
CA LYS K 36 -72.25 -64.56 -75.10
C LYS K 36 -70.98 -63.76 -75.33
N GLU K 37 -71.05 -62.43 -75.13
CA GLU K 37 -69.87 -61.60 -75.34
C GLU K 37 -68.77 -61.92 -74.34
N TYR K 38 -69.14 -62.17 -73.08
CA TYR K 38 -68.15 -62.52 -72.07
C TYR K 38 -67.40 -63.80 -72.44
N ARG K 39 -68.15 -64.84 -72.82
CA ARG K 39 -67.47 -66.08 -73.16
C ARG K 39 -66.65 -65.94 -74.43
N GLN K 40 -67.10 -65.11 -75.37
CA GLN K 40 -66.31 -64.86 -76.57
C GLN K 40 -64.97 -64.22 -76.24
N MET K 41 -64.98 -63.20 -75.38
CA MET K 41 -63.72 -62.56 -74.99
C MET K 41 -62.80 -63.53 -74.26
N TYR K 42 -63.35 -64.30 -73.32
CA TYR K 42 -62.52 -65.21 -72.54
C TYR K 42 -61.89 -66.27 -73.42
N ARG K 43 -62.64 -66.82 -74.38
CA ARG K 43 -62.06 -67.78 -75.29
C ARG K 43 -61.09 -67.14 -76.28
N THR K 44 -61.33 -65.88 -76.65
CA THR K 44 -60.48 -65.21 -77.62
C THR K 44 -59.08 -65.00 -77.08
N GLU K 45 -58.97 -64.62 -75.80
CA GLU K 45 -57.64 -64.46 -75.22
C GLU K 45 -56.85 -65.75 -75.26
N ILE K 46 -57.49 -66.86 -74.89
CA ILE K 46 -56.85 -68.17 -74.90
C ILE K 46 -56.43 -68.55 -76.32
N ARG K 47 -57.31 -68.31 -77.29
CA ARG K 47 -57.01 -68.69 -78.67
C ARG K 47 -55.84 -67.88 -79.23
N MET K 48 -55.79 -66.58 -78.92
CA MET K 48 -54.67 -65.76 -79.39
C MET K 48 -53.36 -66.23 -78.78
N ALA K 49 -53.37 -66.52 -77.47
CA ALA K 49 -52.17 -67.06 -76.83
C ALA K 49 -51.76 -68.39 -77.46
N ARG K 50 -52.74 -69.24 -77.79
CA ARG K 50 -52.44 -70.54 -78.36
C ARG K 50 -51.82 -70.41 -79.74
N MET K 51 -52.35 -69.52 -80.58
CA MET K 51 -51.75 -69.37 -81.91
C MET K 51 -50.37 -68.74 -81.85
N ALA K 52 -50.15 -67.83 -80.90
CA ALA K 52 -48.81 -67.28 -80.73
C ALA K 52 -47.82 -68.36 -80.30
N ARG K 53 -48.22 -69.23 -79.37
CA ARG K 53 -47.34 -70.30 -78.94
C ARG K 53 -47.13 -71.33 -80.03
N LYS K 54 -48.14 -71.57 -80.87
CA LYS K 54 -47.98 -72.46 -82.01
C LYS K 54 -46.96 -71.90 -82.98
N ALA K 55 -47.00 -70.59 -83.23
CA ALA K 55 -46.02 -69.97 -84.12
C ALA K 55 -44.65 -69.81 -83.48
N GLY K 56 -44.53 -70.05 -82.17
CA GLY K 56 -43.29 -69.82 -81.46
C GLY K 56 -43.08 -68.39 -81.02
N ASN K 57 -44.04 -67.51 -81.26
CA ASN K 57 -43.94 -66.11 -80.90
C ASN K 57 -44.60 -65.88 -79.54
N PHE K 58 -44.77 -64.62 -79.17
CA PHE K 58 -45.36 -64.24 -77.90
C PHE K 58 -46.57 -63.37 -78.15
N TYR K 59 -47.66 -63.62 -77.43
CA TYR K 59 -48.84 -62.78 -77.46
C TYR K 59 -48.89 -61.99 -76.17
N VAL K 60 -48.66 -60.68 -76.27
CA VAL K 60 -48.76 -59.78 -75.13
C VAL K 60 -50.21 -59.31 -75.04
N PRO K 61 -50.94 -59.66 -73.98
CA PRO K 61 -52.34 -59.27 -73.89
C PRO K 61 -52.48 -57.76 -73.76
N ALA K 62 -53.67 -57.28 -74.12
CA ALA K 62 -53.98 -55.86 -73.94
C ALA K 62 -53.86 -55.50 -72.48
N GLU K 63 -53.28 -54.33 -72.21
CA GLU K 63 -53.13 -53.88 -70.84
C GLU K 63 -54.51 -53.68 -70.22
N PRO K 64 -54.69 -54.07 -68.96
CA PRO K 64 -56.00 -53.93 -68.32
C PRO K 64 -56.43 -52.47 -68.25
N LYS K 65 -57.73 -52.25 -68.49
CA LYS K 65 -58.29 -50.92 -68.50
C LYS K 65 -59.27 -50.68 -67.36
N LEU K 66 -59.39 -51.62 -66.43
CA LEU K 66 -60.24 -51.47 -65.26
C LEU K 66 -59.46 -51.91 -64.02
N ALA K 67 -59.52 -51.09 -62.98
CA ALA K 67 -58.85 -51.37 -61.73
C ALA K 67 -59.80 -51.20 -60.56
N PHE K 68 -59.71 -52.10 -59.60
CA PHE K 68 -60.40 -51.96 -58.33
C PHE K 68 -59.40 -51.52 -57.27
N VAL K 69 -59.65 -50.35 -56.69
CA VAL K 69 -58.74 -49.74 -55.72
C VAL K 69 -59.37 -49.80 -54.34
N ILE K 70 -58.64 -50.39 -53.40
CA ILE K 70 -59.09 -50.51 -52.01
C ILE K 70 -58.14 -49.70 -51.15
N ARG K 71 -58.69 -48.76 -50.39
CA ARG K 71 -57.90 -48.02 -49.42
C ARG K 71 -57.67 -48.88 -48.19
N ILE K 72 -56.41 -49.06 -47.81
CA ILE K 72 -56.06 -49.98 -46.74
C ILE K 72 -55.57 -49.28 -45.48
N ARG K 73 -55.15 -48.02 -45.56
CA ARG K 73 -54.69 -47.29 -44.38
C ARG K 73 -55.76 -46.30 -43.94
N GLY K 74 -55.70 -45.91 -42.67
CA GLY K 74 -56.69 -45.05 -42.07
C GLY K 74 -56.50 -43.59 -42.45
N ILE K 75 -57.19 -42.73 -41.70
CA ILE K 75 -57.30 -41.31 -42.00
C ILE K 75 -56.48 -40.46 -41.04
N ASN K 76 -55.51 -41.02 -40.35
CA ASN K 76 -54.71 -40.29 -39.38
C ASN K 76 -53.32 -40.02 -39.95
N GLY K 77 -52.90 -38.75 -39.88
CA GLY K 77 -51.58 -38.36 -40.31
C GLY K 77 -51.30 -38.54 -41.78
N VAL K 78 -52.19 -38.02 -42.63
CA VAL K 78 -52.09 -38.17 -44.07
C VAL K 78 -51.57 -36.86 -44.66
N SER K 79 -50.58 -36.97 -45.55
CA SER K 79 -50.05 -35.79 -46.22
C SER K 79 -51.11 -35.18 -47.13
N PRO K 80 -51.06 -33.86 -47.35
CA PRO K 80 -52.18 -33.20 -48.06
C PRO K 80 -52.40 -33.69 -49.48
N LYS K 81 -51.32 -34.00 -50.21
CA LYS K 81 -51.49 -34.47 -51.59
C LYS K 81 -52.14 -35.85 -51.63
N VAL K 82 -51.67 -36.76 -50.77
CA VAL K 82 -52.28 -38.08 -50.68
C VAL K 82 -53.75 -37.97 -50.28
N ARG K 83 -54.04 -37.08 -49.32
CA ARG K 83 -55.41 -36.88 -48.88
C ARG K 83 -56.29 -36.37 -50.02
N LYS K 84 -55.79 -35.40 -50.79
CA LYS K 84 -56.57 -34.85 -51.90
C LYS K 84 -56.82 -35.92 -52.97
N VAL K 85 -55.80 -36.71 -53.30
CA VAL K 85 -55.99 -37.73 -54.32
C VAL K 85 -56.94 -38.81 -53.85
N LEU K 86 -56.88 -39.16 -52.56
CA LEU K 86 -57.82 -40.15 -52.04
C LEU K 86 -59.25 -39.62 -52.05
N GLN K 87 -59.41 -38.31 -51.79
CA GLN K 87 -60.74 -37.71 -51.95
C GLN K 87 -61.20 -37.76 -53.40
N LEU K 88 -60.28 -37.57 -54.34
CA LEU K 88 -60.65 -37.62 -55.76
C LEU K 88 -60.96 -39.04 -56.21
N LEU K 89 -60.49 -40.05 -55.49
CA LEU K 89 -60.83 -41.43 -55.78
C LEU K 89 -62.04 -41.92 -55.01
N ARG K 90 -62.69 -41.03 -54.25
CA ARG K 90 -63.86 -41.35 -53.42
C ARG K 90 -63.53 -42.40 -52.36
N LEU K 91 -62.27 -42.43 -51.91
CA LEU K 91 -61.84 -43.33 -50.85
C LEU K 91 -61.55 -42.48 -49.61
N ARG K 92 -62.62 -42.19 -48.86
CA ARG K 92 -62.50 -41.39 -47.66
C ARG K 92 -62.54 -42.23 -46.39
N GLN K 93 -62.59 -43.55 -46.53
CA GLN K 93 -62.68 -44.44 -45.39
C GLN K 93 -61.84 -45.68 -45.67
N ILE K 94 -61.33 -46.30 -44.61
CA ILE K 94 -60.52 -47.50 -44.77
C ILE K 94 -61.40 -48.64 -45.28
N PHE K 95 -60.80 -49.48 -46.14
CA PHE K 95 -61.47 -50.61 -46.78
C PHE K 95 -62.67 -50.15 -47.61
N ASN K 96 -62.54 -49.00 -48.25
CA ASN K 96 -63.46 -48.55 -49.26
C ASN K 96 -62.94 -48.94 -50.63
N GLY K 97 -63.83 -49.41 -51.49
CA GLY K 97 -63.44 -49.85 -52.82
C GLY K 97 -64.08 -48.97 -53.89
N THR K 98 -63.36 -48.83 -55.00
CA THR K 98 -63.82 -48.03 -56.12
C THR K 98 -63.19 -48.56 -57.40
N PHE K 99 -64.00 -48.68 -58.45
CA PHE K 99 -63.48 -49.03 -59.75
C PHE K 99 -62.85 -47.81 -60.40
N VAL K 100 -61.65 -47.98 -60.94
CA VAL K 100 -60.91 -46.89 -61.57
C VAL K 100 -60.56 -47.30 -63.00
N LYS K 101 -60.95 -46.48 -63.96
CA LYS K 101 -60.60 -46.70 -65.34
C LYS K 101 -59.13 -46.33 -65.54
N LEU K 102 -58.38 -47.23 -66.18
CA LEU K 102 -56.93 -47.10 -66.24
C LEU K 102 -56.50 -46.32 -67.48
N ASN K 103 -55.66 -45.32 -67.25
CA ASN K 103 -54.97 -44.56 -68.29
C ASN K 103 -53.80 -43.85 -67.60
N LYS K 104 -53.08 -43.01 -68.34
CA LYS K 104 -51.87 -42.41 -67.78
C LYS K 104 -52.17 -41.55 -66.56
N ALA K 105 -53.21 -40.72 -66.65
CA ALA K 105 -53.56 -39.83 -65.54
C ALA K 105 -53.97 -40.62 -64.31
N SER K 106 -54.85 -41.60 -64.49
CA SER K 106 -55.31 -42.41 -63.35
C SER K 106 -54.19 -43.23 -62.76
N ILE K 107 -53.30 -43.76 -63.60
CA ILE K 107 -52.18 -44.55 -63.11
C ILE K 107 -51.23 -43.69 -62.29
N ASN K 108 -50.97 -42.46 -62.74
CA ASN K 108 -50.11 -41.58 -61.96
C ASN K 108 -50.77 -41.17 -60.64
N MET K 109 -52.08 -40.95 -60.67
CA MET K 109 -52.80 -40.68 -59.42
C MET K 109 -52.69 -41.86 -58.46
N LEU K 110 -52.81 -43.09 -58.97
CA LEU K 110 -52.64 -44.26 -58.13
C LEU K 110 -51.22 -44.38 -57.62
N ARG K 111 -50.25 -43.91 -58.41
CA ARG K 111 -48.86 -43.88 -57.95
C ARG K 111 -48.70 -42.93 -56.77
N ILE K 112 -49.42 -41.81 -56.79
CA ILE K 112 -49.30 -40.84 -55.70
C ILE K 112 -49.73 -41.46 -54.36
N VAL K 113 -50.84 -42.18 -54.35
CA VAL K 113 -51.42 -42.71 -53.12
C VAL K 113 -51.03 -44.17 -52.91
N GLU K 114 -49.93 -44.61 -53.51
CA GLU K 114 -49.54 -46.02 -53.50
C GLU K 114 -49.43 -46.65 -52.11
N PRO K 115 -48.78 -46.03 -51.11
CA PRO K 115 -48.73 -46.70 -49.79
C PRO K 115 -50.08 -46.84 -49.11
N TYR K 116 -51.09 -46.08 -49.51
CA TYR K 116 -52.37 -46.09 -48.82
C TYR K 116 -53.41 -47.01 -49.45
N ILE K 117 -53.13 -47.57 -50.62
CA ILE K 117 -54.12 -48.33 -51.38
C ILE K 117 -53.56 -49.68 -51.76
N ALA K 118 -54.47 -50.61 -52.01
CA ALA K 118 -54.17 -51.89 -52.65
C ALA K 118 -55.11 -52.02 -53.85
N TRP K 119 -54.54 -52.21 -55.03
CA TRP K 119 -55.35 -52.22 -56.23
C TRP K 119 -54.85 -53.27 -57.22
N GLY K 120 -55.70 -53.60 -58.16
CA GLY K 120 -55.40 -54.63 -59.13
C GLY K 120 -56.47 -54.71 -60.19
N TYR K 121 -56.50 -55.83 -60.89
CA TYR K 121 -57.39 -55.95 -62.05
C TYR K 121 -58.51 -56.93 -61.73
N PRO K 122 -59.73 -56.46 -61.49
CA PRO K 122 -60.82 -57.37 -61.15
C PRO K 122 -61.26 -58.18 -62.35
N ASN K 123 -61.60 -59.44 -62.10
CA ASN K 123 -62.19 -60.29 -63.12
C ASN K 123 -63.70 -60.12 -63.10
N LEU K 124 -64.37 -60.85 -64.00
CA LEU K 124 -65.82 -60.71 -64.13
C LEU K 124 -66.54 -61.13 -62.86
N LYS K 125 -66.06 -62.20 -62.21
CA LYS K 125 -66.70 -62.66 -60.99
C LYS K 125 -66.62 -61.62 -59.89
N SER K 126 -65.47 -60.95 -59.77
CA SER K 126 -65.32 -59.94 -58.72
C SER K 126 -66.28 -58.78 -58.94
N VAL K 127 -66.42 -58.33 -60.19
CA VAL K 127 -67.37 -57.27 -60.50
C VAL K 127 -68.79 -57.71 -60.17
N ASN K 128 -69.15 -58.94 -60.55
CA ASN K 128 -70.49 -59.43 -60.27
C ASN K 128 -70.77 -59.47 -58.78
N GLU K 129 -69.85 -60.05 -58.00
CA GLU K 129 -70.05 -60.13 -56.55
C GLU K 129 -70.14 -58.74 -55.93
N LEU K 130 -69.27 -57.83 -56.34
CA LEU K 130 -69.27 -56.49 -55.77
C LEU K 130 -70.58 -55.76 -56.05
N ILE K 131 -71.01 -55.75 -57.32
CA ILE K 131 -72.23 -55.03 -57.67
C ILE K 131 -73.46 -55.68 -57.02
N TYR K 132 -73.49 -57.01 -56.96
CA TYR K 132 -74.69 -57.67 -56.46
C TYR K 132 -74.78 -57.65 -54.94
N LYS K 133 -73.65 -57.66 -54.23
CA LYS K 133 -73.71 -57.73 -52.78
C LYS K 133 -73.62 -56.36 -52.14
N ARG K 134 -72.75 -55.48 -52.64
CA ARG K 134 -72.53 -54.19 -52.01
C ARG K 134 -72.83 -53.03 -52.96
N GLY K 135 -73.56 -53.29 -54.04
CA GLY K 135 -73.88 -52.25 -54.99
C GLY K 135 -74.93 -51.29 -54.49
N TYR K 136 -74.53 -50.05 -54.22
CA TYR K 136 -75.45 -49.00 -53.80
C TYR K 136 -75.33 -47.84 -54.77
N GLY K 137 -76.48 -47.31 -55.17
CA GLY K 137 -76.53 -46.21 -56.12
C GLY K 137 -76.60 -44.86 -55.43
N LYS K 138 -76.04 -43.84 -56.09
CA LYS K 138 -76.13 -42.47 -55.61
C LYS K 138 -77.30 -41.79 -56.33
N ILE K 139 -78.48 -41.92 -55.74
CA ILE K 139 -79.71 -41.39 -56.31
C ILE K 139 -80.14 -40.21 -55.45
N ASN K 140 -80.22 -39.03 -56.07
CA ASN K 140 -80.57 -37.78 -55.38
C ASN K 140 -79.66 -37.54 -54.18
N LYS K 141 -78.37 -37.78 -54.37
CA LYS K 141 -77.32 -37.59 -53.36
C LYS K 141 -77.53 -38.48 -52.15
N LYS K 142 -78.27 -39.56 -52.29
CA LYS K 142 -78.51 -40.52 -51.22
C LYS K 142 -77.90 -41.86 -51.58
N ARG K 143 -77.66 -42.69 -50.57
CA ARG K 143 -77.10 -44.02 -50.78
C ARG K 143 -78.25 -45.01 -50.75
N ILE K 144 -78.69 -45.44 -51.94
CA ILE K 144 -79.86 -46.31 -52.09
C ILE K 144 -79.37 -47.68 -52.52
N ALA K 145 -79.86 -48.72 -51.84
CA ALA K 145 -79.51 -50.07 -52.20
C ALA K 145 -80.13 -50.45 -53.53
N LEU K 146 -79.34 -51.10 -54.39
CA LEU K 146 -79.78 -51.49 -55.73
C LEU K 146 -80.65 -52.74 -55.65
N THR K 147 -81.85 -52.55 -55.10
CA THR K 147 -82.80 -53.65 -54.94
C THR K 147 -83.75 -53.79 -56.11
N ASP K 148 -83.84 -52.78 -56.98
CA ASP K 148 -84.76 -52.82 -58.10
C ASP K 148 -84.04 -52.29 -59.34
N ASN K 149 -84.46 -52.79 -60.50
CA ASN K 149 -83.91 -52.31 -61.75
C ASN K 149 -84.39 -50.92 -62.10
N ALA K 150 -85.55 -50.50 -61.57
CA ALA K 150 -86.06 -49.16 -61.85
C ALA K 150 -85.14 -48.09 -61.28
N LEU K 151 -84.44 -48.39 -60.19
CA LEU K 151 -83.49 -47.44 -59.62
C LEU K 151 -82.35 -47.14 -60.60
N ILE K 152 -81.85 -48.17 -61.28
CA ILE K 152 -80.84 -47.96 -62.30
C ILE K 152 -81.45 -47.29 -63.53
N ALA K 153 -82.65 -47.72 -63.92
CA ALA K 153 -83.25 -47.22 -65.15
C ALA K 153 -83.55 -45.73 -65.07
N ARG K 154 -84.01 -45.25 -63.91
CA ARG K 154 -84.38 -43.85 -63.77
C ARG K 154 -83.18 -42.92 -63.77
N SER K 155 -82.04 -43.37 -63.26
CA SER K 155 -80.86 -42.52 -63.16
C SER K 155 -79.87 -42.70 -64.30
N LEU K 156 -79.94 -43.81 -65.03
CA LEU K 156 -78.98 -44.07 -66.09
C LEU K 156 -79.61 -44.56 -67.38
N GLY K 157 -80.95 -44.54 -67.49
CA GLY K 157 -81.58 -45.02 -68.70
C GLY K 157 -81.24 -44.21 -69.93
N LYS K 158 -80.94 -42.93 -69.75
CA LYS K 158 -80.55 -42.08 -70.86
C LYS K 158 -79.21 -42.51 -71.48
N TYR K 159 -78.42 -43.30 -70.75
CA TYR K 159 -77.19 -43.85 -71.29
C TYR K 159 -77.33 -45.27 -71.79
N GLY K 160 -78.55 -45.82 -71.79
CA GLY K 160 -78.78 -47.19 -72.19
C GLY K 160 -78.61 -48.22 -71.10
N ILE K 161 -78.26 -47.80 -69.89
CA ILE K 161 -78.08 -48.70 -68.76
C ILE K 161 -79.38 -48.75 -67.98
N ILE K 162 -80.06 -49.90 -68.00
CA ILE K 162 -81.40 -50.02 -67.43
C ILE K 162 -81.53 -51.20 -66.47
N CYS K 163 -80.48 -51.98 -66.26
CA CYS K 163 -80.57 -53.13 -65.37
C CYS K 163 -79.22 -53.34 -64.69
N MET K 164 -79.20 -54.31 -63.77
CA MET K 164 -77.95 -54.70 -63.13
C MET K 164 -76.93 -55.17 -64.16
N GLU K 165 -77.39 -55.94 -65.15
CA GLU K 165 -76.48 -56.51 -66.14
C GLU K 165 -75.86 -55.42 -67.00
N ASP K 166 -76.63 -54.40 -67.38
CA ASP K 166 -76.08 -53.29 -68.14
C ASP K 166 -75.00 -52.56 -67.34
N LEU K 167 -75.27 -52.33 -66.06
CA LEU K 167 -74.28 -51.68 -65.19
C LEU K 167 -73.01 -52.53 -65.09
N ILE K 168 -73.17 -53.83 -64.93
CA ILE K 168 -72.01 -54.71 -64.78
C ILE K 168 -71.22 -54.78 -66.08
N HIS K 169 -71.91 -54.80 -67.22
CA HIS K 169 -71.23 -54.79 -68.51
C HIS K 169 -70.49 -53.48 -68.73
N GLU K 170 -71.09 -52.36 -68.34
CA GLU K 170 -70.45 -51.07 -68.54
C GLU K 170 -69.23 -50.93 -67.64
N ILE K 171 -69.30 -51.46 -66.42
CA ILE K 171 -68.16 -51.39 -65.51
C ILE K 171 -67.05 -52.32 -65.98
N TYR K 172 -67.40 -53.56 -66.37
CA TYR K 172 -66.39 -54.55 -66.71
C TYR K 172 -65.67 -54.17 -68.00
N THR K 173 -66.39 -54.13 -69.11
CA THR K 173 -65.85 -53.63 -70.36
C THR K 173 -66.03 -52.11 -70.33
N VAL K 174 -64.94 -51.39 -70.18
CA VAL K 174 -65.01 -49.95 -69.94
C VAL K 174 -65.57 -49.28 -71.17
N GLY K 175 -66.83 -48.86 -71.10
CA GLY K 175 -67.57 -48.39 -72.25
C GLY K 175 -67.52 -46.88 -72.39
N LYS K 176 -68.40 -46.38 -73.25
CA LYS K 176 -68.49 -44.93 -73.47
C LYS K 176 -68.92 -44.21 -72.20
N ARG K 177 -69.89 -44.76 -71.47
CA ARG K 177 -70.47 -44.11 -70.30
C ARG K 177 -69.95 -44.70 -68.99
N PHE K 178 -68.67 -45.07 -68.96
CA PHE K 178 -68.12 -45.63 -67.73
C PHE K 178 -68.11 -44.60 -66.61
N LYS K 179 -67.86 -43.33 -66.94
CA LYS K 179 -67.78 -42.31 -65.91
C LYS K 179 -69.11 -42.15 -65.18
N GLU K 180 -70.21 -42.08 -65.93
CA GLU K 180 -71.52 -41.91 -65.31
C GLU K 180 -71.92 -43.14 -64.51
N ALA K 181 -71.72 -44.32 -65.08
CA ALA K 181 -72.11 -45.55 -64.38
C ALA K 181 -71.25 -45.77 -63.13
N ASN K 182 -69.98 -45.38 -63.18
CA ASN K 182 -69.11 -45.55 -62.03
C ASN K 182 -69.40 -44.53 -60.95
N ASN K 183 -69.67 -43.27 -61.34
CA ASN K 183 -70.02 -42.26 -60.35
C ASN K 183 -71.40 -42.49 -59.76
N PHE K 184 -72.29 -43.15 -60.49
CA PHE K 184 -73.59 -43.52 -59.94
C PHE K 184 -73.44 -44.47 -58.77
N LEU K 185 -72.48 -45.40 -58.85
CA LEU K 185 -72.25 -46.34 -57.78
C LEU K 185 -71.64 -45.64 -56.58
N TRP K 186 -72.25 -45.82 -55.41
CA TRP K 186 -71.61 -45.39 -54.18
C TRP K 186 -70.35 -46.22 -53.96
N PRO K 187 -69.27 -45.62 -53.48
CA PRO K 187 -68.04 -46.40 -53.25
C PRO K 187 -68.30 -47.55 -52.29
N PHE K 188 -67.74 -48.72 -52.63
CA PHE K 188 -68.10 -49.94 -51.92
C PHE K 188 -67.50 -49.93 -50.53
N LYS K 189 -68.38 -50.08 -49.53
CA LYS K 189 -67.99 -50.12 -48.13
C LYS K 189 -67.83 -51.58 -47.76
N LEU K 190 -66.62 -52.09 -47.95
CA LEU K 190 -66.30 -53.48 -47.72
C LEU K 190 -65.86 -53.72 -46.28
N SER K 191 -65.96 -54.98 -45.85
CA SER K 191 -65.61 -55.35 -44.49
C SER K 191 -64.09 -55.45 -44.33
N SER K 192 -63.67 -55.92 -43.17
CA SER K 192 -62.26 -56.21 -42.96
C SER K 192 -61.91 -57.53 -43.65
N PRO K 193 -60.70 -57.65 -44.19
CA PRO K 193 -60.32 -58.89 -44.90
C PRO K 193 -60.26 -60.09 -43.96
N ARG K 194 -61.16 -61.04 -44.15
CA ARG K 194 -61.17 -62.25 -43.33
C ARG K 194 -59.89 -63.04 -43.58
N GLY K 195 -59.26 -63.49 -42.50
CA GLY K 195 -57.94 -64.07 -42.56
C GLY K 195 -56.81 -63.09 -42.38
N GLY K 196 -57.11 -61.80 -42.29
CA GLY K 196 -56.11 -60.79 -42.04
C GLY K 196 -55.33 -60.42 -43.28
N MET K 197 -54.54 -59.36 -43.15
CA MET K 197 -53.62 -58.93 -44.19
C MET K 197 -52.22 -59.45 -43.91
N LYS K 198 -51.35 -59.29 -44.90
CA LYS K 198 -49.94 -59.64 -44.70
C LYS K 198 -49.23 -58.54 -43.93
N LYS K 199 -49.14 -57.35 -44.52
CA LYS K 199 -48.56 -56.19 -43.86
C LYS K 199 -49.04 -54.95 -44.59
N LYS K 200 -49.89 -54.15 -43.94
CA LYS K 200 -50.45 -53.00 -44.63
C LYS K 200 -49.45 -51.87 -44.84
N THR K 201 -48.32 -51.90 -44.13
CA THR K 201 -47.39 -50.77 -44.17
C THR K 201 -46.33 -50.88 -45.25
N THR K 202 -46.25 -52.01 -45.96
CA THR K 202 -45.26 -52.21 -47.00
C THR K 202 -45.95 -52.60 -48.30
N HIS K 203 -45.15 -52.71 -49.35
CA HIS K 203 -45.66 -52.99 -50.69
C HIS K 203 -45.93 -54.49 -50.84
N PHE K 204 -46.79 -54.81 -51.82
CA PHE K 204 -47.15 -56.20 -52.07
C PHE K 204 -45.95 -57.01 -52.54
N VAL K 205 -45.09 -56.42 -53.37
CA VAL K 205 -43.93 -57.13 -53.91
C VAL K 205 -42.83 -57.32 -52.88
N GLU K 206 -42.99 -56.78 -51.68
CA GLU K 206 -42.04 -57.00 -50.59
C GLU K 206 -42.71 -57.61 -49.37
N GLY K 207 -43.75 -58.40 -49.58
CA GLY K 207 -44.40 -59.13 -48.51
C GLY K 207 -45.58 -58.44 -47.86
N GLY K 208 -45.94 -57.24 -48.29
CA GLY K 208 -47.02 -56.53 -47.66
C GLY K 208 -48.34 -56.57 -48.41
N ASP K 209 -49.11 -55.49 -48.30
CA ASP K 209 -50.41 -55.40 -48.96
C ASP K 209 -50.59 -54.19 -49.85
N ALA K 210 -49.81 -53.13 -49.66
CA ALA K 210 -50.00 -51.92 -50.45
C ALA K 210 -49.52 -52.12 -51.88
N GLY K 211 -49.87 -51.18 -52.74
CA GLY K 211 -49.43 -51.21 -54.11
C GLY K 211 -50.28 -52.10 -55.00
N ASN K 212 -49.78 -52.28 -56.22
CA ASN K 212 -50.51 -52.98 -57.26
C ASN K 212 -50.15 -54.47 -57.24
N ARG K 213 -51.06 -55.28 -56.72
CA ARG K 213 -51.05 -56.71 -57.00
C ARG K 213 -51.86 -56.94 -58.26
N GLU K 214 -51.27 -57.61 -59.26
CA GLU K 214 -51.80 -57.54 -60.61
C GLU K 214 -53.20 -58.10 -60.69
N ASP K 215 -53.35 -59.41 -60.50
CA ASP K 215 -54.68 -60.02 -60.48
C ASP K 215 -54.96 -60.73 -59.17
N GLN K 216 -54.11 -60.56 -58.16
CA GLN K 216 -54.36 -61.10 -56.84
C GLN K 216 -55.31 -60.22 -56.03
N ILE K 217 -55.78 -59.11 -56.60
CA ILE K 217 -56.81 -58.32 -55.96
C ILE K 217 -58.11 -59.09 -55.85
N ASN K 218 -58.30 -60.12 -56.68
CA ASN K 218 -59.53 -60.90 -56.63
C ASN K 218 -59.58 -61.75 -55.38
N ARG K 219 -58.45 -62.32 -54.95
CA ARG K 219 -58.40 -63.04 -53.68
C ARG K 219 -58.77 -62.13 -52.52
N LEU K 220 -58.22 -60.92 -52.52
CA LEU K 220 -58.54 -59.93 -51.49
C LEU K 220 -60.01 -59.56 -51.54
N ILE K 221 -60.59 -59.49 -52.75
CA ILE K 221 -62.01 -59.18 -52.87
C ILE K 221 -62.85 -60.30 -52.29
N ARG K 222 -62.49 -61.56 -52.57
CA ARG K 222 -63.22 -62.69 -52.02
C ARG K 222 -63.17 -62.69 -50.51
N ARG K 223 -62.01 -62.40 -49.93
CA ARG K 223 -61.93 -62.34 -48.48
C ARG K 223 -62.49 -61.04 -47.91
N MET K 224 -62.77 -60.05 -48.76
CA MET K 224 -63.08 -58.71 -48.30
C MET K 224 -64.58 -58.47 -48.13
N ASN K 225 -65.39 -58.87 -49.10
CA ASN K 225 -66.83 -58.72 -48.96
C ASN K 225 -67.54 -60.05 -48.64
N LYS L 1 -38.09 92.05 66.35
CA LYS L 1 -37.84 92.41 67.74
C LYS L 1 -38.39 91.34 68.69
N VAL L 2 -39.53 90.75 68.32
CA VAL L 2 -40.16 89.71 69.11
C VAL L 2 -40.16 88.37 68.36
N VAL L 3 -39.42 88.29 67.25
CA VAL L 3 -39.37 87.05 66.48
C VAL L 3 -38.69 85.95 67.28
N ASN L 4 -39.26 84.75 67.22
CA ASN L 4 -38.73 83.63 67.99
C ASN L 4 -37.35 83.25 67.45
N PRO L 5 -36.32 83.22 68.29
CA PRO L 5 -34.98 82.85 67.80
C PRO L 5 -34.90 81.42 67.27
N LEU L 6 -35.83 80.55 67.66
CA LEU L 6 -35.83 79.18 67.16
C LEU L 6 -36.15 79.09 65.68
N PHE L 7 -36.74 80.13 65.09
CA PHE L 7 -37.05 80.10 63.67
C PHE L 7 -35.79 80.37 62.86
N GLU L 8 -35.62 79.62 61.78
CA GLU L 8 -34.45 79.80 60.94
C GLU L 8 -34.79 79.42 59.51
N LYS L 9 -34.00 79.95 58.58
CA LYS L 9 -34.07 79.50 57.20
C LYS L 9 -33.38 78.16 57.05
N ARG L 10 -33.98 77.28 56.26
CA ARG L 10 -33.39 75.99 55.92
C ARG L 10 -33.41 75.82 54.42
N PRO L 11 -32.54 76.52 53.71
CA PRO L 11 -32.51 76.41 52.25
C PRO L 11 -31.89 75.09 51.81
N LYS L 12 -32.51 74.49 50.80
CA LYS L 12 -31.99 73.27 50.19
C LYS L 12 -31.48 73.60 48.80
N ASN L 13 -30.25 73.23 48.52
CA ASN L 13 -29.65 73.48 47.23
C ASN L 13 -29.87 72.30 46.30
N PHE L 14 -30.43 72.57 45.12
CA PHE L 14 -30.83 71.53 44.18
C PHE L 14 -29.76 71.26 43.13
N GLY L 15 -28.49 71.36 43.52
CA GLY L 15 -27.42 70.98 42.63
C GLY L 15 -27.41 69.49 42.37
N ILE L 16 -26.67 69.10 41.34
CA ILE L 16 -26.58 67.69 40.98
C ILE L 16 -25.97 66.90 42.12
N GLY L 17 -26.60 65.79 42.49
CA GLY L 17 -26.14 64.97 43.59
C GLY L 17 -26.49 65.49 44.96
N GLN L 18 -27.05 66.69 45.06
CA GLN L 18 -27.44 67.30 46.32
C GLN L 18 -28.89 66.95 46.60
N ASP L 19 -29.54 67.70 47.51
CA ASP L 19 -30.93 67.50 47.87
C ASP L 19 -31.80 67.29 46.64
N ILE L 20 -32.79 66.40 46.76
CA ILE L 20 -33.50 65.93 45.58
C ILE L 20 -34.37 67.05 45.00
N GLN L 21 -34.68 66.90 43.72
CA GLN L 21 -35.31 67.98 42.97
C GLN L 21 -36.73 68.24 43.45
N PRO L 22 -37.18 69.50 43.40
CA PRO L 22 -38.56 69.79 43.75
C PRO L 22 -39.50 69.34 42.66
N LYS L 23 -40.77 69.18 43.03
CA LYS L 23 -41.80 68.83 42.06
C LYS L 23 -42.10 70.04 41.18
N ARG L 24 -41.41 70.14 40.05
CA ARG L 24 -41.59 71.26 39.14
C ARG L 24 -42.44 70.82 37.94
N ASP L 25 -42.71 71.78 37.06
CA ASP L 25 -43.60 71.53 35.93
C ASP L 25 -42.89 70.67 34.89
N LEU L 26 -43.55 69.58 34.47
CA LEU L 26 -43.01 68.67 33.47
C LEU L 26 -43.93 68.53 32.27
N THR L 27 -44.77 69.56 32.02
CA THR L 27 -45.74 69.48 30.93
C THR L 27 -45.07 69.23 29.58
N ARG L 28 -43.90 69.82 29.37
CA ARG L 28 -43.19 69.59 28.13
C ARG L 28 -42.69 68.16 27.98
N PHE L 29 -42.58 67.41 29.08
CA PHE L 29 -41.91 66.11 29.06
C PHE L 29 -42.87 64.98 29.44
N VAL L 30 -44.15 65.20 29.28
CA VAL L 30 -45.16 64.21 29.63
C VAL L 30 -45.29 63.21 28.50
N LYS L 31 -45.36 61.93 28.86
CA LYS L 31 -45.76 60.88 27.92
C LYS L 31 -47.24 61.06 27.64
N TRP L 32 -47.56 61.69 26.53
CA TRP L 32 -48.94 62.05 26.24
C TRP L 32 -49.68 60.88 25.60
N PRO L 33 -51.00 60.85 25.70
CA PRO L 33 -51.78 59.85 24.98
C PRO L 33 -51.59 59.96 23.47
N ARG L 34 -52.01 58.90 22.78
CA ARG L 34 -51.75 58.83 21.34
C ARG L 34 -52.56 59.85 20.56
N TYR L 35 -53.79 60.15 20.99
CA TYR L 35 -54.60 61.11 20.26
C TYR L 35 -54.06 62.53 20.43
N ILE L 36 -53.55 62.86 21.61
CA ILE L 36 -52.96 64.18 21.83
C ILE L 36 -51.70 64.34 21.00
N ARG L 37 -50.83 63.31 20.99
CA ARG L 37 -49.64 63.36 20.16
C ARG L 37 -50.00 63.46 18.69
N LEU L 38 -51.02 62.72 18.26
CA LEU L 38 -51.41 62.73 16.86
C LEU L 38 -51.91 64.11 16.43
N GLN L 39 -52.75 64.74 17.25
CA GLN L 39 -53.28 66.05 16.86
C GLN L 39 -52.19 67.12 16.91
N ARG L 40 -51.30 67.06 17.91
CA ARG L 40 -50.22 68.02 17.96
C ARG L 40 -49.26 67.85 16.79
N GLN L 41 -48.95 66.61 16.42
CA GLN L 41 -48.06 66.37 15.29
C GLN L 41 -48.72 66.74 13.98
N ARG L 42 -50.04 66.61 13.87
CA ARG L 42 -50.73 67.10 12.68
C ARG L 42 -50.62 68.62 12.59
N ALA L 43 -50.78 69.31 13.72
CA ALA L 43 -50.61 70.76 13.74
C ALA L 43 -49.19 71.14 13.32
N ILE L 44 -48.19 70.39 13.77
CA ILE L 44 -46.81 70.68 13.41
C ILE L 44 -46.57 70.39 11.92
N LEU L 45 -47.13 69.29 11.41
CA LEU L 45 -46.96 68.94 10.00
C LEU L 45 -47.59 69.98 9.09
N TYR L 46 -48.68 70.61 9.54
CA TYR L 46 -49.25 71.70 8.74
C TYR L 46 -48.35 72.92 8.68
N LYS L 47 -47.32 73.00 9.51
CA LYS L 47 -46.31 74.04 9.38
C LYS L 47 -45.05 73.57 8.68
N ARG L 48 -44.73 72.27 8.77
CA ARG L 48 -43.56 71.75 8.08
C ARG L 48 -43.74 71.79 6.56
N LEU L 49 -44.86 71.26 6.08
CA LEU L 49 -45.03 71.00 4.66
C LEU L 49 -45.37 72.29 3.91
N LYS L 50 -45.26 72.21 2.58
CA LYS L 50 -45.71 73.30 1.72
C LYS L 50 -47.21 73.17 1.53
N VAL L 51 -47.97 74.08 2.12
CA VAL L 51 -49.42 74.04 2.01
C VAL L 51 -49.83 74.78 0.74
N PRO L 52 -50.57 74.15 -0.17
CA PRO L 52 -50.96 74.83 -1.40
C PRO L 52 -51.86 76.01 -1.10
N PRO L 53 -51.85 77.02 -1.96
CA PRO L 53 -52.66 78.23 -1.69
C PRO L 53 -54.15 77.96 -1.61
N ALA L 54 -54.62 76.87 -2.24
CA ALA L 54 -56.03 76.51 -2.12
C ALA L 54 -56.39 76.15 -0.69
N ILE L 55 -55.46 75.56 0.05
CA ILE L 55 -55.68 75.27 1.46
C ILE L 55 -55.16 76.39 2.35
N ASN L 56 -54.06 77.04 1.95
CA ASN L 56 -53.48 78.09 2.77
C ASN L 56 -54.33 79.35 2.82
N GLN L 57 -55.26 79.52 1.87
CA GLN L 57 -56.06 80.73 1.83
C GLN L 57 -56.97 80.84 3.04
N PHE L 58 -57.25 79.73 3.71
CA PHE L 58 -58.11 79.76 4.89
C PHE L 58 -57.37 80.20 6.14
N THR L 59 -56.06 80.38 6.07
CA THR L 59 -55.33 80.96 7.19
C THR L 59 -55.56 82.46 7.31
N GLN L 60 -55.81 83.14 6.19
CA GLN L 60 -56.20 84.55 6.21
C GLN L 60 -57.64 84.62 6.69
N ALA L 61 -57.82 84.82 7.99
CA ALA L 61 -59.14 85.02 8.55
C ALA L 61 -59.37 86.49 8.84
N LEU L 62 -60.63 86.84 9.05
CA LEU L 62 -60.97 88.21 9.42
C LEU L 62 -60.38 88.53 10.79
N ASP L 63 -59.97 89.78 10.96
CA ASP L 63 -59.47 90.22 12.25
C ASP L 63 -60.60 90.25 13.28
N ARG L 64 -60.21 90.33 14.55
CA ARG L 64 -61.19 90.20 15.64
C ARG L 64 -62.24 91.31 15.57
N GLN L 65 -61.82 92.53 15.27
CA GLN L 65 -62.76 93.65 15.20
C GLN L 65 -63.75 93.48 14.05
N THR L 66 -63.23 93.20 12.85
CA THR L 66 -64.10 93.05 11.69
C THR L 66 -65.03 91.85 11.84
N ALA L 67 -64.51 90.75 12.38
CA ALA L 67 -65.36 89.60 12.67
C ALA L 67 -66.43 89.95 13.69
N THR L 68 -66.09 90.81 14.66
CA THR L 68 -67.08 91.24 15.64
C THR L 68 -68.21 92.02 14.98
N GLN L 69 -67.88 92.98 14.12
CA GLN L 69 -68.95 93.71 13.44
C GLN L 69 -69.74 92.81 12.50
N LEU L 70 -69.07 91.88 11.84
CA LEU L 70 -69.76 90.97 10.93
C LEU L 70 -70.76 90.09 11.67
N LEU L 71 -70.36 89.53 12.82
CA LEU L 71 -71.28 88.71 13.60
C LEU L 71 -72.36 89.54 14.25
N LYS L 72 -72.05 90.78 14.64
CA LYS L 72 -73.08 91.65 15.20
C LYS L 72 -74.15 91.97 14.17
N LEU L 73 -73.75 92.22 12.91
CA LEU L 73 -74.74 92.38 11.86
C LEU L 73 -75.51 91.09 11.62
N ALA L 74 -74.80 89.95 11.60
CA ALA L 74 -75.44 88.68 11.30
C ALA L 74 -76.38 88.22 12.41
N HIS L 75 -76.29 88.81 13.60
CA HIS L 75 -77.16 88.39 14.69
C HIS L 75 -78.59 88.88 14.52
N LYS L 76 -78.83 89.87 13.67
CA LYS L 76 -80.18 90.36 13.43
C LYS L 76 -80.96 89.49 12.44
N TYR L 77 -80.31 88.51 11.82
CA TYR L 77 -80.92 87.73 10.75
C TYR L 77 -80.80 86.24 11.01
N ARG L 78 -80.69 85.84 12.27
CA ARG L 78 -80.53 84.43 12.59
C ARG L 78 -81.78 83.66 12.20
N PRO L 79 -81.63 82.42 11.72
CA PRO L 79 -82.81 81.61 11.37
C PRO L 79 -83.69 81.37 12.58
N GLU L 80 -84.99 81.29 12.33
CA GLU L 80 -85.94 81.16 13.42
C GLU L 80 -85.91 79.75 14.01
N THR L 81 -85.91 79.70 15.34
CA THR L 81 -85.82 78.44 16.07
C THR L 81 -87.14 77.70 16.01
N LYS L 82 -87.16 76.48 16.56
CA LYS L 82 -88.36 75.67 16.52
C LYS L 82 -89.48 76.28 17.36
N GLN L 83 -89.15 76.84 18.51
CA GLN L 83 -90.19 77.39 19.39
C GLN L 83 -90.86 78.60 18.76
N GLU L 84 -90.07 79.54 18.27
CA GLU L 84 -90.65 80.72 17.64
C GLU L 84 -91.28 80.40 16.28
N LYS L 85 -90.81 79.37 15.60
CA LYS L 85 -91.54 78.90 14.42
C LYS L 85 -92.90 78.36 14.79
N LYS L 86 -92.99 77.59 15.88
CA LYS L 86 -94.29 77.12 16.35
C LYS L 86 -95.19 78.28 16.72
N GLN L 87 -94.65 79.29 17.40
CA GLN L 87 -95.45 80.45 17.78
C GLN L 87 -95.95 81.20 16.54
N ARG L 88 -95.08 81.39 15.54
CA ARG L 88 -95.49 82.07 14.32
C ARG L 88 -96.53 81.27 13.55
N LEU L 89 -96.38 79.95 13.50
CA LEU L 89 -97.35 79.12 12.80
C LEU L 89 -98.68 79.11 13.52
N LEU L 90 -98.69 79.08 14.85
CA LEU L 90 -99.93 79.20 15.59
C LEU L 90 -100.58 80.56 15.35
N ALA L 91 -99.78 81.62 15.29
CA ALA L 91 -100.33 82.94 14.99
C ALA L 91 -100.96 82.97 13.61
N ARG L 92 -100.31 82.35 12.62
CA ARG L 92 -100.88 82.29 11.28
C ARG L 92 -102.17 81.47 11.26
N ALA L 93 -102.20 80.36 12.01
CA ALA L 93 -103.42 79.57 12.08
C ALA L 93 -104.57 80.35 12.72
N GLU L 94 -104.28 81.08 13.80
CA GLU L 94 -105.29 81.92 14.43
C GLU L 94 -105.76 83.02 13.50
N LYS L 95 -104.83 83.61 12.74
CA LYS L 95 -105.18 84.68 11.81
C LYS L 95 -106.03 84.15 10.66
N LYS L 96 -105.75 82.92 10.20
CA LYS L 96 -106.53 82.33 9.13
C LYS L 96 -107.91 81.91 9.62
N ALA L 97 -108.01 81.49 10.88
CA ALA L 97 -109.31 81.22 11.47
C ALA L 97 -110.15 82.49 11.55
N ALA L 98 -109.53 83.61 11.95
CA ALA L 98 -110.19 84.91 11.96
C ALA L 98 -109.12 85.99 12.02
N GLY L 99 -109.08 86.85 11.00
CA GLY L 99 -109.89 86.76 9.80
C GLY L 99 -109.19 87.23 8.54
N LYS L 100 -107.89 87.50 8.64
CA LYS L 100 -107.14 88.04 7.49
C LYS L 100 -107.04 87.01 6.37
N GLY L 101 -106.61 85.80 6.69
CA GLY L 101 -106.44 84.77 5.68
C GLY L 101 -105.00 84.39 5.42
N ASP L 102 -104.58 84.46 4.16
CA ASP L 102 -103.21 84.09 3.78
C ASP L 102 -102.19 85.01 4.45
N VAL L 103 -102.21 86.29 4.08
CA VAL L 103 -101.38 87.34 4.69
C VAL L 103 -99.91 86.96 4.70
N PRO L 104 -99.21 87.00 3.56
CA PRO L 104 -97.76 86.71 3.58
C PRO L 104 -96.96 87.64 4.48
N THR L 105 -97.34 88.93 4.53
CA THR L 105 -96.81 89.91 5.48
C THR L 105 -95.28 89.99 5.44
N LYS L 106 -94.72 89.99 4.23
CA LYS L 106 -93.30 90.31 4.01
C LYS L 106 -92.37 89.38 4.79
N ARG L 107 -92.34 88.11 4.34
CA ARG L 107 -91.39 87.11 4.81
C ARG L 107 -90.02 87.72 4.99
N PRO L 108 -89.46 87.71 6.19
CA PRO L 108 -88.30 88.53 6.50
C PRO L 108 -87.05 87.98 5.85
N PRO L 109 -86.11 88.85 5.47
CA PRO L 109 -84.80 88.37 5.02
C PRO L 109 -84.10 87.61 6.14
N VAL L 110 -83.41 86.53 5.76
CA VAL L 110 -82.83 85.60 6.71
C VAL L 110 -81.42 85.25 6.27
N LEU L 111 -80.63 84.74 7.20
CA LEU L 111 -79.26 84.33 6.92
C LEU L 111 -79.26 82.89 6.42
N ARG L 112 -79.02 82.72 5.12
CA ARG L 112 -78.96 81.39 4.54
C ARG L 112 -77.70 80.68 5.00
N ALA L 113 -77.80 79.37 5.19
CA ALA L 113 -76.71 78.58 5.74
C ALA L 113 -76.63 77.24 5.04
N GLY L 114 -75.44 76.63 5.12
CA GLY L 114 -75.21 75.35 4.48
C GLY L 114 -74.41 75.48 3.22
N VAL L 115 -73.44 74.58 2.99
CA VAL L 115 -72.53 74.75 1.87
C VAL L 115 -73.26 74.60 0.54
N ASN L 116 -74.25 73.70 0.47
CA ASN L 116 -74.97 73.52 -0.78
C ASN L 116 -75.87 74.71 -1.08
N THR L 117 -76.58 75.22 -0.07
CA THR L 117 -77.42 76.39 -0.25
C THR L 117 -76.59 77.61 -0.66
N VAL L 118 -75.47 77.82 0.03
CA VAL L 118 -74.62 78.97 -0.27
C VAL L 118 -74.02 78.84 -1.66
N THR L 119 -73.59 77.63 -2.04
CA THR L 119 -73.05 77.42 -3.37
C THR L 119 -74.08 77.69 -4.45
N THR L 120 -75.32 77.23 -4.23
CA THR L 120 -76.38 77.48 -5.20
C THR L 120 -76.69 78.97 -5.32
N LEU L 121 -76.67 79.69 -4.19
CA LEU L 121 -76.91 81.12 -4.23
C LEU L 121 -75.79 81.86 -4.96
N VAL L 122 -74.55 81.43 -4.73
CA VAL L 122 -73.41 82.08 -5.38
C VAL L 122 -73.44 81.83 -6.88
N GLU L 123 -73.75 80.60 -7.30
CA GLU L 123 -73.83 80.30 -8.72
C GLU L 123 -74.93 81.09 -9.42
N ASN L 124 -76.00 81.41 -8.69
CA ASN L 124 -77.09 82.21 -9.24
C ASN L 124 -76.91 83.70 -9.01
N LYS L 125 -75.79 84.10 -8.40
CA LYS L 125 -75.52 85.50 -8.04
C LYS L 125 -76.62 86.11 -7.19
N LYS L 126 -77.17 85.31 -6.27
CA LYS L 126 -78.17 85.82 -5.33
C LYS L 126 -77.55 86.22 -4.00
N ALA L 127 -76.31 85.84 -3.75
CA ALA L 127 -75.65 86.17 -2.50
C ALA L 127 -75.06 87.56 -2.55
N GLN L 128 -75.11 88.27 -1.42
CA GLN L 128 -74.50 89.58 -1.29
C GLN L 128 -73.20 89.53 -0.49
N LEU L 129 -73.04 88.52 0.36
CA LEU L 129 -71.84 88.34 1.16
C LEU L 129 -71.80 86.90 1.64
N VAL L 130 -70.63 86.28 1.52
CA VAL L 130 -70.45 84.88 1.90
C VAL L 130 -69.39 84.83 3.00
N VAL L 131 -69.68 84.11 4.07
CA VAL L 131 -68.77 83.95 5.19
C VAL L 131 -68.42 82.47 5.29
N ILE L 132 -67.13 82.15 5.22
CA ILE L 132 -66.66 80.78 5.18
C ILE L 132 -65.88 80.49 6.45
N ALA L 133 -66.22 79.41 7.13
CA ALA L 133 -65.46 78.98 8.29
C ALA L 133 -64.09 78.46 7.85
N HIS L 134 -63.08 78.79 8.65
CA HIS L 134 -61.69 78.48 8.31
C HIS L 134 -61.25 77.08 8.75
N ASP L 135 -62.06 76.38 9.55
CA ASP L 135 -61.59 75.10 10.10
C ASP L 135 -62.52 73.95 9.74
N VAL L 136 -62.98 73.90 8.50
CA VAL L 136 -63.76 72.76 8.03
C VAL L 136 -62.80 71.57 7.89
N ASP L 137 -62.94 70.60 8.79
CA ASP L 137 -61.92 69.55 8.89
C ASP L 137 -61.81 68.68 7.65
N PRO L 138 -62.91 68.13 7.08
CA PRO L 138 -62.74 67.54 5.73
C PRO L 138 -62.64 68.67 4.71
N ILE L 139 -61.44 69.19 4.53
CA ILE L 139 -61.26 70.47 3.83
C ILE L 139 -61.25 70.14 2.35
N GLU L 140 -62.45 69.88 1.83
CA GLU L 140 -62.78 69.90 0.41
C GLU L 140 -64.13 70.53 0.18
N LEU L 141 -64.94 70.71 1.22
CA LEU L 141 -66.28 71.24 1.08
C LEU L 141 -66.28 72.73 0.76
N VAL L 142 -65.18 73.42 1.00
CA VAL L 142 -65.17 74.88 0.85
C VAL L 142 -63.98 75.37 0.04
N VAL L 143 -63.08 74.46 -0.36
CA VAL L 143 -61.87 74.91 -1.05
C VAL L 143 -62.19 75.54 -2.40
N PHE L 144 -63.29 75.13 -3.02
CA PHE L 144 -63.71 75.78 -4.27
C PHE L 144 -64.39 77.12 -4.01
N LEU L 145 -64.90 77.34 -2.80
CA LEU L 145 -65.76 78.50 -2.57
C LEU L 145 -65.09 79.86 -2.75
N PRO L 146 -63.86 80.12 -2.27
CA PRO L 146 -63.25 81.42 -2.58
C PRO L 146 -63.14 81.68 -4.07
N ALA L 147 -62.72 80.67 -4.84
CA ALA L 147 -62.58 80.83 -6.27
C ALA L 147 -63.93 81.05 -6.94
N LEU L 148 -64.95 80.32 -6.50
CA LEU L 148 -66.28 80.48 -7.07
C LEU L 148 -66.86 81.85 -6.75
N CYS L 149 -66.66 82.34 -5.52
CA CYS L 149 -67.14 83.65 -5.14
C CYS L 149 -66.42 84.75 -5.92
N ARG L 150 -65.10 84.59 -6.13
CA ARG L 150 -64.36 85.56 -6.92
C ARG L 150 -64.83 85.57 -8.37
N LYS L 151 -65.03 84.38 -8.96
CA LYS L 151 -65.41 84.32 -10.36
C LYS L 151 -66.83 84.85 -10.57
N MET L 152 -67.76 84.51 -9.66
CA MET L 152 -69.11 85.03 -9.78
C MET L 152 -69.26 86.44 -9.25
N GLY L 153 -68.23 86.98 -8.63
CA GLY L 153 -68.21 88.38 -8.23
C GLY L 153 -68.84 88.71 -6.90
N VAL L 154 -69.23 87.71 -6.12
CA VAL L 154 -69.82 87.98 -4.80
C VAL L 154 -68.69 88.12 -3.78
N PRO L 155 -68.72 89.13 -2.92
CA PRO L 155 -67.70 89.24 -1.89
C PRO L 155 -67.76 88.08 -0.91
N TYR L 156 -66.60 87.67 -0.43
CA TYR L 156 -66.50 86.56 0.51
C TYR L 156 -65.41 86.85 1.53
N CYS L 157 -65.65 86.43 2.77
CA CYS L 157 -64.66 86.54 3.82
C CYS L 157 -64.52 85.19 4.51
N ILE L 158 -63.39 85.01 5.19
CA ILE L 158 -63.11 83.81 5.96
C ILE L 158 -63.06 84.21 7.43
N ILE L 159 -63.81 83.50 8.27
CA ILE L 159 -63.93 83.84 9.67
C ILE L 159 -63.41 82.67 10.51
N LYS L 160 -62.96 83.00 11.72
CA LYS L 160 -62.43 81.99 12.64
C LYS L 160 -63.57 81.23 13.29
N GLY L 161 -63.55 79.91 13.15
CA GLY L 161 -64.44 79.07 13.91
C GLY L 161 -65.75 78.73 13.22
N LYS L 162 -65.94 77.45 12.91
CA LYS L 162 -67.23 76.97 12.46
C LYS L 162 -68.24 76.89 13.61
N ALA L 163 -67.76 76.90 14.85
CA ALA L 163 -68.66 76.86 16.00
C ALA L 163 -69.44 78.16 16.14
N ARG L 164 -68.80 79.29 15.85
CA ARG L 164 -69.52 80.57 15.89
C ARG L 164 -70.59 80.63 14.82
N LEU L 165 -70.28 80.17 13.60
CA LEU L 165 -71.29 80.11 12.54
C LEU L 165 -72.41 79.16 12.92
N GLY L 166 -72.08 78.05 13.59
CA GLY L 166 -73.11 77.17 14.09
C GLY L 166 -74.00 77.83 15.12
N ARG L 167 -73.41 78.59 16.04
CA ARG L 167 -74.21 79.29 17.04
C ARG L 167 -75.08 80.36 16.40
N LEU L 168 -74.67 80.88 15.24
CA LEU L 168 -75.52 81.80 14.50
C LEU L 168 -76.82 81.13 14.09
N VAL L 169 -76.73 79.88 13.64
CA VAL L 169 -77.88 79.16 13.09
C VAL L 169 -78.42 78.14 14.07
N HIS L 170 -78.11 78.27 15.37
CA HIS L 170 -78.61 77.37 16.42
C HIS L 170 -78.25 75.92 16.13
N ARG L 171 -77.02 75.68 15.71
CA ARG L 171 -76.52 74.33 15.50
C ARG L 171 -75.10 74.23 16.04
N LYS L 172 -74.55 73.02 16.02
CA LYS L 172 -73.19 72.84 16.51
C LYS L 172 -72.15 73.43 15.57
N THR L 173 -72.36 73.30 14.27
CA THR L 173 -71.35 73.66 13.29
C THR L 173 -72.04 74.09 12.01
N CYS L 174 -71.53 75.14 11.38
CA CYS L 174 -71.95 75.54 10.05
C CYS L 174 -70.72 75.91 9.24
N THR L 175 -70.63 75.38 8.02
CA THR L 175 -69.50 75.71 7.17
C THR L 175 -69.58 77.15 6.69
N THR L 176 -70.68 77.53 6.05
CA THR L 176 -70.82 78.85 5.47
C THR L 176 -72.18 79.43 5.78
N VAL L 177 -72.23 80.75 5.90
CA VAL L 177 -73.47 81.50 5.96
C VAL L 177 -73.43 82.55 4.86
N ALA L 178 -74.60 82.85 4.31
CA ALA L 178 -74.70 83.75 3.17
C ALA L 178 -75.66 84.88 3.49
N PHE L 179 -75.30 86.08 3.04
CA PHE L 179 -76.17 87.24 3.17
C PHE L 179 -76.88 87.46 1.84
N THR L 180 -78.18 87.18 1.82
CA THR L 180 -79.04 87.57 0.72
C THR L 180 -79.50 89.02 0.97
N GLN L 181 -80.55 89.46 0.29
CA GLN L 181 -81.11 90.79 0.49
C GLN L 181 -81.34 91.05 1.98
N VAL L 182 -81.23 92.32 2.36
CA VAL L 182 -81.13 92.72 3.77
C VAL L 182 -82.11 93.86 4.00
N ASN L 183 -82.46 94.08 5.26
CA ASN L 183 -83.33 95.18 5.61
C ASN L 183 -82.61 96.51 5.38
N SER L 184 -83.42 97.54 5.06
CA SER L 184 -82.88 98.81 4.60
C SER L 184 -82.03 99.49 5.66
N GLU L 185 -82.44 99.43 6.92
CA GLU L 185 -81.69 100.10 7.98
C GLU L 185 -80.34 99.44 8.26
N ASP L 186 -80.10 98.25 7.72
CA ASP L 186 -78.81 97.60 7.85
C ASP L 186 -78.02 97.59 6.55
N LYS L 187 -78.48 98.28 5.51
CA LYS L 187 -77.76 98.27 4.24
C LYS L 187 -76.42 99.00 4.34
N GLY L 188 -76.36 100.06 5.14
CA GLY L 188 -75.11 100.81 5.25
C GLY L 188 -73.98 100.00 5.89
N ALA L 189 -74.28 99.33 7.00
CA ALA L 189 -73.27 98.50 7.66
C ALA L 189 -72.87 97.34 6.77
N LEU L 190 -73.83 96.75 6.06
CA LEU L 190 -73.51 95.70 5.11
C LEU L 190 -72.61 96.21 4.00
N ALA L 191 -72.86 97.42 3.50
CA ALA L 191 -72.01 97.98 2.45
C ALA L 191 -70.60 98.23 2.97
N LYS L 192 -70.47 98.74 4.19
CA LYS L 192 -69.14 98.94 4.78
C LYS L 192 -68.39 97.61 4.89
N LEU L 193 -69.08 96.59 5.41
CA LEU L 193 -68.47 95.27 5.55
C LEU L 193 -68.08 94.71 4.18
N VAL L 194 -68.96 94.87 3.19
CA VAL L 194 -68.68 94.37 1.84
C VAL L 194 -67.45 95.05 1.26
N GLU L 195 -67.34 96.37 1.45
CA GLU L 195 -66.19 97.08 0.90
C GLU L 195 -64.89 96.60 1.54
N ALA L 196 -64.87 96.50 2.88
CA ALA L 196 -63.67 96.04 3.56
C ALA L 196 -63.31 94.61 3.19
N ILE L 197 -64.32 93.74 3.13
CA ILE L 197 -64.11 92.33 2.79
C ILE L 197 -63.64 92.17 1.35
N ARG L 198 -64.21 92.95 0.43
CA ARG L 198 -63.75 92.93 -0.95
C ARG L 198 -62.30 93.36 -1.04
N THR L 199 -61.94 94.42 -0.33
CA THR L 199 -60.55 94.87 -0.31
C THR L 199 -59.61 93.78 0.19
N ASN L 200 -60.00 93.09 1.27
CA ASN L 200 -59.11 92.09 1.84
C ASN L 200 -59.06 90.79 1.03
N TYR L 201 -60.15 90.43 0.34
CA TYR L 201 -60.24 89.11 -0.27
C TYR L 201 -60.39 89.15 -1.78
N ASN L 202 -61.40 89.85 -2.30
CA ASN L 202 -61.72 89.73 -3.72
C ASN L 202 -60.75 90.51 -4.59
N ASP L 203 -60.33 91.68 -4.13
CA ASP L 203 -59.41 92.50 -4.92
C ASP L 203 -58.02 91.89 -5.04
N ARG L 204 -57.55 91.19 -4.01
CA ARG L 204 -56.21 90.61 -4.04
C ARG L 204 -56.26 89.10 -4.18
N TYR L 205 -57.26 88.58 -4.90
CA TYR L 205 -57.34 87.13 -5.12
C TYR L 205 -56.17 86.61 -5.95
N ASP L 206 -55.55 87.47 -6.75
CA ASP L 206 -54.52 87.03 -7.67
C ASP L 206 -53.30 86.47 -6.94
N GLU L 207 -52.86 87.15 -5.88
CA GLU L 207 -51.73 86.64 -5.12
C GLU L 207 -52.13 85.74 -3.96
N ILE L 208 -53.42 85.66 -3.64
CA ILE L 208 -53.90 84.59 -2.76
C ILE L 208 -53.75 83.26 -3.47
N ARG L 209 -53.97 83.24 -4.78
CA ARG L 209 -53.77 82.04 -5.60
C ARG L 209 -52.34 81.52 -5.56
N ARG L 210 -51.37 82.38 -5.27
CA ARG L 210 -49.96 82.00 -5.34
C ARG L 210 -49.28 81.93 -3.98
N HIS L 211 -49.97 82.27 -2.90
CA HIS L 211 -49.33 82.34 -1.59
C HIS L 211 -49.30 80.94 -0.97
N TRP L 212 -48.18 80.25 -1.13
CA TRP L 212 -47.99 78.96 -0.48
C TRP L 212 -47.70 79.15 1.01
N GLY L 213 -48.23 78.25 1.83
CA GLY L 213 -48.05 78.31 3.26
C GLY L 213 -47.06 77.27 3.76
N GLY L 214 -46.95 77.23 5.08
CA GLY L 214 -46.06 76.27 5.72
C GLY L 214 -44.60 76.52 5.37
N ASN L 215 -43.87 75.43 5.15
CA ASN L 215 -42.45 75.47 4.79
C ASN L 215 -41.62 76.22 5.83
N VAL L 216 -41.90 75.95 7.10
CA VAL L 216 -41.20 76.57 8.22
C VAL L 216 -40.61 75.46 9.07
N LEU L 217 -39.31 75.57 9.37
CA LEU L 217 -38.65 74.59 10.22
C LEU L 217 -38.95 74.84 11.69
N GLY L 218 -38.54 73.90 12.53
CA GLY L 218 -38.72 74.02 13.95
C GLY L 218 -37.77 75.02 14.57
N PRO L 219 -38.10 75.48 15.79
CA PRO L 219 -37.22 76.44 16.47
C PRO L 219 -35.81 75.92 16.71
N LYS L 220 -35.65 74.62 16.99
CA LYS L 220 -34.32 74.07 17.18
C LYS L 220 -33.51 74.12 15.89
N SER L 221 -34.12 73.70 14.78
CA SER L 221 -33.42 73.71 13.50
C SER L 221 -33.12 75.13 13.04
N VAL L 222 -34.08 76.05 13.23
CA VAL L 222 -33.86 77.43 12.85
C VAL L 222 -32.75 78.05 13.69
N ALA L 223 -32.76 77.77 14.99
CA ALA L 223 -31.71 78.30 15.87
C ALA L 223 -30.34 77.74 15.49
N ARG L 224 -30.29 76.46 15.13
CA ARG L 224 -29.02 75.86 14.71
C ARG L 224 -28.51 76.48 13.42
N ILE L 225 -29.39 76.68 12.45
CA ILE L 225 -29.01 77.32 11.20
C ILE L 225 -28.54 78.75 11.45
N ALA L 226 -29.25 79.46 12.32
CA ALA L 226 -28.86 80.83 12.66
C ALA L 226 -27.52 80.87 13.36
N LYS L 227 -27.25 79.89 14.23
CA LYS L 227 -25.95 79.81 14.89
C LYS L 227 -24.83 79.59 13.87
N LEU L 228 -25.06 78.70 12.89
CA LEU L 228 -24.04 78.48 11.87
C LEU L 228 -23.81 79.72 11.02
N GLU L 229 -24.89 80.39 10.61
CA GLU L 229 -24.75 81.59 9.80
C GLU L 229 -24.07 82.71 10.59
N LYS L 230 -24.40 82.84 11.87
CA LYS L 230 -23.72 83.79 12.73
C LYS L 230 -22.24 83.47 12.87
N ALA L 231 -21.89 82.19 12.97
CA ALA L 231 -20.50 81.79 13.08
C ALA L 231 -19.71 82.16 11.83
N LYS L 232 -20.30 81.94 10.65
CA LYS L 232 -19.57 82.31 9.43
C LYS L 232 -19.57 83.83 9.22
N ALA L 233 -20.63 84.52 9.64
CA ALA L 233 -20.68 85.97 9.47
C ALA L 233 -19.71 86.69 10.39
N LYS L 234 -19.48 86.17 11.59
CA LYS L 234 -18.60 86.87 12.53
C LYS L 234 -17.13 86.77 12.10
N GLU L 235 -16.80 85.85 11.21
CA GLU L 235 -15.46 85.84 10.62
C GLU L 235 -15.42 86.52 9.26
N LEU L 236 -16.51 86.48 8.50
CA LEU L 236 -16.53 87.24 7.25
C LEU L 236 -16.59 88.74 7.49
N ALA L 237 -17.03 89.15 8.69
CA ALA L 237 -16.98 90.57 9.05
C ALA L 237 -15.55 91.01 9.34
N THR L 238 -14.75 90.14 9.96
CA THR L 238 -13.33 90.43 10.13
C THR L 238 -12.59 90.35 8.82
N LYS L 239 -13.05 89.49 7.90
CA LYS L 239 -12.46 89.43 6.57
C LYS L 239 -12.63 90.74 5.82
N LEU L 240 -13.83 91.32 5.86
CA LEU L 240 -14.07 92.59 5.19
C LEU L 240 -13.46 93.74 5.98
N GLY L 241 -12.93 94.71 5.26
CA GLY L 241 -12.25 95.83 5.86
C GLY L 241 -10.77 95.54 6.15
N MET M 1 -21.64 -78.63 -39.77
CA MET M 1 -21.74 -79.90 -40.49
C MET M 1 -21.89 -81.08 -39.54
N LYS M 2 -22.84 -81.95 -39.84
CA LYS M 2 -23.06 -83.18 -39.11
C LYS M 2 -22.49 -84.33 -39.94
N THR M 3 -21.47 -85.00 -39.39
CA THR M 3 -20.90 -86.15 -40.07
C THR M 3 -21.77 -87.38 -39.82
N ILE M 4 -22.08 -88.11 -40.89
CA ILE M 4 -23.02 -89.22 -40.80
C ILE M 4 -22.50 -90.29 -39.84
N LEU M 5 -21.25 -90.70 -40.03
CA LEU M 5 -20.66 -91.74 -39.20
C LEU M 5 -19.16 -91.48 -39.06
N SER M 6 -18.67 -91.54 -37.83
CA SER M 6 -17.24 -91.45 -37.54
C SER M 6 -16.93 -92.46 -36.45
N ASN M 7 -16.16 -93.49 -36.80
CA ASN M 7 -15.92 -94.59 -35.88
C ASN M 7 -14.43 -94.84 -35.74
N GLN M 8 -14.08 -95.67 -34.76
CA GLN M 8 -12.70 -96.06 -34.53
C GLN M 8 -12.72 -97.39 -33.80
N THR M 9 -11.79 -98.27 -34.16
CA THR M 9 -11.74 -99.64 -33.65
C THR M 9 -10.48 -99.81 -32.82
N VAL M 10 -10.63 -100.43 -31.65
CA VAL M 10 -9.52 -100.73 -30.75
C VAL M 10 -9.36 -102.24 -30.68
N ASP M 11 -8.16 -102.72 -31.00
CA ASP M 11 -7.86 -104.14 -30.91
C ASP M 11 -7.53 -104.51 -29.46
N ILE M 12 -8.10 -105.61 -29.00
CA ILE M 12 -7.95 -106.06 -27.62
C ILE M 12 -7.03 -107.27 -27.61
N PRO M 13 -6.01 -107.31 -26.77
CA PRO M 13 -5.12 -108.46 -26.71
C PRO M 13 -5.85 -109.73 -26.26
N GLU M 14 -5.21 -110.87 -26.54
CA GLU M 14 -5.87 -112.15 -26.37
C GLU M 14 -6.09 -112.52 -24.91
N ASN M 15 -5.16 -112.12 -24.02
CA ASN M 15 -5.26 -112.51 -22.62
C ASN M 15 -6.24 -111.68 -21.83
N VAL M 16 -6.69 -110.54 -22.36
CA VAL M 16 -7.57 -109.63 -21.65
C VAL M 16 -8.90 -109.57 -22.37
N ASP M 17 -9.98 -109.55 -21.59
CA ASP M 17 -11.34 -109.52 -22.12
C ASP M 17 -12.07 -108.28 -21.62
N ILE M 18 -13.02 -107.83 -22.44
CA ILE M 18 -13.76 -106.61 -22.16
C ILE M 18 -15.24 -106.94 -22.21
N THR M 19 -15.98 -106.51 -21.18
CA THR M 19 -17.42 -106.70 -21.10
C THR M 19 -18.09 -105.34 -21.09
N LEU M 20 -19.05 -105.15 -21.99
CA LEU M 20 -19.78 -103.90 -22.11
C LEU M 20 -21.10 -104.00 -21.36
N LYS M 21 -21.37 -103.01 -20.51
CA LYS M 21 -22.65 -102.89 -19.82
C LYS M 21 -23.18 -101.50 -20.13
N GLY M 22 -23.87 -101.39 -21.26
CA GLY M 22 -24.24 -100.08 -21.77
C GLY M 22 -23.00 -99.35 -22.25
N ARG M 23 -22.69 -98.21 -21.64
CA ARG M 23 -21.46 -97.48 -21.91
C ARG M 23 -20.45 -97.63 -20.79
N THR M 24 -20.54 -98.72 -20.01
CA THR M 24 -19.58 -99.03 -18.97
C THR M 24 -18.66 -100.13 -19.48
N VAL M 25 -17.37 -99.88 -19.46
CA VAL M 25 -16.37 -100.81 -19.96
C VAL M 25 -15.67 -101.46 -18.78
N ILE M 26 -15.81 -102.78 -18.67
CA ILE M 26 -15.15 -103.55 -17.63
C ILE M 26 -14.04 -104.35 -18.31
N VAL M 27 -12.80 -104.04 -17.96
CA VAL M 27 -11.63 -104.65 -18.58
C VAL M 27 -10.93 -105.49 -17.51
N LYS M 28 -10.91 -106.80 -17.71
CA LYS M 28 -10.30 -107.73 -16.77
C LYS M 28 -9.02 -108.28 -17.38
N GLY M 29 -7.88 -107.91 -16.81
CA GLY M 29 -6.60 -108.39 -17.28
C GLY M 29 -5.87 -109.18 -16.21
N PRO M 30 -4.66 -109.65 -16.53
CA PRO M 30 -3.91 -110.42 -15.54
C PRO M 30 -3.55 -109.65 -14.30
N ARG M 31 -3.50 -108.32 -14.37
CA ARG M 31 -3.11 -107.51 -13.22
C ARG M 31 -4.30 -107.06 -12.38
N GLY M 32 -5.51 -107.17 -12.89
CA GLY M 32 -6.67 -106.77 -12.10
C GLY M 32 -7.86 -106.48 -13.00
N THR M 33 -8.78 -105.68 -12.47
CA THR M 33 -9.97 -105.29 -13.21
C THR M 33 -10.14 -103.79 -13.13
N LEU M 34 -10.31 -103.15 -14.29
CA LEU M 34 -10.57 -101.72 -14.39
C LEU M 34 -11.96 -101.53 -14.96
N ARG M 35 -12.74 -100.66 -14.34
CA ARG M 35 -14.11 -100.40 -14.74
C ARG M 35 -14.33 -98.90 -14.84
N ARG M 36 -14.69 -98.45 -16.04
CA ARG M 36 -14.95 -97.03 -16.27
C ARG M 36 -16.16 -96.90 -17.19
N ASP M 37 -17.06 -95.99 -16.84
CA ASP M 37 -18.25 -95.76 -17.64
C ASP M 37 -18.14 -94.44 -18.41
N PHE M 38 -18.73 -94.42 -19.59
CA PHE M 38 -18.70 -93.26 -20.48
C PHE M 38 -20.10 -92.74 -20.75
N ASN M 39 -20.94 -92.75 -19.70
CA ASN M 39 -22.33 -92.33 -19.85
C ASN M 39 -22.47 -90.85 -20.17
N HIS M 40 -21.41 -90.07 -20.01
CA HIS M 40 -21.45 -88.65 -20.36
C HIS M 40 -21.25 -88.40 -21.85
N ILE M 41 -20.94 -89.43 -22.63
CA ILE M 41 -20.75 -89.32 -24.07
C ILE M 41 -21.74 -90.24 -24.76
N ASN M 42 -22.47 -89.70 -25.72
CA ASN M 42 -23.49 -90.46 -26.45
C ASN M 42 -22.83 -91.11 -27.67
N VAL M 43 -22.23 -92.27 -27.44
CA VAL M 43 -21.66 -93.09 -28.50
C VAL M 43 -22.22 -94.50 -28.37
N GLU M 44 -21.95 -95.31 -29.39
CA GLU M 44 -22.40 -96.70 -29.42
C GLU M 44 -21.17 -97.60 -29.36
N LEU M 45 -21.12 -98.43 -28.33
CA LEU M 45 -20.02 -99.36 -28.12
C LEU M 45 -20.47 -100.76 -28.46
N SER M 46 -19.59 -101.53 -29.10
CA SER M 46 -19.92 -102.89 -29.50
C SER M 46 -18.64 -103.70 -29.64
N LEU M 47 -18.73 -104.97 -29.28
CA LEU M 47 -17.67 -105.94 -29.49
C LEU M 47 -17.96 -106.71 -30.78
N LEU M 48 -16.95 -106.84 -31.63
CA LEU M 48 -17.17 -107.26 -33.00
C LEU M 48 -17.04 -108.77 -33.20
N GLY M 49 -15.87 -109.33 -32.86
CA GLY M 49 -15.57 -110.71 -33.16
C GLY M 49 -15.48 -111.59 -31.92
N LYS M 50 -15.50 -112.89 -32.17
CA LYS M 50 -15.20 -113.92 -31.18
C LYS M 50 -13.81 -114.50 -31.37
N LYS M 51 -12.99 -113.84 -32.19
CA LYS M 51 -11.71 -114.35 -32.68
C LYS M 51 -10.53 -113.46 -32.29
N LYS M 52 -10.65 -112.15 -32.53
CA LYS M 52 -9.59 -111.20 -32.28
C LYS M 52 -10.03 -110.05 -31.39
N LYS M 53 -11.32 -109.97 -31.07
CA LYS M 53 -11.87 -109.07 -30.05
C LYS M 53 -11.58 -107.60 -30.38
N ARG M 54 -12.23 -107.14 -31.44
CA ARG M 54 -12.22 -105.72 -31.77
C ARG M 54 -13.32 -105.01 -30.98
N LEU M 55 -13.09 -103.75 -30.66
CA LEU M 55 -14.08 -102.90 -30.02
C LEU M 55 -14.23 -101.63 -30.83
N ARG M 56 -15.45 -101.36 -31.30
CA ARG M 56 -15.72 -100.22 -32.17
C ARG M 56 -16.56 -99.19 -31.43
N VAL M 57 -16.14 -97.94 -31.50
CA VAL M 57 -16.88 -96.81 -30.95
C VAL M 57 -17.50 -96.05 -32.12
N ASP M 58 -18.82 -95.93 -32.11
CA ASP M 58 -19.55 -95.30 -33.21
C ASP M 58 -20.20 -94.01 -32.73
N LYS M 59 -20.09 -92.97 -33.55
CA LYS M 59 -20.80 -91.72 -33.33
C LYS M 59 -21.55 -91.38 -34.59
N TRP M 60 -22.87 -91.22 -34.47
CA TRP M 60 -23.75 -90.91 -35.60
C TRP M 60 -24.23 -89.48 -35.49
N TRP M 61 -24.13 -88.73 -36.59
CA TRP M 61 -24.67 -87.37 -36.70
C TRP M 61 -24.09 -86.44 -35.63
N GLY M 62 -22.78 -86.49 -35.46
CA GLY M 62 -22.10 -85.65 -34.49
C GLY M 62 -21.39 -84.47 -35.15
N ASN M 63 -21.42 -83.33 -34.48
CA ASN M 63 -20.64 -82.19 -34.93
C ASN M 63 -19.22 -82.31 -34.40
N ARG M 64 -18.40 -81.29 -34.65
CA ARG M 64 -16.95 -81.40 -34.44
C ARG M 64 -16.62 -81.68 -32.97
N LYS M 65 -17.30 -80.99 -32.06
CA LYS M 65 -16.99 -81.13 -30.64
C LYS M 65 -17.26 -82.55 -30.15
N GLU M 66 -18.36 -83.17 -30.58
CA GLU M 66 -18.64 -84.54 -30.18
C GLU M 66 -18.04 -85.57 -31.12
N LEU M 67 -17.50 -85.15 -32.27
CA LEU M 67 -16.61 -86.04 -33.02
C LEU M 67 -15.26 -86.16 -32.33
N ALA M 68 -14.88 -85.15 -31.55
CA ALA M 68 -13.63 -85.22 -30.82
C ALA M 68 -13.63 -86.31 -29.74
N THR M 69 -14.80 -86.78 -29.32
CA THR M 69 -14.89 -87.70 -28.19
C THR M 69 -14.56 -89.15 -28.53
N VAL M 70 -14.66 -89.54 -29.81
CA VAL M 70 -14.50 -90.95 -30.16
C VAL M 70 -13.09 -91.43 -29.86
N ARG M 71 -12.08 -90.69 -30.33
CA ARG M 71 -10.72 -91.12 -30.08
C ARG M 71 -10.34 -90.92 -28.62
N THR M 72 -11.00 -90.00 -27.92
CA THR M 72 -10.81 -89.88 -26.48
C THR M 72 -11.25 -91.16 -25.77
N ILE M 73 -12.43 -91.67 -26.12
CA ILE M 73 -12.91 -92.92 -25.52
C ILE M 73 -11.98 -94.06 -25.89
N CYS M 74 -11.54 -94.10 -27.15
CA CYS M 74 -10.65 -95.18 -27.58
C CYS M 74 -9.33 -95.14 -26.84
N SER M 75 -8.77 -93.95 -26.63
CA SER M 75 -7.52 -93.82 -25.88
C SER M 75 -7.71 -94.22 -24.43
N HIS M 76 -8.84 -93.86 -23.83
CA HIS M 76 -9.10 -94.27 -22.45
C HIS M 76 -9.21 -95.79 -22.34
N VAL M 77 -9.88 -96.43 -23.30
CA VAL M 77 -9.98 -97.89 -23.29
C VAL M 77 -8.62 -98.53 -23.47
N GLN M 78 -7.80 -97.99 -24.37
CA GLN M 78 -6.46 -98.51 -24.57
C GLN M 78 -5.61 -98.34 -23.31
N ASN M 79 -5.80 -97.24 -22.58
CA ASN M 79 -5.09 -97.07 -21.33
C ASN M 79 -5.55 -98.07 -20.28
N MET M 80 -6.84 -98.39 -20.26
CA MET M 80 -7.33 -99.43 -19.36
C MET M 80 -6.72 -100.78 -19.70
N ILE M 81 -6.64 -101.10 -20.99
CA ILE M 81 -6.01 -102.34 -21.43
C ILE M 81 -4.55 -102.38 -21.01
N LYS M 82 -3.85 -101.27 -21.22
CA LYS M 82 -2.43 -101.18 -20.85
C LYS M 82 -2.24 -101.36 -19.36
N GLY M 83 -3.11 -100.76 -18.55
CA GLY M 83 -2.99 -100.90 -17.11
C GLY M 83 -3.27 -102.31 -16.63
N VAL M 84 -4.31 -102.95 -17.16
CA VAL M 84 -4.61 -104.31 -16.70
C VAL M 84 -3.65 -105.34 -17.27
N THR M 85 -2.94 -105.02 -18.35
CA THR M 85 -1.96 -105.95 -18.90
C THR M 85 -0.55 -105.69 -18.37
N LEU M 86 -0.03 -104.49 -18.58
CA LEU M 86 1.33 -104.16 -18.15
C LEU M 86 1.40 -103.29 -16.91
N GLY M 87 0.35 -102.55 -16.59
CA GLY M 87 0.37 -101.63 -15.47
C GLY M 87 1.10 -100.34 -15.81
N PHE M 88 0.98 -99.39 -14.88
CA PHE M 88 1.56 -98.07 -15.05
C PHE M 88 2.58 -97.84 -13.94
N ARG M 89 3.76 -97.35 -14.31
CA ARG M 89 4.82 -97.06 -13.35
C ARG M 89 5.40 -95.70 -13.67
N TYR M 90 5.30 -94.77 -12.72
CA TYR M 90 5.84 -93.42 -12.85
C TYR M 90 7.03 -93.28 -11.92
N LYS M 91 8.15 -92.82 -12.45
CA LYS M 91 9.35 -92.61 -11.66
C LYS M 91 9.50 -91.11 -11.39
N MET M 92 9.55 -90.74 -10.12
CA MET M 92 9.72 -89.34 -9.73
C MET M 92 11.09 -89.17 -9.08
N ARG M 93 11.83 -88.17 -9.54
CA ARG M 93 13.12 -87.81 -8.96
C ARG M 93 12.96 -86.54 -8.15
N SER M 94 13.48 -86.57 -6.93
CA SER M 94 13.50 -85.40 -6.07
C SER M 94 14.82 -84.68 -6.26
N VAL M 95 14.75 -83.40 -6.61
CA VAL M 95 15.93 -82.59 -6.87
C VAL M 95 16.07 -81.56 -5.76
N TYR M 96 17.30 -81.29 -5.36
CA TYR M 96 17.55 -80.35 -4.29
C TYR M 96 18.93 -79.74 -4.46
N ALA M 97 19.07 -78.50 -4.00
CA ALA M 97 20.35 -77.81 -4.04
C ALA M 97 21.13 -77.97 -2.73
N HIS M 98 20.49 -77.64 -1.60
CA HIS M 98 21.14 -77.73 -0.30
C HIS M 98 20.50 -78.77 0.61
N PHE M 99 19.20 -78.65 0.87
CA PHE M 99 18.54 -79.53 1.83
C PHE M 99 18.04 -80.78 1.12
N PRO M 100 18.55 -81.96 1.45
CA PRO M 100 18.03 -83.19 0.83
C PRO M 100 16.60 -83.45 1.29
N ILE M 101 15.76 -83.86 0.35
CA ILE M 101 14.36 -84.16 0.63
C ILE M 101 14.28 -85.61 1.08
N ASN M 102 13.85 -85.81 2.32
CA ASN M 102 13.68 -87.15 2.88
C ASN M 102 12.24 -87.57 2.67
N VAL M 103 12.04 -88.73 2.05
CA VAL M 103 10.73 -89.27 1.77
C VAL M 103 10.60 -90.61 2.50
N VAL M 104 9.57 -90.72 3.33
CA VAL M 104 9.29 -91.95 4.06
C VAL M 104 7.93 -92.46 3.61
N ILE M 105 7.91 -93.69 3.12
CA ILE M 105 6.70 -94.30 2.57
C ILE M 105 6.00 -95.04 3.70
N GLN M 106 4.77 -94.65 3.99
CA GLN M 106 3.99 -95.25 5.06
C GLN M 106 3.17 -96.41 4.52
N GLU M 107 2.17 -96.85 5.31
CA GLU M 107 1.53 -98.15 5.15
C GLU M 107 1.15 -98.47 3.71
N ASN M 108 1.64 -99.62 3.23
CA ASN M 108 1.37 -100.16 1.90
C ASN M 108 1.52 -99.14 0.77
N GLY M 109 2.38 -98.14 0.95
CA GLY M 109 2.58 -97.14 -0.08
C GLY M 109 1.47 -96.13 -0.22
N SER M 110 0.48 -96.15 0.68
CA SER M 110 -0.67 -95.26 0.56
C SER M 110 -0.42 -93.87 1.11
N LEU M 111 0.63 -93.67 1.90
CA LEU M 111 0.94 -92.37 2.48
C LEU M 111 2.41 -92.05 2.26
N VAL M 112 2.66 -90.83 1.81
CA VAL M 112 4.02 -90.37 1.49
C VAL M 112 4.29 -89.12 2.31
N GLU M 113 5.40 -89.12 3.05
CA GLU M 113 5.79 -88.01 3.91
C GLU M 113 7.06 -87.36 3.37
N ILE M 114 7.02 -86.04 3.23
CA ILE M 114 8.17 -85.24 2.85
C ILE M 114 8.62 -84.46 4.07
N ARG M 115 9.88 -84.61 4.46
CA ARG M 115 10.36 -84.10 5.74
C ARG M 115 11.10 -82.77 5.62
N ASN M 116 12.19 -82.74 4.86
CA ASN M 116 13.12 -81.63 4.90
C ASN M 116 13.13 -80.85 3.58
N PHE M 117 11.95 -80.62 3.01
CA PHE M 117 11.85 -79.86 1.78
C PHE M 117 12.23 -78.41 2.04
N LEU M 118 13.30 -77.95 1.41
CA LEU M 118 13.82 -76.59 1.58
C LEU M 118 14.14 -76.28 3.04
N GLY M 119 14.42 -77.32 3.83
CA GLY M 119 14.86 -77.12 5.19
C GLY M 119 13.79 -76.68 6.16
N GLU M 120 12.53 -76.66 5.75
CA GLU M 120 11.47 -76.20 6.64
C GLU M 120 10.97 -77.35 7.49
N LYS M 121 10.45 -77.00 8.66
CA LYS M 121 10.03 -78.00 9.64
C LYS M 121 8.66 -78.58 9.36
N TYR M 122 7.91 -78.04 8.41
CA TYR M 122 6.61 -78.59 8.08
C TYR M 122 6.74 -79.95 7.42
N ILE M 123 5.87 -80.87 7.81
CA ILE M 123 5.86 -82.23 7.28
C ILE M 123 4.69 -82.34 6.31
N ARG M 124 4.99 -82.73 5.08
CA ARG M 124 3.98 -82.88 4.04
C ARG M 124 3.47 -84.31 4.05
N ARG M 125 2.17 -84.50 4.26
CA ARG M 125 1.54 -85.80 4.18
C ARG M 125 0.66 -85.82 2.93
N VAL M 126 1.03 -86.66 1.96
CA VAL M 126 0.31 -86.80 0.71
C VAL M 126 -0.24 -88.21 0.66
N ARG M 127 -1.55 -88.34 0.55
CA ARG M 127 -2.22 -89.63 0.55
C ARG M 127 -2.50 -90.05 -0.88
N MET M 128 -1.99 -91.23 -1.26
CA MET M 128 -2.16 -91.71 -2.62
C MET M 128 -3.62 -92.08 -2.89
N ARG M 129 -4.00 -91.99 -4.15
CA ARG M 129 -5.32 -92.44 -4.55
C ARG M 129 -5.42 -93.95 -4.38
N PRO M 130 -6.63 -94.48 -4.17
CA PRO M 130 -6.77 -95.92 -3.97
C PRO M 130 -6.30 -96.72 -5.18
N GLY M 131 -5.65 -97.84 -4.91
CA GLY M 131 -5.05 -98.64 -5.95
C GLY M 131 -3.70 -98.19 -6.43
N VAL M 132 -3.12 -97.17 -5.81
CA VAL M 132 -1.81 -96.65 -6.16
C VAL M 132 -0.86 -96.89 -4.99
N ALA M 133 0.25 -97.56 -5.27
CA ALA M 133 1.26 -97.85 -4.25
C ALA M 133 2.55 -97.14 -4.61
N CYS M 134 3.09 -96.39 -3.66
CA CYS M 134 4.35 -95.68 -3.84
C CYS M 134 5.47 -96.42 -3.10
N SER M 135 6.69 -96.24 -3.59
CA SER M 135 7.84 -96.87 -2.97
C SER M 135 9.10 -96.10 -3.34
N VAL M 136 10.14 -96.28 -2.53
CA VAL M 136 11.44 -95.66 -2.78
C VAL M 136 12.30 -96.66 -3.53
N SER M 137 12.80 -96.24 -4.69
CA SER M 137 13.56 -97.13 -5.55
C SER M 137 14.87 -97.57 -4.90
N GLN M 138 15.28 -98.80 -5.16
CA GLN M 138 16.55 -99.31 -4.72
C GLN M 138 17.68 -99.07 -5.72
N ALA M 139 17.35 -98.61 -6.92
CA ALA M 139 18.36 -98.36 -7.95
C ALA M 139 18.93 -96.95 -7.90
N GLN M 140 18.07 -95.94 -7.75
CA GLN M 140 18.49 -94.55 -7.70
C GLN M 140 18.38 -94.02 -6.28
N LYS M 141 19.20 -93.03 -5.96
CA LYS M 141 19.28 -92.55 -4.59
C LYS M 141 18.07 -91.69 -4.22
N ASP M 142 17.57 -90.89 -5.16
CA ASP M 142 16.42 -90.03 -4.93
C ASP M 142 15.38 -90.33 -6.01
N GLU M 143 14.55 -91.34 -5.77
CA GLU M 143 13.60 -91.77 -6.78
C GLU M 143 12.39 -92.41 -6.11
N LEU M 144 11.20 -91.95 -6.49
CA LEU M 144 9.94 -92.53 -6.05
C LEU M 144 9.32 -93.31 -7.20
N ILE M 145 8.86 -94.53 -6.89
CA ILE M 145 8.21 -95.39 -7.87
C ILE M 145 6.74 -95.50 -7.49
N LEU M 146 5.87 -95.01 -8.37
CA LEU M 146 4.43 -95.12 -8.20
C LEU M 146 3.92 -96.15 -9.21
N GLU M 147 3.22 -97.16 -8.71
CA GLU M 147 2.76 -98.27 -9.55
C GLU M 147 1.27 -98.50 -9.32
N GLY M 148 0.54 -98.68 -10.40
CA GLY M 148 -0.87 -98.92 -10.30
C GLY M 148 -1.46 -99.29 -11.65
N ASN M 149 -2.76 -99.53 -11.65
CA ASN M 149 -3.45 -100.00 -12.84
C ASN M 149 -4.13 -98.89 -13.64
N ASP M 150 -4.70 -97.89 -12.97
CA ASP M 150 -5.40 -96.81 -13.66
C ASP M 150 -4.42 -95.68 -13.89
N ILE M 151 -4.33 -95.23 -15.14
CA ILE M 151 -3.36 -94.19 -15.49
C ILE M 151 -3.70 -92.88 -14.79
N GLU M 152 -5.00 -92.53 -14.74
CA GLU M 152 -5.40 -91.27 -14.13
C GLU M 152 -5.06 -91.25 -12.64
N LEU M 153 -5.28 -92.37 -11.95
CA LEU M 153 -4.99 -92.40 -10.52
C LEU M 153 -3.50 -92.27 -10.24
N VAL M 154 -2.68 -93.00 -10.99
CA VAL M 154 -1.22 -92.95 -10.77
C VAL M 154 -0.68 -91.58 -11.10
N SER M 155 -1.09 -91.03 -12.24
CA SER M 155 -0.61 -89.71 -12.64
C SER M 155 -1.13 -88.62 -11.71
N ASN M 156 -2.33 -88.77 -11.16
CA ASN M 156 -2.84 -87.79 -10.21
C ASN M 156 -2.12 -87.87 -8.89
N SER M 157 -1.76 -89.08 -8.44
CA SER M 157 -0.95 -89.20 -7.24
C SER M 157 0.42 -88.57 -7.44
N ALA M 158 1.01 -88.79 -8.62
CA ALA M 158 2.28 -88.15 -8.95
C ALA M 158 2.14 -86.63 -8.96
N ALA M 159 1.03 -86.13 -9.49
CA ALA M 159 0.79 -84.69 -9.49
C ALA M 159 0.64 -84.14 -8.07
N LEU M 160 -0.03 -84.89 -7.20
CA LEU M 160 -0.14 -84.48 -5.80
C LEU M 160 1.22 -84.41 -5.14
N ILE M 161 2.05 -85.43 -5.34
CA ILE M 161 3.40 -85.41 -4.77
C ILE M 161 4.20 -84.23 -5.32
N GLN M 162 4.11 -83.99 -6.62
CA GLN M 162 4.85 -82.91 -7.25
C GLN M 162 4.41 -81.55 -6.73
N GLN M 163 3.11 -81.35 -6.58
CA GLN M 163 2.59 -80.04 -6.23
C GLN M 163 2.58 -79.80 -4.72
N ALA M 164 2.81 -80.84 -3.92
CA ALA M 164 3.01 -80.61 -2.49
C ALA M 164 4.33 -79.90 -2.24
N THR M 165 5.36 -80.21 -3.02
CA THR M 165 6.69 -79.60 -2.87
C THR M 165 6.81 -78.40 -3.80
N THR M 166 6.11 -77.33 -3.44
CA THR M 166 6.08 -76.12 -4.24
C THR M 166 6.77 -75.00 -3.48
N VAL M 167 7.72 -74.34 -4.13
CA VAL M 167 8.45 -73.22 -3.54
C VAL M 167 7.58 -71.97 -3.64
N LYS M 168 7.49 -71.22 -2.55
CA LYS M 168 6.64 -70.05 -2.48
C LYS M 168 7.45 -68.83 -2.09
N ASN M 169 7.07 -67.67 -2.65
CA ASN M 169 7.70 -66.38 -2.40
C ASN M 169 9.17 -66.37 -2.78
N LYS M 170 9.57 -67.19 -3.75
CA LYS M 170 10.94 -67.24 -4.23
C LYS M 170 10.96 -67.30 -5.74
N ASP M 171 12.11 -66.97 -6.32
CA ASP M 171 12.31 -67.13 -7.75
C ASP M 171 12.39 -68.62 -8.07
N ILE M 172 11.29 -69.19 -8.57
CA ILE M 172 11.25 -70.61 -8.84
C ILE M 172 12.18 -71.00 -9.99
N ARG M 173 12.60 -70.04 -10.81
CA ARG M 173 13.60 -70.33 -11.82
C ARG M 173 14.98 -70.56 -11.21
N LYS M 174 15.17 -70.15 -9.97
CA LYS M 174 16.42 -70.35 -9.24
C LYS M 174 16.30 -71.41 -8.16
N PHE M 175 15.20 -71.43 -7.43
CA PHE M 175 14.93 -72.47 -6.44
C PHE M 175 14.15 -73.58 -7.13
N LEU M 176 14.90 -74.52 -7.70
CA LEU M 176 14.34 -75.61 -8.50
C LEU M 176 13.95 -76.82 -7.66
N ASP M 177 14.01 -76.71 -6.34
CA ASP M 177 13.82 -77.86 -5.48
C ASP M 177 12.41 -78.42 -5.60
N GLY M 178 12.29 -79.74 -5.47
CA GLY M 178 11.00 -80.39 -5.51
C GLY M 178 11.14 -81.81 -6.02
N ILE M 179 10.00 -82.48 -6.14
CA ILE M 179 9.90 -83.83 -6.67
C ILE M 179 9.16 -83.75 -7.99
N TYR M 180 9.79 -84.23 -9.06
CA TYR M 180 9.24 -84.11 -10.40
C TYR M 180 9.18 -85.48 -11.06
N VAL M 181 8.16 -85.68 -11.87
CA VAL M 181 7.97 -86.94 -12.59
C VAL M 181 9.05 -87.06 -13.64
N SER M 182 10.00 -87.98 -13.43
CA SER M 182 11.11 -88.14 -14.36
C SER M 182 10.67 -88.83 -15.64
N GLU M 183 9.87 -89.88 -15.53
CA GLU M 183 9.45 -90.63 -16.70
C GLU M 183 8.16 -91.38 -16.39
N LYS M 184 7.42 -91.68 -17.46
CA LYS M 184 6.18 -92.43 -17.37
C LYS M 184 6.35 -93.74 -18.12
N GLY M 185 6.22 -94.85 -17.42
CA GLY M 185 6.44 -96.14 -18.04
C GLY M 185 5.46 -97.17 -17.52
N THR M 186 5.84 -98.43 -17.69
CA THR M 186 5.00 -99.55 -17.32
C THR M 186 5.74 -100.49 -16.39
N VAL M 187 5.01 -101.45 -15.85
CA VAL M 187 5.56 -102.55 -15.10
C VAL M 187 5.70 -103.72 -16.06
N GLN M 188 6.67 -104.61 -15.78
CA GLN M 188 6.89 -105.88 -16.46
C GLN M 188 7.50 -105.69 -17.85
N GLN M 189 7.57 -104.44 -18.32
CA GLN M 189 8.32 -104.06 -19.52
C GLN M 189 7.98 -104.92 -20.74
N ALA M 190 6.73 -105.35 -20.85
CA ALA M 190 6.35 -106.23 -21.94
C ALA M 190 5.62 -105.44 -23.04
N GLY N 1 -2.92 -29.85 -26.60
CA GLY N 1 -4.17 -29.15 -26.33
C GLY N 1 -5.23 -29.44 -27.37
N ARG N 2 -4.96 -30.43 -28.22
CA ARG N 2 -5.89 -30.82 -29.26
C ARG N 2 -7.01 -31.68 -28.68
N ARG N 3 -8.22 -31.46 -29.18
CA ARG N 3 -9.36 -32.26 -28.77
C ARG N 3 -9.21 -33.68 -29.30
N PRO N 4 -9.85 -34.65 -28.64
CA PRO N 4 -9.90 -36.01 -29.21
C PRO N 4 -10.57 -35.99 -30.56
N ALA N 5 -10.08 -36.85 -31.46
CA ALA N 5 -10.58 -36.86 -32.83
C ALA N 5 -12.02 -37.34 -32.95
N ARG N 6 -12.59 -37.91 -31.89
CA ARG N 6 -13.99 -38.31 -31.91
C ARG N 6 -14.93 -37.10 -31.99
N CYS N 7 -14.47 -35.93 -31.58
CA CYS N 7 -15.31 -34.73 -31.63
C CYS N 7 -15.45 -34.16 -33.03
N TYR N 8 -14.55 -34.49 -33.95
CA TYR N 8 -14.61 -34.01 -35.32
C TYR N 8 -14.57 -35.16 -36.33
N ARG N 9 -15.19 -36.28 -36.01
CA ARG N 9 -15.09 -37.45 -36.87
C ARG N 9 -16.03 -37.34 -38.07
N TYR N 10 -17.26 -36.92 -37.84
CA TYR N 10 -18.30 -36.96 -38.86
C TYR N 10 -18.34 -35.67 -39.65
N CYS N 11 -18.72 -35.79 -40.92
CA CYS N 11 -18.89 -34.63 -41.79
C CYS N 11 -20.25 -34.02 -41.49
N LYS N 12 -20.28 -33.20 -40.43
CA LYS N 12 -21.53 -32.62 -39.98
C LYS N 12 -21.79 -31.24 -40.55
N ASN N 13 -20.73 -30.51 -40.90
CA ASN N 13 -20.86 -29.15 -41.42
C ASN N 13 -20.67 -29.16 -42.94
N LYS N 14 -20.96 -28.01 -43.54
CA LYS N 14 -20.61 -27.80 -44.93
C LYS N 14 -19.11 -27.63 -45.06
N PRO N 15 -18.54 -27.90 -46.23
CA PRO N 15 -17.11 -27.72 -46.41
C PRO N 15 -16.69 -26.28 -46.12
N TYR N 16 -15.59 -26.15 -45.38
CA TYR N 16 -15.15 -24.87 -44.82
C TYR N 16 -13.70 -24.64 -45.20
N PRO N 17 -13.43 -24.32 -46.45
CA PRO N 17 -12.04 -24.21 -46.91
C PRO N 17 -11.36 -22.96 -46.35
N LYS N 18 -10.04 -23.01 -46.33
CA LYS N 18 -9.25 -21.83 -46.00
C LYS N 18 -9.31 -20.87 -47.18
N SER N 19 -10.12 -19.82 -47.04
CA SER N 19 -10.36 -18.89 -48.13
C SER N 19 -10.22 -17.47 -47.61
N ARG N 20 -10.62 -16.49 -48.42
CA ARG N 20 -10.57 -15.11 -48.00
C ARG N 20 -11.56 -14.78 -46.90
N PHE N 21 -12.51 -15.68 -46.63
CA PHE N 21 -13.44 -15.50 -45.51
C PHE N 21 -12.93 -16.18 -44.25
N CYS N 22 -12.30 -17.35 -44.39
CA CYS N 22 -11.76 -18.09 -43.26
C CYS N 22 -10.27 -17.79 -43.17
N ARG N 23 -9.92 -16.83 -42.31
CA ARG N 23 -8.53 -16.45 -42.10
C ARG N 23 -8.08 -16.87 -40.70
N GLY N 24 -6.77 -16.89 -40.51
CA GLY N 24 -6.21 -17.33 -39.25
C GLY N 24 -6.18 -18.83 -39.09
N VAL N 25 -6.00 -19.58 -40.17
CA VAL N 25 -5.98 -21.03 -40.09
C VAL N 25 -4.55 -21.49 -39.83
N PRO N 26 -4.30 -22.25 -38.76
CA PRO N 26 -2.97 -22.82 -38.56
C PRO N 26 -2.62 -23.80 -39.67
N ASP N 27 -1.33 -23.87 -39.99
CA ASP N 27 -0.87 -24.72 -41.07
C ASP N 27 -1.12 -26.19 -40.74
N ALA N 28 -1.42 -26.96 -41.78
CA ALA N 28 -1.75 -28.37 -41.60
C ALA N 28 -0.53 -29.15 -41.13
N LYS N 29 -0.80 -30.24 -40.39
CA LYS N 29 0.28 -31.07 -39.88
C LYS N 29 1.07 -31.73 -41.00
N ILE N 30 0.39 -32.17 -42.07
CA ILE N 30 1.03 -32.88 -43.16
C ILE N 30 1.40 -31.89 -44.24
N ARG N 31 2.68 -31.87 -44.62
CA ARG N 31 3.18 -31.02 -45.68
C ARG N 31 3.73 -31.78 -46.87
N ILE N 32 4.14 -33.03 -46.68
CA ILE N 32 4.73 -33.85 -47.73
C ILE N 32 3.74 -34.95 -48.07
N PHE N 33 3.44 -35.09 -49.36
CA PHE N 33 2.45 -36.05 -49.81
C PHE N 33 3.03 -37.16 -50.67
N ASP N 34 4.28 -37.05 -51.12
CA ASP N 34 4.92 -38.08 -51.92
C ASP N 34 6.27 -38.42 -51.30
N LEU N 35 6.55 -39.70 -51.12
CA LEU N 35 7.79 -40.17 -50.53
C LEU N 35 8.32 -41.35 -51.34
N GLY N 36 9.47 -41.86 -50.94
CA GLY N 36 10.13 -42.88 -51.70
C GLY N 36 10.79 -42.30 -52.94
N ARG N 37 10.99 -43.16 -53.93
CA ARG N 37 11.58 -42.73 -55.19
C ARG N 37 10.47 -42.15 -56.07
N LYS N 38 10.21 -40.86 -55.88
CA LYS N 38 9.23 -40.16 -56.70
C LYS N 38 9.67 -40.04 -58.15
N LYS N 39 10.98 -39.99 -58.40
CA LYS N 39 11.51 -39.86 -59.74
C LYS N 39 11.49 -41.16 -60.54
N ALA N 40 10.98 -42.24 -59.95
CA ALA N 40 10.96 -43.53 -60.64
C ALA N 40 10.05 -43.47 -61.86
N LYS N 41 10.48 -44.13 -62.93
CA LYS N 41 9.70 -44.17 -64.16
C LYS N 41 8.48 -45.07 -63.97
N VAL N 42 7.61 -45.08 -64.99
CA VAL N 42 6.35 -45.79 -64.87
C VAL N 42 6.57 -47.29 -64.88
N ASP N 43 7.42 -47.78 -65.77
CA ASP N 43 7.67 -49.21 -65.88
C ASP N 43 8.46 -49.78 -64.71
N GLU N 44 9.07 -48.92 -63.90
CA GLU N 44 9.87 -49.41 -62.77
C GLU N 44 9.00 -50.03 -61.70
N PHE N 45 7.83 -49.45 -61.44
CA PHE N 45 6.94 -49.86 -60.35
C PHE N 45 5.60 -50.27 -60.94
N PRO N 46 5.45 -51.52 -61.37
CA PRO N 46 4.18 -51.93 -61.99
C PRO N 46 3.05 -52.12 -61.00
N LEU N 47 3.32 -52.68 -59.82
CA LEU N 47 2.28 -52.96 -58.84
C LEU N 47 1.86 -51.67 -58.14
N GLY N 48 0.56 -51.51 -57.93
CA GLY N 48 0.05 -50.37 -57.19
C GLY N 48 -1.06 -50.77 -56.25
N GLY N 49 -0.89 -50.48 -54.96
CA GLY N 49 -1.86 -50.88 -53.97
C GLY N 49 -2.47 -49.71 -53.20
N HIS N 50 -3.79 -49.62 -53.20
CA HIS N 50 -4.49 -48.54 -52.54
C HIS N 50 -4.99 -48.98 -51.16
N MET N 51 -5.25 -47.99 -50.32
CA MET N 51 -5.93 -48.20 -49.05
C MET N 51 -7.18 -47.35 -49.05
N VAL N 52 -8.34 -47.99 -48.98
CA VAL N 52 -9.62 -47.39 -49.34
C VAL N 52 -10.50 -47.32 -48.11
N SER N 53 -11.09 -46.15 -47.87
CA SER N 53 -11.99 -45.97 -46.75
C SER N 53 -13.34 -46.65 -47.01
N ASP N 54 -13.99 -47.04 -45.92
CA ASP N 54 -15.32 -47.62 -45.98
C ASP N 54 -16.37 -46.76 -45.30
N GLU N 55 -15.99 -45.61 -44.75
CA GLU N 55 -16.91 -44.74 -44.05
C GLU N 55 -16.76 -43.31 -44.56
N TYR N 56 -17.89 -42.64 -44.69
CA TYR N 56 -17.91 -41.21 -44.99
C TYR N 56 -17.65 -40.48 -43.68
N GLU N 57 -16.45 -39.90 -43.56
CA GLU N 57 -16.02 -39.30 -42.31
C GLU N 57 -14.93 -38.29 -42.58
N GLN N 58 -14.36 -37.73 -41.51
CA GLN N 58 -13.28 -36.76 -41.59
C GLN N 58 -12.01 -37.37 -41.02
N LEU N 59 -10.93 -37.31 -41.80
CA LEU N 59 -9.62 -37.72 -41.34
C LEU N 59 -8.78 -36.48 -41.08
N SER N 60 -8.24 -36.38 -39.88
CA SER N 60 -7.48 -35.19 -39.52
C SER N 60 -6.12 -35.19 -40.22
N SER N 61 -5.52 -34.00 -40.29
CA SER N 61 -4.21 -33.87 -40.91
C SER N 61 -3.15 -34.61 -40.11
N GLU N 62 -3.23 -34.57 -38.78
CA GLU N 62 -2.28 -35.28 -37.94
C GLU N 62 -2.37 -36.79 -38.16
N ALA N 63 -3.58 -37.30 -38.35
CA ALA N 63 -3.75 -38.72 -38.62
C ALA N 63 -3.10 -39.12 -39.94
N LEU N 64 -3.26 -38.28 -40.96
CA LEU N 64 -2.61 -38.54 -42.25
C LEU N 64 -1.10 -38.51 -42.10
N GLU N 65 -0.57 -37.55 -41.35
CA GLU N 65 0.87 -37.47 -41.11
C GLU N 65 1.38 -38.71 -40.39
N ALA N 66 0.67 -39.16 -39.37
CA ALA N 66 1.09 -40.34 -38.62
C ALA N 66 1.06 -41.60 -39.49
N ALA N 67 -0.01 -41.78 -40.27
CA ALA N 67 -0.09 -42.95 -41.13
C ALA N 67 0.98 -42.93 -42.20
N ARG N 68 1.24 -41.74 -42.77
CA ARG N 68 2.29 -41.61 -43.78
C ARG N 68 3.65 -41.94 -43.20
N ILE N 69 3.94 -41.47 -41.99
CA ILE N 69 5.22 -41.77 -41.34
C ILE N 69 5.36 -43.27 -41.08
N CYS N 70 4.29 -43.90 -40.58
CA CYS N 70 4.35 -45.32 -40.28
C CYS N 70 4.58 -46.15 -41.54
N ALA N 71 3.84 -45.83 -42.61
CA ALA N 71 4.01 -46.56 -43.86
C ALA N 71 5.39 -46.33 -44.44
N ASN N 72 5.91 -45.10 -44.33
CA ASN N 72 7.25 -44.82 -44.83
C ASN N 72 8.29 -45.63 -44.08
N LYS N 73 8.18 -45.69 -42.76
CA LYS N 73 9.16 -46.44 -41.98
C LYS N 73 9.12 -47.92 -42.33
N TYR N 74 7.92 -48.50 -42.45
CA TYR N 74 7.85 -49.93 -42.78
C TYR N 74 8.36 -50.19 -44.18
N MET N 75 8.02 -49.34 -45.14
CA MET N 75 8.48 -49.54 -46.51
C MET N 75 10.00 -49.41 -46.61
N VAL N 76 10.58 -48.44 -45.89
CA VAL N 76 12.04 -48.30 -45.88
C VAL N 76 12.69 -49.52 -45.25
N LYS N 77 12.10 -50.05 -44.17
CA LYS N 77 12.65 -51.24 -43.55
C LYS N 77 12.59 -52.44 -44.49
N SER N 78 11.47 -52.61 -45.21
CA SER N 78 11.25 -53.82 -45.97
C SER N 78 11.86 -53.76 -47.37
N CYS N 79 11.41 -52.82 -48.19
CA CYS N 79 11.78 -52.77 -49.59
C CYS N 79 12.97 -51.86 -49.88
N GLY N 80 13.55 -51.24 -48.86
CA GLY N 80 14.60 -50.29 -49.07
C GLY N 80 14.07 -48.88 -49.34
N ARG N 81 14.96 -47.90 -49.18
CA ARG N 81 14.55 -46.51 -49.27
C ARG N 81 14.17 -46.08 -50.69
N ASP N 82 14.54 -46.85 -51.71
CA ASP N 82 14.31 -46.48 -53.09
C ASP N 82 13.47 -47.49 -53.85
N GLY N 83 12.90 -48.47 -53.17
CA GLY N 83 12.12 -49.51 -53.80
C GLY N 83 10.63 -49.25 -53.87
N PHE N 84 10.18 -48.04 -53.59
CA PHE N 84 8.75 -47.77 -53.52
C PHE N 84 8.51 -46.29 -53.75
N HIS N 85 7.24 -45.97 -54.00
CA HIS N 85 6.78 -44.59 -54.08
C HIS N 85 5.40 -44.52 -53.49
N MET N 86 5.22 -43.68 -52.47
CA MET N 86 3.93 -43.52 -51.81
C MET N 86 3.33 -42.19 -52.18
N ARG N 87 2.00 -42.15 -52.19
CA ARG N 87 1.28 -40.91 -52.45
C ARG N 87 0.04 -40.85 -51.56
N VAL N 88 0.01 -39.88 -50.66
CA VAL N 88 -1.15 -39.64 -49.82
C VAL N 88 -2.20 -38.95 -50.68
N ARG N 89 -3.39 -39.56 -50.77
CA ARG N 89 -4.39 -39.17 -51.74
C ARG N 89 -5.44 -38.23 -51.16
N LEU N 90 -5.20 -37.68 -49.97
CA LEU N 90 -6.14 -36.80 -49.29
C LEU N 90 -5.43 -35.52 -48.88
N HIS N 91 -6.11 -34.39 -49.00
CA HIS N 91 -5.56 -33.11 -48.63
C HIS N 91 -6.47 -32.43 -47.64
N PRO N 92 -5.95 -31.92 -46.53
CA PRO N 92 -6.80 -31.33 -45.47
C PRO N 92 -7.30 -29.92 -45.83
N PHE N 93 -8.38 -29.89 -46.62
CA PHE N 93 -8.93 -28.62 -47.10
C PHE N 93 -10.09 -28.12 -46.27
N HIS N 94 -10.58 -28.89 -45.31
CA HIS N 94 -11.74 -28.51 -44.52
C HIS N 94 -11.27 -28.10 -43.13
N VAL N 95 -11.69 -26.92 -42.69
CA VAL N 95 -11.23 -26.36 -41.43
C VAL N 95 -12.27 -26.63 -40.35
N ILE N 96 -11.82 -27.14 -39.21
CA ILE N 96 -12.67 -27.38 -38.05
C ILE N 96 -12.51 -26.22 -37.09
N ARG N 97 -13.57 -25.91 -36.34
CA ARG N 97 -13.60 -24.74 -35.47
C ARG N 97 -13.78 -25.16 -34.02
N ILE N 98 -13.30 -24.31 -33.12
CA ILE N 98 -13.41 -24.54 -31.68
C ILE N 98 -13.97 -23.29 -31.02
N ASN N 99 -15.01 -23.46 -30.21
CA ASN N 99 -15.56 -22.39 -29.38
C ASN N 99 -14.92 -22.57 -28.00
N LYS N 100 -13.79 -21.90 -27.79
CA LYS N 100 -12.98 -22.15 -26.61
C LYS N 100 -13.64 -21.60 -25.36
N MET N 101 -13.66 -22.39 -24.30
CA MET N 101 -14.18 -22.00 -23.01
C MET N 101 -13.05 -21.90 -22.00
N LEU N 102 -13.23 -21.04 -21.01
CA LEU N 102 -12.23 -20.90 -19.96
C LEU N 102 -12.28 -22.12 -19.05
N SER N 103 -11.16 -22.84 -18.98
CA SER N 103 -11.06 -24.05 -18.17
C SER N 103 -10.61 -23.74 -16.76
N CYS N 104 -11.37 -22.90 -16.06
CA CYS N 104 -11.11 -22.54 -14.68
C CYS N 104 -12.39 -22.73 -13.86
N ALA N 105 -12.33 -22.35 -12.59
CA ALA N 105 -13.47 -22.47 -11.69
C ALA N 105 -14.27 -21.16 -11.68
N GLY N 106 -14.82 -20.83 -12.85
CA GLY N 106 -15.65 -19.64 -12.96
C GLY N 106 -16.39 -19.51 -14.28
N ALA N 107 -17.69 -19.25 -14.19
CA ALA N 107 -18.50 -18.93 -15.36
C ALA N 107 -18.87 -17.46 -15.44
N ASP N 108 -18.86 -16.76 -14.30
CA ASP N 108 -19.09 -15.32 -14.30
C ASP N 108 -18.02 -14.56 -15.06
N ARG N 109 -16.83 -15.14 -15.19
CA ARG N 109 -15.71 -14.50 -15.87
C ARG N 109 -15.96 -14.52 -17.37
N LEU N 110 -16.88 -13.65 -17.81
CA LEU N 110 -17.14 -13.33 -19.22
C LEU N 110 -17.24 -14.56 -20.11
N GLN N 111 -17.67 -15.69 -19.54
CA GLN N 111 -17.77 -16.92 -20.32
C GLN N 111 -18.83 -16.80 -21.41
N THR N 112 -19.96 -16.17 -21.07
CA THR N 112 -21.08 -15.84 -21.96
C THR N 112 -21.80 -17.10 -22.44
N GLY N 113 -21.30 -18.27 -22.07
CA GLY N 113 -21.93 -19.51 -22.47
C GLY N 113 -21.94 -19.69 -23.97
N MET N 114 -23.13 -19.90 -24.52
CA MET N 114 -23.31 -20.17 -25.94
C MET N 114 -23.51 -18.91 -26.76
N ARG N 115 -23.42 -17.73 -26.14
CA ARG N 115 -23.58 -16.48 -26.87
C ARG N 115 -22.35 -16.23 -27.74
N GLY N 116 -22.57 -15.88 -29.01
CA GLY N 116 -21.47 -15.66 -29.93
C GLY N 116 -20.64 -16.91 -30.11
N ALA N 117 -21.32 -18.03 -30.35
CA ALA N 117 -20.70 -19.35 -30.26
C ALA N 117 -19.83 -19.71 -31.46
N PHE N 118 -19.87 -18.95 -32.55
CA PHE N 118 -19.09 -19.31 -33.73
C PHE N 118 -17.60 -19.31 -33.41
N GLY N 119 -16.97 -20.48 -33.60
CA GLY N 119 -15.61 -20.68 -33.17
C GLY N 119 -14.58 -20.09 -34.10
N LYS N 120 -13.35 -20.32 -33.75
CA LYS N 120 -12.07 -20.00 -34.38
C LYS N 120 -11.44 -21.27 -34.95
N PRO N 121 -10.63 -21.15 -36.00
CA PRO N 121 -10.07 -22.34 -36.65
C PRO N 121 -9.19 -23.18 -35.74
N GLN N 122 -9.62 -24.41 -35.44
CA GLN N 122 -8.81 -25.34 -34.68
C GLN N 122 -7.75 -25.99 -35.55
N GLY N 123 -8.16 -26.61 -36.65
CA GLY N 123 -7.21 -27.25 -37.54
C GLY N 123 -7.87 -27.58 -38.85
N THR N 124 -7.25 -28.49 -39.58
CA THR N 124 -7.77 -28.93 -40.87
C THR N 124 -7.93 -30.44 -40.86
N VAL N 125 -8.97 -30.92 -41.54
CA VAL N 125 -9.22 -32.35 -41.71
C VAL N 125 -9.47 -32.62 -43.18
N ALA N 126 -9.44 -33.90 -43.54
CA ALA N 126 -9.72 -34.34 -44.90
C ALA N 126 -11.02 -35.12 -44.91
N ARG N 127 -11.94 -34.71 -45.77
CA ARG N 127 -13.21 -35.40 -45.93
C ARG N 127 -13.04 -36.55 -46.91
N VAL N 128 -13.30 -37.76 -46.44
CA VAL N 128 -13.16 -38.96 -47.25
C VAL N 128 -14.53 -39.62 -47.38
N HIS N 129 -14.82 -40.10 -48.59
CA HIS N 129 -16.08 -40.76 -48.87
C HIS N 129 -15.90 -42.27 -48.84
N ILE N 130 -17.03 -42.98 -48.92
CA ILE N 130 -16.97 -44.43 -49.04
C ILE N 130 -16.42 -44.79 -50.41
N GLY N 131 -15.37 -45.61 -50.43
CA GLY N 131 -14.73 -45.99 -51.68
C GLY N 131 -13.63 -45.08 -52.14
N GLN N 132 -13.31 -44.03 -51.40
CA GLN N 132 -12.25 -43.10 -51.79
C GLN N 132 -10.90 -43.63 -51.31
N VAL N 133 -9.87 -43.34 -52.09
CA VAL N 133 -8.53 -43.81 -51.80
C VAL N 133 -7.85 -42.83 -50.85
N ILE N 134 -7.25 -43.34 -49.78
CA ILE N 134 -6.54 -42.53 -48.81
C ILE N 134 -5.05 -42.49 -49.11
N MET N 135 -4.44 -43.66 -49.31
CA MET N 135 -3.03 -43.77 -49.60
C MET N 135 -2.82 -44.75 -50.74
N SER N 136 -1.74 -44.54 -51.49
CA SER N 136 -1.37 -45.41 -52.59
C SER N 136 0.13 -45.64 -52.57
N ILE N 137 0.53 -46.89 -52.77
CA ILE N 137 1.94 -47.26 -52.82
C ILE N 137 2.17 -48.03 -54.11
N ARG N 138 3.21 -47.66 -54.84
CA ARG N 138 3.62 -48.38 -56.03
C ARG N 138 5.06 -48.86 -55.85
N THR N 139 5.34 -50.08 -56.28
CA THR N 139 6.64 -50.69 -56.09
C THR N 139 6.80 -51.85 -57.07
N LYS N 140 7.86 -52.63 -56.88
CA LYS N 140 8.06 -53.83 -57.67
C LYS N 140 6.93 -54.82 -57.39
N LEU N 141 6.68 -55.68 -58.39
CA LEU N 141 5.59 -56.64 -58.28
C LEU N 141 5.85 -57.72 -57.24
N GLN N 142 7.11 -57.89 -56.82
CA GLN N 142 7.47 -58.90 -55.82
C GLN N 142 7.38 -58.38 -54.40
N ASN N 143 6.96 -57.13 -54.18
CA ASN N 143 6.78 -56.59 -52.84
C ASN N 143 5.32 -56.38 -52.49
N GLU N 144 4.43 -57.22 -53.03
CA GLU N 144 3.00 -57.07 -52.77
C GLU N 144 2.67 -57.27 -51.30
N GLU N 145 3.24 -58.30 -50.68
CA GLU N 145 2.97 -58.55 -49.27
C GLU N 145 3.49 -57.42 -48.39
N HIS N 146 4.62 -56.81 -48.76
CA HIS N 146 5.16 -55.72 -47.97
C HIS N 146 4.28 -54.49 -48.07
N VAL N 147 3.74 -54.21 -49.26
CA VAL N 147 2.79 -53.11 -49.42
C VAL N 147 1.54 -53.37 -48.61
N ILE N 148 1.04 -54.60 -48.64
CA ILE N 148 -0.17 -54.94 -47.88
C ILE N 148 0.07 -54.73 -46.38
N GLU N 149 1.23 -55.16 -45.89
CA GLU N 149 1.52 -54.99 -44.46
C GLU N 149 1.73 -53.54 -44.10
N ALA N 150 2.39 -52.76 -44.97
CA ALA N 150 2.59 -51.34 -44.69
C ALA N 150 1.27 -50.60 -44.64
N LEU N 151 0.35 -50.92 -45.56
CA LEU N 151 -0.96 -50.28 -45.54
C LEU N 151 -1.80 -50.77 -44.36
N ARG N 152 -1.61 -52.02 -43.95
CA ARG N 152 -2.30 -52.53 -42.76
C ARG N 152 -1.84 -51.80 -41.51
N ARG N 153 -0.54 -51.52 -41.40
CA ARG N 153 -0.03 -50.81 -40.23
C ARG N 153 -0.52 -49.37 -40.19
N ALA N 154 -0.70 -48.75 -41.35
CA ALA N 154 -1.20 -47.38 -41.40
C ALA N 154 -2.67 -47.29 -41.03
N LYS N 155 -3.42 -48.38 -41.15
CA LYS N 155 -4.84 -48.36 -40.84
C LYS N 155 -5.09 -48.08 -39.37
N PHE N 156 -4.16 -48.46 -38.51
CA PHE N 156 -4.34 -48.26 -37.07
C PHE N 156 -4.22 -46.81 -36.64
N LYS N 157 -3.82 -45.92 -37.55
CA LYS N 157 -3.73 -44.50 -37.27
C LYS N 157 -4.97 -43.74 -37.68
N PHE N 158 -6.03 -44.43 -38.09
CA PHE N 158 -7.23 -43.78 -38.60
C PHE N 158 -8.46 -44.26 -37.84
N PRO N 159 -9.47 -43.40 -37.70
CA PRO N 159 -10.62 -43.74 -36.86
C PRO N 159 -11.48 -44.88 -37.37
N GLY N 160 -11.90 -44.79 -38.63
CA GLY N 160 -12.92 -45.69 -39.15
C GLY N 160 -12.37 -47.00 -39.68
N ARG N 161 -13.17 -47.62 -40.56
CA ARG N 161 -12.82 -48.88 -41.20
C ARG N 161 -12.26 -48.60 -42.58
N GLN N 162 -11.13 -49.23 -42.89
CA GLN N 162 -10.48 -49.07 -44.18
C GLN N 162 -10.17 -50.44 -44.78
N LYS N 163 -10.09 -50.49 -46.10
CA LYS N 163 -9.76 -51.71 -46.82
C LYS N 163 -8.48 -51.54 -47.61
N ILE N 164 -7.73 -52.63 -47.74
CA ILE N 164 -6.54 -52.69 -48.57
C ILE N 164 -6.93 -53.29 -49.90
N HIS N 165 -6.46 -52.69 -51.00
CA HIS N 165 -6.86 -53.09 -52.34
C HIS N 165 -5.66 -53.00 -53.26
N ILE N 166 -5.41 -54.06 -54.00
CA ILE N 166 -4.36 -54.07 -55.02
C ILE N 166 -5.03 -53.75 -56.36
N SER N 167 -4.75 -52.56 -56.89
CA SER N 167 -5.45 -52.09 -58.06
C SER N 167 -5.03 -52.86 -59.31
N LYS N 168 -5.91 -52.87 -60.30
CA LYS N 168 -5.62 -53.47 -61.60
C LYS N 168 -4.87 -52.52 -62.52
N LYS N 169 -4.75 -51.25 -62.15
CA LYS N 169 -4.03 -50.29 -62.96
C LYS N 169 -2.52 -50.52 -62.82
N TRP N 170 -1.78 -49.99 -63.78
CA TRP N 170 -0.32 -50.04 -63.76
C TRP N 170 0.19 -48.85 -62.96
N GLY N 171 0.79 -49.13 -61.81
CA GLY N 171 1.36 -48.07 -61.00
C GLY N 171 0.31 -47.08 -60.54
N PHE N 172 0.60 -45.80 -60.71
CA PHE N 172 -0.32 -44.73 -60.36
C PHE N 172 -1.15 -44.26 -61.55
N THR N 173 -1.01 -44.90 -62.70
CA THR N 173 -1.76 -44.49 -63.88
C THR N 173 -3.20 -44.94 -63.78
N LYS N 174 -3.97 -44.66 -64.83
CA LYS N 174 -5.37 -45.01 -64.91
C LYS N 174 -5.65 -46.11 -65.91
N PHE N 175 -4.62 -46.71 -66.51
CA PHE N 175 -4.77 -47.72 -67.53
C PHE N 175 -4.51 -49.10 -66.94
N ASN N 176 -5.29 -50.08 -67.37
CA ASN N 176 -5.19 -51.43 -66.83
C ASN N 176 -3.82 -52.03 -67.12
N ALA N 177 -3.33 -52.82 -66.17
CA ALA N 177 -1.98 -53.37 -66.27
C ALA N 177 -1.82 -54.33 -67.44
N ASP N 178 -2.88 -55.08 -67.77
CA ASP N 178 -2.80 -55.99 -68.91
C ASP N 178 -2.72 -55.24 -70.23
N GLU N 179 -3.38 -54.09 -70.33
CA GLU N 179 -3.35 -53.29 -71.54
C GLU N 179 -2.15 -52.36 -71.62
N PHE N 180 -1.43 -52.17 -70.52
CA PHE N 180 -0.39 -51.15 -70.48
C PHE N 180 0.76 -51.47 -71.44
N GLU N 181 1.22 -52.73 -71.44
CA GLU N 181 2.38 -53.08 -72.25
C GLU N 181 2.09 -52.93 -73.74
N ASP N 182 0.95 -53.46 -74.19
CA ASP N 182 0.65 -53.38 -75.61
C ASP N 182 0.07 -52.03 -76.01
N MET N 183 -0.24 -51.17 -75.04
CA MET N 183 -0.53 -49.78 -75.38
C MET N 183 0.75 -48.97 -75.56
N VAL N 184 1.76 -49.23 -74.71
CA VAL N 184 3.05 -48.59 -74.91
C VAL N 184 3.71 -49.08 -76.20
N ALA N 185 3.50 -50.36 -76.53
CA ALA N 185 4.13 -50.93 -77.71
C ALA N 185 3.68 -50.24 -78.99
N LYS N 186 2.39 -49.97 -79.11
CA LYS N 186 1.85 -49.28 -80.29
C LYS N 186 1.75 -47.77 -80.08
N LYS N 187 2.44 -47.24 -79.08
CA LYS N 187 2.60 -45.80 -78.86
C LYS N 187 1.29 -45.08 -78.64
N CYS N 188 0.32 -45.73 -78.00
CA CYS N 188 -0.82 -45.00 -77.47
C CYS N 188 -0.50 -44.35 -76.13
N LEU N 189 0.62 -44.75 -75.51
CA LEU N 189 1.10 -44.15 -74.26
C LEU N 189 2.57 -43.79 -74.42
N ILE N 190 2.94 -42.63 -73.90
CA ILE N 190 4.31 -42.16 -73.90
C ILE N 190 4.71 -41.88 -72.45
N PRO N 191 5.64 -42.63 -71.88
CA PRO N 191 6.04 -42.39 -70.49
C PRO N 191 6.71 -41.03 -70.33
N ASP N 192 6.49 -40.42 -69.17
CA ASP N 192 7.20 -39.19 -68.79
C ASP N 192 7.23 -39.05 -67.28
N GLY N 193 8.34 -39.41 -66.67
CA GLY N 193 8.41 -39.36 -65.22
C GLY N 193 7.62 -40.49 -64.61
N CYS N 194 6.84 -40.17 -63.59
CA CYS N 194 6.04 -41.15 -62.88
C CYS N 194 4.69 -41.41 -63.54
N GLY N 195 4.39 -40.75 -64.65
CA GLY N 195 3.13 -40.92 -65.34
C GLY N 195 3.34 -41.14 -66.83
N VAL N 196 2.23 -41.39 -67.50
CA VAL N 196 2.22 -41.62 -68.94
C VAL N 196 1.31 -40.61 -69.60
N LYS N 197 1.60 -40.28 -70.85
CA LYS N 197 0.79 -39.37 -71.63
C LYS N 197 0.02 -40.17 -72.68
N TYR N 198 -1.29 -40.25 -72.53
CA TYR N 198 -2.13 -40.87 -73.53
C TYR N 198 -2.05 -40.06 -74.82
N VAL N 199 -1.84 -40.75 -75.93
CA VAL N 199 -1.74 -40.08 -77.23
C VAL N 199 -2.94 -40.49 -78.07
N PRO N 200 -3.98 -39.66 -78.12
CA PRO N 200 -5.14 -39.99 -78.96
C PRO N 200 -4.77 -39.93 -80.44
N SER N 201 -5.53 -40.68 -81.24
CA SER N 201 -5.29 -40.70 -82.67
C SER N 201 -6.02 -39.57 -83.38
N HIS N 202 -5.84 -38.36 -82.88
CA HIS N 202 -6.35 -37.17 -83.54
C HIS N 202 -5.49 -35.98 -83.15
N GLY N 203 -5.51 -34.96 -84.01
CA GLY N 203 -4.60 -33.85 -83.90
C GLY N 203 -3.82 -33.68 -85.18
N PRO N 204 -2.82 -32.82 -85.19
CA PRO N 204 -1.98 -32.68 -86.38
C PRO N 204 -1.17 -33.95 -86.64
N LEU N 205 -0.93 -34.23 -87.92
CA LEU N 205 -0.08 -35.35 -88.29
C LEU N 205 1.38 -35.10 -87.96
N ASP N 206 1.78 -33.85 -87.72
CA ASP N 206 3.16 -33.59 -87.33
C ASP N 206 3.47 -34.21 -85.98
N LYS N 207 2.54 -34.12 -85.02
CA LYS N 207 2.74 -34.76 -83.74
C LYS N 207 2.66 -36.28 -83.85
N TRP N 208 2.09 -36.78 -84.95
CA TRP N 208 2.15 -38.22 -85.19
C TRP N 208 3.50 -38.64 -85.77
N ARG N 209 4.05 -37.83 -86.68
CA ARG N 209 5.31 -38.20 -87.33
C ARG N 209 6.54 -37.80 -86.53
N VAL N 210 6.40 -37.01 -85.46
CA VAL N 210 7.50 -36.92 -84.51
C VAL N 210 7.62 -38.23 -83.74
N LEU N 211 6.49 -38.90 -83.52
CA LEU N 211 6.51 -40.31 -83.15
C LEU N 211 6.72 -41.15 -84.40
N HIS N 212 6.93 -42.45 -84.19
CA HIS N 212 7.30 -43.38 -85.26
C HIS N 212 8.55 -42.88 -86.00
N SER N 213 9.47 -42.29 -85.25
CA SER N 213 10.68 -41.70 -85.82
C SER N 213 11.82 -41.71 -84.82
N LYS O 6 8.35 -10.44 -111.15
CA LYS O 6 8.09 -11.59 -110.29
C LYS O 6 7.37 -11.18 -109.02
N GLU O 7 7.83 -10.09 -108.41
CA GLU O 7 7.26 -9.59 -107.16
C GLU O 7 6.02 -8.77 -107.47
N ASN O 8 4.94 -9.06 -106.76
CA ASN O 8 3.70 -8.33 -106.96
C ASN O 8 3.90 -6.88 -106.52
N PRO O 9 3.60 -5.89 -107.36
CA PRO O 9 3.92 -4.50 -107.02
C PRO O 9 3.26 -4.00 -105.75
N MET O 10 2.18 -4.62 -105.31
CA MET O 10 1.51 -4.22 -104.09
C MET O 10 2.25 -4.67 -102.84
N ARG O 11 3.31 -5.47 -102.97
CA ARG O 11 4.07 -5.98 -101.84
C ARG O 11 5.30 -5.13 -101.53
N GLU O 12 5.49 -4.01 -102.23
CA GLU O 12 6.71 -3.24 -102.07
C GLU O 12 6.73 -2.53 -100.73
N LEU O 13 7.82 -2.67 -99.99
CA LEU O 13 7.96 -2.03 -98.69
C LEU O 13 8.11 -0.52 -98.84
N ARG O 14 7.60 0.20 -97.85
CA ARG O 14 7.72 1.65 -97.84
C ARG O 14 7.54 2.15 -96.41
N ILE O 15 7.95 3.38 -96.19
CA ILE O 15 7.86 3.99 -94.86
C ILE O 15 6.45 4.49 -94.64
N ARG O 16 5.83 4.06 -93.54
CA ARG O 16 4.53 4.61 -93.17
C ARG O 16 4.69 5.93 -92.44
N LYS O 17 5.36 5.91 -91.30
CA LYS O 17 5.61 7.11 -90.51
C LYS O 17 6.98 7.00 -89.87
N LEU O 18 7.52 8.14 -89.45
CA LEU O 18 8.86 8.19 -88.87
C LEU O 18 8.86 8.40 -87.36
N CYS O 19 7.90 9.13 -86.82
CA CYS O 19 7.62 9.18 -85.38
C CYS O 19 8.83 9.67 -84.57
N LEU O 20 9.18 10.93 -84.81
CA LEU O 20 10.19 11.58 -83.99
C LEU O 20 9.68 11.79 -82.57
N ASN O 21 10.60 11.82 -81.61
CA ASN O 21 10.25 11.99 -80.21
C ASN O 21 11.46 12.48 -79.43
N ILE O 22 11.27 13.55 -78.66
CA ILE O 22 12.30 14.10 -77.79
C ILE O 22 11.77 14.03 -76.37
N CYS O 23 12.40 13.21 -75.52
CA CYS O 23 11.94 12.99 -74.16
C CYS O 23 12.76 13.84 -73.21
N VAL O 24 12.42 15.14 -73.14
CA VAL O 24 13.00 16.01 -72.13
C VAL O 24 12.51 15.56 -70.77
N GLY O 25 13.39 15.60 -69.77
CA GLY O 25 13.05 15.05 -68.47
C GLY O 25 11.91 15.80 -67.78
N GLU O 26 11.94 17.12 -67.84
CA GLU O 26 11.01 17.95 -67.08
C GLU O 26 10.21 18.86 -68.01
N SER O 27 9.41 19.74 -67.42
CA SER O 27 8.61 20.70 -68.16
C SER O 27 9.28 22.07 -68.13
N GLY O 28 8.65 23.04 -68.78
CA GLY O 28 9.12 24.41 -68.73
C GLY O 28 9.76 24.89 -70.02
N ASP O 29 10.84 25.68 -69.87
CA ASP O 29 11.47 26.29 -71.04
C ASP O 29 12.15 25.27 -71.93
N ARG O 30 12.73 24.22 -71.32
CA ARG O 30 13.42 23.20 -72.10
C ARG O 30 12.45 22.48 -73.03
N LEU O 31 11.24 22.18 -72.54
CA LEU O 31 10.27 21.51 -73.39
C LEU O 31 9.81 22.39 -74.54
N THR O 32 9.63 23.68 -74.28
CA THR O 32 9.27 24.62 -75.34
C THR O 32 10.37 24.70 -76.39
N ARG O 33 11.63 24.76 -75.96
CA ARG O 33 12.73 24.81 -76.91
C ARG O 33 12.84 23.51 -77.70
N ALA O 34 12.58 22.38 -77.06
CA ALA O 34 12.58 21.11 -77.78
C ALA O 34 11.46 21.05 -78.82
N ALA O 35 10.29 21.59 -78.47
CA ALA O 35 9.20 21.69 -79.44
C ALA O 35 9.60 22.57 -80.61
N LYS O 36 10.30 23.66 -80.33
CA LYS O 36 10.80 24.50 -81.42
C LYS O 36 11.80 23.75 -82.29
N VAL O 37 12.65 22.93 -81.67
CA VAL O 37 13.60 22.11 -82.43
C VAL O 37 12.86 21.19 -83.38
N LEU O 38 11.86 20.47 -82.87
CA LEU O 38 11.11 19.54 -83.72
C LEU O 38 10.37 20.27 -84.83
N GLU O 39 9.76 21.42 -84.52
CA GLU O 39 9.06 22.18 -85.54
C GLU O 39 9.99 22.71 -86.62
N GLN O 40 11.18 23.17 -86.22
CA GLN O 40 12.15 23.65 -87.20
C GLN O 40 12.66 22.50 -88.07
N LEU O 41 12.88 21.34 -87.46
CA LEU O 41 13.37 20.18 -88.21
C LEU O 41 12.34 19.69 -89.22
N THR O 42 11.08 19.57 -88.81
CA THR O 42 10.06 18.96 -89.63
C THR O 42 9.23 19.95 -90.41
N GLY O 43 9.27 21.24 -90.07
CA GLY O 43 8.32 22.18 -90.66
C GLY O 43 6.90 21.80 -90.33
N GLN O 44 6.65 21.40 -89.07
CA GLN O 44 5.41 20.74 -88.71
C GLN O 44 5.24 20.74 -87.19
N THR O 45 4.11 21.23 -86.72
CA THR O 45 3.92 21.47 -85.29
C THR O 45 3.93 20.17 -84.51
N PRO O 46 4.70 20.07 -83.43
CA PRO O 46 4.69 18.85 -82.60
C PRO O 46 3.66 18.91 -81.48
N VAL O 47 3.56 17.84 -80.69
CA VAL O 47 2.67 17.78 -79.55
C VAL O 47 3.44 17.32 -78.32
N PHE O 48 2.89 17.64 -77.15
CA PHE O 48 3.53 17.37 -75.88
C PHE O 48 2.93 16.11 -75.23
N SER O 49 3.77 15.33 -74.58
CA SER O 49 3.37 14.12 -73.90
C SER O 49 3.36 14.35 -72.40
N LYS O 50 2.25 14.02 -71.75
CA LYS O 50 2.15 14.14 -70.31
C LYS O 50 2.55 12.84 -69.63
N ALA O 51 3.04 12.96 -68.40
CA ALA O 51 3.49 11.80 -67.65
C ALA O 51 2.30 10.98 -67.17
N ARG O 52 2.37 9.67 -67.39
CA ARG O 52 1.27 8.79 -66.98
C ARG O 52 1.16 8.73 -65.46
N TYR O 53 2.28 8.64 -64.77
CA TYR O 53 2.31 8.53 -63.31
C TYR O 53 3.26 9.57 -62.74
N THR O 54 3.39 9.54 -61.41
CA THR O 54 4.32 10.40 -60.69
C THR O 54 5.41 9.52 -60.10
N VAL O 55 6.65 9.80 -60.45
CA VAL O 55 7.81 9.08 -59.93
C VAL O 55 8.80 10.09 -59.37
N ARG O 56 9.32 9.79 -58.19
CA ARG O 56 10.21 10.73 -57.50
C ARG O 56 11.63 10.70 -58.03
N SER O 57 12.11 9.53 -58.47
CA SER O 57 13.49 9.41 -58.93
C SER O 57 13.75 10.33 -60.13
N PHE O 58 12.80 10.41 -61.05
CA PHE O 58 12.93 11.28 -62.20
C PHE O 58 12.38 12.68 -61.93
N GLY O 59 11.77 12.89 -60.77
CA GLY O 59 11.26 14.20 -60.39
C GLY O 59 10.15 14.71 -61.29
N ILE O 60 9.22 13.84 -61.68
CA ILE O 60 8.12 14.24 -62.54
C ILE O 60 6.81 13.89 -61.85
N ARG O 61 5.77 14.66 -62.17
CA ARG O 61 4.44 14.48 -61.60
C ARG O 61 3.47 14.01 -62.67
N ARG O 62 2.35 13.44 -62.23
CA ARG O 62 1.35 12.95 -63.16
C ARG O 62 0.71 14.10 -63.92
N ASN O 63 0.36 13.84 -65.19
CA ASN O 63 -0.30 14.80 -66.07
C ASN O 63 0.55 16.03 -66.34
N GLU O 64 1.87 15.92 -66.20
CA GLU O 64 2.79 17.02 -66.45
C GLU O 64 3.45 16.81 -67.81
N LYS O 65 3.48 17.86 -68.61
CA LYS O 65 4.08 17.79 -69.95
C LYS O 65 5.56 17.45 -69.85
N ILE O 66 5.93 16.26 -70.31
CA ILE O 66 7.29 15.76 -70.15
C ILE O 66 8.04 15.83 -71.46
N ALA O 67 7.53 15.14 -72.48
CA ALA O 67 8.22 14.98 -73.74
C ALA O 67 7.49 15.72 -74.85
N VAL O 68 8.13 15.78 -76.01
CA VAL O 68 7.54 16.33 -77.22
C VAL O 68 7.83 15.36 -78.36
N HIS O 69 6.83 15.17 -79.22
CA HIS O 69 6.96 14.20 -80.30
C HIS O 69 6.05 14.61 -81.44
N CYS O 70 6.36 14.09 -82.63
CA CYS O 70 5.53 14.31 -83.80
C CYS O 70 5.81 13.20 -84.80
N THR O 71 4.78 12.83 -85.56
CA THR O 71 4.90 11.83 -86.60
C THR O 71 5.05 12.53 -87.95
N VAL O 72 5.88 11.97 -88.82
CA VAL O 72 6.14 12.54 -90.13
C VAL O 72 5.95 11.45 -91.17
N ARG O 73 5.18 11.76 -92.22
CA ARG O 73 4.85 10.81 -93.26
C ARG O 73 5.17 11.39 -94.63
N GLY O 74 5.37 10.51 -95.61
CA GLY O 74 5.55 10.92 -96.98
C GLY O 74 6.99 11.18 -97.36
N ALA O 75 7.20 12.13 -98.28
CA ALA O 75 8.56 12.45 -98.72
C ALA O 75 9.39 13.03 -97.59
N LYS O 76 8.78 13.87 -96.76
CA LYS O 76 9.49 14.48 -95.64
C LYS O 76 10.05 13.42 -94.70
N ALA O 77 9.31 12.32 -94.51
CA ALA O 77 9.82 11.21 -93.71
C ALA O 77 11.06 10.60 -94.36
N GLU O 78 11.05 10.45 -95.69
CA GLU O 78 12.21 9.90 -96.36
C GLU O 78 13.42 10.81 -96.21
N GLU O 79 13.23 12.12 -96.34
CA GLU O 79 14.35 13.05 -96.19
C GLU O 79 14.90 13.05 -94.78
N ILE O 80 14.01 13.06 -93.77
CA ILE O 80 14.48 13.10 -92.39
C ILE O 80 15.16 11.79 -92.02
N LEU O 81 14.65 10.66 -92.50
CA LEU O 81 15.33 9.39 -92.27
C LEU O 81 16.69 9.37 -92.96
N GLU O 82 16.78 9.94 -94.16
CA GLU O 82 18.06 10.02 -94.85
C GLU O 82 19.07 10.83 -94.03
N LYS O 83 18.62 11.95 -93.47
CA LYS O 83 19.52 12.76 -92.63
C LYS O 83 19.95 12.01 -91.38
N GLY O 84 19.00 11.34 -90.71
CA GLY O 84 19.34 10.60 -89.51
C GLY O 84 20.29 9.45 -89.78
N LEU O 85 20.12 8.77 -90.91
CA LEU O 85 21.03 7.69 -91.28
C LEU O 85 22.38 8.23 -91.72
N LYS O 86 22.40 9.43 -92.32
CA LYS O 86 23.66 10.11 -92.60
C LYS O 86 24.45 10.35 -91.32
N VAL O 87 23.77 10.76 -90.26
CA VAL O 87 24.44 10.93 -88.97
C VAL O 87 24.98 9.59 -88.47
N ARG O 88 24.19 8.53 -88.62
CA ARG O 88 24.55 7.21 -88.11
C ARG O 88 25.55 6.47 -89.00
N GLU O 89 26.08 7.10 -90.05
CA GLU O 89 26.98 6.47 -91.02
C GLU O 89 26.32 5.27 -91.70
N TYR O 90 24.99 5.31 -91.84
CA TYR O 90 24.21 4.26 -92.49
C TYR O 90 24.47 2.89 -91.88
N GLU O 91 24.67 2.84 -90.56
CA GLU O 91 24.93 1.59 -89.89
C GLU O 91 23.97 1.42 -88.72
N LEU O 92 23.45 0.19 -88.59
CA LEU O 92 22.51 -0.14 -87.53
C LEU O 92 22.87 -1.49 -86.94
N ARG O 93 22.53 -1.67 -85.68
CA ARG O 93 22.76 -2.94 -85.02
C ARG O 93 21.70 -3.97 -85.41
N LYS O 94 22.01 -5.24 -85.16
CA LYS O 94 21.05 -6.31 -85.43
C LYS O 94 19.84 -6.21 -84.52
N ASN O 95 20.04 -5.76 -83.28
CA ASN O 95 18.95 -5.67 -82.31
C ASN O 95 18.19 -4.36 -82.40
N ASN O 96 18.53 -3.48 -83.35
CA ASN O 96 17.74 -2.28 -83.56
C ASN O 96 16.41 -2.57 -84.26
N PHE O 97 16.27 -3.75 -84.85
CA PHE O 97 15.07 -4.10 -85.62
C PHE O 97 14.12 -4.90 -84.74
N SER O 98 12.86 -4.48 -84.71
CA SER O 98 11.86 -5.18 -83.94
C SER O 98 11.31 -6.36 -84.72
N ASP O 99 10.64 -7.26 -84.00
CA ASP O 99 10.05 -8.45 -84.62
C ASP O 99 8.85 -8.13 -85.49
N THR O 100 8.25 -6.97 -85.35
CA THR O 100 7.07 -6.60 -86.13
C THR O 100 7.41 -6.00 -87.48
N GLY O 101 8.70 -5.89 -87.82
CA GLY O 101 9.08 -5.43 -89.13
C GLY O 101 9.42 -3.97 -89.23
N ASN O 102 9.74 -3.32 -88.11
CA ASN O 102 10.12 -1.91 -88.14
C ASN O 102 11.20 -1.67 -87.08
N PHE O 103 11.96 -0.60 -87.28
CA PHE O 103 13.16 -0.35 -86.49
C PHE O 103 13.23 1.14 -86.14
N GLY O 104 14.30 1.50 -85.45
CA GLY O 104 14.57 2.88 -85.09
C GLY O 104 15.95 3.00 -84.48
N PHE O 105 16.35 4.24 -84.25
CA PHE O 105 17.65 4.53 -83.66
C PHE O 105 17.55 5.86 -82.91
N GLY O 106 18.69 6.32 -82.41
CA GLY O 106 18.74 7.55 -81.65
C GLY O 106 19.89 8.43 -82.07
N ILE O 107 19.67 9.74 -82.01
CA ILE O 107 20.64 10.74 -82.39
C ILE O 107 21.01 11.55 -81.16
N GLN O 108 22.31 11.72 -80.92
CA GLN O 108 22.75 12.33 -79.68
C GLN O 108 22.59 13.85 -79.70
N GLU O 109 22.93 14.50 -80.81
CA GLU O 109 22.80 15.94 -80.96
C GLU O 109 22.02 16.25 -82.22
N HIS O 110 21.03 17.14 -82.13
CA HIS O 110 20.15 17.42 -83.26
C HIS O 110 20.74 18.39 -84.27
N ILE O 111 21.89 19.01 -83.97
CA ILE O 111 22.42 20.03 -84.85
C ILE O 111 23.32 19.47 -85.94
N ASP O 112 23.60 18.17 -85.92
CA ASP O 112 24.46 17.56 -86.93
C ASP O 112 23.70 17.06 -88.14
N LEU O 113 22.37 17.23 -88.18
CA LEU O 113 21.56 16.86 -89.34
C LEU O 113 20.79 18.10 -89.80
N GLY O 114 21.34 18.80 -90.78
CA GLY O 114 20.66 19.90 -91.43
C GLY O 114 20.52 21.16 -90.61
N ILE O 115 19.89 21.06 -89.44
CA ILE O 115 19.54 22.24 -88.65
C ILE O 115 20.80 22.82 -88.03
N LYS O 116 20.97 24.13 -88.16
CA LYS O 116 22.10 24.82 -87.57
C LYS O 116 21.80 25.23 -86.14
N TYR O 117 22.86 25.46 -85.37
CA TYR O 117 22.73 25.84 -83.98
C TYR O 117 22.14 27.25 -83.83
N ASP O 118 21.43 27.46 -82.73
CA ASP O 118 20.97 28.76 -82.29
C ASP O 118 21.24 28.88 -80.79
N PRO O 119 21.71 30.04 -80.33
CA PRO O 119 21.98 30.19 -78.88
C PRO O 119 20.77 29.97 -78.00
N SER O 120 19.58 30.32 -78.47
CA SER O 120 18.33 30.04 -77.75
C SER O 120 17.82 28.63 -78.00
N ILE O 121 18.65 27.75 -78.58
CA ILE O 121 18.29 26.37 -78.85
C ILE O 121 19.35 25.48 -78.23
N GLY O 122 18.91 24.43 -77.54
CA GLY O 122 19.82 23.54 -76.84
C GLY O 122 20.60 22.62 -77.75
N ILE O 123 21.03 21.49 -77.19
CA ILE O 123 21.87 20.51 -77.86
C ILE O 123 21.07 19.22 -77.88
N TYR O 124 19.76 19.35 -78.04
CA TYR O 124 18.82 18.27 -77.81
C TYR O 124 19.13 17.05 -78.69
N GLY O 125 18.96 15.87 -78.12
CA GLY O 125 18.89 14.66 -78.91
C GLY O 125 17.45 14.26 -79.17
N LEU O 126 17.28 13.20 -79.95
CA LEU O 126 15.95 12.83 -80.39
C LEU O 126 15.94 11.37 -80.82
N ASP O 127 14.73 10.81 -80.90
CA ASP O 127 14.52 9.42 -81.27
C ASP O 127 13.95 9.34 -82.68
N PHE O 128 14.48 8.42 -83.46
CA PHE O 128 13.90 8.03 -84.73
C PHE O 128 13.33 6.63 -84.57
N TYR O 129 12.13 6.40 -85.10
CA TYR O 129 11.54 5.06 -85.13
C TYR O 129 10.64 4.97 -86.35
N VAL O 130 11.21 4.52 -87.47
CA VAL O 130 10.45 4.42 -88.70
C VAL O 130 9.58 3.17 -88.66
N VAL O 131 8.39 3.27 -89.23
CA VAL O 131 7.44 2.17 -89.31
C VAL O 131 7.28 1.79 -90.77
N LEU O 132 7.75 0.60 -91.11
CA LEU O 132 7.62 0.11 -92.48
C LEU O 132 6.21 -0.39 -92.72
N GLY O 133 5.84 -0.45 -94.01
CA GLY O 133 4.53 -0.93 -94.37
C GLY O 133 4.44 -1.24 -95.85
N ARG O 134 3.47 -2.06 -96.18
CA ARG O 134 3.12 -2.38 -97.56
C ARG O 134 1.82 -1.67 -97.91
N PRO O 135 1.56 -1.44 -99.21
CA PRO O 135 0.25 -0.93 -99.59
C PRO O 135 -0.86 -1.89 -99.17
N GLY O 136 -1.68 -1.46 -98.22
CA GLY O 136 -2.74 -2.29 -97.67
C GLY O 136 -2.79 -2.34 -96.16
N PHE O 137 -1.83 -1.74 -95.45
CA PHE O 137 -1.88 -1.71 -93.99
C PHE O 137 -3.02 -0.87 -93.46
N SER O 138 -3.60 0.03 -94.27
CA SER O 138 -4.63 0.93 -93.80
C SER O 138 -5.92 0.22 -93.44
N ILE O 139 -6.11 -1.03 -93.87
CA ILE O 139 -7.34 -1.76 -93.56
C ILE O 139 -7.42 -2.09 -92.07
N ALA O 140 -6.28 -2.22 -91.39
CA ALA O 140 -6.30 -2.46 -89.95
C ALA O 140 -6.59 -1.19 -89.17
N ASP O 141 -6.64 -0.04 -89.85
CA ASP O 141 -6.87 1.25 -89.21
C ASP O 141 -8.12 1.96 -89.71
N LYS O 142 -8.74 1.46 -90.77
CA LYS O 142 -9.94 2.10 -91.28
C LYS O 142 -11.12 1.85 -90.35
N LYS O 143 -12.15 2.67 -90.51
CA LYS O 143 -13.33 2.59 -89.65
C LYS O 143 -14.26 1.45 -90.06
N ARG O 144 -14.70 1.46 -91.31
CA ARG O 144 -15.70 0.52 -91.79
C ARG O 144 -15.00 -0.72 -92.38
N ARG O 145 -15.43 -1.90 -91.93
CA ARG O 145 -14.91 -3.18 -92.42
C ARG O 145 -13.40 -3.28 -92.22
N THR O 146 -12.96 -2.99 -91.01
CA THR O 146 -11.55 -3.15 -90.68
C THR O 146 -11.20 -4.63 -90.52
N GLY O 147 -9.93 -4.95 -90.73
CA GLY O 147 -9.48 -6.33 -90.62
C GLY O 147 -7.97 -6.40 -90.57
N CYS O 148 -7.49 -7.57 -90.16
CA CYS O 148 -6.06 -7.83 -90.11
C CYS O 148 -5.50 -8.03 -91.51
N ILE O 149 -4.17 -8.04 -91.61
CA ILE O 149 -3.53 -7.97 -92.92
C ILE O 149 -3.13 -9.33 -93.47
N GLY O 150 -3.04 -10.36 -92.65
CA GLY O 150 -2.65 -11.65 -93.19
C GLY O 150 -1.19 -11.97 -92.93
N ALA O 151 -0.87 -13.26 -92.87
CA ALA O 151 0.46 -13.69 -92.46
C ALA O 151 1.50 -13.39 -93.52
N LYS O 152 1.22 -13.71 -94.78
CA LYS O 152 2.21 -13.51 -95.83
C LYS O 152 2.52 -12.03 -96.06
N HIS O 153 1.52 -11.18 -95.87
CA HIS O 153 1.64 -9.79 -96.26
C HIS O 153 2.27 -8.93 -95.17
N ARG O 154 2.55 -9.52 -94.01
CA ARG O 154 3.23 -8.81 -92.93
C ARG O 154 4.68 -8.54 -93.31
N ILE O 155 5.40 -7.90 -92.40
CA ILE O 155 6.82 -7.61 -92.56
C ILE O 155 7.57 -8.27 -91.42
N SER O 156 8.58 -9.05 -91.75
CA SER O 156 9.42 -9.70 -90.76
C SER O 156 10.69 -8.90 -90.53
N LYS O 157 11.44 -9.30 -89.51
CA LYS O 157 12.70 -8.64 -89.20
C LYS O 157 13.70 -8.81 -90.33
N GLU O 158 13.73 -10.00 -90.93
CA GLU O 158 14.60 -10.23 -92.09
C GLU O 158 14.22 -9.31 -93.25
N GLU O 159 12.92 -9.13 -93.47
CA GLU O 159 12.47 -8.26 -94.55
C GLU O 159 12.89 -6.82 -94.30
N ALA O 160 12.77 -6.33 -93.06
CA ALA O 160 13.19 -4.98 -92.74
C ALA O 160 14.69 -4.80 -92.93
N MET O 161 15.48 -5.78 -92.48
CA MET O 161 16.92 -5.71 -92.66
C MET O 161 17.29 -5.70 -94.14
N ARG O 162 16.64 -6.55 -94.93
CA ARG O 162 16.90 -6.59 -96.37
C ARG O 162 16.54 -5.27 -97.03
N TRP O 163 15.39 -4.70 -96.66
CA TRP O 163 14.96 -3.43 -97.24
C TRP O 163 15.96 -2.32 -96.89
N PHE O 164 16.45 -2.32 -95.66
CA PHE O 164 17.47 -1.35 -95.28
C PHE O 164 18.75 -1.55 -96.07
N GLN O 165 19.11 -2.81 -96.36
CA GLN O 165 20.33 -3.06 -97.11
C GLN O 165 20.20 -2.64 -98.56
N GLN O 166 19.08 -2.96 -99.22
CA GLN O 166 18.97 -2.60 -100.63
C GLN O 166 18.66 -1.12 -100.85
N LYS O 167 17.86 -0.49 -99.98
CA LYS O 167 17.53 0.91 -100.22
C LYS O 167 18.66 1.85 -99.80
N TYR O 168 19.06 1.79 -98.54
CA TYR O 168 20.01 2.74 -97.98
C TYR O 168 21.42 2.18 -97.89
N ASP O 169 21.75 1.18 -98.72
CA ASP O 169 23.03 0.48 -98.83
C ASP O 169 23.76 0.37 -97.49
N GLY O 170 23.02 -0.03 -96.45
CA GLY O 170 23.48 0.09 -95.09
C GLY O 170 24.28 -1.10 -94.61
N ILE O 171 24.72 -1.00 -93.37
CA ILE O 171 25.54 -2.02 -92.71
C ILE O 171 24.80 -2.47 -91.45
N ILE O 172 24.60 -3.77 -91.32
CA ILE O 172 23.93 -4.36 -90.17
C ILE O 172 25.02 -4.89 -89.25
N LEU O 173 25.32 -4.14 -88.19
CA LEU O 173 26.33 -4.57 -87.24
C LEU O 173 25.77 -5.63 -86.31
N PRO O 174 26.45 -6.77 -86.15
CA PRO O 174 25.98 -7.82 -85.24
C PRO O 174 26.26 -7.50 -83.78
N GLY O 175 25.70 -6.38 -83.31
CA GLY O 175 25.88 -5.95 -81.93
C GLY O 175 24.67 -6.21 -81.06
N ALA P 1 -59.42 0.27 -25.90
CA ALA P 1 -58.78 -0.31 -27.07
C ALA P 1 -59.76 -0.44 -28.22
N PRO P 2 -59.40 0.11 -29.38
CA PRO P 2 -60.27 0.02 -30.55
C PRO P 2 -60.40 -1.43 -31.02
N SER P 3 -61.53 -1.72 -31.65
CA SER P 3 -61.82 -3.06 -32.14
C SER P 3 -62.45 -2.96 -33.52
N ARG P 4 -61.65 -3.24 -34.55
CA ARG P 4 -62.10 -3.24 -35.95
C ARG P 4 -62.66 -1.87 -36.28
N ASN P 5 -63.62 -1.81 -37.20
CA ASN P 5 -64.23 -0.54 -37.56
C ASN P 5 -65.13 -0.04 -36.44
N GLY P 6 -65.31 1.26 -36.39
CA GLY P 6 -66.16 1.85 -35.37
C GLY P 6 -65.95 3.35 -35.32
N MET P 7 -66.78 3.99 -34.52
CA MET P 7 -66.73 5.43 -34.34
C MET P 7 -65.85 5.77 -33.15
N VAL P 8 -64.96 6.75 -33.31
CA VAL P 8 -64.14 7.23 -32.21
C VAL P 8 -65.05 7.98 -31.25
N LEU P 9 -65.22 7.44 -30.04
CA LEU P 9 -66.16 7.96 -29.07
C LEU P 9 -65.41 8.68 -27.96
N LYS P 10 -66.00 9.77 -27.48
CA LYS P 10 -65.43 10.57 -26.40
C LYS P 10 -66.49 10.80 -25.33
N PRO P 11 -66.76 9.79 -24.49
CA PRO P 11 -67.72 9.99 -23.40
C PRO P 11 -67.19 10.97 -22.37
N HIS P 12 -68.06 11.84 -21.91
CA HIS P 12 -67.69 12.83 -20.89
C HIS P 12 -68.05 12.32 -19.50
N PHE P 13 -67.49 11.15 -19.18
CA PHE P 13 -67.71 10.49 -17.91
C PHE P 13 -66.41 10.31 -17.15
N HIS P 14 -65.53 11.31 -17.23
CA HIS P 14 -64.26 11.29 -16.54
C HIS P 14 -64.25 12.20 -15.31
N LYS P 15 -65.41 12.64 -14.85
CA LYS P 15 -65.49 13.76 -13.93
C LYS P 15 -66.44 13.49 -12.76
N ASP P 16 -66.49 12.26 -12.27
CA ASP P 16 -67.26 11.88 -11.08
C ASP P 16 -68.73 12.28 -11.24
N TRP P 17 -69.35 11.76 -12.31
CA TRP P 17 -70.69 12.20 -12.68
C TRP P 17 -71.76 11.68 -11.75
N GLN P 18 -71.54 10.54 -11.08
CA GLN P 18 -72.59 9.89 -10.33
C GLN P 18 -73.01 10.68 -9.09
N ARG P 19 -72.19 11.61 -8.61
CA ARG P 19 -72.61 12.44 -7.49
C ARG P 19 -73.61 13.51 -7.90
N ARG P 20 -73.63 13.91 -9.17
CA ARG P 20 -74.58 14.87 -9.69
C ARG P 20 -75.37 14.21 -10.82
N VAL P 21 -76.43 13.50 -10.44
CA VAL P 21 -77.36 12.92 -11.40
C VAL P 21 -78.76 13.38 -11.01
N ALA P 22 -79.47 13.97 -11.96
CA ALA P 22 -80.81 14.49 -11.72
C ALA P 22 -81.82 13.49 -12.25
N THR P 23 -82.50 12.80 -11.33
CA THR P 23 -83.58 11.92 -11.72
C THR P 23 -84.88 12.70 -11.84
N TRP P 24 -85.81 12.15 -12.62
CA TRP P 24 -87.04 12.86 -12.94
C TRP P 24 -88.27 12.15 -12.40
N PHE P 25 -88.14 11.49 -11.25
CA PHE P 25 -89.27 10.77 -10.68
C PHE P 25 -90.30 11.72 -10.08
N ASN P 26 -89.96 13.00 -9.92
CA ASN P 26 -90.91 13.99 -9.46
C ASN P 26 -91.50 14.80 -10.60
N GLN P 27 -91.28 14.38 -11.84
CA GLN P 27 -91.86 15.09 -12.99
C GLN P 27 -93.38 15.05 -13.00
N PRO P 28 -94.07 13.91 -12.82
CA PRO P 28 -95.54 13.99 -12.72
C PRO P 28 -96.01 14.80 -11.55
N ALA P 29 -95.31 14.71 -10.41
CA ALA P 29 -95.67 15.52 -9.26
C ALA P 29 -95.46 17.00 -9.54
N ARG P 30 -94.39 17.35 -10.25
CA ARG P 30 -94.15 18.73 -10.63
C ARG P 30 -95.24 19.23 -11.57
N LYS P 31 -95.67 18.40 -12.51
CA LYS P 31 -96.75 18.80 -13.41
C LYS P 31 -98.05 19.01 -12.66
N ILE P 32 -98.35 18.13 -11.70
CA ILE P 32 -99.55 18.28 -10.89
C ILE P 32 -99.49 19.58 -10.08
N ARG P 33 -98.33 19.86 -9.48
CA ARG P 33 -98.18 21.09 -8.70
C ARG P 33 -98.33 22.32 -9.57
N ARG P 34 -97.75 22.30 -10.76
CA ARG P 34 -97.87 23.43 -11.68
C ARG P 34 -99.31 23.65 -12.10
N ARG P 35 -100.03 22.57 -12.42
CA ARG P 35 -101.43 22.71 -12.80
C ARG P 35 -102.28 23.24 -11.65
N LYS P 36 -102.02 22.77 -10.43
CA LYS P 36 -102.75 23.27 -9.27
C LYS P 36 -102.48 24.75 -9.04
N ALA P 37 -101.23 25.17 -9.20
CA ALA P 37 -100.90 26.58 -9.06
C ALA P 37 -101.57 27.42 -10.15
N ARG P 38 -101.61 26.91 -11.38
CA ARG P 38 -102.29 27.61 -12.46
C ARG P 38 -103.77 27.78 -12.15
N GLN P 39 -104.42 26.73 -11.68
CA GLN P 39 -105.84 26.82 -11.38
C GLN P 39 -106.10 27.75 -10.20
N ALA P 40 -105.24 27.72 -9.19
CA ALA P 40 -105.40 28.63 -8.07
C ALA P 40 -105.23 30.09 -8.50
N LYS P 41 -104.23 30.36 -9.35
CA LYS P 41 -104.06 31.73 -9.85
C LYS P 41 -105.25 32.16 -10.69
N ALA P 42 -105.76 31.26 -11.54
CA ALA P 42 -106.91 31.60 -12.37
C ALA P 42 -108.14 31.88 -11.50
N ARG P 43 -108.30 31.15 -10.41
CA ARG P 43 -109.39 31.45 -9.48
C ARG P 43 -109.16 32.79 -8.79
N ARG P 44 -107.92 33.13 -8.50
CA ARG P 44 -107.64 34.39 -7.80
C ARG P 44 -108.04 35.59 -8.64
N ILE P 45 -107.56 35.65 -9.88
CA ILE P 45 -107.94 36.71 -10.82
C ILE P 45 -109.17 36.20 -11.55
N ALA P 46 -110.34 36.44 -10.94
CA ALA P 46 -111.55 35.71 -11.35
C ALA P 46 -112.01 36.09 -12.76
N PRO P 47 -112.24 37.37 -13.11
CA PRO P 47 -112.68 37.65 -14.47
C PRO P 47 -111.53 37.93 -15.42
N ARG P 48 -110.36 38.19 -14.86
CA ARG P 48 -109.19 38.51 -15.67
C ARG P 48 -108.73 37.26 -16.43
N PRO P 49 -108.14 37.45 -17.61
CA PRO P 49 -107.70 36.29 -18.40
C PRO P 49 -106.68 35.44 -17.65
N ALA P 50 -106.81 34.12 -17.82
CA ALA P 50 -105.99 33.19 -17.06
C ALA P 50 -104.52 33.29 -17.44
N SER P 51 -104.23 33.42 -18.74
CA SER P 51 -102.84 33.42 -19.20
C SER P 51 -102.11 34.69 -18.80
N GLY P 52 -102.82 35.80 -18.67
CA GLY P 52 -102.22 37.03 -18.21
C GLY P 52 -102.40 38.17 -19.17
N PRO P 53 -101.46 39.12 -19.16
CA PRO P 53 -101.59 40.32 -19.99
C PRO P 53 -101.46 39.99 -21.46
N ILE P 54 -102.00 40.88 -22.29
CA ILE P 54 -101.84 40.76 -23.73
C ILE P 54 -100.41 41.12 -24.12
N ARG P 55 -99.84 40.36 -25.06
CA ARG P 55 -98.48 40.55 -25.51
C ARG P 55 -98.46 41.10 -26.94
N PRO P 56 -97.42 41.82 -27.32
CA PRO P 56 -97.39 42.43 -28.66
C PRO P 56 -97.04 41.42 -29.74
N ILE P 57 -97.10 41.90 -30.98
CA ILE P 57 -96.69 41.12 -32.14
C ILE P 57 -95.24 41.45 -32.44
N VAL P 58 -94.41 40.40 -32.53
CA VAL P 58 -92.96 40.54 -32.51
C VAL P 58 -92.32 39.57 -33.49
N ARG P 59 -91.47 40.09 -34.36
CA ARG P 59 -90.77 39.29 -35.36
C ARG P 59 -89.46 38.75 -34.79
N CYS P 60 -89.18 37.48 -35.07
CA CYS P 60 -88.02 36.83 -34.50
C CYS P 60 -86.73 37.40 -35.12
N PRO P 61 -85.66 37.54 -34.33
CA PRO P 61 -84.49 38.32 -34.78
C PRO P 61 -83.75 37.83 -36.01
N THR P 62 -83.18 36.64 -35.99
CA THR P 62 -82.09 36.34 -36.91
C THR P 62 -82.63 35.97 -38.30
N VAL P 63 -81.70 35.70 -39.22
CA VAL P 63 -82.09 35.37 -40.58
C VAL P 63 -82.73 33.99 -40.66
N ARG P 64 -82.51 33.15 -39.65
CA ARG P 64 -83.15 31.84 -39.63
C ARG P 64 -84.65 31.96 -39.34
N TYR P 65 -85.05 32.92 -38.52
CA TYR P 65 -86.41 32.96 -37.99
C TYR P 65 -87.19 34.22 -38.33
N HIS P 66 -86.62 35.15 -39.11
CA HIS P 66 -87.32 36.42 -39.28
C HIS P 66 -88.58 36.31 -40.11
N THR P 67 -88.79 35.19 -40.82
CA THR P 67 -90.05 34.97 -41.50
C THR P 67 -91.19 34.72 -40.54
N LYS P 68 -90.91 34.14 -39.38
CA LYS P 68 -91.90 33.85 -38.37
C LYS P 68 -92.16 35.08 -37.51
N VAL P 69 -93.27 35.06 -36.80
CA VAL P 69 -93.65 36.13 -35.89
C VAL P 69 -94.17 35.49 -34.62
N ARG P 70 -93.88 36.11 -33.48
CA ARG P 70 -94.24 35.53 -32.20
C ARG P 70 -94.71 36.65 -31.27
N ALA P 71 -94.88 36.32 -30.00
CA ALA P 71 -95.31 37.27 -28.98
C ALA P 71 -94.10 37.80 -28.24
N GLY P 72 -94.09 39.11 -27.98
CA GLY P 72 -93.01 39.76 -27.28
C GLY P 72 -93.27 39.91 -25.79
N ARG P 73 -92.38 40.65 -25.14
CA ARG P 73 -92.50 40.85 -23.70
C ARG P 73 -93.59 41.87 -23.37
N GLY P 74 -93.59 43.01 -24.06
CA GLY P 74 -94.58 44.02 -23.79
C GLY P 74 -94.62 45.06 -24.89
N PHE P 75 -95.67 45.86 -24.87
CA PHE P 75 -95.84 46.88 -25.89
C PHE P 75 -94.89 48.04 -25.65
N SER P 76 -94.25 48.48 -26.72
CA SER P 76 -93.32 49.59 -26.65
C SER P 76 -94.06 50.88 -26.32
N LEU P 77 -93.32 51.84 -25.75
CA LEU P 77 -93.95 53.07 -25.27
C LEU P 77 -94.47 53.93 -26.42
N GLU P 78 -93.89 53.80 -27.63
CA GLU P 78 -94.40 54.56 -28.76
C GLU P 78 -95.73 53.99 -29.23
N GLU P 79 -95.87 52.66 -29.20
CA GLU P 79 -97.14 52.03 -29.54
C GLU P 79 -98.23 52.47 -28.58
N LEU P 80 -97.91 52.51 -27.29
CA LEU P 80 -98.86 53.01 -26.30
C LEU P 80 -99.16 54.48 -26.53
N ARG P 81 -98.14 55.27 -26.88
CA ARG P 81 -98.32 56.70 -27.05
C ARG P 81 -99.27 57.00 -28.20
N VAL P 82 -99.09 56.35 -29.34
CA VAL P 82 -99.97 56.60 -30.47
C VAL P 82 -101.31 55.88 -30.31
N ALA P 83 -101.36 54.82 -29.50
CA ALA P 83 -102.62 54.17 -29.19
C ALA P 83 -103.43 54.91 -28.15
N GLY P 84 -102.87 55.94 -27.52
CA GLY P 84 -103.62 56.74 -26.57
C GLY P 84 -103.71 56.18 -25.17
N ILE P 85 -102.82 55.26 -24.80
CA ILE P 85 -102.85 54.61 -23.50
C ILE P 85 -101.65 55.09 -22.69
N HIS P 86 -101.91 55.51 -21.45
CA HIS P 86 -100.84 55.88 -20.54
C HIS P 86 -99.98 54.67 -20.21
N LYS P 87 -98.67 54.90 -20.08
CA LYS P 87 -97.75 53.80 -19.81
C LYS P 87 -97.87 53.26 -18.39
N LYS P 88 -98.48 54.00 -17.48
CA LYS P 88 -98.71 53.51 -16.12
C LYS P 88 -100.11 52.98 -15.90
N VAL P 89 -101.07 53.34 -16.76
CA VAL P 89 -102.42 52.80 -16.67
C VAL P 89 -102.55 51.50 -17.45
N ALA P 90 -101.67 51.25 -18.43
CA ALA P 90 -101.77 50.06 -19.26
C ALA P 90 -101.64 48.79 -18.45
N ARG P 91 -100.69 48.75 -17.50
CA ARG P 91 -100.49 47.55 -16.70
C ARG P 91 -101.68 47.28 -15.79
N THR P 92 -102.44 48.30 -15.43
CA THR P 92 -103.58 48.10 -14.55
C THR P 92 -104.75 47.44 -15.30
N ILE P 93 -104.80 47.61 -16.63
CA ILE P 93 -105.88 47.03 -17.41
C ILE P 93 -105.36 45.86 -18.23
N GLY P 94 -104.25 45.28 -17.79
CA GLY P 94 -103.73 44.06 -18.36
C GLY P 94 -102.97 44.19 -19.66
N ILE P 95 -102.28 45.31 -19.89
CA ILE P 95 -101.47 45.51 -21.08
C ILE P 95 -100.01 45.44 -20.66
N SER P 96 -99.29 44.47 -21.21
CA SER P 96 -97.87 44.35 -20.90
C SER P 96 -97.08 45.40 -21.67
N VAL P 97 -96.16 46.06 -20.99
CA VAL P 97 -95.39 47.15 -21.57
C VAL P 97 -93.91 46.80 -21.49
N ASP P 98 -93.14 47.29 -22.45
CA ASP P 98 -91.70 47.04 -22.54
C ASP P 98 -91.02 48.37 -22.83
N PRO P 99 -90.57 49.09 -21.80
CA PRO P 99 -89.95 50.40 -22.02
C PRO P 99 -88.65 50.34 -22.81
N ARG P 100 -87.98 49.20 -22.85
CA ARG P 100 -86.68 49.10 -23.51
C ARG P 100 -86.77 48.60 -24.94
N ARG P 101 -87.98 48.40 -25.47
CA ARG P 101 -88.15 48.01 -26.87
C ARG P 101 -88.43 49.23 -27.74
N ARG P 102 -87.76 49.30 -28.88
CA ARG P 102 -87.88 50.38 -29.84
C ARG P 102 -88.66 49.92 -31.07
N ASN P 103 -89.12 50.88 -31.86
CA ASN P 103 -89.87 50.62 -33.08
C ASN P 103 -89.07 51.10 -34.27
N LYS P 104 -88.35 50.18 -34.91
CA LYS P 104 -87.52 50.55 -36.04
C LYS P 104 -88.35 50.86 -37.28
N SER P 105 -89.43 50.11 -37.49
CA SER P 105 -90.25 50.26 -38.69
C SER P 105 -91.67 50.61 -38.32
N THR P 106 -92.34 51.31 -39.24
CA THR P 106 -93.71 51.74 -39.04
C THR P 106 -94.73 50.61 -39.16
N GLU P 107 -94.41 49.55 -39.91
CA GLU P 107 -95.37 48.47 -40.09
C GLU P 107 -95.64 47.71 -38.79
N SER P 108 -94.57 47.36 -38.06
CA SER P 108 -94.75 46.69 -36.79
C SER P 108 -95.45 47.61 -35.79
N LEU P 109 -95.11 48.89 -35.81
CA LEU P 109 -95.78 49.88 -34.98
C LEU P 109 -97.29 49.87 -35.23
N GLN P 110 -97.69 49.98 -36.50
CA GLN P 110 -99.11 50.03 -36.82
C GLN P 110 -99.80 48.72 -36.49
N ALA P 111 -99.14 47.59 -36.73
CA ALA P 111 -99.73 46.30 -36.39
C ALA P 111 -100.00 46.20 -34.89
N ASN P 112 -99.03 46.63 -34.08
CA ASN P 112 -99.21 46.52 -32.63
C ASN P 112 -100.24 47.52 -32.12
N VAL P 113 -100.41 48.66 -32.79
CA VAL P 113 -101.42 49.59 -32.30
C VAL P 113 -102.83 49.17 -32.76
N GLN P 114 -102.96 48.52 -33.92
CA GLN P 114 -104.25 47.89 -34.20
C GLN P 114 -104.56 46.78 -33.21
N ARG P 115 -103.54 46.03 -32.80
CA ARG P 115 -103.73 45.03 -31.75
C ARG P 115 -104.22 45.68 -30.46
N LEU P 116 -103.59 46.78 -30.06
CA LEU P 116 -103.99 47.48 -28.84
C LEU P 116 -105.41 48.03 -28.93
N LYS P 117 -105.76 48.62 -30.08
CA LYS P 117 -107.12 49.14 -30.24
C LYS P 117 -108.15 48.03 -30.20
N GLU P 118 -107.85 46.89 -30.80
CA GLU P 118 -108.78 45.76 -30.76
C GLU P 118 -108.95 45.23 -29.35
N TYR P 119 -107.84 45.13 -28.60
CA TYR P 119 -107.93 44.69 -27.21
C TYR P 119 -108.73 45.67 -26.37
N ARG P 120 -108.49 46.97 -26.56
CA ARG P 120 -109.22 47.98 -25.81
C ARG P 120 -110.70 47.95 -26.15
N SER P 121 -111.03 47.65 -27.39
CA SER P 121 -112.44 47.48 -27.77
C SER P 121 -113.04 46.25 -27.10
N LYS P 122 -112.27 45.16 -27.01
CA LYS P 122 -112.79 43.93 -26.42
C LYS P 122 -112.71 43.91 -24.90
N LEU P 123 -112.18 44.95 -24.27
CA LEU P 123 -112.01 44.95 -22.83
C LEU P 123 -113.32 45.29 -22.14
N ILE P 124 -113.62 44.60 -21.05
CA ILE P 124 -114.74 44.94 -20.17
C ILE P 124 -114.14 45.39 -18.85
N LEU P 125 -114.44 46.62 -18.47
CA LEU P 125 -113.85 47.24 -17.28
C LEU P 125 -114.89 47.28 -16.17
N PHE P 126 -114.59 46.61 -15.08
CA PHE P 126 -115.43 46.63 -13.88
C PHE P 126 -115.14 47.90 -13.09
N PRO P 127 -116.16 48.62 -12.65
CA PRO P 127 -115.91 49.80 -11.80
C PRO P 127 -115.34 49.39 -10.45
N ARG P 128 -114.60 50.32 -9.84
CA ARG P 128 -114.02 50.05 -8.53
C ARG P 128 -115.09 49.76 -7.50
N LYS P 129 -116.16 50.55 -7.49
CA LYS P 129 -117.29 50.28 -6.63
C LYS P 129 -118.40 49.68 -7.47
N PRO P 130 -118.83 48.44 -7.21
CA PRO P 130 -119.86 47.82 -8.07
C PRO P 130 -121.17 48.59 -8.10
N SER P 131 -121.54 49.26 -7.01
CA SER P 131 -122.76 50.06 -7.00
C SER P 131 -122.58 51.45 -7.58
N ALA P 132 -121.34 51.85 -7.91
CA ALA P 132 -121.05 53.18 -8.44
C ALA P 132 -120.26 53.03 -9.72
N PRO P 133 -120.94 52.80 -10.85
CA PRO P 133 -120.25 52.74 -12.14
C PRO P 133 -119.93 54.14 -12.63
N LYS P 134 -118.65 54.53 -12.52
CA LYS P 134 -118.27 55.89 -12.84
C LYS P 134 -118.03 56.08 -14.33
N LYS P 135 -117.02 55.38 -14.88
CA LYS P 135 -116.75 55.47 -16.31
C LYS P 135 -116.32 54.15 -16.93
N GLY P 136 -116.40 53.04 -16.19
CA GLY P 136 -115.86 51.79 -16.70
C GLY P 136 -116.64 51.19 -17.85
N ASP P 137 -117.82 50.65 -17.57
CA ASP P 137 -118.64 49.98 -18.57
C ASP P 137 -120.07 49.90 -18.06
N SER P 138 -120.99 49.65 -19.00
CA SER P 138 -122.38 49.41 -18.64
C SER P 138 -122.50 48.10 -17.87
N SER P 139 -123.47 48.05 -16.97
CA SER P 139 -123.70 46.84 -16.18
C SER P 139 -124.18 45.67 -17.04
N ALA P 140 -124.86 45.95 -18.14
CA ALA P 140 -125.41 44.88 -18.97
C ALA P 140 -124.32 44.04 -19.61
N GLU P 141 -123.29 44.69 -20.15
CA GLU P 141 -122.21 43.97 -20.82
C GLU P 141 -121.20 43.37 -19.86
N GLU P 142 -121.36 43.60 -18.56
CA GLU P 142 -120.56 42.92 -17.56
C GLU P 142 -121.38 42.04 -16.64
N LEU P 143 -122.70 41.99 -16.79
CA LEU P 143 -123.52 41.06 -16.03
C LEU P 143 -123.17 39.62 -16.38
N LYS P 144 -123.41 39.24 -17.62
CA LYS P 144 -123.18 37.87 -18.07
C LYS P 144 -122.17 37.73 -19.18
N LEU P 145 -121.78 38.83 -19.83
CA LEU P 145 -120.81 38.74 -20.92
C LEU P 145 -119.38 38.65 -20.42
N ALA P 146 -119.14 38.86 -19.13
CA ALA P 146 -117.81 38.74 -18.57
C ALA P 146 -117.50 37.28 -18.26
N THR P 147 -116.33 36.83 -18.70
CA THR P 147 -115.95 35.43 -18.54
C THR P 147 -114.44 35.33 -18.64
N GLN P 148 -113.83 34.57 -17.74
CA GLN P 148 -112.39 34.40 -17.75
C GLN P 148 -111.93 33.78 -19.07
N LEU P 149 -110.91 34.39 -19.67
CA LEU P 149 -110.41 33.94 -20.96
C LEU P 149 -109.32 32.88 -20.77
N THR P 150 -109.48 31.77 -21.45
CA THR P 150 -108.52 30.67 -21.38
C THR P 150 -107.62 30.71 -22.61
N GLY P 151 -106.32 30.58 -22.40
CA GLY P 151 -105.36 30.70 -23.46
C GLY P 151 -104.84 32.11 -23.59
N PRO P 152 -103.81 32.31 -24.41
CA PRO P 152 -103.23 33.65 -24.56
C PRO P 152 -104.24 34.63 -25.14
N VAL P 153 -104.17 35.88 -24.68
CA VAL P 153 -105.10 36.90 -25.12
C VAL P 153 -104.74 37.30 -26.55
N MET P 154 -105.66 37.04 -27.48
CA MET P 154 -105.49 37.36 -28.90
C MET P 154 -104.18 36.75 -29.41
N PRO P 155 -104.12 35.43 -29.59
CA PRO P 155 -102.82 34.78 -29.84
C PRO P 155 -102.16 35.26 -31.12
N VAL P 156 -100.83 35.37 -31.06
CA VAL P 156 -100.08 35.85 -32.21
C VAL P 156 -100.04 34.75 -33.27
N ARG P 157 -100.47 35.07 -34.48
CA ARG P 157 -100.72 34.08 -35.51
C ARG P 157 -100.00 34.48 -36.78
N ASN P 158 -99.20 33.56 -37.33
CA ASN P 158 -98.50 33.82 -38.57
C ASN P 158 -99.49 33.87 -39.73
N VAL P 159 -99.42 34.93 -40.52
CA VAL P 159 -100.34 35.14 -41.65
C VAL P 159 -99.56 35.04 -42.94
N TYR P 160 -100.12 34.31 -43.90
CA TYR P 160 -99.55 34.17 -45.23
C TYR P 160 -100.51 34.78 -46.23
N LYS P 161 -99.98 35.62 -47.11
CA LYS P 161 -100.80 36.22 -48.16
C LYS P 161 -100.76 35.33 -49.40
N LYS P 162 -101.92 34.77 -49.76
CA LYS P 162 -102.01 33.92 -50.93
C LYS P 162 -102.14 34.76 -52.19
N GLU P 163 -101.23 34.53 -53.13
CA GLU P 163 -101.21 35.25 -54.39
C GLU P 163 -101.94 34.42 -55.44
N LYS P 164 -102.93 35.03 -56.08
CA LYS P 164 -103.65 34.36 -57.16
C LYS P 164 -102.73 34.13 -58.35
N ALA P 165 -102.98 33.04 -59.06
CA ALA P 165 -102.18 32.71 -60.23
C ALA P 165 -102.37 33.78 -61.30
N ARG P 166 -101.26 34.17 -61.93
CA ARG P 166 -101.27 35.26 -62.90
C ARG P 166 -100.44 34.87 -64.12
N VAL P 167 -100.64 35.61 -65.20
CA VAL P 167 -99.90 35.37 -66.43
C VAL P 167 -98.51 35.96 -66.30
N ILE P 168 -97.49 35.16 -66.62
CA ILE P 168 -96.11 35.64 -66.56
C ILE P 168 -95.85 36.58 -67.72
N THR P 169 -95.36 37.77 -67.42
CA THR P 169 -95.02 38.72 -68.46
C THR P 169 -93.64 38.39 -69.03
N GLU P 170 -93.26 39.12 -70.08
CA GLU P 170 -91.99 38.86 -70.72
C GLU P 170 -90.83 39.39 -69.88
N GLU P 171 -91.05 40.47 -69.15
CA GLU P 171 -89.99 41.03 -68.31
C GLU P 171 -89.61 40.07 -67.20
N GLU P 172 -90.58 39.34 -66.64
CA GLU P 172 -90.28 38.32 -65.66
C GLU P 172 -89.49 37.17 -66.29
N LYS P 173 -89.83 36.78 -67.52
CA LYS P 173 -89.13 35.68 -68.16
C LYS P 173 -87.70 36.06 -68.56
N ASN P 174 -87.45 37.33 -68.82
CA ASN P 174 -86.11 37.77 -69.19
C ASN P 174 -85.23 38.04 -67.98
N PHE P 175 -85.78 37.99 -66.77
CA PHE P 175 -84.97 38.24 -65.57
C PHE P 175 -84.00 37.09 -65.35
N LYS P 176 -82.76 37.43 -65.02
CA LYS P 176 -81.69 36.45 -64.79
C LYS P 176 -81.39 36.44 -63.30
N ALA P 177 -82.07 35.53 -62.57
CA ALA P 177 -81.93 35.52 -61.12
C ALA P 177 -80.52 35.13 -60.69
N PHE P 178 -79.96 34.09 -61.31
CA PHE P 178 -78.63 33.63 -60.90
C PHE P 178 -77.57 34.68 -61.23
N ALA P 179 -77.64 35.26 -62.42
CA ALA P 179 -76.69 36.32 -62.78
C ALA P 179 -76.85 37.52 -61.87
N SER P 180 -78.09 37.88 -61.53
CA SER P 180 -78.31 39.01 -60.64
C SER P 180 -77.73 38.74 -59.25
N LEU P 181 -77.92 37.53 -58.73
CA LEU P 181 -77.35 37.20 -57.42
C LEU P 181 -75.83 37.24 -57.44
N ARG P 182 -75.22 36.64 -58.47
CA ARG P 182 -73.77 36.62 -58.56
C ARG P 182 -73.21 38.04 -58.70
N MET P 183 -73.83 38.87 -59.53
CA MET P 183 -73.35 40.23 -59.70
C MET P 183 -73.58 41.06 -58.45
N ALA P 184 -74.67 40.82 -57.72
CA ALA P 184 -74.88 41.53 -56.46
C ALA P 184 -73.82 41.15 -55.45
N ARG P 185 -73.48 39.86 -55.36
CA ARG P 185 -72.41 39.44 -54.46
C ARG P 185 -71.08 40.08 -54.86
N ALA P 186 -70.79 40.12 -56.16
CA ALA P 186 -69.53 40.70 -56.61
C ALA P 186 -69.47 42.20 -56.32
N ASN P 187 -70.57 42.92 -56.57
CA ASN P 187 -70.61 44.35 -56.31
C ASN P 187 -70.47 44.65 -54.82
N ALA P 188 -71.14 43.86 -53.98
CA ALA P 188 -70.97 44.03 -52.54
C ALA P 188 -69.55 43.74 -52.10
N ARG P 189 -68.92 42.74 -52.70
CA ARG P 189 -67.55 42.40 -52.34
C ARG P 189 -66.58 43.50 -52.76
N LEU P 190 -66.77 44.08 -53.93
CA LEU P 190 -65.80 45.01 -54.52
C LEU P 190 -66.24 46.46 -54.43
N PHE P 191 -67.23 46.80 -53.62
CA PHE P 191 -67.67 48.18 -53.53
C PHE P 191 -66.57 49.08 -52.98
N GLY P 192 -65.88 48.64 -51.92
CA GLY P 192 -64.90 49.51 -51.28
C GLY P 192 -63.66 49.73 -52.14
N ILE P 193 -63.12 48.65 -52.70
CA ILE P 193 -61.88 48.77 -53.47
C ILE P 193 -62.12 49.51 -54.78
N ARG P 194 -63.31 49.39 -55.37
CA ARG P 194 -63.63 50.17 -56.55
C ARG P 194 -63.65 51.65 -56.23
N ALA P 195 -64.24 52.01 -55.09
CA ALA P 195 -64.24 53.41 -54.66
C ALA P 195 -62.82 53.90 -54.42
N LYS P 196 -61.98 53.08 -53.80
CA LYS P 196 -60.60 53.48 -53.56
C LYS P 196 -59.84 53.70 -54.87
N ARG P 197 -60.01 52.78 -55.83
CA ARG P 197 -59.30 52.91 -57.10
C ARG P 197 -59.79 54.12 -57.89
N ALA P 198 -61.11 54.37 -57.88
CA ALA P 198 -61.63 55.56 -58.55
C ALA P 198 -61.12 56.82 -57.87
N LYS P 199 -61.02 56.82 -56.54
CA LYS P 199 -60.50 57.97 -55.81
C LYS P 199 -59.04 58.22 -56.18
N GLU P 200 -58.22 57.17 -56.25
CA GLU P 200 -56.82 57.35 -56.61
C GLU P 200 -56.66 57.80 -58.06
N ALA P 201 -57.52 57.28 -58.96
CA ALA P 201 -57.49 57.76 -60.34
C ALA P 201 -57.85 59.24 -60.41
N ALA P 202 -58.82 59.68 -59.61
CA ALA P 202 -59.14 61.10 -59.53
C ALA P 202 -57.99 61.90 -58.94
N GLU P 203 -57.25 61.30 -58.01
CA GLU P 203 -56.04 61.94 -57.49
C GLU P 203 -55.03 62.18 -58.59
N GLN P 204 -54.80 61.18 -59.43
CA GLN P 204 -53.83 61.35 -60.52
C GLN P 204 -54.40 62.19 -61.65
N ASP P 205 -55.72 62.29 -61.76
CA ASP P 205 -56.31 63.04 -62.86
C ASP P 205 -56.20 64.55 -62.65
N VAL P 206 -56.31 65.00 -61.40
CA VAL P 206 -56.31 66.44 -61.11
C VAL P 206 -54.92 67.06 -61.14
N GLU P 207 -53.88 66.29 -61.46
CA GLU P 207 -52.54 66.83 -61.55
C GLU P 207 -51.78 66.29 -62.76
N LYS P 208 -52.45 65.67 -63.72
CA LYS P 208 -51.76 65.06 -64.86
C LYS P 208 -51.17 66.09 -65.81
N LYS P 209 -51.69 67.32 -65.82
CA LYS P 209 -51.18 68.38 -66.67
C LYS P 209 -50.37 69.35 -65.79
N LYS P 210 -49.06 69.16 -65.76
CA LYS P 210 -48.18 70.00 -64.96
C LYS P 210 -46.73 69.87 -65.43
N VAL Q 1 -25.71 -101.18 -30.93
CA VAL Q 1 -26.90 -100.89 -30.14
C VAL Q 1 -28.11 -100.75 -31.06
N PHE Q 2 -27.92 -100.05 -32.17
CA PHE Q 2 -29.00 -99.83 -33.12
C PHE Q 2 -29.23 -101.07 -33.97
N ARG Q 3 -30.49 -101.36 -34.24
CA ARG Q 3 -30.87 -102.50 -35.06
C ARG Q 3 -31.62 -102.12 -36.32
N ARG Q 4 -32.27 -100.95 -36.35
CA ARG Q 4 -32.97 -100.47 -37.53
C ARG Q 4 -32.26 -99.24 -38.07
N PHE Q 5 -31.96 -99.26 -39.36
CA PHE Q 5 -31.20 -98.21 -40.01
C PHE Q 5 -31.97 -97.65 -41.19
N VAL Q 6 -31.82 -96.35 -41.43
CA VAL Q 6 -32.33 -95.73 -42.65
C VAL Q 6 -31.40 -96.11 -43.79
N GLU Q 7 -31.93 -96.77 -44.80
CA GLU Q 7 -31.13 -97.21 -45.94
C GLU Q 7 -32.06 -97.49 -47.11
N VAL Q 8 -31.46 -97.74 -48.27
CA VAL Q 8 -32.23 -98.05 -49.45
C VAL Q 8 -32.96 -99.37 -49.27
N GLY Q 9 -34.28 -99.34 -49.46
CA GLY Q 9 -35.09 -100.52 -49.33
C GLY Q 9 -35.69 -100.74 -47.95
N ARG Q 10 -35.29 -99.95 -46.96
CA ARG Q 10 -35.87 -100.08 -45.63
C ARG Q 10 -37.32 -99.63 -45.65
N VAL Q 11 -38.21 -100.48 -45.16
CA VAL Q 11 -39.64 -100.20 -45.15
C VAL Q 11 -40.00 -99.49 -43.85
N ALA Q 12 -40.63 -98.34 -43.96
CA ALA Q 12 -40.97 -97.50 -42.81
C ALA Q 12 -42.47 -97.30 -42.76
N TYR Q 13 -42.97 -97.08 -41.54
CA TYR Q 13 -44.38 -96.85 -41.29
C TYR Q 13 -44.62 -95.36 -41.07
N VAL Q 14 -45.56 -94.80 -41.82
CA VAL Q 14 -45.86 -93.38 -41.76
C VAL Q 14 -46.72 -93.11 -40.54
N SER Q 15 -46.15 -92.44 -39.55
CA SER Q 15 -46.89 -92.18 -38.31
C SER Q 15 -47.95 -91.11 -38.50
N PHE Q 16 -47.59 -89.97 -39.08
CA PHE Q 16 -48.53 -88.87 -39.25
C PHE Q 16 -48.27 -88.21 -40.60
N GLY Q 17 -49.08 -87.19 -40.89
CA GLY Q 17 -48.96 -86.47 -42.13
C GLY Q 17 -50.08 -86.83 -43.10
N PRO Q 18 -49.94 -86.40 -44.36
CA PRO Q 18 -50.96 -86.75 -45.36
C PRO Q 18 -51.05 -88.24 -45.65
N HIS Q 19 -50.00 -89.01 -45.39
CA HIS Q 19 -49.96 -90.42 -45.73
C HIS Q 19 -49.95 -91.31 -44.49
N ALA Q 20 -50.54 -90.84 -43.39
CA ALA Q 20 -50.45 -91.52 -42.12
C ALA Q 20 -51.07 -92.90 -42.17
N GLY Q 21 -50.42 -93.86 -41.52
CA GLY Q 21 -50.92 -95.22 -41.44
C GLY Q 21 -50.60 -96.11 -42.62
N LYS Q 22 -49.69 -95.70 -43.50
CA LYS Q 22 -49.32 -96.47 -44.67
C LYS Q 22 -47.86 -96.87 -44.61
N LEU Q 23 -47.54 -97.99 -45.26
CA LEU Q 23 -46.17 -98.44 -45.39
C LEU Q 23 -45.54 -97.84 -46.64
N VAL Q 24 -44.25 -97.52 -46.54
CA VAL Q 24 -43.50 -96.98 -47.66
C VAL Q 24 -42.13 -97.62 -47.70
N ALA Q 25 -41.43 -97.41 -48.81
CA ALA Q 25 -40.07 -97.88 -48.99
C ALA Q 25 -39.14 -96.68 -49.14
N ILE Q 26 -37.97 -96.75 -48.52
CA ILE Q 26 -36.99 -95.68 -48.60
C ILE Q 26 -36.12 -95.96 -49.83
N VAL Q 27 -36.19 -95.07 -50.82
CA VAL Q 27 -35.48 -95.28 -52.07
C VAL Q 27 -34.16 -94.51 -52.11
N ASP Q 28 -34.17 -93.25 -51.68
CA ASP Q 28 -32.96 -92.46 -51.67
C ASP Q 28 -33.02 -91.50 -50.50
N VAL Q 29 -31.87 -90.98 -50.10
CA VAL Q 29 -31.73 -90.14 -48.92
C VAL Q 29 -31.35 -88.73 -49.37
N ILE Q 30 -32.04 -87.73 -48.83
CA ILE Q 30 -31.77 -86.34 -49.12
C ILE Q 30 -31.42 -85.64 -47.81
N ASP Q 31 -30.28 -84.94 -47.79
CA ASP Q 31 -29.90 -83.91 -46.82
C ASP Q 31 -30.31 -84.13 -45.37
N GLN Q 32 -30.20 -85.37 -44.87
CA GLN Q 32 -30.24 -85.70 -43.44
C GLN Q 32 -31.63 -85.55 -42.83
N ASN Q 33 -32.57 -84.96 -43.57
CA ASN Q 33 -33.90 -84.73 -43.05
C ASN Q 33 -35.00 -85.34 -43.88
N ARG Q 34 -34.77 -85.53 -45.18
CA ARG Q 34 -35.78 -86.04 -46.08
C ARG Q 34 -35.29 -87.32 -46.71
N ALA Q 35 -36.21 -88.02 -47.37
CA ALA Q 35 -35.85 -89.24 -48.08
C ALA Q 35 -36.79 -89.42 -49.27
N LEU Q 36 -36.26 -89.94 -50.37
CA LEU Q 36 -37.11 -90.30 -51.48
C LEU Q 36 -37.92 -91.54 -51.11
N VAL Q 37 -39.23 -91.41 -51.17
CA VAL Q 37 -40.15 -92.35 -50.53
C VAL Q 37 -41.13 -92.85 -51.58
N ASP Q 38 -41.39 -94.16 -51.56
CA ASP Q 38 -42.18 -94.80 -52.60
C ASP Q 38 -42.97 -95.95 -52.03
N GLY Q 39 -44.29 -95.80 -51.97
CA GLY Q 39 -45.15 -96.94 -51.76
C GLY Q 39 -45.91 -97.27 -53.03
N PRO Q 40 -45.44 -98.27 -53.76
CA PRO Q 40 -46.12 -98.63 -55.02
C PRO Q 40 -47.29 -99.56 -54.80
N CYS Q 41 -47.26 -100.33 -53.71
CA CYS Q 41 -48.34 -101.24 -53.39
C CYS Q 41 -49.22 -100.76 -52.25
N THR Q 42 -48.75 -99.78 -51.47
CA THR Q 42 -49.55 -99.17 -50.42
C THR Q 42 -50.13 -97.83 -50.85
N GLN Q 43 -50.05 -97.51 -52.14
CA GLN Q 43 -50.66 -96.32 -52.73
C GLN Q 43 -50.06 -95.04 -52.15
N VAL Q 44 -48.74 -94.96 -52.17
CA VAL Q 44 -48.00 -93.76 -51.79
C VAL Q 44 -47.03 -93.47 -52.93
N ARG Q 45 -47.40 -92.54 -53.81
CA ARG Q 45 -46.57 -92.24 -54.96
C ARG Q 45 -45.23 -91.66 -54.52
N ARG Q 46 -44.27 -91.64 -55.44
CA ARG Q 46 -42.92 -91.21 -55.12
C ARG Q 46 -42.91 -89.72 -54.77
N GLN Q 47 -42.30 -89.40 -53.63
CA GLN Q 47 -42.23 -88.03 -53.14
C GLN Q 47 -41.18 -87.99 -52.02
N ALA Q 48 -40.72 -86.78 -51.73
CA ALA Q 48 -39.86 -86.56 -50.58
C ALA Q 48 -40.68 -86.66 -49.30
N MET Q 49 -40.00 -86.95 -48.20
CA MET Q 49 -40.68 -87.15 -46.94
C MET Q 49 -39.73 -87.01 -45.76
N PRO Q 50 -40.09 -86.20 -44.77
CA PRO Q 50 -39.21 -86.05 -43.60
C PRO Q 50 -39.10 -87.33 -42.80
N PHE Q 51 -37.94 -87.49 -42.16
CA PHE Q 51 -37.72 -88.63 -41.27
C PHE Q 51 -38.50 -88.53 -39.97
N LYS Q 52 -39.01 -87.35 -39.63
CA LYS Q 52 -39.68 -87.17 -38.36
C LYS Q 52 -41.03 -87.86 -38.32
N CYS Q 53 -41.63 -88.11 -39.49
CA CYS Q 53 -42.90 -88.81 -39.57
C CYS Q 53 -42.72 -90.26 -40.02
N MET Q 54 -41.51 -90.81 -39.94
CA MET Q 54 -41.26 -92.19 -40.28
C MET Q 54 -40.97 -93.00 -39.03
N GLN Q 55 -41.44 -94.25 -39.02
CA GLN Q 55 -41.11 -95.21 -37.98
C GLN Q 55 -40.62 -96.47 -38.69
N LEU Q 56 -39.33 -96.76 -38.57
CA LEU Q 56 -38.72 -97.83 -39.33
C LEU Q 56 -39.23 -99.19 -38.87
N THR Q 57 -39.47 -100.07 -39.83
CA THR Q 57 -39.87 -101.44 -39.56
C THR Q 57 -38.67 -102.37 -39.78
N ASP Q 58 -38.90 -103.66 -39.60
CA ASP Q 58 -37.85 -104.66 -39.71
C ASP Q 58 -37.64 -105.17 -41.13
N PHE Q 59 -38.40 -104.67 -42.09
CA PHE Q 59 -38.37 -105.16 -43.46
C PHE Q 59 -37.41 -104.34 -44.30
N ILE Q 60 -36.56 -105.01 -45.06
CA ILE Q 60 -35.62 -104.38 -45.97
C ILE Q 60 -35.79 -105.00 -47.34
N LEU Q 61 -36.01 -104.17 -48.35
CA LEU Q 61 -36.13 -104.62 -49.73
C LEU Q 61 -34.81 -104.41 -50.46
N LYS Q 62 -34.53 -105.28 -51.41
CA LYS Q 62 -33.27 -105.26 -52.15
C LYS Q 62 -33.53 -104.70 -53.55
N PHE Q 63 -33.34 -103.40 -53.69
CA PHE Q 63 -33.28 -102.74 -54.99
C PHE Q 63 -32.24 -101.65 -54.93
N PRO Q 64 -31.63 -101.30 -56.07
CA PRO Q 64 -30.65 -100.22 -56.08
C PRO Q 64 -31.30 -98.88 -55.80
N HIS Q 65 -30.47 -97.92 -55.40
CA HIS Q 65 -30.97 -96.60 -55.06
C HIS Q 65 -31.49 -95.87 -56.29
N SER Q 66 -32.63 -95.20 -56.13
CA SER Q 66 -33.28 -94.43 -57.19
C SER Q 66 -33.63 -95.31 -58.40
N ALA Q 67 -34.20 -96.47 -58.15
CA ALA Q 67 -34.77 -97.28 -59.21
C ALA Q 67 -36.19 -96.80 -59.52
N HIS Q 68 -36.72 -97.25 -60.65
CA HIS Q 68 -38.05 -96.83 -61.03
C HIS Q 68 -39.11 -97.61 -60.24
N GLN Q 69 -40.37 -97.25 -60.49
CA GLN Q 69 -41.48 -97.85 -59.75
C GLN Q 69 -41.58 -99.34 -60.01
N LYS Q 70 -41.16 -99.79 -61.20
CA LYS Q 70 -41.27 -101.20 -61.55
C LYS Q 70 -40.49 -102.07 -60.57
N TYR Q 71 -39.22 -101.73 -60.35
CA TYR Q 71 -38.34 -102.60 -59.57
C TYR Q 71 -38.71 -102.54 -58.10
N VAL Q 72 -39.07 -101.37 -57.59
CA VAL Q 72 -39.55 -101.25 -56.22
C VAL Q 72 -40.81 -102.08 -56.02
N ARG Q 73 -41.73 -102.01 -56.99
CA ARG Q 73 -43.00 -102.75 -56.86
C ARG Q 73 -42.78 -104.25 -56.92
N GLN Q 74 -41.89 -104.72 -57.80
CA GLN Q 74 -41.60 -106.15 -57.84
C GLN Q 74 -40.87 -106.62 -56.58
N ALA Q 75 -39.99 -105.80 -56.04
CA ALA Q 75 -39.34 -106.15 -54.78
C ALA Q 75 -40.34 -106.18 -53.64
N TRP Q 76 -41.36 -105.32 -53.70
CA TRP Q 76 -42.40 -105.33 -52.68
C TRP Q 76 -43.28 -106.57 -52.79
N GLN Q 77 -43.73 -106.88 -54.01
CA GLN Q 77 -44.68 -107.98 -54.21
C GLN Q 77 -44.02 -109.33 -53.97
N LYS Q 78 -42.84 -109.54 -54.53
CA LYS Q 78 -42.07 -110.72 -54.18
C LYS Q 78 -41.59 -110.59 -52.75
N ALA Q 79 -41.77 -111.63 -51.96
CA ALA Q 79 -41.64 -111.56 -50.50
C ALA Q 79 -42.61 -110.50 -49.96
N ASP Q 80 -43.89 -110.82 -50.11
CA ASP Q 80 -44.99 -109.87 -49.94
C ASP Q 80 -44.93 -109.14 -48.62
N ILE Q 81 -44.73 -107.82 -48.70
CA ILE Q 81 -44.59 -107.01 -47.50
C ILE Q 81 -45.95 -106.74 -46.86
N ASN Q 82 -47.02 -106.78 -47.65
CA ASN Q 82 -48.35 -106.50 -47.09
C ASN Q 82 -48.76 -107.58 -46.08
N THR Q 83 -48.67 -108.85 -46.47
CA THR Q 83 -49.08 -109.91 -45.56
C THR Q 83 -48.09 -110.09 -44.42
N LYS Q 84 -46.80 -109.96 -44.69
CA LYS Q 84 -45.80 -110.03 -43.63
C LYS Q 84 -45.97 -108.90 -42.64
N TRP Q 85 -46.41 -107.73 -43.11
CA TRP Q 85 -46.70 -106.62 -42.22
C TRP Q 85 -47.95 -106.91 -41.39
N ALA Q 86 -49.01 -107.37 -42.04
CA ALA Q 86 -50.25 -107.67 -41.33
C ALA Q 86 -50.07 -108.80 -40.32
N ALA Q 87 -49.05 -109.62 -40.50
CA ALA Q 87 -48.79 -110.70 -39.54
C ALA Q 87 -48.07 -110.20 -38.30
N THR Q 88 -47.51 -108.99 -38.35
CA THR Q 88 -46.73 -108.48 -37.23
C THR Q 88 -47.63 -108.08 -36.07
N ARG Q 89 -47.04 -108.05 -34.87
CA ARG Q 89 -47.75 -107.58 -33.70
C ARG Q 89 -48.02 -106.07 -33.78
N TRP Q 90 -47.12 -105.33 -34.41
CA TRP Q 90 -47.29 -103.89 -34.61
C TRP Q 90 -48.58 -103.59 -35.38
N ALA Q 91 -48.76 -104.26 -36.52
CA ALA Q 91 -49.92 -103.96 -37.36
C ALA Q 91 -51.22 -104.38 -36.68
N LYS Q 92 -51.23 -105.52 -35.99
CA LYS Q 92 -52.47 -105.92 -35.34
C LYS Q 92 -52.74 -105.11 -34.09
N LYS Q 93 -51.72 -104.54 -33.45
CA LYS Q 93 -51.97 -103.54 -32.41
C LYS Q 93 -52.62 -102.29 -33.01
N ILE Q 94 -52.14 -101.87 -34.19
CA ILE Q 94 -52.76 -100.75 -34.88
C ILE Q 94 -54.22 -101.06 -35.20
N GLU Q 95 -54.48 -102.26 -35.70
CA GLU Q 95 -55.83 -102.64 -36.08
C GLU Q 95 -56.74 -102.74 -34.85
N ALA Q 96 -56.19 -103.23 -33.73
CA ALA Q 96 -56.96 -103.28 -32.49
C ALA Q 96 -57.30 -101.88 -32.00
N ARG Q 97 -56.37 -100.94 -32.10
CA ARG Q 97 -56.69 -99.54 -31.79
C ARG Q 97 -57.81 -99.03 -32.69
N GLU Q 98 -57.73 -99.33 -33.99
CA GLU Q 98 -58.74 -98.85 -34.92
C GLU Q 98 -60.12 -99.40 -34.60
N ARG Q 99 -60.22 -100.70 -34.33
CA ARG Q 99 -61.52 -101.28 -34.08
C ARG Q 99 -62.02 -101.05 -32.66
N LYS Q 100 -61.15 -100.65 -31.74
CA LYS Q 100 -61.63 -100.16 -30.45
C LYS Q 100 -62.18 -98.74 -30.59
N ALA Q 101 -61.57 -97.94 -31.47
CA ALA Q 101 -62.06 -96.58 -31.67
C ALA Q 101 -63.44 -96.56 -32.30
N LYS Q 102 -63.72 -97.50 -33.20
CA LYS Q 102 -64.98 -97.54 -33.92
C LYS Q 102 -66.02 -98.43 -33.25
N MET Q 103 -65.83 -98.77 -31.99
CA MET Q 103 -66.78 -99.60 -31.25
C MET Q 103 -67.97 -98.74 -30.83
N THR Q 104 -69.18 -99.24 -31.08
CA THR Q 104 -70.39 -98.49 -30.83
C THR Q 104 -70.86 -98.69 -29.39
N ASP Q 105 -72.02 -98.11 -29.07
CA ASP Q 105 -72.55 -98.19 -27.72
C ASP Q 105 -72.99 -99.61 -27.38
N PHE Q 106 -73.67 -100.29 -28.30
CA PHE Q 106 -74.06 -101.67 -28.08
C PHE Q 106 -72.84 -102.57 -27.96
N ASP Q 107 -71.83 -102.33 -28.80
CA ASP Q 107 -70.58 -103.06 -28.71
C ASP Q 107 -69.89 -102.79 -27.37
N ARG Q 108 -69.94 -101.53 -26.91
CA ARG Q 108 -69.37 -101.20 -25.61
C ARG Q 108 -70.07 -101.97 -24.49
N PHE Q 109 -71.40 -102.08 -24.57
CA PHE Q 109 -72.15 -102.80 -23.54
C PHE Q 109 -71.81 -104.28 -23.55
N LYS Q 110 -71.75 -104.88 -24.74
CA LYS Q 110 -71.43 -106.30 -24.83
C LYS Q 110 -70.01 -106.58 -24.34
N VAL Q 111 -69.07 -105.70 -24.68
CA VAL Q 111 -67.70 -105.82 -24.18
C VAL Q 111 -67.67 -105.71 -22.67
N MET Q 112 -68.45 -104.77 -22.11
CA MET Q 112 -68.53 -104.63 -20.67
C MET Q 112 -69.00 -105.91 -20.00
N LYS Q 113 -70.05 -106.53 -20.54
CA LYS Q 113 -70.56 -107.77 -19.96
C LYS Q 113 -69.54 -108.89 -20.05
N ALA Q 114 -68.94 -109.07 -21.22
CA ALA Q 114 -67.96 -110.14 -21.40
C ALA Q 114 -66.75 -109.94 -20.50
N LYS Q 115 -66.27 -108.70 -20.40
CA LYS Q 115 -65.13 -108.39 -19.54
C LYS Q 115 -65.47 -108.62 -18.07
N LYS Q 116 -66.70 -108.28 -17.68
CA LYS Q 116 -67.16 -108.53 -16.31
C LYS Q 116 -67.05 -110.02 -15.97
N MET Q 117 -67.64 -110.87 -16.81
CA MET Q 117 -67.63 -112.29 -16.51
C MET Q 117 -66.21 -112.86 -16.57
N ARG Q 118 -65.44 -112.45 -17.56
CA ARG Q 118 -64.06 -112.92 -17.71
C ARG Q 118 -63.22 -112.57 -16.49
N ASN Q 119 -63.32 -111.32 -16.04
CA ASN Q 119 -62.54 -110.88 -14.88
C ASN Q 119 -62.96 -111.62 -13.63
N ARG Q 120 -64.27 -111.85 -13.46
CA ARG Q 120 -64.72 -112.57 -12.26
C ARG Q 120 -64.19 -114.00 -12.24
N ILE Q 121 -64.23 -114.69 -13.38
CA ILE Q 121 -63.72 -116.07 -13.43
C ILE Q 121 -62.22 -116.09 -13.17
N ILE Q 122 -61.48 -115.18 -13.80
CA ILE Q 122 -60.03 -115.15 -13.62
C ILE Q 122 -59.66 -114.82 -12.18
N LYS Q 123 -60.41 -113.92 -11.56
CA LYS Q 123 -60.15 -113.57 -10.17
C LYS Q 123 -60.43 -114.75 -9.24
N ASN Q 124 -61.49 -115.51 -9.52
CA ASN Q 124 -61.75 -116.72 -8.73
C ASN Q 124 -60.61 -117.71 -8.87
N GLU Q 125 -60.10 -117.90 -10.08
CA GLU Q 125 -58.98 -118.82 -10.27
C GLU Q 125 -57.71 -118.31 -9.56
N VAL Q 126 -57.51 -116.99 -9.55
CA VAL Q 126 -56.38 -116.42 -8.83
C VAL Q 126 -56.49 -116.70 -7.34
N LYS Q 127 -57.69 -116.54 -6.79
CA LYS Q 127 -57.90 -116.86 -5.37
C LYS Q 127 -57.63 -118.34 -5.09
N LYS Q 128 -58.08 -119.21 -6.00
CA LYS Q 128 -57.82 -120.64 -5.81
C LYS Q 128 -56.33 -120.95 -5.85
N LEU Q 129 -55.60 -120.34 -6.77
CA LEU Q 129 -54.15 -120.55 -6.82
C LEU Q 129 -53.46 -120.00 -5.58
N GLN Q 130 -53.91 -118.85 -5.07
CA GLN Q 130 -53.33 -118.32 -3.85
C GLN Q 130 -53.56 -119.26 -2.67
N LYS Q 131 -54.77 -119.81 -2.54
CA LYS Q 131 -55.03 -120.72 -1.44
C LYS Q 131 -54.29 -122.04 -1.61
N ALA Q 132 -54.09 -122.48 -2.86
CA ALA Q 132 -53.29 -123.68 -3.09
C ALA Q 132 -51.83 -123.45 -2.71
N ALA Q 133 -51.28 -122.29 -3.04
CA ALA Q 133 -49.89 -122.00 -2.74
C ALA Q 133 -49.67 -121.50 -1.32
N LEU Q 134 -50.75 -121.23 -0.58
CA LEU Q 134 -50.60 -120.76 0.80
C LEU Q 134 -50.32 -121.89 1.77
N LEU Q 135 -50.61 -123.13 1.42
CA LEU Q 135 -50.41 -124.25 2.32
C LEU Q 135 -48.97 -124.78 2.25
N LYS Q 136 -48.01 -123.89 2.43
CA LYS Q 136 -46.60 -124.25 2.45
C LYS Q 136 -46.06 -124.09 3.87
N ALA Q 137 -45.40 -125.14 4.37
CA ALA Q 137 -44.82 -125.10 5.71
C ALA Q 137 -43.70 -126.15 5.74
N SER Q 138 -42.46 -125.67 5.76
CA SER Q 138 -41.30 -126.57 5.74
C SER Q 138 -40.13 -125.94 6.50
N PRO Q 139 -39.53 -126.66 7.47
CA PRO Q 139 -38.36 -126.18 8.20
C PRO Q 139 -37.14 -125.99 7.30
N GLY R 1 -75.43 72.62 -4.43
CA GLY R 1 -74.73 72.11 -5.59
C GLY R 1 -73.26 71.88 -5.33
N ALA R 2 -72.87 71.98 -4.05
CA ALA R 2 -71.47 71.82 -3.68
C ALA R 2 -70.95 70.42 -3.90
N TYR R 3 -71.85 69.42 -3.88
CA TYR R 3 -71.40 68.04 -4.03
C TYR R 3 -70.81 67.78 -5.40
N LYS R 4 -71.32 68.47 -6.42
CA LYS R 4 -70.71 68.36 -7.75
C LYS R 4 -69.28 68.88 -7.75
N TYR R 5 -69.04 70.00 -7.08
CA TYR R 5 -67.68 70.52 -6.97
C TYR R 5 -66.77 69.57 -6.21
N ILE R 6 -67.28 68.98 -5.13
CA ILE R 6 -66.44 68.07 -4.35
C ILE R 6 -66.14 66.82 -5.16
N GLN R 7 -67.11 66.34 -5.93
CA GLN R 7 -66.89 65.19 -6.79
C GLN R 7 -65.83 65.47 -7.84
N GLU R 8 -65.95 66.62 -8.54
CA GLU R 8 -64.95 66.97 -9.53
C GLU R 8 -63.59 67.20 -8.90
N LEU R 9 -63.56 67.66 -7.65
CA LEU R 9 -62.31 67.84 -6.94
C LEU R 9 -61.64 66.50 -6.66
N TRP R 10 -62.41 65.53 -6.20
CA TRP R 10 -61.84 64.23 -5.86
C TRP R 10 -61.42 63.42 -7.08
N ARG R 11 -61.76 63.88 -8.28
CA ARG R 11 -61.27 63.26 -9.51
C ARG R 11 -59.92 63.81 -9.94
N LYS R 12 -59.32 64.66 -9.11
CA LYS R 12 -58.06 65.34 -9.41
C LYS R 12 -57.00 64.95 -8.40
N LYS R 13 -56.89 63.64 -8.15
CA LYS R 13 -56.07 63.13 -7.06
C LYS R 13 -54.58 63.40 -7.23
N GLN R 14 -54.13 63.80 -8.41
CA GLN R 14 -52.73 64.15 -8.64
C GLN R 14 -52.50 65.65 -8.64
N SER R 15 -53.55 66.45 -8.40
CA SER R 15 -53.34 67.86 -8.20
C SER R 15 -52.62 68.11 -6.88
N ASP R 16 -52.02 69.29 -6.76
CA ASP R 16 -51.23 69.61 -5.57
C ASP R 16 -52.08 69.61 -4.31
N VAL R 17 -53.27 70.22 -4.38
CA VAL R 17 -54.15 70.27 -3.22
C VAL R 17 -54.58 68.87 -2.80
N MET R 18 -55.00 68.03 -3.76
CA MET R 18 -55.44 66.70 -3.41
C MET R 18 -54.26 65.82 -3.01
N ARG R 19 -53.10 66.00 -3.63
CA ARG R 19 -51.92 65.25 -3.21
C ARG R 19 -51.55 65.57 -1.77
N PHE R 20 -51.55 66.85 -1.41
CA PHE R 20 -51.22 67.25 -0.05
C PHE R 20 -52.23 66.67 0.94
N LEU R 21 -53.53 66.77 0.61
CA LEU R 21 -54.56 66.25 1.49
C LEU R 21 -54.43 64.74 1.67
N LEU R 22 -54.19 64.02 0.58
CA LEU R 22 -54.06 62.57 0.66
C LEU R 22 -52.83 62.17 1.45
N ARG R 23 -51.71 62.86 1.27
CA ARG R 23 -50.51 62.54 2.06
C ARG R 23 -50.74 62.77 3.54
N VAL R 24 -51.33 63.92 3.89
CA VAL R 24 -51.56 64.22 5.30
C VAL R 24 -52.54 63.23 5.92
N ARG R 25 -53.63 62.92 5.21
CA ARG R 25 -54.61 62.00 5.76
C ARG R 25 -54.07 60.58 5.85
N CYS R 26 -53.26 60.16 4.88
CA CYS R 26 -52.62 58.85 4.96
C CYS R 26 -51.69 58.76 6.16
N TRP R 27 -50.93 59.82 6.41
CA TRP R 27 -50.09 59.85 7.61
C TRP R 27 -50.94 59.75 8.87
N GLN R 28 -52.03 60.50 8.92
CA GLN R 28 -52.88 60.49 10.11
C GLN R 28 -53.52 59.12 10.34
N TYR R 29 -54.03 58.50 9.28
CA TYR R 29 -54.63 57.18 9.41
C TYR R 29 -53.58 56.13 9.77
N ARG R 30 -52.34 56.35 9.34
CA ARG R 30 -51.28 55.39 9.64
C ARG R 30 -50.99 55.31 11.13
N GLN R 31 -51.29 56.38 11.88
CA GLN R 31 -51.01 56.40 13.31
C GLN R 31 -52.08 55.69 14.13
N LEU R 32 -53.29 55.54 13.61
CA LEU R 32 -54.39 54.96 14.35
C LEU R 32 -54.35 53.44 14.26
N SER R 33 -55.40 52.80 14.74
CA SER R 33 -55.49 51.35 14.69
C SER R 33 -55.88 50.88 13.30
N ALA R 34 -55.74 49.57 13.07
CA ALA R 34 -56.16 48.99 11.81
C ALA R 34 -57.66 49.11 11.62
N LEU R 35 -58.43 48.91 12.68
CA LEU R 35 -59.86 49.11 12.69
C LEU R 35 -60.17 50.27 13.63
N HIS R 36 -61.04 51.17 13.20
CA HIS R 36 -61.27 52.41 13.92
C HIS R 36 -62.54 53.06 13.40
N ARG R 37 -63.36 53.58 14.32
CA ARG R 37 -64.59 54.24 13.90
C ARG R 37 -64.33 55.71 13.60
N ALA R 38 -64.77 56.14 12.42
CA ALA R 38 -64.76 57.54 12.00
C ALA R 38 -66.01 58.25 12.53
N PRO R 39 -65.84 59.40 13.19
CA PRO R 39 -67.02 60.12 13.69
C PRO R 39 -67.94 60.60 12.58
N ARG R 40 -67.42 60.80 11.39
CA ARG R 40 -68.22 61.22 10.24
C ARG R 40 -67.51 60.74 8.98
N PRO R 41 -68.23 60.57 7.87
CA PRO R 41 -67.56 60.19 6.62
C PRO R 41 -66.60 61.27 6.17
N THR R 42 -65.39 60.85 5.76
CA THR R 42 -64.40 61.80 5.27
C THR R 42 -64.80 62.37 3.92
N ARG R 43 -65.52 61.59 3.12
CA ARG R 43 -66.04 62.03 1.82
C ARG R 43 -67.56 61.93 1.89
N PRO R 44 -68.24 62.99 2.35
CA PRO R 44 -69.71 62.92 2.46
C PRO R 44 -70.41 62.70 1.13
N ASP R 45 -69.87 63.28 0.03
CA ASP R 45 -70.51 63.10 -1.26
C ASP R 45 -70.45 61.65 -1.72
N LYS R 46 -69.27 61.02 -1.63
CA LYS R 46 -69.13 59.63 -2.02
C LYS R 46 -69.96 58.73 -1.11
N ALA R 47 -69.98 59.04 0.18
CA ALA R 47 -70.76 58.26 1.13
C ALA R 47 -72.24 58.28 0.79
N ARG R 48 -72.81 59.47 0.59
CA ARG R 48 -74.23 59.53 0.27
C ARG R 48 -74.51 59.01 -1.13
N ARG R 49 -73.51 59.05 -2.00
CA ARG R 49 -73.64 58.42 -3.31
C ARG R 49 -73.73 56.90 -3.17
N LEU R 50 -73.07 56.34 -2.15
CA LEU R 50 -73.06 54.90 -1.96
C LEU R 50 -74.21 54.41 -1.07
N GLY R 51 -75.09 55.29 -0.62
CA GLY R 51 -76.25 54.85 0.14
C GLY R 51 -76.33 55.38 1.55
N TYR R 52 -75.33 56.15 1.97
CA TYR R 52 -75.30 56.68 3.31
C TYR R 52 -76.21 57.89 3.43
N LYS R 53 -76.79 58.06 4.61
CA LYS R 53 -77.60 59.22 4.95
C LYS R 53 -77.23 59.70 6.35
N ALA R 54 -77.11 61.01 6.51
CA ALA R 54 -76.64 61.59 7.77
C ALA R 54 -77.78 61.57 8.79
N LYS R 55 -78.00 60.39 9.37
CA LYS R 55 -79.01 60.23 10.40
C LYS R 55 -78.54 59.14 11.36
N GLN R 56 -79.25 59.03 12.48
CA GLN R 56 -78.89 58.04 13.49
C GLN R 56 -79.12 56.63 12.95
N GLY R 57 -78.11 55.77 13.12
CA GLY R 57 -78.13 54.42 12.61
C GLY R 57 -77.11 54.16 11.52
N TYR R 58 -76.57 55.21 10.91
CA TYR R 58 -75.48 55.08 9.95
C TYR R 58 -74.17 55.40 10.65
N VAL R 59 -73.24 54.45 10.65
CA VAL R 59 -71.94 54.63 11.26
C VAL R 59 -70.86 54.30 10.26
N ILE R 60 -69.70 54.93 10.43
CA ILE R 60 -68.59 54.81 9.51
C ILE R 60 -67.40 54.24 10.27
N TYR R 61 -66.80 53.19 9.72
CA TYR R 61 -65.63 52.56 10.30
C TYR R 61 -64.50 52.63 9.29
N ARG R 62 -63.35 53.14 9.71
CA ARG R 62 -62.18 53.20 8.86
C ARG R 62 -61.36 51.94 9.03
N ILE R 63 -61.02 51.29 7.93
CA ILE R 63 -60.32 50.01 7.93
C ILE R 63 -59.01 50.17 7.18
N ARG R 64 -57.96 49.56 7.69
CA ARG R 64 -56.64 49.58 7.08
C ARG R 64 -56.23 48.15 6.76
N VAL R 65 -56.01 47.89 5.47
CA VAL R 65 -55.61 46.57 5.01
C VAL R 65 -54.21 46.66 4.44
N ARG R 66 -53.51 45.53 4.49
CA ARG R 66 -52.15 45.45 3.97
C ARG R 66 -52.17 45.13 2.49
N ARG R 67 -51.35 45.86 1.74
CA ARG R 67 -51.34 45.75 0.29
C ARG R 67 -50.50 44.56 -0.16
N GLY R 68 -50.63 44.22 -1.43
CA GLY R 68 -49.84 43.17 -2.04
C GLY R 68 -50.67 41.93 -2.33
N GLY R 69 -49.97 40.92 -2.84
CA GLY R 69 -50.59 39.68 -3.21
C GLY R 69 -50.76 38.74 -2.02
N ARG R 70 -51.05 37.49 -2.34
CA ARG R 70 -51.34 36.47 -1.33
C ARG R 70 -50.28 35.38 -1.42
N LYS R 71 -49.30 35.42 -0.51
CA LYS R 71 -48.35 34.34 -0.42
C LYS R 71 -49.03 33.07 0.08
N ARG R 72 -48.71 31.94 -0.53
CA ARG R 72 -49.30 30.68 -0.13
C ARG R 72 -48.80 30.30 1.27
N PRO R 73 -49.69 30.02 2.21
CA PRO R 73 -49.26 29.72 3.59
C PRO R 73 -48.83 28.27 3.75
N VAL R 74 -47.69 27.93 3.19
CA VAL R 74 -47.14 26.58 3.28
C VAL R 74 -45.79 26.65 3.97
N PRO R 75 -45.41 25.62 4.74
CA PRO R 75 -44.13 25.68 5.47
C PRO R 75 -42.95 25.63 4.53
N LYS R 76 -42.06 26.61 4.65
CA LYS R 76 -40.83 26.73 3.88
C LYS R 76 -41.08 26.77 2.38
N GLY R 77 -42.26 27.25 1.96
CA GLY R 77 -42.58 27.35 0.56
C GLY R 77 -42.71 26.02 -0.15
N ALA R 78 -42.82 24.92 0.58
CA ALA R 78 -42.90 23.59 -0.02
C ALA R 78 -44.37 23.24 -0.23
N THR R 79 -44.80 23.26 -1.48
CA THR R 79 -46.13 22.80 -1.89
C THR R 79 -45.90 21.46 -2.57
N TYR R 80 -46.20 20.38 -1.84
CA TYR R 80 -45.97 19.04 -2.35
C TYR R 80 -46.97 18.68 -3.43
N GLY R 81 -46.50 18.54 -4.66
CA GLY R 81 -47.39 18.23 -5.76
C GLY R 81 -46.69 18.47 -7.08
N LYS R 82 -47.48 18.50 -8.14
CA LYS R 82 -46.95 18.69 -9.47
C LYS R 82 -46.42 20.12 -9.62
N PRO R 83 -45.49 20.35 -10.54
CA PRO R 83 -44.85 21.68 -10.65
C PRO R 83 -45.81 22.80 -11.01
N VAL R 84 -46.99 22.50 -11.55
CA VAL R 84 -47.93 23.56 -11.87
C VAL R 84 -48.46 24.24 -10.60
N HIS R 85 -48.34 23.58 -9.45
CA HIS R 85 -48.82 24.11 -8.18
C HIS R 85 -47.67 24.50 -7.26
N HIS R 86 -46.46 24.66 -7.79
CA HIS R 86 -45.31 25.04 -6.97
C HIS R 86 -45.31 26.51 -6.62
N GLY R 87 -46.21 27.30 -7.19
CA GLY R 87 -46.23 28.73 -6.94
C GLY R 87 -46.48 29.10 -5.49
N VAL R 88 -45.61 29.93 -4.93
CA VAL R 88 -45.76 30.46 -3.58
C VAL R 88 -45.88 31.98 -3.59
N ASN R 89 -45.00 32.64 -4.33
CA ASN R 89 -45.12 34.07 -4.56
C ASN R 89 -45.79 34.34 -5.90
N GLN R 90 -46.05 35.62 -6.16
CA GLN R 90 -46.76 36.11 -7.34
C GLN R 90 -48.15 35.52 -7.47
N LEU R 91 -48.73 35.05 -6.36
CA LEU R 91 -50.11 34.60 -6.34
C LEU R 91 -51.02 35.74 -5.88
N LYS R 92 -52.28 35.68 -6.31
CA LYS R 92 -53.21 36.77 -6.08
C LYS R 92 -54.49 36.26 -5.47
N PHE R 93 -55.00 37.01 -4.50
CA PHE R 93 -56.29 36.70 -3.89
C PHE R 93 -57.42 37.00 -4.87
N ALA R 94 -58.46 36.15 -4.85
CA ALA R 94 -59.52 36.28 -5.83
C ALA R 94 -60.44 37.45 -5.51
N ARG R 95 -60.36 38.01 -4.30
CA ARG R 95 -61.19 39.13 -3.89
C ARG R 95 -60.33 40.36 -3.67
N SER R 96 -60.90 41.52 -3.96
CA SER R 96 -60.17 42.77 -3.84
C SER R 96 -59.91 43.11 -2.38
N LEU R 97 -58.99 44.07 -2.17
CA LEU R 97 -58.69 44.51 -0.81
C LEU R 97 -59.86 45.27 -0.20
N GLN R 98 -60.68 45.93 -1.03
CA GLN R 98 -61.87 46.59 -0.53
C GLN R 98 -62.84 45.60 0.08
N SER R 99 -63.01 44.44 -0.58
CA SER R 99 -63.85 43.39 -0.03
C SER R 99 -63.30 42.88 1.29
N VAL R 100 -61.98 42.77 1.40
CA VAL R 100 -61.35 42.31 2.64
C VAL R 100 -61.60 43.30 3.77
N ALA R 101 -61.47 44.60 3.47
CA ALA R 101 -61.75 45.61 4.48
C ALA R 101 -63.21 45.57 4.91
N GLU R 102 -64.13 45.40 3.95
CA GLU R 102 -65.54 45.29 4.29
C GLU R 102 -65.79 44.08 5.17
N GLU R 103 -65.16 42.95 4.85
CA GLU R 103 -65.33 41.73 5.63
C GLU R 103 -64.81 41.90 7.05
N ARG R 104 -63.67 42.57 7.21
CA ARG R 104 -63.14 42.80 8.54
C ARG R 104 -64.04 43.72 9.35
N ALA R 105 -64.54 44.79 8.71
CA ALA R 105 -65.46 45.69 9.40
C ALA R 105 -66.73 44.96 9.81
N GLY R 106 -67.28 44.12 8.93
CA GLY R 106 -68.47 43.37 9.28
C GLY R 106 -68.23 42.33 10.36
N ARG R 107 -67.05 41.71 10.35
CA ARG R 107 -66.75 40.69 11.36
C ARG R 107 -66.58 41.32 12.73
N HIS R 108 -65.93 42.47 12.81
CA HIS R 108 -65.77 43.13 14.11
C HIS R 108 -67.11 43.64 14.64
N CYS R 109 -67.88 44.30 13.78
CA CYS R 109 -69.22 44.76 14.15
C CYS R 109 -70.28 43.81 13.61
N GLY R 110 -70.44 42.68 14.31
CA GLY R 110 -71.35 41.64 13.85
C GLY R 110 -72.81 41.98 14.00
N ALA R 111 -73.14 42.98 14.83
CA ALA R 111 -74.52 43.40 15.00
C ALA R 111 -74.95 44.45 13.99
N LEU R 112 -74.04 44.92 13.15
CA LEU R 112 -74.34 45.91 12.13
C LEU R 112 -74.32 45.25 10.75
N ARG R 113 -74.84 45.97 9.76
CA ARG R 113 -74.93 45.49 8.40
C ARG R 113 -74.09 46.37 7.48
N VAL R 114 -73.16 45.75 6.75
CA VAL R 114 -72.32 46.49 5.82
C VAL R 114 -73.16 46.93 4.62
N LEU R 115 -73.09 48.22 4.29
CA LEU R 115 -73.81 48.74 3.13
C LEU R 115 -72.88 48.93 1.93
N ASN R 116 -71.82 49.69 2.10
CA ASN R 116 -70.84 49.91 1.04
C ASN R 116 -69.53 50.36 1.68
N SER R 117 -68.56 50.70 0.84
CA SER R 117 -67.28 51.24 1.30
C SER R 117 -66.66 52.02 0.15
N TYR R 118 -65.67 52.83 0.48
CA TYR R 118 -65.00 53.65 -0.53
C TYR R 118 -63.56 53.88 -0.12
N TRP R 119 -62.78 54.38 -1.09
CA TRP R 119 -61.35 54.55 -0.93
C TRP R 119 -61.04 55.95 -0.40
N VAL R 120 -60.26 56.01 0.69
CA VAL R 120 -59.90 57.28 1.30
C VAL R 120 -58.41 57.54 1.30
N GLY R 121 -57.59 56.59 0.85
CA GLY R 121 -56.16 56.80 0.85
C GLY R 121 -55.42 55.49 0.84
N GLU R 122 -54.17 55.55 0.41
CA GLU R 122 -53.34 54.35 0.36
C GLU R 122 -51.89 54.73 0.54
N ASP R 123 -51.11 53.74 0.94
CA ASP R 123 -49.67 53.86 1.13
C ASP R 123 -48.99 52.82 0.25
N SER R 124 -47.67 52.68 0.40
CA SER R 124 -46.99 51.57 -0.23
C SER R 124 -47.34 50.25 0.42
N THR R 125 -47.69 50.28 1.71
CA THR R 125 -47.97 49.07 2.46
C THR R 125 -49.37 48.99 3.04
N TYR R 126 -50.19 50.03 2.92
CA TYR R 126 -51.54 50.01 3.43
C TYR R 126 -52.49 50.66 2.45
N LYS R 127 -53.73 50.15 2.41
CA LYS R 127 -54.85 50.79 1.76
C LYS R 127 -55.89 51.09 2.82
N PHE R 128 -56.49 52.28 2.74
CA PHE R 128 -57.47 52.73 3.73
C PHE R 128 -58.83 52.84 3.08
N PHE R 129 -59.82 52.21 3.69
CA PHE R 129 -61.19 52.26 3.22
C PHE R 129 -62.09 52.68 4.38
N GLU R 130 -63.16 53.38 4.05
CA GLU R 130 -64.19 53.74 5.00
C GLU R 130 -65.45 52.98 4.65
N VAL R 131 -65.96 52.20 5.60
CA VAL R 131 -67.06 51.28 5.36
C VAL R 131 -68.31 51.86 6.00
N ILE R 132 -69.41 51.89 5.24
CA ILE R 132 -70.69 52.36 5.74
C ILE R 132 -71.41 51.19 6.40
N LEU R 133 -71.74 51.34 7.67
CA LEU R 133 -72.47 50.34 8.42
C LEU R 133 -73.82 50.90 8.81
N ILE R 134 -74.81 50.01 8.91
CA ILE R 134 -76.16 50.37 9.31
C ILE R 134 -76.53 49.54 10.52
N ASP R 135 -77.04 50.19 11.56
CA ASP R 135 -77.62 49.46 12.68
C ASP R 135 -79.04 49.06 12.30
N PRO R 136 -79.32 47.77 12.14
CA PRO R 136 -80.64 47.36 11.65
C PRO R 136 -81.75 47.45 12.69
N PHE R 137 -81.42 47.77 13.94
CA PHE R 137 -82.41 47.80 15.00
C PHE R 137 -82.66 49.20 15.55
N HIS R 138 -82.02 50.22 14.98
CA HIS R 138 -82.39 51.58 15.33
C HIS R 138 -83.74 51.92 14.73
N LYS R 139 -84.54 52.68 15.47
CA LYS R 139 -85.91 52.97 15.02
C LYS R 139 -85.92 53.86 13.79
N ALA R 140 -84.91 54.72 13.62
CA ALA R 140 -84.83 55.53 12.41
C ALA R 140 -84.66 54.65 11.18
N ILE R 141 -83.80 53.63 11.27
CA ILE R 141 -83.64 52.68 10.19
C ILE R 141 -84.88 51.81 10.05
N ARG R 142 -85.41 51.35 11.18
CA ARG R 142 -86.43 50.32 11.19
C ARG R 142 -87.81 50.85 10.81
N ARG R 143 -88.08 52.13 11.05
CA ARG R 143 -89.38 52.72 10.72
C ARG R 143 -89.42 53.35 9.34
N ASN R 144 -88.34 53.28 8.57
CA ASN R 144 -88.24 53.98 7.30
C ASN R 144 -88.28 52.98 6.16
N PRO R 145 -89.27 53.01 5.29
CA PRO R 145 -89.21 52.19 4.07
C PRO R 145 -88.13 52.72 3.13
N ASP R 146 -87.78 51.90 2.15
CA ASP R 146 -86.59 52.00 1.30
C ASP R 146 -85.32 51.78 2.11
N THR R 147 -85.43 51.52 3.40
CA THR R 147 -84.30 51.15 4.24
C THR R 147 -84.60 49.92 5.09
N GLN R 148 -85.87 49.52 5.20
CA GLN R 148 -86.23 48.34 5.96
C GLN R 148 -85.67 47.06 5.35
N TRP R 149 -85.23 47.10 4.08
CA TRP R 149 -84.72 45.89 3.44
C TRP R 149 -83.48 45.38 4.14
N ILE R 150 -82.61 46.29 4.62
CA ILE R 150 -81.41 45.87 5.31
C ILE R 150 -81.73 45.20 6.65
N THR R 151 -82.94 45.41 7.17
CA THR R 151 -83.34 44.81 8.43
C THR R 151 -83.82 43.37 8.27
N LYS R 152 -84.02 42.90 7.05
CA LYS R 152 -84.47 41.53 6.83
C LYS R 152 -83.38 40.55 7.23
N PRO R 153 -83.76 39.36 7.71
CA PRO R 153 -82.74 38.36 8.10
C PRO R 153 -81.87 37.89 6.96
N VAL R 154 -82.35 37.96 5.72
CA VAL R 154 -81.59 37.45 4.59
C VAL R 154 -80.41 38.36 4.25
N HIS R 155 -80.39 39.59 4.78
CA HIS R 155 -79.39 40.58 4.42
C HIS R 155 -78.31 40.75 5.48
N LYS R 156 -78.06 39.72 6.28
CA LYS R 156 -77.02 39.78 7.31
C LYS R 156 -75.71 39.23 6.75
N HIS R 157 -74.62 39.92 7.08
CA HIS R 157 -73.28 39.58 6.60
C HIS R 157 -73.25 39.47 5.07
N ARG R 158 -73.69 40.53 4.41
CA ARG R 158 -73.65 40.59 2.96
C ARG R 158 -72.22 40.53 2.45
N GLU R 159 -71.31 41.23 3.14
CA GLU R 159 -69.92 41.29 2.72
C GLU R 159 -69.21 39.94 2.82
N MET R 160 -69.74 39.00 3.60
CA MET R 160 -69.16 37.68 3.69
C MET R 160 -69.73 36.71 2.67
N ARG R 161 -70.82 37.10 2.02
CA ARG R 161 -71.40 36.33 0.92
C ARG R 161 -71.17 37.00 -0.43
N GLY R 162 -70.40 38.09 -0.46
CA GLY R 162 -70.14 38.80 -1.69
C GLY R 162 -71.33 39.50 -2.29
N LEU R 163 -72.17 40.13 -1.45
CA LEU R 163 -73.36 40.81 -1.94
C LEU R 163 -73.24 42.32 -1.91
N THR R 164 -72.15 42.88 -1.37
CA THR R 164 -71.91 44.30 -1.49
C THR R 164 -71.27 44.59 -2.83
N SER R 165 -71.07 45.87 -3.14
CA SER R 165 -70.52 46.24 -4.44
C SER R 165 -69.08 45.77 -4.58
N ALA R 166 -68.28 45.89 -3.51
CA ALA R 166 -66.89 45.45 -3.58
C ALA R 166 -66.78 43.94 -3.63
N GLY R 167 -67.67 43.24 -2.93
CA GLY R 167 -67.65 41.78 -2.97
C GLY R 167 -68.24 41.20 -4.22
N ARG R 168 -69.20 41.91 -4.83
CA ARG R 168 -69.84 41.40 -6.04
C ARG R 168 -68.90 41.40 -7.24
N LYS R 169 -67.93 42.32 -7.25
CA LYS R 169 -67.07 42.49 -8.43
C LYS R 169 -66.20 41.26 -8.68
N SER R 170 -65.86 40.51 -7.64
CA SER R 170 -64.99 39.35 -7.79
C SER R 170 -65.74 38.09 -8.20
N ARG R 171 -67.06 38.15 -8.32
CA ARG R 171 -67.86 36.97 -8.65
C ARG R 171 -68.06 36.78 -10.14
N GLY R 172 -67.64 37.73 -10.97
CA GLY R 172 -67.83 37.59 -12.40
C GLY R 172 -69.25 37.67 -12.86
N LEU R 173 -70.08 38.45 -12.18
CA LEU R 173 -71.47 38.60 -12.60
C LEU R 173 -71.59 39.71 -13.64
N GLY R 174 -72.59 39.57 -14.49
CA GLY R 174 -72.84 40.55 -15.52
C GLY R 174 -73.70 39.94 -16.62
N LYS R 175 -74.04 40.78 -17.58
CA LYS R 175 -74.87 40.40 -18.71
C LYS R 175 -74.03 40.38 -19.98
N GLY R 176 -74.14 39.31 -20.74
CA GLY R 176 -73.57 39.27 -22.07
C GLY R 176 -72.51 38.22 -22.26
N HIS R 177 -71.80 38.34 -23.38
CA HIS R 177 -70.86 37.32 -23.82
C HIS R 177 -69.62 37.22 -22.96
N LYS R 178 -69.28 38.26 -22.21
CA LYS R 178 -68.09 38.22 -21.37
C LYS R 178 -68.32 37.48 -20.05
N PHE R 179 -69.57 37.24 -19.67
CA PHE R 179 -69.91 36.71 -18.35
C PHE R 179 -70.72 35.44 -18.49
N HIS R 180 -70.28 34.54 -19.36
CA HIS R 180 -70.93 33.24 -19.48
C HIS R 180 -70.58 32.31 -18.33
N HIS R 181 -69.61 32.67 -17.49
CA HIS R 181 -69.20 31.78 -16.40
C HIS R 181 -70.28 31.67 -15.34
N THR R 182 -71.10 32.70 -15.17
CA THR R 182 -72.01 32.82 -14.03
C THR R 182 -73.46 32.91 -14.48
N ILE R 183 -73.88 32.07 -15.41
CA ILE R 183 -75.29 32.01 -15.78
C ILE R 183 -76.01 31.12 -14.79
N GLY R 184 -76.94 31.70 -14.04
CA GLY R 184 -77.59 31.03 -12.93
C GLY R 184 -77.35 31.69 -11.59
N GLY R 185 -76.48 32.70 -11.49
CA GLY R 185 -76.30 33.41 -10.25
C GLY R 185 -74.90 33.37 -9.69
N SER R 186 -74.13 32.35 -10.06
CA SER R 186 -72.78 32.19 -9.55
C SER R 186 -72.01 31.22 -10.44
N ARG R 187 -70.70 31.13 -10.19
CA ARG R 187 -69.89 30.15 -10.89
C ARG R 187 -70.30 28.73 -10.54
N ARG R 188 -70.57 28.48 -9.25
CA ARG R 188 -70.97 27.14 -8.83
C ARG R 188 -72.32 26.75 -9.39
N ALA R 189 -73.25 27.72 -9.49
CA ALA R 189 -74.56 27.42 -10.06
C ALA R 189 -74.43 26.97 -11.51
N ALA R 190 -73.65 27.71 -12.31
CA ALA R 190 -73.45 27.33 -13.70
C ALA R 190 -72.70 26.01 -13.81
N TRP R 191 -71.72 25.79 -12.95
CA TRP R 191 -70.95 24.55 -13.00
C TRP R 191 -71.84 23.35 -12.67
N ARG R 192 -72.70 23.47 -11.65
CA ARG R 192 -73.62 22.40 -11.34
C ARG R 192 -74.60 22.15 -12.47
N ARG R 193 -75.10 23.22 -13.09
CA ARG R 193 -76.04 23.05 -14.19
C ARG R 193 -75.38 22.37 -15.38
N ARG R 194 -74.14 22.72 -15.68
CA ARG R 194 -73.46 22.19 -16.85
C ARG R 194 -72.83 20.83 -16.59
N ASN R 195 -72.69 20.43 -15.33
CA ASN R 195 -72.10 19.16 -14.97
C ASN R 195 -73.11 18.18 -14.38
N THR R 196 -74.39 18.47 -14.46
CA THR R 196 -75.39 17.54 -13.96
C THR R 196 -75.97 16.75 -15.14
N LEU R 197 -75.99 15.43 -14.99
CA LEU R 197 -76.48 14.55 -16.04
C LEU R 197 -77.98 14.37 -15.85
N GLN R 198 -78.77 15.01 -16.70
CA GLN R 198 -80.22 14.96 -16.61
C GLN R 198 -80.70 13.62 -17.16
N LEU R 199 -81.02 12.70 -16.26
CA LEU R 199 -81.54 11.38 -16.62
C LEU R 199 -83.05 11.42 -16.47
N HIS R 200 -83.75 11.63 -17.58
CA HIS R 200 -85.20 11.74 -17.57
C HIS R 200 -85.83 10.40 -17.22
N ARG R 201 -87.16 10.39 -17.15
CA ARG R 201 -87.84 9.11 -16.98
C ARG R 201 -87.86 8.32 -18.28
N TYR R 202 -87.97 9.01 -19.41
CA TYR R 202 -88.01 8.38 -20.73
C TYR R 202 -86.77 8.79 -21.51
N ARG R 203 -85.81 7.88 -21.61
CA ARG R 203 -84.65 8.07 -22.46
C ARG R 203 -84.81 7.33 -23.78
N GLU S 1 -59.22 -81.63 -13.26
CA GLU S 1 -60.01 -82.77 -12.82
C GLU S 1 -60.30 -82.69 -11.32
N VAL S 2 -61.25 -83.52 -10.87
CA VAL S 2 -61.72 -83.44 -9.49
C VAL S 2 -60.75 -84.07 -8.49
N GLN S 3 -59.96 -85.06 -8.90
CA GLN S 3 -59.00 -85.69 -8.00
C GLN S 3 -57.76 -84.82 -7.90
N VAL S 4 -56.89 -85.18 -6.96
CA VAL S 4 -55.64 -84.46 -6.76
C VAL S 4 -54.61 -85.00 -7.74
N LEU S 5 -53.92 -84.08 -8.42
CA LEU S 5 -52.90 -84.43 -9.40
C LEU S 5 -51.56 -84.50 -8.69
N VAL S 6 -50.94 -85.67 -8.70
CA VAL S 6 -49.64 -85.89 -8.06
C VAL S 6 -48.60 -86.03 -9.16
N LEU S 7 -47.60 -85.15 -9.14
CA LEU S 7 -46.56 -85.11 -10.15
C LEU S 7 -45.21 -85.43 -9.52
N ASP S 8 -44.48 -86.34 -10.12
CA ASP S 8 -43.12 -86.65 -9.69
C ASP S 8 -42.18 -85.56 -10.19
N GLY S 9 -41.45 -84.93 -9.28
CA GLY S 9 -40.57 -83.85 -9.66
C GLY S 9 -39.24 -84.26 -10.26
N ARG S 10 -38.92 -85.55 -10.25
CA ARG S 10 -37.61 -85.98 -10.72
C ARG S 10 -37.54 -85.94 -12.24
N GLY S 11 -36.43 -85.42 -12.76
CA GLY S 11 -36.23 -85.37 -14.19
C GLY S 11 -37.00 -84.29 -14.91
N HIS S 12 -37.67 -83.41 -14.18
CA HIS S 12 -38.46 -82.33 -14.78
C HIS S 12 -37.68 -81.03 -14.74
N LEU S 13 -37.84 -80.23 -15.78
CA LEU S 13 -37.23 -78.91 -15.81
C LEU S 13 -38.07 -77.94 -15.00
N LEU S 14 -37.38 -77.01 -14.33
CA LEU S 14 -38.02 -76.17 -13.32
C LEU S 14 -39.12 -75.30 -13.92
N GLY S 15 -38.77 -74.45 -14.89
CA GLY S 15 -39.73 -73.49 -15.40
C GLY S 15 -40.86 -74.13 -16.18
N ARG S 16 -40.56 -75.16 -16.96
CA ARG S 16 -41.60 -75.84 -17.73
C ARG S 16 -42.65 -76.46 -16.82
N LEU S 17 -42.19 -77.25 -15.84
CA LEU S 17 -43.10 -77.88 -14.89
C LEU S 17 -43.86 -76.84 -14.08
N ALA S 18 -43.18 -75.77 -13.68
CA ALA S 18 -43.84 -74.74 -12.89
C ALA S 18 -44.92 -74.02 -13.69
N ALA S 19 -44.68 -73.77 -14.98
CA ALA S 19 -45.70 -73.16 -15.81
C ALA S 19 -46.90 -74.09 -15.99
N ILE S 20 -46.65 -75.38 -16.22
CA ILE S 20 -47.75 -76.34 -16.34
C ILE S 20 -48.56 -76.37 -15.05
N VAL S 21 -47.87 -76.40 -13.91
CA VAL S 21 -48.54 -76.49 -12.61
C VAL S 21 -49.34 -75.22 -12.35
N ALA S 22 -48.80 -74.07 -12.71
CA ALA S 22 -49.52 -72.81 -12.52
C ALA S 22 -50.79 -72.78 -13.35
N LYS S 23 -50.72 -73.18 -14.62
CA LYS S 23 -51.93 -73.21 -15.43
C LYS S 23 -52.93 -74.23 -14.92
N GLN S 24 -52.45 -75.32 -14.31
CA GLN S 24 -53.35 -76.31 -13.75
C GLN S 24 -54.08 -75.76 -12.53
N VAL S 25 -53.35 -75.16 -11.60
CA VAL S 25 -53.97 -74.67 -10.38
C VAL S 25 -54.87 -73.47 -10.66
N LEU S 26 -54.58 -72.71 -11.72
CA LEU S 26 -55.47 -71.62 -12.09
C LEU S 26 -56.80 -72.12 -12.63
N LEU S 27 -56.85 -73.38 -13.07
CA LEU S 27 -58.07 -74.00 -13.56
C LEU S 27 -58.83 -74.74 -12.47
N GLY S 28 -58.65 -74.36 -11.21
CA GLY S 28 -59.37 -75.00 -10.13
C GLY S 28 -59.01 -76.45 -9.92
N ARG S 29 -57.73 -76.79 -9.98
CA ARG S 29 -57.28 -78.17 -9.85
C ARG S 29 -56.24 -78.29 -8.74
N LYS S 30 -56.34 -79.37 -7.97
CA LYS S 30 -55.39 -79.64 -6.90
C LYS S 30 -54.17 -80.32 -7.47
N VAL S 31 -52.99 -79.74 -7.24
CA VAL S 31 -51.74 -80.26 -7.73
C VAL S 31 -50.80 -80.48 -6.55
N VAL S 32 -50.17 -81.65 -6.50
CA VAL S 32 -49.19 -81.98 -5.48
C VAL S 32 -47.90 -82.40 -6.19
N VAL S 33 -46.82 -81.69 -5.91
CA VAL S 33 -45.53 -82.00 -6.50
C VAL S 33 -44.64 -82.58 -5.41
N VAL S 34 -44.19 -83.81 -5.63
CA VAL S 34 -43.34 -84.50 -4.67
C VAL S 34 -41.96 -84.70 -5.29
N ARG S 35 -40.99 -84.97 -4.42
CA ARG S 35 -39.58 -85.11 -4.79
C ARG S 35 -39.10 -83.89 -5.57
N CYS S 36 -39.25 -82.71 -4.96
CA CYS S 36 -38.81 -81.47 -5.56
C CYS S 36 -37.29 -81.35 -5.59
N GLU S 37 -36.56 -82.22 -4.91
CA GLU S 37 -35.10 -82.18 -4.96
C GLU S 37 -34.55 -82.82 -6.23
N GLY S 38 -35.37 -83.56 -6.96
CA GLY S 38 -34.98 -84.14 -8.23
C GLY S 38 -35.20 -83.26 -9.43
N ILE S 39 -35.79 -82.07 -9.23
CA ILE S 39 -36.04 -81.16 -10.34
C ILE S 39 -34.72 -80.71 -10.93
N ASN S 40 -34.63 -80.68 -12.26
CA ASN S 40 -33.45 -80.24 -12.95
C ASN S 40 -33.62 -78.80 -13.44
N ILE S 41 -32.50 -78.11 -13.59
CA ILE S 41 -32.47 -76.78 -14.18
C ILE S 41 -31.44 -76.79 -15.29
N SER S 42 -31.85 -76.31 -16.47
CA SER S 42 -30.96 -76.31 -17.62
C SER S 42 -29.79 -75.35 -17.40
N GLY S 43 -28.68 -75.65 -18.05
CA GLY S 43 -27.46 -74.88 -17.81
C GLY S 43 -26.63 -75.50 -16.70
N ASN S 44 -25.32 -75.35 -16.84
CA ASN S 44 -24.40 -76.01 -15.92
C ASN S 44 -24.57 -75.49 -14.50
N PHE S 45 -24.06 -76.27 -13.54
CA PHE S 45 -24.42 -76.07 -12.14
C PHE S 45 -23.93 -74.74 -11.60
N TYR S 46 -22.71 -74.34 -11.98
CA TYR S 46 -22.13 -73.12 -11.46
C TYR S 46 -22.95 -71.90 -11.87
N ARG S 47 -23.47 -71.90 -13.11
CA ARG S 47 -24.29 -70.79 -13.57
C ARG S 47 -25.57 -70.65 -12.76
N ASN S 48 -26.24 -71.77 -12.47
CA ASN S 48 -27.47 -71.70 -11.70
C ASN S 48 -27.20 -71.34 -10.25
N LYS S 49 -26.08 -71.82 -9.70
CA LYS S 49 -25.69 -71.40 -8.36
C LYS S 49 -25.41 -69.91 -8.30
N LEU S 50 -24.77 -69.37 -9.34
CA LEU S 50 -24.55 -67.93 -9.42
C LEU S 50 -25.87 -67.18 -9.49
N LYS S 51 -26.84 -67.71 -10.24
CA LYS S 51 -28.16 -67.09 -10.30
C LYS S 51 -28.79 -67.02 -8.92
N TYR S 52 -28.76 -68.12 -8.18
CA TYR S 52 -29.39 -68.11 -6.86
C TYR S 52 -28.61 -67.25 -5.87
N LEU S 53 -27.28 -67.20 -5.98
CA LEU S 53 -26.52 -66.30 -5.12
C LEU S 53 -26.83 -64.84 -5.42
N ALA S 54 -27.00 -64.50 -6.69
CA ALA S 54 -27.43 -63.15 -7.04
C ALA S 54 -28.80 -62.85 -6.47
N PHE S 55 -29.68 -63.85 -6.46
CA PHE S 55 -30.96 -63.70 -5.78
C PHE S 55 -30.77 -63.47 -4.29
N LEU S 56 -29.81 -64.18 -3.68
CA LEU S 56 -29.52 -63.99 -2.26
C LEU S 56 -29.05 -62.58 -1.97
N ARG S 57 -28.35 -61.96 -2.93
CA ARG S 57 -27.86 -60.61 -2.71
C ARG S 57 -29.00 -59.59 -2.67
N LYS S 58 -30.12 -59.88 -3.32
CA LYS S 58 -31.25 -58.96 -3.33
C LYS S 58 -31.93 -59.01 -1.97
N ARG S 59 -31.67 -58.02 -1.13
CA ARG S 59 -32.33 -57.92 0.17
C ARG S 59 -32.58 -56.46 0.48
N MET S 60 -33.53 -56.22 1.36
CA MET S 60 -33.86 -54.85 1.73
C MET S 60 -32.76 -54.28 2.59
N ASN S 61 -32.12 -53.21 2.11
CA ASN S 61 -30.96 -52.66 2.80
C ASN S 61 -31.35 -52.02 4.13
N THR S 62 -32.55 -51.45 4.20
CA THR S 62 -33.00 -50.82 5.43
C THR S 62 -33.31 -51.84 6.52
N ASN S 63 -34.03 -52.90 6.16
CA ASN S 63 -34.43 -53.93 7.14
C ASN S 63 -34.60 -55.24 6.41
N PRO S 64 -33.55 -56.07 6.39
CA PRO S 64 -33.63 -57.34 5.63
C PRO S 64 -34.70 -58.29 6.11
N SER S 65 -35.17 -58.16 7.35
CA SER S 65 -36.26 -59.00 7.82
C SER S 65 -37.57 -58.72 7.08
N ARG S 66 -37.66 -57.58 6.38
CA ARG S 66 -38.81 -57.28 5.55
C ARG S 66 -38.59 -57.66 4.09
N GLY S 67 -37.34 -57.86 3.67
CA GLY S 67 -37.01 -58.01 2.28
C GLY S 67 -37.44 -59.34 1.72
N PRO S 68 -36.93 -59.68 0.53
CA PRO S 68 -37.28 -60.97 -0.07
C PRO S 68 -36.85 -62.10 0.83
N TYR S 69 -37.72 -63.10 0.95
CA TYR S 69 -37.48 -64.26 1.80
C TYR S 69 -36.93 -65.37 0.91
N HIS S 70 -35.63 -65.59 0.99
CA HIS S 70 -34.95 -66.56 0.15
C HIS S 70 -35.12 -67.93 0.78
N PHE S 71 -35.98 -68.74 0.18
CA PHE S 71 -36.26 -70.06 0.70
C PHE S 71 -35.25 -71.05 0.14
N ARG S 72 -34.73 -71.91 1.01
CA ARG S 72 -33.62 -72.78 0.66
C ARG S 72 -34.03 -74.20 0.32
N ALA S 73 -35.22 -74.64 0.75
CA ALA S 73 -35.66 -75.98 0.42
C ALA S 73 -36.04 -76.05 -1.05
N PRO S 74 -35.76 -77.17 -1.74
CA PRO S 74 -36.18 -77.29 -3.14
C PRO S 74 -37.67 -77.16 -3.35
N SER S 75 -38.47 -77.69 -2.42
CA SER S 75 -39.92 -77.55 -2.51
C SER S 75 -40.33 -76.08 -2.45
N ARG S 76 -39.73 -75.33 -1.54
CA ARG S 76 -40.07 -73.91 -1.43
C ARG S 76 -39.54 -73.11 -2.61
N ILE S 77 -38.41 -73.53 -3.20
CA ILE S 77 -37.92 -72.87 -4.40
C ILE S 77 -38.90 -73.07 -5.56
N PHE S 78 -39.37 -74.31 -5.73
CA PHE S 78 -40.34 -74.57 -6.79
C PHE S 78 -41.65 -73.84 -6.52
N TRP S 79 -42.05 -73.77 -5.25
CA TRP S 79 -43.24 -73.00 -4.87
C TRP S 79 -43.08 -71.54 -5.22
N ARG S 80 -41.91 -70.96 -4.99
CA ARG S 80 -41.68 -69.57 -5.33
C ARG S 80 -41.69 -69.36 -6.84
N THR S 81 -41.16 -70.33 -7.60
CA THR S 81 -41.23 -70.22 -9.06
C THR S 81 -42.68 -70.23 -9.54
N VAL S 82 -43.49 -71.15 -9.02
CA VAL S 82 -44.90 -71.21 -9.40
C VAL S 82 -45.61 -69.93 -9.00
N ARG S 83 -45.31 -69.40 -7.81
CA ARG S 83 -45.87 -68.12 -7.39
C ARG S 83 -45.46 -67.00 -8.33
N GLY S 84 -44.22 -67.05 -8.85
CA GLY S 84 -43.81 -66.08 -9.84
C GLY S 84 -44.61 -66.19 -11.13
N MET S 85 -45.10 -67.39 -11.44
CA MET S 85 -45.99 -67.53 -12.59
C MET S 85 -47.47 -67.40 -12.24
N LEU S 86 -47.81 -66.89 -11.07
CA LEU S 86 -49.21 -66.72 -10.70
C LEU S 86 -49.50 -65.27 -10.33
N PRO S 87 -50.76 -64.82 -10.47
CA PRO S 87 -51.15 -63.49 -9.98
C PRO S 87 -51.43 -63.50 -8.48
N HIS S 88 -50.35 -63.69 -7.70
CA HIS S 88 -50.48 -64.02 -6.29
C HIS S 88 -50.92 -62.84 -5.43
N LYS S 89 -51.14 -61.66 -6.00
CA LYS S 89 -51.59 -60.52 -5.22
C LYS S 89 -53.09 -60.26 -5.36
N THR S 90 -53.83 -61.20 -5.94
CA THR S 90 -55.28 -61.16 -6.00
C THR S 90 -55.85 -62.38 -5.30
N LYS S 91 -57.15 -62.31 -4.99
CA LYS S 91 -57.80 -63.42 -4.31
C LYS S 91 -57.80 -64.69 -5.16
N ARG S 92 -58.01 -64.53 -6.47
CA ARG S 92 -57.96 -65.69 -7.36
C ARG S 92 -56.57 -66.32 -7.37
N GLY S 93 -55.53 -65.49 -7.44
CA GLY S 93 -54.18 -66.02 -7.45
C GLY S 93 -53.80 -66.69 -6.15
N GLN S 94 -54.20 -66.12 -5.02
CA GLN S 94 -53.91 -66.74 -3.73
C GLN S 94 -54.68 -68.04 -3.55
N ALA S 95 -55.93 -68.08 -4.02
CA ALA S 95 -56.69 -69.32 -3.97
C ALA S 95 -56.05 -70.39 -4.84
N ALA S 96 -55.55 -70.01 -6.01
CA ALA S 96 -54.82 -70.95 -6.86
C ALA S 96 -53.53 -71.42 -6.19
N LEU S 97 -52.84 -70.51 -5.49
CA LEU S 97 -51.61 -70.87 -4.80
C LEU S 97 -51.88 -71.82 -3.66
N ASP S 98 -53.06 -71.73 -3.03
CA ASP S 98 -53.37 -72.62 -1.92
C ASP S 98 -53.71 -74.03 -2.40
N ARG S 99 -53.92 -74.21 -3.69
CA ARG S 99 -54.19 -75.53 -4.24
C ARG S 99 -52.95 -76.29 -4.60
N LEU S 100 -51.77 -75.71 -4.40
CA LEU S 100 -50.50 -76.34 -4.74
C LEU S 100 -49.79 -76.77 -3.47
N LYS S 101 -49.39 -78.03 -3.43
CA LYS S 101 -48.59 -78.57 -2.34
C LYS S 101 -47.28 -79.10 -2.89
N VAL S 102 -46.18 -78.75 -2.23
CA VAL S 102 -44.84 -79.11 -2.67
C VAL S 102 -44.12 -79.81 -1.53
N PHE S 103 -43.32 -80.82 -1.86
CA PHE S 103 -42.63 -81.60 -0.86
C PHE S 103 -41.25 -81.99 -1.35
N ASP S 104 -40.32 -82.12 -0.41
CA ASP S 104 -39.04 -82.77 -0.65
C ASP S 104 -39.18 -84.24 -0.32
N GLY S 105 -38.78 -85.11 -1.24
CA GLY S 105 -39.07 -86.51 -1.08
C GLY S 105 -40.55 -86.76 -1.29
N ILE S 106 -40.99 -87.94 -0.88
CA ILE S 106 -42.40 -88.32 -1.05
C ILE S 106 -42.99 -88.67 0.31
N PRO S 107 -43.92 -87.87 0.83
CA PRO S 107 -44.43 -88.09 2.19
C PRO S 107 -45.37 -89.28 2.25
N PRO S 108 -45.73 -89.72 3.46
CA PRO S 108 -46.63 -90.88 3.61
C PRO S 108 -47.99 -90.73 2.94
N PRO S 109 -48.58 -89.52 2.84
CA PRO S 109 -49.81 -89.43 2.05
C PRO S 109 -49.66 -89.85 0.60
N TYR S 110 -48.51 -89.61 -0.01
CA TYR S 110 -48.35 -89.77 -1.44
C TYR S 110 -47.36 -90.85 -1.87
N ASP S 111 -46.66 -91.50 -0.94
CA ASP S 111 -45.71 -92.53 -1.32
C ASP S 111 -46.40 -93.84 -1.68
N LYS S 112 -47.68 -93.97 -1.38
CA LYS S 112 -48.46 -95.14 -1.75
C LYS S 112 -49.40 -94.86 -2.92
N LYS S 113 -49.08 -93.87 -3.75
CA LYS S 113 -49.95 -93.47 -4.85
C LYS S 113 -49.14 -93.36 -6.13
N LYS S 114 -49.81 -93.62 -7.25
CA LYS S 114 -49.19 -93.45 -8.55
C LYS S 114 -48.92 -91.97 -8.81
N ARG S 115 -47.78 -91.68 -9.43
CA ARG S 115 -47.35 -90.30 -9.66
C ARG S 115 -47.34 -90.03 -11.16
N MET S 116 -47.94 -88.91 -11.55
CA MET S 116 -47.98 -88.53 -12.95
C MET S 116 -46.63 -87.96 -13.39
N VAL S 117 -46.50 -87.77 -14.69
CA VAL S 117 -45.31 -87.20 -15.30
C VAL S 117 -45.76 -86.25 -16.40
N VAL S 118 -45.12 -85.09 -16.49
CA VAL S 118 -45.40 -84.14 -17.56
C VAL S 118 -44.32 -84.27 -18.63
N PRO S 119 -44.61 -84.90 -19.77
CA PRO S 119 -43.59 -85.00 -20.83
C PRO S 119 -43.12 -83.67 -21.36
N ALA S 120 -43.98 -82.66 -21.40
CA ALA S 120 -43.59 -81.35 -21.92
C ALA S 120 -42.60 -80.63 -21.02
N ALA S 121 -42.35 -81.15 -19.82
CA ALA S 121 -41.39 -80.55 -18.89
C ALA S 121 -40.21 -81.46 -18.59
N LEU S 122 -40.16 -82.65 -19.18
CA LEU S 122 -39.11 -83.61 -18.89
C LEU S 122 -37.79 -83.17 -19.49
N LYS S 123 -36.70 -83.46 -18.76
CA LYS S 123 -35.37 -83.08 -19.24
C LYS S 123 -34.96 -83.89 -20.45
N VAL S 124 -35.39 -85.16 -20.53
CA VAL S 124 -34.91 -86.04 -21.58
C VAL S 124 -35.37 -85.57 -22.95
N VAL S 125 -36.55 -84.95 -23.02
CA VAL S 125 -37.09 -84.53 -24.31
C VAL S 125 -36.97 -83.02 -24.56
N ARG S 126 -36.91 -82.20 -23.50
CA ARG S 126 -36.83 -80.76 -23.68
C ARG S 126 -35.40 -80.25 -23.75
N LEU S 127 -34.41 -81.11 -23.54
CA LEU S 127 -33.02 -80.68 -23.47
C LEU S 127 -32.17 -81.56 -24.37
N LYS S 128 -31.24 -80.95 -25.08
CA LYS S 128 -30.30 -81.73 -25.88
C LYS S 128 -29.39 -82.54 -24.96
N PRO S 129 -29.05 -83.78 -25.33
CA PRO S 129 -28.25 -84.63 -24.44
C PRO S 129 -26.86 -84.10 -24.17
N THR S 130 -26.32 -83.23 -25.02
CA THR S 130 -24.98 -82.71 -24.80
C THR S 130 -24.97 -81.48 -23.90
N ARG S 131 -26.14 -80.93 -23.56
CA ARG S 131 -26.18 -79.76 -22.72
C ARG S 131 -26.05 -80.14 -21.26
N LYS S 132 -25.62 -79.19 -20.45
CA LYS S 132 -25.41 -79.40 -19.02
C LYS S 132 -26.61 -78.92 -18.23
N PHE S 133 -26.76 -79.48 -17.03
CA PHE S 133 -27.90 -79.16 -16.18
C PHE S 133 -27.47 -79.24 -14.72
N ALA S 134 -28.32 -78.68 -13.85
CA ALA S 134 -28.09 -78.69 -12.42
C ALA S 134 -29.24 -79.39 -11.71
N TYR S 135 -28.93 -80.01 -10.59
CA TYR S 135 -29.96 -80.62 -9.74
C TYR S 135 -30.42 -79.58 -8.73
N LEU S 136 -31.73 -79.52 -8.52
CA LEU S 136 -32.26 -78.58 -7.53
C LEU S 136 -31.84 -78.97 -6.13
N GLY S 137 -31.72 -80.28 -5.86
CA GLY S 137 -31.31 -80.71 -4.54
C GLY S 137 -29.90 -80.28 -4.19
N ARG S 138 -28.96 -80.47 -5.13
CA ARG S 138 -27.58 -80.07 -4.87
C ARG S 138 -27.45 -78.56 -4.74
N LEU S 139 -28.12 -77.81 -5.61
CA LEU S 139 -28.07 -76.36 -5.52
C LEU S 139 -28.65 -75.87 -4.20
N ALA S 140 -29.79 -76.45 -3.79
CA ALA S 140 -30.39 -76.07 -2.52
C ALA S 140 -29.48 -76.42 -1.35
N HIS S 141 -28.85 -77.59 -1.39
CA HIS S 141 -27.93 -77.97 -0.33
C HIS S 141 -26.76 -77.01 -0.24
N GLU S 142 -26.20 -76.62 -1.38
CA GLU S 142 -25.03 -75.76 -1.36
C GLU S 142 -25.37 -74.28 -1.26
N VAL S 143 -26.66 -73.92 -1.18
CA VAL S 143 -27.03 -72.55 -0.89
C VAL S 143 -27.61 -72.39 0.51
N GLY S 144 -27.89 -73.48 1.22
CA GLY S 144 -28.34 -73.36 2.58
C GLY S 144 -29.35 -74.38 3.09
N TRP S 145 -29.84 -75.26 2.22
CA TRP S 145 -30.75 -76.30 2.66
C TRP S 145 -30.00 -77.31 3.54
N LYS S 146 -30.62 -77.66 4.67
CA LYS S 146 -29.96 -78.44 5.70
C LYS S 146 -30.34 -79.91 5.68
N TYR S 147 -31.39 -80.29 4.99
CA TYR S 147 -31.99 -81.61 5.12
C TYR S 147 -31.83 -82.44 3.85
N GLN S 148 -30.67 -82.33 3.21
CA GLN S 148 -30.41 -83.19 2.06
C GLN S 148 -30.14 -84.62 2.49
N ALA S 149 -29.37 -84.80 3.58
CA ALA S 149 -28.97 -86.14 3.99
C ALA S 149 -30.15 -86.94 4.54
N VAL S 150 -30.95 -86.32 5.40
CA VAL S 150 -32.09 -87.03 5.97
C VAL S 150 -33.12 -87.35 4.90
N THR S 151 -33.30 -86.44 3.93
CA THR S 151 -34.19 -86.72 2.82
C THR S 151 -33.68 -87.88 1.99
N ALA S 152 -32.37 -87.94 1.76
CA ALA S 152 -31.79 -89.06 1.02
C ALA S 152 -32.02 -90.38 1.76
N THR S 153 -31.81 -90.38 3.08
CA THR S 153 -31.99 -91.60 3.85
C THR S 153 -33.43 -92.08 3.83
N LEU S 154 -34.37 -91.14 4.02
CA LEU S 154 -35.77 -91.52 4.00
C LEU S 154 -36.22 -91.96 2.60
N GLU S 155 -35.65 -91.35 1.56
CA GLU S 155 -35.93 -91.79 0.20
C GLU S 155 -35.42 -93.20 -0.03
N GLU S 156 -34.27 -93.53 0.54
CA GLU S 156 -33.75 -94.89 0.43
C GLU S 156 -34.68 -95.90 1.12
N LYS S 157 -35.17 -95.56 2.32
CA LYS S 157 -36.13 -96.43 2.98
C LYS S 157 -37.39 -96.62 2.15
N ARG S 158 -37.92 -95.52 1.60
CA ARG S 158 -39.11 -95.58 0.78
C ARG S 158 -38.87 -96.42 -0.46
N LYS S 159 -37.69 -96.31 -1.06
CA LYS S 159 -37.38 -97.10 -2.25
C LYS S 159 -37.28 -98.58 -1.92
N GLU S 160 -36.73 -98.93 -0.76
CA GLU S 160 -36.71 -100.32 -0.34
C GLU S 160 -38.12 -100.87 -0.20
N LYS S 161 -39.00 -100.12 0.47
CA LYS S 161 -40.38 -100.57 0.64
C LYS S 161 -41.11 -100.68 -0.69
N ALA S 162 -40.85 -99.74 -1.60
CA ALA S 162 -41.45 -99.77 -2.93
C ALA S 162 -40.96 -100.98 -3.72
N LYS S 163 -39.68 -101.34 -3.57
CA LYS S 163 -39.16 -102.53 -4.23
C LYS S 163 -39.86 -103.79 -3.73
N ILE S 164 -40.09 -103.87 -2.42
CA ILE S 164 -40.82 -105.03 -1.87
C ILE S 164 -42.24 -105.08 -2.45
N HIS S 165 -42.92 -103.94 -2.48
CA HIS S 165 -44.28 -103.90 -3.00
C HIS S 165 -44.32 -104.28 -4.48
N TYR S 166 -43.32 -103.84 -5.24
CA TYR S 166 -43.27 -104.16 -6.66
C TYR S 166 -43.02 -105.64 -6.88
N ARG S 167 -42.19 -106.27 -6.03
CA ARG S 167 -42.00 -107.71 -6.15
C ARG S 167 -43.30 -108.45 -5.86
N LYS S 168 -44.06 -107.99 -4.86
CA LYS S 168 -45.37 -108.59 -4.60
C LYS S 168 -46.30 -108.43 -5.80
N LYS S 169 -46.30 -107.24 -6.42
CA LYS S 169 -47.17 -107.01 -7.56
C LYS S 169 -46.76 -107.87 -8.76
N LYS S 170 -45.46 -108.05 -8.98
CA LYS S 170 -45.02 -108.93 -10.06
C LYS S 170 -45.43 -110.36 -9.81
N GLN S 171 -45.32 -110.82 -8.56
CA GLN S 171 -45.78 -112.16 -8.23
C GLN S 171 -47.27 -112.32 -8.49
N LEU S 172 -48.05 -111.29 -8.12
CA LEU S 172 -49.49 -111.32 -8.39
C LEU S 172 -49.78 -111.37 -9.88
N MET S 173 -49.03 -110.61 -10.68
CA MET S 173 -49.26 -110.59 -12.12
C MET S 173 -48.87 -111.92 -12.77
N ARG S 174 -47.76 -112.51 -12.33
CA ARG S 174 -47.39 -113.84 -12.79
C ARG S 174 -48.49 -114.85 -12.46
N LEU S 175 -49.01 -114.80 -11.24
CA LEU S 175 -50.06 -115.72 -10.85
C LEU S 175 -51.32 -115.47 -11.67
N ARG S 176 -51.62 -114.22 -12.00
CA ARG S 176 -52.76 -113.91 -12.84
C ARG S 176 -52.59 -114.47 -14.24
N LYS S 177 -51.40 -114.36 -14.82
CA LYS S 177 -51.15 -114.96 -16.13
C LYS S 177 -51.30 -116.47 -16.09
N GLN S 178 -50.79 -117.10 -15.02
CA GLN S 178 -50.98 -118.53 -14.85
C GLN S 178 -52.46 -118.89 -14.75
N ALA S 179 -53.23 -118.08 -14.03
CA ALA S 179 -54.67 -118.33 -13.91
C ALA S 179 -55.35 -118.20 -15.26
N GLU S 180 -55.01 -117.17 -16.04
CA GLU S 180 -55.57 -117.01 -17.37
C GLU S 180 -55.26 -118.22 -18.24
N LYS S 181 -54.06 -118.77 -18.12
CA LYS S 181 -53.71 -119.95 -18.89
C LYS S 181 -54.46 -121.18 -18.36
N ASN S 182 -54.81 -121.17 -17.07
CA ASN S 182 -55.54 -122.30 -16.49
C ASN S 182 -56.98 -122.34 -16.98
N VAL S 183 -57.67 -121.20 -16.98
CA VAL S 183 -59.03 -121.10 -17.48
C VAL S 183 -58.99 -120.48 -18.88
N GLU S 184 -59.04 -121.33 -19.89
CA GLU S 184 -59.19 -120.86 -21.27
C GLU S 184 -60.38 -121.48 -21.97
N LYS S 185 -60.85 -122.65 -21.54
CA LYS S 185 -62.07 -123.22 -22.10
C LYS S 185 -63.29 -122.41 -21.69
N LYS S 186 -63.31 -121.93 -20.45
CA LYS S 186 -64.41 -121.13 -19.93
C LYS S 186 -64.19 -119.64 -20.08
N ILE S 187 -63.14 -119.24 -20.81
CA ILE S 187 -62.80 -117.84 -20.96
C ILE S 187 -62.74 -117.42 -22.43
N ASP S 188 -62.47 -118.36 -23.35
CA ASP S 188 -62.34 -118.01 -24.76
C ASP S 188 -63.61 -117.40 -25.36
N LYS S 189 -64.78 -117.73 -24.80
CA LYS S 189 -66.02 -117.15 -25.30
C LYS S 189 -66.04 -115.63 -25.13
N TYR S 190 -65.59 -115.13 -23.99
CA TYR S 190 -65.49 -113.69 -23.78
C TYR S 190 -64.19 -113.12 -24.32
N THR S 191 -63.14 -113.94 -24.35
CA THR S 191 -61.87 -113.51 -24.92
C THR S 191 -62.03 -113.15 -26.39
N GLU S 192 -62.79 -113.95 -27.14
CA GLU S 192 -62.97 -113.66 -28.55
C GLU S 192 -63.83 -112.42 -28.76
N VAL S 193 -64.76 -112.16 -27.86
CA VAL S 193 -65.53 -110.91 -27.93
C VAL S 193 -64.61 -109.71 -27.74
N LEU S 194 -63.77 -109.76 -26.70
CA LEU S 194 -62.86 -108.67 -26.44
C LEU S 194 -61.87 -108.48 -27.59
N LYS S 195 -61.39 -109.59 -28.16
CA LYS S 195 -60.51 -109.51 -29.33
C LYS S 195 -61.22 -108.92 -30.52
N THR S 196 -62.51 -109.26 -30.70
CA THR S 196 -63.28 -108.74 -31.81
C THR S 196 -63.43 -107.23 -31.72
N HIS S 197 -63.62 -106.71 -30.51
CA HIS S 197 -63.84 -105.28 -30.37
C HIS S 197 -62.61 -104.51 -29.88
N GLY S 198 -61.43 -104.87 -30.36
CA GLY S 198 -60.25 -104.04 -30.23
C GLY S 198 -59.49 -104.17 -28.93
N LEU S 199 -60.15 -104.59 -27.87
CA LEU S 199 -59.44 -104.84 -26.62
C LEU S 199 -58.63 -106.13 -26.74
N LEU S 200 -57.62 -106.26 -25.89
CA LEU S 200 -56.99 -107.56 -25.61
C LEU S 200 -56.42 -108.18 -26.89
N VAL S 201 -55.35 -107.56 -27.39
CA VAL S 201 -54.58 -108.12 -28.48
C VAL S 201 -54.14 -109.54 -28.13
N VAL T 1 -89.81 -38.29 28.92
CA VAL T 1 -88.94 -37.73 27.90
C VAL T 1 -88.55 -38.85 26.95
N ARG T 2 -88.03 -38.48 25.78
CA ARG T 2 -87.71 -39.46 24.74
C ARG T 2 -86.33 -40.07 25.02
N TYR T 3 -86.30 -41.40 25.14
CA TYR T 3 -85.05 -42.14 25.17
C TYR T 3 -84.79 -42.78 23.81
N SER T 4 -83.53 -43.14 23.58
CA SER T 4 -83.23 -44.07 22.51
C SER T 4 -83.33 -45.48 23.05
N LEU T 5 -83.80 -46.41 22.20
CA LEU T 5 -84.02 -47.80 22.57
C LEU T 5 -85.00 -47.91 23.74
N ASP T 6 -86.25 -47.54 23.46
CA ASP T 6 -87.30 -47.76 24.45
C ASP T 6 -87.39 -49.25 24.79
N PRO T 7 -87.65 -49.59 26.04
CA PRO T 7 -87.63 -51.00 26.43
C PRO T 7 -88.72 -51.80 25.75
N GLU T 8 -88.43 -53.10 25.53
CA GLU T 8 -89.39 -53.98 24.88
C GLU T 8 -90.63 -54.19 25.74
N ASN T 9 -90.50 -54.01 27.06
CA ASN T 9 -91.62 -54.09 27.99
C ASN T 9 -91.45 -53.10 29.14
N PRO T 10 -91.97 -51.89 29.01
CA PRO T 10 -91.74 -50.87 30.04
C PRO T 10 -92.59 -51.04 31.29
N THR T 11 -92.67 -52.27 31.78
CA THR T 11 -93.19 -52.56 33.11
C THR T 11 -92.22 -53.39 33.93
N LYS T 12 -91.28 -54.07 33.30
CA LYS T 12 -90.14 -54.71 33.95
C LYS T 12 -88.93 -53.80 33.97
N SER T 13 -89.07 -52.55 33.52
CA SER T 13 -87.94 -51.69 33.25
C SER T 13 -88.07 -50.38 34.02
N CYS T 14 -86.92 -49.83 34.40
CA CYS T 14 -86.83 -48.52 35.03
C CYS T 14 -85.76 -47.70 34.33
N LYS T 15 -85.91 -46.39 34.37
CA LYS T 15 -85.09 -45.49 33.59
C LYS T 15 -84.38 -44.48 34.48
N SER T 16 -83.26 -43.97 33.98
CA SER T 16 -82.51 -42.90 34.63
C SER T 16 -81.90 -42.03 33.54
N ARG T 17 -81.57 -40.80 33.90
CA ARG T 17 -81.09 -39.83 32.93
C ARG T 17 -80.33 -38.73 33.64
N GLY T 18 -79.33 -38.19 32.96
CA GLY T 18 -78.62 -37.02 33.43
C GLY T 18 -78.22 -36.15 32.26
N SER T 19 -78.20 -34.83 32.45
CA SER T 19 -77.88 -33.89 31.39
C SER T 19 -76.84 -32.88 31.86
N ASN T 20 -75.90 -32.55 30.98
CA ASN T 20 -74.86 -31.56 31.23
C ASN T 20 -74.06 -31.91 32.48
N LEU T 21 -73.76 -33.19 32.66
CA LEU T 21 -73.00 -33.64 33.80
C LEU T 21 -71.52 -33.33 33.61
N ARG T 22 -70.91 -32.76 34.63
CA ARG T 22 -69.53 -32.27 34.55
C ARG T 22 -68.52 -33.41 34.72
N VAL T 23 -68.54 -34.34 33.77
CA VAL T 23 -67.51 -35.36 33.66
C VAL T 23 -67.06 -35.43 32.21
N HIS T 24 -65.86 -35.97 32.02
CA HIS T 24 -65.29 -36.09 30.69
C HIS T 24 -66.07 -37.12 29.89
N PHE T 25 -66.33 -36.79 28.62
CA PHE T 25 -67.20 -37.64 27.81
C PHE T 25 -66.52 -38.97 27.47
N LYS T 26 -65.22 -38.94 27.20
CA LYS T 26 -64.53 -40.14 26.75
C LYS T 26 -64.40 -41.17 27.87
N ASN T 27 -63.98 -40.71 29.05
CA ASN T 27 -63.86 -41.62 30.20
C ASN T 27 -65.22 -42.19 30.58
N THR T 28 -66.26 -41.36 30.54
CA THR T 28 -67.60 -41.83 30.89
C THR T 28 -68.11 -42.82 29.86
N ARG T 29 -67.83 -42.59 28.58
CA ARG T 29 -68.24 -43.52 27.55
C ARG T 29 -67.55 -44.87 27.74
N GLU T 30 -66.26 -44.86 28.04
CA GLU T 30 -65.56 -46.13 28.26
C GLU T 30 -66.10 -46.85 29.49
N THR T 31 -66.36 -46.10 30.57
CA THR T 31 -66.87 -46.73 31.79
C THR T 31 -68.26 -47.31 31.56
N ALA T 32 -69.12 -46.58 30.86
CA ALA T 32 -70.46 -47.06 30.55
C ALA T 32 -70.42 -48.31 29.68
N GLN T 33 -69.53 -48.33 28.69
CA GLN T 33 -69.37 -49.54 27.89
C GLN T 33 -68.87 -50.69 28.74
N ALA T 34 -68.03 -50.40 29.73
CA ALA T 34 -67.56 -51.44 30.63
C ALA T 34 -68.69 -52.05 31.45
N ILE T 35 -69.59 -51.20 31.97
CA ILE T 35 -70.65 -51.68 32.85
C ILE T 35 -71.89 -52.12 32.09
N LYS T 36 -71.91 -52.00 30.76
CA LYS T 36 -73.10 -52.34 30.00
C LYS T 36 -73.32 -53.85 29.99
N GLY T 37 -74.56 -54.26 30.27
CA GLY T 37 -74.91 -55.67 30.33
C GLY T 37 -74.72 -56.30 31.70
N MET T 38 -74.15 -55.58 32.66
CA MET T 38 -73.90 -56.13 33.98
C MET T 38 -75.18 -56.17 34.80
N HIS T 39 -75.23 -57.10 35.74
CA HIS T 39 -76.23 -57.03 36.79
C HIS T 39 -75.94 -55.82 37.67
N ILE T 40 -76.99 -55.28 38.29
CA ILE T 40 -76.85 -54.00 38.99
C ILE T 40 -75.92 -54.12 40.19
N ARG T 41 -75.94 -55.25 40.89
CA ARG T 41 -75.02 -55.45 42.01
C ARG T 41 -73.59 -55.58 41.51
N LYS T 42 -73.40 -56.37 40.44
CA LYS T 42 -72.09 -56.51 39.84
C LYS T 42 -71.57 -55.17 39.34
N ALA T 43 -72.43 -54.39 38.69
CA ALA T 43 -72.01 -53.07 38.19
C ALA T 43 -71.65 -52.14 39.34
N THR T 44 -72.43 -52.16 40.42
CA THR T 44 -72.16 -51.28 41.55
C THR T 44 -70.83 -51.61 42.21
N LYS T 45 -70.60 -52.89 42.51
CA LYS T 45 -69.33 -53.24 43.14
C LYS T 45 -68.17 -53.07 42.18
N TYR T 46 -68.39 -53.25 40.87
CA TYR T 46 -67.32 -53.00 39.90
C TYR T 46 -66.95 -51.53 39.86
N LEU T 47 -67.95 -50.64 39.91
CA LEU T 47 -67.65 -49.21 39.93
C LEU T 47 -66.94 -48.81 41.21
N LYS T 48 -67.34 -49.39 42.35
CA LYS T 48 -66.63 -49.13 43.60
C LYS T 48 -65.18 -49.60 43.51
N ASP T 49 -64.95 -50.76 42.89
CA ASP T 49 -63.59 -51.24 42.68
C ASP T 49 -62.80 -50.32 41.76
N VAL T 50 -63.45 -49.81 40.70
CA VAL T 50 -62.79 -48.86 39.80
C VAL T 50 -62.35 -47.62 40.57
N THR T 51 -63.20 -47.15 41.49
CA THR T 51 -62.80 -46.04 42.35
C THR T 51 -61.63 -46.43 43.24
N LEU T 52 -61.62 -47.66 43.74
CA LEU T 52 -60.58 -48.14 44.63
C LEU T 52 -59.35 -48.67 43.88
N GLN T 53 -59.35 -48.58 42.55
CA GLN T 53 -58.23 -49.01 41.72
C GLN T 53 -57.93 -50.50 41.88
N LYS T 54 -58.99 -51.29 42.11
CA LYS T 54 -58.87 -52.74 42.12
C LYS T 54 -59.36 -53.40 40.84
N GLN T 55 -60.15 -52.70 40.04
CA GLN T 55 -60.53 -53.14 38.71
C GLN T 55 -60.51 -51.94 37.79
N CYS T 56 -60.19 -52.15 36.53
CA CYS T 56 -60.05 -51.08 35.57
C CYS T 56 -61.20 -51.12 34.56
N VAL T 57 -61.40 -49.98 33.89
CA VAL T 57 -62.25 -49.99 32.70
C VAL T 57 -61.30 -50.04 31.50
N PRO T 58 -61.58 -50.87 30.50
CA PRO T 58 -60.72 -50.90 29.31
C PRO T 58 -61.01 -49.72 28.41
N PHE T 59 -59.97 -49.01 28.02
CA PHE T 59 -60.08 -47.89 27.09
C PHE T 59 -59.86 -48.42 25.68
N ARG T 60 -60.95 -48.57 24.93
CA ARG T 60 -60.91 -49.26 23.65
C ARG T 60 -60.93 -48.31 22.46
N ARG T 61 -61.77 -47.27 22.49
CA ARG T 61 -61.81 -46.35 21.36
C ARG T 61 -61.00 -45.09 21.65
N TYR T 62 -61.16 -44.51 22.84
CA TYR T 62 -60.43 -43.31 23.22
C TYR T 62 -59.21 -43.69 24.03
N ASN T 63 -58.23 -44.27 23.34
CA ASN T 63 -57.10 -44.91 23.99
C ASN T 63 -55.77 -44.29 23.60
N GLY T 64 -55.78 -43.13 22.95
CA GLY T 64 -54.53 -42.50 22.53
C GLY T 64 -53.71 -42.00 23.70
N GLY T 65 -52.58 -42.65 23.95
CA GLY T 65 -51.73 -42.29 25.06
C GLY T 65 -52.11 -42.92 26.38
N VAL T 66 -53.20 -43.67 26.44
CA VAL T 66 -53.58 -44.34 27.67
C VAL T 66 -52.58 -45.46 27.97
N GLY T 67 -52.08 -45.49 29.19
CA GLY T 67 -51.07 -46.46 29.57
C GLY T 67 -51.64 -47.86 29.74
N ARG T 68 -50.72 -48.80 29.87
CA ARG T 68 -51.05 -50.21 30.02
C ARG T 68 -51.11 -50.57 31.51
N CYS T 69 -51.99 -51.52 31.83
CA CYS T 69 -52.15 -51.98 33.20
C CYS T 69 -52.39 -53.48 33.20
N ALA T 70 -52.12 -54.11 34.34
CA ALA T 70 -52.29 -55.55 34.44
C ALA T 70 -53.77 -55.92 34.54
N GLN T 71 -54.61 -55.03 35.07
CA GLN T 71 -56.03 -55.33 35.22
C GLN T 71 -56.79 -55.26 33.91
N ALA T 72 -56.18 -54.76 32.84
CA ALA T 72 -56.84 -54.77 31.54
C ALA T 72 -56.92 -56.16 30.94
N LYS T 73 -56.14 -57.11 31.44
CA LYS T 73 -56.20 -58.48 30.94
C LYS T 73 -57.48 -59.19 31.36
N GLN T 74 -58.21 -58.65 32.34
CA GLN T 74 -59.52 -59.19 32.65
C GLN T 74 -60.44 -59.09 31.44
N TRP T 75 -60.40 -57.95 30.76
CA TRP T 75 -61.03 -57.79 29.47
C TRP T 75 -60.08 -58.29 28.38
N GLY T 76 -60.50 -58.17 27.14
CA GLY T 76 -59.63 -58.58 26.05
C GLY T 76 -58.77 -57.43 25.57
N TRP T 77 -58.16 -56.70 26.49
CA TRP T 77 -57.53 -55.43 26.16
C TRP T 77 -56.20 -55.31 26.90
N THR T 78 -55.45 -54.27 26.56
CA THR T 78 -54.13 -54.04 27.10
C THR T 78 -54.11 -52.73 27.88
N GLN T 79 -54.91 -51.77 27.44
CA GLN T 79 -54.96 -50.44 28.04
C GLN T 79 -56.14 -50.34 28.98
N GLY T 80 -55.96 -49.63 30.09
CA GLY T 80 -57.05 -49.40 31.01
C GLY T 80 -56.69 -48.31 32.00
N ARG T 81 -57.73 -47.74 32.60
CA ARG T 81 -57.56 -46.66 33.57
C ARG T 81 -58.65 -46.80 34.62
N TRP T 82 -58.64 -45.90 35.60
CA TRP T 82 -59.54 -45.96 36.75
C TRP T 82 -60.23 -44.61 36.95
N PRO T 83 -61.17 -44.25 36.07
CA PRO T 83 -61.80 -42.93 36.19
C PRO T 83 -62.69 -42.84 37.42
N LYS T 84 -62.25 -42.06 38.41
CA LYS T 84 -63.02 -41.96 39.64
C LYS T 84 -64.30 -41.15 39.45
N LYS T 85 -64.20 -40.01 38.75
CA LYS T 85 -65.35 -39.14 38.62
C LYS T 85 -66.47 -39.80 37.82
N SER T 86 -66.12 -40.48 36.72
CA SER T 86 -67.12 -41.19 35.94
C SER T 86 -67.75 -42.31 36.75
N ALA T 87 -66.94 -43.00 37.56
CA ALA T 87 -67.47 -44.06 38.41
C ALA T 87 -68.46 -43.50 39.43
N GLU T 88 -68.13 -42.37 40.06
CA GLU T 88 -69.06 -41.77 41.02
C GLU T 88 -70.35 -41.30 40.34
N PHE T 89 -70.24 -40.69 39.17
CA PHE T 89 -71.43 -40.22 38.47
C PHE T 89 -72.34 -41.39 38.08
N LEU T 90 -71.75 -42.47 37.57
CA LEU T 90 -72.55 -43.64 37.21
C LEU T 90 -73.09 -44.34 38.46
N LEU T 91 -72.38 -44.28 39.58
CA LEU T 91 -72.93 -44.81 40.82
C LEU T 91 -74.15 -44.02 41.27
N HIS T 92 -74.08 -42.69 41.18
CA HIS T 92 -75.24 -41.87 41.53
C HIS T 92 -76.41 -42.16 40.60
N MET T 93 -76.13 -42.31 39.31
CA MET T 93 -77.20 -42.63 38.37
C MET T 93 -77.78 -44.01 38.63
N LEU T 94 -76.94 -44.98 39.02
CA LEU T 94 -77.42 -46.30 39.35
C LEU T 94 -78.32 -46.27 40.59
N LYS T 95 -77.93 -45.49 41.60
CA LYS T 95 -78.79 -45.35 42.77
C LYS T 95 -80.12 -44.69 42.41
N ASN T 96 -80.08 -43.67 41.54
CA ASN T 96 -81.32 -43.04 41.10
C ASN T 96 -82.21 -44.03 40.36
N ALA T 97 -81.62 -44.83 39.47
CA ALA T 97 -82.41 -45.81 38.73
C ALA T 97 -82.96 -46.90 39.65
N GLU T 98 -82.19 -47.31 40.65
CA GLU T 98 -82.69 -48.29 41.61
C GLU T 98 -83.83 -47.71 42.44
N SER T 99 -83.76 -46.43 42.80
CA SER T 99 -84.87 -45.78 43.49
C SER T 99 -86.11 -45.72 42.59
N ASN T 100 -85.91 -45.45 41.30
CA ASN T 100 -87.03 -45.47 40.37
C ASN T 100 -87.64 -46.87 40.27
N ALA T 101 -86.80 -47.91 40.27
CA ALA T 101 -87.30 -49.27 40.26
C ALA T 101 -88.10 -49.59 41.52
N GLU T 102 -87.63 -49.08 42.66
CA GLU T 102 -88.39 -49.20 43.90
C GLU T 102 -89.75 -48.51 43.78
N LEU T 103 -89.76 -47.32 43.19
CA LEU T 103 -91.02 -46.60 43.02
C LEU T 103 -91.99 -47.35 42.12
N LYS T 104 -91.47 -47.97 41.06
CA LYS T 104 -92.31 -48.78 40.19
C LYS T 104 -92.67 -50.13 40.79
N GLY T 105 -92.11 -50.47 41.94
CA GLY T 105 -92.46 -51.70 42.63
C GLY T 105 -92.02 -52.97 41.97
N LEU T 106 -90.80 -53.00 41.43
CA LEU T 106 -90.19 -54.21 40.88
C LEU T 106 -88.86 -54.43 41.58
N ASP T 107 -88.58 -55.67 42.00
CA ASP T 107 -87.47 -55.92 42.90
C ASP T 107 -86.13 -55.64 42.23
N VAL T 108 -85.21 -55.05 42.99
CA VAL T 108 -83.98 -54.49 42.43
C VAL T 108 -82.83 -55.48 42.49
N ASP T 109 -83.10 -56.75 42.78
CA ASP T 109 -82.05 -57.76 42.81
C ASP T 109 -81.96 -58.55 41.51
N SER T 110 -82.75 -58.18 40.50
CA SER T 110 -82.71 -58.85 39.20
C SER T 110 -82.50 -57.88 38.05
N LEU T 111 -82.14 -56.63 38.34
CA LEU T 111 -81.99 -55.62 37.31
C LEU T 111 -80.66 -55.79 36.58
N VAL T 112 -80.71 -55.60 35.27
CA VAL T 112 -79.56 -55.73 34.39
C VAL T 112 -79.52 -54.50 33.50
N ILE T 113 -78.33 -53.93 33.33
CA ILE T 113 -78.17 -52.71 32.52
C ILE T 113 -78.26 -53.14 31.05
N GLU T 114 -79.45 -53.05 30.47
CA GLU T 114 -79.59 -53.44 29.07
C GLU T 114 -79.21 -52.32 28.12
N HIS T 115 -79.45 -51.08 28.49
CA HIS T 115 -79.13 -49.93 27.66
C HIS T 115 -78.43 -48.88 28.50
N ILE T 116 -77.31 -48.38 28.00
CA ILE T 116 -76.64 -47.22 28.58
C ILE T 116 -75.97 -46.47 27.44
N GLN T 117 -76.09 -45.14 27.49
CA GLN T 117 -75.66 -44.30 26.39
C GLN T 117 -75.09 -43.01 26.92
N VAL T 118 -73.95 -42.60 26.37
CA VAL T 118 -73.30 -41.35 26.72
C VAL T 118 -73.29 -40.47 25.48
N ASN T 119 -73.85 -39.28 25.60
CA ASN T 119 -73.93 -38.32 24.52
C ASN T 119 -73.16 -37.06 24.90
N LYS T 120 -72.53 -36.42 23.92
CA LYS T 120 -71.84 -35.18 24.20
C LYS T 120 -72.82 -34.07 24.53
N ALA T 121 -72.51 -33.33 25.58
CA ALA T 121 -73.26 -32.16 26.00
C ALA T 121 -72.65 -30.91 25.41
N PRO T 122 -73.38 -29.79 25.38
CA PRO T 122 -72.78 -28.55 24.89
C PRO T 122 -71.55 -28.15 25.69
N LYS T 123 -70.50 -27.80 24.98
CA LYS T 123 -69.23 -27.49 25.63
C LYS T 123 -69.28 -26.15 26.32
N MET T 124 -68.47 -26.01 27.37
CA MET T 124 -68.42 -24.80 28.19
C MET T 124 -67.06 -24.15 28.07
N ARG T 125 -67.07 -22.85 27.82
CA ARG T 125 -65.88 -22.12 27.39
C ARG T 125 -65.11 -21.58 28.57
N ARG T 126 -63.81 -21.87 28.61
CA ARG T 126 -62.87 -21.22 29.50
C ARG T 126 -61.69 -20.76 28.65
N ARG T 127 -60.72 -20.14 29.30
CA ARG T 127 -59.68 -19.41 28.59
C ARG T 127 -58.30 -19.74 29.16
N THR T 128 -57.35 -19.98 28.27
CA THR T 128 -55.96 -20.19 28.65
C THR T 128 -55.08 -19.24 27.85
N TYR T 129 -53.91 -18.97 28.38
CA TYR T 129 -53.02 -17.93 27.87
C TYR T 129 -51.72 -18.53 27.39
N ARG T 130 -51.31 -18.18 26.18
CA ARG T 130 -50.20 -18.81 25.50
C ARG T 130 -49.04 -17.83 25.33
N ALA T 131 -48.04 -18.25 24.56
CA ALA T 131 -46.71 -17.65 24.64
C ALA T 131 -46.68 -16.20 24.17
N HIS T 132 -47.22 -15.92 22.99
CA HIS T 132 -46.90 -14.64 22.38
C HIS T 132 -48.10 -13.71 22.32
N GLY T 133 -48.82 -13.62 23.43
CA GLY T 133 -50.00 -12.78 23.47
C GLY T 133 -51.21 -13.44 22.85
N ARG T 134 -51.27 -14.76 22.86
CA ARG T 134 -52.29 -15.53 22.19
C ARG T 134 -53.25 -16.13 23.21
N ILE T 135 -54.50 -16.27 22.77
CA ILE T 135 -55.56 -16.85 23.58
C ILE T 135 -55.99 -18.15 22.93
N ASN T 136 -56.15 -19.20 23.74
CA ASN T 136 -56.61 -20.48 23.24
C ASN T 136 -57.78 -20.97 24.06
N PRO T 137 -58.67 -21.75 23.46
CA PRO T 137 -59.81 -22.29 24.21
C PRO T 137 -59.37 -23.30 25.26
N TYR T 138 -60.19 -23.41 26.30
CA TYR T 138 -60.00 -24.33 27.41
C TYR T 138 -61.30 -25.06 27.70
N MET T 139 -61.90 -25.61 26.65
CA MET T 139 -63.25 -26.13 26.71
C MET T 139 -63.38 -27.29 27.69
N SER T 140 -64.57 -27.46 28.23
CA SER T 140 -64.92 -28.68 28.93
C SER T 140 -65.78 -29.54 28.03
N SER T 141 -65.82 -30.83 28.33
CA SER T 141 -66.58 -31.81 27.54
C SER T 141 -67.53 -32.57 28.46
N PRO T 142 -68.64 -31.95 28.84
CA PRO T 142 -69.63 -32.67 29.64
C PRO T 142 -70.38 -33.68 28.79
N CYS T 143 -71.35 -34.35 29.40
CA CYS T 143 -72.05 -35.41 28.70
C CYS T 143 -73.46 -35.60 29.24
N HIS T 144 -74.36 -36.05 28.36
CA HIS T 144 -75.64 -36.57 28.79
C HIS T 144 -75.56 -38.09 28.90
N ILE T 145 -76.12 -38.64 29.98
CA ILE T 145 -76.12 -40.08 30.22
C ILE T 145 -77.55 -40.53 30.41
N GLU T 146 -77.90 -41.66 29.82
CA GLU T 146 -79.16 -42.33 30.09
C GLU T 146 -78.92 -43.81 30.22
N MET T 147 -79.72 -44.47 31.05
CA MET T 147 -79.62 -45.91 31.18
C MET T 147 -81.01 -46.48 31.41
N ILE T 148 -81.18 -47.74 31.02
CA ILE T 148 -82.42 -48.47 31.21
C ILE T 148 -82.08 -49.80 31.88
N LEU T 149 -82.70 -50.06 33.02
CA LEU T 149 -82.52 -51.30 33.75
C LEU T 149 -83.74 -52.19 33.53
N THR T 150 -83.50 -53.50 33.48
CA THR T 150 -84.59 -54.41 33.15
C THR T 150 -84.53 -55.66 34.01
N GLU T 151 -85.69 -56.09 34.50
CA GLU T 151 -85.78 -57.28 35.31
C GLU T 151 -85.56 -58.52 34.46
N LYS T 152 -84.69 -59.41 34.94
CA LYS T 152 -84.48 -60.72 34.36
C LYS T 152 -83.64 -61.55 35.32
N GLU T 153 -83.98 -62.83 35.43
CA GLU T 153 -83.27 -63.74 36.31
C GLU T 153 -83.56 -65.19 35.96
N GLY U 1 -63.49 -44.32 -39.05
CA GLY U 1 -63.50 -42.89 -39.28
C GLY U 1 -63.54 -42.54 -40.75
N VAL U 2 -64.19 -41.44 -41.09
CA VAL U 2 -64.37 -40.99 -42.46
C VAL U 2 -63.71 -39.64 -42.63
N ASP U 3 -63.06 -39.44 -43.78
CA ASP U 3 -62.28 -38.22 -44.03
C ASP U 3 -63.17 -37.16 -44.70
N ILE U 4 -63.98 -36.51 -43.86
CA ILE U 4 -64.84 -35.42 -44.30
C ILE U 4 -64.72 -34.28 -43.29
N ARG U 5 -65.26 -33.13 -43.68
CA ARG U 5 -65.20 -31.92 -42.87
C ARG U 5 -66.62 -31.44 -42.57
N HIS U 6 -66.87 -31.08 -41.33
CA HIS U 6 -68.22 -30.83 -40.84
C HIS U 6 -68.54 -29.35 -40.62
N ASN U 7 -67.67 -28.45 -41.08
CA ASN U 7 -67.90 -27.04 -40.81
C ASN U 7 -68.96 -26.42 -41.71
N LYS U 8 -69.34 -27.10 -42.79
CA LYS U 8 -70.34 -26.59 -43.72
C LYS U 8 -71.54 -27.54 -43.85
N ASP U 9 -71.71 -28.46 -42.91
CA ASP U 9 -72.82 -29.40 -42.97
C ASP U 9 -74.15 -28.68 -42.84
N ARG U 10 -74.25 -27.72 -41.94
CA ARG U 10 -75.49 -27.03 -41.63
C ARG U 10 -75.59 -25.78 -42.49
N LYS U 11 -76.52 -25.79 -43.44
CA LYS U 11 -76.75 -24.63 -44.30
C LYS U 11 -77.50 -23.56 -43.53
N VAL U 12 -77.00 -22.33 -43.59
CA VAL U 12 -77.58 -21.20 -42.88
C VAL U 12 -78.57 -20.52 -43.82
N ARG U 13 -79.85 -20.69 -43.55
CA ARG U 13 -80.90 -20.05 -44.35
C ARG U 13 -82.17 -20.03 -43.52
N ARG U 14 -83.07 -19.13 -43.90
CA ARG U 14 -84.36 -19.02 -43.23
C ARG U 14 -85.23 -20.19 -43.65
N LYS U 15 -85.80 -20.89 -42.67
CA LYS U 15 -86.77 -21.94 -42.92
C LYS U 15 -88.17 -21.53 -42.51
N GLU U 16 -88.32 -20.39 -41.87
CA GLU U 16 -89.59 -19.90 -41.35
C GLU U 16 -89.40 -18.43 -40.96
N PRO U 17 -90.47 -17.65 -40.94
CA PRO U 17 -90.33 -16.26 -40.50
C PRO U 17 -89.98 -16.18 -39.03
N LYS U 18 -88.95 -15.40 -38.72
CA LYS U 18 -88.65 -15.11 -37.32
C LYS U 18 -89.72 -14.25 -36.68
N SER U 19 -90.55 -13.58 -37.49
CA SER U 19 -91.64 -12.79 -36.97
C SER U 19 -92.73 -13.68 -36.38
N GLN U 20 -93.46 -13.13 -35.41
CA GLN U 20 -94.59 -13.80 -34.81
C GLN U 20 -95.92 -13.26 -35.33
N ASP U 21 -95.90 -12.51 -36.43
CA ASP U 21 -97.12 -11.99 -37.04
C ASP U 21 -97.99 -13.14 -37.50
N ILE U 22 -99.19 -13.23 -36.95
CA ILE U 22 -100.04 -14.38 -37.25
C ILE U 22 -100.60 -14.31 -38.67
N TYR U 23 -100.86 -13.10 -39.18
CA TYR U 23 -101.30 -12.99 -40.57
C TYR U 23 -100.19 -13.41 -41.53
N LEU U 24 -98.96 -12.98 -41.23
CA LEU U 24 -97.82 -13.39 -42.02
C LEU U 24 -97.62 -14.90 -41.96
N ARG U 25 -97.81 -15.49 -40.78
CA ARG U 25 -97.68 -16.93 -40.65
C ARG U 25 -98.78 -17.67 -41.41
N LEU U 26 -99.99 -17.11 -41.42
CA LEU U 26 -101.08 -17.74 -42.16
C LEU U 26 -100.79 -17.76 -43.66
N LEU U 27 -100.35 -16.64 -44.19
CA LEU U 27 -100.06 -16.64 -45.62
C LEU U 27 -98.75 -17.35 -45.96
N VAL U 28 -97.84 -17.50 -44.98
CA VAL U 28 -96.73 -18.42 -45.14
C VAL U 28 -97.23 -19.85 -45.24
N LYS U 29 -98.23 -20.22 -44.44
CA LYS U 29 -98.82 -21.55 -44.57
C LYS U 29 -99.41 -21.75 -45.96
N LEU U 30 -100.13 -20.74 -46.44
CA LEU U 30 -100.74 -20.81 -47.76
C LEU U 30 -99.68 -21.01 -48.85
N TYR U 31 -98.63 -20.20 -48.83
CA TYR U 31 -97.61 -20.32 -49.87
C TYR U 31 -96.68 -21.50 -49.67
N ARG U 32 -96.54 -22.02 -48.45
CA ARG U 32 -95.86 -23.29 -48.25
C ARG U 32 -96.62 -24.40 -48.96
N PHE U 33 -97.94 -24.44 -48.77
CA PHE U 33 -98.76 -25.42 -49.48
C PHE U 33 -98.65 -25.25 -50.98
N LEU U 34 -98.73 -24.00 -51.46
CA LEU U 34 -98.69 -23.78 -52.91
C LEU U 34 -97.35 -24.14 -53.51
N ALA U 35 -96.24 -23.80 -52.83
CA ALA U 35 -94.92 -24.19 -53.30
C ALA U 35 -94.76 -25.70 -53.31
N ARG U 36 -95.28 -26.40 -52.31
CA ARG U 36 -95.12 -27.84 -52.26
C ARG U 36 -95.95 -28.54 -53.34
N ARG U 37 -97.20 -28.10 -53.53
CA ARG U 37 -98.13 -28.83 -54.39
C ARG U 37 -98.22 -28.31 -55.81
N THR U 38 -97.37 -27.35 -56.19
CA THR U 38 -97.32 -26.89 -57.57
C THR U 38 -95.88 -26.91 -58.05
N ASN U 39 -95.72 -26.93 -59.38
CA ASN U 39 -94.40 -26.84 -59.99
C ASN U 39 -93.99 -25.41 -60.26
N SER U 40 -94.79 -24.43 -59.84
CA SER U 40 -94.47 -23.03 -60.05
C SER U 40 -93.29 -22.63 -59.18
N THR U 41 -92.22 -22.15 -59.83
CA THR U 41 -91.08 -21.63 -59.08
C THR U 41 -91.36 -20.24 -58.53
N PHE U 42 -92.36 -19.55 -59.07
CA PHE U 42 -92.77 -18.27 -58.51
C PHE U 42 -93.23 -18.42 -57.08
N ASN U 43 -94.00 -19.48 -56.79
CA ASN U 43 -94.43 -19.73 -55.42
C ASN U 43 -93.24 -19.99 -54.51
N GLN U 44 -92.23 -20.70 -55.01
CA GLN U 44 -91.02 -20.95 -54.22
C GLN U 44 -90.31 -19.64 -53.89
N VAL U 45 -90.15 -18.77 -54.89
CA VAL U 45 -89.45 -17.50 -54.67
C VAL U 45 -90.24 -16.63 -53.69
N VAL U 46 -91.56 -16.57 -53.85
CA VAL U 46 -92.38 -15.77 -52.95
C VAL U 46 -92.32 -16.33 -51.54
N LEU U 47 -92.36 -17.65 -51.41
CA LEU U 47 -92.27 -18.29 -50.10
C LEU U 47 -90.95 -17.96 -49.42
N LYS U 48 -89.84 -18.03 -50.16
CA LYS U 48 -88.56 -17.73 -49.53
C LYS U 48 -88.40 -16.24 -49.25
N ARG U 49 -89.11 -15.38 -49.99
CA ARG U 49 -89.08 -13.96 -49.68
C ARG U 49 -89.92 -13.63 -48.46
N LEU U 50 -90.98 -14.39 -48.20
CA LEU U 50 -91.78 -14.18 -47.00
C LEU U 50 -90.98 -14.43 -45.73
N PHE U 51 -90.05 -15.38 -45.79
CA PHE U 51 -89.24 -15.70 -44.62
C PHE U 51 -88.28 -14.57 -44.27
N MET U 52 -87.94 -13.74 -45.25
CA MET U 52 -86.81 -12.84 -45.14
C MET U 52 -87.05 -11.74 -44.12
N SER U 53 -85.96 -11.15 -43.66
CA SER U 53 -85.99 -10.05 -42.70
C SER U 53 -86.39 -8.75 -43.40
N ARG U 54 -86.64 -7.72 -42.59
CA ARG U 54 -87.07 -6.44 -43.14
C ARG U 54 -85.98 -5.80 -43.98
N THR U 55 -84.72 -5.93 -43.56
CA THR U 55 -83.61 -5.40 -44.36
C THR U 55 -83.47 -6.15 -45.67
N ASN U 56 -83.86 -7.42 -45.71
CA ASN U 56 -83.85 -8.21 -46.93
C ASN U 56 -85.15 -8.06 -47.72
N ARG U 57 -86.10 -7.28 -47.21
CA ARG U 57 -87.32 -6.94 -47.94
C ARG U 57 -87.43 -5.42 -47.99
N PRO U 58 -86.62 -4.76 -48.81
CA PRO U 58 -86.61 -3.30 -48.83
C PRO U 58 -87.90 -2.77 -49.42
N PRO U 59 -88.31 -1.56 -49.04
CA PRO U 59 -89.52 -0.98 -49.62
C PRO U 59 -89.33 -0.66 -51.10
N LEU U 60 -90.42 -0.75 -51.84
CA LEU U 60 -90.42 -0.51 -53.28
C LEU U 60 -91.14 0.80 -53.55
N SER U 61 -90.41 1.79 -54.06
CA SER U 61 -90.98 3.09 -54.35
C SER U 61 -91.96 3.00 -55.51
N LEU U 62 -92.88 3.96 -55.56
CA LEU U 62 -93.86 3.98 -56.64
C LEU U 62 -93.23 4.28 -57.98
N SER U 63 -92.21 5.16 -58.00
CA SER U 63 -91.57 5.52 -59.26
C SER U 63 -90.83 4.33 -59.85
N ARG U 64 -90.15 3.54 -59.02
CA ARG U 64 -89.46 2.36 -59.52
C ARG U 64 -90.45 1.32 -60.03
N MET U 65 -91.57 1.14 -59.33
CA MET U 65 -92.59 0.21 -59.80
C MET U 65 -93.16 0.65 -61.14
N ILE U 66 -93.44 1.94 -61.29
CA ILE U 66 -93.95 2.46 -62.55
C ILE U 66 -92.94 2.25 -63.67
N ARG U 67 -91.66 2.53 -63.38
CA ARG U 67 -90.61 2.37 -64.37
C ARG U 67 -90.48 0.91 -64.81
N LYS U 68 -90.51 -0.02 -63.86
CA LYS U 68 -90.35 -1.43 -64.20
C LYS U 68 -91.58 -1.99 -64.91
N MET U 69 -92.77 -1.55 -64.53
CA MET U 69 -93.98 -2.01 -65.23
C MET U 69 -94.18 -1.33 -66.58
N LYS U 70 -93.43 -0.27 -66.87
CA LYS U 70 -93.51 0.43 -68.13
C LYS U 70 -92.73 -0.25 -69.23
N LEU U 71 -91.86 -1.20 -68.90
CA LEU U 71 -91.03 -1.87 -69.88
C LEU U 71 -91.90 -2.64 -70.87
N PRO U 72 -91.42 -2.83 -72.10
CA PRO U 72 -92.24 -3.49 -73.12
C PRO U 72 -92.61 -4.91 -72.73
N GLY U 73 -93.83 -5.30 -73.10
CA GLY U 73 -94.32 -6.64 -72.87
C GLY U 73 -94.80 -6.92 -71.46
N ARG U 74 -94.96 -5.90 -70.62
CA ARG U 74 -95.45 -6.08 -69.27
C ARG U 74 -96.80 -5.44 -69.05
N GLU U 75 -97.64 -5.37 -70.09
CA GLU U 75 -98.96 -4.81 -69.95
C GLU U 75 -99.93 -5.84 -69.35
N ASN U 76 -100.86 -5.35 -68.54
CA ASN U 76 -101.88 -6.17 -67.89
C ASN U 76 -101.28 -7.26 -67.01
N LYS U 77 -100.07 -7.04 -66.52
CA LYS U 77 -99.41 -7.98 -65.61
C LYS U 77 -99.49 -7.45 -64.20
N THR U 78 -99.53 -8.37 -63.24
CA THR U 78 -99.60 -8.01 -61.83
C THR U 78 -98.19 -7.82 -61.29
N ALA U 79 -97.93 -6.65 -60.72
CA ALA U 79 -96.66 -6.40 -60.05
C ALA U 79 -96.71 -6.98 -58.65
N VAL U 80 -95.79 -7.87 -58.33
CA VAL U 80 -95.75 -8.54 -57.03
C VAL U 80 -94.48 -8.11 -56.32
N VAL U 81 -94.63 -7.58 -55.11
CA VAL U 81 -93.51 -7.22 -54.26
C VAL U 81 -93.77 -7.79 -52.87
N VAL U 82 -92.79 -8.49 -52.32
CA VAL U 82 -92.91 -9.05 -50.97
C VAL U 82 -92.36 -7.98 -50.04
N GLY U 83 -93.22 -7.04 -49.67
CA GLY U 83 -92.79 -5.92 -48.86
C GLY U 83 -93.77 -4.76 -48.99
N THR U 84 -93.24 -3.57 -48.76
CA THR U 84 -94.05 -2.36 -48.66
C THR U 84 -93.87 -1.51 -49.91
N ILE U 85 -94.99 -1.11 -50.50
CA ILE U 85 -94.98 -0.11 -51.56
C ILE U 85 -94.96 1.26 -50.91
N THR U 86 -94.07 2.12 -51.39
CA THR U 86 -93.85 3.43 -50.80
C THR U 86 -94.18 4.50 -51.83
N ASP U 87 -94.90 5.54 -51.39
CA ASP U 87 -95.23 6.63 -52.29
C ASP U 87 -93.99 7.40 -52.70
N ASP U 88 -93.94 7.78 -53.97
CA ASP U 88 -92.89 8.65 -54.49
C ASP U 88 -93.54 9.96 -54.92
N VAL U 89 -93.14 11.06 -54.28
CA VAL U 89 -93.70 12.37 -54.62
C VAL U 89 -92.92 13.05 -55.73
N ARG U 90 -91.83 12.44 -56.21
CA ARG U 90 -91.12 12.98 -57.34
C ARG U 90 -91.82 12.70 -58.67
N VAL U 91 -92.70 11.70 -58.70
CA VAL U 91 -93.44 11.35 -59.91
C VAL U 91 -94.79 12.05 -59.88
N GLN U 92 -95.25 12.47 -61.05
CA GLN U 92 -96.49 13.23 -61.18
C GLN U 92 -97.68 12.37 -61.56
N GLU U 93 -97.58 11.61 -62.65
CA GLU U 93 -98.71 10.86 -63.18
C GLU U 93 -98.53 9.38 -62.92
N VAL U 94 -99.54 8.75 -62.37
CA VAL U 94 -99.55 7.34 -62.01
C VAL U 94 -100.46 6.61 -62.99
N PRO U 95 -99.96 5.61 -63.71
CA PRO U 95 -100.81 4.85 -64.63
C PRO U 95 -101.63 3.82 -63.85
N LYS U 96 -102.49 3.12 -64.58
CA LYS U 96 -103.30 2.07 -63.98
C LYS U 96 -102.42 0.86 -63.66
N LEU U 97 -102.51 0.37 -62.44
CA LEU U 97 -101.64 -0.71 -61.97
C LEU U 97 -102.46 -1.74 -61.21
N LYS U 98 -102.18 -3.01 -61.47
CA LYS U 98 -102.70 -4.12 -60.69
C LYS U 98 -101.53 -4.70 -59.94
N VAL U 99 -101.53 -4.56 -58.62
CA VAL U 99 -100.35 -4.81 -57.80
C VAL U 99 -100.72 -5.68 -56.62
N CYS U 100 -99.84 -6.62 -56.29
CA CYS U 100 -99.92 -7.38 -55.05
C CYS U 100 -98.73 -7.00 -54.17
N ALA U 101 -99.01 -6.62 -52.94
CA ALA U 101 -97.95 -6.24 -52.01
C ALA U 101 -98.29 -6.70 -50.61
N LEU U 102 -97.25 -6.82 -49.79
CA LEU U 102 -97.44 -7.16 -48.39
C LEU U 102 -97.97 -5.97 -47.60
N ARG U 103 -97.46 -4.78 -47.88
CA ARG U 103 -97.95 -3.54 -47.30
C ARG U 103 -97.98 -2.47 -48.37
N VAL U 104 -98.92 -1.54 -48.25
CA VAL U 104 -98.98 -0.37 -49.11
C VAL U 104 -99.15 0.85 -48.24
N THR U 105 -98.33 1.88 -48.48
CA THR U 105 -98.47 3.15 -47.77
C THR U 105 -99.83 3.77 -48.09
N SER U 106 -100.40 4.46 -47.10
CA SER U 106 -101.72 5.06 -47.27
C SER U 106 -101.75 6.04 -48.43
N ARG U 107 -100.73 6.89 -48.55
CA ARG U 107 -100.71 7.84 -49.65
C ARG U 107 -100.48 7.15 -50.98
N ALA U 108 -99.58 6.16 -51.00
CA ALA U 108 -99.37 5.38 -52.22
C ALA U 108 -100.63 4.61 -52.60
N ARG U 109 -101.33 4.06 -51.61
CA ARG U 109 -102.58 3.36 -51.89
C ARG U 109 -103.62 4.31 -52.47
N SER U 110 -103.73 5.52 -51.90
CA SER U 110 -104.68 6.49 -52.42
C SER U 110 -104.34 6.90 -53.84
N ARG U 111 -103.06 7.13 -54.12
CA ARG U 111 -102.65 7.49 -55.48
C ARG U 111 -102.91 6.37 -56.47
N ILE U 112 -102.67 5.12 -56.07
CA ILE U 112 -102.89 3.99 -56.96
C ILE U 112 -104.37 3.82 -57.25
N LEU U 113 -105.20 3.85 -56.19
CA LEU U 113 -106.62 3.62 -56.38
C LEU U 113 -107.31 4.78 -57.10
N ARG U 114 -106.80 6.00 -56.91
CA ARG U 114 -107.34 7.15 -57.64
C ARG U 114 -107.14 7.02 -59.14
N ALA U 115 -106.02 6.45 -59.56
CA ALA U 115 -105.72 6.32 -60.98
C ALA U 115 -106.33 5.08 -61.60
N GLY U 116 -107.37 4.51 -61.01
CA GLY U 116 -107.97 3.30 -61.56
C GLY U 116 -107.23 2.02 -61.25
N GLY U 117 -106.23 2.07 -60.38
CA GLY U 117 -105.45 0.91 -60.06
C GLY U 117 -106.17 -0.04 -59.12
N LYS U 118 -105.57 -1.22 -58.96
CA LYS U 118 -106.10 -2.26 -58.10
C LYS U 118 -104.98 -2.80 -57.22
N ILE U 119 -105.29 -3.02 -55.94
CA ILE U 119 -104.32 -3.47 -54.95
C ILE U 119 -104.82 -4.79 -54.36
N LEU U 120 -103.96 -5.79 -54.34
CA LEU U 120 -104.30 -7.12 -53.87
C LEU U 120 -103.35 -7.55 -52.75
N THR U 121 -103.88 -8.33 -51.81
CA THR U 121 -103.03 -9.01 -50.86
C THR U 121 -102.59 -10.35 -51.43
N PHE U 122 -101.73 -11.06 -50.70
CA PHE U 122 -101.13 -12.26 -51.28
C PHE U 122 -102.11 -13.42 -51.34
N ASP U 123 -103.09 -13.48 -50.44
CA ASP U 123 -104.13 -14.49 -50.57
C ASP U 123 -105.02 -14.20 -51.77
N GLN U 124 -105.33 -12.93 -52.01
CA GLN U 124 -106.05 -12.55 -53.22
C GLN U 124 -105.25 -12.89 -54.47
N LEU U 125 -103.92 -12.71 -54.40
CA LEU U 125 -103.07 -13.10 -55.52
C LEU U 125 -103.11 -14.61 -55.75
N ALA U 126 -103.08 -15.38 -54.66
CA ALA U 126 -103.16 -16.84 -54.79
C ALA U 126 -104.47 -17.27 -55.41
N LEU U 127 -105.57 -16.63 -55.01
CA LEU U 127 -106.85 -16.94 -55.63
C LEU U 127 -106.87 -16.52 -57.10
N ASP U 128 -106.30 -15.35 -57.41
CA ASP U 128 -106.32 -14.86 -58.78
C ASP U 128 -105.34 -15.62 -59.66
N SER U 129 -104.11 -15.82 -59.20
CA SER U 129 -103.07 -16.50 -59.98
C SER U 129 -102.32 -17.44 -59.06
N PRO U 130 -102.83 -18.66 -58.87
CA PRO U 130 -102.16 -19.60 -57.96
C PRO U 130 -100.75 -19.98 -58.36
N LYS U 131 -100.46 -20.05 -59.66
CA LYS U 131 -99.12 -20.36 -60.11
C LYS U 131 -98.29 -19.12 -60.39
N GLY U 132 -98.84 -17.94 -60.15
CA GLY U 132 -98.12 -16.71 -60.43
C GLY U 132 -98.03 -16.38 -61.90
N CYS U 133 -98.93 -16.92 -62.72
CA CYS U 133 -98.91 -16.61 -64.14
C CYS U 133 -99.29 -15.16 -64.37
N GLY U 134 -98.66 -14.55 -65.38
CA GLY U 134 -98.91 -13.16 -65.69
C GLY U 134 -98.52 -12.21 -64.58
N THR U 135 -97.36 -12.41 -63.97
CA THR U 135 -96.90 -11.58 -62.87
C THR U 135 -95.53 -10.99 -63.18
N VAL U 136 -95.25 -9.86 -62.55
CA VAL U 136 -93.93 -9.24 -62.58
C VAL U 136 -93.45 -9.18 -61.15
N LEU U 137 -92.51 -10.05 -60.80
CA LEU U 137 -91.98 -10.13 -59.44
C LEU U 137 -90.89 -9.08 -59.29
N LEU U 138 -91.15 -8.07 -58.46
CA LEU U 138 -90.25 -6.95 -58.29
C LEU U 138 -89.60 -7.00 -56.92
N SER U 139 -88.57 -6.17 -56.75
CA SER U 139 -87.87 -6.03 -55.49
C SER U 139 -87.35 -4.61 -55.36
N GLY U 140 -87.40 -4.08 -54.15
CA GLY U 140 -86.81 -2.79 -53.87
C GLY U 140 -85.30 -2.89 -53.86
N PRO U 141 -84.62 -1.74 -53.86
CA PRO U 141 -83.15 -1.77 -53.83
C PRO U 141 -82.64 -2.39 -52.54
N ARG U 142 -82.05 -3.59 -52.65
CA ARG U 142 -81.59 -4.30 -51.46
C ARG U 142 -80.42 -3.58 -50.81
N LYS U 143 -79.54 -3.00 -51.61
CA LYS U 143 -78.40 -2.25 -51.10
C LYS U 143 -78.71 -0.77 -50.92
N GLY U 144 -79.96 -0.38 -51.09
CA GLY U 144 -80.36 0.99 -50.83
C GLY U 144 -80.52 1.22 -49.34
N ARG U 145 -79.40 1.24 -48.63
CA ARG U 145 -79.39 1.44 -47.19
C ARG U 145 -78.12 2.20 -46.81
N GLU U 146 -78.17 2.83 -45.64
CA GLU U 146 -77.05 3.65 -45.21
C GLU U 146 -75.83 2.80 -44.87
N VAL U 147 -76.04 1.57 -44.39
CA VAL U 147 -74.94 0.75 -43.90
C VAL U 147 -73.98 0.38 -45.03
N TYR U 148 -74.49 0.22 -46.25
CA TYR U 148 -73.64 -0.22 -47.34
C TYR U 148 -72.65 0.85 -47.79
N ARG U 149 -72.81 2.08 -47.33
CA ARG U 149 -71.81 3.11 -47.61
C ARG U 149 -70.61 2.96 -46.69
N HIS U 150 -70.75 2.16 -45.63
CA HIS U 150 -69.63 1.89 -44.73
C HIS U 150 -68.99 0.55 -45.02
N PHE U 151 -69.68 -0.33 -45.74
CA PHE U 151 -69.14 -1.65 -46.02
C PHE U 151 -68.16 -1.61 -47.18
N GLY U 152 -67.23 -2.56 -47.17
CA GLY U 152 -66.23 -2.63 -48.21
C GLY U 152 -64.82 -2.50 -47.65
N LYS U 153 -63.89 -2.05 -48.48
CA LYS U 153 -62.54 -1.83 -48.00
C LYS U 153 -62.51 -0.69 -46.98
N ALA U 154 -61.55 -0.76 -46.07
CA ALA U 154 -61.46 0.23 -45.01
C ALA U 154 -61.17 1.60 -45.60
N PRO U 155 -61.68 2.67 -44.96
CA PRO U 155 -61.44 4.02 -45.50
C PRO U 155 -59.98 4.42 -45.57
N GLY U 156 -59.14 3.87 -44.69
CA GLY U 156 -57.73 4.23 -44.66
C GLY U 156 -56.88 3.40 -45.59
N THR U 157 -57.46 2.96 -46.70
CA THR U 157 -56.77 2.18 -47.70
C THR U 157 -56.92 2.88 -49.04
N PRO U 158 -55.94 2.70 -49.94
CA PRO U 158 -56.05 3.34 -51.26
C PRO U 158 -57.25 2.81 -52.04
N HIS U 159 -57.86 3.71 -52.82
CA HIS U 159 -58.90 3.36 -53.78
C HIS U 159 -60.15 2.79 -53.11
N SER U 160 -60.34 3.12 -51.83
CA SER U 160 -61.57 2.79 -51.13
C SER U 160 -62.38 4.06 -50.94
N HIS U 161 -63.66 4.01 -51.28
CA HIS U 161 -64.55 5.15 -51.16
C HIS U 161 -65.68 4.84 -50.20
N THR U 162 -65.35 4.24 -49.07
CA THR U 162 -66.35 3.87 -48.07
C THR U 162 -66.43 4.93 -46.99
N LYS U 163 -67.65 5.18 -46.52
CA LYS U 163 -67.88 6.24 -45.58
C LYS U 163 -67.39 5.84 -44.19
N PRO U 164 -66.49 6.61 -43.59
CA PRO U 164 -66.06 6.31 -42.21
C PRO U 164 -67.11 6.70 -41.19
N TYR U 165 -67.03 6.05 -40.04
CA TYR U 165 -67.94 6.33 -38.93
C TYR U 165 -67.41 7.52 -38.15
N VAL U 166 -68.04 8.68 -38.34
CA VAL U 166 -67.65 9.90 -37.64
C VAL U 166 -68.85 10.42 -36.87
N ARG U 167 -68.61 10.94 -35.66
CA ARG U 167 -69.69 11.48 -34.87
C ARG U 167 -70.23 12.79 -35.44
N SER U 168 -69.40 13.50 -36.20
CA SER U 168 -69.83 14.75 -36.80
C SER U 168 -69.08 14.95 -38.12
N LYS U 169 -69.67 15.75 -39.00
CA LYS U 169 -69.04 16.10 -40.27
C LYS U 169 -68.60 17.55 -40.21
N GLY U 170 -67.31 17.78 -40.43
CA GLY U 170 -66.77 19.11 -40.43
C GLY U 170 -65.30 19.07 -40.74
N ARG U 171 -64.71 20.25 -40.85
CA ARG U 171 -63.28 20.32 -41.19
C ARG U 171 -62.40 19.90 -40.02
N LYS U 172 -62.96 19.71 -38.83
CA LYS U 172 -62.20 19.27 -37.68
C LYS U 172 -62.38 17.79 -37.39
N PHE U 173 -63.10 17.06 -38.22
CA PHE U 173 -63.49 15.68 -37.93
C PHE U 173 -62.96 14.77 -39.04
N GLU U 174 -61.76 14.23 -38.83
CA GLU U 174 -61.16 13.22 -39.70
C GLU U 174 -61.00 13.72 -41.13
N ARG U 175 -60.18 14.77 -41.27
CA ARG U 175 -59.83 15.31 -42.59
C ARG U 175 -58.37 15.69 -42.75
N ALA U 176 -57.53 15.51 -41.73
CA ALA U 176 -56.18 16.07 -41.83
C ALA U 176 -55.10 15.12 -42.30
N ARG U 177 -54.77 14.08 -41.53
CA ARG U 177 -53.60 13.25 -41.80
C ARG U 177 -54.05 11.89 -42.31
N GLY U 178 -53.68 11.59 -43.55
CA GLY U 178 -54.26 10.46 -44.25
C GLY U 178 -55.37 10.84 -45.18
N ARG U 179 -55.65 12.13 -45.32
CA ARG U 179 -56.67 12.64 -46.24
C ARG U 179 -56.15 13.67 -47.21
N ARG U 180 -54.93 14.17 -47.03
CA ARG U 180 -54.36 15.14 -47.94
C ARG U 180 -52.85 15.04 -47.85
N ALA U 181 -52.18 15.24 -49.00
CA ALA U 181 -50.74 15.12 -49.06
C ALA U 181 -50.02 16.16 -48.22
N SER U 182 -50.69 17.26 -47.88
CA SER U 182 -50.05 18.29 -47.06
C SER U 182 -49.86 17.85 -45.62
N ARG U 183 -50.53 16.79 -45.18
CA ARG U 183 -50.40 16.25 -43.84
C ARG U 183 -50.05 14.77 -43.95
N GLY U 184 -48.76 14.49 -44.07
CA GLY U 184 -48.28 13.11 -44.09
C GLY U 184 -48.51 12.39 -45.41
N TYR U 185 -49.76 12.05 -45.69
CA TYR U 185 -50.08 11.24 -46.86
C TYR U 185 -51.58 11.36 -47.14
N LYS U 186 -52.00 10.83 -48.29
CA LYS U 186 -53.40 10.90 -48.69
C LYS U 186 -54.03 9.53 -48.87
N ASN U 187 -53.35 8.61 -49.57
CA ASN U 187 -53.90 7.38 -50.15
C ASN U 187 -55.40 7.38 -50.47
N SER V 1 -66.58 -22.86 63.74
CA SER V 1 -66.27 -23.42 62.43
C SER V 1 -65.03 -22.78 61.82
N MET V 2 -65.16 -21.54 61.37
CA MET V 2 -64.07 -20.80 60.74
C MET V 2 -63.80 -19.56 61.57
N LEU V 3 -62.59 -19.47 62.14
CA LEU V 3 -62.27 -18.48 63.14
C LEU V 3 -61.19 -17.50 62.68
N ARG V 4 -61.28 -17.03 61.44
CA ARG V 4 -60.32 -16.04 60.97
C ARG V 4 -60.59 -14.68 61.61
N LEU V 5 -61.86 -14.28 61.68
CA LEU V 5 -62.24 -13.01 62.31
C LEU V 5 -61.83 -13.00 63.78
N GLN V 6 -62.05 -14.12 64.48
CA GLN V 6 -61.70 -14.18 65.90
C GLN V 6 -60.20 -14.03 66.11
N LYS V 7 -59.40 -14.69 65.28
CA LYS V 7 -57.94 -14.53 65.38
C LYS V 7 -57.52 -13.09 65.11
N ARG V 8 -58.12 -12.46 64.09
CA ARG V 8 -57.77 -11.09 63.77
C ARG V 8 -58.11 -10.14 64.91
N LEU V 9 -59.30 -10.30 65.48
CA LEU V 9 -59.74 -9.44 66.57
C LEU V 9 -58.91 -9.68 67.83
N ALA V 10 -58.57 -10.93 68.11
CA ALA V 10 -57.73 -11.23 69.27
C ALA V 10 -56.34 -10.64 69.10
N SER V 11 -55.79 -10.68 67.88
CA SER V 11 -54.51 -10.05 67.62
C SER V 11 -54.60 -8.54 67.83
N SER V 12 -55.69 -7.92 67.38
CA SER V 12 -55.85 -6.48 67.57
C SER V 12 -55.97 -6.12 69.05
N VAL V 13 -56.75 -6.88 69.80
CA VAL V 13 -56.98 -6.56 71.21
C VAL V 13 -55.73 -6.82 72.03
N LEU V 14 -55.09 -7.97 71.83
CA LEU V 14 -53.89 -8.34 72.59
C LEU V 14 -52.67 -7.53 72.20
N ARG V 15 -52.75 -6.74 71.12
CA ARG V 15 -51.64 -5.94 70.62
C ARG V 15 -50.41 -6.79 70.29
N CYS V 16 -50.66 -8.01 69.82
CA CYS V 16 -49.62 -8.90 69.33
C CYS V 16 -50.00 -9.37 67.93
N GLY V 17 -49.07 -10.05 67.27
CA GLY V 17 -49.36 -10.61 65.97
C GLY V 17 -50.22 -11.85 66.07
N LYS V 18 -50.69 -12.30 64.92
CA LYS V 18 -51.49 -13.53 64.88
C LYS V 18 -50.67 -14.76 65.20
N LYS V 19 -49.34 -14.65 65.22
CA LYS V 19 -48.50 -15.76 65.69
C LYS V 19 -48.80 -16.10 67.13
N LYS V 20 -48.91 -15.08 67.98
CA LYS V 20 -49.01 -15.28 69.43
C LYS V 20 -50.43 -15.51 69.91
N VAL V 21 -51.42 -15.41 69.03
CA VAL V 21 -52.81 -15.60 69.43
C VAL V 21 -53.09 -17.09 69.53
N TRP V 22 -53.54 -17.54 70.69
CA TRP V 22 -53.90 -18.93 70.93
C TRP V 22 -55.39 -19.00 71.21
N LEU V 23 -56.12 -19.70 70.35
CA LEU V 23 -57.53 -19.96 70.55
C LEU V 23 -57.69 -21.39 71.06
N ASP V 24 -58.62 -21.57 71.99
CA ASP V 24 -58.79 -22.88 72.61
C ASP V 24 -59.34 -23.86 71.58
N PRO V 25 -58.62 -24.94 71.26
CA PRO V 25 -59.13 -25.89 70.26
C PRO V 25 -60.35 -26.67 70.71
N ASN V 26 -60.64 -26.69 72.01
CA ASN V 26 -61.83 -27.38 72.50
C ASN V 26 -63.05 -26.47 72.57
N GLU V 27 -62.84 -25.19 72.89
CA GLU V 27 -63.93 -24.22 72.91
C GLU V 27 -64.05 -23.48 71.58
N THR V 28 -64.12 -24.24 70.49
CA THR V 28 -64.30 -23.62 69.18
C THR V 28 -65.68 -22.99 69.06
N ASN V 29 -66.70 -23.65 69.62
CA ASN V 29 -68.06 -23.13 69.52
C ASN V 29 -68.23 -21.85 70.30
N GLU V 30 -67.65 -21.77 71.49
CA GLU V 30 -67.74 -20.56 72.30
C GLU V 30 -67.03 -19.40 71.63
N ILE V 31 -65.83 -19.64 71.08
CA ILE V 31 -65.09 -18.59 70.41
C ILE V 31 -65.79 -18.15 69.13
N ALA V 32 -66.43 -19.10 68.44
CA ALA V 32 -67.14 -18.76 67.21
C ALA V 32 -68.29 -17.80 67.44
N ASN V 33 -68.86 -17.82 68.66
CA ASN V 33 -69.91 -16.87 69.00
C ASN V 33 -69.38 -15.46 69.19
N ALA V 34 -68.07 -15.27 69.34
CA ALA V 34 -67.50 -13.96 69.55
C ALA V 34 -67.42 -13.22 68.22
N ASN V 35 -68.19 -12.13 68.10
CA ASN V 35 -68.17 -11.30 66.90
C ASN V 35 -67.75 -9.87 67.17
N SER V 36 -67.50 -9.50 68.42
CA SER V 36 -67.16 -8.13 68.77
C SER V 36 -65.94 -8.14 69.67
N ARG V 37 -65.30 -6.97 69.78
CA ARG V 37 -64.08 -6.87 70.58
C ARG V 37 -64.38 -6.94 72.07
N GLN V 38 -65.59 -6.56 72.49
CA GLN V 38 -65.99 -6.80 73.87
C GLN V 38 -66.02 -8.29 74.18
N GLN V 39 -66.57 -9.08 73.27
CA GLN V 39 -66.61 -10.53 73.47
C GLN V 39 -65.21 -11.14 73.41
N ILE V 40 -64.34 -10.59 72.56
CA ILE V 40 -62.94 -11.03 72.55
C ILE V 40 -62.28 -10.73 73.88
N ARG V 41 -62.54 -9.53 74.43
CA ARG V 41 -61.98 -9.18 75.74
C ARG V 41 -62.49 -10.10 76.82
N LYS V 42 -63.78 -10.44 76.77
CA LYS V 42 -64.36 -11.36 77.75
C LYS V 42 -63.73 -12.75 77.64
N LEU V 43 -63.48 -13.22 76.41
CA LEU V 43 -62.84 -14.52 76.23
C LEU V 43 -61.39 -14.49 76.72
N ILE V 44 -60.68 -13.38 76.50
CA ILE V 44 -59.32 -13.25 76.99
C ILE V 44 -59.31 -13.27 78.52
N LYS V 45 -60.27 -12.58 79.13
CA LYS V 45 -60.40 -12.60 80.59
C LYS V 45 -60.71 -14.00 81.10
N ASP V 46 -61.56 -14.73 80.40
CA ASP V 46 -62.02 -16.03 80.88
C ASP V 46 -61.03 -17.15 80.57
N GLY V 47 -59.94 -16.86 79.87
CA GLY V 47 -58.90 -17.84 79.64
C GLY V 47 -59.00 -18.63 78.36
N LEU V 48 -59.99 -18.35 77.51
CA LEU V 48 -60.15 -19.09 76.28
C LEU V 48 -59.27 -18.56 75.16
N ILE V 49 -58.70 -17.36 75.32
CA ILE V 49 -57.75 -16.80 74.38
C ILE V 49 -56.52 -16.37 75.16
N ILE V 50 -55.35 -16.80 74.70
CA ILE V 50 -54.10 -16.60 75.43
C ILE V 50 -53.07 -16.04 74.46
N ARG V 51 -52.32 -15.04 74.93
CA ARG V 51 -51.16 -14.55 74.20
C ARG V 51 -49.99 -15.48 74.47
N LYS V 52 -49.53 -16.17 73.44
CA LYS V 52 -48.41 -17.09 73.60
C LYS V 52 -47.13 -16.32 73.87
N PRO V 53 -46.23 -16.88 74.69
CA PRO V 53 -44.99 -16.17 75.02
C PRO V 53 -44.06 -16.06 73.82
N VAL V 54 -43.17 -15.06 73.90
CA VAL V 54 -42.24 -14.79 72.81
C VAL V 54 -41.26 -15.94 72.68
N THR V 55 -41.02 -16.35 71.43
CA THR V 55 -40.06 -17.40 71.14
C THR V 55 -38.69 -17.05 71.69
N VAL V 56 -38.05 -18.01 72.35
CA VAL V 56 -36.80 -17.74 73.07
C VAL V 56 -35.68 -17.51 72.07
N HIS V 57 -34.96 -16.41 72.24
CA HIS V 57 -33.72 -16.12 71.53
C HIS V 57 -32.70 -15.71 72.57
N SER V 58 -31.99 -16.69 73.11
CA SER V 58 -31.03 -16.43 74.18
C SER V 58 -29.79 -15.72 73.66
N ARG V 59 -29.13 -14.99 74.55
CA ARG V 59 -27.84 -14.38 74.28
C ARG V 59 -26.74 -14.91 75.20
N ALA V 60 -27.00 -16.03 75.88
CA ALA V 60 -25.99 -16.62 76.75
C ALA V 60 -24.79 -17.08 75.95
N ARG V 61 -25.02 -17.65 74.77
CA ARG V 61 -23.93 -18.04 73.89
C ARG V 61 -23.11 -16.82 73.47
N CYS V 62 -23.79 -15.74 73.09
CA CYS V 62 -23.09 -14.50 72.74
C CYS V 62 -22.30 -13.95 73.92
N ARG V 63 -22.87 -13.98 75.12
CA ARG V 63 -22.17 -13.43 76.28
C ARG V 63 -20.94 -14.28 76.61
N LYS V 64 -21.06 -15.60 76.50
CA LYS V 64 -19.91 -16.46 76.76
C LYS V 64 -18.80 -16.22 75.75
N ASN V 65 -19.16 -16.14 74.47
CA ASN V 65 -18.15 -15.85 73.45
C ASN V 65 -17.56 -14.46 73.61
N THR V 66 -18.37 -13.50 74.06
CA THR V 66 -17.86 -12.14 74.29
C THR V 66 -16.86 -12.13 75.43
N LEU V 67 -17.14 -12.86 76.51
CA LEU V 67 -16.17 -12.96 77.60
C LEU V 67 -14.89 -13.64 77.13
N ALA V 68 -15.02 -14.67 76.29
CA ALA V 68 -13.85 -15.30 75.71
C ALA V 68 -13.02 -14.31 74.89
N ARG V 69 -13.69 -13.47 74.10
CA ARG V 69 -12.99 -12.45 73.33
C ARG V 69 -12.36 -11.39 74.22
N ARG V 70 -13.00 -11.05 75.34
CA ARG V 70 -12.36 -10.17 76.32
C ARG V 70 -11.07 -10.78 76.82
N LYS V 71 -11.08 -12.08 77.12
CA LYS V 71 -9.85 -12.75 77.50
C LYS V 71 -8.84 -12.80 76.36
N GLY V 72 -9.27 -12.60 75.12
CA GLY V 72 -8.38 -12.59 73.97
C GLY V 72 -8.63 -13.68 72.95
N ARG V 73 -9.56 -14.60 73.20
CA ARG V 73 -9.78 -15.72 72.31
C ARG V 73 -10.52 -15.28 71.05
N HIS V 74 -10.44 -16.12 70.02
CA HIS V 74 -11.14 -15.95 68.75
C HIS V 74 -10.77 -14.66 68.03
N MET V 75 -9.62 -14.06 68.35
CA MET V 75 -9.13 -12.91 67.60
C MET V 75 -8.05 -13.30 66.61
N GLY V 76 -6.93 -13.83 67.11
CA GLY V 76 -5.90 -14.46 66.31
C GLY V 76 -5.49 -13.77 65.04
N ILE V 77 -5.10 -14.55 64.04
CA ILE V 77 -4.82 -14.06 62.69
C ILE V 77 -5.85 -14.58 61.69
N GLY V 78 -6.26 -15.84 61.84
CA GLY V 78 -7.26 -16.45 61.00
C GLY V 78 -8.69 -16.14 61.36
N LYS V 79 -8.92 -15.25 62.32
CA LYS V 79 -10.26 -14.78 62.64
C LYS V 79 -10.47 -13.34 62.18
N ARG V 80 -9.50 -12.74 61.50
CA ARG V 80 -9.60 -11.37 61.04
C ARG V 80 -9.94 -11.37 59.56
N LYS V 81 -11.05 -10.72 59.21
CA LYS V 81 -11.45 -10.58 57.82
C LYS V 81 -11.28 -9.18 57.28
N GLY V 82 -11.38 -8.17 58.13
CA GLY V 82 -11.19 -6.81 57.69
C GLY V 82 -9.75 -6.34 57.83
N THR V 83 -9.44 -5.28 57.10
CA THR V 83 -8.13 -4.67 57.17
C THR V 83 -7.88 -4.15 58.58
N ALA V 84 -6.61 -4.10 58.97
CA ALA V 84 -6.25 -3.60 60.29
C ALA V 84 -6.76 -2.18 60.51
N ASN V 85 -6.79 -1.38 59.43
CA ASN V 85 -7.42 -0.06 59.52
C ASN V 85 -8.93 -0.16 59.64
N ALA V 86 -9.54 -1.12 58.95
CA ALA V 86 -10.99 -1.30 59.08
C ALA V 86 -11.38 -1.72 60.48
N ARG V 87 -10.58 -2.57 61.13
CA ARG V 87 -10.90 -3.04 62.47
C ARG V 87 -10.66 -1.95 63.50
N MET V 88 -9.57 -1.19 63.35
CA MET V 88 -9.25 -0.09 64.27
C MET V 88 -8.59 1.02 63.47
N PRO V 89 -9.36 2.06 63.11
CA PRO V 89 -8.83 3.09 62.20
C PRO V 89 -7.64 3.83 62.79
N GLU V 90 -6.71 4.19 61.89
CA GLU V 90 -5.54 4.96 62.31
C GLU V 90 -5.93 6.35 62.78
N LYS V 91 -6.92 6.96 62.11
CA LYS V 91 -7.32 8.32 62.45
C LYS V 91 -7.94 8.37 63.84
N VAL V 92 -8.73 7.37 64.21
CA VAL V 92 -9.32 7.34 65.54
C VAL V 92 -8.23 7.17 66.60
N THR V 93 -7.25 6.32 66.34
CA THR V 93 -6.13 6.14 67.26
C THR V 93 -5.36 7.44 67.42
N TRP V 94 -5.14 8.15 66.32
CA TRP V 94 -4.45 9.44 66.39
C TRP V 94 -5.26 10.45 67.19
N MET V 95 -6.58 10.46 67.01
CA MET V 95 -7.43 11.36 67.79
C MET V 95 -7.31 11.06 69.28
N ARG V 96 -7.38 9.77 69.64
CA ARG V 96 -7.28 9.39 71.04
C ARG V 96 -5.95 9.80 71.63
N ARG V 97 -4.86 9.55 70.89
CA ARG V 97 -3.53 9.91 71.38
C ARG V 97 -3.40 11.41 71.54
N MET V 98 -3.85 12.18 70.55
CA MET V 98 -3.74 13.64 70.62
C MET V 98 -4.56 14.20 71.76
N ARG V 99 -5.78 13.70 71.94
CA ARG V 99 -6.61 14.20 73.03
C ARG V 99 -6.01 13.89 74.38
N ILE V 100 -5.49 12.67 74.55
CA ILE V 100 -4.88 12.30 75.83
C ILE V 100 -3.66 13.16 76.12
N LEU V 101 -2.78 13.31 75.12
CA LEU V 101 -1.54 14.04 75.34
C LEU V 101 -1.79 15.53 75.55
N ARG V 102 -2.71 16.11 74.79
CA ARG V 102 -3.03 17.53 74.96
C ARG V 102 -3.69 17.78 76.30
N ARG V 103 -4.58 16.88 76.73
CA ARG V 103 -5.17 17.00 78.05
C ARG V 103 -4.12 16.93 79.15
N LEU V 104 -3.17 16.01 79.01
CA LEU V 104 -2.10 15.91 80.00
C LEU V 104 -1.25 17.17 80.03
N LEU V 105 -0.91 17.70 78.86
CA LEU V 105 -0.11 18.93 78.81
C LEU V 105 -0.86 20.10 79.42
N ARG V 106 -2.17 20.22 79.14
CA ARG V 106 -2.95 21.30 79.73
C ARG V 106 -3.02 21.17 81.25
N ARG V 107 -3.24 19.95 81.75
CA ARG V 107 -3.32 19.75 83.19
C ARG V 107 -1.97 20.02 83.84
N TYR V 108 -0.87 19.77 83.14
CA TYR V 108 0.44 20.10 83.66
C TYR V 108 0.65 21.61 83.67
N ARG V 109 0.14 22.30 82.65
CA ARG V 109 0.33 23.75 82.58
C ARG V 109 -0.45 24.47 83.68
N GLU V 110 -1.71 24.09 83.89
CA GLU V 110 -2.46 24.75 84.96
C GLU V 110 -2.19 24.17 86.35
N SER V 111 -1.38 23.13 86.47
CA SER V 111 -0.91 22.70 87.78
C SER V 111 0.52 23.15 88.06
N LYS V 112 1.07 24.02 87.22
CA LYS V 112 2.37 24.65 87.41
C LYS V 112 3.53 23.66 87.38
N LYS V 113 3.36 22.50 86.75
CA LYS V 113 4.53 21.64 86.52
C LYS V 113 5.40 22.18 85.40
N ILE V 114 4.78 22.75 84.37
CA ILE V 114 5.49 23.33 83.24
C ILE V 114 4.95 24.73 82.99
N ASP V 115 5.75 25.54 82.31
CA ASP V 115 5.37 26.90 81.98
C ASP V 115 4.75 26.95 80.58
N ARG V 116 4.44 28.16 80.13
CA ARG V 116 3.84 28.33 78.80
C ARG V 116 4.78 27.88 77.70
N HIS V 117 6.07 28.18 77.84
CA HIS V 117 7.02 27.92 76.75
C HIS V 117 7.29 26.42 76.62
N MET V 118 7.51 25.74 77.74
CA MET V 118 7.67 24.29 77.69
C MET V 118 6.39 23.63 77.20
N TYR V 119 5.23 24.15 77.62
CA TYR V 119 3.97 23.63 77.11
C TYR V 119 3.87 23.78 75.60
N HIS V 120 4.26 24.93 75.07
CA HIS V 120 4.12 25.15 73.63
C HIS V 120 5.08 24.27 72.84
N SER V 121 6.32 24.15 73.31
CA SER V 121 7.27 23.26 72.64
C SER V 121 6.78 21.82 72.66
N LEU V 122 6.28 21.37 73.81
CA LEU V 122 5.79 20.00 73.89
C LEU V 122 4.51 19.79 73.10
N TYR V 123 3.68 20.83 72.98
CA TYR V 123 2.49 20.75 72.15
C TYR V 123 2.86 20.55 70.69
N LEU V 124 3.79 21.35 70.18
CA LEU V 124 4.25 21.17 68.81
C LEU V 124 4.98 19.84 68.64
N LYS V 125 5.58 19.32 69.71
CA LYS V 125 6.25 18.03 69.60
C LYS V 125 5.26 16.87 69.56
N VAL V 126 4.20 16.92 70.38
CA VAL V 126 3.20 15.85 70.31
C VAL V 126 2.47 15.89 68.99
N LYS V 127 2.21 17.09 68.45
CA LYS V 127 1.64 17.17 67.12
C LYS V 127 2.61 16.61 66.08
N GLY V 128 3.91 16.66 66.36
CA GLY V 128 4.93 16.12 65.49
C GLY V 128 5.18 14.64 65.64
N ASN V 129 4.42 13.95 66.49
CA ASN V 129 4.47 12.49 66.64
C ASN V 129 5.85 12.04 67.12
N VAL V 130 6.25 12.55 68.28
CA VAL V 130 7.49 12.12 68.93
C VAL V 130 7.25 11.38 70.23
N PHE V 131 6.05 11.43 70.80
CA PHE V 131 5.70 10.67 71.98
C PHE V 131 4.61 9.68 71.64
N LYS V 132 4.78 8.44 72.06
CA LYS V 132 3.87 7.37 71.67
C LYS V 132 2.71 7.19 72.65
N ASN V 133 2.86 7.63 73.89
CA ASN V 133 1.82 7.43 74.88
C ASN V 133 1.99 8.42 76.02
N LYS V 134 1.25 8.21 77.10
CA LYS V 134 1.23 9.15 78.21
C LYS V 134 2.50 9.02 79.05
N ARG V 135 2.98 7.80 79.27
CA ARG V 135 4.14 7.58 80.12
C ARG V 135 5.41 8.15 79.51
N ILE V 136 5.58 7.99 78.21
CA ILE V 136 6.78 8.51 77.54
C ILE V 136 6.82 10.03 77.64
N LEU V 137 5.69 10.69 77.36
CA LEU V 137 5.63 12.15 77.47
C LEU V 137 5.87 12.59 78.91
N MET V 138 5.29 11.88 79.88
CA MET V 138 5.46 12.26 81.28
C MET V 138 6.91 12.15 81.71
N GLU V 139 7.58 11.06 81.32
CA GLU V 139 8.99 10.90 81.69
C GLU V 139 9.87 11.92 80.97
N HIS V 140 9.53 12.25 79.72
CA HIS V 140 10.26 13.28 79.01
C HIS V 140 10.12 14.63 79.72
N ILE V 141 8.92 14.93 80.19
CA ILE V 141 8.69 16.15 80.96
C ILE V 141 9.52 16.15 82.22
N HIS V 142 9.62 14.99 82.89
CA HIS V 142 10.43 14.90 84.11
C HIS V 142 11.90 15.16 83.81
N LYS V 143 12.41 14.57 82.73
CA LYS V 143 13.81 14.77 82.37
C LYS V 143 14.10 16.22 82.02
N LEU V 144 13.18 16.85 81.27
CA LEU V 144 13.33 18.27 80.95
C LEU V 144 13.31 19.12 82.21
N LYS V 145 12.42 18.79 83.15
CA LYS V 145 12.33 19.55 84.39
C LYS V 145 13.60 19.41 85.22
N ALA V 146 14.18 18.21 85.27
CA ALA V 146 15.43 18.02 85.98
C ALA V 146 16.57 18.84 85.37
N ASP V 147 16.69 18.79 84.04
CA ASP V 147 17.72 19.57 83.37
C ASP V 147 17.51 21.07 83.58
N LYS V 148 16.25 21.53 83.51
CA LYS V 148 15.94 22.93 83.71
C LYS V 148 16.26 23.37 85.13
N ALA V 149 15.97 22.52 86.11
CA ALA V 149 16.30 22.84 87.50
C ALA V 149 17.80 22.96 87.71
N ARG V 150 18.57 22.03 87.12
CA ARG V 150 20.03 22.11 87.23
C ARG V 150 20.56 23.39 86.61
N LYS V 151 20.08 23.72 85.40
CA LYS V 151 20.52 24.93 84.73
C LYS V 151 20.14 26.18 85.51
N LYS V 152 18.93 26.20 86.08
CA LYS V 152 18.49 27.34 86.86
C LYS V 152 19.34 27.50 88.12
N LEU V 153 19.70 26.39 88.76
CA LEU V 153 20.58 26.45 89.92
C LEU V 153 21.91 27.09 89.57
N LEU V 154 22.56 26.58 88.52
CA LEU V 154 23.86 27.14 88.12
C LEU V 154 23.74 28.60 87.74
N ALA V 155 22.71 28.96 86.96
CA ALA V 155 22.55 30.35 86.53
C ALA V 155 22.30 31.28 87.70
N ASP V 156 21.47 30.87 88.66
CA ASP V 156 21.14 31.77 89.76
C ASP V 156 22.33 31.94 90.70
N GLN V 157 23.11 30.88 90.92
CA GLN V 157 24.28 31.07 91.78
C GLN V 157 25.37 31.87 91.08
N ALA V 158 25.49 31.73 89.75
CA ALA V 158 26.41 32.59 89.02
C ALA V 158 25.99 34.05 89.10
N GLU V 159 24.69 34.32 88.97
CA GLU V 159 24.18 35.68 89.13
C GLU V 159 24.39 36.18 90.56
N ALA V 160 24.31 35.29 91.55
CA ALA V 160 24.59 35.70 92.93
C ALA V 160 26.04 36.14 93.10
N ARG V 161 26.98 35.39 92.51
CA ARG V 161 28.38 35.78 92.59
C ARG V 161 28.64 37.09 91.85
N ARG V 162 28.03 37.25 90.67
CA ARG V 162 28.15 38.53 89.95
C ARG V 162 27.58 39.67 90.77
N SER V 163 26.45 39.44 91.44
CA SER V 163 25.85 40.46 92.29
C SER V 163 26.77 40.83 93.44
N LYS V 164 27.41 39.84 94.06
CA LYS V 164 28.38 40.13 95.11
C LYS V 164 29.51 41.02 94.62
N THR V 165 30.12 40.64 93.49
CA THR V 165 31.27 41.40 93.00
C THR V 165 30.84 42.81 92.57
N LYS V 166 29.69 42.94 91.92
CA LYS V 166 29.21 44.26 91.52
C LYS V 166 28.86 45.12 92.73
N GLU V 167 28.27 44.51 93.76
CA GLU V 167 27.94 45.24 94.98
C GLU V 167 29.21 45.74 95.67
N ALA V 168 30.24 44.91 95.74
CA ALA V 168 31.50 45.37 96.32
C ALA V 168 32.14 46.46 95.48
N ARG V 169 32.08 46.31 94.15
CA ARG V 169 32.67 47.29 93.25
C ARG V 169 32.00 48.66 93.36
N LYS V 170 30.66 48.67 93.40
CA LYS V 170 29.93 49.93 93.33
C LYS V 170 30.03 50.75 94.60
N ARG V 171 30.60 50.21 95.68
CA ARG V 171 30.78 50.97 96.90
C ARG V 171 32.23 51.08 97.37
N ARG V 172 33.13 50.19 96.94
CA ARG V 172 34.53 50.36 97.28
C ARG V 172 35.08 51.64 96.66
N GLU V 173 34.72 51.91 95.41
CA GLU V 173 35.12 53.16 94.78
C GLU V 173 34.42 54.36 95.41
N GLU V 174 33.22 54.16 95.94
CA GLU V 174 32.50 55.26 96.60
C GLU V 174 33.24 55.71 97.85
N ARG V 175 33.62 54.77 98.72
CA ARG V 175 34.36 55.27 99.89
C ARG V 175 35.82 55.56 99.56
N LEU V 176 36.35 55.04 98.45
CA LEU V 176 37.66 55.50 97.99
C LEU V 176 37.62 56.97 97.59
N GLN V 177 36.61 57.38 96.83
CA GLN V 177 36.50 58.79 96.46
C GLN V 177 36.07 59.64 97.65
N ALA V 178 35.38 59.05 98.63
CA ALA V 178 35.14 59.75 99.88
C ALA V 178 36.46 60.05 100.58
N LYS V 179 37.38 59.07 100.59
CA LYS V 179 38.70 59.31 101.16
C LYS V 179 39.50 60.31 100.34
N LYS V 180 39.32 60.31 99.02
CA LYS V 180 40.05 61.26 98.17
C LYS V 180 39.59 62.69 98.40
N GLU V 181 38.30 62.97 98.17
CA GLU V 181 37.79 64.32 98.27
C GLU V 181 37.19 64.65 99.63
N GLU V 182 37.71 64.06 100.71
CA GLU V 182 37.42 64.59 102.03
C GLU V 182 38.36 65.72 102.41
N ILE V 183 39.44 65.90 101.63
CA ILE V 183 40.40 66.98 101.89
C ILE V 183 40.03 68.24 101.11
N ILE V 184 39.64 68.08 99.85
CA ILE V 184 39.29 69.23 99.01
C ILE V 184 38.05 69.93 99.55
N LYS V 185 37.10 69.15 100.10
CA LYS V 185 35.88 69.74 100.64
C LYS V 185 36.13 70.60 101.88
N THR V 186 37.20 70.31 102.63
CA THR V 186 37.53 71.10 103.82
C THR V 186 38.77 71.96 103.63
N LEU V 187 39.41 71.91 102.47
CA LEU V 187 40.60 72.70 102.15
C LEU V 187 41.72 72.50 103.17
N LYS W 1 -38.05 -58.25 -50.52
CA LYS W 1 -38.70 -59.45 -51.03
C LYS W 1 -38.81 -60.50 -49.93
N ALA W 2 -40.04 -60.84 -49.55
CA ALA W 2 -40.28 -61.89 -48.57
C ALA W 2 -40.16 -63.25 -49.23
N SER W 3 -40.60 -64.31 -48.57
CA SER W 3 -40.39 -65.64 -49.11
C SER W 3 -41.58 -66.53 -48.72
N GLY W 4 -41.39 -67.83 -48.84
CA GLY W 4 -42.44 -68.83 -48.77
C GLY W 4 -41.87 -70.12 -49.31
N THR W 5 -42.55 -70.71 -50.28
CA THR W 5 -41.95 -71.72 -51.15
C THR W 5 -41.78 -71.09 -52.53
N LEU W 6 -40.53 -70.84 -52.92
CA LEU W 6 -40.26 -70.12 -54.16
C LEU W 6 -40.62 -70.97 -55.38
N ARG W 7 -40.87 -70.27 -56.48
CA ARG W 7 -41.10 -70.90 -57.77
C ARG W 7 -40.17 -70.29 -58.80
N GLU W 8 -39.87 -71.07 -59.84
CA GLU W 8 -39.03 -70.59 -60.92
C GLU W 8 -39.90 -70.00 -62.01
N TYR W 9 -39.63 -68.75 -62.39
CA TYR W 9 -40.37 -68.07 -63.43
C TYR W 9 -39.44 -67.71 -64.58
N LYS W 10 -39.83 -68.10 -65.78
CA LYS W 10 -39.16 -67.64 -66.99
C LYS W 10 -39.82 -66.36 -67.46
N VAL W 11 -39.16 -65.22 -67.22
CA VAL W 11 -39.71 -63.92 -67.54
C VAL W 11 -38.97 -63.38 -68.75
N VAL W 12 -39.71 -63.00 -69.78
CA VAL W 12 -39.14 -62.48 -71.01
C VAL W 12 -39.68 -61.08 -71.24
N GLY W 13 -38.77 -60.12 -71.44
CA GLY W 13 -39.15 -58.74 -71.64
C GLY W 13 -38.32 -58.10 -72.73
N ARG W 14 -38.71 -56.89 -73.10
CA ARG W 14 -38.03 -56.14 -74.16
C ARG W 14 -38.36 -54.66 -73.99
N CYS W 15 -37.57 -53.82 -74.67
CA CYS W 15 -37.91 -52.41 -74.76
C CYS W 15 -39.17 -52.22 -75.58
N LEU W 16 -39.79 -51.06 -75.41
CA LEU W 16 -40.90 -50.70 -76.28
C LEU W 16 -40.34 -50.32 -77.65
N PRO W 17 -41.00 -50.73 -78.74
CA PRO W 17 -40.53 -50.33 -80.08
C PRO W 17 -40.59 -48.83 -80.26
N THR W 18 -39.46 -48.25 -80.61
CA THR W 18 -39.31 -46.82 -80.81
C THR W 18 -38.78 -46.59 -82.21
N PRO W 19 -39.01 -45.38 -82.79
CA PRO W 19 -38.53 -45.10 -84.15
C PRO W 19 -37.02 -44.87 -84.21
N LYS W 20 -36.27 -45.69 -83.50
CA LYS W 20 -34.83 -45.91 -83.60
C LYS W 20 -34.52 -47.39 -83.73
N CYS W 21 -35.27 -48.25 -83.05
CA CYS W 21 -35.22 -49.70 -83.25
C CYS W 21 -36.64 -50.23 -83.18
N HIS W 22 -37.18 -50.65 -84.31
CA HIS W 22 -38.56 -51.11 -84.35
C HIS W 22 -38.72 -52.50 -83.77
N THR W 23 -37.65 -53.30 -83.77
CA THR W 23 -37.66 -54.63 -83.17
C THR W 23 -36.55 -54.68 -82.13
N PRO W 24 -36.82 -54.19 -80.91
CA PRO W 24 -35.81 -54.26 -79.87
C PRO W 24 -35.55 -55.70 -79.46
N PRO W 25 -34.38 -55.99 -78.92
CA PRO W 25 -34.06 -57.38 -78.56
C PRO W 25 -34.92 -57.87 -77.41
N LEU W 26 -35.17 -59.17 -77.41
CA LEU W 26 -35.88 -59.85 -76.34
C LEU W 26 -34.86 -60.43 -75.36
N TYR W 27 -35.14 -60.29 -74.08
CA TYR W 27 -34.25 -60.77 -73.04
C TYR W 27 -35.01 -61.70 -72.10
N ARG W 28 -34.30 -62.69 -71.56
CA ARG W 28 -34.90 -63.76 -70.79
C ARG W 28 -34.14 -63.95 -69.50
N MET W 29 -34.85 -64.20 -68.40
CA MET W 29 -34.23 -64.48 -67.12
C MET W 29 -34.99 -65.58 -66.39
N ARG W 30 -34.29 -66.21 -65.45
CA ARG W 30 -34.88 -67.14 -64.51
C ARG W 30 -35.00 -66.44 -63.16
N ILE W 31 -36.23 -66.18 -62.74
CA ILE W 31 -36.49 -65.46 -61.50
C ILE W 31 -37.13 -66.42 -60.51
N PHE W 32 -36.60 -66.46 -59.29
CA PHE W 32 -37.15 -67.28 -58.22
C PHE W 32 -37.88 -66.35 -57.26
N ALA W 33 -39.20 -66.40 -57.30
CA ALA W 33 -40.04 -65.46 -56.57
C ALA W 33 -41.24 -66.20 -56.01
N PRO W 34 -41.85 -65.68 -54.93
CA PRO W 34 -43.05 -66.33 -54.39
C PRO W 34 -44.22 -66.37 -55.37
N ASN W 35 -44.35 -65.36 -56.22
CA ASN W 35 -45.47 -65.30 -57.16
C ASN W 35 -45.01 -64.49 -58.38
N HIS W 36 -45.88 -64.43 -59.39
CA HIS W 36 -45.49 -63.85 -60.67
C HIS W 36 -45.36 -62.33 -60.59
N VAL W 37 -46.07 -61.69 -59.68
CA VAL W 37 -45.97 -60.23 -59.54
C VAL W 37 -44.56 -59.86 -59.06
N VAL W 38 -44.10 -60.54 -58.01
CA VAL W 38 -42.73 -60.33 -57.54
C VAL W 38 -41.73 -60.74 -58.60
N ALA W 39 -42.04 -61.77 -59.39
CA ALA W 39 -41.16 -62.17 -60.47
C ALA W 39 -40.99 -61.05 -61.49
N LYS W 40 -42.09 -60.40 -61.86
CA LYS W 40 -42.01 -59.28 -62.79
C LYS W 40 -41.22 -58.13 -62.20
N SER W 41 -41.45 -57.82 -60.93
CA SER W 41 -40.73 -56.74 -60.28
C SER W 41 -39.23 -57.01 -60.25
N ARG W 42 -38.84 -58.22 -59.88
CA ARG W 42 -37.41 -58.57 -59.84
C ARG W 42 -36.81 -58.62 -61.23
N PHE W 43 -37.59 -59.05 -62.23
CA PHE W 43 -37.10 -59.00 -63.60
C PHE W 43 -36.76 -57.57 -64.01
N TRP W 44 -37.66 -56.63 -63.69
CA TRP W 44 -37.38 -55.24 -64.03
C TRP W 44 -36.18 -54.71 -63.26
N TYR W 45 -36.05 -55.10 -61.99
CA TYR W 45 -34.89 -54.70 -61.21
C TYR W 45 -33.59 -55.18 -61.85
N PHE W 46 -33.55 -56.45 -62.26
CA PHE W 46 -32.33 -57.01 -62.81
C PHE W 46 -32.02 -56.45 -64.20
N VAL W 47 -33.03 -56.30 -65.05
CA VAL W 47 -32.73 -55.80 -66.40
C VAL W 47 -32.51 -54.30 -66.39
N SER W 48 -32.92 -53.61 -65.32
CA SER W 48 -32.49 -52.24 -65.15
C SER W 48 -31.05 -52.18 -64.68
N GLN W 49 -30.63 -53.14 -63.86
CA GLN W 49 -29.23 -53.23 -63.48
C GLN W 49 -28.34 -53.54 -64.67
N LEU W 50 -28.77 -54.44 -65.55
CA LEU W 50 -27.91 -54.89 -66.64
C LEU W 50 -28.04 -54.02 -67.88
N LYS W 51 -29.25 -53.94 -68.42
CA LYS W 51 -29.51 -53.08 -69.57
C LYS W 51 -30.08 -51.75 -69.09
N LYS W 52 -30.23 -50.81 -70.01
CA LYS W 52 -30.78 -49.50 -69.66
C LYS W 52 -32.28 -49.49 -69.96
N MET W 53 -32.98 -50.39 -69.26
CA MET W 53 -34.42 -50.54 -69.41
C MET W 53 -35.13 -50.08 -68.14
N LYS W 54 -36.38 -49.70 -68.32
CA LYS W 54 -37.27 -49.39 -67.21
C LYS W 54 -38.62 -50.05 -67.46
N LYS W 55 -39.36 -50.23 -66.37
CA LYS W 55 -40.72 -50.77 -66.48
C LYS W 55 -41.59 -49.87 -67.34
N SER W 56 -41.34 -48.55 -67.31
CA SER W 56 -42.12 -47.62 -68.11
C SER W 56 -41.77 -47.74 -69.58
N SER W 57 -40.49 -47.86 -69.92
CA SER W 57 -40.07 -47.87 -71.31
C SER W 57 -39.97 -49.28 -71.89
N GLY W 58 -40.37 -50.31 -71.14
CA GLY W 58 -40.37 -51.65 -71.66
C GLY W 58 -41.64 -52.40 -71.32
N GLU W 59 -41.74 -53.64 -71.79
CA GLU W 59 -42.88 -54.49 -71.46
C GLU W 59 -42.39 -55.93 -71.31
N ILE W 60 -43.18 -56.72 -70.59
CA ILE W 60 -42.89 -58.13 -70.36
C ILE W 60 -43.79 -58.94 -71.28
N VAL W 61 -43.19 -59.72 -72.18
CA VAL W 61 -43.97 -60.45 -73.16
C VAL W 61 -44.33 -61.86 -72.69
N TYR W 62 -43.65 -62.38 -71.67
CA TYR W 62 -43.96 -63.70 -71.14
C TYR W 62 -43.51 -63.77 -69.69
N CYS W 63 -44.37 -64.36 -68.86
CA CYS W 63 -44.03 -64.62 -67.46
C CYS W 63 -44.72 -65.93 -67.08
N GLY W 64 -44.01 -67.03 -67.19
CA GLY W 64 -44.58 -68.34 -66.90
C GLY W 64 -43.70 -69.11 -65.94
N GLN W 65 -44.34 -69.97 -65.16
CA GLN W 65 -43.61 -70.79 -64.21
C GLN W 65 -42.88 -71.92 -64.93
N VAL W 66 -41.68 -72.23 -64.47
CA VAL W 66 -40.87 -73.31 -65.02
C VAL W 66 -41.04 -74.51 -64.11
N PHE W 67 -41.80 -75.51 -64.56
CA PHE W 67 -41.96 -76.72 -63.79
C PHE W 67 -40.70 -77.56 -63.86
N GLU W 68 -40.34 -78.15 -62.72
CA GLU W 68 -39.17 -79.01 -62.67
C GLU W 68 -39.36 -80.23 -63.56
N LYS W 69 -38.37 -80.51 -64.40
CA LYS W 69 -38.50 -81.58 -65.38
C LYS W 69 -38.17 -82.95 -64.82
N SER W 70 -37.76 -83.04 -63.55
CA SER W 70 -37.55 -84.31 -62.89
C SER W 70 -37.66 -84.12 -61.38
N PRO W 71 -38.88 -83.96 -60.87
CA PRO W 71 -39.07 -83.83 -59.41
C PRO W 71 -38.98 -85.16 -58.68
N LEU W 72 -38.80 -86.26 -59.38
CA LEU W 72 -38.67 -87.57 -58.77
C LEU W 72 -37.22 -88.04 -58.68
N ARG W 73 -36.27 -87.17 -58.98
CA ARG W 73 -34.86 -87.52 -59.03
C ARG W 73 -34.09 -86.61 -58.09
N VAL W 74 -33.29 -87.21 -57.22
CA VAL W 74 -32.41 -86.42 -56.35
C VAL W 74 -31.21 -85.95 -57.16
N LYS W 75 -30.86 -84.68 -57.01
CA LYS W 75 -29.76 -84.12 -57.77
C LYS W 75 -29.10 -83.02 -56.95
N ASN W 76 -27.88 -82.69 -57.34
CA ASN W 76 -27.05 -81.73 -56.62
C ASN W 76 -27.13 -80.38 -57.32
N PHE W 77 -27.48 -79.34 -56.56
CA PHE W 77 -27.59 -77.99 -57.10
C PHE W 77 -26.46 -77.13 -56.58
N GLY W 78 -25.70 -76.55 -57.50
CA GLY W 78 -24.71 -75.54 -57.15
C GLY W 78 -25.26 -74.18 -57.50
N ILE W 79 -25.14 -73.24 -56.56
CA ILE W 79 -25.74 -71.93 -56.69
C ILE W 79 -24.64 -70.88 -56.54
N TRP W 80 -24.49 -70.05 -57.55
CA TRP W 80 -23.63 -68.87 -57.47
C TRP W 80 -24.48 -67.67 -57.12
N LEU W 81 -24.07 -66.91 -56.11
CA LEU W 81 -24.83 -65.76 -55.67
C LEU W 81 -23.88 -64.67 -55.19
N ARG W 82 -24.44 -63.47 -55.08
CA ARG W 82 -23.78 -62.37 -54.41
C ARG W 82 -24.76 -61.77 -53.42
N TYR W 83 -24.24 -61.25 -52.31
CA TYR W 83 -25.10 -60.60 -51.33
C TYR W 83 -24.30 -59.49 -50.66
N ASP W 84 -25.02 -58.58 -50.02
CA ASP W 84 -24.41 -57.51 -49.24
C ASP W 84 -24.43 -57.90 -47.77
N SER W 85 -23.26 -57.97 -47.16
CA SER W 85 -23.16 -58.18 -45.72
C SER W 85 -23.31 -56.83 -45.03
N ARG W 86 -23.03 -56.79 -43.72
CA ARG W 86 -23.07 -55.51 -43.02
C ARG W 86 -21.91 -54.59 -43.41
N SER W 87 -20.85 -55.14 -44.02
CA SER W 87 -19.68 -54.34 -44.32
C SER W 87 -19.09 -54.67 -45.69
N GLY W 88 -19.91 -55.09 -46.64
CA GLY W 88 -19.41 -55.32 -47.97
C GLY W 88 -20.27 -56.30 -48.74
N THR W 89 -19.84 -56.56 -49.98
CA THR W 89 -20.50 -57.45 -50.90
C THR W 89 -19.59 -58.63 -51.20
N HIS W 90 -20.15 -59.84 -51.21
CA HIS W 90 -19.38 -61.05 -51.39
C HIS W 90 -20.05 -61.96 -52.39
N ASN W 91 -19.24 -62.62 -53.22
CA ASN W 91 -19.71 -63.67 -54.11
C ASN W 91 -19.56 -65.01 -53.43
N MET W 92 -20.61 -65.81 -53.49
CA MET W 92 -20.63 -67.10 -52.81
C MET W 92 -21.05 -68.20 -53.78
N TYR W 93 -20.53 -69.39 -53.55
CA TYR W 93 -20.96 -70.61 -54.24
C TYR W 93 -21.41 -71.60 -53.19
N ARG W 94 -22.68 -72.01 -53.26
CA ARG W 94 -23.27 -72.91 -52.29
C ARG W 94 -23.87 -74.12 -52.99
N GLU W 95 -23.89 -75.24 -52.28
CA GLU W 95 -24.37 -76.50 -52.83
C GLU W 95 -25.50 -77.05 -51.97
N TYR W 96 -26.53 -77.58 -52.63
CA TYR W 96 -27.68 -78.14 -51.94
C TYR W 96 -28.16 -79.38 -52.69
N ARG W 97 -28.89 -80.22 -51.97
CA ARG W 97 -29.53 -81.40 -52.54
C ARG W 97 -31.03 -81.26 -52.43
N ASP W 98 -31.73 -81.40 -53.55
CA ASP W 98 -33.19 -81.35 -53.53
C ASP W 98 -33.72 -81.96 -54.82
N LEU W 99 -35.01 -82.27 -54.81
CA LEU W 99 -35.68 -82.78 -56.00
C LEU W 99 -35.96 -81.66 -57.01
N THR W 100 -36.28 -80.47 -56.53
CA THR W 100 -36.65 -79.36 -57.39
C THR W 100 -35.62 -78.24 -57.31
N THR W 101 -35.51 -77.50 -58.40
CA THR W 101 -34.60 -76.36 -58.43
C THR W 101 -35.03 -75.26 -57.49
N ALA W 102 -36.32 -74.88 -57.54
CA ALA W 102 -36.82 -73.81 -56.70
C ALA W 102 -36.77 -74.20 -55.23
N GLY W 103 -36.92 -75.49 -54.94
CA GLY W 103 -36.72 -75.95 -53.57
C GLY W 103 -35.30 -75.74 -53.10
N ALA W 104 -34.32 -75.99 -53.96
CA ALA W 104 -32.93 -75.75 -53.60
C ALA W 104 -32.66 -74.26 -53.43
N VAL W 105 -33.28 -73.41 -54.25
CA VAL W 105 -33.10 -71.98 -54.10
C VAL W 105 -33.72 -71.49 -52.80
N THR W 106 -34.88 -72.04 -52.42
CA THR W 106 -35.47 -71.72 -51.13
C THR W 106 -34.59 -72.18 -49.99
N GLN W 107 -34.03 -73.40 -50.10
CA GLN W 107 -33.04 -73.85 -49.14
C GLN W 107 -31.90 -72.86 -49.02
N CYS W 108 -31.44 -72.34 -50.15
CA CYS W 108 -30.35 -71.36 -50.15
C CYS W 108 -30.74 -70.09 -49.43
N TYR W 109 -31.96 -69.60 -49.67
CA TYR W 109 -32.40 -68.38 -48.99
C TYR W 109 -32.48 -68.59 -47.49
N ARG W 110 -33.06 -69.71 -47.06
CA ARG W 110 -33.13 -70.00 -45.63
C ARG W 110 -31.74 -70.15 -45.02
N ASP W 111 -30.83 -70.82 -45.74
CA ASP W 111 -29.50 -71.05 -45.21
C ASP W 111 -28.70 -69.76 -45.11
N MET W 112 -28.85 -68.87 -46.10
CA MET W 112 -28.18 -67.58 -46.02
C MET W 112 -28.72 -66.76 -44.86
N GLY W 113 -30.05 -66.80 -44.66
CA GLY W 113 -30.61 -66.13 -43.50
C GLY W 113 -30.11 -66.73 -42.18
N ALA W 114 -29.93 -68.04 -42.14
CA ALA W 114 -29.53 -68.71 -40.91
C ALA W 114 -28.06 -68.45 -40.58
N ARG W 115 -27.19 -68.53 -41.57
CA ARG W 115 -25.76 -68.47 -41.32
C ARG W 115 -25.18 -67.07 -41.42
N HIS W 116 -25.67 -66.25 -42.35
CA HIS W 116 -25.07 -64.95 -42.59
C HIS W 116 -26.02 -63.81 -42.28
N ARG W 117 -27.19 -64.09 -41.72
CA ARG W 117 -28.20 -63.09 -41.39
C ARG W 117 -28.57 -62.25 -42.61
N ALA W 118 -28.49 -62.86 -43.79
CA ALA W 118 -28.72 -62.14 -45.04
C ALA W 118 -30.20 -62.16 -45.37
N ARG W 119 -30.83 -60.99 -45.31
CA ARG W 119 -32.22 -60.86 -45.71
C ARG W 119 -32.32 -61.01 -47.22
N ALA W 120 -33.50 -61.46 -47.68
CA ALA W 120 -33.64 -61.87 -49.07
C ALA W 120 -33.45 -60.72 -50.05
N HIS W 121 -33.69 -59.48 -49.62
CA HIS W 121 -33.46 -58.35 -50.51
C HIS W 121 -31.98 -58.09 -50.75
N SER W 122 -31.10 -58.62 -49.91
CA SER W 122 -29.67 -58.46 -50.10
C SER W 122 -29.07 -59.48 -51.05
N ILE W 123 -29.79 -60.57 -51.32
CA ILE W 123 -29.23 -61.72 -52.04
C ILE W 123 -29.60 -61.62 -53.51
N GLN W 124 -28.61 -61.79 -54.37
CA GLN W 124 -28.80 -61.83 -55.81
C GLN W 124 -28.34 -63.19 -56.31
N ILE W 125 -29.29 -64.01 -56.75
CA ILE W 125 -28.98 -65.33 -57.28
C ILE W 125 -28.63 -65.17 -58.76
N MET W 126 -27.39 -65.47 -59.12
CA MET W 126 -26.94 -65.22 -60.48
C MET W 126 -26.75 -66.48 -61.32
N LYS W 127 -26.71 -67.65 -60.70
CA LYS W 127 -26.71 -68.88 -61.47
C LYS W 127 -27.11 -70.04 -60.57
N VAL W 128 -28.03 -70.86 -61.06
CA VAL W 128 -28.39 -72.12 -60.43
C VAL W 128 -28.13 -73.22 -61.44
N GLU W 129 -27.43 -74.27 -61.03
CA GLU W 129 -27.00 -75.29 -61.97
C GLU W 129 -26.99 -76.64 -61.28
N GLU W 130 -27.63 -77.63 -61.91
CA GLU W 130 -27.48 -79.01 -61.49
C GLU W 130 -26.06 -79.47 -61.79
N ILE W 131 -25.42 -80.09 -60.80
CA ILE W 131 -24.05 -80.54 -60.93
C ILE W 131 -23.99 -82.04 -60.65
N ALA W 132 -23.07 -82.71 -61.34
CA ALA W 132 -22.84 -84.12 -61.08
C ALA W 132 -22.21 -84.30 -59.70
N ALA W 133 -22.35 -85.51 -59.16
CA ALA W 133 -21.85 -85.78 -57.82
C ALA W 133 -20.35 -85.68 -57.72
N SER W 134 -19.62 -85.91 -58.81
CA SER W 134 -18.17 -85.81 -58.79
C SER W 134 -17.66 -84.38 -58.84
N LYS W 135 -18.52 -83.42 -59.20
CA LYS W 135 -18.13 -82.01 -59.23
C LYS W 135 -18.53 -81.26 -57.96
N CYS W 136 -19.07 -81.95 -56.98
CA CYS W 136 -19.46 -81.30 -55.73
C CYS W 136 -18.22 -80.93 -54.92
N ARG W 137 -18.28 -79.78 -54.26
CA ARG W 137 -17.16 -79.28 -53.47
C ARG W 137 -17.44 -79.21 -51.97
N ARG W 138 -18.71 -79.29 -51.55
CA ARG W 138 -19.03 -79.14 -50.14
C ARG W 138 -19.10 -80.50 -49.48
N PRO W 139 -18.33 -80.74 -48.41
CA PRO W 139 -18.39 -82.05 -47.74
C PRO W 139 -19.76 -82.39 -47.17
N ALA W 140 -20.56 -81.39 -46.79
CA ALA W 140 -21.91 -81.66 -46.29
C ALA W 140 -22.80 -82.28 -47.35
N VAL W 141 -22.50 -82.08 -48.62
CA VAL W 141 -23.25 -82.71 -49.70
C VAL W 141 -22.59 -84.01 -50.14
N LYS W 142 -21.25 -84.03 -50.17
CA LYS W 142 -20.53 -85.19 -50.69
C LYS W 142 -20.69 -86.41 -49.80
N GLN W 143 -21.06 -86.24 -48.54
CA GLN W 143 -21.21 -87.39 -47.65
C GLN W 143 -22.48 -88.18 -47.94
N PHE W 144 -23.35 -87.67 -48.80
CA PHE W 144 -24.53 -88.42 -49.23
C PHE W 144 -24.33 -89.15 -50.55
N HIS W 145 -23.12 -89.08 -51.12
CA HIS W 145 -22.79 -89.81 -52.34
C HIS W 145 -22.26 -91.19 -51.96
N ASP W 146 -23.16 -92.00 -51.41
CA ASP W 146 -22.85 -93.37 -51.05
C ASP W 146 -24.00 -94.25 -51.53
N SER W 147 -23.69 -95.26 -52.33
CA SER W 147 -24.73 -96.17 -52.80
C SER W 147 -25.20 -97.11 -51.69
N LYS W 148 -24.44 -97.22 -50.61
CA LYS W 148 -24.80 -98.01 -49.45
C LYS W 148 -24.89 -97.13 -48.21
N ILE W 149 -25.55 -95.97 -48.35
CA ILE W 149 -25.75 -95.08 -47.22
C ILE W 149 -26.58 -95.78 -46.16
N LYS W 150 -26.22 -95.56 -44.90
CA LYS W 150 -26.87 -96.28 -43.80
C LYS W 150 -26.61 -95.50 -42.51
N PHE W 151 -27.68 -95.11 -41.83
CA PHE W 151 -27.55 -94.46 -40.54
C PHE W 151 -28.84 -94.67 -39.78
N PRO W 152 -28.78 -94.75 -38.45
CA PRO W 152 -30.01 -94.85 -37.66
C PRO W 152 -30.57 -93.49 -37.32
N LEU W 153 -31.66 -93.47 -36.55
CA LEU W 153 -32.21 -92.24 -35.99
C LEU W 153 -31.98 -92.32 -34.49
N PRO W 154 -30.85 -91.78 -34.00
CA PRO W 154 -30.36 -92.17 -32.65
C PRO W 154 -31.24 -91.78 -31.48
N HIS W 155 -31.56 -90.49 -31.36
CA HIS W 155 -32.23 -89.96 -30.18
C HIS W 155 -33.50 -89.28 -30.66
N ARG W 156 -34.57 -90.06 -30.79
CA ARG W 156 -35.84 -89.55 -31.33
C ARG W 156 -36.60 -88.86 -30.21
N VAL W 157 -36.65 -87.53 -30.27
CA VAL W 157 -37.32 -86.75 -29.24
C VAL W 157 -38.83 -86.89 -29.42
N LEU W 158 -39.54 -87.06 -28.30
CA LEU W 158 -40.99 -87.06 -28.34
C LEU W 158 -41.50 -85.70 -28.82
N ARG W 159 -42.40 -85.73 -29.79
CA ARG W 159 -43.03 -84.50 -30.27
C ARG W 159 -44.46 -84.35 -29.78
N ARG W 160 -45.10 -85.45 -29.38
CA ARG W 160 -46.47 -85.42 -28.87
C ARG W 160 -46.46 -85.19 -27.36
N GLN W 161 -45.83 -84.08 -26.98
CA GLN W 161 -45.59 -83.77 -25.57
C GLN W 161 -46.85 -83.33 -24.84
N HIS W 162 -47.94 -83.08 -25.54
CA HIS W 162 -49.16 -82.59 -24.92
C HIS W 162 -50.36 -83.52 -25.14
N LYS W 163 -50.15 -84.65 -25.81
CA LYS W 163 -51.19 -85.66 -26.00
C LYS W 163 -50.61 -87.01 -25.61
N PRO W 164 -50.67 -87.39 -24.33
CA PRO W 164 -51.26 -86.67 -23.19
C PRO W 164 -50.35 -85.62 -22.59
N ARG W 165 -50.91 -84.61 -21.94
CA ARG W 165 -50.08 -83.66 -21.19
C ARG W 165 -49.58 -84.27 -19.89
N PHE W 166 -50.35 -85.15 -19.27
CA PHE W 166 -49.95 -85.84 -18.05
C PHE W 166 -50.08 -87.34 -18.26
N THR W 167 -49.08 -88.09 -17.79
CA THR W 167 -49.06 -89.53 -17.99
C THR W 167 -48.19 -90.16 -16.90
N THR W 168 -48.33 -91.48 -16.75
CA THR W 168 -47.50 -92.20 -15.78
C THR W 168 -46.17 -92.64 -16.36
N LYS W 169 -46.12 -92.99 -17.63
CA LYS W 169 -44.93 -93.56 -18.24
C LYS W 169 -44.02 -92.45 -18.78
N ARG W 170 -42.74 -92.58 -18.50
CA ARG W 170 -41.77 -91.67 -19.08
C ARG W 170 -41.43 -92.11 -20.50
N PRO W 171 -41.27 -91.17 -21.43
CA PRO W 171 -41.12 -91.54 -22.84
C PRO W 171 -39.82 -92.27 -23.12
N ASN W 172 -39.85 -93.07 -24.16
CA ASN W 172 -38.68 -93.78 -24.66
C ASN W 172 -38.14 -93.05 -25.88
N THR W 173 -36.82 -92.95 -25.98
CA THR W 173 -36.18 -92.28 -27.10
C THR W 173 -35.44 -93.24 -28.02
N PHE W 174 -35.34 -94.51 -27.66
CA PHE W 174 -34.69 -95.51 -28.49
C PHE W 174 -35.75 -96.31 -29.22
N PHE W 175 -35.59 -96.43 -30.53
CA PHE W 175 -36.54 -97.17 -31.35
C PHE W 175 -35.84 -98.03 -32.38
N THR X 1 -33.78 -11.25 -40.36
CA THR X 1 -32.47 -10.61 -40.48
C THR X 1 -32.08 -10.41 -41.94
N ASN X 2 -32.90 -10.92 -42.85
CA ASN X 2 -32.66 -10.74 -44.27
C ASN X 2 -32.95 -9.31 -44.65
N THR X 3 -32.21 -8.81 -45.64
CA THR X 3 -32.48 -7.46 -46.12
C THR X 3 -33.69 -7.49 -47.05
N LYS X 4 -34.25 -6.30 -47.30
CA LYS X 4 -35.41 -6.15 -48.15
C LYS X 4 -35.06 -5.56 -49.51
N GLY X 5 -33.82 -5.76 -49.96
CA GLY X 5 -33.39 -5.18 -51.21
C GLY X 5 -34.16 -5.74 -52.39
N LYS X 6 -34.33 -4.88 -53.41
CA LYS X 6 -35.10 -5.28 -54.58
C LYS X 6 -34.43 -6.36 -55.39
N ARG X 7 -33.11 -6.49 -55.30
CA ARG X 7 -32.37 -7.47 -56.09
C ARG X 7 -31.57 -8.42 -55.22
N ARG X 8 -32.06 -8.71 -54.02
CA ARG X 8 -31.41 -9.67 -53.15
C ARG X 8 -31.73 -11.09 -53.63
N GLY X 9 -30.68 -11.91 -53.75
CA GLY X 9 -30.85 -13.28 -54.20
C GLY X 9 -30.92 -13.46 -55.69
N THR X 10 -30.71 -12.40 -56.48
CA THR X 10 -30.77 -12.47 -57.93
C THR X 10 -29.38 -12.51 -58.55
N ARG X 11 -28.41 -13.13 -57.89
CA ARG X 11 -27.06 -13.19 -58.43
C ARG X 11 -27.02 -14.05 -59.69
N TYR X 12 -27.72 -15.18 -59.69
CA TYR X 12 -27.80 -16.03 -60.87
C TYR X 12 -29.08 -15.83 -61.66
N MET X 13 -30.12 -15.31 -61.03
CA MET X 13 -31.40 -15.15 -61.72
C MET X 13 -31.29 -14.13 -62.85
N PHE X 14 -30.72 -12.97 -62.57
CA PHE X 14 -30.63 -11.89 -63.55
C PHE X 14 -29.32 -11.90 -64.32
N SER X 15 -28.43 -12.85 -64.04
CA SER X 15 -27.19 -12.95 -64.78
C SER X 15 -27.44 -13.55 -66.15
N ARG X 16 -26.59 -13.18 -67.09
CA ARG X 16 -26.71 -13.68 -68.45
C ARG X 16 -26.23 -15.12 -68.54
N PRO X 17 -26.76 -15.90 -69.47
CA PRO X 17 -26.23 -17.25 -69.71
C PRO X 17 -24.80 -17.19 -70.22
N PHE X 18 -24.12 -18.33 -70.09
CA PHE X 18 -22.72 -18.42 -70.49
C PHE X 18 -22.56 -18.11 -71.97
N ARG X 19 -21.62 -17.22 -72.28
CA ARG X 19 -21.30 -16.80 -73.64
C ARG X 19 -22.55 -16.28 -74.37
N LYS X 20 -23.36 -15.52 -73.64
CA LYS X 20 -24.55 -14.90 -74.22
C LYS X 20 -24.69 -13.47 -73.71
N HIS X 21 -23.56 -12.85 -73.41
CA HIS X 21 -23.53 -11.47 -72.95
C HIS X 21 -23.57 -10.53 -74.16
N GLY X 22 -23.48 -9.23 -73.89
CA GLY X 22 -23.31 -8.25 -74.94
C GLY X 22 -24.57 -7.60 -75.44
N VAL X 23 -24.65 -7.38 -76.75
CA VAL X 23 -25.78 -6.67 -77.33
C VAL X 23 -27.04 -7.52 -77.25
N VAL X 24 -28.15 -6.90 -76.93
CA VAL X 24 -29.44 -7.59 -76.93
C VAL X 24 -29.88 -7.78 -78.38
N PRO X 25 -30.14 -9.02 -78.82
CA PRO X 25 -30.60 -9.24 -80.19
C PRO X 25 -31.90 -8.51 -80.46
N LEU X 26 -31.99 -7.88 -81.63
CA LEU X 26 -33.05 -6.91 -81.90
C LEU X 26 -34.40 -7.54 -82.18
N ALA X 27 -34.48 -8.84 -82.50
CA ALA X 27 -35.78 -9.44 -82.75
C ALA X 27 -36.64 -9.46 -81.49
N THR X 28 -36.03 -9.32 -80.32
CA THR X 28 -36.81 -9.16 -79.10
C THR X 28 -37.57 -7.84 -79.11
N TYR X 29 -36.99 -6.81 -79.72
CA TYR X 29 -37.67 -5.53 -79.83
C TYR X 29 -38.69 -5.52 -80.96
N MET X 30 -38.61 -6.48 -81.87
CA MET X 30 -39.49 -6.50 -83.03
C MET X 30 -40.76 -7.31 -82.79
N ARG X 31 -40.91 -7.93 -81.63
CA ARG X 31 -42.12 -8.67 -81.34
C ARG X 31 -43.29 -7.71 -81.16
N ILE X 32 -44.48 -8.18 -81.51
CA ILE X 32 -45.70 -7.39 -81.40
C ILE X 32 -46.53 -7.96 -80.27
N TYR X 33 -46.85 -7.12 -79.28
CA TYR X 33 -47.63 -7.54 -78.12
C TYR X 33 -48.96 -6.79 -78.16
N LYS X 34 -50.03 -7.54 -78.38
CA LYS X 34 -51.38 -6.99 -78.34
C LYS X 34 -51.92 -7.07 -76.91
N LYS X 35 -53.04 -6.39 -76.68
CA LYS X 35 -53.74 -6.54 -75.42
C LYS X 35 -54.41 -7.90 -75.35
N GLY X 36 -54.23 -8.57 -74.22
CA GLY X 36 -54.86 -9.85 -73.98
C GLY X 36 -54.00 -11.05 -74.27
N ASP X 37 -52.87 -10.89 -74.95
CA ASP X 37 -52.03 -12.04 -75.24
C ASP X 37 -51.16 -12.40 -74.04
N ILE X 38 -50.61 -13.60 -74.09
CA ILE X 38 -49.98 -14.23 -72.93
C ILE X 38 -48.46 -14.13 -73.09
N VAL X 39 -47.80 -13.62 -72.06
CA VAL X 39 -46.35 -13.43 -72.08
C VAL X 39 -45.74 -14.07 -70.84
N ASP X 40 -44.49 -14.51 -70.98
CA ASP X 40 -43.71 -15.06 -69.88
C ASP X 40 -42.68 -14.03 -69.44
N ILE X 41 -42.69 -13.70 -68.15
CA ILE X 41 -41.77 -12.71 -67.59
C ILE X 41 -40.47 -13.40 -67.19
N LYS X 42 -39.36 -13.00 -67.81
CA LYS X 42 -38.07 -13.58 -67.48
C LYS X 42 -37.15 -12.58 -66.81
N GLY X 43 -36.83 -11.46 -67.44
CA GLY X 43 -36.05 -10.46 -66.74
C GLY X 43 -34.54 -10.50 -66.90
N MET X 44 -34.03 -10.41 -68.12
CA MET X 44 -32.58 -10.35 -68.31
C MET X 44 -32.00 -9.12 -67.62
N GLY X 45 -30.78 -9.26 -67.12
CA GLY X 45 -30.15 -8.21 -66.34
C GLY X 45 -29.33 -7.21 -67.13
N THR X 46 -29.24 -7.40 -68.45
CA THR X 46 -28.51 -6.44 -69.27
C THR X 46 -29.21 -5.09 -69.27
N VAL X 47 -30.54 -5.08 -69.37
CA VAL X 47 -31.33 -3.87 -69.36
C VAL X 47 -31.84 -3.64 -67.95
N GLN X 48 -31.31 -2.63 -67.28
CA GLN X 48 -31.63 -2.38 -65.88
C GLN X 48 -32.93 -1.61 -65.70
N LYS X 49 -33.47 -1.02 -66.75
CA LYS X 49 -34.69 -0.25 -66.67
C LYS X 49 -35.90 -1.12 -66.97
N GLY X 50 -36.99 -0.84 -66.28
CA GLY X 50 -38.21 -1.61 -66.47
C GLY X 50 -38.12 -3.05 -66.03
N MET X 51 -37.17 -3.36 -65.15
CA MET X 51 -36.99 -4.74 -64.72
C MET X 51 -38.17 -5.18 -63.85
N PRO X 52 -38.60 -6.44 -63.98
CA PRO X 52 -39.60 -6.97 -63.05
C PRO X 52 -38.96 -7.32 -61.73
N HIS X 53 -39.80 -7.44 -60.70
CA HIS X 53 -39.32 -7.93 -59.43
C HIS X 53 -39.02 -9.42 -59.50
N LYS X 54 -38.19 -9.89 -58.57
CA LYS X 54 -37.75 -11.28 -58.58
C LYS X 54 -38.90 -12.26 -58.38
N CYS X 55 -40.01 -11.81 -57.77
CA CYS X 55 -41.15 -12.69 -57.57
C CYS X 55 -41.95 -12.91 -58.85
N TYR X 56 -41.68 -12.15 -59.91
CA TYR X 56 -42.35 -12.34 -61.17
C TYR X 56 -41.49 -13.02 -62.22
N HIS X 57 -40.21 -13.24 -61.92
CA HIS X 57 -39.35 -13.99 -62.83
C HIS X 57 -39.84 -15.43 -62.94
N GLY X 58 -40.18 -15.83 -64.16
CA GLY X 58 -40.71 -17.15 -64.41
C GLY X 58 -42.21 -17.26 -64.32
N LYS X 59 -42.90 -16.19 -63.96
CA LYS X 59 -44.36 -16.19 -63.93
C LYS X 59 -44.91 -15.81 -65.30
N THR X 60 -46.18 -16.11 -65.51
CA THR X 60 -46.86 -15.88 -66.78
C THR X 60 -48.11 -15.07 -66.54
N GLY X 61 -48.35 -14.07 -67.40
CA GLY X 61 -49.47 -13.17 -67.24
C GLY X 61 -50.05 -12.78 -68.59
N ARG X 62 -51.04 -11.89 -68.52
CA ARG X 62 -51.77 -11.42 -69.70
C ARG X 62 -51.55 -9.92 -69.87
N VAL X 63 -51.21 -9.52 -71.09
CA VAL X 63 -50.95 -8.12 -71.39
C VAL X 63 -52.26 -7.36 -71.43
N TYR X 64 -52.32 -6.21 -70.73
CA TYR X 64 -53.50 -5.37 -70.75
C TYR X 64 -53.23 -3.95 -71.21
N ASN X 65 -51.97 -3.52 -71.29
CA ASN X 65 -51.65 -2.16 -71.67
C ASN X 65 -50.33 -2.18 -72.43
N VAL X 66 -50.26 -1.41 -73.51
CA VAL X 66 -49.09 -1.34 -74.36
C VAL X 66 -48.62 0.10 -74.44
N THR X 67 -47.34 0.32 -74.14
CA THR X 67 -46.71 1.63 -74.21
C THR X 67 -45.57 1.58 -75.23
N GLN X 68 -44.77 2.65 -75.27
CA GLN X 68 -43.69 2.73 -76.25
C GLN X 68 -42.65 1.63 -76.06
N HIS X 69 -42.23 1.38 -74.82
CA HIS X 69 -41.16 0.45 -74.56
C HIS X 69 -41.56 -0.72 -73.68
N ALA X 70 -42.67 -0.65 -72.98
CA ALA X 70 -43.05 -1.67 -72.02
C ALA X 70 -44.48 -2.10 -72.29
N VAL X 71 -44.94 -3.05 -71.48
CA VAL X 71 -46.32 -3.51 -71.50
C VAL X 71 -46.81 -3.63 -70.06
N GLY X 72 -48.13 -3.58 -69.91
CA GLY X 72 -48.76 -3.84 -68.62
C GLY X 72 -49.28 -5.26 -68.59
N ILE X 73 -48.87 -6.00 -67.57
CA ILE X 73 -49.16 -7.42 -67.44
C ILE X 73 -49.96 -7.65 -66.18
N VAL X 74 -51.05 -8.41 -66.30
CA VAL X 74 -51.80 -8.89 -65.14
C VAL X 74 -51.26 -10.27 -64.80
N VAL X 75 -50.57 -10.38 -63.67
CA VAL X 75 -49.90 -11.61 -63.27
C VAL X 75 -50.34 -11.98 -61.87
N ASN X 76 -50.61 -13.26 -61.65
CA ASN X 76 -51.05 -13.73 -60.35
C ASN X 76 -49.86 -13.91 -59.41
N LYS X 77 -50.00 -13.36 -58.20
CA LYS X 77 -49.00 -13.50 -57.16
C LYS X 77 -49.66 -14.06 -55.90
N GLN X 78 -49.05 -15.09 -55.32
CA GLN X 78 -49.59 -15.69 -54.11
C GLN X 78 -48.90 -15.08 -52.90
N VAL X 79 -49.70 -14.50 -51.99
CA VAL X 79 -49.22 -13.86 -50.79
C VAL X 79 -50.00 -14.44 -49.63
N LYS X 80 -49.30 -15.12 -48.71
CA LYS X 80 -49.92 -15.84 -47.58
C LYS X 80 -50.94 -16.81 -48.18
N GLY X 81 -52.20 -16.75 -47.80
CA GLY X 81 -53.20 -17.69 -48.31
C GLY X 81 -54.17 -17.08 -49.29
N LYS X 82 -53.72 -16.11 -50.06
CA LYS X 82 -54.56 -15.46 -51.06
C LYS X 82 -53.72 -15.19 -52.30
N ILE X 83 -54.35 -15.36 -53.46
CA ILE X 83 -53.75 -15.03 -54.75
C ILE X 83 -54.40 -13.76 -55.25
N LEU X 84 -53.58 -12.77 -55.58
CA LEU X 84 -54.06 -11.50 -56.09
C LEU X 84 -53.38 -11.20 -57.40
N ALA X 85 -54.15 -10.66 -58.34
CA ALA X 85 -53.67 -10.39 -59.70
C ALA X 85 -52.96 -9.04 -59.69
N LYS X 86 -51.63 -9.09 -59.61
CA LYS X 86 -50.84 -7.88 -59.63
C LYS X 86 -50.71 -7.34 -61.06
N ARG X 87 -50.55 -6.03 -61.15
CA ARG X 87 -50.34 -5.35 -62.43
C ARG X 87 -48.95 -4.74 -62.41
N ILE X 88 -48.12 -5.10 -63.38
CA ILE X 88 -46.73 -4.68 -63.40
C ILE X 88 -46.40 -4.08 -64.76
N ASN X 89 -45.47 -3.12 -64.76
CA ASN X 89 -44.98 -2.51 -65.98
C ASN X 89 -43.58 -3.03 -66.25
N VAL X 90 -43.45 -3.83 -67.32
CA VAL X 90 -42.20 -4.52 -67.62
C VAL X 90 -41.81 -4.20 -69.06
N ARG X 91 -40.58 -3.74 -69.24
CA ARG X 91 -40.08 -3.47 -70.59
C ARG X 91 -39.95 -4.76 -71.37
N ILE X 92 -40.12 -4.65 -72.69
CA ILE X 92 -40.25 -5.83 -73.54
C ILE X 92 -39.00 -6.68 -73.61
N GLU X 93 -37.87 -6.19 -73.11
CA GLU X 93 -36.67 -7.03 -73.05
C GLU X 93 -36.86 -8.21 -72.12
N HIS X 94 -37.72 -8.06 -71.11
CA HIS X 94 -37.85 -9.05 -70.04
C HIS X 94 -39.00 -10.02 -70.26
N ILE X 95 -39.69 -9.95 -71.40
CA ILE X 95 -40.82 -10.81 -71.66
C ILE X 95 -40.67 -11.47 -73.02
N LYS X 96 -41.47 -12.51 -73.24
CA LYS X 96 -41.57 -13.17 -74.54
C LYS X 96 -42.93 -13.83 -74.62
N HIS X 97 -43.37 -14.10 -75.84
CA HIS X 97 -44.66 -14.73 -76.05
C HIS X 97 -44.67 -16.15 -75.50
N SER X 98 -45.79 -16.52 -74.89
CA SER X 98 -45.97 -17.83 -74.30
C SER X 98 -46.39 -18.81 -75.39
N LYS X 99 -45.68 -19.93 -75.49
CA LYS X 99 -45.95 -20.89 -76.55
C LYS X 99 -47.16 -21.77 -76.26
N SER X 100 -47.57 -21.87 -75.00
CA SER X 100 -48.75 -22.68 -74.68
C SER X 100 -50.00 -22.09 -75.32
N ARG X 101 -50.15 -20.76 -75.25
CA ARG X 101 -51.28 -20.11 -75.90
C ARG X 101 -51.23 -20.31 -77.41
N ASP X 102 -50.04 -20.23 -78.01
CA ASP X 102 -49.92 -20.44 -79.45
C ASP X 102 -50.36 -21.86 -79.82
N SER X 103 -49.90 -22.85 -79.06
CA SER X 103 -50.31 -24.23 -79.31
C SER X 103 -51.81 -24.41 -79.16
N PHE X 104 -52.40 -23.76 -78.17
CA PHE X 104 -53.83 -23.92 -77.94
C PHE X 104 -54.66 -23.27 -79.03
N LEU X 105 -54.27 -22.09 -79.50
CA LEU X 105 -55.00 -21.48 -80.62
C LEU X 105 -54.82 -22.29 -81.89
N LYS X 106 -53.64 -22.86 -82.11
CA LYS X 106 -53.45 -23.76 -83.25
C LYS X 106 -54.39 -24.95 -83.15
N ARG X 107 -54.52 -25.52 -81.94
CA ARG X 107 -55.42 -26.65 -81.75
C ARG X 107 -56.88 -26.25 -81.98
N VAL X 108 -57.27 -25.05 -81.54
CA VAL X 108 -58.64 -24.58 -81.76
C VAL X 108 -58.93 -24.43 -83.25
N LYS X 109 -57.99 -23.81 -83.97
CA LYS X 109 -58.16 -23.65 -85.41
C LYS X 109 -58.25 -25.00 -86.11
N GLU X 110 -57.41 -25.95 -85.72
CA GLU X 110 -57.44 -27.27 -86.34
C GLU X 110 -58.73 -28.01 -86.00
N ASN X 111 -59.23 -27.83 -84.77
CA ASN X 111 -60.49 -28.47 -84.38
C ASN X 111 -61.67 -27.89 -85.16
N ASP X 112 -61.70 -26.57 -85.35
CA ASP X 112 -62.76 -25.97 -86.15
C ASP X 112 -62.68 -26.45 -87.60
N GLN X 113 -61.47 -26.59 -88.13
CA GLN X 113 -61.29 -27.16 -89.46
C GLN X 113 -61.85 -28.58 -89.52
N LYS X 114 -61.53 -29.40 -88.51
CA LYS X 114 -62.03 -30.78 -88.49
C LYS X 114 -63.55 -30.82 -88.40
N LYS X 115 -64.14 -29.95 -87.57
CA LYS X 115 -65.59 -29.91 -87.45
C LYS X 115 -66.24 -29.56 -88.78
N LYS X 116 -65.74 -28.51 -89.45
CA LYS X 116 -66.32 -28.11 -90.73
C LYS X 116 -66.17 -29.22 -91.78
N GLU X 117 -64.97 -29.81 -91.87
CA GLU X 117 -64.74 -30.85 -92.86
C GLU X 117 -65.60 -32.08 -92.59
N ALA X 118 -65.70 -32.49 -91.33
CA ALA X 118 -66.50 -33.67 -90.99
C ALA X 118 -67.98 -33.43 -91.21
N LYS X 119 -68.48 -32.23 -90.91
CA LYS X 119 -69.87 -31.92 -91.24
C LYS X 119 -70.10 -31.93 -92.74
N GLU X 120 -69.11 -31.49 -93.52
CA GLU X 120 -69.22 -31.58 -94.97
C GLU X 120 -69.29 -33.03 -95.45
N LYS X 121 -68.43 -33.90 -94.91
CA LYS X 121 -68.37 -35.29 -95.35
C LYS X 121 -69.06 -36.26 -94.40
N GLY X 122 -69.80 -35.77 -93.42
CA GLY X 122 -70.70 -36.63 -92.65
C GLY X 122 -70.15 -37.49 -91.52
N THR X 123 -68.91 -37.96 -91.67
CA THR X 123 -68.36 -38.90 -90.69
C THR X 123 -67.92 -38.18 -89.42
N TRP X 124 -68.35 -38.70 -88.28
CA TRP X 124 -67.97 -38.12 -86.99
C TRP X 124 -66.50 -38.38 -86.71
N VAL X 125 -65.86 -37.43 -86.03
CA VAL X 125 -64.44 -37.55 -85.68
C VAL X 125 -64.26 -37.09 -84.23
N GLN X 126 -63.22 -37.62 -83.59
CA GLN X 126 -62.94 -37.32 -82.19
C GLN X 126 -62.07 -36.07 -82.08
N LEU X 127 -62.47 -35.15 -81.21
CA LEU X 127 -61.74 -33.91 -80.96
C LEU X 127 -61.16 -33.83 -79.56
N LYS X 128 -61.88 -34.30 -78.54
CA LYS X 128 -61.35 -34.27 -77.19
C LYS X 128 -60.16 -35.22 -77.07
N ARG X 129 -58.99 -34.66 -76.83
CA ARG X 129 -57.79 -35.48 -76.71
C ARG X 129 -57.86 -36.32 -75.44
N GLN X 130 -57.47 -37.53 -75.56
CA GLN X 130 -57.61 -38.49 -74.47
C GLN X 130 -56.26 -38.72 -73.79
N PRO X 131 -56.27 -39.10 -72.51
CA PRO X 131 -55.02 -39.53 -71.87
C PRO X 131 -54.52 -40.82 -72.50
N ALA X 132 -53.23 -41.07 -72.33
CA ALA X 132 -52.56 -42.19 -72.97
C ALA X 132 -53.26 -43.50 -72.64
N PRO X 133 -53.93 -44.14 -73.59
CA PRO X 133 -54.69 -45.35 -73.30
C PRO X 133 -53.77 -46.52 -73.00
N PRO X 134 -54.25 -47.53 -72.29
CA PRO X 134 -53.43 -48.72 -72.06
C PRO X 134 -53.07 -49.39 -73.37
N ARG X 135 -51.89 -50.01 -73.38
CA ARG X 135 -51.40 -50.66 -74.59
C ARG X 135 -52.28 -51.83 -74.97
N GLU X 136 -52.63 -51.92 -76.25
CA GLU X 136 -53.50 -52.98 -76.72
C GLU X 136 -52.70 -54.25 -77.00
N ALA X 137 -53.44 -55.33 -77.25
CA ALA X 137 -52.81 -56.63 -77.48
C ALA X 137 -52.04 -56.64 -78.80
N HIS X 138 -50.89 -57.31 -78.79
CA HIS X 138 -50.05 -57.40 -79.97
C HIS X 138 -49.19 -58.64 -79.87
N PHE X 139 -48.66 -59.05 -81.03
CA PHE X 139 -47.80 -60.22 -81.12
C PHE X 139 -46.35 -59.80 -81.26
N VAL X 140 -45.48 -60.41 -80.47
CA VAL X 140 -44.06 -60.14 -80.50
C VAL X 140 -43.37 -61.36 -81.10
N ARG X 141 -42.85 -61.23 -82.31
CA ARG X 141 -42.21 -62.35 -82.99
C ARG X 141 -40.80 -62.55 -82.47
N THR X 142 -40.31 -63.78 -82.59
CA THR X 142 -38.93 -64.10 -82.27
C THR X 142 -38.04 -64.14 -83.50
N ASN X 143 -38.63 -64.40 -84.68
CA ASN X 143 -37.88 -64.54 -85.93
C ASN X 143 -36.80 -65.61 -85.82
N GLY X 144 -37.15 -66.75 -85.22
CA GLY X 144 -36.25 -67.87 -85.13
C GLY X 144 -35.03 -67.64 -84.26
N LYS X 145 -35.12 -66.74 -83.28
CA LYS X 145 -34.01 -66.43 -82.40
C LYS X 145 -34.43 -66.66 -80.96
N GLU X 146 -33.53 -67.25 -80.19
CA GLU X 146 -33.74 -67.41 -78.76
C GLU X 146 -33.46 -66.09 -78.04
N PRO X 147 -34.37 -65.60 -77.22
CA PRO X 147 -34.07 -64.42 -76.42
C PRO X 147 -32.89 -64.68 -75.49
N GLU X 148 -32.05 -63.65 -75.33
CA GLU X 148 -30.81 -63.81 -74.58
C GLU X 148 -31.09 -64.01 -73.09
N LEU X 149 -30.34 -64.92 -72.48
CA LEU X 149 -30.46 -65.16 -71.05
C LEU X 149 -29.52 -64.24 -70.29
N LEU X 150 -30.08 -63.45 -69.37
CA LEU X 150 -29.32 -62.47 -68.61
C LEU X 150 -29.15 -62.94 -67.18
N GLU X 151 -27.94 -62.83 -66.67
CA GLU X 151 -27.62 -63.15 -65.29
C GLU X 151 -26.88 -61.98 -64.65
N PRO X 152 -27.18 -61.67 -63.39
CA PRO X 152 -26.46 -60.60 -62.71
C PRO X 152 -24.97 -60.90 -62.61
N ILE X 153 -24.17 -59.86 -62.72
CA ILE X 153 -22.70 -60.00 -62.76
C ILE X 153 -22.16 -60.19 -61.36
N PRO X 154 -21.05 -60.93 -61.20
CA PRO X 154 -20.43 -61.04 -59.88
C PRO X 154 -19.81 -59.73 -59.43
N TYR X 155 -19.74 -59.56 -58.12
CA TYR X 155 -19.21 -58.34 -57.53
C TYR X 155 -17.70 -58.30 -57.59
N GLU X 156 -17.15 -57.11 -57.81
CA GLU X 156 -15.72 -56.85 -57.65
C GLU X 156 -15.54 -55.37 -57.37
N PHE X 157 -14.55 -55.04 -56.55
CA PHE X 157 -14.22 -53.65 -56.29
C PHE X 157 -13.49 -53.07 -57.48
N MET X 158 -13.96 -51.92 -57.96
CA MET X 158 -13.38 -51.28 -59.14
C MET X 158 -12.46 -50.13 -58.75
N ALA X 159 -12.98 -49.13 -58.05
CA ALA X 159 -12.21 -47.93 -57.71
C ALA X 159 -12.89 -47.13 -56.61
N GLN Y 1 -31.64 -3.60 106.15
CA GLN Y 1 -30.56 -4.55 105.90
C GLN Y 1 -31.00 -5.97 106.24
N VAL Y 2 -32.27 -6.12 106.61
CA VAL Y 2 -32.88 -7.41 106.86
C VAL Y 2 -33.93 -7.65 105.78
N LEU Y 3 -33.78 -8.74 105.03
CA LEU Y 3 -34.62 -8.98 103.87
C LEU Y 3 -35.93 -9.65 104.26
N LYS Y 4 -35.85 -10.83 104.88
CA LYS Y 4 -36.98 -11.52 105.49
C LYS Y 4 -38.09 -11.80 104.46
N PHE Y 5 -37.75 -12.67 103.52
CA PHE Y 5 -38.73 -13.20 102.58
C PHE Y 5 -39.47 -14.37 103.20
N THR Y 6 -40.54 -14.80 102.54
CA THR Y 6 -41.39 -15.85 103.06
C THR Y 6 -41.93 -16.71 101.92
N LEU Y 7 -41.94 -18.03 102.13
CA LEU Y 7 -42.52 -18.99 101.20
C LEU Y 7 -43.69 -19.66 101.89
N ASP Y 8 -44.86 -19.62 101.26
CA ASP Y 8 -46.11 -20.07 101.87
C ASP Y 8 -46.54 -21.36 101.21
N CYS Y 9 -46.26 -22.48 101.86
CA CYS Y 9 -46.67 -23.81 101.42
C CYS Y 9 -47.85 -24.23 102.29
N THR Y 10 -49.06 -23.85 101.88
CA THR Y 10 -50.26 -24.13 102.66
C THR Y 10 -51.25 -25.04 101.93
N HIS Y 11 -51.63 -24.68 100.70
CA HIS Y 11 -52.57 -25.49 99.94
C HIS Y 11 -52.09 -26.91 99.67
N PRO Y 12 -50.86 -27.15 99.19
CA PRO Y 12 -50.47 -28.54 98.94
C PRO Y 12 -50.24 -29.35 100.21
N VAL Y 13 -49.81 -28.72 101.31
CA VAL Y 13 -49.61 -29.50 102.52
C VAL Y 13 -50.94 -29.89 103.15
N GLU Y 14 -51.98 -29.08 102.97
CA GLU Y 14 -53.31 -29.51 103.42
C GLU Y 14 -53.97 -30.43 102.41
N ASP Y 15 -53.48 -30.48 101.17
CA ASP Y 15 -53.91 -31.53 100.26
C ASP Y 15 -52.99 -32.74 100.29
N GLY Y 16 -51.93 -32.72 101.08
CA GLY Y 16 -51.11 -33.89 101.29
C GLY Y 16 -50.27 -34.34 100.10
N ILE Y 17 -49.98 -33.45 99.15
CA ILE Y 17 -49.14 -33.83 98.03
C ILE Y 17 -47.67 -33.44 98.24
N MET Y 18 -47.39 -32.57 99.19
CA MET Y 18 -46.02 -32.27 99.58
C MET Y 18 -46.02 -31.75 101.00
N ASP Y 19 -44.84 -31.73 101.62
CA ASP Y 19 -44.70 -31.34 103.01
C ASP Y 19 -43.68 -30.22 103.14
N ALA Y 20 -43.89 -29.36 104.13
CA ALA Y 20 -43.01 -28.21 104.31
C ALA Y 20 -41.66 -28.62 104.92
N ALA Y 21 -41.64 -29.71 105.69
CA ALA Y 21 -40.39 -30.14 106.31
C ALA Y 21 -39.37 -30.55 105.26
N ASN Y 22 -39.81 -31.29 104.23
CA ASN Y 22 -38.88 -31.70 103.19
C ASN Y 22 -38.42 -30.53 102.35
N PHE Y 23 -39.28 -29.55 102.09
CA PHE Y 23 -38.86 -28.37 101.34
C PHE Y 23 -37.87 -27.55 102.17
N GLU Y 24 -38.09 -27.44 103.47
CA GLU Y 24 -37.11 -26.81 104.35
C GLU Y 24 -35.78 -27.55 104.30
N GLN Y 25 -35.82 -28.88 104.34
CA GLN Y 25 -34.59 -29.66 104.29
C GLN Y 25 -33.95 -29.58 102.91
N PHE Y 26 -34.72 -29.21 101.89
CA PHE Y 26 -34.16 -28.99 100.56
C PHE Y 26 -33.50 -27.63 100.43
N LEU Y 27 -34.01 -26.61 101.13
CA LEU Y 27 -33.55 -25.24 100.88
C LEU Y 27 -32.11 -25.01 101.36
N GLN Y 28 -31.76 -25.48 102.56
CA GLN Y 28 -30.59 -24.93 103.24
C GLN Y 28 -29.29 -25.28 102.51
N GLU Y 29 -29.27 -26.40 101.79
CA GLU Y 29 -28.06 -26.77 101.05
C GLU Y 29 -28.05 -26.22 99.64
N ARG Y 30 -29.19 -25.80 99.10
CA ARG Y 30 -29.24 -25.28 97.75
C ARG Y 30 -29.11 -23.78 97.68
N ILE Y 31 -29.35 -23.07 98.79
CA ILE Y 31 -29.20 -21.62 98.80
C ILE Y 31 -27.71 -21.29 98.74
N LYS Y 32 -27.33 -20.56 97.70
CA LYS Y 32 -25.94 -20.16 97.50
C LYS Y 32 -25.72 -18.77 98.04
N VAL Y 33 -24.69 -18.62 98.87
CA VAL Y 33 -24.24 -17.32 99.36
C VAL Y 33 -22.84 -17.11 98.85
N ASN Y 34 -22.63 -16.04 98.09
CA ASN Y 34 -21.35 -15.74 97.44
C ASN Y 34 -20.88 -16.89 96.58
N GLY Y 35 -21.82 -17.54 95.89
CA GLY Y 35 -21.50 -18.60 94.95
C GLY Y 35 -21.27 -19.96 95.57
N LYS Y 36 -21.38 -20.10 96.88
CA LYS Y 36 -21.09 -21.36 97.56
C LYS Y 36 -22.37 -21.91 98.18
N ALA Y 37 -22.69 -23.15 97.87
CA ALA Y 37 -23.82 -23.83 98.49
C ALA Y 37 -23.38 -24.46 99.80
N GLY Y 38 -24.36 -24.84 100.61
CA GLY Y 38 -24.03 -25.39 101.92
C GLY Y 38 -23.77 -24.31 102.94
N ASN Y 39 -23.94 -24.69 104.21
CA ASN Y 39 -23.63 -23.94 105.44
C ASN Y 39 -24.18 -22.52 105.45
N LEU Y 40 -25.11 -22.22 104.54
CA LEU Y 40 -25.78 -20.92 104.44
C LEU Y 40 -24.76 -19.77 104.38
N GLY Y 41 -23.67 -20.00 103.67
CA GLY Y 41 -22.61 -19.00 103.58
C GLY Y 41 -21.99 -18.67 104.91
N GLY Y 42 -21.82 -19.67 105.78
CA GLY Y 42 -21.31 -19.42 107.11
C GLY Y 42 -22.35 -18.97 108.10
N GLY Y 43 -23.62 -19.31 107.88
CA GLY Y 43 -24.67 -18.99 108.82
C GLY Y 43 -25.20 -17.58 108.77
N VAL Y 44 -24.78 -16.78 107.78
CA VAL Y 44 -25.28 -15.42 107.67
C VAL Y 44 -26.77 -15.42 107.33
N VAL Y 45 -27.21 -16.37 106.52
CA VAL Y 45 -28.61 -16.49 106.12
C VAL Y 45 -29.25 -17.54 107.02
N THR Y 46 -30.36 -17.18 107.67
CA THR Y 46 -31.08 -18.10 108.52
C THR Y 46 -32.32 -18.62 107.80
N ILE Y 47 -32.96 -19.61 108.41
CA ILE Y 47 -34.12 -20.27 107.81
C ILE Y 47 -34.92 -20.94 108.92
N GLU Y 48 -36.24 -20.80 108.88
CA GLU Y 48 -37.11 -21.42 109.87
C GLU Y 48 -38.48 -21.63 109.25
N ARG Y 49 -39.39 -22.18 110.05
CA ARG Y 49 -40.68 -22.62 109.55
C ARG Y 49 -41.78 -22.29 110.55
N SER Y 50 -42.98 -22.05 110.04
CA SER Y 50 -44.19 -21.93 110.83
C SER Y 50 -45.12 -23.13 110.61
N LYS Y 51 -44.53 -24.24 110.16
CA LYS Y 51 -45.16 -25.52 109.85
C LYS Y 51 -46.02 -25.45 108.59
N SER Y 52 -46.24 -24.24 108.09
CA SER Y 52 -46.71 -24.03 106.72
C SER Y 52 -46.04 -22.85 106.04
N LYS Y 53 -45.53 -21.88 106.79
CA LYS Y 53 -44.79 -20.74 106.25
C LYS Y 53 -43.31 -21.01 106.43
N ILE Y 54 -42.54 -20.81 105.38
CA ILE Y 54 -41.08 -20.99 105.42
C ILE Y 54 -40.46 -19.66 105.04
N THR Y 55 -39.84 -19.01 106.01
CA THR Y 55 -39.31 -17.66 105.84
C THR Y 55 -37.79 -17.69 105.82
N VAL Y 56 -37.21 -16.86 104.95
CA VAL Y 56 -35.77 -16.76 104.77
C VAL Y 56 -35.36 -15.32 105.08
N THR Y 57 -34.41 -15.15 106.00
CA THR Y 57 -33.91 -13.85 106.39
C THR Y 57 -32.43 -13.76 106.06
N SER Y 58 -32.02 -12.66 105.43
CA SER Y 58 -30.64 -12.47 105.04
C SER Y 58 -30.17 -11.07 105.42
N GLU Y 59 -28.90 -10.96 105.78
CA GLU Y 59 -28.25 -9.67 106.03
C GLU Y 59 -27.25 -9.31 104.95
N VAL Y 60 -27.27 -10.03 103.83
CA VAL Y 60 -26.45 -9.69 102.67
C VAL Y 60 -27.40 -9.47 101.50
N PRO Y 61 -26.97 -8.72 100.47
CA PRO Y 61 -27.81 -8.54 99.28
C PRO Y 61 -28.27 -9.87 98.69
N PHE Y 62 -29.58 -10.05 98.62
CA PHE Y 62 -30.16 -11.36 98.39
C PHE Y 62 -31.47 -11.21 97.64
N SER Y 63 -31.75 -12.13 96.73
CA SER Y 63 -32.82 -11.99 95.75
C SER Y 63 -34.00 -12.88 96.08
N LYS Y 64 -35.21 -12.32 95.93
CA LYS Y 64 -36.44 -13.09 96.10
C LYS Y 64 -36.69 -14.02 94.91
N ARG Y 65 -36.35 -13.56 93.71
CA ARG Y 65 -36.47 -14.42 92.54
C ARG Y 65 -35.58 -15.64 92.65
N TYR Y 66 -34.51 -15.58 93.44
CA TYR Y 66 -33.75 -16.78 93.76
C TYR Y 66 -34.61 -17.77 94.53
N LEU Y 67 -35.42 -17.29 95.48
CA LEU Y 67 -36.35 -18.18 96.17
C LEU Y 67 -37.35 -18.79 95.19
N LYS Y 68 -37.86 -17.99 94.27
CA LYS Y 68 -38.80 -18.53 93.29
C LYS Y 68 -38.13 -19.58 92.41
N TYR Y 69 -36.88 -19.33 92.00
CA TYR Y 69 -36.14 -20.29 91.19
C TYR Y 69 -35.89 -21.60 91.94
N LEU Y 70 -35.48 -21.50 93.21
CA LEU Y 70 -35.25 -22.71 94.00
C LEU Y 70 -36.53 -23.47 94.23
N THR Y 71 -37.64 -22.76 94.49
CA THR Y 71 -38.92 -23.43 94.67
C THR Y 71 -39.36 -24.13 93.39
N LYS Y 72 -39.18 -23.49 92.24
CA LYS Y 72 -39.51 -24.13 90.97
C LYS Y 72 -38.66 -25.37 90.76
N LYS Y 73 -37.39 -25.31 91.15
CA LYS Y 73 -36.52 -26.48 91.04
C LYS Y 73 -37.03 -27.61 91.93
N TYR Y 74 -37.47 -27.30 93.14
CA TYR Y 74 -38.05 -28.32 94.01
C TYR Y 74 -39.31 -28.92 93.38
N LEU Y 75 -40.18 -28.08 92.86
CA LEU Y 75 -41.44 -28.57 92.28
C LEU Y 75 -41.17 -29.46 91.06
N LYS Y 76 -40.14 -29.13 90.29
CA LYS Y 76 -39.76 -30.02 89.20
C LYS Y 76 -39.16 -31.31 89.73
N LYS Y 77 -38.46 -31.25 90.85
CA LYS Y 77 -37.88 -32.45 91.45
C LYS Y 77 -38.97 -33.44 91.88
N ASN Y 78 -40.10 -32.93 92.36
CA ASN Y 78 -41.18 -33.78 92.87
C ASN Y 78 -42.35 -33.92 91.90
N ASN Y 79 -42.17 -33.53 90.64
CA ASN Y 79 -43.19 -33.65 89.60
C ASN Y 79 -44.46 -32.87 89.96
N LEU Y 80 -44.31 -31.80 90.72
CA LEU Y 80 -45.43 -30.95 91.13
C LEU Y 80 -45.67 -29.79 90.17
N ARG Y 81 -44.81 -29.64 89.15
CA ARG Y 81 -44.86 -28.44 88.32
C ARG Y 81 -46.13 -28.37 87.48
N ASP Y 82 -46.68 -29.53 87.10
CA ASP Y 82 -47.89 -29.54 86.31
C ASP Y 82 -49.14 -29.22 87.12
N TRP Y 83 -49.04 -29.16 88.45
CA TRP Y 83 -50.16 -28.79 89.29
C TRP Y 83 -49.97 -27.45 90.00
N LEU Y 84 -48.83 -27.26 90.65
CA LEU Y 84 -48.59 -26.09 91.48
C LEU Y 84 -47.92 -24.98 90.67
N ARG Y 85 -47.87 -23.80 91.29
CA ARG Y 85 -47.42 -22.60 90.60
C ARG Y 85 -47.07 -21.55 91.64
N VAL Y 86 -45.83 -21.08 91.64
CA VAL Y 86 -45.37 -20.10 92.61
C VAL Y 86 -45.89 -18.73 92.20
N VAL Y 87 -46.60 -18.07 93.10
CA VAL Y 87 -47.22 -16.77 92.84
C VAL Y 87 -46.81 -15.82 93.94
N ALA Y 88 -46.38 -14.61 93.58
CA ALA Y 88 -46.05 -13.59 94.55
C ALA Y 88 -47.34 -13.00 95.10
N ASN Y 89 -47.77 -13.48 96.27
CA ASN Y 89 -49.00 -12.98 96.86
C ASN Y 89 -48.84 -11.57 97.40
N SER Y 90 -47.61 -11.13 97.65
CA SER Y 90 -47.32 -9.77 98.08
C SER Y 90 -45.83 -9.53 97.89
N LYS Y 91 -45.35 -8.40 98.39
CA LYS Y 91 -43.92 -8.23 98.51
C LYS Y 91 -43.39 -9.14 99.62
N GLU Y 92 -42.08 -9.38 99.58
CA GLU Y 92 -41.33 -10.21 100.55
C GLU Y 92 -42.01 -11.54 100.87
N SER Y 93 -42.84 -12.05 99.95
CA SER Y 93 -43.59 -13.26 100.21
C SER Y 93 -43.99 -13.92 98.90
N TYR Y 94 -43.93 -15.25 98.88
CA TYR Y 94 -44.46 -16.04 97.79
C TYR Y 94 -45.54 -16.97 98.31
N GLU Y 95 -46.35 -17.47 97.38
CA GLU Y 95 -47.40 -18.41 97.73
C GLU Y 95 -47.67 -19.29 96.52
N LEU Y 96 -47.43 -20.59 96.66
CA LEU Y 96 -47.59 -21.53 95.56
C LEU Y 96 -48.97 -22.16 95.63
N ARG Y 97 -49.67 -22.13 94.50
CA ARG Y 97 -51.08 -22.50 94.44
C ARG Y 97 -51.34 -23.22 93.12
N TYR Y 98 -52.52 -23.81 93.02
CA TYR Y 98 -52.83 -24.69 91.91
C TYR Y 98 -53.20 -23.90 90.66
N PHE Y 99 -52.97 -24.53 89.50
CA PHE Y 99 -53.49 -23.99 88.26
C PHE Y 99 -55.00 -24.11 88.24
N GLN Y 100 -55.67 -23.00 87.96
CA GLN Y 100 -57.12 -22.92 88.03
C GLN Y 100 -57.70 -23.15 86.65
N ILE Y 101 -58.47 -24.22 86.50
CA ILE Y 101 -59.12 -24.52 85.22
C ILE Y 101 -60.31 -23.60 85.02
N SER Z 1 12.15 -66.95 25.98
CA SER Z 1 11.83 -65.56 25.67
C SER Z 1 10.81 -65.01 26.65
N GLY Z 2 9.55 -64.94 26.22
CA GLY Z 2 8.49 -64.39 27.03
C GLY Z 2 8.21 -62.94 26.71
N ALA Z 3 7.00 -62.65 26.27
CA ALA Z 3 6.60 -61.31 25.87
C ALA Z 3 5.94 -60.57 27.03
N LYS Z 4 5.94 -59.24 26.91
CA LYS Z 4 5.32 -58.40 27.94
C LYS Z 4 3.81 -58.55 27.92
N PHE Z 5 3.20 -58.65 29.10
CA PHE Z 5 1.75 -58.62 29.21
C PHE Z 5 1.24 -57.19 29.11
N ARG Z 6 -0.07 -57.07 28.92
CA ARG Z 6 -0.67 -55.75 28.81
C ARG Z 6 -0.84 -55.13 30.19
N ILE Z 7 -0.51 -53.85 30.30
CA ILE Z 7 -0.65 -53.10 31.53
C ILE Z 7 -1.42 -51.83 31.23
N SER Z 8 -1.93 -51.21 32.30
CA SER Z 8 -2.57 -49.91 32.18
C SER Z 8 -1.54 -48.87 31.73
N LEU Z 9 -1.89 -48.10 30.70
CA LEU Z 9 -0.91 -47.20 30.07
C LEU Z 9 -0.75 -45.91 30.84
N GLY Z 10 -1.81 -45.09 30.91
CA GLY Z 10 -1.82 -43.90 31.72
C GLY Z 10 -0.90 -42.77 31.29
N LEU Z 11 -0.26 -42.86 30.12
CA LEU Z 11 0.62 -41.81 29.61
C LEU Z 11 0.28 -41.53 28.15
N PRO Z 12 -0.74 -40.71 27.90
CA PRO Z 12 -1.09 -40.39 26.50
C PRO Z 12 -0.09 -39.46 25.85
N VAL Z 13 -0.33 -39.15 24.58
CA VAL Z 13 0.51 -38.21 23.86
C VAL Z 13 0.34 -36.82 24.46
N GLY Z 14 1.46 -36.14 24.72
CA GLY Z 14 1.45 -34.85 25.36
C GLY Z 14 1.80 -34.88 26.83
N ALA Z 15 1.98 -36.06 27.41
CA ALA Z 15 2.41 -36.17 28.79
C ALA Z 15 3.88 -35.77 28.91
N VAL Z 16 4.17 -34.97 29.92
CA VAL Z 16 5.53 -34.56 30.23
C VAL Z 16 6.01 -35.36 31.44
N ILE Z 17 7.00 -36.21 31.23
CA ILE Z 17 7.50 -37.09 32.28
C ILE Z 17 8.92 -36.69 32.61
N ASN Z 18 9.38 -37.14 33.77
CA ASN Z 18 10.74 -36.85 34.22
C ASN Z 18 11.75 -37.59 33.36
N CYS Z 19 12.99 -37.12 33.42
CA CYS Z 19 14.09 -37.71 32.66
C CYS Z 19 15.12 -38.20 33.67
N ALA Z 20 15.19 -39.52 33.85
CA ALA Z 20 15.90 -40.11 34.98
C ALA Z 20 17.36 -40.41 34.68
N ASP Z 21 17.88 -40.05 33.52
CA ASP Z 21 19.27 -40.28 33.20
C ASP Z 21 20.07 -38.99 33.37
N ASN Z 22 21.40 -39.12 33.26
CA ASN Z 22 22.31 -37.99 33.43
C ASN Z 22 22.68 -37.33 32.10
N THR Z 23 21.76 -37.36 31.13
CA THR Z 23 22.00 -36.76 29.82
C THR Z 23 21.95 -35.24 29.85
N GLY Z 24 21.51 -34.65 30.96
CA GLY Z 24 21.29 -33.22 31.03
C GLY Z 24 19.88 -32.79 30.72
N ALA Z 25 19.04 -33.69 30.22
CA ALA Z 25 17.63 -33.40 30.01
C ALA Z 25 16.87 -33.53 31.32
N LYS Z 26 15.92 -32.62 31.55
CA LYS Z 26 15.17 -32.63 32.80
C LYS Z 26 13.79 -33.22 32.68
N ASN Z 27 13.18 -33.17 31.50
CA ASN Z 27 11.89 -33.81 31.30
C ASN Z 27 11.76 -34.25 29.85
N LEU Z 28 10.78 -35.11 29.59
CA LEU Z 28 10.51 -35.64 28.27
C LEU Z 28 9.06 -35.38 27.93
N TYR Z 29 8.80 -34.84 26.75
CA TYR Z 29 7.45 -34.55 26.29
C TYR Z 29 7.07 -35.58 25.24
N ILE Z 30 6.17 -36.49 25.60
CA ILE Z 30 5.82 -37.60 24.73
C ILE Z 30 5.00 -37.10 23.56
N ILE Z 31 5.45 -37.39 22.34
CA ILE Z 31 4.74 -36.98 21.14
C ILE Z 31 4.07 -38.15 20.42
N SER Z 32 4.52 -39.39 20.65
CA SER Z 32 3.88 -40.58 20.10
C SER Z 32 4.49 -41.80 20.76
N VAL Z 33 3.85 -42.94 20.55
CA VAL Z 33 4.25 -44.21 21.13
C VAL Z 33 4.53 -45.18 19.99
N LYS Z 34 5.62 -45.93 20.11
CA LYS Z 34 5.99 -46.89 19.09
C LYS Z 34 5.04 -48.08 19.10
N GLY Z 35 4.71 -48.57 17.92
CA GLY Z 35 3.90 -49.76 17.78
C GLY Z 35 2.41 -49.57 17.94
N ILE Z 36 1.93 -48.34 17.91
CA ILE Z 36 0.51 -48.04 18.08
C ILE Z 36 -0.10 -47.88 16.70
N LYS Z 37 -1.01 -48.80 16.34
CA LYS Z 37 -1.74 -48.67 15.09
C LYS Z 37 -2.70 -47.49 15.15
N GLY Z 38 -3.65 -47.53 16.06
CA GLY Z 38 -4.48 -46.39 16.33
C GLY Z 38 -5.94 -46.72 16.36
N ARG Z 39 -6.75 -45.66 16.39
CA ARG Z 39 -8.20 -45.67 16.49
C ARG Z 39 -8.64 -44.22 16.33
N LEU Z 40 -9.83 -44.02 15.77
CA LEU Z 40 -10.32 -42.66 15.59
C LEU Z 40 -10.49 -41.98 16.94
N ASN Z 41 -9.90 -40.79 17.06
CA ASN Z 41 -9.94 -39.90 18.21
C ASN Z 41 -9.18 -40.44 19.42
N ARG Z 42 -8.59 -41.64 19.35
CA ARG Z 42 -7.90 -42.20 20.51
C ARG Z 42 -6.47 -41.69 20.58
N LEU Z 43 -6.08 -41.18 21.75
CA LEU Z 43 -4.71 -40.77 21.99
C LEU Z 43 -3.81 -41.99 22.12
N PRO Z 44 -2.66 -42.03 21.43
CA PRO Z 44 -1.70 -43.11 21.67
C PRO Z 44 -1.10 -43.00 23.07
N ALA Z 45 -1.22 -44.07 23.84
CA ALA Z 45 -0.80 -44.05 25.24
C ALA Z 45 0.26 -45.11 25.48
N ALA Z 46 1.09 -44.86 26.49
CA ALA Z 46 2.23 -45.71 26.79
C ALA Z 46 2.28 -46.04 28.26
N GLY Z 47 2.79 -47.23 28.58
CA GLY Z 47 3.13 -47.61 29.93
C GLY Z 47 4.62 -47.78 30.09
N VAL Z 48 5.01 -48.40 31.20
CA VAL Z 48 6.42 -48.68 31.43
C VAL Z 48 6.87 -49.76 30.46
N GLY Z 49 8.12 -49.64 30.00
CA GLY Z 49 8.65 -50.54 28.99
C GLY Z 49 8.29 -50.17 27.57
N ASP Z 50 7.53 -49.10 27.36
CA ASP Z 50 7.12 -48.70 26.03
C ASP Z 50 8.11 -47.70 25.45
N MET Z 51 8.54 -47.96 24.22
CA MET Z 51 9.35 -47.01 23.49
C MET Z 51 8.48 -45.86 23.00
N VAL Z 52 8.91 -44.63 23.26
CA VAL Z 52 8.16 -43.45 22.84
C VAL Z 52 9.10 -42.51 22.12
N MET Z 53 8.51 -41.67 21.27
CA MET Z 53 9.20 -40.53 20.70
C MET Z 53 8.92 -39.31 21.56
N ALA Z 54 9.98 -38.64 22.01
CA ALA Z 54 9.83 -37.57 22.98
C ALA Z 54 10.81 -36.46 22.69
N THR Z 55 10.34 -35.23 22.83
CA THR Z 55 11.17 -34.04 22.83
C THR Z 55 11.38 -33.61 24.27
N VAL Z 56 12.55 -33.07 24.57
CA VAL Z 56 12.80 -32.55 25.92
C VAL Z 56 12.44 -31.07 25.93
N LYS Z 57 11.64 -30.68 26.93
CA LYS Z 57 11.19 -29.30 27.02
C LYS Z 57 12.18 -28.42 27.76
N LYS Z 58 12.83 -28.95 28.80
CA LYS Z 58 13.83 -28.22 29.55
C LYS Z 58 15.03 -29.11 29.78
N GLY Z 59 16.21 -28.52 29.75
CA GLY Z 59 17.45 -29.25 29.79
C GLY Z 59 18.51 -28.54 28.97
N LYS Z 60 19.59 -29.25 28.68
CA LYS Z 60 20.67 -28.65 27.92
C LYS Z 60 20.20 -28.30 26.50
N PRO Z 61 20.60 -27.14 25.98
CA PRO Z 61 20.02 -26.66 24.71
C PRO Z 61 20.31 -27.54 23.50
N GLU Z 62 21.34 -28.38 23.53
CA GLU Z 62 21.64 -29.21 22.39
C GLU Z 62 20.67 -30.37 22.23
N LEU Z 63 19.82 -30.64 23.22
CA LEU Z 63 18.84 -31.70 23.15
C LEU Z 63 17.43 -31.23 22.88
N ARG Z 64 17.17 -29.92 22.98
CA ARG Z 64 15.79 -29.45 23.13
C ARG Z 64 14.98 -29.63 21.85
N LYS Z 65 15.39 -28.97 20.78
CA LYS Z 65 14.56 -28.90 19.57
C LYS Z 65 14.78 -30.11 18.66
N LYS Z 66 14.67 -31.31 19.23
CA LYS Z 66 14.85 -32.55 18.48
C LYS Z 66 13.81 -33.56 18.93
N VAL Z 67 13.80 -34.71 18.26
CA VAL Z 67 12.95 -35.84 18.61
C VAL Z 67 13.84 -36.98 19.06
N HIS Z 68 13.58 -37.50 20.26
CA HIS Z 68 14.40 -38.57 20.80
C HIS Z 68 13.55 -39.82 21.04
N PRO Z 69 14.12 -41.00 20.84
CA PRO Z 69 13.47 -42.21 21.34
C PRO Z 69 13.68 -42.33 22.84
N ALA Z 70 12.60 -42.61 23.55
CA ALA Z 70 12.65 -42.73 25.00
C ALA Z 70 11.86 -43.95 25.43
N VAL Z 71 12.22 -44.48 26.60
CA VAL Z 71 11.57 -45.64 27.17
C VAL Z 71 11.12 -45.31 28.58
N VAL Z 72 9.84 -45.55 28.86
CA VAL Z 72 9.27 -45.27 30.16
C VAL Z 72 9.76 -46.30 31.16
N ILE Z 73 10.28 -45.83 32.30
CA ILE Z 73 10.78 -46.73 33.34
C ILE Z 73 9.93 -46.68 34.60
N ARG Z 74 9.17 -45.61 34.82
CA ARG Z 74 8.28 -45.49 35.98
C ARG Z 74 7.00 -44.80 35.54
N GLN Z 75 5.91 -45.08 36.23
CA GLN Z 75 4.64 -44.43 35.93
C GLN Z 75 3.81 -44.33 37.20
N ARG Z 76 2.98 -43.29 37.25
CA ARG Z 76 2.12 -43.06 38.40
C ARG Z 76 0.82 -43.85 38.34
N LYS Z 77 0.51 -44.43 37.19
CA LYS Z 77 -0.72 -45.19 37.05
C LYS Z 77 -0.52 -46.62 37.55
N SER Z 78 -1.42 -47.07 38.43
CA SER Z 78 -1.35 -48.43 38.94
C SER Z 78 -1.57 -49.43 37.82
N TYR Z 79 -0.83 -50.53 37.87
CA TYR Z 79 -0.98 -51.59 36.88
C TYR Z 79 -0.80 -52.94 37.54
N ARG Z 80 -1.66 -53.88 37.15
CA ARG Z 80 -1.59 -55.25 37.66
C ARG Z 80 -0.38 -55.97 37.07
N ARG Z 81 0.24 -56.83 37.87
CA ARG Z 81 1.43 -57.56 37.45
C ARG Z 81 1.19 -59.07 37.54
N LYS Z 82 0.00 -59.51 37.12
CA LYS Z 82 -0.31 -60.92 36.87
C LYS Z 82 -0.21 -61.80 38.12
N ASP Z 83 0.12 -61.21 39.27
CA ASP Z 83 0.16 -61.95 40.52
C ASP Z 83 -0.65 -61.22 41.59
N GLY Z 84 -1.64 -60.45 41.17
CA GLY Z 84 -2.48 -59.71 42.09
C GLY Z 84 -1.85 -58.47 42.67
N VAL Z 85 -0.70 -58.04 42.16
CA VAL Z 85 -0.03 -56.86 42.68
C VAL Z 85 -0.36 -55.68 41.77
N PHE Z 86 -0.95 -54.64 42.35
CA PHE Z 86 -1.19 -53.38 41.66
C PHE Z 86 -0.10 -52.42 42.11
N LEU Z 87 0.81 -52.07 41.20
CA LEU Z 87 1.97 -51.27 41.53
C LEU Z 87 1.95 -49.96 40.79
N TYR Z 88 2.26 -48.88 41.49
CA TYR Z 88 2.44 -47.56 40.88
C TYR Z 88 3.62 -46.87 41.54
N PHE Z 89 4.19 -45.91 40.82
CA PHE Z 89 5.38 -45.21 41.27
C PHE Z 89 5.04 -43.78 41.68
N GLU Z 90 6.03 -43.13 42.28
CA GLU Z 90 5.82 -41.78 42.78
C GLU Z 90 5.77 -40.76 41.65
N ASP Z 91 6.39 -41.06 40.51
CA ASP Z 91 6.40 -40.12 39.40
C ASP Z 91 6.55 -40.89 38.11
N ASN Z 92 6.23 -40.21 37.00
CA ASN Z 92 6.43 -40.76 35.67
C ASN Z 92 7.83 -40.38 35.21
N ALA Z 93 8.64 -41.38 34.88
CA ALA Z 93 10.02 -41.14 34.48
C ALA Z 93 10.37 -42.00 33.27
N GLY Z 94 11.22 -41.44 32.41
CA GLY Z 94 11.74 -42.19 31.29
C GLY Z 94 13.18 -41.80 31.03
N VAL Z 95 13.86 -42.61 30.22
CA VAL Z 95 15.25 -42.36 29.86
C VAL Z 95 15.37 -42.32 28.34
N ILE Z 96 16.36 -41.56 27.87
CA ILE Z 96 16.58 -41.38 26.45
C ILE Z 96 17.45 -42.53 25.95
N VAL Z 97 16.98 -43.19 24.89
CA VAL Z 97 17.69 -44.29 24.24
C VAL Z 97 17.75 -44.01 22.75
N ASN Z 98 18.31 -44.96 22.01
CA ASN Z 98 18.23 -44.97 20.56
C ASN Z 98 17.35 -46.14 20.13
N ASN Z 99 17.21 -46.31 18.82
CA ASN Z 99 16.37 -47.39 18.31
C ASN Z 99 16.91 -48.77 18.62
N LYS Z 100 18.22 -48.89 18.89
CA LYS Z 100 18.81 -50.17 19.24
C LYS Z 100 18.64 -50.52 20.71
N GLY Z 101 18.21 -49.58 21.55
CA GLY Z 101 17.84 -49.86 22.92
C GLY Z 101 18.79 -49.32 23.96
N GLU Z 102 20.05 -49.06 23.62
CA GLU Z 102 21.00 -48.58 24.61
C GLU Z 102 20.75 -47.09 24.90
N MET Z 103 21.01 -46.71 26.15
CA MET Z 103 20.74 -45.36 26.60
C MET Z 103 21.79 -44.39 26.05
N LYS Z 104 21.38 -43.11 25.95
CA LYS Z 104 22.33 -42.06 25.65
C LYS Z 104 23.21 -41.76 26.85
N GLY Z 105 22.64 -41.81 28.06
CA GLY Z 105 23.40 -41.60 29.28
C GLY Z 105 23.97 -42.88 29.85
N SER Z 106 24.30 -42.82 31.13
CA SER Z 106 24.94 -43.94 31.80
C SER Z 106 24.31 -44.34 33.13
N ALA Z 107 23.64 -43.43 33.83
CA ALA Z 107 23.11 -43.71 35.15
C ALA Z 107 21.63 -43.40 35.19
N ILE Z 108 20.89 -44.12 36.03
CA ILE Z 108 19.46 -43.93 36.20
C ILE Z 108 19.18 -43.63 37.66
N THR Z 109 18.44 -42.56 37.90
CA THR Z 109 18.04 -42.18 39.26
C THR Z 109 16.69 -42.81 39.58
N GLY Z 110 16.61 -43.44 40.74
CA GLY Z 110 15.38 -44.04 41.19
C GLY Z 110 15.19 -45.45 40.66
N PRO Z 111 14.10 -46.10 41.06
CA PRO Z 111 13.86 -47.48 40.62
C PRO Z 111 13.44 -47.55 39.17
N VAL Z 112 13.46 -48.76 38.64
CA VAL Z 112 12.99 -49.05 37.29
C VAL Z 112 12.00 -50.21 37.38
N ALA Z 113 10.87 -50.06 36.68
CA ALA Z 113 9.85 -51.10 36.70
C ALA Z 113 10.40 -52.40 36.14
N LYS Z 114 9.98 -53.52 36.73
CA LYS Z 114 10.49 -54.82 36.31
C LYS Z 114 10.11 -55.14 34.87
N GLU Z 115 8.96 -54.63 34.41
CA GLU Z 115 8.56 -54.84 33.03
C GLU Z 115 9.55 -54.21 32.07
N CYS Z 116 9.89 -52.93 32.31
CA CYS Z 116 10.87 -52.25 31.48
C CYS Z 116 12.24 -52.88 31.60
N ALA Z 117 12.64 -53.25 32.82
CA ALA Z 117 13.97 -53.82 33.02
C ALA Z 117 14.13 -55.14 32.29
N ASP Z 118 13.12 -56.02 32.41
CA ASP Z 118 13.17 -57.28 31.67
C ASP Z 118 13.11 -57.06 30.17
N LEU Z 119 12.32 -56.08 29.72
CA LEU Z 119 12.16 -55.87 28.29
C LEU Z 119 13.34 -55.13 27.66
N TRP Z 120 14.11 -54.37 28.45
CA TRP Z 120 15.27 -53.62 27.97
C TRP Z 120 16.48 -53.93 28.81
N PRO Z 121 17.32 -54.89 28.42
CA PRO Z 121 18.49 -55.24 29.24
C PRO Z 121 19.50 -54.10 29.39
N ARG Z 122 19.67 -53.27 28.35
CA ARG Z 122 20.62 -52.16 28.44
C ARG Z 122 20.19 -51.13 29.47
N ILE Z 123 18.88 -50.88 29.58
CA ILE Z 123 18.37 -50.02 30.63
C ILE Z 123 18.50 -50.69 31.99
N ALA Z 124 18.28 -52.01 32.04
CA ALA Z 124 18.33 -52.73 33.30
C ALA Z 124 19.74 -52.77 33.87
N SER Z 125 20.76 -52.74 33.01
CA SER Z 125 22.13 -52.73 33.50
C SER Z 125 22.44 -51.47 34.28
N ASN Z 126 21.98 -50.31 33.80
CA ASN Z 126 22.23 -49.04 34.48
C ASN Z 126 21.28 -48.78 35.63
N ALA Z 127 20.30 -49.63 35.85
CA ALA Z 127 19.31 -49.39 36.90
C ALA Z 127 19.89 -49.69 38.28
N GLY Z 128 19.82 -48.71 39.18
CA GLY Z 128 20.27 -48.94 40.53
C GLY Z 128 19.42 -49.97 41.27
N SER Z 129 18.10 -49.87 41.12
CA SER Z 129 17.19 -50.80 41.76
C SER Z 129 16.03 -51.09 40.82
N ILE Z 130 15.46 -52.27 40.96
CA ILE Z 130 14.32 -52.71 40.16
C ILE Z 130 13.15 -52.91 41.10
N ALA Z 131 12.03 -52.23 40.83
CA ALA Z 131 10.85 -52.31 41.68
C ALA Z 131 9.73 -53.08 40.99
N MET AA 1 -0.88 -67.77 49.49
CA MET AA 1 0.11 -68.83 49.65
C MET AA 1 1.51 -68.29 49.32
N LYS AA 2 1.54 -67.11 48.73
CA LYS AA 2 2.79 -66.45 48.36
C LYS AA 2 3.39 -65.81 49.61
N VAL AA 3 4.39 -64.95 49.40
CA VAL AA 3 4.98 -64.20 50.50
C VAL AA 3 3.93 -63.30 51.10
N GLU AA 4 3.77 -63.35 52.42
CA GLU AA 4 2.79 -62.52 53.10
C GLU AA 4 3.41 -61.18 53.45
N LEU AA 5 2.69 -60.11 53.11
CA LEU AA 5 3.20 -58.76 53.30
C LEU AA 5 2.43 -58.07 54.41
N CYS AA 6 3.00 -56.97 54.92
CA CYS AA 6 2.40 -56.19 55.98
C CYS AA 6 2.24 -54.74 55.52
N SER AA 7 1.22 -54.09 56.05
CA SER AA 7 0.75 -52.81 55.53
C SER AA 7 1.24 -51.64 56.40
N PHE AA 8 0.71 -50.46 56.11
CA PHE AA 8 0.85 -49.30 56.99
C PHE AA 8 0.27 -49.58 58.36
N SER AA 9 -0.80 -50.38 58.43
CA SER AA 9 -1.42 -50.77 59.69
C SER AA 9 -0.84 -52.05 60.26
N GLY AA 10 0.11 -52.68 59.57
CA GLY AA 10 0.70 -53.91 60.05
C GLY AA 10 -0.12 -55.15 59.80
N TYR AA 11 -1.27 -55.02 59.17
CA TYR AA 11 -2.12 -56.17 58.87
C TYR AA 11 -1.49 -57.01 57.76
N LYS AA 12 -1.80 -58.30 57.78
CA LYS AA 12 -1.39 -59.16 56.68
C LYS AA 12 -2.15 -58.79 55.42
N ILE AA 13 -1.45 -58.76 54.28
CA ILE AA 13 -2.05 -58.48 52.99
C ILE AA 13 -1.99 -59.76 52.18
N TYR AA 14 -3.15 -60.34 51.92
CA TYR AA 14 -3.24 -61.58 51.17
C TYR AA 14 -3.05 -61.31 49.68
N PRO AA 15 -2.66 -62.32 48.91
CA PRO AA 15 -2.46 -62.13 47.47
C PRO AA 15 -3.71 -61.62 46.78
N GLY AA 16 -3.52 -60.71 45.83
CA GLY AA 16 -4.62 -60.09 45.14
C GLY AA 16 -5.33 -59.00 45.91
N HIS AA 17 -4.80 -58.58 47.06
CA HIS AA 17 -5.42 -57.55 47.88
C HIS AA 17 -4.48 -56.36 48.00
N GLY AA 18 -5.07 -55.17 48.03
CA GLY AA 18 -4.32 -53.97 48.27
C GLY AA 18 -3.47 -53.54 47.08
N ARG AA 19 -2.63 -52.53 47.36
CA ARG AA 19 -1.76 -51.96 46.35
C ARG AA 19 -0.33 -51.93 46.86
N ARG AA 20 0.58 -51.60 45.97
CA ARG AA 20 2.00 -51.50 46.29
C ARG AA 20 2.54 -50.20 45.72
N TYR AA 21 3.36 -49.51 46.52
CA TYR AA 21 3.80 -48.15 46.19
C TYR AA 21 5.31 -48.10 46.23
N ALA AA 22 5.92 -47.77 45.09
CA ALA AA 22 7.37 -47.68 44.97
C ALA AA 22 7.77 -46.22 44.80
N ARG AA 23 8.52 -45.71 45.76
CA ARG AA 23 8.92 -44.30 45.76
C ARG AA 23 10.15 -44.08 44.90
N THR AA 24 10.43 -42.81 44.63
CA THR AA 24 11.61 -42.45 43.83
C THR AA 24 12.90 -42.76 44.58
N ASP AA 25 12.91 -42.62 45.90
CA ASP AA 25 14.13 -42.84 46.67
C ASP AA 25 14.51 -44.32 46.77
N GLY AA 26 13.66 -45.23 46.29
CA GLY AA 26 13.98 -46.64 46.27
C GLY AA 26 13.29 -47.48 47.33
N LYS AA 27 12.30 -46.93 48.04
CA LYS AA 27 11.59 -47.66 49.08
C LYS AA 27 10.24 -48.11 48.54
N VAL AA 28 9.88 -49.36 48.82
CA VAL AA 28 8.66 -49.97 48.32
C VAL AA 28 7.74 -50.24 49.49
N PHE AA 29 6.55 -49.65 49.45
CA PHE AA 29 5.53 -49.84 50.46
C PHE AA 29 4.33 -50.53 49.86
N GLN AA 30 3.62 -51.28 50.72
CA GLN AA 30 2.42 -51.98 50.32
C GLN AA 30 1.32 -51.66 51.33
N PHE AA 31 0.12 -51.43 50.82
CA PHE AA 31 -1.02 -51.04 51.63
C PHE AA 31 -2.16 -52.03 51.48
N LEU AA 32 -2.91 -52.24 52.56
CA LEU AA 32 -3.98 -53.23 52.54
C LEU AA 32 -5.20 -52.69 51.80
N ASN AA 33 -5.50 -51.41 51.95
CA ASN AA 33 -6.65 -50.80 51.31
C ASN AA 33 -6.37 -49.32 51.10
N ALA AA 34 -7.35 -48.61 50.54
CA ALA AA 34 -7.15 -47.20 50.23
C ALA AA 34 -7.19 -46.34 51.50
N LYS AA 35 -7.78 -46.83 52.58
CA LYS AA 35 -7.75 -46.09 53.83
C LYS AA 35 -6.34 -45.98 54.37
N CYS AA 36 -5.63 -47.10 54.45
CA CYS AA 36 -4.25 -47.09 54.90
C CYS AA 36 -3.36 -46.32 53.94
N GLU AA 37 -3.62 -46.47 52.63
CA GLU AA 37 -2.83 -45.76 51.63
C GLU AA 37 -3.01 -44.25 51.74
N SER AA 38 -4.24 -43.80 51.97
CA SER AA 38 -4.49 -42.37 52.12
C SER AA 38 -3.91 -41.85 53.43
N ALA AA 39 -3.96 -42.65 54.49
CA ALA AA 39 -3.34 -42.25 55.74
C ALA AA 39 -1.83 -42.11 55.58
N PHE AA 40 -1.20 -43.05 54.86
CA PHE AA 40 0.24 -42.98 54.64
C PHE AA 40 0.61 -41.80 53.75
N LEU AA 41 -0.17 -41.55 52.70
CA LEU AA 41 0.14 -40.46 51.78
C LEU AA 41 -0.02 -39.10 52.45
N SER AA 42 -0.99 -38.96 53.35
CA SER AA 42 -1.15 -37.73 54.13
C SER AA 42 -0.15 -37.63 55.28
N LYS AA 43 0.83 -38.54 55.32
CA LYS AA 43 1.93 -38.48 56.30
C LYS AA 43 1.42 -38.56 57.74
N ARG AA 44 0.30 -39.25 57.93
CA ARG AA 44 -0.19 -39.51 59.27
C ARG AA 44 0.65 -40.59 59.93
N ASN AA 45 0.90 -40.44 61.21
CA ASN AA 45 1.75 -41.39 61.92
C ASN AA 45 0.91 -42.57 62.40
N PRO AA 46 1.29 -43.80 62.07
CA PRO AA 46 0.51 -44.97 62.52
C PRO AA 46 0.49 -45.18 64.01
N ARG AA 47 1.45 -44.59 64.75
CA ARG AA 47 1.48 -44.74 66.20
C ARG AA 47 0.42 -43.89 66.88
N GLN AA 48 -0.33 -43.09 66.13
CA GLN AA 48 -1.36 -42.23 66.69
C GLN AA 48 -2.74 -42.55 66.12
N ILE AA 49 -2.87 -43.60 65.32
CA ILE AA 49 -4.14 -44.04 64.78
C ILE AA 49 -4.55 -45.28 65.55
N ASN AA 50 -5.74 -45.23 66.17
CA ASN AA 50 -6.07 -46.16 67.25
C ASN AA 50 -6.15 -47.61 66.79
N TRP AA 51 -6.47 -47.86 65.52
CA TRP AA 51 -6.71 -49.22 65.07
C TRP AA 51 -5.49 -49.88 64.45
N THR AA 52 -4.39 -49.16 64.25
CA THR AA 52 -3.20 -49.74 63.67
C THR AA 52 -2.48 -50.62 64.69
N VAL AA 53 -1.72 -51.59 64.18
CA VAL AA 53 -1.00 -52.50 65.05
C VAL AA 53 0.07 -51.76 65.85
N LEU AA 54 0.71 -50.76 65.23
CA LEU AA 54 1.76 -50.02 65.91
C LEU AA 54 1.23 -49.28 67.12
N TYR AA 55 0.04 -48.67 67.00
CA TYR AA 55 -0.58 -48.03 68.16
C TYR AA 55 -0.89 -49.05 69.25
N ARG AA 56 -1.40 -50.21 68.86
CA ARG AA 56 -1.77 -51.23 69.84
C ARG AA 56 -0.55 -51.69 70.63
N ARG AA 57 0.58 -51.90 69.95
CA ARG AA 57 1.78 -52.34 70.64
C ARG AA 57 2.51 -51.19 71.33
N LYS AA 58 2.21 -49.95 70.95
CA LYS AA 58 2.77 -48.82 71.69
C LYS AA 58 2.03 -48.61 73.01
N HIS AA 59 0.72 -48.87 73.02
CA HIS AA 59 -0.08 -48.67 74.22
C HIS AA 59 -0.27 -49.93 75.05
N LYS AA 60 0.46 -51.01 74.73
CA LYS AA 60 0.38 -52.27 75.47
C LYS AA 60 -1.05 -52.81 75.52
N LYS AA 61 -1.78 -52.62 74.42
CA LYS AA 61 -3.16 -53.10 74.37
C LYS AA 61 -3.18 -54.61 74.16
N GLY AA 62 -4.03 -55.29 74.90
CA GLY AA 62 -4.15 -56.74 74.78
C GLY AA 62 -3.09 -57.55 75.48
N GLN AA 63 -1.82 -57.15 75.33
CA GLN AA 63 -0.72 -57.83 75.99
C GLN AA 63 0.19 -56.84 76.69
N THR AA 66 13.40 -63.39 87.92
CA THR AA 66 13.84 -63.20 89.30
C THR AA 66 15.36 -63.16 89.40
N ARG AA 67 15.88 -63.48 90.59
CA ARG AA 67 17.31 -63.46 90.84
C ARG AA 67 17.88 -64.87 90.65
N ARG AA 68 18.92 -64.98 89.85
CA ARG AA 68 19.60 -66.24 89.61
C ARG AA 68 21.11 -66.03 89.64
N ALA AA 69 21.80 -66.80 90.47
CA ALA AA 69 23.25 -66.68 90.60
C ALA AA 69 23.79 -68.02 91.05
N VAL AA 70 24.41 -68.76 90.13
CA VAL AA 70 24.93 -70.10 90.40
C VAL AA 70 26.37 -70.17 89.95
N LYS AA 71 27.23 -70.76 90.78
CA LYS AA 71 28.65 -70.90 90.50
C LYS AA 71 29.04 -72.36 90.60
N PHE AA 72 29.88 -72.80 89.67
CA PHE AA 72 30.30 -74.19 89.60
C PHE AA 72 31.81 -74.29 89.87
N GLN AA 73 32.21 -75.45 90.37
CA GLN AA 73 33.62 -75.73 90.62
C GLN AA 73 34.15 -76.65 89.52
N ARG AA 74 35.29 -76.29 88.96
CA ARG AA 74 35.89 -77.02 87.85
C ARG AA 74 37.35 -77.33 88.18
N ALA AA 75 37.85 -78.40 87.59
CA ALA AA 75 39.26 -78.74 87.75
C ALA AA 75 40.15 -77.71 87.06
N ILE AA 76 41.40 -77.67 87.49
CA ILE AA 76 42.39 -76.74 86.98
C ILE AA 76 43.54 -77.55 86.37
N THR AA 77 44.10 -77.06 85.27
CA THR AA 77 45.26 -77.71 84.67
C THR AA 77 46.40 -77.79 85.67
N GLY AA 78 46.72 -79.01 86.12
CA GLY AA 78 47.70 -79.22 87.16
C GLY AA 78 47.11 -79.50 88.53
N ALA AA 79 45.80 -79.43 88.69
CA ALA AA 79 45.16 -79.72 89.98
C ALA AA 79 43.72 -80.14 89.68
N SER AA 80 43.44 -81.44 89.83
CA SER AA 80 42.13 -81.98 89.52
C SER AA 80 41.12 -81.59 90.60
N LEU AA 81 39.86 -81.98 90.38
CA LEU AA 81 38.83 -81.77 91.38
C LEU AA 81 39.16 -82.52 92.67
N ALA AA 82 39.67 -83.74 92.54
CA ALA AA 82 40.13 -84.47 93.71
C ALA AA 82 41.26 -83.73 94.41
N ASP AA 83 42.18 -83.16 93.63
CA ASP AA 83 43.30 -82.42 94.21
C ASP AA 83 42.83 -81.20 94.99
N ILE AA 84 41.91 -80.42 94.39
CA ILE AA 84 41.47 -79.20 95.05
C ILE AA 84 40.58 -79.52 96.25
N MET AA 85 39.81 -80.60 96.17
CA MET AA 85 39.05 -81.03 97.35
C MET AA 85 39.97 -81.51 98.45
N ALA AA 86 41.06 -82.19 98.10
CA ALA AA 86 42.04 -82.58 99.12
C ALA AA 86 42.69 -81.36 99.75
N LYS AA 87 43.00 -80.35 98.96
CA LYS AA 87 43.62 -79.14 99.50
C LYS AA 87 42.65 -78.36 100.37
N ARG AA 88 41.42 -78.14 99.90
CA ARG AA 88 40.52 -77.24 100.60
C ARG AA 88 39.81 -77.88 101.79
N ASN AA 89 39.87 -79.21 101.93
CA ASN AA 89 39.24 -79.89 103.05
C ASN AA 89 40.24 -80.31 104.12
N GLN AA 90 41.28 -79.51 104.33
CA GLN AA 90 42.25 -79.73 105.40
C GLN AA 90 41.87 -78.98 106.68
N LYS AA 91 40.59 -78.69 106.87
CA LYS AA 91 40.16 -77.89 108.02
C LYS AA 91 40.45 -78.50 109.39
N PRO AA 92 40.28 -79.83 109.67
CA PRO AA 92 40.32 -80.26 111.07
C PRO AA 92 41.71 -80.16 111.70
N GLU AA 93 42.13 -78.93 111.99
CA GLU AA 93 43.38 -78.57 112.67
C GLU AA 93 44.62 -78.98 111.89
N VAL AA 94 44.50 -79.55 110.70
CA VAL AA 94 45.67 -79.80 109.87
C VAL AA 94 46.30 -78.48 109.46
N ARG AA 95 45.50 -77.52 109.05
CA ARG AA 95 46.02 -76.20 108.71
C ARG AA 95 46.67 -75.52 109.89
N LYS AA 96 46.19 -75.81 111.11
CA LYS AA 96 46.88 -75.30 112.30
C LYS AA 96 48.26 -75.93 112.41
N ALA AA 97 48.38 -77.21 112.05
CA ALA AA 97 49.69 -77.84 112.03
C ALA AA 97 50.59 -77.18 111.00
N GLN AA 98 50.06 -76.87 109.81
CA GLN AA 98 50.86 -76.19 108.80
C GLN AA 98 51.34 -74.83 109.29
N ARG AA 99 50.44 -74.02 109.86
CA ARG AA 99 50.85 -72.68 110.29
C ARG AA 99 51.86 -72.75 111.43
N GLU AA 100 51.66 -73.66 112.39
CA GLU AA 100 52.59 -73.73 113.51
C GLU AA 100 53.96 -74.25 113.05
N GLN AA 101 53.99 -75.23 112.14
CA GLN AA 101 55.29 -75.73 111.67
C GLN AA 101 55.99 -74.70 110.80
N ALA AA 102 55.25 -73.94 109.99
CA ALA AA 102 55.87 -72.86 109.22
C ALA AA 102 56.41 -71.79 110.14
N ILE AA 103 55.68 -71.45 111.21
CA ILE AA 103 56.13 -70.43 112.13
C ILE AA 103 57.41 -70.85 112.84
N ARG AA 104 57.48 -72.11 113.29
CA ARG AA 104 58.69 -72.54 113.98
C ARG AA 104 59.87 -72.70 113.02
N ALA AA 105 59.60 -73.13 111.77
CA ALA AA 105 60.67 -73.18 110.77
C ALA AA 105 61.23 -71.79 110.49
N ALA AA 106 60.34 -70.82 110.27
CA ALA AA 106 60.77 -69.43 110.15
C ALA AA 106 61.42 -68.92 111.42
N LYS AA 107 61.10 -69.52 112.57
CA LYS AA 107 61.75 -69.12 113.81
C LYS AA 107 63.22 -69.52 113.82
N GLU AA 108 63.54 -70.77 113.46
CA GLU AA 108 64.96 -71.10 113.39
C GLU AA 108 65.64 -70.35 112.24
N ALA AA 109 64.90 -70.06 111.17
CA ALA AA 109 65.44 -69.22 110.11
C ALA AA 109 65.81 -67.83 110.63
N LYS AA 110 64.92 -67.25 111.45
CA LYS AA 110 65.19 -65.92 112.00
C LYS AA 110 66.32 -65.95 113.03
N LYS AA 111 66.45 -67.06 113.78
CA LYS AA 111 67.59 -67.17 114.67
C LYS AA 111 68.90 -67.25 113.90
N ALA AA 112 68.90 -67.97 112.77
CA ALA AA 112 70.07 -67.96 111.89
C ALA AA 112 70.34 -66.56 111.34
N LYS AA 113 69.27 -65.84 110.96
CA LYS AA 113 69.42 -64.48 110.48
C LYS AA 113 70.01 -63.57 111.56
N GLN AA 114 69.57 -63.74 112.81
CA GLN AA 114 70.12 -62.94 113.90
C GLN AA 114 71.58 -63.28 114.15
N ALA AA 115 71.94 -64.56 114.06
CA ALA AA 115 73.32 -64.97 114.25
C ALA AA 115 74.23 -64.39 113.16
N SER AA 116 73.77 -64.42 111.91
CA SER AA 116 74.57 -63.94 110.79
C SER AA 116 74.35 -62.47 110.47
N LYS AA 117 73.54 -61.77 111.25
CA LYS AA 117 73.24 -60.36 111.01
C LYS AA 117 74.16 -59.43 111.80
N LYS AA 118 74.16 -59.58 113.12
CA LYS AA 118 74.97 -58.73 113.98
C LYS AA 118 76.41 -59.25 114.07
N LYS BA 1 -52.89 79.76 36.77
CA LYS BA 1 -51.45 79.74 37.04
C LYS BA 1 -51.09 78.57 37.95
N LYS BA 2 -52.10 77.81 38.36
CA LYS BA 2 -51.92 76.76 39.35
C LYS BA 2 -51.85 75.36 38.78
N LYS BA 3 -52.28 75.15 37.53
CA LYS BA 3 -52.30 73.80 36.96
C LYS BA 3 -50.89 73.38 36.60
N ILE BA 4 -50.41 72.31 37.22
CA ILE BA 4 -49.04 71.85 37.04
C ILE BA 4 -49.06 70.34 36.84
N ARG BA 5 -48.16 69.86 36.01
CA ARG BA 5 -47.95 68.42 35.80
C ARG BA 5 -46.61 68.07 36.43
N THR BA 6 -46.65 67.58 37.65
CA THR BA 6 -45.44 67.23 38.38
C THR BA 6 -44.95 65.82 38.07
N SER BA 7 -45.65 65.09 37.20
CA SER BA 7 -45.26 63.77 36.79
C SER BA 7 -45.19 63.69 35.26
N PRO BA 8 -44.22 62.96 34.71
CA PRO BA 8 -44.13 62.81 33.26
C PRO BA 8 -45.09 61.76 32.69
N THR BA 9 -46.06 61.31 33.47
CA THR BA 9 -46.99 60.27 33.05
C THR BA 9 -48.40 60.85 32.98
N PHE BA 10 -49.09 60.56 31.90
CA PHE BA 10 -50.51 60.88 31.77
C PHE BA 10 -51.32 59.66 32.20
N ARG BA 11 -52.09 59.81 33.26
CA ARG BA 11 -53.01 58.78 33.70
C ARG BA 11 -54.42 59.14 33.28
N ARG BA 12 -55.23 58.11 33.05
CA ARG BA 12 -56.61 58.34 32.66
C ARG BA 12 -57.35 59.03 33.81
N PRO BA 13 -58.00 60.16 33.56
CA PRO BA 13 -58.68 60.86 34.65
C PRO BA 13 -59.85 60.06 35.21
N LYS BA 14 -60.12 60.29 36.49
CA LYS BA 14 -61.17 59.57 37.19
C LYS BA 14 -62.52 60.21 36.87
N THR BA 15 -63.42 59.43 36.28
CA THR BA 15 -64.75 59.88 35.92
C THR BA 15 -65.77 59.07 36.71
N LEU BA 16 -66.88 59.72 37.08
CA LEU BA 16 -67.86 59.05 37.92
C LEU BA 16 -68.62 57.99 37.14
N ARG BA 17 -68.88 56.87 37.79
CA ARG BA 17 -69.60 55.74 37.20
C ARG BA 17 -70.93 55.64 37.93
N LEU BA 18 -72.03 55.76 37.19
CA LEU BA 18 -73.34 55.73 37.78
C LEU BA 18 -73.73 54.31 38.19
N ARG BA 19 -74.44 54.21 39.32
CA ARG BA 19 -75.05 52.95 39.70
C ARG BA 19 -76.26 52.67 38.83
N ARG BA 20 -76.47 51.39 38.53
CA ARG BA 20 -77.56 50.99 37.64
C ARG BA 20 -78.91 51.39 38.22
N GLN BA 21 -79.74 51.99 37.38
CA GLN BA 21 -81.13 52.33 37.72
C GLN BA 21 -82.03 51.79 36.61
N PRO BA 22 -82.22 50.47 36.57
CA PRO BA 22 -82.95 49.88 35.45
C PRO BA 22 -84.41 50.29 35.44
N LYS BA 23 -84.96 50.37 34.22
CA LYS BA 23 -86.36 50.72 34.04
C LYS BA 23 -87.29 49.53 34.23
N TYR BA 24 -86.76 48.31 34.27
CA TYR BA 24 -87.58 47.12 34.49
C TYR BA 24 -86.69 46.03 35.04
N PRO BA 25 -87.15 45.26 36.01
CA PRO BA 25 -86.37 44.09 36.45
C PRO BA 25 -86.31 43.05 35.34
N ARG BA 26 -85.17 42.37 35.24
CA ARG BA 26 -85.01 41.37 34.20
C ARG BA 26 -85.78 40.11 34.53
N LYS BA 27 -85.99 39.83 35.81
CA LYS BA 27 -86.82 38.74 36.27
C LYS BA 27 -88.01 39.33 37.02
N SER BA 28 -89.21 38.83 36.71
CA SER BA 28 -90.42 39.42 37.27
C SER BA 28 -90.46 39.27 38.79
N ALA BA 29 -90.09 38.10 39.29
CA ALA BA 29 -90.09 37.82 40.72
C ALA BA 29 -88.84 37.03 41.07
N PRO BA 30 -88.35 37.15 42.30
CA PRO BA 30 -87.20 36.34 42.71
C PRO BA 30 -87.56 34.86 42.74
N ARG BA 31 -86.65 34.04 42.23
CA ARG BA 31 -86.81 32.60 42.34
C ARG BA 31 -86.69 32.17 43.79
N ARG BA 32 -87.64 31.37 44.26
CA ARG BA 32 -87.67 31.02 45.67
C ARG BA 32 -86.52 30.08 46.00
N ASN BA 33 -86.25 29.97 47.29
CA ASN BA 33 -85.18 29.10 47.77
C ASN BA 33 -85.61 27.64 47.61
N LYS BA 34 -85.05 26.96 46.61
CA LYS BA 34 -85.32 25.54 46.45
C LYS BA 34 -84.72 24.73 47.59
N LEU BA 35 -83.66 25.22 48.20
CA LEU BA 35 -83.01 24.53 49.32
C LEU BA 35 -83.53 25.06 50.64
N ASP BA 36 -84.80 24.82 50.90
CA ASP BA 36 -85.39 25.14 52.19
C ASP BA 36 -85.00 24.05 53.18
N HIS BA 37 -85.46 24.17 54.43
CA HIS BA 37 -84.99 23.26 55.46
C HIS BA 37 -85.54 21.86 55.30
N TYR BA 38 -86.73 21.71 54.69
CA TYR BA 38 -87.22 20.37 54.40
C TYR BA 38 -86.41 19.70 53.30
N ALA BA 39 -85.95 20.46 52.31
CA ALA BA 39 -85.09 19.89 51.29
C ALA BA 39 -83.68 19.63 51.80
N ILE BA 40 -83.25 20.36 52.82
CA ILE BA 40 -81.90 20.17 53.36
C ILE BA 40 -81.79 18.81 54.04
N ILE BA 41 -82.78 18.47 54.86
CA ILE BA 41 -82.78 17.19 55.56
C ILE BA 41 -83.69 16.24 54.79
N LYS BA 42 -83.09 15.27 54.09
CA LYS BA 42 -83.87 14.33 53.30
C LYS BA 42 -84.54 13.29 54.18
N PHE BA 43 -83.73 12.48 54.85
CA PHE BA 43 -84.25 11.46 55.76
C PHE BA 43 -83.13 11.07 56.71
N PRO BA 44 -83.45 10.72 57.96
CA PRO BA 44 -82.41 10.26 58.88
C PRO BA 44 -81.92 8.88 58.52
N LEU BA 45 -80.70 8.57 58.96
CA LEU BA 45 -80.10 7.29 58.71
C LEU BA 45 -80.30 6.38 59.91
N THR BA 46 -80.74 5.14 59.66
CA THR BA 46 -81.19 4.25 60.72
C THR BA 46 -80.41 2.94 60.73
N THR BA 47 -79.10 3.00 60.47
CA THR BA 47 -78.30 1.79 60.51
C THR BA 47 -77.77 1.55 61.92
N GLU BA 48 -77.02 0.46 62.07
CA GLU BA 48 -76.49 0.10 63.38
C GLU BA 48 -75.50 1.12 63.89
N SER BA 49 -74.63 1.62 63.01
CA SER BA 49 -73.69 2.66 63.42
C SER BA 49 -74.43 3.94 63.79
N ALA BA 50 -75.47 4.29 63.04
CA ALA BA 50 -76.26 5.46 63.37
C ALA BA 50 -76.96 5.31 64.71
N MET BA 51 -77.52 4.12 64.98
CA MET BA 51 -78.16 3.90 66.27
C MET BA 51 -77.14 3.93 67.41
N LYS BA 52 -75.94 3.42 67.17
CA LYS BA 52 -74.86 3.52 68.16
C LYS BA 52 -74.51 4.98 68.43
N LYS BA 53 -74.45 5.78 67.37
CA LYS BA 53 -74.17 7.21 67.55
C LYS BA 53 -75.28 7.89 68.34
N ILE BA 54 -76.53 7.49 68.10
CA ILE BA 54 -77.66 8.08 68.81
C ILE BA 54 -77.59 7.73 70.30
N GLU BA 55 -77.32 6.46 70.60
CA GLU BA 55 -77.39 5.99 71.98
C GLU BA 55 -76.11 6.22 72.76
N ASP BA 56 -75.01 6.60 72.11
CA ASP BA 56 -73.74 6.80 72.81
C ASP BA 56 -73.23 8.23 72.71
N ASN BA 57 -73.12 8.77 71.50
CA ASN BA 57 -72.49 10.07 71.29
C ASN BA 57 -73.45 11.24 71.37
N ASN BA 58 -74.72 10.99 71.67
CA ASN BA 58 -75.76 12.03 71.64
C ASN BA 58 -75.81 12.71 70.28
N THR BA 59 -75.70 11.92 69.22
CA THR BA 59 -75.56 12.42 67.86
C THR BA 59 -76.66 11.83 66.98
N LEU BA 60 -77.35 12.70 66.24
CA LEU BA 60 -78.28 12.25 65.23
C LEU BA 60 -77.60 12.18 63.87
N VAL BA 61 -77.89 11.13 63.12
CA VAL BA 61 -77.29 10.91 61.81
C VAL BA 61 -78.39 11.13 60.76
N PHE BA 62 -78.13 12.03 59.83
CA PHE BA 62 -79.09 12.38 58.79
C PHE BA 62 -78.45 12.21 57.42
N ILE BA 63 -79.28 11.95 56.43
CA ILE BA 63 -78.88 12.03 55.03
C ILE BA 63 -79.40 13.36 54.51
N VAL BA 64 -78.49 14.20 54.03
CA VAL BA 64 -78.80 15.58 53.69
C VAL BA 64 -78.50 15.80 52.21
N ASP BA 65 -78.96 16.94 51.71
CA ASP BA 65 -78.67 17.32 50.33
C ASP BA 65 -77.18 17.60 50.17
N VAL BA 66 -76.65 17.25 49.00
CA VAL BA 66 -75.21 17.38 48.79
C VAL BA 66 -74.77 18.84 48.75
N LYS BA 67 -75.67 19.76 48.41
CA LYS BA 67 -75.32 21.17 48.30
C LYS BA 67 -75.34 21.89 49.65
N ALA BA 68 -75.90 21.28 50.69
CA ALA BA 68 -76.02 21.93 51.98
C ALA BA 68 -74.71 21.85 52.75
N ASN BA 69 -74.34 22.96 53.38
CA ASN BA 69 -73.14 23.01 54.20
C ASN BA 69 -73.50 22.82 55.67
N LYS BA 70 -72.50 22.95 56.54
CA LYS BA 70 -72.71 22.67 57.95
C LYS BA 70 -73.65 23.68 58.60
N HIS BA 71 -73.52 24.96 58.25
CA HIS BA 71 -74.40 25.97 58.82
C HIS BA 71 -75.86 25.74 58.42
N GLN BA 72 -76.09 25.41 57.16
CA GLN BA 72 -77.45 25.15 56.70
C GLN BA 72 -78.04 23.92 57.37
N ILE BA 73 -77.24 22.87 57.53
CA ILE BA 73 -77.73 21.66 58.21
C ILE BA 73 -78.07 21.98 59.66
N LYS BA 74 -77.20 22.72 60.34
CA LYS BA 74 -77.45 23.11 61.73
C LYS BA 74 -78.74 23.90 61.86
N GLN BA 75 -78.93 24.90 61.00
CA GLN BA 75 -80.13 25.73 61.09
C GLN BA 75 -81.38 24.94 60.74
N ALA BA 76 -81.31 24.06 59.75
CA ALA BA 76 -82.47 23.25 59.38
C ALA BA 76 -82.88 22.31 60.51
N VAL BA 77 -81.90 21.64 61.13
CA VAL BA 77 -82.21 20.76 62.24
C VAL BA 77 -82.79 21.54 63.41
N LYS BA 78 -82.20 22.70 63.70
CA LYS BA 78 -82.69 23.54 64.78
C LYS BA 78 -84.12 23.99 64.53
N LYS BA 79 -84.46 24.33 63.28
CA LYS BA 79 -85.79 24.85 63.00
C LYS BA 79 -86.81 23.72 63.03
N LEU BA 80 -86.62 22.68 62.22
CA LEU BA 80 -87.67 21.69 62.05
C LEU BA 80 -87.58 20.55 63.05
N TYR BA 81 -86.69 20.63 64.05
CA TYR BA 81 -86.78 19.72 65.18
C TYR BA 81 -86.81 20.44 66.52
N ASP BA 82 -86.68 21.77 66.53
CA ASP BA 82 -86.82 22.59 67.74
C ASP BA 82 -85.81 22.20 68.81
N ILE BA 83 -84.61 21.82 68.38
CA ILE BA 83 -83.54 21.41 69.27
C ILE BA 83 -82.33 22.31 69.04
N ASP BA 84 -81.38 22.23 69.95
CA ASP BA 84 -80.11 22.95 69.83
C ASP BA 84 -78.98 21.95 69.68
N VAL BA 85 -78.08 22.22 68.74
CA VAL BA 85 -77.03 21.29 68.36
C VAL BA 85 -75.67 21.90 68.68
N ALA BA 86 -74.68 21.03 68.92
CA ALA BA 86 -73.36 21.49 69.30
C ALA BA 86 -72.45 21.67 68.09
N LYS BA 87 -72.31 20.62 67.28
CA LYS BA 87 -71.48 20.69 66.09
C LYS BA 87 -72.01 19.71 65.07
N VAL BA 88 -71.60 19.92 63.82
CA VAL BA 88 -72.04 19.10 62.69
C VAL BA 88 -70.80 18.57 61.98
N ASN BA 89 -70.74 17.26 61.80
CA ASN BA 89 -69.70 16.62 61.02
C ASN BA 89 -70.32 16.05 59.75
N THR BA 90 -69.65 16.26 58.62
CA THR BA 90 -70.23 16.02 57.32
C THR BA 90 -69.27 15.21 56.47
N LEU BA 91 -69.78 14.15 55.85
CA LEU BA 91 -69.05 13.40 54.84
C LEU BA 91 -69.99 13.10 53.68
N ILE BA 92 -69.42 12.91 52.50
CA ILE BA 92 -70.18 12.53 51.32
C ILE BA 92 -69.94 11.05 51.08
N ARG BA 93 -71.03 10.28 51.03
CA ARG BA 93 -70.93 8.83 50.99
C ARG BA 93 -70.42 8.36 49.64
N PRO BA 94 -69.91 7.12 49.57
CA PRO BA 94 -69.46 6.58 48.28
C PRO BA 94 -70.56 6.45 47.25
N ASP BA 95 -71.82 6.44 47.67
CA ASP BA 95 -72.94 6.40 46.74
C ASP BA 95 -73.39 7.78 46.28
N GLY BA 96 -72.72 8.84 46.72
CA GLY BA 96 -73.04 10.19 46.31
C GLY BA 96 -73.89 10.97 47.28
N GLU BA 97 -74.57 10.31 48.21
CA GLU BA 97 -75.32 11.00 49.23
C GLU BA 97 -74.37 11.66 50.24
N LYS BA 98 -74.86 12.70 50.89
CA LYS BA 98 -74.13 13.37 51.96
C LYS BA 98 -74.73 12.95 53.29
N LYS BA 99 -73.86 12.66 54.25
CA LYS BA 99 -74.26 12.18 55.57
C LYS BA 99 -73.75 13.15 56.63
N ALA BA 100 -74.62 13.51 57.56
CA ALA BA 100 -74.29 14.49 58.60
C ALA BA 100 -74.44 13.84 59.97
N TYR BA 101 -73.39 13.93 60.78
CA TYR BA 101 -73.45 13.55 62.18
C TYR BA 101 -73.69 14.82 63.01
N VAL BA 102 -74.94 15.02 63.41
CA VAL BA 102 -75.35 16.23 64.11
C VAL BA 102 -75.39 15.90 65.60
N ARG BA 103 -74.52 16.53 66.37
CA ARG BA 103 -74.44 16.28 67.81
C ARG BA 103 -75.26 17.34 68.54
N LEU BA 104 -76.17 16.89 69.40
CA LEU BA 104 -77.06 17.80 70.10
C LEU BA 104 -76.35 18.46 71.27
N ALA BA 105 -76.96 19.53 71.76
CA ALA BA 105 -76.45 20.21 72.94
C ALA BA 105 -76.55 19.29 74.16
N PRO BA 106 -75.68 19.49 75.16
CA PRO BA 106 -75.70 18.58 76.32
C PRO BA 106 -77.02 18.53 77.06
N ASP BA 107 -77.78 19.62 77.08
CA ASP BA 107 -79.08 19.61 77.74
C ASP BA 107 -80.14 18.85 76.96
N TYR BA 108 -79.86 18.49 75.70
CA TYR BA 108 -80.78 17.74 74.88
C TYR BA 108 -80.36 16.27 74.83
N ASP BA 109 -81.35 15.38 74.77
CA ASP BA 109 -81.11 13.96 74.65
C ASP BA 109 -81.38 13.54 73.21
N ALA BA 110 -80.44 12.79 72.62
CA ALA BA 110 -80.67 12.29 71.27
C ALA BA 110 -81.68 11.17 71.25
N LEU BA 111 -81.86 10.46 72.37
CA LEU BA 111 -82.70 9.27 72.38
C LEU BA 111 -84.18 9.64 72.26
N ASP BA 112 -84.66 10.53 73.13
CA ASP BA 112 -86.06 10.90 73.07
C ASP BA 112 -86.38 11.77 71.85
N VAL BA 113 -85.41 12.55 71.38
CA VAL BA 113 -85.58 13.25 70.10
C VAL BA 113 -85.76 12.25 68.97
N ALA BA 114 -84.95 11.18 68.96
CA ALA BA 114 -85.11 10.14 67.97
C ALA BA 114 -86.46 9.44 68.12
N ASN BA 115 -86.95 9.32 69.36
CA ASN BA 115 -88.27 8.75 69.57
C ASN BA 115 -89.36 9.61 68.93
N LYS BA 116 -89.36 10.91 69.22
CA LYS BA 116 -90.44 11.75 68.70
C LYS BA 116 -90.29 11.99 67.21
N ILE BA 117 -89.08 11.89 66.66
CA ILE BA 117 -88.92 11.81 65.21
C ILE BA 117 -89.52 10.51 64.69
N GLY BA 118 -89.30 9.41 65.41
CA GLY BA 118 -89.88 8.14 65.04
C GLY BA 118 -88.90 7.19 64.39
N ILE BA 119 -87.63 7.29 64.77
CA ILE BA 119 -86.58 6.47 64.16
C ILE BA 119 -85.99 5.54 65.21
N ILE BA 120 -86.75 5.27 66.27
CA ILE BA 120 -86.30 4.39 67.34
C ILE BA 120 -86.13 2.97 66.82
N MET CA 1 -113.48 0.98 -2.19
CA MET CA 1 -112.38 0.79 -1.25
C MET CA 1 -111.87 2.11 -0.71
N LYS CA 2 -110.70 2.09 -0.08
CA LYS CA 2 -110.17 3.28 0.56
C LYS CA 2 -109.64 4.26 -0.48
N PHE CA 3 -110.16 5.49 -0.45
CA PHE CA 3 -109.75 6.53 -1.37
C PHE CA 3 -109.01 7.69 -0.71
N ASN CA 4 -109.14 7.86 0.60
CA ASN CA 4 -108.46 8.95 1.30
C ASN CA 4 -106.96 8.72 1.25
N PRO CA 5 -106.18 9.65 0.69
CA PRO CA 5 -104.72 9.46 0.63
C PRO CA 5 -104.00 9.76 1.94
N PHE CA 6 -104.70 10.03 3.03
CA PHE CA 6 -104.08 10.33 4.31
C PHE CA 6 -104.32 9.24 5.34
N VAL CA 7 -105.01 8.17 4.99
CA VAL CA 7 -105.10 6.97 5.81
C VAL CA 7 -104.36 5.86 5.09
N THR CA 8 -103.59 5.07 5.83
CA THR CA 8 -102.73 4.08 5.22
C THR CA 8 -103.37 2.71 5.24
N SER CA 9 -103.13 1.96 4.16
CA SER CA 9 -103.48 0.54 4.10
C SER CA 9 -102.25 -0.34 4.23
N ASP CA 10 -101.12 0.23 4.63
CA ASP CA 10 -99.91 -0.55 4.87
C ASP CA 10 -100.11 -1.48 6.05
N ARG CA 11 -99.72 -2.74 5.89
CA ARG CA 11 -99.96 -3.73 6.94
C ARG CA 11 -99.10 -3.45 8.16
N SER CA 12 -97.82 -3.14 7.95
CA SER CA 12 -96.92 -2.86 9.06
C SER CA 12 -97.35 -1.61 9.82
N LYS CA 13 -97.78 -0.57 9.10
CA LYS CA 13 -98.22 0.65 9.77
C LYS CA 13 -99.49 0.40 10.58
N ASN CA 14 -100.45 -0.34 10.03
CA ASN CA 14 -101.66 -0.64 10.77
C ASN CA 14 -101.37 -1.47 12.02
N ARG CA 15 -100.48 -2.46 11.89
CA ARG CA 15 -100.15 -3.29 13.04
C ARG CA 15 -99.39 -2.50 14.10
N LYS CA 16 -98.50 -1.60 13.67
CA LYS CA 16 -97.80 -0.75 14.63
C LYS CA 16 -98.74 0.19 15.35
N ARG CA 17 -99.72 0.75 14.62
CA ARG CA 17 -100.72 1.60 15.26
C ARG CA 17 -101.58 0.81 16.22
N HIS CA 18 -101.88 -0.45 15.90
CA HIS CA 18 -102.74 -1.25 16.76
C HIS CA 18 -102.02 -1.68 18.02
N PHE CA 19 -100.77 -2.14 17.91
CA PHE CA 19 -100.07 -2.70 19.05
C PHE CA 19 -99.37 -1.66 19.90
N ASN CA 20 -99.34 -0.40 19.47
CA ASN CA 20 -98.78 0.69 20.27
C ASN CA 20 -99.80 1.77 20.55
N ALA CA 21 -101.09 1.44 20.45
CA ALA CA 21 -102.12 2.43 20.66
C ALA CA 21 -102.18 2.82 22.14
N PRO CA 22 -102.44 4.09 22.44
CA PRO CA 22 -102.68 4.48 23.83
C PRO CA 22 -104.00 3.94 24.33
N SER CA 23 -104.14 3.90 25.67
CA SER CA 23 -105.28 3.24 26.28
C SER CA 23 -106.59 3.92 25.93
N HIS CA 24 -106.59 5.23 25.66
CA HIS CA 24 -107.84 5.92 25.37
C HIS CA 24 -108.41 5.52 24.02
N ILE CA 25 -107.60 5.00 23.10
CA ILE CA 25 -108.12 4.40 21.89
C ILE CA 25 -108.02 2.88 21.89
N ARG CA 26 -107.24 2.29 22.80
CA ARG CA 26 -107.39 0.87 23.08
C ARG CA 26 -108.76 0.57 23.63
N ARG CA 27 -109.38 1.53 24.31
CA ARG CA 27 -110.77 1.39 24.74
C ARG CA 27 -111.71 1.32 23.54
N LYS CA 28 -111.48 2.16 22.53
CA LYS CA 28 -112.31 2.12 21.33
C LYS CA 28 -112.09 0.82 20.56
N ILE CA 29 -110.84 0.36 20.47
CA ILE CA 29 -110.55 -0.88 19.77
C ILE CA 29 -111.23 -2.06 20.45
N MET CA 30 -111.20 -2.09 21.78
CA MET CA 30 -111.80 -3.18 22.55
C MET CA 30 -113.30 -2.94 22.73
N SER CA 31 -114.02 -2.99 21.62
CA SER CA 31 -115.46 -2.84 21.61
C SER CA 31 -116.13 -4.20 21.42
N SER CA 32 -117.38 -4.28 21.81
CA SER CA 32 -118.13 -5.52 21.71
C SER CA 32 -119.51 -5.27 21.12
N PRO CA 33 -120.04 -6.25 20.39
CA PRO CA 33 -121.41 -6.10 19.89
C PRO CA 33 -122.42 -6.19 21.01
N LEU CA 34 -123.55 -5.51 20.82
CA LEU CA 34 -124.66 -5.63 21.74
C LEU CA 34 -125.58 -6.75 21.30
N SER CA 35 -126.36 -7.25 22.26
CA SER CA 35 -127.32 -8.30 21.95
C SER CA 35 -128.43 -7.74 21.06
N LYS CA 36 -129.21 -8.66 20.48
CA LYS CA 36 -130.28 -8.25 19.58
C LYS CA 36 -131.33 -7.43 20.31
N GLU CA 37 -131.65 -7.81 21.55
CA GLU CA 37 -132.57 -7.02 22.36
C GLU CA 37 -132.02 -5.64 22.66
N LEU CA 38 -130.74 -5.56 23.01
CA LEU CA 38 -130.11 -4.27 23.27
C LEU CA 38 -129.95 -3.46 21.99
N ARG CA 39 -129.63 -4.14 20.89
CA ARG CA 39 -129.55 -3.47 19.58
C ARG CA 39 -130.90 -2.92 19.15
N GLN CA 40 -131.99 -3.57 19.58
CA GLN CA 40 -133.32 -3.06 19.28
C GLN CA 40 -133.69 -1.90 20.20
N LYS CA 41 -133.41 -2.04 21.49
CA LYS CA 41 -133.77 -1.01 22.46
C LYS CA 41 -132.95 0.26 22.23
N TYR CA 42 -131.63 0.13 22.14
CA TYR CA 42 -130.76 1.23 21.80
C TYR CA 42 -130.37 1.09 20.34
N ASN CA 43 -130.61 2.12 19.53
CA ASN CA 43 -130.37 2.03 18.10
C ASN CA 43 -128.87 2.13 17.80
N VAL CA 44 -128.11 1.21 18.39
CA VAL CA 44 -126.67 1.10 18.19
C VAL CA 44 -126.33 -0.36 17.97
N ARG CA 45 -125.17 -0.60 17.38
CA ARG CA 45 -124.70 -1.95 17.12
C ARG CA 45 -123.62 -2.39 18.11
N SER CA 46 -122.55 -1.61 18.24
CA SER CA 46 -121.43 -1.95 19.11
C SER CA 46 -121.33 -0.96 20.25
N MET CA 47 -120.41 -1.25 21.17
CA MET CA 47 -120.20 -0.47 22.37
C MET CA 47 -118.85 -0.84 22.95
N PRO CA 48 -118.04 0.14 23.37
CA PRO CA 48 -116.78 -0.18 24.05
C PRO CA 48 -117.03 -0.93 25.35
N ILE CA 49 -116.15 -1.88 25.65
CA ILE CA 49 -116.35 -2.72 26.83
C ILE CA 49 -116.09 -1.89 28.09
N ARG CA 50 -116.67 -2.34 29.20
CA ARG CA 50 -116.73 -1.56 30.42
C ARG CA 50 -116.63 -2.51 31.60
N LYS CA 51 -116.28 -1.95 32.77
CA LYS CA 51 -115.92 -2.76 33.94
C LYS CA 51 -117.04 -3.70 34.37
N ASP CA 52 -118.26 -3.20 34.49
CA ASP CA 52 -119.30 -3.92 35.23
C ASP CA 52 -120.52 -4.23 34.38
N ASP CA 53 -120.32 -4.57 33.11
CA ASP CA 53 -121.43 -5.03 32.28
C ASP CA 53 -121.38 -6.54 32.14
N GLU CA 54 -122.53 -7.14 31.85
CA GLU CA 54 -122.66 -8.58 31.77
C GLU CA 54 -122.66 -9.03 30.32
N VAL CA 55 -121.77 -9.95 29.99
CA VAL CA 55 -121.59 -10.44 28.63
C VAL CA 55 -121.69 -11.96 28.65
N GLN CA 56 -121.84 -12.53 27.45
CA GLN CA 56 -121.73 -13.96 27.26
C GLN CA 56 -120.79 -14.23 26.10
N VAL CA 57 -120.13 -15.37 26.16
CA VAL CA 57 -119.07 -15.70 25.21
C VAL CA 57 -119.67 -16.47 24.05
N VAL CA 58 -119.37 -16.02 22.83
CA VAL CA 58 -119.96 -16.60 21.62
C VAL CA 58 -118.96 -17.40 20.80
N ARG CA 59 -117.67 -17.38 21.15
CA ARG CA 59 -116.67 -18.16 20.42
C ARG CA 59 -115.69 -18.74 21.42
N GLY CA 60 -115.06 -19.85 21.02
CA GLY CA 60 -114.01 -20.44 21.83
C GLY CA 60 -114.48 -21.56 22.72
N HIS CA 61 -113.62 -21.89 23.69
CA HIS CA 61 -113.90 -22.98 24.61
C HIS CA 61 -115.03 -22.67 25.58
N TYR CA 62 -115.30 -21.39 25.82
CA TYR CA 62 -116.33 -20.98 26.78
C TYR CA 62 -117.59 -20.50 26.10
N LYS CA 63 -117.92 -21.05 24.94
CA LYS CA 63 -119.20 -20.75 24.29
C LYS CA 63 -120.34 -21.17 25.20
N GLY CA 64 -121.40 -20.37 25.20
CA GLY CA 64 -122.59 -20.71 25.96
C GLY CA 64 -123.46 -19.50 26.16
N GLN CA 65 -124.66 -19.78 26.68
CA GLN CA 65 -125.64 -18.75 26.98
C GLN CA 65 -125.58 -18.28 28.43
N GLN CA 66 -124.67 -18.82 29.22
CA GLN CA 66 -124.50 -18.33 30.59
C GLN CA 66 -124.00 -16.89 30.57
N ILE CA 67 -124.55 -16.08 31.46
CA ILE CA 67 -124.26 -14.65 31.51
C ILE CA 67 -123.31 -14.39 32.66
N GLY CA 68 -122.13 -13.88 32.34
CA GLY CA 68 -121.14 -13.54 33.34
C GLY CA 68 -120.82 -12.06 33.28
N LYS CA 69 -120.59 -11.46 34.45
CA LYS CA 69 -120.26 -10.05 34.52
C LYS CA 69 -118.75 -9.86 34.35
N VAL CA 70 -118.38 -8.85 33.56
CA VAL CA 70 -116.98 -8.52 33.40
C VAL CA 70 -116.40 -8.09 34.74
N VAL CA 71 -115.17 -8.50 35.00
CA VAL CA 71 -114.50 -8.16 36.27
C VAL CA 71 -113.19 -7.44 36.05
N GLN CA 72 -112.67 -7.37 34.83
CA GLN CA 72 -111.43 -6.67 34.55
C GLN CA 72 -111.26 -6.45 33.05
N VAL CA 73 -110.99 -5.22 32.64
CA VAL CA 73 -110.68 -4.91 31.25
C VAL CA 73 -109.18 -4.65 31.20
N TYR CA 74 -108.42 -5.62 30.69
CA TYR CA 74 -106.96 -5.58 30.75
C TYR CA 74 -106.48 -5.03 29.42
N ARG CA 75 -106.53 -3.71 29.26
CA ARG CA 75 -106.25 -3.08 27.98
C ARG CA 75 -104.83 -3.29 27.50
N LYS CA 76 -103.90 -3.60 28.39
CA LYS CA 76 -102.53 -3.86 27.96
C LYS CA 76 -102.42 -5.18 27.19
N LYS CA 77 -103.25 -6.16 27.53
CA LYS CA 77 -103.25 -7.44 26.84
C LYS CA 77 -104.46 -7.62 25.92
N TYR CA 78 -105.26 -6.57 25.73
CA TYR CA 78 -106.39 -6.58 24.79
C TYR CA 78 -107.39 -7.68 25.14
N VAL CA 79 -107.57 -7.96 26.42
CA VAL CA 79 -108.47 -9.02 26.87
C VAL CA 79 -109.34 -8.49 28.00
N ILE CA 80 -110.39 -9.25 28.31
CA ILE CA 80 -111.25 -8.97 29.45
C ILE CA 80 -111.40 -10.26 30.25
N TYR CA 81 -111.70 -10.09 31.53
CA TYR CA 81 -111.94 -11.21 32.43
C TYR CA 81 -113.41 -11.25 32.83
N ILE CA 82 -113.97 -12.45 32.91
CA ILE CA 82 -115.37 -12.64 33.24
C ILE CA 82 -115.45 -13.53 34.47
N GLU CA 83 -116.62 -13.51 35.12
CA GLU CA 83 -116.77 -14.12 36.44
C GLU CA 83 -116.49 -15.62 36.42
N ARG CA 84 -117.28 -16.38 35.67
CA ARG CA 84 -117.13 -17.82 35.65
C ARG CA 84 -116.25 -18.32 34.50
N VAL CA 85 -115.65 -17.42 33.72
CA VAL CA 85 -114.73 -17.81 32.65
C VAL CA 85 -113.35 -17.87 33.29
N GLN CA 86 -112.98 -19.03 33.80
CA GLN CA 86 -111.73 -19.22 34.50
C GLN CA 86 -111.35 -20.69 34.48
N ARG CA 87 -110.09 -20.97 34.81
CA ARG CA 87 -109.58 -22.33 34.80
C ARG CA 87 -108.73 -22.57 36.04
N GLU CA 88 -108.58 -23.84 36.40
CA GLU CA 88 -107.68 -24.22 37.47
C GLU CA 88 -106.27 -24.36 36.95
N LYS CA 89 -105.30 -23.90 37.74
CA LYS CA 89 -103.90 -24.11 37.41
C LYS CA 89 -103.37 -25.24 38.29
N ALA CA 90 -102.05 -25.44 38.26
CA ALA CA 90 -101.45 -26.61 38.90
C ALA CA 90 -101.72 -26.63 40.40
N ASN CA 91 -101.45 -25.52 41.08
CA ASN CA 91 -101.54 -25.48 42.53
C ASN CA 91 -102.97 -25.32 43.04
N GLY CA 92 -103.97 -25.54 42.20
CA GLY CA 92 -105.35 -25.59 42.62
C GLY CA 92 -106.06 -24.25 42.70
N THR CA 93 -105.36 -23.14 42.50
CA THR CA 93 -106.01 -21.85 42.44
C THR CA 93 -106.61 -21.62 41.07
N THR CA 94 -107.59 -20.71 41.01
CA THR CA 94 -108.28 -20.41 39.76
C THR CA 94 -107.73 -19.10 39.19
N VAL CA 95 -107.48 -19.09 37.90
CA VAL CA 95 -107.01 -17.90 37.19
C VAL CA 95 -108.02 -17.58 36.09
N HIS CA 96 -108.29 -16.29 35.93
CA HIS CA 96 -109.20 -15.86 34.88
C HIS CA 96 -108.56 -16.07 33.52
N VAL CA 97 -109.35 -16.52 32.55
CA VAL CA 97 -108.90 -16.72 31.19
C VAL CA 97 -109.29 -15.49 30.38
N GLY CA 98 -108.30 -14.77 29.88
CA GLY CA 98 -108.56 -13.57 29.12
C GLY CA 98 -109.01 -13.90 27.71
N ILE CA 99 -110.15 -13.33 27.32
CA ILE CA 99 -110.70 -13.53 26.00
C ILE CA 99 -110.99 -12.17 25.38
N HIS CA 100 -110.96 -12.12 24.05
CA HIS CA 100 -111.06 -10.85 23.35
C HIS CA 100 -112.47 -10.30 23.47
N PRO CA 101 -112.63 -8.98 23.63
CA PRO CA 101 -113.98 -8.40 23.71
C PRO CA 101 -114.78 -8.54 22.43
N SER CA 102 -114.13 -8.74 21.28
CA SER CA 102 -114.89 -8.94 20.05
C SER CA 102 -115.52 -10.33 19.97
N LYS CA 103 -115.16 -11.24 20.89
CA LYS CA 103 -115.72 -12.57 20.93
C LYS CA 103 -116.79 -12.73 22.01
N VAL CA 104 -117.29 -11.63 22.55
CA VAL CA 104 -118.41 -11.66 23.49
C VAL CA 104 -119.52 -10.80 22.93
N VAL CA 105 -120.67 -10.86 23.58
CA VAL CA 105 -121.80 -10.00 23.26
C VAL CA 105 -122.35 -9.44 24.57
N ILE CA 106 -122.60 -8.14 24.61
CA ILE CA 106 -123.04 -7.49 25.83
C ILE CA 106 -124.55 -7.65 25.94
N THR CA 107 -125.00 -8.25 27.05
CA THR CA 107 -126.42 -8.48 27.26
C THR CA 107 -127.04 -7.53 28.27
N ARG CA 108 -126.22 -6.73 28.96
CA ARG CA 108 -126.71 -5.70 29.85
C ARG CA 108 -125.61 -4.66 30.03
N LEU CA 109 -125.96 -3.40 29.85
CA LEU CA 109 -124.97 -2.33 29.89
C LEU CA 109 -124.87 -1.72 31.28
N LYS CA 110 -123.65 -1.47 31.72
CA LYS CA 110 -123.40 -0.72 32.95
C LYS CA 110 -123.62 0.75 32.61
N LEU CA 111 -124.70 1.31 33.14
CA LEU CA 111 -125.19 2.62 32.70
C LEU CA 111 -124.83 3.70 33.72
N ASP CA 112 -124.18 4.76 33.24
CA ASP CA 112 -124.07 6.02 33.94
C ASP CA 112 -124.33 7.12 32.93
N LYS CA 113 -124.06 8.37 33.30
CA LYS CA 113 -124.38 9.47 32.40
C LYS CA 113 -123.51 9.43 31.14
N ASP CA 114 -122.27 8.97 31.27
CA ASP CA 114 -121.37 8.95 30.12
C ASP CA 114 -121.78 7.89 29.11
N ARG CA 115 -122.08 6.68 29.58
CA ARG CA 115 -122.53 5.63 28.67
C ARG CA 115 -123.84 6.00 28.00
N LYS CA 116 -124.77 6.57 28.76
CA LYS CA 116 -126.03 6.99 28.16
C LYS CA 116 -125.80 8.07 27.10
N LYS CA 117 -124.92 9.04 27.40
CA LYS CA 117 -124.63 10.11 26.45
C LYS CA 117 -124.05 9.56 25.16
N ILE CA 118 -123.09 8.63 25.27
CA ILE CA 118 -122.54 7.98 24.08
C ILE CA 118 -123.63 7.21 23.35
N LEU CA 119 -124.60 6.66 24.09
CA LEU CA 119 -125.67 5.89 23.46
C LEU CA 119 -126.57 6.78 22.60
N GLU CA 120 -127.04 7.91 23.15
CA GLU CA 120 -127.81 8.81 22.28
C GLU CA 120 -126.96 9.40 21.16
N ARG CA 121 -125.65 9.60 21.37
CA ARG CA 121 -124.84 10.13 20.28
C ARG CA 121 -124.76 9.16 19.12
N LYS CA 122 -124.45 7.90 19.42
CA LYS CA 122 -124.39 6.88 18.37
C LYS CA 122 -125.74 6.68 17.70
N ALA CA 123 -126.81 6.63 18.51
CA ALA CA 123 -128.14 6.42 17.95
C ALA CA 123 -128.56 7.57 17.04
N LYS CA 124 -128.27 8.81 17.44
CA LYS CA 124 -128.62 9.96 16.63
C LYS CA 124 -127.83 10.00 15.34
N SER CA 125 -126.54 9.64 15.39
CA SER CA 125 -125.75 9.59 14.17
C SER CA 125 -126.29 8.52 13.22
N ARG CA 126 -126.65 7.36 13.76
CA ARG CA 126 -127.21 6.30 12.92
C ARG CA 126 -128.55 6.72 12.31
N GLN CA 127 -129.39 7.40 13.10
CA GLN CA 127 -130.65 7.89 12.58
C GLN CA 127 -130.44 8.92 11.47
N VAL CA 128 -129.47 9.82 11.66
CA VAL CA 128 -129.16 10.80 10.62
C VAL CA 128 -128.69 10.10 9.35
N GLY CA 129 -127.86 9.07 9.50
CA GLY CA 129 -127.41 8.32 8.33
C GLY CA 129 -128.55 7.62 7.61
N LYS CA 130 -129.48 7.03 8.38
CA LYS CA 130 -130.63 6.38 7.77
C LYS CA 130 -131.51 7.37 7.03
N GLU CA 131 -131.72 8.56 7.62
CA GLU CA 131 -132.54 9.57 6.97
C GLU CA 131 -131.84 10.14 5.73
N LYS CA 132 -130.52 10.19 5.74
CA LYS CA 132 -129.80 10.66 4.55
C LYS CA 132 -129.86 9.62 3.44
N GLY CA 133 -129.65 8.35 3.76
CA GLY CA 133 -129.63 7.28 2.78
C GLY CA 133 -130.97 6.69 2.43
N LYS CA 134 -132.06 7.24 2.95
CA LYS CA 134 -133.41 6.73 2.68
C LYS CA 134 -133.78 6.86 1.21
N GLY DA 1 -3.26 68.12 75.62
CA GLY DA 1 -3.58 67.67 76.96
C GLY DA 1 -4.93 67.01 77.08
N LYS DA 2 -5.39 66.83 78.32
CA LYS DA 2 -6.70 66.23 78.55
C LYS DA 2 -7.80 67.15 78.03
N PHE DA 3 -8.82 66.56 77.42
CA PHE DA 3 -9.93 67.32 76.88
C PHE DA 3 -11.29 66.92 77.43
N MET DA 4 -11.43 65.74 78.02
CA MET DA 4 -12.69 65.34 78.62
C MET DA 4 -12.92 66.12 79.91
N LYS DA 5 -13.70 67.18 79.82
CA LYS DA 5 -13.91 68.11 80.92
C LYS DA 5 -15.40 68.35 81.10
N PRO DA 6 -15.82 68.81 82.27
CA PRO DA 6 -17.23 69.18 82.44
C PRO DA 6 -17.63 70.29 81.47
N GLY DA 7 -18.86 70.16 80.95
CA GLY DA 7 -19.38 71.11 80.00
C GLY DA 7 -19.08 70.79 78.54
N LYS DA 8 -18.26 69.79 78.27
CA LYS DA 8 -17.96 69.41 76.90
C LYS DA 8 -19.04 68.49 76.35
N VAL DA 9 -19.49 68.78 75.14
CA VAL DA 9 -20.53 67.97 74.50
C VAL DA 9 -19.89 66.71 73.93
N VAL DA 10 -20.50 65.57 74.21
CA VAL DA 10 -20.03 64.28 73.72
C VAL DA 10 -21.20 63.56 73.04
N LEU DA 11 -20.86 62.58 72.22
CA LEU DA 11 -21.84 61.77 71.53
C LEU DA 11 -21.80 60.36 72.11
N VAL DA 12 -22.97 59.84 72.48
CA VAL DA 12 -23.06 58.51 73.05
C VAL DA 12 -22.99 57.48 71.94
N LEU DA 13 -22.06 56.53 72.06
CA LEU DA 13 -21.84 55.54 71.02
C LEU DA 13 -22.55 54.22 71.28
N ALA DA 14 -22.70 53.81 72.54
CA ALA DA 14 -23.28 52.52 72.87
C ALA DA 14 -24.35 52.68 73.92
N GLY DA 15 -25.24 51.70 74.00
CA GLY DA 15 -26.31 51.71 74.97
C GLY DA 15 -27.65 52.06 74.37
N ARG DA 16 -28.62 52.27 75.26
CA ARG DA 16 -29.96 52.65 74.82
C ARG DA 16 -29.96 54.02 74.16
N TYR DA 17 -29.11 54.93 74.62
CA TYR DA 17 -29.07 56.30 74.13
C TYR DA 17 -28.01 56.49 73.06
N SER DA 18 -27.78 55.47 72.23
CA SER DA 18 -26.76 55.55 71.19
C SER DA 18 -27.10 56.68 70.21
N GLY DA 19 -26.10 57.51 69.92
CA GLY DA 19 -26.27 58.61 68.99
C GLY DA 19 -26.80 59.89 69.59
N ARG DA 20 -27.20 59.87 70.86
CA ARG DA 20 -27.72 61.08 71.49
C ARG DA 20 -26.58 62.03 71.84
N LYS DA 21 -26.82 63.32 71.66
CA LYS DA 21 -25.88 64.33 72.12
C LYS DA 21 -26.03 64.54 73.61
N ALA DA 22 -24.90 64.72 74.29
CA ALA DA 22 -24.89 64.78 75.74
C ALA DA 22 -23.70 65.59 76.20
N VAL DA 23 -23.83 66.17 77.39
CA VAL DA 23 -22.81 67.07 77.95
C VAL DA 23 -22.24 66.42 79.20
N ILE DA 24 -20.92 66.51 79.34
CA ILE DA 24 -20.24 65.90 80.48
C ILE DA 24 -20.45 66.75 81.72
N VAL DA 25 -20.88 66.11 82.81
CA VAL DA 25 -21.09 66.79 84.08
C VAL DA 25 -19.87 66.68 84.99
N LYS DA 26 -19.35 65.46 85.16
CA LYS DA 26 -18.20 65.24 86.03
C LYS DA 26 -17.39 64.09 85.46
N ASN DA 27 -16.15 64.37 85.09
CA ASN DA 27 -15.26 63.34 84.58
C ASN DA 27 -14.41 62.77 85.70
N ILE DA 28 -14.23 61.44 85.69
CA ILE DA 28 -13.47 60.74 86.71
C ILE DA 28 -12.10 60.30 86.17
N ASP DA 29 -12.09 59.69 84.98
CA ASP DA 29 -10.92 59.37 84.14
C ASP DA 29 -9.78 58.68 84.90
N ASP DA 30 -10.08 58.11 86.07
CA ASP DA 30 -9.10 57.32 86.80
C ASP DA 30 -9.68 56.07 87.44
N GLY DA 31 -10.99 55.96 87.56
CA GLY DA 31 -11.57 54.83 88.27
C GLY DA 31 -11.74 55.12 89.75
N THR DA 32 -12.71 54.41 90.35
CA THR DA 32 -13.01 54.58 91.77
C THR DA 32 -13.16 53.24 92.50
N SER DA 33 -12.45 52.21 92.04
CA SER DA 33 -12.43 50.87 92.63
C SER DA 33 -13.78 50.17 92.52
N ASP DA 34 -14.77 50.85 91.94
CA ASP DA 34 -16.04 50.25 91.56
C ASP DA 34 -16.26 50.29 90.07
N ARG DA 35 -15.74 51.32 89.40
CA ARG DA 35 -15.66 51.39 87.94
C ARG DA 35 -14.19 51.65 87.62
N PRO DA 36 -13.37 50.61 87.59
CA PRO DA 36 -11.92 50.82 87.43
C PRO DA 36 -11.54 51.48 86.11
N TYR DA 37 -12.41 51.45 85.11
CA TYR DA 37 -12.15 52.13 83.85
C TYR DA 37 -12.34 53.64 84.03
N SER DA 38 -11.95 54.37 83.00
CA SER DA 38 -12.20 55.81 82.96
C SER DA 38 -13.65 56.06 82.55
N HIS DA 39 -14.38 56.80 83.39
CA HIS DA 39 -15.80 57.06 83.14
C HIS DA 39 -16.09 58.52 83.42
N ALA DA 40 -17.31 58.94 83.06
CA ALA DA 40 -17.73 60.32 83.28
C ALA DA 40 -19.22 60.34 83.60
N LEU DA 41 -19.62 61.23 84.50
CA LEU DA 41 -21.04 61.48 84.73
C LEU DA 41 -21.56 62.39 83.63
N VAL DA 42 -22.59 61.96 82.94
CA VAL DA 42 -23.03 62.60 81.70
C VAL DA 42 -24.53 62.87 81.77
N ALA DA 43 -24.93 64.10 81.46
CA ALA DA 43 -26.32 64.47 81.31
C ALA DA 43 -26.61 64.70 79.84
N GLY DA 44 -27.66 64.06 79.34
CA GLY DA 44 -27.97 64.17 77.93
C GLY DA 44 -29.44 64.39 77.68
N ILE DA 45 -29.86 64.39 76.41
CA ILE DA 45 -31.26 64.56 76.05
C ILE DA 45 -31.74 63.31 75.34
N ASP DA 46 -32.83 62.73 75.85
CA ASP DA 46 -33.37 61.51 75.27
C ASP DA 46 -34.21 61.82 74.04
N ARG DA 47 -35.15 62.75 74.17
CA ARG DA 47 -36.01 63.17 73.08
C ARG DA 47 -35.64 64.58 72.69
N TYR DA 48 -35.38 64.80 71.41
CA TYR DA 48 -35.00 66.12 70.95
C TYR DA 48 -36.25 66.98 70.78
N PRO DA 49 -36.13 68.29 70.97
CA PRO DA 49 -37.24 69.19 70.64
C PRO DA 49 -37.56 69.13 69.15
N ARG DA 50 -38.85 69.22 68.83
CA ARG DA 50 -39.27 69.12 67.44
C ARG DA 50 -39.02 70.42 66.70
N LYS DA 51 -39.01 70.33 65.38
CA LYS DA 51 -38.81 71.51 64.55
C LYS DA 51 -40.02 72.43 64.65
N VAL DA 52 -39.77 73.71 64.85
CA VAL DA 52 -40.83 74.71 64.97
C VAL DA 52 -40.68 75.73 63.84
N THR DA 53 -41.82 76.14 63.29
CA THR DA 53 -41.87 77.11 62.20
C THR DA 53 -42.70 78.31 62.62
N ALA DA 54 -42.65 79.36 61.79
CA ALA DA 54 -43.37 80.58 62.11
C ALA DA 54 -44.89 80.38 62.04
N ALA DA 55 -45.34 79.45 61.20
CA ALA DA 55 -46.77 79.19 61.03
C ALA DA 55 -47.21 78.02 61.90
N MET DA 56 -47.02 78.17 63.21
CA MET DA 56 -47.37 77.09 64.12
C MET DA 56 -48.25 77.54 65.29
N GLY DA 57 -48.04 78.73 65.82
CA GLY DA 57 -48.83 79.15 66.95
C GLY DA 57 -48.13 78.90 68.27
N LYS DA 58 -48.47 79.72 69.27
CA LYS DA 58 -47.74 79.72 70.53
C LYS DA 58 -47.90 78.39 71.28
N LYS DA 59 -49.12 77.88 71.36
CA LYS DA 59 -49.35 76.65 72.10
C LYS DA 59 -48.65 75.46 71.46
N LYS DA 60 -48.72 75.36 70.13
CA LYS DA 60 -48.04 74.29 69.43
C LYS DA 60 -46.53 74.40 69.57
N ILE DA 61 -46.00 75.63 69.53
CA ILE DA 61 -44.57 75.85 69.70
C ILE DA 61 -44.13 75.41 71.09
N ALA DA 62 -44.90 75.79 72.13
CA ALA DA 62 -44.55 75.40 73.49
C ALA DA 62 -44.65 73.90 73.67
N LYS DA 63 -45.65 73.26 73.04
CA LYS DA 63 -45.77 71.82 73.09
C LYS DA 63 -44.57 71.13 72.43
N ARG DA 64 -44.08 71.69 71.33
CA ARG DA 64 -43.00 71.06 70.59
C ARG DA 64 -41.62 71.42 71.11
N SER DA 65 -41.52 72.31 72.09
CA SER DA 65 -40.23 72.71 72.63
C SER DA 65 -39.80 71.86 73.82
N LYS DA 66 -40.57 70.84 74.17
CA LYS DA 66 -40.28 70.05 75.36
C LYS DA 66 -39.11 69.10 75.11
N ILE DA 67 -38.30 68.90 76.14
CA ILE DA 67 -37.10 68.07 76.06
C ILE DA 67 -37.19 66.98 77.12
N LYS DA 68 -37.00 65.74 76.70
CA LYS DA 68 -36.81 64.62 77.62
C LYS DA 68 -35.32 64.37 77.76
N SER DA 69 -34.83 64.38 79.00
CA SER DA 69 -33.42 64.30 79.27
C SER DA 69 -33.09 62.98 79.97
N PHE DA 70 -31.79 62.73 80.16
CA PHE DA 70 -31.33 61.57 80.90
C PHE DA 70 -30.02 61.92 81.56
N VAL DA 71 -29.69 61.16 82.61
CA VAL DA 71 -28.38 61.23 83.26
C VAL DA 71 -27.81 59.82 83.32
N LYS DA 72 -26.53 59.70 82.94
CA LYS DA 72 -25.89 58.40 82.90
C LYS DA 72 -24.42 58.55 83.26
N VAL DA 73 -23.82 57.47 83.71
CA VAL DA 73 -22.38 57.36 83.88
C VAL DA 73 -21.87 56.46 82.76
N TYR DA 74 -21.01 57.00 81.91
CA TYR DA 74 -20.58 56.31 80.70
C TYR DA 74 -19.09 56.05 80.72
N ASN DA 75 -18.71 54.84 80.32
CA ASN DA 75 -17.32 54.54 80.06
C ASN DA 75 -16.82 55.37 78.88
N TYR DA 76 -15.55 55.79 78.96
CA TYR DA 76 -14.98 56.66 77.94
C TYR DA 76 -15.01 56.02 76.55
N ASN DA 77 -14.83 54.70 76.48
CA ASN DA 77 -14.88 54.01 75.20
C ASN DA 77 -16.25 54.03 74.56
N HIS DA 78 -17.30 54.39 75.30
CA HIS DA 78 -18.64 54.50 74.76
C HIS DA 78 -19.07 55.96 74.56
N LEU DA 79 -18.11 56.88 74.58
CA LEU DA 79 -18.37 58.30 74.37
C LEU DA 79 -17.49 58.83 73.25
N MET DA 80 -18.07 59.65 72.39
CA MET DA 80 -17.32 60.32 71.33
C MET DA 80 -17.19 61.80 71.66
N PRO DA 81 -16.01 62.29 72.01
CA PRO DA 81 -15.87 63.71 72.34
C PRO DA 81 -15.99 64.58 71.11
N THR DA 82 -16.42 65.82 71.33
CA THR DA 82 -16.56 66.81 70.28
C THR DA 82 -15.80 68.07 70.66
N ARG DA 83 -15.61 68.95 69.68
CA ARG DA 83 -15.00 70.24 69.95
C ARG DA 83 -15.97 71.24 70.55
N TYR DA 84 -17.27 70.97 70.48
CA TYR DA 84 -18.27 71.87 71.03
C TYR DA 84 -18.34 71.71 72.54
N SER DA 85 -18.97 72.70 73.18
CA SER DA 85 -19.17 72.67 74.61
C SER DA 85 -20.29 73.64 74.97
N VAL DA 86 -21.18 73.20 75.86
CA VAL DA 86 -22.27 74.03 76.35
C VAL DA 86 -22.01 74.34 77.82
N ASP DA 87 -22.08 75.62 78.18
CA ASP DA 87 -21.82 76.07 79.54
C ASP DA 87 -23.11 76.16 80.35
N ILE DA 88 -23.87 75.07 80.37
CA ILE DA 88 -25.14 75.01 81.09
C ILE DA 88 -24.84 74.76 82.57
N PRO DA 89 -25.29 75.62 83.47
CA PRO DA 89 -24.96 75.46 84.90
C PRO DA 89 -25.88 74.45 85.59
N LEU DA 90 -25.68 73.17 85.26
CA LEU DA 90 -26.39 72.11 85.96
C LEU DA 90 -25.93 72.02 87.40
N ASP DA 91 -26.88 71.80 88.30
CA ASP DA 91 -26.57 71.76 89.72
C ASP DA 91 -25.79 70.49 90.04
N LYS DA 92 -24.61 70.65 90.64
CA LYS DA 92 -23.79 69.49 91.00
C LYS DA 92 -24.40 68.71 92.15
N THR DA 93 -25.01 69.41 93.12
CA THR DA 93 -25.61 68.72 94.25
C THR DA 93 -26.81 67.88 93.84
N VAL DA 94 -27.51 68.29 92.80
CA VAL DA 94 -28.65 67.52 92.29
C VAL DA 94 -28.21 66.47 91.29
N VAL DA 95 -27.31 66.84 90.37
CA VAL DA 95 -26.79 65.91 89.37
C VAL DA 95 -25.41 65.49 89.87
N ASN DA 96 -25.37 64.35 90.56
CA ASN DA 96 -24.13 63.84 91.13
C ASN DA 96 -24.03 62.33 90.96
N LYS DA 97 -22.88 61.75 91.30
CA LYS DA 97 -22.66 60.33 91.01
C LYS DA 97 -23.53 59.43 91.86
N ASP DA 98 -23.79 59.80 93.11
CA ASP DA 98 -24.55 58.95 94.01
C ASP DA 98 -26.06 59.10 93.85
N VAL DA 99 -26.51 59.58 92.68
CA VAL DA 99 -27.93 59.73 92.42
C VAL DA 99 -28.56 58.45 91.88
N PHE DA 100 -27.75 57.48 91.48
CA PHE DA 100 -28.22 56.28 90.80
C PHE DA 100 -28.70 55.20 91.76
N ARG DA 101 -28.60 55.42 93.06
CA ARG DA 101 -29.01 54.45 94.05
C ARG DA 101 -30.43 54.65 94.56
N ASP DA 102 -31.09 55.73 94.15
CA ASP DA 102 -32.45 56.02 94.61
C ASP DA 102 -33.24 56.65 93.47
N PRO DA 103 -34.31 56.00 93.00
CA PRO DA 103 -35.03 56.52 91.82
C PRO DA 103 -35.62 57.91 92.01
N ALA DA 104 -36.01 58.29 93.22
CA ALA DA 104 -36.56 59.63 93.44
C ALA DA 104 -35.50 60.69 93.18
N LEU DA 105 -34.28 60.47 93.67
CA LEU DA 105 -33.19 61.40 93.40
C LEU DA 105 -32.87 61.45 91.91
N LYS DA 106 -32.90 60.31 91.23
CA LYS DA 106 -32.63 60.29 89.79
C LYS DA 106 -33.68 61.07 89.03
N ARG DA 107 -34.95 60.95 89.42
CA ARG DA 107 -36.01 61.74 88.82
C ARG DA 107 -35.77 63.23 89.07
N LYS DA 108 -35.35 63.58 90.27
CA LYS DA 108 -35.07 64.98 90.58
C LYS DA 108 -33.95 65.53 89.71
N ALA DA 109 -32.86 64.76 89.56
CA ALA DA 109 -31.74 65.18 88.73
C ALA DA 109 -32.14 65.30 87.27
N ARG DA 110 -32.95 64.34 86.78
CA ARG DA 110 -33.38 64.37 85.40
C ARG DA 110 -34.32 65.55 85.15
N ARG DA 111 -35.15 65.89 86.13
CA ARG DA 111 -35.96 67.10 86.05
C ARG DA 111 -35.09 68.35 85.97
N GLU DA 112 -34.05 68.43 86.79
CA GLU DA 112 -33.14 69.58 86.76
C GLU DA 112 -32.47 69.70 85.40
N ALA DA 113 -31.97 68.58 84.87
CA ALA DA 113 -31.36 68.59 83.55
C ALA DA 113 -32.36 69.01 82.48
N LYS DA 114 -33.60 68.53 82.58
CA LYS DA 114 -34.61 68.88 81.60
C LYS DA 114 -34.92 70.36 81.62
N VAL DA 115 -35.08 70.95 82.81
CA VAL DA 115 -35.47 72.36 82.86
C VAL DA 115 -34.32 73.25 82.40
N LYS DA 116 -33.08 72.91 82.77
CA LYS DA 116 -31.94 73.68 82.27
C LYS DA 116 -31.81 73.55 80.76
N PHE DA 117 -31.99 72.34 80.22
CA PHE DA 117 -31.89 72.13 78.78
C PHE DA 117 -32.99 72.90 78.04
N GLU DA 118 -34.18 72.95 78.61
CA GLU DA 118 -35.27 73.66 77.94
C GLU DA 118 -35.09 75.17 78.00
N GLU DA 119 -34.56 75.69 79.10
CA GLU DA 119 -34.32 77.14 79.11
C GLU DA 119 -33.16 77.53 78.22
N ARG DA 120 -32.17 76.65 78.06
CA ARG DA 120 -31.08 76.96 77.13
C ARG DA 120 -31.49 76.74 75.68
N TYR DA 121 -32.43 75.82 75.43
CA TYR DA 121 -32.93 75.64 74.08
C TYR DA 121 -33.63 76.90 73.57
N LYS DA 122 -34.36 77.57 74.46
CA LYS DA 122 -34.89 78.88 74.15
C LYS DA 122 -33.75 79.87 73.93
N THR DA 123 -34.08 81.02 73.34
CA THR DA 123 -33.17 82.07 72.91
C THR DA 123 -32.21 81.61 71.82
N GLY DA 124 -32.41 80.41 71.28
CA GLY DA 124 -31.70 79.98 70.07
C GLY DA 124 -30.20 79.87 70.21
N LYS DA 125 -29.71 79.53 71.38
CA LYS DA 125 -28.29 79.30 71.60
C LYS DA 125 -28.01 77.80 71.61
N ASN DA 126 -26.75 77.46 71.29
CA ASN DA 126 -26.30 76.06 71.25
C ASN DA 126 -27.18 75.22 70.34
N LYS DA 127 -27.45 75.74 69.13
CA LYS DA 127 -28.40 75.09 68.23
C LYS DA 127 -27.90 73.72 67.76
N TRP DA 128 -26.58 73.55 67.67
CA TRP DA 128 -26.05 72.24 67.27
C TRP DA 128 -26.32 71.20 68.35
N PHE DA 129 -26.30 71.60 69.61
CA PHE DA 129 -26.50 70.66 70.70
C PHE DA 129 -27.92 70.13 70.74
N PHE DA 130 -28.88 70.93 70.27
CA PHE DA 130 -30.28 70.57 70.37
C PHE DA 130 -30.86 70.01 69.08
N GLN DA 131 -30.03 69.78 68.06
CA GLN DA 131 -30.50 69.09 66.87
C GLN DA 131 -30.10 67.62 66.91
N LYS DA 132 -31.01 66.77 66.47
CA LYS DA 132 -30.76 65.34 66.44
C LYS DA 132 -29.71 65.01 65.37
N LEU DA 133 -28.74 64.18 65.75
CA LEU DA 133 -27.75 63.74 64.79
C LEU DA 133 -28.36 62.76 63.81
N ARG DA 134 -28.18 63.02 62.53
CA ARG DA 134 -28.76 62.19 61.48
C ARG DA 134 -27.73 61.19 61.00
N PHE DA 135 -27.90 59.93 61.39
CA PHE DA 135 -26.99 58.88 61.01
C PHE DA 135 -27.76 57.64 60.55
N PRO EA 1 -84.17 -7.80 -20.39
CA PRO EA 1 -84.29 -9.13 -19.79
C PRO EA 1 -82.94 -9.80 -19.61
N SER EA 2 -82.50 -9.93 -18.37
CA SER EA 2 -81.23 -10.59 -18.09
C SER EA 2 -81.28 -12.09 -18.33
N ARG EA 3 -82.48 -12.66 -18.51
CA ARG EA 3 -82.61 -14.09 -18.72
C ARG EA 3 -82.31 -14.51 -20.15
N LEU EA 4 -82.04 -13.56 -21.04
CA LEU EA 4 -81.76 -13.86 -22.44
C LEU EA 4 -80.32 -13.55 -22.84
N ARG EA 5 -79.42 -13.41 -21.88
CA ARG EA 5 -78.07 -12.98 -22.17
C ARG EA 5 -77.07 -14.11 -21.92
N LYS EA 6 -75.86 -13.88 -22.42
CA LYS EA 6 -74.79 -14.88 -22.34
C LYS EA 6 -74.40 -15.22 -20.91
N THR EA 7 -74.65 -14.32 -19.96
CA THR EA 7 -74.28 -14.58 -18.58
C THR EA 7 -75.00 -15.79 -18.01
N ARG EA 8 -76.22 -16.05 -18.48
CA ARG EA 8 -76.96 -17.21 -18.00
C ARG EA 8 -76.45 -18.51 -18.60
N LYS EA 9 -75.79 -18.44 -19.75
CA LYS EA 9 -75.23 -19.63 -20.37
C LYS EA 9 -73.78 -19.89 -20.00
N LEU EA 10 -73.10 -18.88 -19.45
CA LEU EA 10 -71.70 -19.02 -19.08
C LEU EA 10 -71.52 -19.48 -17.64
N ARG EA 11 -72.61 -19.84 -16.97
CA ARG EA 11 -72.50 -20.40 -15.62
C ARG EA 11 -71.93 -21.81 -15.69
N GLY EA 12 -70.89 -22.07 -14.92
CA GLY EA 12 -70.21 -23.34 -14.93
C GLY EA 12 -68.94 -23.38 -15.76
N HIS EA 13 -68.72 -22.38 -16.61
CA HIS EA 13 -67.49 -22.26 -17.38
C HIS EA 13 -66.59 -21.26 -16.68
N VAL EA 14 -65.39 -21.69 -16.32
CA VAL EA 14 -64.59 -20.97 -15.33
C VAL EA 14 -64.21 -19.57 -15.84
N SER EA 15 -63.91 -19.45 -17.12
CA SER EA 15 -63.34 -18.20 -17.63
C SER EA 15 -64.39 -17.18 -18.05
N HIS EA 16 -65.68 -17.56 -18.04
CA HIS EA 16 -66.78 -16.69 -18.44
C HIS EA 16 -66.59 -16.17 -19.86
N GLY EA 17 -66.09 -17.02 -20.75
CA GLY EA 17 -65.96 -16.67 -22.14
C GLY EA 17 -64.84 -15.70 -22.47
N HIS EA 18 -63.90 -15.48 -21.57
CA HIS EA 18 -62.79 -14.56 -21.81
C HIS EA 18 -61.45 -15.27 -21.90
N GLY EA 19 -61.43 -16.59 -21.90
CA GLY EA 19 -60.20 -17.31 -22.13
C GLY EA 19 -59.44 -17.61 -20.86
N ARG EA 20 -58.62 -18.65 -20.94
CA ARG EA 20 -57.77 -19.05 -19.82
C ARG EA 20 -56.39 -18.42 -19.89
N ILE EA 21 -55.91 -18.13 -21.09
CA ILE EA 21 -54.55 -17.64 -21.30
C ILE EA 21 -54.50 -16.13 -21.14
N GLY EA 22 -55.24 -15.42 -21.98
CA GLY EA 22 -55.20 -13.97 -21.96
C GLY EA 22 -56.02 -13.34 -20.86
N LYS EA 23 -56.97 -14.09 -20.29
CA LYS EA 23 -57.79 -13.64 -19.16
C LYS EA 23 -58.61 -12.41 -19.49
N HIS EA 24 -59.32 -11.88 -18.49
CA HIS EA 24 -60.03 -10.62 -18.61
C HIS EA 24 -59.43 -9.66 -17.58
N ARG EA 25 -58.42 -8.91 -17.99
CA ARG EA 25 -57.75 -7.97 -17.11
C ARG EA 25 -58.39 -6.59 -17.26
N LYS EA 26 -57.93 -5.65 -16.44
CA LYS EA 26 -58.57 -4.34 -16.33
C LYS EA 26 -58.54 -3.54 -17.62
N HIS EA 27 -57.36 -3.14 -18.07
CA HIS EA 27 -57.22 -2.31 -19.27
C HIS EA 27 -55.92 -2.64 -19.98
N PRO EA 28 -55.87 -3.76 -20.71
CA PRO EA 28 -54.71 -4.02 -21.57
C PRO EA 28 -54.80 -3.21 -22.85
N GLY EA 29 -53.83 -2.32 -23.05
CA GLY EA 29 -53.82 -1.44 -24.19
C GLY EA 29 -54.06 0.01 -23.86
N GLY EA 30 -54.64 0.31 -22.71
CA GLY EA 30 -54.87 1.67 -22.28
C GLY EA 30 -56.36 1.96 -22.12
N ARG EA 31 -56.63 3.18 -21.66
CA ARG EA 31 -57.98 3.63 -21.38
C ARG EA 31 -58.43 4.61 -22.46
N GLY EA 32 -59.64 4.39 -22.97
CA GLY EA 32 -60.15 5.28 -24.01
C GLY EA 32 -59.38 5.14 -25.29
N ASN EA 33 -59.12 6.27 -25.95
CA ASN EA 33 -58.35 6.29 -27.19
C ASN EA 33 -56.86 6.42 -26.91
N ALA EA 34 -56.35 5.55 -26.04
CA ALA EA 34 -54.95 5.59 -25.67
C ALA EA 34 -54.08 5.02 -26.78
N GLY EA 35 -52.93 5.65 -26.99
CA GLY EA 35 -51.99 5.16 -27.98
C GLY EA 35 -52.50 5.15 -29.40
N GLY EA 36 -53.30 6.15 -29.78
CA GLY EA 36 -53.77 6.22 -31.14
C GLY EA 36 -52.68 6.47 -32.17
N LEU EA 37 -51.50 6.90 -31.72
CA LEU EA 37 -50.37 7.11 -32.61
C LEU EA 37 -49.24 6.11 -32.36
N HIS EA 38 -49.31 5.32 -31.29
CA HIS EA 38 -48.18 4.47 -30.92
C HIS EA 38 -48.49 2.98 -31.07
N HIS EA 39 -49.46 2.45 -30.34
CA HIS EA 39 -49.73 1.02 -30.40
C HIS EA 39 -51.14 0.70 -30.91
N HIS EA 40 -52.00 1.70 -31.05
CA HIS EA 40 -53.26 1.53 -31.77
C HIS EA 40 -53.23 2.29 -33.09
N ARG EA 41 -52.03 2.54 -33.61
CA ARG EA 41 -51.88 3.36 -34.81
C ARG EA 41 -52.52 2.71 -36.02
N ILE EA 42 -52.38 1.39 -36.15
CA ILE EA 42 -52.87 0.71 -37.34
C ILE EA 42 -54.38 0.84 -37.44
N ASN EA 43 -55.08 0.66 -36.31
CA ASN EA 43 -56.54 0.80 -36.33
C ASN EA 43 -56.97 2.20 -36.70
N PHE EA 44 -56.30 3.22 -36.13
CA PHE EA 44 -56.66 4.60 -36.41
C PHE EA 44 -56.39 4.97 -37.86
N ASP EA 45 -55.25 4.55 -38.40
CA ASP EA 45 -54.95 4.83 -39.80
C ASP EA 45 -55.87 4.05 -40.73
N LYS EA 46 -56.24 2.82 -40.36
CA LYS EA 46 -57.04 1.99 -41.24
C LYS EA 46 -58.49 2.45 -41.30
N TYR EA 47 -59.05 2.83 -40.15
CA TYR EA 47 -60.48 3.11 -40.08
C TYR EA 47 -60.82 4.58 -39.88
N HIS EA 48 -59.90 5.40 -39.41
CA HIS EA 48 -60.14 6.83 -39.20
C HIS EA 48 -59.00 7.66 -39.79
N PRO EA 49 -58.85 7.68 -41.12
CA PRO EA 49 -57.85 8.57 -41.72
C PRO EA 49 -58.27 10.02 -41.56
N GLY EA 50 -57.27 10.88 -41.42
CA GLY EA 50 -57.53 12.29 -41.19
C GLY EA 50 -57.73 12.67 -39.74
N TYR EA 51 -57.56 11.73 -38.81
CA TYR EA 51 -57.94 11.98 -37.42
C TYR EA 51 -57.00 12.98 -36.75
N PHE EA 52 -55.72 12.96 -37.07
CA PHE EA 52 -54.72 13.76 -36.40
C PHE EA 52 -54.35 14.99 -37.21
N GLY EA 53 -54.30 16.14 -36.57
CA GLY EA 53 -53.82 17.36 -37.19
C GLY EA 53 -54.94 18.36 -37.42
N LYS EA 54 -54.52 19.58 -37.72
CA LYS EA 54 -55.42 20.69 -38.02
C LYS EA 54 -55.49 20.90 -39.52
N VAL EA 55 -56.66 21.37 -39.98
CA VAL EA 55 -56.87 21.75 -41.37
C VAL EA 55 -57.83 22.93 -41.39
N GLY EA 56 -57.45 23.99 -42.09
CA GLY EA 56 -58.35 25.08 -42.38
C GLY EA 56 -58.27 26.22 -41.37
N MET EA 57 -59.20 27.16 -41.55
CA MET EA 57 -59.26 28.38 -40.76
C MET EA 57 -60.24 28.20 -39.62
N LYS EA 58 -59.84 28.63 -38.42
CA LYS EA 58 -60.78 28.62 -37.31
C LYS EA 58 -61.53 29.95 -37.25
N HIS EA 59 -62.79 29.87 -36.84
CA HIS EA 59 -63.69 31.02 -36.83
C HIS EA 59 -64.38 31.07 -35.47
N TYR EA 60 -63.96 32.00 -34.63
CA TYR EA 60 -64.55 32.14 -33.30
C TYR EA 60 -65.98 32.64 -33.39
N HIS EA 61 -66.80 32.19 -32.44
CA HIS EA 61 -68.20 32.61 -32.32
C HIS EA 61 -68.97 32.34 -33.61
N LEU EA 62 -69.05 31.07 -33.96
CA LEU EA 62 -69.88 30.67 -35.09
C LEU EA 62 -71.34 30.72 -34.69
N LYS EA 63 -72.15 31.42 -35.48
CA LYS EA 63 -73.59 31.48 -35.28
C LYS EA 63 -74.24 30.70 -36.41
N ARG EA 64 -74.81 29.55 -36.06
CA ARG EA 64 -75.40 28.67 -37.07
C ARG EA 64 -76.58 29.33 -37.77
N ASN EA 65 -77.24 30.28 -37.12
CA ASN EA 65 -78.42 30.90 -37.70
C ASN EA 65 -78.07 31.76 -38.90
N GLN EA 66 -76.87 32.34 -38.93
CA GLN EA 66 -76.47 33.21 -40.03
C GLN EA 66 -76.41 32.44 -41.35
N SER EA 67 -75.87 31.22 -41.31
CA SER EA 67 -75.71 30.40 -42.51
C SER EA 67 -76.91 29.51 -42.78
N PHE EA 68 -78.02 29.72 -42.06
CA PHE EA 68 -79.21 28.92 -42.27
C PHE EA 68 -79.78 29.17 -43.65
N CYS EA 69 -79.69 28.16 -44.50
CA CYS EA 69 -80.21 28.25 -45.86
C CYS EA 69 -80.68 26.87 -46.32
N PRO EA 70 -81.86 26.44 -45.90
CA PRO EA 70 -82.39 25.15 -46.36
C PRO EA 70 -82.71 25.17 -47.84
N THR EA 71 -82.51 24.02 -48.48
CA THR EA 71 -82.61 23.90 -49.92
C THR EA 71 -83.71 22.92 -50.29
N VAL EA 72 -84.31 23.13 -51.46
CA VAL EA 72 -85.31 22.24 -52.03
C VAL EA 72 -84.94 21.99 -53.49
N ASN EA 73 -85.14 20.77 -53.95
CA ASN EA 73 -84.84 20.40 -55.32
C ASN EA 73 -86.07 20.56 -56.20
N LEU EA 74 -85.84 20.67 -57.50
CA LEU EA 74 -86.93 20.89 -58.43
C LEU EA 74 -87.88 19.70 -58.53
N ASP EA 75 -87.39 18.49 -58.25
CA ASP EA 75 -88.26 17.32 -58.32
C ASP EA 75 -89.32 17.34 -57.22
N LYS EA 76 -88.99 17.91 -56.07
CA LYS EA 76 -89.94 18.03 -54.96
C LYS EA 76 -90.64 19.39 -54.94
N LEU EA 77 -90.44 20.21 -55.97
CA LEU EA 77 -90.93 21.59 -55.92
C LEU EA 77 -92.45 21.67 -55.88
N TRP EA 78 -93.12 20.84 -56.68
CA TRP EA 78 -94.57 20.91 -56.78
C TRP EA 78 -95.30 20.33 -55.59
N THR EA 79 -94.58 19.68 -54.67
CA THR EA 79 -95.21 19.17 -53.46
C THR EA 79 -95.49 20.25 -52.43
N LEU EA 80 -94.90 21.44 -52.60
CA LEU EA 80 -95.10 22.52 -51.65
C LEU EA 80 -96.48 23.15 -51.75
N VAL EA 81 -97.16 22.99 -52.87
CA VAL EA 81 -98.52 23.52 -53.03
C VAL EA 81 -99.50 22.37 -53.06
N SER EA 82 -100.78 22.67 -52.95
CA SER EA 82 -101.80 21.64 -52.94
C SER EA 82 -101.96 21.03 -54.33
N GLU EA 83 -102.52 19.81 -54.36
CA GLU EA 83 -102.77 19.14 -55.63
C GLU EA 83 -103.80 19.91 -56.45
N GLN EA 84 -104.75 20.55 -55.79
CA GLN EA 84 -105.71 21.40 -56.47
C GLN EA 84 -105.02 22.48 -57.29
N THR EA 85 -103.95 23.06 -56.73
CA THR EA 85 -103.22 24.10 -57.45
C THR EA 85 -102.64 23.57 -58.76
N ARG EA 86 -101.98 22.41 -58.70
CA ARG EA 86 -101.33 21.89 -59.89
C ARG EA 86 -102.36 21.45 -60.94
N VAL EA 87 -103.45 20.80 -60.51
CA VAL EA 87 -104.43 20.36 -61.49
C VAL EA 87 -105.15 21.54 -62.11
N ASN EA 88 -105.43 22.58 -61.32
CA ASN EA 88 -106.07 23.77 -61.86
C ASN EA 88 -105.16 24.49 -62.84
N ALA EA 89 -103.85 24.54 -62.54
CA ALA EA 89 -102.90 25.13 -63.48
C ALA EA 89 -102.82 24.31 -64.76
N ALA EA 90 -102.85 22.97 -64.64
CA ALA EA 90 -102.77 22.12 -65.81
C ALA EA 90 -103.98 22.28 -66.71
N LYS EA 91 -105.18 22.35 -66.13
CA LYS EA 91 -106.41 22.41 -66.91
C LYS EA 91 -106.81 23.82 -67.30
N ASN EA 92 -106.06 24.83 -66.87
CA ASN EA 92 -106.42 26.21 -67.18
C ASN EA 92 -106.18 26.52 -68.64
N LYS EA 93 -107.20 27.06 -69.31
CA LYS EA 93 -107.05 27.48 -70.69
C LYS EA 93 -106.12 28.68 -70.80
N THR EA 94 -106.25 29.63 -69.88
CA THR EA 94 -105.35 30.77 -69.85
C THR EA 94 -103.96 30.34 -69.39
N GLY EA 95 -102.96 31.13 -69.77
CA GLY EA 95 -101.59 30.82 -69.43
C GLY EA 95 -101.17 31.30 -68.06
N ALA EA 96 -102.13 31.42 -67.14
CA ALA EA 96 -101.83 31.87 -65.79
C ALA EA 96 -101.03 30.80 -65.06
N ALA EA 97 -99.93 31.21 -64.44
CA ALA EA 97 -99.06 30.28 -63.74
C ALA EA 97 -99.20 30.45 -62.24
N PRO EA 98 -99.31 29.36 -61.50
CA PRO EA 98 -99.38 29.47 -60.03
C PRO EA 98 -98.05 29.92 -59.46
N ILE EA 99 -98.12 30.51 -58.27
CA ILE EA 99 -96.95 31.05 -57.59
C ILE EA 99 -96.57 30.11 -56.46
N ILE EA 100 -95.31 29.68 -56.44
CA ILE EA 100 -94.78 28.84 -55.38
C ILE EA 100 -93.75 29.65 -54.61
N ASP EA 101 -94.04 29.93 -53.34
CA ASP EA 101 -93.14 30.68 -52.47
C ASP EA 101 -92.51 29.67 -51.52
N VAL EA 102 -91.27 29.30 -51.81
CA VAL EA 102 -90.63 28.25 -51.02
C VAL EA 102 -90.23 28.74 -49.64
N VAL EA 103 -90.08 30.05 -49.46
CA VAL EA 103 -89.75 30.59 -48.14
C VAL EA 103 -90.91 30.39 -47.19
N ARG EA 104 -92.14 30.48 -47.69
CA ARG EA 104 -93.31 30.18 -46.86
C ARG EA 104 -93.30 28.71 -46.46
N SER EA 105 -92.81 27.83 -47.33
CA SER EA 105 -92.72 26.42 -47.01
C SER EA 105 -91.48 26.07 -46.21
N GLY EA 106 -90.59 27.04 -45.97
CA GLY EA 106 -89.43 26.82 -45.14
C GLY EA 106 -88.13 26.55 -45.87
N TYR EA 107 -88.00 26.95 -47.13
CA TYR EA 107 -86.79 26.75 -47.90
C TYR EA 107 -86.29 28.09 -48.43
N TYR EA 108 -84.97 28.27 -48.45
CA TYR EA 108 -84.40 29.52 -48.93
C TYR EA 108 -83.77 29.41 -50.30
N LYS EA 109 -83.17 28.28 -50.64
CA LYS EA 109 -82.52 28.08 -51.93
C LYS EA 109 -83.24 27.00 -52.71
N VAL EA 110 -83.39 27.22 -54.02
CA VAL EA 110 -83.95 26.23 -54.92
C VAL EA 110 -82.80 25.61 -55.70
N LEU EA 111 -82.70 24.30 -55.64
CA LEU EA 111 -81.67 23.55 -56.36
C LEU EA 111 -82.30 22.81 -57.54
N GLY EA 112 -81.46 22.41 -58.48
CA GLY EA 112 -81.95 21.97 -59.77
C GLY EA 112 -81.99 20.48 -60.02
N LYS EA 113 -81.98 19.66 -58.98
CA LYS EA 113 -82.05 18.22 -59.19
C LYS EA 113 -83.45 17.80 -59.60
N GLY EA 114 -83.53 16.93 -60.60
CA GLY EA 114 -84.80 16.48 -61.11
C GLY EA 114 -85.23 17.26 -62.34
N LYS EA 115 -86.48 17.02 -62.75
CA LYS EA 115 -87.07 17.72 -63.87
C LYS EA 115 -88.45 18.22 -63.48
N LEU EA 116 -88.93 19.19 -64.21
CA LEU EA 116 -90.23 19.79 -63.94
C LEU EA 116 -91.27 19.30 -64.93
N PRO EA 117 -92.54 19.24 -64.52
CA PRO EA 117 -93.62 19.04 -65.49
C PRO EA 117 -93.72 20.22 -66.43
N LYS EA 118 -94.14 19.93 -67.66
CA LYS EA 118 -94.19 20.93 -68.72
C LYS EA 118 -95.39 21.85 -68.50
N GLN EA 119 -95.22 22.78 -67.55
CA GLN EA 119 -96.20 23.84 -67.34
C GLN EA 119 -95.56 24.99 -66.60
N PRO EA 120 -95.90 26.24 -66.90
CA PRO EA 120 -95.23 27.38 -66.27
C PRO EA 120 -95.59 27.50 -64.80
N VAL EA 121 -94.69 28.13 -64.04
CA VAL EA 121 -94.88 28.35 -62.62
C VAL EA 121 -93.91 29.44 -62.18
N ILE EA 122 -94.38 30.33 -61.32
CA ILE EA 122 -93.54 31.37 -60.73
C ILE EA 122 -93.00 30.86 -59.39
N VAL EA 123 -91.70 30.95 -59.22
CA VAL EA 123 -91.02 30.43 -58.03
C VAL EA 123 -90.41 31.61 -57.29
N LYS EA 124 -90.79 31.77 -56.03
CA LYS EA 124 -90.27 32.83 -55.18
C LYS EA 124 -89.27 32.22 -54.20
N ALA EA 125 -88.03 32.67 -54.26
CA ALA EA 125 -86.99 32.13 -53.40
C ALA EA 125 -85.93 33.18 -53.14
N LYS EA 126 -85.17 32.97 -52.06
CA LYS EA 126 -84.07 33.88 -51.75
C LYS EA 126 -82.92 33.68 -52.73
N PHE EA 127 -82.54 32.43 -52.99
CA PHE EA 127 -81.44 32.12 -53.88
C PHE EA 127 -81.87 31.05 -54.87
N PHE EA 128 -81.19 31.02 -56.00
CA PHE EA 128 -81.40 30.01 -57.03
C PHE EA 128 -80.06 29.48 -57.50
N SER EA 129 -80.04 28.21 -57.89
CA SER EA 129 -78.89 27.71 -58.62
C SER EA 129 -79.09 27.97 -60.10
N ARG EA 130 -77.98 27.92 -60.85
CA ARG EA 130 -78.03 28.24 -62.27
C ARG EA 130 -78.91 27.25 -63.03
N ARG EA 131 -78.75 25.96 -62.75
CA ARG EA 131 -79.52 24.95 -63.47
C ARG EA 131 -80.97 24.95 -63.06
N ALA EA 132 -81.27 25.27 -61.81
CA ALA EA 132 -82.67 25.41 -61.40
C ALA EA 132 -83.35 26.54 -62.15
N GLU EA 133 -82.68 27.68 -62.28
CA GLU EA 133 -83.21 28.79 -63.07
C GLU EA 133 -83.38 28.38 -64.52
N GLU EA 134 -82.41 27.68 -65.08
CA GLU EA 134 -82.50 27.25 -66.48
C GLU EA 134 -83.69 26.32 -66.69
N LYS EA 135 -83.88 25.36 -65.81
CA LYS EA 135 -85.00 24.42 -65.94
C LYS EA 135 -86.34 25.10 -65.73
N ILE EA 136 -86.41 26.09 -64.83
CA ILE EA 136 -87.67 26.80 -64.63
C ILE EA 136 -87.99 27.65 -65.85
N LYS EA 137 -86.98 28.29 -66.44
CA LYS EA 137 -87.20 29.04 -67.67
C LYS EA 137 -87.57 28.12 -68.83
N SER EA 138 -87.11 26.87 -68.80
CA SER EA 138 -87.38 25.94 -69.89
C SER EA 138 -88.87 25.62 -70.00
N VAL EA 139 -89.56 25.53 -68.87
CA VAL EA 139 -90.98 25.18 -68.90
C VAL EA 139 -91.81 26.45 -68.99
N GLY EA 140 -91.17 27.58 -69.26
CA GLY EA 140 -91.88 28.84 -69.38
C GLY EA 140 -92.20 29.52 -68.07
N GLY EA 141 -91.55 29.12 -66.98
CA GLY EA 141 -91.76 29.74 -65.69
C GLY EA 141 -90.91 30.98 -65.51
N ALA EA 142 -90.99 31.54 -64.31
CA ALA EA 142 -90.20 32.70 -63.93
C ALA EA 142 -89.61 32.51 -62.55
N CYS EA 143 -88.39 32.99 -62.37
CA CYS EA 143 -87.73 33.00 -61.07
C CYS EA 143 -87.68 34.43 -60.57
N VAL EA 144 -88.24 34.66 -59.39
CA VAL EA 144 -88.27 35.98 -58.78
C VAL EA 144 -87.70 35.87 -57.37
N LEU EA 145 -87.03 36.94 -56.94
CA LEU EA 145 -86.27 36.93 -55.70
C LEU EA 145 -87.04 37.62 -54.59
N VAL EA 146 -86.98 37.04 -53.40
CA VAL EA 146 -87.51 37.65 -52.19
C VAL EA 146 -86.35 37.91 -51.24
N ALA EA 147 -86.61 38.72 -50.22
CA ALA EA 147 -85.57 39.03 -49.26
C ALA EA 147 -85.99 38.62 -47.85
N ALA FA 1 -37.57 -14.68 -20.88
CA ALA FA 1 -36.35 -14.20 -21.52
C ALA FA 1 -36.44 -14.36 -23.03
N LYS FA 2 -35.60 -15.22 -23.59
CA LYS FA 2 -35.62 -15.45 -25.01
C LYS FA 2 -36.83 -16.31 -25.40
N SER FA 3 -37.29 -16.12 -26.62
CA SER FA 3 -38.48 -16.79 -27.12
C SER FA 3 -38.29 -17.07 -28.60
N LYS FA 4 -39.25 -17.78 -29.19
CA LYS FA 4 -39.18 -18.12 -30.61
C LYS FA 4 -39.23 -16.87 -31.47
N ASN FA 5 -38.46 -16.90 -32.55
CA ASN FA 5 -38.23 -15.74 -33.40
C ASN FA 5 -39.20 -15.65 -34.57
N HIS FA 6 -39.30 -16.70 -35.37
CA HIS FA 6 -40.14 -16.70 -36.55
C HIS FA 6 -40.38 -18.14 -36.98
N THR FA 7 -41.56 -18.40 -37.52
CA THR FA 7 -41.83 -19.68 -38.16
C THR FA 7 -42.98 -19.52 -39.13
N THR FA 8 -42.99 -20.37 -40.16
CA THR FA 8 -44.13 -20.51 -41.05
C THR FA 8 -44.85 -21.84 -40.85
N HIS FA 9 -44.54 -22.54 -39.76
CA HIS FA 9 -45.22 -23.77 -39.43
C HIS FA 9 -46.70 -23.48 -39.17
N ASN FA 10 -47.56 -24.39 -39.65
CA ASN FA 10 -49.01 -24.35 -39.48
C ASN FA 10 -49.65 -23.25 -40.31
N GLN FA 11 -48.83 -22.45 -41.01
CA GLN FA 11 -49.39 -21.37 -41.81
C GLN FA 11 -50.05 -21.89 -43.07
N SER FA 12 -49.47 -22.92 -43.70
CA SER FA 12 -50.06 -23.47 -44.91
C SER FA 12 -51.41 -24.12 -44.63
N ARG FA 13 -51.54 -24.79 -43.49
CA ARG FA 13 -52.80 -25.38 -43.09
C ARG FA 13 -53.88 -24.31 -42.91
N LYS FA 14 -53.51 -23.20 -42.27
CA LYS FA 14 -54.42 -22.08 -42.11
C LYS FA 14 -54.81 -21.49 -43.45
N TRP FA 15 -53.85 -21.37 -44.36
CA TRP FA 15 -54.14 -20.84 -45.69
C TRP FA 15 -55.11 -21.73 -46.44
N HIS FA 16 -54.95 -23.03 -46.34
CA HIS FA 16 -55.78 -23.96 -47.08
C HIS FA 16 -57.08 -24.33 -46.39
N ARG FA 17 -57.31 -23.88 -45.16
CA ARG FA 17 -58.57 -24.20 -44.51
C ARG FA 17 -59.76 -23.58 -45.24
N ASN FA 18 -59.65 -22.31 -45.63
CA ASN FA 18 -60.66 -21.67 -46.45
C ASN FA 18 -60.30 -21.65 -47.93
N GLY FA 19 -59.25 -22.36 -48.31
CA GLY FA 19 -58.84 -22.45 -49.70
C GLY FA 19 -58.12 -21.21 -50.18
N ILE FA 20 -57.09 -21.39 -51.01
CA ILE FA 20 -56.37 -20.28 -51.61
C ILE FA 20 -57.06 -20.01 -52.94
N LYS FA 21 -58.09 -19.17 -52.89
CA LYS FA 21 -58.93 -18.93 -54.06
C LYS FA 21 -58.25 -17.98 -55.03
N LYS FA 22 -58.29 -18.34 -56.30
CA LYS FA 22 -57.78 -17.49 -57.36
C LYS FA 22 -58.65 -16.25 -57.48
N PRO FA 23 -58.12 -15.16 -58.03
CA PRO FA 23 -58.94 -13.95 -58.23
C PRO FA 23 -60.10 -14.26 -59.17
N ARG FA 24 -61.22 -13.59 -58.91
CA ARG FA 24 -62.44 -13.81 -59.70
C ARG FA 24 -62.25 -13.22 -61.08
N SER FA 25 -61.86 -14.06 -62.04
CA SER FA 25 -61.70 -13.63 -63.42
C SER FA 25 -63.09 -13.38 -64.01
N GLN FA 26 -63.37 -12.13 -64.33
CA GLN FA 26 -64.68 -11.71 -64.77
C GLN FA 26 -64.54 -10.89 -66.04
N ARG FA 27 -65.54 -10.97 -66.91
CA ARG FA 27 -65.55 -10.21 -68.14
C ARG FA 27 -65.43 -8.71 -67.86
N TYR FA 28 -64.93 -7.98 -68.87
CA TYR FA 28 -64.82 -6.52 -68.81
C TYR FA 28 -63.93 -6.08 -67.65
N GLU FA 29 -62.63 -6.36 -67.80
CA GLU FA 29 -61.65 -5.83 -66.87
C GLU FA 29 -61.72 -4.30 -66.83
N SER FA 30 -61.32 -3.73 -65.70
CA SER FA 30 -61.29 -2.29 -65.56
C SER FA 30 -60.20 -1.68 -66.43
N LEU FA 31 -60.39 -0.41 -66.79
CA LEU FA 31 -59.43 0.33 -67.58
C LEU FA 31 -58.45 1.11 -66.72
N LYS FA 32 -58.16 0.62 -65.53
CA LYS FA 32 -57.26 1.32 -64.63
C LYS FA 32 -55.81 1.10 -65.05
N GLY FA 33 -55.06 2.19 -65.15
CA GLY FA 33 -53.66 2.12 -65.52
C GLY FA 33 -53.40 2.06 -67.01
N VAL FA 34 -54.42 2.05 -67.84
CA VAL FA 34 -54.24 2.08 -69.29
C VAL FA 34 -53.76 3.47 -69.69
N ASP FA 35 -53.06 3.54 -70.83
CA ASP FA 35 -52.45 4.77 -71.32
C ASP FA 35 -53.50 5.86 -71.46
N PRO FA 36 -53.35 7.00 -70.80
CA PRO FA 36 -54.40 8.05 -70.87
C PRO FA 36 -54.65 8.58 -72.25
N LYS FA 37 -53.64 8.66 -73.11
CA LYS FA 37 -53.86 9.07 -74.49
C LYS FA 37 -54.75 8.08 -75.22
N PHE FA 38 -54.44 6.79 -75.08
CA PHE FA 38 -55.28 5.75 -75.66
C PHE FA 38 -56.67 5.75 -75.05
N LEU FA 39 -56.76 5.99 -73.73
CA LEU FA 39 -58.06 6.03 -73.08
C LEU FA 39 -58.92 7.17 -73.59
N ARG FA 40 -58.35 8.36 -73.77
CA ARG FA 40 -59.18 9.48 -74.21
C ARG FA 40 -59.54 9.33 -75.68
N ASN FA 41 -58.68 8.74 -76.50
CA ASN FA 41 -59.09 8.46 -77.87
C ASN FA 41 -60.17 7.39 -77.90
N MET FA 42 -60.10 6.41 -77.00
CA MET FA 42 -61.14 5.40 -76.89
C MET FA 42 -62.46 6.02 -76.49
N ARG FA 43 -62.42 6.99 -75.57
CA ARG FA 43 -63.62 7.71 -75.18
C ARG FA 43 -64.18 8.50 -76.34
N PHE FA 44 -63.33 9.14 -77.14
CA PHE FA 44 -63.79 9.86 -78.32
C PHE FA 44 -64.42 8.92 -79.32
N ALA FA 45 -63.82 7.74 -79.53
CA ALA FA 45 -64.38 6.76 -80.44
C ALA FA 45 -65.74 6.28 -79.97
N LYS FA 46 -65.87 6.04 -78.67
CA LYS FA 46 -67.16 5.61 -78.12
C LYS FA 46 -68.23 6.69 -78.27
N LYS FA 47 -67.83 7.95 -78.08
CA LYS FA 47 -68.80 9.04 -78.09
C LYS FA 47 -69.43 9.20 -79.47
N HIS FA 48 -68.65 9.00 -80.52
CA HIS FA 48 -69.12 9.23 -81.88
C HIS FA 48 -69.63 7.97 -82.56
N ASN FA 49 -69.87 6.90 -81.79
CA ASN FA 49 -70.56 5.74 -82.35
C ASN FA 49 -72.00 6.07 -82.73
N LYS FA 50 -72.54 7.17 -82.21
CA LYS FA 50 -73.89 7.58 -82.54
C LYS FA 50 -74.04 7.86 -84.03
N LYS FA 51 -73.15 8.69 -84.59
CA LYS FA 51 -73.13 8.87 -86.02
C LYS FA 51 -72.63 7.60 -86.70
N GLY FA 52 -73.07 7.39 -87.93
CA GLY FA 52 -72.84 6.12 -88.59
C GLY FA 52 -73.80 5.03 -88.17
N LEU FA 53 -74.80 5.34 -87.34
CA LEU FA 53 -75.80 4.36 -86.97
C LEU FA 53 -76.70 4.02 -88.16
N LYS FA 54 -77.05 5.02 -88.97
CA LYS FA 54 -77.90 4.77 -90.13
C LYS FA 54 -77.20 3.87 -91.14
N LYS FA 55 -75.93 4.14 -91.42
CA LYS FA 55 -75.17 3.28 -92.32
C LYS FA 55 -75.04 1.87 -91.74
N MET FA 56 -74.84 1.78 -90.43
CA MET FA 56 -74.72 0.49 -89.77
C MET FA 56 -75.99 -0.33 -89.92
N GLN FA 57 -77.15 0.29 -89.65
CA GLN FA 57 -78.40 -0.45 -89.76
C GLN FA 57 -78.76 -0.77 -91.20
N ALA FA 58 -78.40 0.12 -92.14
CA ALA FA 58 -78.62 -0.20 -93.55
C ALA FA 58 -77.79 -1.39 -93.98
N ASN FA 59 -76.51 -1.43 -93.57
CA ASN FA 59 -75.66 -2.57 -93.90
C ASN FA 59 -76.17 -3.84 -93.26
N ASN FA 60 -76.62 -3.76 -92.00
CA ASN FA 60 -77.16 -4.94 -91.33
C ASN FA 60 -78.42 -5.44 -92.03
N ALA FA 61 -79.29 -4.52 -92.44
CA ALA FA 61 -80.52 -4.91 -93.13
C ALA FA 61 -80.21 -5.57 -94.47
N LYS FA 62 -79.29 -4.99 -95.26
CA LYS FA 62 -79.00 -5.59 -96.56
C LYS FA 62 -78.30 -6.93 -96.41
N ALA FA 63 -77.41 -7.06 -95.42
CA ALA FA 63 -76.77 -8.35 -95.18
C ALA FA 63 -77.78 -9.40 -94.74
N MET FA 64 -78.72 -9.02 -93.86
CA MET FA 64 -79.77 -9.94 -93.43
C MET FA 64 -80.64 -10.37 -94.60
N SER FA 65 -81.00 -9.42 -95.47
CA SER FA 65 -81.82 -9.74 -96.63
C SER FA 65 -81.09 -10.67 -97.58
N ALA FA 66 -79.81 -10.40 -97.84
CA ALA FA 66 -79.03 -11.25 -98.72
C ALA FA 66 -78.90 -12.66 -98.15
N ARG FA 67 -78.61 -12.77 -96.85
CA ARG FA 67 -78.48 -14.07 -96.22
C ARG FA 67 -79.80 -14.83 -96.25
N ALA FA 68 -80.91 -14.14 -95.97
CA ALA FA 68 -82.21 -14.81 -95.96
C ALA FA 68 -82.62 -15.28 -97.35
N GLU FA 69 -82.36 -14.46 -98.38
CA GLU FA 69 -82.74 -14.87 -99.73
C GLU FA 69 -81.79 -15.93 -100.27
N ALA FA 70 -80.57 -16.02 -99.73
CA ALA FA 70 -79.70 -17.13 -100.09
C ALA FA 70 -80.13 -18.42 -99.39
N ILE FA 71 -80.58 -18.31 -98.14
CA ILE FA 71 -81.01 -19.49 -97.39
C ILE FA 71 -82.31 -20.05 -97.97
N LYS FA 72 -83.29 -19.18 -98.21
CA LYS FA 72 -84.56 -19.63 -98.78
C LYS FA 72 -84.46 -20.04 -100.23
N ALA FA 73 -83.33 -19.78 -100.88
CA ALA FA 73 -83.14 -20.20 -102.27
C ALA FA 73 -82.93 -21.70 -102.35
N LEU FA 74 -84.00 -22.46 -102.57
CA LEU FA 74 -83.93 -23.90 -102.74
C LEU FA 74 -84.41 -24.28 -104.12
N VAL FA 75 -83.66 -25.19 -104.76
CA VAL FA 75 -83.93 -25.75 -106.10
C VAL FA 75 -84.50 -24.74 -107.09
N VAL FA 76 -82.87 -56.35 -92.00
CA VAL FA 76 -82.76 -57.62 -91.31
C VAL FA 76 -83.62 -57.62 -90.05
N SER FA 77 -83.52 -58.69 -89.27
CA SER FA 77 -84.34 -58.87 -88.08
C SER FA 77 -83.74 -58.14 -86.87
N ARG FA 78 -82.51 -58.49 -86.49
CA ARG FA 78 -81.78 -57.84 -85.40
C ARG FA 78 -82.58 -57.89 -84.11
N LYS FA 79 -82.68 -59.12 -83.59
CA LYS FA 79 -83.55 -59.44 -82.45
C LYS FA 79 -83.43 -58.45 -81.31
N LEU FA 80 -82.21 -58.08 -80.93
CA LEU FA 80 -82.03 -57.21 -79.77
C LEU FA 80 -82.52 -55.80 -80.07
N ASP FA 81 -82.24 -55.29 -81.26
CA ASP FA 81 -82.75 -53.97 -81.65
C ASP FA 81 -84.28 -53.98 -81.74
N ARG FA 82 -84.86 -55.06 -82.27
CA ARG FA 82 -86.30 -55.18 -82.32
C ARG FA 82 -86.91 -55.17 -80.93
N LEU FA 83 -86.31 -55.89 -79.98
CA LEU FA 83 -86.82 -55.92 -78.62
C LEU FA 83 -86.71 -54.54 -77.96
N ALA FA 84 -85.60 -53.84 -78.19
CA ALA FA 84 -85.46 -52.49 -77.67
C ALA FA 84 -86.51 -51.56 -78.26
N TYR FA 85 -86.82 -51.72 -79.54
CA TYR FA 85 -87.87 -50.93 -80.17
C TYR FA 85 -89.24 -51.21 -79.56
N ILE FA 86 -89.54 -52.50 -79.34
CA ILE FA 86 -90.83 -52.87 -78.76
C ILE FA 86 -90.96 -52.33 -77.34
N ALA FA 87 -89.87 -52.38 -76.57
CA ALA FA 87 -89.91 -51.91 -75.20
C ALA FA 87 -90.04 -50.40 -75.08
N HIS FA 88 -89.93 -49.65 -76.17
CA HIS FA 88 -90.06 -48.21 -76.12
C HIS FA 88 -91.50 -47.84 -75.77
N PRO FA 89 -91.71 -46.91 -74.83
CA PRO FA 89 -93.09 -46.59 -74.41
C PRO FA 89 -93.96 -46.02 -75.52
N LYS FA 90 -93.37 -45.35 -76.51
CA LYS FA 90 -94.14 -44.74 -77.59
C LYS FA 90 -93.99 -45.48 -78.91
N LEU FA 91 -92.77 -45.84 -79.29
CA LEU FA 91 -92.55 -46.48 -80.57
C LEU FA 91 -93.06 -47.92 -80.59
N GLY FA 92 -92.95 -48.63 -79.48
CA GLY FA 92 -93.36 -50.01 -79.40
C GLY FA 92 -94.78 -50.24 -78.92
N LYS FA 93 -95.60 -49.19 -78.89
CA LYS FA 93 -96.98 -49.31 -78.41
C LYS FA 93 -97.79 -50.25 -79.30
N ARG FA 94 -97.79 -49.99 -80.60
CA ARG FA 94 -98.61 -50.79 -81.51
C ARG FA 94 -98.07 -52.20 -81.67
N ALA FA 95 -96.74 -52.36 -81.59
CA ALA FA 95 -96.14 -53.69 -81.69
C ALA FA 95 -96.58 -54.57 -80.52
N ARG FA 96 -96.54 -54.02 -79.30
CA ARG FA 96 -96.95 -54.84 -78.17
C ARG FA 96 -98.46 -55.02 -78.13
N ALA FA 97 -99.23 -54.08 -78.67
CA ALA FA 97 -100.65 -54.34 -78.87
C ALA FA 97 -100.87 -55.50 -79.82
N ARG FA 98 -100.09 -55.55 -80.91
CA ARG FA 98 -100.17 -56.65 -81.86
C ARG FA 98 -99.87 -57.99 -81.17
N ILE FA 99 -98.79 -58.05 -80.40
CA ILE FA 99 -98.44 -59.34 -79.81
C ILE FA 99 -99.40 -59.69 -78.67
N ALA FA 100 -100.03 -58.69 -78.05
CA ALA FA 100 -101.07 -58.98 -77.07
C ALA FA 100 -102.28 -59.62 -77.71
N LYS FA 101 -102.77 -59.03 -78.82
CA LYS FA 101 -103.86 -59.65 -79.55
C LYS FA 101 -103.46 -61.02 -80.08
N GLY FA 102 -102.19 -61.20 -80.40
CA GLY FA 102 -101.70 -62.52 -80.77
C GLY FA 102 -101.80 -63.52 -79.63
N LEU FA 103 -101.47 -63.08 -78.41
CA LEU FA 103 -101.60 -63.95 -77.25
C LEU FA 103 -103.06 -64.28 -76.97
N ARG FA 104 -103.97 -63.37 -77.29
CA ARG FA 104 -105.37 -63.57 -76.94
C ARG FA 104 -106.12 -64.38 -78.00
N LEU FA 105 -106.17 -63.88 -79.23
CA LEU FA 105 -107.00 -64.48 -80.27
C LEU FA 105 -106.37 -65.75 -80.82
N CYS FA 106 -107.23 -66.70 -81.18
CA CYS FA 106 -106.83 -67.92 -81.89
C CYS FA 106 -107.74 -68.11 -83.09
N ARG FA 107 -107.15 -68.31 -84.27
CA ARG FA 107 -107.90 -68.44 -85.51
C ARG FA 107 -107.27 -69.51 -86.38
N PRO FA 108 -108.07 -70.23 -87.15
CA PRO FA 108 -107.54 -71.27 -88.04
C PRO FA 108 -106.92 -70.66 -89.28
N LYS FA 109 -106.31 -71.53 -90.09
CA LYS FA 109 -105.65 -71.15 -91.36
C LYS FA 109 -104.57 -70.10 -91.16
N LYS GA 1 14.81 59.81 51.54
CA LYS GA 1 15.60 59.99 52.76
C LYS GA 1 14.68 60.17 53.96
N SER GA 2 13.47 60.68 53.70
CA SER GA 2 12.50 60.87 54.78
C SER GA 2 12.04 59.53 55.36
N LEU GA 3 11.84 58.53 54.50
CA LEU GA 3 11.33 57.24 54.97
C LEU GA 3 12.37 56.51 55.81
N GLU GA 4 13.63 56.49 55.36
CA GLU GA 4 14.68 55.88 56.17
C GLU GA 4 14.89 56.67 57.46
N SER GA 5 14.74 57.99 57.42
CA SER GA 5 14.86 58.79 58.62
C SER GA 5 13.79 58.45 59.63
N ILE GA 6 12.53 58.36 59.19
CA ILE GA 6 11.46 58.04 60.13
C ILE GA 6 11.57 56.61 60.61
N ASN GA 7 12.06 55.69 59.76
CA ASN GA 7 12.26 54.31 60.22
C ASN GA 7 13.34 54.22 61.28
N SER GA 8 14.46 54.92 61.08
CA SER GA 8 15.52 54.92 62.08
C SER GA 8 15.06 55.57 63.37
N ARG GA 9 14.35 56.70 63.27
CA ARG GA 9 13.84 57.35 64.47
C ARG GA 9 12.83 56.49 65.19
N LEU GA 10 11.97 55.77 64.45
CA LEU GA 10 11.03 54.85 65.07
C LEU GA 10 11.75 53.71 65.78
N GLN GA 11 12.81 53.17 65.16
CA GLN GA 11 13.61 52.16 65.81
C GLN GA 11 14.22 52.68 67.11
N LEU GA 12 14.67 53.93 67.08
CA LEU GA 12 15.28 54.50 68.27
C LEU GA 12 14.25 54.92 69.32
N VAL GA 13 12.99 55.12 68.92
CA VAL GA 13 11.91 55.29 69.90
C VAL GA 13 11.73 54.00 70.69
N MET GA 14 11.73 52.86 70.00
CA MET GA 14 11.87 51.59 70.67
C MET GA 14 13.22 51.55 71.37
N LYS GA 15 13.28 50.80 72.47
CA LYS GA 15 14.52 50.51 73.19
C LYS GA 15 15.01 51.74 73.96
N SER GA 16 14.40 52.91 73.73
CA SER GA 16 14.80 54.11 74.43
C SER GA 16 13.67 54.98 74.94
N GLY GA 17 12.43 54.77 74.48
CA GLY GA 17 11.32 55.62 74.86
C GLY GA 17 10.10 54.81 75.26
N LYS GA 18 9.08 55.53 75.69
CA LYS GA 18 7.81 54.93 76.05
C LYS GA 18 6.83 55.08 74.89
N TYR GA 19 6.38 53.97 74.34
CA TYR GA 19 5.42 53.98 73.25
C TYR GA 19 4.22 53.15 73.66
N VAL GA 20 3.31 52.98 72.71
CA VAL GA 20 2.20 52.06 72.87
C VAL GA 20 1.69 51.71 71.48
N LEU GA 21 1.31 50.45 71.30
CA LEU GA 21 0.97 49.91 69.99
C LEU GA 21 -0.49 49.50 69.96
N GLY GA 22 -1.20 49.91 68.91
CA GLY GA 22 -2.57 49.49 68.74
C GLY GA 22 -3.57 50.63 68.79
N TYR GA 23 -4.84 50.30 68.50
CA TYR GA 23 -5.86 51.33 68.34
C TYR GA 23 -6.46 51.74 69.68
N LYS GA 24 -6.92 50.75 70.46
CA LYS GA 24 -7.59 51.04 71.73
C LYS GA 24 -6.65 51.74 72.70
N GLN GA 25 -5.41 51.26 72.80
CA GLN GA 25 -4.45 51.89 73.68
C GLN GA 25 -4.07 53.28 73.20
N THR GA 26 -4.01 53.50 71.89
CA THR GA 26 -3.73 54.83 71.37
C THR GA 26 -4.83 55.80 71.76
N LEU GA 27 -6.10 55.40 71.60
CA LEU GA 27 -7.20 56.26 72.01
C LEU GA 27 -7.17 56.53 73.51
N LYS GA 28 -6.87 55.50 74.30
CA LYS GA 28 -6.76 55.68 75.75
C LYS GA 28 -5.68 56.69 76.11
N MET GA 29 -4.51 56.57 75.48
CA MET GA 29 -3.42 57.49 75.76
C MET GA 29 -3.75 58.91 75.29
N ILE GA 30 -4.43 59.03 74.16
CA ILE GA 30 -4.79 60.35 73.64
C ILE GA 30 -5.76 61.04 74.59
N ARG GA 31 -6.80 60.33 75.03
CA ARG GA 31 -7.76 60.97 75.93
C ARG GA 31 -7.18 61.17 77.32
N GLN GA 32 -6.12 60.45 77.69
CA GLN GA 32 -5.37 60.85 78.87
C GLN GA 32 -4.43 62.00 78.60
N GLY GA 33 -4.25 62.40 77.34
CA GLY GA 33 -3.44 63.54 77.00
C GLY GA 33 -1.95 63.35 77.11
N LYS GA 34 -1.48 62.10 77.10
CA LYS GA 34 -0.05 61.81 77.20
C LYS GA 34 0.51 61.17 75.93
N ALA GA 35 -0.20 61.28 74.81
CA ALA GA 35 0.31 60.82 73.53
C ALA GA 35 0.83 62.01 72.74
N LYS GA 36 2.15 62.08 72.56
CA LYS GA 36 2.77 63.25 71.93
C LYS GA 36 2.89 63.11 70.42
N LEU GA 37 2.80 61.90 69.87
CA LEU GA 37 2.81 61.72 68.43
C LEU GA 37 2.06 60.43 68.10
N VAL GA 38 1.17 60.51 67.12
CA VAL GA 38 0.38 59.36 66.69
C VAL GA 38 0.75 59.05 65.25
N ILE GA 39 1.11 57.80 64.99
CA ILE GA 39 1.55 57.37 63.67
C ILE GA 39 0.49 56.42 63.11
N LEU GA 40 0.06 56.68 61.88
CA LEU GA 40 -1.00 55.92 61.23
C LEU GA 40 -0.46 55.29 59.95
N ALA GA 41 -0.69 53.99 59.79
CA ALA GA 41 -0.43 53.35 58.51
C ALA GA 41 -1.48 53.77 57.50
N ASN GA 42 -1.08 53.84 56.23
CA ASN GA 42 -2.06 54.19 55.20
C ASN GA 42 -3.06 53.07 54.94
N ASN GA 43 -2.78 51.87 55.44
CA ASN GA 43 -3.72 50.76 55.41
C ASN GA 43 -4.87 50.94 56.39
N CYS GA 44 -4.82 51.97 57.22
CA CYS GA 44 -5.84 52.17 58.24
C CYS GA 44 -7.20 52.41 57.61
N PRO GA 45 -8.29 51.93 58.21
CA PRO GA 45 -9.62 52.30 57.75
C PRO GA 45 -9.81 53.81 57.83
N ALA GA 46 -10.54 54.35 56.85
CA ALA GA 46 -10.70 55.79 56.76
C ALA GA 46 -11.45 56.35 57.95
N LEU GA 47 -12.45 55.62 58.45
CA LEU GA 47 -13.18 56.09 59.62
C LEU GA 47 -12.28 56.12 60.86
N ARG GA 48 -11.47 55.08 61.05
CA ARG GA 48 -10.55 55.06 62.18
C ARG GA 48 -9.52 56.18 62.06
N LYS GA 49 -9.00 56.39 60.85
CA LYS GA 49 -8.04 57.45 60.61
C LYS GA 49 -8.64 58.81 60.95
N SER GA 50 -9.86 59.09 60.47
CA SER GA 50 -10.49 60.37 60.72
C SER GA 50 -10.80 60.56 62.20
N GLU GA 51 -11.24 59.50 62.89
CA GLU GA 51 -11.55 59.62 64.30
C GLU GA 51 -10.29 59.88 65.12
N ILE GA 52 -9.19 59.20 64.79
CA ILE GA 52 -7.94 59.45 65.50
C ILE GA 52 -7.42 60.85 65.21
N GLU GA 53 -7.62 61.34 63.99
CA GLU GA 53 -7.25 62.72 63.68
C GLU GA 53 -8.05 63.71 64.51
N TYR GA 54 -9.36 63.48 64.65
CA TYR GA 54 -10.19 64.34 65.48
C TYR GA 54 -9.76 64.29 66.94
N TYR GA 55 -9.45 63.09 67.44
CA TYR GA 55 -8.97 62.95 68.81
C TYR GA 55 -7.67 63.72 69.02
N ALA GA 56 -6.75 63.62 68.05
CA ALA GA 56 -5.50 64.35 68.16
C ALA GA 56 -5.71 65.85 68.11
N MET GA 57 -6.63 66.31 67.27
CA MET GA 57 -6.96 67.73 67.22
C MET GA 57 -7.50 68.22 68.56
N LEU GA 58 -8.36 67.41 69.19
CA LEU GA 58 -8.84 67.75 70.52
C LEU GA 58 -7.70 67.78 71.53
N ALA GA 59 -6.79 66.82 71.45
CA ALA GA 59 -5.66 66.74 72.35
C ALA GA 59 -4.49 67.62 71.93
N LYS GA 60 -4.58 68.28 70.77
CA LYS GA 60 -3.53 69.15 70.24
C LYS GA 60 -2.20 68.43 70.14
N THR GA 61 -2.23 67.23 69.58
CA THR GA 61 -1.03 66.43 69.39
C THR GA 61 -0.88 66.09 67.91
N GLY GA 62 0.36 65.81 67.52
CA GLY GA 62 0.68 65.61 66.13
C GLY GA 62 0.34 64.22 65.62
N VAL GA 63 -0.04 64.15 64.34
CA VAL GA 63 -0.33 62.90 63.65
C VAL GA 63 0.58 62.81 62.44
N HIS GA 64 1.29 61.71 62.31
CA HIS GA 64 2.12 61.41 61.16
C HIS GA 64 1.54 60.23 60.41
N HIS GA 65 1.29 60.41 59.12
CA HIS GA 65 0.73 59.35 58.27
C HIS GA 65 1.90 58.56 57.69
N TYR GA 66 2.13 57.37 58.24
CA TYR GA 66 3.26 56.56 57.84
C TYR GA 66 3.11 56.10 56.38
N SER GA 67 4.20 56.23 55.63
CA SER GA 67 4.20 55.85 54.21
C SER GA 67 4.55 54.37 54.05
N GLY GA 68 3.76 53.54 54.73
CA GLY GA 68 3.92 52.11 54.66
C GLY GA 68 2.58 51.42 54.70
N ASN GA 69 2.41 50.45 55.60
CA ASN GA 69 1.11 49.89 55.94
C ASN GA 69 1.26 49.20 57.28
N ASN GA 70 0.19 48.56 57.76
CA ASN GA 70 0.22 47.95 59.09
C ASN GA 70 1.29 46.87 59.17
N ILE GA 71 1.51 46.12 58.09
CA ILE GA 71 2.60 45.15 58.07
C ILE GA 71 3.95 45.87 58.14
N GLU GA 72 4.11 46.91 57.31
CA GLU GA 72 5.39 47.61 57.28
C GLU GA 72 5.58 48.48 58.51
N LEU GA 73 4.50 49.04 59.07
CA LEU GA 73 4.64 49.74 60.34
C LEU GA 73 5.02 48.78 61.45
N GLY GA 74 4.46 47.57 61.46
CA GLY GA 74 4.86 46.57 62.44
C GLY GA 74 6.31 46.17 62.31
N THR GA 75 6.78 46.03 61.06
CA THR GA 75 8.19 45.73 60.85
C THR GA 75 9.08 46.88 61.28
N ALA GA 76 8.66 48.11 61.01
CA ALA GA 76 9.44 49.28 61.41
C ALA GA 76 9.53 49.39 62.93
N CYS GA 77 8.46 49.01 63.63
CA CYS GA 77 8.50 48.97 65.09
C CYS GA 77 9.40 47.87 65.63
N GLY GA 78 9.85 46.95 64.77
CA GLY GA 78 10.63 45.82 65.21
C GLY GA 78 9.83 44.64 65.72
N LYS GA 79 8.52 44.63 65.48
CA LYS GA 79 7.66 43.55 65.94
C LYS GA 79 7.37 42.59 64.80
N TYR GA 80 6.81 41.43 65.16
CA TYR GA 80 6.38 40.44 64.17
C TYR GA 80 4.87 40.36 64.07
N TYR GA 81 4.18 41.46 64.33
CA TYR GA 81 2.74 41.56 64.14
C TYR GA 81 2.42 42.89 63.48
N ARG GA 82 1.24 42.95 62.86
CA ARG GA 82 0.79 44.20 62.25
C ARG GA 82 0.35 45.17 63.33
N VAL GA 83 0.89 46.38 63.29
CA VAL GA 83 0.39 47.49 64.09
C VAL GA 83 -0.07 48.58 63.13
N CYS GA 84 -1.30 49.05 63.34
CA CYS GA 84 -1.92 50.03 62.45
C CYS GA 84 -1.93 51.43 63.03
N THR GA 85 -1.86 51.55 64.35
CA THR GA 85 -1.84 52.84 65.03
C THR GA 85 -0.93 52.73 66.23
N LEU GA 86 -0.15 53.78 66.48
CA LEU GA 86 0.76 53.77 67.62
C LEU GA 86 0.91 55.19 68.15
N ALA GA 87 1.27 55.29 69.42
CA ALA GA 87 1.48 56.56 70.08
C ALA GA 87 2.81 56.53 70.82
N ILE GA 88 3.47 57.69 70.86
CA ILE GA 88 4.74 57.84 71.56
C ILE GA 88 4.48 58.70 72.80
N ILE GA 89 4.69 58.12 73.98
CA ILE GA 89 4.51 58.87 75.22
C ILE GA 89 5.63 59.90 75.38
N ASP GA 90 6.87 59.48 75.16
CA ASP GA 90 7.99 60.41 75.08
C ASP GA 90 9.03 59.75 74.19
N PRO GA 91 9.59 60.48 73.24
CA PRO GA 91 10.53 59.85 72.30
C PRO GA 91 11.86 59.46 72.93
N GLY GA 92 12.50 60.41 73.62
CA GLY GA 92 13.85 60.20 74.11
C GLY GA 92 14.91 60.33 73.05
N ASP GA 93 14.52 60.65 71.80
CA ASP GA 93 15.51 60.71 70.72
C ASP GA 93 15.29 61.84 69.73
N SER GA 94 14.58 62.91 70.11
CA SER GA 94 14.35 64.09 69.27
C SER GA 94 13.56 63.78 68.00
N ASP GA 95 12.79 62.70 67.98
CA ASP GA 95 11.75 62.58 66.96
C ASP GA 95 10.68 63.63 67.17
N ILE GA 96 10.32 63.88 68.43
CA ILE GA 96 9.40 64.93 68.81
C ILE GA 96 10.22 66.08 69.37
N ILE GA 97 10.24 67.20 68.65
CA ILE GA 97 11.06 68.33 69.05
C ILE GA 97 10.47 68.97 70.30
N ARG GA 98 11.34 69.28 71.26
CA ARG GA 98 10.91 69.87 72.53
C ARG GA 98 10.31 71.25 72.34
N ASN HA 1 -58.97 -62.20 70.70
CA ASN HA 1 -59.86 -61.08 70.98
C ASN HA 1 -59.61 -59.96 69.98
N GLU HA 2 -60.20 -58.78 70.23
CA GLU HA 2 -60.07 -57.67 69.29
C GLU HA 2 -59.85 -56.32 69.96
N VAL HA 3 -59.60 -56.27 71.26
CA VAL HA 3 -59.37 -55.00 71.94
C VAL HA 3 -57.93 -55.07 72.46
N VAL HA 4 -57.09 -55.80 71.74
CA VAL HA 4 -55.72 -56.05 72.20
C VAL HA 4 -54.83 -54.87 71.87
N THR HA 5 -53.87 -54.60 72.73
CA THR HA 5 -52.85 -53.59 72.51
C THR HA 5 -51.46 -54.20 72.68
N ARG HA 6 -50.56 -53.83 71.78
CA ARG HA 6 -49.21 -54.41 71.74
C ARG HA 6 -48.19 -53.31 71.52
N GLU HA 7 -46.95 -53.59 71.90
CA GLU HA 7 -45.84 -52.66 71.74
C GLU HA 7 -44.88 -53.24 70.71
N TYR HA 8 -44.67 -52.51 69.62
CA TYR HA 8 -43.74 -52.89 68.58
C TYR HA 8 -42.60 -51.89 68.51
N THR HA 9 -41.54 -52.28 67.83
CA THR HA 9 -40.49 -51.35 67.42
C THR HA 9 -40.32 -51.44 65.91
N ILE HA 10 -40.24 -50.29 65.25
CA ILE HA 10 -40.27 -50.20 63.80
C ILE HA 10 -38.91 -49.72 63.31
N ASN HA 11 -38.33 -50.46 62.37
CA ASN HA 11 -37.10 -50.02 61.70
C ASN HA 11 -37.49 -48.97 60.67
N ILE HA 12 -37.53 -47.72 61.11
CA ILE HA 12 -37.80 -46.61 60.20
C ILE HA 12 -36.69 -46.49 59.18
N HIS HA 13 -35.44 -46.71 59.61
CA HIS HA 13 -34.30 -46.65 58.71
C HIS HA 13 -34.47 -47.63 57.55
N LYS HA 14 -34.98 -48.82 57.84
CA LYS HA 14 -35.16 -49.83 56.82
C LYS HA 14 -36.22 -49.41 55.80
N ARG HA 15 -37.27 -48.73 56.26
CA ARG HA 15 -38.40 -48.40 55.40
C ARG HA 15 -38.24 -47.07 54.68
N ILE HA 16 -37.33 -46.22 55.12
CA ILE HA 16 -37.11 -44.91 54.52
C ILE HA 16 -35.91 -44.90 53.58
N HIS HA 17 -35.11 -45.96 53.55
CA HIS HA 17 -33.87 -45.97 52.79
C HIS HA 17 -34.13 -45.72 51.31
N GLY HA 18 -33.36 -44.79 50.74
CA GLY HA 18 -33.48 -44.40 49.35
C GLY HA 18 -34.39 -43.23 49.08
N VAL HA 19 -35.16 -42.79 50.05
CA VAL HA 19 -36.12 -41.70 49.88
C VAL HA 19 -35.41 -40.37 50.00
N GLY HA 20 -35.81 -39.41 49.16
CA GLY HA 20 -35.20 -38.10 49.14
C GLY HA 20 -35.39 -37.32 50.43
N PHE HA 21 -34.60 -36.26 50.55
CA PHE HA 21 -34.49 -35.52 51.81
C PHE HA 21 -35.83 -34.91 52.21
N LYS HA 22 -36.51 -34.25 51.27
CA LYS HA 22 -37.76 -33.56 51.56
C LYS HA 22 -38.95 -34.50 51.67
N LYS HA 23 -38.72 -35.81 51.67
CA LYS HA 23 -39.80 -36.79 51.74
C LYS HA 23 -39.65 -37.80 52.86
N ARG HA 24 -38.59 -37.72 53.66
CA ARG HA 24 -38.27 -38.83 54.55
C ARG HA 24 -39.23 -38.91 55.73
N ALA HA 25 -39.58 -37.77 56.32
CA ALA HA 25 -40.53 -37.79 57.43
C ALA HA 25 -41.97 -38.06 56.99
N PRO HA 26 -42.49 -37.45 55.92
CA PRO HA 26 -43.82 -37.87 55.45
C PRO HA 26 -43.89 -39.34 55.06
N ARG HA 27 -42.84 -39.86 54.44
CA ARG HA 27 -42.82 -41.28 54.14
C ARG HA 27 -42.70 -42.11 55.42
N ALA HA 28 -42.06 -41.56 56.46
CA ALA HA 28 -42.03 -42.26 57.74
C ALA HA 28 -43.42 -42.38 58.33
N LEU HA 29 -44.21 -41.30 58.25
CA LEU HA 29 -45.60 -41.38 58.71
C LEU HA 29 -46.41 -42.36 57.88
N LYS HA 30 -46.21 -42.35 56.56
CA LYS HA 30 -46.93 -43.27 55.69
C LYS HA 30 -46.57 -44.72 55.98
N GLU HA 31 -45.29 -45.00 56.19
CA GLU HA 31 -44.88 -46.37 56.51
C GLU HA 31 -45.33 -46.79 57.90
N ILE HA 32 -45.39 -45.87 58.85
CA ILE HA 32 -45.94 -46.20 60.16
C ILE HA 32 -47.40 -46.59 60.03
N ARG HA 33 -48.16 -45.82 59.25
CA ARG HA 33 -49.58 -46.14 59.04
C ARG HA 33 -49.74 -47.47 58.33
N LYS HA 34 -48.91 -47.74 57.32
CA LYS HA 34 -48.96 -49.01 56.61
C LYS HA 34 -48.59 -50.18 57.52
N PHE HA 35 -47.58 -49.99 58.38
CA PHE HA 35 -47.20 -51.01 59.35
C PHE HA 35 -48.35 -51.31 60.30
N ALA HA 36 -49.05 -50.28 60.78
CA ALA HA 36 -50.19 -50.49 61.65
C ALA HA 36 -51.30 -51.24 60.94
N MET HA 37 -51.59 -50.86 59.70
CA MET HA 37 -52.61 -51.54 58.91
C MET HA 37 -52.27 -53.01 58.72
N LYS HA 38 -50.99 -53.31 58.51
CA LYS HA 38 -50.59 -54.69 58.28
C LYS HA 38 -50.62 -55.50 59.58
N GLU HA 39 -50.21 -54.89 60.69
CA GLU HA 39 -50.10 -55.65 61.93
C GLU HA 39 -51.46 -55.88 62.58
N MET HA 40 -52.36 -54.90 62.51
CA MET HA 40 -53.64 -55.03 63.19
C MET HA 40 -54.82 -55.24 62.25
N GLY HA 41 -54.59 -55.22 60.93
CA GLY HA 41 -55.66 -55.47 59.99
C GLY HA 41 -56.77 -54.46 60.02
N THR HA 42 -56.48 -53.21 60.33
CA THR HA 42 -57.49 -52.16 60.42
C THR HA 42 -57.12 -51.03 59.46
N PRO HA 43 -57.93 -50.76 58.45
CA PRO HA 43 -57.65 -49.61 57.57
C PRO HA 43 -57.68 -48.28 58.28
N ASP HA 44 -58.48 -48.16 59.34
CA ASP HA 44 -58.58 -46.91 60.10
C ASP HA 44 -57.46 -46.88 61.13
N VAL HA 45 -56.42 -46.10 60.87
CA VAL HA 45 -55.28 -45.99 61.77
C VAL HA 45 -55.12 -44.53 62.16
N ARG HA 46 -55.22 -44.27 63.46
CA ARG HA 46 -55.00 -42.94 64.01
C ARG HA 46 -53.61 -42.87 64.65
N ILE HA 47 -52.90 -41.80 64.37
CA ILE HA 47 -51.53 -41.61 64.85
C ILE HA 47 -51.55 -40.47 65.87
N ASP HA 48 -51.02 -40.74 67.05
CA ASP HA 48 -50.97 -39.73 68.09
C ASP HA 48 -50.09 -38.55 67.66
N THR HA 49 -50.45 -37.36 68.13
CA THR HA 49 -49.66 -36.17 67.80
C THR HA 49 -48.29 -36.23 68.44
N ARG HA 50 -48.17 -36.89 69.59
CA ARG HA 50 -46.85 -37.09 70.19
C ARG HA 50 -45.98 -37.98 69.32
N LEU HA 51 -46.57 -39.00 68.71
CA LEU HA 51 -45.81 -39.83 67.78
C LEU HA 51 -45.36 -39.04 66.57
N ASN HA 52 -46.23 -38.20 66.02
CA ASN HA 52 -45.85 -37.36 64.88
C ASN HA 52 -44.75 -36.38 65.27
N LYS HA 53 -44.83 -35.83 66.49
CA LYS HA 53 -43.80 -34.93 66.98
C LYS HA 53 -42.48 -35.66 67.19
N ALA HA 54 -42.55 -36.94 67.58
CA ALA HA 54 -41.33 -37.72 67.77
C ALA HA 54 -40.68 -38.08 66.44
N VAL HA 55 -41.49 -38.38 65.42
CA VAL HA 55 -40.92 -38.67 64.11
C VAL HA 55 -40.28 -37.43 63.51
N TRP HA 56 -40.94 -36.28 63.63
CA TRP HA 56 -40.43 -35.03 63.11
C TRP HA 56 -39.48 -34.33 64.06
N ALA HA 57 -38.99 -35.03 65.08
CA ALA HA 57 -38.19 -34.38 66.12
C ALA HA 57 -36.89 -33.83 65.57
N LYS HA 58 -36.25 -34.55 64.65
CA LYS HA 58 -34.97 -34.14 64.10
C LYS HA 58 -35.09 -33.60 62.68
N GLY HA 59 -36.20 -32.96 62.36
CA GLY HA 59 -36.35 -32.35 61.06
C GLY HA 59 -37.00 -33.25 60.04
N ILE HA 60 -36.90 -32.84 58.78
CA ILE HA 60 -37.57 -33.53 57.70
C ILE HA 60 -36.74 -34.66 57.10
N ARG HA 61 -35.42 -34.67 57.29
CA ARG HA 61 -34.57 -35.64 56.62
C ARG HA 61 -33.78 -36.53 57.56
N ASN HA 62 -33.51 -36.10 58.78
CA ASN HA 62 -32.78 -36.94 59.72
C ASN HA 62 -33.76 -37.66 60.66
N VAL HA 63 -34.61 -38.50 60.06
CA VAL HA 63 -35.61 -39.25 60.79
C VAL HA 63 -34.91 -40.26 61.70
N PRO HA 64 -35.40 -40.52 62.90
CA PRO HA 64 -34.80 -41.56 63.74
C PRO HA 64 -34.82 -42.92 63.08
N TYR HA 65 -33.77 -43.70 63.33
CA TYR HA 65 -33.64 -45.01 62.70
C TYR HA 65 -34.67 -45.98 63.21
N ARG HA 66 -34.89 -46.01 64.52
CA ARG HA 66 -35.84 -46.92 65.15
C ARG HA 66 -36.78 -46.12 66.02
N ILE HA 67 -37.96 -46.67 66.27
CA ILE HA 67 -38.94 -46.03 67.14
C ILE HA 67 -39.81 -47.11 67.77
N ARG HA 68 -40.10 -46.93 69.05
CA ARG HA 68 -40.94 -47.86 69.80
C ARG HA 68 -42.35 -47.28 69.89
N VAL HA 69 -43.30 -47.98 69.28
CA VAL HA 69 -44.68 -47.53 69.25
C VAL HA 69 -45.56 -48.56 69.92
N ARG HA 70 -46.80 -48.16 70.19
CA ARG HA 70 -47.79 -49.02 70.83
C ARG HA 70 -49.05 -49.00 69.99
N LEU HA 71 -49.39 -50.14 69.40
CA LEU HA 71 -50.57 -50.28 68.56
C LEU HA 71 -51.72 -50.78 69.43
N SER HA 72 -52.75 -49.94 69.57
CA SER HA 72 -53.93 -50.28 70.35
C SER HA 72 -55.12 -50.39 69.40
N ARG HA 73 -55.74 -51.57 69.36
CA ARG HA 73 -56.94 -51.79 68.56
C ARG HA 73 -58.14 -51.52 69.45
N LYS HA 74 -58.99 -50.60 69.02
CA LYS HA 74 -60.07 -50.11 69.87
C LYS HA 74 -61.40 -50.16 69.13
N ARG HA 75 -62.47 -50.15 69.91
CA ARG HA 75 -63.81 -50.24 69.35
C ARG HA 75 -64.23 -48.89 68.78
N ASN HA 76 -64.49 -48.86 67.47
CA ASN HA 76 -65.03 -47.66 66.83
C ASN HA 76 -66.56 -47.64 66.89
N GLU HA 77 -67.15 -48.33 67.85
CA GLU HA 77 -68.61 -48.36 67.98
C GLU HA 77 -69.11 -47.04 68.58
N ASP HA 78 -68.95 -45.95 67.84
CA ASP HA 78 -69.37 -44.63 68.27
C ASP HA 78 -70.38 -43.99 67.35
N GLU HA 79 -70.45 -44.43 66.09
CA GLU HA 79 -71.40 -43.91 65.11
C GLU HA 79 -71.52 -44.93 63.98
N ASP HA 80 -72.37 -44.61 63.01
CA ASP HA 80 -72.54 -45.46 61.84
C ASP HA 80 -71.31 -45.27 60.94
N SER HA 81 -70.37 -46.21 61.02
CA SER HA 81 -69.14 -46.16 60.27
C SER HA 81 -68.91 -47.48 59.55
N PRO HA 82 -68.27 -47.45 58.37
CA PRO HA 82 -67.96 -48.71 57.68
C PRO HA 82 -67.02 -49.61 58.46
N ASN HA 83 -66.12 -49.06 59.26
CA ASN HA 83 -65.14 -49.83 60.00
C ASN HA 83 -65.50 -49.78 61.49
N LYS HA 84 -65.68 -50.96 62.08
CA LYS HA 84 -66.04 -51.07 63.48
C LYS HA 84 -64.83 -51.17 64.40
N LEU HA 85 -63.62 -51.15 63.84
CA LEU HA 85 -62.40 -51.17 64.63
C LEU HA 85 -61.43 -50.14 64.08
N TYR HA 86 -60.55 -49.66 64.95
CA TYR HA 86 -59.54 -48.69 64.55
C TYR HA 86 -58.32 -48.87 65.43
N THR HA 87 -57.17 -48.41 64.94
CA THR HA 87 -55.90 -48.56 65.63
C THR HA 87 -55.36 -47.18 65.99
N LEU HA 88 -55.08 -46.97 67.28
CA LEU HA 88 -54.41 -45.78 67.75
C LEU HA 88 -52.96 -46.12 68.05
N VAL HA 89 -52.04 -45.49 67.32
CA VAL HA 89 -50.62 -45.78 67.44
C VAL HA 89 -50.01 -44.67 68.28
N THR HA 90 -49.54 -45.01 69.47
CA THR HA 90 -48.97 -44.05 70.40
C THR HA 90 -47.46 -44.23 70.48
N TYR HA 91 -46.80 -43.24 71.06
CA TYR HA 91 -45.35 -43.19 71.12
C TYR HA 91 -44.86 -43.71 72.46
N VAL HA 92 -43.87 -44.60 72.42
CA VAL HA 92 -43.28 -45.14 73.64
C VAL HA 92 -41.83 -44.68 73.72
N PRO HA 93 -41.50 -43.70 74.57
CA PRO HA 93 -40.11 -43.26 74.68
C PRO HA 93 -39.26 -44.30 75.36
N VAL HA 94 -38.13 -44.64 74.73
CA VAL HA 94 -37.18 -45.60 75.29
C VAL HA 94 -35.79 -45.01 75.19
N THR HA 95 -34.89 -45.53 76.02
CA THR HA 95 -33.50 -45.12 75.99
C THR HA 95 -32.66 -45.93 75.00
N THR HA 96 -32.89 -47.24 74.92
CA THR HA 96 -32.14 -48.09 74.03
C THR HA 96 -33.09 -49.06 73.34
N PHE HA 97 -32.68 -49.54 72.17
CA PHE HA 97 -33.47 -50.48 71.39
C PHE HA 97 -32.89 -51.88 71.39
N LYS HA 98 -31.95 -52.18 72.27
CA LYS HA 98 -31.34 -53.50 72.30
C LYS HA 98 -32.27 -54.49 73.00
N ASN HA 99 -32.42 -55.67 72.41
CA ASN HA 99 -33.14 -56.80 73.01
C ASN HA 99 -34.61 -56.48 73.28
N LEU HA 100 -35.20 -55.58 72.51
CA LEU HA 100 -36.61 -55.24 72.67
C LEU HA 100 -37.46 -56.14 71.78
N GLN HA 101 -38.18 -57.07 72.41
CA GLN HA 101 -39.11 -57.95 71.71
C GLN HA 101 -40.44 -57.24 71.52
N THR HA 102 -41.27 -57.81 70.65
CA THR HA 102 -42.65 -57.38 70.55
C THR HA 102 -43.46 -58.05 71.65
N VAL HA 103 -43.96 -57.27 72.59
CA VAL HA 103 -44.56 -57.79 73.81
C VAL HA 103 -46.01 -57.35 73.90
N ASN HA 104 -46.89 -58.26 74.31
CA ASN HA 104 -48.25 -57.89 74.65
C ASN HA 104 -48.26 -57.05 75.91
N VAL HA 105 -49.11 -56.02 75.93
CA VAL HA 105 -49.27 -55.15 77.09
C VAL HA 105 -50.73 -55.17 77.49
N ASP HA 106 -50.99 -55.21 78.80
CA ASP HA 106 -52.34 -55.31 79.31
C ASP HA 106 -53.01 -53.94 79.31
N GLU HA 107 -54.23 -53.86 79.82
CA GLU HA 107 -54.99 -52.63 79.83
C GLU HA 107 -54.42 -51.63 80.83
N ALA IA 1 -107.44 -57.95 -13.59
CA ALA IA 1 -107.32 -57.23 -12.33
C ALA IA 1 -107.20 -55.73 -12.58
N ALA IA 2 -105.95 -55.27 -12.72
CA ALA IA 2 -105.70 -53.87 -12.98
C ALA IA 2 -106.07 -53.50 -14.41
N LEU IA 3 -106.25 -52.21 -14.65
CA LEU IA 3 -106.50 -51.73 -15.99
C LEU IA 3 -105.25 -51.86 -16.85
N ARG IA 4 -105.43 -52.34 -18.08
CA ARG IA 4 -104.25 -52.64 -18.88
C ARG IA 4 -104.10 -51.65 -20.03
N PRO IA 5 -102.87 -51.34 -20.42
CA PRO IA 5 -102.66 -50.40 -21.53
C PRO IA 5 -103.05 -51.03 -22.86
N LEU IA 6 -103.16 -50.16 -23.87
CA LEU IA 6 -103.50 -50.62 -25.21
C LEU IA 6 -102.44 -51.58 -25.75
N VAL IA 7 -101.17 -51.17 -25.67
CA VAL IA 7 -100.06 -52.01 -26.06
C VAL IA 7 -99.01 -51.97 -24.96
N LYS IA 8 -98.30 -53.09 -24.80
CA LYS IA 8 -97.22 -53.19 -23.81
C LYS IA 8 -95.97 -53.68 -24.53
N PRO IA 9 -95.25 -52.79 -25.21
CA PRO IA 9 -93.98 -53.16 -25.80
C PRO IA 9 -92.93 -53.38 -24.72
N LYS IA 10 -91.87 -54.09 -25.10
CA LYS IA 10 -90.76 -54.33 -24.19
C LYS IA 10 -89.93 -53.07 -24.06
N ILE IA 11 -89.94 -52.47 -22.88
CA ILE IA 11 -89.22 -51.22 -22.64
C ILE IA 11 -87.74 -51.54 -22.47
N VAL IA 12 -86.90 -50.94 -23.30
CA VAL IA 12 -85.47 -51.19 -23.31
C VAL IA 12 -84.78 -49.93 -22.80
N LYS IA 13 -84.03 -50.07 -21.71
CA LYS IA 13 -83.26 -48.97 -21.13
C LYS IA 13 -81.81 -49.16 -21.51
N LYS IA 14 -81.22 -48.16 -22.17
CA LYS IA 14 -79.82 -48.25 -22.54
C LYS IA 14 -78.93 -48.26 -21.31
N ARG IA 15 -79.24 -47.42 -20.33
CA ARG IA 15 -78.52 -47.41 -19.06
C ARG IA 15 -79.54 -47.35 -17.93
N THR IA 16 -79.31 -48.18 -16.91
CA THR IA 16 -80.24 -48.29 -15.80
C THR IA 16 -79.76 -47.53 -14.56
N LYS IA 17 -78.46 -47.52 -14.31
CA LYS IA 17 -77.91 -46.79 -13.18
C LYS IA 17 -78.00 -45.29 -13.43
N LYS IA 18 -77.57 -44.51 -12.44
CA LYS IA 18 -77.58 -43.07 -12.52
C LYS IA 18 -76.20 -42.54 -12.93
N PHE IA 19 -76.20 -41.36 -13.54
CA PHE IA 19 -74.96 -40.64 -13.81
C PHE IA 19 -74.63 -39.78 -12.60
N ILE IA 20 -73.67 -40.20 -11.82
CA ILE IA 20 -73.29 -39.43 -10.63
C ILE IA 20 -72.23 -38.42 -11.01
N ARG IA 21 -72.15 -37.35 -10.24
CA ARG IA 21 -71.14 -36.32 -10.48
C ARG IA 21 -69.76 -36.85 -10.11
N HIS IA 22 -68.75 -36.41 -10.86
CA HIS IA 22 -67.37 -36.77 -10.58
C HIS IA 22 -66.98 -36.30 -9.18
N GLN IA 23 -66.38 -37.21 -8.41
CA GLN IA 23 -65.92 -36.96 -7.04
C GLN IA 23 -67.06 -36.66 -6.08
N SER IA 24 -68.29 -37.01 -6.43
CA SER IA 24 -69.38 -36.88 -5.48
C SER IA 24 -69.31 -37.91 -4.37
N ASP IA 25 -68.51 -38.97 -4.56
CA ASP IA 25 -68.33 -39.98 -3.53
C ASP IA 25 -67.38 -39.51 -2.43
N ARG IA 26 -66.45 -38.61 -2.75
CA ARG IA 26 -65.42 -38.22 -1.81
C ARG IA 26 -65.83 -37.04 -0.93
N TYR IA 27 -66.87 -36.30 -1.30
CA TYR IA 27 -67.25 -35.10 -0.58
C TYR IA 27 -68.74 -35.10 -0.32
N VAL IA 28 -69.12 -34.58 0.86
CA VAL IA 28 -70.54 -34.34 1.14
C VAL IA 28 -70.99 -33.05 0.47
N LYS IA 29 -70.08 -32.06 0.33
CA LYS IA 29 -70.42 -30.82 -0.32
C LYS IA 29 -70.71 -30.99 -1.80
N ILE IA 30 -70.32 -32.10 -2.40
CA ILE IA 30 -70.53 -32.37 -3.81
C ILE IA 30 -71.69 -33.33 -3.95
N LYS IA 31 -72.84 -32.81 -4.32
CA LYS IA 31 -74.02 -33.63 -4.51
C LYS IA 31 -73.88 -34.49 -5.77
N ARG IA 32 -74.70 -35.54 -5.84
CA ARG IA 32 -74.61 -36.49 -6.94
C ARG IA 32 -75.25 -35.99 -8.22
N ASN IA 33 -75.91 -34.83 -8.19
CA ASN IA 33 -76.46 -34.25 -9.41
C ASN IA 33 -75.35 -33.99 -10.41
N TRP IA 34 -75.60 -34.36 -11.67
CA TRP IA 34 -74.55 -34.35 -12.68
C TRP IA 34 -74.10 -32.93 -12.98
N ARG IA 35 -72.79 -32.72 -13.04
CA ARG IA 35 -72.18 -31.49 -13.50
C ARG IA 35 -71.06 -31.85 -14.47
N LYS IA 36 -71.06 -31.22 -15.63
CA LYS IA 36 -70.06 -31.53 -16.65
C LYS IA 36 -68.69 -31.07 -16.17
N PRO IA 37 -67.70 -31.96 -16.10
CA PRO IA 37 -66.36 -31.54 -15.66
C PRO IA 37 -65.68 -30.72 -16.75
N ARG IA 38 -65.10 -29.59 -16.35
CA ARG IA 38 -64.45 -28.69 -17.30
C ARG IA 38 -63.00 -28.41 -16.91
N GLY IA 39 -62.43 -29.22 -16.02
CA GLY IA 39 -61.05 -29.03 -15.65
C GLY IA 39 -60.11 -29.35 -16.80
N ILE IA 40 -58.95 -28.67 -16.79
CA ILE IA 40 -58.01 -28.85 -17.88
C ILE IA 40 -57.38 -30.23 -17.83
N ASP IA 41 -57.10 -30.74 -16.63
CA ASP IA 41 -56.50 -32.05 -16.44
C ASP IA 41 -57.52 -33.12 -16.09
N ASN IA 42 -58.81 -32.81 -16.15
CA ASN IA 42 -59.84 -33.74 -15.72
C ASN IA 42 -59.82 -34.99 -16.59
N ARG IA 43 -59.79 -36.15 -15.95
CA ARG IA 43 -59.75 -37.40 -16.70
C ARG IA 43 -61.14 -37.94 -17.01
N VAL IA 44 -62.15 -37.54 -16.24
CA VAL IA 44 -63.52 -37.92 -16.57
C VAL IA 44 -63.98 -37.19 -17.82
N ARG IA 45 -63.68 -35.89 -17.92
CA ARG IA 45 -64.02 -35.15 -19.13
C ARG IA 45 -63.26 -35.68 -20.34
N ARG IA 46 -61.99 -36.02 -20.16
CA ARG IA 46 -61.19 -36.57 -21.25
C ARG IA 46 -61.60 -37.99 -21.62
N ARG IA 47 -62.45 -38.64 -20.83
CA ARG IA 47 -63.01 -39.96 -21.14
C ARG IA 47 -61.94 -41.06 -21.07
N PHE IA 48 -61.14 -41.03 -20.02
CA PHE IA 48 -60.22 -42.12 -19.76
C PHE IA 48 -60.99 -43.38 -19.39
N LYS IA 49 -60.38 -44.53 -19.67
CA LYS IA 49 -61.03 -45.80 -19.38
C LYS IA 49 -61.11 -46.04 -17.88
N GLY IA 50 -62.16 -46.75 -17.46
CA GLY IA 50 -62.35 -47.06 -16.07
C GLY IA 50 -62.85 -45.93 -15.21
N GLN IA 51 -63.21 -44.80 -15.81
CA GLN IA 51 -63.62 -43.62 -15.06
C GLN IA 51 -65.15 -43.51 -15.05
N ILE IA 52 -65.63 -42.41 -14.47
CA ILE IA 52 -67.06 -42.13 -14.44
C ILE IA 52 -67.51 -41.74 -15.84
N LEU IA 53 -68.59 -42.36 -16.30
CA LEU IA 53 -69.08 -42.09 -17.65
C LEU IA 53 -69.84 -40.78 -17.70
N MET IA 54 -69.81 -40.14 -18.86
CA MET IA 54 -70.55 -38.89 -18.92
C MET IA 54 -71.83 -39.07 -19.70
N PRO IA 55 -72.92 -38.42 -19.29
CA PRO IA 55 -74.15 -38.45 -20.08
C PRO IA 55 -73.95 -37.83 -21.45
N ASN IA 56 -74.59 -38.42 -22.45
CA ASN IA 56 -74.62 -37.86 -23.78
C ASN IA 56 -75.87 -38.37 -24.49
N ILE IA 57 -76.11 -37.87 -25.70
CA ILE IA 57 -77.37 -38.14 -26.37
C ILE IA 57 -77.48 -39.58 -26.84
N GLY IA 58 -76.38 -40.33 -26.87
CA GLY IA 58 -76.45 -41.71 -27.29
C GLY IA 58 -77.21 -42.61 -26.34
N TYR IA 59 -77.35 -42.21 -25.09
CA TYR IA 59 -78.10 -42.96 -24.09
C TYR IA 59 -79.60 -42.71 -24.18
N GLY IA 60 -80.06 -41.93 -25.15
CA GLY IA 60 -81.47 -41.58 -25.19
C GLY IA 60 -82.34 -42.80 -25.41
N SER IA 61 -83.51 -42.79 -24.77
CA SER IA 61 -84.41 -43.92 -24.83
C SER IA 61 -85.19 -43.91 -26.14
N ASN IA 62 -85.68 -45.08 -26.52
CA ASN IA 62 -86.53 -45.22 -27.70
C ASN IA 62 -87.75 -44.31 -27.59
N LYS IA 63 -88.03 -43.59 -28.67
CA LYS IA 63 -89.13 -42.62 -28.65
C LYS IA 63 -90.48 -43.26 -28.44
N LYS IA 64 -90.62 -44.55 -28.76
CA LYS IA 64 -91.90 -45.22 -28.55
C LYS IA 64 -92.13 -45.53 -27.09
N THR IA 65 -91.07 -45.89 -26.36
CA THR IA 65 -91.18 -46.30 -24.97
C THR IA 65 -90.68 -45.23 -24.00
N LYS IA 66 -90.46 -44.01 -24.48
CA LYS IA 66 -89.99 -42.95 -23.60
C LYS IA 66 -91.10 -42.51 -22.66
N HIS IA 67 -90.73 -42.25 -21.40
CA HIS IA 67 -91.61 -41.82 -20.32
C HIS IA 67 -92.65 -42.88 -19.95
N MET IA 68 -92.48 -44.12 -20.40
CA MET IA 68 -93.42 -45.18 -20.07
C MET IA 68 -93.14 -45.74 -18.69
N LEU IA 69 -94.18 -45.84 -17.88
CA LEU IA 69 -94.07 -46.51 -16.60
C LEU IA 69 -93.92 -48.02 -16.81
N PRO IA 70 -93.46 -48.75 -15.80
CA PRO IA 70 -93.38 -50.22 -15.94
C PRO IA 70 -94.71 -50.86 -16.28
N SER IA 71 -95.83 -50.27 -15.87
CA SER IA 71 -97.13 -50.80 -16.23
C SER IA 71 -97.44 -50.66 -17.71
N GLY IA 72 -96.71 -49.80 -18.42
CA GLY IA 72 -96.97 -49.54 -19.83
C GLY IA 72 -97.74 -48.26 -20.08
N PHE IA 73 -98.31 -47.65 -19.05
CA PHE IA 73 -99.02 -46.39 -19.19
C PHE IA 73 -98.04 -45.24 -19.18
N ARG IA 74 -98.58 -44.02 -19.27
CA ARG IA 74 -97.81 -42.81 -19.09
C ARG IA 74 -98.48 -41.93 -18.04
N LYS IA 75 -97.66 -41.28 -17.24
CA LYS IA 75 -98.12 -40.58 -16.05
C LYS IA 75 -98.62 -39.19 -16.37
N PHE IA 76 -99.70 -38.78 -15.72
CA PHE IA 76 -100.26 -37.44 -15.86
C PHE IA 76 -100.77 -36.96 -14.51
N LEU IA 77 -100.25 -35.84 -14.04
CA LEU IA 77 -100.56 -35.35 -12.70
C LEU IA 77 -101.87 -34.56 -12.73
N VAL IA 78 -102.84 -34.98 -11.91
CA VAL IA 78 -104.11 -34.30 -11.79
C VAL IA 78 -104.25 -33.76 -10.37
N HIS IA 79 -105.04 -32.69 -10.22
CA HIS IA 79 -105.24 -32.07 -8.92
C HIS IA 79 -106.66 -32.12 -8.42
N ASN IA 80 -107.64 -32.35 -9.30
CA ASN IA 80 -109.03 -32.41 -8.90
C ASN IA 80 -109.81 -33.24 -9.91
N VAL IA 81 -111.13 -33.30 -9.74
CA VAL IA 81 -111.98 -34.09 -10.60
C VAL IA 81 -111.97 -33.56 -12.03
N LYS IA 82 -112.00 -32.23 -12.18
CA LYS IA 82 -112.15 -31.65 -13.51
C LYS IA 82 -110.96 -31.95 -14.40
N GLU IA 83 -109.75 -31.99 -13.82
CA GLU IA 83 -108.57 -32.38 -14.59
C GLU IA 83 -108.49 -33.87 -14.85
N LEU IA 84 -109.47 -34.65 -14.40
CA LEU IA 84 -109.44 -36.09 -14.64
C LEU IA 84 -110.14 -36.48 -15.94
N GLU IA 85 -111.14 -35.71 -16.38
CA GLU IA 85 -111.85 -36.08 -17.59
C GLU IA 85 -111.05 -35.82 -18.86
N VAL IA 86 -109.91 -35.13 -18.78
CA VAL IA 86 -109.07 -34.99 -19.95
C VAL IA 86 -108.47 -36.33 -20.37
N LEU IA 87 -108.38 -37.28 -19.44
CA LEU IA 87 -107.90 -38.62 -19.72
C LEU IA 87 -109.02 -39.59 -20.10
N LEU IA 88 -110.24 -39.09 -20.30
CA LEU IA 88 -111.35 -39.96 -20.67
C LEU IA 88 -111.08 -40.63 -22.01
N MET IA 89 -110.55 -39.88 -22.98
CA MET IA 89 -110.24 -40.42 -24.29
C MET IA 89 -108.78 -40.86 -24.42
N CYS IA 90 -107.96 -40.57 -23.42
CA CYS IA 90 -106.60 -41.10 -23.32
C CYS IA 90 -106.54 -42.29 -22.37
N ASN IA 91 -107.64 -43.04 -22.31
CA ASN IA 91 -107.83 -44.02 -21.24
C ASN IA 91 -106.81 -45.15 -21.31
N LYS IA 92 -106.55 -45.66 -22.51
CA LYS IA 92 -105.79 -46.90 -22.68
C LYS IA 92 -104.30 -46.66 -22.83
N SER IA 93 -103.83 -45.41 -22.73
CA SER IA 93 -102.41 -45.12 -22.84
C SER IA 93 -101.88 -44.17 -21.78
N TYR IA 94 -102.73 -43.51 -21.02
CA TYR IA 94 -102.29 -42.57 -20.00
C TYR IA 94 -102.97 -42.86 -18.67
N CYS IA 95 -102.21 -42.71 -17.59
CA CYS IA 95 -102.71 -42.90 -16.24
C CYS IA 95 -102.57 -41.59 -15.47
N ALA IA 96 -103.25 -41.52 -14.33
CA ALA IA 96 -103.32 -40.29 -13.55
C ALA IA 96 -102.65 -40.46 -12.21
N GLU IA 97 -102.02 -39.39 -11.72
CA GLU IA 97 -101.62 -39.27 -10.34
C GLU IA 97 -102.34 -38.13 -9.67
N ILE IA 98 -102.85 -38.39 -8.46
CA ILE IA 98 -103.30 -37.31 -7.59
C ILE IA 98 -102.08 -36.63 -7.01
N ALA IA 99 -102.08 -35.30 -7.04
CA ALA IA 99 -100.95 -34.54 -6.54
C ALA IA 99 -100.79 -34.75 -5.03
N HIS IA 100 -99.56 -34.55 -4.55
CA HIS IA 100 -99.24 -34.88 -3.17
C HIS IA 100 -99.99 -34.01 -2.17
N ASN IA 101 -100.24 -32.76 -2.50
CA ASN IA 101 -100.86 -31.83 -1.57
C ASN IA 101 -102.39 -31.88 -1.60
N VAL IA 102 -102.97 -32.74 -2.44
CA VAL IA 102 -104.42 -32.92 -2.44
C VAL IA 102 -104.84 -33.61 -1.15
N SER IA 103 -105.89 -33.09 -0.52
CA SER IA 103 -106.36 -33.61 0.75
C SER IA 103 -106.95 -35.02 0.56
N SER IA 104 -107.23 -35.68 1.69
CA SER IA 104 -107.65 -37.07 1.64
C SER IA 104 -109.06 -37.22 1.09
N LYS IA 105 -110.01 -36.42 1.59
CA LYS IA 105 -111.39 -36.59 1.15
C LYS IA 105 -111.58 -36.21 -0.31
N ASN IA 106 -110.74 -35.30 -0.83
CA ASN IA 106 -110.84 -34.95 -2.24
C ASN IA 106 -110.23 -36.03 -3.12
N ARG IA 107 -109.11 -36.61 -2.69
CA ARG IA 107 -108.52 -37.68 -3.50
C ARG IA 107 -109.35 -38.94 -3.44
N LYS IA 108 -110.16 -39.13 -2.40
CA LYS IA 108 -111.12 -40.22 -2.41
C LYS IA 108 -112.14 -40.05 -3.53
N ALA IA 109 -112.66 -38.83 -3.71
CA ALA IA 109 -113.58 -38.56 -4.80
C ALA IA 109 -112.91 -38.70 -6.16
N ILE IA 110 -111.64 -38.27 -6.25
CA ILE IA 110 -110.90 -38.43 -7.50
C ILE IA 110 -110.74 -39.91 -7.84
N VAL IA 111 -110.41 -40.73 -6.85
CA VAL IA 111 -110.26 -42.18 -7.06
C VAL IA 111 -111.59 -42.80 -7.49
N GLU IA 112 -112.69 -42.39 -6.84
CA GLU IA 112 -114.00 -42.92 -7.22
C GLU IA 112 -114.35 -42.55 -8.66
N ARG IA 113 -114.13 -41.29 -9.03
CA ARG IA 113 -114.44 -40.86 -10.40
C ARG IA 113 -113.57 -41.58 -11.42
N ALA IA 114 -112.28 -41.77 -11.09
CA ALA IA 114 -111.39 -42.50 -11.99
C ALA IA 114 -111.83 -43.94 -12.16
N ALA IA 115 -112.29 -44.57 -11.08
CA ALA IA 115 -112.85 -45.91 -11.19
C ALA IA 115 -114.08 -45.91 -12.09
N GLN IA 116 -114.90 -44.86 -11.99
CA GLN IA 116 -116.06 -44.75 -12.88
C GLN IA 116 -115.64 -44.64 -14.34
N LEU IA 117 -114.60 -43.85 -14.62
CA LEU IA 117 -114.15 -43.60 -15.99
C LEU IA 117 -113.13 -44.61 -16.48
N ALA IA 118 -112.84 -45.66 -15.68
CA ALA IA 118 -111.87 -46.70 -16.04
C ALA IA 118 -110.48 -46.14 -16.25
N ILE IA 119 -110.17 -45.01 -15.63
CA ILE IA 119 -108.85 -44.40 -15.68
C ILE IA 119 -108.00 -45.03 -14.59
N ARG IA 120 -106.74 -45.33 -14.91
CA ARG IA 120 -105.84 -45.92 -13.93
C ARG IA 120 -105.16 -44.84 -13.10
N VAL IA 121 -105.12 -45.06 -11.79
CA VAL IA 121 -104.40 -44.19 -10.86
C VAL IA 121 -103.25 -45.01 -10.28
N THR IA 122 -102.04 -44.44 -10.31
CA THR IA 122 -100.89 -45.15 -9.82
C THR IA 122 -100.77 -45.10 -8.29
N ASN IA 123 -101.48 -44.17 -7.64
CA ASN IA 123 -101.53 -44.10 -6.18
C ASN IA 123 -102.99 -43.98 -5.75
N PRO IA 124 -103.77 -45.05 -5.92
CA PRO IA 124 -105.19 -44.96 -5.55
C PRO IA 124 -105.42 -45.02 -4.05
N ASN IA 125 -104.54 -45.68 -3.31
CA ASN IA 125 -104.61 -45.76 -1.85
C ASN IA 125 -103.45 -44.95 -1.28
N ALA IA 126 -103.66 -43.65 -1.12
CA ALA IA 126 -102.58 -42.73 -0.80
C ALA IA 126 -102.80 -41.88 0.43
N ARG IA 127 -104.04 -41.69 0.90
CA ARG IA 127 -104.27 -40.97 2.15
C ARG IA 127 -105.48 -41.61 2.82
N LEU IA 128 -105.20 -42.58 3.69
CA LEU IA 128 -106.24 -43.34 4.38
C LEU IA 128 -105.63 -44.20 5.48
N SER JA 1 -78.87 -91.77 -12.56
CA SER JA 1 -78.16 -93.03 -12.70
C SER JA 1 -76.75 -92.81 -13.25
N GLY JA 2 -76.54 -91.66 -13.89
CA GLY JA 2 -75.25 -91.38 -14.50
C GLY JA 2 -75.07 -89.89 -14.67
N ARG JA 3 -73.85 -89.52 -15.10
CA ARG JA 3 -73.49 -88.11 -15.12
C ARG JA 3 -74.21 -87.37 -16.23
N LEU JA 4 -74.25 -87.93 -17.43
CA LEU JA 4 -75.04 -87.40 -18.54
C LEU JA 4 -74.72 -85.96 -18.95
N TRP JA 5 -73.60 -85.42 -18.47
CA TRP JA 5 -73.10 -84.15 -18.98
C TRP JA 5 -71.59 -84.13 -18.91
N SER JA 6 -70.99 -83.35 -19.80
CA SER JA 6 -69.54 -83.27 -19.88
C SER JA 6 -69.02 -82.21 -18.93
N LYS JA 7 -67.93 -82.54 -18.24
CA LYS JA 7 -67.34 -81.61 -17.28
C LYS JA 7 -66.59 -80.51 -18.02
N ALA JA 8 -66.69 -79.29 -17.49
CA ALA JA 8 -66.03 -78.14 -18.08
C ALA JA 8 -65.64 -77.17 -16.98
N ILE JA 9 -64.72 -76.28 -17.31
CA ILE JA 9 -64.18 -75.32 -16.35
C ILE JA 9 -64.39 -73.91 -16.90
N PHE JA 10 -64.95 -73.03 -16.08
CA PHE JA 10 -65.07 -71.62 -16.42
C PHE JA 10 -63.68 -71.00 -16.27
N ALA JA 11 -62.94 -70.95 -17.39
CA ALA JA 11 -61.58 -70.41 -17.33
C ALA JA 11 -61.58 -68.90 -17.17
N GLY JA 12 -62.50 -68.21 -17.83
CA GLY JA 12 -62.56 -66.77 -17.72
C GLY JA 12 -63.47 -66.19 -18.80
N TYR JA 13 -63.51 -64.87 -18.83
CA TYR JA 13 -64.28 -64.16 -19.83
C TYR JA 13 -63.45 -63.94 -21.08
N LYS JA 14 -64.13 -63.70 -22.19
CA LYS JA 14 -63.46 -63.19 -23.37
C LYS JA 14 -62.82 -61.85 -23.04
N ARG JA 15 -61.57 -61.69 -23.44
CA ARG JA 15 -60.81 -60.55 -22.97
C ARG JA 15 -59.63 -60.29 -23.89
N GLY JA 16 -59.19 -59.05 -23.90
CA GLY JA 16 -57.85 -58.70 -24.32
C GLY JA 16 -56.92 -58.82 -23.13
N LEU JA 17 -55.80 -58.10 -23.18
CA LEU JA 17 -54.95 -58.05 -22.02
C LEU JA 17 -55.54 -57.15 -20.93
N ARG JA 18 -56.06 -55.99 -21.31
CA ARG JA 18 -56.52 -54.99 -20.35
C ARG JA 18 -57.98 -54.62 -20.56
N ASN JA 19 -58.71 -55.38 -21.36
CA ASN JA 19 -60.15 -55.17 -21.52
C ASN JA 19 -60.83 -56.51 -21.37
N GLN JA 20 -61.96 -56.52 -20.67
CA GLN JA 20 -62.67 -57.76 -20.37
C GLN JA 20 -64.11 -57.63 -20.85
N ARG JA 21 -64.54 -58.58 -21.69
CA ARG JA 21 -65.89 -58.62 -22.22
C ARG JA 21 -66.65 -59.70 -21.45
N GLU JA 22 -67.38 -59.29 -20.42
CA GLU JA 22 -68.00 -60.24 -19.51
C GLU JA 22 -69.24 -60.90 -20.09
N HIS JA 23 -69.74 -60.44 -21.24
CA HIS JA 23 -70.98 -61.00 -21.76
C HIS JA 23 -70.82 -62.41 -22.30
N THR JA 24 -69.59 -62.84 -22.59
CA THR JA 24 -69.32 -64.19 -23.05
C THR JA 24 -68.16 -64.78 -22.27
N ALA JA 25 -68.19 -66.10 -22.09
CA ALA JA 25 -67.27 -66.80 -21.22
C ALA JA 25 -66.46 -67.83 -22.02
N LEU JA 26 -65.30 -68.19 -21.47
CA LEU JA 26 -64.42 -69.19 -22.06
C LEU JA 26 -64.46 -70.45 -21.22
N LEU JA 27 -64.90 -71.55 -21.83
CA LEU JA 27 -65.06 -72.82 -21.14
C LEU JA 27 -63.98 -73.79 -21.59
N LYS JA 28 -63.45 -74.54 -20.63
CA LYS JA 28 -62.48 -75.60 -20.89
C LYS JA 28 -63.17 -76.94 -20.69
N ILE JA 29 -63.61 -77.55 -21.78
CA ILE JA 29 -64.25 -78.86 -21.69
C ILE JA 29 -63.18 -79.91 -21.44
N GLU JA 30 -63.47 -80.84 -20.53
CA GLU JA 30 -62.51 -81.86 -20.17
C GLU JA 30 -62.38 -82.90 -21.29
N GLY JA 31 -61.14 -83.20 -21.67
CA GLY JA 31 -60.88 -84.16 -22.71
C GLY JA 31 -60.86 -83.60 -24.11
N VAL JA 32 -61.11 -82.31 -24.28
CA VAL JA 32 -61.17 -81.67 -25.59
C VAL JA 32 -60.00 -80.68 -25.63
N TYR JA 33 -58.92 -81.06 -26.31
CA TYR JA 33 -57.69 -80.27 -26.30
C TYR JA 33 -57.23 -79.91 -27.71
N ALA JA 34 -58.13 -79.93 -28.68
CA ALA JA 34 -57.84 -79.46 -30.02
C ALA JA 34 -59.06 -78.75 -30.55
N ARG JA 35 -58.84 -77.83 -31.50
CA ARG JA 35 -59.94 -77.04 -32.02
C ARG JA 35 -60.91 -77.88 -32.83
N ASP JA 36 -60.41 -78.86 -33.60
CA ASP JA 36 -61.27 -79.67 -34.43
C ASP JA 36 -62.22 -80.55 -33.62
N GLU JA 37 -61.85 -80.91 -32.40
CA GLU JA 37 -62.69 -81.74 -31.56
C GLU JA 37 -63.87 -80.98 -30.96
N THR JA 38 -63.90 -79.66 -31.09
CA THR JA 38 -64.94 -78.85 -30.47
C THR JA 38 -66.22 -78.77 -31.29
N GLU JA 39 -66.22 -79.31 -32.50
CA GLU JA 39 -67.40 -79.21 -33.36
C GLU JA 39 -68.60 -79.93 -32.75
N PHE JA 40 -68.35 -80.97 -31.95
CA PHE JA 40 -69.44 -81.69 -31.31
C PHE JA 40 -70.18 -80.80 -30.31
N TYR JA 41 -69.45 -79.96 -29.59
CA TYR JA 41 -70.02 -79.21 -28.48
C TYR JA 41 -70.63 -77.88 -28.89
N LEU JA 42 -70.59 -77.51 -30.17
CA LEU JA 42 -71.15 -76.24 -30.59
C LEU JA 42 -72.67 -76.29 -30.51
N GLY JA 43 -73.25 -75.30 -29.85
CA GLY JA 43 -74.69 -75.23 -29.69
C GLY JA 43 -75.24 -76.02 -28.52
N LYS JA 44 -74.41 -76.78 -27.82
CA LYS JA 44 -74.88 -77.54 -26.66
C LYS JA 44 -75.25 -76.61 -25.52
N ARG JA 45 -76.33 -76.95 -24.83
CA ARG JA 45 -76.73 -76.20 -23.65
C ARG JA 45 -75.74 -76.42 -22.51
N CYS JA 46 -75.33 -75.34 -21.87
CA CYS JA 46 -74.44 -75.43 -20.73
C CYS JA 46 -75.05 -74.72 -19.54
N ALA JA 47 -74.75 -75.23 -18.35
CA ALA JA 47 -75.35 -74.74 -17.11
C ALA JA 47 -74.28 -74.51 -16.06
N TYR JA 48 -74.43 -73.42 -15.31
CA TYR JA 48 -73.63 -73.16 -14.12
C TYR JA 48 -74.51 -73.44 -12.91
N VAL JA 49 -74.25 -74.54 -12.22
CA VAL JA 49 -75.09 -75.00 -11.12
C VAL JA 49 -74.40 -74.69 -9.80
N TYR JA 50 -75.08 -73.99 -8.91
CA TYR JA 50 -74.52 -73.57 -7.64
C TYR JA 50 -75.60 -73.63 -6.57
N LYS JA 51 -75.20 -73.37 -5.33
CA LYS JA 51 -76.10 -73.36 -4.19
C LYS JA 51 -76.12 -71.98 -3.55
N ALA JA 52 -77.20 -71.69 -2.82
CA ALA JA 52 -77.36 -70.41 -2.16
C ALA JA 52 -78.03 -70.65 -0.82
N LYS JA 53 -78.42 -69.55 -0.16
CA LYS JA 53 -79.04 -69.58 1.16
C LYS JA 53 -80.54 -69.85 1.10
N ASN JA 54 -81.26 -69.11 0.28
CA ASN JA 54 -82.72 -69.24 0.26
C ASN JA 54 -83.15 -70.29 -0.74
N ASN JA 55 -84.29 -70.93 -0.43
CA ASN JA 55 -84.86 -71.91 -1.33
C ASN JA 55 -85.44 -71.22 -2.57
N THR JA 56 -85.29 -71.88 -3.71
CA THR JA 56 -85.90 -71.44 -4.96
C THR JA 56 -86.64 -72.62 -5.58
N VAL JA 57 -87.68 -72.31 -6.35
CA VAL JA 57 -88.52 -73.37 -6.90
C VAL JA 57 -87.72 -74.19 -7.90
N THR JA 58 -87.91 -75.50 -7.84
CA THR JA 58 -87.27 -76.44 -8.74
C THR JA 58 -88.31 -76.98 -9.72
N PRO JA 59 -88.04 -76.92 -11.02
CA PRO JA 59 -89.00 -77.48 -11.99
C PRO JA 59 -89.19 -78.97 -11.78
N GLY JA 60 -90.42 -79.35 -11.46
CA GLY JA 60 -90.73 -80.74 -11.16
C GLY JA 60 -90.09 -81.26 -9.89
N GLY JA 61 -90.05 -80.45 -8.84
CA GLY JA 61 -89.45 -80.89 -7.59
C GLY JA 61 -89.69 -79.87 -6.50
N LYS JA 62 -89.35 -80.27 -5.28
CA LYS JA 62 -89.49 -79.39 -4.13
C LYS JA 62 -88.45 -78.27 -4.21
N PRO JA 63 -88.75 -77.11 -3.63
CA PRO JA 63 -87.75 -76.05 -3.55
C PRO JA 63 -86.53 -76.48 -2.76
N ASN JA 64 -85.35 -76.06 -3.21
CA ASN JA 64 -84.10 -76.42 -2.57
C ASN JA 64 -83.12 -75.27 -2.76
N LYS JA 65 -81.85 -75.53 -2.46
CA LYS JA 65 -80.83 -74.50 -2.49
C LYS JA 65 -80.16 -74.36 -3.85
N THR JA 66 -80.45 -75.24 -4.79
CA THR JA 66 -79.78 -75.24 -6.08
C THR JA 66 -80.31 -74.15 -6.99
N ARG JA 67 -79.40 -73.37 -7.57
CA ARG JA 67 -79.73 -72.36 -8.57
C ARG JA 67 -78.86 -72.58 -9.79
N VAL JA 68 -79.39 -72.21 -10.95
CA VAL JA 68 -78.73 -72.44 -12.23
C VAL JA 68 -78.76 -71.17 -13.06
N ILE JA 69 -77.64 -70.86 -13.69
CA ILE JA 69 -77.56 -69.89 -14.77
C ILE JA 69 -77.37 -70.67 -16.06
N TRP JA 70 -78.29 -70.51 -17.00
CA TRP JA 70 -78.26 -71.29 -18.23
C TRP JA 70 -77.47 -70.58 -19.32
N GLY JA 71 -77.00 -71.36 -20.28
CA GLY JA 71 -76.27 -70.81 -21.39
C GLY JA 71 -76.10 -71.86 -22.46
N LYS JA 72 -75.31 -71.51 -23.48
CA LYS JA 72 -75.00 -72.48 -24.52
C LYS JA 72 -73.66 -72.12 -25.16
N VAL JA 73 -72.99 -73.15 -25.67
CA VAL JA 73 -71.72 -72.97 -26.36
C VAL JA 73 -72.00 -72.36 -27.73
N THR JA 74 -71.25 -71.31 -28.07
CA THR JA 74 -71.46 -70.58 -29.31
C THR JA 74 -70.43 -70.93 -30.38
N ARG JA 75 -69.14 -70.87 -30.05
CA ARG JA 75 -68.10 -71.12 -31.02
C ARG JA 75 -66.85 -71.59 -30.31
N ALA JA 76 -65.92 -72.13 -31.08
CA ALA JA 76 -64.63 -72.54 -30.56
C ALA JA 76 -63.75 -71.31 -30.32
N HIS JA 77 -62.81 -71.45 -29.38
CA HIS JA 77 -61.89 -70.39 -29.03
C HIS JA 77 -60.47 -70.94 -29.10
N GLY JA 78 -59.57 -70.21 -29.73
CA GLY JA 78 -58.19 -70.66 -29.79
C GLY JA 78 -58.02 -71.93 -30.61
N ASN JA 79 -56.88 -72.58 -30.40
CA ASN JA 79 -56.54 -73.82 -31.08
C ASN JA 79 -56.56 -75.03 -30.15
N SER JA 80 -56.79 -74.84 -28.85
CA SER JA 80 -56.57 -75.89 -27.87
C SER JA 80 -57.86 -76.34 -27.19
N GLY JA 81 -58.99 -76.28 -27.87
CA GLY JA 81 -60.22 -76.79 -27.32
C GLY JA 81 -61.00 -75.82 -26.44
N MET JA 82 -60.56 -74.57 -26.34
CA MET JA 82 -61.39 -73.56 -25.68
C MET JA 82 -62.66 -73.35 -26.49
N VAL JA 83 -63.76 -73.09 -25.78
CA VAL JA 83 -65.01 -72.73 -26.43
C VAL JA 83 -65.56 -71.49 -25.76
N ARG JA 84 -66.35 -70.74 -26.54
CA ARG JA 84 -67.03 -69.55 -26.02
C ARG JA 84 -68.49 -69.90 -25.74
N ALA JA 85 -68.98 -69.44 -24.59
CA ALA JA 85 -70.35 -69.71 -24.17
C ALA JA 85 -71.03 -68.40 -23.80
N LYS JA 86 -72.27 -68.25 -24.26
CA LYS JA 86 -73.13 -67.14 -23.88
C LYS JA 86 -74.14 -67.63 -22.86
N PHE JA 87 -74.19 -66.97 -21.72
CA PHE JA 87 -75.16 -67.30 -20.67
C PHE JA 87 -76.23 -66.22 -20.62
N ARG JA 88 -77.38 -66.60 -20.05
CA ARG JA 88 -78.50 -65.67 -19.98
C ARG JA 88 -78.15 -64.43 -19.19
N SER JA 89 -77.46 -64.61 -18.07
CA SER JA 89 -76.83 -63.52 -17.34
C SER JA 89 -75.34 -63.79 -17.26
N ASN JA 90 -74.55 -62.73 -17.22
CA ASN JA 90 -73.11 -62.89 -17.18
C ASN JA 90 -72.69 -63.67 -15.95
N LEU JA 91 -71.76 -64.60 -16.14
CA LEU JA 91 -71.36 -65.50 -15.06
C LEU JA 91 -70.67 -64.70 -13.95
N PRO JA 92 -70.97 -64.99 -12.69
CA PRO JA 92 -70.25 -64.35 -11.59
C PRO JA 92 -68.79 -64.75 -11.59
N ALA JA 93 -67.94 -63.81 -11.20
CA ALA JA 93 -66.50 -64.02 -11.28
C ALA JA 93 -66.00 -64.99 -10.22
N LYS JA 94 -66.81 -65.34 -9.22
CA LYS JA 94 -66.40 -66.35 -8.26
C LYS JA 94 -66.46 -67.75 -8.85
N ALA JA 95 -67.08 -67.92 -10.01
CA ALA JA 95 -67.20 -69.22 -10.65
C ALA JA 95 -65.99 -69.60 -11.46
N ILE JA 96 -64.97 -68.74 -11.54
CA ILE JA 96 -63.80 -69.04 -12.33
C ILE JA 96 -63.04 -70.20 -11.71
N GLY JA 97 -62.78 -71.23 -12.52
CA GLY JA 97 -62.17 -72.44 -12.02
C GLY JA 97 -63.13 -73.43 -11.42
N HIS JA 98 -64.43 -73.23 -11.59
CA HIS JA 98 -65.46 -74.13 -11.05
C HIS JA 98 -66.12 -74.90 -12.19
N ARG JA 99 -67.00 -75.82 -11.81
CA ARG JA 99 -67.58 -76.77 -12.75
C ARG JA 99 -68.67 -76.11 -13.58
N ILE JA 100 -68.63 -76.35 -14.89
CA ILE JA 100 -69.72 -76.03 -15.80
C ILE JA 100 -70.14 -77.33 -16.48
N ARG JA 101 -71.44 -77.61 -16.47
CA ARG JA 101 -71.98 -78.80 -17.10
C ARG JA 101 -72.36 -78.48 -18.54
N VAL JA 102 -71.97 -79.34 -19.47
CA VAL JA 102 -72.37 -79.26 -20.87
C VAL JA 102 -73.33 -80.40 -21.13
N MET JA 103 -74.57 -80.07 -21.47
CA MET JA 103 -75.70 -80.94 -21.18
C MET JA 103 -76.07 -81.92 -22.28
N LEU JA 104 -75.41 -81.88 -23.44
CA LEU JA 104 -75.70 -82.73 -24.59
C LEU JA 104 -77.10 -82.53 -25.17
N TYR JA 105 -77.85 -81.52 -24.72
CA TYR JA 105 -79.27 -81.46 -25.06
C TYR JA 105 -79.52 -81.24 -26.55
N PRO JA 106 -79.03 -80.17 -27.20
CA PRO JA 106 -79.37 -80.06 -28.64
C PRO JA 106 -78.48 -80.98 -29.46
N SER JA 107 -78.87 -82.25 -29.51
CA SER JA 107 -78.05 -83.27 -30.15
C SER JA 107 -78.19 -83.21 -31.65
N ARG JA 108 -77.07 -83.35 -32.35
CA ARG JA 108 -77.05 -83.43 -33.81
C ARG JA 108 -76.57 -84.80 -34.30
N ILE JA 109 -76.49 -85.77 -33.41
CA ILE JA 109 -76.02 -87.10 -33.75
C ILE JA 109 -77.11 -88.13 -33.50
N VAL KA 1 -37.33 -4.64 67.09
CA VAL KA 1 -37.75 -3.44 67.79
C VAL KA 1 -38.91 -2.79 67.06
N GLN KA 2 -39.56 -1.83 67.72
CA GLN KA 2 -40.72 -1.19 67.13
C GLN KA 2 -40.29 -0.30 65.96
N ARG KA 3 -40.96 -0.45 64.83
CA ARG KA 3 -40.64 0.31 63.64
C ARG KA 3 -41.75 1.31 63.38
N LEU KA 4 -41.38 2.47 62.83
CA LEU KA 4 -42.25 3.64 62.77
C LEU KA 4 -42.81 3.85 61.36
N THR KA 5 -43.96 4.52 61.31
CA THR KA 5 -44.63 4.89 60.06
C THR KA 5 -44.93 6.38 60.06
N TYR KA 6 -45.01 6.97 58.87
CA TYR KA 6 -45.47 8.35 58.75
C TYR KA 6 -46.92 8.47 59.19
N ARG KA 7 -47.26 9.60 59.82
CA ARG KA 7 -48.61 9.83 60.29
C ARG KA 7 -49.43 10.69 59.33
N ARG KA 8 -48.84 11.14 58.24
CA ARG KA 8 -49.52 11.94 57.22
C ARG KA 8 -49.34 11.25 55.87
N ARG KA 9 -50.00 11.79 54.86
CA ARG KA 9 -49.98 11.18 53.53
C ARG KA 9 -48.79 11.63 52.69
N LEU KA 10 -47.91 12.48 53.23
CA LEU KA 10 -46.67 12.82 52.56
C LEU KA 10 -45.65 11.75 52.91
N SER KA 11 -45.26 10.95 51.91
CA SER KA 11 -44.43 9.78 52.14
C SER KA 11 -42.98 9.98 51.71
N TYR KA 12 -42.59 11.20 51.39
CA TYR KA 12 -41.24 11.47 50.91
C TYR KA 12 -40.48 12.32 51.90
N ASN KA 13 -39.17 12.10 51.96
CA ASN KA 13 -38.31 12.77 52.94
C ASN KA 13 -37.93 14.18 52.47
N THR KA 14 -38.97 15.01 52.30
CA THR KA 14 -38.78 16.38 51.87
C THR KA 14 -38.47 17.27 53.07
N ALA KA 15 -38.24 18.56 52.81
CA ALA KA 15 -37.91 19.47 53.89
C ALA KA 15 -39.11 19.77 54.78
N SER KA 16 -40.32 19.63 54.27
CA SER KA 16 -41.53 19.83 55.04
C SER KA 16 -42.02 18.56 55.70
N ASN KA 17 -41.28 17.47 55.57
CA ASN KA 17 -41.66 16.17 56.12
C ASN KA 17 -40.61 15.67 57.10
N LYS KA 18 -40.14 16.55 57.97
CA LYS KA 18 -39.11 16.24 58.94
C LYS KA 18 -39.74 15.91 60.28
N THR KA 19 -39.22 14.88 60.94
CA THR KA 19 -39.84 14.34 62.15
C THR KA 19 -38.80 14.20 63.25
N ARG KA 20 -39.29 13.83 64.43
CA ARG KA 20 -38.45 13.43 65.54
C ARG KA 20 -39.19 12.36 66.34
N LEU KA 21 -38.44 11.61 67.13
CA LEU KA 21 -39.00 10.49 67.86
C LEU KA 21 -39.47 10.93 69.24
N SER KA 22 -40.66 10.49 69.61
CA SER KA 22 -41.27 10.87 70.88
C SER KA 22 -41.85 9.63 71.54
N ARG KA 23 -41.67 9.53 72.85
CA ARG KA 23 -42.24 8.43 73.63
C ARG KA 23 -43.51 8.91 74.32
N THR KA 24 -44.65 8.40 73.87
CA THR KA 24 -45.94 8.79 74.41
C THR KA 24 -46.13 8.21 75.80
N PRO KA 25 -47.10 8.73 76.57
CA PRO KA 25 -47.44 8.09 77.86
C PRO KA 25 -47.90 6.66 77.72
N GLY KA 26 -48.36 6.24 76.55
CA GLY KA 26 -48.72 4.87 76.30
C GLY KA 26 -47.56 3.94 76.06
N ASN KA 27 -46.32 4.42 76.25
CA ASN KA 27 -45.10 3.63 76.14
C ASN KA 27 -44.93 3.11 74.71
N ARG KA 28 -45.02 4.03 73.75
CA ARG KA 28 -44.75 3.71 72.36
C ARG KA 28 -44.10 4.91 71.70
N ILE KA 29 -43.23 4.63 70.74
CA ILE KA 29 -42.48 5.64 70.01
C ILE KA 29 -43.27 6.04 68.78
N VAL KA 30 -43.42 7.34 68.55
CA VAL KA 30 -44.13 7.88 67.39
C VAL KA 30 -43.31 9.01 66.80
N TYR KA 31 -43.63 9.36 65.56
CA TYR KA 31 -43.12 10.59 64.99
C TYR KA 31 -43.88 11.80 65.53
N LEU KA 32 -43.14 12.87 65.81
CA LEU KA 32 -43.71 14.19 65.99
C LEU KA 32 -43.13 15.07 64.89
N TYR KA 33 -43.99 15.74 64.14
CA TYR KA 33 -43.55 16.50 62.98
C TYR KA 33 -43.03 17.85 63.44
N THR KA 34 -41.72 18.06 63.28
CA THR KA 34 -41.08 19.24 63.81
C THR KA 34 -41.33 20.46 62.92
N LYS KA 35 -40.95 21.61 63.44
CA LYS KA 35 -40.96 22.85 62.67
C LYS KA 35 -39.55 23.17 62.19
N LYS KA 36 -39.47 23.95 61.13
CA LYS KA 36 -38.17 24.32 60.59
C LYS KA 36 -37.40 25.19 61.57
N VAL KA 37 -36.08 25.10 61.51
CA VAL KA 37 -35.23 25.89 62.38
C VAL KA 37 -35.20 27.33 61.89
N GLY KA 38 -35.60 28.27 62.74
CA GLY KA 38 -35.61 29.66 62.36
C GLY KA 38 -34.24 30.29 62.41
N LYS KA 39 -34.15 31.50 61.85
CA LYS KA 39 -32.91 32.24 61.79
C LYS KA 39 -33.09 33.63 62.37
N ALA KA 40 -32.10 34.06 63.15
CA ALA KA 40 -32.07 35.43 63.62
C ALA KA 40 -31.79 36.38 62.45
N PRO KA 41 -32.16 37.65 62.57
CA PRO KA 41 -31.91 38.59 61.47
C PRO KA 41 -30.44 38.81 61.21
N LYS KA 42 -30.11 39.10 59.96
CA LYS KA 42 -28.79 39.59 59.59
C LYS KA 42 -28.79 41.12 59.64
N SER KA 43 -27.61 41.67 59.92
CA SER KA 43 -27.49 43.11 60.09
C SER KA 43 -27.74 43.84 58.78
N ALA KA 44 -28.41 44.99 58.88
CA ALA KA 44 -28.71 45.79 57.70
C ALA KA 44 -27.48 46.40 57.05
N CYS KA 45 -26.33 46.39 57.74
CA CYS KA 45 -25.09 46.86 57.12
C CYS KA 45 -24.70 45.96 55.96
N GLY KA 46 -24.92 44.66 56.09
CA GLY KA 46 -24.52 43.73 55.06
C GLY KA 46 -23.03 43.45 55.02
N VAL KA 47 -22.29 43.86 56.04
CA VAL KA 47 -20.84 43.72 56.06
C VAL KA 47 -20.40 42.59 56.99
N CYS KA 48 -20.70 42.71 58.27
CA CYS KA 48 -20.30 41.66 59.20
C CYS KA 48 -21.27 40.48 59.13
N PRO KA 49 -20.76 39.25 59.20
CA PRO KA 49 -21.60 38.08 58.85
C PRO KA 49 -22.44 37.55 59.99
N GLY KA 50 -22.24 38.00 61.21
CA GLY KA 50 -22.99 37.45 62.33
C GLY KA 50 -24.45 37.86 62.30
N ARG KA 51 -25.27 37.09 63.00
CA ARG KA 51 -26.69 37.40 63.15
C ARG KA 51 -26.92 38.12 64.47
N LEU KA 52 -27.99 38.91 64.50
CA LEU KA 52 -28.23 39.78 65.64
C LEU KA 52 -28.58 38.99 66.89
N ARG KA 53 -28.24 39.59 68.03
CA ARG KA 53 -28.51 39.03 69.35
C ARG KA 53 -29.72 39.72 69.96
N GLY KA 54 -30.28 39.08 70.98
CA GLY KA 54 -31.45 39.63 71.64
C GLY KA 54 -32.74 39.49 70.87
N VAL KA 55 -32.72 38.84 69.71
CA VAL KA 55 -33.91 38.65 68.88
C VAL KA 55 -34.16 37.15 68.76
N ARG KA 56 -35.39 36.74 69.04
CA ARG KA 56 -35.73 35.33 69.07
C ARG KA 56 -35.79 34.78 67.66
N ALA KA 57 -35.10 33.67 67.41
CA ALA KA 57 -34.97 33.10 66.07
C ALA KA 57 -36.13 32.15 65.82
N VAL KA 58 -37.10 32.62 65.03
CA VAL KA 58 -38.31 31.84 64.73
C VAL KA 58 -38.62 31.99 63.24
N ARG KA 59 -39.59 31.19 62.79
CA ARG KA 59 -40.07 31.30 61.43
C ARG KA 59 -40.79 32.65 61.25
N PRO KA 60 -40.81 33.18 60.02
CA PRO KA 60 -41.31 34.55 59.83
C PRO KA 60 -42.74 34.79 60.29
N LYS KA 61 -43.64 33.84 60.09
CA LYS KA 61 -45.03 34.06 60.49
C LYS KA 61 -45.24 33.89 61.98
N VAL KA 62 -44.26 33.33 62.69
CA VAL KA 62 -44.34 33.25 64.14
C VAL KA 62 -44.12 34.63 64.77
N LEU KA 63 -43.41 35.52 64.08
CA LEU KA 63 -43.13 36.84 64.61
C LEU KA 63 -44.39 37.68 64.79
N MET KA 64 -45.49 37.29 64.14
CA MET KA 64 -46.72 38.07 64.25
C MET KA 64 -47.33 37.96 65.65
N ARG KA 65 -47.19 36.82 66.31
CA ARG KA 65 -47.74 36.61 67.64
C ARG KA 65 -46.72 36.80 68.75
N LEU KA 66 -45.53 37.27 68.43
CA LEU KA 66 -44.53 37.59 69.44
C LEU KA 66 -44.69 39.02 69.90
N SER KA 67 -44.35 39.26 71.17
CA SER KA 67 -44.41 40.61 71.70
C SER KA 67 -43.29 41.46 71.10
N LYS KA 68 -43.42 42.77 71.27
CA LYS KA 68 -42.51 43.71 70.62
C LYS KA 68 -41.07 43.54 71.10
N THR KA 69 -40.89 43.33 72.40
CA THR KA 69 -39.55 43.28 72.98
C THR KA 69 -38.75 42.10 72.43
N LYS KA 70 -39.41 40.99 72.16
CA LYS KA 70 -38.72 39.80 71.66
C LYS KA 70 -38.16 39.97 70.26
N LYS KA 71 -38.53 41.03 69.54
CA LYS KA 71 -38.14 41.18 68.15
C LYS KA 71 -37.17 42.33 67.93
N HIS KA 72 -36.77 43.05 68.97
CA HIS KA 72 -35.84 44.16 68.78
C HIS KA 72 -34.98 44.31 70.02
N VAL KA 73 -34.08 45.29 69.97
CA VAL KA 73 -33.15 45.61 71.04
C VAL KA 73 -33.30 47.09 71.36
N SER KA 74 -33.28 47.43 72.64
CA SER KA 74 -33.48 48.82 73.07
C SER KA 74 -32.26 49.64 72.70
N ARG KA 75 -32.22 50.07 71.45
CA ARG KA 75 -31.16 50.89 70.90
C ARG KA 75 -31.64 51.39 69.53
N ALA KA 76 -31.08 52.52 69.11
CA ALA KA 76 -31.33 52.97 67.74
C ALA KA 76 -30.90 51.88 66.76
N TYR KA 77 -31.75 51.65 65.76
CA TYR KA 77 -31.60 50.56 64.80
C TYR KA 77 -31.62 49.18 65.46
N GLY KA 78 -32.13 49.08 66.68
CA GLY KA 78 -32.16 47.82 67.40
C GLY KA 78 -33.02 46.78 66.73
N GLY KA 79 -32.49 45.58 66.55
CA GLY KA 79 -33.20 44.52 65.87
C GLY KA 79 -33.13 44.61 64.36
N SER KA 80 -32.44 45.60 63.82
CA SER KA 80 -32.22 45.74 62.39
C SER KA 80 -30.75 45.87 62.03
N MET KA 81 -29.96 46.54 62.86
CA MET KA 81 -28.53 46.68 62.65
C MET KA 81 -27.78 46.25 63.91
N CYS KA 82 -26.55 45.79 63.70
CA CYS KA 82 -25.67 45.41 64.78
C CYS KA 82 -25.17 46.65 65.52
N ALA KA 83 -24.71 46.44 66.75
CA ALA KA 83 -24.25 47.56 67.57
C ALA KA 83 -22.98 48.18 67.02
N LYS KA 84 -22.04 47.34 66.56
CA LYS KA 84 -20.75 47.84 66.13
C LYS KA 84 -20.88 48.76 64.92
N CYS KA 85 -21.67 48.33 63.92
CA CYS KA 85 -21.85 49.17 62.75
C CYS KA 85 -22.73 50.38 63.04
N VAL KA 86 -23.57 50.34 64.07
CA VAL KA 86 -24.28 51.53 64.49
C VAL KA 86 -23.32 52.55 65.09
N ARG KA 87 -22.40 52.10 65.94
CA ARG KA 87 -21.36 53.00 66.44
C ARG KA 87 -20.53 53.58 65.30
N ASP KA 88 -20.20 52.74 64.32
CA ASP KA 88 -19.44 53.20 63.17
C ASP KA 88 -20.22 54.25 62.39
N ARG KA 89 -21.53 54.07 62.22
CA ARG KA 89 -22.32 55.04 61.50
C ARG KA 89 -22.44 56.35 62.26
N ILE KA 90 -22.55 56.29 63.59
CA ILE KA 90 -22.58 57.51 64.40
C ILE KA 90 -21.30 58.30 64.21
N LYS KA 91 -20.16 57.61 64.36
CA LYS KA 91 -18.87 58.26 64.22
C LYS KA 91 -18.68 58.82 62.81
N ARG KA 92 -19.08 58.03 61.80
CA ARG KA 92 -18.92 58.45 60.42
C ARG KA 92 -19.75 59.68 60.10
N ALA KA 93 -21.01 59.69 60.56
CA ALA KA 93 -21.86 60.85 60.33
C ALA KA 93 -21.29 62.10 60.99
N PHE KA 94 -20.90 61.98 62.26
CA PHE KA 94 -20.35 63.13 62.96
C PHE KA 94 -19.09 63.65 62.28
N LEU KA 95 -18.18 62.75 61.93
CA LEU KA 95 -16.91 63.18 61.37
C LEU KA 95 -17.07 63.76 59.97
N ILE KA 96 -18.00 63.23 59.18
CA ILE KA 96 -18.20 63.79 57.84
C ILE KA 96 -18.85 65.15 57.91
N GLU KA 97 -19.80 65.35 58.84
CA GLU KA 97 -20.36 66.69 58.99
C GLU KA 97 -19.30 67.68 59.52
N GLU KA 98 -18.40 67.20 60.38
CA GLU KA 98 -17.30 68.04 60.82
C GLU KA 98 -16.40 68.41 59.65
N GLN KA 99 -16.12 67.46 58.76
CA GLN KA 99 -15.33 67.73 57.57
C GLN KA 99 -16.01 68.74 56.66
N LYS KA 100 -17.33 68.65 56.53
CA LYS KA 100 -18.07 69.64 55.75
C LYS KA 100 -17.92 71.03 56.36
N ILE KA 101 -18.02 71.13 57.69
CA ILE KA 101 -17.82 72.42 58.35
C ILE KA 101 -16.41 72.94 58.08
N VAL KA 102 -15.42 72.05 58.14
CA VAL KA 102 -14.03 72.46 57.93
C VAL KA 102 -13.83 73.00 56.51
N VAL KA 103 -14.37 72.29 55.52
CA VAL KA 103 -14.17 72.76 54.14
C VAL KA 103 -14.97 74.02 53.87
N LYS KA 104 -16.12 74.19 54.53
CA LYS KA 104 -16.87 75.44 54.40
C LYS KA 104 -16.06 76.62 54.95
N VAL KA 105 -15.47 76.44 56.13
CA VAL KA 105 -14.62 77.48 56.71
C VAL KA 105 -13.41 77.74 55.83
N LEU KA 106 -12.83 76.67 55.27
CA LEU KA 106 -11.64 76.79 54.46
C LEU KA 106 -11.91 77.58 53.18
N LYS KA 107 -13.06 77.36 52.55
CA LYS KA 107 -13.38 78.14 51.36
C LYS KA 107 -13.83 79.56 51.74
N ALA KA 108 -14.43 79.74 52.91
CA ALA KA 108 -14.85 81.07 53.32
C ALA KA 108 -13.66 81.95 53.66
N GLN KA 109 -12.56 81.34 54.13
CA GLN KA 109 -11.37 82.11 54.43
C GLN KA 109 -10.43 82.23 53.23
N ALA KA 110 -10.51 81.32 52.26
CA ALA KA 110 -9.66 81.42 51.08
C ALA KA 110 -10.13 82.50 50.12
N GLN KA 111 -11.42 82.82 50.12
CA GLN KA 111 -11.96 83.84 49.25
C GLN KA 111 -11.68 85.26 49.74
N SER KA 112 -10.96 85.41 50.86
CA SER KA 112 -10.65 86.73 51.39
C SER KA 112 -9.82 87.56 50.42
N GLN KA 113 -8.95 86.93 49.64
CA GLN KA 113 -8.13 87.62 48.64
C GLN KA 113 -8.84 87.53 47.30
N LYS KA 114 -8.96 88.67 46.63
CA LYS KA 114 -9.71 88.77 45.37
C LYS KA 114 -9.06 87.94 44.26
N ALA LA 1 -108.58 11.56 50.68
CA ALA LA 1 -108.88 12.97 50.87
C ALA LA 1 -107.89 13.85 50.11
N LYS LA 2 -107.90 13.74 48.78
CA LYS LA 2 -106.96 14.48 47.96
C LYS LA 2 -107.27 15.98 47.98
N ILE LA 3 -106.29 16.77 47.56
CA ILE LA 3 -106.47 18.20 47.35
C ILE LA 3 -106.48 18.45 45.85
N LYS LA 4 -107.34 19.36 45.42
CA LYS LA 4 -107.50 19.68 44.01
C LYS LA 4 -106.97 21.08 43.73
N ALA LA 5 -106.69 21.34 42.46
CA ALA LA 5 -106.23 22.66 42.06
C ALA LA 5 -107.35 23.69 42.03
N ARG LA 6 -108.59 23.26 41.79
CA ARG LA 6 -109.70 24.21 41.65
C ARG LA 6 -110.02 24.90 42.96
N ASP LA 7 -110.14 24.13 44.04
CA ASP LA 7 -110.50 24.70 45.34
C ASP LA 7 -109.32 25.33 46.05
N LEU LA 8 -108.13 25.32 45.46
CA LEU LA 8 -107.00 26.06 45.99
C LEU LA 8 -106.95 27.50 45.48
N ARG LA 9 -107.56 27.78 44.34
CA ARG LA 9 -107.38 29.08 43.69
C ARG LA 9 -108.09 30.19 44.45
N GLY LA 10 -109.19 29.88 45.14
CA GLY LA 10 -109.89 30.88 45.92
C GLY LA 10 -109.14 31.32 47.15
N LYS LA 11 -108.27 30.46 47.69
CA LYS LA 11 -107.52 30.78 48.89
C LYS LA 11 -106.47 31.84 48.60
N LYS LA 12 -106.06 32.55 49.65
CA LYS LA 12 -105.00 33.53 49.53
C LYS LA 12 -103.68 32.93 49.99
N LYS LA 13 -102.65 33.78 50.05
CA LYS LA 13 -101.27 33.29 50.07
C LYS LA 13 -100.92 32.62 51.40
N GLU LA 14 -101.44 33.15 52.51
CA GLU LA 14 -101.02 32.68 53.82
C GLU LA 14 -101.43 31.23 54.07
N GLU LA 15 -102.71 30.91 53.83
CA GLU LA 15 -103.14 29.53 54.03
C GLU LA 15 -102.58 28.60 52.96
N LEU LA 16 -102.29 29.11 51.76
CA LEU LA 16 -101.62 28.28 50.76
C LEU LA 16 -100.23 27.87 51.24
N LEU LA 17 -99.48 28.82 51.79
CA LEU LA 17 -98.16 28.48 52.33
C LEU LA 17 -98.27 27.59 53.56
N LYS LA 18 -99.30 27.80 54.37
CA LYS LA 18 -99.54 26.93 55.52
C LYS LA 18 -99.77 25.49 55.09
N GLN LA 19 -100.61 25.30 54.06
CA GLN LA 19 -100.91 23.96 53.58
C GLN LA 19 -99.69 23.33 52.92
N LEU LA 20 -98.90 24.14 52.21
CA LEU LA 20 -97.64 23.63 51.64
C LEU LA 20 -96.69 23.17 52.73
N ASP LA 21 -96.58 23.94 53.81
CA ASP LA 21 -95.71 23.56 54.92
C ASP LA 21 -96.20 22.27 55.58
N ASP LA 22 -97.51 22.14 55.77
CA ASP LA 22 -98.04 20.91 56.36
C ASP LA 22 -97.79 19.71 55.47
N LEU LA 23 -97.94 19.89 54.15
CA LEU LA 23 -97.65 18.80 53.22
C LEU LA 23 -96.17 18.43 53.25
N LYS LA 24 -95.28 19.42 53.35
CA LYS LA 24 -93.85 19.12 53.45
C LYS LA 24 -93.52 18.35 54.72
N VAL LA 25 -94.14 18.74 55.84
CA VAL LA 25 -93.95 18.02 57.10
C VAL LA 25 -94.42 16.57 56.97
N GLU LA 26 -95.59 16.37 56.38
CA GLU LA 26 -96.12 15.03 56.22
C GLU LA 26 -95.24 14.20 55.29
N LEU LA 27 -94.69 14.81 54.24
CA LEU LA 27 -93.77 14.10 53.35
C LEU LA 27 -92.50 13.70 54.09
N SER LA 28 -91.97 14.58 54.94
CA SER LA 28 -90.79 14.23 55.73
C SER LA 28 -91.08 13.06 56.66
N GLN LA 29 -92.25 13.06 57.30
CA GLN LA 29 -92.61 11.94 58.16
C GLN LA 29 -92.80 10.66 57.36
N LEU LA 30 -93.32 10.76 56.14
CA LEU LA 30 -93.47 9.58 55.29
C LEU LA 30 -92.12 9.02 54.88
N ARG LA 31 -91.14 9.89 54.60
CA ARG LA 31 -89.80 9.40 54.30
C ARG LA 31 -89.16 8.75 55.53
N VAL LA 32 -89.40 9.32 56.71
CA VAL LA 32 -88.95 8.70 57.95
C VAL LA 32 -89.55 7.31 58.10
N ALA LA 33 -90.84 7.17 57.80
CA ALA LA 33 -91.49 5.87 57.86
C ALA LA 33 -90.92 4.92 56.82
N LYS LA 34 -90.55 5.45 55.65
CA LYS LA 34 -89.96 4.61 54.60
C LYS LA 34 -88.63 4.04 55.03
N VAL LA 35 -87.79 4.84 55.68
CA VAL LA 35 -86.46 4.33 56.03
C VAL LA 35 -86.52 3.43 57.26
N THR LA 36 -87.60 3.52 58.05
CA THR LA 36 -87.76 2.70 59.25
C THR LA 36 -88.75 1.57 59.06
N GLY LA 37 -88.79 0.97 57.88
CA GLY LA 37 -89.72 -0.12 57.61
C GLY LA 37 -91.09 0.36 57.20
N GLY LA 38 -91.86 0.87 58.16
CA GLY LA 38 -93.15 1.45 57.86
C GLY LA 38 -94.16 0.43 57.36
N ALA LA 39 -95.15 0.94 56.63
CA ALA LA 39 -96.21 0.11 56.06
C ALA LA 39 -96.38 0.47 54.59
N ALA LA 40 -96.97 -0.46 53.84
CA ALA LA 40 -97.11 -0.27 52.40
C ALA LA 40 -98.03 0.90 52.07
N SER LA 41 -99.05 1.12 52.90
CA SER LA 41 -99.94 2.27 52.68
C SER LA 41 -99.19 3.58 52.81
N LYS LA 42 -98.34 3.69 53.83
CA LYS LA 42 -97.56 4.91 54.00
C LYS LA 42 -96.52 5.09 52.90
N LEU LA 43 -96.00 3.98 52.36
CA LEU LA 43 -95.12 4.06 51.21
C LEU LA 43 -95.85 4.57 49.98
N SER LA 44 -97.09 4.11 49.77
CA SER LA 44 -97.87 4.58 48.64
C SER LA 44 -98.29 6.02 48.81
N LYS LA 45 -98.44 6.49 50.05
CA LYS LA 45 -98.84 7.86 50.30
C LYS LA 45 -97.75 8.87 49.95
N ILE LA 46 -96.53 8.43 49.66
CA ILE LA 46 -95.45 9.36 49.32
C ILE LA 46 -95.77 10.10 48.04
N ARG LA 47 -96.19 9.36 47.01
CA ARG LA 47 -96.48 9.97 45.71
C ARG LA 47 -97.65 10.93 45.80
N VAL LA 48 -98.66 10.59 46.59
CA VAL LA 48 -99.83 11.46 46.75
C VAL LA 48 -99.41 12.80 47.34
N VAL LA 49 -98.59 12.76 48.39
CA VAL LA 49 -98.17 14.00 49.04
C VAL LA 49 -97.24 14.80 48.14
N ARG LA 50 -96.38 14.12 47.37
CA ARG LA 50 -95.51 14.83 46.44
C ARG LA 50 -96.30 15.55 45.36
N LYS LA 51 -97.32 14.88 44.81
CA LYS LA 51 -98.16 15.52 43.80
C LYS LA 51 -99.00 16.63 44.41
N SER LA 52 -99.43 16.49 45.67
CA SER LA 52 -100.14 17.57 46.33
C SER LA 52 -99.25 18.79 46.53
N ILE LA 53 -97.98 18.56 46.88
CA ILE LA 53 -97.02 19.65 47.00
C ILE LA 53 -96.85 20.34 45.65
N ALA LA 54 -96.73 19.56 44.58
CA ALA LA 54 -96.61 20.14 43.25
C ALA LA 54 -97.84 20.95 42.88
N ARG LA 55 -99.02 20.47 43.25
CA ARG LA 55 -100.26 21.20 42.96
C ARG LA 55 -100.29 22.54 43.69
N VAL LA 56 -99.97 22.54 44.99
CA VAL LA 56 -99.98 23.79 45.75
C VAL LA 56 -98.96 24.75 45.18
N LEU LA 57 -97.77 24.26 44.86
CA LEU LA 57 -96.72 25.12 44.35
C LEU LA 57 -97.09 25.72 42.99
N THR LA 58 -97.69 24.93 42.10
CA THR LA 58 -98.05 25.48 40.81
C THR LA 58 -99.20 26.46 40.91
N VAL LA 59 -100.12 26.27 41.86
CA VAL LA 59 -101.18 27.26 42.05
C VAL LA 59 -100.59 28.56 42.55
N ILE LA 60 -99.66 28.49 43.51
CA ILE LA 60 -99.02 29.70 44.03
C ILE LA 60 -98.27 30.42 42.91
N ASN LA 61 -97.50 29.67 42.12
CA ASN LA 61 -96.70 30.28 41.06
C ASN LA 61 -97.58 30.90 39.98
N GLN LA 62 -98.66 30.22 39.60
CA GLN LA 62 -99.55 30.77 38.58
C GLN LA 62 -100.24 32.04 39.06
N THR LA 63 -100.70 32.05 40.32
CA THR LA 63 -101.33 33.27 40.83
C THR LA 63 -100.33 34.42 40.88
N GLN LA 64 -99.10 34.16 41.32
CA GLN LA 64 -98.09 35.20 41.37
C GLN LA 64 -97.78 35.74 39.98
N LYS LA 65 -97.62 34.83 39.01
CA LYS LA 65 -97.29 35.24 37.65
C LYS LA 65 -98.43 36.05 37.02
N GLU LA 66 -99.69 35.65 37.25
CA GLU LA 66 -100.77 36.41 36.65
C GLU LA 66 -100.97 37.75 37.33
N ASN LA 67 -100.70 37.84 38.64
CA ASN LA 67 -100.71 39.15 39.29
C ASN LA 67 -99.64 40.05 38.71
N LEU LA 68 -98.44 39.51 38.46
CA LEU LA 68 -97.39 40.30 37.85
C LEU LA 68 -97.78 40.73 36.43
N ARG LA 69 -98.44 39.85 35.68
CA ARG LA 69 -98.89 40.20 34.34
C ARG LA 69 -99.91 41.33 34.38
N LYS LA 70 -100.83 41.29 35.34
CA LYS LA 70 -101.80 42.37 35.49
C LYS LA 70 -101.13 43.67 35.91
N PHE LA 71 -100.09 43.58 36.74
CA PHE LA 71 -99.38 44.79 37.14
C PHE LA 71 -98.62 45.42 35.98
N TYR LA 72 -97.98 44.60 35.15
CA TYR LA 72 -97.16 45.11 34.06
C TYR LA 72 -97.93 45.27 32.76
N LYS LA 73 -99.26 45.14 32.78
CA LYS LA 73 -100.05 45.39 31.60
C LYS LA 73 -100.14 46.91 31.36
N GLY LA 74 -99.86 47.31 30.11
CA GLY LA 74 -99.88 48.71 29.77
C GLY LA 74 -98.60 49.47 30.06
N LYS LA 75 -97.53 48.78 30.44
CA LYS LA 75 -96.26 49.42 30.73
C LYS LA 75 -95.32 49.26 29.54
N LYS LA 76 -94.47 50.27 29.35
CA LYS LA 76 -93.57 50.28 28.19
C LYS LA 76 -92.56 49.15 28.27
N TYR LA 77 -91.97 48.94 29.43
CA TYR LA 77 -90.91 47.95 29.62
C TYR LA 77 -91.39 46.88 30.59
N LYS LA 78 -91.18 45.62 30.22
CA LYS LA 78 -91.63 44.50 31.02
C LYS LA 78 -90.48 43.52 31.23
N PRO LA 79 -90.52 42.75 32.31
CA PRO LA 79 -89.50 41.72 32.52
C PRO LA 79 -89.50 40.70 31.38
N LEU LA 80 -88.32 40.14 31.12
CA LEU LA 80 -88.13 39.29 29.95
C LEU LA 80 -89.00 38.04 30.02
N ASP LA 81 -89.28 37.53 31.22
CA ASP LA 81 -90.15 36.37 31.34
C ASP LA 81 -91.61 36.71 31.07
N LEU LA 82 -91.98 37.99 31.12
CA LEU LA 82 -93.35 38.39 30.80
C LEU LA 82 -93.54 38.73 29.34
N ARG LA 83 -92.46 38.94 28.60
CA ARG LA 83 -92.56 39.18 27.18
C ARG LA 83 -92.84 37.88 26.44
N PRO LA 84 -93.43 37.95 25.24
CA PRO LA 84 -93.66 36.72 24.47
C PRO LA 84 -92.36 36.03 24.08
N LYS LA 85 -92.44 34.72 23.95
CA LYS LA 85 -91.26 33.91 23.63
C LYS LA 85 -91.54 33.07 22.39
N LYS LA 86 -92.01 33.73 21.33
CA LYS LA 86 -92.32 33.05 20.08
C LYS LA 86 -91.10 32.28 19.56
N THR LA 87 -90.07 33.02 19.18
CA THR LA 87 -88.85 32.52 18.58
C THR LA 87 -87.90 33.71 18.48
N ARG LA 88 -86.61 33.45 18.69
CA ARG LA 88 -85.63 34.52 18.55
C ARG LA 88 -85.76 35.22 17.20
N ALA LA 89 -85.84 34.43 16.11
CA ALA LA 89 -86.05 35.01 14.80
C ALA LA 89 -87.38 35.74 14.72
N MET LA 90 -88.44 35.17 15.31
CA MET LA 90 -89.74 35.82 15.27
C MET LA 90 -89.75 37.10 16.11
N ARG LA 91 -88.95 37.15 17.17
CA ARG LA 91 -88.85 38.37 17.97
C ARG LA 91 -88.00 39.43 17.29
N ARG LA 92 -87.07 39.04 16.41
CA ARG LA 92 -86.26 40.03 15.72
C ARG LA 92 -86.99 40.67 14.55
N ARG LA 93 -88.08 40.08 14.07
CA ARG LA 93 -88.70 40.57 12.84
C ARG LA 93 -89.55 41.80 13.12
N LEU LA 94 -89.90 42.49 12.02
CA LEU LA 94 -90.62 43.75 12.10
C LEU LA 94 -92.05 43.55 12.59
N ASN LA 95 -92.52 44.50 13.40
CA ASN LA 95 -93.90 44.46 13.88
C ASN LA 95 -94.85 44.86 12.74
N LYS LA 96 -96.15 44.66 12.97
CA LYS LA 96 -97.13 44.88 11.91
C LYS LA 96 -97.15 46.33 11.44
N HIS LA 97 -97.04 47.27 12.38
CA HIS LA 97 -97.14 48.69 12.03
C HIS LA 97 -96.01 49.11 11.08
N GLU LA 98 -94.77 48.80 11.45
CA GLU LA 98 -93.66 49.17 10.59
C GLU LA 98 -93.44 48.20 9.44
N GLU LA 99 -94.11 47.05 9.45
CA GLU LA 99 -94.12 46.19 8.27
C GLU LA 99 -95.02 46.75 7.18
N ASN LA 100 -96.21 47.22 7.55
CA ASN LA 100 -97.22 47.58 6.55
C ASN LA 100 -97.27 49.06 6.19
N LEU LA 101 -96.36 49.89 6.71
CA LEU LA 101 -96.36 51.29 6.34
C LEU LA 101 -95.52 51.52 5.08
N LYS LA 102 -96.00 52.40 4.22
CA LYS LA 102 -95.41 52.63 2.91
C LYS LA 102 -94.90 54.06 2.80
N THR LA 103 -94.01 54.28 1.83
CA THR LA 103 -93.55 55.62 1.51
C THR LA 103 -94.66 56.41 0.84
N LYS LA 104 -94.49 57.73 0.81
CA LYS LA 104 -95.48 58.59 0.17
C LYS LA 104 -95.54 58.33 -1.33
N LYS LA 105 -94.39 58.05 -1.94
CA LYS LA 105 -94.35 57.73 -3.36
C LYS LA 105 -95.16 56.48 -3.67
N GLN LA 106 -95.01 55.44 -2.85
CA GLN LA 106 -95.69 54.18 -3.11
C GLN LA 106 -97.21 54.35 -2.99
N GLN LA 107 -97.67 55.04 -1.95
CA GLN LA 107 -99.11 55.20 -1.79
C GLN LA 107 -99.67 56.17 -2.83
N ARG LA 108 -98.86 57.12 -3.31
CA ARG LA 108 -99.30 57.93 -4.44
C ARG LA 108 -99.48 57.06 -5.69
N LYS LA 109 -98.58 56.09 -5.90
CA LYS LA 109 -98.76 55.15 -7.00
C LYS LA 109 -100.04 54.34 -6.83
N GLU LA 110 -100.29 53.82 -5.63
CA GLU LA 110 -101.47 53.00 -5.42
C GLU LA 110 -102.76 53.82 -5.54
N ARG LA 111 -102.71 55.10 -5.18
CA ARG LA 111 -103.87 55.96 -5.37
C ARG LA 111 -104.10 56.26 -6.84
N LEU LA 112 -103.04 56.61 -7.57
CA LEU LA 112 -103.21 57.07 -8.95
C LEU LA 112 -103.50 55.93 -9.92
N TYR LA 113 -102.82 54.79 -9.75
CA TYR LA 113 -102.92 53.67 -10.67
C TYR LA 113 -103.25 52.40 -9.90
N PRO LA 114 -104.49 52.27 -9.45
CA PRO LA 114 -104.89 51.03 -8.77
C PRO LA 114 -105.16 49.91 -9.76
N LEU LA 115 -104.97 48.69 -9.29
CA LEU LA 115 -105.22 47.54 -10.14
C LEU LA 115 -106.70 47.39 -10.40
N ARG LA 116 -107.06 47.22 -11.67
CA ARG LA 116 -108.46 47.20 -12.08
C ARG LA 116 -108.95 45.77 -12.25
N LYS LA 117 -110.25 45.60 -12.06
CA LYS LA 117 -110.93 44.34 -12.36
C LYS LA 117 -111.46 44.43 -13.78
N TYR LA 118 -111.10 43.46 -14.61
CA TYR LA 118 -111.45 43.55 -16.02
C TYR LA 118 -111.67 42.16 -16.59
N ALA LA 119 -112.37 42.11 -17.72
CA ALA LA 119 -112.60 40.89 -18.46
C ALA LA 119 -112.39 41.16 -19.93
N VAL LA 120 -112.06 40.12 -20.69
CA VAL LA 120 -111.79 40.24 -22.12
C VAL LA 120 -112.76 39.35 -22.87
N LYS LA 121 -113.52 39.95 -23.79
CA LYS LA 121 -114.38 39.17 -24.67
C LYS LA 121 -113.53 38.34 -25.63
N ALA LA 122 -113.95 37.10 -25.83
CA ALA LA 122 -113.22 36.16 -26.68
C ALA LA 122 -113.24 36.59 -28.14
N ALA MA 1 -89.55 41.43 -63.03
CA ALA MA 1 -89.30 42.87 -62.97
C ALA MA 1 -87.81 43.17 -63.10
N LEU MA 2 -87.49 44.46 -63.21
CA LEU MA 2 -86.10 44.86 -63.42
C LEU MA 2 -85.23 44.53 -62.21
N ARG MA 3 -85.67 44.93 -61.02
CA ARG MA 3 -84.90 44.71 -59.81
C ARG MA 3 -85.81 44.22 -58.69
N TYR MA 4 -85.34 43.21 -57.97
CA TYR MA 4 -86.06 42.58 -56.88
C TYR MA 4 -85.30 42.77 -55.58
N PRO MA 5 -85.99 42.78 -54.45
CA PRO MA 5 -85.28 42.70 -53.17
C PRO MA 5 -84.50 41.40 -53.08
N MET MA 6 -83.30 41.49 -52.51
CA MET MA 6 -82.39 40.36 -52.48
C MET MA 6 -81.92 40.11 -51.06
N ALA MA 7 -81.44 38.89 -50.84
CA ALA MA 7 -80.79 38.56 -49.57
C ALA MA 7 -79.30 38.89 -49.57
N VAL MA 8 -78.76 39.29 -50.72
CA VAL MA 8 -77.35 39.68 -50.84
C VAL MA 8 -77.27 40.96 -51.65
N GLY MA 9 -76.13 41.63 -51.55
CA GLY MA 9 -75.88 42.84 -52.31
C GLY MA 9 -75.79 44.07 -51.41
N LEU MA 10 -75.52 45.20 -52.06
CA LEU MA 10 -75.38 46.45 -51.34
C LEU MA 10 -76.70 46.88 -50.69
N ASN MA 11 -77.81 46.71 -51.40
CA ASN MA 11 -79.13 47.07 -50.90
C ASN MA 11 -79.89 45.85 -50.42
N LYS MA 12 -79.18 44.90 -49.82
CA LYS MA 12 -79.79 43.65 -49.38
C LYS MA 12 -80.77 43.89 -48.24
N GLY MA 13 -81.74 42.99 -48.14
CA GLY MA 13 -82.66 43.03 -47.03
C GLY MA 13 -84.10 43.25 -47.44
N HIS MA 14 -85.02 42.76 -46.62
CA HIS MA 14 -86.44 43.03 -46.81
C HIS MA 14 -86.69 44.53 -46.66
N LYS MA 15 -87.62 45.04 -47.45
CA LYS MA 15 -87.89 46.47 -47.49
C LYS MA 15 -89.04 46.81 -46.54
N VAL MA 16 -88.75 47.65 -45.56
CA VAL MA 16 -89.73 48.18 -44.63
C VAL MA 16 -89.52 49.68 -44.54
N THR MA 17 -90.58 50.38 -44.17
CA THR MA 17 -90.51 51.83 -44.01
C THR MA 17 -89.89 52.15 -42.66
N LYS MA 18 -88.76 52.85 -42.67
CA LYS MA 18 -88.07 53.18 -41.44
C LYS MA 18 -88.91 54.15 -40.62
N ASN MA 19 -89.01 53.87 -39.32
CA ASN MA 19 -89.78 54.70 -38.41
C ASN MA 19 -88.86 55.74 -37.80
N VAL MA 20 -89.08 57.00 -38.15
CA VAL MA 20 -88.27 58.09 -37.62
C VAL MA 20 -88.88 58.60 -36.33
N SER MA 21 -88.05 58.76 -35.30
CA SER MA 21 -88.50 59.23 -34.00
C SER MA 21 -87.32 59.82 -33.25
N LYS MA 22 -87.62 60.52 -32.17
CA LYS MA 22 -86.57 61.13 -31.37
C LYS MA 22 -85.73 60.05 -30.72
N PRO MA 23 -84.43 60.27 -30.54
CA PRO MA 23 -83.61 59.28 -29.85
C PRO MA 23 -84.01 59.15 -28.39
N ARG MA 24 -83.78 57.96 -27.84
CA ARG MA 24 -84.07 57.72 -26.44
C ARG MA 24 -83.17 58.58 -25.56
N HIS MA 25 -83.64 58.86 -24.36
CA HIS MA 25 -82.91 59.77 -23.48
C HIS MA 25 -81.59 59.17 -22.99
N SER MA 26 -81.47 57.85 -22.94
CA SER MA 26 -80.21 57.25 -22.51
C SER MA 26 -79.09 57.53 -23.51
N ARG MA 27 -79.42 57.67 -24.79
CA ARG MA 27 -78.42 58.00 -25.81
C ARG MA 27 -77.82 59.38 -25.57
N ARG MA 28 -78.55 60.27 -24.90
CA ARG MA 28 -78.07 61.61 -24.58
C ARG MA 28 -76.87 61.59 -23.63
N ARG MA 29 -76.65 60.50 -22.90
CA ARG MA 29 -75.63 60.42 -21.86
C ARG MA 29 -74.27 60.87 -22.38
N GLY MA 30 -73.56 61.63 -21.54
CA GLY MA 30 -72.23 62.10 -21.86
C GLY MA 30 -72.16 63.48 -22.48
N ARG MA 31 -73.29 64.08 -22.83
CA ARG MA 31 -73.27 65.42 -23.40
C ARG MA 31 -72.86 66.44 -22.33
N LEU MA 32 -72.06 67.41 -22.75
CA LEU MA 32 -71.53 68.39 -21.82
C LEU MA 32 -72.50 69.56 -21.68
N THR MA 33 -72.99 69.77 -20.48
CA THR MA 33 -73.91 70.87 -20.19
C THR MA 33 -73.13 72.13 -19.83
N LYS MA 34 -73.83 73.25 -19.80
CA LYS MA 34 -73.20 74.51 -19.44
C LYS MA 34 -72.73 74.51 -17.99
N HIS MA 35 -73.57 73.99 -17.09
CA HIS MA 35 -73.22 74.00 -15.67
C HIS MA 35 -72.09 73.03 -15.36
N THR MA 36 -72.10 71.86 -15.99
CA THR MA 36 -71.01 70.92 -15.79
C THR MA 36 -69.70 71.47 -16.33
N LYS MA 37 -69.76 72.15 -17.49
CA LYS MA 37 -68.57 72.83 -18.01
C LYS MA 37 -68.07 73.88 -17.03
N PHE MA 38 -68.98 74.66 -16.46
CA PHE MA 38 -68.60 75.68 -15.49
C PHE MA 38 -67.92 75.06 -14.26
N VAL MA 39 -68.49 73.96 -13.76
CA VAL MA 39 -67.93 73.30 -12.58
C VAL MA 39 -66.55 72.73 -12.88
N ARG MA 40 -66.39 72.10 -14.05
CA ARG MA 40 -65.10 71.52 -14.40
C ARG MA 40 -64.05 72.60 -14.63
N ASP MA 41 -64.43 73.73 -15.22
CA ASP MA 41 -63.49 74.83 -15.37
C ASP MA 41 -63.08 75.40 -14.01
N MET MA 42 -64.05 75.53 -13.09
CA MET MA 42 -63.74 75.96 -11.73
C MET MA 42 -62.73 75.04 -11.09
N ILE MA 43 -62.98 73.73 -11.15
CA ILE MA 43 -62.09 72.78 -10.49
C ILE MA 43 -60.72 72.76 -11.17
N ARG MA 44 -60.70 72.90 -12.50
CA ARG MA 44 -59.42 72.94 -13.21
C ARG MA 44 -58.58 74.13 -12.80
N GLU MA 45 -59.19 75.32 -12.68
CA GLU MA 45 -58.40 76.48 -12.30
C GLU MA 45 -58.09 76.52 -10.80
N VAL MA 46 -58.85 75.80 -9.98
CA VAL MA 46 -58.49 75.68 -8.56
C VAL MA 46 -57.32 74.73 -8.40
N CYS MA 47 -57.39 73.56 -9.04
CA CYS MA 47 -56.41 72.51 -8.84
C CYS MA 47 -55.12 72.77 -9.62
N GLY MA 48 -55.22 72.83 -10.94
CA GLY MA 48 -54.06 72.89 -11.81
C GLY MA 48 -54.03 71.68 -12.74
N PHE MA 49 -52.83 71.12 -12.91
CA PHE MA 49 -52.64 70.00 -13.80
C PHE MA 49 -51.82 68.91 -13.10
N ALA MA 50 -52.06 67.67 -13.50
CA ALA MA 50 -51.25 66.57 -13.02
C ALA MA 50 -49.83 66.70 -13.54
N PRO MA 51 -48.84 66.16 -12.82
CA PRO MA 51 -47.44 66.31 -13.28
C PRO MA 51 -47.17 65.76 -14.67
N TYR MA 52 -47.82 64.66 -15.06
CA TYR MA 52 -47.59 64.12 -16.40
C TYR MA 52 -48.17 65.05 -17.45
N GLU MA 53 -49.30 65.71 -17.14
CA GLU MA 53 -49.86 66.70 -18.05
C GLU MA 53 -48.93 67.88 -18.20
N ARG MA 54 -48.30 68.30 -17.10
CA ARG MA 54 -47.33 69.40 -17.19
C ARG MA 54 -46.12 69.01 -18.03
N ARG MA 55 -45.63 67.78 -17.86
CA ARG MA 55 -44.51 67.32 -18.68
C ARG MA 55 -44.90 67.25 -20.16
N ALA MA 56 -46.11 66.79 -20.45
CA ALA MA 56 -46.60 66.77 -21.83
C ALA MA 56 -46.72 68.19 -22.39
N MET MA 57 -47.10 69.15 -21.54
CA MET MA 57 -47.17 70.54 -22.00
C MET MA 57 -45.79 71.10 -22.28
N GLU MA 58 -44.78 70.70 -21.49
CA GLU MA 58 -43.41 71.06 -21.84
C GLU MA 58 -43.00 70.47 -23.18
N LEU MA 59 -43.40 69.22 -23.44
CA LEU MA 59 -43.11 68.61 -24.74
C LEU MA 59 -43.79 69.36 -25.88
N LEU MA 60 -45.05 69.76 -25.67
CA LEU MA 60 -45.77 70.48 -26.73
C LEU MA 60 -45.25 71.90 -26.92
N LYS MA 61 -44.68 72.50 -25.87
CA LYS MA 61 -44.18 73.87 -26.00
C LYS MA 61 -42.99 73.93 -26.95
N VAL MA 62 -42.12 72.93 -26.92
CA VAL MA 62 -40.95 72.89 -27.79
C VAL MA 62 -41.33 72.18 -29.09
N SER MA 63 -42.63 71.94 -29.27
CA SER MA 63 -43.19 71.38 -30.51
C SER MA 63 -42.63 70.01 -30.85
N LYS MA 64 -42.43 69.18 -29.82
CA LYS MA 64 -42.17 67.76 -30.03
C LYS MA 64 -43.51 67.03 -29.83
N ASP MA 65 -44.39 67.21 -30.82
CA ASP MA 65 -45.77 66.76 -30.67
C ASP MA 65 -45.88 65.24 -30.77
N LYS MA 66 -45.06 64.61 -31.60
CA LYS MA 66 -45.09 63.15 -31.67
C LYS MA 66 -44.62 62.53 -30.36
N ARG MA 67 -43.56 63.08 -29.76
CA ARG MA 67 -43.12 62.61 -28.46
C ARG MA 67 -44.17 62.88 -27.39
N ALA MA 68 -44.86 64.03 -27.49
CA ALA MA 68 -45.95 64.31 -26.55
C ALA MA 68 -47.05 63.27 -26.66
N LEU MA 69 -47.43 62.90 -27.89
CA LEU MA 69 -48.45 61.88 -28.06
C LEU MA 69 -47.98 60.53 -27.54
N LYS MA 70 -46.70 60.19 -27.79
CA LYS MA 70 -46.15 58.94 -27.27
C LYS MA 70 -46.22 58.90 -25.75
N PHE MA 71 -45.80 59.99 -25.10
CA PHE MA 71 -45.80 60.05 -23.64
C PHE MA 71 -47.22 60.00 -23.08
N ILE MA 72 -48.15 60.75 -23.68
CA ILE MA 72 -49.52 60.75 -23.18
C ILE MA 72 -50.15 59.38 -23.38
N LYS MA 73 -49.86 58.71 -24.50
CA LYS MA 73 -50.37 57.37 -24.71
C LYS MA 73 -49.79 56.39 -23.69
N LYS MA 74 -48.49 56.52 -23.38
CA LYS MA 74 -47.90 55.65 -22.38
C LYS MA 74 -48.50 55.88 -21.00
N ARG MA 75 -48.86 57.13 -20.69
CA ARG MA 75 -49.44 57.42 -19.38
C ARG MA 75 -50.91 56.99 -19.30
N VAL MA 76 -51.75 57.54 -20.17
CA VAL MA 76 -53.19 57.26 -20.10
C VAL MA 76 -53.49 55.84 -20.54
N GLY MA 77 -52.92 55.41 -21.66
CA GLY MA 77 -53.02 54.01 -22.04
C GLY MA 77 -53.43 53.70 -23.46
N THR MA 78 -54.32 54.48 -24.06
CA THR MA 78 -54.81 54.20 -25.40
C THR MA 78 -54.55 55.36 -26.34
N HIS MA 79 -54.68 55.09 -27.64
CA HIS MA 79 -54.39 56.09 -28.66
C HIS MA 79 -55.47 57.16 -28.73
N ILE MA 80 -56.74 56.76 -28.62
CA ILE MA 80 -57.84 57.71 -28.74
C ILE MA 80 -57.85 58.68 -27.57
N ARG MA 81 -57.72 58.15 -26.35
CA ARG MA 81 -57.65 58.99 -25.17
C ARG MA 81 -56.44 59.90 -25.23
N ALA MA 82 -55.30 59.39 -25.73
CA ALA MA 82 -54.12 60.22 -25.87
C ALA MA 82 -54.34 61.34 -26.87
N LYS MA 83 -55.04 61.07 -27.97
CA LYS MA 83 -55.35 62.11 -28.93
C LYS MA 83 -56.20 63.20 -28.31
N ARG MA 84 -57.25 62.80 -27.58
CA ARG MA 84 -58.10 63.79 -26.93
C ARG MA 84 -57.33 64.60 -25.90
N LYS MA 85 -56.48 63.94 -25.10
CA LYS MA 85 -55.73 64.63 -24.07
C LYS MA 85 -54.70 65.58 -24.67
N ARG MA 86 -54.04 65.16 -25.76
CA ARG MA 86 -53.06 66.03 -26.39
C ARG MA 86 -53.73 67.24 -27.02
N GLU MA 87 -54.91 67.06 -27.63
CA GLU MA 87 -55.63 68.21 -28.17
C GLU MA 87 -56.07 69.15 -27.06
N GLU MA 88 -56.51 68.60 -25.92
CA GLU MA 88 -56.88 69.44 -24.79
C GLU MA 88 -55.69 70.24 -24.27
N LEU MA 89 -54.53 69.60 -24.16
CA LEU MA 89 -53.35 70.30 -23.66
C LEU MA 89 -52.86 71.35 -24.66
N SER MA 90 -52.94 71.05 -25.95
CA SER MA 90 -52.60 72.05 -26.95
C SER MA 90 -53.55 73.24 -26.88
N ASN MA 91 -54.83 72.97 -26.62
CA ASN MA 91 -55.81 74.04 -26.51
C ASN MA 91 -55.53 74.92 -25.30
N VAL MA 92 -55.17 74.33 -24.17
CA VAL MA 92 -54.89 75.17 -23.01
C VAL MA 92 -53.58 75.93 -23.19
N LEU MA 93 -52.61 75.34 -23.91
CA LEU MA 93 -51.39 76.08 -24.23
C LEU MA 93 -51.68 77.26 -25.15
N ALA MA 94 -52.53 77.06 -26.15
CA ALA MA 94 -52.92 78.17 -27.02
C ALA MA 94 -53.67 79.23 -26.23
N ALA MA 95 -54.52 78.81 -25.30
CA ALA MA 95 -55.26 79.76 -24.48
C ALA MA 95 -54.32 80.61 -23.63
N MET MA 96 -53.32 79.98 -23.00
CA MET MA 96 -52.41 80.77 -22.18
C MET MA 96 -51.49 81.64 -23.03
N ARG MA 97 -51.12 81.17 -24.23
CA ARG MA 97 -50.32 82.00 -25.12
C ARG MA 97 -51.08 83.25 -25.54
N LYS MA 98 -52.35 83.09 -25.94
CA LYS MA 98 -53.12 84.25 -26.34
C LYS MA 98 -53.55 85.10 -25.15
N ALA MA 99 -53.56 84.54 -23.94
CA ALA MA 99 -53.80 85.35 -22.76
C ALA MA 99 -52.60 86.22 -22.44
N ALA MA 100 -51.39 85.65 -22.49
CA ALA MA 100 -50.20 86.41 -22.19
C ALA MA 100 -49.80 87.34 -23.33
N ALA MA 101 -50.26 87.07 -24.55
CA ALA MA 101 -49.85 87.89 -25.70
C ALA MA 101 -50.36 89.32 -25.57
N LYS MA 102 -51.60 89.48 -25.11
CA LYS MA 102 -52.17 90.82 -24.93
C LYS MA 102 -51.83 91.36 -23.55
N THR NA 1 -36.78 -2.31 27.26
CA THR NA 1 -37.78 -3.13 26.61
C THR NA 1 -39.00 -2.34 26.17
N LYS NA 2 -39.22 -2.27 24.85
CA LYS NA 2 -40.31 -1.50 24.30
C LYS NA 2 -41.66 -2.14 24.52
N GLY NA 3 -41.71 -3.40 24.98
CA GLY NA 3 -42.97 -4.11 25.08
C GLY NA 3 -43.57 -4.13 26.47
N THR NA 4 -43.57 -5.31 27.08
CA THR NA 4 -44.28 -5.51 28.34
C THR NA 4 -43.70 -4.66 29.47
N SER NA 5 -42.37 -4.55 29.52
CA SER NA 5 -41.74 -3.83 30.62
C SER NA 5 -42.10 -2.35 30.61
N SER NA 6 -42.20 -1.75 29.42
CA SER NA 6 -42.50 -0.33 29.34
C SER NA 6 -43.97 -0.04 29.62
N PHE NA 7 -44.85 -1.04 29.48
CA PHE NA 7 -46.24 -0.85 29.82
C PHE NA 7 -46.49 -0.77 31.32
N GLY NA 8 -45.50 -1.06 32.14
CA GLY NA 8 -45.68 -0.91 33.57
C GLY NA 8 -45.48 0.49 34.07
N LYS NA 9 -44.93 1.38 33.25
CA LYS NA 9 -44.57 2.71 33.68
C LYS NA 9 -45.68 3.73 33.49
N ARG NA 10 -46.80 3.34 32.88
CA ARG NA 10 -47.86 4.30 32.55
C ARG NA 10 -48.77 4.47 33.76
N ARG NA 11 -48.61 5.60 34.43
CA ARG NA 11 -49.37 5.95 35.63
C ARG NA 11 -49.76 7.42 35.66
N ASN NA 12 -49.71 8.11 34.51
CA ASN NA 12 -49.96 9.54 34.42
C ASN NA 12 -50.96 9.78 33.29
N LYS NA 13 -52.16 10.24 33.63
CA LYS NA 13 -53.21 10.42 32.64
C LYS NA 13 -52.94 11.61 31.75
N THR NA 14 -52.94 11.39 30.44
CA THR NA 14 -52.85 12.49 29.50
C THR NA 14 -54.17 13.25 29.39
N HIS NA 15 -55.28 12.52 29.33
CA HIS NA 15 -56.59 13.10 29.09
C HIS NA 15 -57.48 12.92 30.31
N THR NA 16 -58.43 13.82 30.47
CA THR NA 16 -59.42 13.76 31.53
C THR NA 16 -60.79 14.06 30.94
N LEU NA 17 -61.81 14.04 31.79
CA LEU NA 17 -63.15 14.34 31.34
C LEU NA 17 -63.28 15.82 30.98
N CYS NA 18 -63.98 16.08 29.87
CA CYS NA 18 -64.17 17.43 29.37
C CYS NA 18 -65.50 17.97 29.86
N ARG NA 19 -65.49 19.22 30.36
CA ARG NA 19 -66.72 19.77 30.90
C ARG NA 19 -67.76 20.04 29.81
N ARG NA 20 -67.31 20.38 28.62
CA ARG NA 20 -68.14 20.30 27.43
C ARG NA 20 -68.03 18.88 26.88
N CYS NA 21 -69.11 18.40 26.26
CA CYS NA 21 -69.19 17.14 25.50
C CYS NA 21 -68.94 15.90 26.36
N GLY NA 22 -68.54 16.07 27.62
CA GLY NA 22 -68.42 14.97 28.56
C GLY NA 22 -67.52 13.82 28.13
N SER NA 23 -66.57 14.07 27.26
CA SER NA 23 -65.73 13.01 26.72
C SER NA 23 -64.35 13.05 27.36
N LYS NA 24 -63.79 11.86 27.58
CA LYS NA 24 -62.45 11.71 28.16
C LYS NA 24 -61.40 12.01 27.09
N ALA NA 25 -61.37 13.26 26.66
CA ALA NA 25 -60.44 13.70 25.62
C ALA NA 25 -59.86 15.07 25.93
N TYR NA 26 -60.02 15.55 27.15
CA TYR NA 26 -59.50 16.86 27.54
C TYR NA 26 -58.04 16.74 27.90
N HIS NA 27 -57.17 17.13 26.97
CA HIS NA 27 -55.73 17.12 27.22
C HIS NA 27 -55.40 18.03 28.39
N LEU NA 28 -54.90 17.43 29.47
CA LEU NA 28 -54.60 18.20 30.68
C LEU NA 28 -53.47 19.18 30.45
N GLN NA 29 -52.48 18.80 29.63
CA GLN NA 29 -51.30 19.63 29.49
C GLN NA 29 -51.49 20.71 28.43
N LYS NA 30 -52.28 20.43 27.39
CA LYS NA 30 -52.61 21.41 26.38
C LYS NA 30 -53.85 22.24 26.71
N SER NA 31 -54.67 21.77 27.65
CA SER NA 31 -55.93 22.42 28.02
C SER NA 31 -56.86 22.56 26.83
N THR NA 32 -56.88 21.52 25.99
CA THR NA 32 -57.73 21.50 24.80
C THR NA 32 -58.32 20.11 24.64
N CYS NA 33 -59.64 20.06 24.47
CA CYS NA 33 -60.31 18.78 24.25
C CYS NA 33 -60.00 18.25 22.86
N GLY NA 34 -59.64 16.97 22.77
CA GLY NA 34 -59.36 16.36 21.50
C GLY NA 34 -60.56 16.01 20.67
N LYS NA 35 -61.77 16.15 21.22
CA LYS NA 35 -62.99 15.85 20.48
C LYS NA 35 -63.77 17.10 20.12
N CYS NA 36 -63.99 18.00 21.08
CA CYS NA 36 -64.77 19.20 20.84
C CYS NA 36 -63.95 20.48 20.79
N GLY NA 37 -62.70 20.46 21.25
CA GLY NA 37 -61.92 21.67 21.38
C GLY NA 37 -62.61 22.66 22.29
N TYR NA 38 -62.69 22.34 23.57
CA TYR NA 38 -63.58 23.07 24.48
C TYR NA 38 -63.24 24.55 24.63
N PRO NA 39 -62.00 24.98 24.89
CA PRO NA 39 -61.76 26.42 25.07
C PRO NA 39 -62.07 27.24 23.82
N ALA NA 40 -62.06 26.62 22.64
CA ALA NA 40 -62.54 27.30 21.44
C ALA NA 40 -64.04 27.48 21.52
N LYS NA 41 -64.51 28.63 21.03
CA LYS NA 41 -65.94 28.94 21.11
C LYS NA 41 -66.76 28.03 20.21
N ARG NA 42 -66.16 27.52 19.14
CA ARG NA 42 -66.87 26.69 18.19
C ARG NA 42 -66.57 25.22 18.40
N LYS NA 43 -67.58 24.40 18.17
CA LYS NA 43 -67.41 22.96 18.28
C LYS NA 43 -66.50 22.41 17.20
N ARG NA 44 -65.59 21.52 17.59
CA ARG NA 44 -64.71 20.86 16.64
C ARG NA 44 -65.52 19.83 15.86
N LYS NA 45 -65.57 20.00 14.54
CA LYS NA 45 -66.33 19.11 13.69
C LYS NA 45 -65.69 19.09 12.31
N TYR NA 46 -65.62 17.91 11.70
CA TYR NA 46 -64.95 17.75 10.43
C TYR NA 46 -65.78 16.89 9.50
N ASN NA 47 -65.71 17.18 8.21
CA ASN NA 47 -66.48 16.45 7.22
C ASN NA 47 -65.81 15.15 6.78
N TRP NA 48 -64.55 14.94 7.15
CA TRP NA 48 -63.91 13.68 6.78
C TRP NA 48 -64.29 12.53 7.70
N SER NA 49 -65.16 12.77 8.68
CA SER NA 49 -65.70 11.70 9.53
C SER NA 49 -67.19 11.96 9.71
N ALA NA 50 -68.00 11.39 8.82
CA ALA NA 50 -69.44 11.51 8.94
C ALA NA 50 -69.98 10.70 10.11
N LYS NA 51 -69.31 9.57 10.41
CA LYS NA 51 -69.69 8.78 11.58
C LYS NA 51 -69.50 9.59 12.86
N ALA NA 52 -68.40 10.33 12.95
CA ALA NA 52 -68.18 11.18 14.11
C ALA NA 52 -69.22 12.28 14.21
N LYS NA 53 -69.64 12.82 13.07
CA LYS NA 53 -70.69 13.85 13.09
C LYS NA 53 -72.00 13.27 13.59
N ARG NA 54 -72.40 12.10 13.08
CA ARG NA 54 -73.68 11.53 13.47
C ARG NA 54 -73.65 10.94 14.87
N ARG NA 55 -72.46 10.71 15.43
CA ARG NA 55 -72.40 10.29 16.83
C ARG NA 55 -72.85 11.38 17.78
N ASN NA 56 -72.65 12.65 17.42
CA ASN NA 56 -72.89 13.76 18.34
C ASN NA 56 -73.70 14.88 17.69
N THR NA 57 -74.47 14.58 16.65
CA THR NA 57 -75.25 15.62 15.99
C THR NA 57 -76.50 15.93 16.80
N THR NA 58 -77.25 16.92 16.33
CA THR NA 58 -78.53 17.27 16.96
C THR NA 58 -79.51 16.11 16.81
N GLY NA 59 -80.21 15.80 17.89
CA GLY NA 59 -81.13 14.69 17.94
C GLY NA 59 -80.56 13.43 18.55
N THR NA 60 -79.24 13.35 18.72
CA THR NA 60 -78.63 12.23 19.40
C THR NA 60 -78.70 12.36 20.91
N GLY NA 61 -79.17 13.49 21.43
CA GLY NA 61 -79.27 13.67 22.85
C GLY NA 61 -80.70 13.81 23.32
N ARG NA 62 -80.98 14.85 24.12
CA ARG NA 62 -82.30 15.01 24.69
C ARG NA 62 -83.20 15.92 23.85
N MET NA 63 -82.67 17.03 23.35
CA MET NA 63 -83.45 18.04 22.65
C MET NA 63 -84.61 18.52 23.53
N ARG NA 64 -84.26 19.01 24.73
CA ARG NA 64 -85.27 19.43 25.68
C ARG NA 64 -86.10 20.58 25.14
N HIS NA 65 -85.48 21.51 24.42
CA HIS NA 65 -86.17 22.68 23.91
C HIS NA 65 -86.66 22.47 22.48
N LEU NA 66 -85.93 21.70 21.68
CA LEU NA 66 -86.35 21.51 20.29
C LEU NA 66 -87.60 20.65 20.18
N LYS NA 67 -87.82 19.72 21.11
CA LYS NA 67 -89.07 18.97 21.10
C LYS NA 67 -90.26 19.90 21.29
N ILE NA 68 -90.16 20.83 22.24
CA ILE NA 68 -91.24 21.78 22.48
C ILE NA 68 -91.40 22.71 21.29
N VAL NA 69 -90.29 23.12 20.68
CA VAL NA 69 -90.35 23.98 19.49
C VAL NA 69 -91.08 23.26 18.36
N TYR NA 70 -90.76 21.99 18.13
CA TYR NA 70 -91.43 21.21 17.10
C TYR NA 70 -92.91 21.07 17.40
N ARG NA 71 -93.26 20.84 18.67
CA ARG NA 71 -94.66 20.76 19.05
C ARG NA 71 -95.34 22.11 18.94
N ARG NA 72 -94.70 23.17 19.41
CA ARG NA 72 -95.31 24.49 19.40
C ARG NA 72 -95.47 25.04 17.99
N PHE NA 73 -94.67 24.56 17.04
CA PHE NA 73 -94.75 25.06 15.67
C PHE NA 73 -96.09 24.72 15.03
N ARG NA 74 -96.67 23.57 15.38
CA ARG NA 74 -97.90 23.11 14.75
C ARG NA 74 -99.12 23.95 15.10
N HIS NA 75 -99.02 24.84 16.08
CA HIS NA 75 -100.12 25.72 16.45
C HIS NA 75 -99.75 27.19 16.32
N GLY NA 76 -98.75 27.51 15.51
CA GLY NA 76 -98.43 28.89 15.23
C GLY NA 76 -97.70 29.62 16.33
N PHE NA 77 -97.06 28.90 17.25
CA PHE NA 77 -96.34 29.50 18.38
C PHE NA 77 -97.23 30.44 19.19
N ARG NA 78 -98.45 29.99 19.47
CA ARG NA 78 -99.38 30.80 20.24
C ARG NA 78 -98.91 30.89 21.69
N GLU NA 79 -99.16 32.05 22.30
CA GLU NA 79 -98.80 32.28 23.69
C GLU NA 79 -99.83 33.21 24.32
N GLY NA 80 -99.90 33.14 25.65
CA GLY NA 80 -100.83 33.97 26.39
C GLY NA 80 -102.27 33.54 26.33
N THR NA 81 -102.55 32.37 25.76
CA THR NA 81 -103.90 31.86 25.64
C THR NA 81 -104.01 30.51 26.33
N THR NA 82 -105.24 30.16 26.70
CA THR NA 82 -105.56 28.89 27.32
C THR NA 82 -106.84 28.35 26.69
N PRO NA 83 -107.06 27.04 26.74
CA PRO NA 83 -108.31 26.50 26.21
C PRO NA 83 -109.51 27.03 26.98
N LYS NA 84 -110.64 27.09 26.30
CA LYS NA 84 -111.86 27.65 26.88
C LYS NA 84 -112.27 26.82 28.10
N PRO NA 85 -112.41 27.44 29.26
CA PRO NA 85 -112.70 26.68 30.48
C PRO NA 85 -114.06 26.00 30.42
N LYS NA 86 -114.16 24.85 31.08
CA LYS NA 86 -115.39 24.07 31.09
C LYS NA 86 -116.33 24.54 32.20
N PRO OA 1 -51.22 23.78 80.57
CA PRO OA 1 -51.58 24.02 81.97
C PRO OA 1 -50.66 25.01 82.66
N ARG OA 2 -51.14 25.58 83.76
CA ARG OA 2 -50.38 26.55 84.54
C ARG OA 2 -50.26 26.06 85.97
N LYS OA 3 -49.13 26.34 86.59
CA LYS OA 3 -48.87 25.95 87.97
C LYS OA 3 -48.99 27.19 88.85
N ILE OA 4 -49.87 27.12 89.85
CA ILE OA 4 -50.07 28.24 90.76
C ILE OA 4 -49.12 28.08 91.94
N GLU OA 5 -48.40 29.15 92.28
CA GLU OA 5 -47.34 29.04 93.26
C GLU OA 5 -47.86 29.17 94.69
N GLU OA 6 -48.47 30.31 95.02
CA GLU OA 6 -48.92 30.56 96.37
C GLU OA 6 -50.45 30.47 96.45
N ILE OA 7 -50.94 30.46 97.68
CA ILE OA 7 -52.34 30.15 97.97
C ILE OA 7 -53.26 31.27 97.46
N LYS OA 8 -52.81 32.52 97.55
CA LYS OA 8 -53.65 33.65 97.19
C LYS OA 8 -54.07 33.63 95.74
N ASP OA 9 -53.13 33.32 94.84
CA ASP OA 9 -53.44 33.27 93.41
C ASP OA 9 -54.49 32.20 93.12
N PHE OA 10 -54.36 31.03 93.75
CA PHE OA 10 -55.36 29.99 93.57
C PHE OA 10 -56.71 30.44 94.10
N LEU OA 11 -56.73 31.16 95.23
CA LEU OA 11 -57.99 31.66 95.77
C LEU OA 11 -58.69 32.59 94.78
N LEU OA 12 -57.99 33.59 94.25
CA LEU OA 12 -58.75 34.46 93.35
C LEU OA 12 -58.90 33.87 91.97
N THR OA 13 -58.19 32.79 91.65
CA THR OA 13 -58.44 32.08 90.39
C THR OA 13 -59.72 31.24 90.50
N ALA OA 14 -59.95 30.61 91.65
CA ALA OA 14 -61.14 29.80 91.83
C ALA OA 14 -62.41 30.64 91.81
N ARG OA 15 -62.29 31.93 92.08
CA ARG OA 15 -63.42 32.85 92.09
C ARG OA 15 -63.65 33.54 90.77
N ARG OA 16 -62.89 33.19 89.73
CA ARG OA 16 -63.11 33.74 88.41
C ARG OA 16 -64.45 33.26 87.84
N LYS OA 17 -64.98 34.04 86.90
CA LYS OA 17 -66.27 33.71 86.30
C LYS OA 17 -66.19 32.46 85.44
N ASP OA 18 -65.07 32.26 84.76
CA ASP OA 18 -64.91 31.14 83.83
C ASP OA 18 -64.46 29.85 84.50
N ALA OA 19 -64.23 29.86 85.81
CA ALA OA 19 -63.81 28.65 86.51
C ALA OA 19 -64.99 27.68 86.60
N LYS OA 20 -64.85 26.53 85.94
CA LYS OA 20 -65.97 25.58 85.85
C LYS OA 20 -66.00 24.65 87.05
N SER OA 21 -64.84 24.15 87.48
CA SER OA 21 -64.80 23.20 88.58
C SER OA 21 -63.43 23.28 89.24
N VAL OA 22 -63.35 22.74 90.44
CA VAL OA 22 -62.08 22.53 91.13
C VAL OA 22 -61.99 21.06 91.52
N LYS OA 23 -60.84 20.45 91.23
CA LYS OA 23 -60.60 19.04 91.52
C LYS OA 23 -59.53 18.93 92.58
N ILE OA 24 -59.77 18.09 93.58
CA ILE OA 24 -58.81 17.86 94.66
C ILE OA 24 -58.29 16.43 94.50
N LYS OA 25 -56.99 16.32 94.22
CA LYS OA 25 -56.35 15.03 94.03
C LYS OA 25 -55.43 14.77 95.22
N LYS OA 26 -55.66 13.67 95.92
CA LYS OA 26 -54.84 13.30 97.07
C LYS OA 26 -53.77 12.34 96.59
N ASN OA 27 -52.54 12.82 96.48
CA ASN OA 27 -51.42 11.96 96.18
C ASN OA 27 -50.72 11.55 97.48
N LYS OA 28 -49.79 10.61 97.38
CA LYS OA 28 -49.08 10.13 98.56
C LYS OA 28 -48.24 11.25 99.17
N ASP OA 29 -47.60 12.06 98.34
CA ASP OA 29 -46.65 13.06 98.83
C ASP OA 29 -47.23 14.46 98.90
N ASN OA 30 -48.36 14.74 98.22
CA ASN OA 30 -48.91 16.08 98.20
C ASN OA 30 -50.40 15.99 97.87
N VAL OA 31 -51.05 17.15 97.88
CA VAL OA 31 -52.44 17.30 97.45
C VAL OA 31 -52.48 18.36 96.37
N LYS OA 32 -53.06 18.03 95.22
CA LYS OA 32 -53.13 18.93 94.08
C LYS OA 32 -54.55 19.44 93.93
N PHE OA 33 -54.70 20.75 93.92
CA PHE OA 33 -55.98 21.42 93.70
C PHE OA 33 -56.00 21.90 92.26
N LYS OA 34 -57.03 21.51 91.51
CA LYS OA 34 -57.06 21.69 90.07
C LYS OA 34 -58.33 22.45 89.69
N VAL OA 35 -58.21 23.75 89.44
CA VAL OA 35 -59.33 24.55 88.96
C VAL OA 35 -59.30 24.57 87.44
N ARG OA 36 -60.47 24.38 86.82
CA ARG OA 36 -60.61 24.30 85.38
C ARG OA 36 -61.18 25.62 84.86
N CYS OA 37 -60.31 26.48 84.36
CA CYS OA 37 -60.73 27.75 83.82
C CYS OA 37 -61.02 27.60 82.33
N SER OA 38 -61.23 28.72 81.64
CA SER OA 38 -61.56 28.66 80.21
C SER OA 38 -60.37 28.19 79.39
N ARG OA 39 -59.20 28.78 79.61
CA ARG OA 39 -58.03 28.48 78.81
C ARG OA 39 -57.12 27.43 79.43
N TYR OA 40 -56.83 27.53 80.73
CA TYR OA 40 -55.84 26.68 81.36
C TYR OA 40 -56.45 25.84 82.47
N LEU OA 41 -55.69 24.85 82.90
CA LEU OA 41 -55.96 24.09 84.11
C LEU OA 41 -54.92 24.47 85.16
N TYR OA 42 -55.33 25.29 86.12
CA TYR OA 42 -54.41 25.81 87.12
C TYR OA 42 -54.31 24.81 88.26
N THR OA 43 -53.09 24.40 88.59
CA THR OA 43 -52.84 23.41 89.62
C THR OA 43 -52.03 24.03 90.75
N LEU OA 44 -52.51 23.87 91.97
CA LEU OA 44 -51.78 24.28 93.17
C LEU OA 44 -51.35 23.04 93.92
N VAL OA 45 -50.05 22.95 94.23
CA VAL OA 45 -49.47 21.79 94.88
C VAL OA 45 -49.23 22.14 96.34
N ILE OA 46 -49.90 21.41 97.23
CA ILE OA 46 -49.77 21.62 98.67
C ILE OA 46 -49.06 20.40 99.24
N THR OA 47 -47.91 20.65 99.90
CA THR OA 47 -47.10 19.54 100.39
C THR OA 47 -47.73 18.87 101.61
N ASP OA 48 -48.20 19.67 102.57
CA ASP OA 48 -48.75 19.11 103.80
C ASP OA 48 -50.25 18.86 103.63
N LYS OA 49 -50.93 18.53 104.73
CA LYS OA 49 -52.33 18.14 104.67
C LYS OA 49 -53.26 19.07 105.44
N GLU OA 50 -52.79 19.73 106.50
CA GLU OA 50 -53.65 20.63 107.25
C GLU OA 50 -54.00 21.87 106.44
N LYS OA 51 -53.01 22.44 105.73
CA LYS OA 51 -53.30 23.55 104.82
C LYS OA 51 -54.22 23.10 103.70
N ALA OA 52 -54.09 21.85 103.27
CA ALA OA 52 -55.00 21.32 102.26
C ALA OA 52 -56.44 21.29 102.77
N GLU OA 53 -56.64 20.89 104.03
CA GLU OA 53 -57.99 20.88 104.60
C GLU OA 53 -58.53 22.30 104.77
N LYS OA 54 -57.68 23.22 105.22
CA LYS OA 54 -58.09 24.62 105.33
C LYS OA 54 -58.52 25.17 103.98
N LEU OA 55 -57.77 24.84 102.92
CA LEU OA 55 -58.15 25.24 101.57
C LEU OA 55 -59.44 24.57 101.14
N LYS OA 56 -59.64 23.31 101.56
CA LYS OA 56 -60.86 22.60 101.21
C LYS OA 56 -62.08 23.31 101.78
N GLN OA 57 -62.01 23.78 103.02
CA GLN OA 57 -63.13 24.55 103.56
C GLN OA 57 -63.13 26.01 103.12
N SER OA 58 -62.05 26.52 102.55
CA SER OA 58 -62.02 27.92 102.13
C SER OA 58 -62.34 28.10 100.64
N LEU OA 59 -62.77 27.06 99.95
CA LEU OA 59 -63.12 27.19 98.53
C LEU OA 59 -64.39 28.01 98.38
N PRO OA 60 -64.52 28.74 97.26
CA PRO OA 60 -65.74 29.52 97.04
C PRO OA 60 -66.93 28.62 96.77
N PRO OA 61 -68.13 29.06 97.10
CA PRO OA 61 -69.33 28.26 96.83
C PRO OA 61 -69.71 28.33 95.35
N GLY OA 62 -70.68 27.52 94.98
CA GLY OA 62 -71.16 27.51 93.60
C GLY OA 62 -70.17 26.99 92.60
N LEU OA 63 -69.16 26.25 93.04
CA LEU OA 63 -68.14 25.69 92.16
C LEU OA 63 -68.03 24.20 92.47
N ALA OA 64 -67.87 23.39 91.43
CA ALA OA 64 -67.80 21.95 91.63
C ALA OA 64 -66.51 21.57 92.35
N VAL OA 65 -66.64 20.75 93.39
CA VAL OA 65 -65.55 20.42 94.29
C VAL OA 65 -65.29 18.92 94.13
N LYS OA 66 -65.41 18.44 92.89
CA LYS OA 66 -65.25 17.03 92.59
C LYS OA 66 -63.94 16.47 93.14
N GLU OA 67 -64.04 15.36 93.85
CA GLU OA 67 -62.89 14.66 94.42
C GLU OA 67 -62.47 13.54 93.49
N LEU OA 68 -61.18 13.47 93.20
CA LEU OA 68 -60.65 12.50 92.25
C LEU OA 68 -60.42 11.13 92.85
N LYS OA 69 -60.67 10.96 94.14
CA LYS OA 69 -60.58 9.64 94.77
C LYS OA 69 -61.96 9.11 95.14
N SER PA 1 -57.32 6.84 43.37
CA SER PA 1 -56.47 7.09 44.53
C SER PA 1 -57.29 7.55 45.70
N SER PA 2 -56.65 7.75 46.85
CA SER PA 2 -57.37 8.29 48.00
C SER PA 2 -57.67 9.77 47.79
N HIS PA 3 -56.70 10.53 47.29
CA HIS PA 3 -56.93 11.91 46.89
C HIS PA 3 -57.74 11.90 45.59
N LYS PA 4 -58.85 12.63 45.57
CA LYS PA 4 -59.67 12.71 44.37
C LYS PA 4 -60.47 14.00 44.40
N THR PA 5 -60.91 14.43 43.23
CA THR PA 5 -61.76 15.60 43.11
C THR PA 5 -63.22 15.20 43.32
N PHE PA 6 -64.06 16.22 43.50
CA PHE PA 6 -65.47 15.96 43.75
C PHE PA 6 -66.16 15.35 42.53
N ARG PA 7 -65.81 15.82 41.33
CA ARG PA 7 -66.43 15.27 40.12
C ARG PA 7 -66.07 13.80 39.93
N ILE PA 8 -64.82 13.44 40.19
CA ILE PA 8 -64.41 12.05 40.07
C ILE PA 8 -65.17 11.17 41.06
N LYS PA 9 -65.29 11.64 42.30
CA LYS PA 9 -66.01 10.88 43.32
C LYS PA 9 -67.47 10.71 42.93
N ARG PA 10 -68.09 11.76 42.39
CA ARG PA 10 -69.48 11.65 41.95
C ARG PA 10 -69.64 10.68 40.78
N PHE PA 11 -68.70 10.71 39.84
CA PHE PA 11 -68.73 9.78 38.71
C PHE PA 11 -68.62 8.34 39.20
N LEU PA 12 -67.68 8.07 40.12
CA LEU PA 12 -67.56 6.74 40.69
C LEU PA 12 -68.79 6.35 41.48
N ALA PA 13 -69.43 7.31 42.15
CA ALA PA 13 -70.66 7.02 42.89
C ALA PA 13 -71.76 6.56 41.95
N LYS PA 14 -71.94 7.26 40.83
CA LYS PA 14 -72.96 6.85 39.87
C LYS PA 14 -72.64 5.48 39.28
N LYS PA 15 -71.36 5.24 38.97
CA LYS PA 15 -70.98 3.94 38.41
C LYS PA 15 -71.19 2.81 39.41
N GLN PA 16 -71.04 3.10 40.71
CA GLN PA 16 -71.43 2.13 41.72
C GLN PA 16 -72.93 1.90 41.72
N LYS PA 17 -73.71 2.97 41.66
CA LYS PA 17 -75.16 2.84 41.85
C LYS PA 17 -75.80 2.10 40.69
N GLN PA 18 -75.30 2.28 39.47
CA GLN PA 18 -75.94 1.61 38.34
C GLN PA 18 -75.33 0.24 38.05
N ASN PA 19 -74.41 -0.24 38.87
CA ASN PA 19 -73.85 -1.59 38.73
C ASN PA 19 -74.51 -2.52 39.75
N ARG PA 20 -75.74 -2.91 39.44
CA ARG PA 20 -76.48 -3.84 40.30
C ARG PA 20 -77.31 -4.75 39.41
N PRO PA 21 -77.79 -5.88 39.93
CA PRO PA 21 -78.68 -6.74 39.15
C PRO PA 21 -80.04 -6.09 38.96
N ILE PA 22 -80.78 -6.63 38.00
CA ILE PA 22 -82.16 -6.21 37.75
C ILE PA 22 -83.04 -6.66 38.91
N PRO PA 23 -84.14 -5.96 39.19
CA PRO PA 23 -85.11 -6.48 40.16
C PRO PA 23 -85.78 -7.74 39.64
N GLN PA 24 -86.19 -8.59 40.59
CA GLN PA 24 -86.76 -9.89 40.21
C GLN PA 24 -88.12 -9.74 39.54
N TRP PA 25 -88.87 -8.70 39.88
CA TRP PA 25 -90.21 -8.53 39.34
C TRP PA 25 -90.21 -7.98 37.92
N ILE PA 26 -89.05 -7.60 37.39
CA ILE PA 26 -89.00 -7.14 36.00
C ILE PA 26 -89.35 -8.27 35.05
N ARG PA 27 -88.94 -9.50 35.38
CA ARG PA 27 -89.24 -10.63 34.52
C ARG PA 27 -90.72 -11.01 34.53
N MET PA 28 -91.49 -10.47 35.46
CA MET PA 28 -92.92 -10.74 35.49
C MET PA 28 -93.72 -9.77 34.62
N LYS PA 29 -93.10 -8.70 34.14
CA LYS PA 29 -93.82 -7.70 33.38
C LYS PA 29 -94.22 -8.24 32.00
N THR PA 30 -95.26 -7.62 31.44
CA THR PA 30 -95.76 -8.03 30.13
C THR PA 30 -94.78 -7.62 29.05
N GLY PA 31 -94.39 -8.58 28.19
CA GLY PA 31 -93.47 -8.31 27.11
C GLY PA 31 -92.09 -7.87 27.58
N ASN PA 32 -91.51 -8.64 28.50
CA ASN PA 32 -90.24 -8.23 29.12
C ASN PA 32 -89.09 -8.27 28.12
N LYS PA 33 -88.77 -9.46 27.62
CA LYS PA 33 -87.63 -9.72 26.74
C LYS PA 33 -86.30 -9.34 27.40
N ILE PA 34 -86.26 -9.16 28.72
CA ILE PA 34 -85.04 -8.86 29.46
C ILE PA 34 -84.77 -10.03 30.39
N ARG PA 35 -83.56 -10.57 30.33
CA ARG PA 35 -83.17 -11.74 31.12
C ARG PA 35 -82.24 -11.39 32.27
N TYR PA 36 -81.31 -10.45 32.06
CA TYR PA 36 -80.37 -10.04 33.08
C TYR PA 36 -79.80 -8.69 32.69
N ASN PA 37 -79.12 -8.07 33.65
CA ASN PA 37 -78.45 -6.79 33.39
C ASN PA 37 -77.19 -7.06 32.57
N SER PA 38 -77.26 -6.77 31.27
CA SER PA 38 -76.13 -7.01 30.39
C SER PA 38 -75.08 -5.92 30.44
N LYS PA 39 -75.27 -4.90 31.28
CA LYS PA 39 -74.30 -3.83 31.46
C LYS PA 39 -73.57 -3.95 32.80
N ARG PA 40 -73.57 -5.12 33.40
CA ARG PA 40 -72.85 -5.33 34.65
C ARG PA 40 -71.35 -5.20 34.42
N ARG PA 41 -70.70 -4.50 35.35
CA ARG PA 41 -69.27 -4.23 35.24
C ARG PA 41 -68.57 -4.76 36.48
N HIS PA 42 -67.41 -5.35 36.29
CA HIS PA 42 -66.56 -5.79 37.39
C HIS PA 42 -65.30 -4.96 37.41
N TRP PA 43 -64.83 -4.62 38.62
CA TRP PA 43 -63.67 -3.76 38.75
C TRP PA 43 -62.39 -4.40 38.23
N ARG PA 44 -62.36 -5.71 38.07
CA ARG PA 44 -61.17 -6.39 37.61
C ARG PA 44 -61.26 -6.85 36.16
N ARG PA 45 -62.46 -7.12 35.66
CA ARG PA 45 -62.60 -7.53 34.27
C ARG PA 45 -62.33 -6.37 33.31
N THR PA 46 -63.10 -5.30 33.44
CA THR PA 46 -62.93 -4.13 32.60
C THR PA 46 -62.79 -2.88 33.47
N LYS PA 47 -62.04 -1.90 32.96
CA LYS PA 47 -61.77 -0.67 33.69
C LYS PA 47 -62.65 0.46 33.17
N LEU PA 48 -62.91 1.43 34.05
CA LEU PA 48 -63.80 2.53 33.73
C LEU PA 48 -63.15 3.48 32.72
N GLY PA 49 -63.97 4.38 32.19
CA GLY PA 49 -63.50 5.28 31.16
C GLY PA 49 -62.41 6.21 31.62
N LEU PA 50 -62.53 6.74 32.84
CA LEU PA 50 -61.55 7.70 33.36
C LEU PA 50 -60.21 7.00 33.61
N ILE QA 1 24.34 -77.85 -5.11
CA ILE QA 1 24.45 -78.06 -6.55
C ILE QA 1 23.47 -79.11 -7.02
N ILE QA 2 23.07 -79.02 -8.28
CA ILE QA 2 22.17 -79.97 -8.91
C ILE QA 2 22.83 -80.47 -10.19
N GLU QA 3 22.90 -81.79 -10.33
CA GLU QA 3 23.55 -82.33 -11.52
C GLU QA 3 22.68 -82.04 -12.76
N PRO QA 4 23.31 -81.89 -13.92
CA PRO QA 4 22.62 -81.22 -15.04
C PRO QA 4 21.33 -81.87 -15.50
N SER QA 5 21.23 -83.21 -15.48
CA SER QA 5 20.00 -83.84 -15.94
C SER QA 5 18.84 -83.54 -15.00
N LEU QA 6 19.08 -83.54 -13.70
CA LEU QA 6 18.03 -83.15 -12.76
C LEU QA 6 17.69 -81.67 -12.89
N ARG QA 7 18.67 -80.84 -13.21
CA ARG QA 7 18.39 -79.43 -13.49
C ARG QA 7 17.47 -79.28 -14.69
N GLN QA 8 17.73 -80.05 -15.76
CA GLN QA 8 16.85 -80.00 -16.92
C GLN QA 8 15.45 -80.51 -16.59
N LEU QA 9 15.37 -81.56 -15.78
CA LEU QA 9 14.06 -82.07 -15.38
C LEU QA 9 13.28 -81.03 -14.59
N ALA QA 10 13.95 -80.33 -13.67
CA ALA QA 10 13.27 -79.28 -12.90
C ALA QA 10 12.89 -78.11 -13.80
N GLN QA 11 13.76 -77.74 -14.74
CA GLN QA 11 13.48 -76.61 -15.63
C GLN QA 11 12.36 -76.92 -16.61
N LYS QA 12 12.11 -78.21 -16.90
CA LYS QA 12 10.98 -78.53 -17.75
C LYS QA 12 9.66 -78.09 -17.14
N TYR QA 13 9.54 -78.18 -15.81
CA TYR QA 13 8.32 -77.80 -15.13
C TYR QA 13 8.35 -76.38 -14.60
N ASN QA 14 9.54 -75.81 -14.38
CA ASN QA 14 9.66 -74.48 -13.78
C ASN QA 14 10.00 -73.38 -14.76
N CYS QA 15 10.80 -73.65 -15.78
CA CYS QA 15 11.38 -72.56 -16.56
C CYS QA 15 10.99 -72.60 -18.04
N ASP QA 16 10.94 -73.80 -18.63
CA ASP QA 16 10.73 -73.93 -20.07
C ASP QA 16 9.23 -73.84 -20.35
N LYS QA 17 8.74 -72.60 -20.42
CA LYS QA 17 7.31 -72.36 -20.59
C LYS QA 17 7.10 -71.01 -21.27
N MET QA 18 5.91 -70.85 -21.84
CA MET QA 18 5.47 -69.60 -22.44
C MET QA 18 4.62 -68.81 -21.45
N ILE QA 19 4.67 -67.49 -21.58
CA ILE QA 19 3.88 -66.58 -20.74
C ILE QA 19 3.02 -65.71 -21.64
N CYS QA 20 1.73 -65.62 -21.33
CA CYS QA 20 0.84 -64.74 -22.06
C CYS QA 20 1.16 -63.29 -21.74
N ARG QA 21 1.19 -62.44 -22.77
CA ARG QA 21 1.47 -61.03 -22.54
C ARG QA 21 0.30 -60.30 -21.92
N LYS QA 22 -0.93 -60.74 -22.18
CA LYS QA 22 -2.11 -60.02 -21.69
C LYS QA 22 -2.51 -60.41 -20.29
N CYS QA 23 -2.31 -61.67 -19.90
CA CYS QA 23 -2.78 -62.14 -18.59
C CYS QA 23 -1.75 -62.95 -17.82
N TYR QA 24 -0.49 -62.99 -18.28
CA TYR QA 24 0.63 -63.58 -17.55
C TYR QA 24 0.45 -65.06 -17.27
N ALA QA 25 -0.45 -65.74 -17.97
CA ALA QA 25 -0.68 -67.15 -17.72
C ALA QA 25 0.54 -67.98 -18.14
N ARG QA 26 0.81 -69.03 -17.37
CA ARG QA 26 1.94 -69.90 -17.62
C ARG QA 26 1.48 -71.03 -18.55
N LEU QA 27 2.05 -71.06 -19.75
CA LEU QA 27 1.63 -72.00 -20.78
C LEU QA 27 2.79 -72.88 -21.21
N HIS QA 28 2.46 -74.05 -21.77
CA HIS QA 28 3.46 -74.99 -22.25
C HIS QA 28 4.28 -74.36 -23.38
N PRO QA 29 5.53 -74.79 -23.56
CA PRO QA 29 6.42 -74.10 -24.51
C PRO QA 29 5.94 -74.10 -25.95
N ARG QA 30 5.13 -75.06 -26.36
CA ARG QA 30 4.62 -75.12 -27.73
C ARG QA 30 3.30 -74.39 -27.89
N ALA QA 31 2.91 -73.57 -26.92
CA ALA QA 31 1.63 -72.87 -26.99
C ALA QA 31 1.65 -71.80 -28.08
N VAL QA 32 0.53 -71.66 -28.76
CA VAL QA 32 0.33 -70.60 -29.74
C VAL QA 32 -0.69 -69.59 -29.28
N ASN QA 33 -1.73 -70.05 -28.58
CA ASN QA 33 -2.76 -69.19 -28.01
C ASN QA 33 -2.87 -69.45 -26.52
N CYS QA 34 -3.15 -68.40 -25.77
CA CYS QA 34 -3.40 -68.57 -24.34
C CYS QA 34 -4.70 -69.33 -24.12
N ARG QA 35 -4.73 -70.11 -23.06
CA ARG QA 35 -5.84 -71.03 -22.80
C ARG QA 35 -6.96 -70.40 -21.98
N LYS QA 36 -6.85 -69.13 -21.63
CA LYS QA 36 -7.73 -68.50 -20.66
C LYS QA 36 -8.63 -67.48 -21.32
N LYS QA 37 -9.89 -67.43 -20.86
CA LYS QA 37 -10.88 -66.57 -21.50
C LYS QA 37 -10.64 -65.09 -21.23
N LYS QA 38 -10.11 -64.75 -20.05
CA LYS QA 38 -10.08 -63.35 -19.65
C LYS QA 38 -9.16 -62.50 -20.52
N CYS QA 39 -8.20 -63.13 -21.21
CA CYS QA 39 -7.42 -62.43 -22.23
C CYS QA 39 -7.97 -62.67 -23.63
N GLY QA 40 -9.02 -63.47 -23.76
CA GLY QA 40 -9.62 -63.71 -25.06
C GLY QA 40 -8.85 -64.68 -25.93
N HIS QA 41 -8.16 -65.64 -25.33
CA HIS QA 41 -7.36 -66.63 -26.06
C HIS QA 41 -6.38 -65.96 -27.02
N THR QA 42 -5.71 -64.92 -26.53
CA THR QA 42 -4.81 -64.16 -27.37
C THR QA 42 -3.59 -64.98 -27.75
N ASN QA 43 -2.98 -64.59 -28.87
CA ASN QA 43 -1.77 -65.22 -29.37
C ASN QA 43 -0.54 -64.34 -29.22
N ASN QA 44 -0.59 -63.34 -28.34
CA ASN QA 44 0.58 -62.55 -27.98
C ASN QA 44 1.28 -63.25 -26.83
N LEU QA 45 2.23 -64.11 -27.16
CA LEU QA 45 2.96 -64.89 -26.17
C LEU QA 45 4.45 -64.57 -26.25
N ARG QA 46 5.14 -64.77 -25.15
CA ARG QA 46 6.58 -64.60 -25.04
C ARG QA 46 7.13 -65.74 -24.21
N PRO QA 47 8.42 -66.06 -24.37
CA PRO QA 47 9.03 -67.06 -23.49
C PRO QA 47 9.14 -66.55 -22.07
N LYS QA 48 9.12 -67.48 -21.13
CA LYS QA 48 9.44 -67.14 -19.75
C LYS QA 48 10.91 -66.74 -19.67
N LYS QA 49 11.18 -65.57 -19.11
CA LYS QA 49 12.54 -65.04 -19.12
C LYS QA 49 13.46 -65.91 -18.28
N LYS QA 50 14.61 -66.24 -18.84
CA LYS QA 50 15.58 -67.10 -18.19
C LYS QA 50 16.35 -66.31 -17.13
N VAL QA 51 16.96 -67.04 -16.20
CA VAL QA 51 17.87 -66.43 -15.24
C VAL QA 51 19.18 -66.01 -15.87
N LYS QA 52 19.41 -66.37 -17.14
CA LYS QA 52 20.62 -66.00 -17.86
C LYS QA 52 20.73 -64.49 -18.02
N MET RA 1 36.46 16.19 6.36
CA MET RA 1 35.33 17.10 6.54
C MET RA 1 35.66 18.24 7.47
N ARG RA 2 34.84 19.27 7.43
CA ARG RA 2 34.83 20.27 8.49
C ARG RA 2 34.39 19.61 9.78
N ALA RA 3 35.03 19.99 10.90
CA ALA RA 3 34.75 19.35 12.17
C ALA RA 3 33.31 19.57 12.60
N LYS RA 4 32.76 20.75 12.32
CA LYS RA 4 31.38 21.04 12.68
C LYS RA 4 30.42 20.13 11.94
N TRP RA 5 30.69 19.84 10.67
CA TRP RA 5 29.82 18.94 9.92
C TRP RA 5 30.00 17.49 10.33
N ARG RA 6 31.20 17.10 10.77
CA ARG RA 6 31.34 15.77 11.38
C ARG RA 6 30.53 15.68 12.66
N LYS RA 7 30.52 16.76 13.44
CA LYS RA 7 29.70 16.80 14.66
C LYS RA 7 28.22 16.68 14.32
N LYS RA 8 27.78 17.38 13.28
CA LYS RA 8 26.38 17.29 12.86
C LYS RA 8 26.02 15.89 12.37
N ARG RA 9 26.92 15.27 11.59
CA ARG RA 9 26.70 13.90 11.13
C ARG RA 9 26.62 12.95 12.31
N MET RA 10 27.49 13.13 13.30
CA MET RA 10 27.46 12.30 14.49
C MET RA 10 26.16 12.47 15.25
N ARG RA 11 25.66 13.70 15.34
CA ARG RA 11 24.39 13.94 16.03
C ARG RA 11 23.22 13.29 15.31
N ARG RA 12 23.20 13.36 13.98
CA ARG RA 12 22.16 12.69 13.22
C ARG RA 12 22.21 11.18 13.45
N LEU RA 13 23.41 10.60 13.40
CA LEU RA 13 23.55 9.16 13.62
C LEU RA 13 23.14 8.80 15.05
N LYS RA 14 23.44 9.67 16.01
CA LYS RA 14 23.07 9.39 17.40
C LYS RA 14 21.55 9.41 17.59
N ARG RA 15 20.85 10.36 16.95
CA ARG RA 15 19.40 10.33 17.03
C ARG RA 15 18.83 9.08 16.38
N LYS RA 16 19.41 8.67 15.24
CA LYS RA 16 18.95 7.44 14.60
C LYS RA 16 19.17 6.23 15.51
N ARG RA 17 20.31 6.17 16.19
CA ARG RA 17 20.59 5.08 17.11
C ARG RA 17 19.62 5.08 18.28
N ARG RA 18 19.32 6.26 18.83
CA ARG RA 18 18.36 6.33 19.94
C ARG RA 18 16.99 5.87 19.49
N LYS RA 19 16.56 6.26 18.28
CA LYS RA 19 15.27 5.84 17.77
C LYS RA 19 15.23 4.32 17.59
N MET RA 20 16.31 3.74 17.04
CA MET RA 20 16.36 2.29 16.86
C MET RA 20 16.30 1.57 18.21
N ARG RA 21 17.04 2.04 19.20
CA ARG RA 21 17.05 1.37 20.49
C ARG RA 21 15.72 1.52 21.21
N GLN RA 22 15.09 2.69 21.11
CA GLN RA 22 13.79 2.89 21.73
C GLN RA 22 12.72 2.04 21.05
N ARG RA 23 12.90 1.75 19.76
CA ARG RA 23 11.93 0.91 19.06
C ARG RA 23 11.83 -0.49 19.66
N SER RA 24 12.93 -1.02 20.18
CA SER RA 24 12.92 -2.34 20.80
C SER RA 24 12.18 -2.31 22.13
N VAL SA 1 -20.53 19.92 -52.30
CA VAL SA 1 -20.85 19.94 -53.73
C VAL SA 1 -20.75 21.36 -54.25
N ASN SA 2 -20.67 21.48 -55.57
CA ASN SA 2 -20.54 22.77 -56.24
C ASN SA 2 -21.71 22.94 -57.19
N VAL SA 3 -22.39 24.08 -57.10
CA VAL SA 3 -23.42 24.42 -58.07
C VAL SA 3 -23.18 25.85 -58.55
N PRO SA 4 -23.40 26.14 -59.83
CA PRO SA 4 -23.17 27.50 -60.33
C PRO SA 4 -24.18 28.47 -59.77
N LYS SA 5 -23.77 29.75 -59.74
CA LYS SA 5 -24.61 30.80 -59.21
C LYS SA 5 -25.80 31.13 -60.10
N THR SA 6 -25.84 30.60 -61.32
CA THR SA 6 -26.96 30.83 -62.22
C THR SA 6 -27.26 29.55 -63.00
N ARG SA 7 -28.52 29.39 -63.38
CA ARG SA 7 -28.92 28.27 -64.22
C ARG SA 7 -30.14 28.66 -65.02
N ARG SA 8 -30.38 27.91 -66.10
CA ARG SA 8 -31.53 28.13 -66.97
C ARG SA 8 -32.52 26.99 -66.75
N THR SA 9 -33.55 27.23 -65.96
CA THR SA 9 -34.53 26.22 -65.63
C THR SA 9 -35.93 26.79 -65.82
N PHE SA 10 -36.92 25.94 -65.58
CA PHE SA 10 -38.31 26.33 -65.78
C PHE SA 10 -38.72 27.41 -64.79
N CYS SA 11 -39.51 28.37 -65.27
CA CYS SA 11 -40.11 29.39 -64.44
C CYS SA 11 -41.63 29.24 -64.52
N LYS SA 12 -42.27 29.12 -63.37
CA LYS SA 12 -43.71 28.84 -63.36
C LYS SA 12 -44.53 30.04 -63.77
N LYS SA 13 -44.09 31.25 -63.37
CA LYS SA 13 -44.82 32.44 -63.77
C LYS SA 13 -44.67 32.72 -65.26
N CYS SA 14 -43.44 32.66 -65.77
CA CYS SA 14 -43.23 32.81 -67.20
C CYS SA 14 -43.81 31.64 -67.98
N GLY SA 15 -43.81 30.44 -67.40
CA GLY SA 15 -44.26 29.26 -68.10
C GLY SA 15 -43.25 28.67 -69.05
N LYS SA 16 -42.00 29.12 -69.01
CA LYS SA 16 -40.99 28.68 -69.96
C LYS SA 16 -39.63 28.73 -69.26
N HIS SA 17 -38.66 28.04 -69.85
CA HIS SA 17 -37.32 27.97 -69.30
C HIS SA 17 -36.65 29.33 -69.40
N GLN SA 18 -36.20 29.85 -68.26
CA GLN SA 18 -35.62 31.17 -68.16
C GLN SA 18 -34.41 31.11 -67.25
N PRO SA 19 -33.44 32.01 -67.43
CA PRO SA 19 -32.30 32.05 -66.50
C PRO SA 19 -32.73 32.42 -65.09
N HIS SA 20 -32.03 31.87 -64.11
CA HIS SA 20 -32.36 32.04 -62.70
C HIS SA 20 -31.08 32.35 -61.94
N LYS SA 21 -31.17 33.28 -60.98
CA LYS SA 21 -30.10 33.47 -60.03
C LYS SA 21 -30.24 32.46 -58.90
N VAL SA 22 -29.14 31.84 -58.52
CA VAL SA 22 -29.16 30.77 -57.53
C VAL SA 22 -28.41 31.24 -56.28
N THR SA 23 -29.13 31.32 -55.17
CA THR SA 23 -28.56 31.55 -53.86
C THR SA 23 -29.02 30.44 -52.91
N GLN SA 24 -28.45 30.44 -51.71
CA GLN SA 24 -28.78 29.44 -50.72
C GLN SA 24 -29.82 30.00 -49.74
N TYR SA 25 -30.89 29.25 -49.54
CA TYR SA 25 -31.94 29.66 -48.62
C TYR SA 25 -31.49 29.52 -47.19
N LYS SA 26 -31.70 30.57 -46.40
CA LYS SA 26 -31.50 30.53 -44.96
C LYS SA 26 -32.84 30.73 -44.26
N LYS SA 27 -33.03 30.02 -43.15
CA LYS SA 27 -34.28 30.13 -42.41
C LYS SA 27 -34.42 31.54 -41.84
N GLY SA 28 -35.60 32.12 -42.03
CA GLY SA 28 -35.85 33.47 -41.56
C GLY SA 28 -36.05 33.53 -40.06
N LYS SA 29 -36.13 34.76 -39.56
CA LYS SA 29 -36.33 34.98 -38.13
C LYS SA 29 -37.75 34.64 -37.74
N ASP SA 30 -37.90 34.06 -36.55
CA ASP SA 30 -39.23 33.73 -36.03
C ASP SA 30 -40.02 35.01 -35.77
N SER SA 31 -41.31 34.97 -36.10
CA SER SA 31 -42.11 36.19 -36.10
C SER SA 31 -42.44 36.69 -34.70
N LEU SA 32 -42.48 35.78 -33.72
CA LEU SA 32 -42.86 36.04 -32.33
C LEU SA 32 -44.36 36.33 -32.22
N TYR SA 33 -45.03 36.42 -33.37
CA TYR SA 33 -46.47 36.60 -33.43
C TYR SA 33 -47.14 35.54 -34.29
N ALA SA 34 -46.41 34.49 -34.66
CA ALA SA 34 -47.05 33.33 -35.24
C ALA SA 34 -47.96 32.68 -34.21
N GLN SA 35 -49.03 32.04 -34.70
CA GLN SA 35 -50.04 31.51 -33.79
C GLN SA 35 -49.46 30.48 -32.85
N GLY SA 36 -48.56 29.63 -33.34
CA GLY SA 36 -47.92 28.66 -32.48
C GLY SA 36 -47.02 29.31 -31.45
N LYS SA 37 -46.32 30.38 -31.83
CA LYS SA 37 -45.49 31.08 -30.86
C LYS SA 37 -46.33 31.79 -29.81
N ARG SA 38 -47.47 32.37 -30.22
CA ARG SA 38 -48.38 32.98 -29.24
C ARG SA 38 -48.94 31.93 -28.28
N ARG SA 39 -49.34 30.78 -28.81
CA ARG SA 39 -49.82 29.70 -27.96
C ARG SA 39 -48.74 29.22 -27.01
N TYR SA 40 -47.51 29.09 -27.50
CA TYR SA 40 -46.39 28.66 -26.66
C TYR SA 40 -46.10 29.67 -25.56
N ASP SA 41 -46.12 30.96 -25.88
CA ASP SA 41 -45.86 31.98 -24.87
C ASP SA 41 -46.96 32.02 -23.82
N ARG SA 42 -48.21 31.85 -24.23
CA ARG SA 42 -49.30 31.78 -23.25
C ARG SA 42 -49.15 30.54 -22.37
N LYS SA 43 -48.77 29.41 -22.97
CA LYS SA 43 -48.60 28.18 -22.22
C LYS SA 43 -47.46 28.28 -21.21
N GLN SA 44 -46.36 28.90 -21.61
CA GLN SA 44 -45.18 28.94 -20.76
C GLN SA 44 -45.29 29.90 -19.60
N SER SA 45 -46.14 30.93 -19.71
CA SER SA 45 -46.28 31.89 -18.64
C SER SA 45 -46.94 31.27 -17.42
N GLY SA 46 -46.53 31.72 -16.23
CA GLY SA 46 -47.07 31.20 -15.00
C GLY SA 46 -46.19 30.15 -14.37
N TYR SA 47 -46.78 29.23 -13.62
CA TYR SA 47 -46.06 28.12 -13.02
C TYR SA 47 -46.36 26.84 -13.79
N GLY SA 48 -45.43 25.89 -13.67
CA GLY SA 48 -45.56 24.62 -14.36
C GLY SA 48 -44.30 24.21 -15.06
N GLY SA 49 -43.39 25.15 -15.26
CA GLY SA 49 -42.14 24.81 -15.91
C GLY SA 49 -42.30 24.62 -17.41
N GLN SA 50 -41.37 23.86 -17.97
CA GLN SA 50 -41.39 23.59 -19.41
C GLN SA 50 -42.58 22.73 -19.77
N THR SA 51 -43.41 23.21 -20.69
CA THR SA 51 -44.66 22.57 -21.03
C THR SA 51 -44.64 21.84 -22.37
N LYS SA 52 -43.58 22.01 -23.15
CA LYS SA 52 -43.43 21.39 -24.46
C LYS SA 52 -42.07 20.70 -24.52
N PRO SA 53 -41.94 19.64 -25.31
CA PRO SA 53 -40.68 18.89 -25.35
C PRO SA 53 -39.54 19.71 -25.93
N ILE SA 54 -38.33 19.37 -25.50
CA ILE SA 54 -37.09 19.92 -26.03
C ILE SA 54 -36.24 18.77 -26.51
N PHE SA 55 -36.01 18.71 -27.83
CA PHE SA 55 -35.56 17.52 -28.53
C PHE SA 55 -34.28 16.90 -27.96
N ARG SA 56 -33.15 17.63 -28.07
CA ARG SA 56 -31.86 17.29 -27.46
C ARG SA 56 -31.43 15.83 -27.70
N LYS SA 57 -31.77 15.27 -28.86
CA LYS SA 57 -31.28 13.96 -29.27
C LYS SA 57 -30.84 13.98 -30.72
N LYS SA 58 -30.06 14.99 -31.09
CA LYS SA 58 -29.64 15.19 -32.47
C LYS SA 58 -28.86 13.98 -32.97
N ALA SA 59 -29.16 13.56 -34.20
CA ALA SA 59 -28.45 12.46 -34.83
C ALA SA 59 -27.95 12.81 -36.22
N LYS SA 60 -28.64 13.67 -36.96
CA LYS SA 60 -28.16 14.10 -38.26
C LYS SA 60 -26.92 14.97 -38.12
N THR SA 61 -26.09 14.96 -39.15
CA THR SA 61 -24.93 15.82 -39.21
C THR SA 61 -24.98 16.81 -40.37
N THR SA 62 -25.95 16.67 -41.27
CA THR SA 62 -26.11 17.54 -42.43
C THR SA 62 -27.55 18.03 -42.51
N LYS SA 63 -27.79 18.93 -43.45
CA LYS SA 63 -29.13 19.39 -43.78
C LYS SA 63 -29.31 19.30 -45.28
N LYS SA 64 -30.57 19.21 -45.71
CA LYS SA 64 -30.87 19.28 -47.13
C LYS SA 64 -30.73 20.72 -47.60
N ILE SA 65 -29.77 20.95 -48.49
CA ILE SA 65 -29.51 22.30 -48.98
C ILE SA 65 -30.67 22.75 -49.85
N VAL SA 66 -31.14 23.97 -49.61
CA VAL SA 66 -32.23 24.56 -50.37
C VAL SA 66 -31.68 25.70 -51.21
N LEU SA 67 -31.92 25.63 -52.52
CA LEU SA 67 -31.47 26.66 -53.45
C LEU SA 67 -32.63 27.62 -53.72
N ARG SA 68 -32.32 28.91 -53.71
CA ARG SA 68 -33.32 29.95 -53.96
C ARG SA 68 -33.12 30.47 -55.38
N LEU SA 69 -33.98 30.03 -56.29
CA LEU SA 69 -33.93 30.48 -57.67
C LEU SA 69 -34.75 31.76 -57.82
N GLU SA 70 -34.19 32.72 -58.55
CA GLU SA 70 -34.90 33.96 -58.86
C GLU SA 70 -34.83 34.18 -60.36
N CYS SA 71 -36.00 34.21 -61.01
CA CYS SA 71 -36.06 34.47 -62.44
C CYS SA 71 -35.52 35.86 -62.74
N VAL SA 72 -34.57 35.93 -63.67
CA VAL SA 72 -33.90 37.20 -63.97
C VAL SA 72 -34.71 38.11 -64.88
N GLU SA 73 -35.91 37.69 -65.27
CA GLU SA 73 -36.80 38.58 -66.00
C GLU SA 73 -37.20 39.75 -65.11
N PRO SA 74 -37.00 40.99 -65.56
CA PRO SA 74 -37.31 42.14 -64.71
C PRO SA 74 -38.77 42.21 -64.27
N ASN SA 75 -39.70 41.83 -65.13
CA ASN SA 75 -41.11 41.82 -64.76
C ASN SA 75 -41.51 40.58 -63.98
N CYS SA 76 -40.76 39.48 -64.10
CA CYS SA 76 -41.02 38.24 -63.38
C CYS SA 76 -39.85 37.99 -62.44
N ARG SA 77 -39.93 38.55 -61.24
CA ARG SA 77 -38.95 38.32 -60.20
C ARG SA 77 -39.36 37.18 -59.28
N SER SA 78 -40.11 36.23 -59.82
CA SER SA 78 -40.66 35.13 -59.02
C SER SA 78 -39.54 34.25 -58.50
N LYS SA 79 -39.79 33.61 -57.36
CA LYS SA 79 -38.79 32.80 -56.68
C LYS SA 79 -39.31 31.40 -56.49
N ARG SA 80 -38.39 30.46 -56.34
CA ARG SA 80 -38.73 29.06 -56.15
C ARG SA 80 -37.65 28.42 -55.28
N MET SA 81 -38.00 27.29 -54.67
CA MET SA 81 -37.11 26.58 -53.75
C MET SA 81 -36.88 25.17 -54.26
N LEU SA 82 -35.62 24.85 -54.56
CA LEU SA 82 -35.21 23.49 -54.89
C LEU SA 82 -34.37 22.94 -53.76
N ALA SA 83 -34.73 21.75 -53.29
CA ALA SA 83 -33.95 21.02 -52.31
C ALA SA 83 -33.10 19.98 -53.03
N ILE SA 84 -31.80 19.99 -52.73
CA ILE SA 84 -30.88 18.99 -53.26
C ILE SA 84 -30.53 18.06 -52.12
N LYS SA 85 -29.82 16.98 -52.43
CA LYS SA 85 -29.54 15.95 -51.43
C LYS SA 85 -28.65 16.49 -50.33
N ARG SA 86 -28.57 15.72 -49.25
CA ARG SA 86 -27.76 16.10 -48.10
C ARG SA 86 -26.28 16.11 -48.48
N CYS SA 87 -25.58 17.16 -48.05
CA CYS SA 87 -24.15 17.25 -48.29
C CYS SA 87 -23.50 17.95 -47.11
N LYS SA 88 -22.22 17.63 -46.88
CA LYS SA 88 -21.48 18.24 -45.78
C LYS SA 88 -20.86 19.56 -46.18
N HIS SA 89 -20.27 19.64 -47.37
CA HIS SA 89 -19.62 20.85 -47.85
C HIS SA 89 -20.35 21.34 -49.08
N PHE SA 90 -20.76 22.59 -49.07
CA PHE SA 90 -21.55 23.19 -50.14
C PHE SA 90 -20.92 24.52 -50.53
N GLU SA 91 -20.91 24.82 -51.83
CA GLU SA 91 -20.41 26.10 -52.30
C GLU SA 91 -21.16 26.50 -53.58
N LEU SA 92 -21.29 27.80 -53.77
CA LEU SA 92 -21.99 28.38 -54.91
C LEU SA 92 -20.97 28.94 -55.89
N GLY SA 93 -20.95 28.41 -57.11
CA GLY SA 93 -20.10 28.95 -58.15
C GLY SA 93 -18.62 28.89 -57.85
N GLY SA 94 -18.14 27.76 -57.31
CA GLY SA 94 -16.73 27.59 -57.05
C GLY SA 94 -15.95 27.33 -58.32
N ASP SA 95 -14.64 27.14 -58.13
CA ASP SA 95 -13.76 26.88 -59.26
C ASP SA 95 -14.11 25.53 -59.88
N LYS SA 96 -14.46 25.55 -61.16
CA LYS SA 96 -14.81 24.31 -61.84
C LYS SA 96 -13.57 23.43 -62.02
N LYS SA 97 -13.77 22.14 -61.88
CA LYS SA 97 -12.66 21.19 -61.93
C LYS SA 97 -12.17 21.01 -63.37
N ARG SA 98 -10.89 20.67 -63.49
CA ARG SA 98 -10.29 20.29 -64.76
C ARG SA 98 -9.77 18.87 -64.67
N LYS SA 99 -9.49 18.29 -65.85
CA LYS SA 99 -9.16 16.88 -65.94
C LYS SA 99 -7.66 16.65 -66.15
N GLY SA 100 -7.07 17.24 -67.18
CA GLY SA 100 -5.66 17.02 -67.46
C GLY SA 100 -4.74 18.06 -66.86
N GLN SA 101 -4.75 18.20 -65.53
CA GLN SA 101 -3.87 19.14 -64.86
C GLN SA 101 -3.04 18.41 -63.81
N VAL SA 102 -2.06 19.14 -63.27
CA VAL SA 102 -1.12 18.59 -62.31
C VAL SA 102 -1.61 18.89 -60.90
N ILE SA 103 -1.53 17.89 -60.04
CA ILE SA 103 -1.88 18.07 -58.63
C ILE SA 103 -0.69 18.69 -57.91
N GLN SA 104 -0.97 19.60 -56.97
CA GLN SA 104 0.09 20.24 -56.21
C GLN SA 104 0.93 19.20 -55.49
N PHE SA 105 2.24 19.33 -55.60
CA PHE SA 105 3.16 18.34 -55.06
C PHE SA 105 3.28 18.49 -53.55
N ALA TA 1 7.40 13.77 54.94
CA ALA TA 1 8.37 13.69 53.86
C ALA TA 1 7.79 14.27 52.58
N LYS TA 2 8.64 14.42 51.55
CA LYS TA 2 8.13 14.82 50.25
C LYS TA 2 7.44 13.64 49.60
N ARG TA 3 6.20 13.85 49.15
CA ARG TA 3 5.36 12.77 48.67
C ARG TA 3 5.38 12.64 47.16
N THR TA 4 5.55 13.73 46.42
CA THR TA 4 5.60 13.71 44.98
C THR TA 4 6.85 14.43 44.50
N LYS TA 5 7.51 13.87 43.49
CA LYS TA 5 8.72 14.47 42.97
C LYS TA 5 8.43 15.77 42.23
N LYS TA 6 7.46 15.76 41.31
CA LYS TA 6 7.22 16.95 40.50
C LYS TA 6 5.76 17.34 40.30
N VAL TA 7 4.79 16.42 40.43
CA VAL TA 7 3.42 16.77 40.08
C VAL TA 7 2.82 17.76 41.10
N GLY TA 8 3.10 17.56 42.38
CA GLY TA 8 2.54 18.44 43.39
C GLY TA 8 1.04 18.42 43.46
N ILE TA 9 0.41 19.58 43.21
CA ILE TA 9 -1.03 19.70 43.37
C ILE TA 9 -1.82 18.92 42.33
N VAL TA 10 -1.23 18.63 41.17
CA VAL TA 10 -1.99 17.96 40.12
C VAL TA 10 -1.79 16.45 40.22
N GLY TA 11 -1.28 15.99 41.36
CA GLY TA 11 -1.26 14.56 41.61
C GLY TA 11 -2.65 13.98 41.79
N LYS TA 12 -3.64 14.82 42.05
CA LYS TA 12 -5.01 14.35 42.17
C LYS TA 12 -5.59 13.89 40.84
N TYR TA 13 -5.02 14.33 39.73
CA TYR TA 13 -5.50 13.94 38.42
C TYR TA 13 -4.95 12.61 37.95
N GLY TA 14 -4.05 11.99 38.73
CA GLY TA 14 -3.54 10.69 38.36
C GLY TA 14 -2.68 10.75 37.11
N THR TA 15 -2.82 9.72 36.27
CA THR TA 15 -2.10 9.63 35.01
C THR TA 15 -2.85 10.28 33.86
N ARG TA 16 -4.01 10.87 34.12
CA ARG TA 16 -4.91 11.31 33.07
C ARG TA 16 -4.49 12.67 32.49
N TYR TA 17 -5.02 12.95 31.31
CA TYR TA 17 -5.09 14.23 30.61
C TYR TA 17 -3.77 14.66 29.99
N GLY TA 18 -2.67 13.94 30.21
CA GLY TA 18 -1.42 14.31 29.60
C GLY TA 18 -0.53 15.13 30.50
N ALA TA 19 0.79 14.89 30.42
CA ALA TA 19 1.73 15.54 31.32
C ALA TA 19 1.77 17.04 31.09
N SER TA 20 1.77 17.47 29.83
CA SER TA 20 1.89 18.90 29.56
C SER TA 20 0.66 19.66 30.00
N LEU TA 21 -0.52 19.08 29.83
CA LEU TA 21 -1.74 19.74 30.31
C LEU TA 21 -1.76 19.84 31.83
N ARG TA 22 -1.31 18.79 32.52
CA ARG TA 22 -1.22 18.85 33.97
C ARG TA 22 -0.21 19.91 34.42
N LYS TA 23 0.93 19.99 33.74
CA LYS TA 23 1.90 21.02 34.07
C LYS TA 23 1.34 22.42 33.81
N MET TA 24 0.58 22.57 32.73
CA MET TA 24 0.00 23.87 32.40
C MET TA 24 -1.05 24.29 33.42
N VAL TA 25 -1.84 23.32 33.92
CA VAL TA 25 -2.87 23.65 34.90
C VAL TA 25 -2.32 23.71 36.32
N LYS TA 26 -1.10 23.24 36.56
CA LYS TA 26 -0.56 23.21 37.91
C LYS TA 26 -0.40 24.62 38.49
N LYS TA 27 0.27 25.50 37.76
CA LYS TA 27 0.48 26.85 38.30
C LYS TA 27 -0.83 27.63 38.37
N ILE TA 28 -1.75 27.38 37.44
CA ILE TA 28 -3.05 28.03 37.48
C ILE TA 28 -3.82 27.61 38.73
N GLU TA 29 -3.79 26.31 39.06
CA GLU TA 29 -4.48 25.84 40.25
C GLU TA 29 -3.80 26.33 41.52
N ILE TA 30 -2.47 26.40 41.52
CA ILE TA 30 -1.74 26.92 42.68
C ILE TA 30 -2.15 28.36 42.94
N SER TA 31 -2.17 29.19 41.91
CA SER TA 31 -2.59 30.58 42.08
C SER TA 31 -4.07 30.68 42.43
N GLN TA 32 -4.90 29.79 41.88
CA GLN TA 32 -6.32 29.80 42.15
C GLN TA 32 -6.63 29.52 43.61
N HIS TA 33 -5.96 28.54 44.20
CA HIS TA 33 -6.25 28.13 45.56
C HIS TA 33 -5.35 28.81 46.60
N ALA TA 34 -4.44 29.67 46.17
CA ALA TA 34 -3.59 30.37 47.11
C ALA TA 34 -4.37 31.45 47.86
N LYS TA 35 -3.81 31.87 48.99
CA LYS TA 35 -4.36 32.95 49.79
C LYS TA 35 -3.44 34.15 49.70
N TYR TA 36 -3.98 35.27 49.27
CA TYR TA 36 -3.20 36.48 49.04
C TYR TA 36 -3.34 37.42 50.22
N THR TA 37 -2.31 38.24 50.43
CA THR TA 37 -2.36 39.22 51.51
C THR TA 37 -3.33 40.34 51.13
N CYS TA 38 -4.34 40.55 51.97
CA CYS TA 38 -5.34 41.58 51.71
C CYS TA 38 -4.69 42.95 51.76
N SER TA 39 -5.01 43.78 50.78
CA SER TA 39 -4.47 45.14 50.71
C SER TA 39 -5.27 46.13 51.53
N PHE TA 40 -6.33 45.69 52.21
CA PHE TA 40 -7.16 46.57 53.02
C PHE TA 40 -6.94 46.36 54.51
N CYS TA 41 -6.87 45.11 54.96
CA CYS TA 41 -6.66 44.81 56.37
C CYS TA 41 -5.28 44.24 56.67
N GLY TA 42 -4.54 43.81 55.66
CA GLY TA 42 -3.21 43.28 55.84
C GLY TA 42 -3.12 41.82 56.19
N LYS TA 43 -4.24 41.12 56.35
CA LYS TA 43 -4.22 39.70 56.66
C LYS TA 43 -4.20 38.88 55.39
N THR TA 44 -3.56 37.70 55.48
CA THR TA 44 -3.42 36.81 54.33
C THR TA 44 -4.62 35.87 54.25
N LYS TA 45 -5.80 36.46 54.05
CA LYS TA 45 -7.05 35.71 54.02
C LYS TA 45 -7.86 35.99 52.76
N MET TA 46 -7.30 36.73 51.81
CA MET TA 46 -7.98 37.06 50.57
C MET TA 46 -7.90 35.85 49.65
N LYS TA 47 -9.00 35.12 49.51
CA LYS TA 47 -9.04 33.92 48.71
C LYS TA 47 -10.20 33.99 47.73
N ARG TA 48 -10.09 33.21 46.67
CA ARG TA 48 -11.09 33.24 45.60
C ARG TA 48 -12.41 32.65 46.07
N ARG TA 49 -13.50 33.30 45.70
CA ARG TA 49 -14.84 32.79 45.98
C ARG TA 49 -15.45 32.13 44.75
N ALA TA 50 -15.54 32.88 43.65
CA ALA TA 50 -15.89 32.33 42.35
C ALA TA 50 -14.88 32.86 41.34
N VAL TA 51 -15.10 32.62 40.06
CA VAL TA 51 -14.14 33.09 39.06
C VAL TA 51 -14.21 34.61 38.99
N GLY TA 52 -13.06 35.26 39.20
CA GLY TA 52 -12.98 36.70 39.17
C GLY TA 52 -13.37 37.41 40.45
N ILE TA 53 -13.82 36.68 41.47
CA ILE TA 53 -14.29 37.28 42.71
C ILE TA 53 -13.38 36.83 43.85
N TRP TA 54 -12.79 37.78 44.55
CA TRP TA 54 -11.85 37.51 45.62
C TRP TA 54 -12.36 38.14 46.90
N HIS TA 55 -12.49 37.34 47.95
CA HIS TA 55 -13.11 37.76 49.20
C HIS TA 55 -12.17 37.53 50.37
N CYS TA 56 -12.06 38.56 51.22
CA CYS TA 56 -11.24 38.46 52.42
C CYS TA 56 -12.14 38.11 53.60
N GLY TA 57 -11.75 37.08 54.34
CA GLY TA 57 -12.58 36.63 55.45
C GLY TA 57 -12.54 37.57 56.64
N SER TA 58 -11.48 38.36 56.76
CA SER TA 58 -11.31 39.20 57.95
C SER TA 58 -12.17 40.46 57.88
N CYS TA 59 -11.90 41.32 56.90
CA CYS TA 59 -12.61 42.57 56.76
C CYS TA 59 -13.85 42.46 55.88
N MET TA 60 -14.15 41.26 55.38
CA MET TA 60 -15.32 41.00 54.54
C MET TA 60 -15.35 41.91 53.31
N LYS TA 61 -14.16 42.17 52.77
CA LYS TA 61 -14.02 42.95 51.55
C LYS TA 61 -14.00 42.01 50.35
N THR TA 62 -14.84 42.31 49.36
CA THR TA 62 -14.88 41.54 48.13
C THR TA 62 -14.31 42.38 46.99
N VAL TA 63 -13.36 41.82 46.26
CA VAL TA 63 -12.65 42.52 45.21
C VAL TA 63 -12.80 41.75 43.90
N ALA TA 64 -13.10 42.47 42.83
CA ALA TA 64 -13.15 41.90 41.49
C ALA TA 64 -11.72 41.83 40.95
N GLY TA 65 -11.26 40.63 40.64
CA GLY TA 65 -9.91 40.43 40.18
C GLY TA 65 -9.87 39.49 38.98
N GLY TA 66 -8.72 38.85 38.81
CA GLY TA 66 -8.52 37.92 37.72
C GLY TA 66 -9.21 36.59 37.98
N ALA TA 67 -9.17 35.74 36.95
CA ALA TA 67 -9.82 34.44 37.05
C ALA TA 67 -9.10 33.54 38.05
N TRP TA 68 -7.77 33.48 37.97
CA TRP TA 68 -6.99 32.59 38.80
C TRP TA 68 -6.05 33.31 39.75
N THR TA 69 -5.65 34.53 39.45
CA THR TA 69 -4.81 35.32 40.33
C THR TA 69 -5.60 36.52 40.82
N TYR TA 70 -5.17 37.06 41.95
CA TYR TA 70 -5.90 38.17 42.57
C TYR TA 70 -5.94 39.38 41.66
N ASN TA 71 -4.82 39.70 41.02
CA ASN TA 71 -4.79 40.73 39.99
C ASN TA 71 -3.99 40.23 38.80
N THR TA 72 -4.45 40.59 37.61
CA THR TA 72 -3.77 40.24 36.37
C THR TA 72 -2.80 41.35 35.99
N THR TA 73 -1.71 40.96 35.31
CA THR TA 73 -0.72 41.94 34.88
C THR TA 73 -1.32 42.97 33.93
N SER TA 74 -2.26 42.52 33.09
CA SER TA 74 -3.00 43.44 32.23
C SER TA 74 -3.66 44.54 33.05
N ALA TA 75 -4.41 44.16 34.08
CA ALA TA 75 -5.12 45.14 34.90
C ALA TA 75 -4.17 46.06 35.64
N VAL TA 76 -3.00 45.56 36.06
CA VAL TA 76 -2.04 46.42 36.76
C VAL TA 76 -1.49 47.49 35.81
N THR TA 77 -1.11 47.07 34.60
CA THR TA 77 -0.63 48.04 33.63
C THR TA 77 -1.73 49.03 33.25
N VAL TA 78 -2.98 48.55 33.19
CA VAL TA 78 -4.10 49.43 32.89
C VAL TA 78 -4.29 50.45 33.98
N LYS TA 79 -4.22 50.03 35.24
CA LYS TA 79 -4.36 50.96 36.36
C LYS TA 79 -3.27 52.02 36.34
N SER TA 80 -2.03 51.61 36.07
CA SER TA 80 -0.95 52.57 35.96
C SER TA 80 -1.17 53.54 34.80
N ALA TA 81 -1.61 53.03 33.66
CA ALA TA 81 -1.85 53.89 32.49
C ALA TA 81 -2.97 54.88 32.77
N ILE TA 82 -4.04 54.43 33.42
CA ILE TA 82 -5.16 55.31 33.73
C ILE TA 82 -4.73 56.39 34.73
N ARG TA 83 -3.90 56.02 35.70
CA ARG TA 83 -3.35 57.03 36.61
C ARG TA 83 -2.53 58.07 35.85
N ARG TA 84 -1.68 57.62 34.93
CA ARG TA 84 -0.85 58.55 34.18
C ARG TA 84 -1.69 59.46 33.29
N LEU TA 85 -2.71 58.91 32.64
CA LEU TA 85 -3.56 59.73 31.79
C LEU TA 85 -4.44 60.67 32.61
N LYS TA 86 -4.79 60.29 33.84
CA LYS TA 86 -5.51 61.21 34.72
C LYS TA 86 -4.61 62.38 35.11
N GLU TA 87 -3.38 62.09 35.54
CA GLU TA 87 -2.48 63.17 35.94
C GLU TA 87 -2.03 64.01 34.76
N LEU TA 88 -2.06 63.46 33.54
CA LEU TA 88 -1.82 64.25 32.35
C LEU TA 88 -3.02 65.12 31.99
N LYS TA 89 -4.23 64.59 32.19
CA LYS TA 89 -5.45 65.30 31.81
C LYS TA 89 -5.63 66.57 32.63
N ASP TA 90 -5.46 66.47 33.95
CA ASP TA 90 -5.51 67.65 34.79
C ASP TA 90 -4.12 68.25 34.94
N GLN TA 91 -4.07 69.44 35.52
CA GLN TA 91 -2.82 70.17 35.65
C GLN TA 91 -2.75 70.97 36.94
N SER UA 1 -111.98 -15.64 -38.07
CA SER UA 1 -111.87 -16.93 -38.76
C SER UA 1 -111.30 -18.00 -37.86
N ALA UA 2 -111.53 -19.27 -38.25
CA ALA UA 2 -111.05 -20.38 -37.45
C ALA UA 2 -109.53 -20.41 -37.38
N HIS UA 3 -108.87 -20.18 -38.51
CA HIS UA 3 -107.41 -20.26 -38.53
C HIS UA 3 -106.77 -19.10 -37.78
N LEU UA 4 -107.33 -17.89 -37.92
CA LEU UA 4 -106.79 -16.75 -37.21
C LEU UA 4 -106.96 -16.90 -35.71
N GLN UA 5 -108.17 -17.29 -35.27
CA GLN UA 5 -108.39 -17.52 -33.85
C GLN UA 5 -107.52 -18.65 -33.33
N TRP UA 6 -107.27 -19.67 -34.16
CA TRP UA 6 -106.35 -20.73 -33.77
C TRP UA 6 -104.96 -20.19 -33.53
N MET UA 7 -104.46 -19.36 -34.45
CA MET UA 7 -103.13 -18.77 -34.25
C MET UA 7 -103.11 -17.88 -33.02
N VAL UA 8 -104.25 -17.30 -32.65
CA VAL UA 8 -104.30 -16.52 -31.41
C VAL UA 8 -104.19 -17.42 -30.20
N VAL UA 9 -104.94 -18.53 -30.17
CA VAL UA 9 -105.08 -19.33 -28.95
C VAL UA 9 -104.43 -20.70 -29.07
N ARG UA 10 -103.53 -20.91 -30.03
CA ARG UA 10 -102.88 -22.22 -30.12
C ARG UA 10 -101.95 -22.50 -28.94
N ASN UA 11 -101.47 -21.45 -28.26
CA ASN UA 11 -100.60 -21.62 -27.12
C ASN UA 11 -100.96 -20.75 -25.92
N CYS UA 12 -101.88 -19.81 -26.07
CA CYS UA 12 -102.29 -18.91 -24.98
C CYS UA 12 -103.79 -19.06 -24.78
N SER UA 13 -104.18 -19.94 -23.87
CA SER UA 13 -105.59 -20.18 -23.61
C SER UA 13 -105.75 -20.68 -22.18
N SER UA 14 -106.86 -20.31 -21.56
CA SER UA 14 -107.13 -20.76 -20.19
C SER UA 14 -107.46 -22.24 -20.13
N PHE UA 15 -107.97 -22.82 -21.23
CA PHE UA 15 -108.29 -24.23 -21.28
C PHE UA 15 -107.07 -25.10 -21.53
N LEU UA 16 -105.91 -24.49 -21.76
CA LEU UA 16 -104.71 -25.21 -22.16
C LEU UA 16 -104.01 -25.76 -20.93
N ILE UA 17 -103.77 -27.07 -20.93
CA ILE UA 17 -102.98 -27.73 -19.89
C ILE UA 17 -101.76 -28.34 -20.56
N LYS UA 18 -100.57 -27.95 -20.09
CA LYS UA 18 -99.31 -28.50 -20.59
C LYS UA 18 -98.60 -29.12 -19.40
N ARG UA 19 -98.66 -30.44 -19.30
CA ARG UA 19 -98.08 -31.15 -18.17
C ARG UA 19 -97.57 -32.50 -18.63
N ASN UA 20 -96.47 -32.95 -18.01
CA ASN UA 20 -95.95 -34.30 -18.18
C ASN UA 20 -95.69 -34.62 -19.65
N LYS UA 21 -95.08 -33.68 -20.38
CA LYS UA 21 -94.79 -33.78 -21.81
C LYS UA 21 -96.06 -33.99 -22.63
N GLN UA 22 -97.21 -33.67 -22.07
CA GLN UA 22 -98.50 -33.82 -22.75
C GLN UA 22 -99.20 -32.47 -22.77
N THR UA 23 -100.15 -32.33 -23.70
CA THR UA 23 -100.96 -31.12 -23.77
C THR UA 23 -102.42 -31.52 -23.88
N TYR UA 24 -103.28 -30.74 -23.21
CA TYR UA 24 -104.71 -31.00 -23.20
C TYR UA 24 -105.46 -29.68 -23.22
N SER UA 25 -106.66 -29.72 -23.77
CA SER UA 25 -107.52 -28.55 -23.87
C SER UA 25 -108.88 -28.88 -23.28
N THR UA 26 -109.35 -28.04 -22.37
CA THR UA 26 -110.55 -28.34 -21.58
C THR UA 26 -111.75 -27.48 -21.98
N GLU UA 27 -111.78 -26.98 -23.20
CA GLU UA 27 -112.94 -26.22 -23.65
C GLU UA 27 -114.15 -27.14 -23.78
N PRO UA 28 -115.37 -26.61 -23.63
CA PRO UA 28 -116.55 -27.47 -23.44
C PRO UA 28 -116.82 -28.47 -24.56
N ASN UA 29 -116.58 -28.11 -25.82
CA ASN UA 29 -117.01 -28.92 -26.95
C ASN UA 29 -115.84 -29.60 -27.65
N ASN UA 30 -114.87 -30.09 -26.89
CA ASN UA 30 -113.67 -30.70 -27.44
C ASN UA 30 -113.79 -32.22 -27.29
N LEU UA 31 -114.04 -32.90 -28.40
CA LEU UA 31 -113.88 -34.35 -28.41
C LEU UA 31 -112.40 -34.70 -28.37
N LYS UA 32 -112.07 -35.73 -27.58
CA LYS UA 32 -110.70 -36.21 -27.34
C LYS UA 32 -109.90 -35.26 -26.46
N ALA UA 33 -110.46 -34.08 -26.17
CA ALA UA 33 -109.91 -33.13 -25.19
C ALA UA 33 -108.44 -32.82 -25.44
N ARG UA 34 -108.07 -32.65 -26.70
CA ARG UA 34 -106.70 -32.35 -27.06
C ARG UA 34 -106.58 -30.95 -27.62
N ASN UA 35 -105.38 -30.39 -27.52
CA ASN UA 35 -105.08 -29.08 -28.08
C ASN UA 35 -104.77 -29.28 -29.55
N SER UA 36 -105.76 -29.04 -30.41
CA SER UA 36 -105.56 -29.18 -31.84
C SER UA 36 -106.54 -28.28 -32.57
N PHE UA 37 -106.17 -27.91 -33.79
CA PHE UA 37 -107.05 -27.09 -34.61
C PHE UA 37 -108.32 -27.86 -34.97
N ARG UA 38 -108.19 -29.13 -35.31
CA ARG UA 38 -109.33 -29.92 -35.75
C ARG UA 38 -110.33 -30.13 -34.63
N TYR UA 39 -109.86 -30.39 -33.41
CA TYR UA 39 -110.73 -30.76 -32.31
C TYR UA 39 -111.10 -29.61 -31.40
N ASN UA 40 -110.64 -28.40 -31.68
CA ASN UA 40 -110.99 -27.27 -30.84
C ASN UA 40 -112.48 -26.97 -30.95
N GLY UA 41 -113.12 -26.73 -29.81
CA GLY UA 41 -114.56 -26.56 -29.79
C GLY UA 41 -115.02 -25.12 -29.67
N LEU UA 42 -114.15 -24.17 -30.01
CA LEU UA 42 -114.51 -22.77 -29.89
C LEU UA 42 -114.27 -22.02 -31.20
N ILE UA 43 -113.20 -22.37 -31.92
CA ILE UA 43 -112.78 -21.60 -33.08
C ILE UA 43 -113.50 -21.95 -34.36
N HIS UA 44 -114.16 -23.10 -34.42
CA HIS UA 44 -114.79 -23.55 -35.65
C HIS UA 44 -116.21 -23.03 -35.76
N ARG UA 45 -116.64 -22.80 -37.01
CA ARG UA 45 -117.97 -22.29 -37.26
C ARG UA 45 -119.04 -23.31 -36.90
N LYS UA 46 -118.77 -24.59 -37.13
CA LYS UA 46 -119.63 -25.67 -36.68
C LYS UA 46 -118.81 -26.64 -35.85
N THR UA 47 -119.34 -27.00 -34.69
CA THR UA 47 -118.68 -27.95 -33.80
C THR UA 47 -119.72 -28.96 -33.32
N VAL UA 48 -119.22 -30.09 -32.82
CA VAL UA 48 -120.05 -31.10 -32.20
C VAL UA 48 -119.36 -31.58 -30.93
N GLY UA 49 -120.14 -31.83 -29.89
CA GLY UA 49 -119.61 -32.31 -28.63
C GLY UA 49 -120.60 -33.20 -27.93
N VAL UA 50 -120.08 -34.19 -27.21
CA VAL UA 50 -120.88 -35.15 -26.48
C VAL UA 50 -120.53 -35.06 -25.00
N GLU UA 51 -121.55 -34.92 -24.18
CA GLU UA 51 -121.40 -34.81 -22.73
C GLU UA 51 -122.36 -35.78 -22.06
N PRO UA 52 -122.05 -36.21 -20.84
CA PRO UA 52 -123.01 -37.01 -20.09
C PRO UA 52 -124.23 -36.18 -19.72
N ALA UA 53 -125.34 -36.87 -19.51
CA ALA UA 53 -126.58 -36.19 -19.16
C ALA UA 53 -126.52 -35.67 -17.72
N ALA UA 54 -127.51 -34.84 -17.37
CA ALA UA 54 -127.58 -34.30 -16.02
C ALA UA 54 -127.72 -35.41 -14.99
N ASP UA 55 -128.68 -36.31 -15.21
CA ASP UA 55 -128.76 -37.54 -14.44
C ASP UA 55 -127.89 -38.59 -15.12
N GLY UA 56 -127.38 -39.53 -14.33
CA GLY UA 56 -126.41 -40.48 -14.82
C GLY UA 56 -126.99 -41.51 -15.77
N LYS UA 57 -127.58 -41.07 -16.87
CA LYS UA 57 -128.16 -41.95 -17.86
C LYS UA 57 -128.33 -41.20 -19.18
N GLY UA 58 -127.74 -41.74 -20.24
CA GLY UA 58 -127.81 -41.12 -21.55
C GLY UA 58 -126.69 -40.13 -21.78
N VAL UA 59 -126.62 -39.65 -23.02
CA VAL UA 59 -125.63 -38.66 -23.41
C VAL UA 59 -126.35 -37.42 -23.94
N VAL UA 60 -125.66 -36.29 -23.90
CA VAL UA 60 -126.16 -35.04 -24.47
C VAL UA 60 -125.26 -34.69 -25.64
N VAL UA 61 -125.86 -34.64 -26.82
CA VAL UA 61 -125.15 -34.24 -28.04
C VAL UA 61 -125.48 -32.78 -28.31
N VAL UA 62 -124.45 -31.94 -28.26
CA VAL UA 62 -124.59 -30.52 -28.50
C VAL UA 62 -123.88 -30.16 -29.80
N ILE UA 63 -124.62 -29.50 -30.70
CA ILE UA 63 -124.09 -29.09 -31.99
C ILE UA 63 -124.28 -27.59 -32.13
N LYS UA 64 -123.45 -26.98 -32.97
CA LYS UA 64 -123.43 -25.53 -33.12
C LYS UA 64 -124.22 -25.13 -34.36
N ARG UA 65 -125.18 -24.24 -34.16
CA ARG UA 65 -125.97 -23.73 -35.27
C ARG UA 65 -125.14 -22.76 -36.11
N ARG UA 66 -125.63 -22.50 -37.33
CA ARG UA 66 -124.83 -21.77 -38.31
C ARG UA 66 -124.96 -20.26 -38.17
N SER UA 67 -126.10 -19.75 -37.71
CA SER UA 67 -126.35 -18.31 -37.80
C SER UA 67 -125.68 -17.53 -36.67
N GLY UA 68 -126.07 -17.81 -35.43
CA GLY UA 68 -125.63 -16.99 -34.32
C GLY UA 68 -124.22 -17.30 -33.86
N GLN UA 69 -123.22 -16.93 -34.65
CA GLN UA 69 -121.84 -17.22 -34.27
C GLN UA 69 -121.36 -16.29 -33.16
N ARG UA 70 -121.79 -15.03 -33.17
CA ARG UA 70 -121.42 -14.06 -32.16
C ARG UA 70 -122.40 -14.00 -31.01
N LYS UA 71 -123.41 -14.89 -31.00
CA LYS UA 71 -124.47 -14.90 -30.00
C LYS UA 71 -124.37 -16.18 -29.20
N PRO UA 72 -123.48 -16.24 -28.20
CA PRO UA 72 -123.22 -17.51 -27.51
C PRO UA 72 -124.41 -18.06 -26.75
N ALA UA 73 -125.40 -17.25 -26.41
CA ALA UA 73 -126.52 -17.73 -25.61
C ALA UA 73 -127.38 -18.70 -26.40
N THR UA 74 -127.50 -18.50 -27.72
CA THR UA 74 -128.35 -19.34 -28.55
C THR UA 74 -127.57 -20.01 -29.68
N SER UA 75 -126.26 -20.14 -29.52
CA SER UA 75 -125.43 -20.68 -30.60
C SER UA 75 -125.36 -22.20 -30.59
N TYR UA 76 -125.83 -22.84 -29.52
CA TYR UA 76 -125.69 -24.28 -29.36
C TYR UA 76 -127.06 -24.92 -29.19
N VAL UA 77 -127.25 -26.09 -29.80
CA VAL UA 77 -128.45 -26.88 -29.66
C VAL UA 77 -128.07 -28.19 -28.99
N ARG UA 78 -128.69 -28.48 -27.86
CA ARG UA 78 -128.38 -29.66 -27.06
C ARG UA 78 -129.56 -30.62 -27.07
N THR UA 79 -129.31 -31.87 -27.47
CA THR UA 79 -130.31 -32.91 -27.45
C THR UA 79 -129.85 -34.04 -26.53
N THR UA 80 -130.80 -34.64 -25.83
CA THR UA 80 -130.52 -35.73 -24.92
C THR UA 80 -130.97 -37.03 -25.56
N ILE UA 81 -130.03 -37.96 -25.75
CA ILE UA 81 -130.32 -39.29 -26.25
C ILE UA 81 -130.17 -40.26 -25.10
N ASN UA 82 -131.26 -40.95 -24.77
CA ASN UA 82 -131.29 -41.86 -23.63
C ASN UA 82 -131.78 -43.24 -24.08
N LYS UA 83 -131.21 -43.71 -25.19
CA LYS UA 83 -131.53 -45.02 -25.74
C LYS UA 83 -130.46 -46.02 -25.32
N ASN UA 84 -130.52 -47.22 -25.89
CA ASN UA 84 -129.46 -48.19 -25.68
C ASN UA 84 -128.20 -47.75 -26.41
N ALA UA 85 -127.09 -48.45 -26.15
CA ALA UA 85 -125.80 -48.03 -26.67
C ALA UA 85 -125.78 -48.06 -28.19
N ARG UA 86 -126.29 -49.15 -28.79
CA ARG UA 86 -126.28 -49.25 -30.25
C ARG UA 86 -127.16 -48.18 -30.89
N ALA UA 87 -128.34 -47.93 -30.32
CA ALA UA 87 -129.23 -46.90 -30.84
C ALA UA 87 -128.61 -45.51 -30.69
N THR UA 88 -127.98 -45.25 -29.54
CA THR UA 88 -127.33 -43.96 -29.33
C THR UA 88 -126.21 -43.72 -30.33
N LEU UA 89 -125.37 -44.73 -30.54
CA LEU UA 89 -124.29 -44.60 -31.51
C LEU UA 89 -124.85 -44.42 -32.92
N SER UA 90 -125.93 -45.12 -33.25
CA SER UA 90 -126.55 -44.95 -34.56
C SER UA 90 -127.07 -43.53 -34.74
N SER UA 91 -127.70 -42.97 -33.69
CA SER UA 91 -128.22 -41.61 -33.78
C SER UA 91 -127.10 -40.60 -33.97
N ILE UA 92 -126.00 -40.75 -33.23
CA ILE UA 92 -124.89 -39.82 -33.39
C ILE UA 92 -124.25 -39.97 -34.77
N ARG UA 93 -124.12 -41.21 -35.23
CA ARG UA 93 -123.58 -41.46 -36.57
C ARG UA 93 -124.44 -40.81 -37.63
N HIS UA 94 -125.77 -40.89 -37.49
CA HIS UA 94 -126.65 -40.25 -38.45
C HIS UA 94 -126.54 -38.73 -38.38
N MET UA 95 -126.47 -38.17 -37.17
CA MET UA 95 -126.38 -36.71 -37.04
C MET UA 95 -125.11 -36.18 -37.68
N ILE UA 96 -124.02 -36.94 -37.62
CA ILE UA 96 -122.77 -36.46 -38.20
C ILE UA 96 -122.67 -36.77 -39.69
N ARG UA 97 -122.99 -38.00 -40.10
CA ARG UA 97 -122.75 -38.42 -41.47
C ARG UA 97 -123.86 -37.98 -42.41
N LYS UA 98 -125.12 -38.14 -41.98
CA LYS UA 98 -126.25 -37.78 -42.84
C LYS UA 98 -126.27 -36.29 -43.13
N ASN UA 99 -126.02 -35.46 -42.12
CA ASN UA 99 -126.04 -34.02 -42.28
C ASN UA 99 -124.82 -33.48 -43.00
N LYS UA 100 -123.77 -34.29 -43.15
CA LYS UA 100 -122.43 -33.83 -43.53
C LYS UA 100 -121.98 -32.73 -42.57
N TYR UA 101 -122.30 -32.91 -41.29
CA TYR UA 101 -121.95 -31.95 -40.24
C TYR UA 101 -120.65 -32.44 -39.61
N ARG UA 102 -119.54 -31.92 -40.12
CA ARG UA 102 -118.19 -32.25 -39.67
C ARG UA 102 -117.97 -33.75 -39.66
N PRO UA 103 -117.87 -34.39 -40.83
CA PRO UA 103 -117.67 -35.85 -40.87
C PRO UA 103 -116.35 -36.29 -40.29
N ASP UA 104 -115.38 -35.39 -40.13
CA ASP UA 104 -114.09 -35.73 -39.55
C ASP UA 104 -114.16 -35.94 -38.04
N LEU UA 105 -115.29 -35.63 -37.41
CA LEU UA 105 -115.48 -35.86 -35.98
C LEU UA 105 -116.47 -36.99 -35.70
N ARG UA 106 -116.67 -37.90 -36.65
CA ARG UA 106 -117.70 -38.92 -36.47
C ARG UA 106 -117.24 -39.99 -35.49
N MET UA 107 -116.09 -40.59 -35.76
CA MET UA 107 -115.61 -41.66 -34.88
C MET UA 107 -115.20 -41.13 -33.52
N ALA UA 108 -114.70 -39.88 -33.46
CA ALA UA 108 -114.36 -39.29 -32.18
C ALA UA 108 -115.60 -39.17 -31.29
N ALA UA 109 -116.70 -38.66 -31.86
CA ALA UA 109 -117.93 -38.53 -31.10
C ALA UA 109 -118.51 -39.89 -30.74
N ILE UA 110 -118.43 -40.86 -31.66
CA ILE UA 110 -118.94 -42.20 -31.37
C ILE UA 110 -118.16 -42.84 -30.23
N ARG UA 111 -116.84 -42.74 -30.27
CA ARG UA 111 -116.00 -43.29 -29.21
C ARG UA 111 -116.24 -42.60 -27.87
N ARG UA 112 -116.41 -41.27 -27.91
CA ARG UA 112 -116.68 -40.55 -26.67
C ARG UA 112 -118.03 -40.93 -26.08
N ALA UA 113 -119.05 -41.09 -26.92
CA ALA UA 113 -120.34 -41.54 -26.45
C ALA UA 113 -120.25 -42.94 -25.87
N SER UA 114 -119.49 -43.82 -26.52
CA SER UA 114 -119.30 -45.17 -26.00
C SER UA 114 -118.63 -45.14 -24.64
N ALA UA 115 -117.60 -44.30 -24.47
CA ALA UA 115 -116.92 -44.19 -23.19
C ALA UA 115 -117.87 -43.65 -22.11
N ILE UA 116 -118.67 -42.65 -22.44
CA ILE UA 116 -119.61 -42.09 -21.47
C ILE UA 116 -120.64 -43.12 -21.04
N LEU UA 117 -121.22 -43.84 -22.01
CA LEU UA 117 -122.20 -44.87 -21.69
C LEU UA 117 -121.59 -46.00 -20.87
N ARG UA 118 -120.35 -46.38 -21.19
CA ARG UA 118 -119.67 -47.40 -20.40
C ARG UA 118 -119.41 -46.92 -18.98
N SER UA 119 -119.15 -45.62 -18.82
CA SER UA 119 -118.97 -45.09 -17.47
C SER UA 119 -120.28 -45.04 -16.70
N GLN UA 120 -121.41 -44.85 -17.40
CA GLN UA 120 -122.69 -44.70 -16.73
C GLN UA 120 -123.25 -46.03 -16.21
N LYS UA 121 -122.91 -47.15 -16.84
CA LYS UA 121 -123.44 -48.42 -16.39
C LYS UA 121 -122.85 -48.82 -15.05
N PRO UA 122 -123.60 -49.55 -14.23
CA PRO UA 122 -123.11 -49.91 -12.89
C PRO UA 122 -121.84 -50.74 -12.94
N VAL UA 123 -120.95 -50.50 -11.98
CA VAL UA 123 -119.72 -51.27 -11.88
C VAL UA 123 -120.03 -52.72 -11.49
N MET UA 124 -119.15 -53.61 -11.89
CA MET UA 124 -119.34 -55.04 -11.67
C MET UA 124 -118.83 -55.44 -10.29
N VAL UA 125 -118.79 -56.75 -10.05
CA VAL UA 125 -118.40 -57.28 -8.76
C VAL UA 125 -117.11 -58.08 -8.88
N ASP VA 1 10.04 -74.11 -60.38
CA ASP VA 1 11.48 -74.33 -60.24
C ASP VA 1 11.75 -75.74 -59.72
N ARG VA 2 10.84 -76.21 -58.86
CA ARG VA 2 10.97 -77.57 -58.33
C ARG VA 2 10.63 -78.61 -59.40
N ALA VA 3 9.70 -78.29 -60.30
CA ALA VA 3 9.38 -79.19 -61.39
C ALA VA 3 10.58 -79.40 -62.32
N THR VA 4 11.24 -78.29 -62.70
CA THR VA 4 12.46 -78.41 -63.49
C THR VA 4 13.55 -79.12 -62.72
N TRP VA 5 13.61 -78.89 -61.41
CA TRP VA 5 14.57 -79.58 -60.55
C TRP VA 5 14.39 -81.09 -60.65
N LYS VA 6 13.15 -81.56 -60.50
CA LYS VA 6 12.92 -83.00 -60.48
C LYS VA 6 13.04 -83.61 -61.87
N SER VA 7 12.68 -82.86 -62.90
CA SER VA 7 12.87 -83.34 -64.27
C SER VA 7 14.36 -83.50 -64.58
N ASN VA 8 15.16 -82.50 -64.23
CA ASN VA 8 16.60 -82.60 -64.41
C ASN VA 8 17.18 -83.73 -63.59
N TYR VA 9 16.64 -83.96 -62.40
CA TYR VA 9 17.10 -85.06 -61.58
C TYR VA 9 16.81 -86.41 -62.24
N PHE VA 10 15.60 -86.57 -62.80
CA PHE VA 10 15.28 -87.80 -63.53
C PHE VA 10 16.21 -87.99 -64.73
N LEU VA 11 16.46 -86.92 -65.48
CA LEU VA 11 17.37 -87.04 -66.62
C LEU VA 11 18.76 -87.46 -66.19
N LYS VA 12 19.26 -86.88 -65.09
CA LYS VA 12 20.57 -87.25 -64.57
C LYS VA 12 20.60 -88.71 -64.14
N ILE VA 13 19.54 -89.16 -63.43
CA ILE VA 13 19.53 -90.54 -62.96
C ILE VA 13 19.50 -91.52 -64.12
N ILE VA 14 18.66 -91.25 -65.13
CA ILE VA 14 18.53 -92.19 -66.23
C ILE VA 14 19.82 -92.22 -67.05
N GLN VA 15 20.46 -91.07 -67.27
CA GLN VA 15 21.70 -91.07 -68.04
C GLN VA 15 22.83 -91.73 -67.24
N LEU VA 16 22.84 -91.55 -65.92
CA LEU VA 16 23.88 -92.18 -65.11
C LEU VA 16 23.71 -93.69 -65.08
N LEU VA 17 22.47 -94.18 -64.94
CA LEU VA 17 22.28 -95.62 -64.90
C LEU VA 17 22.47 -96.25 -66.28
N ASP VA 18 22.19 -95.51 -67.35
CA ASP VA 18 22.52 -96.01 -68.68
C ASP VA 18 24.03 -96.08 -68.89
N ASP VA 19 24.75 -95.03 -68.49
CA ASP VA 19 26.19 -94.94 -68.77
C ASP VA 19 26.97 -95.99 -67.98
N TYR VA 20 26.72 -96.08 -66.67
CA TYR VA 20 27.47 -96.98 -65.81
C TYR VA 20 26.71 -98.28 -65.63
N PRO VA 21 27.28 -99.42 -66.02
CA PRO VA 21 26.57 -100.70 -65.90
C PRO VA 21 26.72 -101.38 -64.55
N LYS VA 22 27.64 -100.92 -63.71
CA LYS VA 22 27.87 -101.48 -62.39
C LYS VA 22 27.60 -100.42 -61.34
N CYS VA 23 26.83 -100.78 -60.31
CA CYS VA 23 26.46 -99.85 -59.26
C CYS VA 23 26.29 -100.61 -57.96
N PHE VA 24 26.73 -100.00 -56.86
CA PHE VA 24 26.58 -100.58 -55.53
C PHE VA 24 25.66 -99.68 -54.73
N ILE VA 25 24.59 -100.25 -54.18
CA ILE VA 25 23.72 -99.48 -53.29
C ILE VA 25 24.42 -99.37 -51.95
N VAL VA 26 24.49 -98.15 -51.43
CA VAL VA 26 25.32 -97.88 -50.26
C VAL VA 26 24.49 -97.13 -49.23
N GLY VA 27 24.49 -97.63 -48.00
CA GLY VA 27 23.74 -96.97 -46.94
C GLY VA 27 24.48 -95.77 -46.40
N ALA VA 28 23.72 -94.70 -46.17
CA ALA VA 28 24.25 -93.48 -45.58
C ALA VA 28 23.89 -93.45 -44.10
N ASP VA 29 24.92 -93.45 -43.27
CA ASP VA 29 24.76 -93.37 -41.82
C ASP VA 29 24.78 -91.90 -41.41
N ASN VA 30 24.98 -91.62 -40.13
CA ASN VA 30 25.10 -90.24 -39.67
C ASN VA 30 26.43 -89.68 -40.17
N VAL VA 31 26.43 -89.19 -41.40
CA VAL VA 31 27.62 -88.66 -42.05
C VAL VA 31 27.45 -87.15 -42.23
N GLY VA 32 28.57 -86.44 -42.19
CA GLY VA 32 28.56 -84.99 -42.31
C GLY VA 32 28.68 -84.51 -43.75
N SER VA 33 28.38 -83.22 -43.92
CA SER VA 33 28.62 -82.58 -45.21
C SER VA 33 30.10 -82.54 -45.55
N LYS VA 34 30.95 -82.38 -44.53
CA LYS VA 34 32.39 -82.43 -44.74
C LYS VA 34 32.83 -83.79 -45.24
N GLN VA 35 32.29 -84.86 -44.65
CA GLN VA 35 32.60 -86.21 -45.14
C GLN VA 35 32.10 -86.39 -46.56
N MET VA 36 30.94 -85.82 -46.88
CA MET VA 36 30.43 -85.90 -48.25
C MET VA 36 31.37 -85.20 -49.23
N GLN VA 37 31.88 -84.01 -48.87
CA GLN VA 37 32.83 -83.33 -49.72
C GLN VA 37 34.11 -84.14 -49.88
N GLN VA 38 34.60 -84.75 -48.79
CA GLN VA 38 35.81 -85.55 -48.86
C GLN VA 38 35.62 -86.76 -49.76
N ILE VA 39 34.48 -87.45 -49.64
CA ILE VA 39 34.18 -88.59 -50.51
C ILE VA 39 34.06 -88.13 -51.96
N ARG VA 40 33.46 -86.96 -52.17
CA ARG VA 40 33.28 -86.44 -53.53
C ARG VA 40 34.64 -86.16 -54.17
N MET VA 41 35.57 -85.61 -53.39
CA MET VA 41 36.91 -85.35 -53.91
C MET VA 41 37.69 -86.65 -54.13
N SER VA 42 37.57 -87.60 -53.20
CA SER VA 42 38.39 -88.81 -53.25
C SER VA 42 37.83 -89.88 -54.16
N LEU VA 43 36.60 -89.73 -54.64
CA LEU VA 43 35.96 -90.74 -55.48
C LEU VA 43 35.82 -90.34 -56.94
N ARG VA 44 35.74 -89.03 -57.23
CA ARG VA 44 35.49 -88.53 -58.57
C ARG VA 44 36.56 -88.93 -59.57
N GLY VA 45 37.75 -89.32 -59.10
CA GLY VA 45 38.82 -89.68 -60.02
C GLY VA 45 38.49 -90.89 -60.87
N LYS VA 46 37.81 -91.88 -60.30
CA LYS VA 46 37.47 -93.11 -61.02
C LYS VA 46 35.97 -93.39 -61.09
N ALA VA 47 35.18 -92.93 -60.13
CA ALA VA 47 33.77 -93.28 -60.08
C ALA VA 47 32.98 -92.06 -59.61
N VAL VA 48 31.67 -92.24 -59.44
CA VAL VA 48 30.79 -91.17 -58.99
C VAL VA 48 29.79 -91.76 -58.01
N VAL VA 49 29.36 -90.93 -57.06
CA VAL VA 49 28.43 -91.35 -56.02
C VAL VA 49 27.12 -90.57 -56.18
N LEU VA 50 26.02 -91.28 -55.99
CA LEU VA 50 24.68 -90.70 -56.10
C LEU VA 50 23.96 -90.89 -54.79
N MET VA 51 23.44 -89.80 -54.22
CA MET VA 51 22.76 -89.86 -52.93
C MET VA 51 21.68 -88.78 -52.92
N GLY VA 52 20.45 -89.19 -53.20
CA GLY VA 52 19.31 -88.30 -53.19
C GLY VA 52 18.10 -88.95 -52.54
N LYS VA 53 16.92 -88.45 -52.92
CA LYS VA 53 15.67 -88.98 -52.40
C LYS VA 53 15.45 -90.39 -52.91
N ASN VA 54 15.02 -91.29 -52.01
CA ASN VA 54 14.79 -92.67 -52.39
C ASN VA 54 13.64 -92.79 -53.37
N THR VA 55 12.57 -92.01 -53.18
CA THR VA 55 11.43 -92.08 -54.08
C THR VA 55 11.81 -91.68 -55.49
N MET VA 56 12.71 -90.69 -55.61
CA MET VA 56 13.31 -90.38 -56.91
C MET VA 56 13.96 -91.61 -57.52
N MET VA 57 14.72 -92.35 -56.71
CA MET VA 57 15.41 -93.54 -57.22
C MET VA 57 14.42 -94.58 -57.72
N ARG VA 58 13.41 -94.88 -56.90
CA ARG VA 58 12.42 -95.89 -57.27
C ARG VA 58 11.65 -95.49 -58.52
N LYS VA 59 11.21 -94.23 -58.60
CA LYS VA 59 10.44 -93.82 -59.77
C LYS VA 59 11.30 -93.80 -61.02
N ALA VA 60 12.54 -93.33 -60.91
CA ALA VA 60 13.42 -93.29 -62.09
C ALA VA 60 13.74 -94.69 -62.59
N ILE VA 61 13.98 -95.64 -61.68
CA ILE VA 61 14.31 -97.00 -62.13
C ILE VA 61 13.09 -97.84 -62.44
N ARG VA 62 11.90 -97.42 -62.04
CA ARG VA 62 10.68 -98.17 -62.32
C ARG VA 62 9.96 -97.69 -63.57
N GLY VA 63 9.75 -96.38 -63.70
CA GLY VA 63 9.01 -95.88 -64.85
C GLY VA 63 9.73 -96.04 -66.17
N HIS VA 64 11.06 -95.87 -66.16
CA HIS VA 64 11.86 -95.90 -67.37
C HIS VA 64 12.72 -97.17 -67.43
N LEU VA 65 12.20 -98.27 -66.88
CA LEU VA 65 12.92 -99.53 -66.88
C LEU VA 65 12.89 -100.24 -68.23
N GLU VA 66 12.02 -99.81 -69.14
CA GLU VA 66 11.86 -100.50 -70.42
C GLU VA 66 13.09 -100.37 -71.31
N ASN VA 67 14.05 -99.50 -70.96
CA ASN VA 67 15.29 -99.43 -71.71
C ASN VA 67 16.27 -100.54 -71.29
N ASN VA 68 16.19 -101.01 -70.05
CA ASN VA 68 17.08 -102.07 -69.60
C ASN VA 68 16.40 -103.04 -68.64
N PRO VA 69 16.28 -104.32 -68.99
CA PRO VA 69 15.67 -105.30 -68.08
C PRO VA 69 16.65 -105.73 -66.99
N ALA VA 70 16.23 -106.72 -66.19
CA ALA VA 70 17.01 -107.22 -65.05
C ALA VA 70 17.34 -106.09 -64.07
N LEU VA 71 16.36 -105.23 -63.84
CA LEU VA 71 16.52 -104.07 -62.97
C LEU VA 71 15.41 -103.92 -61.94
N GLU VA 72 14.25 -104.55 -62.12
CA GLU VA 72 13.12 -104.39 -61.23
C GLU VA 72 13.29 -105.15 -59.92
N LYS VA 73 14.32 -105.99 -59.79
CA LYS VA 73 14.57 -106.69 -58.54
C LYS VA 73 15.24 -105.83 -57.49
N LEU VA 74 15.76 -104.65 -57.86
CA LEU VA 74 16.25 -103.71 -56.87
C LEU VA 74 15.12 -102.98 -56.16
N LEU VA 75 13.98 -102.81 -56.83
CA LEU VA 75 12.83 -102.08 -56.29
C LEU VA 75 12.38 -102.56 -54.92
N PRO VA 76 12.28 -103.88 -54.62
CA PRO VA 76 11.88 -104.27 -53.26
C PRO VA 76 13.01 -104.25 -52.25
N HIS VA 77 14.13 -103.59 -52.57
CA HIS VA 77 15.27 -103.57 -51.67
C HIS VA 77 15.82 -102.18 -51.36
N ILE VA 78 15.53 -101.17 -52.17
CA ILE VA 78 16.06 -99.84 -51.92
C ILE VA 78 15.25 -99.16 -50.82
N ARG VA 79 15.68 -99.33 -49.57
CA ARG VA 79 15.01 -98.73 -48.43
C ARG VA 79 16.06 -98.13 -47.51
N GLY VA 80 15.63 -97.19 -46.67
CA GLY VA 80 16.53 -96.52 -45.77
C GLY VA 80 17.31 -95.42 -46.46
N ASN VA 81 18.17 -94.75 -45.67
CA ASN VA 81 18.99 -93.66 -46.18
C ASN VA 81 20.11 -94.25 -47.02
N VAL VA 82 19.77 -94.60 -48.26
CA VAL VA 82 20.67 -95.31 -49.16
C VAL VA 82 20.74 -94.60 -50.50
N GLY VA 83 21.83 -94.86 -51.22
CA GLY VA 83 22.02 -94.33 -52.56
C GLY VA 83 22.89 -95.26 -53.38
N PHE VA 84 23.14 -94.89 -54.63
CA PHE VA 84 23.94 -95.71 -55.54
C PHE VA 84 25.29 -95.06 -55.78
N VAL VA 85 26.35 -95.87 -55.79
CA VAL VA 85 27.65 -95.44 -56.29
C VAL VA 85 27.88 -96.15 -57.62
N PHE VA 86 28.16 -95.37 -58.66
CA PHE VA 86 28.31 -95.88 -60.01
C PHE VA 86 29.79 -95.94 -60.38
N THR VA 87 30.24 -97.13 -60.78
CA THR VA 87 31.64 -97.36 -61.10
C THR VA 87 31.73 -98.35 -62.24
N LYS VA 88 32.84 -98.25 -63.00
CA LYS VA 88 33.18 -99.23 -64.01
C LYS VA 88 34.26 -100.19 -63.53
N GLU VA 89 34.61 -100.14 -62.25
CA GLU VA 89 35.59 -101.05 -61.67
C GLU VA 89 34.87 -102.28 -61.12
N ASP VA 90 35.59 -103.13 -60.39
CA ASP VA 90 35.02 -104.33 -59.80
C ASP VA 90 34.74 -104.14 -58.31
N LEU VA 91 34.23 -105.20 -57.69
CA LEU VA 91 33.63 -105.08 -56.36
C LEU VA 91 34.68 -104.78 -55.30
N THR VA 92 35.76 -105.56 -55.26
CA THR VA 92 36.71 -105.45 -54.16
C THR VA 92 37.49 -104.14 -54.22
N GLU VA 93 37.80 -103.66 -55.42
CA GLU VA 93 38.52 -102.39 -55.55
C GLU VA 93 37.71 -101.22 -55.03
N ILE VA 94 36.39 -101.25 -55.20
CA ILE VA 94 35.54 -100.24 -54.58
C ILE VA 94 35.47 -100.47 -53.08
N ARG VA 95 35.28 -101.73 -52.66
CA ARG VA 95 34.96 -102.02 -51.26
C ARG VA 95 36.11 -101.67 -50.33
N ASP VA 96 37.35 -102.04 -50.72
CA ASP VA 96 38.48 -101.83 -49.81
C ASP VA 96 38.77 -100.35 -49.64
N MET VA 97 38.71 -99.57 -50.72
CA MET VA 97 39.00 -98.14 -50.59
C MET VA 97 37.85 -97.40 -49.92
N LEU VA 98 36.61 -97.88 -50.09
CA LEU VA 98 35.49 -97.20 -49.47
C LEU VA 98 35.39 -97.50 -47.98
N LEU VA 99 35.72 -98.72 -47.56
CA LEU VA 99 35.77 -99.03 -46.14
C LEU VA 99 37.07 -98.59 -45.50
N ALA VA 100 38.07 -98.23 -46.30
CA ALA VA 100 39.32 -97.70 -45.75
C ALA VA 100 39.17 -96.25 -45.29
N ASN VA 101 38.69 -95.37 -46.17
CA ASN VA 101 38.60 -93.94 -45.86
C ASN VA 101 37.39 -93.59 -45.00
N LYS VA 102 37.34 -94.19 -43.81
CA LYS VA 102 36.32 -93.86 -42.82
C LYS VA 102 36.84 -92.75 -41.91
N VAL VA 103 36.19 -91.60 -41.95
CA VAL VA 103 36.58 -90.49 -41.08
C VAL VA 103 36.27 -90.84 -39.64
N PRO VA 104 37.20 -90.65 -38.70
CA PRO VA 104 36.94 -91.02 -37.30
C PRO VA 104 35.98 -90.05 -36.62
N ALA VA 105 34.68 -90.30 -36.80
CA ALA VA 105 33.66 -89.40 -36.26
C ALA VA 105 33.74 -89.30 -34.75
N ALA VA 106 33.51 -88.11 -34.23
CA ALA VA 106 33.61 -87.84 -32.80
C ALA VA 106 32.34 -88.31 -32.09
N ALA VA 107 32.33 -88.19 -30.76
CA ALA VA 107 31.21 -88.63 -29.94
C ALA VA 107 30.23 -87.47 -29.82
N ARG VA 108 29.47 -87.23 -30.89
CA ARG VA 108 28.47 -86.18 -30.86
C ARG VA 108 27.31 -86.57 -29.94
N ALA VA 109 26.83 -85.59 -29.18
CA ALA VA 109 25.76 -85.84 -28.22
C ALA VA 109 24.46 -86.19 -28.93
N GLY VA 110 23.62 -86.97 -28.26
CA GLY VA 110 22.35 -87.38 -28.84
C GLY VA 110 22.44 -88.48 -29.85
N ALA VA 111 23.58 -89.18 -29.93
CA ALA VA 111 23.80 -90.24 -30.89
C ALA VA 111 24.03 -91.56 -30.18
N ILE VA 112 23.40 -92.63 -30.70
CA ILE VA 112 23.53 -93.94 -30.10
C ILE VA 112 24.91 -94.52 -30.43
N ALA VA 113 25.40 -95.41 -29.57
CA ALA VA 113 26.72 -96.01 -29.72
C ALA VA 113 26.64 -97.52 -29.54
N PRO VA 114 26.30 -98.24 -30.62
CA PRO VA 114 26.35 -99.72 -30.54
C PRO VA 114 27.74 -100.27 -30.27
N CYS VA 115 28.79 -99.55 -30.65
CA CYS VA 115 30.14 -99.97 -30.35
C CYS VA 115 30.55 -99.48 -28.97
N GLU VA 116 31.65 -100.03 -28.46
CA GLU VA 116 32.13 -99.74 -27.11
C GLU VA 116 33.56 -99.19 -27.15
N VAL VA 117 33.85 -98.23 -26.27
CA VAL VA 117 35.19 -97.73 -26.04
C VAL VA 117 35.41 -97.60 -24.54
N THR VA 118 36.68 -97.59 -24.15
CA THR VA 118 37.06 -97.47 -22.75
C THR VA 118 38.30 -96.59 -22.63
N VAL VA 119 38.22 -95.58 -21.76
CA VAL VA 119 39.37 -94.69 -21.56
C VAL VA 119 40.43 -95.43 -20.73
N PRO VA 120 41.72 -95.32 -21.08
CA PRO VA 120 42.76 -95.94 -20.24
C PRO VA 120 43.25 -95.02 -19.14
N ALA VA 121 44.23 -95.48 -18.37
CA ALA VA 121 44.83 -94.68 -17.31
C ALA VA 121 46.10 -94.05 -17.86
N GLN VA 122 46.02 -92.77 -18.23
CA GLN VA 122 47.15 -92.05 -18.77
C GLN VA 122 46.96 -90.56 -18.58
N ASN VA 123 48.05 -89.81 -18.72
CA ASN VA 123 48.01 -88.36 -18.59
C ASN VA 123 47.23 -87.73 -19.73
N THR VA 124 46.42 -86.72 -19.40
CA THR VA 124 45.61 -86.05 -20.42
C THR VA 124 46.47 -85.17 -21.32
N GLY VA 125 47.54 -84.59 -20.77
CA GLY VA 125 48.41 -83.71 -21.53
C GLY VA 125 47.97 -82.28 -21.61
N LEU VA 126 46.94 -81.88 -20.87
CA LEU VA 126 46.44 -80.52 -20.87
C LEU VA 126 46.68 -79.87 -19.52
N GLY VA 127 46.53 -78.54 -19.48
CA GLY VA 127 46.66 -77.78 -18.26
C GLY VA 127 45.60 -78.15 -17.25
N PRO VA 128 45.92 -78.01 -15.96
CA PRO VA 128 45.03 -78.48 -14.89
C PRO VA 128 43.91 -77.50 -14.52
N GLU VA 129 43.18 -77.03 -15.54
CA GLU VA 129 42.05 -76.15 -15.33
C GLU VA 129 40.75 -76.76 -15.86
N LYS VA 130 40.73 -78.07 -16.08
CA LYS VA 130 39.59 -78.76 -16.67
C LYS VA 130 39.10 -79.90 -15.78
N THR VA 131 39.24 -79.75 -14.47
CA THR VA 131 38.86 -80.81 -13.55
C THR VA 131 37.36 -80.82 -13.24
N SER VA 132 36.64 -79.73 -13.55
CA SER VA 132 35.23 -79.65 -13.18
C SER VA 132 34.40 -80.73 -13.88
N PHE VA 133 34.70 -80.98 -15.16
CA PHE VA 133 33.96 -82.02 -15.88
C PHE VA 133 34.20 -83.40 -15.28
N PHE VA 134 35.46 -83.69 -14.92
CA PHE VA 134 35.77 -84.96 -14.28
C PHE VA 134 35.07 -85.10 -12.94
N GLN VA 135 35.06 -84.01 -12.16
CA GLN VA 135 34.40 -84.04 -10.85
C GLN VA 135 32.90 -84.25 -10.98
N ALA VA 136 32.26 -83.57 -11.94
CA ALA VA 136 30.84 -83.75 -12.17
C ALA VA 136 30.53 -85.18 -12.63
N LEU VA 137 31.36 -85.72 -13.53
CA LEU VA 137 31.17 -87.11 -13.95
C LEU VA 137 31.47 -88.08 -12.81
N GLY VA 138 32.43 -87.74 -11.95
CA GLY VA 138 32.81 -88.63 -10.87
C GLY VA 138 34.06 -89.41 -11.18
N ILE VA 139 35.10 -88.73 -11.68
CA ILE VA 139 36.35 -89.36 -12.07
C ILE VA 139 37.45 -88.84 -11.16
N THR VA 140 38.25 -89.76 -10.60
CA THR VA 140 39.29 -89.40 -9.67
C THR VA 140 40.51 -88.88 -10.42
N THR VA 141 40.88 -87.62 -10.20
CA THR VA 141 42.03 -87.00 -10.83
C THR VA 141 42.82 -86.23 -9.77
N LYS VA 142 44.14 -86.16 -9.98
CA LYS VA 142 45.02 -85.43 -9.08
C LYS VA 142 46.14 -84.78 -9.88
N ILE VA 143 46.76 -83.77 -9.28
CA ILE VA 143 47.79 -83.00 -9.97
C ILE VA 143 49.10 -83.77 -9.98
N SER VA 144 49.79 -83.75 -11.12
CA SER VA 144 51.10 -84.36 -11.25
C SER VA 144 51.79 -83.74 -12.46
N ARG VA 145 52.95 -83.11 -12.24
CA ARG VA 145 53.75 -82.47 -13.29
C ARG VA 145 52.97 -81.38 -14.02
N GLY VA 146 52.02 -80.75 -13.33
CA GLY VA 146 51.22 -79.71 -13.94
C GLY VA 146 50.24 -80.18 -14.98
N THR VA 147 49.82 -81.44 -14.93
CA THR VA 147 48.86 -82.00 -15.88
C THR VA 147 47.89 -82.90 -15.14
N ILE VA 148 46.79 -83.21 -15.83
CA ILE VA 148 45.73 -84.04 -15.26
C ILE VA 148 46.00 -85.50 -15.60
N GLU VA 149 45.98 -86.35 -14.58
CA GLU VA 149 46.28 -87.77 -14.72
C GLU VA 149 45.07 -88.60 -14.32
N ILE VA 150 44.78 -89.64 -15.09
CA ILE VA 150 43.71 -90.58 -14.79
C ILE VA 150 44.35 -91.75 -14.05
N LEU VA 151 44.15 -91.79 -12.72
CA LEU VA 151 44.78 -92.80 -11.89
C LEU VA 151 44.09 -94.15 -11.94
N SER VA 152 42.80 -94.20 -12.27
CA SER VA 152 42.06 -95.45 -12.25
C SER VA 152 41.23 -95.58 -13.52
N ASP VA 153 41.14 -96.80 -14.02
CA ASP VA 153 40.27 -97.09 -15.15
C ASP VA 153 38.82 -97.13 -14.70
N VAL VA 154 37.94 -96.48 -15.45
CA VAL VA 154 36.52 -96.45 -15.14
C VAL VA 154 35.75 -96.80 -16.40
N GLN VA 155 34.56 -97.36 -16.22
CA GLN VA 155 33.67 -97.67 -17.33
C GLN VA 155 33.12 -96.38 -17.92
N LEU VA 156 33.52 -96.07 -19.15
CA LEU VA 156 33.11 -94.83 -19.80
C LEU VA 156 31.73 -94.97 -20.45
N ILE VA 157 31.57 -95.94 -21.36
CA ILE VA 157 30.33 -96.10 -22.09
C ILE VA 157 30.07 -97.59 -22.30
N LYS VA 158 28.80 -97.96 -22.39
CA LYS VA 158 28.38 -99.29 -22.77
C LYS VA 158 27.83 -99.25 -24.20
N THR VA 159 27.47 -100.42 -24.70
CA THR VA 159 26.99 -100.53 -26.08
C THR VA 159 25.52 -100.16 -26.16
N GLY VA 160 25.19 -99.35 -27.17
CA GLY VA 160 23.82 -98.98 -27.44
C GLY VA 160 23.11 -98.20 -26.37
N ASP VA 161 23.76 -97.16 -25.84
CA ASP VA 161 23.13 -96.29 -24.84
C ASP VA 161 23.24 -94.84 -25.29
N LYS VA 162 22.34 -94.01 -24.78
CA LYS VA 162 22.36 -92.60 -25.10
C LYS VA 162 23.49 -91.88 -24.37
N VAL VA 163 24.16 -90.98 -25.09
CA VAL VA 163 25.36 -90.31 -24.61
C VAL VA 163 24.99 -88.93 -24.08
N GLY VA 164 25.42 -88.63 -22.86
CA GLY VA 164 25.18 -87.32 -22.28
C GLY VA 164 26.10 -86.25 -22.82
N ALA VA 165 25.79 -85.01 -22.47
CA ALA VA 165 26.59 -83.88 -22.95
C ALA VA 165 27.98 -83.87 -22.30
N SER VA 166 28.05 -84.18 -21.01
CA SER VA 166 29.32 -84.16 -20.30
C SER VA 166 30.29 -85.20 -20.87
N GLU VA 167 29.79 -86.42 -21.11
CA GLU VA 167 30.61 -87.46 -21.71
C GLU VA 167 31.08 -87.07 -23.11
N ALA VA 168 30.18 -86.46 -23.89
CA ALA VA 168 30.53 -86.03 -25.25
C ALA VA 168 31.63 -84.99 -25.24
N THR VA 169 31.48 -83.95 -24.40
CA THR VA 169 32.51 -82.91 -24.36
C THR VA 169 33.80 -83.42 -23.71
N LEU VA 170 33.69 -84.42 -22.83
CA LEU VA 170 34.89 -85.03 -22.26
C LEU VA 170 35.68 -85.77 -23.32
N LEU VA 171 34.99 -86.57 -24.15
CA LEU VA 171 35.67 -87.26 -25.24
C LEU VA 171 36.17 -86.27 -26.28
N ASN VA 172 35.51 -85.11 -26.42
CA ASN VA 172 36.00 -84.08 -27.31
C ASN VA 172 37.32 -83.48 -26.81
N MET VA 173 37.38 -83.16 -25.51
CA MET VA 173 38.60 -82.55 -24.97
C MET VA 173 39.69 -83.58 -24.70
N LEU VA 174 39.35 -84.87 -24.67
CA LEU VA 174 40.36 -85.90 -24.46
C LEU VA 174 41.18 -86.18 -25.71
N ASN VA 175 40.66 -85.81 -26.88
CA ASN VA 175 41.33 -86.05 -28.16
C ASN VA 175 41.67 -87.53 -28.36
N ILE VA 176 40.71 -88.40 -28.06
CA ILE VA 176 40.87 -89.84 -28.29
C ILE VA 176 39.92 -90.26 -29.40
N SER VA 177 40.01 -91.53 -29.80
CA SER VA 177 39.16 -92.03 -30.88
C SER VA 177 37.89 -92.62 -30.31
N PRO VA 178 36.73 -92.00 -30.52
CA PRO VA 178 35.47 -92.59 -30.05
C PRO VA 178 34.87 -93.51 -31.09
N PHE VA 179 33.65 -93.99 -30.82
CA PHE VA 179 32.91 -94.75 -31.81
C PHE VA 179 32.76 -93.96 -33.11
N SER VA 180 32.99 -94.63 -34.23
CA SER VA 180 32.97 -93.97 -35.53
C SER VA 180 32.24 -94.84 -36.54
N PHE VA 181 31.53 -94.19 -37.46
CA PHE VA 181 30.86 -94.88 -38.54
C PHE VA 181 30.79 -93.95 -39.75
N GLY VA 182 30.56 -94.55 -40.91
CA GLY VA 182 30.54 -93.78 -42.14
C GLY VA 182 29.77 -94.48 -43.23
N LEU VA 183 30.22 -94.25 -44.46
CA LEU VA 183 29.51 -94.73 -45.63
C LEU VA 183 29.77 -96.22 -45.82
N VAL VA 184 28.72 -97.04 -45.68
CA VAL VA 184 28.84 -98.50 -45.71
C VAL VA 184 27.90 -99.05 -46.78
N ILE VA 185 28.39 -100.03 -47.53
CA ILE VA 185 27.62 -100.60 -48.63
C ILE VA 185 26.61 -101.60 -48.10
N GLN VA 186 25.40 -101.57 -48.67
CA GLN VA 186 24.37 -102.54 -48.29
C GLN VA 186 24.44 -103.80 -49.16
N GLN VA 187 24.41 -103.63 -50.47
CA GLN VA 187 24.54 -104.75 -51.40
C GLN VA 187 25.02 -104.19 -52.74
N VAL VA 188 25.34 -105.11 -53.66
CA VAL VA 188 25.98 -104.74 -54.92
C VAL VA 188 25.05 -105.09 -56.09
N PHE VA 189 25.32 -104.47 -57.24
CA PHE VA 189 24.53 -104.69 -58.45
C PHE VA 189 25.46 -104.61 -59.65
N ASP VA 190 25.81 -105.77 -60.22
CA ASP VA 190 26.67 -105.86 -61.39
C ASP VA 190 25.88 -106.49 -62.52
N ASN VA 191 25.25 -105.65 -63.34
CA ASN VA 191 24.51 -106.08 -64.53
C ASN VA 191 23.42 -107.09 -64.19
N GLY VA 192 22.80 -106.94 -63.02
CA GLY VA 192 21.71 -107.80 -62.63
C GLY VA 192 22.09 -108.92 -61.69
N SER VA 193 22.92 -108.62 -60.69
CA SER VA 193 23.30 -109.60 -59.69
C SER VA 193 23.35 -108.92 -58.34
N ILE VA 194 23.15 -109.69 -57.28
CA ILE VA 194 23.16 -109.18 -55.90
C ILE VA 194 24.12 -110.02 -55.08
N TYR VA 195 25.15 -109.38 -54.53
CA TYR VA 195 26.06 -110.01 -53.58
C TYR VA 195 26.24 -109.06 -52.41
N ASN VA 196 27.01 -109.50 -51.42
CA ASN VA 196 27.29 -108.69 -50.23
C ASN VA 196 28.11 -107.44 -50.58
N PRO WA 1 54.61 -82.44 -30.22
CA PRO WA 1 54.57 -81.23 -31.02
C PRO WA 1 55.35 -80.07 -30.39
N ASN WA 2 56.57 -80.36 -29.92
CA ASN WA 2 57.46 -79.35 -29.33
C ASN WA 2 56.84 -78.70 -28.10
N GLU WA 3 55.89 -79.38 -27.47
CA GLU WA 3 55.18 -78.97 -26.26
C GLU WA 3 54.33 -77.71 -26.44
N ILE WA 4 54.29 -77.14 -27.65
CA ILE WA 4 53.49 -75.95 -27.92
C ILE WA 4 53.32 -75.86 -29.43
N LYS WA 5 52.13 -75.41 -29.86
CA LYS WA 5 51.82 -75.36 -31.27
C LYS WA 5 51.12 -74.05 -31.59
N VAL WA 6 51.19 -73.66 -32.87
CA VAL WA 6 50.93 -72.29 -33.29
C VAL WA 6 49.92 -72.27 -34.44
N VAL WA 7 49.05 -73.27 -34.48
CA VAL WA 7 48.13 -73.44 -35.62
C VAL WA 7 47.08 -72.33 -35.64
N TYR WA 8 46.97 -71.55 -34.56
CA TYR WA 8 45.94 -70.51 -34.49
C TYR WA 8 46.14 -69.45 -35.57
N LEU WA 9 45.03 -68.87 -36.02
CA LEU WA 9 45.03 -67.87 -37.07
C LEU WA 9 45.14 -66.46 -36.49
N ARG WA 10 45.26 -65.48 -37.39
CA ARG WA 10 45.26 -64.08 -37.02
C ARG WA 10 44.33 -63.34 -37.96
N CYS WA 11 43.81 -62.19 -37.47
CA CYS WA 11 42.97 -61.32 -38.27
C CYS WA 11 43.44 -59.88 -38.14
N THR WA 12 44.74 -59.66 -38.16
CA THR WA 12 45.31 -58.32 -38.07
C THR WA 12 46.23 -58.07 -39.27
N GLY WA 13 46.21 -56.84 -39.75
CA GLY WA 13 46.96 -56.48 -40.94
C GLY WA 13 46.86 -55.00 -41.19
N GLY WA 14 47.56 -54.56 -42.23
CA GLY WA 14 47.61 -53.15 -42.55
C GLY WA 14 48.54 -52.38 -41.64
N GLU WA 15 47.98 -51.61 -40.72
CA GLU WA 15 48.77 -50.90 -39.73
C GLU WA 15 49.43 -51.88 -38.77
N VAL WA 16 50.60 -51.48 -38.24
CA VAL WA 16 51.35 -52.35 -37.34
C VAL WA 16 50.57 -52.59 -36.06
N GLY WA 17 50.09 -51.52 -35.43
CA GLY WA 17 49.27 -51.64 -34.23
C GLY WA 17 50.04 -52.01 -32.98
N ALA WA 18 50.62 -53.21 -32.97
CA ALA WA 18 51.39 -53.75 -31.85
C ALA WA 18 50.58 -53.77 -30.56
N THR WA 19 50.73 -52.75 -29.72
CA THR WA 19 50.00 -52.71 -28.47
C THR WA 19 48.50 -52.49 -28.69
N SER WA 20 48.15 -51.69 -29.70
CA SER WA 20 46.74 -51.51 -30.03
C SER WA 20 46.12 -52.77 -30.60
N ALA WA 21 46.89 -53.54 -31.37
CA ALA WA 21 46.40 -54.78 -31.94
C ALA WA 21 46.19 -55.83 -30.85
N LEU WA 22 45.46 -56.87 -31.20
CA LEU WA 22 45.06 -57.92 -30.26
C LEU WA 22 46.13 -58.98 -30.05
N ALA WA 23 47.23 -58.93 -30.79
CA ALA WA 23 48.25 -59.96 -30.71
C ALA WA 23 48.79 -60.24 -29.31
N PRO WA 24 49.03 -59.26 -28.44
CA PRO WA 24 49.38 -59.59 -27.05
C PRO WA 24 48.31 -60.38 -26.32
N LYS WA 25 47.04 -60.25 -26.68
CA LYS WA 25 45.99 -61.01 -26.01
C LYS WA 25 46.07 -62.50 -26.34
N ILE WA 26 46.50 -62.84 -27.55
CA ILE WA 26 46.76 -64.24 -27.88
C ILE WA 26 47.99 -64.73 -27.13
N GLY WA 27 48.88 -63.81 -26.73
CA GLY WA 27 50.11 -64.11 -26.02
C GLY WA 27 50.05 -65.17 -24.93
N PRO WA 28 49.12 -65.04 -23.97
CA PRO WA 28 49.03 -66.05 -22.90
C PRO WA 28 48.68 -67.46 -23.36
N LEU WA 29 48.36 -67.67 -24.64
CA LEU WA 29 48.08 -69.02 -25.12
C LEU WA 29 49.37 -69.83 -25.26
N GLY WA 30 50.43 -69.22 -25.79
CA GLY WA 30 51.66 -69.93 -26.05
C GLY WA 30 52.89 -69.36 -25.37
N LEU WA 31 52.84 -68.06 -25.05
CA LEU WA 31 53.83 -67.30 -24.28
C LEU WA 31 55.14 -67.08 -25.01
N SER WA 32 55.33 -67.65 -26.20
CA SER WA 32 56.61 -67.53 -26.89
C SER WA 32 56.80 -66.19 -27.62
N PRO WA 33 55.89 -65.76 -28.56
CA PRO WA 33 56.22 -64.60 -29.39
C PRO WA 33 56.32 -63.28 -28.62
N LYS WA 34 55.26 -62.91 -27.91
CA LYS WA 34 55.17 -61.66 -27.14
C LYS WA 34 55.31 -60.47 -28.10
N LYS WA 35 55.83 -59.34 -27.62
CA LYS WA 35 55.96 -58.16 -28.46
C LYS WA 35 57.08 -58.33 -29.48
N VAL WA 36 58.23 -58.85 -29.05
CA VAL WA 36 59.34 -59.12 -29.96
C VAL WA 36 59.01 -60.20 -30.98
N GLY WA 37 57.87 -60.89 -30.80
CA GLY WA 37 57.40 -61.83 -31.79
C GLY WA 37 56.36 -61.24 -32.72
N ASP WA 38 55.37 -60.52 -32.17
CA ASP WA 38 54.31 -60.02 -33.05
C ASP WA 38 54.79 -58.84 -33.88
N ASP WA 39 55.73 -58.03 -33.38
CA ASP WA 39 56.28 -56.95 -34.20
C ASP WA 39 57.06 -57.51 -35.39
N ILE WA 40 57.87 -58.55 -35.16
CA ILE WA 40 58.62 -59.11 -36.28
C ILE WA 40 57.72 -59.95 -37.18
N ALA WA 41 56.58 -60.43 -36.67
CA ALA WA 41 55.59 -61.05 -37.55
C ALA WA 41 54.92 -60.01 -38.44
N LYS WA 42 54.64 -58.82 -37.89
CA LYS WA 42 54.07 -57.74 -38.68
C LYS WA 42 55.06 -57.17 -39.68
N ALA WA 43 56.36 -57.18 -39.34
CA ALA WA 43 57.37 -56.64 -40.22
C ALA WA 43 57.39 -57.37 -41.57
N THR WA 44 57.03 -58.66 -41.56
CA THR WA 44 56.86 -59.41 -42.79
C THR WA 44 55.42 -59.40 -43.29
N GLY WA 45 54.48 -59.01 -42.44
CA GLY WA 45 53.07 -58.92 -42.80
C GLY WA 45 52.58 -57.52 -43.07
N ASP WA 46 53.47 -56.57 -43.33
CA ASP WA 46 53.04 -55.20 -43.64
C ASP WA 46 52.26 -55.16 -44.95
N TRP WA 47 52.69 -55.90 -45.95
CA TRP WA 47 52.01 -56.00 -47.22
C TRP WA 47 51.57 -57.44 -47.47
N LYS WA 48 50.90 -57.64 -48.61
CA LYS WA 48 50.32 -58.92 -49.00
C LYS WA 48 49.40 -59.48 -47.90
N GLY WA 49 48.29 -58.78 -47.67
CA GLY WA 49 47.84 -57.56 -48.30
C GLY WA 49 48.05 -56.37 -47.37
N LEU WA 50 47.55 -55.21 -47.79
CA LEU WA 50 47.51 -54.03 -46.93
C LEU WA 50 46.17 -53.93 -46.20
N ARG WA 51 45.46 -55.05 -46.10
CA ARG WA 51 44.14 -55.17 -45.50
C ARG WA 51 44.22 -56.10 -44.29
N ILE WA 52 43.05 -56.54 -43.82
CA ILE WA 52 42.94 -57.32 -42.58
C ILE WA 52 43.90 -58.50 -42.58
N THR WA 53 44.06 -59.16 -43.74
CA THR WA 53 45.12 -60.14 -43.98
C THR WA 53 45.06 -61.29 -42.97
N VAL WA 54 43.97 -62.05 -43.06
CA VAL WA 54 43.83 -63.24 -42.22
C VAL WA 54 44.85 -64.26 -42.66
N LYS WA 55 45.75 -64.63 -41.75
CA LYS WA 55 46.89 -65.47 -42.08
C LYS WA 55 47.26 -66.35 -40.90
N LEU WA 56 48.03 -67.39 -41.21
CA LEU WA 56 48.51 -68.35 -40.21
C LEU WA 56 50.03 -68.23 -40.08
N THR WA 57 50.51 -68.27 -38.84
CA THR WA 57 51.93 -68.17 -38.55
C THR WA 57 52.48 -69.50 -38.06
N ILE WA 58 53.77 -69.71 -38.28
CA ILE WA 58 54.49 -70.88 -37.81
C ILE WA 58 55.64 -70.40 -36.94
N GLN WA 59 55.69 -70.89 -35.70
CA GLN WA 59 56.68 -70.48 -34.71
C GLN WA 59 57.90 -71.38 -34.79
N ASN WA 60 59.08 -70.78 -34.90
CA ASN WA 60 60.34 -71.49 -34.91
C ASN WA 60 61.02 -71.45 -33.55
N ARG WA 61 60.26 -71.12 -32.50
CA ARG WA 61 60.67 -71.04 -31.10
C ARG WA 61 61.57 -69.85 -30.82
N GLN WA 62 62.00 -69.15 -31.85
CA GLN WA 62 62.59 -67.82 -31.68
C GLN WA 62 61.98 -66.79 -32.60
N ALA WA 63 61.64 -67.15 -33.83
CA ALA WA 63 61.02 -66.24 -34.78
C ALA WA 63 59.85 -66.93 -35.44
N GLN WA 64 58.96 -66.14 -36.00
CA GLN WA 64 57.76 -66.65 -36.65
C GLN WA 64 57.82 -66.37 -38.15
N ILE WA 65 57.45 -67.38 -38.94
CA ILE WA 65 57.29 -67.21 -40.37
C ILE WA 65 55.80 -67.14 -40.67
N GLU WA 66 55.45 -66.39 -41.71
CA GLU WA 66 54.07 -66.06 -42.01
C GLU WA 66 53.72 -66.50 -43.43
N VAL WA 67 52.58 -67.17 -43.56
CA VAL WA 67 52.02 -67.53 -44.86
C VAL WA 67 50.61 -66.96 -44.92
N VAL WA 68 50.26 -66.38 -46.08
CA VAL WA 68 48.97 -65.72 -46.27
C VAL WA 68 48.14 -66.59 -47.21
N PRO WA 69 47.09 -67.25 -46.75
CA PRO WA 69 46.21 -67.97 -47.66
C PRO WA 69 45.56 -67.03 -48.66
N SER WA 70 45.42 -67.51 -49.90
CA SER WA 70 44.92 -66.68 -51.00
C SER WA 70 43.41 -66.51 -50.87
N ALA WA 71 43.02 -65.59 -49.98
CA ALA WA 71 41.64 -65.15 -49.93
C ALA WA 71 41.34 -64.26 -51.15
N SER WA 72 40.19 -64.51 -51.78
CA SER WA 72 39.85 -63.80 -53.01
C SER WA 72 39.69 -62.31 -52.74
N ALA WA 73 38.94 -61.94 -51.70
CA ALA WA 73 38.72 -60.54 -51.38
C ALA WA 73 40.03 -59.86 -50.98
N LEU WA 74 40.87 -60.56 -50.22
CA LEU WA 74 42.14 -59.98 -49.77
C LEU WA 74 43.05 -59.65 -50.95
N ILE WA 75 43.24 -60.62 -51.85
CA ILE WA 75 44.14 -60.40 -52.99
C ILE WA 75 43.53 -59.40 -53.97
N ILE WA 76 42.20 -59.35 -54.09
CA ILE WA 76 41.62 -58.41 -55.04
C ILE WA 76 41.64 -56.99 -54.47
N LYS WA 77 41.59 -56.85 -53.13
CA LYS WA 77 41.74 -55.52 -52.55
C LYS WA 77 43.19 -55.08 -52.57
N ALA WA 78 44.13 -56.03 -52.50
CA ALA WA 78 45.52 -55.70 -52.77
C ALA WA 78 45.71 -55.26 -54.21
N LEU WA 79 44.99 -55.90 -55.14
CA LEU WA 79 45.09 -55.55 -56.55
C LEU WA 79 44.52 -54.17 -56.83
N LYS WA 80 43.37 -53.84 -56.24
CA LYS WA 80 42.74 -52.56 -56.48
C LYS WA 80 43.38 -51.47 -55.61
N GLU WA 81 43.43 -50.27 -56.17
CA GLU WA 81 44.02 -49.13 -55.48
C GLU WA 81 43.07 -47.93 -55.50
N ILE WA 82 35.94 -51.64 -66.16
CA ILE WA 82 37.17 -52.41 -66.26
C ILE WA 82 36.88 -53.90 -66.15
N THR WA 83 37.72 -54.72 -66.79
CA THR WA 83 37.53 -56.16 -66.85
C THR WA 83 38.58 -56.92 -66.06
N PHE WA 84 39.86 -56.59 -66.26
CA PHE WA 84 41.02 -57.17 -65.56
C PHE WA 84 40.90 -58.69 -65.40
N ASP WA 85 40.59 -59.36 -66.51
CA ASP WA 85 40.40 -60.81 -66.48
C ASP WA 85 41.71 -61.54 -66.20
N GLU WA 86 42.82 -61.03 -66.74
CA GLU WA 86 44.08 -61.76 -66.63
C GLU WA 86 44.57 -61.86 -65.19
N ILE WA 87 44.43 -60.80 -64.40
CA ILE WA 87 44.95 -60.83 -63.04
C ILE WA 87 44.15 -61.79 -62.17
N VAL WA 88 42.84 -61.86 -62.36
CA VAL WA 88 42.06 -62.80 -61.57
C VAL WA 88 42.25 -64.23 -62.09
N ASN WA 89 42.54 -64.40 -63.38
CA ASN WA 89 42.81 -65.73 -63.89
C ASN WA 89 44.16 -66.27 -63.39
N ILE WA 90 45.14 -65.38 -63.22
CA ILE WA 90 46.44 -65.83 -62.73
C ILE WA 90 46.54 -65.79 -61.20
N ALA WA 91 45.61 -65.13 -60.52
CA ALA WA 91 45.66 -65.05 -59.07
C ALA WA 91 45.23 -66.35 -58.39
N ARG WA 92 44.52 -67.22 -59.11
CA ARG WA 92 44.03 -68.47 -58.56
C ARG WA 92 44.97 -69.65 -58.80
N GLN WA 93 46.12 -69.42 -59.44
CA GLN WA 93 47.02 -70.52 -59.76
C GLN WA 93 47.67 -71.09 -58.50
N MET WA 94 48.09 -70.24 -57.58
CA MET WA 94 48.88 -70.67 -56.43
C MET WA 94 48.03 -70.97 -55.20
N ARG WA 95 46.72 -70.78 -55.28
CA ARG WA 95 45.87 -70.99 -54.12
C ARG WA 95 45.60 -72.49 -53.92
N HIS WA 96 44.81 -72.81 -52.89
CA HIS WA 96 44.53 -74.20 -52.57
C HIS WA 96 43.71 -74.87 -53.67
N ARG WA 97 42.89 -74.09 -54.38
CA ARG WA 97 42.20 -74.53 -55.59
C ARG WA 97 41.27 -75.71 -55.32
N SER WA 98 40.64 -75.73 -54.14
CA SER WA 98 39.72 -76.82 -53.85
C SER WA 98 38.28 -76.46 -54.20
N LEU WA 99 37.70 -75.49 -53.49
CA LEU WA 99 36.38 -74.90 -53.80
C LEU WA 99 35.30 -75.95 -54.10
N ALA WA 100 35.48 -77.17 -53.59
CA ALA WA 100 34.63 -78.32 -53.96
C ALA WA 100 34.49 -78.46 -55.47
N ARG WA 101 35.60 -78.22 -56.17
CA ARG WA 101 35.58 -78.08 -57.63
C ARG WA 101 35.20 -79.38 -58.32
N GLU WA 102 34.62 -79.22 -59.51
CA GLU WA 102 34.59 -80.26 -60.52
C GLU WA 102 35.17 -79.79 -61.85
N LEU WA 103 35.56 -78.53 -61.96
CA LEU WA 103 36.15 -77.97 -63.16
C LEU WA 103 36.99 -76.77 -62.75
N SER WA 104 37.92 -76.39 -63.62
CA SER WA 104 38.73 -75.20 -63.37
C SER WA 104 37.91 -73.92 -63.47
N GLY WA 105 36.91 -73.89 -64.35
CA GLY WA 105 36.09 -72.71 -64.53
C GLY WA 105 35.21 -72.40 -63.33
N THR WA 106 35.05 -73.36 -62.42
CA THR WA 106 34.28 -73.12 -61.21
C THR WA 106 34.92 -72.05 -60.34
N ILE WA 107 36.26 -72.08 -60.25
CA ILE WA 107 36.97 -71.15 -59.38
C ILE WA 107 36.83 -69.72 -59.89
N LYS WA 108 37.07 -69.52 -61.19
CA LYS WA 108 37.04 -68.17 -61.74
C LYS WA 108 35.64 -67.59 -61.72
N GLU WA 109 34.60 -68.43 -61.86
CA GLU WA 109 33.24 -67.97 -61.66
C GLU WA 109 33.03 -67.48 -60.23
N ILE WA 110 33.62 -68.18 -59.26
CA ILE WA 110 33.49 -67.78 -57.87
C ILE WA 110 34.17 -66.43 -57.64
N LEU WA 111 35.38 -66.26 -58.18
CA LEU WA 111 36.11 -65.02 -57.95
C LEU WA 111 35.54 -63.86 -58.76
N GLY WA 112 34.87 -64.14 -59.88
CA GLY WA 112 34.32 -63.05 -60.68
C GLY WA 112 33.25 -62.26 -59.96
N THR WA 113 32.31 -62.95 -59.32
CA THR WA 113 31.29 -62.28 -58.53
C THR WA 113 31.70 -62.07 -57.08
N ALA WA 114 32.84 -62.63 -56.67
CA ALA WA 114 33.49 -62.17 -55.44
C ALA WA 114 34.04 -60.76 -55.62
N GLN WA 115 34.14 -60.30 -56.86
CA GLN WA 115 34.55 -58.94 -57.21
C GLN WA 115 33.36 -57.99 -57.35
N SER WA 116 32.15 -58.46 -57.02
CA SER WA 116 30.97 -57.61 -57.08
C SER WA 116 31.00 -56.46 -56.08
N VAL WA 117 31.92 -56.50 -55.11
CA VAL WA 117 32.07 -55.42 -54.15
C VAL WA 117 32.66 -54.19 -54.83
N HIS WA 125 29.21 -53.97 -63.58
CA HIS WA 125 28.99 -55.16 -62.78
C HIS WA 125 29.80 -56.33 -63.32
N PRO WA 126 30.46 -57.08 -62.43
CA PRO WA 126 31.14 -58.33 -62.81
C PRO WA 126 30.19 -59.53 -62.85
N HIS WA 127 29.03 -59.33 -63.48
CA HIS WA 127 28.01 -60.37 -63.57
C HIS WA 127 27.73 -60.83 -65.00
N ASP WA 128 28.03 -60.00 -66.01
CA ASP WA 128 27.83 -60.43 -67.40
C ASP WA 128 28.74 -61.59 -67.75
N ILE WA 129 29.97 -61.58 -67.23
CA ILE WA 129 30.88 -62.71 -67.42
C ILE WA 129 30.32 -63.96 -66.75
N ILE WA 130 29.65 -63.78 -65.61
CA ILE WA 130 29.06 -64.92 -64.90
C ILE WA 130 27.94 -65.53 -65.74
N ASP WA 131 27.20 -64.70 -66.48
CA ASP WA 131 26.07 -65.19 -67.25
C ASP WA 131 26.52 -66.10 -68.40
N ASP WA 132 27.30 -65.56 -69.33
CA ASP WA 132 27.71 -66.27 -70.54
C ASP WA 132 29.22 -66.14 -70.74
N ILE WA 133 29.95 -67.14 -70.27
CA ILE WA 133 31.40 -67.16 -70.38
C ILE WA 133 31.81 -68.30 -71.32
N ASN WA 134 32.66 -67.97 -72.29
CA ASN WA 134 33.15 -68.97 -73.25
C ASN WA 134 34.64 -68.79 -73.51
N SER WA 135 35.40 -68.38 -72.51
CA SER WA 135 36.83 -68.14 -72.66
C SER WA 135 37.58 -68.83 -71.53
N GLY WA 136 38.71 -69.43 -71.87
CA GLY WA 136 39.53 -70.10 -70.86
C GLY WA 136 38.81 -71.24 -70.16
N ALA WA 137 38.05 -72.05 -70.90
CA ALA WA 137 37.30 -73.14 -70.30
C ALA WA 137 38.23 -74.17 -69.67
N VAL WA 138 39.30 -74.54 -70.37
CA VAL WA 138 40.28 -75.51 -69.85
C VAL WA 138 41.64 -74.85 -69.77
N GLU WA 139 41.65 -73.54 -69.49
CA GLU WA 139 42.91 -72.78 -69.49
C GLU WA 139 43.89 -73.31 -68.44
N CYS WA 140 43.43 -73.43 -67.20
CA CYS WA 140 44.32 -73.92 -66.14
C CYS WA 140 44.74 -75.37 -66.32
N PRO WA 141 43.83 -76.34 -66.61
CA PRO WA 141 44.36 -77.70 -66.73
C PRO WA 141 44.97 -77.99 -68.10
N MET XA 1 99.20 25.45 -61.17
CA MET XA 1 98.92 24.63 -62.34
C MET XA 1 98.08 23.42 -61.96
N ALA XA 2 97.91 22.50 -62.93
CA ALA XA 2 96.99 21.38 -62.75
C ALA XA 2 97.49 20.41 -61.67
N VAL XA 3 98.80 20.32 -61.48
CA VAL XA 3 99.35 19.38 -60.51
C VAL XA 3 98.98 19.80 -59.10
N GLN XA 4 99.14 21.09 -58.78
CA GLN XA 4 98.85 21.57 -57.44
C GLN XA 4 97.36 21.88 -57.29
N ILE XA 5 96.82 21.57 -56.11
CA ILE XA 5 95.45 21.89 -55.78
C ILE XA 5 95.35 23.37 -55.44
N SER XA 6 94.12 23.88 -55.37
CA SER XA 6 93.91 25.30 -55.14
C SER XA 6 94.31 25.68 -53.71
N LYS XA 7 94.45 26.98 -53.49
CA LYS XA 7 94.86 27.49 -52.18
C LYS XA 7 93.86 27.11 -51.10
N LYS XA 8 92.56 27.11 -51.43
CA LYS XA 8 91.54 26.73 -50.48
C LYS XA 8 91.76 25.29 -50.01
N ARG XA 9 91.85 24.36 -50.96
CA ARG XA 9 92.10 22.96 -50.60
C ARG XA 9 93.47 22.76 -49.98
N LYS XA 10 94.46 23.56 -50.38
CA LYS XA 10 95.79 23.40 -49.82
C LYS XA 10 95.80 23.76 -48.33
N PHE XA 11 95.16 24.89 -47.99
CA PHE XA 11 95.05 25.27 -46.58
C PHE XA 11 94.20 24.27 -45.79
N VAL XA 12 93.12 23.78 -46.40
CA VAL XA 12 92.30 22.77 -45.73
C VAL XA 12 93.11 21.52 -45.46
N ALA XA 13 93.90 21.07 -46.43
CA ALA XA 13 94.74 19.88 -46.25
C ALA XA 13 95.81 20.10 -45.19
N ASP XA 14 96.38 21.31 -45.12
CA ASP XA 14 97.34 21.60 -44.07
C ASP XA 14 96.69 21.54 -42.70
N GLY XA 15 95.47 22.09 -42.57
CA GLY XA 15 94.75 21.97 -41.31
C GLY XA 15 94.43 20.54 -40.95
N ILE XA 16 94.06 19.73 -41.95
CA ILE XA 16 93.80 18.31 -41.72
C ILE XA 16 95.05 17.61 -41.24
N PHE XA 17 96.20 17.94 -41.85
CA PHE XA 17 97.47 17.37 -41.42
C PHE XA 17 97.77 17.75 -39.98
N LYS XA 18 97.55 19.01 -39.61
CA LYS XA 18 97.78 19.44 -38.23
C LYS XA 18 96.89 18.67 -37.26
N ALA XA 19 95.60 18.55 -37.59
CA ALA XA 19 94.67 17.86 -36.70
C ALA XA 19 95.02 16.38 -36.56
N GLU XA 20 95.32 15.71 -37.66
CA GLU XA 20 95.66 14.29 -37.61
C GLU XA 20 96.95 14.06 -36.83
N LEU XA 21 97.96 14.90 -37.06
CA LEU XA 21 99.21 14.75 -36.34
C LEU XA 21 99.03 15.00 -34.85
N ASN XA 22 98.22 16.00 -34.48
CA ASN XA 22 97.96 16.26 -33.08
C ASN XA 22 97.21 15.11 -32.42
N GLU XA 23 96.23 14.55 -33.12
CA GLU XA 23 95.51 13.39 -32.58
C GLU XA 23 96.45 12.20 -32.38
N PHE XA 24 97.32 11.95 -33.35
CA PHE XA 24 98.27 10.84 -33.23
C PHE XA 24 99.24 11.06 -32.08
N LEU XA 25 99.75 12.28 -31.94
CA LEU XA 25 100.70 12.56 -30.86
C LEU XA 25 100.03 12.51 -29.50
N THR XA 26 98.75 12.89 -29.41
CA THR XA 26 98.03 12.77 -28.16
C THR XA 26 97.81 11.31 -27.79
N ARG XA 27 97.35 10.50 -28.76
CA ARG XA 27 97.12 9.09 -28.48
C ARG XA 27 98.41 8.31 -28.25
N GLU XA 28 99.54 8.81 -28.74
CA GLU XA 28 100.82 8.11 -28.64
C GLU XA 28 101.64 8.56 -27.43
N LEU XA 29 101.70 9.87 -27.18
CA LEU XA 29 102.53 10.43 -26.12
C LEU XA 29 101.73 10.88 -24.91
N ALA XA 30 100.58 10.26 -24.65
CA ALA XA 30 99.71 10.70 -23.56
C ALA XA 30 100.38 10.56 -22.21
N GLU XA 31 101.06 9.43 -21.98
CA GLU XA 31 101.67 9.15 -20.69
C GLU XA 31 102.97 9.89 -20.47
N ASP XA 32 103.49 10.58 -21.48
CA ASP XA 32 104.79 11.22 -21.42
C ASP XA 32 104.69 12.74 -21.31
N GLY XA 33 103.57 13.25 -20.80
CA GLY XA 33 103.41 14.68 -20.63
C GLY XA 33 103.36 15.48 -21.92
N TYR XA 34 102.60 14.99 -22.91
CA TYR XA 34 102.40 15.73 -24.15
C TYR XA 34 101.65 17.03 -23.88
N SER XA 35 102.09 18.10 -24.53
CA SER XA 35 101.43 19.39 -24.45
C SER XA 35 100.81 19.81 -25.77
N GLY XA 36 101.58 19.85 -26.85
CA GLY XA 36 101.04 20.24 -28.13
C GLY XA 36 102.10 20.10 -29.20
N VAL XA 37 101.68 20.29 -30.45
CA VAL XA 37 102.55 20.19 -31.61
C VAL XA 37 102.51 21.50 -32.39
N GLU XA 38 103.68 21.98 -32.77
CA GLU XA 38 103.82 23.15 -33.64
C GLU XA 38 104.67 22.75 -34.83
N VAL XA 39 104.18 23.05 -36.03
CA VAL XA 39 104.81 22.61 -37.27
C VAL XA 39 105.22 23.84 -38.08
N ARG XA 40 106.43 23.80 -38.64
CA ARG XA 40 106.95 24.83 -39.53
C ARG XA 40 107.21 24.19 -40.88
N VAL XA 41 106.41 24.56 -41.87
CA VAL XA 41 106.52 24.01 -43.22
C VAL XA 41 107.18 25.03 -44.14
N THR XA 42 108.12 24.58 -44.94
CA THR XA 42 108.78 25.36 -45.98
C THR XA 42 108.79 24.55 -47.26
N PRO XA 43 108.90 25.20 -48.42
CA PRO XA 43 109.01 24.44 -49.67
C PRO XA 43 110.20 23.50 -49.71
N THR XA 44 111.32 23.86 -49.08
CA THR XA 44 112.48 22.98 -49.05
C THR XA 44 112.23 21.77 -48.14
N ARG XA 45 111.71 22.00 -46.95
CA ARG XA 45 111.53 20.95 -45.97
C ARG XA 45 110.49 21.39 -44.95
N THR XA 46 110.06 20.45 -44.12
CA THR XA 46 109.11 20.73 -43.06
C THR XA 46 109.72 20.35 -41.72
N GLU XA 47 109.39 21.11 -40.69
CA GLU XA 47 109.87 20.86 -39.33
C GLU XA 47 108.68 20.67 -38.41
N ILE XA 48 108.67 19.57 -37.67
CA ILE XA 48 107.65 19.28 -36.67
C ILE XA 48 108.30 19.38 -35.30
N ILE XA 49 107.76 20.23 -34.44
CA ILE XA 49 108.28 20.45 -33.11
C ILE XA 49 107.21 20.02 -32.11
N ILE XA 50 107.58 19.13 -31.21
CA ILE XA 50 106.66 18.57 -30.23
C ILE XA 50 106.92 19.27 -28.89
N LEU XA 51 105.88 19.85 -28.31
CA LEU XA 51 105.96 20.42 -26.98
C LEU XA 51 105.52 19.35 -25.98
N ALA XA 52 106.43 18.94 -25.10
CA ALA XA 52 106.12 17.93 -24.10
C ALA XA 52 106.93 18.20 -22.85
N THR XA 53 106.39 17.77 -21.71
CA THR XA 53 107.07 18.01 -20.45
C THR XA 53 108.29 17.13 -20.28
N ARG XA 54 108.17 15.84 -20.61
CA ARG XA 54 109.23 14.87 -20.36
C ARG XA 54 109.98 14.63 -21.67
N THR XA 55 110.94 15.52 -21.94
CA THR XA 55 111.76 15.39 -23.15
C THR XA 55 112.64 14.15 -23.09
N GLN XA 56 113.16 13.82 -21.91
CA GLN XA 56 114.01 12.64 -21.78
C GLN XA 56 113.25 11.34 -21.96
N ASN XA 57 111.93 11.35 -21.80
CA ASN XA 57 111.11 10.17 -21.97
C ASN XA 57 110.49 10.07 -23.36
N VAL XA 58 110.14 11.20 -23.96
CA VAL XA 58 109.66 11.15 -25.35
C VAL XA 58 110.80 10.76 -26.30
N LEU XA 59 112.03 11.10 -25.94
CA LEU XA 59 113.20 10.64 -26.67
C LEU XA 59 113.58 9.26 -26.14
N GLY XA 60 113.61 8.27 -27.01
CA GLY XA 60 113.92 6.92 -26.59
C GLY XA 60 115.37 6.71 -26.24
N GLU XA 61 115.80 5.45 -26.16
CA GLU XA 61 117.20 5.12 -25.87
C GLU XA 61 118.08 5.67 -26.99
N LYS XA 62 118.86 6.71 -26.67
CA LYS XA 62 119.61 7.48 -27.66
C LYS XA 62 118.68 7.98 -28.77
N GLY XA 63 117.49 8.42 -28.38
CA GLY XA 63 116.50 8.88 -29.34
C GLY XA 63 115.93 7.79 -30.22
N ARG XA 64 115.72 6.59 -29.69
CA ARG XA 64 115.11 5.52 -30.48
C ARG XA 64 113.64 5.82 -30.77
N ARG XA 65 112.89 6.24 -29.74
CA ARG XA 65 111.46 6.49 -29.92
C ARG XA 65 111.21 7.69 -30.83
N ILE XA 66 112.03 8.74 -30.70
CA ILE XA 66 111.83 9.90 -31.57
C ILE XA 66 112.15 9.54 -33.02
N ARG XA 67 113.14 8.67 -33.25
CA ARG XA 67 113.41 8.18 -34.60
C ARG XA 67 112.25 7.35 -35.12
N GLU XA 68 111.66 6.53 -34.24
CA GLU XA 68 110.51 5.73 -34.62
C GLU XA 68 109.35 6.61 -35.08
N LEU XA 69 109.02 7.64 -34.28
CA LEU XA 69 107.94 8.54 -34.65
C LEU XA 69 108.29 9.34 -35.90
N THR XA 70 109.56 9.71 -36.07
CA THR XA 70 109.98 10.40 -37.29
C THR XA 70 109.73 9.55 -38.52
N ALA XA 71 110.07 8.26 -38.45
CA ALA XA 71 109.83 7.39 -39.59
C ALA XA 71 108.33 7.13 -39.79
N VAL XA 72 107.57 7.07 -38.69
CA VAL XA 72 106.12 6.87 -38.80
C VAL XA 72 105.46 8.04 -39.54
N VAL XA 73 105.80 9.27 -39.14
CA VAL XA 73 105.22 10.43 -39.81
C VAL XA 73 105.84 10.59 -41.21
N GLN XA 74 107.03 10.06 -41.43
CA GLN XA 74 107.61 10.02 -42.77
C GLN XA 74 106.76 9.16 -43.70
N LYS XA 75 106.33 8.00 -43.21
CA LYS XA 75 105.63 7.05 -44.08
C LYS XA 75 104.14 7.33 -44.19
N ARG XA 76 103.50 7.82 -43.12
CA ARG XA 76 102.05 7.99 -43.16
C ARG XA 76 101.64 9.04 -44.19
N PHE XA 77 102.22 10.23 -44.11
CA PHE XA 77 101.87 11.28 -45.07
C PHE XA 77 102.75 11.24 -46.32
N GLY XA 78 103.77 10.39 -46.35
CA GLY XA 78 104.58 10.21 -47.53
C GLY XA 78 105.38 11.41 -47.96
N PHE XA 79 106.09 12.06 -47.02
CA PHE XA 79 106.99 13.14 -47.40
C PHE XA 79 108.16 12.58 -48.21
N PRO XA 80 108.85 13.43 -48.97
CA PRO XA 80 110.15 13.03 -49.51
C PRO XA 80 111.12 12.70 -48.38
N GLU XA 81 111.97 11.72 -48.62
CA GLU XA 81 112.86 11.22 -47.59
C GLU XA 81 113.85 12.30 -47.14
N GLY XA 82 114.02 12.42 -45.83
CA GLY XA 82 114.92 13.40 -45.27
C GLY XA 82 114.43 14.84 -45.35
N SER XA 83 113.13 15.04 -45.53
CA SER XA 83 112.55 16.38 -45.63
C SER XA 83 111.77 16.76 -44.39
N VAL XA 84 111.69 15.89 -43.40
CA VAL XA 84 110.97 16.17 -42.16
C VAL XA 84 111.88 15.84 -40.99
N GLU XA 85 111.91 16.74 -40.00
CA GLU XA 85 112.71 16.55 -38.80
C GLU XA 85 111.81 16.77 -37.59
N LEU XA 86 111.95 15.91 -36.58
CA LEU XA 86 111.10 15.95 -35.40
C LEU XA 86 111.93 16.42 -34.21
N TYR XA 87 111.50 17.52 -33.59
CA TYR XA 87 112.16 18.06 -32.41
C TYR XA 87 111.20 18.00 -31.23
N ALA XA 88 111.76 17.76 -30.06
CA ALA XA 88 111.01 17.77 -28.80
C ALA XA 88 111.51 18.92 -27.96
N GLU XA 89 110.58 19.70 -27.40
CA GLU XA 89 110.91 20.87 -26.60
C GLU XA 89 110.16 20.83 -25.29
N LYS XA 90 110.85 21.14 -24.20
CA LYS XA 90 110.24 21.14 -22.87
C LYS XA 90 109.46 22.43 -22.65
N VAL XA 91 108.22 22.29 -22.19
CA VAL XA 91 107.40 23.47 -21.92
C VAL XA 91 107.86 24.11 -20.61
N ALA XA 92 107.60 25.41 -20.50
CA ALA XA 92 107.92 26.19 -19.31
C ALA XA 92 106.63 26.50 -18.58
N THR XA 93 106.67 26.36 -17.23
CA THR XA 93 105.50 26.51 -16.37
C THR XA 93 104.38 25.57 -16.83
N ARG XA 94 104.66 24.27 -16.68
CA ARG XA 94 103.73 23.23 -17.11
C ARG XA 94 102.40 23.30 -16.39
N GLY XA 95 102.33 24.01 -15.26
CA GLY XA 95 101.05 24.29 -14.63
C GLY XA 95 100.14 25.17 -15.48
N LEU XA 96 100.69 25.86 -16.48
CA LEU XA 96 99.90 26.69 -17.38
C LEU XA 96 99.42 25.95 -18.61
N CYS XA 97 99.80 24.68 -18.79
CA CYS XA 97 99.33 23.87 -19.90
C CYS XA 97 98.14 23.05 -19.44
N ALA XA 98 96.95 23.36 -19.97
CA ALA XA 98 95.76 22.61 -19.59
C ALA XA 98 95.84 21.16 -20.06
N ILE XA 99 96.51 20.92 -21.19
CA ILE XA 99 96.65 19.55 -21.69
C ILE XA 99 97.47 18.72 -20.71
N ALA XA 100 98.63 19.24 -20.29
CA ALA XA 100 99.50 18.49 -19.40
C ALA XA 100 98.84 18.26 -18.04
N GLN XA 101 98.18 19.28 -17.50
CA GLN XA 101 97.53 19.13 -16.20
C GLN XA 101 96.35 18.18 -16.27
N ALA XA 102 95.56 18.27 -17.34
CA ALA XA 102 94.45 17.33 -17.51
C ALA XA 102 94.95 15.90 -17.64
N GLU XA 103 96.04 15.70 -18.39
CA GLU XA 103 96.55 14.35 -18.55
C GLU XA 103 97.17 13.83 -17.25
N SER XA 104 97.80 14.71 -16.47
CA SER XA 104 98.31 14.31 -15.16
C SER XA 104 97.17 13.93 -14.22
N LEU XA 105 96.08 14.69 -14.25
CA LEU XA 105 94.91 14.34 -13.45
C LEU XA 105 94.33 13.00 -13.90
N ARG XA 106 94.29 12.76 -15.21
CA ARG XA 106 93.81 11.47 -15.71
C ARG XA 106 94.74 10.34 -15.26
N TYR XA 107 96.04 10.57 -15.28
CA TYR XA 107 97.00 9.59 -14.78
C TYR XA 107 96.77 9.29 -13.31
N LYS XA 108 96.55 10.33 -12.49
CA LYS XA 108 96.31 10.12 -11.08
C LYS XA 108 95.02 9.33 -10.84
N LEU XA 109 93.96 9.66 -11.60
CA LEU XA 109 92.69 8.97 -11.42
C LEU XA 109 92.76 7.53 -11.91
N LEU XA 110 93.54 7.27 -12.96
CA LEU XA 110 93.77 5.90 -13.39
C LEU XA 110 94.61 5.14 -12.37
N GLY XA 111 95.52 5.83 -11.67
CA GLY XA 111 96.29 5.18 -10.63
C GLY XA 111 95.43 4.66 -9.49
N GLY XA 112 94.44 5.46 -9.08
CA GLY XA 112 93.52 5.03 -8.04
C GLY XA 112 93.40 5.99 -6.88
N LEU XA 113 93.99 7.18 -7.02
CA LEU XA 113 93.87 8.20 -5.98
C LEU XA 113 92.43 8.68 -5.87
N ALA XA 114 92.09 9.18 -4.69
CA ALA XA 114 90.77 9.78 -4.48
C ALA XA 114 90.63 11.01 -5.38
N VAL XA 115 89.49 11.09 -6.07
CA VAL XA 115 89.29 12.16 -7.04
C VAL XA 115 89.25 13.53 -6.37
N ARG XA 116 88.71 13.60 -5.15
CA ARG XA 116 88.68 14.84 -4.40
C ARG XA 116 90.09 15.35 -4.14
N ARG XA 117 90.95 14.50 -3.58
CA ARG XA 117 92.32 14.89 -3.28
C ARG XA 117 93.11 15.18 -4.56
N ALA XA 118 92.92 14.36 -5.60
CA ALA XA 118 93.67 14.58 -6.84
C ALA XA 118 93.31 15.91 -7.48
N CYS XA 119 92.01 16.24 -7.51
CA CYS XA 119 91.59 17.50 -8.08
C CYS XA 119 92.06 18.69 -7.23
N TYR XA 120 92.02 18.55 -5.90
CA TYR XA 120 92.57 19.59 -5.04
C TYR XA 120 94.05 19.82 -5.30
N GLY XA 121 94.81 18.74 -5.45
CA GLY XA 121 96.23 18.87 -5.71
C GLY XA 121 96.51 19.52 -7.06
N VAL XA 122 95.73 19.13 -8.08
CA VAL XA 122 95.91 19.72 -9.41
C VAL XA 122 95.61 21.23 -9.36
N LEU XA 123 94.51 21.59 -8.69
CA LEU XA 123 94.16 23.01 -8.58
C LEU XA 123 95.24 23.78 -7.84
N ARG XA 124 95.73 23.24 -6.73
CA ARG XA 124 96.75 23.93 -5.94
C ARG XA 124 98.05 24.07 -6.72
N PHE XA 125 98.44 23.04 -7.47
CA PHE XA 125 99.65 23.13 -8.27
C PHE XA 125 99.50 24.16 -9.39
N ILE XA 126 98.32 24.21 -10.02
CA ILE XA 126 98.10 25.17 -11.10
C ILE XA 126 98.16 26.59 -10.57
N MET XA 127 97.52 26.85 -9.43
CA MET XA 127 97.60 28.19 -8.86
C MET XA 127 98.99 28.52 -8.33
N GLU XA 128 99.75 27.52 -7.88
CA GLU XA 128 101.12 27.77 -7.47
C GLU XA 128 102.01 28.10 -8.66
N SER XA 129 101.70 27.54 -9.83
CA SER XA 129 102.44 27.87 -11.03
C SER XA 129 102.25 29.33 -11.42
N GLY XA 130 101.15 29.94 -11.00
CA GLY XA 130 100.88 31.34 -11.28
C GLY XA 130 99.83 31.53 -12.35
N ALA XA 131 98.60 31.77 -11.93
CA ALA XA 131 97.49 31.95 -12.86
C ALA XA 131 96.42 32.79 -12.20
N LYS XA 132 95.64 33.49 -13.04
CA LYS XA 132 94.55 34.31 -12.53
C LYS XA 132 93.40 33.46 -12.01
N GLY XA 133 93.35 32.18 -12.37
CA GLY XA 133 92.30 31.31 -11.90
C GLY XA 133 92.32 29.95 -12.55
N CYS XA 134 91.58 29.00 -11.99
CA CYS XA 134 91.51 27.65 -12.52
C CYS XA 134 90.15 27.06 -12.20
N GLU XA 135 89.77 26.04 -12.97
CA GLU XA 135 88.50 25.37 -12.77
C GLU XA 135 88.59 23.97 -13.37
N VAL XA 136 88.49 22.96 -12.51
CA VAL XA 136 88.52 21.57 -12.93
C VAL XA 136 87.18 20.93 -12.60
N VAL XA 137 86.61 20.24 -13.59
CA VAL XA 137 85.29 19.63 -13.46
C VAL XA 137 85.43 18.15 -13.74
N VAL XA 138 84.95 17.32 -12.83
CA VAL XA 138 84.97 15.86 -12.99
C VAL XA 138 83.53 15.39 -13.07
N SER XA 139 83.19 14.74 -14.17
CA SER XA 139 81.86 14.20 -14.40
C SER XA 139 81.97 12.74 -14.81
N GLY XA 140 81.08 11.92 -14.25
CA GLY XA 140 81.11 10.50 -14.49
C GLY XA 140 80.39 9.78 -13.37
N LYS XA 141 80.64 8.48 -13.26
CA LYS XA 141 79.99 7.64 -12.26
C LYS XA 141 80.77 7.67 -10.94
N LEU XA 142 80.81 8.86 -10.34
CA LEU XA 142 81.38 9.00 -9.01
C LEU XA 142 80.49 8.30 -7.99
N ARG XA 143 81.11 7.82 -6.91
CA ARG XA 143 80.42 7.13 -5.83
C ARG XA 143 79.61 5.96 -6.36
N GLY XA 144 78.29 6.14 -6.46
CA GLY XA 144 77.38 5.10 -6.88
C GLY XA 144 77.08 5.10 -8.36
N GLN XA 145 75.98 4.45 -8.71
CA GLN XA 145 75.61 4.30 -10.12
C GLN XA 145 75.16 5.62 -10.73
N ARG XA 146 74.49 6.46 -9.94
CA ARG XA 146 74.00 7.73 -10.44
C ARG XA 146 75.18 8.68 -10.70
N ALA XA 147 75.17 9.33 -11.86
CA ALA XA 147 76.27 10.19 -12.25
C ALA XA 147 76.19 11.53 -11.52
N LYS XA 148 77.35 12.00 -11.08
CA LYS XA 148 77.47 13.27 -10.39
C LYS XA 148 78.62 14.06 -11.01
N SER XA 149 78.64 15.36 -10.73
CA SER XA 149 79.68 16.25 -11.20
C SER XA 149 80.21 17.09 -10.04
N MET XA 150 81.50 17.36 -10.06
CA MET XA 150 82.13 18.23 -9.07
C MET XA 150 82.96 19.28 -9.79
N LYS XA 151 82.64 20.56 -9.53
CA LYS XA 151 83.40 21.67 -10.09
C LYS XA 151 84.23 22.30 -8.99
N PHE XA 152 85.55 22.35 -9.21
CA PHE XA 152 86.49 22.92 -8.25
C PHE XA 152 87.15 24.12 -8.90
N VAL XA 153 86.80 25.31 -8.43
CA VAL XA 153 87.15 26.55 -9.11
C VAL XA 153 87.65 27.56 -8.09
N ASP XA 154 88.69 28.30 -8.46
CA ASP XA 154 89.15 29.44 -7.67
C ASP XA 154 89.80 30.44 -8.60
N GLY XA 155 89.91 31.68 -8.13
CA GLY XA 155 90.50 32.72 -8.95
C GLY XA 155 89.54 33.22 -10.03
N LEU XA 156 90.06 34.10 -10.86
CA LEU XA 156 89.28 34.72 -11.93
C LEU XA 156 89.04 33.73 -13.06
N MET XA 157 87.85 33.80 -13.65
CA MET XA 157 87.48 32.90 -14.74
C MET XA 157 86.42 33.58 -15.60
N ILE XA 158 86.83 34.10 -16.75
CA ILE XA 158 85.90 34.73 -17.69
C ILE XA 158 85.29 33.66 -18.56
N HIS XA 159 84.10 33.95 -19.09
CA HIS XA 159 83.37 32.97 -19.88
C HIS XA 159 82.91 33.52 -21.23
N SER XA 160 82.64 34.82 -21.30
CA SER XA 160 82.01 35.42 -22.47
C SER XA 160 82.97 36.36 -23.18
N GLY XA 161 82.72 36.53 -24.47
CA GLY XA 161 83.48 37.48 -25.27
C GLY XA 161 84.72 36.88 -25.89
N ASP XA 162 85.39 37.70 -26.69
CA ASP XA 162 86.63 37.29 -27.34
C ASP XA 162 87.75 36.87 -26.39
N PRO XA 163 88.03 37.58 -25.28
CA PRO XA 163 89.23 37.23 -24.49
C PRO XA 163 89.22 35.82 -23.90
N VAL XA 164 88.12 35.07 -23.99
CA VAL XA 164 88.17 33.67 -23.55
C VAL XA 164 89.09 32.87 -24.46
N ASN XA 165 89.34 33.36 -25.68
CA ASN XA 165 90.16 32.62 -26.63
C ASN XA 165 91.63 32.63 -26.23
N TYR XA 166 92.17 33.79 -25.86
CA TYR XA 166 93.59 33.91 -25.59
C TYR XA 166 93.92 34.06 -24.12
N TYR XA 167 92.94 34.01 -23.23
CA TYR XA 167 93.21 34.02 -21.79
C TYR XA 167 92.87 32.71 -21.11
N VAL XA 168 91.97 31.90 -21.68
CA VAL XA 168 91.53 30.65 -21.08
C VAL XA 168 92.09 29.51 -21.92
N ASP XA 169 92.72 28.55 -21.26
CA ASP XA 169 93.26 27.36 -21.90
C ASP XA 169 92.39 26.17 -21.49
N THR XA 170 91.84 25.47 -22.47
CA THR XA 170 90.81 24.47 -22.24
C THR XA 170 91.29 23.11 -22.74
N ALA XA 171 91.10 22.08 -21.93
CA ALA XA 171 91.40 20.71 -22.32
C ALA XA 171 90.31 19.79 -21.81
N VAL XA 172 89.86 18.87 -22.66
CA VAL XA 172 88.85 17.88 -22.30
C VAL XA 172 89.43 16.50 -22.52
N ARG XA 173 89.42 15.68 -21.47
CA ARG XA 173 89.98 14.34 -21.53
C ARG XA 173 89.01 13.33 -20.93
N HIS XA 174 89.14 12.09 -21.38
CA HIS XA 174 88.31 10.98 -20.95
C HIS XA 174 89.15 10.01 -20.13
N VAL XA 175 88.56 9.48 -19.06
CA VAL XA 175 89.23 8.52 -18.19
C VAL XA 175 88.47 7.21 -18.28
N LEU XA 176 89.17 6.14 -18.67
CA LEU XA 176 88.56 4.82 -18.84
C LEU XA 176 88.69 4.06 -17.53
N LEU XA 177 87.64 4.11 -16.72
CA LEU XA 177 87.63 3.43 -15.44
C LEU XA 177 86.83 2.12 -15.54
N ARG XA 178 86.83 1.37 -14.44
CA ARG XA 178 86.10 0.10 -14.44
C ARG XA 178 84.59 0.31 -14.50
N GLN XA 179 84.10 1.41 -13.91
CA GLN XA 179 82.67 1.69 -13.89
C GLN XA 179 82.19 2.41 -15.14
N GLY XA 180 83.09 2.88 -15.98
CA GLY XA 180 82.72 3.59 -17.18
C GLY XA 180 83.75 4.68 -17.50
N VAL XA 181 83.28 5.73 -18.15
CA VAL XA 181 84.12 6.84 -18.58
C VAL XA 181 83.88 8.02 -17.65
N LEU XA 182 84.96 8.60 -17.15
CA LEU XA 182 84.91 9.77 -16.30
C LEU XA 182 85.48 10.96 -17.05
N GLY XA 183 84.68 12.00 -17.22
CA GLY XA 183 85.07 13.16 -18.00
C GLY XA 183 85.85 14.16 -17.16
N ILE XA 184 86.82 14.82 -17.79
CA ILE XA 184 87.64 15.83 -17.16
C ILE XA 184 87.70 17.05 -18.05
N LYS XA 185 87.41 18.22 -17.48
CA LYS XA 185 87.57 19.49 -18.16
C LYS XA 185 88.39 20.41 -17.27
N VAL XA 186 89.43 21.02 -17.83
CA VAL XA 186 90.30 21.91 -17.09
C VAL XA 186 90.36 23.24 -17.84
N LYS XA 187 90.02 24.32 -17.14
CA LYS XA 187 90.15 25.67 -17.67
C LYS XA 187 91.15 26.43 -16.83
N ILE XA 188 92.16 27.00 -17.48
CA ILE XA 188 93.19 27.77 -16.79
C ILE XA 188 93.22 29.18 -17.39
N MET XA 189 93.13 30.17 -16.52
CA MET XA 189 93.24 31.57 -16.93
C MET XA 189 94.70 31.98 -16.90
N LEU XA 190 95.30 32.11 -18.08
CA LEU XA 190 96.70 32.51 -18.16
C LEU XA 190 96.87 33.93 -17.64
N PRO XA 191 97.90 34.18 -16.83
CA PRO XA 191 98.16 35.55 -16.38
C PRO XA 191 98.68 36.41 -17.53
N TRP XA 192 98.39 37.71 -17.42
CA TRP XA 192 98.83 38.64 -18.45
C TRP XA 192 100.32 38.91 -18.31
N ASP XA 193 101.01 38.91 -19.45
CA ASP XA 193 102.42 39.27 -19.46
C ASP XA 193 102.76 39.96 -20.77
N PRO XA 194 103.42 41.12 -20.73
CA PRO XA 194 103.83 41.77 -21.98
C PRO XA 194 104.80 40.94 -22.80
N THR XA 195 105.62 40.12 -22.14
CA THR XA 195 106.55 39.26 -22.87
C THR XA 195 105.79 38.24 -23.73
N GLY XA 196 104.71 37.69 -23.20
CA GLY XA 196 103.84 36.81 -23.95
C GLY XA 196 104.27 35.36 -24.03
N LYS XA 197 105.30 34.96 -23.29
CA LYS XA 197 105.76 33.58 -23.32
C LYS XA 197 105.09 32.70 -22.27
N ILE XA 198 104.33 33.28 -21.35
CA ILE XA 198 103.49 32.51 -20.43
C ILE XA 198 102.00 32.78 -20.64
N GLY XA 199 101.64 33.82 -21.39
CA GLY XA 199 100.25 34.16 -21.60
C GLY XA 199 100.09 35.17 -22.71
N PRO XA 200 98.88 35.72 -22.86
CA PRO XA 200 98.65 36.73 -23.89
C PRO XA 200 99.41 38.00 -23.60
N LYS XA 201 99.84 38.67 -24.67
CA LYS XA 201 100.46 39.99 -24.53
C LYS XA 201 99.41 41.05 -24.25
N LYS XA 202 98.25 40.96 -24.90
CA LYS XA 202 97.21 41.96 -24.74
C LYS XA 202 96.62 41.88 -23.33
N PRO XA 203 96.33 43.02 -22.73
CA PRO XA 203 95.61 43.02 -21.45
C PRO XA 203 94.15 42.70 -21.66
N LEU XA 204 93.44 42.54 -20.55
CA LEU XA 204 92.00 42.32 -20.63
C LEU XA 204 91.33 43.57 -21.19
N PRO XA 205 90.28 43.41 -22.01
CA PRO XA 205 89.71 44.58 -22.72
C PRO XA 205 89.18 45.66 -21.80
N ASP XA 206 88.68 45.29 -20.62
CA ASP XA 206 88.13 46.28 -19.70
C ASP XA 206 89.12 46.71 -18.63
N HIS XA 207 90.35 46.21 -18.66
CA HIS XA 207 91.36 46.58 -17.66
C HIS XA 207 92.01 47.88 -18.07
N VAL XA 208 92.01 48.85 -17.15
CA VAL XA 208 92.57 50.18 -17.39
C VAL XA 208 93.72 50.41 -16.42
N SER XA 209 94.89 50.75 -16.95
CA SER XA 209 96.07 51.05 -16.15
C SER XA 209 96.48 52.49 -16.40
N ILE XA 210 96.74 53.22 -15.31
CA ILE XA 210 97.02 54.64 -15.36
C ILE XA 210 98.43 54.87 -14.80
N VAL XA 211 99.25 55.61 -15.56
CA VAL XA 211 100.62 55.85 -15.15
C VAL XA 211 100.65 56.81 -13.97
N GLU XA 212 101.56 56.57 -13.04
CA GLU XA 212 101.63 57.36 -11.82
C GLU XA 212 102.23 58.74 -12.12
N PRO XA 213 101.55 59.82 -11.78
CA PRO XA 213 102.08 61.16 -12.07
C PRO XA 213 103.24 61.51 -11.14
N LYS XA 214 104.06 62.46 -11.61
CA LYS XA 214 105.16 62.99 -10.84
C LYS XA 214 104.70 64.21 -10.05
N ASP XA 215 105.64 64.95 -9.45
CA ASP XA 215 105.26 66.11 -8.66
C ASP XA 215 105.02 67.35 -9.54
N GLU XA 216 106.06 67.80 -10.24
CA GLU XA 216 105.99 68.92 -11.19
C GLU XA 216 105.31 70.15 -10.56
N ILE XA 217 105.76 70.49 -9.35
CA ILE XA 217 105.13 71.59 -8.61
C ILE XA 217 105.49 72.92 -9.24
N LEU XA 218 106.79 73.23 -9.33
CA LEU XA 218 107.34 74.48 -9.81
C LEU XA 218 106.70 75.64 -9.03
N PRO XA 219 107.06 75.81 -7.76
CA PRO XA 219 106.40 76.84 -6.92
C PRO XA 219 107.14 78.17 -6.81
N THR XA 220 108.20 78.39 -7.59
CA THR XA 220 109.08 79.51 -7.37
C THR XA 220 108.88 80.60 -8.41
N THR XA 221 109.60 81.70 -8.23
CA THR XA 221 109.55 82.82 -9.15
C THR XA 221 110.14 82.42 -10.50
N PRO XA 222 109.64 83.01 -11.60
CA PRO XA 222 110.18 82.66 -12.92
C PRO XA 222 111.66 82.98 -13.05
N ILE XA 223 112.37 82.09 -13.73
CA ILE XA 223 113.79 82.22 -14.02
C ILE XA 223 114.03 81.93 -15.49
N SER XA 224 115.26 82.15 -15.94
CA SER XA 224 115.66 81.88 -17.32
C SER XA 224 116.99 81.15 -17.27
N GLU XA 225 116.96 79.84 -17.51
CA GLU XA 225 118.14 78.99 -17.40
C GLU XA 225 118.84 78.92 -18.75
N GLN XA 226 120.07 79.42 -18.80
CA GLN XA 226 120.86 79.44 -20.02
C GLN XA 226 121.52 78.07 -20.22
N LYS XA 227 121.42 77.54 -21.43
CA LYS XA 227 122.06 76.27 -21.77
C LYS XA 227 122.34 76.18 -23.25
N ASP YA 1 54.64 74.79 -60.47
CA ASP YA 1 56.05 74.87 -60.85
C ASP YA 1 56.71 73.52 -60.64
N ILE YA 2 56.06 72.66 -59.86
CA ILE YA 2 56.60 71.34 -59.58
C ILE YA 2 55.98 70.30 -60.50
N LYS YA 3 54.66 70.35 -60.67
CA LYS YA 3 53.93 69.59 -61.69
C LYS YA 3 54.15 68.09 -61.52
N LEU YA 4 53.59 67.56 -60.43
CA LEU YA 4 53.51 66.13 -60.22
C LEU YA 4 52.96 65.41 -61.44
N PHE YA 5 53.73 64.44 -61.94
CA PHE YA 5 53.44 63.72 -63.18
C PHE YA 5 53.46 64.64 -64.40
N GLY YA 6 54.14 65.77 -64.30
CA GLY YA 6 54.24 66.71 -65.41
C GLY YA 6 53.13 67.73 -65.51
N LYS YA 7 52.08 67.61 -64.70
CA LYS YA 7 50.98 68.57 -64.71
C LYS YA 7 50.39 68.63 -63.31
N TRP YA 8 49.18 69.19 -63.20
CA TRP YA 8 48.40 69.19 -61.97
C TRP YA 8 49.17 69.87 -60.83
N SER YA 9 49.35 71.19 -61.00
CA SER YA 9 50.10 71.97 -60.03
C SER YA 9 49.46 71.89 -58.64
N THR YA 10 50.31 71.94 -57.62
CA THR YA 10 49.89 71.68 -56.24
C THR YA 10 49.41 72.91 -55.51
N ASP YA 11 49.76 74.11 -55.97
CA ASP YA 11 49.50 75.32 -55.19
C ASP YA 11 48.03 75.71 -55.16
N ASP YA 12 47.20 75.15 -56.05
CA ASP YA 12 45.79 75.46 -56.05
C ASP YA 12 44.97 74.56 -55.14
N VAL YA 13 45.58 73.55 -54.53
CA VAL YA 13 44.85 72.61 -53.68
C VAL YA 13 44.71 73.21 -52.29
N GLN YA 14 43.49 73.20 -51.76
CA GLN YA 14 43.18 73.77 -50.45
C GLN YA 14 42.51 72.72 -49.59
N ILE YA 15 42.83 72.72 -48.30
CA ILE YA 15 42.27 71.76 -47.35
C ILE YA 15 41.17 72.46 -46.56
N ASN YA 16 39.96 71.90 -46.62
CA ASN YA 16 38.79 72.57 -46.07
C ASN YA 16 38.72 72.52 -44.55
N ASP YA 17 39.36 71.55 -43.91
CA ASP YA 17 39.37 71.44 -42.46
C ASP YA 17 40.79 71.53 -41.95
N ILE YA 18 40.99 72.34 -40.90
CA ILE YA 18 42.33 72.52 -40.35
C ILE YA 18 42.80 71.32 -39.55
N SER YA 19 41.94 70.31 -39.36
CA SER YA 19 42.34 69.14 -38.58
C SER YA 19 43.46 68.38 -39.24
N LEU YA 20 43.43 68.24 -40.56
CA LEU YA 20 44.40 67.42 -41.28
C LEU YA 20 45.42 68.22 -42.06
N GLN YA 21 45.39 69.55 -41.98
CA GLN YA 21 46.29 70.36 -42.78
C GLN YA 21 47.73 70.33 -42.28
N ASP YA 22 47.97 69.82 -41.07
CA ASP YA 22 49.33 69.57 -40.60
C ASP YA 22 49.83 68.19 -40.98
N TYR YA 23 49.00 67.37 -41.61
CA TYR YA 23 49.34 65.99 -41.92
C TYR YA 23 49.21 65.66 -43.40
N ILE YA 24 48.31 66.30 -44.12
CA ILE YA 24 48.30 66.25 -45.59
C ILE YA 24 49.46 67.08 -46.10
N ALA YA 25 50.18 66.56 -47.08
CA ALA YA 25 51.46 67.13 -47.52
C ALA YA 25 51.44 67.43 -49.01
N VAL YA 26 50.39 68.10 -49.48
CA VAL YA 26 50.32 68.54 -50.86
C VAL YA 26 50.84 69.96 -51.06
N LYS YA 27 51.34 70.60 -50.01
CA LYS YA 27 51.78 71.98 -50.11
C LYS YA 27 53.14 72.03 -50.80
N GLU YA 28 53.48 73.21 -51.34
CA GLU YA 28 54.61 73.33 -52.25
C GLU YA 28 55.94 72.99 -51.59
N LYS YA 29 56.03 73.02 -50.26
CA LYS YA 29 57.21 72.50 -49.60
C LYS YA 29 57.34 71.00 -49.75
N TYR YA 30 56.21 70.30 -49.95
CA TYR YA 30 56.21 68.85 -50.10
C TYR YA 30 55.81 68.41 -51.50
N ALA YA 31 55.81 69.32 -52.47
CA ALA YA 31 55.47 68.97 -53.84
C ALA YA 31 56.63 68.25 -54.50
N LYS YA 32 56.34 67.11 -55.11
CA LYS YA 32 57.35 66.27 -55.73
C LYS YA 32 56.96 65.98 -57.17
N TYR YA 33 57.97 65.81 -58.02
CA TYR YA 33 57.72 65.48 -59.42
C TYR YA 33 57.04 64.13 -59.57
N LEU YA 34 57.46 63.14 -58.78
CA LEU YA 34 57.03 61.76 -58.98
C LEU YA 34 56.85 61.11 -57.62
N PRO YA 35 55.77 60.36 -57.41
CA PRO YA 35 55.53 59.73 -56.10
C PRO YA 35 56.39 58.50 -55.85
N HIS YA 36 57.71 58.72 -55.78
CA HIS YA 36 58.63 57.64 -55.42
C HIS YA 36 59.83 58.29 -54.74
N SER YA 37 60.03 57.98 -53.47
CA SER YA 37 61.13 58.55 -52.71
C SER YA 37 61.51 57.60 -51.60
N ALA YA 38 62.73 57.05 -51.66
CA ALA YA 38 63.26 56.22 -50.58
C ALA YA 38 63.72 57.16 -49.47
N GLY YA 39 62.74 57.67 -48.71
CA GLY YA 39 62.94 58.73 -47.76
C GLY YA 39 62.93 58.35 -46.30
N ARG YA 40 62.77 57.06 -45.95
CA ARG YA 40 62.82 56.58 -44.58
C ARG YA 40 61.77 57.27 -43.70
N TYR YA 41 60.51 57.20 -44.15
CA TYR YA 41 59.44 57.88 -43.43
C TYR YA 41 58.93 57.09 -42.22
N ALA YA 42 59.28 55.81 -42.10
CA ALA YA 42 58.82 54.98 -41.00
C ALA YA 42 59.88 54.78 -39.92
N ALA YA 43 61.00 55.47 -40.02
CA ALA YA 43 62.08 55.26 -39.06
C ALA YA 43 61.74 55.80 -37.68
N LYS YA 44 61.00 56.92 -37.64
CA LYS YA 44 60.68 57.56 -36.36
C LYS YA 44 59.19 57.92 -36.36
N ARG YA 45 58.65 58.04 -35.16
CA ARG YA 45 57.24 58.38 -35.00
C ARG YA 45 56.93 59.75 -35.60
N PHE YA 46 55.74 59.85 -36.20
CA PHE YA 46 55.23 61.08 -36.81
C PHE YA 46 56.07 61.56 -37.99
N ARG YA 47 56.96 60.73 -38.51
CA ARG YA 47 57.73 61.11 -39.69
C ARG YA 47 56.94 60.90 -40.98
N LYS YA 48 55.93 60.04 -40.95
CA LYS YA 48 55.05 59.89 -42.11
C LYS YA 48 54.08 61.05 -42.28
N ALA YA 49 54.00 61.95 -41.29
CA ALA YA 49 53.15 63.13 -41.44
C ALA YA 49 53.67 64.05 -42.53
N GLN YA 50 54.99 64.23 -42.60
CA GLN YA 50 55.60 65.09 -43.61
C GLN YA 50 55.81 64.36 -44.94
N CYS YA 51 55.43 63.10 -45.02
CA CYS YA 51 55.47 62.39 -46.30
C CYS YA 51 54.33 62.88 -47.19
N PRO YA 52 54.59 63.12 -48.48
CA PRO YA 52 53.49 63.50 -49.38
C PRO YA 52 52.44 62.41 -49.46
N ILE YA 53 51.18 62.83 -49.54
CA ILE YA 53 50.09 61.86 -49.46
C ILE YA 53 49.96 61.03 -50.72
N VAL YA 54 50.46 61.51 -51.86
CA VAL YA 54 50.46 60.69 -53.06
C VAL YA 54 51.43 59.52 -52.88
N GLU YA 55 52.57 59.78 -52.23
CA GLU YA 55 53.46 58.70 -51.83
C GLU YA 55 52.76 57.73 -50.88
N ARG YA 56 51.95 58.25 -49.96
CA ARG YA 56 51.23 57.38 -49.04
C ARG YA 56 50.23 56.49 -49.78
N LEU YA 57 49.53 57.07 -50.76
CA LEU YA 57 48.59 56.29 -51.57
C LEU YA 57 49.33 55.23 -52.39
N THR YA 58 50.49 55.60 -52.96
CA THR YA 58 51.29 54.63 -53.68
C THR YA 58 51.75 53.50 -52.77
N ASN YA 59 52.13 53.83 -51.54
CA ASN YA 59 52.59 52.81 -50.60
C ASN YA 59 51.46 51.90 -50.18
N SER YA 60 50.25 52.43 -50.01
CA SER YA 60 49.13 51.66 -49.51
C SER YA 60 48.35 50.95 -50.61
N MET YA 61 48.64 51.23 -51.88
CA MET YA 61 47.90 50.62 -52.98
C MET YA 61 48.57 49.34 -53.48
N MET YA 62 49.69 48.95 -52.87
CA MET YA 62 50.43 47.75 -53.25
C MET YA 62 50.31 46.75 -52.09
N MET YA 63 49.30 45.89 -52.16
CA MET YA 63 48.97 44.97 -51.08
C MET YA 63 48.52 43.63 -51.65
N HIS YA 64 48.20 42.70 -50.74
CA HIS YA 64 47.64 41.38 -51.04
C HIS YA 64 48.64 40.48 -51.77
N GLY YA 65 49.83 40.36 -51.20
CA GLY YA 65 50.73 39.26 -51.53
C GLY YA 65 51.35 39.29 -52.91
N ARG YA 66 50.50 39.33 -53.94
CA ARG YA 66 51.00 39.48 -55.29
C ARG YA 66 51.71 40.82 -55.46
N ASN YA 67 51.36 41.80 -54.63
CA ASN YA 67 51.81 43.18 -54.82
C ASN YA 67 52.46 43.65 -53.51
N ASN YA 68 53.75 43.38 -53.37
CA ASN YA 68 54.50 43.88 -52.22
C ASN YA 68 55.76 44.63 -52.58
N GLY YA 69 56.19 44.58 -53.84
CA GLY YA 69 57.36 45.33 -54.25
C GLY YA 69 57.05 46.15 -55.49
N LYS YA 70 55.93 45.84 -56.13
CA LYS YA 70 55.58 46.44 -57.42
C LYS YA 70 55.14 47.89 -57.22
N LYS YA 71 56.11 48.72 -56.82
CA LYS YA 71 55.83 50.14 -56.62
C LYS YA 71 55.73 50.89 -57.94
N LEU YA 72 56.50 50.48 -58.95
CA LEU YA 72 56.42 51.13 -60.25
C LEU YA 72 55.04 50.94 -60.86
N MET YA 73 54.48 49.73 -60.72
CA MET YA 73 53.13 49.47 -61.19
C MET YA 73 52.13 50.33 -60.44
N THR YA 74 52.34 50.55 -59.14
CA THR YA 74 51.44 51.39 -58.39
C THR YA 74 51.56 52.85 -58.80
N VAL YA 75 52.76 53.30 -59.14
CA VAL YA 75 52.94 54.67 -59.64
C VAL YA 75 52.19 54.86 -60.94
N ARG YA 76 52.31 53.90 -61.86
CA ARG YA 76 51.57 54.02 -63.12
C ARG YA 76 50.06 53.93 -62.88
N ILE YA 77 49.64 53.13 -61.90
CA ILE YA 77 48.21 53.05 -61.56
C ILE YA 77 47.71 54.39 -61.05
N VAL YA 78 48.47 55.03 -60.18
CA VAL YA 78 48.06 56.33 -59.64
C VAL YA 78 48.05 57.38 -60.75
N LYS YA 79 49.02 57.34 -61.66
CA LYS YA 79 49.04 58.29 -62.76
C LYS YA 79 47.81 58.13 -63.64
N HIS YA 80 47.47 56.90 -64.00
CA HIS YA 80 46.30 56.67 -64.82
C HIS YA 80 45.01 57.02 -64.09
N ALA YA 81 44.94 56.76 -62.78
CA ALA YA 81 43.76 57.12 -62.02
C ALA YA 81 43.58 58.62 -61.95
N PHE YA 82 44.67 59.37 -61.78
CA PHE YA 82 44.57 60.83 -61.81
C PHE YA 82 44.16 61.33 -63.20
N GLU YA 83 44.69 60.70 -64.25
CA GLU YA 83 44.24 61.04 -65.60
C GLU YA 83 42.73 60.84 -65.75
N ILE YA 84 42.23 59.71 -65.26
CA ILE YA 84 40.83 59.38 -65.43
C ILE YA 84 39.95 60.32 -64.61
N ILE YA 85 40.35 60.64 -63.38
CA ILE YA 85 39.52 61.54 -62.59
C ILE YA 85 39.55 62.96 -63.16
N HIS YA 86 40.69 63.37 -63.72
CA HIS YA 86 40.72 64.67 -64.39
C HIS YA 86 39.78 64.68 -65.59
N LEU YA 87 39.77 63.60 -66.37
CA LEU YA 87 38.87 63.56 -67.53
C LEU YA 87 37.41 63.55 -67.10
N LEU YA 88 37.09 62.80 -66.03
CA LEU YA 88 35.71 62.70 -65.59
C LEU YA 88 35.20 63.97 -64.91
N THR YA 89 36.05 64.66 -64.15
CA THR YA 89 35.59 65.78 -63.33
C THR YA 89 36.10 67.14 -63.80
N GLY YA 90 37.28 67.19 -64.42
CA GLY YA 90 37.79 68.42 -64.99
C GLY YA 90 38.63 69.27 -64.04
N GLU YA 91 38.69 68.93 -62.76
CA GLU YA 91 39.44 69.71 -61.80
C GLU YA 91 40.76 69.02 -61.47
N ASN YA 92 41.48 69.60 -60.51
CA ASN YA 92 42.76 69.05 -60.08
C ASN YA 92 42.56 67.67 -59.47
N PRO YA 93 43.28 66.65 -59.93
CA PRO YA 93 43.21 65.35 -59.27
C PRO YA 93 43.59 65.39 -57.80
N LEU YA 94 44.58 66.22 -57.45
CA LEU YA 94 45.00 66.32 -56.06
C LEU YA 94 43.91 66.89 -55.17
N GLN YA 95 43.13 67.83 -55.70
CA GLN YA 95 42.00 68.37 -54.94
C GLN YA 95 40.97 67.28 -54.65
N VAL YA 96 40.69 66.43 -55.63
CA VAL YA 96 39.75 65.33 -55.44
C VAL YA 96 40.31 64.34 -54.40
N LEU YA 97 41.61 64.07 -54.48
CA LEU YA 97 42.24 63.19 -53.51
C LEU YA 97 42.15 63.75 -52.09
N VAL YA 98 42.39 65.04 -51.94
CA VAL YA 98 42.33 65.68 -50.62
C VAL YA 98 40.90 65.65 -50.09
N ASN YA 99 39.91 65.93 -50.95
CA ASN YA 99 38.52 65.85 -50.52
C ASN YA 99 38.13 64.44 -50.12
N ALA YA 100 38.62 63.44 -50.87
CA ALA YA 100 38.34 62.05 -50.50
C ALA YA 100 38.95 61.70 -49.16
N ILE YA 101 40.18 62.15 -48.91
CA ILE YA 101 40.84 61.90 -47.63
C ILE YA 101 40.05 62.55 -46.50
N ILE YA 102 39.60 63.78 -46.72
CA ILE YA 102 38.86 64.50 -45.68
C ILE YA 102 37.55 63.80 -45.37
N ASN YA 103 36.82 63.40 -46.41
CA ASN YA 103 35.48 62.86 -46.21
C ASN YA 103 35.47 61.37 -45.89
N SER YA 104 36.60 60.67 -46.03
CA SER YA 104 36.65 59.26 -45.69
C SER YA 104 37.13 58.99 -44.28
N GLY YA 105 37.79 59.96 -43.65
CA GLY YA 105 38.26 59.81 -42.30
C GLY YA 105 37.11 59.67 -41.31
N PRO YA 106 37.14 58.60 -40.50
CA PRO YA 106 36.10 58.42 -39.47
C PRO YA 106 36.41 59.30 -38.26
N ARG YA 107 35.53 60.27 -38.00
CA ARG YA 107 35.81 61.27 -36.97
C ARG YA 107 35.85 60.68 -35.57
N GLU YA 108 35.20 59.55 -35.33
CA GLU YA 108 35.33 58.85 -34.06
C GLU YA 108 35.18 57.36 -34.29
N ASP YA 109 35.61 56.59 -33.30
CA ASP YA 109 35.56 55.15 -33.35
C ASP YA 109 35.28 54.65 -31.94
N SER YA 110 35.38 53.34 -31.72
CA SER YA 110 35.18 52.74 -30.42
C SER YA 110 36.20 51.64 -30.21
N THR YA 111 36.77 51.58 -29.01
CA THR YA 111 37.71 50.50 -28.69
C THR YA 111 37.68 50.23 -27.19
N ARG YA 112 37.68 48.94 -26.84
CA ARG YA 112 37.78 48.45 -25.47
C ARG YA 112 37.95 46.93 -25.54
N ILE YA 113 38.05 46.29 -24.37
CA ILE YA 113 38.46 44.90 -24.26
C ILE YA 113 37.41 44.03 -23.59
N GLY YA 114 36.81 44.53 -22.51
CA GLY YA 114 35.98 43.71 -21.65
C GLY YA 114 34.63 43.32 -22.21
N ARG YA 115 33.64 43.15 -21.33
CA ARG YA 115 32.31 42.73 -21.77
C ARG YA 115 31.71 43.82 -22.64
N ALA YA 116 31.73 43.61 -23.96
CA ALA YA 116 31.35 44.66 -24.89
C ALA YA 116 29.84 44.79 -24.96
N GLY YA 117 29.35 46.02 -24.99
CA GLY YA 117 27.92 46.26 -25.16
C GLY YA 117 27.46 45.86 -26.54
N THR YA 118 27.87 46.61 -27.56
CA THR YA 118 27.62 46.26 -28.94
C THR YA 118 28.88 45.78 -29.66
N VAL YA 119 29.92 46.60 -29.68
CA VAL YA 119 31.22 46.24 -30.25
C VAL YA 119 32.34 46.48 -29.25
N ARG YA 120 32.40 47.68 -28.68
CA ARG YA 120 33.36 48.04 -27.65
C ARG YA 120 32.66 48.79 -26.53
N ARG YA 121 33.28 48.78 -25.35
CA ARG YA 121 32.67 49.41 -24.20
C ARG YA 121 32.70 50.93 -24.29
N GLN YA 122 33.72 51.51 -24.91
CA GLN YA 122 33.90 52.94 -24.95
C GLN YA 122 34.05 53.43 -26.39
N ALA YA 123 33.47 54.59 -26.68
CA ALA YA 123 33.60 55.24 -27.97
C ALA YA 123 34.68 56.31 -27.88
N VAL YA 124 35.63 56.27 -28.82
CA VAL YA 124 36.85 57.07 -28.73
C VAL YA 124 37.03 57.84 -30.04
N ASP YA 125 37.22 59.15 -29.92
CA ASP YA 125 37.60 59.96 -31.07
C ASP YA 125 39.05 59.71 -31.45
N VAL YA 126 39.36 59.96 -32.72
CA VAL YA 126 40.63 59.54 -33.31
C VAL YA 126 41.51 60.75 -33.60
N SER YA 127 42.80 60.49 -33.79
CA SER YA 127 43.77 61.52 -34.12
C SER YA 127 43.74 61.85 -35.60
N PRO YA 128 44.18 63.05 -35.97
CA PRO YA 128 44.27 63.38 -37.41
C PRO YA 128 45.16 62.45 -38.21
N LEU YA 129 46.28 62.00 -37.64
CA LEU YA 129 47.12 61.05 -38.35
C LEU YA 129 46.39 59.73 -38.56
N ARG YA 130 45.67 59.27 -37.54
CA ARG YA 130 44.85 58.08 -37.71
C ARG YA 130 43.74 58.31 -38.74
N ARG YA 131 43.19 59.53 -38.79
CA ARG YA 131 42.21 59.86 -39.82
C ARG YA 131 42.81 59.68 -41.21
N VAL YA 132 43.99 60.24 -41.44
CA VAL YA 132 44.64 60.13 -42.75
C VAL YA 132 44.93 58.68 -43.08
N ASN YA 133 45.51 57.94 -42.13
CA ASN YA 133 45.89 56.56 -42.36
C ASN YA 133 44.67 55.69 -42.68
N GLN YA 134 43.62 55.84 -41.86
CA GLN YA 134 42.41 55.05 -42.07
C GLN YA 134 41.73 55.40 -43.38
N ALA YA 135 41.72 56.69 -43.74
CA ALA YA 135 41.11 57.10 -45.00
C ALA YA 135 41.85 56.51 -46.19
N ILE YA 136 43.18 56.56 -46.17
CA ILE YA 136 43.96 55.97 -47.26
C ILE YA 136 43.73 54.47 -47.35
N TRP YA 137 43.73 53.79 -46.20
CA TRP YA 137 43.49 52.36 -46.17
C TRP YA 137 42.11 52.03 -46.73
N LEU YA 138 41.10 52.80 -46.35
CA LEU YA 138 39.74 52.54 -46.81
C LEU YA 138 39.61 52.77 -48.31
N LEU YA 139 40.22 53.84 -48.83
CA LEU YA 139 40.15 54.10 -50.26
C LEU YA 139 40.83 52.99 -51.06
N CYS YA 140 42.03 52.60 -50.64
CA CYS YA 140 42.74 51.53 -51.35
C CYS YA 140 41.97 50.22 -51.27
N THR YA 141 41.39 49.91 -50.11
CA THR YA 141 40.61 48.69 -49.96
C THR YA 141 39.37 48.71 -50.85
N GLY YA 142 38.68 49.85 -50.90
CA GLY YA 142 37.51 49.96 -51.76
C GLY YA 142 37.85 49.75 -53.22
N ALA YA 143 38.94 50.37 -53.68
CA ALA YA 143 39.38 50.15 -55.05
C ALA YA 143 39.76 48.70 -55.30
N ARG YA 144 40.40 48.07 -54.30
CA ARG YA 144 40.86 46.70 -54.45
C ARG YA 144 39.70 45.72 -54.64
N GLU YA 145 38.70 45.79 -53.75
CA GLU YA 145 37.55 44.92 -53.97
C GLU YA 145 36.64 45.41 -55.09
N ALA YA 146 36.81 46.64 -55.56
CA ALA YA 146 36.09 47.05 -56.77
C ALA YA 146 36.67 46.35 -58.00
N ALA YA 147 37.99 46.19 -58.06
CA ALA YA 147 38.64 45.70 -59.27
C ALA YA 147 38.87 44.20 -59.30
N PHE YA 148 38.45 43.46 -58.27
CA PHE YA 148 38.87 42.06 -58.17
C PHE YA 148 38.38 41.16 -59.30
N ARG YA 149 37.07 40.96 -59.42
CA ARG YA 149 36.60 39.96 -60.38
C ARG YA 149 35.69 40.55 -61.43
N ASN YA 150 36.08 41.70 -61.99
CA ASN YA 150 35.34 42.34 -63.06
C ASN YA 150 36.32 42.82 -64.12
N ILE YA 151 35.79 43.13 -65.29
CA ILE YA 151 36.64 43.56 -66.40
C ILE YA 151 37.19 44.96 -66.15
N LYS YA 152 36.51 45.75 -65.31
CA LYS YA 152 36.94 47.12 -65.09
C LYS YA 152 38.26 47.12 -64.32
N THR YA 153 39.27 47.75 -64.89
CA THR YA 153 40.63 47.63 -64.38
C THR YA 153 40.81 48.47 -63.11
N ILE YA 154 41.99 48.33 -62.50
CA ILE YA 154 42.24 48.94 -61.21
C ILE YA 154 42.29 50.46 -61.30
N ALA YA 155 42.70 50.98 -62.46
CA ALA YA 155 42.78 52.44 -62.63
C ALA YA 155 41.39 53.07 -62.52
N GLU YA 156 40.42 52.53 -63.25
CA GLU YA 156 39.06 53.07 -63.19
C GLU YA 156 38.44 52.86 -61.81
N CYS YA 157 38.74 51.72 -61.17
CA CYS YA 157 38.17 51.46 -59.86
C CYS YA 157 38.70 52.43 -58.82
N LEU YA 158 40.01 52.67 -58.81
CA LEU YA 158 40.55 53.68 -57.91
C LEU YA 158 40.01 55.06 -58.25
N ALA YA 159 39.86 55.34 -59.55
CA ALA YA 159 39.38 56.65 -59.99
C ALA YA 159 37.97 56.93 -59.47
N ASP YA 160 37.05 56.00 -59.71
CA ASP YA 160 35.68 56.24 -59.27
C ASP YA 160 35.50 56.05 -57.77
N GLU YA 161 36.38 55.29 -57.11
CA GLU YA 161 36.40 55.26 -55.66
C GLU YA 161 36.71 56.63 -55.10
N LEU YA 162 37.78 57.26 -55.59
CA LEU YA 162 38.11 58.61 -55.15
C LEU YA 162 37.02 59.61 -55.52
N ILE YA 163 36.42 59.45 -56.71
CA ILE YA 163 35.38 60.38 -57.14
C ILE YA 163 34.17 60.30 -56.22
N ASN YA 164 33.74 59.08 -55.90
CA ASN YA 164 32.61 58.90 -55.01
C ASN YA 164 32.93 59.40 -53.60
N ALA YA 165 34.15 59.16 -53.12
CA ALA YA 165 34.50 59.56 -51.76
C ALA YA 165 34.61 61.08 -51.63
N ALA YA 166 35.17 61.74 -52.64
CA ALA YA 166 35.41 63.19 -52.57
C ALA YA 166 34.10 63.97 -52.48
N LYS YA 167 33.03 63.49 -53.10
CA LYS YA 167 31.72 64.11 -52.97
C LYS YA 167 30.97 63.59 -51.76
N GLY YA 168 30.84 62.27 -51.64
CA GLY YA 168 30.07 61.66 -50.57
C GLY YA 168 28.71 61.25 -51.08
N SER YA 169 28.55 59.97 -51.40
CA SER YA 169 27.31 59.50 -52.00
C SER YA 169 26.90 58.11 -51.53
N SER YA 170 27.54 57.57 -50.49
CA SER YA 170 27.36 56.21 -50.00
C SER YA 170 27.64 55.16 -51.05
N ASN YA 171 28.32 55.53 -52.15
CA ASN YA 171 28.59 54.61 -53.24
C ASN YA 171 30.00 54.03 -53.19
N SER YA 172 30.92 54.67 -52.46
CA SER YA 172 32.27 54.16 -52.29
C SER YA 172 32.35 53.36 -51.00
N TYR YA 173 33.15 52.29 -51.04
CA TYR YA 173 33.31 51.42 -49.89
C TYR YA 173 33.85 52.17 -48.69
N ALA YA 174 34.75 53.14 -48.94
CA ALA YA 174 35.41 53.85 -47.86
C ALA YA 174 34.42 54.60 -46.98
N ILE YA 175 33.51 55.37 -47.59
CA ILE YA 175 32.60 56.16 -46.79
C ILE YA 175 31.45 55.34 -46.23
N LYS YA 176 31.10 54.22 -46.87
CA LYS YA 176 30.17 53.29 -46.24
C LYS YA 176 30.76 52.71 -44.96
N LYS YA 177 32.03 52.30 -45.01
CA LYS YA 177 32.70 51.85 -43.79
C LYS YA 177 32.82 52.97 -42.77
N LYS YA 178 33.07 54.20 -43.22
CA LYS YA 178 33.15 55.33 -42.30
C LYS YA 178 31.83 55.54 -41.57
N ASP YA 179 30.71 55.50 -42.32
CA ASP YA 179 29.41 55.66 -41.68
C ASP YA 179 29.08 54.50 -40.75
N GLU YA 180 29.49 53.29 -41.13
CA GLU YA 180 29.31 52.15 -40.23
C GLU YA 180 30.08 52.35 -38.92
N LEU YA 181 31.33 52.81 -39.02
CA LEU YA 181 32.12 53.07 -37.83
C LEU YA 181 31.51 54.17 -36.98
N GLU YA 182 30.98 55.22 -37.63
CA GLU YA 182 30.33 56.29 -36.89
C GLU YA 182 29.09 55.80 -36.15
N ARG YA 183 28.27 54.98 -36.81
CA ARG YA 183 27.10 54.42 -36.15
C ARG YA 183 27.49 53.53 -34.98
N VAL YA 184 28.53 52.70 -35.15
CA VAL YA 184 28.97 51.84 -34.06
C VAL YA 184 29.46 52.67 -32.89
N ALA YA 185 30.24 53.72 -33.17
CA ALA YA 185 30.75 54.57 -32.10
C ALA YA 185 29.62 55.31 -31.38
N LYS YA 186 28.67 55.86 -32.14
CA LYS YA 186 27.57 56.60 -31.53
C LYS YA 186 26.71 55.69 -30.67
N SER YA 187 26.49 54.44 -31.11
CA SER YA 187 25.74 53.49 -30.31
C SER YA 187 26.45 53.16 -29.00
N ASN YA 188 27.77 53.37 -28.95
CA ASN YA 188 28.57 53.08 -27.76
C ASN YA 188 28.91 54.31 -26.95
N ARG YA 189 28.16 55.40 -27.10
CA ARG YA 189 28.42 56.62 -26.35
C ARG YA 189 28.12 56.40 -24.87
N MET ZA 1 95.54 -16.87 -40.66
CA MET ZA 1 95.78 -16.26 -41.96
C MET ZA 1 96.56 -17.19 -42.88
N LEU ZA 2 95.94 -17.55 -44.00
CA LEU ZA 2 96.54 -18.43 -45.00
C LEU ZA 2 97.57 -17.73 -45.87
N MET ZA 3 98.00 -16.53 -45.49
CA MET ZA 3 98.96 -15.79 -46.28
C MET ZA 3 100.28 -16.56 -46.36
N PRO ZA 4 100.85 -16.71 -47.55
CA PRO ZA 4 101.96 -17.64 -47.76
C PRO ZA 4 103.26 -17.12 -47.17
N LYS ZA 5 104.35 -17.86 -47.45
CA LYS ZA 5 105.67 -17.42 -47.02
C LYS ZA 5 106.14 -16.22 -47.85
N LYS ZA 6 105.93 -16.28 -49.17
CA LYS ZA 6 106.55 -15.33 -50.09
C LYS ZA 6 106.16 -13.88 -49.79
N ASN ZA 7 105.04 -13.66 -49.10
CA ASN ZA 7 104.73 -12.33 -48.60
C ASN ZA 7 104.95 -12.18 -47.11
N ARG ZA 8 105.00 -13.27 -46.34
CA ARG ZA 8 105.33 -13.17 -44.93
C ARG ZA 8 106.75 -12.67 -44.72
N ILE ZA 9 107.71 -13.25 -45.45
CA ILE ZA 9 109.07 -12.74 -45.41
C ILE ZA 9 109.13 -11.30 -45.91
N ALA ZA 10 108.33 -10.95 -46.92
CA ALA ZA 10 108.32 -9.58 -47.42
C ALA ZA 10 107.87 -8.60 -46.34
N ILE ZA 11 106.76 -8.90 -45.67
CA ILE ZA 11 106.26 -8.04 -44.60
C ILE ZA 11 107.27 -7.96 -43.47
N TYR ZA 12 107.85 -9.10 -43.10
CA TYR ZA 12 108.81 -9.14 -41.99
C TYR ZA 12 110.06 -8.33 -42.32
N GLU ZA 13 110.56 -8.42 -43.55
CA GLU ZA 13 111.77 -7.69 -43.89
C GLU ZA 13 111.50 -6.21 -44.05
N LEU ZA 14 110.30 -5.83 -44.49
CA LEU ZA 14 109.93 -4.42 -44.47
C LEU ZA 14 109.87 -3.91 -43.03
N LEU ZA 15 109.29 -4.71 -42.13
CA LEU ZA 15 109.21 -4.34 -40.73
C LEU ZA 15 110.59 -4.29 -40.07
N PHE ZA 16 111.54 -5.05 -40.57
CA PHE ZA 16 112.86 -5.08 -39.94
C PHE ZA 16 113.81 -4.05 -40.52
N LYS ZA 17 113.65 -3.67 -41.80
CA LYS ZA 17 114.54 -2.68 -42.40
C LYS ZA 17 114.46 -1.34 -41.66
N GLU ZA 18 113.24 -0.92 -41.33
CA GLU ZA 18 113.00 0.22 -40.46
C GLU ZA 18 112.08 -0.22 -39.34
N GLY ZA 19 112.38 0.21 -38.12
CA GLY ZA 19 111.72 -0.31 -36.93
C GLY ZA 19 110.23 -0.05 -36.83
N VAL ZA 20 109.62 0.60 -37.83
CA VAL ZA 20 108.21 0.92 -37.82
C VAL ZA 20 107.61 0.55 -39.16
N MET ZA 21 106.28 0.54 -39.20
CA MET ZA 21 105.56 0.45 -40.46
C MET ZA 21 104.15 1.00 -40.26
N VAL ZA 22 103.61 1.58 -41.32
CA VAL ZA 22 102.30 2.23 -41.28
C VAL ZA 22 101.37 1.48 -42.22
N ALA ZA 23 100.21 1.10 -41.72
CA ALA ZA 23 99.21 0.39 -42.53
C ALA ZA 23 97.84 1.02 -42.29
N LYS ZA 24 97.19 1.44 -43.37
CA LYS ZA 24 95.84 1.97 -43.28
C LYS ZA 24 94.85 0.86 -42.97
N LYS ZA 25 93.83 1.17 -42.17
CA LYS ZA 25 92.76 0.21 -41.91
C LYS ZA 25 91.84 0.11 -43.12
N ASP ZA 26 92.13 -0.85 -44.00
CA ASP ZA 26 91.25 -1.11 -45.14
C ASP ZA 26 91.45 -2.58 -45.51
N VAL ZA 27 90.52 -3.43 -45.04
CA VAL ZA 27 90.59 -4.85 -45.36
C VAL ZA 27 90.22 -5.10 -46.82
N HIS ZA 28 89.63 -4.13 -47.49
CA HIS ZA 28 89.26 -4.26 -48.89
C HIS ZA 28 90.25 -3.56 -49.82
N MET ZA 29 91.34 -3.03 -49.28
CA MET ZA 29 92.35 -2.36 -50.08
C MET ZA 29 93.03 -3.36 -51.00
N PRO ZA 30 93.13 -3.10 -52.30
CA PRO ZA 30 93.73 -4.10 -53.20
C PRO ZA 30 95.22 -4.29 -52.99
N LYS ZA 31 95.94 -3.24 -52.62
CA LYS ZA 31 97.39 -3.33 -52.51
C LYS ZA 31 97.93 -2.31 -51.52
N HIS ZA 32 98.77 -2.79 -50.62
CA HIS ZA 32 99.49 -1.92 -49.70
C HIS ZA 32 100.45 -1.04 -50.48
N PRO ZA 33 100.51 0.28 -50.20
CA PRO ZA 33 101.24 1.20 -51.10
C PRO ZA 33 102.72 0.89 -51.30
N GLU ZA 34 103.53 0.84 -50.25
CA GLU ZA 34 104.91 0.42 -50.48
C GLU ZA 34 104.96 -1.10 -50.64
N LEU ZA 35 106.18 -1.61 -50.88
CA LEU ZA 35 106.41 -2.97 -51.39
C LEU ZA 35 105.46 -3.28 -52.56
N ALA ZA 36 105.41 -2.35 -53.51
CA ALA ZA 36 104.43 -2.37 -54.59
C ALA ZA 36 104.55 -3.60 -55.48
N ASP ZA 37 105.74 -4.19 -55.59
CA ASP ZA 37 105.97 -5.30 -56.51
C ASP ZA 37 105.74 -6.66 -55.89
N LYS ZA 38 105.49 -6.73 -54.59
CA LYS ZA 38 105.30 -8.01 -53.91
C LYS ZA 38 103.86 -8.53 -53.98
N ASN ZA 39 102.92 -7.70 -54.42
CA ASN ZA 39 101.52 -8.10 -54.60
C ASN ZA 39 100.92 -8.63 -53.29
N VAL ZA 40 100.92 -7.80 -52.26
CA VAL ZA 40 100.48 -8.16 -50.92
C VAL ZA 40 99.19 -7.41 -50.63
N PRO ZA 41 98.08 -8.09 -50.33
CA PRO ZA 41 96.87 -7.39 -49.92
C PRO ZA 41 97.04 -6.75 -48.55
N ASN ZA 42 96.25 -5.71 -48.31
CA ASN ZA 42 96.31 -5.01 -47.02
C ASN ZA 42 95.82 -5.89 -45.89
N LEU ZA 43 94.83 -6.75 -46.15
CA LEU ZA 43 94.31 -7.63 -45.10
C LEU ZA 43 95.38 -8.56 -44.56
N HIS ZA 44 96.23 -9.08 -45.44
CA HIS ZA 44 97.29 -9.98 -45.01
C HIS ZA 44 98.27 -9.28 -44.07
N VAL ZA 45 98.72 -8.07 -44.42
CA VAL ZA 45 99.67 -7.38 -43.56
C VAL ZA 45 99.01 -6.94 -42.26
N MET ZA 46 97.73 -6.55 -42.32
CA MET ZA 46 97.01 -6.21 -41.10
C MET ZA 46 96.96 -7.39 -40.13
N LYS ZA 47 96.58 -8.57 -40.62
CA LYS ZA 47 96.47 -9.70 -39.72
C LYS ZA 47 97.84 -10.24 -39.31
N ALA ZA 48 98.86 -10.10 -40.17
CA ALA ZA 48 100.20 -10.51 -39.77
C ALA ZA 48 100.70 -9.65 -38.61
N MET ZA 49 100.54 -8.32 -38.73
CA MET ZA 49 100.94 -7.46 -37.63
C MET ZA 49 100.06 -7.67 -36.40
N GLN ZA 50 98.79 -8.03 -36.60
CA GLN ZA 50 97.93 -8.35 -35.47
C GLN ZA 50 98.42 -9.58 -34.73
N SER ZA 51 98.83 -10.61 -35.46
CA SER ZA 51 99.40 -11.81 -34.82
C SER ZA 51 100.69 -11.48 -34.11
N LEU ZA 52 101.52 -10.62 -34.71
CA LEU ZA 52 102.75 -10.19 -34.06
C LEU ZA 52 102.46 -9.46 -32.75
N LYS ZA 53 101.42 -8.62 -32.74
CA LYS ZA 53 100.98 -7.98 -31.51
C LYS ZA 53 100.52 -9.00 -30.49
N SER ZA 54 99.75 -10.00 -30.95
CA SER ZA 54 99.23 -11.03 -30.07
C SER ZA 54 100.36 -11.81 -29.40
N ARG ZA 55 101.45 -12.02 -30.13
CA ARG ZA 55 102.60 -12.66 -29.51
C ARG ZA 55 103.50 -11.68 -28.76
N GLY ZA 56 103.26 -10.38 -28.89
CA GLY ZA 56 103.91 -9.40 -28.05
C GLY ZA 56 105.17 -8.78 -28.60
N TYR ZA 57 105.52 -9.03 -29.86
CA TYR ZA 57 106.74 -8.49 -30.42
C TYR ZA 57 106.58 -7.12 -31.04
N VAL ZA 58 105.36 -6.60 -31.13
CA VAL ZA 58 105.11 -5.29 -31.72
C VAL ZA 58 103.98 -4.62 -30.93
N LYS ZA 59 104.06 -3.30 -30.80
CA LYS ZA 59 103.05 -2.52 -30.11
C LYS ZA 59 102.30 -1.65 -31.13
N GLU ZA 60 101.00 -1.52 -30.93
CA GLU ZA 60 100.09 -0.99 -31.94
C GLU ZA 60 99.52 0.35 -31.46
N GLN ZA 61 99.49 1.32 -32.36
CA GLN ZA 61 98.90 2.63 -32.08
C GLN ZA 61 97.98 3.02 -33.23
N PHE ZA 62 96.80 3.54 -32.89
CA PHE ZA 62 95.73 3.78 -33.87
C PHE ZA 62 95.30 5.24 -33.82
N ALA ZA 63 95.58 5.96 -34.91
CA ALA ZA 63 94.99 7.26 -35.18
C ALA ZA 63 93.70 7.04 -35.98
N TRP ZA 64 93.20 8.10 -36.64
CA TRP ZA 64 91.91 8.10 -37.30
C TRP ZA 64 91.60 6.83 -38.10
N ARG ZA 65 92.39 6.56 -39.13
CA ARG ZA 65 92.22 5.35 -39.96
C ARG ZA 65 93.58 4.76 -40.34
N HIS ZA 66 94.48 4.68 -39.36
CA HIS ZA 66 95.82 4.17 -39.65
C HIS ZA 66 96.36 3.44 -38.44
N PHE ZA 67 97.15 2.40 -38.69
CA PHE ZA 67 97.92 1.71 -37.68
C PHE ZA 67 99.38 2.16 -37.75
N TYR ZA 68 100.04 2.18 -36.61
CA TYR ZA 68 101.39 2.74 -36.47
C TYR ZA 68 102.27 1.81 -35.69
N TRP ZA 69 102.31 0.54 -36.11
CA TRP ZA 69 102.99 -0.51 -35.36
C TRP ZA 69 104.47 -0.19 -35.12
N TYR ZA 70 104.91 -0.35 -33.88
CA TYR ZA 70 106.29 -0.13 -33.48
C TYR ZA 70 106.92 -1.45 -33.09
N LEU ZA 71 107.94 -1.88 -33.83
CA LEU ZA 71 108.66 -3.09 -33.49
C LEU ZA 71 109.43 -2.90 -32.18
N THR ZA 72 109.25 -3.85 -31.27
CA THR ZA 72 109.82 -3.79 -29.93
C THR ZA 72 111.12 -4.57 -29.86
N ASN ZA 73 111.76 -4.49 -28.69
CA ASN ZA 73 113.02 -5.20 -28.49
C ASN ZA 73 112.81 -6.71 -28.50
N GLU ZA 74 111.66 -7.18 -28.04
CA GLU ZA 74 111.34 -8.60 -28.17
C GLU ZA 74 111.10 -9.00 -29.63
N GLY ZA 75 110.84 -8.03 -30.51
CA GLY ZA 75 110.69 -8.32 -31.92
C GLY ZA 75 112.03 -8.45 -32.62
N ILE ZA 76 113.08 -7.85 -32.02
CA ILE ZA 76 114.42 -7.88 -32.62
C ILE ZA 76 114.88 -9.31 -32.83
N GLN ZA 77 114.98 -10.09 -31.74
CA GLN ZA 77 115.53 -11.43 -31.86
C GLN ZA 77 114.60 -12.38 -32.59
N TYR ZA 78 113.28 -12.15 -32.51
CA TYR ZA 78 112.35 -12.97 -33.30
C TYR ZA 78 112.56 -12.74 -34.79
N LEU ZA 79 112.66 -11.49 -35.22
CA LEU ZA 79 112.93 -11.21 -36.62
C LEU ZA 79 114.31 -11.75 -37.01
N ARG ZA 80 115.26 -11.71 -36.08
CA ARG ZA 80 116.61 -12.18 -36.38
C ARG ZA 80 116.64 -13.68 -36.65
N ASP ZA 81 116.05 -14.47 -35.75
CA ASP ZA 81 116.09 -15.92 -35.93
C ASP ZA 81 114.98 -16.44 -36.82
N TYR ZA 82 114.04 -15.59 -37.25
CA TYR ZA 82 113.09 -16.02 -38.27
C TYR ZA 82 113.61 -15.70 -39.67
N LEU ZA 83 114.33 -14.59 -39.82
CA LEU ZA 83 114.95 -14.23 -41.08
C LEU ZA 83 116.37 -14.75 -41.20
N HIS ZA 84 116.87 -15.46 -40.17
CA HIS ZA 84 118.18 -16.10 -40.18
C HIS ZA 84 119.28 -15.08 -40.46
N LEU ZA 85 119.40 -14.13 -39.53
CA LEU ZA 85 120.32 -13.01 -39.68
C LEU ZA 85 121.21 -12.95 -38.44
N PRO ZA 86 122.52 -12.72 -38.60
CA PRO ZA 86 123.38 -12.57 -37.43
C PRO ZA 86 123.05 -11.30 -36.68
N PRO ZA 87 123.32 -11.25 -35.38
CA PRO ZA 87 123.02 -10.03 -34.60
C PRO ZA 87 123.97 -8.89 -34.87
N GLU ZA 88 124.07 -8.47 -36.13
CA GLU ZA 88 124.89 -7.33 -36.51
C GLU ZA 88 124.12 -6.31 -37.32
N ILE ZA 89 123.22 -6.74 -38.19
CA ILE ZA 89 122.36 -5.82 -38.93
C ILE ZA 89 121.19 -5.41 -38.05
N VAL ZA 90 120.98 -4.11 -37.93
CA VAL ZA 90 119.95 -3.56 -37.05
C VAL ZA 90 118.99 -2.75 -37.91
N PRO ZA 91 117.76 -2.56 -37.44
CA PRO ZA 91 116.84 -1.65 -38.13
C PRO ZA 91 117.39 -0.23 -38.15
N ALA ZA 92 116.77 0.61 -38.99
CA ALA ZA 92 117.27 1.96 -39.20
C ALA ZA 92 117.19 2.79 -37.92
N THR ZA 93 116.12 2.63 -37.14
CA THR ZA 93 115.96 3.42 -35.93
C THR ZA 93 116.89 2.98 -34.81
N LEU ZA 94 117.44 1.77 -34.88
CA LEU ZA 94 118.33 1.28 -33.81
C LEU ZA 94 119.66 2.01 -33.82
N ARG ZA 95 120.42 1.90 -34.90
CA ARG ZA 95 121.73 2.53 -35.02
C ARG ZA 95 121.78 3.33 -36.31
N ARG ZA 96 122.18 4.59 -36.19
CA ARG ZA 96 122.43 5.44 -37.35
C ARG ZA 96 123.85 5.99 -37.24
N SER ZA 97 124.62 5.82 -38.31
CA SER ZA 97 125.96 6.42 -38.45
C SER ZA 97 126.95 5.94 -37.39
N ARG ZA 98 126.54 5.02 -36.53
CA ARG ZA 98 127.36 4.58 -35.42
C ARG ZA 98 127.35 3.05 -35.30
N VAL AB 1 132.85 -41.02 -42.18
CA VAL AB 1 131.52 -40.66 -42.62
C VAL AB 1 131.07 -39.42 -41.85
N MET AB 2 131.76 -39.13 -40.75
CA MET AB 2 131.40 -37.98 -39.92
C MET AB 2 131.62 -36.67 -40.67
N ASP AB 3 132.68 -36.59 -41.47
CA ASP AB 3 132.94 -35.38 -42.24
C ASP AB 3 131.84 -35.11 -43.25
N VAL AB 4 131.49 -36.13 -44.05
CA VAL AB 4 130.41 -35.95 -45.01
C VAL AB 4 129.08 -35.82 -44.30
N ASN AB 5 128.95 -36.39 -43.10
CA ASN AB 5 127.73 -36.21 -42.31
C ASN AB 5 127.52 -34.74 -41.96
N THR AB 6 128.55 -34.11 -41.40
CA THR AB 6 128.49 -32.68 -41.12
C THR AB 6 128.33 -31.88 -42.41
N ALA AB 7 128.88 -32.38 -43.52
CA ALA AB 7 128.75 -31.70 -44.80
C ALA AB 7 127.29 -31.61 -45.23
N LEU AB 8 126.58 -32.74 -45.27
CA LEU AB 8 125.18 -32.62 -45.68
C LEU AB 8 124.34 -32.01 -44.58
N GLN AB 9 124.79 -32.05 -43.32
CA GLN AB 9 124.07 -31.37 -42.26
C GLN AB 9 124.08 -29.85 -42.48
N GLU AB 10 125.25 -29.30 -42.77
CA GLU AB 10 125.29 -27.87 -43.07
C GLU AB 10 124.63 -27.54 -44.39
N VAL AB 11 124.66 -28.48 -45.36
CA VAL AB 11 123.95 -28.27 -46.62
C VAL AB 11 122.45 -28.16 -46.38
N LEU AB 12 121.89 -29.06 -45.56
CA LEU AB 12 120.46 -28.99 -45.28
C LEU AB 12 120.13 -27.82 -44.35
N LYS AB 13 121.08 -27.40 -43.51
CA LYS AB 13 120.88 -26.17 -42.74
C LYS AB 13 120.73 -24.97 -43.66
N THR AB 14 121.63 -24.84 -44.64
CA THR AB 14 121.53 -23.77 -45.61
C THR AB 14 120.26 -23.88 -46.43
N ALA AB 15 119.86 -25.11 -46.76
CA ALA AB 15 118.58 -25.32 -47.45
C ALA AB 15 117.40 -24.88 -46.60
N LEU AB 16 117.53 -25.01 -45.27
CA LEU AB 16 116.51 -24.46 -44.38
C LEU AB 16 116.54 -22.94 -44.40
N ILE AB 17 117.72 -22.33 -44.50
CA ILE AB 17 117.81 -20.87 -44.60
C ILE AB 17 117.13 -20.38 -45.86
N HIS AB 18 117.37 -21.06 -46.97
CA HIS AB 18 116.76 -20.69 -48.25
C HIS AB 18 115.49 -21.52 -48.45
N ASP AB 19 114.94 -21.49 -49.66
CA ASP AB 19 113.68 -22.17 -49.96
C ASP AB 19 113.84 -23.39 -50.86
N GLY AB 20 115.06 -23.78 -51.19
CA GLY AB 20 115.26 -24.94 -52.03
C GLY AB 20 115.33 -26.24 -51.24
N LEU AB 21 114.20 -26.65 -50.67
CA LEU AB 21 114.16 -27.75 -49.73
C LEU AB 21 113.30 -28.92 -50.18
N ALA AB 22 112.04 -28.66 -50.55
CA ALA AB 22 111.13 -29.66 -51.13
C ALA AB 22 110.98 -30.89 -50.23
N ARG AB 23 110.37 -30.67 -49.07
CA ARG AB 23 110.10 -31.75 -48.11
C ARG AB 23 108.84 -32.50 -48.57
N GLY AB 24 109.04 -33.59 -49.27
CA GLY AB 24 107.93 -34.39 -49.77
C GLY AB 24 108.23 -34.94 -51.15
N ILE AB 25 107.77 -36.17 -51.41
CA ILE AB 25 108.07 -36.83 -52.67
C ILE AB 25 107.42 -36.11 -53.86
N ARG AB 26 106.31 -35.40 -53.63
CA ARG AB 26 105.69 -34.65 -54.73
C ARG AB 26 106.57 -33.50 -55.18
N GLU AB 27 107.02 -32.67 -54.23
CA GLU AB 27 107.92 -31.57 -54.60
C GLU AB 27 109.28 -32.09 -55.06
N ALA AB 28 109.75 -33.17 -54.44
CA ALA AB 28 111.00 -33.78 -54.88
C ALA AB 28 110.90 -34.26 -56.33
N ALA AB 29 109.80 -34.91 -56.68
CA ALA AB 29 109.60 -35.37 -58.05
C ALA AB 29 109.46 -34.22 -59.02
N LYS AB 30 108.78 -33.14 -58.61
CA LYS AB 30 108.64 -31.98 -59.47
C LYS AB 30 110.01 -31.32 -59.70
N ALA AB 31 110.88 -31.35 -58.70
CA ALA AB 31 112.23 -30.85 -58.89
C ALA AB 31 113.07 -31.80 -59.73
N LEU AB 32 112.75 -33.10 -59.69
CA LEU AB 32 113.50 -34.09 -60.46
C LEU AB 32 113.19 -34.00 -61.95
N ASP AB 33 111.90 -34.18 -62.31
CA ASP AB 33 111.54 -34.22 -63.73
C ASP AB 33 111.73 -32.89 -64.44
N LYS AB 34 111.81 -31.79 -63.69
CA LYS AB 34 112.19 -30.50 -64.27
C LYS AB 34 113.69 -30.32 -64.40
N ARG AB 35 114.47 -31.32 -63.95
CA ARG AB 35 115.93 -31.29 -63.93
C ARG AB 35 116.48 -30.21 -63.01
N GLN AB 36 115.64 -29.65 -62.16
CA GLN AB 36 116.04 -28.62 -61.20
C GLN AB 36 116.32 -29.24 -59.84
N ALA AB 37 117.37 -30.05 -59.79
CA ALA AB 37 117.74 -30.74 -58.57
C ALA AB 37 119.25 -30.92 -58.53
N HIS AB 38 119.79 -31.02 -57.32
CA HIS AB 38 121.22 -31.23 -57.14
C HIS AB 38 121.54 -32.40 -56.21
N LEU AB 39 120.72 -32.62 -55.18
CA LEU AB 39 120.90 -33.74 -54.28
C LEU AB 39 119.57 -34.42 -54.03
N CYS AB 40 119.64 -35.69 -53.64
CA CYS AB 40 118.46 -36.47 -53.29
C CYS AB 40 118.83 -37.41 -52.16
N VAL AB 41 118.29 -37.17 -50.98
CA VAL AB 41 118.56 -37.99 -49.81
C VAL AB 41 117.31 -38.79 -49.47
N LEU AB 42 117.50 -40.02 -49.01
CA LEU AB 42 116.43 -40.96 -48.77
C LEU AB 42 116.63 -41.66 -47.44
N ALA AB 43 115.52 -41.94 -46.75
CA ALA AB 43 115.57 -42.68 -45.50
C ALA AB 43 115.63 -44.18 -45.80
N SER AB 44 116.77 -44.80 -45.45
CA SER AB 44 116.94 -46.22 -45.68
C SER AB 44 116.04 -47.07 -44.80
N ASN AB 45 115.45 -46.50 -43.76
CA ASN AB 45 114.49 -47.21 -42.90
C ASN AB 45 113.09 -46.76 -43.34
N CYS AB 46 112.60 -47.37 -44.41
CA CYS AB 46 111.26 -47.09 -44.91
C CYS AB 46 110.55 -48.42 -45.13
N ASP AB 47 109.40 -48.59 -44.47
CA ASP AB 47 108.68 -49.86 -44.53
C ASP AB 47 107.93 -50.05 -45.84
N GLU AB 48 107.49 -48.97 -46.48
CA GLU AB 48 106.67 -49.09 -47.67
C GLU AB 48 107.53 -49.59 -48.83
N PRO AB 49 107.13 -50.67 -49.52
CA PRO AB 49 108.06 -51.37 -50.43
C PRO AB 49 108.62 -50.53 -51.58
N MET AB 50 107.77 -49.98 -52.43
CA MET AB 50 108.27 -49.24 -53.59
C MET AB 50 108.41 -47.74 -53.33
N TYR AB 51 108.21 -47.30 -52.08
CA TYR AB 51 108.46 -45.91 -51.74
C TYR AB 51 109.90 -45.53 -51.99
N VAL AB 52 110.85 -46.37 -51.58
CA VAL AB 52 112.26 -46.10 -51.82
C VAL AB 52 112.69 -46.43 -53.24
N LYS AB 53 111.87 -47.15 -54.00
CA LYS AB 53 112.22 -47.61 -55.33
C LYS AB 53 111.87 -46.62 -56.43
N LEU AB 54 110.71 -45.96 -56.33
CA LEU AB 54 110.36 -44.93 -57.31
C LEU AB 54 111.37 -43.79 -57.28
N VAL AB 55 111.75 -43.34 -56.07
CA VAL AB 55 112.65 -42.20 -55.95
C VAL AB 55 114.04 -42.55 -56.48
N GLU AB 56 114.56 -43.74 -56.15
CA GLU AB 56 115.87 -44.11 -56.66
C GLU AB 56 115.85 -44.33 -58.16
N ALA AB 57 114.74 -44.87 -58.69
CA ALA AB 57 114.61 -45.02 -60.14
C ALA AB 57 114.63 -43.66 -60.83
N LEU AB 58 113.87 -42.70 -60.29
CA LEU AB 58 113.81 -41.38 -60.92
C LEU AB 58 115.15 -40.65 -60.81
N CYS AB 59 115.86 -40.84 -59.69
CA CYS AB 59 117.15 -40.17 -59.56
C CYS AB 59 118.23 -40.84 -60.42
N ALA AB 60 118.09 -42.14 -60.66
CA ALA AB 60 119.01 -42.83 -61.57
C ALA AB 60 118.75 -42.45 -63.01
N GLU AB 61 117.48 -42.20 -63.36
CA GLU AB 61 117.16 -41.77 -64.71
C GLU AB 61 117.79 -40.42 -65.02
N HIS AB 62 117.91 -39.55 -64.02
CA HIS AB 62 118.63 -38.29 -64.15
C HIS AB 62 120.08 -38.50 -63.70
N GLN AB 63 120.87 -37.42 -63.73
CA GLN AB 63 122.25 -37.46 -63.26
C GLN AB 63 122.33 -36.60 -62.01
N ILE AB 64 121.97 -37.20 -60.88
CA ILE AB 64 121.89 -36.52 -59.59
C ILE AB 64 122.32 -37.51 -58.51
N ASN AB 65 123.02 -37.02 -57.49
CA ASN AB 65 123.51 -37.88 -56.43
C ASN AB 65 122.36 -38.49 -55.63
N LEU AB 66 122.62 -39.65 -55.04
CA LEU AB 66 121.71 -40.31 -54.11
C LEU AB 66 122.46 -40.64 -52.83
N ILE AB 67 121.93 -40.19 -51.70
CA ILE AB 67 122.52 -40.45 -50.40
C ILE AB 67 121.43 -41.05 -49.51
N LYS AB 68 121.79 -42.07 -48.74
CA LYS AB 68 120.86 -42.76 -47.87
C LYS AB 68 121.15 -42.43 -46.41
N VAL AB 69 120.11 -42.00 -45.69
CA VAL AB 69 120.22 -41.67 -44.28
C VAL AB 69 119.58 -42.81 -43.48
N ASP AB 70 120.10 -43.03 -42.27
CA ASP AB 70 119.72 -44.21 -41.50
C ASP AB 70 118.26 -44.19 -41.11
N ASP AB 71 117.74 -43.05 -40.66
CA ASP AB 71 116.40 -43.01 -40.06
C ASP AB 71 115.62 -41.82 -40.59
N ASN AB 72 114.32 -42.05 -40.85
CA ASN AB 72 113.45 -40.98 -41.32
C ASN AB 72 113.23 -39.92 -40.26
N LYS AB 73 113.07 -40.32 -39.00
CA LYS AB 73 112.81 -39.34 -37.95
C LYS AB 73 114.07 -38.53 -37.64
N LYS AB 74 115.24 -39.15 -37.74
CA LYS AB 74 116.49 -38.39 -37.64
C LYS AB 74 116.58 -37.35 -38.74
N LEU AB 75 116.21 -37.72 -39.98
CA LEU AB 75 116.21 -36.78 -41.08
C LEU AB 75 115.19 -35.66 -40.86
N GLY AB 76 114.04 -36.01 -40.27
CA GLY AB 76 113.04 -34.99 -39.98
C GLY AB 76 113.50 -33.99 -38.93
N GLU AB 77 114.15 -34.48 -37.88
CA GLU AB 77 114.73 -33.58 -36.89
C GLU AB 77 115.83 -32.73 -37.53
N TRP AB 78 116.58 -33.31 -38.46
CA TRP AB 78 117.63 -32.57 -39.15
C TRP AB 78 117.04 -31.43 -39.98
N VAL AB 79 116.02 -31.73 -40.78
CA VAL AB 79 115.40 -30.75 -41.66
C VAL AB 79 114.49 -29.79 -40.90
N GLY AB 80 114.35 -29.96 -39.59
CA GLY AB 80 113.52 -29.07 -38.80
C GLY AB 80 112.04 -29.15 -39.08
N LEU AB 81 111.53 -30.36 -39.33
CA LEU AB 81 110.10 -30.58 -39.49
C LEU AB 81 109.43 -30.84 -38.14
N CYS AB 82 109.70 -29.98 -37.18
CA CYS AB 82 109.22 -30.16 -35.82
C CYS AB 82 108.96 -28.78 -35.21
N LYS AB 83 108.75 -28.75 -33.90
CA LYS AB 83 108.55 -27.47 -33.22
C LYS AB 83 109.84 -26.69 -33.06
N ILE AB 84 110.99 -27.36 -33.20
CA ILE AB 84 112.32 -26.78 -33.04
C ILE AB 84 112.39 -26.09 -31.68
N ASP AB 85 112.44 -26.90 -30.62
CA ASP AB 85 112.51 -26.41 -29.25
C ASP AB 85 113.58 -27.19 -28.50
N ARG AB 86 114.76 -27.30 -29.11
CA ARG AB 86 115.83 -28.16 -28.60
C ARG AB 86 116.28 -27.76 -27.20
N GLU AB 87 116.05 -26.51 -26.79
CA GLU AB 87 116.38 -26.12 -25.43
C GLU AB 87 115.36 -26.62 -24.41
N GLY AB 88 114.11 -26.83 -24.83
CA GLY AB 88 113.09 -27.22 -23.89
C GLY AB 88 112.32 -28.50 -24.23
N LYS AB 89 112.26 -28.85 -25.50
CA LYS AB 89 111.41 -29.95 -25.93
C LYS AB 89 112.18 -30.91 -26.83
N PRO AB 90 111.82 -32.20 -26.80
CA PRO AB 90 112.33 -33.13 -27.84
C PRO AB 90 111.86 -32.78 -29.24
N ARG AB 91 110.85 -31.92 -29.39
CA ARG AB 91 110.36 -31.46 -30.69
C ARG AB 91 109.87 -32.64 -31.54
N LYS AB 92 108.77 -33.22 -31.08
CA LYS AB 92 108.08 -34.30 -31.78
C LYS AB 92 107.97 -33.99 -33.27
N VAL AB 93 108.46 -34.92 -34.09
CA VAL AB 93 108.74 -34.66 -35.50
C VAL AB 93 107.94 -35.62 -36.37
N VAL AB 94 107.55 -35.14 -37.54
CA VAL AB 94 106.90 -35.96 -38.56
C VAL AB 94 107.96 -36.78 -39.28
N GLY AB 95 107.52 -37.76 -40.06
CA GLY AB 95 108.44 -38.58 -40.82
C GLY AB 95 108.85 -37.96 -42.14
N CYS AB 96 110.06 -37.42 -42.20
CA CYS AB 96 110.62 -36.87 -43.43
C CYS AB 96 111.61 -37.88 -44.01
N SER AB 97 111.41 -38.25 -45.27
CA SER AB 97 112.20 -39.30 -45.89
C SER AB 97 112.71 -38.91 -47.28
N CYS AB 98 112.68 -37.63 -47.62
CA CYS AB 98 113.16 -37.17 -48.93
C CYS AB 98 113.38 -35.68 -48.89
N VAL AB 99 114.60 -35.24 -49.20
CA VAL AB 99 114.94 -33.83 -49.32
C VAL AB 99 115.78 -33.65 -50.58
N VAL AB 100 115.46 -32.61 -51.35
CA VAL AB 100 116.16 -32.30 -52.58
C VAL AB 100 116.74 -30.90 -52.46
N VAL AB 101 118.03 -30.77 -52.74
CA VAL AB 101 118.77 -29.53 -52.52
C VAL AB 101 118.80 -28.72 -53.80
N LYS AB 102 118.44 -27.44 -53.71
CA LYS AB 102 118.43 -26.55 -54.87
C LYS AB 102 119.20 -25.28 -54.59
N ASP AB 103 119.27 -24.89 -53.31
CA ASP AB 103 119.65 -23.52 -52.96
C ASP AB 103 121.09 -23.19 -53.36
N TYR AB 104 122.06 -23.86 -52.76
CA TYR AB 104 123.48 -23.52 -52.91
C TYR AB 104 123.73 -22.05 -52.63
N GLY AB 105 123.03 -21.51 -51.62
CA GLY AB 105 123.21 -20.12 -51.27
C GLY AB 105 124.59 -19.83 -50.73
N LYS AB 106 125.15 -20.78 -49.99
CA LYS AB 106 126.49 -20.66 -49.44
C LYS AB 106 127.11 -22.04 -49.37
N GLU AB 107 128.28 -22.19 -49.99
CA GLU AB 107 128.99 -23.47 -50.04
C GLU AB 107 130.25 -23.34 -49.19
N SER AB 108 130.10 -23.57 -47.89
CA SER AB 108 131.23 -23.62 -46.96
C SER AB 108 131.74 -25.03 -46.75
N GLN AB 109 130.86 -26.04 -46.83
CA GLN AB 109 131.25 -27.44 -46.79
C GLN AB 109 130.57 -28.25 -47.88
N ALA AB 110 129.85 -27.61 -48.80
CA ALA AB 110 129.26 -28.33 -49.92
C ALA AB 110 130.32 -28.87 -50.86
N LYS AB 111 131.54 -28.34 -50.81
CA LYS AB 111 132.63 -28.94 -51.58
C LYS AB 111 132.97 -30.33 -51.05
N ASP AB 112 132.78 -30.58 -49.77
CA ASP AB 112 132.91 -31.95 -49.25
C ASP AB 112 131.87 -32.87 -49.86
N VAL AB 113 130.64 -32.38 -50.02
CA VAL AB 113 129.60 -33.16 -50.68
C VAL AB 113 129.98 -33.42 -52.14
N ILE AB 114 130.57 -32.41 -52.80
CA ILE AB 114 131.00 -32.57 -54.19
C ILE AB 114 132.09 -33.63 -54.29
N GLU AB 115 133.06 -33.60 -53.36
CA GLU AB 115 134.12 -34.60 -53.36
C GLU AB 115 133.58 -35.99 -53.07
N GLU AB 116 132.62 -36.11 -52.16
CA GLU AB 116 132.01 -37.40 -51.88
C GLU AB 116 131.26 -37.93 -53.09
N TYR AB 117 130.57 -37.04 -53.82
CA TYR AB 117 129.90 -37.46 -55.05
C TYR AB 117 130.90 -37.90 -56.10
N PHE AB 118 132.04 -37.20 -56.21
CA PHE AB 118 133.09 -37.64 -57.11
C PHE AB 118 133.63 -39.01 -56.74
N LYS AB 119 133.81 -39.25 -55.43
CA LYS AB 119 134.27 -40.55 -54.98
C LYS AB 119 133.24 -41.63 -55.27
N CYS AB 120 131.96 -41.30 -55.13
CA CYS AB 120 130.89 -42.26 -55.43
C CYS AB 120 130.85 -42.59 -56.92
N LYS AB 121 131.05 -41.60 -57.78
CA LYS AB 121 130.97 -41.82 -59.21
C LYS AB 121 132.23 -42.45 -59.80
N LYS AB 122 133.34 -42.49 -59.06
CA LYS AB 122 134.54 -43.17 -59.53
C LYS AB 122 134.48 -44.65 -59.15
N THR BB 1 52.16 -8.87 -82.83
CA THR BB 1 52.79 -7.76 -83.52
C THR BB 1 53.26 -6.70 -82.54
N TYR BB 2 54.55 -6.37 -82.59
CA TYR BB 2 55.13 -5.45 -81.62
C TYR BB 2 55.11 -4.01 -82.12
N ARG BB 3 55.56 -3.79 -83.35
CA ARG BB 3 55.54 -2.46 -83.96
C ARG BB 3 55.08 -2.52 -85.41
N GLY BB 4 54.10 -3.38 -85.70
CA GLY BB 4 53.64 -3.61 -87.04
C GLY BB 4 54.27 -4.80 -87.73
N VAL BB 5 55.38 -5.29 -87.20
CA VAL BB 5 56.03 -6.48 -87.72
C VAL BB 5 55.54 -7.67 -86.90
N ASP BB 6 55.51 -8.84 -87.52
CA ASP BB 6 55.04 -10.04 -86.85
C ASP BB 6 56.15 -10.65 -86.00
N LEU BB 7 55.75 -11.60 -85.15
CA LEU BB 7 56.71 -12.23 -84.24
C LEU BB 7 57.71 -13.10 -84.98
N ASP BB 8 57.31 -13.68 -86.12
CA ASP BB 8 58.22 -14.52 -86.89
C ASP BB 8 59.42 -13.72 -87.37
N GLN BB 9 59.20 -12.49 -87.82
CA GLN BB 9 60.30 -11.57 -88.08
C GLN BB 9 61.08 -11.26 -86.81
N LEU BB 10 60.40 -11.25 -85.67
CA LEU BB 10 61.04 -10.80 -84.44
C LEU BB 10 62.02 -11.85 -83.90
N LEU BB 11 61.76 -13.13 -84.16
CA LEU BB 11 62.67 -14.17 -83.69
C LEU BB 11 64.06 -14.04 -84.32
N ASP BB 12 64.12 -13.78 -85.61
CA ASP BB 12 65.39 -13.56 -86.30
C ASP BB 12 65.72 -12.09 -86.47
N MET BB 13 65.33 -11.25 -85.51
CA MET BB 13 65.54 -9.81 -85.61
C MET BB 13 66.75 -9.46 -84.75
N SER BB 14 67.87 -9.14 -85.39
CA SER BB 14 69.13 -8.95 -84.67
C SER BB 14 69.08 -7.67 -83.84
N TYR BB 15 69.93 -7.65 -82.79
CA TYR BB 15 69.87 -6.60 -81.78
C TYR BB 15 70.06 -5.21 -82.38
N GLU BB 16 70.97 -5.10 -83.35
CA GLU BB 16 71.34 -3.79 -83.89
C GLU BB 16 70.14 -3.08 -84.49
N GLN BB 17 69.34 -3.79 -85.29
CA GLN BB 17 68.11 -3.22 -85.83
C GLN BB 17 66.91 -3.43 -84.91
N LEU BB 18 67.03 -4.29 -83.89
CA LEU BB 18 65.96 -4.44 -82.92
C LEU BB 18 65.88 -3.26 -81.96
N MET BB 19 66.99 -2.57 -81.72
CA MET BB 19 66.97 -1.41 -80.83
C MET BB 19 66.07 -0.30 -81.38
N GLN BB 20 65.98 -0.16 -82.71
CA GLN BB 20 65.11 0.86 -83.28
C GLN BB 20 63.63 0.52 -83.08
N LEU BB 21 63.31 -0.73 -82.76
CA LEU BB 21 61.92 -1.07 -82.47
C LEU BB 21 61.57 -0.73 -81.02
N TYR BB 22 62.52 -0.83 -80.10
CA TYR BB 22 62.26 -0.59 -78.70
C TYR BB 22 62.09 0.90 -78.41
N SER BB 23 61.62 1.18 -77.20
CA SER BB 23 61.52 2.55 -76.72
C SER BB 23 62.90 3.06 -76.31
N ALA BB 24 62.94 4.33 -75.88
CA ALA BB 24 64.23 4.97 -75.59
C ALA BB 24 64.97 4.27 -74.47
N ARG BB 25 64.27 3.90 -73.39
CA ARG BB 25 64.92 3.24 -72.27
C ARG BB 25 65.50 1.89 -72.68
N GLN BB 26 64.72 1.10 -73.42
CA GLN BB 26 65.17 -0.23 -73.82
C GLN BB 26 66.27 -0.14 -74.87
N ARG BB 27 66.16 0.81 -75.80
CA ARG BB 27 67.20 1.00 -76.79
C ARG BB 27 68.51 1.43 -76.15
N ARG BB 28 68.44 2.30 -75.14
CA ARG BB 28 69.65 2.66 -74.40
C ARG BB 28 70.20 1.46 -73.63
N ARG BB 29 69.32 0.66 -73.03
CA ARG BB 29 69.77 -0.50 -72.27
C ARG BB 29 70.52 -1.49 -73.15
N LEU BB 30 69.98 -1.76 -74.34
CA LEU BB 30 70.67 -2.68 -75.24
C LEU BB 30 71.87 -2.05 -75.92
N ASN BB 31 71.86 -0.72 -76.11
CA ASN BB 31 73.03 -0.04 -76.63
C ASN BB 31 74.20 -0.21 -75.67
N ARG BB 32 73.96 -0.06 -74.37
CA ARG BB 32 74.92 -0.48 -73.38
C ARG BB 32 75.04 -2.00 -73.37
N GLY BB 33 76.25 -2.49 -73.13
CA GLY BB 33 76.50 -3.92 -73.23
C GLY BB 33 75.73 -4.69 -72.17
N LEU BB 34 75.02 -5.73 -72.60
CA LEU BB 34 74.41 -6.66 -71.65
C LEU BB 34 75.50 -7.40 -70.89
N ARG BB 35 75.23 -7.67 -69.61
CA ARG BB 35 76.24 -8.27 -68.76
C ARG BB 35 76.15 -9.80 -68.85
N ARG BB 36 77.13 -10.45 -68.22
CA ARG BB 36 77.27 -11.90 -68.33
C ARG BB 36 76.09 -12.64 -67.71
N LYS BB 37 75.51 -12.10 -66.65
CA LYS BB 37 74.39 -12.77 -66.00
C LYS BB 37 73.16 -12.86 -66.90
N GLN BB 38 72.87 -11.79 -67.64
CA GLN BB 38 71.73 -11.81 -68.55
C GLN BB 38 71.99 -12.77 -69.71
N HIS BB 39 73.24 -12.84 -70.18
CA HIS BB 39 73.58 -13.81 -71.22
C HIS BB 39 73.42 -15.24 -70.70
N SER BB 40 73.81 -15.49 -69.46
CA SER BB 40 73.60 -16.81 -68.86
C SER BB 40 72.13 -17.12 -68.72
N LEU BB 41 71.31 -16.13 -68.37
CA LEU BB 41 69.86 -16.31 -68.34
C LEU BB 41 69.32 -16.69 -69.70
N LEU BB 42 69.73 -15.96 -70.74
CA LEU BB 42 69.27 -16.29 -72.09
C LEU BB 42 69.71 -17.69 -72.50
N LYS BB 43 70.93 -18.07 -72.13
CA LYS BB 43 71.41 -19.41 -72.43
C LYS BB 43 70.61 -20.48 -71.71
N ARG BB 44 70.22 -20.22 -70.46
CA ARG BB 44 69.42 -21.21 -69.72
C ARG BB 44 68.02 -21.34 -70.31
N LEU BB 45 67.39 -20.22 -70.67
CA LEU BB 45 66.09 -20.32 -71.34
C LEU BB 45 66.20 -21.02 -72.68
N ARG BB 46 67.29 -20.79 -73.43
CA ARG BB 46 67.50 -21.51 -74.67
C ARG BB 46 67.66 -23.00 -74.43
N LYS BB 47 68.42 -23.37 -73.39
CA LYS BB 47 68.59 -24.78 -73.06
C LYS BB 47 67.25 -25.42 -72.71
N ALA BB 48 66.45 -24.73 -71.90
CA ALA BB 48 65.15 -25.27 -71.50
C ALA BB 48 64.21 -25.39 -72.68
N LYS BB 49 64.27 -24.43 -73.62
CA LYS BB 49 63.37 -24.45 -74.76
C LYS BB 49 63.78 -25.53 -75.77
N LYS BB 50 65.09 -25.74 -75.95
CA LYS BB 50 65.54 -26.79 -76.85
C LYS BB 50 65.30 -28.19 -76.26
N GLU BB 51 65.47 -28.35 -74.95
CA GLU BB 51 65.23 -29.65 -74.35
C GLU BB 51 63.77 -29.88 -74.01
N ALA BB 52 62.90 -28.90 -74.23
CA ALA BB 52 61.51 -29.03 -73.86
C ALA BB 52 60.82 -30.07 -74.73
N PRO BB 53 59.82 -30.77 -74.19
CA PRO BB 53 59.03 -31.69 -75.02
C PRO BB 53 58.23 -30.92 -76.05
N PRO BB 54 57.88 -31.56 -77.17
CA PRO BB 54 56.99 -30.90 -78.14
C PRO BB 54 55.61 -30.66 -77.55
N MET BB 55 54.96 -29.61 -78.05
CA MET BB 55 53.61 -29.15 -77.66
C MET BB 55 53.43 -29.07 -76.15
N GLU BB 56 54.51 -28.87 -75.39
CA GLU BB 56 54.44 -28.73 -73.94
C GLU BB 56 55.34 -27.60 -73.51
N LYS BB 57 54.86 -26.82 -72.53
CA LYS BB 57 55.62 -25.70 -72.03
C LYS BB 57 56.89 -26.20 -71.33
N PRO BB 58 57.99 -25.45 -71.44
CA PRO BB 58 59.26 -25.91 -70.84
C PRO BB 58 59.21 -25.90 -69.32
N GLU BB 59 60.27 -26.39 -68.68
CA GLU BB 59 60.33 -26.34 -67.23
C GLU BB 59 60.61 -24.91 -66.78
N VAL BB 60 60.21 -24.62 -65.54
CA VAL BB 60 60.39 -23.28 -64.98
C VAL BB 60 61.85 -23.10 -64.59
N VAL BB 61 62.40 -21.93 -64.93
CA VAL BB 61 63.76 -21.55 -64.56
C VAL BB 61 63.67 -20.30 -63.68
N LYS BB 62 64.37 -20.34 -62.56
CA LYS BB 62 64.28 -19.26 -61.57
C LYS BB 62 65.44 -18.28 -61.76
N THR BB 63 65.22 -17.05 -61.31
CA THR BB 63 66.21 -15.99 -61.38
C THR BB 63 65.78 -14.84 -60.49
N HIS BB 64 66.78 -14.18 -59.88
CA HIS BB 64 66.47 -12.92 -59.20
C HIS BB 64 66.32 -11.78 -60.17
N LEU BB 65 67.20 -11.72 -61.18
CA LEU BB 65 67.37 -10.49 -61.95
C LEU BB 65 66.08 -10.15 -62.70
N ARG BB 66 65.39 -9.16 -62.17
CA ARG BB 66 64.13 -8.69 -62.73
C ARG BB 66 64.30 -7.39 -63.49
N ASP BB 67 65.55 -6.97 -63.71
CA ASP BB 67 65.87 -5.88 -64.62
C ASP BB 67 66.13 -6.37 -66.04
N MET BB 68 65.99 -7.67 -66.28
CA MET BB 68 66.01 -8.19 -67.63
C MET BB 68 64.89 -7.58 -68.46
N ILE BB 69 65.23 -7.14 -69.65
CA ILE BB 69 64.21 -6.74 -70.60
C ILE BB 69 63.80 -7.96 -71.42
N ILE BB 70 62.51 -8.04 -71.73
CA ILE BB 70 61.99 -9.24 -72.38
C ILE BB 70 62.26 -9.15 -73.87
N LEU BB 71 62.90 -10.12 -74.39
CA LEU BB 71 63.25 -10.22 -75.79
C LEU BB 71 62.17 -10.96 -76.57
N PRO BB 72 62.09 -10.74 -77.89
CA PRO BB 72 61.15 -11.53 -78.69
C PRO BB 72 61.44 -13.02 -78.67
N GLU BB 73 62.68 -13.43 -78.37
CA GLU BB 73 63.04 -14.83 -78.38
C GLU BB 73 62.76 -15.54 -77.06
N MET BB 74 62.29 -14.82 -76.04
CA MET BB 74 61.93 -15.44 -74.77
C MET BB 74 60.42 -15.61 -74.60
N VAL BB 75 59.65 -15.46 -75.68
CA VAL BB 75 58.21 -15.63 -75.60
C VAL BB 75 57.88 -17.09 -75.36
N GLY BB 76 57.01 -17.35 -74.38
CA GLY BB 76 56.55 -18.69 -74.08
C GLY BB 76 57.35 -19.44 -73.04
N SER BB 77 58.47 -18.88 -72.60
CA SER BB 77 59.31 -19.57 -71.62
C SER BB 77 58.67 -19.50 -70.23
N MET BB 78 59.10 -20.43 -69.37
CA MET BB 78 58.67 -20.46 -67.97
C MET BB 78 59.82 -19.91 -67.13
N VAL BB 79 59.65 -18.69 -66.62
CA VAL BB 79 60.64 -18.06 -65.77
C VAL BB 79 60.00 -17.78 -64.40
N GLY BB 80 60.75 -18.06 -63.34
CA GLY BB 80 60.32 -17.77 -62.00
C GLY BB 80 61.07 -16.56 -61.46
N VAL BB 81 60.37 -15.43 -61.38
CA VAL BB 81 60.96 -14.16 -61.02
C VAL BB 81 60.84 -13.97 -59.52
N TYR BB 82 61.95 -13.61 -58.88
CA TYR BB 82 61.94 -13.38 -57.44
C TYR BB 82 61.26 -12.05 -57.13
N ASN BB 83 60.28 -12.08 -56.23
CA ASN BB 83 59.61 -10.86 -55.79
C ASN BB 83 60.23 -10.28 -54.53
N GLY BB 84 61.26 -10.91 -53.99
CA GLY BB 84 61.83 -10.57 -52.70
C GLY BB 84 61.68 -11.66 -51.67
N LYS BB 85 60.63 -12.47 -51.78
CA LYS BB 85 60.42 -13.60 -50.89
C LYS BB 85 60.36 -14.93 -51.63
N THR BB 86 59.60 -15.02 -52.72
CA THR BB 86 59.40 -16.26 -53.45
C THR BB 86 59.65 -16.02 -54.94
N PHE BB 87 59.65 -17.12 -55.69
CA PHE BB 87 59.77 -17.07 -57.14
C PHE BB 87 58.39 -17.25 -57.76
N ASN BB 88 57.97 -16.29 -58.57
CA ASN BB 88 56.68 -16.35 -59.25
C ASN BB 88 56.91 -16.76 -60.70
N GLN BB 89 56.33 -17.91 -61.06
CA GLN BB 89 56.35 -18.33 -62.46
C GLN BB 89 55.41 -17.44 -63.28
N VAL BB 90 55.77 -17.20 -64.53
CA VAL BB 90 54.99 -16.29 -65.37
C VAL BB 90 55.17 -16.67 -66.83
N GLU BB 91 54.07 -16.60 -67.58
CA GLU BB 91 54.11 -16.67 -69.03
C GLU BB 91 54.72 -15.40 -69.61
N ILE BB 92 55.40 -15.54 -70.74
CA ILE BB 92 55.82 -14.38 -71.53
C ILE BB 92 54.94 -14.36 -72.77
N LYS BB 93 53.94 -13.47 -72.76
CA LYS BB 93 53.06 -13.27 -73.89
C LYS BB 93 53.73 -12.45 -74.97
N PRO BB 94 53.21 -12.49 -76.21
CA PRO BB 94 53.76 -11.66 -77.28
C PRO BB 94 53.41 -10.18 -77.15
N GLU BB 95 52.89 -9.75 -76.00
CA GLU BB 95 52.68 -8.34 -75.72
C GLU BB 95 53.64 -7.82 -74.65
N MET BB 96 54.52 -8.67 -74.13
CA MET BB 96 55.32 -8.38 -72.96
C MET BB 96 56.75 -7.97 -73.30
N ILE BB 97 57.04 -7.68 -74.57
CA ILE BB 97 58.43 -7.52 -75.01
C ILE BB 97 59.04 -6.25 -74.42
N GLY BB 98 58.35 -5.12 -74.55
CA GLY BB 98 58.93 -3.87 -74.10
C GLY BB 98 58.84 -3.64 -72.61
N HIS BB 99 58.82 -4.72 -71.83
CA HIS BB 99 58.56 -4.66 -70.39
C HIS BB 99 59.66 -5.39 -69.64
N TYR BB 100 59.96 -4.89 -68.44
CA TYR BB 100 60.93 -5.56 -67.57
C TYR BB 100 60.29 -6.79 -66.92
N LEU BB 101 61.14 -7.71 -66.50
CA LEU BB 101 60.64 -8.88 -65.77
C LEU BB 101 60.07 -8.50 -64.41
N GLY BB 102 60.53 -7.39 -63.83
CA GLY BB 102 60.05 -6.98 -62.52
C GLY BB 102 58.61 -6.51 -62.53
N GLU BB 103 58.08 -6.13 -63.69
CA GLU BB 103 56.70 -5.65 -63.77
C GLU BB 103 55.69 -6.77 -63.60
N PHE BB 104 56.12 -8.03 -63.60
CA PHE BB 104 55.20 -9.17 -63.56
C PHE BB 104 55.41 -10.05 -62.33
N SER BB 105 56.16 -9.58 -61.35
CA SER BB 105 56.29 -10.24 -60.05
C SER BB 105 56.15 -9.15 -59.00
N ILE BB 106 54.95 -9.02 -58.42
CA ILE BB 106 54.69 -7.92 -57.49
C ILE BB 106 55.42 -8.17 -56.18
N THR BB 107 55.99 -7.12 -55.61
CA THR BB 107 56.80 -7.21 -54.41
C THR BB 107 56.01 -6.99 -53.13
N TYR BB 108 54.70 -6.74 -53.25
CA TYR BB 108 53.87 -6.47 -52.08
C TYR BB 108 52.47 -7.00 -52.37
N LYS BB 109 51.76 -7.37 -51.30
CA LYS BB 109 50.40 -7.59 -51.72
C LYS BB 109 49.58 -6.31 -51.52
N PRO BB 110 48.49 -6.14 -52.27
CA PRO BB 110 47.63 -4.96 -52.06
C PRO BB 110 47.05 -4.96 -50.66
N VAL BB 111 46.84 -3.76 -50.12
CA VAL BB 111 46.46 -3.61 -48.73
C VAL BB 111 44.94 -3.67 -48.61
N LYS BB 112 44.46 -4.48 -47.66
CA LYS BB 112 43.05 -4.53 -47.27
C LYS BB 112 42.96 -3.87 -45.90
N HIS BB 113 42.42 -2.66 -45.86
CA HIS BB 113 42.46 -1.88 -44.64
C HIS BB 113 41.49 -2.43 -43.59
N GLY BB 114 41.97 -2.55 -42.36
CA GLY BB 114 41.14 -2.85 -41.22
C GLY BB 114 40.75 -1.60 -40.46
N ARG BB 115 40.15 -1.81 -39.30
CA ARG BB 115 39.72 -0.68 -38.48
C ARG BB 115 40.93 0.00 -37.85
N PRO BB 116 41.11 1.31 -38.04
CA PRO BB 116 42.30 1.98 -37.51
C PRO BB 116 42.35 1.93 -35.98
N GLY BB 117 43.58 1.91 -35.46
CA GLY BB 117 43.80 1.74 -34.04
C GLY BB 117 43.92 3.03 -33.25
N ILE BB 118 45.00 3.13 -32.46
CA ILE BB 118 45.17 4.25 -31.54
C ILE BB 118 45.41 5.56 -32.29
N GLY BB 119 46.01 5.49 -33.47
CA GLY BB 119 46.29 6.69 -34.23
C GLY BB 119 45.04 7.32 -34.81
N ALA BB 120 45.14 8.63 -35.06
CA ALA BB 120 44.03 9.45 -35.55
C ALA BB 120 42.84 9.36 -34.60
N THR BB 121 43.05 9.82 -33.37
CA THR BB 121 42.03 9.77 -32.33
C THR BB 121 40.97 10.84 -32.54
N SER CB 1 88.97 79.85 -73.06
CA SER CB 1 89.10 79.63 -74.49
C SER CB 1 89.38 78.16 -74.80
N LYS CB 2 90.58 77.72 -74.45
CA LYS CB 2 91.01 76.34 -74.73
C LYS CB 2 91.67 75.74 -73.50
N GLY CB 3 91.32 76.25 -72.31
CA GLY CB 3 91.88 75.77 -71.07
C GLY CB 3 91.44 74.37 -70.73
N PRO CB 4 92.38 73.43 -70.72
CA PRO CB 4 92.04 72.03 -70.45
C PRO CB 4 92.07 71.68 -68.98
N LEU CB 5 91.86 70.40 -68.68
CA LEU CB 5 92.03 69.83 -67.33
C LEU CB 5 91.04 70.45 -66.34
N GLN CB 6 89.76 70.41 -66.71
CA GLN CB 6 88.66 70.87 -65.85
C GLN CB 6 87.68 69.71 -65.75
N SER CB 7 87.91 68.80 -64.82
CA SER CB 7 87.07 67.62 -64.71
C SER CB 7 87.11 67.10 -63.28
N VAL CB 8 85.99 66.50 -62.86
CA VAL CB 8 85.88 65.84 -61.57
C VAL CB 8 85.23 64.48 -61.78
N GLN CB 9 85.49 63.57 -60.85
CA GLN CB 9 84.93 62.22 -60.89
C GLN CB 9 84.33 61.93 -59.52
N VAL CB 10 83.00 61.94 -59.45
CA VAL CB 10 82.28 61.79 -58.19
C VAL CB 10 81.29 60.64 -58.32
N PHE CB 11 81.29 59.75 -57.33
CA PHE CB 11 80.44 58.57 -57.34
C PHE CB 11 79.17 58.81 -56.52
N GLY CB 12 78.17 57.96 -56.78
CA GLY CB 12 76.97 57.92 -55.96
C GLY CB 12 76.53 56.50 -55.77
N ARG CB 13 75.94 56.22 -54.60
CA ARG CB 13 75.61 54.86 -54.21
C ARG CB 13 74.18 54.77 -53.71
N LYS CB 14 73.55 53.64 -54.01
CA LYS CB 14 72.24 53.30 -53.44
C LYS CB 14 72.09 51.79 -53.54
N LYS CB 15 72.20 51.10 -52.40
CA LYS CB 15 72.05 49.64 -52.34
C LYS CB 15 73.05 48.96 -53.27
N THR CB 16 74.33 49.08 -52.91
CA THR CB 16 75.50 48.50 -53.61
C THR CB 16 75.45 48.74 -55.12
N ALA CB 17 74.81 49.83 -55.53
CA ALA CB 17 74.78 50.26 -56.93
C ALA CB 17 75.62 51.53 -57.02
N THR CB 18 76.87 51.38 -57.41
CA THR CB 18 77.75 52.53 -57.57
C THR CB 18 77.51 53.18 -58.93
N ALA CB 19 77.69 54.49 -58.97
CA ALA CB 19 77.53 55.26 -60.20
C ALA CB 19 78.49 56.43 -60.17
N VAL CB 20 79.46 56.45 -61.07
CA VAL CB 20 80.48 57.48 -61.13
C VAL CB 20 80.20 58.37 -62.33
N ALA CB 21 79.99 59.65 -62.07
CA ALA CB 21 79.81 60.64 -63.12
C ALA CB 21 81.14 61.35 -63.35
N HIS CB 22 81.57 61.42 -64.62
CA HIS CB 22 82.81 62.11 -64.96
C HIS CB 22 82.42 63.45 -65.57
N CYS CB 23 82.19 64.43 -64.70
CA CYS CB 23 81.90 65.79 -65.14
C CYS CB 23 83.17 66.41 -65.73
N LYS CB 24 82.98 67.34 -66.66
CA LYS CB 24 84.09 67.91 -67.40
C LYS CB 24 83.63 69.16 -68.13
N ARG CB 25 84.55 70.11 -68.28
CA ARG CB 25 84.27 71.32 -69.05
C ARG CB 25 83.89 70.98 -70.48
N GLY CB 26 82.84 71.62 -70.97
CA GLY CB 26 82.41 71.40 -72.35
C GLY CB 26 81.00 71.91 -72.55
N ASN CB 27 80.39 71.45 -73.64
CA ASN CB 27 79.02 71.79 -73.95
C ASN CB 27 78.08 71.11 -72.95
N GLY CB 28 76.83 71.58 -72.94
CA GLY CB 28 75.86 71.02 -72.03
C GLY CB 28 75.27 69.70 -72.49
N LEU CB 29 75.71 68.60 -71.86
CA LEU CB 29 75.15 67.29 -72.16
C LEU CB 29 75.42 66.37 -70.98
N ILE CB 30 74.48 65.45 -70.73
CA ILE CB 30 74.62 64.43 -69.70
C ILE CB 30 74.31 63.09 -70.34
N LYS CB 31 75.23 62.13 -70.21
CA LYS CB 31 75.06 60.81 -70.78
C LYS CB 31 75.33 59.76 -69.71
N VAL CB 32 74.54 58.69 -69.74
CA VAL CB 32 74.64 57.59 -68.79
C VAL CB 32 74.93 56.32 -69.55
N ASN CB 33 76.10 55.73 -69.30
CA ASN CB 33 76.55 54.52 -69.99
C ASN CB 33 76.59 54.71 -71.50
N GLY CB 34 76.78 55.94 -71.95
CA GLY CB 34 76.71 56.28 -73.36
C GLY CB 34 75.33 56.61 -73.88
N ARG CB 35 74.30 56.50 -73.04
CA ARG CB 35 72.94 56.78 -73.46
C ARG CB 35 72.47 58.13 -72.93
N PRO CB 36 71.55 58.80 -73.62
CA PRO CB 36 71.05 60.09 -73.13
C PRO CB 36 70.30 59.96 -71.83
N LEU CB 37 70.34 61.03 -71.03
CA LEU CB 37 69.74 61.00 -69.69
C LEU CB 37 68.24 60.76 -69.74
N GLU CB 38 67.53 61.42 -70.66
CA GLU CB 38 66.10 61.22 -70.77
C GLU CB 38 65.73 59.86 -71.34
N MET CB 39 66.71 59.11 -71.82
CA MET CB 39 66.47 57.81 -72.46
C MET CB 39 67.06 56.72 -71.57
N ILE CB 40 66.20 56.13 -70.73
CA ILE CB 40 66.61 55.12 -69.77
C ILE CB 40 65.59 53.98 -69.80
N GLU CB 41 66.00 52.83 -69.27
CA GLU CB 41 65.11 51.66 -69.28
C GLU CB 41 63.88 51.85 -68.40
N PRO CB 42 63.98 52.13 -67.08
CA PRO CB 42 62.73 52.34 -66.34
C PRO CB 42 62.21 53.76 -66.51
N ARG CB 43 61.49 53.97 -67.62
CA ARG CB 43 61.01 55.30 -67.97
C ARG CB 43 59.96 55.84 -67.02
N THR CB 44 59.40 55.00 -66.15
CA THR CB 44 58.47 55.49 -65.14
C THR CB 44 59.16 56.47 -64.20
N LEU CB 45 60.42 56.22 -63.86
CA LEU CB 45 61.20 57.07 -62.98
C LEU CB 45 62.02 58.12 -63.72
N GLN CB 46 61.55 58.58 -64.88
CA GLN CB 46 62.34 59.49 -65.69
C GLN CB 46 62.51 60.85 -65.00
N TYR CB 47 61.51 61.27 -64.23
CA TYR CB 47 61.64 62.52 -63.49
C TYR CB 47 62.68 62.41 -62.38
N LYS CB 48 62.94 61.21 -61.87
CA LYS CB 48 63.97 61.05 -60.86
C LYS CB 48 65.36 61.33 -61.43
N LEU CB 49 65.58 60.93 -62.68
CA LEU CB 49 66.88 61.21 -63.32
C LEU CB 49 67.02 62.68 -63.68
N LEU CB 50 65.93 63.29 -64.15
CA LEU CB 50 65.94 64.69 -64.55
C LEU CB 50 65.75 65.63 -63.37
N GLU CB 51 65.60 65.09 -62.16
CA GLU CB 51 65.25 65.91 -61.00
C GLU CB 51 66.30 66.96 -60.68
N PRO CB 52 67.61 66.65 -60.62
CA PRO CB 52 68.58 67.75 -60.40
C PRO CB 52 68.58 68.79 -61.50
N VAL CB 53 68.42 68.37 -62.76
CA VAL CB 53 68.48 69.30 -63.88
C VAL CB 53 67.29 70.24 -63.86
N LEU CB 54 66.09 69.71 -63.59
CA LEU CB 54 64.90 70.55 -63.54
C LEU CB 54 64.95 71.51 -62.37
N LEU CB 55 65.51 71.09 -61.23
CA LEU CB 55 65.58 71.97 -60.07
C LEU CB 55 66.61 73.07 -60.26
N LEU CB 56 67.77 72.73 -60.81
CA LEU CB 56 68.85 73.70 -60.96
C LEU CB 56 68.75 74.49 -62.26
N GLY CB 57 68.08 73.94 -63.27
CA GLY CB 57 67.99 74.62 -64.54
C GLY CB 57 69.12 74.20 -65.46
N LYS CB 58 68.85 74.25 -66.76
CA LYS CB 58 69.83 73.81 -67.75
C LYS CB 58 70.98 74.79 -67.91
N GLU CB 59 70.84 76.02 -67.39
CA GLU CB 59 71.90 77.01 -67.53
C GLU CB 59 73.19 76.58 -66.84
N ARG CB 60 73.07 76.07 -65.61
CA ARG CB 60 74.27 75.60 -64.90
C ARG CB 60 74.84 74.34 -65.51
N PHE CB 61 74.00 73.51 -66.14
CA PHE CB 61 74.44 72.31 -66.83
C PHE CB 61 74.98 72.59 -68.22
N ALA CB 62 74.83 73.82 -68.72
CA ALA CB 62 75.24 74.14 -70.09
C ALA CB 62 76.75 74.21 -70.25
N GLY CB 63 77.51 74.24 -69.16
CA GLY CB 63 78.96 74.35 -69.27
C GLY CB 63 79.71 73.13 -68.77
N VAL CB 64 79.03 71.99 -68.67
CA VAL CB 64 79.64 70.77 -68.13
C VAL CB 64 79.29 69.59 -69.04
N ASP CB 65 80.26 68.72 -69.25
CA ASP CB 65 80.09 67.47 -69.99
C ASP CB 65 80.18 66.33 -68.98
N ILE CB 66 79.04 65.71 -68.67
CA ILE CB 66 78.96 64.69 -67.63
C ILE CB 66 78.65 63.35 -68.28
N ARG CB 67 79.50 62.36 -68.00
CA ARG CB 67 79.28 60.98 -68.42
C ARG CB 67 79.26 60.10 -67.18
N VAL CB 68 78.28 59.20 -67.11
CA VAL CB 68 78.03 58.39 -65.92
C VAL CB 68 78.19 56.92 -66.28
N ARG CB 69 78.81 56.15 -65.39
CA ARG CB 69 78.91 54.70 -65.52
C ARG CB 69 78.30 54.05 -64.28
N VAL CB 70 77.55 52.98 -64.49
CA VAL CB 70 76.90 52.24 -63.41
C VAL CB 70 77.25 50.77 -63.54
N LYS CB 71 77.74 50.18 -62.46
CA LYS CB 71 78.15 48.76 -62.47
C LYS CB 71 77.67 48.07 -61.19
N GLY CB 72 76.39 48.22 -60.85
CA GLY CB 72 75.87 47.47 -59.72
C GLY CB 72 74.40 47.75 -59.48
N GLY CB 73 73.84 46.95 -58.58
CA GLY CB 73 72.48 47.13 -58.10
C GLY CB 73 71.40 46.64 -59.06
N GLY CB 74 70.22 47.20 -58.89
CA GLY CB 74 69.05 46.90 -59.69
C GLY CB 74 68.72 48.00 -60.68
N HIS CB 75 67.42 48.30 -60.81
CA HIS CB 75 66.99 49.34 -61.73
C HIS CB 75 66.79 50.67 -61.02
N VAL CB 76 65.89 50.70 -60.02
CA VAL CB 76 65.64 51.95 -59.30
C VAL CB 76 66.82 52.31 -58.42
N ALA CB 77 67.54 51.33 -57.88
CA ALA CB 77 68.80 51.63 -57.20
C ALA CB 77 69.78 52.28 -58.15
N GLN CB 78 69.82 51.80 -59.38
CA GLN CB 78 70.62 52.44 -60.42
C GLN CB 78 70.18 53.89 -60.63
N ILE CB 79 68.87 54.12 -60.71
CA ILE CB 79 68.36 55.48 -60.97
C ILE CB 79 68.78 56.43 -59.85
N TYR CB 80 68.60 55.98 -58.60
CA TYR CB 80 68.98 56.82 -57.46
C TYR CB 80 70.49 57.05 -57.43
N ALA CB 81 71.27 56.03 -57.78
CA ALA CB 81 72.71 56.19 -57.85
C ALA CB 81 73.09 57.24 -58.89
N ILE CB 82 72.45 57.21 -60.07
CA ILE CB 82 72.76 58.18 -61.11
C ILE CB 82 72.40 59.58 -60.67
N ARG CB 83 71.22 59.76 -60.06
CA ARG CB 83 70.83 61.12 -59.69
C ARG CB 83 71.73 61.67 -58.59
N GLN CB 84 72.07 60.84 -57.60
CA GLN CB 84 73.04 61.26 -56.59
C GLN CB 84 74.38 61.59 -57.22
N SER CB 85 74.84 60.77 -58.17
CA SER CB 85 76.13 60.98 -58.78
C SER CB 85 76.16 62.29 -59.57
N ILE CB 86 75.10 62.57 -60.32
CA ILE CB 86 75.04 63.82 -61.09
C ILE CB 86 75.01 65.02 -60.15
N SER CB 87 74.19 64.96 -59.11
CA SER CB 87 74.10 66.08 -58.17
C SER CB 87 75.43 66.32 -57.48
N LYS CB 88 76.08 65.26 -57.01
CA LYS CB 88 77.33 65.41 -56.28
C LYS CB 88 78.47 65.84 -57.21
N ALA CB 89 78.47 65.35 -58.45
CA ALA CB 89 79.46 65.79 -59.42
C ALA CB 89 79.31 67.27 -59.72
N LEU CB 90 78.07 67.75 -59.87
CA LEU CB 90 77.87 69.17 -60.12
C LEU CB 90 78.29 70.02 -58.93
N VAL CB 91 77.95 69.58 -57.71
CA VAL CB 91 78.33 70.39 -56.55
C VAL CB 91 79.85 70.36 -56.36
N ALA CB 92 80.52 69.25 -56.70
CA ALA CB 92 81.98 69.22 -56.61
C ALA CB 92 82.61 70.11 -57.65
N TYR CB 93 82.08 70.11 -58.87
CA TYR CB 93 82.60 70.97 -59.93
C TYR CB 93 82.42 72.44 -59.56
N TYR CB 94 81.27 72.80 -59.00
CA TYR CB 94 81.06 74.16 -58.54
C TYR CB 94 81.86 74.48 -57.29
N GLN CB 95 82.24 73.46 -56.52
CA GLN CB 95 83.04 73.67 -55.32
C GLN CB 95 84.51 73.91 -55.66
N LYS CB 96 85.00 73.33 -56.75
CA LYS CB 96 86.42 73.47 -57.07
C LYS CB 96 86.72 74.58 -58.05
N TYR CB 97 86.10 74.56 -59.23
CA TYR CB 97 86.50 75.43 -60.33
C TYR CB 97 85.79 76.77 -60.33
N VAL CB 98 84.88 77.00 -59.39
CA VAL CB 98 84.24 78.29 -59.21
C VAL CB 98 83.97 78.45 -57.71
N ASP CB 99 83.43 79.60 -57.32
CA ASP CB 99 83.32 79.95 -55.91
C ASP CB 99 82.36 79.02 -55.16
N GLU CB 100 82.50 78.99 -53.84
CA GLU CB 100 81.56 78.27 -53.01
C GLU CB 100 80.26 79.04 -52.78
N ALA CB 101 80.15 80.26 -53.28
CA ALA CB 101 78.85 80.91 -53.30
C ALA CB 101 77.87 80.15 -54.19
N SER CB 102 78.27 79.87 -55.43
CA SER CB 102 77.43 79.08 -56.31
C SER CB 102 77.26 77.66 -55.77
N LYS CB 103 78.32 77.09 -55.20
CA LYS CB 103 78.24 75.77 -54.61
C LYS CB 103 77.19 75.72 -53.51
N LYS CB 104 77.22 76.69 -52.58
CA LYS CB 104 76.28 76.68 -51.47
C LYS CB 104 74.86 77.00 -51.93
N GLU CB 105 74.70 77.94 -52.85
CA GLU CB 105 73.37 78.30 -53.33
C GLU CB 105 72.93 77.48 -54.55
N ILE CB 106 73.56 76.33 -54.79
CA ILE CB 106 72.89 75.21 -55.42
C ILE CB 106 72.71 74.04 -54.44
N LYS CB 107 73.65 73.86 -53.51
CA LYS CB 107 73.56 72.83 -52.49
C LYS CB 107 72.32 73.02 -51.63
N ASP CB 108 71.92 74.26 -51.37
CA ASP CB 108 70.71 74.48 -50.56
C ASP CB 108 69.47 73.96 -51.28
N ILE CB 109 69.30 74.30 -52.57
CA ILE CB 109 68.16 73.77 -53.31
C ILE CB 109 68.19 72.24 -53.29
N LEU CB 110 69.36 71.66 -53.54
CA LEU CB 110 69.45 70.21 -53.56
C LEU CB 110 69.10 69.59 -52.21
N ILE CB 111 69.58 70.19 -51.11
CA ILE CB 111 69.34 69.62 -49.79
C ILE CB 111 67.89 69.78 -49.36
N GLN CB 112 67.42 71.04 -49.26
CA GLN CB 112 66.03 71.19 -48.81
C GLN CB 112 65.02 70.95 -49.93
N TYR CB 113 65.42 70.29 -51.02
CA TYR CB 113 64.47 69.49 -51.78
C TYR CB 113 64.58 68.01 -51.44
N ASP CB 114 65.79 67.46 -51.43
CA ASP CB 114 65.98 66.04 -51.21
C ASP CB 114 67.37 65.82 -50.63
N ARG CB 115 67.43 65.42 -49.35
CA ARG CB 115 68.71 65.15 -48.72
C ARG CB 115 69.46 64.00 -49.39
N THR CB 116 68.74 62.99 -49.88
CA THR CB 116 69.38 61.84 -50.50
C THR CB 116 70.10 62.18 -51.80
N LEU CB 117 69.84 63.34 -52.39
CA LEU CB 117 70.58 63.74 -53.58
C LEU CB 117 72.05 64.00 -53.28
N LEU CB 118 72.38 64.37 -52.05
CA LEU CB 118 73.77 64.63 -51.68
C LEU CB 118 74.27 63.77 -50.53
N VAL CB 119 73.41 63.04 -49.84
CA VAL CB 119 73.79 62.15 -48.76
C VAL CB 119 73.32 60.74 -49.09
N ALA CB 120 74.26 59.80 -49.12
CA ALA CB 120 73.91 58.43 -49.48
C ALA CB 120 73.08 57.77 -48.38
N ASP CB 121 72.09 57.00 -48.82
CA ASP CB 121 71.27 56.23 -47.88
C ASP CB 121 72.09 55.07 -47.32
N PRO CB 122 72.31 55.01 -46.01
CA PRO CB 122 73.23 53.98 -45.47
C PRO CB 122 72.64 52.59 -45.42
N ARG CB 123 71.31 52.44 -45.46
CA ARG CB 123 70.70 51.11 -45.30
C ARG CB 123 71.02 50.24 -46.50
N ARG CB 124 71.57 49.04 -46.24
CA ARG CB 124 71.92 48.13 -47.33
C ARG CB 124 71.12 46.85 -47.31
N CYS CB 125 71.24 46.03 -46.26
CA CYS CB 125 70.66 44.69 -46.21
C CYS CB 125 70.60 44.25 -44.75
N GLU CB 126 70.31 42.96 -44.55
CA GLU CB 126 70.44 42.34 -43.24
C GLU CB 126 70.52 40.83 -43.46
N SER CB 127 71.49 40.19 -42.81
CA SER CB 127 71.75 38.78 -43.03
C SER CB 127 70.60 37.91 -42.56
N LYS CB 128 70.33 36.84 -43.30
CA LYS CB 128 69.33 35.87 -42.90
C LYS CB 128 69.88 35.00 -41.76
N LYS CB 129 69.02 34.69 -40.80
CA LYS CB 129 69.38 33.84 -39.68
C LYS CB 129 68.77 32.45 -39.88
N PHE CB 130 69.23 31.50 -39.05
CA PHE CB 130 68.94 30.09 -39.27
C PHE CB 130 67.67 29.62 -38.58
N GLY CB 131 66.72 30.52 -38.34
CA GLY CB 131 65.46 30.11 -37.75
C GLY CB 131 64.26 30.42 -38.62
N GLY CB 132 64.49 31.13 -39.72
CA GLY CB 132 63.42 31.54 -40.60
C GLY CB 132 63.91 31.83 -42.01
N PRO CB 133 62.98 32.22 -42.89
CA PRO CB 133 63.37 32.41 -44.30
C PRO CB 133 64.16 33.68 -44.52
N GLY CB 134 63.92 34.74 -43.75
CA GLY CB 134 64.54 36.01 -44.01
C GLY CB 134 65.35 36.57 -42.86
N ALA CB 135 65.48 37.90 -42.81
CA ALA CB 135 66.31 38.53 -41.80
C ALA CB 135 65.69 38.43 -40.41
N ARG CB 136 64.38 38.63 -40.31
CA ARG CB 136 63.70 38.64 -39.02
C ARG CB 136 62.56 37.65 -38.91
N ALA CB 137 61.90 37.32 -40.01
CA ALA CB 137 60.80 36.38 -39.95
C ALA CB 137 61.28 34.99 -39.57
N ARG CB 138 60.48 34.29 -38.78
CA ARG CB 138 60.77 32.94 -38.33
C ARG CB 138 59.86 31.96 -39.04
N TYR CB 139 60.31 30.72 -39.18
CA TYR CB 139 59.47 29.67 -39.73
C TYR CB 139 58.28 29.42 -38.81
N GLN CB 140 57.15 29.07 -39.42
CA GLN CB 140 55.95 28.78 -38.65
C GLN CB 140 56.17 27.59 -37.73
N LYS CB 141 55.77 27.74 -36.47
CA LYS CB 141 55.96 26.70 -35.48
C LYS CB 141 54.62 26.06 -35.14
N SER CB 142 54.68 24.81 -34.68
CA SER CB 142 53.49 24.05 -34.34
C SER CB 142 53.65 23.46 -32.94
N TYR CB 143 52.51 23.28 -32.27
CA TYR CB 143 52.49 22.73 -30.93
C TYR CB 143 51.84 21.36 -30.85
N ARG CB 144 50.96 21.03 -31.78
CA ARG CB 144 50.25 19.75 -31.77
C ARG CB 144 50.48 18.99 -33.06
N MET DB 1 68.07 56.48 -24.71
CA MET DB 1 67.97 55.41 -23.72
C MET DB 1 69.12 54.42 -23.85
N GLY DB 2 69.47 53.79 -22.74
CA GLY DB 2 70.58 52.85 -22.71
C GLY DB 2 71.94 53.47 -22.93
N ARG DB 3 72.18 54.64 -22.36
CA ARG DB 3 73.47 55.30 -22.43
C ARG DB 3 74.15 55.40 -21.07
N VAL DB 4 73.75 54.56 -20.12
CA VAL DB 4 74.29 54.61 -18.77
C VAL DB 4 75.70 54.03 -18.77
N ARG DB 5 76.64 54.74 -18.16
CA ARG DB 5 78.01 54.28 -18.09
C ARG DB 5 78.18 53.30 -16.92
N THR DB 6 79.15 52.40 -17.07
CA THR DB 6 79.41 51.36 -16.09
C THR DB 6 80.50 51.81 -15.12
N LYS DB 7 80.85 50.92 -14.18
CA LYS DB 7 81.91 51.25 -13.23
C LYS DB 7 83.27 51.30 -13.91
N THR DB 8 83.44 50.53 -14.99
CA THR DB 8 84.75 50.46 -15.63
C THR DB 8 85.19 51.82 -16.15
N VAL DB 9 84.29 52.55 -16.79
CA VAL DB 9 84.59 53.89 -17.28
C VAL DB 9 84.58 54.91 -16.13
N LYS DB 10 83.64 54.79 -15.19
CA LYS DB 10 83.48 55.81 -14.16
C LYS DB 10 84.65 55.83 -13.19
N LYS DB 11 85.08 54.65 -12.72
CA LYS DB 11 86.23 54.58 -11.83
C LYS DB 11 87.49 55.11 -12.50
N ALA DB 12 87.72 54.72 -13.75
CA ALA DB 12 88.89 55.19 -14.49
C ALA DB 12 88.84 56.70 -14.69
N ALA DB 13 87.65 57.23 -14.99
CA ALA DB 13 87.51 58.68 -15.16
C ALA DB 13 87.82 59.42 -13.88
N ARG DB 14 87.30 58.93 -12.75
CA ARG DB 14 87.59 59.55 -11.46
C ARG DB 14 89.08 59.50 -11.15
N VAL DB 15 89.72 58.36 -11.43
CA VAL DB 15 91.15 58.22 -11.14
C VAL DB 15 91.96 59.20 -11.98
N ILE DB 16 91.70 59.25 -13.29
CA ILE DB 16 92.53 60.09 -14.14
C ILE DB 16 92.22 61.56 -13.91
N ILE DB 17 91.00 61.89 -13.45
CA ILE DB 17 90.71 63.27 -13.09
C ILE DB 17 91.45 63.66 -11.83
N GLU DB 18 91.44 62.80 -10.81
CA GLU DB 18 92.11 63.12 -9.56
C GLU DB 18 93.62 63.05 -9.70
N LYS DB 19 94.14 62.43 -10.76
CA LYS DB 19 95.58 62.38 -10.96
C LYS DB 19 96.09 63.48 -11.87
N TYR DB 20 95.35 63.81 -12.93
CA TYR DB 20 95.80 64.77 -13.94
C TYR DB 20 94.77 65.85 -14.17
N TYR DB 21 94.28 66.45 -13.07
CA TYR DB 21 93.30 67.53 -13.20
C TYR DB 21 93.88 68.73 -13.93
N THR DB 22 95.18 69.00 -13.78
CA THR DB 22 95.78 70.14 -14.45
C THR DB 22 95.76 69.97 -15.97
N ARG DB 23 96.05 68.77 -16.46
CA ARG DB 23 96.16 68.55 -17.90
C ARG DB 23 94.79 68.48 -18.57
N LEU DB 24 93.79 67.93 -17.89
CA LEU DB 24 92.49 67.71 -18.49
C LEU DB 24 91.77 69.03 -18.75
N GLY DB 25 90.83 68.99 -19.68
CA GLY DB 25 90.08 70.16 -20.07
C GLY DB 25 88.63 69.81 -20.39
N ASN DB 26 87.87 70.83 -20.77
CA ASN DB 26 86.46 70.66 -21.09
C ASN DB 26 86.22 70.29 -22.55
N ASP DB 27 87.28 70.08 -23.33
CA ASP DB 27 87.14 69.65 -24.71
C ASP DB 27 87.22 68.12 -24.75
N PHE DB 28 86.24 67.50 -25.41
CA PHE DB 28 86.23 66.04 -25.51
C PHE DB 28 87.45 65.52 -26.26
N HIS DB 29 87.84 66.21 -27.32
CA HIS DB 29 88.93 65.72 -28.15
C HIS DB 29 90.28 65.89 -27.46
N THR DB 30 90.47 67.00 -26.73
CA THR DB 30 91.72 67.16 -25.99
C THR DB 30 91.87 66.10 -24.89
N ASN DB 31 90.76 65.80 -24.20
CA ASN DB 31 90.80 64.75 -23.19
C ASN DB 31 91.06 63.37 -23.82
N LYS DB 32 90.40 63.08 -24.93
CA LYS DB 32 90.68 61.80 -25.57
C LYS DB 32 92.07 61.75 -26.20
N ARG DB 33 92.72 62.91 -26.37
CA ARG DB 33 94.12 62.92 -26.81
C ARG DB 33 95.10 62.81 -25.65
N VAL DB 34 94.71 63.21 -24.44
CA VAL DB 34 95.60 62.97 -23.31
C VAL DB 34 95.44 61.56 -22.73
N CYS DB 35 94.29 60.91 -22.96
CA CYS DB 35 94.04 59.63 -22.32
C CYS DB 35 94.96 58.53 -22.84
N GLU DB 36 95.47 58.66 -24.08
CA GLU DB 36 96.33 57.59 -24.59
C GLU DB 36 97.66 57.54 -23.85
N GLU DB 37 98.18 58.68 -23.39
CA GLU DB 37 99.46 58.65 -22.69
C GLU DB 37 99.32 58.70 -21.17
N ILE DB 38 98.25 59.29 -20.63
CA ILE DB 38 98.07 59.24 -19.18
C ILE DB 38 97.55 57.90 -18.70
N ALA DB 39 97.06 57.06 -19.61
CA ALA DB 39 96.54 55.76 -19.26
C ALA DB 39 96.64 54.84 -20.46
N ILE DB 40 96.52 53.54 -20.21
CA ILE DB 40 96.53 52.53 -21.26
C ILE DB 40 95.13 51.98 -21.40
N ILE DB 41 94.46 52.35 -22.49
CA ILE DB 41 93.09 51.93 -22.75
C ILE DB 41 93.13 50.84 -23.83
N PRO DB 42 92.62 49.64 -23.57
CA PRO DB 42 92.64 48.60 -24.60
C PRO DB 42 91.78 48.90 -25.81
N SER DB 43 90.80 49.80 -25.69
CA SER DB 43 89.82 50.02 -26.75
C SER DB 43 89.68 51.51 -27.05
N LYS DB 44 89.59 51.82 -28.34
CA LYS DB 44 89.31 53.18 -28.77
C LYS DB 44 87.94 53.64 -28.27
N LYS DB 45 86.93 52.78 -28.41
CA LYS DB 45 85.59 53.11 -27.94
C LYS DB 45 85.58 53.36 -26.44
N LEU DB 46 86.25 52.49 -25.67
CA LEU DB 46 86.37 52.70 -24.24
C LEU DB 46 87.12 54.00 -23.93
N ARG DB 47 88.17 54.29 -24.70
CA ARG DB 47 88.95 55.50 -24.48
C ARG DB 47 88.10 56.75 -24.64
N ASN DB 48 87.37 56.86 -25.75
CA ASN DB 48 86.59 58.06 -25.95
C ASN DB 48 85.37 58.12 -25.05
N LYS DB 49 84.84 56.95 -24.64
CA LYS DB 49 83.76 56.96 -23.64
C LYS DB 49 84.26 57.52 -22.32
N ILE DB 50 85.45 57.10 -21.88
CA ILE DB 50 86.06 57.64 -20.68
C ILE DB 50 86.28 59.14 -20.84
N ALA DB 51 86.75 59.57 -22.01
CA ALA DB 51 86.98 60.99 -22.24
C ALA DB 51 85.70 61.80 -22.13
N GLY DB 52 84.61 61.28 -22.69
CA GLY DB 52 83.33 61.95 -22.56
C GLY DB 52 82.89 62.08 -21.12
N TYR DB 53 83.02 61.00 -20.35
CA TYR DB 53 82.68 61.09 -18.93
C TYR DB 53 83.59 62.05 -18.18
N VAL DB 54 84.85 62.15 -18.60
CA VAL DB 54 85.77 63.12 -18.00
C VAL DB 54 85.30 64.54 -18.26
N THR DB 55 84.85 64.82 -19.48
CA THR DB 55 84.31 66.15 -19.78
C THR DB 55 83.09 66.44 -18.91
N HIS DB 56 82.19 65.46 -18.78
CA HIS DB 56 81.02 65.63 -17.93
C HIS DB 56 81.42 65.94 -16.50
N LEU DB 57 82.33 65.15 -15.94
CA LEU DB 57 82.74 65.33 -14.55
C LEU DB 57 83.50 66.63 -14.34
N MET DB 58 84.27 67.08 -15.34
CA MET DB 58 84.98 68.35 -15.15
C MET DB 58 84.02 69.54 -15.24
N LYS DB 59 83.00 69.45 -16.08
CA LYS DB 59 81.96 70.48 -16.04
C LYS DB 59 81.29 70.51 -14.67
N ARG DB 60 81.01 69.31 -14.12
CA ARG DB 60 80.43 69.24 -12.79
C ARG DB 60 81.39 69.79 -11.72
N ILE DB 61 82.69 69.57 -11.91
CA ILE DB 61 83.68 70.03 -10.94
C ILE DB 61 83.75 71.55 -10.95
N GLN DB 62 83.84 72.15 -12.14
CA GLN DB 62 83.90 73.61 -12.22
C GLN DB 62 82.58 74.25 -11.83
N ARG DB 63 81.47 73.51 -11.88
CA ARG DB 63 80.23 74.05 -11.35
C ARG DB 63 79.98 73.70 -9.89
N GLY DB 64 80.80 72.82 -9.29
CA GLY DB 64 80.59 72.44 -7.91
C GLY DB 64 81.56 71.40 -7.39
N PRO DB 65 81.72 71.33 -6.07
CA PRO DB 65 82.67 70.38 -5.48
C PRO DB 65 82.22 68.93 -5.56
N VAL DB 66 82.49 68.26 -6.69
CA VAL DB 66 82.16 66.85 -6.83
C VAL DB 66 82.99 66.04 -5.83
N ARG DB 67 82.48 64.84 -5.49
CA ARG DB 67 83.15 63.97 -4.54
C ARG DB 67 84.56 63.58 -4.96
N GLY DB 68 84.88 63.66 -6.25
CA GLY DB 68 86.23 63.42 -6.71
C GLY DB 68 87.24 64.34 -6.07
N ILE DB 69 88.36 63.79 -5.59
CA ILE DB 69 89.32 64.60 -4.84
C ILE DB 69 90.01 65.58 -5.79
N SER DB 70 90.33 66.76 -5.28
CA SER DB 70 90.98 67.79 -6.07
C SER DB 70 91.76 68.70 -5.14
N ILE DB 71 93.04 68.94 -5.48
CA ILE DB 71 93.92 69.64 -4.56
C ILE DB 71 93.49 71.09 -4.38
N LYS DB 72 93.01 71.75 -5.45
CA LYS DB 72 92.56 73.12 -5.32
C LYS DB 72 91.31 73.21 -4.45
N LEU DB 73 90.35 72.30 -4.67
CA LEU DB 73 89.16 72.27 -3.84
C LEU DB 73 89.50 71.98 -2.39
N GLN DB 74 90.43 71.04 -2.16
CA GLN DB 74 90.82 70.71 -0.80
C GLN DB 74 91.54 71.86 -0.10
N GLU DB 75 92.43 72.55 -0.80
CA GLU DB 75 93.10 73.68 -0.15
C GLU DB 75 92.14 74.83 0.09
N GLU DB 76 91.18 75.05 -0.82
CA GLU DB 76 90.16 76.07 -0.57
C GLU DB 76 89.31 75.71 0.63
N GLU DB 77 88.90 74.45 0.74
CA GLU DB 77 88.11 74.02 1.89
C GLU DB 77 88.91 74.14 3.18
N ARG DB 78 90.18 73.77 3.15
CA ARG DB 78 91.04 73.92 4.32
C ARG DB 78 91.16 75.38 4.73
N GLU DB 79 91.39 76.27 3.76
CA GLU DB 79 91.42 77.70 4.03
C GLU DB 79 90.10 78.19 4.62
N ARG DB 80 88.99 77.58 4.20
CA ARG DB 80 87.68 78.03 4.65
C ARG DB 80 87.26 77.38 5.97
N ARG DB 81 88.00 76.39 6.45
CA ARG DB 81 87.66 75.72 7.71
C ARG DB 81 88.59 76.13 8.86
N ASP DB 82 89.90 75.98 8.70
CA ASP DB 82 90.81 76.27 9.80
C ASP DB 82 91.13 77.75 9.95
N ASN DB 83 90.37 78.62 9.29
CA ASN DB 83 90.54 80.05 9.39
C ASN DB 83 89.16 80.69 9.41
N TYR DB 84 89.12 82.00 9.16
CA TYR DB 84 87.93 82.82 9.31
C TYR DB 84 87.38 82.75 10.73
N VAL DB 85 88.30 82.70 11.70
CA VAL DB 85 87.93 83.05 13.06
C VAL DB 85 87.76 84.56 13.08
N PRO DB 86 86.59 85.06 13.47
CA PRO DB 86 86.37 86.51 13.44
C PRO DB 86 87.28 87.23 14.42
N GLU DB 87 87.61 88.48 14.09
CA GLU DB 87 88.50 89.27 14.94
C GLU DB 87 87.92 89.47 16.33
N VAL DB 88 86.59 89.42 16.46
CA VAL DB 88 85.92 89.45 17.75
C VAL DB 88 85.12 88.15 17.89
N SER DB 89 85.12 87.59 19.10
CA SER DB 89 84.46 86.31 19.31
C SER DB 89 82.95 86.46 19.21
N ALA DB 90 82.28 85.35 18.92
CA ALA DB 90 80.83 85.28 18.94
C ALA DB 90 80.29 84.95 20.33
N LEU DB 91 81.17 84.75 21.30
CA LEU DB 91 80.77 84.38 22.65
C LEU DB 91 81.18 85.39 23.71
N ASP DB 92 81.55 86.61 23.30
CA ASP DB 92 81.98 87.66 24.23
C ASP DB 92 80.93 88.76 24.31
N GLN DB 93 79.66 88.37 24.35
CA GLN DB 93 78.57 89.33 24.33
C GLN DB 93 78.63 90.25 25.54
N GLU DB 94 78.34 91.54 25.30
CA GLU DB 94 78.36 92.51 26.38
C GLU DB 94 77.29 92.19 27.43
N ILE DB 95 76.09 91.85 26.99
CA ILE DB 95 75.00 91.47 27.87
C ILE DB 95 74.48 90.10 27.44
N ILE DB 96 74.20 89.25 28.43
CA ILE DB 96 73.71 87.90 28.18
C ILE DB 96 72.32 87.80 28.79
N GLU DB 97 71.33 87.45 27.97
CA GLU DB 97 69.95 87.35 28.43
C GLU DB 97 69.82 86.11 29.29
N VAL DB 98 69.62 86.28 30.59
CA VAL DB 98 69.75 85.19 31.56
C VAL DB 98 68.41 84.97 32.25
N ASP DB 99 68.08 83.69 32.45
CA ASP DB 99 66.82 83.31 33.07
C ASP DB 99 66.96 83.37 34.59
N PRO DB 100 65.95 83.90 35.30
CA PRO DB 100 65.99 83.86 36.77
C PRO DB 100 66.25 82.48 37.37
N ASP DB 101 65.74 81.41 36.75
CA ASP DB 101 66.10 80.07 37.20
C ASP DB 101 67.60 79.81 37.03
N THR DB 102 68.16 80.19 35.89
CA THR DB 102 69.60 80.10 35.71
C THR DB 102 70.35 81.04 36.65
N LYS DB 103 69.74 82.18 36.99
CA LYS DB 103 70.34 83.07 37.98
C LYS DB 103 70.42 82.38 39.34
N GLU DB 104 69.37 81.65 39.72
CA GLU DB 104 69.41 80.86 40.95
C GLU DB 104 70.49 79.79 40.87
N MET DB 105 70.61 79.12 39.71
CA MET DB 105 71.63 78.10 39.57
C MET DB 105 73.03 78.68 39.72
N LEU DB 106 73.29 79.84 39.11
CA LEU DB 106 74.58 80.50 39.24
C LEU DB 106 74.82 80.95 40.67
N LYS DB 107 73.76 81.42 41.35
CA LYS DB 107 73.90 81.86 42.73
C LYS DB 107 74.26 80.69 43.64
N LEU DB 108 73.67 79.52 43.40
CA LEU DB 108 74.07 78.33 44.13
C LEU DB 108 75.49 77.90 43.75
N LEU DB 109 75.88 78.15 42.49
CA LEU DB 109 77.23 77.87 42.05
C LEU DB 109 78.25 78.82 42.69
N ASP DB 110 77.78 79.96 43.21
CA ASP DB 110 78.42 81.12 43.85
C ASP DB 110 78.95 82.11 42.82
N PHE DB 111 78.75 81.88 41.52
CA PHE DB 111 79.16 82.81 40.49
C PHE DB 111 78.07 83.77 40.09
N GLY DB 112 77.08 83.99 40.97
CA GLY DB 112 76.05 84.97 40.70
C GLY DB 112 76.56 86.38 40.83
N SER DB 113 75.67 87.33 40.51
CA SER DB 113 75.97 88.76 40.54
C SER DB 113 77.13 89.10 39.62
N LEU DB 114 76.93 88.85 38.33
CA LEU DB 114 77.87 89.23 37.29
C LEU DB 114 77.32 90.43 36.54
N SER DB 115 78.20 91.38 36.23
CA SER DB 115 77.78 92.61 35.56
C SER DB 115 77.34 92.40 34.12
N ASN DB 116 77.63 91.24 33.54
CA ASN DB 116 77.32 90.97 32.13
C ASN DB 116 75.98 90.27 31.94
N LEU DB 117 75.27 89.98 33.01
CA LEU DB 117 74.03 89.20 32.94
C LEU DB 117 72.82 90.12 33.09
N GLN DB 118 71.96 90.11 32.08
CA GLN DB 118 70.68 90.82 32.13
C GLN DB 118 69.58 89.80 32.37
N VAL DB 119 68.89 89.94 33.50
CA VAL DB 119 67.84 89.00 33.87
C VAL DB 119 66.59 89.30 33.05
N THR DB 120 66.12 88.30 32.30
CA THR DB 120 64.91 88.44 31.53
C THR DB 120 63.69 88.26 32.41
N GLN DB 121 62.55 88.75 31.92
CA GLN DB 121 61.28 88.42 32.54
C GLN DB 121 60.88 87.01 32.12
N PRO DB 122 60.60 86.10 33.05
CA PRO DB 122 60.22 84.75 32.65
C PRO DB 122 58.88 84.75 31.93
N THR DB 123 58.76 83.85 30.95
CA THR DB 123 57.53 83.75 30.20
C THR DB 123 56.40 83.23 31.07
N VAL DB 124 55.17 83.55 30.67
CA VAL DB 124 53.98 83.20 31.43
C VAL DB 124 53.02 82.46 30.50
N GLY DB 125 52.49 81.33 30.97
CA GLY DB 125 51.55 80.57 30.20
C GLY DB 125 51.84 79.09 30.22
N MET DB 126 53.12 78.74 30.28
CA MET DB 126 53.58 77.34 30.24
C MET DB 126 52.97 76.61 29.05
N ASN DB 127 52.95 77.31 27.91
CA ASN DB 127 52.22 76.90 26.72
C ASN DB 127 53.10 76.21 25.69
N PHE DB 128 54.07 75.42 26.14
CA PHE DB 128 54.87 74.60 25.25
C PHE DB 128 54.05 73.36 24.88
N LYS DB 129 54.71 72.38 24.25
CA LYS DB 129 54.11 71.14 23.76
C LYS DB 129 53.21 71.39 22.56
N THR DB 130 53.30 70.53 21.56
CA THR DB 130 52.37 70.63 20.45
C THR DB 130 51.04 69.98 20.82
N PRO DB 131 49.94 70.41 20.21
CA PRO DB 131 48.67 69.73 20.44
C PRO DB 131 48.76 68.26 20.04
N ARG DB 132 48.18 67.40 20.87
CA ARG DB 132 48.39 65.97 20.73
C ARG DB 132 47.52 65.38 19.63
N GLY DB 133 48.12 64.48 18.84
CA GLY DB 133 47.43 63.82 17.76
C GLY DB 133 47.21 64.74 16.58
N PRO DB 134 46.36 64.32 15.64
CA PRO DB 134 45.99 65.19 14.52
C PRO DB 134 45.11 66.35 14.96
N VAL DB 135 44.67 67.15 13.99
CA VAL DB 135 43.83 68.33 14.22
C VAL DB 135 44.54 69.30 15.17
N MET EB 1 36.57 43.21 -90.57
CA MET EB 1 37.25 43.52 -89.32
C MET EB 1 36.44 44.52 -88.47
N SER EB 2 36.07 44.07 -87.27
CA SER EB 2 35.23 44.83 -86.34
C SER EB 2 33.89 45.21 -86.95
N LEU EB 3 33.45 44.46 -87.96
CA LEU EB 3 32.14 44.68 -88.57
C LEU EB 3 31.06 44.08 -87.69
N VAL EB 4 29.82 44.08 -88.18
CA VAL EB 4 28.73 43.39 -87.52
C VAL EB 4 28.94 41.89 -87.67
N ILE EB 5 28.18 41.10 -86.93
CA ILE EB 5 28.29 39.64 -87.03
C ILE EB 5 27.88 39.20 -88.44
N PRO EB 6 28.64 38.33 -89.10
CA PRO EB 6 28.24 37.88 -90.43
C PRO EB 6 27.07 36.92 -90.37
N GLU EB 7 26.38 36.80 -91.50
CA GLU EB 7 25.15 36.01 -91.55
C GLU EB 7 25.41 34.53 -91.28
N LYS EB 8 26.44 33.97 -91.93
CA LYS EB 8 26.75 32.55 -91.77
C LYS EB 8 27.71 32.30 -90.60
N PHE EB 9 27.35 32.86 -89.45
CA PHE EB 9 28.12 32.73 -88.22
C PHE EB 9 27.38 31.75 -87.30
N GLN EB 10 27.81 30.51 -87.29
CA GLN EB 10 27.27 29.54 -86.35
C GLN EB 10 28.00 29.65 -85.01
N HIS EB 11 27.24 29.72 -83.93
CA HIS EB 11 27.84 29.97 -82.62
C HIS EB 11 28.66 28.77 -82.14
N ILE EB 12 28.28 27.58 -82.55
CA ILE EB 12 29.11 26.39 -82.36
C ILE EB 12 29.15 25.61 -83.65
N LEU EB 13 30.23 24.86 -83.84
CA LEU EB 13 30.44 24.07 -85.04
C LEU EB 13 30.19 22.59 -84.73
N ARG EB 14 30.44 21.75 -85.73
CA ARG EB 14 30.45 20.29 -85.55
C ARG EB 14 31.71 19.75 -86.21
N VAL EB 15 32.74 19.55 -85.41
CA VAL EB 15 34.02 19.02 -85.87
C VAL EB 15 34.15 17.59 -85.37
N LEU EB 16 34.43 16.67 -86.30
CA LEU EB 16 34.49 15.24 -86.00
C LEU EB 16 33.18 14.77 -85.37
N ASN EB 17 33.16 14.69 -84.04
CA ASN EB 17 31.96 14.35 -83.30
C ASN EB 17 31.75 15.25 -82.09
N THR EB 18 32.48 16.36 -82.00
CA THR EB 18 32.35 17.29 -80.89
C THR EB 18 32.01 18.68 -81.43
N ASN EB 19 31.28 19.44 -80.63
CA ASN EB 19 30.97 20.82 -80.96
C ASN EB 19 32.01 21.75 -80.35
N ILE EB 20 32.48 22.69 -81.15
CA ILE EB 20 33.50 23.65 -80.72
C ILE EB 20 32.86 25.03 -80.71
N ASP EB 21 33.22 25.83 -79.72
CA ASP EB 21 32.61 27.14 -79.54
C ASP EB 21 33.11 28.09 -80.63
N GLY EB 22 32.21 28.55 -81.48
CA GLY EB 22 32.58 29.54 -82.46
C GLY EB 22 32.70 30.94 -81.92
N ARG EB 23 32.39 31.13 -80.64
CA ARG EB 23 32.49 32.45 -80.03
C ARG EB 23 33.92 32.83 -79.73
N ARG EB 24 34.77 31.86 -79.39
CA ARG EB 24 36.15 32.15 -79.04
C ARG EB 24 37.02 32.18 -80.30
N LYS EB 25 38.30 32.47 -80.12
CA LYS EB 25 39.24 32.49 -81.23
C LYS EB 25 39.45 31.08 -81.78
N ILE EB 26 39.82 31.01 -83.06
CA ILE EB 26 39.93 29.71 -83.73
C ILE EB 26 41.07 28.89 -83.14
N ALA EB 27 42.17 29.54 -82.76
CA ALA EB 27 43.32 28.81 -82.23
C ALA EB 27 43.01 28.13 -80.91
N PHE EB 28 41.98 28.57 -80.19
CA PHE EB 28 41.62 27.99 -78.92
C PHE EB 28 40.27 27.31 -78.92
N ALA EB 29 39.44 27.55 -79.94
CA ALA EB 29 38.17 26.84 -80.05
C ALA EB 29 38.38 25.36 -80.30
N ILE EB 30 39.22 25.01 -81.29
CA ILE EB 30 39.43 23.61 -81.63
C ILE EB 30 40.25 22.87 -80.60
N THR EB 31 40.78 23.57 -79.59
CA THR EB 31 41.42 22.88 -78.47
C THR EB 31 40.43 22.11 -77.62
N ALA EB 32 39.13 22.36 -77.78
CA ALA EB 32 38.11 21.57 -77.13
C ALA EB 32 38.02 20.15 -77.69
N ILE EB 33 38.65 19.90 -78.83
CA ILE EB 33 38.69 18.56 -79.42
C ILE EB 33 39.78 17.76 -78.72
N LYS EB 34 39.42 16.61 -78.16
CA LYS EB 34 40.37 15.82 -77.42
C LYS EB 34 41.50 15.33 -78.32
N GLY EB 35 42.74 15.48 -77.85
CA GLY EB 35 43.89 15.25 -78.67
C GLY EB 35 44.45 16.48 -79.34
N VAL EB 36 43.83 17.65 -79.14
CA VAL EB 36 44.28 18.91 -79.71
C VAL EB 36 44.58 19.86 -78.56
N GLY EB 37 45.76 20.47 -78.59
CA GLY EB 37 46.12 21.47 -77.60
C GLY EB 37 46.46 22.78 -78.26
N ARG EB 38 46.97 23.73 -77.47
CA ARG EB 38 47.31 25.04 -78.00
C ARG EB 38 48.39 24.95 -79.07
N ARG EB 39 49.41 24.12 -78.83
CA ARG EB 39 50.50 23.97 -79.79
C ARG EB 39 50.02 23.31 -81.08
N TYR EB 40 49.25 22.23 -80.95
CA TYR EB 40 48.77 21.53 -82.14
C TYR EB 40 47.82 22.39 -82.94
N ALA EB 41 46.89 23.07 -82.26
CA ALA EB 41 45.98 23.98 -82.94
C ALA EB 41 46.74 25.09 -83.65
N HIS EB 42 47.73 25.68 -82.96
CA HIS EB 42 48.48 26.78 -83.57
C HIS EB 42 49.27 26.31 -84.79
N VAL EB 43 49.89 25.13 -84.72
CA VAL EB 43 50.70 24.70 -85.85
C VAL EB 43 49.82 24.32 -87.03
N VAL EB 44 48.67 23.68 -86.78
CA VAL EB 44 47.82 23.33 -87.92
C VAL EB 44 47.17 24.56 -88.52
N LEU EB 45 46.91 25.60 -87.71
CA LEU EB 45 46.40 26.84 -88.29
C LEU EB 45 47.48 27.59 -89.05
N ARG EB 46 48.73 27.52 -88.59
CA ARG EB 46 49.82 28.17 -89.30
C ARG EB 46 50.08 27.50 -90.64
N LYS EB 47 50.00 26.17 -90.68
CA LYS EB 47 50.15 25.46 -91.94
C LYS EB 47 48.85 25.39 -92.74
N ALA EB 48 47.73 25.87 -92.18
CA ALA EB 48 46.48 25.94 -92.91
C ALA EB 48 46.29 27.26 -93.64
N ASP EB 49 47.16 28.25 -93.40
CA ASP EB 49 47.07 29.58 -93.99
C ASP EB 49 45.69 30.19 -93.71
N ILE EB 50 45.40 30.35 -92.42
CA ILE EB 50 44.15 30.93 -91.96
C ILE EB 50 44.47 32.01 -90.94
N ASP EB 51 43.81 33.16 -91.06
CA ASP EB 51 44.07 34.28 -90.17
C ASP EB 51 43.71 33.89 -88.74
N LEU EB 52 44.64 34.13 -87.82
CA LEU EB 52 44.44 33.79 -86.41
C LEU EB 52 43.62 34.81 -85.66
N THR EB 53 43.43 36.01 -86.21
CA THR EB 53 42.72 37.08 -85.52
C THR EB 53 41.22 37.07 -85.78
N LYS EB 54 40.65 35.92 -86.14
CA LYS EB 54 39.24 35.80 -86.42
C LYS EB 54 38.67 34.59 -85.69
N ARG EB 55 37.41 34.70 -85.29
CA ARG EB 55 36.79 33.68 -84.47
C ARG EB 55 36.48 32.43 -85.29
N ALA EB 56 36.24 31.33 -84.57
CA ALA EB 56 35.94 30.06 -85.22
C ALA EB 56 34.57 30.09 -85.89
N GLY EB 57 33.63 30.86 -85.35
CA GLY EB 57 32.29 30.88 -85.90
C GLY EB 57 32.17 31.54 -87.26
N GLU EB 58 33.11 32.42 -87.60
CA GLU EB 58 33.07 33.15 -88.85
C GLU EB 58 33.92 32.51 -89.95
N LEU EB 59 34.50 31.34 -89.69
CA LEU EB 59 35.20 30.62 -90.74
C LEU EB 59 34.20 29.98 -91.70
N THR EB 60 34.63 29.81 -92.94
CA THR EB 60 33.81 29.20 -93.98
C THR EB 60 34.06 27.70 -94.04
N GLU EB 61 33.32 27.03 -94.92
CA GLU EB 61 33.36 25.57 -94.97
C GLU EB 61 34.68 25.06 -95.52
N ASP EB 62 35.24 25.74 -96.52
CA ASP EB 62 36.51 25.29 -97.10
C ASP EB 62 37.65 25.37 -96.09
N GLU EB 63 37.70 26.46 -95.32
CA GLU EB 63 38.75 26.59 -94.32
C GLU EB 63 38.62 25.51 -93.25
N VAL EB 64 37.40 25.26 -92.76
CA VAL EB 64 37.24 24.29 -91.69
C VAL EB 64 37.52 22.87 -92.20
N GLU EB 65 37.18 22.57 -93.46
CA GLU EB 65 37.51 21.25 -93.96
C GLU EB 65 39.01 21.10 -94.23
N ARG EB 66 39.69 22.20 -94.57
CA ARG EB 66 41.15 22.15 -94.63
C ARG EB 66 41.74 21.86 -93.25
N VAL EB 67 41.16 22.47 -92.20
CA VAL EB 67 41.59 22.17 -90.84
C VAL EB 67 41.33 20.70 -90.52
N ILE EB 68 40.19 20.16 -90.93
CA ILE EB 68 39.90 18.74 -90.74
C ILE EB 68 40.97 17.88 -91.41
N THR EB 69 41.31 18.20 -92.65
CA THR EB 69 42.27 17.40 -93.39
C THR EB 69 43.64 17.44 -92.74
N ILE EB 70 44.06 18.62 -92.27
CA ILE EB 70 45.38 18.73 -91.65
C ILE EB 70 45.40 18.03 -90.29
N MET EB 71 44.31 18.14 -89.52
CA MET EB 71 44.25 17.48 -88.22
C MET EB 71 44.27 15.96 -88.37
N GLN EB 72 43.42 15.43 -89.25
CA GLN EB 72 43.38 13.98 -89.46
C GLN EB 72 44.69 13.47 -90.04
N ASN EB 73 45.29 14.20 -90.97
CA ASN EB 73 46.46 13.75 -91.70
C ASN EB 73 47.58 14.76 -91.52
N PRO EB 74 48.39 14.62 -90.47
CA PRO EB 74 49.47 15.58 -90.24
C PRO EB 74 50.76 15.25 -90.99
N ARG EB 75 51.04 13.98 -91.28
CA ARG EB 75 52.34 13.60 -91.82
C ARG EB 75 52.58 14.19 -93.19
N GLN EB 76 51.56 14.18 -94.06
CA GLN EB 76 51.73 14.70 -95.41
C GLN EB 76 51.77 16.22 -95.47
N TYR EB 77 51.45 16.91 -94.38
CA TYR EB 77 51.40 18.36 -94.37
C TYR EB 77 52.50 18.97 -93.50
N LYS EB 78 53.69 18.35 -93.52
CA LYS EB 78 54.92 18.91 -92.95
C LYS EB 78 54.85 19.09 -91.44
N ILE EB 79 53.85 18.53 -90.78
CA ILE EB 79 53.81 18.50 -89.32
C ILE EB 79 55.00 17.64 -88.88
N PRO EB 80 55.90 18.15 -88.05
CA PRO EB 80 57.10 17.38 -87.72
C PRO EB 80 56.77 16.14 -86.92
N ASP EB 81 57.66 15.14 -87.05
CA ASP EB 81 57.38 13.80 -86.57
C ASP EB 81 57.20 13.78 -85.05
N TRP EB 82 58.04 14.48 -84.33
CA TRP EB 82 58.09 14.54 -82.88
C TRP EB 82 56.92 15.26 -82.27
N PHE EB 83 55.96 15.73 -83.06
CA PHE EB 83 54.90 16.58 -82.54
C PHE EB 83 53.62 15.81 -82.27
N LEU EB 84 53.48 14.60 -82.78
CA LEU EB 84 52.26 13.81 -82.72
C LEU EB 84 52.16 13.07 -81.39
N ASN EB 85 50.93 12.65 -81.07
CA ASN EB 85 50.70 11.96 -79.80
C ASN EB 85 51.00 10.47 -79.87
N ARG EB 86 50.25 9.74 -80.70
CA ARG EB 86 50.42 8.29 -80.78
C ARG EB 86 51.56 8.01 -81.75
N GLN EB 87 52.77 8.19 -81.23
CA GLN EB 87 53.97 7.90 -81.99
C GLN EB 87 54.42 6.49 -81.69
N LYS EB 88 54.78 5.75 -82.73
CA LYS EB 88 55.39 4.43 -82.60
C LYS EB 88 54.45 3.49 -81.82
N ASP EB 89 53.30 3.23 -82.44
CA ASP EB 89 52.20 2.56 -81.75
C ASP EB 89 52.61 1.16 -81.31
N VAL EB 90 52.03 0.73 -80.18
CA VAL EB 90 52.35 -0.60 -79.65
C VAL EB 90 51.73 -1.69 -80.51
N LYS EB 91 50.75 -1.37 -81.35
CA LYS EB 91 50.16 -2.38 -82.22
C LYS EB 91 50.82 -2.41 -83.59
N ASP EB 92 50.77 -1.30 -84.34
CA ASP EB 92 51.27 -1.29 -85.70
C ASP EB 92 52.52 -0.43 -85.89
N GLY EB 93 53.02 0.22 -84.84
CA GLY EB 93 54.29 0.92 -84.91
C GLY EB 93 54.33 2.06 -85.91
N LYS EB 94 53.25 2.83 -85.99
CA LYS EB 94 53.13 3.88 -87.00
C LYS EB 94 52.80 5.22 -86.32
N TYR EB 95 53.34 6.28 -86.91
CA TYR EB 95 53.23 7.63 -86.36
C TYR EB 95 51.90 8.25 -86.76
N SER EB 96 51.03 8.47 -85.78
CA SER EB 96 49.68 8.94 -86.06
C SER EB 96 49.19 9.85 -84.95
N GLN EB 97 48.54 10.95 -85.34
CA GLN EB 97 47.84 11.79 -84.39
C GLN EB 97 46.39 11.34 -84.28
N VAL EB 98 45.90 11.22 -83.06
CA VAL EB 98 44.54 10.74 -82.80
C VAL EB 98 43.72 11.90 -82.26
N LEU EB 99 42.48 12.01 -82.75
CA LEU EB 99 41.76 13.29 -82.71
C LEU EB 99 40.42 13.27 -81.98
N ALA EB 100 39.89 12.12 -81.61
CA ALA EB 100 38.50 12.05 -81.19
C ALA EB 100 38.37 10.94 -80.15
N ASN EB 101 37.13 10.46 -79.95
CA ASN EB 101 36.88 9.27 -79.14
C ASN EB 101 37.75 8.08 -79.53
N GLY EB 102 38.38 8.12 -80.71
CA GLY EB 102 39.44 7.18 -81.01
C GLY EB 102 40.56 7.23 -79.97
N LEU EB 103 40.86 8.44 -79.47
CA LEU EB 103 41.83 8.54 -78.38
C LEU EB 103 41.32 7.87 -77.12
N ASP EB 104 40.02 8.02 -76.84
CA ASP EB 104 39.45 7.39 -75.65
C ASP EB 104 39.53 5.88 -75.72
N ASN EB 105 39.13 5.31 -76.86
CA ASN EB 105 39.19 3.86 -76.98
C ASN EB 105 40.62 3.36 -77.16
N LYS EB 106 41.53 4.19 -77.65
CA LYS EB 106 42.93 3.79 -77.71
C LYS EB 106 43.54 3.73 -76.32
N LEU EB 107 43.21 4.71 -75.48
CA LEU EB 107 43.60 4.64 -74.07
C LEU EB 107 42.99 3.42 -73.40
N ARG EB 108 41.72 3.14 -73.69
CA ARG EB 108 41.05 1.98 -73.10
C ARG EB 108 41.73 0.68 -73.51
N GLU EB 109 42.07 0.54 -74.79
CA GLU EB 109 42.69 -0.70 -75.24
C GLU EB 109 44.13 -0.82 -74.74
N ASP EB 110 44.82 0.31 -74.58
CA ASP EB 110 46.15 0.25 -73.96
C ASP EB 110 46.05 -0.21 -72.51
N LEU EB 111 45.06 0.29 -71.78
CA LEU EB 111 44.89 -0.13 -70.39
C LEU EB 111 44.50 -1.60 -70.30
N GLU EB 112 43.62 -2.07 -71.19
CA GLU EB 112 43.25 -3.48 -71.13
C GLU EB 112 44.40 -4.37 -71.58
N ARG EB 113 45.28 -3.88 -72.46
CA ARG EB 113 46.49 -4.62 -72.78
C ARG EB 113 47.39 -4.74 -71.57
N LEU EB 114 47.59 -3.63 -70.86
CA LEU EB 114 48.42 -3.66 -69.66
C LEU EB 114 47.86 -4.61 -68.60
N LYS EB 115 46.53 -4.60 -68.42
CA LYS EB 115 45.92 -5.54 -67.49
C LYS EB 115 46.03 -6.97 -67.98
N LYS EB 116 45.87 -7.19 -69.29
CA LYS EB 116 45.90 -8.54 -69.85
C LYS EB 116 47.26 -9.17 -69.67
N ILE EB 117 48.33 -8.39 -69.81
CA ILE EB 117 49.66 -8.94 -69.53
C ILE EB 117 49.97 -8.96 -68.05
N ARG EB 118 49.01 -8.57 -67.20
CA ARG EB 118 49.17 -8.53 -65.75
C ARG EB 118 50.35 -7.65 -65.34
N ALA EB 119 50.50 -6.53 -66.04
CA ALA EB 119 51.58 -5.60 -65.75
C ALA EB 119 51.33 -4.89 -64.42
N HIS EB 120 52.43 -4.45 -63.80
CA HIS EB 120 52.32 -3.70 -62.55
C HIS EB 120 51.53 -2.41 -62.74
N ARG EB 121 51.84 -1.67 -63.81
CA ARG EB 121 51.08 -0.47 -64.13
C ARG EB 121 49.62 -0.80 -64.44
N GLY EB 122 49.39 -1.89 -65.18
CA GLY EB 122 48.04 -2.31 -65.47
C GLY EB 122 47.28 -2.72 -64.23
N LEU EB 123 47.94 -3.41 -63.31
CA LEU EB 123 47.31 -3.78 -62.05
C LEU EB 123 46.96 -2.55 -61.23
N ARG EB 124 47.86 -1.57 -61.19
CA ARG EB 124 47.57 -0.34 -60.46
C ARG EB 124 46.40 0.42 -61.09
N HIS EB 125 46.34 0.45 -62.42
CA HIS EB 125 45.20 1.05 -63.10
C HIS EB 125 43.91 0.33 -62.78
N PHE EB 126 43.97 -1.00 -62.72
CA PHE EB 126 42.79 -1.78 -62.31
C PHE EB 126 42.36 -1.43 -60.91
N TRP EB 127 43.32 -1.29 -59.99
CA TRP EB 127 43.02 -0.90 -58.61
C TRP EB 127 42.74 0.59 -58.46
N GLY EB 128 43.01 1.40 -59.48
CA GLY EB 128 42.77 2.82 -59.41
C GLY EB 128 43.81 3.61 -58.66
N LEU EB 129 44.92 2.98 -58.28
CA LEU EB 129 45.97 3.65 -57.55
C LEU EB 129 46.87 4.44 -58.50
N ARG EB 130 47.84 5.14 -57.92
CA ARG EB 130 48.81 5.88 -58.72
C ARG EB 130 49.69 4.90 -59.50
N VAL EB 131 50.06 5.29 -60.72
CA VAL EB 131 50.89 4.46 -61.57
C VAL EB 131 52.24 5.07 -61.87
N ARG EB 132 52.48 6.32 -61.46
CA ARG EB 132 53.76 6.98 -61.69
C ARG EB 132 54.65 6.98 -60.46
N GLY EB 133 54.38 6.10 -59.50
CA GLY EB 133 55.24 5.93 -58.35
C GLY EB 133 55.07 6.96 -57.25
N GLN EB 134 53.99 7.73 -57.26
CA GLN EB 134 53.77 8.73 -56.24
C GLN EB 134 53.42 8.08 -54.91
N HIS EB 135 53.62 8.84 -53.84
CA HIS EB 135 53.27 8.39 -52.49
C HIS EB 135 51.76 8.40 -52.32
N THR EB 136 51.21 7.29 -51.83
CA THR EB 136 49.78 7.19 -51.58
C THR EB 136 49.44 7.28 -50.10
N LYS EB 137 50.41 7.62 -49.25
CA LYS EB 137 50.17 7.62 -47.82
C LYS EB 137 49.32 8.82 -47.40
N THR EB 138 49.54 9.97 -48.02
CA THR EB 138 48.90 11.20 -47.58
C THR EB 138 47.93 11.80 -48.59
N THR EB 139 48.21 11.68 -49.88
CA THR EB 139 47.43 12.36 -50.91
C THR EB 139 46.49 11.37 -51.60
N GLY EB 140 45.72 11.89 -52.55
CA GLY EB 140 44.78 11.06 -53.28
C GLY EB 140 43.60 10.58 -52.48
N ARG EB 141 43.28 11.25 -51.37
CA ARG EB 141 42.19 10.80 -50.52
C ARG EB 141 40.82 11.15 -51.12
N ARG EB 142 40.72 12.29 -51.80
CA ARG EB 142 39.45 12.70 -52.37
C ARG EB 142 38.98 11.73 -53.45
N GLY EB 143 39.93 11.14 -54.19
CA GLY EB 143 39.58 10.16 -55.20
C GLY EB 143 38.99 8.88 -54.64
N ARG EB 144 39.06 8.68 -53.33
CA ARG EB 144 38.49 7.51 -52.68
C ARG EB 144 37.41 7.85 -51.68
N THR EB 145 37.61 8.88 -50.86
CA THR EB 145 36.60 9.33 -49.92
C THR EB 145 36.47 10.86 -49.95
N PRO FB 1 74.47 66.39 -86.94
CA PRO FB 1 74.16 65.61 -85.75
C PRO FB 1 74.15 64.11 -86.01
N GLY FB 2 75.32 63.48 -85.91
CA GLY FB 2 75.39 62.05 -86.12
C GLY FB 2 74.68 61.27 -85.02
N VAL FB 3 73.92 60.26 -85.44
CA VAL FB 3 73.09 59.48 -84.53
C VAL FB 3 73.58 58.04 -84.53
N THR FB 4 73.95 57.54 -83.36
CA THR FB 4 74.29 56.14 -83.15
C THR FB 4 73.08 55.42 -82.57
N VAL FB 5 73.20 54.09 -82.44
CA VAL FB 5 72.06 53.31 -81.99
C VAL FB 5 71.82 53.49 -80.49
N LYS FB 6 72.80 54.02 -79.76
CA LYS FB 6 72.64 54.30 -78.35
C LYS FB 6 71.90 55.62 -78.11
N ASP FB 7 71.63 56.39 -79.16
CA ASP FB 7 70.91 57.64 -79.06
C ASP FB 7 69.42 57.48 -79.33
N VAL FB 8 68.95 56.27 -79.63
CA VAL FB 8 67.56 56.03 -79.96
C VAL FB 8 67.02 54.96 -79.01
N ASN FB 9 65.72 55.03 -78.74
CA ASN FB 9 65.07 54.01 -77.95
C ASN FB 9 65.15 52.67 -78.68
N GLN FB 10 65.64 51.65 -77.98
CA GLN FB 10 65.98 50.39 -78.64
C GLN FB 10 64.76 49.61 -79.10
N GLN FB 11 63.58 49.89 -78.56
CA GLN FB 11 62.42 49.08 -78.89
C GLN FB 11 61.93 49.36 -80.30
N GLU FB 12 61.56 50.61 -80.60
CA GLU FB 12 61.17 50.91 -81.96
C GLU FB 12 62.37 50.84 -82.91
N PHE FB 13 63.58 50.98 -82.38
CA PHE FB 13 64.77 50.79 -83.22
C PHE FB 13 64.87 49.35 -83.72
N VAL FB 14 64.72 48.39 -82.82
CA VAL FB 14 64.78 46.99 -83.24
C VAL FB 14 63.56 46.64 -84.07
N ARG FB 15 62.42 47.29 -83.82
CA ARG FB 15 61.26 47.07 -84.66
C ARG FB 15 61.50 47.53 -86.09
N ALA FB 16 62.09 48.72 -86.25
CA ALA FB 16 62.40 49.23 -87.59
C ALA FB 16 63.50 48.40 -88.25
N LEU FB 17 64.46 47.91 -87.47
CA LEU FB 17 65.48 47.01 -88.02
C LEU FB 17 64.85 45.73 -88.53
N ALA FB 18 63.90 45.17 -87.77
CA ALA FB 18 63.19 43.99 -88.23
C ALA FB 18 62.38 44.27 -89.49
N ALA FB 19 61.75 45.46 -89.55
CA ALA FB 19 60.98 45.82 -90.75
C ALA FB 19 61.87 45.93 -91.98
N PHE FB 20 63.04 46.57 -91.82
CA PHE FB 20 63.98 46.67 -92.94
C PHE FB 20 64.50 45.31 -93.36
N LEU FB 21 64.82 44.46 -92.38
CA LEU FB 21 65.28 43.10 -92.69
C LEU FB 21 64.18 42.29 -93.37
N LYS FB 22 62.92 42.61 -93.08
CA LYS FB 22 61.80 41.97 -93.75
C LYS FB 22 61.68 42.42 -95.19
N LYS FB 23 61.73 43.74 -95.43
CA LYS FB 23 61.45 44.25 -96.78
C LYS FB 23 62.59 43.90 -97.74
N SER FB 24 63.83 43.93 -97.27
CA SER FB 24 64.97 43.51 -98.07
C SER FB 24 65.34 42.06 -97.73
N GLY FB 25 64.42 41.16 -98.07
CA GLY FB 25 64.53 39.80 -97.61
C GLY FB 25 65.56 38.98 -98.34
N LYS FB 26 66.70 38.73 -97.68
CA LYS FB 26 67.74 37.85 -98.18
C LYS FB 26 68.22 36.89 -97.10
N LEU FB 27 67.34 36.55 -96.15
CA LEU FB 27 67.70 35.72 -95.02
C LEU FB 27 67.60 34.24 -95.39
N LYS FB 28 68.37 33.43 -94.67
CA LYS FB 28 68.27 31.97 -94.78
C LYS FB 28 67.35 31.52 -93.64
N VAL FB 29 66.06 31.71 -93.84
CA VAL FB 29 65.05 31.40 -92.83
C VAL FB 29 64.78 29.90 -92.87
N PRO FB 30 64.91 29.19 -91.74
CA PRO FB 30 64.75 27.75 -91.74
C PRO FB 30 63.29 27.34 -91.94
N GLU FB 31 63.11 26.05 -92.18
CA GLU FB 31 61.80 25.50 -92.50
C GLU FB 31 60.98 25.12 -91.28
N TRP FB 32 61.52 25.31 -90.07
CA TRP FB 32 60.80 24.97 -88.84
C TRP FB 32 60.41 26.21 -88.05
N VAL FB 33 60.29 27.36 -88.70
CA VAL FB 33 59.91 28.58 -87.98
C VAL FB 33 58.45 28.57 -87.55
N ASP FB 34 57.61 27.76 -88.18
CA ASP FB 34 56.18 27.75 -87.89
C ASP FB 34 55.79 26.75 -86.81
N THR FB 35 56.75 26.00 -86.27
CA THR FB 35 56.43 24.99 -85.27
C THR FB 35 57.19 25.17 -83.97
N VAL FB 36 58.49 25.47 -84.03
CA VAL FB 36 59.33 25.38 -82.84
C VAL FB 36 58.98 26.47 -81.85
N LYS FB 37 59.10 26.13 -80.56
CA LYS FB 37 59.06 27.14 -79.51
C LYS FB 37 60.41 27.84 -79.45
N LEU FB 38 60.38 29.13 -79.11
CA LEU FB 38 61.61 29.90 -79.09
C LEU FB 38 62.53 29.51 -77.94
N ALA FB 39 62.03 28.80 -76.94
CA ALA FB 39 62.85 28.38 -75.82
C ALA FB 39 62.21 27.16 -75.17
N LYS FB 40 62.99 26.51 -74.30
CA LYS FB 40 62.49 25.35 -73.57
C LYS FB 40 61.34 25.73 -72.65
N HIS FB 41 61.45 26.87 -71.97
CA HIS FB 41 60.47 27.26 -70.96
C HIS FB 41 59.19 27.84 -71.55
N LYS FB 42 59.17 28.19 -72.83
CA LYS FB 42 57.94 28.68 -73.43
C LYS FB 42 56.93 27.55 -73.56
N GLU FB 43 55.65 27.92 -73.63
CA GLU FB 43 54.58 26.95 -73.79
C GLU FB 43 53.73 27.17 -75.03
N LEU FB 44 53.89 28.29 -75.73
CA LEU FB 44 53.32 28.48 -77.05
C LEU FB 44 54.39 28.97 -78.01
N ALA FB 45 54.17 28.68 -79.29
CA ALA FB 45 54.99 29.27 -80.33
C ALA FB 45 54.75 30.77 -80.37
N PRO FB 46 55.74 31.56 -80.81
CA PRO FB 46 55.58 33.02 -80.81
C PRO FB 46 54.40 33.47 -81.65
N TYR FB 47 53.69 34.49 -81.15
CA TYR FB 47 52.46 34.95 -81.79
C TYR FB 47 52.75 35.53 -83.17
N ASP FB 48 53.85 36.25 -83.30
CA ASP FB 48 54.20 36.86 -84.58
C ASP FB 48 54.57 35.79 -85.60
N GLU FB 49 54.22 36.06 -86.86
CA GLU FB 49 54.53 35.12 -87.94
C GLU FB 49 56.01 35.17 -88.28
N ASN FB 50 56.49 36.33 -88.74
CA ASN FB 50 57.91 36.49 -89.08
C ASN FB 50 58.72 36.98 -87.89
N TRP FB 51 58.62 36.25 -86.78
CA TRP FB 51 59.40 36.53 -85.58
C TRP FB 51 60.88 36.35 -85.79
N PHE FB 52 61.28 35.58 -86.81
CA PHE FB 52 62.69 35.33 -87.05
C PHE FB 52 63.44 36.63 -87.36
N TYR FB 53 62.77 37.54 -88.08
CA TYR FB 53 63.41 38.81 -88.39
C TYR FB 53 63.58 39.67 -87.15
N THR FB 54 62.59 39.66 -86.25
CA THR FB 54 62.73 40.39 -85.00
C THR FB 54 63.84 39.82 -84.14
N ARG FB 55 63.93 38.49 -84.06
CA ARG FB 55 64.99 37.87 -83.28
C ARG FB 55 66.36 38.17 -83.87
N ALA FB 56 66.49 38.10 -85.20
CA ALA FB 56 67.76 38.42 -85.84
C ALA FB 56 68.13 39.88 -85.63
N ALA FB 57 67.14 40.78 -85.69
CA ALA FB 57 67.39 42.19 -85.42
C ALA FB 57 67.89 42.40 -84.00
N SER FB 58 67.26 41.74 -83.03
CA SER FB 58 67.70 41.87 -81.64
C SER FB 58 69.10 41.31 -81.45
N THR FB 59 69.41 40.17 -82.08
CA THR FB 59 70.75 39.61 -81.97
C THR FB 59 71.79 40.55 -82.57
N ALA FB 60 71.49 41.17 -83.71
CA ALA FB 60 72.43 42.12 -84.32
C ALA FB 60 72.63 43.33 -83.42
N ARG FB 61 71.55 43.84 -82.83
CA ARG FB 61 71.67 44.97 -81.90
C ARG FB 61 72.53 44.60 -80.69
N HIS FB 62 72.31 43.40 -80.14
CA HIS FB 62 73.10 42.96 -78.99
C HIS FB 62 74.57 42.78 -79.38
N LEU FB 63 74.83 42.24 -80.57
CA LEU FB 63 76.21 42.10 -81.03
C LEU FB 63 76.87 43.45 -81.23
N TYR FB 64 76.09 44.48 -81.60
CA TYR FB 64 76.64 45.82 -81.60
C TYR FB 64 76.98 46.27 -80.19
N LEU FB 65 76.09 45.99 -79.23
CA LEU FB 65 76.31 46.45 -77.86
C LEU FB 65 77.56 45.82 -77.25
N ARG FB 66 77.77 44.53 -77.49
CA ARG FB 66 79.00 43.87 -77.06
C ARG FB 66 79.30 42.71 -78.01
N GLY FB 67 80.56 42.61 -78.43
CA GLY FB 67 80.98 41.54 -79.32
C GLY FB 67 81.48 40.33 -78.57
N GLY FB 68 81.95 39.35 -79.34
CA GLY FB 68 82.47 38.12 -78.76
C GLY FB 68 81.43 37.18 -78.20
N ALA FB 69 80.18 37.27 -78.66
CA ALA FB 69 79.11 36.46 -78.12
C ALA FB 69 78.87 35.23 -79.00
N GLY FB 70 78.76 34.07 -78.36
CA GLY FB 70 78.46 32.84 -79.06
C GLY FB 70 77.01 32.44 -78.90
N VAL FB 71 76.72 31.18 -79.29
CA VAL FB 71 75.35 30.68 -79.23
C VAL FB 71 74.86 30.64 -77.79
N GLY FB 72 75.66 30.06 -76.89
CA GLY FB 72 75.25 29.96 -75.50
C GLY FB 72 75.03 31.30 -74.85
N SER FB 73 75.84 32.30 -75.20
CA SER FB 73 75.61 33.66 -74.72
C SER FB 73 74.23 34.16 -75.17
N MET FB 74 73.91 34.01 -76.45
CA MET FB 74 72.64 34.50 -76.95
C MET FB 74 71.47 33.76 -76.30
N THR FB 75 71.67 32.48 -75.94
CA THR FB 75 70.68 31.82 -75.11
C THR FB 75 70.60 32.45 -73.73
N LYS FB 76 71.73 32.93 -73.20
CA LYS FB 76 71.70 33.60 -71.90
C LYS FB 76 70.89 34.89 -71.95
N ILE FB 77 71.04 35.70 -73.00
CA ILE FB 77 70.21 36.91 -73.11
C ILE FB 77 68.73 36.54 -73.22
N TYR FB 78 68.40 35.63 -74.14
CA TYR FB 78 67.01 35.31 -74.40
C TYR FB 78 66.45 34.26 -73.46
N GLY FB 79 67.15 33.99 -72.36
CA GLY FB 79 66.60 33.12 -71.35
C GLY FB 79 65.45 33.76 -70.61
N GLY FB 80 64.67 32.94 -69.93
CA GLY FB 80 63.47 33.42 -69.29
C GLY FB 80 63.09 32.61 -68.08
N ARG FB 81 61.89 32.89 -67.57
CA ARG FB 81 61.40 32.30 -66.34
C ARG FB 81 60.63 31.02 -66.66
N GLN FB 82 61.19 29.88 -66.27
CA GLN FB 82 60.49 28.61 -66.39
C GLN FB 82 59.65 28.41 -65.13
N ARG FB 83 58.34 28.27 -65.31
CA ARG FB 83 57.43 28.23 -64.18
C ARG FB 83 57.41 26.87 -63.48
N ASN FB 84 57.80 25.80 -64.16
CA ASN FB 84 57.98 24.46 -63.59
C ASN FB 84 56.69 23.88 -63.02
N GLY FB 85 55.54 24.40 -63.42
CA GLY FB 85 54.28 23.88 -62.95
C GLY FB 85 54.04 24.07 -61.47
N VAL FB 86 53.78 22.98 -60.75
CA VAL FB 86 53.48 23.07 -59.33
C VAL FB 86 54.76 23.27 -58.52
N MET FB 87 55.90 22.87 -59.06
CA MET FB 87 57.17 23.12 -58.42
C MET FB 87 57.58 24.59 -58.62
N PRO FB 88 58.45 25.12 -57.76
CA PRO FB 88 58.80 26.54 -57.86
C PRO FB 88 59.55 26.85 -59.15
N SER FB 89 59.49 28.12 -59.53
CA SER FB 89 60.07 28.58 -60.78
C SER FB 89 61.59 28.54 -60.74
N HIS FB 90 62.18 28.54 -61.93
CA HIS FB 90 63.63 28.63 -62.09
C HIS FB 90 63.91 29.41 -63.37
N PHE FB 91 65.18 29.41 -63.79
CA PHE FB 91 65.60 30.12 -64.98
C PHE FB 91 66.10 29.14 -66.03
N SER FB 92 65.60 29.29 -67.26
CA SER FB 92 66.01 28.46 -68.38
C SER FB 92 66.59 29.33 -69.46
N ARG FB 93 67.28 28.69 -70.40
CA ARG FB 93 67.95 29.37 -71.50
C ARG FB 93 67.15 29.19 -72.79
N GLY FB 94 67.50 29.99 -73.79
CA GLY FB 94 66.82 29.94 -75.07
C GLY FB 94 67.20 28.72 -75.88
N SER FB 95 66.54 28.58 -77.02
CA SER FB 95 66.80 27.47 -77.93
C SER FB 95 68.15 27.69 -78.60
N LYS FB 96 69.02 26.68 -78.55
CA LYS FB 96 70.35 26.83 -79.13
C LYS FB 96 70.32 26.84 -80.65
N SER FB 97 69.47 25.98 -81.24
CA SER FB 97 69.40 25.93 -82.70
C SER FB 97 68.85 27.22 -83.28
N VAL FB 98 67.89 27.84 -82.59
CA VAL FB 98 67.34 29.10 -83.08
C VAL FB 98 68.41 30.18 -83.14
N ALA FB 99 69.16 30.34 -82.05
CA ALA FB 99 70.23 31.33 -82.02
C ALA FB 99 71.32 30.99 -83.03
N ARG FB 100 71.67 29.72 -83.16
CA ARG FB 100 72.68 29.29 -84.11
C ARG FB 100 72.26 29.61 -85.55
N ARG FB 101 71.01 29.32 -85.89
CA ARG FB 101 70.53 29.58 -87.24
C ARG FB 101 70.42 31.08 -87.50
N VAL FB 102 70.01 31.85 -86.49
CA VAL FB 102 69.99 33.30 -86.61
C VAL FB 102 71.39 33.81 -86.92
N LEU FB 103 72.39 33.33 -86.18
CA LEU FB 103 73.76 33.75 -86.40
C LEU FB 103 74.26 33.35 -87.78
N GLN FB 104 73.97 32.12 -88.20
CA GLN FB 104 74.42 31.65 -89.51
C GLN FB 104 73.77 32.47 -90.62
N ALA FB 105 72.50 32.86 -90.44
CA ALA FB 105 71.89 33.81 -91.37
C ALA FB 105 72.57 35.17 -91.30
N LEU FB 106 73.08 35.54 -90.12
CA LEU FB 106 73.73 36.84 -89.98
C LEU FB 106 75.04 36.90 -90.74
N GLU FB 107 75.82 35.81 -90.77
CA GLU FB 107 76.93 35.85 -91.74
C GLU FB 107 76.48 35.44 -93.13
N GLY FB 108 75.27 34.93 -93.29
CA GLY FB 108 74.71 34.77 -94.63
C GLY FB 108 74.44 36.13 -95.26
N LEU FB 109 74.09 37.12 -94.45
CA LEU FB 109 73.97 38.50 -94.89
C LEU FB 109 75.26 39.27 -94.73
N LYS FB 110 76.38 38.59 -94.43
CA LYS FB 110 77.73 39.14 -94.29
C LYS FB 110 77.78 40.40 -93.42
N MET FB 111 76.83 40.56 -92.50
CA MET FB 111 76.90 41.63 -91.51
C MET FB 111 77.52 41.17 -90.19
N VAL FB 112 77.89 39.90 -90.08
CA VAL FB 112 78.49 39.36 -88.86
C VAL FB 112 79.64 38.44 -89.28
N GLU FB 113 80.77 38.53 -88.58
CA GLU FB 113 81.90 37.65 -88.81
C GLU FB 113 82.44 37.15 -87.47
N LYS FB 114 82.99 35.94 -87.49
CA LYS FB 114 83.58 35.37 -86.29
C LYS FB 114 84.84 36.14 -85.89
N ASP FB 115 85.11 36.15 -84.58
CA ASP FB 115 86.29 36.81 -84.05
C ASP FB 115 87.52 35.92 -84.19
N GLN FB 116 88.68 36.48 -83.84
CA GLN FB 116 89.89 35.69 -83.77
C GLN FB 116 89.77 34.61 -82.71
N ASP FB 117 89.17 34.94 -81.57
CA ASP FB 117 88.78 33.96 -80.57
C ASP FB 117 87.34 33.53 -80.84
N GLY FB 118 86.72 32.85 -79.89
CA GLY FB 118 85.35 32.42 -80.07
C GLY FB 118 84.37 33.56 -80.13
N GLY FB 119 83.19 33.27 -80.67
CA GLY FB 119 82.16 34.27 -80.81
C GLY FB 119 82.31 35.07 -82.09
N ARG FB 120 81.30 35.89 -82.36
CA ARG FB 120 81.26 36.69 -83.58
C ARG FB 120 80.78 38.10 -83.25
N LYS FB 121 81.19 39.05 -84.10
CA LYS FB 121 80.85 40.45 -83.94
C LYS FB 121 80.39 41.01 -85.28
N LEU FB 122 79.94 42.28 -85.25
CA LEU FB 122 79.48 42.96 -86.45
C LEU FB 122 80.64 43.41 -87.31
N THR FB 123 80.44 43.36 -88.62
CA THR FB 123 81.38 43.92 -89.59
C THR FB 123 81.16 45.43 -89.70
N PRO FB 124 82.16 46.17 -90.19
CA PRO FB 124 81.97 47.63 -90.36
C PRO FB 124 80.77 48.02 -91.20
N GLN FB 125 80.46 47.30 -92.27
CA GLN FB 125 79.28 47.67 -93.06
C GLN FB 125 77.98 47.26 -92.37
N GLY FB 126 78.01 46.22 -91.55
CA GLY FB 126 76.87 45.93 -90.70
C GLY FB 126 76.63 47.04 -89.68
N GLN FB 127 77.72 47.55 -89.08
CA GLN FB 127 77.63 48.72 -88.23
C GLN FB 127 77.09 49.92 -89.00
N ARG FB 128 77.49 50.06 -90.27
CA ARG FB 128 76.97 51.13 -91.11
C ARG FB 128 75.47 51.01 -91.30
N ASP FB 129 74.98 49.79 -91.57
CA ASP FB 129 73.54 49.59 -91.72
C ASP FB 129 72.80 49.90 -90.43
N LEU FB 130 73.34 49.44 -89.30
CA LEU FB 130 72.70 49.70 -88.01
C LEU FB 130 72.66 51.19 -87.71
N ASP FB 131 73.73 51.92 -87.99
CA ASP FB 131 73.77 53.34 -87.70
C ASP FB 131 72.88 54.13 -88.66
N ARG FB 132 72.79 53.70 -89.92
CA ARG FB 132 71.85 54.33 -90.85
C ARG FB 132 70.41 54.17 -90.36
N ILE FB 133 70.06 52.95 -89.91
CA ILE FB 133 68.71 52.72 -89.42
C ILE FB 133 68.47 53.52 -88.15
N ALA FB 134 69.47 53.62 -87.28
CA ALA FB 134 69.33 54.43 -86.08
C ALA FB 134 69.09 55.90 -86.42
N GLY FB 135 69.84 56.43 -87.39
CA GLY FB 135 69.63 57.80 -87.79
C GLY FB 135 68.25 58.04 -88.38
N GLN FB 136 67.80 57.12 -89.24
CA GLN FB 136 66.50 57.32 -89.87
C GLN FB 136 65.36 57.14 -88.87
N VAL FB 137 65.53 56.27 -87.87
CA VAL FB 137 64.47 56.12 -86.88
C VAL FB 137 64.49 57.28 -85.88
N ALA FB 138 65.67 57.87 -85.64
CA ALA FB 138 65.73 59.10 -84.87
C ALA FB 138 65.02 60.23 -85.59
N ALA FB 139 65.22 60.33 -86.91
CA ALA FB 139 64.50 61.31 -87.70
C ALA FB 139 63.00 61.06 -87.68
N ALA FB 140 62.60 59.79 -87.75
CA ALA FB 140 61.18 59.46 -87.71
C ALA FB 140 60.55 59.81 -86.37
N ASN FB 141 61.25 59.51 -85.26
CA ASN FB 141 60.73 59.82 -83.94
C ASN FB 141 60.71 61.32 -83.68
N LYS FB 142 61.70 62.05 -84.21
CA LYS FB 142 61.73 63.50 -84.06
C LYS FB 142 60.58 64.14 -84.81
N LYS FB 143 60.51 63.93 -86.12
CA LYS FB 143 59.43 64.47 -86.94
C LYS FB 143 58.52 63.36 -87.44
CA ALA GB 1 121.06 38.55 -66.06
C ALA GB 1 119.77 39.36 -65.90
N ILE GB 2 118.89 39.27 -66.90
CA ILE GB 2 117.61 39.97 -66.87
C ILE GB 2 116.58 39.01 -66.28
N HIS GB 3 115.95 39.42 -65.18
CA HIS GB 3 114.91 38.63 -64.54
C HIS GB 3 113.88 39.56 -63.90
N ARG GB 4 112.62 39.15 -63.96
CA ARG GB 4 111.52 39.88 -63.37
C ARG GB 4 110.64 38.86 -62.67
N ILE GB 5 110.76 38.76 -61.35
CA ILE GB 5 110.14 37.67 -60.61
C ILE GB 5 108.93 38.17 -59.83
N ARG GB 6 108.05 37.24 -59.48
CA ARG GB 6 106.86 37.51 -58.69
C ARG GB 6 106.86 36.63 -57.46
N ILE GB 7 106.66 37.26 -56.29
CA ILE GB 7 106.56 36.56 -55.01
C ILE GB 7 105.15 36.76 -54.49
N THR GB 8 104.50 35.66 -54.12
CA THR GB 8 103.15 35.68 -53.56
C THR GB 8 103.17 35.05 -52.17
N LEU GB 9 102.52 35.72 -51.22
CA LEU GB 9 102.47 35.29 -49.83
C LEU GB 9 101.00 35.09 -49.44
N THR GB 10 100.72 34.01 -48.73
CA THR GB 10 99.38 33.74 -48.26
C THR GB 10 99.41 33.10 -46.87
N SER GB 11 98.41 33.40 -46.07
CA SER GB 11 98.25 32.79 -44.75
C SER GB 11 96.80 32.97 -44.31
N ARG GB 12 96.50 32.60 -43.06
CA ARG GB 12 95.16 32.71 -42.51
C ARG GB 12 94.96 33.93 -41.63
N ASN GB 13 96.03 34.64 -41.26
CA ASN GB 13 95.93 35.83 -40.43
C ASN GB 13 96.55 37.02 -41.14
N VAL GB 14 96.22 38.22 -40.67
CA VAL GB 14 96.63 39.43 -41.37
C VAL GB 14 97.97 39.94 -40.86
N LYS GB 15 98.22 39.80 -39.55
CA LYS GB 15 99.40 40.41 -38.93
C LYS GB 15 100.69 39.84 -39.51
N SER GB 16 100.75 38.52 -39.69
CA SER GB 16 101.97 37.89 -40.20
C SER GB 16 102.23 38.31 -41.64
N LEU GB 17 101.20 38.31 -42.49
CA LEU GB 17 101.38 38.78 -43.86
C LEU GB 17 101.80 40.24 -43.90
N GLU GB 18 101.22 41.07 -43.04
CA GLU GB 18 101.60 42.47 -43.00
C GLU GB 18 103.06 42.65 -42.66
N LYS GB 19 103.54 41.94 -41.62
CA LYS GB 19 104.93 42.15 -41.21
C LYS GB 19 105.91 41.52 -42.21
N VAL GB 20 105.54 40.41 -42.85
CA VAL GB 20 106.41 39.84 -43.88
C VAL GB 20 106.47 40.74 -45.10
N CYS GB 21 105.31 41.21 -45.57
CA CYS GB 21 105.30 42.12 -46.71
C CYS GB 21 105.93 43.46 -46.38
N ALA GB 22 106.06 43.79 -45.10
CA ALA GB 22 106.80 44.99 -44.71
C ALA GB 22 108.31 44.76 -44.71
N ASP GB 23 108.78 43.73 -44.01
CA ASP GB 23 110.22 43.56 -43.88
C ASP GB 23 110.86 43.11 -45.19
N LEU GB 24 110.14 42.34 -46.02
CA LEU GB 24 110.68 41.96 -47.32
C LEU GB 24 110.91 43.19 -48.20
N ILE GB 25 109.91 44.07 -48.29
CA ILE GB 25 110.09 45.25 -49.14
C ILE GB 25 111.11 46.20 -48.54
N ARG GB 26 111.18 46.30 -47.21
CA ARG GB 26 112.21 47.16 -46.61
C ARG GB 26 113.60 46.64 -46.93
N GLY GB 27 113.81 45.32 -46.81
CA GLY GB 27 115.09 44.75 -47.18
C GLY GB 27 115.40 44.94 -48.65
N ALA GB 28 114.37 44.89 -49.50
CA ALA GB 28 114.58 45.15 -50.93
C ALA GB 28 115.03 46.59 -51.18
N LYS GB 29 114.40 47.55 -50.48
CA LYS GB 29 114.83 48.95 -50.63
C LYS GB 29 116.25 49.15 -50.12
N GLU GB 30 116.59 48.53 -48.98
CA GLU GB 30 117.96 48.61 -48.48
C GLU GB 30 118.95 47.92 -49.40
N LYS GB 31 118.48 46.96 -50.21
CA LYS GB 31 119.33 46.22 -51.14
C LYS GB 31 119.09 46.68 -52.57
N ASN GB 32 118.64 47.93 -52.74
CA ASN GB 32 118.35 48.65 -53.99
C ASN GB 32 117.85 47.77 -55.13
N LEU GB 33 116.76 47.07 -54.89
CA LEU GB 33 115.89 46.54 -55.94
C LEU GB 33 114.61 47.37 -55.88
N LYS GB 34 114.26 48.00 -57.00
CA LYS GB 34 113.02 48.76 -57.04
C LYS GB 34 111.84 47.80 -56.95
N VAL GB 35 110.84 48.17 -56.16
CA VAL GB 35 109.79 47.26 -55.72
C VAL GB 35 108.48 47.67 -56.38
N LYS GB 36 107.89 46.72 -57.11
CA LYS GB 36 106.50 46.88 -57.53
C LYS GB 36 105.61 46.66 -56.33
N GLY GB 37 104.59 47.51 -56.17
CA GLY GB 37 103.85 47.62 -54.94
C GLY GB 37 103.17 46.34 -54.50
N PRO GB 38 103.03 46.16 -53.18
CA PRO GB 38 102.38 44.95 -52.65
C PRO GB 38 100.90 44.94 -53.01
N VAL GB 39 100.48 43.88 -53.69
CA VAL GB 39 99.12 43.77 -54.19
C VAL GB 39 98.31 42.96 -53.18
N ARG GB 40 97.22 43.54 -52.69
CA ARG GB 40 96.34 42.87 -51.74
C ARG GB 40 95.12 42.33 -52.49
N MET GB 41 95.15 41.04 -52.78
CA MET GB 41 94.07 40.39 -53.50
C MET GB 41 92.85 40.24 -52.60
N PRO GB 42 91.66 40.04 -53.18
CA PRO GB 42 90.46 39.86 -52.35
C PRO GB 42 90.56 38.63 -51.45
N THR GB 43 89.94 38.74 -50.28
CA THR GB 43 90.00 37.67 -49.28
C THR GB 43 89.08 36.52 -49.66
N LYS GB 44 89.56 35.30 -49.41
CA LYS GB 44 88.76 34.09 -49.58
C LYS GB 44 88.21 33.67 -48.22
N THR GB 45 86.89 33.55 -48.12
CA THR GB 45 86.22 33.23 -46.87
C THR GB 45 85.58 31.84 -47.00
N LEU GB 46 86.25 30.84 -46.43
CA LEU GB 46 85.75 29.47 -46.49
C LEU GB 46 84.71 29.26 -45.40
N ARG GB 47 83.44 29.27 -45.79
CA ARG GB 47 82.33 29.21 -44.85
C ARG GB 47 81.77 27.79 -44.81
N ILE GB 48 81.58 27.28 -43.60
CA ILE GB 48 80.88 26.01 -43.37
C ILE GB 48 79.88 26.24 -42.25
N THR GB 49 78.60 26.01 -42.53
CA THR GB 49 77.54 26.15 -41.55
C THR GB 49 76.96 24.78 -41.27
N THR GB 50 76.93 24.40 -39.98
CA THR GB 50 76.64 23.03 -39.59
C THR GB 50 75.77 23.03 -38.35
N ARG GB 51 74.85 22.08 -38.29
CA ARG GB 51 74.03 21.88 -37.09
C ARG GB 51 74.91 21.60 -35.89
N LYS GB 52 74.65 22.29 -34.79
CA LYS GB 52 75.47 22.13 -33.59
C LYS GB 52 75.33 20.74 -33.00
N THR GB 53 74.12 20.23 -32.92
CA THR GB 53 73.88 18.98 -32.22
C THR GB 53 74.44 17.79 -32.99
N PRO GB 54 75.00 16.81 -32.28
CA PRO GB 54 75.34 15.52 -32.90
C PRO GB 54 74.19 14.52 -32.95
N CYS GB 55 72.96 14.97 -32.73
CA CYS GB 55 71.82 14.08 -32.60
C CYS GB 55 70.71 14.38 -33.60
N GLY GB 56 70.46 15.66 -33.86
CA GLY GB 56 69.29 16.08 -34.59
C GLY GB 56 68.13 16.51 -33.73
N GLU GB 57 68.27 16.47 -32.41
CA GLU GB 57 67.26 16.97 -31.48
C GLU GB 57 67.72 18.33 -30.96
N GLY GB 58 66.77 19.24 -30.82
CA GLY GB 58 67.07 20.56 -30.31
C GLY GB 58 66.15 21.59 -30.95
N SER GB 59 66.64 22.83 -30.97
CA SER GB 59 65.91 23.93 -31.58
C SER GB 59 66.49 24.33 -32.94
N LYS GB 60 67.23 23.42 -33.57
CA LYS GB 60 67.81 23.63 -34.90
C LYS GB 60 68.73 24.86 -34.92
N THR GB 61 69.78 24.78 -34.10
CA THR GB 61 70.78 25.83 -34.04
C THR GB 61 71.95 25.46 -34.94
N TRP GB 62 72.30 26.36 -35.85
CA TRP GB 62 73.35 26.14 -36.83
C TRP GB 62 74.62 26.87 -36.39
N ASP GB 63 75.75 26.19 -36.51
CA ASP GB 63 77.05 26.76 -36.18
C ASP GB 63 77.78 27.06 -37.48
N ARG GB 64 78.16 28.32 -37.66
CA ARG GB 64 78.81 28.78 -38.88
C ARG GB 64 80.28 29.05 -38.61
N PHE GB 65 81.14 28.51 -39.46
CA PHE GB 65 82.59 28.64 -39.34
C PHE GB 65 83.14 29.41 -40.53
N GLN GB 66 84.28 30.06 -40.33
CA GLN GB 66 84.95 30.80 -41.38
C GLN GB 66 86.42 30.44 -41.41
N MET GB 67 87.05 30.70 -42.56
CA MET GB 67 88.50 30.59 -42.72
C MET GB 67 88.94 31.67 -43.69
N ARG GB 68 89.44 32.77 -43.16
CA ARG GB 68 89.87 33.89 -43.98
C ARG GB 68 91.26 33.57 -44.54
N ILE GB 69 91.36 33.56 -45.87
CA ILE GB 69 92.65 33.40 -46.54
C ILE GB 69 92.96 34.71 -47.25
N HIS GB 70 94.09 35.31 -46.89
CA HIS GB 70 94.55 36.55 -47.51
C HIS GB 70 95.82 36.24 -48.29
N LYS GB 71 95.95 36.86 -49.46
CA LYS GB 71 97.14 36.65 -50.28
C LYS GB 71 97.66 37.98 -50.78
N ARG GB 72 98.98 38.12 -50.75
CA ARG GB 72 99.66 39.32 -51.24
C ARG GB 72 100.66 38.94 -52.32
N LEU GB 73 100.71 39.77 -53.36
CA LEU GB 73 101.59 39.57 -54.51
C LEU GB 73 102.62 40.68 -54.55
N ILE GB 74 103.89 40.31 -54.67
CA ILE GB 74 104.99 41.26 -54.76
C ILE GB 74 105.80 40.93 -56.00
N ASP GB 75 106.05 41.93 -56.84
CA ASP GB 75 106.83 41.77 -58.06
C ASP GB 75 108.20 42.39 -57.85
N LEU GB 76 109.23 41.56 -57.76
CA LEU GB 76 110.60 42.03 -57.62
C LEU GB 76 111.21 42.22 -59.00
N HIS GB 77 111.64 43.44 -59.28
CA HIS GB 77 112.21 43.80 -60.58
C HIS GB 77 113.51 44.55 -60.36
N SER GB 78 114.57 44.09 -61.02
CA SER GB 78 115.83 44.82 -61.03
C SER GB 78 116.46 44.70 -62.41
N PRO GB 79 117.24 45.71 -62.83
CA PRO GB 79 118.01 45.56 -64.07
C PRO GB 79 119.02 44.42 -64.02
N SER GB 80 119.58 44.14 -62.86
CA SER GB 80 120.47 43.02 -62.69
C SER GB 80 119.66 41.78 -62.29
N GLU GB 81 120.34 40.65 -62.08
CA GLU GB 81 119.66 39.40 -61.77
C GLU GB 81 119.29 39.38 -60.28
N ILE GB 82 118.26 38.61 -59.97
CA ILE GB 82 117.56 38.70 -58.69
C ILE GB 82 117.82 37.49 -57.81
N VAL GB 83 117.71 36.28 -58.36
CA VAL GB 83 117.67 35.05 -57.55
C VAL GB 83 118.99 34.84 -56.81
N LYS GB 84 120.11 35.17 -57.45
CA LYS GB 84 121.39 35.04 -56.75
C LYS GB 84 121.56 36.07 -55.64
N GLN GB 85 120.93 37.23 -55.78
CA GLN GB 85 121.04 38.27 -54.76
C GLN GB 85 120.21 37.95 -53.53
N ILE GB 86 118.91 37.75 -53.71
CA ILE GB 86 118.03 37.42 -52.60
C ILE GB 86 117.93 35.91 -52.44
N THR GB 87 118.33 35.42 -51.28
CA THR GB 87 118.26 34.02 -50.94
C THR GB 87 117.57 33.78 -49.60
N SER GB 88 117.76 34.68 -48.64
CA SER GB 88 117.10 34.56 -47.35
C SER GB 88 115.59 34.74 -47.52
N ILE GB 89 114.84 33.88 -46.85
CA ILE GB 89 113.39 33.88 -46.92
C ILE GB 89 112.75 34.58 -45.72
N SER GB 90 113.23 34.27 -44.51
CA SER GB 90 112.70 34.80 -43.25
C SER GB 90 111.19 34.63 -43.18
N ILE GB 91 110.77 33.37 -43.19
CA ILE GB 91 109.35 33.01 -43.23
C ILE GB 91 109.01 32.26 -41.95
N GLU GB 92 108.11 32.84 -41.16
CA GLU GB 92 107.65 32.23 -39.93
C GLU GB 92 106.56 31.20 -40.21
N PRO GB 93 106.32 30.28 -39.28
CA PRO GB 93 105.22 29.32 -39.47
C PRO GB 93 103.88 30.02 -39.58
N GLY GB 94 103.02 29.47 -40.43
CA GLY GB 94 101.70 30.03 -40.65
C GLY GB 94 101.50 30.62 -42.02
N VAL GB 95 102.57 31.14 -42.61
CA VAL GB 95 102.51 31.80 -43.91
C VAL GB 95 103.28 30.97 -44.94
N GLU GB 96 102.71 30.85 -46.14
CA GLU GB 96 103.31 30.10 -47.22
C GLU GB 96 103.74 31.04 -48.33
N VAL GB 97 104.89 30.75 -48.94
CA VAL GB 97 105.50 31.62 -49.93
C VAL GB 97 105.68 30.84 -51.23
N GLU GB 98 105.41 31.52 -52.35
CA GLU GB 98 105.69 30.97 -53.67
C GLU GB 98 106.30 32.06 -54.53
N VAL GB 99 107.40 31.73 -55.20
CA VAL GB 99 108.13 32.69 -56.04
C VAL GB 99 108.10 32.18 -57.47
N THR GB 100 107.56 32.99 -58.37
CA THR GB 100 107.51 32.68 -59.79
C THR GB 100 108.29 33.73 -60.57
N ILE GB 101 108.40 33.52 -61.88
CA ILE GB 101 109.08 34.45 -62.76
C ILE GB 101 108.04 35.01 -63.73
N ALA GB 102 108.50 35.95 -64.57
CA ALA GB 102 107.60 36.56 -65.56
C ALA GB 102 107.24 35.59 -66.67
N ASP GB 103 107.98 34.50 -66.82
CA ASP GB 103 107.64 33.49 -67.83
C ASP GB 103 106.45 32.65 -67.39
N ALA GB 104 106.39 32.30 -66.12
CA ALA GB 104 105.29 31.48 -65.60
C ALA GB 104 104.20 32.35 -65.00
N ARG HB 1 24.08 38.16 -60.19
CA ARG HB 1 25.49 37.86 -60.43
C ARG HB 1 25.69 36.38 -60.79
N ASP HB 2 25.35 36.01 -62.03
CA ASP HB 2 25.57 34.66 -62.52
C ASP HB 2 26.57 34.64 -63.67
N LYS HB 3 26.30 35.35 -64.76
CA LYS HB 3 27.16 35.34 -65.94
C LYS HB 3 26.85 36.60 -66.75
N LEU HB 4 27.76 36.90 -67.69
CA LEU HB 4 27.64 38.10 -68.51
C LEU HB 4 27.34 37.85 -69.97
N ASN HB 5 27.67 36.66 -70.50
CA ASN HB 5 27.53 36.21 -71.88
C ASN HB 5 27.74 37.34 -72.90
N ASN HB 6 28.87 38.03 -72.77
CA ASN HB 6 29.16 39.19 -73.58
C ASN HB 6 29.24 38.83 -75.06
N LEU HB 7 28.74 39.72 -75.91
CA LEU HB 7 28.81 39.51 -77.34
C LEU HB 7 30.25 39.59 -77.82
N VAL HB 8 30.61 38.69 -78.72
CA VAL HB 8 31.98 38.69 -79.27
C VAL HB 8 32.09 39.52 -80.53
N LEU HB 9 31.01 39.63 -81.31
CA LEU HB 9 30.98 40.45 -82.51
C LEU HB 9 29.75 41.34 -82.47
N PHE HB 10 29.88 42.51 -83.08
CA PHE HB 10 28.78 43.47 -83.09
C PHE HB 10 27.63 42.94 -83.93
N ASP HB 11 26.45 43.51 -83.70
CA ASP HB 11 25.32 43.36 -84.60
C ASP HB 11 24.79 44.75 -84.92
N LYS HB 12 23.65 44.80 -85.62
CA LYS HB 12 23.12 46.09 -86.05
C LYS HB 12 22.71 46.94 -84.85
N ALA HB 13 22.08 46.32 -83.85
CA ALA HB 13 21.54 47.07 -82.72
C ALA HB 13 22.65 47.63 -81.85
N THR HB 14 23.82 47.00 -81.85
CA THR HB 14 24.94 47.47 -81.03
C THR HB 14 25.96 48.29 -81.80
N TYR HB 15 26.05 48.13 -83.13
CA TYR HB 15 27.03 48.90 -83.89
C TYR HB 15 26.66 50.39 -83.90
N ASP HB 16 25.41 50.71 -84.21
CA ASP HB 16 24.96 52.10 -84.14
C ASP HB 16 24.97 52.61 -82.71
N LYS HB 17 24.68 51.73 -81.74
CA LYS HB 17 24.75 52.09 -80.33
C LYS HB 17 26.17 52.53 -79.96
N LEU HB 18 27.16 51.79 -80.44
CA LEU HB 18 28.56 52.20 -80.25
C LEU HB 18 28.84 53.52 -80.96
N CYS HB 19 28.38 53.65 -82.21
CA CYS HB 19 28.77 54.81 -83.01
C CYS HB 19 28.16 56.11 -82.50
N LYS HB 20 26.95 56.10 -81.98
CA LYS HB 20 26.21 57.36 -81.83
C LYS HB 20 26.35 58.03 -80.47
N GLU HB 21 26.71 57.31 -79.40
CA GLU HB 21 26.92 58.04 -78.15
C GLU HB 21 28.22 57.72 -77.42
N VAL HB 22 29.02 56.76 -77.87
CA VAL HB 22 30.33 56.54 -77.23
C VAL HB 22 31.23 57.77 -77.32
N PRO HB 23 31.36 58.45 -78.48
CA PRO HB 23 32.15 59.70 -78.47
C PRO HB 23 31.34 60.89 -77.97
N ASN HB 24 30.63 60.72 -76.85
CA ASN HB 24 29.85 61.80 -76.27
C ASN HB 24 30.08 62.01 -74.78
N TYR HB 25 30.56 61.02 -74.05
CA TYR HB 25 30.87 61.19 -72.63
C TYR HB 25 32.37 61.29 -72.42
N LYS HB 26 32.75 61.71 -71.22
CA LYS HB 26 34.12 62.15 -70.97
C LYS HB 26 35.10 60.97 -70.97
N LEU HB 27 34.70 59.84 -70.39
CA LEU HB 27 35.58 58.71 -70.22
C LEU HB 27 35.24 57.61 -71.20
N ILE HB 28 36.19 57.25 -72.05
CA ILE HB 28 36.07 56.10 -72.94
C ILE HB 28 37.26 55.18 -72.66
N THR HB 29 36.98 54.02 -72.09
CA THR HB 29 37.94 52.95 -71.90
C THR HB 29 37.31 51.66 -72.39
N PRO HB 30 38.11 50.65 -72.73
CA PRO HB 30 37.53 49.36 -73.11
C PRO HB 30 36.63 48.77 -72.04
N ALA HB 31 36.95 48.99 -70.77
CA ALA HB 31 36.15 48.43 -69.69
C ALA HB 31 34.75 49.04 -69.64
N VAL HB 32 34.66 50.37 -69.69
CA VAL HB 32 33.35 51.02 -69.59
C VAL HB 32 32.52 50.75 -70.83
N VAL HB 33 33.16 50.72 -72.01
CA VAL HB 33 32.44 50.39 -73.23
C VAL HB 33 31.91 48.96 -73.16
N SER HB 34 32.73 48.03 -72.65
CA SER HB 34 32.29 46.66 -72.48
C SER HB 34 31.11 46.56 -71.51
N GLU HB 35 31.16 47.31 -70.40
CA GLU HB 35 30.16 47.14 -69.37
C GLU HB 35 28.90 47.96 -69.59
N ARG HB 36 28.90 48.89 -70.56
CA ARG HB 36 27.65 49.54 -70.94
C ARG HB 36 27.16 49.15 -72.32
N LEU HB 37 27.91 48.34 -73.07
CA LEU HB 37 27.41 47.80 -74.33
C LEU HB 37 27.27 46.29 -74.29
N LYS HB 38 27.64 45.64 -73.17
CA LYS HB 38 27.57 44.19 -73.02
C LYS HB 38 28.34 43.47 -74.13
N ILE HB 39 29.48 44.03 -74.51
CA ILE HB 39 30.35 43.44 -75.50
C ILE HB 39 31.55 42.84 -74.78
N ARG HB 40 32.35 42.06 -75.52
CA ARG HB 40 33.39 41.24 -74.93
C ARG HB 40 34.46 42.09 -74.25
N GLY HB 41 35.15 42.92 -75.01
CA GLY HB 41 36.20 43.75 -74.45
C GLY HB 41 37.42 43.78 -75.34
N SER HB 42 37.73 42.65 -75.98
CA SER HB 42 38.63 42.69 -77.12
C SER HB 42 37.94 43.34 -78.31
N LEU HB 43 36.65 43.06 -78.48
CA LEU HB 43 35.82 43.81 -79.41
C LEU HB 43 35.82 45.29 -79.05
N ALA HB 44 35.77 45.61 -77.76
CA ALA HB 44 35.81 47.01 -77.34
C ALA HB 44 37.11 47.67 -77.74
N ARG HB 45 38.23 46.99 -77.51
CA ARG HB 45 39.53 47.56 -77.88
C ARG HB 45 39.62 47.77 -79.40
N ALA HB 46 39.18 46.76 -80.16
CA ALA HB 46 39.23 46.87 -81.61
C ALA HB 46 38.34 48.00 -82.12
N ALA HB 47 37.14 48.12 -81.57
CA ALA HB 47 36.23 49.17 -81.98
C ALA HB 47 36.79 50.55 -81.62
N LEU HB 48 37.41 50.67 -80.45
CA LEU HB 48 37.95 51.96 -80.05
C LEU HB 48 39.14 52.37 -80.90
N GLN HB 49 39.98 51.41 -81.30
CA GLN HB 49 41.08 51.80 -82.17
C GLN HB 49 40.59 52.07 -83.60
N GLU HB 50 39.51 51.41 -84.02
CA GLU HB 50 38.90 51.79 -85.30
C GLU HB 50 38.33 53.20 -85.24
N LEU HB 51 37.73 53.58 -84.12
CA LEU HB 51 37.22 54.93 -83.99
C LEU HB 51 38.34 55.95 -83.82
N LEU HB 52 39.51 55.50 -83.33
CA LEU HB 52 40.72 56.31 -83.47
C LEU HB 52 41.05 56.54 -84.94
N SER HB 53 41.01 55.46 -85.73
CA SER HB 53 41.34 55.57 -87.15
C SER HB 53 40.38 56.51 -87.87
N LYS HB 54 39.10 56.46 -87.53
CA LYS HB 54 38.14 57.40 -88.08
C LYS HB 54 38.35 58.81 -87.55
N GLY HB 55 39.11 58.98 -86.46
CA GLY HB 55 39.51 60.29 -85.99
C GLY HB 55 38.50 61.03 -85.15
N LEU HB 56 37.42 60.38 -84.71
CA LEU HB 56 36.39 61.04 -83.91
C LEU HB 56 36.50 60.74 -82.43
N ILE HB 57 37.59 60.11 -81.99
CA ILE HB 57 37.84 59.87 -80.57
C ILE HB 57 39.30 60.20 -80.27
N LYS HB 58 39.53 60.91 -79.17
CA LYS HB 58 40.86 61.42 -78.82
C LYS HB 58 41.53 60.47 -77.83
N LEU HB 59 42.80 60.15 -78.08
CA LEU HB 59 43.58 59.29 -77.21
C LEU HB 59 44.50 60.11 -76.32
N VAL HB 60 44.58 59.73 -75.05
CA VAL HB 60 45.33 60.48 -74.05
C VAL HB 60 46.47 59.67 -73.44
N SER HB 61 46.24 58.40 -73.09
CA SER HB 61 47.23 57.64 -72.34
C SER HB 61 48.03 56.66 -73.22
N LYS HB 62 47.34 55.71 -73.84
CA LYS HB 62 47.96 54.64 -74.63
C LYS HB 62 49.06 53.93 -73.84
N HIS HB 63 48.63 53.23 -72.79
CA HIS HB 63 49.49 52.34 -72.04
C HIS HB 63 49.08 50.90 -72.32
N ARG HB 64 50.00 49.96 -72.10
CA ARG HB 64 49.75 48.57 -72.47
C ARG HB 64 48.63 47.96 -71.66
N ALA HB 65 48.51 48.31 -70.38
CA ALA HB 65 47.51 47.72 -69.50
C ALA HB 65 46.40 48.67 -69.11
N GLN HB 66 46.45 49.93 -69.54
CA GLN HB 66 45.39 50.88 -69.23
C GLN HB 66 45.41 51.97 -70.30
N VAL HB 67 44.49 51.86 -71.28
CA VAL HB 67 44.33 52.85 -72.32
C VAL HB 67 43.06 53.63 -72.04
N ILE HB 68 43.13 54.95 -72.21
CA ILE HB 68 42.01 55.83 -71.93
C ILE HB 68 41.76 56.70 -73.16
N TYR HB 69 40.49 56.86 -73.51
CA TYR HB 69 40.07 57.73 -74.61
C TYR HB 69 39.10 58.78 -74.07
N THR HB 70 38.97 59.86 -74.83
CA THR HB 70 38.02 60.92 -74.50
C THR HB 70 37.48 61.50 -75.80
N ARG HB 71 36.32 62.14 -75.70
CA ARG HB 71 35.72 62.73 -76.88
C ARG HB 71 36.45 64.01 -77.27
N ASN HB 72 36.22 64.46 -78.49
CA ASN HB 72 36.83 65.69 -78.95
C ASN HB 72 36.18 66.89 -78.29
N THR HB 73 36.97 67.96 -78.17
CA THR HB 73 36.51 69.17 -77.51
C THR HB 73 35.42 69.85 -78.32
N LYS HB 74 34.46 70.45 -77.62
CA LYS HB 74 33.41 71.25 -78.24
C LYS HB 74 33.69 72.72 -77.99
N GLY HB 75 33.64 73.53 -79.04
CA GLY HB 75 33.91 74.95 -78.94
C GLY HB 75 35.34 75.30 -79.27
N ARG IB 1 18.91 70.27 -33.56
CA ARG IB 1 18.83 69.77 -32.19
C ARG IB 1 20.13 69.06 -31.82
N VAL IB 2 20.75 68.42 -32.80
CA VAL IB 2 22.02 67.72 -32.56
C VAL IB 2 23.13 68.75 -32.39
N GLN IB 3 24.13 68.40 -31.58
CA GLN IB 3 25.24 69.30 -31.34
C GLN IB 3 26.15 69.36 -32.57
N PRO IB 4 26.53 70.55 -33.04
CA PRO IB 4 27.37 70.63 -34.23
C PRO IB 4 28.79 70.19 -33.97
N ILE IB 5 29.45 69.74 -35.05
CA ILE IB 5 30.86 69.38 -34.99
C ILE IB 5 31.67 70.62 -34.67
N LYS IB 6 32.57 70.50 -33.69
CA LYS IB 6 33.38 71.63 -33.28
C LYS IB 6 34.80 71.16 -32.99
N LEU IB 7 35.75 72.02 -33.31
CA LEU IB 7 37.17 71.70 -33.23
C LEU IB 7 37.73 72.04 -31.86
N ALA IB 8 38.81 71.37 -31.50
CA ALA IB 8 39.47 71.60 -30.21
C ALA IB 8 40.89 71.06 -30.28
N ARG IB 9 41.82 71.81 -29.69
CA ARG IB 9 43.25 71.51 -29.79
C ARG IB 9 43.76 70.80 -28.55
N VAL IB 10 44.56 69.76 -28.75
CA VAL IB 10 45.25 69.08 -27.67
C VAL IB 10 46.27 70.03 -27.05
N THR IB 11 46.26 70.14 -25.72
CA THR IB 11 47.18 70.99 -25.00
C THR IB 11 48.17 70.22 -24.14
N LYS IB 12 47.77 69.07 -23.60
CA LYS IB 12 48.66 68.26 -22.79
C LYS IB 12 48.20 66.81 -22.86
N VAL IB 13 49.18 65.91 -23.00
CA VAL IB 13 48.92 64.48 -23.11
C VAL IB 13 49.17 63.87 -21.74
N LEU IB 14 48.15 63.17 -21.22
CA LEU IB 14 48.24 62.66 -19.85
C LEU IB 14 48.95 61.31 -19.82
N GLY IB 15 48.48 60.36 -20.60
CA GLY IB 15 49.12 59.05 -20.67
C GLY IB 15 48.25 58.05 -21.38
N ARG IB 16 48.85 56.90 -21.67
CA ARG IB 16 48.16 55.82 -22.34
C ARG IB 16 47.13 55.18 -21.40
N THR IB 17 46.04 54.71 -21.99
CA THR IB 17 44.98 54.06 -21.23
C THR IB 17 44.40 52.93 -22.08
N GLY IB 18 43.28 52.38 -21.61
CA GLY IB 18 42.64 51.27 -22.28
C GLY IB 18 43.20 49.91 -21.93
N SER IB 19 44.24 49.85 -21.09
CA SER IB 19 44.88 48.65 -20.57
C SER IB 19 45.61 47.85 -21.64
N GLN IB 20 45.53 48.24 -22.90
CA GLN IB 20 46.43 47.77 -23.94
C GLN IB 20 47.32 48.86 -24.48
N GLY IB 21 47.17 50.09 -24.00
CA GLY IB 21 47.83 51.22 -24.61
C GLY IB 21 47.24 51.63 -25.94
N GLN IB 22 46.07 51.11 -26.29
CA GLN IB 22 45.45 51.45 -27.56
C GLN IB 22 44.96 52.89 -27.61
N CYS IB 23 44.72 53.51 -26.45
CA CYS IB 23 44.29 54.89 -26.36
C CYS IB 23 45.33 55.71 -25.63
N THR IB 24 45.33 57.01 -25.90
CA THR IB 24 46.05 57.98 -25.09
C THR IB 24 45.07 59.03 -24.58
N GLN IB 25 45.29 59.50 -23.36
CA GLN IB 25 44.39 60.44 -22.71
C GLN IB 25 45.00 61.83 -22.75
N VAL IB 26 44.25 62.79 -23.28
CA VAL IB 26 44.78 64.13 -23.54
C VAL IB 26 43.83 65.17 -22.96
N ARG IB 27 44.40 66.34 -22.66
CA ARG IB 27 43.65 67.52 -22.28
C ARG IB 27 43.50 68.42 -23.51
N VAL IB 28 42.26 68.74 -23.85
CA VAL IB 28 41.95 69.36 -25.14
C VAL IB 28 41.27 70.70 -24.91
N GLU IB 29 41.66 71.71 -25.69
CA GLU IB 29 41.19 73.08 -25.54
C GLU IB 29 40.30 73.47 -26.70
N PHE IB 30 39.13 74.01 -26.40
CA PHE IB 30 38.13 74.30 -27.42
C PHE IB 30 38.51 75.55 -28.22
N MET IB 31 38.02 75.61 -29.45
CA MET IB 31 38.29 76.75 -30.32
C MET IB 31 37.32 77.89 -30.07
N ASP IB 32 36.03 77.58 -29.90
CA ASP IB 32 35.05 78.62 -29.64
C ASP IB 32 35.32 79.32 -28.31
N ASP IB 33 35.67 78.57 -27.28
CA ASP IB 33 36.06 79.12 -25.98
C ASP IB 33 37.46 78.60 -25.68
N THR IB 34 38.44 79.49 -25.71
CA THR IB 34 39.80 79.11 -25.34
C THR IB 34 39.90 78.74 -23.87
N SER IB 35 39.20 79.49 -23.01
CA SER IB 35 39.26 79.20 -21.57
C SER IB 35 38.59 77.88 -21.22
N ARG IB 36 37.76 77.33 -22.10
CA ARG IB 36 37.16 76.02 -21.91
C ARG IB 36 38.15 74.94 -22.34
N SER IB 37 38.40 73.98 -21.46
CA SER IB 37 39.28 72.87 -21.76
C SER IB 37 38.85 71.66 -20.94
N ILE IB 38 38.62 70.54 -21.63
CA ILE IB 38 38.20 69.31 -20.97
C ILE IB 38 39.17 68.19 -21.31
N ILE IB 39 38.98 67.03 -20.70
CA ILE IB 39 39.83 65.87 -20.92
C ILE IB 39 39.06 64.88 -21.78
N ARG IB 40 39.68 64.44 -22.87
CA ARG IB 40 39.12 63.44 -23.75
C ARG IB 40 40.19 62.40 -24.05
N ASN IB 41 39.78 61.14 -24.14
CA ASN IB 41 40.71 60.07 -24.49
C ASN IB 41 40.60 59.77 -25.99
N VAL IB 42 41.76 59.71 -26.65
CA VAL IB 42 41.83 59.63 -28.10
C VAL IB 42 42.66 58.43 -28.50
N LYS IB 43 42.47 57.98 -29.73
CA LYS IB 43 43.16 56.82 -30.26
C LYS IB 43 43.96 57.21 -31.51
N GLY IB 44 45.00 56.44 -31.78
CA GLY IB 44 45.94 56.78 -32.83
C GLY IB 44 47.11 57.56 -32.29
N PRO IB 45 48.12 57.80 -33.13
CA PRO IB 45 49.29 58.58 -32.68
C PRO IB 45 48.92 60.05 -32.50
N VAL IB 46 49.12 60.55 -31.28
CA VAL IB 46 48.72 61.90 -30.90
C VAL IB 46 49.92 62.62 -30.32
N ARG IB 47 50.15 63.85 -30.76
CA ARG IB 47 51.13 64.73 -30.17
C ARG IB 47 50.49 66.08 -29.91
N GLU IB 48 50.92 66.73 -28.84
CA GLU IB 48 50.31 67.99 -28.43
C GLU IB 48 50.50 69.06 -29.50
N GLY IB 49 49.51 69.94 -29.62
CA GLY IB 49 49.50 70.98 -30.62
C GLY IB 49 48.53 70.75 -31.77
N ASP IB 50 48.19 69.50 -32.07
CA ASP IB 50 47.26 69.25 -33.15
C ASP IB 50 45.82 69.47 -32.70
N VAL IB 51 44.92 69.48 -33.67
CA VAL IB 51 43.50 69.69 -33.40
C VAL IB 51 42.72 68.47 -33.87
N LEU IB 52 41.58 68.24 -33.25
CA LEU IB 52 40.76 67.08 -33.58
C LEU IB 52 39.29 67.43 -33.38
N THR IB 53 38.45 66.76 -34.15
CA THR IB 53 37.02 67.05 -34.13
C THR IB 53 36.35 66.37 -32.94
N LEU IB 54 35.30 67.02 -32.44
CA LEU IB 54 34.49 66.50 -31.33
C LEU IB 54 33.06 66.40 -31.83
N LEU IB 55 32.63 65.19 -32.20
CA LEU IB 55 31.25 64.99 -32.61
C LEU IB 55 30.29 65.27 -31.46
N GLU IB 56 30.65 64.83 -30.26
CA GLU IB 56 29.96 65.20 -29.04
C GLU IB 56 30.99 65.75 -28.06
N SER IB 57 30.64 66.85 -27.39
CA SER IB 57 31.64 67.59 -26.63
C SER IB 57 32.04 66.87 -25.35
N GLU IB 58 31.09 66.71 -24.42
CA GLU IB 58 31.42 66.21 -23.09
C GLU IB 58 30.97 64.75 -22.96
N ARG IB 59 31.96 63.86 -22.87
CA ARG IB 59 31.71 62.43 -22.68
C ARG IB 59 32.21 61.95 -21.32
N GLU IB 60 33.50 62.15 -21.02
CA GLU IB 60 34.09 61.58 -19.83
C GLU IB 60 35.43 62.25 -19.56
N ALA IB 61 35.70 62.53 -18.29
CA ALA IB 61 36.99 63.04 -17.85
C ALA IB 61 37.41 62.28 -16.60
N ARG IB 62 38.62 61.76 -16.61
CA ARG IB 62 39.08 60.92 -15.49
C ARG IB 62 40.60 60.92 -15.47
N ARG IB 63 41.18 61.42 -14.38
CA ARG IB 63 42.63 61.39 -14.22
C ARG IB 63 43.12 59.96 -14.04
N LEU IB 64 44.23 59.65 -14.69
CA LEU IB 64 44.82 58.32 -14.65
C LEU IB 64 45.19 57.90 -13.23
N GLY JB 1 83.25 -15.91 -49.73
CA GLY JB 1 83.43 -16.32 -51.11
C GLY JB 1 84.77 -15.89 -51.68
N HIS JB 2 85.06 -16.32 -52.90
CA HIS JB 2 86.33 -15.99 -53.55
C HIS JB 2 86.30 -14.54 -54.04
N GLN JB 3 87.37 -14.11 -54.69
CA GLN JB 3 87.53 -12.71 -55.07
C GLN JB 3 86.52 -12.26 -56.12
N GLN JB 4 85.81 -13.18 -56.77
CA GLN JB 4 84.87 -12.80 -57.82
C GLN JB 4 83.57 -12.23 -57.26
N LEU JB 5 83.28 -12.42 -55.98
CA LEU JB 5 82.05 -11.87 -55.41
C LEU JB 5 82.22 -11.23 -54.05
N TYR JB 6 83.41 -11.26 -53.44
CA TYR JB 6 83.58 -10.71 -52.09
C TYR JB 6 83.35 -9.21 -52.07
N TRP JB 7 83.87 -8.49 -53.07
CA TRP JB 7 83.77 -7.05 -53.14
C TRP JB 7 83.33 -6.61 -54.53
N SER JB 8 82.67 -7.52 -55.26
CA SER JB 8 82.37 -7.31 -56.67
C SER JB 8 81.35 -6.20 -56.89
N HIS JB 9 80.53 -5.89 -55.91
CA HIS JB 9 79.48 -4.88 -56.09
C HIS JB 9 80.13 -3.52 -56.29
N PRO JB 10 79.83 -2.82 -57.39
CA PRO JB 10 80.49 -1.55 -57.67
C PRO JB 10 80.22 -0.50 -56.60
N ARG JB 11 81.27 0.22 -56.22
CA ARG JB 11 81.19 1.38 -55.35
C ARG JB 11 82.07 2.50 -55.89
N LYS JB 12 81.96 2.77 -57.18
CA LYS JB 12 82.67 3.89 -57.77
C LYS JB 12 81.99 5.22 -57.48
N PHE JB 13 80.82 5.22 -56.86
CA PHE JB 13 80.05 6.44 -56.63
C PHE JB 13 79.08 6.19 -55.49
N GLY JB 14 78.27 7.21 -55.19
CA GLY JB 14 77.24 7.07 -54.19
C GLY JB 14 77.77 7.24 -52.78
N GLN JB 15 76.85 7.14 -51.83
CA GLN JB 15 77.18 7.38 -50.42
C GLN JB 15 78.10 6.30 -49.87
N GLY JB 16 77.95 5.05 -50.35
CA GLY JB 16 78.82 3.98 -49.89
C GLY JB 16 80.23 4.03 -50.44
N SER JB 17 80.47 4.84 -51.47
CA SER JB 17 81.83 5.02 -51.97
C SER JB 17 82.62 5.99 -51.11
N ARG JB 18 81.98 6.69 -50.19
CA ARG JB 18 82.61 7.70 -49.35
C ARG JB 18 82.44 7.34 -47.89
N SER JB 19 83.38 7.78 -47.07
CA SER JB 19 83.30 7.60 -45.63
C SER JB 19 84.11 8.71 -44.96
N CYS JB 20 83.85 8.90 -43.67
CA CYS JB 20 84.58 9.91 -42.91
C CYS JB 20 86.04 9.53 -42.78
N ARG JB 21 86.91 10.50 -43.02
CA ARG JB 21 88.35 10.26 -42.90
C ARG JB 21 88.80 10.07 -41.46
N VAL JB 22 87.93 10.33 -40.48
CA VAL JB 22 88.26 10.19 -39.07
C VAL JB 22 87.56 8.98 -38.47
N CYS JB 23 86.23 8.98 -38.45
CA CYS JB 23 85.46 7.96 -37.75
C CYS JB 23 84.89 6.90 -38.67
N SER JB 24 85.21 6.93 -39.97
CA SER JB 24 84.81 5.90 -40.92
C SER JB 24 83.29 5.79 -41.07
N ASN JB 25 82.57 6.84 -40.69
CA ASN JB 25 81.12 6.83 -40.81
C ASN JB 25 80.70 7.21 -42.24
N ARG JB 26 79.46 6.85 -42.58
CA ARG JB 26 78.91 7.11 -43.90
C ARG JB 26 77.66 7.98 -43.85
N HIS JB 27 77.57 8.87 -42.87
CA HIS JB 27 76.45 9.79 -42.74
C HIS JB 27 76.94 11.14 -42.27
N GLY JB 28 76.37 12.20 -42.83
CA GLY JB 28 76.78 13.55 -42.47
C GLY JB 28 78.19 13.89 -42.84
N LEU JB 29 78.61 13.54 -44.06
CA LEU JB 29 79.93 13.88 -44.52
C LEU JB 29 79.98 15.32 -45.03
N ILE JB 30 81.17 15.90 -44.99
CA ILE JB 30 81.41 17.25 -45.48
C ILE JB 30 82.50 17.15 -46.54
N ARG JB 31 82.09 17.15 -47.80
CA ARG JB 31 83.02 17.06 -48.92
C ARG JB 31 83.46 18.42 -49.43
N LYS JB 32 82.93 19.51 -48.88
CA LYS JB 32 83.30 20.84 -49.34
C LYS JB 32 84.77 21.11 -49.06
N TYR JB 33 85.44 21.72 -50.04
CA TYR JB 33 86.89 21.97 -50.01
C TYR JB 33 87.69 20.69 -49.82
N GLY JB 34 87.13 19.55 -50.23
CA GLY JB 34 87.80 18.28 -50.04
C GLY JB 34 88.04 17.95 -48.58
N LEU JB 35 87.15 18.38 -47.69
CA LEU JB 35 87.34 18.15 -46.26
C LEU JB 35 87.19 16.68 -45.92
N ASN JB 36 86.16 16.02 -46.47
CA ASN JB 36 85.96 14.58 -46.36
C ASN JB 36 85.90 14.13 -44.90
N MET JB 37 85.26 14.95 -44.06
CA MET JB 37 85.18 14.69 -42.64
C MET JB 37 83.71 14.72 -42.22
N CYS JB 38 83.39 13.89 -41.22
CA CYS JB 38 82.03 13.84 -40.70
C CYS JB 38 81.65 15.17 -40.06
N ARG JB 39 80.33 15.40 -40.01
CA ARG JB 39 79.80 16.59 -39.38
C ARG JB 39 80.25 16.72 -37.93
N GLN JB 40 80.08 15.64 -37.14
CA GLN JB 40 80.49 15.66 -35.75
C GLN JB 40 82.00 15.77 -35.61
N CYS JB 41 82.75 15.03 -36.44
CA CYS JB 41 84.20 15.13 -36.39
C CYS JB 41 84.69 16.51 -36.82
N PHE JB 42 84.01 17.15 -37.77
CA PHE JB 42 84.36 18.52 -38.11
C PHE JB 42 84.10 19.46 -36.96
N ARG JB 43 82.97 19.30 -36.26
CA ARG JB 43 82.73 20.13 -35.08
C ARG JB 43 83.80 19.87 -34.02
N GLN JB 44 84.31 18.64 -33.96
CA GLN JB 44 85.35 18.30 -32.99
C GLN JB 44 86.68 18.98 -33.33
N TYR JB 45 87.04 19.02 -34.61
CA TYR JB 45 88.40 19.39 -35.00
C TYR JB 45 88.52 20.77 -35.66
N ALA JB 46 87.41 21.48 -35.87
CA ALA JB 46 87.44 22.71 -36.67
C ALA JB 46 88.39 23.75 -36.09
N LYS JB 47 88.58 23.75 -34.77
CA LYS JB 47 89.58 24.63 -34.17
C LYS JB 47 90.98 24.22 -34.61
N ASP JB 48 91.22 22.91 -34.73
CA ASP JB 48 92.55 22.44 -35.13
C ASP JB 48 92.82 22.72 -36.60
N ILE JB 49 91.84 22.49 -37.49
CA ILE JB 49 92.04 22.87 -38.89
C ILE JB 49 92.18 24.38 -39.02
N GLY JB 50 91.30 25.13 -38.38
CA GLY JB 50 91.40 26.57 -38.43
C GLY JB 50 90.09 27.27 -38.73
N PHE JB 51 89.02 26.50 -38.91
CA PHE JB 51 87.69 27.07 -39.07
C PHE JB 51 87.26 27.65 -37.73
N ILE JB 52 87.28 28.98 -37.63
CA ILE JB 52 86.97 29.67 -36.39
C ILE JB 52 85.71 30.50 -36.59
N LYS JB 53 84.98 30.72 -35.50
CA LYS JB 53 83.71 31.41 -35.52
C LYS JB 53 83.93 32.91 -35.43
N LEU JB 54 83.24 33.67 -36.26
CA LEU JB 54 83.27 35.13 -36.18
C LEU JB 54 81.89 35.74 -36.01
N ASP JB 55 80.89 35.24 -36.73
CA ASP JB 55 79.53 35.75 -36.64
C ASP JB 55 78.53 34.61 -36.50
N TYR KB 1 64.98 -18.22 -35.36
CA TYR KB 1 65.60 -18.79 -36.54
C TYR KB 1 64.66 -19.75 -37.26
N THR KB 2 64.82 -21.04 -36.96
CA THR KB 2 64.07 -22.13 -37.59
C THR KB 2 64.17 -22.02 -39.12
N THR KB 3 65.39 -22.20 -39.59
CA THR KB 3 65.67 -22.17 -41.02
C THR KB 3 64.98 -23.36 -41.68
N PRO KB 4 64.26 -23.15 -42.78
CA PRO KB 4 63.57 -24.29 -43.43
C PRO KB 4 64.50 -25.39 -43.90
N LYS KB 5 65.69 -25.05 -44.35
CA LYS KB 5 66.65 -26.04 -44.82
C LYS KB 5 67.52 -26.53 -43.66
N LYS KB 6 67.97 -27.77 -43.78
CA LYS KB 6 68.91 -28.33 -42.81
C LYS KB 6 70.29 -27.68 -42.99
N ASN KB 7 71.18 -27.98 -42.06
CA ASN KB 7 72.52 -27.39 -42.07
C ASN KB 7 73.31 -27.90 -43.26
N LYS KB 8 73.76 -26.99 -44.11
CA LYS KB 8 74.55 -27.35 -45.28
C LYS KB 8 75.87 -27.99 -44.86
N HIS KB 9 76.21 -29.10 -45.51
CA HIS KB 9 77.40 -29.85 -45.13
C HIS KB 9 78.62 -29.31 -45.88
N LYS KB 10 79.62 -28.85 -45.12
CA LYS KB 10 80.86 -28.38 -45.71
C LYS KB 10 81.63 -29.55 -46.31
N ARG KB 11 82.26 -29.30 -47.46
CA ARG KB 11 83.01 -30.33 -48.17
C ARG KB 11 84.18 -30.83 -47.32
N LYS KB 12 84.34 -32.15 -47.29
CA LYS KB 12 85.49 -32.78 -46.66
C LYS KB 12 86.34 -33.42 -47.75
N LYS KB 13 87.65 -33.21 -47.67
CA LYS KB 13 88.55 -33.74 -48.68
C LYS KB 13 88.69 -35.25 -48.53
N VAL KB 14 89.02 -35.91 -49.65
CA VAL KB 14 89.05 -37.36 -49.71
C VAL KB 14 90.17 -37.98 -48.91
N LYS KB 15 91.13 -37.19 -48.43
CA LYS KB 15 92.21 -37.63 -47.54
C LYS KB 15 93.04 -38.71 -48.24
N LEU KB 16 93.64 -38.32 -49.36
CA LEU KB 16 94.28 -39.28 -50.25
C LEU KB 16 95.60 -39.77 -49.66
N ALA KB 17 95.93 -41.04 -49.94
CA ALA KB 17 97.18 -41.64 -49.53
C ALA KB 17 98.29 -41.23 -50.50
N VAL KB 18 99.41 -41.94 -50.46
CA VAL KB 18 100.56 -41.60 -51.30
C VAL KB 18 100.16 -41.69 -52.78
N LEU KB 19 100.61 -40.71 -53.56
CA LEU KB 19 100.15 -40.51 -54.93
C LEU KB 19 100.49 -41.67 -55.86
N LYS KB 20 101.78 -41.89 -56.12
CA LYS KB 20 102.29 -43.08 -56.84
C LYS KB 20 101.59 -43.34 -58.17
N TYR KB 21 101.15 -42.30 -58.86
CA TYR KB 21 100.54 -42.51 -60.18
C TYR KB 21 101.56 -42.41 -61.31
N TYR KB 22 102.64 -43.18 -61.18
CA TYR KB 22 103.66 -43.29 -62.21
C TYR KB 22 104.51 -44.52 -61.91
N LYS KB 23 104.78 -45.31 -62.94
CA LYS KB 23 105.36 -46.63 -62.79
C LYS KB 23 106.49 -46.83 -63.78
N VAL KB 24 107.57 -47.45 -63.32
CA VAL KB 24 108.69 -47.84 -64.17
C VAL KB 24 108.80 -49.36 -64.16
N ASP KB 25 109.35 -49.90 -65.23
CA ASP KB 25 109.34 -51.34 -65.47
C ASP KB 25 110.73 -51.83 -65.86
N GLU KB 26 110.91 -53.14 -65.74
CA GLU KB 26 112.15 -53.88 -66.02
C GLU KB 26 113.39 -53.11 -65.53
N ASN KB 27 113.44 -52.95 -64.20
CA ASN KB 27 114.55 -52.30 -63.50
C ASN KB 27 114.69 -50.83 -63.89
N GLY KB 28 113.56 -50.19 -64.21
CA GLY KB 28 113.52 -48.76 -64.38
C GLY KB 28 113.49 -48.26 -65.80
N LYS KB 29 112.29 -47.96 -66.29
CA LYS KB 29 112.08 -47.28 -67.58
C LYS KB 29 110.90 -46.36 -67.40
N ILE KB 30 111.12 -45.05 -67.59
CA ILE KB 30 110.14 -44.06 -67.16
C ILE KB 30 108.90 -44.12 -68.05
N SER KB 31 107.73 -44.01 -67.43
CA SER KB 31 106.46 -44.00 -68.14
C SER KB 31 105.55 -43.00 -67.45
N ARG KB 32 105.49 -41.78 -67.99
CA ARG KB 32 104.51 -40.81 -67.55
C ARG KB 32 103.12 -41.27 -67.97
N LEU KB 33 102.35 -41.83 -67.05
CA LEU KB 33 100.99 -42.27 -67.35
C LEU KB 33 99.97 -41.16 -67.13
N ARG KB 34 100.43 -39.95 -66.80
CA ARG KB 34 99.59 -38.79 -66.62
C ARG KB 34 100.02 -37.71 -67.58
N ARG KB 35 99.05 -36.99 -68.14
CA ARG KB 35 99.33 -35.95 -69.11
C ARG KB 35 100.13 -34.82 -68.49
N GLU KB 36 101.01 -34.22 -69.29
CA GLU KB 36 101.90 -33.15 -68.86
C GLU KB 36 101.31 -31.80 -69.27
N CYS KB 37 101.13 -30.92 -68.30
CA CYS KB 37 100.71 -29.56 -68.58
C CYS KB 37 101.85 -28.82 -69.27
N PRO KB 38 101.68 -28.35 -70.50
CA PRO KB 38 102.81 -27.81 -71.28
C PRO KB 38 103.11 -26.34 -71.07
N SER KB 39 102.28 -25.61 -70.31
CA SER KB 39 102.46 -24.18 -70.18
C SER KB 39 103.69 -23.87 -69.33
N ASP KB 40 104.22 -22.66 -69.54
CA ASP KB 40 105.35 -22.20 -68.73
C ASP KB 40 104.95 -21.99 -67.28
N GLU KB 41 103.68 -21.63 -67.04
CA GLU KB 41 103.23 -21.44 -65.66
C GLU KB 41 103.02 -22.76 -64.94
N CYS KB 42 102.54 -23.79 -65.65
CA CYS KB 42 102.44 -25.11 -65.04
C CYS KB 42 103.82 -25.73 -64.87
N GLY KB 43 104.66 -25.65 -65.91
CA GLY KB 43 105.94 -26.32 -65.90
C GLY KB 43 105.82 -27.77 -66.30
N ALA KB 44 106.99 -28.40 -66.45
CA ALA KB 44 107.06 -29.81 -66.81
C ALA KB 44 107.07 -30.72 -65.59
N GLY KB 45 106.89 -30.17 -64.39
CA GLY KB 45 106.88 -30.97 -63.19
C GLY KB 45 105.51 -31.52 -62.84
N VAL KB 46 104.49 -30.68 -62.94
CA VAL KB 46 103.14 -31.09 -62.57
C VAL KB 46 102.55 -31.99 -63.65
N PHE KB 47 101.58 -32.80 -63.23
CA PHE KB 47 100.87 -33.72 -64.13
C PHE KB 47 99.42 -33.30 -64.24
N MET KB 48 98.88 -33.38 -65.45
CA MET KB 48 97.49 -33.02 -65.66
C MET KB 48 96.55 -34.09 -65.12
N ALA KB 49 95.29 -33.71 -64.96
CA ALA KB 49 94.29 -34.62 -64.43
C ALA KB 49 93.94 -35.69 -65.47
N SER KB 50 93.26 -36.72 -65.00
CA SER KB 50 92.89 -37.87 -65.82
C SER KB 50 91.39 -38.12 -65.74
N HIS KB 51 90.62 -37.05 -65.95
CA HIS KB 51 89.17 -37.17 -66.01
C HIS KB 51 88.76 -38.09 -67.17
N PHE KB 52 87.55 -38.63 -67.07
CA PHE KB 52 87.08 -39.58 -68.07
C PHE KB 52 86.87 -38.96 -69.44
N ASP KB 53 86.81 -37.63 -69.54
CA ASP KB 53 86.60 -37.00 -70.84
C ASP KB 53 87.47 -35.77 -71.08
N ARG KB 54 88.34 -35.37 -70.16
CA ARG KB 54 89.26 -34.28 -70.41
C ARG KB 54 90.48 -34.44 -69.49
N HIS KB 55 91.43 -33.52 -69.65
CA HIS KB 55 92.61 -33.43 -68.79
C HIS KB 55 92.72 -32.01 -68.26
N TYR KB 56 93.06 -31.88 -66.98
CA TYR KB 56 93.08 -30.60 -66.30
C TYR KB 56 94.43 -30.37 -65.62
N CYS KB 57 94.99 -29.17 -65.81
CA CYS KB 57 96.29 -28.82 -65.24
C CYS KB 57 96.03 -28.04 -63.95
N GLY KB 58 96.65 -28.48 -62.86
CA GLY KB 58 96.35 -27.89 -61.56
C GLY KB 58 96.75 -26.43 -61.46
N LYS KB 59 97.88 -26.06 -62.07
CA LYS KB 59 98.32 -24.68 -62.13
C LYS KB 59 97.77 -23.94 -63.34
N CYS KB 60 98.02 -24.47 -64.54
CA CYS KB 60 97.70 -23.74 -65.76
C CYS KB 60 96.20 -23.68 -66.04
N CYS KB 61 95.40 -24.48 -65.34
CA CYS KB 61 93.95 -24.59 -65.54
C CYS KB 61 93.57 -24.75 -67.00
N LEU KB 62 94.43 -25.38 -67.78
CA LEU KB 62 94.08 -25.77 -69.14
C LEU KB 62 93.26 -27.04 -69.12
N THR KB 63 92.24 -27.08 -69.97
CA THR KB 63 91.35 -28.23 -70.07
C THR KB 63 91.41 -28.76 -71.50
N TYR KB 64 92.05 -29.92 -71.67
CA TYR KB 64 92.19 -30.55 -72.97
C TYR KB 64 91.15 -31.66 -73.08
N CYS KB 65 90.15 -31.44 -73.93
CA CYS KB 65 89.02 -32.34 -74.07
C CYS KB 65 89.21 -33.23 -75.29
N PHE KB 66 89.01 -34.53 -75.11
CA PHE KB 66 89.07 -35.50 -76.19
C PHE KB 66 87.68 -36.09 -76.38
N ASN KB 67 87.21 -36.09 -77.62
CA ASN KB 67 85.87 -36.59 -77.93
C ASN KB 67 85.93 -37.96 -78.58
N THR LB 1 89.39 108.30 -27.49
CA THR LB 1 88.40 108.36 -28.56
C THR LB 1 88.53 107.17 -29.50
N GLU LB 2 89.42 106.24 -29.16
CA GLU LB 2 89.65 105.03 -29.92
C GLU LB 2 89.35 103.81 -29.06
N GLN LB 3 88.62 102.86 -29.65
CA GLN LB 3 88.28 101.63 -28.96
C GLN LB 3 87.95 100.57 -30.00
N MET LB 4 88.03 99.31 -29.57
CA MET LB 4 87.88 98.17 -30.47
C MET LB 4 86.42 97.75 -30.46
N THR LB 5 85.80 97.65 -31.64
CA THR LB 5 84.37 97.40 -31.73
C THR LB 5 84.08 96.40 -32.84
N LEU LB 6 82.82 95.99 -32.93
CA LEU LB 6 82.39 95.04 -33.95
C LEU LB 6 82.50 95.65 -35.34
N ARG LB 7 82.68 94.78 -36.34
CA ARG LB 7 82.64 95.19 -37.74
C ARG LB 7 81.78 94.23 -38.54
N GLY LB 8 81.62 93.01 -38.06
CA GLY LB 8 80.78 92.03 -38.74
C GLY LB 8 81.10 90.62 -38.28
N THR LB 9 80.45 89.67 -38.94
CA THR LB 9 80.64 88.25 -38.66
C THR LB 9 80.79 87.49 -39.97
N LEU LB 10 81.63 86.46 -39.93
CA LEU LB 10 81.88 85.60 -41.09
C LEU LB 10 81.36 84.20 -40.76
N LYS LB 11 80.63 83.61 -41.69
CA LYS LB 11 79.99 82.31 -41.50
C LYS LB 11 80.43 81.35 -42.59
N GLY LB 12 80.29 80.05 -42.30
CA GLY LB 12 80.59 79.03 -43.29
C GLY LB 12 81.32 77.82 -42.74
N HIS LB 13 81.75 77.90 -41.48
CA HIS LB 13 82.50 76.81 -40.87
C HIS LB 13 81.57 75.85 -40.13
N ASN LB 14 81.95 74.58 -40.11
CA ASN LB 14 81.26 73.55 -39.35
C ASN LB 14 82.12 73.05 -38.20
N GLY LB 15 82.94 73.94 -37.65
CA GLY LB 15 83.81 73.59 -36.53
C GLY LB 15 84.45 74.84 -35.99
N TRP LB 16 85.13 74.67 -34.85
CA TRP LB 16 85.79 75.79 -34.19
C TRP LB 16 86.84 76.37 -35.12
N VAL LB 17 86.88 77.71 -35.18
CA VAL LB 17 87.87 78.40 -36.01
C VAL LB 17 89.20 78.32 -35.29
N THR LB 18 90.06 77.40 -35.71
CA THR LB 18 91.30 77.14 -35.00
C THR LB 18 92.32 78.25 -35.23
N GLN LB 19 92.45 78.73 -36.46
CA GLN LB 19 93.54 79.64 -36.81
C GLN LB 19 93.09 80.62 -37.88
N ILE LB 20 93.60 81.84 -37.80
CA ILE LB 20 93.39 82.87 -38.80
C ILE LB 20 94.76 83.33 -39.30
N ALA LB 21 94.94 83.37 -40.62
CA ALA LB 21 96.18 83.83 -41.23
C ALA LB 21 95.87 84.98 -42.17
N THR LB 22 96.62 86.07 -42.03
CA THR LB 22 96.42 87.27 -42.83
C THR LB 22 97.74 87.65 -43.51
N THR LB 23 97.61 88.30 -44.67
CA THR LB 23 98.75 88.60 -45.51
C THR LB 23 98.84 90.08 -45.81
N PRO LB 24 100.05 90.62 -46.01
CA PRO LB 24 100.19 92.04 -46.37
C PRO LB 24 99.86 92.34 -47.82
N GLN LB 25 100.22 91.42 -48.73
CA GLN LB 25 100.07 91.69 -50.15
C GLN LB 25 98.60 91.69 -50.57
N PHE LB 26 97.75 90.94 -49.88
CA PHE LB 26 96.32 90.87 -50.17
C PHE LB 26 95.56 91.25 -48.90
N PRO LB 27 95.46 92.54 -48.59
CA PRO LB 27 94.78 92.95 -47.34
C PRO LB 27 93.29 92.62 -47.32
N ASP LB 28 92.67 92.39 -48.47
CA ASP LB 28 91.26 92.03 -48.54
C ASP LB 28 91.06 90.51 -48.60
N MET LB 29 92.10 89.74 -48.30
CA MET LB 29 92.05 88.29 -48.38
C MET LB 29 92.59 87.70 -47.09
N ILE LB 30 91.81 86.82 -46.46
CA ILE LB 30 92.22 86.06 -45.30
C ILE LB 30 91.82 84.60 -45.53
N LEU LB 31 92.32 83.71 -44.68
CA LEU LB 31 91.97 82.31 -44.75
C LEU LB 31 91.91 81.73 -43.34
N SER LB 32 91.02 80.78 -43.14
CA SER LB 32 90.71 80.24 -41.82
C SER LB 32 90.73 78.72 -41.85
N ALA LB 33 91.44 78.12 -40.90
CA ALA LB 33 91.33 76.69 -40.65
C ALA LB 33 90.21 76.44 -39.64
N SER LB 34 89.77 75.19 -39.58
CA SER LB 34 88.69 74.83 -38.67
C SER LB 34 88.79 73.37 -38.29
N ARG LB 35 87.86 72.93 -37.44
CA ARG LB 35 87.74 71.53 -37.05
C ARG LB 35 86.79 70.77 -37.96
N ASP LB 36 86.55 71.28 -39.16
CA ASP LB 36 85.78 70.57 -40.19
C ASP LB 36 86.67 70.06 -41.30
N LYS LB 37 87.97 69.92 -41.03
CA LYS LB 37 88.97 69.40 -41.95
C LYS LB 37 89.10 70.23 -43.23
N THR LB 38 88.66 71.48 -43.20
CA THR LB 38 88.69 72.36 -44.37
C THR LB 38 89.37 73.67 -44.01
N ILE LB 39 90.00 74.28 -45.01
CA ILE LB 39 90.60 75.60 -44.89
C ILE LB 39 89.82 76.52 -45.83
N ILE LB 40 89.13 77.50 -45.25
CA ILE LB 40 88.29 78.41 -46.01
C ILE LB 40 89.00 79.75 -46.11
N MET LB 41 89.27 80.18 -47.34
CA MET LB 41 89.83 81.50 -47.60
C MET LB 41 88.71 82.45 -48.02
N TRP LB 42 88.88 83.72 -47.67
CA TRP LB 42 87.81 84.70 -47.73
C TRP LB 42 88.20 85.88 -48.60
N LYS LB 43 87.26 86.33 -49.43
CA LYS LB 43 87.32 87.66 -50.02
C LYS LB 43 86.51 88.61 -49.15
N LEU LB 44 87.14 89.68 -48.69
CA LEU LB 44 86.55 90.59 -47.71
C LEU LB 44 85.73 91.63 -48.47
N THR LB 45 84.46 91.31 -48.72
CA THR LB 45 83.52 92.26 -49.32
C THR LB 45 82.93 93.07 -48.17
N ARG LB 46 83.58 94.20 -47.87
CA ARG LB 46 83.21 95.02 -46.72
C ARG LB 46 81.97 95.82 -47.07
N ASP LB 47 80.81 95.19 -46.87
CA ASP LB 47 79.53 95.85 -47.12
C ASP LB 47 78.62 95.73 -45.92
N GLU LB 48 77.43 96.32 -46.01
CA GLU LB 48 76.48 96.31 -44.91
C GLU LB 48 75.74 94.99 -44.73
N THR LB 49 75.77 94.11 -45.74
CA THR LB 49 75.11 92.82 -45.62
C THR LB 49 75.97 91.85 -44.83
N ASN LB 50 77.16 91.55 -45.32
CA ASN LB 50 78.13 90.75 -44.60
C ASN LB 50 79.53 91.26 -44.91
N TYR LB 51 80.46 91.01 -43.98
CA TYR LB 51 81.76 91.65 -44.10
C TYR LB 51 82.71 90.84 -44.98
N GLY LB 52 82.42 89.56 -45.21
CA GLY LB 52 83.25 88.73 -46.05
C GLY LB 52 82.45 87.60 -46.65
N ILE LB 53 83.14 86.78 -47.44
CA ILE LB 53 82.51 85.63 -48.10
C ILE LB 53 83.60 84.61 -48.43
N PRO LB 54 83.33 83.31 -48.25
CA PRO LB 54 84.31 82.31 -48.67
C PRO LB 54 84.55 82.36 -50.16
N GLN LB 55 85.80 82.13 -50.56
CA GLN LB 55 86.18 82.10 -51.96
C GLN LB 55 86.72 80.77 -52.43
N ARG LB 56 87.49 80.06 -51.60
CA ARG LB 56 87.93 78.72 -51.93
C ARG LB 56 87.99 77.88 -50.66
N ALA LB 57 87.57 76.63 -50.78
CA ALA LB 57 87.63 75.67 -49.69
C ALA LB 57 88.75 74.68 -49.97
N LEU LB 58 89.66 74.53 -49.00
CA LEU LB 58 90.82 73.69 -49.15
C LEU LB 58 90.61 72.41 -48.36
N ARG LB 59 90.56 71.27 -49.05
CA ARG LB 59 90.19 70.00 -48.44
C ARG LB 59 91.26 68.96 -48.73
N GLY LB 60 91.41 68.02 -47.82
CA GLY LB 60 92.44 67.01 -47.96
C GLY LB 60 93.06 66.54 -46.66
N HIS LB 61 92.76 67.24 -45.56
CA HIS LB 61 93.19 66.78 -44.24
C HIS LB 61 92.19 65.76 -43.71
N SER LB 62 92.70 64.71 -43.05
CA SER LB 62 91.86 63.62 -42.58
C SER LB 62 91.25 63.90 -41.20
N HIS LB 63 91.68 64.94 -40.51
CA HIS LB 63 91.16 65.21 -39.17
C HIS LB 63 91.17 66.72 -38.98
N PHE LB 64 91.06 67.17 -37.74
CA PHE LB 64 90.98 68.60 -37.45
C PHE LB 64 92.24 69.32 -37.88
N VAL LB 65 92.08 70.47 -38.52
CA VAL LB 65 93.21 71.27 -39.00
C VAL LB 65 93.65 72.19 -37.86
N SER LB 66 94.91 72.07 -37.45
CA SER LB 66 95.41 72.83 -36.32
C SER LB 66 95.84 74.24 -36.72
N ASP LB 67 96.85 74.33 -37.56
CA ASP LB 67 97.53 75.58 -37.84
C ASP LB 67 97.63 75.81 -39.34
N VAL LB 68 97.43 77.07 -39.74
CA VAL LB 68 97.60 77.48 -41.13
C VAL LB 68 98.50 78.71 -41.14
N VAL LB 69 99.46 78.72 -42.08
CA VAL LB 69 100.41 79.82 -42.21
C VAL LB 69 100.56 80.14 -43.69
N ILE LB 70 100.59 81.45 -43.99
CA ILE LB 70 100.80 81.95 -45.34
C ILE LB 70 102.28 81.92 -45.69
N SER LB 71 102.59 82.13 -46.96
CA SER LB 71 103.94 82.51 -47.35
C SER LB 71 104.04 84.03 -47.41
N SER LB 72 105.27 84.53 -47.56
CA SER LB 72 105.48 85.97 -47.60
C SER LB 72 104.84 86.59 -48.84
N ASP LB 73 104.95 85.92 -49.99
CA ASP LB 73 104.38 86.43 -51.22
C ASP LB 73 102.87 86.18 -51.32
N GLY LB 74 102.32 85.28 -50.51
CA GLY LB 74 100.90 85.00 -50.52
C GLY LB 74 100.44 83.98 -51.54
N GLN LB 75 101.36 83.42 -52.34
CA GLN LB 75 100.96 82.37 -53.26
C GLN LB 75 100.69 81.05 -52.56
N PHE LB 76 101.53 80.69 -51.58
CA PHE LB 76 101.49 79.38 -50.97
C PHE LB 76 101.07 79.50 -49.52
N ALA LB 77 100.29 78.51 -49.07
CA ALA LB 77 99.90 78.40 -47.67
C ALA LB 77 100.29 77.02 -47.17
N LEU LB 78 100.67 76.95 -45.90
CA LEU LB 78 101.11 75.71 -45.28
C LEU LB 78 100.21 75.39 -44.10
N SER LB 79 99.82 74.12 -43.98
CA SER LB 79 98.87 73.69 -42.95
C SER LB 79 99.36 72.42 -42.29
N GLY LB 80 99.04 72.29 -41.00
CA GLY LB 80 99.26 71.05 -40.27
C GLY LB 80 98.01 70.67 -39.50
N SER LB 81 97.66 69.38 -39.52
CA SER LB 81 96.41 68.93 -38.93
C SER LB 81 96.67 67.81 -37.94
N TRP LB 82 95.58 67.29 -37.36
CA TRP LB 82 95.70 66.19 -36.40
C TRP LB 82 96.04 64.88 -37.07
N ASP LB 83 95.84 64.78 -38.39
CA ASP LB 83 96.12 63.53 -39.09
C ASP LB 83 97.60 63.18 -39.16
N GLY LB 84 98.48 64.00 -38.57
CA GLY LB 84 99.89 63.72 -38.58
C GLY LB 84 100.63 64.16 -39.82
N THR LB 85 99.96 64.79 -40.77
CA THR LB 85 100.57 65.22 -42.02
C THR LB 85 100.49 66.73 -42.14
N LEU LB 86 101.48 67.30 -42.82
CA LEU LB 86 101.50 68.71 -43.16
C LEU LB 86 101.31 68.85 -44.67
N ARG LB 87 100.41 69.74 -45.06
CA ARG LB 87 100.08 69.95 -46.47
C ARG LB 87 100.38 71.38 -46.86
N LEU LB 88 101.14 71.55 -47.93
CA LEU LB 88 101.43 72.86 -48.49
C LEU LB 88 100.51 73.11 -49.68
N TRP LB 89 99.84 74.24 -49.67
CA TRP LB 89 98.79 74.53 -50.64
C TRP LB 89 99.20 75.73 -51.49
N ASP LB 90 98.71 75.78 -52.72
CA ASP LB 90 98.81 76.99 -53.53
C ASP LB 90 97.43 77.64 -53.65
N LEU LB 91 97.38 78.94 -53.42
CA LEU LB 91 96.10 79.65 -53.36
C LEU LB 91 95.45 79.83 -54.72
N THR LB 92 96.23 79.75 -55.81
CA THR LB 92 95.65 79.88 -57.14
C THR LB 92 94.68 78.75 -57.44
N THR LB 93 95.07 77.51 -57.13
CA THR LB 93 94.25 76.34 -57.42
C THR LB 93 93.61 75.73 -56.18
N GLY LB 94 94.08 76.08 -54.98
CA GLY LB 94 93.56 75.48 -53.77
C GLY LB 94 93.81 73.98 -53.71
N THR LB 95 95.01 73.57 -54.11
CA THR LB 95 95.36 72.17 -54.21
C THR LB 95 96.63 71.90 -53.43
N THR LB 96 96.68 70.75 -52.76
CA THR LB 96 97.86 70.36 -52.00
C THR LB 96 99.00 70.02 -52.95
N THR LB 97 99.99 70.90 -53.04
CA THR LB 97 101.13 70.65 -53.90
C THR LB 97 102.22 69.83 -53.22
N ARG LB 98 102.34 69.91 -51.90
CA ARG LB 98 103.41 69.22 -51.20
C ARG LB 98 102.87 68.65 -49.89
N ARG LB 99 103.31 67.44 -49.56
CA ARG LB 99 102.89 66.75 -48.33
C ARG LB 99 104.12 66.47 -47.48
N PHE LB 100 103.98 66.70 -46.18
CA PHE LB 100 105.04 66.43 -45.21
C PHE LB 100 104.54 65.33 -44.27
N VAL LB 101 105.34 64.29 -44.10
CA VAL LB 101 104.98 63.16 -43.26
C VAL LB 101 106.15 62.81 -42.35
N GLY LB 102 105.85 62.18 -41.22
CA GLY LB 102 106.87 61.83 -40.25
C GLY LB 102 106.42 61.96 -38.81
N HIS LB 103 105.44 62.82 -38.55
CA HIS LB 103 104.89 62.93 -37.21
C HIS LB 103 103.88 61.81 -36.97
N THR LB 104 104.04 61.10 -35.85
CA THR LB 104 103.21 59.95 -35.54
C THR LB 104 101.93 60.32 -34.78
N LYS LB 105 101.76 61.57 -34.39
CA LYS LB 105 100.61 62.00 -33.60
C LYS LB 105 100.07 63.29 -34.20
N ASP LB 106 99.17 63.93 -33.48
CA ASP LB 106 98.54 65.15 -33.97
C ASP LB 106 99.58 66.25 -34.09
N VAL LB 107 99.59 66.94 -35.23
CA VAL LB 107 100.43 68.11 -35.40
C VAL LB 107 99.61 69.34 -35.06
N LEU LB 108 100.12 70.16 -34.14
CA LEU LB 108 99.38 71.31 -33.64
C LEU LB 108 99.96 72.66 -34.05
N SER LB 109 101.26 72.73 -34.34
CA SER LB 109 101.88 74.00 -34.67
C SER LB 109 102.79 73.85 -35.87
N VAL LB 110 102.64 74.78 -36.82
CA VAL LB 110 103.53 74.88 -37.97
C VAL LB 110 104.03 76.31 -38.04
N ALA LB 111 105.21 76.48 -38.64
CA ALA LB 111 105.80 77.80 -38.77
C ALA LB 111 106.57 77.86 -40.07
N PHE LB 112 106.49 79.01 -40.74
CA PHE LB 112 107.10 79.22 -42.04
C PHE LB 112 108.14 80.32 -41.92
N SER LB 113 109.37 80.04 -42.32
CA SER LB 113 110.47 80.95 -42.06
C SER LB 113 110.37 82.22 -42.90
N SER LB 114 111.10 83.25 -42.48
CA SER LB 114 111.08 84.53 -43.17
C SER LB 114 111.64 84.40 -44.59
N ASP LB 115 112.73 83.65 -44.76
CA ASP LB 115 113.28 83.41 -46.08
C ASP LB 115 112.48 82.40 -46.88
N ASN LB 116 111.41 81.84 -46.31
CA ASN LB 116 110.49 80.94 -46.99
C ASN LB 116 111.22 79.69 -47.49
N ARG LB 117 112.19 79.22 -46.69
CA ARG LB 117 112.98 78.05 -47.07
C ARG LB 117 112.92 77.00 -45.96
N GLN LB 118 112.72 77.44 -44.73
CA GLN LB 118 112.73 76.56 -43.57
C GLN LB 118 111.32 76.38 -43.02
N ILE LB 119 110.99 75.14 -42.69
CA ILE LB 119 109.70 74.77 -42.12
C ILE LB 119 109.95 73.96 -40.86
N VAL LB 120 109.29 74.35 -39.77
CA VAL LB 120 109.39 73.66 -38.50
C VAL LB 120 107.99 73.36 -37.99
N SER LB 121 107.83 72.20 -37.34
CA SER LB 121 106.54 71.77 -36.84
C SER LB 121 106.70 71.13 -35.47
N GLY LB 122 105.64 71.21 -34.67
CA GLY LB 122 105.63 70.59 -33.36
C GLY LB 122 104.36 69.79 -33.12
N SER LB 123 104.50 68.51 -32.85
CA SER LB 123 103.35 67.61 -32.78
C SER LB 123 103.26 66.98 -31.39
N ARG LB 124 102.18 66.23 -31.16
CA ARG LB 124 101.93 65.56 -29.89
C ARG LB 124 102.93 64.46 -29.60
N ASP LB 125 103.74 64.03 -30.57
CA ASP LB 125 104.73 63.00 -30.35
C ASP LB 125 105.95 63.50 -29.60
N LYS LB 126 105.88 64.71 -29.04
CA LYS LB 126 106.97 65.32 -28.27
C LYS LB 126 108.24 65.45 -29.10
N THR LB 127 108.07 65.77 -30.39
CA THR LB 127 109.17 65.83 -31.33
C THR LB 127 109.02 67.07 -32.20
N ILE LB 128 110.12 67.79 -32.39
CA ILE LB 128 110.16 68.96 -33.26
C ILE LB 128 110.94 68.59 -34.52
N LYS LB 129 110.34 68.88 -35.68
CA LYS LB 129 110.89 68.46 -36.96
C LYS LB 129 111.12 69.67 -37.85
N LEU LB 130 112.23 69.64 -38.59
CA LEU LB 130 112.62 70.71 -39.50
C LEU LB 130 112.46 70.23 -40.93
N TRP LB 131 111.82 71.04 -41.77
CA TRP LB 131 111.44 70.64 -43.12
C TRP LB 131 111.93 71.67 -44.13
N ASN LB 132 112.10 71.22 -45.37
CA ASN LB 132 112.41 72.10 -46.48
C ASN LB 132 111.15 72.33 -47.31
N THR LB 133 111.31 73.06 -48.41
CA THR LB 133 110.20 73.24 -49.34
C THR LB 133 109.84 71.95 -50.05
N LEU LB 134 110.83 71.09 -50.31
CA LEU LB 134 110.60 69.88 -51.10
C LEU LB 134 109.86 68.79 -50.34
N GLY LB 135 109.64 68.94 -49.05
CA GLY LB 135 108.89 67.96 -48.28
C GLY LB 135 109.71 66.97 -47.48
N VAL LB 136 111.02 67.17 -47.36
CA VAL LB 136 111.90 66.25 -46.66
C VAL LB 136 112.20 66.82 -45.27
N CYS LB 137 112.01 66.00 -44.25
CA CYS LB 137 112.36 66.41 -42.89
C CYS LB 137 113.88 66.44 -42.76
N LYS LB 138 114.45 67.63 -42.82
CA LYS LB 138 115.91 67.76 -42.74
C LYS LB 138 116.43 67.31 -41.39
N TYR LB 139 115.83 67.78 -40.31
CA TYR LB 139 116.31 67.48 -38.96
C TYR LB 139 115.13 67.24 -38.03
N THR LB 140 115.32 66.32 -37.08
CA THR LB 140 114.32 66.02 -36.06
C THR LB 140 114.91 66.40 -34.71
N VAL LB 141 114.32 67.41 -34.07
CA VAL LB 141 114.78 67.84 -32.75
C VAL LB 141 114.06 67.00 -31.70
N GLN LB 142 114.77 66.05 -31.11
CA GLN LB 142 114.24 65.22 -30.04
C GLN LB 142 115.12 65.14 -28.81
N ASP LB 143 116.42 65.41 -28.93
CA ASP LB 143 117.29 65.46 -27.76
C ASP LB 143 117.11 66.79 -27.04
N GLU LB 144 116.98 66.72 -25.72
CA GLU LB 144 116.74 67.89 -24.87
C GLU LB 144 115.46 68.63 -25.30
N SER LB 145 114.49 67.88 -25.81
CA SER LB 145 113.24 68.44 -26.29
C SER LB 145 112.24 68.49 -25.15
N HIS LB 146 110.99 68.86 -25.47
CA HIS LB 146 109.95 68.90 -24.46
C HIS LB 146 109.63 67.50 -23.97
N SER LB 147 109.51 67.36 -22.64
CA SER LB 147 109.07 66.09 -22.08
C SER LB 147 107.60 65.83 -22.36
N GLU LB 148 106.87 66.83 -22.83
CA GLU LB 148 105.45 66.74 -23.15
C GLU LB 148 105.26 67.21 -24.59
N TRP LB 149 103.99 67.45 -24.95
CA TRP LB 149 103.64 67.93 -26.29
C TRP LB 149 104.35 69.23 -26.63
N VAL LB 150 104.42 69.54 -27.93
CA VAL LB 150 104.87 70.83 -28.41
C VAL LB 150 103.65 71.56 -28.95
N SER LB 151 103.30 72.69 -28.32
CA SER LB 151 102.03 73.34 -28.60
C SER LB 151 102.14 74.43 -29.65
N CYS LB 152 103.16 75.28 -29.58
CA CYS LB 152 103.28 76.38 -30.52
C CYS LB 152 104.74 76.66 -30.82
N VAL LB 153 105.08 76.71 -32.10
CA VAL LB 153 106.41 77.05 -32.57
C VAL LB 153 106.31 78.24 -33.52
N ARG LB 154 107.26 79.17 -33.40
CA ARG LB 154 107.25 80.38 -34.20
C ARG LB 154 108.68 80.76 -34.58
N PHE LB 155 108.87 81.21 -35.81
CA PHE LB 155 110.15 81.78 -36.20
C PHE LB 155 110.28 83.21 -35.66
N SER LB 156 111.52 83.60 -35.38
CA SER LB 156 111.80 84.99 -35.03
C SER LB 156 111.76 85.86 -36.29
N PRO LB 157 111.00 86.96 -36.28
CA PRO LB 157 110.94 87.81 -37.48
C PRO LB 157 112.26 88.43 -37.88
N ASN LB 158 113.22 88.52 -36.95
CA ASN LB 158 114.52 89.07 -37.27
C ASN LB 158 115.24 88.20 -38.29
N SER LB 159 115.72 88.84 -39.37
CA SER LB 159 116.49 88.11 -40.36
C SER LB 159 117.82 87.64 -39.80
N SER LB 160 118.39 88.40 -38.88
CA SER LB 160 119.58 87.97 -38.16
C SER LB 160 119.18 86.93 -37.11
N ASN LB 161 120.21 86.39 -36.42
CA ASN LB 161 120.20 85.42 -35.32
C ASN LB 161 119.00 84.47 -35.38
N PRO LB 162 118.90 83.64 -36.43
CA PRO LB 162 117.68 82.85 -36.66
C PRO LB 162 117.39 81.84 -35.56
N ILE LB 163 116.29 82.06 -34.84
CA ILE LB 163 115.90 81.20 -33.73
C ILE LB 163 114.41 80.90 -33.83
N ILE LB 164 114.00 79.83 -33.14
CA ILE LB 164 112.60 79.44 -33.05
C ILE LB 164 112.24 79.28 -31.58
N VAL LB 165 111.04 79.71 -31.21
CA VAL LB 165 110.52 79.51 -29.88
C VAL LB 165 109.62 78.28 -29.90
N SER LB 166 109.43 77.67 -28.73
CA SER LB 166 108.67 76.43 -28.64
C SER LB 166 108.09 76.29 -27.23
N CYS LB 167 106.77 76.47 -27.13
CA CYS LB 167 106.05 76.22 -25.89
C CYS LB 167 105.32 74.88 -26.00
N GLY LB 168 105.05 74.27 -24.86
CA GLY LB 168 104.38 73.00 -24.85
C GLY LB 168 103.59 72.70 -23.59
N TRP LB 169 103.36 71.42 -23.33
CA TRP LB 169 102.63 70.99 -22.16
C TRP LB 169 103.54 70.64 -20.99
N ASP LB 170 104.85 70.84 -21.13
CA ASP LB 170 105.78 70.69 -20.03
C ASP LB 170 106.04 72.00 -19.31
N LYS LB 171 105.29 73.06 -19.65
CA LYS LB 171 105.32 74.35 -19.00
C LYS LB 171 106.66 75.06 -19.14
N LEU LB 172 107.44 74.71 -20.17
CA LEU LB 172 108.74 75.33 -20.41
C LEU LB 172 108.82 75.77 -21.85
N VAL LB 173 109.21 77.03 -22.06
CA VAL LB 173 109.45 77.55 -23.40
C VAL LB 173 110.94 77.46 -23.70
N LYS LB 174 111.27 77.04 -24.91
CA LYS LB 174 112.65 76.84 -25.33
C LYS LB 174 112.89 77.59 -26.63
N VAL LB 175 114.08 78.17 -26.76
CA VAL LB 175 114.50 78.84 -27.99
C VAL LB 175 115.65 78.04 -28.60
N TRP LB 176 115.55 77.78 -29.89
CA TRP LB 176 116.49 76.92 -30.60
C TRP LB 176 117.11 77.70 -31.75
N ASN LB 177 118.43 77.89 -31.67
CA ASN LB 177 119.14 78.62 -32.72
C ASN LB 177 119.16 77.78 -34.00
N LEU LB 178 118.76 78.39 -35.11
CA LEU LB 178 118.73 77.68 -36.39
C LEU LB 178 120.11 77.46 -36.98
N ALA LB 179 121.13 78.17 -36.49
CA ALA LB 179 122.48 77.99 -37.02
C ALA LB 179 123.00 76.59 -36.74
N ASN LB 180 122.70 76.05 -35.56
CA ASN LB 180 123.15 74.72 -35.17
C ASN LB 180 122.00 73.78 -34.84
N CYS LB 181 120.76 74.25 -34.91
CA CYS LB 181 119.58 73.48 -34.51
C CYS LB 181 119.74 72.97 -33.08
N LYS LB 182 120.12 73.88 -32.18
CA LYS LB 182 120.46 73.53 -30.81
C LYS LB 182 119.81 74.51 -29.85
N LEU LB 183 119.65 74.05 -28.61
CA LEU LB 183 119.04 74.87 -27.57
C LEU LB 183 119.93 76.04 -27.20
N LYS LB 184 119.30 77.15 -26.82
CA LYS LB 184 120.00 78.34 -26.37
C LYS LB 184 119.77 78.61 -24.89
N THR LB 185 118.50 78.66 -24.47
CA THR LB 185 118.17 78.87 -23.06
C THR LB 185 116.80 78.29 -22.79
N ASN LB 186 116.49 78.14 -21.50
CA ASN LB 186 115.18 77.69 -21.05
C ASN LB 186 114.59 78.73 -20.11
N HIS LB 187 113.39 79.21 -20.44
CA HIS LB 187 112.67 80.16 -19.62
C HIS LB 187 111.60 79.42 -18.84
N ILE LB 188 111.61 79.59 -17.52
CA ILE LB 188 110.77 78.82 -16.61
C ILE LB 188 109.91 79.81 -15.82
N GLY LB 189 108.76 79.33 -15.35
CA GLY LB 189 107.88 80.16 -14.54
C GLY LB 189 106.40 79.93 -14.73
N HIS LB 190 106.03 79.08 -15.68
CA HIS LB 190 104.62 78.76 -15.89
C HIS LB 190 104.18 77.69 -14.91
N THR LB 191 102.97 77.85 -14.36
CA THR LB 191 102.38 76.87 -13.46
C THR LB 191 101.37 75.96 -14.16
N GLY LB 192 101.18 76.12 -15.47
CA GLY LB 192 100.26 75.30 -16.22
C GLY LB 192 100.74 75.15 -17.64
N TYR LB 193 100.13 74.21 -18.35
CA TYR LB 193 100.56 73.91 -19.72
C TYR LB 193 100.28 75.10 -20.63
N LEU LB 194 101.09 75.21 -21.67
CA LEU LB 194 101.07 76.37 -22.56
C LEU LB 194 100.32 76.07 -23.85
N ASN LB 195 99.51 77.04 -24.27
CA ASN LB 195 98.73 76.89 -25.50
C ASN LB 195 99.28 77.69 -26.66
N THR LB 196 100.11 78.71 -26.41
CA THR LB 196 100.58 79.57 -27.48
C THR LB 196 101.85 80.29 -27.06
N VAL LB 197 102.61 80.73 -28.06
CA VAL LB 197 103.73 81.63 -27.87
C VAL LB 197 103.96 82.37 -29.19
N THR LB 198 104.09 83.69 -29.12
CA THR LB 198 104.27 84.51 -30.30
C THR LB 198 105.44 85.47 -30.11
N VAL LB 199 106.15 85.74 -31.19
CA VAL LB 199 107.33 86.59 -31.15
C VAL LB 199 106.99 87.93 -31.78
N SER LB 200 107.36 89.01 -31.09
CA SER LB 200 107.06 90.35 -31.55
C SER LB 200 107.82 90.66 -32.84
N PRO LB 201 107.32 91.59 -33.65
CA PRO LB 201 107.98 91.88 -34.94
C PRO LB 201 109.42 92.35 -34.81
N ASP LB 202 109.79 92.98 -33.69
CA ASP LB 202 111.16 93.42 -33.52
C ASP LB 202 112.12 92.25 -33.24
N GLY LB 203 111.60 91.05 -32.98
CA GLY LB 203 112.44 89.93 -32.62
C GLY LB 203 113.10 90.07 -31.27
N SER LB 204 112.38 90.58 -30.27
CA SER LB 204 112.90 90.71 -28.92
C SER LB 204 111.94 90.28 -27.83
N LEU LB 205 110.67 90.01 -28.15
CA LEU LB 205 109.68 89.55 -27.18
C LEU LB 205 109.09 88.23 -27.67
N CYS LB 206 108.89 87.29 -26.75
CA CYS LB 206 108.32 85.98 -27.07
C CYS LB 206 107.22 85.61 -26.07
N ALA LB 207 106.27 86.53 -25.89
CA ALA LB 207 105.20 86.35 -24.91
C ALA LB 207 104.43 85.06 -25.15
N SER LB 208 104.18 84.32 -24.07
CA SER LB 208 103.49 83.04 -24.12
C SER LB 208 102.39 83.02 -23.08
N GLY LB 209 101.37 82.19 -23.32
CA GLY LB 209 100.27 82.04 -22.38
C GLY LB 209 99.76 80.61 -22.40
N GLY LB 210 99.09 80.24 -21.32
CA GLY LB 210 98.56 78.89 -21.21
C GLY LB 210 97.55 78.69 -20.10
N LYS LB 211 97.61 77.51 -19.47
CA LYS LB 211 96.64 77.17 -18.43
C LYS LB 211 96.80 78.03 -17.19
N ASP LB 212 98.00 78.56 -16.95
CA ASP LB 212 98.24 79.44 -15.81
C ASP LB 212 97.39 80.70 -15.85
N GLY LB 213 96.88 81.08 -17.02
CA GLY LB 213 95.99 82.22 -17.12
C GLY LB 213 96.67 83.56 -17.08
N GLN LB 214 98.00 83.61 -17.11
CA GLN LB 214 98.73 84.86 -17.00
C GLN LB 214 99.85 84.87 -18.02
N ALA LB 215 100.12 86.03 -18.60
CA ALA LB 215 101.06 86.17 -19.70
C ALA LB 215 102.46 86.46 -19.20
N MET LB 216 103.44 85.80 -19.82
CA MET LB 216 104.83 85.92 -19.44
C MET LB 216 105.62 86.56 -20.58
N LEU LB 217 106.26 87.68 -20.29
CA LEU LB 217 107.05 88.42 -21.26
C LEU LB 217 108.52 88.11 -21.02
N TRP LB 218 109.22 87.67 -22.06
CA TRP LB 218 110.61 87.28 -21.96
C TRP LB 218 111.48 88.14 -22.87
N ASP LB 219 112.79 87.98 -22.73
CA ASP LB 219 113.78 88.71 -23.51
C ASP LB 219 114.47 87.77 -24.48
N LEU LB 220 114.76 88.27 -25.68
CA LEU LB 220 115.42 87.49 -26.71
C LEU LB 220 116.86 87.90 -26.96
N ASN LB 221 117.16 89.19 -26.84
CA ASN LB 221 118.51 89.67 -27.11
C ASN LB 221 119.53 89.07 -26.13
N GLU LB 222 119.19 89.05 -24.85
CA GLU LB 222 120.07 88.52 -23.81
C GLU LB 222 119.53 87.24 -23.19
N GLY LB 223 118.23 87.19 -22.93
CA GLY LB 223 117.60 86.02 -22.35
C GLY LB 223 117.35 86.19 -20.86
N LYS LB 224 116.12 86.55 -20.52
CA LYS LB 224 115.74 86.81 -19.13
C LYS LB 224 114.24 87.01 -19.08
N HIS LB 225 113.71 87.02 -17.86
CA HIS LB 225 112.34 87.45 -17.63
C HIS LB 225 112.22 88.96 -17.84
N LEU LB 226 111.10 89.38 -18.42
CA LEU LB 226 110.85 90.81 -18.62
C LEU LB 226 109.65 91.30 -17.83
N TYR LB 227 108.49 90.67 -17.99
CA TYR LB 227 107.31 91.11 -17.26
C TYR LB 227 106.36 89.93 -17.09
N THR LB 228 105.67 89.91 -15.95
CA THR LB 228 104.66 88.91 -15.64
C THR LB 228 103.30 89.60 -15.63
N LEU LB 229 102.55 89.44 -16.73
CA LEU LB 229 101.22 90.02 -16.86
C LEU LB 229 100.17 88.96 -16.57
N ASP LB 230 99.04 89.42 -16.04
CA ASP LB 230 97.99 88.52 -15.58
C ASP LB 230 96.72 88.70 -16.41
N GLY LB 231 96.05 87.58 -16.67
CA GLY LB 231 94.78 87.58 -17.36
C GLY LB 231 93.71 86.88 -16.54
N GLY LB 232 92.48 87.00 -17.03
CA GLY LB 232 91.34 86.47 -16.28
C GLY LB 232 91.38 84.97 -16.13
N ASP LB 233 91.63 84.26 -17.23
CA ASP LB 233 91.62 82.79 -17.23
C ASP LB 233 92.60 82.31 -18.31
N ILE LB 234 92.45 81.05 -18.71
CA ILE LB 234 93.40 80.40 -19.61
C ILE LB 234 93.61 81.21 -20.88
N ILE LB 235 94.87 81.30 -21.30
CA ILE LB 235 95.27 82.03 -22.48
C ILE LB 235 95.56 81.00 -23.57
N ASN LB 236 94.68 80.94 -24.58
CA ASN LB 236 94.79 79.98 -25.65
C ASN LB 236 95.05 80.63 -27.02
N ALA LB 237 95.14 81.95 -27.08
CA ALA LB 237 95.50 82.63 -28.31
C ALA LB 237 96.19 83.94 -27.97
N LEU LB 238 97.34 84.18 -28.59
CA LEU LB 238 98.15 85.37 -28.35
C LEU LB 238 98.66 85.89 -29.68
N CYS LB 239 98.81 87.21 -29.77
CA CYS LB 239 99.49 87.85 -30.90
C CYS LB 239 99.71 89.32 -30.59
N PHE LB 240 100.87 89.82 -31.02
CA PHE LB 240 101.16 91.24 -30.95
C PHE LB 240 100.46 91.98 -32.09
N SER LB 241 100.46 93.31 -31.99
CA SER LB 241 100.08 94.15 -33.11
C SER LB 241 101.33 94.45 -33.94
N PRO LB 242 101.34 94.13 -35.24
CA PRO LB 242 102.56 94.37 -36.03
C PRO LB 242 102.93 95.84 -36.14
N ASN LB 243 101.95 96.74 -36.17
CA ASN LB 243 102.21 98.16 -36.33
C ASN LB 243 102.38 98.89 -35.00
N ARG LB 244 101.93 98.31 -33.90
CA ARG LB 244 101.98 98.93 -32.59
C ARG LB 244 102.86 98.09 -31.65
N TYR LB 245 102.89 98.48 -30.38
CA TYR LB 245 103.42 97.65 -29.32
C TYR LB 245 102.32 96.94 -28.55
N TRP LB 246 101.10 96.95 -29.06
CA TRP LB 246 99.96 96.37 -28.36
C TRP LB 246 100.02 94.86 -28.37
N LEU LB 247 99.59 94.26 -27.26
CA LEU LB 247 99.51 92.81 -27.11
C LEU LB 247 98.08 92.46 -26.72
N CYS LB 248 97.47 91.52 -27.46
CA CYS LB 248 96.11 91.08 -27.20
C CYS LB 248 96.11 89.57 -26.94
N ALA LB 249 95.22 89.15 -26.05
CA ALA LB 249 95.09 87.75 -25.66
C ALA LB 249 93.64 87.33 -25.72
N ALA LB 250 93.42 86.03 -25.88
CA ALA LB 250 92.08 85.45 -25.83
C ALA LB 250 91.85 84.92 -24.42
N THR LB 251 91.33 85.79 -23.55
CA THR LB 251 91.02 85.42 -22.17
C THR LB 251 89.71 84.64 -22.16
N GLY LB 252 89.82 83.36 -22.50
CA GLY LB 252 88.67 82.50 -22.56
C GLY LB 252 87.66 82.96 -23.60
N PRO LB 253 86.48 83.35 -23.14
CA PRO LB 253 85.45 83.87 -24.05
C PRO LB 253 85.58 85.36 -24.35
N SER LB 254 86.58 86.04 -23.80
CA SER LB 254 86.75 87.47 -23.98
C SER LB 254 88.13 87.76 -24.54
N ILE LB 255 88.28 88.97 -25.08
CA ILE LB 255 89.53 89.42 -25.68
C ILE LB 255 90.05 90.59 -24.86
N LYS LB 256 91.31 90.52 -24.45
CA LYS LB 256 91.93 91.55 -23.64
C LYS LB 256 93.16 92.09 -24.36
N ILE LB 257 93.21 93.39 -24.56
CA ILE LB 257 94.27 94.07 -25.29
C ILE LB 257 95.04 94.97 -24.33
N TRP LB 258 96.37 94.90 -24.39
CA TRP LB 258 97.24 95.57 -23.42
C TRP LB 258 98.15 96.56 -24.11
N ASP LB 259 98.38 97.70 -23.46
CA ASP LB 259 99.46 98.60 -23.84
C ASP LB 259 100.71 98.21 -23.06
N LEU LB 260 101.67 97.59 -23.74
CA LEU LB 260 102.82 96.98 -23.07
C LEU LB 260 103.70 97.99 -22.35
N GLU LB 261 103.78 99.22 -22.85
CA GLU LB 261 104.49 100.26 -22.10
C GLU LB 261 103.76 100.59 -20.81
N GLY LB 262 102.42 100.65 -20.85
CA GLY LB 262 101.64 100.90 -19.66
C GLY LB 262 101.22 99.67 -18.90
N LYS LB 263 101.30 98.50 -19.52
CA LYS LB 263 100.89 97.22 -18.92
C LYS LB 263 99.45 97.29 -18.42
N ILE LB 264 98.59 97.96 -19.18
CA ILE LB 264 97.23 98.28 -18.76
C ILE LB 264 96.26 97.87 -19.85
N ILE LB 265 95.02 97.57 -19.44
CA ILE LB 265 93.96 97.29 -20.39
C ILE LB 265 93.59 98.57 -21.13
N VAL LB 266 93.54 98.49 -22.45
CA VAL LB 266 92.98 99.58 -23.25
C VAL LB 266 91.56 99.26 -23.74
N ASP LB 267 91.19 97.98 -23.82
CA ASP LB 267 89.82 97.59 -24.16
C ASP LB 267 89.60 96.14 -23.77
N GLU LB 268 88.34 95.76 -23.63
CA GLU LB 268 87.94 94.37 -23.44
C GLU LB 268 86.73 94.09 -24.33
N LEU LB 269 86.73 92.92 -24.96
CA LEU LB 269 85.66 92.52 -25.87
C LEU LB 269 84.96 91.30 -25.30
N LYS LB 270 83.68 91.44 -24.99
CA LYS LB 270 82.93 90.42 -24.26
C LYS LB 270 81.95 89.64 -25.15
N GLN LB 271 82.13 89.72 -26.47
CA GLN LB 271 81.33 89.05 -27.51
C GLN LB 271 79.90 89.57 -27.60
N GLU LB 272 79.48 90.49 -26.73
CA GLU LB 272 78.16 91.11 -26.78
C GLU LB 272 77.03 90.08 -26.79
N VAL LB 273 77.13 89.09 -25.91
CA VAL LB 273 76.14 88.03 -25.79
C VAL LB 273 75.26 88.30 -24.58
N ILE LB 274 73.95 88.34 -24.79
CA ILE LB 274 72.98 88.61 -23.73
C ILE LB 274 71.99 87.46 -23.57
N SER LB 275 72.42 86.22 -23.87
CA SER LB 275 71.53 85.08 -23.67
C SER LB 275 71.23 84.86 -22.19
N THR LB 276 72.25 85.04 -21.34
CA THR LB 276 72.21 84.94 -19.87
C THR LB 276 71.33 83.81 -19.34
N SER LB 277 71.40 82.65 -20.00
CA SER LB 277 70.65 81.49 -19.51
C SER LB 277 71.31 80.84 -18.30
N SER LB 278 72.60 81.13 -18.06
CA SER LB 278 73.36 80.63 -16.92
C SER LB 278 73.44 79.10 -16.92
N LYS LB 279 73.33 78.49 -18.09
CA LYS LB 279 73.47 77.04 -18.25
C LYS LB 279 74.67 76.68 -19.11
N ALA LB 280 74.87 77.37 -20.22
CA ALA LB 280 75.97 77.12 -21.13
C ALA LB 280 76.98 78.27 -21.05
N GLU LB 281 78.25 77.91 -20.95
CA GLU LB 281 79.30 78.91 -20.96
C GLU LB 281 79.38 79.58 -22.33
N PRO LB 282 79.80 80.85 -22.37
CA PRO LB 282 79.93 81.52 -23.66
C PRO LB 282 81.00 80.87 -24.49
N PRO LB 283 80.89 80.94 -25.82
CA PRO LB 283 81.91 80.32 -26.68
C PRO LB 283 83.29 80.92 -26.44
N GLN LB 284 84.28 80.05 -26.40
CA GLN LB 284 85.66 80.47 -26.13
C GLN LB 284 86.30 80.99 -27.41
N CYS LB 285 87.31 81.84 -27.25
CA CYS LB 285 88.08 82.36 -28.35
C CYS LB 285 89.34 81.52 -28.52
N THR LB 286 89.51 80.95 -29.72
CA THR LB 286 90.61 80.03 -29.98
C THR LB 286 91.61 80.54 -31.00
N SER LB 287 91.26 81.54 -31.80
CA SER LB 287 92.15 82.09 -32.80
C SER LB 287 92.21 83.60 -32.65
N LEU LB 288 93.35 84.18 -33.03
CA LEU LB 288 93.56 85.61 -32.90
C LEU LB 288 94.61 86.03 -33.91
N ALA LB 289 94.27 87.00 -34.76
CA ALA LB 289 95.19 87.45 -35.80
C ALA LB 289 94.90 88.90 -36.15
N TRP LB 290 95.96 89.70 -36.23
CA TRP LB 290 95.85 91.09 -36.66
C TRP LB 290 95.97 91.20 -38.18
N SER LB 291 95.48 92.31 -38.70
CA SER LB 291 95.62 92.61 -40.12
C SER LB 291 97.02 93.13 -40.42
N ALA LB 292 97.29 93.34 -41.71
CA ALA LB 292 98.59 93.89 -42.12
C ALA LB 292 98.80 95.28 -41.56
N ASP LB 293 97.78 96.14 -41.65
CA ASP LB 293 97.88 97.49 -41.12
C ASP LB 293 97.80 97.53 -39.61
N GLY LB 294 97.35 96.46 -38.97
CA GLY LB 294 97.03 96.50 -37.55
C GLY LB 294 95.80 97.31 -37.23
N GLN LB 295 94.91 97.52 -38.21
CA GLN LB 295 93.71 98.30 -37.97
C GLN LB 295 92.55 97.45 -37.50
N THR LB 296 92.42 96.23 -38.02
CA THR LB 296 91.30 95.37 -37.67
C THR LB 296 91.82 94.03 -37.16
N LEU LB 297 91.02 93.39 -36.32
CA LEU LB 297 91.43 92.20 -35.60
C LEU LB 297 90.42 91.09 -35.84
N PHE LB 298 90.93 89.88 -36.08
CA PHE LB 298 90.12 88.70 -36.34
C PHE LB 298 90.28 87.72 -35.20
N ALA LB 299 89.16 87.24 -34.66
CA ALA LB 299 89.15 86.31 -33.54
C ALA LB 299 88.26 85.13 -33.88
N GLY LB 300 88.83 83.93 -33.87
CA GLY LB 300 88.10 82.71 -34.13
C GLY LB 300 87.59 82.10 -32.83
N TYR LB 301 86.33 81.70 -32.84
CA TYR LB 301 85.65 81.21 -31.65
C TYR LB 301 85.22 79.76 -31.85
N THR LB 302 84.59 79.20 -30.81
CA THR LB 302 84.08 77.84 -30.83
C THR LB 302 82.67 77.73 -31.39
N ASP LB 303 82.06 78.85 -31.77
CA ASP LB 303 80.70 78.84 -32.31
C ASP LB 303 80.68 78.60 -33.82
N ASN LB 304 81.73 77.99 -34.37
CA ASN LB 304 81.88 77.78 -35.81
C ASN LB 304 81.81 79.11 -36.56
N LEU LB 305 82.39 80.15 -35.96
CA LEU LB 305 82.28 81.49 -36.49
C LEU LB 305 83.52 82.28 -36.10
N VAL LB 306 83.86 83.26 -36.93
CA VAL LB 306 84.97 84.16 -36.66
C VAL LB 306 84.46 85.59 -36.70
N ARG LB 307 84.83 86.39 -35.70
CA ARG LB 307 84.37 87.76 -35.56
C ARG LB 307 85.48 88.72 -35.92
N VAL LB 308 85.14 89.73 -36.72
CA VAL LB 308 86.09 90.77 -37.11
C VAL LB 308 85.87 91.98 -36.23
N TRP LB 309 86.97 92.51 -35.68
CA TRP LB 309 86.93 93.66 -34.78
C TRP LB 309 87.62 94.84 -35.45
N GLN LB 310 87.09 96.03 -35.21
CA GLN LB 310 87.64 97.26 -35.77
C GLN LB 310 87.86 98.28 -34.66
N VAL LB 311 88.98 98.99 -34.73
CA VAL LB 311 89.29 100.05 -33.77
C VAL LB 311 88.60 101.33 -34.21
N THR LB 312 88.12 102.09 -33.24
CA THR LB 312 87.48 103.38 -33.53
C THR LB 312 88.52 104.38 -34.00
N ILE LB 313 88.23 105.07 -35.09
CA ILE LB 313 89.14 106.07 -35.64
C ILE LB 313 88.99 107.39 -34.89
N GLY MB 1 87.55 67.55 39.10
CA GLY MB 1 88.64 68.23 39.78
C GLY MB 1 88.21 68.93 41.05
N ALA MB 2 88.62 68.41 42.19
CA ALA MB 2 88.25 68.95 43.50
C ALA MB 2 89.18 70.05 43.97
N LEU MB 3 90.29 70.28 43.28
CA LEU MB 3 91.26 71.29 43.69
C LEU MB 3 90.77 72.69 43.34
N ASP MB 4 91.40 73.68 43.96
CA ASP MB 4 91.07 75.08 43.69
C ASP MB 4 91.48 75.48 42.27
N VAL MB 5 92.63 75.01 41.80
CA VAL MB 5 93.07 75.33 40.44
C VAL MB 5 92.15 74.69 39.41
N LEU MB 6 91.55 73.56 39.75
CA LEU MB 6 90.65 72.84 38.84
C LEU MB 6 89.20 73.27 39.04
N GLN MB 7 88.94 74.58 38.97
CA GLN MB 7 87.60 75.12 39.15
C GLN MB 7 87.22 75.99 37.96
N MET MB 8 85.92 76.04 37.70
CA MET MB 8 85.40 76.91 36.65
C MET MB 8 85.63 78.36 37.02
N LYS MB 9 86.00 79.16 36.02
CA LYS MB 9 86.28 80.58 36.19
C LYS MB 9 85.13 81.41 35.63
N GLU MB 10 85.11 82.69 36.00
CA GLU MB 10 84.06 83.59 35.54
C GLU MB 10 84.05 83.68 34.01
N GLU MB 11 85.23 83.66 33.39
CA GLU MB 11 85.30 83.69 31.93
C GLU MB 11 84.67 82.43 31.34
N ASP MB 12 84.92 81.27 31.95
CA ASP MB 12 84.28 80.05 31.49
C ASP MB 12 82.77 80.11 31.66
N VAL MB 13 82.30 80.65 32.79
CA VAL MB 13 80.86 80.82 32.99
C VAL MB 13 80.27 81.70 31.91
N LEU MB 14 80.96 82.80 31.58
CA LEU MB 14 80.47 83.71 30.55
C LEU MB 14 80.39 83.02 29.20
N LYS MB 15 81.43 82.27 28.83
CA LYS MB 15 81.37 81.53 27.58
C LYS MB 15 80.23 80.52 27.56
N PHE MB 16 80.06 79.76 28.65
CA PHE MB 16 79.03 78.74 28.69
C PHE MB 16 77.63 79.36 28.57
N LEU MB 17 77.40 80.48 29.26
CA LEU MB 17 76.11 81.12 29.19
C LEU MB 17 75.87 81.75 27.82
N ALA MB 18 76.93 82.29 27.21
CA ALA MB 18 76.78 82.90 25.88
C ALA MB 18 76.44 81.85 24.83
N ALA MB 19 77.12 80.70 24.87
CA ALA MB 19 76.90 79.66 23.87
C ALA MB 19 75.62 78.86 24.12
N GLY MB 20 75.02 78.97 25.29
CA GLY MB 20 73.89 78.14 25.64
C GLY MB 20 74.30 77.04 26.58
N THR MB 21 74.39 75.80 26.07
CA THR MB 21 75.00 74.61 26.69
C THR MB 21 74.50 74.35 28.11
N HIS MB 22 73.42 75.02 28.51
CA HIS MB 22 72.69 74.69 29.71
C HIS MB 22 71.20 74.66 29.45
N LEU MB 23 70.78 74.79 28.21
CA LEU MB 23 69.37 74.82 27.82
C LEU MB 23 69.05 73.49 27.16
N GLY MB 24 68.56 72.53 27.94
CA GLY MB 24 68.26 71.21 27.43
C GLY MB 24 66.97 71.18 26.65
N GLY MB 25 66.56 69.97 26.30
CA GLY MB 25 65.32 69.77 25.59
C GLY MB 25 64.11 69.72 26.51
N THR MB 26 62.96 69.41 25.92
CA THR MB 26 61.74 69.25 26.68
C THR MB 26 61.56 67.84 27.21
N ASN MB 27 62.47 66.92 26.89
CA ASN MB 27 62.44 65.56 27.39
C ASN MB 27 63.64 65.31 28.29
N LEU MB 28 63.42 64.49 29.32
CA LEU MB 28 64.47 64.17 30.28
C LEU MB 28 64.67 62.66 30.31
N ASP MB 29 65.93 62.25 30.25
CA ASP MB 29 66.28 60.84 30.39
C ASP MB 29 66.52 60.52 31.86
N PHE MB 30 66.04 59.35 32.29
CA PHE MB 30 66.07 59.03 33.71
C PHE MB 30 67.49 58.86 34.23
N GLN MB 31 68.43 58.45 33.37
CA GLN MB 31 69.82 58.38 33.75
C GLN MB 31 70.54 59.72 33.58
N MET MB 32 69.88 60.71 33.01
CA MET MB 32 70.38 62.07 32.95
C MET MB 32 69.74 62.97 34.02
N GLU MB 33 68.92 62.41 34.89
CA GLU MB 33 68.15 63.21 35.83
C GLU MB 33 69.03 63.86 36.88
N GLN MB 34 70.15 63.23 37.22
CA GLN MB 34 71.02 63.74 38.27
C GLN MB 34 71.84 64.96 37.84
N TYR MB 35 71.83 65.31 36.56
CA TYR MB 35 72.57 66.46 36.06
C TYR MB 35 71.68 67.67 35.82
N ILE MB 36 70.44 67.65 36.28
CA ILE MB 36 69.47 68.70 35.98
C ILE MB 36 69.30 69.58 37.21
N TYR MB 37 69.33 70.89 37.02
CA TYR MB 37 69.01 71.82 38.10
C TYR MB 37 67.50 71.98 38.26
N LYS MB 38 66.83 72.49 37.23
CA LYS MB 38 65.41 72.78 37.31
C LYS MB 38 64.84 72.87 35.91
N ARG MB 39 63.54 72.67 35.82
CA ARG MB 39 62.80 72.78 34.56
C ARG MB 39 62.09 74.12 34.51
N LYS MB 40 62.30 74.87 33.44
CA LYS MB 40 61.66 76.17 33.31
C LYS MB 40 60.19 76.01 32.95
N SER MB 41 59.48 77.14 32.92
CA SER MB 41 58.11 77.15 32.43
C SER MB 41 58.04 76.88 30.93
N ASP MB 42 59.15 77.09 30.21
CA ASP MB 42 59.24 76.70 28.81
C ASP MB 42 59.21 75.19 28.61
N GLY MB 43 59.38 74.41 29.67
CA GLY MB 43 59.64 73.01 29.54
C GLY MB 43 61.10 72.68 29.29
N ILE MB 44 61.94 73.69 29.16
CA ILE MB 44 63.37 73.49 28.91
C ILE MB 44 64.06 73.19 30.23
N TYR MB 45 64.79 72.10 30.28
CA TYR MB 45 65.53 71.74 31.48
C TYR MB 45 66.80 72.57 31.58
N ILE MB 46 67.15 72.96 32.79
CA ILE MB 46 68.37 73.73 33.06
C ILE MB 46 69.40 72.78 33.65
N ILE MB 47 70.54 72.68 32.98
CA ILE MB 47 71.57 71.70 33.32
C ILE MB 47 72.57 72.34 34.26
N ASN MB 48 72.87 71.64 35.36
CA ASN MB 48 73.80 72.14 36.37
C ASN MB 48 75.18 72.31 35.75
N LEU MB 49 75.67 73.55 35.72
CA LEU MB 49 76.94 73.83 35.07
C LEU MB 49 78.12 73.32 35.86
N LYS MB 50 78.03 73.31 37.20
CA LYS MB 50 79.12 72.77 38.02
C LYS MB 50 79.28 71.27 37.78
N ARG MB 51 78.17 70.54 37.70
CA ARG MB 51 78.25 69.11 37.40
C ARG MB 51 78.81 68.86 36.01
N THR MB 52 78.44 69.71 35.04
CA THR MB 52 79.02 69.64 33.71
C THR MB 52 80.52 69.85 33.75
N TRP MB 53 80.97 70.83 34.55
CA TRP MB 53 82.39 71.10 34.69
C TRP MB 53 83.12 69.90 35.28
N GLU MB 54 82.53 69.29 36.31
CA GLU MB 54 83.18 68.14 36.93
C GLU MB 54 83.25 66.95 35.98
N LYS MB 55 82.18 66.72 35.21
CA LYS MB 55 82.20 65.64 34.22
C LYS MB 55 83.24 65.92 33.13
N LEU MB 56 83.36 67.18 32.71
CA LEU MB 56 84.37 67.54 31.72
C LEU MB 56 85.78 67.32 32.26
N LEU MB 57 86.00 67.65 33.54
CA LEU MB 57 87.30 67.40 34.16
C LEU MB 57 87.58 65.91 34.24
N LEU MB 58 86.57 65.11 34.57
CA LEU MB 58 86.75 63.66 34.60
C LEU MB 58 87.10 63.11 33.22
N ALA MB 59 86.43 63.63 32.18
CA ALA MB 59 86.74 63.22 30.82
C ALA MB 59 88.16 63.62 30.44
N ALA MB 60 88.60 64.80 30.87
CA ALA MB 60 89.98 65.23 30.61
C ALA MB 60 90.97 64.30 31.28
N ARG MB 61 90.72 63.93 32.53
CA ARG MB 61 91.61 63.00 33.23
C ARG MB 61 91.64 61.64 32.54
N ALA MB 62 90.49 61.18 32.06
CA ALA MB 62 90.45 59.91 31.33
C ALA MB 62 91.24 60.00 30.03
N ILE MB 63 91.14 61.12 29.33
CA ILE MB 63 91.82 61.27 28.04
C ILE MB 63 93.33 61.34 28.24
N VAL MB 64 93.79 62.16 29.19
CA VAL MB 64 95.22 62.31 29.40
C VAL MB 64 95.87 61.09 30.05
N ALA MB 65 95.08 60.09 30.43
CA ALA MB 65 95.62 58.88 31.04
C ALA MB 65 96.19 57.91 30.01
N ILE MB 66 96.03 58.18 28.72
CA ILE MB 66 96.52 57.30 27.67
C ILE MB 66 97.81 57.89 27.12
N GLU MB 67 98.87 57.07 27.12
CA GLU MB 67 100.19 57.56 26.73
C GLU MB 67 100.25 57.92 25.25
N ASN MB 68 99.52 57.17 24.41
CA ASN MB 68 99.50 57.46 22.98
C ASN MB 68 98.34 58.40 22.69
N PRO MB 69 98.60 59.65 22.29
CA PRO MB 69 97.48 60.56 22.00
C PRO MB 69 96.64 60.13 20.81
N ALA MB 70 97.17 59.28 19.93
CA ALA MB 70 96.40 58.80 18.79
C ALA MB 70 95.49 57.62 19.13
N ASP MB 71 95.62 57.05 20.34
CA ASP MB 71 94.76 55.94 20.74
C ASP MB 71 93.38 56.39 21.18
N VAL MB 72 93.10 57.69 21.21
CA VAL MB 72 91.76 58.20 21.45
C VAL MB 72 91.19 58.69 20.13
N SER MB 73 89.96 58.31 19.84
CA SER MB 73 89.30 58.64 18.58
C SER MB 73 88.04 59.45 18.85
N VAL MB 74 87.84 60.49 18.03
CA VAL MB 74 86.70 61.39 18.16
C VAL MB 74 85.83 61.24 16.92
N ILE MB 75 84.54 61.05 17.12
CA ILE MB 75 83.61 60.77 16.04
C ILE MB 75 82.43 61.72 16.16
N SER MB 76 82.08 62.37 15.05
CA SER MB 76 80.88 63.19 14.95
C SER MB 76 80.26 62.96 13.59
N SER MB 77 79.14 62.23 13.54
CA SER MB 77 78.47 62.00 12.27
C SER MB 77 77.75 63.26 11.80
N ARG MB 78 77.11 63.98 12.71
CA ARG MB 78 76.41 65.20 12.35
C ARG MB 78 77.41 66.29 12.00
N ASN MB 79 77.05 67.11 11.01
CA ASN MB 79 77.93 68.18 10.56
C ASN MB 79 78.15 69.23 11.65
N THR MB 80 77.22 69.36 12.59
CA THR MB 80 77.35 70.29 13.69
C THR MB 80 78.35 69.74 14.73
N GLY MB 81 79.61 69.75 14.33
CA GLY MB 81 80.65 69.24 15.20
C GLY MB 81 81.79 68.53 14.49
N GLN MB 82 81.65 68.31 13.18
CA GLN MB 82 82.76 67.73 12.43
C GLN MB 82 83.96 68.65 12.40
N ARG MB 83 83.73 69.96 12.21
CA ARG MB 83 84.82 70.92 12.33
C ARG MB 83 85.41 70.88 13.73
N ALA MB 84 84.54 70.77 14.75
CA ALA MB 84 85.01 70.70 16.13
C ALA MB 84 85.91 69.49 16.36
N VAL MB 85 85.50 68.32 15.86
CA VAL MB 85 86.32 67.13 16.12
C VAL MB 85 87.60 67.16 15.31
N LEU MB 86 87.58 67.73 14.10
CA LEU MB 86 88.82 67.90 13.35
C LEU MB 86 89.80 68.79 14.09
N LYS MB 87 89.30 69.92 14.62
CA LYS MB 87 90.21 70.82 15.34
C LYS MB 87 90.68 70.20 16.64
N PHE MB 88 89.81 69.43 17.30
CA PHE MB 88 90.20 68.75 18.53
C PHE MB 88 91.31 67.73 18.28
N ALA MB 89 91.18 66.95 17.20
CA ALA MB 89 92.23 65.99 16.86
C ALA MB 89 93.51 66.70 16.47
N ALA MB 90 93.40 67.82 15.75
CA ALA MB 90 94.60 68.58 15.39
C ALA MB 90 95.30 69.13 16.63
N ALA MB 91 94.54 69.60 17.60
CA ALA MB 91 95.14 70.20 18.80
C ALA MB 91 95.72 69.14 19.73
N THR MB 92 95.01 68.03 19.92
CA THR MB 92 95.37 67.03 20.92
C THR MB 92 96.10 65.83 20.36
N GLY MB 93 96.31 65.76 19.04
CA GLY MB 93 96.96 64.61 18.47
C GLY MB 93 96.10 63.39 18.32
N ALA MB 94 94.79 63.51 18.51
CA ALA MB 94 93.89 62.38 18.41
C ALA MB 94 93.63 62.03 16.95
N THR MB 95 92.86 60.96 16.74
CA THR MB 95 92.50 60.51 15.39
C THR MB 95 91.04 60.82 15.13
N PRO MB 96 90.72 61.68 14.16
CA PRO MB 96 89.33 62.08 13.94
C PRO MB 96 88.59 61.19 12.95
N ILE MB 97 87.28 61.12 13.15
CA ILE MB 97 86.36 60.52 12.20
C ILE MB 97 85.22 61.50 12.00
N ALA MB 98 85.03 61.96 10.77
CA ALA MB 98 84.00 62.94 10.46
C ALA MB 98 83.03 62.35 9.45
N GLY MB 99 81.76 62.74 9.58
CA GLY MB 99 80.76 62.28 8.63
C GLY MB 99 80.42 60.82 8.84
N ARG MB 100 80.39 60.08 7.73
CA ARG MB 100 79.96 58.69 7.76
C ARG MB 100 80.97 57.82 8.50
N PHE MB 101 80.48 57.04 9.45
CA PHE MB 101 81.27 56.05 10.17
C PHE MB 101 80.91 54.68 9.61
N THR MB 102 81.82 54.10 8.85
CA THR MB 102 81.54 52.82 8.21
C THR MB 102 81.44 51.71 9.25
N PRO MB 103 80.41 50.87 9.19
CA PRO MB 103 80.29 49.79 10.17
C PRO MB 103 81.42 48.79 10.03
N GLY MB 104 81.79 48.19 11.16
CA GLY MB 104 82.90 47.27 11.19
C GLY MB 104 84.26 47.92 11.34
N THR MB 105 84.31 49.22 11.59
CA THR MB 105 85.59 49.91 11.74
C THR MB 105 86.38 49.37 12.92
N PHE MB 106 85.70 49.12 14.04
CA PHE MB 106 86.34 48.58 15.23
C PHE MB 106 86.25 47.07 15.31
N THR MB 107 85.61 46.42 14.37
CA THR MB 107 85.36 45.00 14.53
C THR MB 107 85.85 44.16 13.35
N ASN MB 108 85.69 44.64 12.12
CA ASN MB 108 86.16 43.92 10.94
C ASN MB 108 87.62 44.28 10.71
N GLN MB 109 88.52 43.34 10.97
CA GLN MB 109 89.96 43.59 10.94
C GLN MB 109 90.58 43.33 9.57
N ILE MB 110 89.78 43.23 8.52
CA ILE MB 110 90.31 42.95 7.18
C ILE MB 110 90.64 44.24 6.44
N GLN MB 111 89.70 45.17 6.35
CA GLN MB 111 89.91 46.35 5.54
C GLN MB 111 90.94 47.28 6.16
N ALA MB 112 91.48 48.18 5.35
CA ALA MB 112 92.49 49.12 5.82
C ALA MB 112 91.91 50.20 6.70
N ALA MB 113 90.59 50.42 6.63
CA ALA MB 113 89.94 51.38 7.52
C ALA MB 113 89.81 50.87 8.95
N PHE MB 114 90.12 49.60 9.19
CA PHE MB 114 90.03 49.03 10.52
C PHE MB 114 91.01 49.72 11.47
N ARG MB 115 90.50 50.08 12.65
CA ARG MB 115 91.33 50.67 13.68
C ARG MB 115 90.80 50.23 15.03
N GLU MB 116 91.68 50.16 16.02
CA GLU MB 116 91.31 49.81 17.38
C GLU MB 116 91.91 50.80 18.37
N PRO MB 117 91.15 51.81 18.78
CA PRO MB 117 91.64 52.80 19.72
C PRO MB 117 91.50 52.28 21.15
N ARG MB 118 91.90 53.12 22.10
CA ARG MB 118 91.79 52.81 23.52
C ARG MB 118 90.80 53.69 24.24
N LEU MB 119 90.14 54.60 23.55
CA LEU MB 119 89.13 55.46 24.15
C LEU MB 119 88.26 56.04 23.05
N LEU MB 120 86.95 56.06 23.30
CA LEU MB 120 85.97 56.53 22.33
C LEU MB 120 85.36 57.83 22.87
N VAL MB 121 85.42 58.89 22.07
CA VAL MB 121 84.83 60.17 22.43
C VAL MB 121 83.81 60.53 21.35
N VAL MB 122 82.56 60.72 21.76
CA VAL MB 122 81.43 60.78 20.85
C VAL MB 122 80.68 62.09 21.07
N THR MB 123 80.36 62.78 19.96
CA THR MB 123 79.62 64.03 20.07
C THR MB 123 78.18 63.80 20.54
N ASP MB 124 77.49 62.81 19.95
CA ASP MB 124 76.09 62.58 20.30
C ASP MB 124 75.76 61.10 20.27
N PRO MB 125 75.26 60.53 21.36
CA PRO MB 125 74.93 59.09 21.38
C PRO MB 125 73.87 58.69 20.37
N ARG MB 126 72.85 59.52 20.13
CA ARG MB 126 71.80 59.14 19.19
C ARG MB 126 72.32 59.16 17.75
N ALA MB 127 73.11 60.18 17.39
CA ALA MB 127 73.63 60.25 16.04
C ALA MB 127 74.75 59.25 15.82
N ASP MB 128 75.47 58.88 16.87
CA ASP MB 128 76.60 57.97 16.78
C ASP MB 128 76.33 56.69 17.55
N HIS MB 129 75.12 56.13 17.38
CA HIS MB 129 74.80 54.85 18.00
C HIS MB 129 75.64 53.72 17.43
N GLN MB 130 76.02 53.82 16.15
CA GLN MB 130 76.80 52.74 15.53
C GLN MB 130 78.19 52.59 16.15
N PRO MB 131 79.02 53.64 16.29
CA PRO MB 131 80.30 53.43 16.99
C PRO MB 131 80.11 53.08 18.45
N LEU MB 132 79.01 53.51 19.07
CA LEU MB 132 78.74 53.13 20.45
C LEU MB 132 78.52 51.64 20.58
N THR MB 133 77.68 51.07 19.71
CA THR MB 133 77.41 49.64 19.76
C THR MB 133 78.68 48.84 19.43
N GLU MB 134 79.47 49.32 18.47
CA GLU MB 134 80.67 48.61 18.07
C GLU MB 134 81.74 48.67 19.15
N ALA MB 135 81.71 49.70 20.00
CA ALA MB 135 82.66 49.79 21.10
C ALA MB 135 82.48 48.67 22.12
N SER MB 136 81.28 48.11 22.22
CA SER MB 136 81.01 47.03 23.16
C SER MB 136 81.50 45.69 22.67
N TYR MB 137 82.15 45.62 21.51
CA TYR MB 137 82.74 44.39 21.01
C TYR MB 137 84.26 44.35 21.19
N VAL MB 138 84.87 45.46 21.61
CA VAL MB 138 86.32 45.56 21.57
C VAL MB 138 86.85 46.08 22.91
N ASN MB 139 85.99 46.07 23.93
CA ASN MB 139 86.33 46.53 25.28
C ASN MB 139 86.83 47.99 25.24
N LEU MB 140 85.95 48.87 24.82
CA LEU MB 140 86.33 50.26 24.59
C LEU MB 140 85.63 51.19 25.58
N PRO MB 141 86.36 51.86 26.47
CA PRO MB 141 85.74 52.91 27.29
C PRO MB 141 85.29 54.07 26.43
N THR MB 142 84.22 54.73 26.87
CA THR MB 142 83.52 55.70 26.04
C THR MB 142 83.26 56.99 26.81
N ILE MB 143 83.50 58.12 26.15
CA ILE MB 143 83.06 59.44 26.60
C ILE MB 143 82.09 59.98 25.55
N ALA MB 144 81.04 60.66 26.01
CA ALA MB 144 80.08 61.25 25.09
C ALA MB 144 79.58 62.58 25.62
N LEU MB 145 79.19 63.45 24.70
CA LEU MB 145 78.69 64.78 25.01
C LEU MB 145 77.17 64.70 25.00
N CYS MB 146 76.58 64.33 26.12
CA CYS MB 146 75.18 63.95 26.18
C CYS MB 146 74.28 65.10 26.61
N ASN MB 147 73.05 65.07 26.12
CA ASN MB 147 72.03 66.05 26.47
C ASN MB 147 71.01 65.42 27.41
N THR MB 148 69.99 66.20 27.77
CA THR MB 148 69.00 65.74 28.75
C THR MB 148 68.18 64.58 28.25
N ASP MB 149 68.17 64.33 26.94
CA ASP MB 149 67.39 63.25 26.35
C ASP MB 149 68.26 62.23 25.63
N SER MB 150 69.53 62.15 25.97
CA SER MB 150 70.44 61.21 25.32
C SER MB 150 70.46 59.89 26.08
N PRO MB 151 70.27 58.76 25.40
CA PRO MB 151 70.43 57.47 26.07
C PRO MB 151 71.87 57.25 26.49
N LEU MB 152 72.05 56.55 27.60
CA LEU MB 152 73.36 56.29 28.17
C LEU MB 152 73.67 54.80 28.18
N ARG MB 153 73.23 54.08 27.14
CA ARG MB 153 73.34 52.62 27.14
C ARG MB 153 74.79 52.17 27.18
N TYR MB 154 75.67 52.81 26.38
CA TYR MB 154 77.06 52.40 26.29
C TYR MB 154 78.02 53.53 26.65
N VAL MB 155 77.56 54.50 27.42
CA VAL MB 155 78.35 55.68 27.74
C VAL MB 155 78.84 55.58 29.18
N ASP MB 156 80.08 55.99 29.41
CA ASP MB 156 80.71 55.91 30.71
C ASP MB 156 81.04 57.27 31.33
N ILE MB 157 81.41 58.25 30.52
CA ILE MB 157 81.89 59.53 31.02
C ILE MB 157 80.97 60.61 30.46
N ALA MB 158 79.67 60.31 30.37
CA ALA MB 158 78.66 61.19 29.81
C ALA MB 158 78.78 62.62 30.32
N ILE MB 159 79.04 63.54 29.40
CA ILE MB 159 79.20 64.96 29.73
C ILE MB 159 77.86 65.65 29.46
N PRO MB 160 77.17 66.13 30.49
CA PRO MB 160 75.83 66.73 30.32
C PRO MB 160 75.85 68.22 30.01
N CYS MB 161 76.17 68.56 28.76
CA CYS MB 161 76.14 69.96 28.34
C CYS MB 161 75.13 70.23 27.23
N ASN MB 162 75.28 69.61 26.06
CA ASN MB 162 74.43 69.86 24.90
C ASN MB 162 74.89 68.97 23.76
N ASN MB 163 74.02 68.80 22.77
CA ASN MB 163 74.42 68.23 21.49
C ASN MB 163 73.73 68.87 20.30
N LYS MB 164 72.91 69.91 20.49
CA LYS MB 164 72.13 70.52 19.42
C LYS MB 164 72.76 71.79 18.87
N GLY MB 165 73.02 72.78 19.71
CA GLY MB 165 73.54 74.05 19.23
C GLY MB 165 74.97 73.93 18.74
N ALA MB 166 75.22 74.49 17.56
CA ALA MB 166 76.56 74.44 16.98
C ALA MB 166 77.55 75.21 17.84
N HIS MB 167 77.15 76.38 18.34
CA HIS MB 167 78.02 77.16 19.21
C HIS MB 167 78.35 76.41 20.49
N SER MB 168 77.35 75.77 21.09
CA SER MB 168 77.60 74.99 22.30
C SER MB 168 78.54 73.83 22.03
N VAL MB 169 78.35 73.13 20.91
CA VAL MB 169 79.21 72.01 20.58
C VAL MB 169 80.64 72.47 20.35
N GLY MB 170 80.83 73.55 19.61
CA GLY MB 170 82.17 74.08 19.43
C GLY MB 170 82.81 74.49 20.74
N LEU MB 171 82.02 75.13 21.62
CA LEU MB 171 82.58 75.58 22.90
C LEU MB 171 82.94 74.40 23.79
N MET MB 172 82.10 73.38 23.87
CA MET MB 172 82.41 72.23 24.72
C MET MB 172 83.63 71.47 24.19
N TRP MB 173 83.74 71.33 22.87
CA TRP MB 173 84.90 70.65 22.30
C TRP MB 173 86.18 71.45 22.55
N TRP MB 174 86.10 72.77 22.37
CA TRP MB 174 87.25 73.64 22.61
C TRP MB 174 87.64 73.62 24.09
N MET MB 175 86.65 73.60 24.98
CA MET MB 175 86.92 73.52 26.41
C MET MB 175 87.61 72.20 26.76
N LEU MB 176 87.13 71.10 26.20
CA LEU MB 176 87.75 69.80 26.46
C LEU MB 176 89.18 69.76 25.94
N ALA MB 177 89.41 70.30 24.74
CA ALA MB 177 90.76 70.36 24.20
C ALA MB 177 91.67 71.21 25.08
N ARG MB 178 91.17 72.36 25.52
CA ARG MB 178 91.96 73.22 26.40
C ARG MB 178 92.29 72.52 27.71
N GLU MB 179 91.32 71.78 28.27
CA GLU MB 179 91.57 71.13 29.55
C GLU MB 179 92.57 69.98 29.41
N VAL MB 180 92.46 69.18 28.35
CA VAL MB 180 93.41 68.08 28.18
C VAL MB 180 94.79 68.63 27.82
N LEU MB 181 94.85 69.82 27.20
CA LEU MB 181 96.15 70.41 26.94
C LEU MB 181 96.77 71.01 28.20
N ARG MB 182 95.95 71.58 29.08
CA ARG MB 182 96.48 72.18 30.30
C ARG MB 182 96.86 71.12 31.33
N MET MB 183 96.15 69.99 31.36
CA MET MB 183 96.57 68.90 32.23
C MET MB 183 97.94 68.36 31.81
N ARG MB 184 98.15 68.19 30.52
CA ARG MB 184 99.49 67.91 30.01
C ARG MB 184 100.34 69.16 30.10
N GLY MB 185 101.64 68.98 29.91
CA GLY MB 185 102.56 70.10 30.01
C GLY MB 185 102.63 70.95 28.76
N THR MB 186 101.49 71.52 28.36
CA THR MB 186 101.42 72.33 27.15
C THR MB 186 101.06 73.78 27.42
N ILE MB 187 99.96 74.03 28.12
CA ILE MB 187 99.51 75.38 28.47
C ILE MB 187 99.76 75.61 29.95
N SER MB 188 100.27 76.79 30.27
CA SER MB 188 100.83 77.09 31.59
C SER MB 188 99.78 77.44 32.63
N ARG MB 189 98.49 77.25 32.34
CA ARG MB 189 97.39 77.41 33.28
C ARG MB 189 97.18 78.86 33.72
N GLU MB 190 98.06 79.77 33.26
CA GLU MB 190 98.02 81.16 33.71
C GLU MB 190 97.39 82.07 32.67
N HIS MB 191 97.94 82.10 31.46
CA HIS MB 191 97.31 82.94 30.46
C HIS MB 191 96.22 82.16 29.73
N PRO MB 192 95.18 82.85 29.25
CA PRO MB 192 94.14 82.15 28.49
C PRO MB 192 94.69 81.59 27.19
N TRP MB 193 94.06 80.52 26.73
CA TRP MB 193 94.51 79.84 25.52
C TRP MB 193 94.38 80.76 24.31
N GLU MB 194 95.36 80.68 23.41
CA GLU MB 194 95.41 81.56 22.25
C GLU MB 194 94.43 81.16 21.16
N VAL MB 195 93.84 79.97 21.23
CA VAL MB 195 92.90 79.49 20.22
C VAL MB 195 91.51 79.99 20.56
N MET MB 196 90.94 80.80 19.67
CA MET MB 196 89.60 81.30 19.87
C MET MB 196 88.58 80.16 19.78
N PRO MB 197 87.54 80.17 20.62
CA PRO MB 197 86.51 79.12 20.53
C PRO MB 197 85.73 79.12 19.22
N ASP MB 198 85.78 80.21 18.45
CA ASP MB 198 85.09 80.23 17.16
C ASP MB 198 85.68 79.25 16.17
N LEU MB 199 86.92 78.81 16.38
CA LEU MB 199 87.59 77.89 15.47
C LEU MB 199 86.88 76.54 15.38
N TYR MB 200 86.22 76.11 16.46
CA TYR MB 200 85.56 74.81 16.50
C TYR MB 200 84.11 74.87 16.05
N PHE MB 201 83.61 76.04 15.68
CA PHE MB 201 82.18 76.21 15.42
C PHE MB 201 81.83 75.68 14.03
N TYR MB 202 80.78 74.87 13.97
CA TYR MB 202 80.21 74.50 12.68
C TYR MB 202 79.50 75.70 12.07
N ARG MB 203 79.63 75.86 10.76
CA ARG MB 203 79.07 76.98 10.04
C ARG MB 203 78.23 76.48 8.88
N ASP MB 204 77.01 77.01 8.75
CA ASP MB 204 76.13 76.63 7.67
C ASP MB 204 76.62 77.25 6.36
N PRO MB 205 76.50 76.53 5.24
CA PRO MB 205 77.12 77.00 3.98
C PRO MB 205 76.66 78.38 3.54
N GLU MB 206 75.44 78.80 3.90
CA GLU MB 206 75.01 80.15 3.55
C GLU MB 206 75.72 81.22 4.37
N GLU MB 207 76.49 80.83 5.38
CA GLU MB 207 77.46 81.75 5.98
C GLU MB 207 78.82 81.68 5.28
N ILE MB 208 79.30 80.48 4.94
CA ILE MB 208 80.62 80.37 4.32
C ILE MB 208 80.62 81.08 2.96
N GLU MB 209 79.51 81.01 2.24
CA GLU MB 209 79.45 81.54 0.89
C GLU MB 209 79.17 83.03 0.83
N LYS MB 210 78.98 83.70 1.97
CA LYS MB 210 78.69 85.13 1.95
C LYS MB 210 79.61 85.92 2.87
N GLU MB 211 80.08 85.29 3.96
CA GLU MB 211 80.92 86.00 4.91
C GLU MB 211 82.28 86.34 4.32
N GLU MB 212 82.85 85.44 3.50
CA GLU MB 212 84.17 85.70 2.94
C GLU MB 212 84.12 86.86 1.96
N GLN MB 213 83.04 86.97 1.17
CA GLN MB 213 82.94 88.08 0.23
C GLN MB 213 82.56 89.37 0.93
N ALA MB 214 81.77 89.30 2.01
CA ALA MB 214 81.52 90.51 2.80
C ALA MB 214 82.81 91.02 3.41
N ALA MB 215 83.64 90.12 3.93
CA ALA MB 215 84.95 90.52 4.47
C ALA MB 215 85.85 91.08 3.37
N ALA MB 216 85.78 90.50 2.17
CA ALA MB 216 86.57 91.03 1.06
C ALA MB 216 86.14 92.46 0.71
N GLU MB 217 84.83 92.72 0.68
CA GLU MB 217 84.35 94.08 0.42
C GLU MB 217 84.79 95.04 1.53
N LYS MB 218 84.72 94.59 2.79
CA LYS MB 218 85.18 95.45 3.88
C LYS MB 218 86.68 95.72 3.80
N ALA MB 219 87.47 94.75 3.32
CA ALA MB 219 88.90 94.94 3.22
C ALA MB 219 89.26 95.87 2.06
N VAL MB 220 88.60 95.71 0.91
CA VAL MB 220 88.93 96.52 -0.25
C VAL MB 220 88.41 97.95 -0.11
N THR MB 221 87.37 98.17 0.69
CA THR MB 221 86.80 99.51 0.85
C THR MB 221 87.24 100.14 2.16
N VAL NB 1 -4.51 63.93 -25.14
CA VAL NB 1 -3.99 64.45 -26.39
C VAL NB 1 -3.31 65.79 -26.16
N VAL NB 2 -4.11 66.79 -25.80
CA VAL NB 2 -3.56 68.11 -25.49
C VAL NB 2 -2.85 68.05 -24.14
N ASP NB 3 -1.73 68.75 -24.05
CA ASP NB 3 -0.92 68.69 -22.83
C ASP NB 3 -1.68 69.28 -21.64
N PRO NB 4 -1.62 68.64 -20.48
CA PRO NB 4 -2.39 69.13 -19.32
C PRO NB 4 -1.92 70.48 -18.79
N PHE NB 5 -0.72 70.93 -19.16
CA PHE NB 5 -0.25 72.23 -18.69
C PHE NB 5 -1.01 73.39 -19.30
N SER NB 6 -1.75 73.16 -20.39
CA SER NB 6 -2.58 74.21 -20.96
C SER NB 6 -3.74 74.59 -20.04
N LYS NB 7 -4.13 73.70 -19.11
CA LYS NB 7 -5.19 73.96 -18.17
C LYS NB 7 -4.68 74.42 -16.81
N LYS NB 8 -3.39 74.70 -16.69
CA LYS NB 8 -2.79 75.17 -15.45
C LYS NB 8 -2.66 76.68 -15.47
N ASP NB 9 -2.84 77.29 -14.31
CA ASP NB 9 -2.61 78.71 -14.13
C ASP NB 9 -1.66 78.92 -12.96
N TRP NB 10 -0.90 80.00 -13.02
CA TRP NB 10 0.19 80.24 -12.08
C TRP NB 10 -0.25 81.16 -10.95
N TYR NB 11 0.32 80.93 -9.77
CA TYR NB 11 0.05 81.72 -8.59
C TYR NB 11 1.35 82.15 -7.94
N ASP NB 12 1.30 83.27 -7.22
CA ASP NB 12 2.46 83.82 -6.55
C ASP NB 12 2.39 83.51 -5.06
N VAL NB 13 3.53 83.17 -4.46
CA VAL NB 13 3.61 82.77 -3.07
C VAL NB 13 4.17 83.94 -2.27
N LYS NB 14 3.45 84.34 -1.21
CA LYS NB 14 3.80 85.50 -0.41
C LYS NB 14 4.24 85.04 0.98
N ALA NB 15 5.44 85.45 1.37
CA ALA NB 15 5.94 85.20 2.72
C ALA NB 15 5.29 86.17 3.70
N PRO NB 16 5.23 85.81 5.00
CA PRO NB 16 4.68 86.73 5.99
C PRO NB 16 5.53 87.97 6.19
N ALA NB 17 5.07 88.89 7.06
CA ALA NB 17 5.78 90.13 7.31
C ALA NB 17 7.05 89.93 8.13
N MET NB 18 7.27 88.73 8.66
CA MET NB 18 8.50 88.47 9.41
C MET NB 18 9.73 88.57 8.52
N PHE NB 19 9.55 88.47 7.20
CA PHE NB 19 10.65 88.50 6.25
C PHE NB 19 10.49 89.72 5.34
N ASN NB 20 11.62 90.36 5.04
CA ASN NB 20 11.62 91.55 4.19
C ASN NB 20 11.55 91.25 2.70
N ILE NB 21 11.83 90.01 2.28
CA ILE NB 21 11.47 89.56 0.95
C ILE NB 21 10.16 88.78 1.07
N ARG NB 22 9.09 89.34 0.51
CA ARG NB 22 7.78 88.72 0.59
C ARG NB 22 7.54 87.70 -0.51
N ASN NB 23 8.08 87.93 -1.71
CA ASN NB 23 7.86 87.05 -2.85
C ASN NB 23 8.69 85.79 -2.69
N ILE NB 24 8.06 84.72 -2.22
CA ILE NB 24 8.75 83.43 -2.11
C ILE NB 24 9.07 82.88 -3.48
N GLY NB 25 8.09 82.89 -4.37
CA GLY NB 25 8.25 82.32 -5.70
C GLY NB 25 6.88 82.12 -6.34
N LYS NB 26 6.87 81.32 -7.41
CA LYS NB 26 5.66 81.07 -8.17
C LYS NB 26 5.35 79.58 -8.15
N THR NB 27 4.06 79.27 -8.01
CA THR NB 27 3.56 77.91 -8.09
C THR NB 27 2.51 77.83 -9.17
N LEU NB 28 1.98 76.63 -9.40
CA LEU NB 28 0.92 76.43 -10.37
C LEU NB 28 -0.08 75.43 -9.83
N VAL NB 29 -1.25 75.39 -10.47
CA VAL NB 29 -2.29 74.43 -10.13
C VAL NB 29 -3.23 74.33 -11.32
N THR NB 30 -3.93 73.21 -11.42
CA THR NB 30 -4.92 73.04 -12.48
C THR NB 30 -6.10 73.96 -12.21
N ARG NB 31 -6.64 74.55 -13.28
CA ARG NB 31 -7.80 75.42 -13.17
C ARG NB 31 -9.00 74.62 -12.64
N THR NB 32 -9.91 75.33 -11.98
CA THR NB 32 -11.07 74.71 -11.37
C THR NB 32 -11.96 74.05 -12.41
N GLN NB 33 -12.30 72.79 -12.18
CA GLN NB 33 -13.14 72.02 -13.09
C GLN NB 33 -14.06 71.13 -12.27
N GLY NB 34 -15.34 71.47 -12.22
CA GLY NB 34 -16.27 70.68 -11.44
C GLY NB 34 -16.05 70.86 -9.95
N THR NB 35 -16.19 69.76 -9.22
CA THR NB 35 -16.04 69.79 -7.77
C THR NB 35 -14.60 70.03 -7.32
N LYS NB 36 -13.62 69.71 -8.16
CA LYS NB 36 -12.23 69.96 -7.80
C LYS NB 36 -11.92 71.44 -7.92
N ILE NB 37 -11.49 72.04 -6.81
CA ILE NB 37 -11.26 73.49 -6.74
C ILE NB 37 -9.76 73.74 -6.67
N ALA NB 38 -9.28 74.67 -7.51
CA ALA NB 38 -7.89 75.07 -7.45
C ALA NB 38 -7.55 75.75 -6.13
N SER NB 39 -8.52 76.43 -5.53
CA SER NB 39 -8.28 77.10 -4.25
C SER NB 39 -7.88 76.11 -3.17
N ASP NB 40 -8.59 74.99 -3.08
CA ASP NB 40 -8.23 73.98 -2.10
C ASP NB 40 -6.98 73.21 -2.51
N GLY NB 41 -6.76 73.03 -3.81
CA GLY NB 41 -5.55 72.37 -4.27
C GLY NB 41 -4.29 73.13 -3.91
N LEU NB 42 -4.34 74.46 -3.98
CA LEU NB 42 -3.20 75.27 -3.59
C LEU NB 42 -2.96 75.22 -2.09
N LYS NB 43 -3.99 74.94 -1.30
CA LYS NB 43 -3.85 74.94 0.15
C LYS NB 43 -3.11 73.69 0.61
N GLY NB 44 -2.40 73.83 1.73
CA GLY NB 44 -1.66 72.71 2.28
C GLY NB 44 -0.33 72.44 1.62
N ARG NB 45 0.20 73.38 0.85
CA ARG NB 45 1.49 73.21 0.21
C ARG NB 45 2.58 73.81 1.08
N VAL NB 46 3.69 73.10 1.20
CA VAL NB 46 4.81 73.49 2.03
C VAL NB 46 5.97 73.87 1.12
N PHE NB 47 6.59 75.02 1.39
CA PHE NB 47 7.60 75.61 0.52
C PHE NB 47 8.92 75.69 1.30
N GLU NB 48 9.76 74.68 1.14
CA GLU NB 48 11.06 74.65 1.82
C GLU NB 48 11.95 75.71 1.19
N VAL NB 49 12.06 76.86 1.84
CA VAL NB 49 12.84 77.98 1.32
C VAL NB 49 13.93 78.34 2.33
N SER NB 50 15.10 78.69 1.82
CA SER NB 50 16.24 79.03 2.65
C SER NB 50 16.00 80.36 3.36
N LEU NB 51 16.98 80.75 4.18
CA LEU NB 51 16.89 82.01 4.92
C LEU NB 51 17.60 83.15 4.21
N ALA NB 52 18.66 82.86 3.45
CA ALA NB 52 19.39 83.92 2.77
C ALA NB 52 18.56 84.57 1.66
N ASP NB 53 17.52 83.89 1.19
CA ASP NB 53 16.61 84.46 0.20
C ASP NB 53 15.26 84.81 0.81
N LEU NB 54 15.10 84.67 2.12
CA LEU NB 54 13.97 85.23 2.86
C LEU NB 54 14.35 86.51 3.60
N GLN NB 55 15.57 86.57 4.12
CA GLN NB 55 16.12 87.74 4.76
C GLN NB 55 17.24 88.29 3.89
N ASN NB 56 17.46 89.60 3.99
CA ASN NB 56 18.34 90.29 3.05
C ASN NB 56 19.78 89.79 3.13
N ASP NB 57 20.28 89.58 4.35
CA ASP NB 57 21.72 89.33 4.52
C ASP NB 57 22.01 88.25 5.55
N GLU NB 58 21.05 87.38 5.84
CA GLU NB 58 21.24 86.43 6.92
C GLU NB 58 21.96 85.18 6.43
N VAL NB 59 22.01 84.17 7.28
CA VAL NB 59 22.73 82.92 6.99
C VAL NB 59 21.97 82.12 5.96
N ALA NB 60 22.64 81.14 5.35
CA ALA NB 60 22.04 80.36 4.28
C ALA NB 60 21.81 78.90 4.64
N PHE NB 61 22.29 78.43 5.78
CA PHE NB 61 22.11 77.05 6.19
C PHE NB 61 20.77 76.82 6.89
N ARG NB 62 19.98 77.88 7.07
CA ARG NB 62 18.68 77.80 7.72
C ARG NB 62 17.58 77.82 6.66
N LYS NB 63 16.63 76.92 6.80
CA LYS NB 63 15.49 76.83 5.88
C LYS NB 63 14.20 76.98 6.68
N PHE NB 64 13.10 77.25 5.96
CA PHE NB 64 11.78 77.37 6.57
C PHE NB 64 10.75 76.64 5.72
N LYS NB 65 9.69 76.18 6.38
CA LYS NB 65 8.68 75.35 5.73
C LYS NB 65 7.58 76.16 5.05
N LEU NB 66 6.94 77.07 5.79
CA LEU NB 66 6.04 78.09 5.24
C LEU NB 66 4.88 77.46 4.47
N ILE NB 67 4.02 76.77 5.22
CA ILE NB 67 2.83 76.17 4.64
C ILE NB 67 1.84 77.25 4.22
N THR NB 68 1.06 76.96 3.18
CA THR NB 68 0.07 77.90 2.64
C THR NB 68 -1.30 77.60 3.23
N GLU NB 69 -1.94 78.61 3.81
CA GLU NB 69 -3.27 78.48 4.39
C GLU NB 69 -4.38 79.03 3.49
N ASP NB 70 -4.29 80.30 3.11
CA ASP NB 70 -5.37 80.95 2.37
C ASP NB 70 -4.85 81.50 1.06
N VAL NB 71 -5.64 81.35 0.01
CA VAL NB 71 -5.35 81.92 -1.30
C VAL NB 71 -6.48 82.88 -1.66
N GLN NB 72 -6.11 84.07 -2.11
CA GLN NB 72 -7.06 85.06 -2.58
C GLN NB 72 -6.47 85.75 -3.80
N GLY NB 73 -7.21 85.72 -4.90
CA GLY NB 73 -6.66 86.20 -6.16
C GLY NB 73 -5.60 85.23 -6.66
N LYS NB 74 -4.52 85.78 -7.20
CA LYS NB 74 -3.41 84.97 -7.72
C LYS NB 74 -2.29 84.82 -6.71
N ASN NB 75 -2.54 85.10 -5.44
CA ASN NB 75 -1.52 85.09 -4.40
C ASN NB 75 -1.82 84.00 -3.40
N CYS NB 76 -0.85 83.12 -3.18
CA CYS NB 76 -0.93 82.16 -2.09
C CYS NB 76 -0.24 82.71 -0.85
N LEU NB 77 -0.99 82.83 0.24
CA LEU NB 77 -0.50 83.44 1.47
C LEU NB 77 -0.10 82.34 2.45
N THR NB 78 1.11 82.46 3.00
CA THR NB 78 1.73 81.42 3.79
C THR NB 78 1.79 81.80 5.26
N ASN NB 79 2.17 80.83 6.08
CA ASN NB 79 2.44 81.04 7.49
C ASN NB 79 3.50 80.04 7.91
N PHE NB 80 4.17 80.35 9.02
CA PHE NB 80 5.26 79.51 9.51
C PHE NB 80 4.80 78.10 9.81
N HIS NB 81 5.60 77.12 9.38
CA HIS NB 81 5.30 75.72 9.60
C HIS NB 81 6.45 75.01 10.29
N GLY NB 82 7.67 75.50 10.11
CA GLY NB 82 8.82 74.93 10.76
C GLY NB 82 10.09 75.39 10.10
N MET NB 83 11.19 75.23 10.82
CA MET NB 83 12.51 75.52 10.29
C MET NB 83 13.41 74.31 10.50
N ASP NB 84 14.48 74.26 9.72
CA ASP NB 84 15.45 73.19 9.82
C ASP NB 84 16.79 73.68 9.28
N LEU NB 85 17.87 73.11 9.78
CA LEU NB 85 19.18 73.37 9.21
C LEU NB 85 19.38 72.52 7.96
N THR NB 86 20.37 72.89 7.16
CA THR NB 86 20.67 72.14 5.96
C THR NB 86 21.51 70.90 6.31
N ARG NB 87 21.55 69.97 5.36
CA ARG NB 87 22.26 68.71 5.59
C ARG NB 87 23.76 68.94 5.72
N ASP NB 88 24.33 69.76 4.85
CA ASP NB 88 25.78 69.96 4.85
C ASP NB 88 26.26 70.61 6.13
N LYS NB 89 25.55 71.63 6.61
CA LYS NB 89 25.94 72.31 7.84
C LYS NB 89 25.87 71.36 9.03
N MET NB 90 24.78 70.59 9.12
CA MET NB 90 24.63 69.64 10.22
C MET NB 90 25.71 68.57 10.20
N CYS NB 91 26.03 68.06 9.02
CA CYS NB 91 27.06 67.02 8.93
C CYS NB 91 28.46 67.58 9.13
N SER NB 92 28.65 68.87 8.85
CA SER NB 92 29.96 69.48 9.11
C SER NB 92 30.15 69.77 10.58
N MET NB 93 29.06 70.06 11.30
CA MET NB 93 29.18 70.39 12.71
C MET NB 93 29.57 69.19 13.54
N VAL NB 94 29.10 67.99 13.17
CA VAL NB 94 29.37 66.80 13.96
C VAL NB 94 30.80 66.34 13.69
N LYS NB 95 31.63 66.36 14.72
CA LYS NB 95 33.04 66.03 14.60
C LYS NB 95 33.45 65.13 15.76
N LYS NB 96 34.52 64.37 15.54
CA LYS NB 96 35.03 63.46 16.55
C LYS NB 96 35.74 64.21 17.67
N TRP NB 97 36.05 63.48 18.73
CA TRP NB 97 36.78 64.00 19.89
C TRP NB 97 36.06 65.18 20.54
N GLN NB 98 34.74 65.13 20.52
CA GLN NB 98 33.94 66.15 21.19
C GLN NB 98 32.55 65.58 21.47
N THR NB 99 31.89 66.19 22.43
CA THR NB 99 30.57 65.76 22.88
C THR NB 99 29.52 66.72 22.36
N MET NB 100 28.44 66.19 21.78
CA MET NB 100 27.32 67.01 21.35
C MET NB 100 26.11 66.73 22.23
N ILE NB 101 25.37 67.77 22.56
CA ILE NB 101 24.24 67.70 23.47
C ILE NB 101 22.98 68.02 22.68
N GLU NB 102 22.00 67.12 22.75
CA GLU NB 102 20.76 67.25 22.00
C GLU NB 102 19.60 67.32 22.98
N ALA NB 103 18.77 68.35 22.84
CA ALA NB 103 17.61 68.53 23.69
C ALA NB 103 16.39 68.87 22.84
N HIS NB 104 15.23 68.43 23.31
CA HIS NB 104 13.96 68.75 22.68
C HIS NB 104 12.93 69.04 23.77
N VAL NB 105 11.96 69.88 23.43
CA VAL NB 105 10.90 70.24 24.37
C VAL NB 105 9.66 70.65 23.59
N ASP NB 106 8.52 70.13 24.00
CA ASP NB 106 7.23 70.51 23.44
C ASP NB 106 6.70 71.70 24.24
N VAL NB 107 6.52 72.83 23.57
CA VAL NB 107 6.13 74.07 24.25
C VAL NB 107 5.05 74.76 23.43
N LYS NB 108 4.04 75.27 24.13
CA LYS NB 108 2.88 75.91 23.52
C LYS NB 108 3.05 77.42 23.55
N THR NB 109 2.80 78.06 22.40
CA THR NB 109 2.87 79.51 22.33
C THR NB 109 1.64 80.12 23.00
N THR NB 110 1.63 81.45 23.09
CA THR NB 110 0.49 82.15 23.69
C THR NB 110 -0.76 82.04 22.83
N ASP NB 111 -0.60 81.98 21.51
CA ASP NB 111 -1.74 81.94 20.60
C ASP NB 111 -2.19 80.54 20.24
N GLY NB 112 -1.59 79.50 20.85
CA GLY NB 112 -2.05 78.15 20.65
C GLY NB 112 -1.23 77.29 19.72
N TYR NB 113 -0.11 77.78 19.20
CA TYR NB 113 0.76 76.97 18.37
C TYR NB 113 1.67 76.12 19.25
N LEU NB 114 1.67 74.82 19.01
CA LEU NB 114 2.51 73.88 19.74
C LEU NB 114 3.76 73.59 18.92
N LEU NB 115 4.93 73.76 19.54
CA LEU NB 115 6.21 73.65 18.85
C LEU NB 115 7.13 72.67 19.56
N ARG NB 116 7.81 71.84 18.77
CA ARG NB 116 8.87 70.97 19.25
C ARG NB 116 10.22 71.54 18.81
N LEU NB 117 10.92 72.20 19.73
CA LEU NB 117 12.20 72.82 19.42
C LEU NB 117 13.33 71.84 19.72
N PHE NB 118 14.19 71.60 18.73
CA PHE NB 118 15.37 70.75 18.89
C PHE NB 118 16.60 71.64 18.92
N CYS NB 119 17.45 71.45 19.91
CA CYS NB 119 18.68 72.23 20.07
C CYS NB 119 19.87 71.31 20.11
N VAL NB 120 20.96 71.73 19.47
CA VAL NB 120 22.22 70.99 19.48
C VAL NB 120 23.33 71.92 19.95
N GLY NB 121 24.32 71.33 20.60
CA GLY NB 121 25.47 72.08 21.05
C GLY NB 121 26.66 71.16 21.21
N PHE NB 122 27.83 71.69 20.82
CA PHE NB 122 29.06 70.92 20.74
C PHE NB 122 30.09 71.53 21.67
N THR NB 123 30.77 70.68 22.44
CA THR NB 123 31.80 71.15 23.35
C THR NB 123 32.97 71.73 22.56
N LYS NB 124 33.43 72.91 22.98
CA LYS NB 124 34.47 73.65 22.28
C LYS NB 124 35.79 73.48 23.00
N LYS NB 125 36.83 73.12 22.26
CA LYS NB 125 38.17 73.03 22.81
C LYS NB 125 38.78 74.42 22.94
N ARG NB 126 39.60 74.61 23.96
CA ARG NB 126 40.26 75.89 24.15
C ARG NB 126 41.36 76.08 23.11
N ASN NB 127 41.74 77.34 22.89
CA ASN NB 127 42.76 77.64 21.89
C ASN NB 127 44.13 77.16 22.34
N ASN NB 128 44.35 77.06 23.65
CA ASN NB 128 45.60 76.55 24.20
C ASN NB 128 45.51 75.09 24.61
N GLN NB 129 44.42 74.41 24.28
CA GLN NB 129 44.22 73.03 24.74
C GLN NB 129 45.14 72.08 24.00
N ILE NB 130 45.83 71.24 24.76
CA ILE NB 130 46.73 70.23 24.21
C ILE NB 130 46.03 68.90 24.00
N ARG NB 131 45.09 68.54 24.87
CA ARG NB 131 44.43 67.24 24.79
C ARG NB 131 43.64 67.13 23.48
N LYS NB 132 43.66 65.92 22.91
CA LYS NB 132 43.01 65.69 21.63
C LYS NB 132 41.50 65.84 21.73
N THR NB 133 40.91 65.34 22.81
CA THR NB 133 39.46 65.29 22.95
C THR NB 133 38.96 66.34 23.92
N SER NB 134 37.72 66.78 23.70
CA SER NB 134 37.00 67.67 24.61
C SER NB 134 35.68 66.98 24.96
N TYR NB 135 35.73 66.10 25.94
CA TYR NB 135 34.56 65.32 26.34
C TYR NB 135 34.03 65.89 27.66
N ALA NB 136 32.75 66.22 27.68
CA ALA NB 136 32.10 66.66 28.90
C ALA NB 136 31.62 65.44 29.69
N GLN NB 137 31.63 65.56 31.00
CA GLN NB 137 31.13 64.49 31.83
C GLN NB 137 29.61 64.42 31.76
N HIS NB 138 29.07 63.29 32.22
CA HIS NB 138 27.64 63.04 32.06
C HIS NB 138 26.82 64.05 32.86
N GLN NB 139 27.27 64.42 34.06
CA GLN NB 139 26.58 65.46 34.82
C GLN NB 139 26.63 66.80 34.11
N GLN NB 140 27.78 67.14 33.52
CA GLN NB 140 27.88 68.39 32.77
C GLN NB 140 26.95 68.40 31.57
N VAL NB 141 26.89 67.29 30.84
CA VAL NB 141 25.98 67.20 29.69
C VAL NB 141 24.53 67.30 30.15
N ARG NB 142 24.21 66.64 31.27
CA ARG NB 142 22.84 66.69 31.78
C ARG NB 142 22.45 68.09 32.20
N GLN NB 143 23.35 68.80 32.89
CA GLN NB 143 23.06 70.18 33.28
C GLN NB 143 22.92 71.09 32.07
N ILE NB 144 23.76 70.88 31.05
CA ILE NB 144 23.65 71.67 29.83
C ILE NB 144 22.30 71.42 29.15
N ARG NB 145 21.90 70.14 29.08
CA ARG NB 145 20.62 69.80 28.46
C ARG NB 145 19.45 70.41 29.24
N LYS NB 146 19.48 70.32 30.56
CA LYS NB 146 18.42 70.91 31.36
C LYS NB 146 18.37 72.42 31.20
N LYS NB 147 19.53 73.07 31.20
CA LYS NB 147 19.60 74.52 31.02
C LYS NB 147 19.01 74.92 29.68
N MET NB 148 19.42 74.24 28.61
CA MET NB 148 18.98 74.64 27.28
C MET NB 148 17.59 74.12 26.93
N MET NB 149 17.00 73.28 27.79
CA MET NB 149 15.55 73.06 27.69
C MET NB 149 14.79 74.19 28.37
N GLU NB 150 15.21 74.57 29.57
CA GLU NB 150 14.47 75.60 30.30
C GLU NB 150 14.73 77.01 29.76
N ILE NB 151 15.73 77.20 28.91
CA ILE NB 151 15.85 78.47 28.19
C ILE NB 151 15.59 78.29 26.70
N MET NB 152 14.84 77.25 26.32
CA MET NB 152 14.00 77.28 25.14
C MET NB 152 12.53 77.39 25.49
N THR NB 153 12.13 76.94 26.68
CA THR NB 153 10.75 77.08 27.10
C THR NB 153 10.34 78.54 27.22
N ARG NB 154 11.20 79.36 27.84
CA ARG NB 154 10.78 80.70 28.23
C ARG NB 154 10.81 81.70 27.08
N GLU NB 155 11.46 81.38 25.97
CA GLU NB 155 11.39 82.21 24.78
C GLU NB 155 10.17 81.90 23.93
N VAL NB 156 9.36 80.94 24.34
CA VAL NB 156 8.16 80.54 23.61
C VAL NB 156 6.90 80.72 24.44
N GLN NB 157 6.97 80.41 25.74
CA GLN NB 157 5.76 80.40 26.57
C GLN NB 157 5.14 81.80 26.70
N THR NB 158 5.96 82.84 26.70
CA THR NB 158 5.51 84.17 27.07
C THR NB 158 5.36 85.11 25.88
N ASN NB 159 5.19 84.58 24.67
CA ASN NB 159 5.09 85.45 23.51
C ASN NB 159 4.41 84.71 22.35
N ASP NB 160 3.99 85.48 21.36
CA ASP NB 160 3.26 85.01 20.21
C ASP NB 160 4.19 84.33 19.21
N LEU NB 161 3.59 83.62 18.25
CA LEU NB 161 4.36 82.92 17.22
C LEU NB 161 5.18 83.88 16.37
N LYS NB 162 4.66 85.09 16.10
CA LYS NB 162 5.34 86.01 15.20
C LYS NB 162 6.68 86.45 15.77
N GLU NB 163 6.71 86.86 17.03
CA GLU NB 163 7.97 87.27 17.64
C GLU NB 163 8.80 86.09 18.14
N VAL NB 164 8.27 84.87 18.07
CA VAL NB 164 9.12 83.69 18.19
C VAL NB 164 9.88 83.46 16.89
N VAL NB 165 9.16 83.54 15.77
CA VAL NB 165 9.76 83.32 14.46
C VAL NB 165 10.81 84.37 14.17
N ASN NB 166 10.52 85.63 14.46
CA ASN NB 166 11.49 86.67 14.11
C ASN NB 166 12.72 86.64 15.01
N LYS NB 167 12.64 86.01 16.18
CA LYS NB 167 13.80 85.90 17.05
C LYS NB 167 14.58 84.60 16.86
N LEU NB 168 13.96 83.56 16.28
CA LEU NB 168 14.73 82.43 15.83
C LEU NB 168 15.32 82.64 14.44
N ILE NB 169 14.97 83.72 13.77
CA ILE NB 169 15.61 84.07 12.50
C ILE NB 169 17.11 84.31 12.66
N PRO NB 170 17.59 85.09 13.64
CA PRO NB 170 19.03 85.13 13.89
C PRO NB 170 19.52 84.07 14.88
N ASP NB 171 18.64 83.14 15.27
CA ASP NB 171 18.94 82.10 16.26
C ASP NB 171 19.46 82.72 17.56
N SER NB 172 18.76 83.75 18.02
CA SER NB 172 19.12 84.39 19.28
C SER NB 172 19.00 83.42 20.44
N ILE NB 173 18.04 82.50 20.37
CA ILE NB 173 17.87 81.51 21.43
C ILE NB 173 19.12 80.66 21.57
N GLY NB 174 19.64 80.18 20.44
CA GLY NB 174 20.87 79.39 20.48
C GLY NB 174 22.06 80.19 20.96
N LYS NB 175 22.12 81.47 20.59
CA LYS NB 175 23.25 82.30 21.02
C LYS NB 175 23.23 82.53 22.52
N ASP NB 176 22.06 82.78 23.11
CA ASP NB 176 22.01 82.94 24.56
C ASP NB 176 22.16 81.62 25.29
N ILE NB 177 21.77 80.50 24.65
CA ILE NB 177 22.07 79.18 25.20
C ILE NB 177 23.58 78.99 25.28
N GLU NB 178 24.28 79.35 24.20
CA GLU NB 178 25.74 79.29 24.18
C GLU NB 178 26.33 80.18 25.27
N LYS NB 179 25.77 81.37 25.46
CA LYS NB 179 26.24 82.24 26.52
C LYS NB 179 25.97 81.65 27.90
N ALA NB 180 24.83 80.97 28.06
CA ALA NB 180 24.44 80.49 29.38
C ALA NB 180 25.25 79.28 29.83
N CYS NB 181 25.80 78.52 28.88
CA CYS NB 181 26.49 77.28 29.21
C CYS NB 181 28.00 77.43 29.35
N GLN NB 182 28.53 78.66 29.22
CA GLN NB 182 29.98 78.85 29.32
C GLN NB 182 30.55 78.46 30.67
N SER NB 183 29.78 78.62 31.74
CA SER NB 183 30.27 78.30 33.08
C SER NB 183 30.23 76.82 33.41
N ILE NB 184 29.67 75.99 32.54
CA ILE NB 184 29.64 74.55 32.77
C ILE NB 184 30.70 73.88 31.90
N TYR NB 185 30.62 74.11 30.59
CA TYR NB 185 31.56 73.61 29.61
C TYR NB 185 31.35 74.50 28.40
N PRO NB 186 32.41 75.02 27.79
CA PRO NB 186 32.22 75.90 26.63
C PRO NB 186 31.58 75.16 25.46
N LEU NB 187 30.69 75.87 24.75
CA LEU NB 187 30.06 75.39 23.53
C LEU NB 187 30.28 76.40 22.43
N HIS NB 188 30.44 75.92 21.19
CA HIS NB 188 30.64 76.80 20.06
C HIS NB 188 29.53 76.71 19.03
N ASP NB 189 29.19 75.50 18.55
CA ASP NB 189 28.15 75.32 17.54
C ASP NB 189 26.84 75.04 18.27
N VAL NB 190 26.13 76.11 18.60
CA VAL NB 190 24.83 76.02 19.26
C VAL NB 190 23.78 76.62 18.35
N PHE NB 191 22.75 75.82 18.05
CA PHE NB 191 21.66 76.27 17.20
C PHE NB 191 20.38 75.62 17.67
N VAL NB 192 19.25 76.22 17.27
CA VAL NB 192 17.98 75.52 17.28
C VAL NB 192 17.95 74.68 16.00
N ARG NB 193 18.25 73.39 16.14
CA ARG NB 193 18.43 72.54 14.96
C ARG NB 193 17.13 72.42 14.17
N LYS NB 194 16.01 72.25 14.87
CA LYS NB 194 14.75 72.01 14.19
C LYS NB 194 13.61 72.48 15.10
N VAL NB 195 12.56 72.99 14.47
CA VAL NB 195 11.27 73.12 15.13
C VAL NB 195 10.20 72.61 14.18
N LYS NB 196 9.23 71.88 14.72
CA LYS NB 196 8.15 71.33 13.93
C LYS NB 196 6.82 71.73 14.55
N MET NB 197 5.84 72.02 13.69
CA MET NB 197 4.53 72.44 14.16
C MET NB 197 3.70 71.22 14.53
N LEU NB 198 3.28 71.16 15.79
CA LEU NB 198 2.53 70.02 16.29
C LEU NB 198 1.02 70.25 16.26
N LYS NB 199 0.57 71.44 16.65
CA LYS NB 199 -0.84 71.81 16.56
C LYS NB 199 -0.95 73.24 16.08
N LYS NB 200 -2.08 73.54 15.43
CA LYS NB 200 -2.40 74.89 14.97
C LYS NB 200 -3.79 75.27 15.44
N PRO NB 201 -3.97 76.52 15.90
CA PRO NB 201 -5.26 76.97 16.49
C PRO NB 201 -6.32 77.49 15.52
N LYS NB 202 -6.99 76.55 14.84
CA LYS NB 202 -8.30 76.76 14.23
C LYS NB 202 -8.26 77.64 12.98
N PHE NB 203 -7.12 78.25 12.71
CA PHE NB 203 -6.91 79.06 11.49
C PHE NB 203 -7.93 80.22 11.43
N GLU NB 204 -7.73 81.17 12.32
CA GLU NB 204 -8.41 82.45 12.22
C GLU NB 204 -7.82 83.24 11.05
N LEU NB 205 -8.68 83.73 10.16
CA LEU NB 205 -8.20 84.48 9.00
C LEU NB 205 -7.59 85.82 9.40
N GLY NB 206 -8.13 86.47 10.42
CA GLY NB 206 -7.60 87.75 10.85
C GLY NB 206 -6.16 87.66 11.30
N LYS NB 207 -5.82 86.59 12.03
CA LYS NB 207 -4.44 86.37 12.44
C LYS NB 207 -3.53 86.21 11.22
N LEU NB 208 -3.97 85.44 10.22
CA LEU NB 208 -3.16 85.25 9.03
C LEU NB 208 -2.95 86.56 8.29
N MET NB 209 -4.01 87.38 8.17
CA MET NB 209 -3.87 88.63 7.45
C MET NB 209 -3.02 89.63 8.20
N GLU NB 210 -3.10 89.69 9.53
CA GLU NB 210 -2.21 90.59 10.26
C GLU NB 210 -0.77 90.09 10.24
N LEU NB 211 -0.56 88.78 10.16
CA LEU NB 211 0.80 88.27 9.98
C LEU NB 211 1.33 88.67 8.60
N HIS NB 212 0.50 88.59 7.57
CA HIS NB 212 0.92 89.09 6.26
C HIS NB 212 0.90 90.61 6.21
N GLY NB 213 -0.26 91.21 6.42
CA GLY NB 213 -0.39 92.66 6.34
C GLY NB 213 -0.05 93.35 7.65
N GLU NB 214 -0.86 94.33 8.03
CA GLU NB 214 -0.63 95.09 9.24
C GLU NB 214 -1.74 94.86 10.26
N GLU OB 1 105.86 32.94 8.65
CA GLU OB 1 105.10 33.52 7.55
C GLU OB 1 103.77 34.08 8.03
N TRP OB 2 103.68 34.32 9.34
CA TRP OB 2 102.48 34.89 9.94
C TRP OB 2 102.70 36.39 10.16
N MET OB 3 101.93 37.21 9.45
CA MET OB 3 102.04 38.65 9.56
C MET OB 3 100.72 39.19 10.14
N PRO OB 4 100.66 39.46 11.43
CA PRO OB 4 99.37 39.79 12.04
C PRO OB 4 98.97 41.24 11.80
N VAL OB 5 97.67 41.48 11.82
CA VAL OB 5 97.11 42.83 11.85
C VAL OB 5 96.18 42.92 13.06
N THR OB 6 96.78 43.21 14.22
CA THR OB 6 96.09 43.42 15.50
C THR OB 6 97.15 43.86 16.49
N LYS OB 7 96.83 44.80 17.39
CA LYS OB 7 97.79 45.14 18.44
C LYS OB 7 98.05 43.94 19.34
N LEU OB 8 96.99 43.22 19.70
CA LEU OB 8 97.14 42.02 20.51
C LEU OB 8 97.98 40.96 19.79
N GLY OB 9 97.69 40.75 18.50
CA GLY OB 9 98.47 39.78 17.75
C GLY OB 9 99.92 40.20 17.57
N ARG OB 10 100.15 41.50 17.39
CA ARG OB 10 101.53 42.00 17.31
C ARG OB 10 102.27 41.77 18.61
N LEU OB 11 101.62 42.02 19.74
CA LEU OB 11 102.26 41.76 21.03
C LEU OB 11 102.53 40.29 21.24
N VAL OB 12 101.60 39.43 20.80
CA VAL OB 12 101.80 37.99 20.93
C VAL OB 12 102.99 37.53 20.09
N LYS OB 13 103.10 38.04 18.87
CA LYS OB 13 104.15 37.58 17.96
C LYS OB 13 105.55 37.89 18.48
N ASP OB 14 105.76 39.09 19.02
CA ASP OB 14 107.10 39.55 19.37
C ASP OB 14 107.43 39.37 20.84
N MET OB 15 106.91 38.32 21.47
CA MET OB 15 107.29 37.91 22.83
C MET OB 15 107.01 39.02 23.86
N LYS OB 16 105.89 39.71 23.71
CA LYS OB 16 105.47 40.70 24.69
C LYS OB 16 104.41 40.17 25.64
N ILE OB 17 103.63 39.18 25.22
CA ILE OB 17 102.63 38.53 26.06
C ILE OB 17 103.05 37.08 26.23
N LYS OB 18 103.23 36.67 27.48
CA LYS OB 18 103.78 35.35 27.78
C LYS OB 18 102.70 34.28 27.93
N SER OB 19 101.54 34.63 28.47
CA SER OB 19 100.51 33.65 28.77
C SER OB 19 99.19 34.08 28.15
N LEU OB 20 98.41 33.09 27.72
CA LEU OB 20 97.05 33.35 27.27
C LEU OB 20 96.18 33.91 28.39
N GLU OB 21 96.53 33.62 29.65
CA GLU OB 21 95.77 34.14 30.78
C GLU OB 21 95.91 35.64 30.89
N GLU OB 22 97.00 36.21 30.37
CA GLU OB 22 97.11 37.66 30.33
C GLU OB 22 96.03 38.26 29.44
N ILE OB 23 95.73 37.63 28.31
CA ILE OB 23 94.63 38.07 27.47
C ILE OB 23 93.30 37.78 28.15
N TYR OB 24 93.19 36.62 28.80
CA TYR OB 24 91.91 36.24 29.42
C TYR OB 24 91.56 37.13 30.60
N LEU OB 25 92.57 37.72 31.24
CA LEU OB 25 92.30 38.63 32.35
C LEU OB 25 91.56 39.87 31.88
N PHE OB 26 91.94 40.41 30.73
CA PHE OB 26 91.38 41.65 30.22
C PHE OB 26 90.27 41.44 29.21
N SER OB 27 89.86 40.19 28.98
CA SER OB 27 88.71 39.85 28.14
C SER OB 27 88.86 40.35 26.71
N LEU OB 28 90.10 40.46 26.25
CA LEU OB 28 90.36 40.94 24.90
C LEU OB 28 89.91 39.90 23.88
N PRO OB 29 89.18 40.29 22.84
CA PRO OB 29 88.75 39.32 21.83
C PRO OB 29 89.93 38.80 21.02
N ILE OB 30 89.90 37.50 20.73
CA ILE OB 30 90.91 36.85 19.90
C ILE OB 30 90.38 36.83 18.48
N LYS OB 31 90.91 37.71 17.62
CA LYS OB 31 90.40 37.88 16.27
C LYS OB 31 91.24 37.16 15.22
N GLU OB 32 92.23 36.36 15.64
CA GLU OB 32 93.03 35.60 14.69
C GLU OB 32 93.56 34.35 15.39
N SER OB 33 93.41 33.21 14.71
CA SER OB 33 93.72 31.92 15.32
C SER OB 33 95.20 31.72 15.55
N GLU OB 34 96.06 32.44 14.85
CA GLU OB 34 97.50 32.30 15.01
C GLU OB 34 98.02 32.86 16.33
N ILE OB 35 97.13 33.28 17.23
CA ILE OB 35 97.57 33.75 18.54
C ILE OB 35 97.82 32.57 19.47
N ILE OB 36 96.87 31.64 19.54
CA ILE OB 36 96.94 30.59 20.56
C ILE OB 36 97.84 29.43 20.18
N ASP OB 37 97.97 29.10 18.88
CA ASP OB 37 98.88 28.04 18.50
C ASP OB 37 100.33 28.40 18.82
N PHE OB 38 100.61 29.70 18.87
CA PHE OB 38 101.88 30.17 19.42
C PHE OB 38 101.97 29.82 20.91
N PHE OB 39 100.86 29.92 21.64
CA PHE OB 39 100.83 29.61 23.06
C PHE OB 39 100.63 28.12 23.30
N LEU OB 40 99.51 27.57 22.81
CA LEU OB 40 99.18 26.17 23.00
C LEU OB 40 99.69 25.31 21.85
N GLY OB 41 100.99 25.43 21.55
CA GLY OB 41 101.60 24.68 20.48
C GLY OB 41 101.75 23.20 20.78
N ALA OB 42 101.38 22.35 19.82
CA ALA OB 42 101.56 20.91 19.88
C ALA OB 42 100.82 20.27 21.05
N SER OB 43 99.93 21.03 21.70
CA SER OB 43 99.10 20.50 22.77
C SER OB 43 97.62 20.63 22.48
N LEU OB 44 97.24 21.39 21.45
CA LEU OB 44 95.84 21.54 21.09
C LEU OB 44 95.34 20.32 20.33
N LYS OB 45 94.82 19.33 21.06
CA LYS OB 45 94.26 18.17 20.41
C LYS OB 45 92.97 18.56 19.70
N ASP OB 46 92.62 17.79 18.67
CA ASP OB 46 91.49 18.11 17.82
C ASP OB 46 90.59 16.89 17.69
N GLU OB 47 89.29 17.15 17.50
CA GLU OB 47 88.33 16.09 17.27
C GLU OB 47 87.13 16.67 16.52
N VAL OB 48 86.65 15.91 15.54
CA VAL OB 48 85.50 16.30 14.73
C VAL OB 48 84.27 15.62 15.32
N LEU OB 49 83.31 16.42 15.76
CA LEU OB 49 82.12 15.86 16.41
C LEU OB 49 81.12 15.32 15.39
N LYS OB 50 80.69 16.16 14.46
CA LYS OB 50 79.68 15.73 13.51
C LYS OB 50 79.75 16.60 12.27
N ILE OB 51 79.53 15.97 11.12
CA ILE OB 51 79.39 16.64 9.83
C ILE OB 51 77.95 16.51 9.41
N MET OB 52 77.22 17.63 9.37
CA MET OB 52 75.81 17.58 9.03
C MET OB 52 75.56 18.29 7.71
N PRO OB 53 74.87 17.64 6.77
CA PRO OB 53 74.53 18.23 5.45
C PRO OB 53 73.23 19.02 5.41
N VAL OB 54 73.29 20.29 5.83
CA VAL OB 54 72.13 21.16 5.70
C VAL OB 54 71.88 21.48 4.23
N GLN OB 55 70.61 21.72 3.90
CA GLN OB 55 70.21 21.93 2.52
C GLN OB 55 69.31 23.16 2.42
N LYS OB 56 69.49 23.92 1.35
CA LYS OB 56 68.65 25.07 1.03
C LYS OB 56 67.96 24.81 -0.29
N GLN OB 57 66.62 24.91 -0.29
CA GLN OB 57 65.86 24.62 -1.49
C GLN OB 57 65.96 25.79 -2.47
N THR OB 58 66.21 25.48 -3.74
CA THR OB 58 66.34 26.51 -4.76
C THR OB 58 65.44 26.21 -5.95
N ARG OB 59 65.55 27.03 -7.00
CA ARG OB 59 64.80 26.77 -8.23
C ARG OB 59 65.18 25.43 -8.84
N ALA OB 60 66.48 25.18 -8.97
CA ALA OB 60 66.97 23.94 -9.58
C ALA OB 60 67.38 22.96 -8.49
N GLY OB 61 66.38 22.31 -7.91
CA GLY OB 61 66.63 21.40 -6.81
C GLY OB 61 67.09 22.16 -5.57
N GLN OB 62 67.70 21.42 -4.65
CA GLN OB 62 68.27 22.00 -3.44
C GLN OB 62 69.77 21.73 -3.40
N ARG OB 63 70.52 22.73 -2.97
CA ARG OB 63 71.97 22.60 -2.83
C ARG OB 63 72.34 22.27 -1.39
N THR OB 64 73.40 21.48 -1.23
CA THR OB 64 73.81 20.97 0.06
C THR OB 64 75.11 21.64 0.49
N ARG OB 65 75.09 22.23 1.68
CA ARG OB 65 76.30 22.71 2.34
C ARG OB 65 76.52 21.88 3.59
N PHE OB 66 77.79 21.69 3.93
CA PHE OB 66 78.18 20.80 5.02
C PHE OB 66 78.65 21.62 6.21
N LYS OB 67 78.06 21.35 7.37
CA LYS OB 67 78.35 22.05 8.60
C LYS OB 67 79.21 21.15 9.49
N ALA OB 68 80.31 21.70 10.00
CA ALA OB 68 81.27 20.95 10.78
C ALA OB 68 81.34 21.49 12.19
N PHE OB 69 81.19 20.61 13.18
CA PHE OB 69 81.40 20.93 14.58
C PHE OB 69 82.74 20.36 15.00
N VAL OB 70 83.66 21.23 15.39
CA VAL OB 70 85.02 20.84 15.75
C VAL OB 70 85.28 21.34 17.16
N ALA OB 71 85.76 20.46 18.03
CA ALA OB 71 86.11 20.80 19.40
C ALA OB 71 87.61 20.60 19.58
N ILE OB 72 88.27 21.62 20.12
CA ILE OB 72 89.71 21.57 20.37
C ILE OB 72 89.96 22.02 21.80
N GLY OB 73 91.22 21.89 22.21
CA GLY OB 73 91.64 22.32 23.53
C GLY OB 73 92.64 21.37 24.14
N ASP OB 74 93.67 21.91 24.79
CA ASP OB 74 94.61 21.05 25.49
C ASP OB 74 93.94 20.48 26.74
N TYR OB 75 94.43 19.32 27.18
CA TYR OB 75 93.84 18.63 28.31
C TYR OB 75 94.33 19.23 29.62
N ASN OB 76 94.33 20.55 29.72
CA ASN OB 76 94.87 21.23 30.89
C ASN OB 76 94.04 22.42 31.35
N GLY OB 77 92.83 22.63 30.83
CA GLY OB 77 91.99 23.70 31.32
C GLY OB 77 91.56 24.70 30.27
N HIS OB 78 91.73 24.36 28.99
CA HIS OB 78 91.28 25.20 27.90
C HIS OB 78 90.50 24.35 26.91
N VAL OB 79 89.44 24.94 26.35
CA VAL OB 79 88.55 24.21 25.45
C VAL OB 79 87.87 25.20 24.52
N GLY OB 80 87.47 24.73 23.35
CA GLY OB 80 86.79 25.57 22.39
C GLY OB 80 85.98 24.74 21.41
N LEU OB 81 84.86 25.31 20.99
CA LEU OB 81 83.96 24.65 20.06
C LEU OB 81 83.72 25.58 18.87
N GLY OB 82 83.86 25.03 17.67
CA GLY OB 82 83.71 25.83 16.45
C GLY OB 82 82.74 25.20 15.48
N VAL OB 83 81.87 26.03 14.91
CA VAL OB 83 80.86 25.59 13.95
C VAL OB 83 81.05 26.38 12.67
N LYS OB 84 81.30 25.68 11.57
CA LYS OB 84 81.51 26.32 10.27
C LYS OB 84 80.70 25.58 9.22
N CYS OB 85 79.97 26.33 8.39
CA CYS OB 85 79.20 25.78 7.30
C CYS OB 85 79.84 26.20 5.99
N SER OB 86 80.17 25.20 5.15
CA SER OB 86 80.84 25.48 3.89
C SER OB 86 80.39 24.46 2.86
N LYS OB 87 80.63 24.79 1.59
CA LYS OB 87 80.20 23.94 0.50
C LYS OB 87 80.95 22.61 0.49
N GLU OB 88 82.24 22.63 0.81
CA GLU OB 88 83.05 21.43 0.85
C GLU OB 88 83.33 21.01 2.29
N VAL OB 89 83.51 19.71 2.49
CA VAL OB 89 83.70 19.18 3.83
C VAL OB 89 85.04 19.64 4.42
N ALA OB 90 86.11 19.57 3.61
CA ALA OB 90 87.43 19.93 4.12
C ALA OB 90 87.51 21.41 4.48
N THR OB 91 86.92 22.27 3.64
CA THR OB 91 86.90 23.70 3.93
C THR OB 91 86.12 23.98 5.21
N ALA OB 92 85.00 23.28 5.39
CA ALA OB 92 84.23 23.42 6.63
C ALA OB 92 85.04 22.96 7.83
N ILE OB 93 85.81 21.89 7.68
CA ILE OB 93 86.64 21.39 8.77
C ILE OB 93 87.69 22.43 9.16
N ARG OB 94 88.37 23.00 8.17
CA ARG OB 94 89.39 24.00 8.47
C ARG OB 94 88.77 25.25 9.08
N GLY OB 95 87.62 25.70 8.57
CA GLY OB 95 86.96 26.85 9.14
C GLY OB 95 86.51 26.60 10.57
N ALA OB 96 86.01 25.40 10.85
CA ALA OB 96 85.58 25.07 12.21
C ALA OB 96 86.77 24.97 13.15
N ILE OB 97 87.91 24.47 12.66
CA ILE OB 97 89.13 24.45 13.46
C ILE OB 97 89.55 25.87 13.81
N ILE OB 98 89.51 26.77 12.83
CA ILE OB 98 89.89 28.16 13.08
C ILE OB 98 88.94 28.80 14.08
N LEU OB 99 87.63 28.57 13.92
CA LEU OB 99 86.65 29.18 14.82
C LEU OB 99 86.77 28.63 16.24
N ALA OB 100 87.00 27.31 16.37
CA ALA OB 100 87.21 26.72 17.68
C ALA OB 100 88.48 27.27 18.31
N LYS OB 101 89.51 27.53 17.50
CA LYS OB 101 90.71 28.19 18.01
C LYS OB 101 90.39 29.59 18.51
N LEU OB 102 89.50 30.30 17.81
CA LEU OB 102 89.12 31.64 18.24
C LEU OB 102 88.37 31.61 19.56
N SER OB 103 87.43 30.68 19.70
CA SER OB 103 86.55 30.63 20.87
C SER OB 103 87.09 29.67 21.94
N ILE OB 104 88.34 29.86 22.33
CA ILE OB 104 88.94 29.07 23.40
C ILE OB 104 88.69 29.79 24.71
N VAL OB 105 88.06 29.09 25.65
CA VAL OB 105 87.81 29.65 26.97
C VAL OB 105 88.64 28.89 28.01
N PRO OB 106 89.03 29.52 29.11
CA PRO OB 106 89.62 28.78 30.21
C PRO OB 106 88.57 28.02 31.01
N VAL OB 107 89.02 26.96 31.66
CA VAL OB 107 88.15 26.10 32.47
C VAL OB 107 88.64 26.14 33.91
N ARG OB 108 87.75 26.48 34.83
CA ARG OB 108 88.07 26.48 36.25
C ARG OB 108 87.81 25.09 36.81
N ARG OB 109 88.81 24.50 37.41
CA ARG OB 109 88.68 23.20 38.05
C ARG OB 109 88.66 23.37 39.56
N GLY OB 110 87.79 22.60 40.22
CA GLY OB 110 87.69 22.65 41.66
C GLY OB 110 87.84 21.29 42.29
N TYR OB 111 87.39 21.15 43.53
CA TYR OB 111 87.47 19.89 44.27
C TYR OB 111 86.08 19.49 44.74
N TRP OB 112 85.79 18.19 44.64
CA TRP OB 112 84.56 17.67 45.21
C TRP OB 112 84.53 17.85 46.73
N GLY OB 113 85.66 17.58 47.37
CA GLY OB 113 85.83 17.77 48.80
C GLY OB 113 87.22 17.34 49.18
N ASN OB 114 87.74 17.84 50.31
CA ASN OB 114 89.10 17.53 50.77
C ASN OB 114 90.13 17.89 49.69
N LYS OB 115 90.26 19.19 49.48
CA LYS OB 115 91.26 19.69 48.55
C LYS OB 115 92.64 19.15 48.93
N ILE OB 116 93.22 18.31 48.07
CA ILE OB 116 94.46 17.62 48.41
C ILE OB 116 95.54 18.00 47.40
N GLY OB 117 95.31 17.69 46.13
CA GLY OB 117 96.31 17.96 45.10
C GLY OB 117 95.79 18.90 44.03
N LYS OB 118 95.96 18.50 42.77
CA LYS OB 118 95.42 19.29 41.68
C LYS OB 118 93.89 19.19 41.67
N PRO OB 119 93.19 20.27 41.34
CA PRO OB 119 91.74 20.19 41.18
C PRO OB 119 91.37 19.26 40.03
N HIS OB 120 90.24 18.57 40.18
CA HIS OB 120 89.85 17.52 39.26
C HIS OB 120 88.43 17.64 38.74
N THR OB 121 87.60 18.48 39.31
CA THR OB 121 86.19 18.56 38.95
C THR OB 121 85.78 20.02 38.84
N VAL OB 122 84.54 20.25 38.44
CA VAL OB 122 83.98 21.60 38.36
C VAL OB 122 83.87 22.15 39.78
N PRO OB 123 84.18 23.43 40.00
CA PRO OB 123 84.11 23.98 41.37
C PRO OB 123 82.71 23.97 41.95
N CYS OB 124 81.68 24.06 41.12
CA CYS OB 124 80.30 24.04 41.58
C CYS OB 124 79.43 23.61 40.42
N LYS OB 125 78.19 23.25 40.71
CA LYS OB 125 77.29 22.82 39.64
C LYS OB 125 76.90 24.02 38.80
N VAL OB 126 77.13 23.92 37.50
CA VAL OB 126 76.87 25.00 36.56
C VAL OB 126 75.97 24.46 35.45
N THR OB 127 75.16 25.33 34.87
CA THR OB 127 74.17 24.93 33.89
C THR OB 127 74.45 25.64 32.57
N GLY OB 128 74.45 24.89 31.48
CA GLY OB 128 74.53 25.44 30.14
C GLY OB 128 73.18 25.33 29.46
N ARG OB 129 72.88 26.29 28.61
CA ARG OB 129 71.57 26.38 27.97
C ARG OB 129 71.74 26.83 26.54
N CYS OB 130 71.23 26.03 25.60
CA CYS OB 130 71.27 26.39 24.18
C CYS OB 130 70.12 25.68 23.50
N GLY OB 131 69.27 26.44 22.82
CA GLY OB 131 68.04 25.87 22.31
C GLY OB 131 67.19 25.37 23.47
N SER OB 132 66.72 24.15 23.36
CA SER OB 132 66.01 23.50 24.45
C SER OB 132 66.90 22.56 25.25
N VAL OB 133 68.20 22.54 24.97
CA VAL OB 133 69.13 21.65 25.66
C VAL OB 133 69.61 22.34 26.92
N LEU OB 134 69.41 21.67 28.06
CA LEU OB 134 69.88 22.16 29.35
C LEU OB 134 70.86 21.13 29.91
N VAL OB 135 72.09 21.56 30.15
CA VAL OB 135 73.17 20.68 30.59
C VAL OB 135 73.68 21.17 31.94
N ARG OB 136 73.70 20.26 32.91
CA ARG OB 136 74.15 20.57 34.26
C ARG OB 136 75.33 19.68 34.61
N LEU OB 137 76.41 20.29 35.11
CA LEU OB 137 77.62 19.56 35.46
C LEU OB 137 77.80 19.59 36.97
N ILE OB 138 77.73 18.42 37.60
CA ILE OB 138 77.80 18.32 39.06
C ILE OB 138 79.20 17.86 39.46
N PRO OB 139 79.80 18.47 40.49
CA PRO OB 139 81.11 18.00 40.94
C PRO OB 139 81.06 16.55 41.43
N ALA OB 140 82.15 15.82 41.17
CA ALA OB 140 82.25 14.41 41.47
C ALA OB 140 83.58 14.11 42.15
N PRO OB 141 83.62 13.09 43.00
CA PRO OB 141 84.88 12.77 43.68
C PRO OB 141 85.92 12.21 42.73
N ARG OB 142 87.15 12.11 43.25
CA ARG OB 142 88.28 11.65 42.47
C ARG OB 142 88.04 10.25 41.91
N GLY OB 143 88.36 10.07 40.63
CA GLY OB 143 88.34 8.77 40.01
C GLY OB 143 87.01 8.32 39.44
N THR OB 144 85.93 9.08 39.64
CA THR OB 144 84.66 8.70 39.03
C THR OB 144 84.66 8.88 37.52
N GLY OB 145 85.53 9.73 37.00
CA GLY OB 145 85.53 10.01 35.58
C GLY OB 145 84.36 10.89 35.19
N ILE OB 146 84.22 11.08 33.89
CA ILE OB 146 83.14 11.86 33.31
C ILE OB 146 82.00 10.92 32.97
N VAL OB 147 80.94 10.94 33.77
CA VAL OB 147 79.74 10.18 33.49
C VAL OB 147 78.75 11.10 32.76
N SER OB 148 78.57 10.84 31.46
CA SER OB 148 77.77 11.70 30.61
C SER OB 148 77.60 11.01 29.26
N ALA OB 149 76.86 11.66 28.37
CA ALA OB 149 76.78 11.21 27.00
C ALA OB 149 78.13 11.41 26.31
N PRO OB 150 78.42 10.64 25.25
CA PRO OB 150 79.73 10.76 24.60
C PRO OB 150 80.03 12.15 24.06
N VAL OB 151 79.02 12.83 23.50
CA VAL OB 151 79.25 14.15 22.90
C VAL OB 151 79.73 15.17 23.95
N PRO OB 152 79.12 15.29 25.13
CA PRO OB 152 79.76 16.09 26.17
C PRO OB 152 80.93 15.39 26.84
N LYS OB 153 81.02 14.06 26.77
CA LYS OB 153 82.13 13.36 27.41
C LYS OB 153 83.46 13.79 26.81
N LYS OB 154 83.53 13.83 25.48
CA LYS OB 154 84.78 14.21 24.83
C LYS OB 154 85.12 15.68 25.09
N LEU OB 155 84.10 16.54 25.12
CA LEU OB 155 84.34 17.97 25.35
C LEU OB 155 84.81 18.23 26.77
N LEU OB 156 84.23 17.52 27.74
CA LEU OB 156 84.68 17.63 29.12
C LEU OB 156 86.09 17.05 29.28
N MET OB 157 86.37 15.93 28.62
CA MET OB 157 87.68 15.30 28.77
C MET OB 157 88.78 16.18 28.21
N MET OB 158 88.59 16.74 27.01
CA MET OB 158 89.62 17.60 26.47
C MET OB 158 89.68 18.96 27.15
N ALA OB 159 88.70 19.28 27.99
CA ALA OB 159 88.74 20.52 28.76
C ALA OB 159 89.56 20.40 30.04
N GLY OB 160 90.09 19.21 30.34
CA GLY OB 160 90.85 18.99 31.55
C GLY OB 160 90.04 18.51 32.74
N ILE OB 161 88.71 18.45 32.63
CA ILE OB 161 87.89 17.96 33.72
C ILE OB 161 88.10 16.46 33.86
N ASP OB 162 88.46 16.03 35.07
CA ASP OB 162 88.73 14.61 35.32
C ASP OB 162 87.47 13.86 35.74
N ASP OB 163 86.72 14.41 36.69
CA ASP OB 163 85.52 13.76 37.21
C ASP OB 163 84.36 14.74 37.18
N CYS OB 164 83.18 14.25 36.80
CA CYS OB 164 81.99 15.11 36.73
C CYS OB 164 80.72 14.28 36.59
N TYR OB 165 79.72 14.55 37.42
CA TYR OB 165 78.38 14.07 37.15
C TYR OB 165 77.69 15.03 36.20
N THR OB 166 76.81 14.50 35.36
CA THR OB 166 76.15 15.29 34.34
C THR OB 166 74.68 14.94 34.26
N SER OB 167 73.85 15.94 34.01
CA SER OB 167 72.43 15.75 33.73
C SER OB 167 72.07 16.64 32.55
N ALA OB 168 71.31 16.10 31.60
CA ALA OB 168 70.90 16.83 30.42
C ALA OB 168 69.41 16.68 30.21
N ARG OB 169 68.78 17.73 29.69
CA ARG OB 169 67.36 17.72 29.37
C ARG OB 169 67.14 18.45 28.07
N GLY OB 170 66.10 18.05 27.35
CA GLY OB 170 65.76 18.63 26.06
C GLY OB 170 66.06 17.68 24.93
N CYS OB 171 66.20 18.26 23.73
CA CYS OB 171 66.50 17.48 22.53
C CYS OB 171 68.01 17.32 22.43
N THR OB 172 68.53 16.36 23.19
CA THR OB 172 69.96 16.07 23.16
C THR OB 172 70.40 15.44 21.84
N ALA OB 173 69.47 14.90 21.05
CA ALA OB 173 69.81 14.40 19.73
C ALA OB 173 70.31 15.49 18.80
N THR OB 174 69.93 16.74 19.05
CA THR OB 174 70.49 17.88 18.32
C THR OB 174 71.91 18.08 18.78
N LEU OB 175 72.87 17.57 17.99
CA LEU OB 175 74.25 17.52 18.45
C LEU OB 175 74.87 18.91 18.56
N GLY OB 176 74.54 19.80 17.63
CA GLY OB 176 75.10 21.14 17.70
C GLY OB 176 74.67 21.89 18.94
N ASN OB 177 73.37 21.91 19.22
CA ASN OB 177 72.86 22.58 20.41
C ASN OB 177 73.35 21.88 21.67
N PHE OB 178 73.41 20.54 21.64
CA PHE OB 178 73.86 19.79 22.82
C PHE OB 178 75.32 20.08 23.15
N ALA OB 179 76.19 20.14 22.14
CA ALA OB 179 77.57 20.49 22.39
C ALA OB 179 77.72 21.96 22.79
N LYS OB 180 76.92 22.84 22.20
CA LYS OB 180 77.03 24.26 22.52
C LYS OB 180 76.56 24.54 23.94
N ALA OB 181 75.55 23.81 24.42
CA ALA OB 181 75.10 23.98 25.80
C ALA OB 181 76.18 23.54 26.79
N THR OB 182 76.84 22.42 26.51
CA THR OB 182 77.94 21.99 27.36
C THR OB 182 79.09 22.98 27.32
N PHE OB 183 79.37 23.55 26.15
CA PHE OB 183 80.40 24.59 26.06
C PHE OB 183 80.02 25.80 26.89
N ASP OB 184 78.75 26.20 26.86
CA ASP OB 184 78.28 27.30 27.68
C ASP OB 184 78.42 26.98 29.17
N ALA OB 185 78.10 25.75 29.56
CA ALA OB 185 78.25 25.35 30.96
C ALA OB 185 79.70 25.38 31.39
N ILE OB 186 80.61 24.90 30.54
CA ILE OB 186 82.03 24.91 30.86
C ILE OB 186 82.55 26.34 30.95
N SER OB 187 82.15 27.19 30.02
CA SER OB 187 82.73 28.53 29.91
C SER OB 187 82.35 29.41 31.08
N LYS OB 188 81.26 29.10 31.78
CA LYS OB 188 80.81 29.95 32.88
C LYS OB 188 81.28 29.46 34.24
N THR OB 189 82.34 28.65 34.30
CA THR OB 189 82.90 28.29 35.59
C THR OB 189 83.50 29.51 36.28
N TYR OB 190 84.19 30.36 35.52
CA TYR OB 190 84.68 31.62 36.09
C TYR OB 190 83.59 32.65 36.26
N SER OB 191 82.55 32.62 35.41
CA SER OB 191 81.44 33.55 35.56
C SER OB 191 80.78 33.41 36.93
N TYR OB 192 80.82 32.22 37.51
CA TYR OB 192 80.27 32.00 38.84
C TYR OB 192 81.17 32.67 39.88
N LEU OB 193 80.55 33.23 40.91
CA LEU OB 193 81.27 33.90 42.00
C LEU OB 193 81.28 33.01 43.23
N THR OB 194 82.46 32.79 43.78
CA THR OB 194 82.67 31.90 44.91
C THR OB 194 83.41 32.64 46.01
N PRO OB 195 83.22 32.23 47.27
CA PRO OB 195 83.83 32.98 48.38
C PRO OB 195 85.35 33.05 48.34
N ASP OB 196 86.02 32.09 47.71
CA ASP OB 196 87.47 32.19 47.56
C ASP OB 196 87.88 33.26 46.56
N LEU OB 197 86.95 33.75 45.73
CA LEU OB 197 87.20 34.86 44.82
C LEU OB 197 86.70 36.19 45.36
N TRP OB 198 86.31 36.24 46.63
CA TRP OB 198 85.76 37.45 47.21
C TRP OB 198 86.79 38.55 47.42
N LYS OB 199 88.08 38.22 47.35
CA LYS OB 199 89.13 39.19 47.65
C LYS OB 199 89.09 40.35 46.66
N GLU OB 200 89.33 41.56 47.18
CA GLU OB 200 89.33 42.76 46.35
C GLU OB 200 90.40 42.65 45.28
N THR OB 201 90.04 42.96 44.04
CA THR OB 201 90.94 42.76 42.92
C THR OB 201 91.97 43.88 42.85
N VAL OB 202 93.23 43.51 42.73
CA VAL OB 202 94.29 44.45 42.41
C VAL OB 202 94.41 44.51 40.90
N PHE OB 203 94.59 45.73 40.38
CA PHE OB 203 94.57 45.97 38.95
C PHE OB 203 95.99 46.14 38.42
N THR OB 204 96.29 45.46 37.32
CA THR OB 204 97.54 45.63 36.61
C THR OB 204 97.30 46.39 35.31
N LYS OB 205 98.40 46.82 34.68
CA LYS OB 205 98.30 47.52 33.42
C LYS OB 205 97.84 46.58 32.32
N SER OB 206 96.93 47.07 31.48
CA SER OB 206 96.54 46.33 30.29
C SER OB 206 97.73 46.23 29.33
N PRO OB 207 97.79 45.17 28.53
CA PRO OB 207 98.89 45.05 27.56
C PRO OB 207 98.92 46.17 26.54
N TYR OB 208 97.78 46.85 26.32
CA TYR OB 208 97.76 47.95 25.36
C TYR OB 208 98.50 49.17 25.88
N GLN OB 209 98.42 49.45 27.18
CA GLN OB 209 99.17 50.56 27.75
C GLN OB 209 100.52 50.14 28.29
N GLU OB 210 100.71 48.86 28.58
CA GLU OB 210 102.01 48.40 29.06
C GLU OB 210 103.06 48.46 27.96
N PHE OB 211 102.67 48.22 26.72
CA PHE OB 211 103.57 48.18 25.58
C PHE OB 211 103.14 49.17 24.50
N THR OB 212 102.61 50.32 24.92
CA THR OB 212 102.09 51.28 23.96
C THR OB 212 103.18 51.86 23.07
N ASP OB 213 104.36 52.16 23.62
CA ASP OB 213 105.43 52.71 22.81
C ASP OB 213 105.94 51.69 21.79
N HIS OB 214 106.08 50.44 22.21
CA HIS OB 214 106.48 49.39 21.29
C HIS OB 214 105.43 49.17 20.21
N LEU OB 215 104.16 49.27 20.57
CA LEU OB 215 103.10 49.18 19.56
C LEU OB 215 103.19 50.33 18.57
N VAL OB 216 103.55 51.52 19.05
CA VAL OB 216 103.74 52.66 18.14
C VAL OB 216 104.90 52.40 17.19
N LYS OB 217 106.02 51.91 17.73
CA LYS OB 217 107.20 51.67 16.89
C LYS OB 217 106.95 50.58 15.85
N THR OB 218 106.35 49.47 16.25
CA THR OB 218 106.23 48.33 15.35
C THR OB 218 104.88 48.31 14.61
N HIS OB 219 103.78 48.28 15.36
CA HIS OB 219 102.44 48.15 14.77
C HIS OB 219 101.98 49.53 14.32
N THR OB 220 102.45 49.92 13.14
CA THR OB 220 102.10 51.22 12.58
C THR OB 220 100.84 51.14 11.73
N ALA PB 1 48.47 -23.36 64.96
CA ALA PB 1 48.63 -24.73 65.43
C ALA PB 1 47.44 -25.16 66.27
N ARG PB 2 47.28 -26.47 66.43
CA ARG PB 2 46.24 -27.03 67.27
C ARG PB 2 46.73 -27.35 68.67
N GLY PB 3 47.99 -27.05 68.97
CA GLY PB 3 48.55 -27.32 70.27
C GLY PB 3 49.92 -26.71 70.43
N PRO PB 4 50.57 -27.01 71.55
CA PRO PB 4 51.89 -26.43 71.80
C PRO PB 4 52.93 -26.93 70.81
N LYS PB 5 53.89 -26.05 70.51
CA LYS PB 5 54.99 -26.40 69.62
C LYS PB 5 56.07 -27.13 70.41
N LYS PB 6 56.62 -28.17 69.80
CA LYS PB 6 57.70 -28.94 70.41
C LYS PB 6 58.87 -29.09 69.45
N HIS PB 7 59.04 -28.12 68.57
CA HIS PB 7 60.17 -28.05 67.65
C HIS PB 7 60.73 -26.63 67.65
N LEU PB 8 62.01 -26.52 67.30
CA LEU PB 8 62.67 -25.22 67.21
C LEU PB 8 63.60 -25.25 66.02
N LYS PB 9 63.30 -24.42 65.02
CA LYS PB 9 64.14 -24.33 63.84
C LYS PB 9 65.52 -23.78 64.22
N ARG PB 10 66.53 -24.21 63.47
CA ARG PB 10 67.90 -23.84 63.80
C ARG PB 10 68.10 -22.34 63.72
N VAL PB 11 67.58 -21.69 62.68
CA VAL PB 11 67.71 -20.26 62.55
C VAL PB 11 66.79 -19.51 63.50
N ALA PB 12 65.74 -20.16 64.01
CA ALA PB 12 64.85 -19.57 64.99
C ALA PB 12 65.36 -19.70 66.42
N ALA PB 13 66.53 -20.31 66.60
CA ALA PB 13 67.11 -20.45 67.92
C ALA PB 13 67.57 -19.09 68.43
N PRO PB 14 67.71 -18.94 69.75
CA PRO PB 14 68.29 -17.70 70.29
C PRO PB 14 69.69 -17.46 69.75
N LYS PB 15 69.99 -16.18 69.49
CA LYS PB 15 71.27 -15.82 68.90
C LYS PB 15 72.42 -16.13 69.83
N HIS PB 16 72.24 -15.92 71.14
CA HIS PB 16 73.32 -16.13 72.09
C HIS PB 16 73.70 -17.59 72.25
N TRP PB 17 72.92 -18.52 71.71
CA TRP PB 17 73.33 -19.91 71.68
C TRP PB 17 74.52 -20.14 70.77
N MET PB 18 74.79 -19.21 69.84
CA MET PB 18 75.95 -19.26 68.96
C MET PB 18 75.93 -20.50 68.07
N LEU PB 19 74.75 -20.90 67.64
CA LEU PB 19 74.59 -22.02 66.72
C LEU PB 19 74.82 -21.54 65.28
N ASP PB 20 75.39 -22.43 64.47
CA ASP PB 20 75.64 -22.12 63.08
C ASP PB 20 74.44 -22.53 62.23
N LYS PB 21 74.60 -22.51 60.90
CA LYS PB 21 73.48 -22.72 60.00
C LYS PB 21 73.55 -24.01 59.19
N LEU PB 22 74.73 -24.58 58.99
CA LEU PB 22 74.88 -25.72 58.10
C LEU PB 22 74.85 -27.07 58.81
N THR PB 23 74.83 -27.09 60.14
CA THR PB 23 74.84 -28.37 60.86
C THR PB 23 73.51 -29.08 60.74
N GLY PB 24 72.40 -28.35 60.80
CA GLY PB 24 71.12 -28.99 60.75
C GLY PB 24 70.00 -27.99 60.53
N VAL PB 25 68.77 -28.50 60.64
CA VAL PB 25 67.57 -27.70 60.40
C VAL PB 25 66.96 -27.29 61.73
N PHE PB 26 67.13 -28.12 62.74
CA PHE PB 26 66.45 -27.93 64.02
C PHE PB 26 67.42 -27.50 65.10
N ALA PB 27 66.87 -26.89 66.12
CA ALA PB 27 67.57 -26.45 67.32
C ALA PB 27 67.15 -27.33 68.49
N PRO PB 28 67.93 -27.33 69.58
CA PRO PB 28 67.62 -28.24 70.70
C PRO PB 28 66.20 -28.19 71.23
N ARG PB 29 65.50 -27.05 71.15
CA ARG PB 29 64.15 -26.89 71.69
C ARG PB 29 64.13 -27.34 73.14
N PRO PB 30 64.68 -26.55 74.05
CA PRO PB 30 64.77 -26.99 75.45
C PRO PB 30 63.40 -27.25 76.06
N SER PB 31 63.34 -28.26 76.90
CA SER PB 31 62.11 -28.58 77.60
C SER PB 31 61.76 -27.46 78.59
N THR PB 32 60.54 -27.49 79.08
CA THR PB 32 60.09 -26.49 80.04
C THR PB 32 60.88 -26.64 81.34
N GLY PB 33 61.16 -25.50 81.97
CA GLY PB 33 61.99 -25.51 83.16
C GLY PB 33 61.97 -24.19 83.91
N PRO PB 34 62.98 -23.99 84.76
CA PRO PB 34 63.02 -22.79 85.60
C PRO PB 34 63.21 -21.49 84.84
N HIS PB 35 63.69 -21.54 83.59
CA HIS PB 35 63.96 -20.34 82.82
C HIS PB 35 63.28 -20.42 81.46
N LYS PB 36 62.95 -19.24 80.93
CA LYS PB 36 62.41 -19.16 79.58
C LYS PB 36 63.43 -19.63 78.57
N LEU PB 37 62.94 -20.22 77.47
CA LEU PB 37 63.86 -20.76 76.47
C LEU PB 37 64.64 -19.67 75.75
N ARG PB 38 64.15 -18.43 75.77
CA ARG PB 38 64.88 -17.34 75.12
C ARG PB 38 66.21 -17.07 75.79
N GLU PB 39 66.25 -17.07 77.12
CA GLU PB 39 67.47 -16.80 77.87
C GLU PB 39 67.93 -18.00 78.70
N CYS PB 40 67.82 -19.20 78.12
CA CYS PB 40 68.32 -20.41 78.75
C CYS PB 40 69.43 -21.02 77.89
N LEU PB 41 70.22 -21.88 78.52
CA LEU PB 41 71.28 -22.61 77.84
C LEU PB 41 71.06 -24.11 78.00
N PRO PB 42 70.48 -24.79 77.01
CA PRO PB 42 70.30 -26.23 77.12
C PRO PB 42 71.62 -26.97 77.26
N LEU PB 43 71.60 -28.07 78.00
CA LEU PB 43 72.83 -28.76 78.34
C LEU PB 43 73.50 -29.39 77.11
N ILE PB 44 72.72 -29.71 76.08
CA ILE PB 44 73.30 -30.31 74.89
C ILE PB 44 74.29 -29.35 74.22
N ILE PB 45 73.89 -28.09 74.01
CA ILE PB 45 74.81 -27.16 73.39
C ILE PB 45 75.92 -26.78 74.36
N PHE PB 46 75.62 -26.70 75.66
CA PHE PB 46 76.66 -26.37 76.64
C PHE PB 46 77.78 -27.41 76.63
N LEU PB 47 77.44 -28.69 76.53
CA LEU PB 47 78.45 -29.74 76.55
C LEU PB 47 78.94 -30.13 75.17
N ARG PB 48 78.34 -29.62 74.09
CA ARG PB 48 78.78 -29.96 72.76
C ARG PB 48 79.51 -28.84 72.03
N ASN PB 49 79.13 -27.58 72.24
CA ASN PB 49 79.68 -26.46 71.51
C ASN PB 49 80.55 -25.56 72.37
N ARG PB 50 80.38 -25.59 73.69
CA ARG PB 50 81.20 -24.79 74.59
C ARG PB 50 82.40 -25.55 75.12
N LEU PB 51 82.17 -26.72 75.72
CA LEU PB 51 83.24 -27.51 76.31
C LEU PB 51 83.80 -28.57 75.38
N LYS PB 52 83.09 -28.88 74.30
CA LYS PB 52 83.53 -29.85 73.30
C LYS PB 52 83.75 -31.25 73.89
N TYR PB 53 83.11 -31.52 75.02
CA TYR PB 53 83.14 -32.87 75.58
C TYR PB 53 82.45 -33.87 74.65
N ALA PB 54 81.35 -33.47 74.04
CA ALA PB 54 80.60 -34.32 73.13
C ALA PB 54 80.63 -33.74 71.73
N LEU PB 55 80.57 -34.62 70.74
CA LEU PB 55 80.56 -34.19 69.34
C LEU PB 55 79.19 -34.25 68.72
N THR PB 56 78.28 -35.07 69.25
CA THR PB 56 76.93 -35.18 68.73
C THR PB 56 75.94 -35.17 69.89
N GLY PB 57 74.66 -35.20 69.55
CA GLY PB 57 73.64 -35.32 70.58
C GLY PB 57 73.67 -36.67 71.28
N ASP PB 58 74.05 -37.73 70.55
CA ASP PB 58 74.13 -39.05 71.15
C ASP PB 58 75.21 -39.11 72.22
N GLU PB 59 76.37 -38.50 71.97
CA GLU PB 59 77.44 -38.53 72.95
C GLU PB 59 77.05 -37.79 74.23
N VAL PB 60 76.42 -36.62 74.09
CA VAL PB 60 75.99 -35.90 75.29
C VAL PB 60 74.86 -36.65 75.99
N LYS PB 61 74.04 -37.39 75.24
CA LYS PB 61 73.03 -38.23 75.88
C LYS PB 61 73.68 -39.33 76.70
N LYS PB 62 74.72 -39.96 76.16
CA LYS PB 62 75.47 -40.96 76.92
C LYS PB 62 76.10 -40.35 78.16
N ILE PB 63 76.63 -39.13 78.04
CA ILE PB 63 77.24 -38.46 79.18
C ILE PB 63 76.19 -38.19 80.26
N CYS PB 64 75.02 -37.69 79.86
CA CYS PB 64 74.00 -37.30 80.82
C CYS PB 64 73.37 -38.53 81.50
N MET PB 65 73.14 -39.60 80.74
CA MET PB 65 72.49 -40.77 81.33
C MET PB 65 73.41 -41.54 82.28
N GLN PB 66 74.69 -41.21 82.31
CA GLN PB 66 75.59 -41.78 83.31
C GLN PB 66 75.62 -40.95 84.59
N ARG PB 67 74.78 -39.92 84.68
CA ARG PB 67 74.54 -39.16 85.91
C ARG PB 67 75.80 -38.43 86.37
N PHE PB 68 76.42 -37.72 85.44
CA PHE PB 68 77.55 -36.85 85.75
C PHE PB 68 77.20 -35.37 85.77
N ILE PB 69 76.17 -34.95 85.05
CA ILE PB 69 75.82 -33.54 84.98
C ILE PB 69 74.92 -33.20 86.17
N LYS PB 70 75.46 -32.43 87.11
CA LYS PB 70 74.71 -31.96 88.27
C LYS PB 70 74.40 -30.48 88.08
N ILE PB 71 73.12 -30.13 88.14
CA ILE PB 71 72.65 -28.76 88.01
C ILE PB 71 71.98 -28.36 89.32
N ASP PB 72 72.48 -27.29 89.93
CA ASP PB 72 71.94 -26.77 91.20
C ASP PB 72 71.96 -27.85 92.29
N GLY PB 73 73.02 -28.65 92.31
CA GLY PB 73 73.15 -29.71 93.30
C GLY PB 73 72.27 -30.91 93.05
N LYS PB 74 71.67 -31.03 91.87
CA LYS PB 74 70.82 -32.17 91.54
C LYS PB 74 71.20 -32.70 90.17
N VAL PB 75 71.20 -34.03 90.05
CA VAL PB 75 71.52 -34.67 88.78
C VAL PB 75 70.31 -34.59 87.86
N ARG PB 76 70.54 -34.10 86.64
CA ARG PB 76 69.50 -34.03 85.62
C ARG PB 76 69.93 -34.83 84.41
N THR PB 77 69.14 -35.84 84.06
CA THR PB 77 69.41 -36.67 82.89
C THR PB 77 68.72 -36.15 81.64
N ASP PB 78 68.03 -35.01 81.73
CA ASP PB 78 67.32 -34.43 80.60
C ASP PB 78 68.32 -33.75 79.68
N ILE PB 79 68.36 -34.18 78.42
CA ILE PB 79 69.32 -33.63 77.47
C ILE PB 79 69.01 -32.17 77.15
N THR PB 80 67.73 -31.82 77.05
CA THR PB 80 67.30 -30.46 76.70
C THR PB 80 66.81 -29.70 77.93
N TYR PB 81 67.46 -29.93 79.06
CA TYR PB 81 67.09 -29.19 80.26
C TYR PB 81 67.60 -27.75 80.14
N PRO PB 82 66.74 -26.75 80.35
CA PRO PB 82 67.21 -25.36 80.30
C PRO PB 82 67.98 -24.97 81.54
N ALA PB 83 69.29 -24.76 81.41
CA ALA PB 83 70.09 -24.35 82.56
C ALA PB 83 69.66 -23.00 83.08
N GLY PB 84 69.85 -21.94 82.31
CA GLY PB 84 69.48 -20.62 82.76
C GLY PB 84 70.59 -19.91 83.51
N PHE PB 85 70.23 -18.74 84.05
CA PHE PB 85 71.21 -17.82 84.58
C PHE PB 85 71.75 -18.28 85.93
N MET PB 86 73.07 -18.26 86.05
CA MET PB 86 73.83 -18.51 87.29
C MET PB 86 73.35 -19.75 88.06
N ASP PB 87 72.93 -20.77 87.31
CA ASP PB 87 72.79 -22.09 87.91
C ASP PB 87 74.12 -22.80 87.84
N VAL PB 88 74.48 -23.50 88.91
CA VAL PB 88 75.78 -24.12 89.02
C VAL PB 88 75.74 -25.47 88.31
N ILE PB 89 76.68 -25.69 87.39
CA ILE PB 89 76.85 -26.97 86.73
C ILE PB 89 78.06 -27.66 87.35
N SER PB 90 77.84 -28.83 87.93
CA SER PB 90 78.87 -29.56 88.65
C SER PB 90 79.10 -30.91 88.00
N ILE PB 91 80.35 -31.23 87.72
CA ILE PB 91 80.76 -32.53 87.21
C ILE PB 91 81.77 -33.10 88.19
N ASP PB 92 81.31 -34.00 89.06
CA ASP PB 92 82.17 -34.52 90.12
C ASP PB 92 83.26 -35.45 89.61
N LYS PB 93 83.02 -36.13 88.50
CA LYS PB 93 84.02 -37.08 87.99
C LYS PB 93 85.29 -36.36 87.58
N THR PB 94 85.16 -35.23 86.87
CA THR PB 94 86.30 -34.43 86.47
C THR PB 94 86.59 -33.27 87.42
N GLY PB 95 85.70 -33.01 88.37
CA GLY PB 95 85.97 -32.07 89.44
C GLY PB 95 86.13 -30.60 89.07
N GLU PB 96 85.24 -30.07 88.24
CA GLU PB 96 85.17 -28.64 87.99
C GLU PB 96 83.72 -28.19 88.05
N ASN PB 97 83.52 -26.91 88.32
CA ASN PB 97 82.19 -26.33 88.49
C ASN PB 97 82.04 -25.11 87.60
N PHE PB 98 80.86 -24.95 87.02
CA PHE PB 98 80.56 -23.86 86.10
C PHE PB 98 79.43 -23.02 86.65
N ARG PB 99 79.64 -21.70 86.71
CA ARG PB 99 78.59 -20.74 86.97
C ARG PB 99 78.24 -20.04 85.68
N LEU PB 100 76.95 -20.03 85.33
CA LEU PB 100 76.51 -19.60 84.01
C LEU PB 100 76.22 -18.11 84.05
N ILE PB 101 77.19 -17.30 83.64
CA ILE PB 101 77.12 -15.85 83.72
C ILE PB 101 77.34 -15.28 82.32
N TYR PB 102 76.54 -14.28 81.95
CA TYR PB 102 76.71 -13.61 80.67
C TYR PB 102 78.06 -12.90 80.61
N ASP PB 103 78.68 -12.92 79.44
CA ASP PB 103 79.89 -12.16 79.21
C ASP PB 103 79.51 -10.73 78.80
N THR PB 104 80.51 -9.90 78.50
CA THR PB 104 80.25 -8.52 78.08
C THR PB 104 79.42 -8.45 76.81
N LYS PB 105 79.56 -9.42 75.91
CA LYS PB 105 78.79 -9.46 74.68
C LYS PB 105 77.44 -10.15 74.86
N GLY PB 106 77.01 -10.34 76.11
CA GLY PB 106 75.69 -10.89 76.38
C GLY PB 106 75.47 -12.32 75.96
N ARG PB 107 76.46 -13.18 76.17
CA ARG PB 107 76.32 -14.61 75.90
C ARG PB 107 76.84 -15.40 77.09
N PHE PB 108 76.28 -16.59 77.28
CA PHE PB 108 76.64 -17.42 78.42
C PHE PB 108 78.10 -17.87 78.29
N ALA PB 109 78.97 -17.28 79.09
CA ALA PB 109 80.38 -17.58 79.08
C ALA PB 109 80.66 -18.81 79.93
N VAL PB 110 81.76 -19.50 79.60
CA VAL PB 110 82.22 -20.65 80.37
C VAL PB 110 83.02 -20.13 81.55
N HIS PB 111 82.38 -19.99 82.70
CA HIS PB 111 82.98 -19.40 83.89
C HIS PB 111 83.19 -20.50 84.92
N ARG PB 112 84.44 -20.86 85.14
CA ARG PB 112 84.80 -21.89 86.12
C ARG PB 112 84.86 -21.28 87.51
N ILE PB 113 84.39 -22.02 88.51
CA ILE PB 113 84.30 -21.53 89.87
C ILE PB 113 84.88 -22.57 90.83
N THR PB 114 85.29 -22.10 92.00
CA THR PB 114 85.81 -22.96 93.04
C THR PB 114 84.68 -23.80 93.65
N PRO PB 115 85.00 -25.01 94.13
CA PRO PB 115 83.95 -25.88 94.69
C PRO PB 115 83.23 -25.27 95.88
N GLU PB 116 83.92 -24.53 96.74
CA GLU PB 116 83.26 -23.90 97.88
C GLU PB 116 82.34 -22.77 97.45
N GLU PB 117 82.67 -22.06 96.37
CA GLU PB 117 81.78 -21.02 95.87
C GLU PB 117 80.55 -21.63 95.19
N ALA PB 118 80.69 -22.83 94.62
CA ALA PB 118 79.59 -23.50 93.96
C ALA PB 118 78.53 -23.97 94.94
N LYS PB 119 78.82 -23.97 96.24
CA LYS PB 119 77.84 -24.40 97.23
C LYS PB 119 76.66 -23.45 97.35
N TYR PB 120 76.86 -22.17 97.05
CA TYR PB 120 75.82 -21.16 97.17
C TYR PB 120 75.47 -20.61 95.79
N LYS PB 121 74.45 -19.77 95.75
CA LYS PB 121 73.84 -19.31 94.51
C LYS PB 121 72.93 -18.12 94.79
N LEU PB 122 72.98 -17.13 93.91
CA LEU PB 122 72.13 -15.95 94.02
C LEU PB 122 70.86 -16.12 93.21
N CYS PB 123 69.74 -15.66 93.77
CA CYS PB 123 68.45 -15.68 93.11
C CYS PB 123 67.79 -14.32 93.27
N LYS PB 124 67.02 -13.93 92.25
CA LYS PB 124 66.26 -12.69 92.28
C LYS PB 124 64.80 -13.01 92.55
N VAL PB 125 64.29 -12.54 93.69
CA VAL PB 125 62.89 -12.75 94.00
C VAL PB 125 62.02 -12.01 93.00
N ARG PB 126 61.00 -12.69 92.47
CA ARG PB 126 60.14 -12.11 91.45
C ARG PB 126 58.78 -11.72 92.00
N LYS PB 127 58.25 -12.46 92.95
CA LYS PB 127 57.00 -12.08 93.61
C LYS PB 127 57.01 -12.64 95.03
N ILE PB 128 56.30 -11.94 95.92
CA ILE PB 128 56.13 -12.37 97.30
C ILE PB 128 54.64 -12.34 97.61
N PHE PB 129 54.09 -13.49 97.97
CA PHE PB 129 52.70 -13.59 98.34
C PHE PB 129 52.58 -14.39 99.63
N VAL PB 130 51.59 -14.03 100.44
CA VAL PB 130 51.29 -14.75 101.66
C VAL PB 130 50.30 -15.87 101.33
N GLY PB 131 50.60 -17.08 101.78
CA GLY PB 131 49.80 -18.24 101.52
C GLY PB 131 48.77 -18.50 102.59
N THR PB 132 48.13 -19.66 102.49
CA THR PB 132 47.12 -20.04 103.47
C THR PB 132 47.76 -20.22 104.85
N LYS PB 133 46.95 -20.06 105.89
CA LYS PB 133 47.38 -20.05 107.29
C LYS PB 133 48.41 -18.96 107.57
N GLY PB 134 48.35 -17.86 106.83
CA GLY PB 134 49.24 -16.74 107.06
C GLY PB 134 50.71 -17.05 106.86
N ILE PB 135 51.03 -17.83 105.83
CA ILE PB 135 52.40 -18.28 105.57
C ILE PB 135 52.95 -17.45 104.41
N PRO PB 136 53.97 -16.62 104.63
CA PRO PB 136 54.59 -15.90 103.52
C PRO PB 136 55.32 -16.85 102.58
N HIS PB 137 55.34 -16.50 101.30
CA HIS PB 137 56.04 -17.27 100.29
C HIS PB 137 57.02 -16.35 99.57
N LEU PB 138 57.76 -16.93 98.63
CA LEU PB 138 58.79 -16.20 97.90
C LEU PB 138 59.13 -16.97 96.64
N VAL PB 139 58.96 -16.32 95.48
CA VAL PB 139 59.28 -16.92 94.19
C VAL PB 139 60.49 -16.20 93.62
N THR PB 140 61.52 -16.97 93.27
CA THR PB 140 62.76 -16.41 92.76
C THR PB 140 62.67 -16.19 91.25
N HIS PB 141 63.78 -15.81 90.64
CA HIS PB 141 63.83 -15.68 89.18
C HIS PB 141 63.85 -17.05 88.50
N ASP PB 142 64.18 -18.10 89.24
CA ASP PB 142 63.93 -19.46 88.80
C ASP PB 142 62.46 -19.78 89.06
N ALA PB 143 62.08 -21.03 88.88
CA ALA PB 143 60.76 -21.47 89.30
C ALA PB 143 60.72 -21.89 90.76
N ARG PB 144 61.84 -21.76 91.47
CA ARG PB 144 61.95 -22.20 92.84
C ARG PB 144 61.20 -21.26 93.77
N THR PB 145 60.34 -21.82 94.60
CA THR PB 145 59.61 -21.06 95.60
C THR PB 145 59.91 -21.64 96.99
N ILE PB 146 59.99 -20.76 97.99
CA ILE PB 146 60.33 -21.16 99.34
C ILE PB 146 59.42 -20.43 100.31
N ARG PB 147 59.24 -21.02 101.48
CA ARG PB 147 58.37 -20.49 102.51
C ARG PB 147 59.20 -19.92 103.66
N TYR PB 148 58.53 -19.10 104.46
CA TYR PB 148 59.12 -18.44 105.62
C TYR PB 148 60.41 -17.68 105.30
N PRO PB 149 60.34 -16.61 104.51
CA PRO PB 149 61.53 -15.80 104.24
C PRO PB 149 61.65 -14.65 105.24
N ASP PB 150 62.77 -13.96 105.16
CA ASP PB 150 62.98 -12.77 105.97
C ASP PB 150 61.98 -11.70 105.55
N PRO PB 151 61.21 -11.14 106.49
CA PRO PB 151 60.24 -10.10 106.11
C PRO PB 151 60.87 -8.86 105.51
N LEU PB 152 62.15 -8.60 105.79
CA LEU PB 152 62.83 -7.48 105.15
C LEU PB 152 63.01 -7.67 103.65
N ILE PB 153 62.91 -8.90 103.16
CA ILE PB 153 63.03 -9.15 101.73
C ILE PB 153 61.77 -8.66 101.03
N LYS PB 154 61.95 -7.74 100.10
CA LYS PB 154 60.87 -7.19 99.29
C LYS PB 154 60.97 -7.74 97.87
N VAL PB 155 60.13 -7.21 96.99
CA VAL PB 155 60.15 -7.64 95.59
C VAL PB 155 61.50 -7.25 94.97
N ASN PB 156 61.86 -7.97 93.90
CA ASN PB 156 63.05 -7.78 93.05
C ASN PB 156 64.30 -7.37 93.84
N ASP PB 157 64.54 -8.11 94.91
CA ASP PB 157 65.82 -8.14 95.60
C ASP PB 157 66.55 -9.42 95.24
N THR PB 158 67.77 -9.58 95.74
CA THR PB 158 68.56 -10.76 95.50
C THR PB 158 68.80 -11.50 96.82
N ILE PB 159 68.65 -12.82 96.77
CA ILE PB 159 68.80 -13.68 97.94
C ILE PB 159 69.92 -14.67 97.68
N GLN PB 160 70.59 -15.08 98.75
CA GLN PB 160 71.68 -16.05 98.69
C GLN PB 160 71.14 -17.43 99.07
N ILE PB 161 70.93 -18.27 98.07
CA ILE PB 161 70.46 -19.63 98.29
C ILE PB 161 71.65 -20.56 98.38
N ASP PB 162 71.75 -21.30 99.50
CA ASP PB 162 72.73 -22.36 99.62
C ASP PB 162 72.14 -23.67 99.15
N LEU PB 163 72.87 -24.38 98.30
CA LEU PB 163 72.34 -25.58 97.68
C LEU PB 163 72.26 -26.72 98.70
N GLU PB 164 71.50 -27.75 98.32
CA GLU PB 164 71.20 -28.95 99.11
C GLU PB 164 70.25 -28.65 100.27
N THR PB 165 69.92 -27.38 100.46
CA THR PB 165 68.96 -26.99 101.48
C THR PB 165 67.83 -26.14 100.94
N GLY PB 166 68.12 -25.24 99.99
CA GLY PB 166 67.11 -24.32 99.50
C GLY PB 166 66.75 -23.21 100.46
N LYS PB 167 67.54 -23.00 101.50
CA LYS PB 167 67.26 -21.98 102.50
C LYS PB 167 67.92 -20.66 102.13
N ILE PB 168 67.58 -19.63 102.89
CA ILE PB 168 68.12 -18.29 102.69
C ILE PB 168 69.19 -18.04 103.75
N THR PB 169 70.38 -17.64 103.30
CA THR PB 169 71.46 -17.27 104.20
C THR PB 169 71.71 -15.78 104.27
N ASP PB 170 71.58 -15.07 103.15
CA ASP PB 170 71.74 -13.62 103.14
C ASP PB 170 71.00 -13.06 101.94
N PHE PB 171 70.79 -11.75 101.95
CA PHE PB 171 70.07 -11.10 100.86
C PHE PB 171 70.56 -9.66 100.72
N ILE PB 172 70.37 -9.11 99.52
CA ILE PB 172 70.76 -7.75 99.19
C ILE PB 172 69.51 -6.97 98.83
N LYS PB 173 69.26 -5.88 99.52
CA LYS PB 173 68.17 -4.99 99.17
C LYS PB 173 68.46 -4.28 97.85
N PHE PB 174 67.42 -4.08 97.05
CA PHE PB 174 67.55 -3.33 95.80
C PHE PB 174 67.68 -1.86 96.19
N ASP PB 175 68.90 -1.39 96.30
CA ASP PB 175 69.17 -0.03 96.77
C ASP PB 175 70.13 0.66 95.83
N THR PB 176 70.04 1.98 95.79
CA THR PB 176 70.96 2.79 95.00
C THR PB 176 72.38 2.61 95.51
N GLY PB 177 73.32 2.45 94.58
CA GLY PB 177 74.71 2.27 94.92
C GLY PB 177 75.19 0.84 94.98
N ASN PB 178 74.31 -0.14 94.79
CA ASN PB 178 74.68 -1.55 94.81
C ASN PB 178 75.06 -2.04 93.42
N LEU PB 179 76.03 -2.94 93.37
CA LEU PB 179 76.45 -3.54 92.12
C LEU PB 179 75.34 -4.43 91.58
N CYS PB 180 75.17 -4.41 90.25
CA CYS PB 180 74.09 -5.16 89.62
C CYS PB 180 74.63 -5.83 88.35
N MET PB 181 73.69 -6.40 87.59
CA MET PB 181 74.01 -7.03 86.31
C MET PB 181 72.75 -7.04 85.46
N VAL PB 182 72.91 -6.70 84.19
CA VAL PB 182 71.80 -6.66 83.25
C VAL PB 182 71.53 -8.07 82.74
N THR PB 183 70.29 -8.53 82.91
CA THR PB 183 69.88 -9.86 82.48
C THR PB 183 68.86 -9.81 81.34
N GLY PB 184 68.98 -8.84 80.45
CA GLY PB 184 68.11 -8.79 79.28
C GLY PB 184 68.27 -7.48 78.55
N GLY PB 185 68.17 -7.56 77.22
CA GLY PB 185 68.22 -6.38 76.39
C GLY PB 185 69.58 -6.14 75.78
N ALA PB 186 69.76 -4.92 75.26
CA ALA PB 186 70.99 -4.56 74.56
C ALA PB 186 72.18 -4.53 75.52
N ASN PB 187 71.97 -4.09 76.76
CA ASN PB 187 73.03 -3.99 77.74
C ASN PB 187 73.32 -5.30 78.45
N LEU PB 188 72.91 -6.43 77.88
CA LEU PB 188 73.07 -7.73 78.53
C LEU PB 188 74.54 -8.02 78.83
N GLY PB 189 74.80 -8.46 80.05
CA GLY PB 189 76.14 -8.80 80.48
C GLY PB 189 76.99 -7.65 80.97
N ARG PB 190 76.42 -6.47 81.17
CA ARG PB 190 77.16 -5.30 81.62
C ARG PB 190 77.05 -5.18 83.13
N ILE PB 191 78.19 -5.03 83.79
CA ILE PB 191 78.26 -4.91 85.24
C ILE PB 191 78.37 -3.44 85.60
N GLY PB 192 77.57 -3.00 86.57
CA GLY PB 192 77.63 -1.62 87.00
C GLY PB 192 76.93 -1.40 88.31
N VAL PB 193 76.89 -0.13 88.71
CA VAL PB 193 76.36 0.30 90.00
C VAL PB 193 75.06 1.05 89.77
N ILE PB 194 74.03 0.68 90.53
CA ILE PB 194 72.74 1.36 90.48
C ILE PB 194 72.91 2.81 90.91
N THR PB 195 72.65 3.73 89.99
CA THR PB 195 72.75 5.16 90.26
C THR PB 195 71.40 5.81 90.52
N ASN PB 196 70.39 5.47 89.73
CA ASN PB 196 69.07 6.07 89.88
C ASN PB 196 68.02 5.14 89.33
N ARG PB 197 66.82 5.25 89.89
CA ARG PB 197 65.67 4.45 89.46
C ARG PB 197 64.49 5.40 89.27
N GLU PB 198 64.12 5.64 88.02
CA GLU PB 198 62.93 6.41 87.71
C GLU PB 198 61.78 5.43 87.46
N ARG PB 199 60.66 5.67 88.12
CA ARG PB 199 59.53 4.75 88.10
C ARG PB 199 58.37 5.38 87.34
N HIS PB 200 57.75 4.59 86.47
CA HIS PB 200 56.57 5.02 85.73
C HIS PB 200 55.38 4.20 86.19
N PRO PB 201 54.42 4.80 86.90
CA PRO PB 201 53.22 4.05 87.30
C PRO PB 201 52.48 3.54 86.08
N GLY PB 202 52.07 2.27 86.15
CA GLY PB 202 51.37 1.64 85.06
C GLY PB 202 52.24 1.14 83.93
N SER PB 203 53.56 1.29 84.04
CA SER PB 203 54.46 0.89 82.97
C SER PB 203 55.74 0.34 83.61
N PHE PB 204 56.77 0.15 82.78
CA PHE PB 204 58.02 -0.45 83.23
C PHE PB 204 58.92 0.61 83.84
N ASP PB 205 59.52 0.30 84.99
CA ASP PB 205 60.45 1.21 85.63
C ASP PB 205 61.80 1.18 84.92
N VAL PB 206 62.43 2.35 84.84
CA VAL PB 206 63.72 2.51 84.19
C VAL PB 206 64.76 2.83 85.27
N VAL PB 207 65.84 2.07 85.28
CA VAL PB 207 66.91 2.21 86.26
C VAL PB 207 68.21 2.49 85.52
N HIS PB 208 68.99 3.43 86.04
CA HIS PB 208 70.21 3.90 85.41
C HIS PB 208 71.41 3.27 86.10
N VAL PB 209 72.32 2.70 85.32
CA VAL PB 209 73.45 1.93 85.84
C VAL PB 209 74.74 2.50 85.27
N LYS PB 210 75.72 2.74 86.14
CA LYS PB 210 77.03 3.23 85.74
C LYS PB 210 78.08 2.20 86.13
N ASP PB 211 78.96 1.87 85.19
CA ASP PB 211 79.98 0.85 85.42
C ASP PB 211 81.15 1.44 86.21
N ALA PB 212 82.20 0.66 86.39
CA ALA PB 212 83.39 1.14 87.09
C ALA PB 212 84.16 2.15 86.25
N ASN PB 213 84.06 2.05 84.93
CA ASN PB 213 84.76 2.96 84.03
C ASN PB 213 84.03 4.29 83.84
N GLY PB 214 82.82 4.42 84.36
CA GLY PB 214 82.08 5.66 84.26
C GLY PB 214 81.01 5.70 83.19
N ASN PB 215 80.90 4.67 82.36
CA ASN PB 215 79.85 4.64 81.35
C ASN PB 215 78.51 4.37 82.01
N SER PB 216 77.59 5.31 81.88
CA SER PB 216 76.28 5.22 82.49
C SER PB 216 75.26 4.78 81.45
N PHE PB 217 74.58 3.66 81.70
CA PHE PB 217 73.56 3.15 80.81
C PHE PB 217 72.30 2.92 81.62
N ALA PB 218 71.23 2.53 80.93
CA ALA PB 218 69.94 2.34 81.56
C ALA PB 218 69.24 1.14 80.95
N THR PB 219 68.25 0.62 81.67
CA THR PB 219 67.46 -0.52 81.21
C THR PB 219 66.21 -0.61 82.07
N ARG PB 220 65.32 -1.51 81.67
CA ARG PB 220 64.09 -1.72 82.43
C ARG PB 220 64.39 -2.42 83.75
N LEU PB 221 63.44 -2.30 84.68
CA LEU PB 221 63.62 -2.87 86.01
C LEU PB 221 63.65 -4.39 85.97
N SER PB 222 62.87 -4.99 85.07
CA SER PB 222 62.86 -6.45 84.95
C SER PB 222 64.17 -7.02 84.40
N ASN PB 223 65.06 -6.17 83.90
CA ASN PB 223 66.31 -6.61 83.30
C ASN PB 223 67.51 -6.37 84.22
N ILE PB 224 67.31 -6.35 85.53
CA ILE PB 224 68.36 -6.03 86.49
C ILE PB 224 68.45 -7.13 87.53
N PHE PB 225 69.67 -7.59 87.79
CA PHE PB 225 69.94 -8.60 88.81
C PHE PB 225 71.01 -8.04 89.75
N VAL PB 226 70.64 -7.80 91.00
CA VAL PB 226 71.60 -7.31 91.99
C VAL PB 226 72.58 -8.43 92.32
N ILE PB 227 73.87 -8.14 92.22
CA ILE PB 227 74.90 -9.16 92.39
C ILE PB 227 75.92 -8.80 93.45
N GLY PB 228 75.91 -7.58 93.96
CA GLY PB 228 76.92 -7.16 94.91
C GLY PB 228 76.36 -6.20 95.94
N LYS PB 229 77.00 -6.19 97.11
CA LYS PB 229 76.64 -5.27 98.19
C LYS PB 229 77.48 -4.01 98.01
N GLY PB 230 76.92 -3.04 97.31
CA GLY PB 230 77.58 -1.79 97.01
C GLY PB 230 78.51 -1.88 95.81
N ASN PB 231 79.71 -2.43 96.01
CA ASN PB 231 80.62 -2.63 94.89
C ASN PB 231 81.33 -3.98 94.88
N LYS PB 232 81.46 -4.69 96.00
CA LYS PB 232 82.04 -6.02 95.99
C LYS PB 232 81.01 -7.02 95.51
N PRO PB 233 81.24 -7.70 94.39
CA PRO PB 233 80.29 -8.73 93.96
C PRO PB 233 80.33 -9.93 94.87
N TRP PB 234 79.17 -10.52 95.11
CA TRP PB 234 79.06 -11.72 95.92
C TRP PB 234 79.40 -12.98 95.15
N ILE PB 235 79.67 -12.87 93.85
CA ILE PB 235 80.02 -13.98 93.00
C ILE PB 235 81.27 -13.61 92.22
N SER PB 236 81.84 -14.59 91.52
CA SER PB 236 83.06 -14.38 90.75
C SER PB 236 82.71 -13.87 89.36
N LEU PB 237 83.18 -12.67 89.05
CA LEU PB 237 82.91 -12.06 87.75
C LEU PB 237 83.77 -12.70 86.67
N PRO PB 238 83.25 -12.81 85.44
CA PRO PB 238 84.04 -13.35 84.34
C PRO PB 238 85.09 -12.37 83.83
N ARG PB 239 85.78 -12.73 82.75
CA ARG PB 239 86.81 -11.87 82.20
C ARG PB 239 86.20 -10.57 81.68
N GLY PB 240 86.98 -9.49 81.77
CA GLY PB 240 86.50 -8.17 81.41
C GLY PB 240 85.71 -7.49 82.50
N LYS PB 241 85.45 -8.18 83.62
CA LYS PB 241 84.70 -7.63 84.75
C LYS PB 241 83.32 -7.12 84.33
N GLY PB 242 82.77 -7.70 83.26
CA GLY PB 242 81.50 -7.25 82.73
C GLY PB 242 81.51 -5.81 82.25
N ILE PB 243 82.63 -5.36 81.71
CA ILE PB 243 82.76 -4.01 81.17
C ILE PB 243 82.63 -4.10 79.66
N ARG PB 244 81.51 -3.61 79.13
CA ARG PB 244 81.35 -3.55 77.68
C ARG PB 244 82.30 -2.50 77.12
N LEU PB 245 83.20 -2.95 76.26
CA LEU PB 245 84.17 -2.08 75.60
C LEU PB 245 83.91 -2.11 74.10
N THR PB 246 83.87 -0.92 73.50
CA THR PB 246 83.45 -0.81 72.11
C THR PB 246 84.52 -1.39 71.18
N ILE PB 247 84.15 -1.48 69.90
CA ILE PB 247 85.01 -2.12 68.91
C ILE PB 247 86.33 -1.38 68.75
N ALA PB 248 86.33 -0.07 68.98
CA ALA PB 248 87.55 0.72 68.84
C ALA PB 248 88.62 0.27 69.83
N GLU PB 249 88.23 0.04 71.08
CA GLU PB 249 89.17 -0.48 72.08
C GLU PB 249 89.12 -1.99 72.19
N GLU PB 250 88.52 -2.67 71.21
CA GLU PB 250 88.64 -4.12 71.10
C GLU PB 250 89.64 -4.51 70.02
N ARG PB 251 89.64 -3.76 68.91
CA ARG PB 251 90.57 -4.04 67.82
C ARG PB 251 92.02 -3.84 68.27
N ASP PB 252 92.31 -2.78 69.01
CA ASP PB 252 93.68 -2.55 69.44
C ASP PB 252 94.11 -3.57 70.49
N LYS PB 253 93.18 -4.02 71.33
CA LYS PB 253 93.48 -5.13 72.23
C LYS PB 253 93.85 -6.38 71.45
N ARG PB 254 93.10 -6.67 70.38
CA ARG PB 254 93.43 -7.80 69.53
C ARG PB 254 94.81 -7.65 68.91
N LEU PB 255 95.14 -6.45 68.42
CA LEU PB 255 96.45 -6.24 67.80
C LEU PB 255 97.58 -6.36 68.81
N ALA PB 256 97.38 -5.83 70.02
CA ALA PB 256 98.40 -5.94 71.06
C ALA PB 256 98.59 -7.40 71.48
N ALA PB 257 97.50 -8.15 71.60
CA ALA PB 257 97.62 -9.57 71.91
C ALA PB 257 98.31 -10.33 70.79
N LYS PB 258 98.02 -9.97 69.54
CA LYS PB 258 98.68 -10.59 68.40
C LYS PB 258 100.17 -10.32 68.40
N GLN PB 259 100.56 -9.07 68.72
CA GLN PB 259 101.98 -8.74 68.79
C GLN PB 259 102.67 -9.47 69.93
N SER PB 260 102.00 -9.56 71.09
CA SER PB 260 102.57 -10.28 72.23
C SER PB 260 102.75 -11.76 71.92
N SER PB 261 101.76 -12.37 71.25
CA SER PB 261 101.88 -13.74 70.80
C SER PB 261 102.82 -13.89 69.61
N GLY PB 262 102.87 -12.91 68.72
CA GLY PB 262 103.72 -12.96 67.56
C GLY PB 262 105.15 -12.57 67.83
N MET QB 1 20.75 -74.06 58.99
CA MET QB 1 21.15 -73.13 60.04
C MET QB 1 21.92 -73.84 61.14
N LYS QB 2 23.23 -73.62 61.17
CA LYS QB 2 24.08 -74.23 62.17
C LYS QB 2 23.74 -73.71 63.56
N LEU QB 3 24.00 -74.53 64.57
CA LEU QB 3 23.82 -74.15 65.96
C LEU QB 3 25.12 -74.38 66.71
N ASN QB 4 25.66 -73.33 67.33
CA ASN QB 4 26.88 -73.44 68.12
C ASN QB 4 26.44 -73.74 69.55
N ILE QB 5 26.57 -75.00 69.95
CA ILE QB 5 26.08 -75.48 71.23
C ILE QB 5 27.24 -75.53 72.21
N SER QB 6 27.04 -74.96 73.39
CA SER QB 6 28.09 -74.88 74.40
C SER QB 6 27.50 -75.10 75.78
N PHE QB 7 28.18 -75.89 76.59
CA PHE QB 7 27.77 -76.15 77.97
C PHE QB 7 28.84 -75.59 78.90
N PRO QB 8 28.57 -74.46 79.58
CA PRO QB 8 29.65 -73.76 80.30
C PRO QB 8 30.29 -74.56 81.42
N ALA QB 9 29.51 -75.39 82.13
CA ALA QB 9 30.07 -76.11 83.27
C ALA QB 9 31.14 -77.12 82.87
N THR QB 10 31.17 -77.54 81.61
CA THR QB 10 32.21 -78.44 81.12
C THR QB 10 32.98 -77.88 79.95
N GLY QB 11 32.60 -76.73 79.41
CA GLY QB 11 33.19 -76.28 78.16
C GLY QB 11 32.71 -77.17 77.03
N CYS QB 12 33.66 -77.56 76.17
CA CYS QB 12 33.40 -78.51 75.08
C CYS QB 12 32.28 -78.04 74.17
N GLN QB 13 32.44 -76.84 73.63
CA GLN QB 13 31.48 -76.32 72.67
C GLN QB 13 31.57 -77.11 71.36
N LYS QB 14 30.44 -77.20 70.66
CA LYS QB 14 30.39 -77.92 69.40
C LYS QB 14 29.35 -77.27 68.50
N LEU QB 15 29.55 -77.45 67.20
CA LEU QB 15 28.65 -76.92 66.18
C LEU QB 15 27.74 -78.02 65.69
N ILE QB 16 26.45 -77.71 65.55
CA ILE QB 16 25.44 -78.68 65.16
C ILE QB 16 24.82 -78.24 63.84
N GLU QB 17 24.77 -79.15 62.88
CA GLU QB 17 24.16 -78.91 61.58
C GLU QB 17 22.75 -79.47 61.60
N VAL QB 18 21.75 -78.59 61.52
CA VAL QB 18 20.36 -78.99 61.39
C VAL QB 18 19.75 -78.20 60.24
N ASP QB 19 18.74 -78.79 59.60
CA ASP QB 19 18.13 -78.15 58.44
C ASP QB 19 16.62 -78.35 58.42
N ASP QB 20 16.04 -78.77 59.55
CA ASP QB 20 14.61 -79.03 59.64
C ASP QB 20 13.92 -77.80 60.22
N GLU QB 21 12.94 -77.27 59.48
CA GLU QB 21 12.18 -76.12 59.96
C GLU QB 21 11.40 -76.45 61.22
N ARG QB 22 10.81 -77.65 61.29
CA ARG QB 22 10.04 -78.04 62.46
C ARG QB 22 10.92 -78.10 63.71
N LYS QB 23 12.16 -78.58 63.55
CA LYS QB 23 13.08 -78.64 64.68
C LYS QB 23 13.48 -77.25 65.16
N LEU QB 24 13.62 -76.30 64.23
CA LEU QB 24 14.10 -74.96 64.56
C LEU QB 24 12.97 -73.99 64.91
N ARG QB 25 11.71 -74.37 64.73
CA ARG QB 25 10.61 -73.45 64.97
C ARG QB 25 10.46 -73.10 66.45
N THR QB 26 10.94 -73.95 67.35
CA THR QB 26 10.84 -73.64 68.77
C THR QB 26 11.71 -72.45 69.16
N PHE QB 27 12.74 -72.15 68.38
CA PHE QB 27 13.59 -70.98 68.63
C PHE QB 27 13.07 -69.71 67.99
N TYR QB 28 12.23 -69.82 66.96
CA TYR QB 28 11.83 -68.67 66.18
C TYR QB 28 11.05 -67.67 67.02
N GLU QB 29 11.23 -66.38 66.70
CA GLU QB 29 10.58 -65.27 67.38
C GLU QB 29 10.83 -65.31 68.89
N LYS QB 30 12.09 -65.54 69.26
CA LYS QB 30 12.53 -65.44 70.64
C LYS QB 30 13.71 -64.48 70.71
N ARG QB 31 13.70 -63.62 71.72
CA ARG QB 31 14.78 -62.67 71.90
C ARG QB 31 15.99 -63.35 72.54
N MET QB 32 17.11 -62.63 72.54
CA MET QB 32 18.33 -63.15 73.12
C MET QB 32 18.21 -63.26 74.64
N ALA QB 33 19.11 -64.04 75.23
CA ALA QB 33 19.21 -64.22 76.68
C ALA QB 33 17.90 -64.75 77.27
N THR QB 34 17.16 -65.54 76.49
CA THR QB 34 15.95 -66.19 76.95
C THR QB 34 16.16 -67.69 76.99
N GLU QB 35 15.59 -68.34 77.99
CA GLU QB 35 15.75 -69.78 78.17
C GLU QB 35 14.52 -70.49 77.61
N VAL QB 36 14.76 -71.35 76.61
CA VAL QB 36 13.72 -72.12 75.97
C VAL QB 36 14.08 -73.60 76.07
N ALA QB 37 13.09 -74.42 76.45
CA ALA QB 37 13.31 -75.86 76.57
C ALA QB 37 13.56 -76.44 75.19
N ALA QB 38 14.78 -76.91 74.95
CA ALA QB 38 15.17 -77.44 73.64
C ALA QB 38 14.78 -78.90 73.48
N ASP QB 39 13.52 -79.21 73.73
CA ASP QB 39 13.02 -80.57 73.61
C ASP QB 39 12.44 -80.88 72.24
N ALA QB 40 12.50 -79.93 71.31
CA ALA QB 40 12.02 -80.14 69.96
C ALA QB 40 13.09 -80.70 69.03
N LEU QB 41 14.33 -80.80 69.49
CA LEU QB 41 15.41 -81.35 68.68
C LEU QB 41 15.59 -82.84 68.93
N GLY QB 42 14.50 -83.60 68.80
CA GLY QB 42 14.57 -85.04 68.90
C GLY QB 42 14.61 -85.55 70.34
N GLU QB 43 14.76 -86.86 70.45
CA GLU QB 43 14.77 -87.52 71.75
C GLU QB 43 16.04 -87.21 72.53
N GLU QB 44 17.16 -87.03 71.84
CA GLU QB 44 18.44 -86.82 72.53
C GLU QB 44 18.52 -85.48 73.22
N TRP QB 45 17.77 -84.49 72.75
CA TRP QB 45 17.79 -83.15 73.32
C TRP QB 45 16.65 -82.94 74.31
N LYS QB 46 15.95 -84.02 74.67
CA LYS QB 46 14.84 -83.97 75.60
C LYS QB 46 15.33 -83.55 76.99
N GLY QB 47 14.47 -82.82 77.71
CA GLY QB 47 14.81 -82.41 79.06
C GLY QB 47 15.86 -81.34 79.15
N TYR QB 48 16.16 -80.65 78.06
CA TYR QB 48 17.21 -79.65 78.01
C TYR QB 48 16.59 -78.26 77.92
N VAL QB 49 17.07 -77.35 78.76
CA VAL QB 49 16.69 -75.94 78.71
C VAL QB 49 17.93 -75.15 78.29
N VAL QB 50 17.81 -74.44 77.16
CA VAL QB 50 18.95 -73.78 76.53
C VAL QB 50 18.67 -72.29 76.46
N ARG QB 51 19.72 -71.48 76.54
CA ARG QB 51 19.60 -70.04 76.47
C ARG QB 51 20.13 -69.53 75.13
N ILE QB 52 19.33 -68.72 74.45
CA ILE QB 52 19.73 -68.12 73.19
C ILE QB 52 20.72 -67.00 73.52
N SER QB 53 21.97 -67.17 73.09
CA SER QB 53 23.04 -66.26 73.47
C SER QB 53 23.54 -65.41 72.31
N GLY QB 54 22.98 -65.57 71.12
CA GLY QB 54 23.36 -64.76 69.99
C GLY QB 54 23.47 -65.58 68.74
N GLY QB 55 24.16 -65.03 67.75
CA GLY QB 55 24.32 -65.70 66.48
C GLY QB 55 24.88 -64.75 65.44
N ASN QB 56 24.71 -65.13 64.18
CA ASN QB 56 25.16 -64.31 63.06
C ASN QB 56 24.11 -64.34 61.96
N ASP QB 57 24.06 -63.24 61.20
CA ASP QB 57 23.10 -63.11 60.11
C ASP QB 57 23.56 -63.97 58.92
N LYS QB 58 22.74 -63.99 57.87
CA LYS QB 58 23.10 -64.70 56.65
C LYS QB 58 24.39 -64.16 56.04
N GLN QB 59 24.67 -62.87 56.25
CA GLN QB 59 25.88 -62.23 55.74
C GLN QB 59 26.95 -62.07 56.80
N GLY QB 60 26.87 -62.83 57.90
CA GLY QB 60 27.88 -62.82 58.92
C GLY QB 60 27.80 -61.70 59.93
N PHE QB 61 26.76 -60.88 59.88
CA PHE QB 61 26.63 -59.79 60.83
C PHE QB 61 26.17 -60.32 62.18
N PRO QB 62 26.92 -60.10 63.26
CA PRO QB 62 26.48 -60.55 64.58
C PRO QB 62 25.27 -59.77 65.05
N MET QB 63 24.50 -60.40 65.92
CA MET QB 63 23.33 -59.75 66.49
C MET QB 63 23.68 -59.05 67.79
N LYS QB 64 23.03 -57.92 68.03
CA LYS QB 64 23.23 -57.12 69.22
C LYS QB 64 22.00 -57.20 70.11
N GLN QB 65 22.22 -57.39 71.40
CA GLN QB 65 21.12 -57.44 72.36
C GLN QB 65 20.45 -56.07 72.45
N GLY QB 66 19.12 -56.07 72.53
CA GLY QB 66 18.37 -54.86 72.74
C GLY QB 66 17.96 -54.09 71.50
N VAL QB 67 18.34 -54.57 70.30
CA VAL QB 67 17.93 -53.90 69.09
C VAL QB 67 16.42 -54.00 68.89
N LEU QB 68 15.84 -55.13 69.30
CA LEU QB 68 14.39 -55.33 69.35
C LEU QB 68 13.76 -55.24 67.95
N THR QB 69 14.41 -55.89 66.99
CA THR QB 69 13.85 -56.01 65.65
C THR QB 69 14.44 -57.26 65.01
N HIS QB 70 13.90 -57.61 63.85
CA HIS QB 70 14.47 -58.67 63.01
C HIS QB 70 15.01 -58.01 61.75
N GLY QB 71 16.18 -58.43 61.33
CA GLY QB 71 16.86 -57.82 60.19
C GLY QB 71 18.09 -57.09 60.65
N ARG QB 72 18.53 -56.14 59.84
CA ARG QB 72 19.78 -55.44 60.07
C ARG QB 72 19.53 -53.94 60.18
N VAL QB 73 20.20 -53.31 61.14
CA VAL QB 73 20.17 -51.87 61.32
C VAL QB 73 21.61 -51.37 61.38
N ARG QB 74 21.75 -50.06 61.25
CA ARG QB 74 23.05 -49.39 61.37
C ARG QB 74 23.06 -48.58 62.67
N LEU QB 75 24.08 -48.80 63.49
CA LEU QB 75 24.17 -48.16 64.79
C LEU QB 75 25.54 -47.50 64.94
N LEU QB 76 25.56 -46.38 65.66
CA LEU QB 76 26.82 -45.71 65.99
C LEU QB 76 27.38 -46.38 67.23
N LEU QB 77 28.45 -47.16 67.05
CA LEU QB 77 28.99 -47.99 68.10
C LEU QB 77 30.20 -47.31 68.73
N SER QB 78 30.12 -47.08 70.04
CA SER QB 78 31.20 -46.47 70.81
C SER QB 78 32.03 -47.56 71.48
N LYS QB 79 32.89 -47.15 72.40
CA LYS QB 79 33.72 -48.11 73.12
C LYS QB 79 32.87 -48.96 74.06
N GLY QB 80 33.03 -50.27 73.96
CA GLY QB 80 32.42 -51.17 74.92
C GLY QB 80 30.94 -51.39 74.78
N HIS QB 81 30.35 -51.14 73.61
CA HIS QB 81 28.93 -51.45 73.43
C HIS QB 81 28.74 -52.93 73.11
N SER QB 82 29.14 -53.34 71.90
CA SER QB 82 29.20 -54.70 71.38
C SER QB 82 29.66 -54.61 69.95
N CYS QB 83 30.08 -55.74 69.39
CA CYS QB 83 30.34 -55.90 67.95
C CYS QB 83 31.33 -54.88 67.42
N TYR QB 84 32.19 -54.34 68.27
CA TYR QB 84 33.06 -53.22 67.90
C TYR QB 84 34.17 -53.01 68.91
N ARG QB 85 35.41 -52.90 68.43
CA ARG QB 85 36.51 -52.46 69.27
C ARG QB 85 37.13 -51.22 68.65
N PRO QB 86 37.36 -50.16 69.43
CA PRO QB 86 37.86 -48.92 68.84
C PRO QB 86 39.30 -49.05 68.40
N ARG QB 87 39.60 -48.53 67.20
CA ARG QB 87 40.97 -48.53 66.72
C ARG QB 87 41.82 -47.50 67.47
N ARG QB 88 41.23 -46.35 67.81
CA ARG QB 88 41.87 -45.36 68.65
C ARG QB 88 40.88 -44.91 69.71
N THR QB 89 41.40 -44.21 70.72
CA THR QB 89 40.59 -43.84 71.87
C THR QB 89 39.54 -42.80 71.48
N GLY QB 90 38.29 -43.05 71.88
CA GLY QB 90 37.20 -42.15 71.58
C GLY QB 90 36.58 -42.32 70.21
N GLU QB 91 37.08 -43.24 69.40
CA GLU QB 91 36.53 -43.45 68.06
C GLU QB 91 35.20 -44.17 68.13
N ARG QB 92 34.21 -43.64 67.41
CA ARG QB 92 32.92 -44.29 67.26
C ARG QB 92 32.67 -44.50 65.76
N LYS QB 93 32.25 -45.70 65.40
CA LYS QB 93 32.04 -46.04 63.99
C LYS QB 93 30.65 -46.61 63.80
N ARG QB 94 29.99 -46.22 62.71
CA ARG QB 94 28.69 -46.77 62.38
C ARG QB 94 28.85 -48.13 61.72
N LYS QB 95 28.13 -49.12 62.23
CA LYS QB 95 28.27 -50.50 61.77
C LYS QB 95 26.91 -51.13 61.66
N SER QB 96 26.84 -52.24 60.92
CA SER QB 96 25.60 -52.98 60.75
C SER QB 96 25.55 -54.15 61.73
N VAL QB 97 24.41 -54.30 62.41
CA VAL QB 97 24.21 -55.35 63.39
C VAL QB 97 22.87 -56.02 63.15
N ARG QB 98 22.81 -57.31 63.44
CA ARG QB 98 21.56 -58.06 63.35
C ARG QB 98 20.70 -57.81 64.59
N GLY QB 99 19.39 -57.87 64.42
CA GLY QB 99 18.49 -57.71 65.53
C GLY QB 99 18.53 -58.89 66.48
N CYS QB 100 17.98 -58.68 67.68
CA CYS QB 100 18.03 -59.71 68.70
C CYS QB 100 16.99 -60.80 68.49
N ILE QB 101 15.88 -60.50 67.81
CA ILE QB 101 14.90 -61.53 67.50
C ILE QB 101 15.46 -62.44 66.43
N VAL QB 102 15.35 -63.75 66.63
CA VAL QB 102 15.87 -64.74 65.73
C VAL QB 102 14.75 -65.25 64.82
N ASP QB 103 15.07 -65.46 63.55
CA ASP QB 103 14.14 -66.02 62.59
C ASP QB 103 14.92 -67.00 61.71
N ALA QB 104 14.34 -67.38 60.57
CA ALA QB 104 14.97 -68.37 59.71
C ALA QB 104 16.23 -67.82 59.05
N ASN QB 105 16.33 -66.50 58.92
CA ASN QB 105 17.40 -65.88 58.11
C ASN QB 105 18.65 -65.65 58.97
N LEU QB 106 19.26 -66.76 59.37
CA LEU QB 106 20.53 -66.72 60.08
C LEU QB 106 21.46 -67.81 59.56
N SER QB 107 22.75 -67.64 59.85
CA SER QB 107 23.74 -68.67 59.51
C SER QB 107 24.03 -69.55 60.71
N VAL QB 108 24.24 -68.94 61.87
CA VAL QB 108 24.44 -69.67 63.11
C VAL QB 108 23.47 -69.15 64.15
N LEU QB 109 23.44 -69.83 65.29
CA LEU QB 109 22.62 -69.42 66.43
C LEU QB 109 23.28 -69.95 67.70
N ASN QB 110 23.99 -69.08 68.40
CA ASN QB 110 24.75 -69.47 69.58
C ASN QB 110 23.79 -69.80 70.72
N LEU QB 111 23.91 -71.01 71.25
CA LEU QB 111 23.02 -71.49 72.30
C LEU QB 111 23.84 -72.00 73.47
N VAL QB 112 23.33 -71.77 74.69
CA VAL QB 112 24.02 -72.13 75.92
C VAL QB 112 23.04 -72.92 76.79
N ILE QB 113 23.44 -74.12 77.20
CA ILE QB 113 22.59 -74.96 78.03
C ILE QB 113 22.57 -74.40 79.44
N VAL QB 114 21.37 -74.17 79.97
CA VAL QB 114 21.24 -73.70 81.34
C VAL QB 114 21.20 -74.87 82.33
N LYS QB 115 20.33 -75.84 82.10
CA LYS QB 115 20.21 -76.98 82.99
C LYS QB 115 20.37 -78.28 82.22
N LYS QB 116 20.94 -79.28 82.89
CA LYS QB 116 21.24 -80.56 82.28
C LYS QB 116 19.97 -81.35 81.99
N GLY QB 117 20.01 -82.15 80.92
CA GLY QB 117 18.93 -83.07 80.59
C GLY QB 117 19.12 -84.40 81.30
N GLU QB 118 18.30 -85.37 80.91
CA GLU QB 118 18.31 -86.67 81.57
C GLU QB 118 19.46 -87.57 81.12
N LYS QB 119 20.08 -87.31 79.98
CA LYS QB 119 21.17 -88.14 79.50
C LYS QB 119 22.32 -87.23 79.08
N ASP QB 120 23.40 -87.85 78.60
CA ASP QB 120 24.62 -87.14 78.24
C ASP QB 120 24.73 -87.01 76.72
N ILE QB 121 24.89 -85.79 76.25
CA ILE QB 121 25.10 -85.56 74.82
C ILE QB 121 26.51 -86.00 74.45
N PRO QB 122 26.68 -86.80 73.40
CA PRO QB 122 28.03 -87.28 73.05
C PRO QB 122 28.94 -86.13 72.63
N GLY QB 123 30.18 -86.15 73.14
CA GLY QB 123 31.17 -85.16 72.82
C GLY QB 123 30.92 -83.79 73.41
N LEU QB 124 29.87 -83.61 74.19
CA LEU QB 124 29.50 -82.32 74.73
C LEU QB 124 29.58 -82.27 76.25
N THR QB 125 28.90 -83.17 76.94
CA THR QB 125 28.86 -83.18 78.39
C THR QB 125 30.01 -83.97 79.02
N ASP QB 126 30.80 -84.67 78.21
CA ASP QB 126 31.87 -85.50 78.69
C ASP QB 126 33.22 -84.88 78.34
N THR QB 127 34.28 -85.48 78.90
CA THR QB 127 35.66 -85.02 78.74
C THR QB 127 35.80 -83.55 79.15
N THR QB 128 35.53 -83.31 80.42
CA THR QB 128 35.53 -81.96 80.99
C THR QB 128 36.88 -81.30 80.88
N VAL QB 129 36.97 -80.27 80.04
CA VAL QB 129 38.24 -79.55 79.89
C VAL QB 129 38.42 -78.62 81.08
N PRO QB 130 39.55 -78.67 81.77
CA PRO QB 130 39.78 -77.80 82.92
C PRO QB 130 40.05 -76.36 82.50
N ARG QB 131 39.79 -75.46 83.43
CA ARG QB 131 40.27 -74.08 83.25
C ARG QB 131 41.79 -74.08 83.30
N ARG QB 132 42.40 -73.35 82.37
CA ARG QB 132 43.84 -73.45 82.17
C ARG QB 132 44.62 -73.03 83.40
N LEU QB 133 44.50 -71.77 83.77
CA LEU QB 133 45.33 -71.15 84.79
C LEU QB 133 44.47 -70.71 85.96
N GLY QB 134 44.93 -71.01 87.17
CA GLY QB 134 44.17 -70.74 88.36
C GLY QB 134 44.24 -69.30 88.78
N PRO QB 135 43.62 -69.00 89.93
CA PRO QB 135 43.60 -67.62 90.42
C PRO QB 135 44.99 -67.09 90.70
N LYS QB 136 45.18 -65.80 90.42
CA LYS QB 136 46.45 -65.11 90.61
C LYS QB 136 46.46 -64.21 91.83
N ARG QB 137 45.32 -63.64 92.20
CA ARG QB 137 45.22 -62.81 93.39
C ARG QB 137 45.22 -63.68 94.64
N ALA QB 138 45.85 -63.17 95.71
CA ALA QB 138 45.92 -63.93 96.96
C ALA QB 138 44.55 -64.15 97.57
N SER QB 139 43.68 -63.14 97.52
CA SER QB 139 42.33 -63.31 98.02
C SER QB 139 41.56 -64.36 97.22
N ARG QB 140 41.80 -64.42 95.92
CA ARG QB 140 41.07 -65.35 95.07
C ARG QB 140 41.50 -66.79 95.29
N ILE QB 141 42.72 -67.02 95.78
CA ILE QB 141 43.08 -68.38 96.19
C ILE QB 141 42.66 -68.65 97.63
N ARG QB 142 42.57 -67.61 98.46
CA ARG QB 142 42.01 -67.80 99.81
C ARG QB 142 40.56 -68.27 99.72
N LYS QB 143 39.78 -67.68 98.83
CA LYS QB 143 38.41 -68.16 98.62
C LYS QB 143 38.39 -69.58 98.06
N LEU QB 144 39.32 -69.89 97.16
CA LEU QB 144 39.25 -71.17 96.46
C LEU QB 144 39.67 -72.34 97.33
N PHE QB 145 40.67 -72.17 98.19
CA PHE QB 145 41.10 -73.23 99.09
C PHE QB 145 40.64 -73.01 100.53
N ASN QB 146 39.76 -72.03 100.76
CA ASN QB 146 39.09 -71.83 102.05
C ASN QB 146 40.09 -71.53 103.17
N LEU QB 147 41.07 -70.68 102.87
CA LEU QB 147 42.02 -70.24 103.88
C LEU QB 147 41.38 -69.24 104.83
N SER QB 148 41.77 -69.28 106.10
CA SER QB 148 41.34 -68.26 107.04
C SER QB 148 42.23 -67.03 106.96
N LYS QB 149 43.50 -67.18 107.36
CA LYS QB 149 44.47 -66.09 107.34
C LYS QB 149 45.88 -66.68 107.37
N GLU QB 150 46.63 -66.49 106.28
CA GLU QB 150 48.08 -66.69 106.24
C GLU QB 150 48.48 -68.10 106.70
N ASP QB 151 48.04 -69.10 105.95
CA ASP QB 151 48.36 -70.49 106.23
C ASP QB 151 48.96 -71.12 104.97
N ASP QB 152 50.28 -71.01 104.83
CA ASP QB 152 51.02 -71.57 103.69
C ASP QB 152 50.43 -71.09 102.36
N VAL QB 153 50.23 -69.77 102.27
CA VAL QB 153 49.66 -69.18 101.06
C VAL QB 153 50.60 -69.39 99.87
N ARG QB 154 51.90 -69.31 100.09
CA ARG QB 154 52.88 -69.43 99.01
C ARG QB 154 52.78 -70.80 98.33
N GLN QB 155 52.70 -71.87 99.12
CA GLN QB 155 52.72 -73.20 98.56
C GLN QB 155 51.33 -73.74 98.23
N TYR QB 156 50.27 -73.04 98.60
CA TYR QB 156 48.92 -73.43 98.21
C TYR QB 156 48.52 -72.87 96.85
N VAL QB 157 49.39 -72.09 96.20
CA VAL QB 157 49.10 -71.63 94.86
C VAL QB 157 49.22 -72.80 93.89
N VAL QB 158 48.46 -72.74 92.80
CA VAL QB 158 48.45 -73.80 91.80
C VAL QB 158 49.75 -73.76 91.02
N ARG QB 159 50.42 -74.90 90.92
CA ARG QB 159 51.63 -75.04 90.13
C ARG QB 159 51.27 -75.69 88.80
N LYS QB 160 51.75 -75.09 87.70
CA LYS QB 160 51.40 -75.57 86.39
C LYS QB 160 52.51 -76.47 85.86
N PRO QB 161 52.30 -77.79 85.76
CA PRO QB 161 53.33 -78.67 85.22
C PRO QB 161 53.28 -78.77 83.71
N LEU QB 162 54.36 -78.36 83.05
CA LEU QB 162 54.43 -78.33 81.59
C LEU QB 162 55.57 -79.22 81.12
N ASN QB 163 55.33 -79.95 80.04
CA ASN QB 163 56.28 -80.93 79.50
C ASN QB 163 56.31 -80.84 78.00
N LYS QB 164 57.51 -80.86 77.43
CA LYS QB 164 57.71 -81.07 76.00
C LYS QB 164 58.83 -82.08 75.81
N GLU QB 165 58.90 -82.62 74.59
CA GLU QB 165 59.86 -83.67 74.29
C GLU QB 165 61.29 -83.18 74.43
N GLY QB 166 61.61 -82.06 73.78
CA GLY QB 166 62.93 -81.46 73.96
C GLY QB 166 63.08 -80.73 75.27
N LYS QB 167 61.98 -80.47 75.97
CA LYS QB 167 62.02 -79.77 77.23
C LYS QB 167 62.53 -80.66 78.36
N LYS QB 168 63.39 -80.10 79.20
CA LYS QB 168 63.74 -80.72 80.47
C LYS QB 168 62.65 -80.39 81.49
N PRO QB 169 62.16 -81.36 82.26
CA PRO QB 169 60.96 -81.12 83.10
C PRO QB 169 61.13 -79.99 84.10
N ARG QB 170 60.03 -79.26 84.31
CA ARG QB 170 59.99 -78.07 85.13
C ARG QB 170 58.53 -77.73 85.41
N THR QB 171 58.29 -77.12 86.58
CA THR QB 171 56.97 -76.62 86.94
C THR QB 171 56.95 -75.10 86.86
N LYS QB 172 55.75 -74.55 86.69
CA LYS QB 172 55.57 -73.11 86.56
C LYS QB 172 54.54 -72.62 87.58
N ALA QB 173 54.88 -71.56 88.30
CA ALA QB 173 53.99 -70.96 89.28
C ALA QB 173 53.86 -69.46 89.00
N PRO QB 174 52.68 -68.89 89.21
CA PRO QB 174 52.48 -67.48 88.89
C PRO QB 174 52.98 -66.56 90.00
N LYS QB 175 53.31 -65.34 89.60
CA LYS QB 175 53.65 -64.29 90.55
C LYS QB 175 52.36 -63.81 91.20
N ILE QB 176 52.16 -64.20 92.46
CA ILE QB 176 50.91 -63.90 93.15
C ILE QB 176 50.89 -62.46 93.60
N GLN QB 177 49.79 -61.76 93.34
CA GLN QB 177 49.66 -60.33 93.57
C GLN QB 177 48.80 -60.05 94.79
N ARG QB 178 48.92 -58.81 95.28
CA ARG QB 178 48.17 -58.30 96.44
C ARG QB 178 48.42 -59.17 97.68
N LEU QB 179 49.67 -59.16 98.13
CA LEU QB 179 50.09 -59.87 99.32
C LEU QB 179 50.49 -58.88 100.41
N VAL QB 180 50.84 -59.43 101.56
CA VAL QB 180 51.60 -58.72 102.57
C VAL QB 180 53.05 -59.19 102.45
N THR QB 181 53.95 -58.23 102.25
CA THR QB 181 55.34 -58.52 101.92
C THR QB 181 56.25 -57.68 102.79
N PRO QB 182 57.44 -58.18 103.13
CA PRO QB 182 58.44 -57.30 103.74
C PRO QB 182 58.73 -56.08 102.89
N ARG QB 183 58.69 -56.21 101.56
CA ARG QB 183 58.85 -55.06 100.69
C ARG QB 183 57.67 -54.09 100.82
N VAL QB 184 56.45 -54.63 100.90
CA VAL QB 184 55.27 -53.77 101.01
C VAL QB 184 55.22 -53.07 102.36
N LEU QB 185 55.53 -53.80 103.44
CA LEU QB 185 55.62 -53.17 104.75
C LEU QB 185 56.76 -52.17 104.80
N GLN QB 186 57.85 -52.43 104.07
CA GLN QB 186 58.92 -51.44 103.94
C GLN QB 186 58.42 -50.17 103.28
N HIS QB 187 57.63 -50.31 102.22
CA HIS QB 187 57.04 -49.14 101.56
C HIS QB 187 56.14 -48.37 102.52
N LYS QB 188 55.33 -49.09 103.29
CA LYS QB 188 54.42 -48.45 104.24
C LYS QB 188 55.20 -47.71 105.32
N ARG QB 189 56.26 -48.32 105.85
CA ARG QB 189 57.07 -47.65 106.86
C ARG QB 189 57.78 -46.44 106.26
N ARG QB 190 58.21 -46.55 105.00
CA ARG QB 190 58.88 -45.43 104.34
C ARG QB 190 57.94 -44.24 104.20
N ARG QB 191 56.69 -44.48 103.78
CA ARG QB 191 55.77 -43.38 103.61
C ARG QB 191 55.33 -42.79 104.95
N ILE QB 192 55.14 -43.62 105.97
CA ILE QB 192 54.84 -43.10 107.30
C ILE QB 192 56.02 -42.26 107.82
N ALA QB 193 57.24 -42.70 107.55
CA ALA QB 193 58.41 -41.89 107.87
C ALA QB 193 58.34 -40.55 107.17
N LEU QB 194 58.13 -40.56 105.84
CA LEU QB 194 58.03 -39.31 105.08
C LEU QB 194 57.02 -38.36 105.70
N LYS QB 195 55.88 -38.90 106.16
CA LYS QB 195 54.95 -38.06 106.94
C LYS QB 195 55.61 -37.51 108.19
N LYS QB 196 56.40 -38.33 108.89
CA LYS QB 196 57.02 -37.90 110.14
C LYS QB 196 57.97 -36.72 109.93
N GLN QB 197 58.95 -36.88 109.02
CA GLN QB 197 59.86 -35.74 108.84
C GLN QB 197 59.20 -34.59 108.09
N ARG QB 198 58.12 -34.83 107.33
CA ARG QB 198 57.43 -33.70 106.72
C ARG QB 198 56.77 -32.83 107.79
N THR QB 199 56.07 -33.46 108.74
CA THR QB 199 55.48 -32.69 109.85
C THR QB 199 56.55 -32.04 110.70
N LYS QB 200 57.66 -32.73 110.95
CA LYS QB 200 58.74 -32.15 111.74
C LYS QB 200 59.34 -30.94 111.03
N LYS QB 201 59.52 -31.03 109.71
CA LYS QB 201 60.00 -29.90 108.92
C LYS QB 201 59.05 -28.71 109.04
N ASN QB 202 57.75 -28.96 108.92
CA ASN QB 202 56.79 -27.87 109.06
C ASN QB 202 56.89 -27.22 110.43
N LYS QB 203 56.98 -28.03 111.48
CA LYS QB 203 57.04 -27.51 112.84
C LYS QB 203 58.30 -26.66 113.05
N GLU QB 204 59.45 -27.15 112.59
CA GLU QB 204 60.70 -26.44 112.83
C GLU QB 204 60.80 -25.17 111.99
N GLU QB 205 60.26 -25.20 110.77
CA GLU QB 205 60.22 -23.98 109.97
C GLU QB 205 59.30 -22.95 110.61
N ALA QB 206 58.16 -23.39 111.16
CA ALA QB 206 57.27 -22.47 111.86
C ALA QB 206 57.97 -21.84 113.06
N ALA QB 207 58.72 -22.65 113.81
CA ALA QB 207 59.44 -22.11 114.98
C ALA QB 207 60.49 -21.08 114.56
N GLU QB 208 61.28 -21.40 113.52
CA GLU QB 208 62.31 -20.47 113.08
C GLU QB 208 61.70 -19.17 112.56
N TYR QB 209 60.60 -19.28 111.80
CA TYR QB 209 59.93 -18.07 111.32
C TYR QB 209 59.36 -17.26 112.48
N ALA QB 210 58.82 -17.93 113.50
CA ALA QB 210 58.31 -17.21 114.66
C ALA QB 210 59.42 -16.43 115.34
N LYS QB 211 60.59 -17.05 115.52
CA LYS QB 211 61.71 -16.37 116.14
C LYS QB 211 62.16 -15.17 115.30
N LEU QB 212 62.31 -15.38 113.99
CA LEU QB 212 62.78 -14.29 113.13
C LEU QB 212 61.77 -13.15 113.06
N LEU QB 213 60.48 -13.47 112.96
CA LEU QB 213 59.45 -12.44 112.92
C LEU QB 213 59.37 -11.67 114.22
N ALA QB 214 59.54 -12.38 115.36
CA ALA QB 214 59.59 -11.69 116.65
C ALA QB 214 60.77 -10.73 116.71
N LYS QB 215 61.94 -11.16 116.20
CA LYS QB 215 63.10 -10.27 116.19
C LYS QB 215 62.85 -9.04 115.32
N ARG QB 216 62.26 -9.23 114.14
CA ARG QB 216 62.02 -8.10 113.25
C ARG QB 216 60.98 -7.14 113.82
N MET QB 217 59.92 -7.67 114.43
CA MET QB 217 58.94 -6.80 115.09
C MET QB 217 59.55 -6.09 116.28
N LYS QB 218 60.48 -6.74 116.99
CA LYS QB 218 61.23 -6.07 118.04
C LYS QB 218 62.04 -4.91 117.47
N GLU QB 219 62.66 -5.10 116.32
CA GLU QB 219 63.42 -4.02 115.69
C GLU QB 219 62.52 -2.87 115.29
N ALA QB 220 61.34 -3.17 114.75
CA ALA QB 220 60.40 -2.10 114.37
C ALA QB 220 59.91 -1.34 115.61
N LYS QB 221 59.58 -2.07 116.67
CA LYS QB 221 59.16 -1.43 117.91
C LYS QB 221 60.29 -0.59 118.50
N GLU QB 222 61.53 -1.07 118.38
CA GLU QB 222 62.67 -0.30 118.84
C GLU QB 222 62.86 0.96 118.02
N LYS QB 223 62.59 0.90 116.71
CA LYS QB 223 62.67 2.09 115.89
C LYS QB 223 61.63 3.11 116.31
N ARG QB 224 60.40 2.67 116.57
CA ARG QB 224 59.37 3.58 117.03
C ARG QB 224 59.71 4.15 118.41
N GLN QB 225 60.26 3.32 119.30
CA GLN QB 225 60.70 3.80 120.61
C GLN QB 225 61.85 4.79 120.48
N GLU QB 226 62.71 4.61 119.48
CA GLU QB 226 63.79 5.56 119.26
C GLU QB 226 63.26 6.88 118.73
N GLN QB 227 62.22 6.83 117.89
CA GLN QB 227 61.55 8.07 117.49
C GLN QB 227 60.91 8.77 118.69
N ILE QB 228 60.31 7.99 119.60
CA ILE QB 228 59.77 8.55 120.83
C ILE QB 228 60.88 9.20 121.65
N ALA QB 229 62.04 8.55 121.73
CA ALA QB 229 63.18 9.12 122.45
C ALA QB 229 63.66 10.41 121.80
N LYS QB 230 63.67 10.44 120.46
CA LYS QB 230 64.06 11.66 119.74
C LYS QB 230 63.11 12.81 120.07
N ARG QB 231 61.80 12.55 120.05
CA ARG QB 231 60.84 13.62 120.28
C ARG QB 231 60.71 13.97 121.76
N ARG QB 232 61.21 13.12 122.67
CA ARG QB 232 61.15 13.40 124.09
C ARG QB 232 62.41 14.06 124.63
N ARG QB 233 63.59 13.68 124.14
CA ARG QB 233 64.83 14.16 124.75
C ARG QB 233 65.16 15.59 124.36
N LEU QB 234 64.48 16.15 123.36
CA LEU QB 234 64.69 17.53 122.92
C LEU QB 234 63.34 18.21 122.90
N SER QB 235 62.95 18.81 124.03
CA SER QB 235 61.63 19.42 124.17
C SER QB 235 61.66 20.93 124.33
N SER QB 236 62.70 21.51 124.92
CA SER QB 236 62.76 22.96 125.07
C SER QB 236 64.09 23.56 124.62
N LEU QB 237 65.17 22.79 124.66
CA LEU QB 237 66.48 23.30 124.29
C LEU QB 237 66.64 23.38 122.78
N SER RB 1 68.37 61.94 110.52
CA SER RB 1 68.01 62.15 109.13
C SER RB 1 66.49 62.22 108.97
N ALA RB 2 66.05 63.01 107.99
CA ALA RB 2 64.63 63.19 107.69
C ALA RB 2 64.32 62.46 106.39
N LYS RB 3 63.51 61.41 106.48
CA LYS RB 3 63.07 60.64 105.31
C LYS RB 3 61.59 60.38 105.48
N ILE RB 4 60.77 61.16 104.78
CA ILE RB 4 59.32 61.03 104.89
C ILE RB 4 58.67 60.57 103.59
N VAL RB 5 59.27 60.85 102.44
CA VAL RB 5 58.68 60.50 101.15
C VAL RB 5 59.63 59.53 100.44
N LYS RB 6 59.46 58.24 100.74
CA LYS RB 6 60.18 57.16 100.09
C LYS RB 6 59.48 55.83 100.39
N PRO RB 7 58.40 55.51 99.68
CA PRO RB 7 57.83 54.15 99.79
C PRO RB 7 58.30 53.22 98.68
N ASN RB 8 58.60 51.97 99.03
CA ASN RB 8 58.91 50.92 98.05
C ASN RB 8 58.90 49.58 98.78
N GLY RB 9 59.29 48.52 98.08
CA GLY RB 9 59.17 47.18 98.63
C GLY RB 9 60.07 46.94 99.83
N GLU RB 10 61.31 47.41 99.77
CA GLU RB 10 62.25 47.22 100.86
C GLU RB 10 62.14 48.38 101.85
N LYS RB 11 62.58 48.13 103.08
CA LYS RB 11 62.53 49.14 104.12
C LYS RB 11 63.70 50.14 104.06
N PRO RB 12 64.96 49.71 103.98
CA PRO RB 12 66.07 50.68 104.09
C PRO RB 12 66.30 51.44 102.78
N ASP RB 13 67.32 52.28 102.80
CA ASP RB 13 67.72 53.06 101.64
C ASP RB 13 69.16 53.52 101.82
N GLU RB 14 69.81 53.84 100.70
CA GLU RB 14 71.15 54.41 100.72
C GLU RB 14 71.21 55.54 99.69
N PHE RB 15 71.43 56.75 100.17
CA PHE RB 15 71.54 57.99 99.40
C PHE RB 15 70.19 58.39 98.82
N GLU RB 16 69.20 57.49 98.93
CA GLU RB 16 67.83 57.81 98.57
C GLU RB 16 67.16 58.61 99.69
N SER RB 17 67.58 58.39 100.94
CA SER RB 17 67.22 59.32 102.00
C SER RB 17 67.71 60.73 101.68
N GLY RB 18 68.85 60.84 101.01
CA GLY RB 18 69.35 62.15 100.63
C GLY RB 18 68.48 62.85 99.61
N ILE RB 19 68.00 62.12 98.60
CA ILE RB 19 67.13 62.74 97.61
C ILE RB 19 65.76 63.03 98.20
N SER RB 20 65.27 62.17 99.10
CA SER RB 20 64.03 62.49 99.81
C SER RB 20 64.21 63.71 100.70
N GLN RB 21 65.39 63.88 101.28
CA GLN RB 21 65.71 65.08 102.04
C GLN RB 21 65.65 66.31 101.14
N ALA RB 22 66.35 66.27 100.01
CA ALA RB 22 66.35 67.41 99.09
C ALA RB 22 64.96 67.70 98.55
N LEU RB 23 64.09 66.69 98.55
CA LEU RB 23 62.70 66.92 98.14
C LEU RB 23 61.86 67.50 99.27
N LEU RB 24 62.16 67.15 100.52
CA LEU RB 24 61.30 67.60 101.61
C LEU RB 24 61.54 69.07 101.97
N GLU RB 25 62.77 69.56 101.86
CA GLU RB 25 62.99 71.00 101.95
C GLU RB 25 62.89 71.69 100.60
N LEU RB 26 62.17 71.08 99.65
CA LEU RB 26 61.66 71.83 98.52
C LEU RB 26 60.34 72.53 98.87
N GLU RB 27 60.05 72.51 100.16
CA GLU RB 27 58.91 73.23 100.73
C GLU RB 27 59.09 74.74 100.50
N MET RB 28 57.99 75.47 100.65
CA MET RB 28 57.91 76.93 100.46
C MET RB 28 58.57 77.36 99.14
N ASN RB 29 58.29 76.59 98.09
CA ASN RB 29 58.78 76.88 96.75
C ASN RB 29 57.77 77.75 96.00
N SER RB 30 57.94 77.86 94.69
CA SER RB 30 57.04 78.65 93.85
C SER RB 30 55.76 77.87 93.57
N ASP RB 31 55.00 77.67 94.66
CA ASP RB 31 53.67 77.05 94.61
C ASP RB 31 53.72 75.66 93.97
N LEU RB 32 54.73 74.88 94.33
CA LEU RB 32 54.91 73.54 93.78
C LEU RB 32 54.51 72.43 94.73
N LYS RB 33 54.56 72.67 96.04
CA LYS RB 33 54.24 71.62 97.02
C LYS RB 33 52.78 71.23 97.01
N ALA RB 34 51.90 72.07 96.44
CA ALA RB 34 50.48 71.74 96.41
C ALA RB 34 50.23 70.47 95.60
N GLN RB 35 50.92 70.32 94.47
CA GLN RB 35 50.82 69.12 93.64
C GLN RB 35 51.99 68.18 93.83
N LEU RB 36 52.89 68.44 94.78
CA LEU RB 36 54.03 67.58 95.02
C LEU RB 36 53.86 66.72 96.28
N ARG RB 37 53.09 67.20 97.26
CA ARG RB 37 53.00 66.50 98.53
C ARG RB 37 52.30 65.15 98.40
N GLU RB 38 51.31 65.03 97.51
CA GLU RB 38 50.61 63.78 97.32
C GLU RB 38 51.44 62.74 96.57
N LEU RB 39 52.57 63.13 95.99
CA LEU RB 39 53.39 62.25 95.19
C LEU RB 39 54.45 61.57 96.06
N ASN RB 40 55.15 60.62 95.46
CA ASN RB 40 56.15 59.87 96.20
C ASN RB 40 57.20 59.31 95.25
N ILE RB 41 58.34 58.90 95.83
CA ILE RB 41 59.50 58.45 95.07
C ILE RB 41 59.80 57.01 95.45
N THR RB 42 59.97 56.16 94.44
CA THR RB 42 60.27 54.75 94.69
C THR RB 42 61.73 54.55 95.06
N ALA RB 43 62.65 54.92 94.16
CA ALA RB 43 64.08 54.70 94.40
C ALA RB 43 64.87 55.72 93.61
N ALA RB 44 66.16 55.84 93.96
CA ALA RB 44 67.07 56.74 93.27
C ALA RB 44 68.39 56.03 93.01
N LYS RB 45 69.11 56.49 91.99
CA LYS RB 45 70.38 55.86 91.63
C LYS RB 45 71.29 56.88 90.96
N GLU RB 46 72.54 56.91 91.39
CA GLU RB 46 73.58 57.75 90.80
C GLU RB 46 74.52 56.88 89.98
N ILE RB 47 74.77 57.27 88.73
CA ILE RB 47 75.68 56.54 87.86
C ILE RB 47 76.63 57.52 87.20
N GLU RB 48 77.64 56.97 86.54
CA GLU RB 48 78.65 57.75 85.84
C GLU RB 48 78.36 57.72 84.34
N VAL RB 49 78.40 58.90 83.71
CA VAL RB 49 78.12 59.04 82.29
C VAL RB 49 79.19 59.94 81.68
N GLY RB 50 79.61 59.60 80.46
CA GLY RB 50 80.57 60.42 79.74
C GLY RB 50 81.96 60.40 80.33
N GLY RB 51 82.38 61.53 80.89
CA GLY RB 51 83.71 61.65 81.45
C GLY RB 51 83.69 61.53 82.96
N GLY RB 52 83.71 62.67 83.65
CA GLY RB 52 83.55 62.69 85.09
C GLY RB 52 82.23 63.32 85.48
N ARG RB 53 81.17 63.00 84.75
CA ARG RB 53 79.86 63.62 84.93
C ARG RB 53 78.89 62.62 85.52
N LYS RB 54 78.13 63.06 86.52
CA LYS RB 54 77.20 62.20 87.26
C LYS RB 54 75.76 62.46 86.82
N ALA RB 55 74.95 61.41 86.87
CA ALA RB 55 73.54 61.48 86.54
C ALA RB 55 72.73 60.75 87.60
N ILE RB 56 71.62 61.35 88.01
CA ILE RB 56 70.71 60.77 88.99
C ILE RB 56 69.48 60.24 88.27
N ILE RB 57 69.07 59.03 88.65
CA ILE RB 57 67.89 58.38 88.10
C ILE RB 57 66.88 58.22 89.22
N ILE RB 58 65.71 58.84 89.06
CA ILE RB 58 64.68 58.84 90.09
C ILE RB 58 63.53 57.96 89.63
N PHE RB 59 63.14 57.01 90.47
CA PHE RB 59 62.06 56.09 90.15
C PHE RB 59 60.76 56.53 90.81
N VAL RB 60 59.70 56.54 90.04
CA VAL RB 60 58.37 56.93 90.50
C VAL RB 60 57.41 55.78 90.19
N PRO RB 61 56.31 55.63 90.91
CA PRO RB 61 55.33 54.61 90.55
C PRO RB 61 54.68 54.90 89.22
N VAL RB 62 54.24 53.83 88.54
CA VAL RB 62 53.56 53.98 87.26
C VAL RB 62 52.30 54.83 87.36
N PRO RB 63 51.40 54.63 88.34
CA PRO RB 63 50.19 55.48 88.37
C PRO RB 63 50.46 56.96 88.49
N GLN RB 64 51.56 57.37 89.15
CA GLN RB 64 51.87 58.77 89.31
C GLN RB 64 52.92 59.27 88.32
N LEU RB 65 53.37 58.43 87.40
CA LEU RB 65 54.31 58.89 86.37
C LEU RB 65 53.65 59.96 85.50
N LYS RB 66 52.38 59.76 85.15
CA LYS RB 66 51.65 60.78 84.40
C LYS RB 66 51.54 62.08 85.18
N SER RB 67 51.29 61.99 86.49
CA SER RB 67 51.25 63.19 87.31
C SER RB 67 52.62 63.84 87.41
N PHE RB 68 53.68 63.03 87.48
CA PHE RB 68 55.03 63.57 87.57
C PHE RB 68 55.40 64.34 86.32
N GLN RB 69 55.10 63.78 85.13
CA GLN RB 69 55.47 64.44 83.88
C GLN RB 69 54.75 65.77 83.72
N LYS RB 70 53.57 65.92 84.31
CA LYS RB 70 52.87 67.20 84.21
C LYS RB 70 53.65 68.32 84.86
N ILE RB 71 54.46 68.00 85.88
CA ILE RB 71 55.26 68.99 86.58
C ILE RB 71 56.76 68.69 86.49
N GLN RB 72 57.15 67.69 85.71
CA GLN RB 72 58.54 67.23 85.70
C GLN RB 72 59.51 68.33 85.31
N VAL RB 73 59.26 68.98 84.16
CA VAL RB 73 60.18 69.98 83.63
C VAL RB 73 60.32 71.15 84.58
N ARG RB 74 59.35 71.34 85.49
CA ARG RB 74 59.49 72.39 86.49
C ARG RB 74 60.59 72.06 87.49
N LEU RB 75 60.46 70.92 88.18
CA LEU RB 75 61.39 70.63 89.27
C LEU RB 75 62.70 70.01 88.79
N VAL RB 76 62.84 69.68 87.50
CA VAL RB 76 64.13 69.18 87.04
C VAL RB 76 65.22 70.23 87.24
N ARG RB 77 64.93 71.49 86.90
CA ARG RB 77 65.93 72.54 87.07
C ARG RB 77 66.22 72.79 88.55
N GLU RB 78 65.20 72.72 89.40
CA GLU RB 78 65.43 72.90 90.83
C GLU RB 78 66.29 71.78 91.41
N LEU RB 79 66.05 70.53 90.99
CA LEU RB 79 66.90 69.43 91.42
C LEU RB 79 68.33 69.59 90.90
N GLU RB 80 68.50 70.07 89.68
CA GLU RB 80 69.85 70.28 89.16
C GLU RB 80 70.56 71.40 89.93
N LYS RB 81 69.80 72.39 90.40
CA LYS RB 81 70.39 73.40 91.28
C LYS RB 81 70.73 72.81 92.65
N LYS RB 82 69.90 71.88 93.14
CA LYS RB 82 70.19 71.20 94.39
C LYS RB 82 71.48 70.37 94.27
N PHE RB 83 71.62 69.65 93.16
CA PHE RB 83 72.78 68.81 92.90
C PHE RB 83 73.49 69.38 91.68
N SER RB 84 74.40 70.33 91.92
CA SER RB 84 75.05 71.05 90.84
C SER RB 84 75.93 70.12 90.00
N GLY RB 85 75.91 70.34 88.69
CA GLY RB 85 76.71 69.55 87.77
C GLY RB 85 76.17 68.18 87.46
N LYS RB 86 74.95 67.87 87.88
CA LYS RB 86 74.35 66.56 87.65
C LYS RB 86 73.07 66.73 86.86
N HIS RB 87 72.72 65.70 86.09
CA HIS RB 87 71.51 65.70 85.29
C HIS RB 87 70.47 64.78 85.92
N VAL RB 88 69.21 65.17 85.82
CA VAL RB 88 68.11 64.51 86.51
C VAL RB 88 67.17 63.90 85.49
N VAL RB 89 66.82 62.63 85.68
CA VAL RB 89 65.87 61.94 84.83
C VAL RB 89 64.87 61.19 85.70
N PHE RB 90 63.68 60.95 85.14
CA PHE RB 90 62.57 60.35 85.88
C PHE RB 90 62.13 59.09 85.14
N ILE RB 91 62.08 57.98 85.87
CA ILE RB 91 61.76 56.66 85.31
C ILE RB 91 60.66 56.04 86.15
N ALA RB 92 59.71 55.38 85.49
CA ALA RB 92 58.69 54.61 86.19
C ALA RB 92 59.16 53.17 86.35
N GLN RB 93 58.95 52.61 87.53
CA GLN RB 93 59.29 51.21 87.76
C GLN RB 93 58.23 50.31 87.15
N ARG RB 94 58.63 49.50 86.16
CA ARG RB 94 57.68 48.79 85.33
C ARG RB 94 57.60 47.29 85.62
N ARG RB 95 58.52 46.74 86.42
CA ARG RB 95 58.38 45.39 86.98
C ARG RB 95 58.23 44.34 85.87
N ILE RB 96 59.32 44.14 85.14
CA ILE RB 96 59.37 43.15 84.07
C ILE RB 96 58.98 41.78 84.63
N LEU RB 97 58.07 41.10 83.94
CA LEU RB 97 57.68 39.74 84.30
C LEU RB 97 58.40 38.74 83.40
N PRO RB 98 58.89 37.65 83.97
CA PRO RB 98 59.62 36.65 83.17
C PRO RB 98 58.73 36.00 82.12
N LYS RB 99 59.34 35.66 81.00
CA LYS RB 99 58.60 35.00 79.92
C LYS RB 99 58.23 33.59 80.37
N PRO RB 100 56.97 33.18 80.21
CA PRO RB 100 56.55 31.86 80.70
C PRO RB 100 57.20 30.71 79.93
N THR RB 101 58.08 29.97 80.57
CA THR RB 101 58.71 28.82 79.97
C THR RB 101 57.85 27.59 80.20
N ARG RB 102 58.39 26.40 79.91
CA ARG RB 102 57.70 25.15 80.12
C ARG RB 102 57.91 24.58 81.51
N LYS RB 103 58.61 25.30 82.39
CA LYS RB 103 58.90 24.82 83.73
C LYS RB 103 57.99 25.47 84.76
N LYS RB 104 50.62 27.47 92.52
CA LYS RB 104 50.60 26.64 91.32
C LYS RB 104 49.56 27.15 90.33
N ASN RB 105 49.38 28.48 90.31
CA ASN RB 105 48.40 29.10 89.43
C ASN RB 105 48.86 30.52 89.14
N LYS RB 106 49.43 30.74 87.97
CA LYS RB 106 49.87 32.06 87.52
C LYS RB 106 48.97 32.54 86.40
N GLN RB 107 48.60 33.82 86.46
CA GLN RB 107 47.75 34.43 85.45
C GLN RB 107 48.52 34.69 84.16
N LYS RB 108 47.78 35.04 83.12
CA LYS RB 108 48.39 35.43 81.86
C LYS RB 108 49.26 36.65 82.05
N ARG RB 109 50.42 36.66 81.42
CA ARG RB 109 51.32 37.79 81.54
C ARG RB 109 50.81 38.95 80.70
N PRO RB 110 50.56 40.11 81.29
CA PRO RB 110 50.13 41.27 80.49
C PRO RB 110 51.25 41.73 79.57
N ARG RB 111 50.86 42.27 78.41
CA ARG RB 111 51.84 42.77 77.47
C ARG RB 111 52.61 43.96 78.03
N SER RB 112 52.00 44.72 78.94
CA SER RB 112 52.70 45.83 79.58
C SER RB 112 53.87 45.35 80.43
N ARG RB 113 53.80 44.11 80.92
CA ARG RB 113 54.88 43.55 81.72
C ARG RB 113 55.95 42.88 80.87
N THR RB 114 55.73 42.75 79.57
CA THR RB 114 56.76 42.19 78.70
C THR RB 114 57.96 43.12 78.62
N LEU RB 115 59.12 42.52 78.37
CA LEU RB 115 60.38 43.23 78.54
C LEU RB 115 60.61 44.27 77.45
N THR RB 116 60.26 43.96 76.21
CA THR RB 116 60.40 44.95 75.14
C THR RB 116 59.50 46.16 75.39
N ALA RB 117 58.27 45.92 75.83
CA ALA RB 117 57.36 47.01 76.16
C ALA RB 117 57.91 47.85 77.31
N VAL RB 118 58.47 47.19 78.32
CA VAL RB 118 59.07 47.92 79.44
C VAL RB 118 60.21 48.79 78.95
N HIS RB 119 61.06 48.25 78.07
CA HIS RB 119 62.26 48.97 77.67
C HIS RB 119 61.92 50.16 76.78
N ASP RB 120 61.04 49.99 75.79
CA ASP RB 120 60.74 51.16 74.99
C ASP RB 120 59.82 52.14 75.72
N ALA RB 121 59.08 51.68 76.73
CA ALA RB 121 58.33 52.60 77.58
C ALA RB 121 59.27 53.46 78.42
N ILE RB 122 60.28 52.85 79.05
CA ILE RB 122 61.21 53.63 79.87
C ILE RB 122 62.12 54.46 78.98
N LEU RB 123 62.28 54.07 77.71
CA LEU RB 123 62.92 54.96 76.76
C LEU RB 123 62.03 56.16 76.46
N GLU RB 124 60.72 55.95 76.37
CA GLU RB 124 59.81 57.03 76.02
C GLU RB 124 59.78 58.12 77.10
N ASP RB 125 59.71 57.72 78.37
CA ASP RB 125 59.63 58.70 79.44
C ASP RB 125 60.98 59.27 79.86
N LEU RB 126 62.09 58.66 79.41
CA LEU RB 126 63.40 59.17 79.76
C LEU RB 126 63.70 60.49 79.07
N VAL RB 127 63.05 60.76 77.94
CA VAL RB 127 63.34 61.92 77.11
C VAL RB 127 62.14 62.85 77.11
N PHE RB 128 61.43 62.90 78.24
CA PHE RB 128 60.08 63.45 78.27
C PHE RB 128 59.90 64.84 77.66
N PRO RB 129 60.78 65.83 77.86
CA PRO RB 129 60.54 67.13 77.21
C PRO RB 129 60.43 67.03 75.69
N SER RB 130 61.05 66.04 75.08
CA SER RB 130 60.87 65.72 73.68
C SER RB 130 60.08 64.42 73.55
N GLU RB 131 59.92 63.96 72.31
CA GLU RB 131 59.22 62.71 72.03
C GLU RB 131 59.93 61.99 70.90
N ILE RB 132 59.70 60.68 70.85
CA ILE RB 132 60.30 59.85 69.81
C ILE RB 132 59.45 59.96 68.55
N VAL RB 133 60.02 60.54 67.50
CA VAL RB 133 59.35 60.62 66.21
C VAL RB 133 59.83 59.54 65.25
N GLY RB 134 60.75 58.67 65.68
CA GLY RB 134 61.25 57.61 64.85
C GLY RB 134 62.34 56.81 65.52
N LYS RB 135 62.38 55.51 65.25
CA LYS RB 135 63.37 54.62 65.85
C LYS RB 135 64.07 53.83 64.74
N ARG RB 136 65.39 53.81 64.78
CA ARG RB 136 66.20 53.06 63.84
C ARG RB 136 67.13 52.11 64.59
N ILE RB 137 67.22 50.87 64.11
CA ILE RB 137 68.06 49.86 64.72
C ILE RB 137 69.06 49.39 63.66
N ARG RB 138 70.34 49.49 63.98
CA ARG RB 138 71.41 49.07 63.10
C ARG RB 138 72.12 47.85 63.67
N VAL RB 139 72.31 46.84 62.83
CA VAL RB 139 73.11 45.67 63.17
C VAL RB 139 74.51 45.91 62.63
N LYS RB 140 75.47 46.10 63.53
CA LYS RB 140 76.79 46.64 63.17
C LYS RB 140 77.76 45.54 62.74
N LEU RB 141 77.34 44.76 61.74
CA LEU RB 141 78.18 43.81 61.00
C LEU RB 141 78.64 42.63 61.84
N ASP RB 142 78.33 42.60 63.14
CA ASP RB 142 78.83 41.53 64.00
C ASP RB 142 77.78 41.02 64.97
N GLY RB 143 76.50 41.32 64.72
CA GLY RB 143 75.42 40.88 65.57
C GLY RB 143 75.03 41.87 66.66
N SER RB 144 75.90 42.82 66.98
CA SER RB 144 75.55 43.85 67.94
C SER RB 144 74.52 44.79 67.34
N ARG RB 145 73.72 45.41 68.20
CA ARG RB 145 72.66 46.32 67.77
C ARG RB 145 72.90 47.70 68.36
N LEU RB 146 72.71 48.72 67.51
CA LEU RB 146 72.76 50.10 67.94
C LEU RB 146 71.47 50.78 67.54
N ILE RB 147 70.79 51.40 68.50
CA ILE RB 147 69.48 51.98 68.29
C ILE RB 147 69.65 53.49 68.09
N LYS RB 148 69.08 54.01 67.01
CA LYS RB 148 69.04 55.45 66.78
C LYS RB 148 67.63 55.95 67.04
N VAL RB 149 67.52 56.95 67.91
CA VAL RB 149 66.23 57.50 68.34
C VAL RB 149 66.10 58.90 67.74
N HIS RB 150 65.00 59.13 67.03
CA HIS RB 150 64.71 60.44 66.47
C HIS RB 150 63.82 61.22 67.42
N LEU RB 151 64.31 62.38 67.87
CA LEU RB 151 63.60 63.20 68.83
C LEU RB 151 62.73 64.22 68.10
N ASP RB 152 62.02 65.03 68.89
CA ASP RB 152 60.98 65.90 68.33
C ASP RB 152 61.55 66.93 67.37
N LYS RB 153 62.66 67.58 67.77
CA LYS RB 153 63.26 68.75 67.10
C LYS RB 153 62.35 69.97 67.26
N ALA RB 154 61.17 69.78 67.87
CA ALA RB 154 60.34 70.91 68.22
C ALA RB 154 61.02 71.78 69.27
N GLN RB 155 61.88 71.17 70.08
CA GLN RB 155 62.69 71.89 71.04
C GLN RB 155 64.13 71.39 70.95
N GLN RB 156 65.08 72.32 71.12
CA GLN RB 156 66.50 71.99 71.09
C GLN RB 156 67.28 72.76 72.16
N ASN RB 157 66.64 73.16 73.25
CA ASN RB 157 67.31 73.97 74.25
C ASN RB 157 67.65 73.22 75.53
N ASN RB 158 67.00 72.10 75.81
CA ASN RB 158 67.19 71.41 77.08
C ASN RB 158 67.28 69.89 76.97
N VAL RB 159 67.55 69.35 75.78
CA VAL RB 159 67.76 67.90 75.66
C VAL RB 159 69.08 67.66 74.95
N GLU RB 160 69.51 68.62 74.13
CA GLU RB 160 70.72 68.45 73.31
C GLU RB 160 71.98 68.27 74.15
N HIS RB 161 71.94 68.63 75.43
CA HIS RB 161 73.08 68.43 76.31
C HIS RB 161 72.94 67.19 77.18
N LYS RB 162 71.77 66.56 77.19
CA LYS RB 162 71.54 65.37 78.01
C LYS RB 162 71.54 64.08 77.19
N VAL RB 163 71.86 64.15 75.90
CA VAL RB 163 71.81 62.96 75.06
C VAL RB 163 72.88 61.96 75.48
N GLU RB 164 74.06 62.44 75.87
CA GLU RB 164 75.10 61.55 76.38
C GLU RB 164 74.65 60.89 77.68
N THR RB 165 74.05 61.66 78.58
CA THR RB 165 73.53 61.08 79.81
C THR RB 165 72.38 60.12 79.53
N PHE RB 166 71.56 60.42 78.52
CA PHE RB 166 70.49 59.51 78.13
C PHE RB 166 71.04 58.18 77.67
N SER RB 167 72.06 58.21 76.81
CA SER RB 167 72.71 56.98 76.37
C SER RB 167 73.33 56.24 77.55
N GLY RB 168 73.96 56.97 78.47
CA GLY RB 168 74.60 56.33 79.60
C GLY RB 168 73.60 55.64 80.51
N VAL RB 169 72.50 56.31 80.84
CA VAL RB 169 71.52 55.70 81.74
C VAL RB 169 70.82 54.53 81.05
N TYR RB 170 70.56 54.64 79.74
CA TYR RB 170 69.93 53.53 79.05
C TYR RB 170 70.86 52.32 79.00
N LYS RB 171 72.15 52.55 78.76
CA LYS RB 171 73.11 51.45 78.81
C LYS RB 171 73.20 50.87 80.21
N LYS RB 172 73.11 51.71 81.24
CA LYS RB 172 73.24 51.24 82.61
C LYS RB 172 72.07 50.33 83.01
N LEU RB 173 70.84 50.78 82.78
CA LEU RB 173 69.68 50.06 83.29
C LEU RB 173 68.94 49.27 82.23
N THR RB 174 69.46 49.21 81.00
CA THR RB 174 68.91 48.29 80.01
C THR RB 174 69.98 47.42 79.36
N GLY RB 175 71.16 47.96 79.10
CA GLY RB 175 72.26 47.18 78.58
C GLY RB 175 72.53 47.30 77.10
N LYS RB 176 71.82 48.16 76.38
CA LYS RB 176 72.00 48.33 74.95
C LYS RB 176 72.39 49.76 74.62
N ASP RB 177 73.27 49.90 73.64
CA ASP RB 177 73.77 51.20 73.22
C ASP RB 177 72.71 51.90 72.37
N VAL RB 178 72.47 53.18 72.65
CA VAL RB 178 71.45 53.96 71.97
C VAL RB 178 72.03 55.34 71.68
N ASN RB 179 71.81 55.84 70.47
CA ASN RB 179 72.20 57.18 70.08
C ASN RB 179 70.97 58.03 69.81
N PHE RB 180 71.10 59.33 70.00
CA PHE RB 180 69.99 60.27 69.88
C PHE RB 180 70.33 61.35 68.87
N GLU RB 181 69.42 61.56 67.92
CA GLU RB 181 69.65 62.52 66.84
C GLU RB 181 68.35 63.26 66.55
N PHE RB 182 68.49 64.47 66.02
CA PHE RB 182 67.37 65.34 65.73
C PHE RB 182 67.16 65.46 64.23
N PRO RB 183 66.05 64.99 63.68
CA PRO RB 183 65.80 65.09 62.24
C PRO RB 183 65.24 66.45 61.89
N GLU RB 184 65.15 66.70 60.58
CA GLU RB 184 64.59 67.95 60.07
C GLU RB 184 63.07 67.85 60.01
N PHE RB 185 62.42 68.80 59.35
CA PHE RB 185 60.97 68.82 59.30
C PHE RB 185 60.44 67.63 58.51
N GLN RB 186 59.27 67.17 58.91
CA GLN RB 186 58.67 65.96 58.33
C GLN RB 186 57.36 66.28 57.64
N GLY SB 1 28.83 -26.23 66.39
CA GLY SB 1 27.55 -26.04 67.05
C GLY SB 1 27.29 -24.59 67.41
N ILE SB 2 26.69 -24.38 68.59
CA ILE SB 2 26.48 -23.03 69.08
C ILE SB 2 27.83 -22.39 69.31
N SER SB 3 28.09 -21.28 68.61
CA SER SB 3 29.39 -20.63 68.65
C SER SB 3 29.25 -19.26 69.30
N ARG SB 4 30.26 -18.88 70.07
CA ARG SB 4 30.30 -17.62 70.79
C ARG SB 4 31.29 -16.64 70.15
N ASP SB 5 31.51 -16.78 68.85
CA ASP SB 5 32.49 -15.95 68.17
C ASP SB 5 31.97 -14.53 68.01
N ASN SB 6 32.90 -13.62 67.74
CA ASN SB 6 32.57 -12.23 67.45
C ASN SB 6 32.60 -11.90 65.98
N TRP SB 7 33.13 -12.79 65.13
CA TRP SB 7 33.30 -12.49 63.72
C TRP SB 7 32.04 -12.72 62.89
N HIS SB 8 31.04 -13.42 63.43
CA HIS SB 8 29.77 -13.51 62.73
C HIS SB 8 28.94 -12.25 62.86
N LYS SB 9 29.31 -11.34 63.75
CA LYS SB 9 28.64 -10.07 63.90
C LYS SB 9 29.13 -9.08 62.86
N ARG SB 10 28.32 -8.05 62.64
CA ARG SB 10 28.70 -6.99 61.73
C ARG SB 10 29.78 -6.10 62.36
N ARG SB 11 30.50 -5.39 61.51
CA ARG SB 11 31.48 -4.43 61.99
C ARG SB 11 30.77 -3.25 62.66
N LYS SB 12 31.56 -2.41 63.33
CA LYS SB 12 30.99 -1.25 64.00
C LYS SB 12 30.34 -0.31 63.01
N THR SB 13 30.97 -0.13 61.84
CA THR SB 13 30.41 0.69 60.78
C THR SB 13 29.17 0.06 60.14
N GLY SB 14 28.89 -1.21 60.43
CA GLY SB 14 27.78 -1.90 59.81
C GLY SB 14 28.15 -2.78 58.64
N GLY SB 15 29.42 -2.82 58.27
CA GLY SB 15 29.85 -3.65 57.16
C GLY SB 15 29.79 -5.13 57.49
N LYS SB 16 29.64 -5.92 56.44
CA LYS SB 16 29.59 -7.37 56.58
C LYS SB 16 30.99 -7.93 56.73
N ARG SB 17 31.19 -8.77 57.76
CA ARG SB 17 32.47 -9.40 58.01
C ARG SB 17 32.49 -10.80 57.43
N LYS SB 18 33.59 -11.14 56.77
CA LYS SB 18 33.77 -12.45 56.18
C LYS SB 18 34.68 -13.29 57.05
N PRO SB 19 34.27 -14.50 57.43
CA PRO SB 19 35.11 -15.33 58.31
C PRO SB 19 36.32 -15.87 57.56
N TYR SB 20 37.47 -15.78 58.20
CA TYR SB 20 38.71 -16.28 57.62
C TYR SB 20 39.05 -17.70 58.07
N HIS SB 21 38.18 -18.32 58.87
CA HIS SB 21 38.34 -19.72 59.24
C HIS SB 21 36.98 -20.28 59.61
N LYS SB 22 36.87 -21.60 59.55
CA LYS SB 22 35.65 -22.27 59.99
C LYS SB 22 35.62 -22.30 61.52
N LYS SB 23 34.50 -22.76 62.08
CA LYS SB 23 34.25 -22.64 63.50
C LYS SB 23 35.29 -23.43 64.31
N ARG SB 24 35.85 -22.78 65.32
CA ARG SB 24 36.82 -23.38 66.21
C ARG SB 24 36.14 -23.88 67.48
N LYS SB 25 36.77 -24.87 68.11
CA LYS SB 25 36.17 -25.47 69.30
C LYS SB 25 36.15 -24.51 70.48
N TYR SB 26 37.27 -23.83 70.74
CA TYR SB 26 37.36 -23.02 71.96
C TYR SB 26 36.35 -21.88 71.98
N GLU SB 27 35.85 -21.46 70.83
CA GLU SB 27 34.75 -20.49 70.76
C GLU SB 27 33.39 -21.18 70.60
N LEU SB 28 33.06 -22.12 71.49
CA LEU SB 28 31.79 -22.83 71.41
C LEU SB 28 30.81 -22.30 72.45
N GLY SB 29 29.56 -22.75 72.32
CA GLY SB 29 28.56 -22.52 73.32
C GLY SB 29 27.79 -23.80 73.58
N ARG SB 30 27.00 -23.78 74.65
CA ARG SB 30 26.23 -24.94 75.07
C ARG SB 30 24.81 -24.52 75.40
N PRO SB 31 23.86 -25.44 75.32
CA PRO SB 31 22.46 -25.09 75.60
C PRO SB 31 22.27 -24.64 77.04
N ALA SB 32 21.28 -23.78 77.24
CA ALA SB 32 20.96 -23.27 78.57
C ALA SB 32 20.56 -24.42 79.49
N ALA SB 33 20.98 -24.31 80.75
CA ALA SB 33 20.64 -25.36 81.72
C ALA SB 33 19.15 -25.39 82.00
N ASN SB 34 18.51 -24.23 82.06
CA ASN SB 34 17.07 -24.11 82.32
C ASN SB 34 16.70 -24.77 83.64
N THR SB 35 17.31 -24.28 84.71
CA THR SB 35 17.17 -24.90 86.02
C THR SB 35 15.75 -24.73 86.53
N LYS SB 36 14.99 -25.83 86.55
CA LYS SB 36 13.64 -25.84 87.08
C LYS SB 36 13.70 -26.04 88.58
N ILE SB 37 12.53 -26.25 89.19
CA ILE SB 37 12.42 -26.57 90.61
C ILE SB 37 11.83 -27.96 90.75
N GLY SB 38 12.54 -28.85 91.43
CA GLY SB 38 12.11 -30.22 91.60
C GLY SB 38 13.14 -31.04 92.33
N PRO SB 39 13.01 -32.36 92.27
CA PRO SB 39 14.03 -33.23 92.86
C PRO SB 39 15.39 -32.99 92.23
N ARG SB 40 16.43 -33.11 93.04
CA ARG SB 40 17.77 -32.73 92.62
C ARG SB 40 18.25 -33.56 91.44
N ARG SB 41 18.61 -32.86 90.36
CA ARG SB 41 19.13 -33.50 89.16
C ARG SB 41 20.22 -32.61 88.57
N ILE SB 42 21.47 -33.06 88.65
CA ILE SB 42 22.61 -32.27 88.23
C ILE SB 42 23.42 -33.09 87.23
N HIS SB 43 23.74 -32.49 86.09
CA HIS SB 43 24.52 -33.13 85.05
C HIS SB 43 25.91 -32.49 84.99
N THR SB 44 26.92 -33.33 84.82
CA THR SB 44 28.30 -32.86 84.72
C THR SB 44 28.71 -32.80 83.25
N VAL SB 45 29.28 -31.68 82.84
CA VAL SB 45 29.78 -31.49 81.49
C VAL SB 45 31.27 -31.20 81.58
N ARG SB 46 32.00 -31.64 80.55
CA ARG SB 46 33.43 -31.38 80.49
C ARG SB 46 33.69 -30.06 79.78
N VAL SB 47 34.58 -29.25 80.34
CA VAL SB 47 34.84 -27.92 79.82
C VAL SB 47 36.30 -27.80 79.42
N ARG SB 48 36.69 -26.61 78.97
CA ARG SB 48 38.07 -26.36 78.55
C ARG SB 48 39.04 -26.63 79.68
N GLY SB 49 40.16 -27.27 79.35
CA GLY SB 49 41.15 -27.62 80.35
C GLY SB 49 40.83 -28.87 81.14
N GLY SB 50 39.78 -29.60 80.77
CA GLY SB 50 39.41 -30.80 81.49
C GLY SB 50 38.71 -30.56 82.82
N ASN SB 51 38.33 -29.32 83.12
CA ASN SB 51 37.68 -29.02 84.37
C ASN SB 51 36.21 -29.46 84.32
N LYS SB 52 35.47 -29.10 85.36
CA LYS SB 52 34.14 -29.66 85.59
C LYS SB 52 33.13 -28.55 85.81
N LYS SB 53 31.98 -28.66 85.14
CA LYS SB 53 30.86 -27.77 85.34
C LYS SB 53 29.63 -28.59 85.71
N TYR SB 54 28.80 -28.03 86.58
CA TYR SB 54 27.62 -28.71 87.08
C TYR SB 54 26.37 -28.07 86.49
N ARG SB 55 25.59 -28.85 85.77
CA ARG SB 55 24.32 -28.39 85.20
C ARG SB 55 23.19 -28.75 86.15
N ALA SB 56 22.78 -27.79 86.98
CA ALA SB 56 21.61 -27.99 87.83
C ALA SB 56 20.37 -27.94 86.94
N LEU SB 57 19.84 -29.11 86.58
CA LEU SB 57 18.62 -29.14 85.79
C LEU SB 57 17.39 -28.92 86.66
N ARG SB 58 17.37 -29.52 87.85
CA ARG SB 58 16.29 -29.34 88.80
C ARG SB 58 16.88 -29.20 90.19
N LEU SB 59 16.35 -28.28 90.98
CA LEU SB 59 16.81 -28.06 92.34
C LEU SB 59 15.61 -27.85 93.26
N ASP SB 60 15.80 -28.19 94.52
CA ASP SB 60 14.77 -27.98 95.53
C ASP SB 60 15.27 -27.29 96.79
N VAL SB 61 16.57 -27.32 97.06
CA VAL SB 61 17.13 -26.72 98.25
C VAL SB 61 18.23 -25.75 97.85
N GLY SB 62 18.48 -24.77 98.70
CA GLY SB 62 19.55 -23.82 98.47
C GLY SB 62 19.97 -23.18 99.77
N ASN SB 63 21.25 -22.83 99.83
CA ASN SB 63 21.82 -22.19 101.01
C ASN SB 63 21.61 -20.69 100.91
N PHE SB 64 20.67 -20.16 101.71
CA PHE SB 64 20.36 -18.75 101.71
C PHE SB 64 20.75 -18.14 103.04
N SER SB 65 21.40 -16.98 103.00
CA SER SB 65 21.91 -16.31 104.18
C SER SB 65 21.00 -15.16 104.57
N TRP SB 66 20.72 -15.06 105.87
CA TRP SB 66 19.90 -13.94 106.36
C TRP SB 66 20.61 -12.62 106.14
N GLY SB 67 21.91 -12.57 106.41
CA GLY SB 67 22.68 -11.37 106.18
C GLY SB 67 22.72 -10.42 107.35
N SER SB 68 21.59 -9.80 107.67
CA SER SB 68 21.52 -8.89 108.81
C SER SB 68 21.79 -9.63 110.11
N GLU SB 69 21.25 -10.84 110.26
CA GLU SB 69 21.46 -11.64 111.44
C GLU SB 69 22.66 -12.57 111.34
N CYS SB 70 23.34 -12.57 110.19
CA CYS SB 70 24.47 -13.49 109.92
C CYS SB 70 24.05 -14.94 110.13
N CYS SB 71 22.84 -15.27 109.68
CA CYS SB 71 22.29 -16.61 109.77
C CYS SB 71 22.26 -17.20 108.37
N THR SB 72 22.87 -18.35 108.19
CA THR SB 72 23.01 -18.97 106.88
C THR SB 72 22.57 -20.42 106.98
N ARG SB 73 21.37 -20.72 106.50
CA ARG SB 73 20.76 -22.03 106.65
C ARG SB 73 20.38 -22.59 105.30
N LYS SB 74 20.52 -23.91 105.17
CA LYS SB 74 20.12 -24.64 103.98
C LYS SB 74 18.62 -24.88 104.04
N THR SB 75 17.87 -24.16 103.22
CA THR SB 75 16.41 -24.22 103.23
C THR SB 75 15.89 -24.72 101.88
N ARG SB 76 14.58 -24.70 101.73
CA ARG SB 76 13.90 -25.26 100.57
C ARG SB 76 13.31 -24.13 99.71
N ILE SB 77 13.54 -24.20 98.41
CA ILE SB 77 12.96 -23.26 97.46
C ILE SB 77 11.57 -23.75 97.08
N ILE SB 78 10.58 -22.86 97.18
CA ILE SB 78 9.20 -23.21 96.85
C ILE SB 78 8.91 -22.86 95.40
N ASP SB 79 9.03 -21.59 95.05
CA ASP SB 79 8.72 -21.15 93.69
C ASP SB 79 9.41 -19.84 93.41
N VAL SB 80 9.41 -19.45 92.14
CA VAL SB 80 9.99 -18.20 91.67
C VAL SB 80 8.87 -17.17 91.56
N VAL SB 81 9.08 -16.01 92.18
CA VAL SB 81 8.05 -14.98 92.22
C VAL SB 81 8.32 -13.82 91.25
N TYR SB 82 9.59 -13.51 90.96
CA TYR SB 82 9.89 -12.37 90.09
C TYR SB 82 11.25 -12.59 89.45
N ASN SB 83 11.39 -12.07 88.24
CA ASN SB 83 12.63 -12.18 87.49
C ASN SB 83 12.78 -10.92 86.65
N ALA SB 84 13.92 -10.23 86.80
CA ALA SB 84 14.13 -8.97 86.11
C ALA SB 84 14.27 -9.15 84.61
N SER SB 85 14.85 -10.28 84.18
CA SER SB 85 15.12 -10.47 82.76
C SER SB 85 13.85 -10.75 81.97
N ASN SB 86 13.15 -11.84 82.30
CA ASN SB 86 11.99 -12.25 81.54
C ASN SB 86 10.88 -12.69 82.48
N ASN SB 87 9.64 -12.44 82.07
CA ASN SB 87 8.48 -12.91 82.81
C ASN SB 87 8.25 -14.40 82.58
N GLU SB 88 8.65 -14.91 81.42
CA GLU SB 88 8.51 -16.32 81.12
C GLU SB 88 9.32 -17.18 82.08
N LEU SB 89 10.43 -16.65 82.59
CA LEU SB 89 11.21 -17.38 83.58
C LEU SB 89 10.44 -17.52 84.89
N VAL SB 90 9.64 -16.50 85.24
CA VAL SB 90 8.76 -16.63 86.39
C VAL SB 90 7.68 -17.66 86.12
N ARG SB 91 7.08 -17.61 84.93
CA ARG SB 91 5.96 -18.50 84.65
C ARG SB 91 6.41 -19.95 84.61
N THR SB 92 7.57 -20.23 84.04
CA THR SB 92 8.09 -21.59 83.94
C THR SB 92 8.83 -22.04 85.20
N LYS SB 93 8.97 -21.15 86.20
CA LYS SB 93 9.66 -21.46 87.46
C LYS SB 93 11.09 -21.91 87.21
N THR SB 94 11.86 -21.02 86.59
CA THR SB 94 13.24 -21.31 86.21
C THR SB 94 14.19 -20.55 87.12
N LEU SB 95 15.16 -21.27 87.69
CA LEU SB 95 16.12 -20.70 88.62
C LEU SB 95 17.33 -20.18 87.86
N VAL SB 96 17.54 -18.86 87.89
CA VAL SB 96 18.72 -18.26 87.30
C VAL SB 96 19.40 -17.39 88.36
N LYS SB 97 20.43 -16.66 87.96
CA LYS SB 97 21.33 -16.05 88.94
C LYS SB 97 20.64 -14.98 89.79
N ASN SB 98 19.81 -14.15 89.19
CA ASN SB 98 19.29 -12.99 89.90
C ASN SB 98 17.79 -13.05 90.19
N CYS SB 99 17.10 -14.11 89.77
CA CYS SB 99 15.68 -14.21 90.06
C CYS SB 99 15.45 -14.41 91.55
N ILE SB 100 14.40 -13.80 92.06
CA ILE SB 100 14.05 -13.89 93.47
C ILE SB 100 13.00 -14.98 93.65
N VAL SB 101 13.15 -15.77 94.73
CA VAL SB 101 12.34 -16.95 94.95
C VAL SB 101 11.84 -16.95 96.39
N LEU SB 102 10.82 -17.75 96.64
CA LEU SB 102 10.26 -17.96 97.97
C LEU SB 102 10.95 -19.14 98.61
N ILE SB 103 11.45 -18.95 99.83
CA ILE SB 103 12.15 -20.00 100.55
C ILE SB 103 11.52 -20.17 101.92
N ASP SB 104 11.66 -21.37 102.47
CA ASP SB 104 11.10 -21.68 103.77
C ASP SB 104 11.83 -20.91 104.86
N SER SB 105 11.07 -20.46 105.85
CA SER SB 105 11.62 -19.69 106.96
C SER SB 105 11.81 -20.51 108.23
N THR SB 106 11.59 -21.82 108.15
CA THR SB 106 11.67 -22.66 109.35
C THR SB 106 13.05 -22.68 109.99
N PRO SB 107 14.16 -22.91 109.26
CA PRO SB 107 15.46 -22.90 109.95
C PRO SB 107 15.83 -21.54 110.52
N TYR SB 108 15.54 -20.47 109.78
CA TYR SB 108 15.78 -19.13 110.30
C TYR SB 108 14.96 -18.86 111.54
N ARG SB 109 13.71 -19.33 111.55
CA ARG SB 109 12.88 -19.18 112.75
C ARG SB 109 13.51 -19.91 113.93
N GLN SB 110 13.90 -21.17 113.72
CA GLN SB 110 14.48 -21.97 114.78
C GLN SB 110 15.73 -21.33 115.34
N TRP SB 111 16.59 -20.80 114.46
CA TRP SB 111 17.76 -20.06 114.92
C TRP SB 111 17.33 -18.82 115.71
N TYR SB 112 16.23 -18.19 115.32
CA TYR SB 112 15.83 -16.96 115.99
C TYR SB 112 15.37 -17.22 117.42
N GLU SB 113 14.55 -18.25 117.64
CA GLU SB 113 14.27 -18.61 119.04
C GLU SB 113 15.51 -19.12 119.77
N SER SB 114 16.34 -19.93 119.11
CA SER SB 114 17.49 -20.48 119.81
C SER SB 114 18.54 -19.43 120.16
N HIS SB 115 18.48 -18.25 119.54
CA HIS SB 115 19.43 -17.18 119.82
C HIS SB 115 18.83 -16.05 120.64
N TYR SB 116 17.60 -15.62 120.35
CA TYR SB 116 17.03 -14.44 120.97
C TYR SB 116 15.94 -14.73 121.99
N ALA SB 117 15.36 -15.93 121.98
CA ALA SB 117 14.29 -16.33 122.88
C ALA SB 117 13.06 -15.42 122.75
N LEU SB 118 12.63 -15.19 121.52
CA LEU SB 118 11.38 -14.51 121.21
C LEU SB 118 10.54 -15.35 120.27
N PRO SB 119 9.21 -15.33 120.41
CA PRO SB 119 8.36 -15.95 119.39
C PRO SB 119 8.52 -15.22 118.06
N LEU SB 120 8.48 -16.00 116.98
CA LEU SB 120 8.64 -15.44 115.64
C LEU SB 120 7.76 -16.23 114.69
N GLY SB 121 6.81 -15.55 114.04
CA GLY SB 121 5.89 -16.21 113.15
C GLY SB 121 4.70 -16.85 113.82
N ARG SB 122 4.70 -16.94 115.15
CA ARG SB 122 3.57 -17.52 115.87
C ARG SB 122 2.41 -16.55 115.90
N LYS SB 123 1.21 -17.09 116.11
CA LYS SB 123 0.01 -16.27 116.22
C LYS SB 123 -0.41 -16.08 117.68
N LYS SB 124 -0.66 -17.19 118.40
CA LYS SB 124 -1.09 -17.12 119.78
C LYS SB 124 -0.29 -18.01 120.73
N GLY SB 125 0.49 -18.96 120.22
CA GLY SB 125 1.29 -19.80 121.06
C GLY SB 125 0.53 -21.00 121.61
N ALA SB 126 1.20 -21.72 122.51
CA ALA SB 126 0.67 -22.93 123.16
C ALA SB 126 0.24 -23.97 122.14
N LYS SB 127 1.06 -24.16 121.10
CA LYS SB 127 0.79 -25.14 120.05
C LYS SB 127 1.88 -26.17 119.87
N LEU SB 128 3.12 -25.88 120.27
CA LEU SB 128 4.24 -26.81 120.24
C LEU SB 128 4.88 -26.88 121.62
N THR SB 129 4.04 -27.01 122.64
CA THR SB 129 4.48 -26.81 124.02
C THR SB 129 5.66 -27.68 124.47
N PRO SB 130 5.76 -28.98 124.17
CA PRO SB 130 6.89 -29.76 124.70
C PRO SB 130 8.25 -29.32 124.16
N GLU SB 131 8.30 -28.36 123.25
CA GLU SB 131 9.54 -27.75 122.81
C GLU SB 131 9.62 -26.27 123.12
N GLU SB 132 8.58 -25.51 122.77
CA GLU SB 132 8.61 -24.07 123.00
C GLU SB 132 8.55 -23.72 124.48
N GLU SB 133 7.86 -24.52 125.29
CA GLU SB 133 7.89 -24.31 126.74
C GLU SB 133 9.30 -24.49 127.29
N GLU SB 134 10.03 -25.49 126.79
CA GLU SB 134 11.41 -25.68 127.22
C GLU SB 134 12.30 -24.54 126.77
N ILE SB 135 12.12 -24.07 125.53
CA ILE SB 135 13.00 -23.04 125.01
C ILE SB 135 12.63 -21.63 125.44
N LEU SB 136 11.47 -21.43 126.07
CA LEU SB 136 11.17 -20.09 126.59
C LEU SB 136 11.73 -19.91 128.00
N ASN SB 137 11.64 -20.94 128.83
CA ASN SB 137 12.04 -20.85 130.23
C ASN SB 137 13.49 -21.27 130.44
N LYS SB 138 13.80 -22.53 130.12
CA LYS SB 138 15.14 -23.10 130.19
C LYS SB 138 15.69 -23.17 131.62
N LYS SB 139 14.91 -22.69 132.60
CA LYS SB 139 15.25 -22.58 134.02
C LYS SB 139 16.70 -22.15 134.24
N ARG SB 140 17.19 -21.22 133.42
CA ARG SB 140 18.62 -20.99 133.36
C ARG SB 140 19.08 -20.08 134.48
N SER SB 141 20.40 -20.06 134.69
CA SER SB 141 21.01 -19.39 135.84
C SER SB 141 20.98 -17.88 135.65
N LYS SB 142 21.61 -17.18 136.61
CA LYS SB 142 21.59 -15.71 136.59
C LYS SB 142 22.43 -15.17 135.44
N LYS SB 143 23.59 -15.76 135.18
CA LYS SB 143 24.48 -15.25 134.14
C LYS SB 143 23.93 -15.54 132.75
N ILE SB 144 23.35 -16.72 132.56
CA ILE SB 144 22.76 -17.05 131.25
C ILE SB 144 21.57 -16.15 130.97
N GLN SB 145 20.72 -15.92 131.97
CA GLN SB 145 19.62 -14.99 131.80
C GLN SB 145 20.12 -13.57 131.58
N LYS SB 146 21.25 -13.22 132.19
CA LYS SB 146 21.88 -11.92 131.93
C LYS SB 146 22.27 -11.79 130.47
N LYS SB 147 22.89 -12.82 129.91
CA LYS SB 147 23.20 -12.81 128.49
C LYS SB 147 21.94 -12.70 127.65
N TYR SB 148 20.91 -13.48 127.99
CA TYR SB 148 19.70 -13.51 127.17
C TYR SB 148 18.96 -12.18 127.19
N ASP SB 149 18.76 -11.58 128.37
CA ASP SB 149 18.08 -10.30 128.39
C ASP SB 149 18.99 -9.15 128.00
N GLU SB 150 20.31 -9.37 127.91
CA GLU SB 150 21.17 -8.42 127.24
C GLU SB 150 20.95 -8.48 125.73
N ARG SB 151 20.60 -9.66 125.21
CA ARG SB 151 20.35 -9.80 123.78
C ARG SB 151 18.92 -9.47 123.38
N LYS SB 152 18.08 -9.00 124.32
CA LYS SB 152 16.70 -8.67 123.95
C LYS SB 152 16.58 -7.29 123.33
N LYS SB 153 17.48 -6.36 123.67
CA LYS SB 153 17.32 -4.98 123.26
C LYS SB 153 17.50 -4.81 121.75
N ASN SB 154 18.30 -5.69 121.14
CA ASN SB 154 18.52 -5.66 119.69
C ASN SB 154 17.70 -6.73 118.97
N ALA SB 155 16.68 -7.25 119.61
CA ALA SB 155 15.84 -8.30 119.03
C ALA SB 155 14.64 -7.72 118.29
N LYS SB 156 14.91 -6.79 117.38
CA LYS SB 156 13.87 -6.18 116.57
C LYS SB 156 14.00 -6.63 115.13
N ILE SB 157 12.89 -7.11 114.56
CA ILE SB 157 12.84 -7.57 113.18
C ILE SB 157 11.87 -6.67 112.43
N SER SB 158 12.24 -6.30 111.20
CA SER SB 158 11.40 -5.44 110.38
C SER SB 158 10.03 -6.05 110.18
N SER SB 159 9.01 -5.19 110.20
CA SER SB 159 7.62 -5.66 110.09
C SER SB 159 7.37 -6.38 108.77
N LEU SB 160 8.12 -6.05 107.73
CA LEU SB 160 8.01 -6.78 106.47
C LEU SB 160 8.49 -8.21 106.64
N LEU SB 161 9.68 -8.37 107.23
CA LEU SB 161 10.18 -9.70 107.54
C LEU SB 161 9.29 -10.42 108.54
N GLU SB 162 8.71 -9.69 109.49
CA GLU SB 162 7.78 -10.30 110.44
C GLU SB 162 6.55 -10.85 109.72
N GLU SB 163 6.01 -10.10 108.77
CA GLU SB 163 4.89 -10.60 107.97
C GLU SB 163 5.29 -11.82 107.17
N GLN SB 164 6.48 -11.81 106.58
CA GLN SB 164 6.94 -12.95 105.81
C GLN SB 164 7.12 -14.18 106.69
N PHE SB 165 7.53 -13.97 107.95
CA PHE SB 165 7.66 -15.08 108.89
C PHE SB 165 6.28 -15.58 109.33
N GLN SB 166 5.31 -14.68 109.47
CA GLN SB 166 3.94 -15.10 109.74
C GLN SB 166 3.39 -15.95 108.61
N GLN SB 167 3.65 -15.55 107.36
CA GLN SB 167 3.22 -16.36 106.23
C GLN SB 167 3.97 -17.68 106.13
N GLY SB 168 5.14 -17.78 106.76
CA GLY SB 168 5.92 -19.00 106.74
C GLY SB 168 6.90 -19.12 105.61
N LYS SB 169 6.91 -18.18 104.66
CA LYS SB 169 7.83 -18.21 103.54
C LYS SB 169 8.55 -16.88 103.45
N LEU SB 170 9.88 -16.93 103.43
CA LEU SB 170 10.68 -15.77 103.11
C LEU SB 170 10.95 -15.73 101.60
N LEU SB 171 11.08 -14.52 101.07
CA LEU SB 171 11.44 -14.33 99.67
C LEU SB 171 12.87 -13.83 99.61
N ALA SB 172 13.69 -14.49 98.79
CA ALA SB 172 15.13 -14.26 98.78
C ALA SB 172 15.63 -14.22 97.35
N CYS SB 173 16.76 -13.55 97.16
CA CYS SB 173 17.37 -13.41 95.84
C CYS SB 173 18.53 -14.39 95.70
N ILE SB 174 18.55 -15.12 94.58
CA ILE SB 174 19.64 -16.04 94.31
C ILE SB 174 20.91 -15.24 94.04
N ALA SB 175 22.06 -15.81 94.40
CA ALA SB 175 23.35 -15.20 94.12
C ALA SB 175 24.27 -16.07 93.28
N SER SB 176 24.18 -17.39 93.40
CA SER SB 176 24.99 -18.27 92.58
C SER SB 176 24.40 -18.39 91.19
N ARG SB 177 25.11 -19.11 90.32
CA ARG SB 177 24.65 -19.34 88.95
C ARG SB 177 24.38 -20.82 88.75
N PRO SB 178 23.13 -21.27 88.86
CA PRO SB 178 22.81 -22.65 88.50
C PRO SB 178 23.09 -22.90 87.03
N GLY SB 179 23.53 -24.11 86.73
CA GLY SB 179 24.03 -24.44 85.42
C GLY SB 179 25.50 -24.18 85.23
N GLN SB 180 26.13 -23.46 86.14
CA GLN SB 180 27.58 -23.28 86.18
C GLN SB 180 28.21 -23.87 87.41
N CYS SB 181 27.62 -23.65 88.59
CA CYS SB 181 28.05 -24.29 89.82
C CYS SB 181 27.10 -25.37 90.30
N GLY SB 182 25.91 -25.47 89.71
CA GLY SB 182 24.98 -26.52 90.08
C GLY SB 182 24.30 -26.36 91.42
N ARG SB 183 24.23 -25.14 91.94
CA ARG SB 183 23.58 -24.89 93.21
C ARG SB 183 22.90 -23.53 93.16
N ALA SB 184 22.07 -23.26 94.18
CA ALA SB 184 21.18 -22.11 94.19
C ALA SB 184 21.37 -21.29 95.46
N ASP SB 185 22.61 -20.97 95.78
CA ASP SB 185 22.89 -20.14 96.95
C ASP SB 185 22.35 -18.73 96.74
N GLY SB 186 22.06 -18.06 97.85
CA GLY SB 186 21.50 -16.73 97.76
C GLY SB 186 21.48 -16.06 99.13
N TYR SB 187 20.74 -14.96 99.19
CA TYR SB 187 20.63 -14.16 100.40
C TYR SB 187 19.19 -13.70 100.58
N VAL SB 188 18.78 -13.55 101.84
CA VAL SB 188 17.41 -13.17 102.15
C VAL SB 188 17.20 -11.69 101.88
N LEU SB 189 16.18 -11.38 101.09
CA LEU SB 189 15.86 -9.98 100.80
C LEU SB 189 15.36 -9.27 102.04
N GLU SB 190 15.89 -8.07 102.28
CA GLU SB 190 15.49 -7.27 103.43
C GLU SB 190 15.86 -5.83 103.14
N GLY SB 191 15.23 -4.91 103.88
CA GLY SB 191 15.52 -3.51 103.72
C GLY SB 191 14.91 -2.91 102.46
N LYS SB 192 15.62 -1.95 101.87
CA LYS SB 192 15.06 -1.20 100.74
C LYS SB 192 14.89 -2.08 99.50
N GLU SB 193 15.79 -3.05 99.30
CA GLU SB 193 15.64 -3.96 98.19
C GLU SB 193 14.37 -4.79 98.33
N LEU SB 194 14.05 -5.20 99.55
CA LEU SB 194 12.81 -5.94 99.79
C LEU SB 194 11.60 -5.08 99.49
N GLU SB 195 11.62 -3.80 99.89
CA GLU SB 195 10.50 -2.91 99.60
C GLU SB 195 10.34 -2.70 98.10
N PHE SB 196 11.47 -2.54 97.39
CA PHE SB 196 11.41 -2.37 95.95
C PHE SB 196 10.81 -3.60 95.26
N TYR SB 197 11.26 -4.79 95.66
CA TYR SB 197 10.73 -6.00 95.04
C TYR SB 197 9.28 -6.27 95.44
N LEU SB 198 8.90 -5.91 96.67
CA LEU SB 198 7.51 -6.03 97.06
C LEU SB 198 6.62 -5.11 96.24
N ARG SB 199 7.08 -3.88 96.00
CA ARG SB 199 6.31 -2.97 95.15
C ARG SB 199 6.23 -3.49 93.73
N LYS SB 200 7.31 -4.09 93.23
CA LYS SB 200 7.30 -4.69 91.89
C LYS SB 200 6.27 -5.81 91.80
N ILE SB 201 6.26 -6.71 92.78
CA ILE SB 201 5.34 -7.85 92.76
C ILE SB 201 3.90 -7.37 92.91
N LYS SB 202 3.67 -6.37 93.78
CA LYS SB 202 2.34 -5.82 93.94
C LYS SB 202 1.85 -5.14 92.67
N ALA SB 203 2.72 -4.38 92.00
CA ALA SB 203 2.33 -3.70 90.77
C ALA SB 203 2.09 -4.68 89.64
N ARG SB 204 2.77 -5.83 89.68
CA ARG SB 204 2.52 -6.86 88.67
C ARG SB 204 1.10 -7.42 88.79
N LYS SB 205 0.68 -7.77 89.99
CA LYS SB 205 -0.59 -8.45 90.19
C LYS SB 205 -1.27 -7.92 91.45
N GLY SB 206 -2.58 -7.69 91.35
CA GLY SB 206 -3.34 -7.19 92.48
C GLY SB 206 -2.96 -5.80 92.92
N PRO TB 1 62.81 -27.36 56.32
CA PRO TB 1 63.23 -27.97 55.06
C PRO TB 1 64.74 -28.14 54.95
N VAL TB 2 65.27 -27.97 53.75
CA VAL TB 2 66.69 -28.25 53.51
C VAL TB 2 67.55 -27.28 54.31
N ALA TB 3 68.73 -27.76 54.71
CA ALA TB 3 69.67 -27.00 55.52
C ALA TB 3 70.78 -26.40 54.68
N ARG TB 4 70.48 -25.98 53.46
CA ARG TB 4 71.46 -25.33 52.60
C ARG TB 4 71.62 -23.88 53.04
N SER TB 5 72.36 -23.10 52.25
CA SER TB 5 72.55 -21.68 52.52
C SER TB 5 72.01 -20.78 51.42
N TRP TB 6 72.30 -21.10 50.17
CA TRP TB 6 72.00 -20.31 48.97
C TRP TB 6 72.20 -18.81 49.18
N VAL TB 7 73.31 -18.42 49.79
CA VAL TB 7 73.72 -17.04 49.85
C VAL TB 7 74.78 -16.85 48.77
N CYS TB 8 74.42 -16.21 47.68
CA CYS TB 8 75.32 -16.03 46.56
C CYS TB 8 75.10 -14.65 45.95
N ARG TB 9 76.16 -14.13 45.34
CA ARG TB 9 76.09 -12.84 44.67
C ARG TB 9 76.98 -12.87 43.43
N LYS TB 10 76.66 -12.01 42.48
CA LYS TB 10 77.51 -11.87 41.30
C LYS TB 10 78.71 -11.01 41.64
N THR TB 11 79.83 -11.29 40.96
CA THR TB 11 81.09 -10.61 41.22
C THR TB 11 81.48 -9.67 40.08
N TYR TB 12 80.57 -9.36 39.17
CA TYR TB 12 80.89 -8.51 38.03
C TYR TB 12 79.64 -7.76 37.60
N VAL TB 13 79.84 -6.68 36.86
CA VAL TB 13 78.77 -5.87 36.31
C VAL TB 13 79.09 -5.58 34.85
N THR TB 14 78.14 -5.91 33.96
CA THR TB 14 78.33 -5.62 32.55
C THR TB 14 78.26 -4.12 32.31
N PRO TB 15 78.98 -3.61 31.30
CA PRO TB 15 78.92 -2.17 31.01
C PRO TB 15 77.54 -1.76 30.54
N ARG TB 16 77.22 -0.49 30.78
CA ARG TB 16 75.90 0.03 30.44
C ARG TB 16 75.65 0.00 28.94
N ARG TB 17 76.59 0.54 28.15
CA ARG TB 17 76.43 0.62 26.72
C ARG TB 17 77.51 -0.22 26.03
N PRO TB 18 77.14 -1.21 25.23
CA PRO TB 18 78.13 -2.00 24.51
C PRO TB 18 78.52 -1.35 23.19
N PHE TB 19 79.58 -1.88 22.59
CA PHE TB 19 80.06 -1.47 21.26
C PHE TB 19 80.43 0.01 21.23
N GLU TB 20 81.36 0.38 22.10
CA GLU TB 20 81.99 1.69 22.05
C GLU TB 20 83.50 1.51 21.98
N LYS TB 21 84.14 2.24 21.05
CA LYS TB 21 85.53 1.97 20.72
C LYS TB 21 86.47 2.23 21.89
N SER TB 22 86.21 3.29 22.66
CA SER TB 22 87.13 3.66 23.73
C SER TB 22 87.20 2.59 24.81
N ARG TB 23 86.04 2.16 25.32
CA ARG TB 23 86.02 1.16 26.38
C ARG TB 23 86.51 -0.18 25.87
N LEU TB 24 86.17 -0.55 24.63
CA LEU TB 24 86.67 -1.80 24.06
C LEU TB 24 88.18 -1.79 23.96
N ASP TB 25 88.76 -0.68 23.48
CA ASP TB 25 90.22 -0.58 23.38
C ASP TB 25 90.88 -0.63 24.75
N GLN TB 26 90.30 0.06 25.74
CA GLN TB 26 90.87 0.05 27.08
C GLN TB 26 90.84 -1.36 27.68
N GLU TB 27 89.70 -2.03 27.55
CA GLU TB 27 89.57 -3.37 28.12
C GLU TB 27 90.48 -4.37 27.44
N LEU TB 28 90.59 -4.29 26.10
CA LEU TB 28 91.49 -5.20 25.40
C LEU TB 28 92.94 -4.90 25.72
N LYS TB 29 93.29 -3.64 25.92
CA LYS TB 29 94.64 -3.29 26.32
C LYS TB 29 94.97 -3.88 27.69
N LEU TB 30 94.05 -3.76 28.64
CA LEU TB 30 94.27 -4.37 29.95
C LEU TB 30 94.38 -5.89 29.85
N ILE TB 31 93.53 -6.51 29.03
CA ILE TB 31 93.56 -7.96 28.87
C ILE TB 31 94.91 -8.40 28.30
N GLY TB 32 95.37 -7.71 27.26
CA GLY TB 32 96.63 -8.07 26.65
C GLY TB 32 97.82 -7.82 27.55
N GLU TB 33 97.79 -6.74 28.33
CA GLU TB 33 98.94 -6.40 29.16
C GLU TB 33 99.00 -7.29 30.41
N TYR TB 34 97.86 -7.73 30.92
CA TYR TB 34 97.84 -8.60 32.10
C TYR TB 34 97.48 -10.04 31.77
N GLY TB 35 97.26 -10.37 30.51
CA GLY TB 35 97.05 -11.76 30.12
C GLY TB 35 95.77 -12.38 30.66
N LEU TB 36 94.68 -11.63 30.66
CA LEU TB 36 93.41 -12.14 31.15
C LEU TB 36 92.70 -12.96 30.08
N ARG TB 37 91.84 -13.87 30.53
CA ARG TB 37 91.18 -14.80 29.61
C ARG TB 37 90.05 -14.14 28.84
N ASN TB 38 89.27 -13.27 29.48
CA ASN TB 38 88.11 -12.67 28.82
C ASN TB 38 87.80 -11.33 29.47
N LYS TB 39 86.71 -10.72 29.04
CA LYS TB 39 86.27 -9.44 29.57
C LYS TB 39 85.60 -9.55 30.92
N ARG TB 40 85.17 -10.74 31.32
CA ARG TB 40 84.47 -10.88 32.58
C ARG TB 40 85.38 -10.64 33.76
N GLU TB 41 86.64 -11.08 33.67
CA GLU TB 41 87.55 -10.98 34.79
C GLU TB 41 88.33 -9.67 34.83
N VAL TB 42 88.00 -8.72 33.94
CA VAL TB 42 88.44 -7.35 34.13
C VAL TB 42 87.25 -6.57 34.66
N TRP TB 43 86.04 -6.98 34.28
CA TRP TB 43 84.85 -6.40 34.89
C TRP TB 43 84.74 -6.77 36.35
N ARG TB 44 85.27 -7.93 36.74
CA ARG TB 44 85.24 -8.34 38.14
C ARG TB 44 86.11 -7.42 39.00
N VAL TB 45 87.33 -7.14 38.54
CA VAL TB 45 88.19 -6.24 39.32
C VAL TB 45 87.66 -4.81 39.25
N LYS TB 46 87.04 -4.43 38.12
CA LYS TB 46 86.38 -3.13 38.06
C LYS TB 46 85.27 -3.04 39.09
N PHE TB 47 84.48 -4.11 39.24
CA PHE TB 47 83.42 -4.15 40.25
C PHE TB 47 83.98 -4.05 41.66
N THR TB 48 85.09 -4.75 41.92
CA THR TB 48 85.71 -4.69 43.23
C THR TB 48 86.18 -3.27 43.55
N LEU TB 49 86.84 -2.62 42.59
CA LEU TB 49 87.28 -1.25 42.79
C LEU TB 49 86.10 -0.31 42.97
N ALA TB 50 85.02 -0.53 42.21
CA ALA TB 50 83.84 0.31 42.35
C ALA TB 50 83.22 0.16 43.74
N LYS TB 51 83.16 -1.06 44.25
CA LYS TB 51 82.63 -1.28 45.59
C LYS TB 51 83.50 -0.60 46.64
N ILE TB 52 84.82 -0.73 46.51
CA ILE TB 52 85.72 -0.10 47.47
C ILE TB 52 85.59 1.42 47.42
N ARG TB 53 85.52 1.99 46.22
CA ARG TB 53 85.38 3.43 46.08
C ARG TB 53 84.04 3.91 46.62
N LYS TB 54 82.97 3.16 46.39
CA LYS TB 54 81.66 3.51 46.93
C LYS TB 54 81.67 3.49 48.45
N ALA TB 55 82.29 2.47 49.05
CA ALA TB 55 82.40 2.41 50.50
C ALA TB 55 83.21 3.58 51.05
N ALA TB 56 84.32 3.90 50.38
CA ALA TB 56 85.16 5.02 50.84
C ALA TB 56 84.42 6.34 50.74
N ARG TB 57 83.69 6.55 49.64
CA ARG TB 57 82.91 7.79 49.48
C ARG TB 57 81.80 7.87 50.52
N GLU TB 58 81.11 6.76 50.77
CA GLU TB 58 80.07 6.74 51.79
C GLU TB 58 80.65 7.07 53.17
N LEU TB 59 81.83 6.53 53.48
CA LEU TB 59 82.49 6.87 54.73
C LEU TB 59 82.87 8.35 54.76
N LEU TB 60 83.32 8.89 53.62
CA LEU TB 60 83.75 10.28 53.57
C LEU TB 60 82.59 11.24 53.79
N THR TB 61 81.39 10.87 53.31
CA THR TB 61 80.24 11.73 53.54
C THR TB 61 79.91 11.86 55.02
N LEU TB 62 80.20 10.84 55.82
CA LEU TB 62 80.01 10.93 57.26
C LEU TB 62 81.02 11.89 57.88
N ASP TB 63 80.68 12.38 59.07
CA ASP TB 63 81.52 13.31 59.79
C ASP TB 63 82.83 12.66 60.21
N GLU TB 64 83.89 13.47 60.25
CA GLU TB 64 85.12 13.04 60.88
C GLU TB 64 84.91 12.92 62.38
N LYS TB 65 85.69 12.03 63.01
CA LYS TB 65 85.65 11.69 64.43
C LYS TB 65 84.45 10.81 64.76
N ASP TB 66 83.55 10.57 63.81
CA ASP TB 66 82.47 9.62 63.97
C ASP TB 66 83.07 8.23 64.13
N PRO TB 67 82.78 7.51 65.23
CA PRO TB 67 83.47 6.23 65.46
C PRO TB 67 83.26 5.19 64.38
N ARG TB 68 82.08 5.13 63.76
CA ARG TB 68 81.88 4.18 62.67
C ARG TB 68 82.77 4.50 61.48
N ARG TB 69 82.83 5.79 61.10
CA ARG TB 69 83.69 6.20 60.01
C ARG TB 69 85.15 5.86 60.30
N LEU TB 70 85.62 6.19 61.51
CA LEU TB 70 87.00 5.92 61.87
C LEU TB 70 87.30 4.43 61.82
N PHE TB 71 86.44 3.62 62.45
CA PHE TB 71 86.68 2.19 62.54
C PHE TB 71 86.71 1.55 61.16
N GLU TB 72 85.68 1.80 60.34
CA GLU TB 72 85.66 1.18 59.02
C GLU TB 72 86.72 1.75 58.09
N GLY TB 73 87.07 3.03 58.24
CA GLY TB 73 88.13 3.59 57.43
C GLY TB 73 89.48 2.96 57.72
N ASN TB 74 89.82 2.81 59.00
CA ASN TB 74 91.07 2.16 59.34
C ASN TB 74 91.06 0.68 58.94
N ALA TB 75 89.90 0.02 59.06
CA ALA TB 75 89.82 -1.37 58.62
C ALA TB 75 90.07 -1.50 57.13
N LEU TB 76 89.44 -0.64 56.33
CA LEU TB 76 89.61 -0.71 54.88
C LEU TB 76 91.02 -0.33 54.47
N LEU TB 77 91.61 0.69 55.12
CA LEU TB 77 93.00 1.04 54.83
C LEU TB 77 93.94 -0.09 55.19
N ARG TB 78 93.68 -0.78 56.32
CA ARG TB 78 94.51 -1.92 56.70
C ARG TB 78 94.43 -3.03 55.66
N ARG TB 79 93.22 -3.33 55.18
CA ARG TB 79 93.09 -4.36 54.14
C ARG TB 79 93.80 -3.96 52.86
N LEU TB 80 93.69 -2.68 52.49
CA LEU TB 80 94.32 -2.21 51.27
C LEU TB 80 95.84 -2.26 51.36
N VAL TB 81 96.41 -1.91 52.51
CA VAL TB 81 97.86 -2.00 52.64
C VAL TB 81 98.32 -3.43 52.87
N ARG TB 82 97.43 -4.33 53.30
CA ARG TB 82 97.77 -5.75 53.35
C ARG TB 82 97.87 -6.33 51.94
N ILE TB 83 96.89 -6.03 51.08
CA ILE TB 83 96.94 -6.56 49.72
C ILE TB 83 97.95 -5.84 48.85
N GLY TB 84 98.56 -4.76 49.36
CA GLY TB 84 99.66 -4.10 48.68
C GLY TB 84 99.29 -3.12 47.60
N VAL TB 85 97.99 -2.85 47.40
CA VAL TB 85 97.58 -1.89 46.38
C VAL TB 85 97.74 -0.45 46.82
N LEU TB 86 97.92 -0.20 48.12
CA LEU TB 86 98.00 1.14 48.66
C LEU TB 86 99.32 1.30 49.41
N ASP TB 87 99.91 2.49 49.30
CA ASP TB 87 101.17 2.77 49.98
C ASP TB 87 100.97 2.83 51.48
N GLU TB 88 102.00 2.40 52.21
CA GLU TB 88 101.93 2.34 53.67
C GLU TB 88 101.77 3.72 54.31
N GLY TB 89 102.33 4.77 53.70
CA GLY TB 89 102.19 6.10 54.23
C GLY TB 89 100.95 6.85 53.82
N LYS TB 90 100.20 6.33 52.86
CA LYS TB 90 98.99 6.98 52.35
C LYS TB 90 97.74 6.47 53.07
N MET TB 91 97.71 6.63 54.39
CA MET TB 91 96.60 6.13 55.21
C MET TB 91 95.50 7.18 55.33
N LYS TB 92 94.92 7.54 54.19
CA LYS TB 92 93.82 8.49 54.14
C LYS TB 92 92.68 7.93 53.31
N LEU TB 93 91.46 8.29 53.67
CA LEU TB 93 90.30 7.93 52.87
C LEU TB 93 90.31 8.63 51.51
N ASP TB 94 91.00 9.76 51.40
CA ASP TB 94 91.04 10.49 50.14
C ASP TB 94 91.77 9.70 49.06
N TYR TB 95 92.87 9.05 49.42
CA TYR TB 95 93.70 8.37 48.44
C TYR TB 95 93.08 7.07 47.95
N ILE TB 96 92.05 6.57 48.62
CA ILE TB 96 91.34 5.39 48.14
C ILE TB 96 90.63 5.70 46.84
N LEU TB 97 90.12 6.92 46.69
CA LEU TB 97 89.41 7.31 45.48
C LEU TB 97 90.33 7.42 44.28
N GLY TB 98 91.62 7.66 44.49
CA GLY TB 98 92.55 7.81 43.39
C GLY TB 98 93.13 6.52 42.86
N LEU TB 99 92.73 5.37 43.40
CA LEU TB 99 93.25 4.09 42.95
C LEU TB 99 92.70 3.76 41.56
N LYS TB 100 93.35 2.79 40.92
CA LYS TB 100 92.97 2.36 39.58
C LYS TB 100 92.95 0.84 39.54
N ILE TB 101 92.20 0.30 38.58
CA ILE TB 101 92.14 -1.15 38.40
C ILE TB 101 93.48 -1.73 37.99
N GLU TB 102 94.38 -0.93 37.41
CA GLU TB 102 95.72 -1.41 37.14
C GLU TB 102 96.49 -1.70 38.43
N ASP TB 103 96.17 -0.99 39.51
CA ASP TB 103 96.84 -1.23 40.78
C ASP TB 103 96.44 -2.58 41.36
N PHE TB 104 95.17 -2.96 41.22
CA PHE TB 104 94.72 -4.26 41.72
C PHE TB 104 95.21 -5.40 40.86
N LEU TB 105 95.18 -5.23 39.53
CA LEU TB 105 95.60 -6.29 38.62
C LEU TB 105 97.07 -6.64 38.79
N GLU TB 106 97.88 -5.67 39.22
CA GLU TB 106 99.30 -5.92 39.44
C GLU TB 106 99.54 -6.90 40.59
N ARG TB 107 98.59 -6.99 41.53
CA ARG TB 107 98.74 -7.85 42.70
C ARG TB 107 98.31 -9.28 42.46
N ARG TB 108 97.82 -9.62 41.28
CA ARG TB 108 97.45 -10.99 40.99
C ARG TB 108 98.67 -11.90 41.01
N LEU TB 109 98.43 -13.17 41.34
CA LEU TB 109 99.52 -14.15 41.33
C LEU TB 109 100.11 -14.31 39.94
N GLN TB 110 99.26 -14.25 38.91
CA GLN TB 110 99.73 -14.39 37.55
C GLN TB 110 100.70 -13.28 37.18
N THR TB 111 100.41 -12.04 37.60
CA THR TB 111 101.35 -10.96 37.37
C THR TB 111 102.56 -11.05 38.29
N GLN TB 112 102.36 -11.53 39.52
CA GLN TB 112 103.46 -11.55 40.47
C GLN TB 112 104.54 -12.56 40.09
N VAL TB 113 104.14 -13.73 39.60
CA VAL TB 113 105.15 -14.71 39.20
C VAL TB 113 105.93 -14.20 37.99
N PHE TB 114 105.28 -13.49 37.08
CA PHE TB 114 105.98 -12.90 35.95
C PHE TB 114 106.95 -11.81 36.41
N LYS TB 115 106.52 -10.96 37.36
CA LYS TB 115 107.39 -9.90 37.84
C LYS TB 115 108.58 -10.47 38.60
N LEU TB 116 108.38 -11.53 39.38
CA LEU TB 116 109.48 -12.20 40.07
C LEU TB 116 110.40 -12.96 39.13
N GLY TB 117 110.03 -13.11 37.86
CA GLY TB 117 110.88 -13.76 36.89
C GLY TB 117 110.78 -15.26 36.84
N LEU TB 118 109.84 -15.87 37.55
CA LEU TB 118 109.64 -17.31 37.45
C LEU TB 118 109.09 -17.72 36.10
N ALA TB 119 108.49 -16.80 35.35
CA ALA TB 119 107.92 -17.07 34.05
C ALA TB 119 108.54 -16.15 33.01
N LYS TB 120 108.46 -16.57 31.76
CA LYS TB 120 109.01 -15.81 30.64
C LYS TB 120 108.02 -14.80 30.08
N SER TB 121 106.72 -14.97 30.34
CA SER TB 121 105.69 -14.05 29.87
C SER TB 121 104.46 -14.25 30.73
N ILE TB 122 103.52 -13.30 30.60
CA ILE TB 122 102.32 -13.33 31.45
C ILE TB 122 101.45 -14.53 31.11
N HIS TB 123 101.39 -14.91 29.82
CA HIS TB 123 100.61 -16.09 29.45
C HIS TB 123 101.31 -17.36 29.89
N HIS TB 124 102.64 -17.39 29.77
CA HIS TB 124 103.41 -18.47 30.36
C HIS TB 124 103.19 -18.53 31.86
N ALA TB 125 103.07 -17.37 32.50
CA ALA TB 125 102.79 -17.34 33.94
C ALA TB 125 101.44 -17.97 34.25
N ARG TB 126 100.41 -17.64 33.47
CA ARG TB 126 99.09 -18.20 33.72
C ARG TB 126 99.08 -19.71 33.52
N VAL TB 127 99.65 -20.18 32.40
CA VAL TB 127 99.64 -21.61 32.15
C VAL TB 127 100.56 -22.35 33.10
N LEU TB 128 101.54 -21.64 33.68
CA LEU TB 128 102.41 -22.27 34.68
C LEU TB 128 101.69 -22.39 36.02
N ILE TB 129 100.87 -21.41 36.35
CA ILE TB 129 100.09 -21.48 37.58
C ILE TB 129 99.03 -22.57 37.48
N ARG TB 130 98.36 -22.67 36.32
CA ARG TB 130 97.28 -23.65 36.19
C ARG TB 130 97.77 -25.09 36.28
N GLN TB 131 99.03 -25.35 35.92
CA GLN TB 131 99.56 -26.71 35.94
C GLN TB 131 100.28 -27.03 37.25
N ARG TB 132 99.95 -26.34 38.34
CA ARG TB 132 100.41 -26.69 39.70
C ARG TB 132 101.93 -26.65 39.80
N HIS TB 133 102.51 -25.53 39.34
CA HIS TB 133 103.95 -25.31 39.46
C HIS TB 133 104.31 -24.21 40.43
N ILE TB 134 103.34 -23.44 40.91
CA ILE TB 134 103.58 -22.26 41.75
C ILE TB 134 102.98 -22.53 43.12
N ARG TB 135 103.78 -22.29 44.17
CA ARG TB 135 103.31 -22.42 45.53
C ARG TB 135 103.61 -21.14 46.29
N VAL TB 136 102.73 -20.83 47.25
CA VAL TB 136 102.88 -19.67 48.12
C VAL TB 136 103.06 -20.18 49.53
N ARG TB 137 104.12 -19.72 50.20
CA ARG TB 137 104.54 -20.23 51.49
C ARG TB 137 104.76 -21.74 51.38
N LYS TB 138 103.75 -22.52 51.72
CA LYS TB 138 103.78 -23.96 51.50
C LYS TB 138 102.62 -24.47 50.64
N GLN TB 139 101.47 -23.82 50.69
CA GLN TB 139 100.32 -24.26 49.91
C GLN TB 139 100.56 -23.99 48.42
N VAL TB 140 100.22 -24.97 47.58
CA VAL TB 140 100.28 -24.78 46.14
C VAL TB 140 98.98 -24.15 45.68
N VAL TB 141 99.08 -23.17 44.79
CA VAL TB 141 97.93 -22.44 44.29
C VAL TB 141 97.83 -22.68 42.79
N ASN TB 142 96.62 -22.99 42.31
CA ASN TB 142 96.35 -23.13 40.89
C ASN TB 142 95.34 -22.10 40.40
N ILE TB 143 95.18 -21.00 41.13
CA ILE TB 143 94.24 -19.94 40.81
C ILE TB 143 95.03 -18.72 40.33
N PRO TB 144 94.93 -18.33 39.07
CA PRO TB 144 95.67 -17.14 38.60
C PRO TB 144 95.28 -15.85 39.31
N SER TB 145 94.01 -15.72 39.72
CA SER TB 145 93.53 -14.51 40.36
C SER TB 145 93.81 -14.47 41.85
N PHE TB 146 94.76 -15.27 42.33
CA PHE TB 146 95.14 -15.28 43.74
C PHE TB 146 95.81 -13.95 44.08
N ILE TB 147 95.11 -13.12 44.85
CA ILE TB 147 95.67 -11.82 45.25
C ILE TB 147 96.78 -12.06 46.26
N VAL TB 148 97.95 -11.50 45.99
CA VAL TB 148 99.14 -11.71 46.80
C VAL TB 148 99.24 -10.58 47.81
N ARG TB 149 99.19 -10.91 49.10
CA ARG TB 149 99.41 -9.92 50.13
C ARG TB 149 100.90 -9.64 50.28
N LEU TB 150 101.20 -8.56 51.00
CA LEU TB 150 102.59 -8.13 51.15
C LEU TB 150 103.42 -9.15 51.90
N ASP TB 151 102.84 -9.78 52.92
CA ASP TB 151 103.61 -10.76 53.70
C ASP TB 151 103.87 -12.04 52.90
N SER TB 152 102.97 -12.40 51.98
CA SER TB 152 103.16 -13.57 51.14
C SER TB 152 103.91 -13.25 49.85
N GLN TB 153 104.32 -12.00 49.65
CA GLN TB 153 105.00 -11.62 48.43
C GLN TB 153 106.35 -12.34 48.29
N LYS TB 154 107.09 -12.45 49.40
CA LYS TB 154 108.41 -13.05 49.36
C LYS TB 154 108.36 -14.57 49.20
N HIS TB 155 107.23 -15.20 49.50
CA HIS TB 155 107.15 -16.65 49.60
C HIS TB 155 106.57 -17.30 48.35
N ILE TB 156 106.50 -16.58 47.24
CA ILE TB 156 106.07 -17.17 45.97
C ILE TB 156 107.25 -17.87 45.33
N ASP TB 157 107.10 -19.17 45.07
CA ASP TB 157 108.21 -19.97 44.59
C ASP TB 157 107.65 -21.22 43.92
N PHE TB 158 108.54 -21.96 43.25
CA PHE TB 158 108.15 -23.17 42.55
C PHE TB 158 107.68 -24.24 43.55
N SER TB 159 106.79 -25.11 43.08
CA SER TB 159 106.34 -26.23 43.89
C SER TB 159 107.41 -27.31 43.96
N LEU TB 160 107.38 -28.07 45.06
CA LEU TB 160 108.36 -29.13 45.25
C LEU TB 160 108.13 -30.29 44.29
N ARG TB 161 106.87 -30.61 44.00
CA ARG TB 161 106.58 -31.74 43.13
C ARG TB 161 106.64 -31.38 41.65
N SER TB 162 106.89 -30.11 41.34
CA SER TB 162 107.00 -29.70 39.95
C SER TB 162 108.38 -30.06 39.40
N PRO TB 163 108.51 -30.22 38.08
CA PRO TB 163 109.83 -30.46 37.49
C PRO TB 163 110.61 -29.18 37.26
N TYR TB 164 110.58 -28.27 38.22
CA TYR TB 164 111.40 -27.07 38.21
C TYR TB 164 112.14 -26.83 39.52
N GLY TB 165 111.59 -27.28 40.64
CA GLY TB 165 112.28 -27.26 41.93
C GLY TB 165 112.81 -28.64 42.21
N GLY TB 166 112.07 -29.42 42.99
CA GLY TB 166 112.39 -30.81 43.21
C GLY TB 166 112.33 -31.63 41.92
N GLY TB 167 112.55 -32.93 42.08
CA GLY TB 167 112.66 -33.82 40.94
C GLY TB 167 111.32 -34.20 40.32
N ARG TB 168 111.19 -35.48 39.94
CA ARG TB 168 110.01 -36.04 39.30
C ARG TB 168 109.71 -35.30 38.00
N PRO TB 169 110.50 -35.51 36.96
CA PRO TB 169 110.27 -34.80 35.69
C PRO TB 169 108.95 -35.22 35.05
N GLY TB 170 108.48 -34.38 34.12
CA GLY TB 170 107.17 -34.55 33.52
C GLY TB 170 107.07 -35.80 32.67
N ARG TB 171 105.84 -36.10 32.28
CA ARG TB 171 105.55 -37.36 31.59
C ARG TB 171 106.20 -37.40 30.21
N VAL TB 172 106.30 -36.25 29.54
CA VAL TB 172 106.90 -36.25 28.20
C VAL TB 172 108.40 -36.45 28.29
N LYS TB 173 109.04 -35.89 29.31
CA LYS TB 173 110.47 -36.14 29.52
C LYS TB 173 110.73 -37.62 29.79
N ARG TB 174 109.88 -38.24 30.62
CA ARG TB 174 110.05 -39.65 30.93
C ARG TB 174 109.80 -40.52 29.70
N LYS TB 175 108.80 -40.17 28.89
CA LYS TB 175 108.54 -40.91 27.66
C LYS TB 175 109.70 -40.77 26.67
N ASN TB 176 110.26 -39.56 26.55
CA ASN TB 176 111.40 -39.36 25.68
C ASN TB 176 112.62 -40.13 26.17
N ALA TB 177 112.83 -40.16 27.48
CA ALA TB 177 113.96 -40.91 28.03
C ALA TB 177 113.80 -42.41 27.80
N LYS TB 178 112.60 -42.94 28.01
CA LYS TB 178 112.41 -44.38 27.81
C LYS TB 178 112.49 -44.73 26.33
N LYS TB 179 112.01 -43.86 25.44
CA LYS TB 179 112.17 -44.10 24.00
C LYS TB 179 113.64 -44.03 23.60
N GLY TB 180 114.40 -43.12 24.20
CA GLY TB 180 115.82 -43.03 23.91
C GLY TB 180 116.59 -44.25 24.35
N GLN TB 181 116.26 -44.79 25.53
CA GLN TB 181 116.96 -45.99 25.99
C GLN TB 181 116.41 -47.26 25.34
N GLY TB 182 115.22 -47.20 24.73
CA GLY TB 182 114.73 -48.32 23.96
C GLY TB 182 115.16 -48.33 22.52
N GLY TB 183 115.57 -47.18 21.99
CA GLY TB 183 116.10 -47.11 20.64
C GLY TB 183 117.60 -47.30 20.63
N ALA TB 184 118.28 -46.78 21.65
CA ALA TB 184 119.71 -46.94 21.83
C ALA TB 184 119.97 -47.76 23.08
N GLY TB 185 120.72 -48.84 22.94
CA GLY TB 185 121.00 -49.74 24.05
C GLY TB 185 121.87 -49.13 25.12
N ALA UB 1 17.46 12.23 89.05
CA ALA UB 1 16.16 11.70 89.47
C ALA UB 1 16.35 10.51 90.40
N ASP UB 2 15.35 9.63 90.44
CA ASP UB 2 15.46 8.40 91.21
C ASP UB 2 16.47 7.46 90.54
N ILE UB 3 17.17 6.68 91.36
CA ILE UB 3 18.21 5.81 90.85
C ILE UB 3 17.71 4.39 90.57
N GLN UB 4 16.55 4.01 91.08
CA GLN UB 4 16.01 2.67 90.85
C GLN UB 4 14.99 2.72 89.73
N THR UB 5 15.51 2.86 88.51
CA THR UB 5 14.67 2.97 87.32
C THR UB 5 14.79 1.76 86.40
N GLU UB 6 15.21 0.62 86.93
CA GLU UB 6 15.33 -0.61 86.16
C GLU UB 6 14.34 -1.64 86.69
N ARG UB 7 14.28 -2.79 86.00
CA ARG UB 7 13.46 -3.89 86.49
C ARG UB 7 14.08 -4.54 87.72
N ALA UB 8 15.39 -4.44 87.87
CA ALA UB 8 16.10 -4.97 89.03
C ALA UB 8 16.44 -3.85 90.00
N TYR UB 9 16.97 -4.24 91.15
CA TYR UB 9 17.39 -3.28 92.16
C TYR UB 9 18.84 -2.88 91.90
N GLN UB 10 19.08 -1.59 91.77
CA GLN UB 10 20.42 -1.07 91.51
C GLN UB 10 21.11 -0.75 92.82
N LYS UB 11 22.29 -1.33 93.03
CA LYS UB 11 23.05 -1.11 94.25
C LYS UB 11 24.50 -1.46 94.00
N GLN UB 12 25.36 -0.91 94.84
CA GLN UB 12 26.77 -1.26 94.78
C GLN UB 12 26.99 -2.60 95.45
N PRO UB 13 27.57 -3.58 94.76
CA PRO UB 13 27.68 -4.94 95.33
C PRO UB 13 28.55 -5.00 96.58
N THR UB 14 29.46 -4.05 96.79
CA THR UB 14 30.34 -4.11 97.93
C THR UB 14 29.65 -3.66 99.21
N ILE UB 15 28.83 -2.62 99.13
CA ILE UB 15 28.21 -2.04 100.32
C ILE UB 15 27.02 -2.86 100.75
N PHE UB 16 26.96 -3.20 102.04
CA PHE UB 16 25.85 -3.94 102.62
C PHE UB 16 24.86 -2.94 103.20
N GLN UB 17 23.67 -2.87 102.61
CA GLN UB 17 22.71 -1.82 102.98
C GLN UB 17 22.01 -2.09 104.30
N ASN UB 18 21.75 -3.35 104.62
CA ASN UB 18 20.85 -3.72 105.72
C ASN UB 18 21.62 -3.98 107.01
N LYS UB 19 22.22 -2.92 107.55
CA LYS UB 19 23.07 -3.05 108.74
C LYS UB 19 22.23 -2.80 109.99
N LYS UB 20 21.33 -3.75 110.24
CA LYS UB 20 20.74 -4.03 111.56
C LYS UB 20 20.28 -2.76 112.28
N ARG UB 21 19.23 -2.15 111.73
CA ARG UB 21 18.59 -1.02 112.38
C ARG UB 21 18.07 -1.43 113.76
N VAL UB 22 18.68 -0.89 114.81
CA VAL UB 22 18.30 -1.17 116.19
C VAL UB 22 18.21 0.16 116.93
N LEU UB 23 17.97 0.06 118.25
CA LEU UB 23 17.72 1.26 119.05
C LEU UB 23 18.90 2.20 119.09
N LEU UB 24 20.13 1.66 119.16
CA LEU UB 24 21.31 2.53 119.22
C LEU UB 24 21.51 3.32 117.93
N GLY UB 25 20.96 2.86 116.81
CA GLY UB 25 20.99 3.63 115.58
C GLY UB 25 19.76 4.49 115.45
N GLU UB 26 19.92 5.80 115.62
CA GLU UB 26 18.79 6.73 115.59
C GLU UB 26 18.33 6.87 114.15
N THR UB 27 17.29 6.12 113.79
CA THR UB 27 16.74 6.11 112.44
C THR UB 27 15.38 6.81 112.48
N GLY UB 28 15.22 7.85 111.66
CA GLY UB 28 16.25 8.34 110.75
C GLY UB 28 17.02 9.52 111.29
N LYS UB 29 17.97 10.02 110.49
CA LYS UB 29 18.28 9.49 109.17
C LYS UB 29 19.79 9.26 109.05
N GLU UB 30 20.17 8.05 108.65
CA GLU UB 30 21.58 7.68 108.48
C GLU UB 30 21.87 7.51 106.99
N LYS UB 31 22.90 8.19 106.51
CA LYS UB 31 23.19 8.19 105.08
C LYS UB 31 23.79 6.86 104.65
N LEU UB 32 23.38 6.41 103.46
CA LEU UB 32 23.90 5.17 102.92
C LEU UB 32 25.37 5.33 102.56
N PRO UB 33 26.27 4.50 103.09
CA PRO UB 33 27.69 4.62 102.76
C PRO UB 33 27.95 4.34 101.29
N ARG UB 34 28.92 5.07 100.74
CA ARG UB 34 29.26 4.98 99.33
C ARG UB 34 30.60 4.30 99.15
N TYR UB 35 30.67 3.41 98.16
CA TYR UB 35 31.91 2.74 97.80
C TYR UB 35 32.58 3.52 96.68
N TYR UB 36 33.87 3.78 96.84
CA TYR UB 36 34.64 4.45 95.80
C TYR UB 36 36.10 4.07 95.95
N LYS UB 37 36.85 4.25 94.85
CA LYS UB 37 38.27 3.96 94.83
C LYS UB 37 38.94 4.97 93.92
N ASN UB 38 40.19 5.30 94.25
CA ASN UB 38 41.00 6.05 93.33
C ASN UB 38 41.64 5.09 92.32
N ILE UB 39 41.67 5.50 91.06
CA ILE UB 39 42.11 4.62 89.98
C ILE UB 39 43.60 4.69 89.75
N GLY UB 40 44.34 5.43 90.56
CA GLY UB 40 45.76 5.55 90.38
C GLY UB 40 46.09 6.46 89.21
N LEU UB 41 47.38 6.45 88.85
CA LEU UB 41 47.93 7.21 87.74
C LEU UB 41 47.71 8.72 87.90
N GLY UB 42 47.52 9.19 89.13
CA GLY UB 42 47.34 10.60 89.39
C GLY UB 42 45.95 11.14 89.16
N PHE UB 43 45.02 10.32 88.69
CA PHE UB 43 43.66 10.77 88.49
C PHE UB 43 42.93 10.81 89.83
N LYS UB 44 42.48 12.00 90.22
CA LYS UB 44 41.72 12.16 91.46
C LYS UB 44 40.26 11.82 91.21
N THR UB 45 39.66 11.13 92.16
CA THR UB 45 38.24 10.83 92.04
C THR UB 45 37.41 12.09 92.20
N PRO UB 46 36.45 12.34 91.33
CA PRO UB 46 35.64 13.57 91.45
C PRO UB 46 34.73 13.52 92.66
N LYS UB 47 34.38 14.71 93.14
CA LYS UB 47 33.51 14.82 94.31
C LYS UB 47 32.12 14.25 94.04
N GLU UB 48 31.64 14.36 92.81
CA GLU UB 48 30.34 13.80 92.48
C GLU UB 48 30.36 12.28 92.55
N ALA UB 49 31.50 11.66 92.20
CA ALA UB 49 31.66 10.24 92.43
C ALA UB 49 31.70 9.91 93.92
N ILE UB 50 32.14 10.86 94.75
CA ILE UB 50 32.23 10.62 96.18
C ILE UB 50 30.85 10.64 96.82
N GLU UB 51 30.11 11.72 96.63
CA GLU UB 51 28.85 11.91 97.35
C GLU UB 51 27.66 11.91 96.41
N GLY UB 52 27.79 11.24 95.26
CA GLY UB 52 26.65 11.00 94.39
C GLY UB 52 25.82 9.83 94.85
N THR UB 53 24.72 9.60 94.14
CA THR UB 53 23.84 8.48 94.41
C THR UB 53 23.67 7.54 93.23
N TYR UB 54 24.24 7.88 92.07
CA TYR UB 54 24.11 7.05 90.88
C TYR UB 54 24.75 5.69 91.08
N ILE UB 55 24.21 4.69 90.38
CA ILE UB 55 24.76 3.34 90.35
C ILE UB 55 25.26 3.07 88.95
N ASP UB 56 26.55 2.74 88.84
CA ASP UB 56 27.19 2.47 87.55
C ASP UB 56 28.30 1.47 87.78
N LYS UB 57 28.08 0.23 87.35
CA LYS UB 57 29.10 -0.80 87.49
C LYS UB 57 30.28 -0.57 86.54
N LYS UB 58 30.14 0.32 85.56
CA LYS UB 58 31.23 0.63 84.65
C LYS UB 58 31.89 1.97 84.95
N CYS UB 59 31.48 2.64 86.03
CA CYS UB 59 32.17 3.85 86.45
C CYS UB 59 33.58 3.52 86.91
N PRO UB 60 34.59 4.27 86.46
CA PRO UB 60 35.97 3.97 86.87
C PRO UB 60 36.20 4.07 88.37
N PHE UB 61 35.47 4.94 89.06
CA PHE UB 61 35.71 5.21 90.46
C PHE UB 61 34.82 4.43 91.41
N THR UB 62 33.56 4.20 91.04
CA THR UB 62 32.61 3.51 91.91
C THR UB 62 32.12 2.19 91.31
N GLY UB 63 32.86 1.64 90.34
CA GLY UB 63 32.44 0.43 89.67
C GLY UB 63 33.56 -0.59 89.60
N ASN UB 64 33.25 -1.72 88.97
CA ASN UB 64 34.20 -2.82 88.82
C ASN UB 64 34.90 -2.77 87.46
N VAL UB 65 35.64 -1.69 87.24
CA VAL UB 65 36.50 -1.56 86.07
C VAL UB 65 37.86 -1.05 86.51
N SER UB 66 38.90 -1.72 86.05
CA SER UB 66 40.28 -1.32 86.36
C SER UB 66 40.88 -0.65 85.13
N ILE UB 67 41.45 0.52 85.31
CA ILE UB 67 42.02 1.29 84.20
C ILE UB 67 43.48 0.89 84.05
N ARG UB 68 43.80 0.23 82.95
CA ARG UB 68 45.15 -0.23 82.67
C ARG UB 68 45.35 -0.24 81.15
N GLY UB 69 46.60 -0.02 80.74
CA GLY UB 69 46.89 0.04 79.33
C GLY UB 69 47.19 1.43 78.82
N ARG UB 70 46.47 1.87 77.80
CA ARG UB 70 46.77 3.11 77.10
C ARG UB 70 45.92 4.24 77.65
N ILE UB 71 46.57 5.36 77.98
CA ILE UB 71 45.90 6.59 78.36
C ILE UB 71 46.00 7.55 77.19
N LEU UB 72 44.87 8.06 76.74
CA LEU UB 72 44.82 8.93 75.58
C LEU UB 72 43.57 9.80 75.68
N SER UB 73 43.42 10.74 74.74
CA SER UB 73 42.40 11.77 74.85
C SER UB 73 41.72 11.98 73.51
N GLY UB 74 40.61 12.72 73.55
CA GLY UB 74 39.83 12.99 72.36
C GLY UB 74 38.85 14.11 72.61
N VAL UB 75 38.04 14.38 71.58
CA VAL UB 75 37.07 15.47 71.59
C VAL UB 75 35.67 14.88 71.52
N VAL UB 76 34.78 15.34 72.41
CA VAL UB 76 33.42 14.82 72.44
C VAL UB 76 32.67 15.28 71.19
N THR UB 77 32.06 14.33 70.49
CA THR UB 77 31.34 14.61 69.25
C THR UB 77 29.83 14.46 69.40
N LYS UB 78 29.36 13.31 69.87
CA LYS UB 78 27.93 13.12 70.12
C LYS UB 78 27.73 12.46 71.47
N MET UB 79 26.66 12.84 72.14
CA MET UB 79 26.30 12.32 73.45
C MET UB 79 24.90 11.72 73.43
N LYS UB 80 24.60 10.98 72.37
CA LYS UB 80 23.24 10.50 72.14
C LYS UB 80 22.95 9.14 72.76
N MET UB 81 23.94 8.47 73.33
CA MET UB 81 23.75 7.15 73.89
C MET UB 81 23.55 7.23 75.40
N GLN UB 82 23.16 6.10 75.98
CA GLN UB 82 23.02 5.98 77.43
C GLN UB 82 24.38 5.70 78.04
N ARG UB 83 24.81 6.56 78.95
CA ARG UB 83 25.99 6.38 79.79
C ARG UB 83 27.29 6.24 78.99
N THR UB 84 27.25 6.51 77.68
CA THR UB 84 28.46 6.43 76.87
C THR UB 84 28.37 7.46 75.76
N ILE UB 85 29.55 7.93 75.33
CA ILE UB 85 29.66 8.98 74.32
C ILE UB 85 30.68 8.55 73.28
N VAL UB 86 30.60 9.17 72.12
CA VAL UB 86 31.56 8.95 71.04
C VAL UB 86 32.48 10.16 70.95
N ILE UB 87 33.78 9.89 70.88
CA ILE UB 87 34.79 10.95 70.81
C ILE UB 87 35.60 10.75 69.55
N ARG UB 88 36.17 11.86 69.07
CA ARG UB 88 36.99 11.86 67.87
C ARG UB 88 38.42 12.20 68.23
N ARG UB 89 39.36 11.39 67.76
CA ARG UB 89 40.78 11.65 67.91
C ARG UB 89 41.38 12.02 66.56
N ASP UB 90 42.08 13.14 66.51
CA ASP UB 90 42.66 13.64 65.27
C ASP UB 90 44.18 13.46 65.31
N TYR UB 91 44.75 13.01 64.20
CA TYR UB 91 46.17 12.76 64.13
C TYR UB 91 46.62 12.93 62.68
N LEU UB 92 47.93 13.02 62.49
CA LEU UB 92 48.53 13.18 61.18
C LEU UB 92 49.31 11.92 60.84
N HIS UB 93 49.02 11.33 59.68
CA HIS UB 93 49.71 10.14 59.22
C HIS UB 93 50.75 10.54 58.18
N TYR UB 94 51.98 10.05 58.37
CA TYR UB 94 53.11 10.46 57.54
C TYR UB 94 53.17 9.60 56.28
N ILE UB 95 53.24 10.25 55.13
CA ILE UB 95 53.42 9.59 53.85
C ILE UB 95 54.86 9.81 53.41
N ARG UB 96 55.63 8.72 53.35
CA ARG UB 96 57.08 8.83 53.18
C ARG UB 96 57.45 9.39 51.80
N LYS UB 97 56.70 8.99 50.77
CA LYS UB 97 57.08 9.37 49.41
C LYS UB 97 57.03 10.87 49.21
N TYR UB 98 55.99 11.52 49.71
CA TYR UB 98 55.83 12.97 49.54
C TYR UB 98 56.41 13.76 50.69
N ASN UB 99 56.90 13.10 51.73
CA ASN UB 99 57.44 13.74 52.94
C ASN UB 99 56.42 14.64 53.61
N ARG UB 100 55.14 14.42 53.35
CA ARG UB 100 54.07 15.26 53.85
C ARG UB 100 53.10 14.42 54.68
N PHE UB 101 52.25 15.10 55.43
CA PHE UB 101 51.35 14.44 56.36
C PHE UB 101 49.95 14.32 55.77
N GLU UB 102 49.09 13.65 56.50
CA GLU UB 102 47.74 13.34 56.03
C GLU UB 102 46.80 13.39 57.21
N LYS UB 103 45.81 14.28 57.15
CA LYS UB 103 44.87 14.43 58.24
C LYS UB 103 43.93 13.23 58.29
N ARG UB 104 43.93 12.53 59.42
CA ARG UB 104 43.10 11.35 59.62
C ARG UB 104 42.38 11.49 60.96
N HIS UB 105 41.35 10.67 61.13
CA HIS UB 105 40.58 10.68 62.37
C HIS UB 105 40.01 9.30 62.61
N LYS UB 106 39.77 9.01 63.89
CA LYS UB 106 39.03 7.81 64.28
C LYS UB 106 38.10 8.16 65.43
N ASN UB 107 36.86 7.67 65.33
CA ASN UB 107 35.88 7.83 66.39
C ASN UB 107 36.00 6.66 67.36
N MET UB 108 35.77 6.94 68.64
CA MET UB 108 35.79 5.90 69.65
C MET UB 108 34.59 6.08 70.57
N SER UB 109 33.90 4.98 70.86
CA SER UB 109 32.81 4.99 71.82
C SER UB 109 33.38 4.70 73.20
N VAL UB 110 33.27 5.66 74.10
CA VAL UB 110 33.82 5.54 75.45
C VAL UB 110 32.67 5.69 76.44
N HIS UB 111 32.81 5.04 77.58
CA HIS UB 111 31.78 5.05 78.61
C HIS UB 111 31.94 6.27 79.49
N LEU UB 112 30.84 6.99 79.71
CA LEU UB 112 30.84 8.20 80.52
C LEU UB 112 30.09 7.93 81.81
N SER UB 113 30.78 8.08 82.94
CA SER UB 113 30.14 7.92 84.23
C SER UB 113 29.19 9.09 84.50
N PRO UB 114 28.13 8.87 85.28
CA PRO UB 114 27.25 9.99 85.67
C PRO UB 114 27.92 11.02 86.56
N CYS UB 115 29.11 10.74 87.10
CA CYS UB 115 29.82 11.73 87.90
C CYS UB 115 30.26 12.93 87.07
N PHE UB 116 30.36 12.78 85.74
CA PHE UB 116 30.67 13.89 84.84
C PHE UB 116 29.36 14.36 84.23
N ARG UB 117 28.87 15.52 84.68
CA ARG UB 117 27.59 16.03 84.25
C ARG UB 117 27.71 17.21 83.29
N ASP UB 118 28.51 18.21 83.63
CA ASP UB 118 28.69 19.37 82.75
C ASP UB 118 29.66 19.02 81.62
N VAL UB 119 29.18 18.16 80.73
CA VAL UB 119 29.93 17.71 79.56
C VAL UB 119 29.15 18.13 78.32
N GLN UB 120 29.81 18.88 77.45
CA GLN UB 120 29.20 19.35 76.22
C GLN UB 120 30.01 18.86 75.02
N ILE UB 121 29.38 18.98 73.85
CA ILE UB 121 30.04 18.59 72.61
C ILE UB 121 31.21 19.53 72.36
N GLY UB 122 32.38 18.97 72.08
CA GLY UB 122 33.59 19.74 71.88
C GLY UB 122 34.55 19.74 73.05
N ASP UB 123 34.14 19.21 74.20
CA ASP UB 123 35.03 19.13 75.33
C ASP UB 123 36.16 18.13 75.07
N ILE UB 124 37.28 18.34 75.75
CA ILE UB 124 38.42 17.44 75.69
C ILE UB 124 38.32 16.49 76.87
N VAL UB 125 38.33 15.19 76.60
CA VAL UB 125 38.20 14.17 77.63
C VAL UB 125 39.42 13.27 77.59
N THR UB 126 39.85 12.81 78.76
CA THR UB 126 40.91 11.82 78.87
C THR UB 126 40.31 10.46 79.18
N VAL UB 127 40.63 9.47 78.36
CA VAL UB 127 40.06 8.14 78.50
C VAL UB 127 41.17 7.15 78.80
N GLY UB 128 40.83 6.15 79.61
CA GLY UB 128 41.75 5.09 79.94
C GLY UB 128 41.19 3.74 79.53
N GLU UB 129 42.09 2.88 79.07
CA GLU UB 129 41.68 1.58 78.56
C GLU UB 129 41.26 0.66 79.70
N CYS UB 130 40.17 -0.08 79.48
CA CYS UB 130 39.68 -1.03 80.46
C CYS UB 130 39.32 -2.31 79.73
N ARG UB 131 38.67 -3.23 80.44
CA ARG UB 131 38.17 -4.44 79.80
C ARG UB 131 36.96 -4.09 78.92
N PRO UB 132 36.69 -4.90 77.90
CA PRO UB 132 35.57 -4.60 76.99
C PRO UB 132 34.24 -4.47 77.73
N LEU UB 133 33.65 -3.28 77.64
CA LEU UB 133 32.38 -3.01 78.29
C LEU UB 133 31.19 -3.27 77.38
N SER UB 134 31.37 -3.14 76.07
CA SER UB 134 30.36 -3.51 75.10
C SER UB 134 31.09 -3.98 73.84
N LYS UB 135 30.34 -4.07 72.74
CA LYS UB 135 30.93 -4.57 71.50
C LYS UB 135 32.03 -3.64 70.99
N THR UB 136 31.80 -2.32 71.07
CA THR UB 136 32.74 -1.34 70.54
C THR UB 136 33.28 -0.40 71.60
N VAL UB 137 33.14 -0.71 72.89
CA VAL UB 137 33.59 0.15 73.97
C VAL UB 137 34.69 -0.56 74.74
N ARG UB 138 35.83 0.12 74.90
CA ARG UB 138 36.91 -0.40 75.73
C ARG UB 138 37.56 0.68 76.58
N PHE UB 139 36.98 1.88 76.67
CA PHE UB 139 37.63 3.00 77.34
C PHE UB 139 36.62 3.71 78.22
N ASN UB 140 37.11 4.24 79.34
CA ASN UB 140 36.31 5.00 80.30
C ASN UB 140 36.81 6.43 80.38
N VAL UB 141 35.87 7.37 80.39
CA VAL UB 141 36.22 8.78 80.56
C VAL UB 141 36.76 8.96 81.97
N LEU UB 142 37.99 9.48 82.07
CA LEU UB 142 38.65 9.66 83.34
C LEU UB 142 38.72 11.11 83.78
N LYS UB 143 38.88 12.03 82.82
CA LYS UB 143 39.06 13.44 83.09
C LYS UB 143 38.35 14.24 82.00
N VAL UB 144 37.71 15.33 82.40
CA VAL UB 144 37.01 16.20 81.48
C VAL UB 144 37.57 17.60 81.61
N THR UB 145 37.92 18.22 80.50
CA THR UB 145 38.39 19.60 80.47
C THR UB 145 37.57 20.39 79.47
N LYS UB 146 37.13 21.58 79.88
CA LYS UB 146 36.28 22.40 79.04
C LYS UB 146 37.07 22.94 77.85
N ALA UB 147 36.34 23.25 76.77
CA ALA UB 147 36.95 23.80 75.56
C ALA UB 147 36.65 25.30 75.52
N ALA UB 148 37.48 26.06 76.25
CA ALA UB 148 37.41 27.53 76.28
C ALA UB 148 36.02 28.02 76.67
N GLY UB 149 35.40 27.33 77.63
CA GLY UB 149 34.07 27.70 78.08
C GLY UB 149 34.07 28.31 79.47
N THR UB 150 33.67 27.52 80.46
CA THR UB 150 33.63 27.90 81.88
C THR UB 150 32.76 29.13 82.14
N LYS UB 151 31.87 29.46 81.20
CA LYS UB 151 30.99 30.61 81.33
C LYS UB 151 29.92 30.53 80.24
N LYS UB 152 28.70 30.95 80.59
CA LYS UB 152 27.59 30.98 79.66
C LYS UB 152 27.03 32.39 79.61
N GLN UB 153 26.91 32.94 78.40
CA GLN UB 153 26.44 34.30 78.23
C GLN UB 153 24.92 34.36 78.14
N GLY VB 1 43.14 42.99 47.67
CA GLY VB 1 42.01 42.74 46.81
C GLY VB 1 40.69 42.67 47.58
N ARG VB 2 39.61 43.10 46.93
CA ARG VB 2 38.31 43.08 47.59
C ARG VB 2 37.77 41.66 47.67
N MET VB 3 36.91 41.44 48.67
CA MET VB 3 36.35 40.12 48.90
C MET VB 3 35.47 39.66 47.74
N HIS VB 4 34.55 40.52 47.32
CA HIS VB 4 33.57 40.16 46.30
C HIS VB 4 33.61 41.11 45.10
N ALA VB 5 34.72 41.79 44.90
CA ALA VB 5 34.92 42.64 43.73
C ALA VB 5 36.32 42.41 43.20
N PRO VB 6 36.54 42.60 41.90
CA PRO VB 6 37.91 42.53 41.37
C PRO VB 6 38.63 43.86 41.52
N GLY VB 7 38.51 44.48 42.68
CA GLY VB 7 39.16 45.75 42.97
C GLY VB 7 40.34 45.53 43.87
N LYS VB 8 41.39 46.31 43.66
CA LYS VB 8 42.62 46.22 44.43
C LYS VB 8 43.04 47.59 44.91
N GLY VB 9 42.08 48.33 45.47
CA GLY VB 9 42.34 49.68 45.89
C GLY VB 9 43.18 49.77 47.14
N LEU VB 10 43.75 50.95 47.36
CA LEU VB 10 44.67 51.20 48.45
C LEU VB 10 44.18 52.28 49.41
N SER VB 11 42.98 52.82 49.20
CA SER VB 11 42.49 53.92 50.02
C SER VB 11 42.31 53.49 51.47
N GLN VB 12 43.16 54.00 52.36
CA GLN VB 12 43.16 53.60 53.76
C GLN VB 12 43.38 54.85 54.60
N SER VB 13 43.66 54.64 55.89
CA SER VB 13 44.00 55.71 56.81
C SER VB 13 45.39 55.45 57.37
N ALA VB 14 46.27 56.44 57.30
CA ALA VB 14 47.65 56.31 57.74
C ALA VB 14 47.76 56.87 59.15
N LEU VB 15 47.68 56.00 60.14
CA LEU VB 15 47.74 56.43 61.53
C LEU VB 15 49.14 56.94 61.85
N PRO VB 16 49.27 58.11 62.46
CA PRO VB 16 50.60 58.69 62.67
C PRO VB 16 51.43 57.91 63.69
N TYR VB 17 52.75 58.08 63.57
CA TYR VB 17 53.69 57.39 64.45
C TYR VB 17 53.62 57.91 65.89
N ARG VB 18 53.27 59.18 66.09
CA ARG VB 18 53.17 59.73 67.43
C ARG VB 18 51.86 59.28 68.06
N ARG VB 19 51.96 58.37 69.03
CA ARG VB 19 50.78 57.91 69.76
C ARG VB 19 50.38 58.87 70.88
N SER VB 20 51.18 59.91 71.14
CA SER VB 20 50.91 60.80 72.24
C SER VB 20 49.77 61.76 71.92
N VAL VB 21 49.05 62.17 72.96
CA VAL VB 21 47.96 63.14 72.80
C VAL VB 21 48.56 64.50 72.46
N PRO VB 22 48.00 65.23 71.49
CA PRO VB 22 48.50 66.57 71.18
C PRO VB 22 48.36 67.50 72.38
N THR VB 23 49.33 68.42 72.50
CA THR VB 23 49.35 69.32 73.65
C THR VB 23 48.20 70.32 73.62
N TRP VB 24 47.69 70.66 72.44
CA TRP VB 24 46.59 71.62 72.34
C TRP VB 24 45.24 71.01 72.69
N LEU VB 25 45.17 69.69 72.88
CA LEU VB 25 43.92 69.02 73.26
C LEU VB 25 43.72 69.20 74.75
N LYS VB 26 42.70 69.96 75.12
CA LYS VB 26 42.36 70.20 76.53
C LYS VB 26 41.40 69.17 77.09
N LEU VB 27 40.69 68.42 76.26
CA LEU VB 27 39.72 67.46 76.74
C LEU VB 27 40.41 66.30 77.44
N THR VB 28 39.95 65.98 78.64
CA THR VB 28 40.47 64.86 79.39
C THR VB 28 39.75 63.57 78.98
N SER VB 29 40.23 62.45 79.54
CA SER VB 29 39.67 61.15 79.19
C SER VB 29 38.19 61.05 79.55
N ASP VB 30 37.82 61.52 80.74
CA ASP VB 30 36.43 61.45 81.17
C ASP VB 30 35.53 62.34 80.31
N ASP VB 31 36.04 63.48 79.84
CA ASP VB 31 35.26 64.34 78.97
C ASP VB 31 34.93 63.65 77.67
N VAL VB 32 35.92 63.00 77.05
CA VAL VB 32 35.68 62.26 75.82
C VAL VB 32 34.75 61.08 76.08
N LYS VB 33 34.89 60.44 77.24
CA LYS VB 33 33.98 59.35 77.60
C LYS VB 33 32.54 59.84 77.67
N GLU VB 34 32.33 61.01 78.29
CA GLU VB 34 30.97 61.55 78.40
C GLU VB 34 30.43 61.96 77.04
N GLN VB 35 31.30 62.49 76.17
CA GLN VB 35 30.86 62.80 74.81
C GLN VB 35 30.43 61.55 74.06
N ILE VB 36 31.20 60.47 74.18
CA ILE VB 36 30.82 59.20 73.56
C ILE VB 36 29.50 58.70 74.14
N TYR VB 37 29.32 58.84 75.45
CA TYR VB 37 28.07 58.42 76.07
C TYR VB 37 26.88 59.18 75.51
N LYS VB 38 27.00 60.51 75.39
CA LYS VB 38 25.91 61.30 74.84
C LYS VB 38 25.62 60.92 73.39
N LEU VB 39 26.66 60.76 72.58
CA LEU VB 39 26.44 60.44 71.17
C LEU VB 39 25.88 59.04 71.00
N ALA VB 40 26.18 58.14 71.93
CA ALA VB 40 25.54 56.82 71.91
C ALA VB 40 24.09 56.93 72.34
N LYS VB 41 23.77 57.83 73.27
CA LYS VB 41 22.37 58.08 73.60
C LYS VB 41 21.61 58.62 72.40
N LYS VB 42 22.25 59.48 71.60
CA LYS VB 42 21.61 59.98 70.39
C LYS VB 42 21.42 58.89 69.33
N GLY VB 43 22.08 57.74 69.48
CA GLY VB 43 21.94 56.64 68.56
C GLY VB 43 23.05 56.48 67.55
N LEU VB 44 24.21 57.09 67.77
CA LEU VB 44 25.30 57.01 66.81
C LEU VB 44 26.12 55.74 67.03
N THR VB 45 26.42 55.06 65.93
CA THR VB 45 27.28 53.90 65.97
C THR VB 45 28.73 54.33 66.24
N PRO VB 46 29.58 53.43 66.75
CA PRO VB 46 30.95 53.83 67.08
C PRO VB 46 31.73 54.46 65.94
N SER VB 47 31.51 54.02 64.70
CA SER VB 47 32.16 54.68 63.57
C SER VB 47 31.74 56.15 63.48
N GLN VB 48 30.43 56.40 63.61
CA GLN VB 48 29.95 57.78 63.55
C GLN VB 48 30.40 58.57 64.76
N ILE VB 49 30.49 57.93 65.93
CA ILE VB 49 30.99 58.62 67.11
C ILE VB 49 32.44 59.06 66.88
N GLY VB 50 33.26 58.17 66.32
CA GLY VB 50 34.63 58.54 66.00
C GLY VB 50 34.72 59.65 64.97
N VAL VB 51 33.87 59.59 63.95
CA VAL VB 51 33.89 60.61 62.91
C VAL VB 51 33.52 61.98 63.48
N ILE VB 52 32.45 62.02 64.28
CA ILE VB 52 32.01 63.28 64.88
C ILE VB 52 33.07 63.81 65.84
N LEU VB 53 33.66 62.92 66.64
CA LEU VB 53 34.66 63.35 67.60
C LEU VB 53 35.90 63.91 66.93
N ARG VB 54 36.34 63.26 65.84
CA ARG VB 54 37.53 63.74 65.14
C ARG VB 54 37.26 65.03 64.38
N ASP VB 55 36.10 65.11 63.71
CA ASP VB 55 35.81 66.25 62.85
C ASP VB 55 35.66 67.53 63.66
N SER VB 56 34.92 67.49 64.76
CA SER VB 56 34.52 68.69 65.48
C SER VB 56 35.36 68.97 66.72
N HIS VB 57 35.60 67.97 67.55
CA HIS VB 57 36.24 68.18 68.85
C HIS VB 57 37.74 67.99 68.81
N GLY VB 58 38.30 67.67 67.65
CA GLY VB 58 39.75 67.68 67.48
C GLY VB 58 40.49 66.52 68.11
N VAL VB 59 39.80 65.51 68.60
CA VAL VB 59 40.46 64.32 69.14
C VAL VB 59 40.88 63.42 68.00
N ALA VB 60 42.17 63.05 67.99
CA ALA VB 60 42.72 62.29 66.87
C ALA VB 60 42.33 60.82 66.96
N GLN VB 61 42.59 60.21 68.11
CA GLN VB 61 42.25 58.81 68.33
C GLN VB 61 41.68 58.69 69.74
N VAL VB 62 40.48 58.13 69.85
CA VAL VB 62 39.86 57.94 71.15
C VAL VB 62 40.69 56.97 71.99
N ARG VB 63 41.27 55.96 71.35
CA ARG VB 63 42.13 55.01 72.07
C ARG VB 63 43.36 55.72 72.64
N PHE VB 64 43.93 56.66 71.88
CA PHE VB 64 45.15 57.33 72.34
C PHE VB 64 44.87 58.22 73.54
N VAL VB 65 43.68 58.81 73.62
CA VAL VB 65 43.39 59.76 74.68
C VAL VB 65 42.76 59.11 75.90
N THR VB 66 42.00 58.02 75.72
CA THR VB 66 41.36 57.37 76.86
C THR VB 66 42.02 56.05 77.25
N GLY VB 67 42.76 55.41 76.35
CA GLY VB 67 43.30 54.10 76.62
C GLY VB 67 42.38 52.96 76.26
N ASN VB 68 41.16 53.25 75.81
CA ASN VB 68 40.19 52.24 75.42
C ASN VB 68 39.58 52.60 74.08
N LYS VB 69 39.16 51.56 73.35
CA LYS VB 69 38.48 51.75 72.10
C LYS VB 69 37.03 52.17 72.35
N ILE VB 70 36.40 52.74 71.32
CA ILE VB 70 35.06 53.31 71.49
C ILE VB 70 34.05 52.23 71.85
N LEU VB 71 34.10 51.10 71.15
CA LEU VB 71 33.16 50.03 71.42
C LEU VB 71 33.41 49.43 72.80
N ARG VB 72 34.68 49.36 73.22
CA ARG VB 72 34.98 48.91 74.58
C ARG VB 72 34.36 49.84 75.62
N ILE VB 73 34.46 51.16 75.39
CA ILE VB 73 33.88 52.12 76.33
C ILE VB 73 32.38 51.96 76.40
N LEU VB 74 31.72 51.85 75.25
CA LEU VB 74 30.27 51.68 75.23
C LEU VB 74 29.85 50.37 75.92
N LYS VB 75 30.59 49.29 75.65
CA LYS VB 75 30.25 48.01 76.26
C LYS VB 75 30.44 48.03 77.76
N SER VB 76 31.51 48.70 78.23
CA SER VB 76 31.74 48.82 79.67
C SER VB 76 30.64 49.63 80.34
N LYS VB 77 30.22 50.74 79.71
CA LYS VB 77 29.12 51.50 80.28
C LYS VB 77 27.80 50.74 80.17
N GLY VB 78 27.67 49.86 79.19
CA GLY VB 78 26.50 49.03 79.05
C GLY VB 78 25.46 49.49 78.07
N LEU VB 79 25.87 50.19 77.00
CA LEU VB 79 24.92 50.65 75.99
C LEU VB 79 25.43 50.36 74.58
N ALA VB 80 26.25 49.32 74.42
CA ALA VB 80 26.65 48.88 73.10
C ALA VB 80 25.45 48.29 72.36
N PRO VB 81 25.44 48.36 71.03
CA PRO VB 81 24.31 47.79 70.28
C PRO VB 81 24.23 46.29 70.44
N ASP VB 82 23.00 45.77 70.33
CA ASP VB 82 22.80 44.33 70.44
C ASP VB 82 23.50 43.58 69.32
N LEU VB 83 23.42 44.07 68.11
CA LEU VB 83 24.21 43.50 67.02
C LEU VB 83 25.46 44.32 66.78
N PRO VB 84 26.53 43.68 66.30
CA PRO VB 84 27.71 44.45 65.89
C PRO VB 84 27.36 45.37 64.73
N GLU VB 85 28.09 46.49 64.65
CA GLU VB 85 27.76 47.54 63.70
C GLU VB 85 27.81 47.05 62.25
N ASP VB 86 28.92 46.41 61.87
CA ASP VB 86 29.09 46.01 60.49
C ASP VB 86 28.10 44.92 60.08
N LEU VB 87 27.85 43.95 60.98
CA LEU VB 87 26.84 42.93 60.69
C LEU VB 87 25.46 43.55 60.57
N TYR VB 88 25.15 44.52 61.44
CA TYR VB 88 23.88 45.22 61.35
C TYR VB 88 23.73 45.91 60.00
N HIS VB 89 24.79 46.58 59.53
CA HIS VB 89 24.70 47.30 58.26
C HIS VB 89 24.60 46.33 57.09
N LEU VB 90 25.28 45.19 57.16
CA LEU VB 90 25.16 44.21 56.10
C LEU VB 90 23.75 43.63 56.03
N ILE VB 91 23.15 43.36 57.18
CA ILE VB 91 21.77 42.87 57.21
C ILE VB 91 20.83 43.95 56.67
N LYS VB 92 21.09 45.21 57.01
CA LYS VB 92 20.30 46.32 56.49
C LYS VB 92 20.38 46.38 54.97
N LYS VB 93 21.59 46.23 54.42
CA LYS VB 93 21.76 46.25 52.97
C LYS VB 93 21.03 45.08 52.32
N ALA VB 94 21.11 43.90 52.92
CA ALA VB 94 20.41 42.74 52.38
C ALA VB 94 18.90 42.94 52.40
N VAL VB 95 18.37 43.52 53.48
CA VAL VB 95 16.95 43.80 53.56
C VAL VB 95 16.52 44.79 52.49
N ALA VB 96 17.32 45.84 52.29
CA ALA VB 96 17.00 46.82 51.25
C ALA VB 96 17.01 46.19 49.87
N VAL VB 97 18.00 45.35 49.59
CA VAL VB 97 18.07 44.69 48.28
C VAL VB 97 16.89 43.75 48.09
N ARG VB 98 16.50 43.03 49.15
CA ARG VB 98 15.34 42.15 49.05
C ARG VB 98 14.06 42.94 48.81
N LYS VB 99 13.90 44.07 49.49
CA LYS VB 99 12.72 44.91 49.28
C LYS VB 99 12.66 45.41 47.84
N HIS VB 100 13.81 45.82 47.30
CA HIS VB 100 13.83 46.22 45.89
C HIS VB 100 13.55 45.03 44.97
N LEU VB 101 13.97 43.84 45.37
CA LEU VB 101 13.92 42.69 44.48
C LEU VB 101 12.52 42.13 44.34
N GLU VB 102 11.72 42.16 45.41
CA GLU VB 102 10.36 41.63 45.34
C GLU VB 102 9.45 42.48 44.45
N ARG VB 103 9.87 43.69 44.08
CA ARG VB 103 9.17 44.50 43.10
C ARG VB 103 9.79 44.43 41.71
N ASN VB 104 11.05 44.04 41.61
CA ASN VB 104 11.76 43.98 40.34
C ASN VB 104 12.36 42.58 40.22
N ARG VB 105 11.57 41.64 39.69
CA ARG VB 105 12.03 40.26 39.58
C ARG VB 105 13.08 40.08 38.49
N LYS VB 106 13.12 40.94 37.49
CA LYS VB 106 14.05 40.81 36.39
C LYS VB 106 15.43 41.40 36.70
N ASP VB 107 15.62 42.01 37.86
CA ASP VB 107 16.92 42.57 38.24
C ASP VB 107 17.80 41.43 38.74
N LYS VB 108 18.30 40.66 37.78
CA LYS VB 108 19.21 39.56 38.12
C LYS VB 108 20.55 40.08 38.64
N ASP VB 109 20.92 41.31 38.26
CA ASP VB 109 22.09 41.94 38.87
C ASP VB 109 21.87 42.14 40.36
N ALA VB 110 20.67 42.59 40.74
CA ALA VB 110 20.36 42.75 42.16
C ALA VB 110 20.34 41.39 42.86
N LYS VB 111 19.91 40.35 42.17
CA LYS VB 111 19.96 39.00 42.74
C LYS VB 111 21.40 38.58 43.02
N PHE VB 112 22.30 38.85 42.07
CA PHE VB 112 23.71 38.52 42.26
C PHE VB 112 24.31 39.31 43.43
N ARG VB 113 23.98 40.60 43.51
CA ARG VB 113 24.47 41.41 44.63
C ARG VB 113 23.91 40.90 45.95
N LEU VB 114 22.65 40.48 45.96
CA LEU VB 114 22.06 39.92 47.16
C LEU VB 114 22.78 38.65 47.59
N ILE VB 115 23.13 37.79 46.64
CA ILE VB 115 23.88 36.59 46.96
C ILE VB 115 25.22 36.95 47.59
N LEU VB 116 25.92 37.93 47.00
CA LEU VB 116 27.22 38.34 47.54
C LEU VB 116 27.09 38.90 48.95
N ILE VB 117 26.07 39.74 49.18
CA ILE VB 117 25.88 40.36 50.49
C ILE VB 117 25.54 39.31 51.53
N GLU VB 118 24.68 38.36 51.19
CA GLU VB 118 24.32 37.33 52.15
C GLU VB 118 25.47 36.38 52.43
N SER VB 119 26.34 36.13 51.44
CA SER VB 119 27.55 35.35 51.70
C SER VB 119 28.46 36.09 52.69
N ARG VB 120 28.62 37.40 52.50
CA ARG VB 120 29.39 38.19 53.46
C ARG VB 120 28.75 38.14 54.85
N ILE VB 121 27.42 38.20 54.90
CA ILE VB 121 26.70 38.16 56.18
C ILE VB 121 26.98 36.84 56.89
N HIS VB 122 26.91 35.73 56.15
CA HIS VB 122 27.13 34.43 56.77
C HIS VB 122 28.57 34.27 57.24
N ARG VB 123 29.54 34.74 56.45
CA ARG VB 123 30.93 34.66 56.89
C ARG VB 123 31.17 35.49 58.15
N LEU VB 124 30.62 36.70 58.19
CA LEU VB 124 30.80 37.57 59.35
C LEU VB 124 30.10 37.00 60.58
N ALA VB 125 28.92 36.40 60.39
CA ALA VB 125 28.21 35.79 61.50
C ALA VB 125 28.96 34.58 62.05
N ARG VB 126 29.55 33.78 61.15
CA ARG VB 126 30.38 32.67 61.60
C ARG VB 126 31.56 33.16 62.40
N TYR VB 127 32.19 34.25 61.96
CA TYR VB 127 33.28 34.84 62.73
C TYR VB 127 32.81 35.29 64.11
N TYR VB 128 31.66 35.97 64.17
CA TYR VB 128 31.19 36.49 65.45
C TYR VB 128 30.80 35.38 66.42
N LYS VB 129 30.22 34.29 65.89
CA LYS VB 129 29.93 33.15 66.76
C LYS VB 129 31.20 32.45 67.20
N THR VB 130 32.26 32.47 66.36
CA THR VB 130 33.54 31.96 66.81
C THR VB 130 34.09 32.76 67.98
N LYS VB 131 33.99 34.09 67.90
CA LYS VB 131 34.39 34.97 69.00
C LYS VB 131 33.37 35.03 70.11
N ARG VB 132 32.23 34.34 69.96
CA ARG VB 132 31.15 34.29 70.94
C ARG VB 132 30.55 35.64 71.24
N VAL VB 133 30.67 36.60 70.31
CA VAL VB 133 29.92 37.85 70.44
C VAL VB 133 28.43 37.60 70.29
N LEU VB 134 28.05 36.80 69.32
CA LEU VB 134 26.73 36.34 68.98
C LEU VB 134 26.43 35.01 69.67
N PRO VB 135 25.15 34.70 69.89
CA PRO VB 135 24.82 33.40 70.47
C PRO VB 135 25.22 32.28 69.53
N PRO VB 136 25.57 31.11 70.06
CA PRO VB 136 25.97 30.00 69.18
C PRO VB 136 24.86 29.51 68.27
N ASN VB 137 23.60 29.74 68.61
CA ASN VB 137 22.48 29.35 67.78
C ASN VB 137 21.93 30.50 66.95
N TRP VB 138 22.62 31.64 66.93
CA TRP VB 138 22.18 32.77 66.12
C TRP VB 138 22.25 32.43 64.64
N LYS VB 139 21.24 32.86 63.89
CA LYS VB 139 21.11 32.52 62.48
C LYS VB 139 20.43 33.67 61.76
N TYR VB 140 20.93 33.98 60.57
CA TYR VB 140 20.33 35.02 59.74
C TYR VB 140 19.30 34.37 58.81
N GLU VB 141 18.03 34.72 59.00
CA GLU VB 141 16.97 34.28 58.12
C GLU VB 141 16.47 35.48 57.31
N SER VB 142 16.22 35.25 56.02
CA SER VB 142 15.79 36.34 55.14
C SER VB 142 14.46 36.92 55.56
N SER VB 143 13.52 36.07 55.99
CA SER VB 143 12.18 36.55 56.29
C SER VB 143 12.15 37.40 57.55
N THR VB 144 12.83 36.97 58.60
CA THR VB 144 12.73 37.59 59.92
C THR VB 144 13.73 38.71 60.13
N ALA VB 145 14.67 38.91 59.22
CA ALA VB 145 15.70 39.92 59.43
C ALA VB 145 15.18 41.34 59.30
N SER VB 146 14.05 41.53 58.61
CA SER VB 146 13.58 42.88 58.34
C SER VB 146 13.13 43.60 59.61
N ALA VB 147 12.75 42.85 60.64
CA ALA VB 147 12.37 43.45 61.91
C ALA VB 147 13.56 43.86 62.76
N LEU VB 148 14.78 43.52 62.36
CA LEU VB 148 15.96 43.82 63.15
C LEU VB 148 16.65 45.11 62.74
N VAL VB 149 16.54 45.52 61.48
CA VAL VB 149 17.30 46.63 60.94
C VAL VB 149 16.35 47.69 60.41
N ALA VB 150 16.65 48.95 60.73
CA ALA VB 150 15.88 50.11 60.27
C ALA VB 150 14.40 50.02 60.62
N ILE WB 4 1.53 82.55 -25.84
CA ILE WB 4 1.00 81.95 -24.62
C ILE WB 4 2.11 81.27 -23.80
N SER WB 5 2.90 80.41 -24.44
CA SER WB 5 4.09 79.77 -23.88
C SER WB 5 3.81 78.89 -22.67
N LEU WB 6 2.53 78.76 -22.27
CA LEU WB 6 2.11 77.94 -21.14
C LEU WB 6 2.89 78.25 -19.86
N GLY WB 7 3.30 79.50 -19.69
CA GLY WB 7 4.14 79.88 -18.59
C GLY WB 7 3.61 81.07 -17.82
N PRO WB 8 4.25 81.38 -16.70
CA PRO WB 8 3.81 82.53 -15.88
C PRO WB 8 4.26 83.84 -16.51
N GLN WB 9 3.64 84.91 -16.02
CA GLN WB 9 3.95 86.26 -16.49
C GLN WB 9 5.12 86.81 -15.66
N VAL WB 10 6.26 87.01 -16.31
CA VAL WB 10 7.48 87.39 -15.63
C VAL WB 10 8.08 88.61 -16.31
N ALA WB 11 9.02 89.25 -15.61
CA ALA WB 11 9.77 90.37 -16.16
C ALA WB 11 10.99 89.84 -16.89
N GLU WB 12 11.90 90.76 -17.27
CA GLU WB 12 13.12 90.39 -17.98
C GLU WB 12 14.31 90.20 -17.05
N GLY WB 13 14.43 91.02 -16.01
CA GLY WB 13 15.59 90.97 -15.14
C GLY WB 13 15.54 89.91 -14.06
N GLU WB 14 14.41 89.21 -13.92
CA GLU WB 14 14.28 88.20 -12.88
C GLU WB 14 13.90 86.87 -13.50
N ASN WB 15 14.02 85.81 -12.70
CA ASN WB 15 13.84 84.45 -13.14
C ASN WB 15 12.90 83.70 -12.21
N VAL WB 16 12.21 82.71 -12.77
CA VAL WB 16 11.30 81.85 -12.02
C VAL WB 16 12.04 80.57 -11.66
N PHE WB 17 11.82 80.10 -10.43
CA PHE WB 17 12.59 79.00 -9.87
C PHE WB 17 11.76 77.72 -9.82
N GLY WB 18 12.38 76.62 -10.22
CA GLY WB 18 11.86 75.29 -10.01
C GLY WB 18 12.77 74.49 -9.10
N VAL WB 19 12.31 73.30 -8.74
CA VAL WB 19 13.06 72.39 -7.89
C VAL WB 19 13.35 71.13 -8.68
N CYS WB 20 14.63 70.77 -8.79
CA CYS WB 20 15.06 69.58 -9.52
C CYS WB 20 15.50 68.52 -8.51
N HIS WB 21 14.71 67.45 -8.41
CA HIS WB 21 15.07 66.30 -7.59
C HIS WB 21 15.84 65.32 -8.47
N ILE WB 22 17.13 65.15 -8.17
CA ILE WB 22 17.98 64.24 -8.92
C ILE WB 22 18.22 63.03 -8.03
N PHE WB 23 17.40 61.99 -8.20
CA PHE WB 23 17.61 60.72 -7.51
C PHE WB 23 18.56 59.91 -8.39
N ALA WB 24 19.84 60.06 -8.12
CA ALA WB 24 20.88 59.39 -8.89
C ALA WB 24 21.40 58.22 -8.06
N SER WB 25 20.70 57.10 -8.15
CA SER WB 25 21.15 55.87 -7.53
C SER WB 25 21.89 55.02 -8.55
N PHE WB 26 22.19 53.78 -8.18
CA PHE WB 26 22.60 52.82 -9.18
C PHE WB 26 21.37 52.21 -9.84
N ASN WB 27 21.60 51.60 -11.00
CA ASN WB 27 20.60 50.92 -11.82
C ASN WB 27 19.64 51.88 -12.51
N ASP WB 28 19.68 53.18 -12.16
CA ASP WB 28 18.89 54.20 -12.84
C ASP WB 28 19.21 55.55 -12.19
N THR WB 29 18.85 56.62 -12.90
CA THR WB 29 18.89 57.97 -12.35
C THR WB 29 17.58 58.67 -12.68
N PHE WB 30 17.19 59.62 -11.82
CA PHE WB 30 15.98 60.42 -12.03
C PHE WB 30 16.37 61.88 -12.15
N VAL WB 31 15.73 62.58 -13.08
CA VAL WB 31 16.04 63.99 -13.34
C VAL WB 31 14.72 64.73 -13.13
N HIS WB 32 13.95 64.27 -12.16
CA HIS WB 32 12.66 64.87 -11.84
C HIS WB 32 12.77 66.36 -11.54
N VAL WB 33 11.88 67.15 -12.13
CA VAL WB 33 11.73 68.57 -11.83
C VAL WB 33 10.28 68.83 -11.47
N THR WB 34 10.07 69.46 -10.32
CA THR WB 34 8.76 69.83 -9.82
C THR WB 34 8.68 71.35 -9.70
N ASP WB 35 7.59 71.82 -9.09
CA ASP WB 35 7.43 73.24 -8.82
C ASP WB 35 8.25 73.62 -7.59
N LEU WB 36 8.03 74.82 -7.07
CA LEU WB 36 8.71 75.25 -5.86
C LEU WB 36 8.20 74.51 -4.62
N SER WB 37 6.95 74.06 -4.64
CA SER WB 37 6.39 73.31 -3.52
C SER WB 37 6.73 71.83 -3.57
N GLY WB 38 7.02 71.28 -4.75
CA GLY WB 38 7.23 69.87 -4.92
C GLY WB 38 5.97 69.07 -5.20
N LYS WB 39 4.80 69.65 -4.98
CA LYS WB 39 3.55 68.93 -5.19
C LYS WB 39 3.19 68.86 -6.66
N GLU WB 40 3.48 69.92 -7.42
CA GLU WB 40 3.24 69.96 -8.86
C GLU WB 40 4.54 69.66 -9.59
N THR WB 41 4.53 68.62 -10.40
CA THR WB 41 5.70 68.26 -11.19
C THR WB 41 5.60 68.86 -12.59
N ILE WB 42 6.76 69.16 -13.15
CA ILE WB 42 6.87 69.76 -14.48
C ILE WB 42 7.29 68.73 -15.52
N CYS WB 43 8.46 68.14 -15.35
CA CYS WB 43 8.93 67.09 -16.24
C CYS WB 43 9.72 66.09 -15.42
N ARG WB 44 9.68 64.82 -15.83
CA ARG WB 44 10.43 63.76 -15.15
C ARG WB 44 10.94 62.81 -16.22
N VAL WB 45 12.24 62.85 -16.48
CA VAL WB 45 12.89 61.97 -17.43
C VAL WB 45 13.98 61.20 -16.71
N THR WB 46 14.00 59.89 -16.88
CA THR WB 46 14.98 59.01 -16.24
C THR WB 46 15.99 58.54 -17.27
N GLY WB 47 17.06 57.91 -16.77
CA GLY WB 47 18.05 57.33 -17.67
C GLY WB 47 17.55 56.14 -18.45
N GLY WB 48 16.60 55.38 -17.89
CA GLY WB 48 16.10 54.20 -18.56
C GLY WB 48 15.20 54.48 -19.74
N MET WB 49 14.63 55.68 -19.80
CA MET WB 49 13.79 56.07 -20.93
C MET WB 49 14.57 56.77 -22.03
N LYS WB 50 15.89 56.87 -21.88
CA LYS WB 50 16.77 57.36 -22.93
C LYS WB 50 17.58 56.26 -23.58
N VAL WB 51 17.84 55.17 -22.87
CA VAL WB 51 18.58 54.04 -23.39
C VAL WB 51 17.65 52.84 -23.50
N LYS WB 52 18.04 51.87 -24.31
CA LYS WB 52 17.30 50.63 -24.47
C LYS WB 52 18.23 49.44 -24.31
N ALA WB 53 19.18 49.54 -23.39
CA ALA WB 53 20.17 48.49 -23.17
C ALA WB 53 20.11 47.85 -21.80
N ASP WB 54 19.48 48.49 -20.82
CA ASP WB 54 19.25 47.98 -19.46
C ASP WB 54 20.54 47.93 -18.65
N ARG WB 55 21.67 48.19 -19.30
CA ARG WB 55 22.94 48.32 -18.61
C ARG WB 55 23.26 49.75 -18.26
N ASP WB 56 22.79 50.70 -19.08
CA ASP WB 56 23.23 52.09 -19.03
C ASP WB 56 22.20 52.99 -18.37
N GLU WB 57 21.22 52.41 -17.67
CA GLU WB 57 20.20 53.23 -17.02
C GLU WB 57 20.80 54.15 -15.97
N SER WB 58 21.89 53.73 -15.33
CA SER WB 58 22.61 54.57 -14.38
C SER WB 58 23.86 55.20 -14.99
N SER WB 59 24.10 55.01 -16.28
CA SER WB 59 25.31 55.52 -16.91
C SER WB 59 25.26 57.04 -17.02
N PRO WB 60 26.42 57.70 -17.03
CA PRO WB 60 26.43 59.17 -17.15
C PRO WB 60 25.80 59.69 -18.42
N TYR WB 61 25.92 58.98 -19.54
CA TYR WB 61 25.38 59.46 -20.80
C TYR WB 61 23.86 59.53 -20.76
N ALA WB 62 23.21 58.51 -20.19
CA ALA WB 62 21.77 58.53 -20.06
C ALA WB 62 21.30 59.67 -19.17
N ALA WB 63 22.04 59.93 -18.08
CA ALA WB 63 21.70 61.06 -17.23
C ALA WB 63 21.84 62.37 -17.98
N MET WB 64 22.88 62.50 -18.81
CA MET WB 64 23.06 63.73 -19.58
C MET WB 64 21.92 63.94 -20.55
N LEU WB 65 21.52 62.87 -21.26
CA LEU WB 65 20.41 62.98 -22.20
C LEU WB 65 19.11 63.35 -21.48
N ALA WB 66 18.85 62.69 -20.35
CA ALA WB 66 17.66 62.98 -19.57
C ALA WB 66 17.65 64.43 -19.09
N ALA WB 67 18.80 64.93 -18.63
CA ALA WB 67 18.86 66.30 -18.16
C ALA WB 67 18.66 67.28 -19.30
N GLN WB 68 19.18 66.96 -20.50
CA GLN WB 68 18.94 67.83 -21.66
C GLN WB 68 17.46 67.90 -22.00
N ASP WB 69 16.78 66.76 -22.02
CA ASP WB 69 15.35 66.77 -22.33
C ASP WB 69 14.55 67.50 -21.25
N VAL WB 70 14.88 67.27 -19.98
CA VAL WB 70 14.20 67.98 -18.90
C VAL WB 70 14.43 69.48 -19.02
N ALA WB 71 15.65 69.88 -19.37
CA ALA WB 71 15.95 71.30 -19.51
C ALA WB 71 15.16 71.95 -20.64
N GLN WB 72 15.08 71.27 -21.80
CA GLN WB 72 14.34 71.88 -22.90
C GLN WB 72 12.85 71.92 -22.61
N ARG WB 73 12.31 70.90 -21.92
CA ARG WB 73 10.92 70.94 -21.51
C ARG WB 73 10.67 72.07 -20.53
N CYS WB 74 11.57 72.27 -19.58
CA CYS WB 74 11.42 73.37 -18.61
C CYS WB 74 11.49 74.72 -19.31
N LYS WB 75 12.37 74.85 -20.30
CA LYS WB 75 12.47 76.11 -21.04
C LYS WB 75 11.19 76.38 -21.83
N GLU WB 76 10.63 75.36 -22.49
CA GLU WB 76 9.42 75.62 -23.27
C GLU WB 76 8.19 75.79 -22.40
N LEU WB 77 8.28 75.47 -21.11
CA LEU WB 77 7.24 75.78 -20.14
C LEU WB 77 7.55 77.02 -19.31
N GLY WB 78 8.60 77.75 -19.65
CA GLY WB 78 8.91 79.00 -18.98
C GLY WB 78 9.45 78.84 -17.57
N ILE WB 79 10.43 77.94 -17.39
CA ILE WB 79 11.18 77.82 -16.15
C ILE WB 79 12.65 78.03 -16.48
N THR WB 80 13.29 78.94 -15.75
CA THR WB 80 14.64 79.39 -16.08
C THR WB 80 15.69 78.97 -15.07
N ALA WB 81 15.35 78.89 -13.80
CA ALA WB 81 16.29 78.54 -12.74
C ALA WB 81 15.78 77.32 -11.99
N LEU WB 82 16.72 76.58 -11.41
CA LEU WB 82 16.40 75.34 -10.73
C LEU WB 82 17.16 75.23 -9.41
N HIS WB 83 16.46 74.85 -8.35
CA HIS WB 83 17.11 74.34 -7.16
C HIS WB 83 17.39 72.86 -7.33
N ILE WB 84 18.47 72.39 -6.69
CA ILE WB 84 18.95 71.04 -6.88
C ILE WB 84 18.86 70.29 -5.56
N LYS WB 85 18.34 69.08 -5.61
CA LYS WB 85 18.24 68.20 -4.44
C LYS WB 85 18.79 66.83 -4.84
N LEU WB 86 20.06 66.59 -4.59
CA LEU WB 86 20.65 65.29 -4.89
C LEU WB 86 20.21 64.25 -3.89
N ARG WB 87 19.91 63.06 -4.39
CA ARG WB 87 19.41 61.97 -3.57
C ARG WB 87 20.11 60.67 -3.96
N ALA WB 88 20.60 59.96 -2.95
CA ALA WB 88 21.10 58.61 -3.15
C ALA WB 88 19.97 57.63 -2.80
N THR WB 89 20.29 56.34 -2.76
CA THR WB 89 19.28 55.34 -2.43
C THR WB 89 18.75 55.55 -1.02
N GLY WB 90 19.63 55.84 -0.08
CA GLY WB 90 19.21 56.16 1.27
C GLY WB 90 18.74 54.93 2.03
N GLY WB 91 18.07 55.21 3.16
CA GLY WB 91 17.64 54.14 4.03
C GLY WB 91 18.84 53.41 4.62
N ASN WB 92 18.66 52.10 4.82
CA ASN WB 92 19.77 51.26 5.26
C ASN WB 92 20.73 50.93 4.13
N ARG WB 93 20.41 51.31 2.89
CA ARG WB 93 21.24 51.03 1.75
C ARG WB 93 22.23 52.18 1.54
N THR WB 94 22.85 52.21 0.35
CA THR WB 94 23.99 53.09 0.11
C THR WB 94 23.61 54.57 0.24
N LYS WB 95 24.62 55.37 0.59
CA LYS WB 95 24.47 56.81 0.73
C LYS WB 95 25.20 57.59 -0.35
N THR WB 96 26.03 56.94 -1.14
CA THR WB 96 26.77 57.59 -2.21
C THR WB 96 25.86 57.77 -3.42
N PRO WB 97 25.76 58.98 -3.98
CA PRO WB 97 25.00 59.16 -5.22
C PRO WB 97 25.64 58.40 -6.36
N GLY WB 98 24.79 57.97 -7.31
CA GLY WB 98 25.25 57.19 -8.42
C GLY WB 98 26.04 58.02 -9.42
N PRO WB 99 26.52 57.35 -10.48
CA PRO WB 99 27.33 58.05 -11.49
C PRO WB 99 26.56 59.14 -12.23
N GLY WB 100 25.23 59.09 -12.25
CA GLY WB 100 24.46 60.02 -13.04
C GLY WB 100 24.27 61.40 -12.45
N ALA WB 101 24.62 61.60 -11.17
CA ALA WB 101 24.38 62.89 -10.54
C ALA WB 101 25.24 63.97 -11.17
N GLN WB 102 26.54 63.71 -11.29
CA GLN WB 102 27.47 64.70 -11.84
C GLN WB 102 27.09 65.08 -13.26
N SER WB 103 26.85 64.08 -14.11
CA SER WB 103 26.52 64.35 -15.50
C SER WB 103 25.18 65.04 -15.64
N ALA WB 104 24.19 64.64 -14.84
CA ALA WB 104 22.88 65.26 -14.91
C ALA WB 104 22.97 66.74 -14.51
N LEU WB 105 23.68 67.03 -13.43
CA LEU WB 105 23.79 68.43 -12.98
C LEU WB 105 24.60 69.26 -13.97
N ARG WB 106 25.68 68.69 -14.53
CA ARG WB 106 26.47 69.41 -15.51
C ARG WB 106 25.67 69.68 -16.79
N ALA WB 107 24.87 68.71 -17.22
CA ALA WB 107 24.03 68.90 -18.40
C ALA WB 107 22.96 69.94 -18.15
N LEU WB 108 22.40 69.97 -16.94
CA LEU WB 108 21.46 71.04 -16.59
C LEU WB 108 22.15 72.40 -16.64
N ALA WB 109 23.38 72.48 -16.12
CA ALA WB 109 24.08 73.76 -16.08
C ALA WB 109 24.43 74.25 -17.49
N ARG WB 110 24.96 73.37 -18.34
CA ARG WB 110 25.42 73.77 -19.65
C ARG WB 110 24.31 73.88 -20.69
N SER WB 111 23.08 73.51 -20.33
CA SER WB 111 21.96 73.65 -21.24
C SER WB 111 21.22 74.98 -21.09
N GLY WB 112 21.79 75.93 -20.35
CA GLY WB 112 21.21 77.25 -20.20
C GLY WB 112 20.39 77.43 -18.93
N MET WB 113 20.09 76.36 -18.21
CA MET WB 113 19.31 76.49 -16.99
C MET WB 113 20.15 77.09 -15.87
N LYS WB 114 19.57 78.04 -15.16
CA LYS WB 114 20.23 78.65 -14.01
C LYS WB 114 20.12 77.73 -12.80
N ILE WB 115 21.10 77.84 -11.91
CA ILE WB 115 21.23 76.93 -10.76
C ILE WB 115 21.13 77.74 -9.48
N GLY WB 116 20.27 77.30 -8.57
CA GLY WB 116 20.12 77.94 -7.28
C GLY WB 116 20.77 77.16 -6.16
N ARG WB 117 20.01 76.90 -5.10
CA ARG WB 117 20.52 76.14 -3.96
C ARG WB 117 20.71 74.67 -4.33
N ILE WB 118 21.75 74.07 -3.77
CA ILE WB 118 22.05 72.66 -3.94
C ILE WB 118 22.12 72.03 -2.56
N GLU WB 119 21.44 70.90 -2.36
CA GLU WB 119 21.39 70.27 -1.05
C GLU WB 119 21.23 68.78 -1.22
N ASP WB 120 21.82 68.03 -0.28
CA ASP WB 120 21.65 66.58 -0.21
C ASP WB 120 20.39 66.29 0.59
N VAL WB 121 19.52 65.45 0.02
CA VAL WB 121 18.26 65.08 0.66
C VAL WB 121 18.16 63.58 0.77
N THR WB 122 19.30 62.91 0.88
CA THR WB 122 19.31 61.45 1.00
C THR WB 122 18.63 61.04 2.30
N PRO WB 123 17.78 60.01 2.27
CA PRO WB 123 17.12 59.58 3.51
C PRO WB 123 18.09 58.90 4.46
N ILE WB 124 18.44 59.60 5.54
CA ILE WB 124 19.39 59.08 6.54
C ILE WB 124 18.57 58.60 7.74
N PRO WB 125 18.60 57.31 8.07
CA PRO WB 125 17.86 56.85 9.24
C PRO WB 125 18.56 57.25 10.52
N SER WB 126 17.78 57.72 11.50
CA SER WB 126 18.31 57.82 12.86
C SER WB 126 18.66 56.46 13.40
N ASP WB 127 17.96 55.43 12.95
CA ASP WB 127 18.45 54.06 12.76
C ASP WB 127 17.37 53.22 12.09
N SER WB 128 17.80 52.28 11.27
CA SER WB 128 16.96 51.62 10.30
C SER WB 128 16.69 50.18 10.71
N THR WB 129 15.91 49.51 9.87
CA THR WB 129 15.70 48.08 10.02
C THR WB 129 16.94 47.34 9.53
N ARG WB 130 16.87 46.01 9.57
CA ARG WB 130 18.04 45.21 9.22
C ARG WB 130 18.25 45.23 7.70
N ARG WB 131 19.48 45.53 7.30
CA ARG WB 131 19.81 45.60 5.87
C ARG WB 131 19.86 44.20 5.27
N LYS WB 132 19.42 44.10 4.02
CA LYS WB 132 19.30 42.80 3.38
C LYS WB 132 20.67 42.23 3.03
N GLY WB 133 20.75 40.90 3.02
CA GLY WB 133 21.95 40.19 2.67
C GLY WB 133 22.42 39.19 3.69
N GLY WB 134 21.95 39.26 4.94
CA GLY WB 134 22.42 38.38 5.98
C GLY WB 134 23.70 38.90 6.62
N ARG WB 135 24.12 38.22 7.68
CA ARG WB 135 25.29 38.65 8.43
C ARG WB 135 26.60 38.33 7.74
N ARG WB 136 26.58 37.44 6.74
CA ARG WB 136 27.75 37.20 5.93
C ARG WB 136 27.76 38.05 4.67
N GLY WB 137 26.70 38.80 4.42
CA GLY WB 137 26.69 39.76 3.34
C GLY WB 137 26.44 39.13 1.98
N ARG WB 138 26.96 39.82 0.97
CA ARG WB 138 26.79 39.43 -0.42
C ARG WB 138 28.08 38.78 -0.89
N ARG WB 139 28.12 37.46 -0.91
CA ARG WB 139 29.33 36.74 -1.26
C ARG WB 139 29.54 36.74 -2.76
N LEU WB 140 30.67 37.27 -3.21
CA LEU WB 140 30.99 37.33 -4.63
C LEU WB 140 32.45 37.01 -4.90
N MET XB 1 90.66 27.88 44.59
CA MET XB 1 92.10 27.69 44.68
C MET XB 1 92.54 27.52 46.13
N GLN XB 2 93.86 27.54 46.36
CA GLN XB 2 94.45 27.52 47.68
C GLN XB 2 94.05 26.25 48.44
N ASN XB 3 94.58 25.13 47.94
CA ASN XB 3 94.37 23.82 48.53
C ASN XB 3 94.99 23.70 49.91
N ASP XB 4 94.86 22.53 50.55
CA ASP XB 4 95.35 22.35 51.91
C ASP XB 4 96.85 22.65 52.02
N ALA XB 5 97.63 22.27 51.00
CA ALA XB 5 99.06 22.50 51.04
C ALA XB 5 99.41 23.98 50.97
N GLY XB 6 98.53 24.82 50.42
CA GLY XB 6 98.66 26.26 50.48
C GLY XB 6 98.79 26.94 49.12
N GLU XB 7 99.31 26.24 48.12
CA GLU XB 7 99.55 26.86 46.83
C GLU XB 7 98.24 27.19 46.13
N PHE XB 8 98.27 28.26 45.35
CA PHE XB 8 97.08 28.75 44.64
C PHE XB 8 96.89 27.94 43.37
N VAL XB 9 95.93 27.02 43.39
CA VAL XB 9 95.64 26.22 42.20
C VAL XB 9 94.57 26.90 41.35
N ASP XB 10 94.99 27.88 40.55
CA ASP XB 10 94.13 28.57 39.61
C ASP XB 10 94.98 29.33 38.60
N LEU XB 11 94.80 29.06 37.31
CA LEU XB 11 95.74 29.58 36.32
C LEU XB 11 95.59 31.08 36.11
N TYR XB 12 94.47 31.68 36.54
CA TYR XB 12 94.45 33.13 36.72
C TYR XB 12 93.33 33.47 37.68
N VAL XB 13 93.36 34.71 38.17
CA VAL XB 13 92.30 35.27 39.00
C VAL XB 13 91.60 36.35 38.19
N PRO XB 14 90.36 36.16 37.77
CA PRO XB 14 89.69 37.17 36.94
C PRO XB 14 89.37 38.43 37.75
N ARG XB 15 89.22 39.53 37.02
CA ARG XB 15 88.86 40.79 37.65
C ARG XB 15 87.39 40.78 38.06
N LYS XB 16 87.07 41.60 39.05
CA LYS XB 16 85.70 41.81 39.49
C LYS XB 16 85.30 43.23 39.14
N CYS XB 17 84.07 43.39 38.67
CA CYS XB 17 83.54 44.71 38.38
C CYS XB 17 83.58 45.58 39.62
N SER XB 18 84.09 46.80 39.46
CA SER XB 18 84.25 47.69 40.60
C SER XB 18 82.96 48.38 41.02
N ALA XB 19 81.85 48.10 40.32
CA ALA XB 19 80.56 48.67 40.67
C ALA XB 19 79.60 47.61 41.19
N SER XB 20 79.35 46.55 40.43
CA SER XB 20 78.41 45.52 40.80
C SER XB 20 79.07 44.35 41.51
N ASN XB 21 80.39 44.37 41.65
CA ASN XB 21 81.15 43.28 42.29
C ASN XB 21 80.89 41.95 41.57
N ARG XB 22 80.75 42.02 40.25
CA ARG XB 22 80.53 40.84 39.42
C ARG XB 22 81.83 40.44 38.73
N ILE XB 23 81.95 39.16 38.42
CA ILE XB 23 83.14 38.66 37.75
C ILE XB 23 83.08 39.06 36.28
N ILE XB 24 84.17 39.63 35.77
CA ILE XB 24 84.29 39.94 34.35
C ILE XB 24 84.86 38.71 33.66
N GLY XB 25 84.05 38.11 32.78
CA GLY XB 25 84.42 36.83 32.19
C GLY XB 25 85.50 36.98 31.13
N ALA XB 26 85.99 35.82 30.68
CA ALA XB 26 87.04 35.81 29.67
C ALA XB 26 86.54 36.25 28.31
N LYS XB 27 85.28 35.95 27.99
CA LYS XB 27 84.70 36.32 26.72
C LYS XB 27 83.72 37.49 26.83
N ASP XB 28 83.72 38.20 27.96
CA ASP XB 28 82.85 39.35 28.15
C ASP XB 28 83.59 40.57 27.59
N HIS XB 29 83.43 40.79 26.29
CA HIS XB 29 84.14 41.88 25.61
C HIS XB 29 83.44 43.22 25.74
N ALA XB 30 82.26 43.25 26.36
CA ALA XB 30 81.59 44.53 26.59
C ALA XB 30 82.17 45.28 27.77
N SER XB 31 82.96 44.62 28.61
CA SER XB 31 83.50 45.26 29.79
C SER XB 31 84.62 46.24 29.42
N ILE XB 32 84.89 47.17 30.34
CA ILE XB 32 85.94 48.15 30.16
C ILE XB 32 86.82 48.16 31.39
N GLN XB 33 88.01 48.75 31.23
CA GLN XB 33 88.86 49.10 32.37
C GLN XB 33 89.64 50.35 31.96
N MET XB 34 89.12 51.51 32.31
CA MET XB 34 89.78 52.76 31.98
C MET XB 34 90.64 53.22 33.14
N ASN XB 35 91.52 54.16 32.85
CA ASN XB 35 92.38 54.77 33.84
C ASN XB 35 92.00 56.23 33.98
N VAL XB 36 91.90 56.71 35.22
CA VAL XB 36 91.63 58.10 35.51
C VAL XB 36 92.91 58.72 36.06
N ALA XB 37 93.43 59.71 35.36
CA ALA XB 37 94.73 60.30 35.68
C ALA XB 37 94.52 61.46 36.64
N GLU XB 38 94.98 61.32 37.87
CA GLU XB 38 94.92 62.41 38.81
C GLU XB 38 96.12 63.33 38.63
N VAL XB 39 95.99 64.55 39.14
CA VAL XB 39 96.99 65.58 38.95
C VAL XB 39 97.54 65.99 40.31
N ASP XB 40 98.53 66.87 40.29
CA ASP XB 40 99.12 67.37 41.53
C ASP XB 40 98.20 68.40 42.18
N LYS XB 41 98.58 68.79 43.40
CA LYS XB 41 97.71 69.66 44.19
C LYS XB 41 97.78 71.11 43.73
N VAL XB 42 98.96 71.57 43.30
CA VAL XB 42 99.17 73.00 43.11
C VAL XB 42 99.06 73.42 41.66
N THR XB 43 99.60 72.63 40.72
CA THR XB 43 99.64 73.07 39.32
C THR XB 43 98.62 72.37 38.44
N GLY XB 44 97.94 71.34 38.93
CA GLY XB 44 96.93 70.67 38.12
C GLY XB 44 97.47 69.94 36.92
N ARG XB 45 98.72 69.50 36.97
CA ARG XB 45 99.36 68.83 35.85
C ARG XB 45 99.48 67.34 36.14
N PHE XB 46 99.44 66.55 35.06
CA PHE XB 46 99.50 65.10 35.19
C PHE XB 46 100.84 64.67 35.77
N ASN XB 47 100.78 63.83 36.80
CA ASN XB 47 101.97 63.42 37.54
C ASN XB 47 102.37 61.98 37.26
N GLY XB 48 101.76 61.33 36.27
CA GLY XB 48 102.09 59.96 35.96
C GLY XB 48 101.22 58.91 36.62
N GLN XB 49 101.24 58.86 37.96
CA GLN XB 49 100.49 57.84 38.66
C GLN XB 49 98.99 58.14 38.62
N PHE XB 50 98.20 57.08 38.50
CA PHE XB 50 96.77 57.20 38.21
C PHE XB 50 96.02 56.17 39.06
N LYS XB 51 94.76 55.96 38.72
CA LYS XB 51 93.91 55.00 39.42
C LYS XB 51 92.92 54.40 38.44
N THR XB 52 92.59 53.14 38.64
CA THR XB 52 91.88 52.34 37.64
C THR XB 52 90.54 51.86 38.17
N TYR XB 53 89.57 51.78 37.26
CA TYR XB 53 88.23 51.27 37.55
C TYR XB 53 87.91 50.18 36.53
N ALA XB 54 87.09 49.21 36.91
CA ALA XB 54 86.63 48.16 36.02
C ALA XB 54 85.11 48.05 36.09
N ILE XB 55 84.47 48.05 34.92
CA ILE XB 55 83.02 47.96 34.81
C ILE XB 55 82.69 46.77 33.92
N CYS XB 56 81.83 45.89 34.41
CA CYS XB 56 81.42 44.73 33.63
C CYS XB 56 80.46 45.16 32.53
N GLY XB 57 80.25 44.26 31.57
CA GLY XB 57 79.45 44.60 30.41
C GLY XB 57 77.99 44.87 30.74
N ALA XB 58 77.43 44.11 31.68
CA ALA XB 58 76.01 44.20 31.98
C ALA XB 58 75.66 45.57 32.58
N ILE XB 59 76.50 46.07 33.47
CA ILE XB 59 76.25 47.39 34.05
C ILE XB 59 76.34 48.47 32.98
N ARG XB 60 77.35 48.38 32.12
CA ARG XB 60 77.47 49.34 31.03
C ARG XB 60 76.72 48.91 29.78
N ARG XB 61 75.76 47.99 29.90
CA ARG XB 61 74.75 47.73 28.88
C ARG XB 61 73.37 48.18 29.30
N MET XB 62 73.07 48.12 30.60
CA MET XB 62 71.80 48.61 31.12
C MET XB 62 71.77 50.12 31.26
N GLY XB 63 72.91 50.79 31.04
CA GLY XB 63 72.97 52.24 31.07
C GLY XB 63 73.58 52.85 32.31
N GLU XB 64 73.81 52.08 33.36
CA GLU XB 64 74.26 52.62 34.63
C GLU XB 64 75.78 52.72 34.73
N SER XB 65 76.47 52.85 33.61
CA SER XB 65 77.93 52.98 33.65
C SER XB 65 78.34 54.37 34.13
N ASP XB 66 77.66 55.41 33.65
CA ASP XB 66 78.03 56.78 34.02
C ASP XB 66 77.86 57.01 35.50
N ASP XB 67 76.75 56.54 36.08
CA ASP XB 67 76.52 56.68 37.51
C ASP XB 67 77.61 55.96 38.31
N SER XB 68 77.96 54.75 37.89
CA SER XB 68 78.97 53.98 38.62
C SER XB 68 80.33 54.65 38.57
N ILE XB 69 80.74 55.12 37.39
CA ILE XB 69 82.02 55.79 37.25
C ILE XB 69 82.04 57.06 38.09
N LEU XB 70 80.96 57.84 38.05
CA LEU XB 70 80.92 59.07 38.82
C LEU XB 70 80.97 58.79 40.32
N ARG XB 71 80.27 57.76 40.78
CA ARG XB 71 80.31 57.40 42.20
C ARG XB 71 81.70 56.98 42.63
N LEU XB 72 82.37 56.15 41.83
CA LEU XB 72 83.72 55.71 42.18
C LEU XB 72 84.69 56.89 42.19
N ALA XB 73 84.58 57.79 41.21
CA ALA XB 73 85.46 58.95 41.19
C ALA XB 73 85.19 59.86 42.38
N LYS XB 74 83.92 59.99 42.77
CA LYS XB 74 83.57 60.77 43.96
C LYS XB 74 84.18 60.15 45.21
N ALA XB 75 84.01 58.84 45.39
CA ALA XB 75 84.46 58.18 46.61
C ALA XB 75 85.98 58.16 46.69
N ASP XB 76 86.65 58.11 45.54
CA ASP XB 76 88.11 58.12 45.57
C ASP XB 76 88.67 59.52 45.79
N GLY XB 77 87.85 60.56 45.61
CA GLY XB 77 88.28 61.93 45.79
C GLY XB 77 88.56 62.68 44.51
N ILE XB 78 88.35 62.06 43.35
CA ILE XB 78 88.56 62.77 42.07
C ILE XB 78 87.51 63.86 41.89
N VAL XB 79 86.25 63.51 42.11
CA VAL XB 79 85.15 64.46 42.00
C VAL XB 79 84.91 65.10 43.37
N SER XB 80 84.75 66.42 43.39
CA SER XB 80 84.59 67.15 44.63
C SER XB 80 83.29 66.75 45.33
N LYS XB 81 83.30 66.88 46.66
CA LYS XB 81 82.15 66.45 47.45
C LYS XB 81 80.93 67.34 47.23
N ASN XB 82 81.14 68.59 46.81
CA ASN XB 82 80.07 69.52 46.54
C ASN XB 82 79.53 69.39 45.12
N PHE XB 83 79.74 68.25 44.48
CA PHE XB 83 79.25 67.99 43.14
C PHE XB 83 77.73 68.06 43.07
N VAL YB 1 46.80 36.18 49.37
CA VAL YB 1 47.43 37.15 50.25
C VAL YB 1 48.85 36.69 50.58
N ARG YB 2 49.56 37.48 51.35
CA ARG YB 2 50.91 37.11 51.76
C ARG YB 2 50.84 36.11 52.91
N MET YB 3 51.37 34.92 52.67
CA MET YB 3 51.39 33.87 53.68
C MET YB 3 52.78 33.51 54.16
N ASN YB 4 53.82 33.85 53.41
CA ASN YB 4 55.20 33.59 53.80
C ASN YB 4 55.96 34.91 53.71
N VAL YB 5 56.18 35.54 54.86
CA VAL YB 5 56.89 36.81 54.89
C VAL YB 5 58.36 36.61 54.54
N LEU YB 6 58.96 35.54 55.06
CA LEU YB 6 60.37 35.25 54.79
C LEU YB 6 60.61 35.00 53.31
N ALA YB 7 59.70 34.29 52.64
CA ALA YB 7 59.85 34.04 51.22
C ALA YB 7 59.80 35.35 50.43
N ASP YB 8 58.87 36.24 50.78
CA ASP YB 8 58.79 37.53 50.10
C ASP YB 8 60.06 38.34 50.29
N ALA YB 9 60.59 38.37 51.52
CA ALA YB 9 61.83 39.10 51.77
C ALA YB 9 62.99 38.51 50.99
N LEU YB 10 63.09 37.18 50.96
CA LEU YB 10 64.20 36.54 50.27
C LEU YB 10 64.11 36.75 48.76
N LYS YB 11 62.91 36.70 48.20
CA LYS YB 11 62.74 36.98 46.78
C LYS YB 11 63.08 38.43 46.46
N SER YB 12 62.69 39.36 47.33
CA SER YB 12 63.05 40.76 47.13
C SER YB 12 64.56 40.95 47.13
N ILE YB 13 65.24 40.32 48.10
CA ILE YB 13 66.69 40.44 48.18
C ILE YB 13 67.34 39.84 46.94
N ASN YB 14 66.86 38.67 46.50
CA ASN YB 14 67.44 38.03 45.33
C ASN YB 14 67.25 38.86 44.07
N ASN YB 15 66.05 39.43 43.89
CA ASN YB 15 65.81 40.27 42.72
C ASN YB 15 66.67 41.52 42.73
N ALA YB 16 66.77 42.19 43.89
CA ALA YB 16 67.60 43.39 43.96
C ALA YB 16 69.07 43.07 43.78
N GLU YB 17 69.49 41.87 44.19
CA GLU YB 17 70.86 41.43 43.95
C GLU YB 17 71.10 41.18 42.46
N LYS YB 18 70.12 40.54 41.79
CA LYS YB 18 70.27 40.27 40.36
C LYS YB 18 70.27 41.57 39.55
N ARG YB 19 69.56 42.59 40.03
CA ARG YB 19 69.51 43.85 39.30
C ARG YB 19 70.71 44.74 39.60
N GLY YB 20 71.59 44.32 40.51
CA GLY YB 20 72.77 45.10 40.82
C GLY YB 20 72.57 46.25 41.78
N LYS YB 21 71.39 46.35 42.40
CA LYS YB 21 71.13 47.44 43.33
C LYS YB 21 72.02 47.32 44.57
N ARG YB 22 72.39 48.48 45.12
CA ARG YB 22 73.23 48.52 46.30
C ARG YB 22 72.44 48.30 47.58
N GLN YB 23 71.16 48.66 47.60
CA GLN YB 23 70.32 48.51 48.77
C GLN YB 23 68.97 47.94 48.37
N VAL YB 24 68.34 47.24 49.30
CA VAL YB 24 67.02 46.66 49.10
C VAL YB 24 66.16 46.97 50.32
N LEU YB 25 64.89 47.27 50.08
CA LEU YB 25 63.91 47.45 51.13
C LEU YB 25 62.92 46.31 51.11
N ILE YB 26 62.82 45.59 52.22
CA ILE YB 26 61.86 44.49 52.38
C ILE YB 26 60.82 44.94 53.39
N ARG YB 27 59.56 44.91 52.99
CA ARG YB 27 58.56 45.62 53.76
C ARG YB 27 58.16 44.93 55.06
N PRO YB 28 57.66 43.67 55.06
CA PRO YB 28 57.25 43.07 56.33
C PRO YB 28 58.44 42.44 57.02
N CYS YB 29 58.74 42.91 58.23
CA CYS YB 29 59.82 42.34 59.01
C CYS YB 29 59.29 41.37 60.06
N SER YB 30 60.19 40.54 60.57
CA SER YB 30 59.88 39.59 61.62
C SER YB 30 61.18 39.16 62.27
N LYS YB 31 61.06 38.45 63.40
CA LYS YB 31 62.25 37.93 64.06
C LYS YB 31 62.98 36.93 63.19
N VAL YB 32 62.23 36.11 62.44
CA VAL YB 32 62.84 35.11 61.57
C VAL YB 32 63.69 35.78 60.50
N ILE YB 33 63.17 36.85 59.90
CA ILE YB 33 63.92 37.59 58.89
C ILE YB 33 65.20 38.16 59.48
N VAL YB 34 65.10 38.73 60.68
CA VAL YB 34 66.27 39.33 61.32
C VAL YB 34 67.33 38.27 61.59
N ARG YB 35 66.91 37.09 62.07
CA ARG YB 35 67.87 36.02 62.37
C ARG YB 35 68.51 35.49 61.10
N PHE YB 36 67.71 35.29 60.04
CA PHE YB 36 68.24 34.81 58.77
C PHE YB 36 69.25 35.80 58.20
N LEU YB 37 68.90 37.09 58.20
CA LEU YB 37 69.82 38.11 57.72
C LEU YB 37 71.05 38.23 58.60
N THR YB 38 70.90 38.00 59.90
CA THR YB 38 72.07 38.02 60.79
C THR YB 38 73.03 36.89 60.45
N VAL YB 39 72.50 35.70 60.16
CA VAL YB 39 73.35 34.58 59.76
C VAL YB 39 74.05 34.91 58.44
N MET YB 40 73.30 35.44 57.48
CA MET YB 40 73.90 35.80 56.19
C MET YB 40 74.96 36.88 56.34
N MET YB 41 74.74 37.83 57.25
CA MET YB 41 75.69 38.90 57.48
C MET YB 41 76.94 38.41 58.19
N LYS YB 42 76.78 37.48 59.13
CA LYS YB 42 77.93 36.89 59.81
C LYS YB 42 78.76 36.06 58.84
N HIS YB 43 78.12 35.42 57.88
CA HIS YB 43 78.87 34.75 56.83
C HIS YB 43 79.40 35.70 55.77
N GLY YB 44 79.02 36.97 55.82
CA GLY YB 44 79.57 37.97 54.94
C GLY YB 44 78.89 38.13 53.59
N TYR YB 45 77.78 37.45 53.37
CA TYR YB 45 77.12 37.55 52.07
C TYR YB 45 76.39 38.88 51.89
N ILE YB 46 75.99 39.52 52.98
CA ILE YB 46 75.35 40.83 52.92
C ILE YB 46 76.09 41.76 53.86
N GLY YB 47 75.82 43.05 53.71
CA GLY YB 47 76.40 44.07 54.57
C GLY YB 47 75.52 44.34 55.77
N GLU YB 48 75.80 45.46 56.44
CA GLU YB 48 74.98 45.88 57.55
C GLU YB 48 73.58 46.26 57.07
N PHE YB 49 72.57 45.80 57.81
CA PHE YB 49 71.20 46.14 57.50
C PHE YB 49 70.60 46.89 58.68
N GLU YB 50 69.67 47.79 58.39
CA GLU YB 50 69.07 48.66 59.38
C GLU YB 50 67.56 48.51 59.35
N ILE YB 51 66.95 48.47 60.53
CA ILE YB 51 65.52 48.23 60.67
C ILE YB 51 64.84 49.57 60.94
N ILE YB 52 63.85 49.91 60.12
CA ILE YB 52 63.04 51.09 60.35
C ILE YB 52 61.85 50.69 61.21
N ASP YB 53 61.76 51.27 62.40
CA ASP YB 53 60.77 50.86 63.39
C ASP YB 53 59.58 51.81 63.33
N ASP YB 54 58.55 51.41 62.60
CA ASP YB 54 57.22 51.99 62.75
C ASP YB 54 56.43 51.16 63.74
N HIS YB 55 55.29 51.70 64.17
CA HIS YB 55 54.50 50.99 65.18
C HIS YB 55 53.83 49.75 64.63
N ARG YB 56 53.85 49.55 63.31
CA ARG YB 56 53.45 48.29 62.70
C ARG YB 56 54.66 47.37 62.64
N ALA YB 57 54.57 46.29 61.86
CA ALA YB 57 55.76 45.51 61.54
C ALA YB 57 56.75 46.39 60.80
N GLY YB 58 58.00 46.36 61.23
CA GLY YB 58 59.00 47.27 60.70
C GLY YB 58 59.41 46.93 59.29
N LYS YB 59 60.22 47.81 58.72
CA LYS YB 59 60.84 47.61 57.43
C LYS YB 59 62.35 47.51 57.62
N ILE YB 60 63.02 46.84 56.69
CA ILE YB 60 64.46 46.62 56.76
C ILE YB 60 65.08 47.14 55.48
N VAL YB 61 66.20 47.85 55.60
CA VAL YB 61 67.02 48.25 54.48
C VAL YB 61 68.35 47.52 54.61
N VAL YB 62 68.69 46.72 53.59
CA VAL YB 62 69.87 45.87 53.62
C VAL YB 62 70.90 46.41 52.64
N ASN YB 63 72.15 46.46 53.07
CA ASN YB 63 73.25 46.81 52.19
C ASN YB 63 73.70 45.55 51.45
N LEU YB 64 73.60 45.57 50.13
CA LEU YB 64 73.98 44.42 49.32
C LEU YB 64 75.44 44.55 48.90
N THR YB 65 76.23 43.52 49.19
CA THR YB 65 77.65 43.52 48.91
C THR YB 65 78.01 42.98 47.52
N GLY YB 66 77.05 42.45 46.79
CA GLY YB 66 77.30 41.97 45.44
C GLY YB 66 77.85 40.56 45.35
N ARG YB 67 78.02 39.87 46.47
CA ARG YB 67 78.60 38.54 46.48
C ARG YB 67 77.58 37.46 46.85
N LEU YB 68 76.32 37.65 46.44
CA LEU YB 68 75.26 36.68 46.69
C LEU YB 68 74.75 36.16 45.35
N ASN YB 69 74.66 34.83 45.22
CA ASN YB 69 74.16 34.20 44.01
C ASN YB 69 72.67 33.89 44.09
N LYS YB 70 72.22 33.34 45.21
CA LYS YB 70 70.83 32.97 45.41
C LYS YB 70 70.57 32.89 46.90
N CYS YB 71 69.40 33.36 47.32
CA CYS YB 71 69.00 33.35 48.72
C CYS YB 71 67.58 32.82 48.85
N GLY YB 72 67.31 31.69 48.19
CA GLY YB 72 65.98 31.14 48.13
C GLY YB 72 65.49 30.61 49.47
N VAL YB 73 64.26 30.09 49.43
CA VAL YB 73 63.56 29.61 50.62
C VAL YB 73 63.01 28.22 50.32
N ILE YB 74 62.87 27.43 51.37
CA ILE YB 74 62.16 26.16 51.31
C ILE YB 74 60.83 26.40 52.00
N SER YB 75 59.77 26.57 51.21
CA SER YB 75 58.55 27.18 51.75
C SER YB 75 57.83 26.28 52.77
N PRO YB 76 57.52 25.00 52.49
CA PRO YB 76 57.01 24.17 53.58
C PRO YB 76 58.15 23.80 54.52
N ARG YB 77 58.05 24.21 55.78
CA ARG YB 77 59.17 24.03 56.72
C ARG YB 77 59.25 22.56 57.10
N PHE YB 78 59.92 21.80 56.24
CA PHE YB 78 60.09 20.38 56.46
C PHE YB 78 60.92 20.12 57.71
N ASP YB 79 60.60 19.04 58.40
CA ASP YB 79 61.40 18.61 59.53
C ASP YB 79 62.68 17.97 59.00
N VAL YB 80 63.83 18.42 59.49
CA VAL YB 80 65.11 17.93 59.02
C VAL YB 80 65.83 17.26 60.18
N GLN YB 81 65.98 15.94 60.09
CA GLN YB 81 66.78 15.20 61.05
C GLN YB 81 68.24 15.20 60.60
N LEU YB 82 69.14 15.03 61.56
CA LEU YB 82 70.56 15.00 61.25
C LEU YB 82 70.95 13.82 60.37
N LYS YB 83 70.18 12.74 60.41
CA LYS YB 83 70.49 11.58 59.58
C LYS YB 83 70.27 11.87 58.09
N ASP YB 84 69.31 12.74 57.76
CA ASP YB 84 69.03 13.08 56.37
C ASP YB 84 69.40 14.52 56.01
N LEU YB 85 70.24 15.18 56.81
CA LEU YB 85 70.67 16.53 56.47
C LEU YB 85 71.58 16.54 55.25
N GLU YB 86 72.33 15.46 55.02
CA GLU YB 86 73.26 15.42 53.91
C GLU YB 86 72.53 15.45 52.56
N LYS YB 87 71.37 14.79 52.47
CA LYS YB 87 70.62 14.79 51.22
C LYS YB 87 70.11 16.19 50.88
N TRP YB 88 69.62 16.92 51.88
CA TRP YB 88 69.26 18.32 51.64
C TRP YB 88 70.50 19.13 51.28
N GLN YB 89 71.62 18.85 51.94
CA GLN YB 89 72.85 19.61 51.73
C GLN YB 89 73.35 19.48 50.30
N ASN YB 90 73.31 18.27 49.75
CA ASN YB 90 73.78 18.10 48.37
C ASN YB 90 72.66 18.22 47.34
N ASN YB 91 71.41 18.41 47.76
CA ASN YB 91 70.36 18.77 46.81
C ASN YB 91 70.23 20.28 46.62
N LEU YB 92 70.57 21.06 47.65
CA LEU YB 92 70.39 22.50 47.57
C LEU YB 92 71.68 23.28 47.34
N LEU YB 93 72.81 22.74 47.70
CA LEU YB 93 74.00 23.59 47.65
C LEU YB 93 74.77 23.39 46.35
N PRO YB 94 75.36 24.46 45.82
CA PRO YB 94 76.15 24.34 44.60
C PRO YB 94 77.36 23.43 44.73
N SER YB 95 78.01 23.42 45.89
CA SER YB 95 79.17 22.56 46.11
C SER YB 95 79.35 22.38 47.61
N ARG YB 96 80.26 21.49 47.98
CA ARG YB 96 80.56 21.25 49.38
C ARG YB 96 81.56 22.22 49.96
N GLN YB 97 82.18 23.07 49.13
CA GLN YB 97 83.18 24.01 49.60
C GLN YB 97 82.57 25.30 50.11
N PHE YB 98 81.35 25.63 49.72
CA PHE YB 98 80.70 26.84 50.16
C PHE YB 98 79.19 26.64 50.09
N GLY YB 99 78.45 27.71 50.35
CA GLY YB 99 77.01 27.63 50.39
C GLY YB 99 76.53 27.14 51.73
N PHE YB 100 75.42 27.70 52.22
CA PHE YB 100 74.91 27.34 53.54
C PHE YB 100 73.40 27.15 53.48
N ILE YB 101 72.91 26.33 54.39
CA ILE YB 101 71.48 26.05 54.51
C ILE YB 101 71.05 26.43 55.91
N VAL YB 102 70.16 27.41 56.01
CA VAL YB 102 69.67 27.90 57.29
C VAL YB 102 68.40 27.12 57.64
N LEU YB 103 68.40 26.52 58.83
CA LEU YB 103 67.23 25.82 59.34
C LEU YB 103 67.04 26.23 60.79
N THR YB 104 65.79 26.41 61.19
CA THR YB 104 65.50 26.77 62.57
C THR YB 104 65.59 25.53 63.45
N THR YB 105 66.34 25.64 64.54
CA THR YB 105 66.59 24.53 65.44
C THR YB 105 66.09 24.90 66.83
N SER YB 106 66.05 23.90 67.71
CA SER YB 106 65.63 24.15 69.08
C SER YB 106 66.60 25.09 69.79
N ALA YB 107 67.87 25.10 69.38
CA ALA YB 107 68.85 25.99 69.96
C ALA YB 107 68.89 27.36 69.29
N GLY YB 108 68.14 27.56 68.21
CA GLY YB 108 68.12 28.84 67.52
C GLY YB 108 68.17 28.71 66.02
N ILE YB 109 68.19 29.83 65.32
CA ILE YB 109 68.30 29.85 63.86
C ILE YB 109 69.77 29.93 63.49
N MET YB 110 70.23 28.98 62.67
CA MET YB 110 71.64 28.84 62.38
C MET YB 110 71.81 27.94 61.17
N ASP YB 111 72.94 28.07 60.50
CA ASP YB 111 73.22 27.32 59.29
C ASP YB 111 73.48 25.84 59.61
N HIS YB 112 73.57 25.04 58.55
CA HIS YB 112 73.63 23.59 58.72
C HIS YB 112 74.91 23.12 59.38
N GLU YB 113 76.03 23.81 59.13
CA GLU YB 113 77.28 23.41 59.76
C GLU YB 113 77.23 23.60 61.27
N GLU YB 114 76.69 24.74 61.72
CA GLU YB 114 76.53 24.95 63.15
C GLU YB 114 75.47 24.02 63.72
N ALA YB 115 74.48 23.65 62.91
CA ALA YB 115 73.49 22.67 63.34
C ALA YB 115 74.14 21.31 63.61
N ARG YB 116 75.04 20.88 62.73
CA ARG YB 116 75.72 19.62 62.94
C ARG YB 116 76.75 19.71 64.05
N ARG YB 117 77.35 20.89 64.26
CA ARG YB 117 78.39 21.03 65.25
C ARG YB 117 77.87 20.78 66.66
N LYS YB 118 76.67 21.27 66.96
CA LYS YB 118 76.08 21.07 68.28
C LYS YB 118 75.01 19.99 68.29
N HIS YB 119 74.92 19.20 67.21
CA HIS YB 119 74.17 17.95 67.18
C HIS YB 119 72.67 18.17 67.48
N THR YB 120 72.01 18.88 66.56
CA THR YB 120 70.57 19.03 66.65
C THR YB 120 69.98 19.13 65.25
N GLY YB 121 68.74 18.67 65.12
CA GLY YB 121 67.98 18.84 63.91
C GLY YB 121 67.07 20.05 63.98
N GLY YB 122 66.02 20.03 63.17
CA GLY YB 122 65.06 21.11 63.20
C GLY YB 122 64.21 21.23 61.96
N LYS YB 123 63.62 22.41 61.77
CA LYS YB 123 62.78 22.71 60.63
C LYS YB 123 63.55 23.54 59.62
N ILE YB 124 63.43 23.19 58.34
CA ILE YB 124 64.16 23.89 57.30
C ILE YB 124 63.59 25.28 57.10
N LEU YB 125 64.47 26.25 56.88
CA LEU YB 125 64.06 27.63 56.58
C LEU YB 125 64.40 28.02 55.16
N GLY YB 126 65.66 27.93 54.77
CA GLY YB 126 66.05 28.32 53.43
C GLY YB 126 67.51 28.04 53.20
N PHE YB 127 68.02 28.62 52.12
CA PHE YB 127 69.41 28.41 51.74
C PHE YB 127 69.93 29.68 51.08
N PHE YB 128 71.25 29.83 51.08
CA PHE YB 128 71.88 30.94 50.40
C PHE YB 128 73.30 30.54 50.02
N PHE YB 129 73.76 31.05 48.89
CA PHE YB 129 75.11 30.78 48.43
C PHE YB 129 75.59 31.84 47.45
N GLY ZB 1 49.61 25.89 39.59
CA GLY ZB 1 50.65 25.32 40.43
C GLY ZB 1 50.19 24.10 41.21
N LYS ZB 2 51.06 23.60 42.07
CA LYS ZB 2 50.77 22.44 42.90
C LYS ZB 2 50.80 22.82 44.37
N CYS ZB 3 49.98 22.14 45.17
CA CYS ZB 3 49.96 22.37 46.61
C CYS ZB 3 51.24 21.86 47.24
N ARG ZB 4 51.70 22.57 48.28
CA ARG ZB 4 52.97 22.25 48.92
C ARG ZB 4 52.84 22.18 50.44
N GLY ZB 5 51.61 22.15 50.96
CA GLY ZB 5 51.44 22.14 52.39
C GLY ZB 5 51.93 20.86 53.03
N LEU ZB 6 52.16 20.93 54.35
CA LEU ZB 6 52.70 19.80 55.07
C LEU ZB 6 51.71 18.65 55.18
N ARG ZB 7 50.42 18.94 55.19
CA ARG ZB 7 49.39 17.92 55.33
C ARG ZB 7 48.53 17.85 54.08
N THR ZB 8 49.17 17.92 52.92
CA THR ZB 8 48.52 17.80 51.63
C THR ZB 8 48.82 16.47 50.94
N ALA ZB 9 49.38 15.50 51.67
CA ALA ZB 9 49.82 14.26 51.03
C ALA ZB 9 48.66 13.46 50.49
N ARG ZB 10 47.49 13.56 51.13
CA ARG ZB 10 46.32 12.84 50.65
C ARG ZB 10 45.93 13.31 49.25
N LYS ZB 11 45.88 14.63 49.05
CA LYS ZB 11 45.54 15.16 47.73
C LYS ZB 11 46.61 14.82 46.71
N LEU ZB 12 47.88 14.86 47.11
CA LEU ZB 12 48.96 14.54 46.18
C LEU ZB 12 48.87 13.09 45.71
N ARG ZB 13 48.72 12.16 46.65
CA ARG ZB 13 48.64 10.75 46.26
C ARG ZB 13 47.34 10.45 45.51
N SER ZB 14 46.24 11.12 45.85
CA SER ZB 14 45.00 10.92 45.09
C SER ZB 14 45.14 11.43 43.67
N HIS ZB 15 45.78 12.58 43.49
CA HIS ZB 15 45.97 13.12 42.14
C HIS ZB 15 46.93 12.26 41.34
N ARG ZB 16 47.96 11.71 41.99
CA ARG ZB 16 48.85 10.77 41.29
C ARG ZB 16 48.11 9.52 40.86
N ARG ZB 17 47.34 8.89 41.76
CA ARG ZB 17 46.67 7.66 41.37
C ARG ZB 17 45.48 7.91 40.45
N ASP ZB 18 45.01 9.15 40.35
CA ASP ZB 18 44.00 9.47 39.34
C ASP ZB 18 44.64 9.73 37.99
N GLN ZB 19 45.70 10.53 37.95
CA GLN ZB 19 46.37 10.85 36.70
C GLN ZB 19 47.15 9.68 36.14
N LYS ZB 20 47.41 8.65 36.95
CA LYS ZB 20 48.14 7.48 36.45
C LYS ZB 20 47.31 6.64 35.49
N TRP ZB 21 46.02 6.91 35.36
CA TRP ZB 21 45.18 6.17 34.43
C TRP ZB 21 45.19 6.77 33.04
N HIS ZB 22 46.02 7.76 32.76
CA HIS ZB 22 45.99 8.48 31.49
C HIS ZB 22 47.16 8.15 30.57
N ASP ZB 23 48.13 7.36 31.03
CA ASP ZB 23 49.17 6.86 30.14
C ASP ZB 23 48.84 5.42 29.74
N LYS ZB 24 49.23 5.07 28.53
CA LYS ZB 24 48.75 3.82 27.93
C LYS ZB 24 49.32 2.60 28.65
N GLN ZB 25 50.56 2.69 29.14
CA GLN ZB 25 51.19 1.54 29.77
C GLN ZB 25 50.48 1.15 31.06
N TYR ZB 26 50.22 2.13 31.94
CA TYR ZB 26 49.54 1.84 33.20
C TYR ZB 26 48.12 1.34 32.95
N LYS ZB 27 47.40 1.98 32.04
CA LYS ZB 27 46.04 1.55 31.72
C LYS ZB 27 46.02 0.12 31.19
N LYS ZB 28 46.95 -0.20 30.29
CA LYS ZB 28 47.06 -1.56 29.75
C LYS ZB 28 47.38 -2.56 30.84
N ALA ZB 29 48.34 -2.24 31.71
CA ALA ZB 29 48.82 -3.22 32.69
C ALA ZB 29 47.92 -3.34 33.92
N HIS ZB 30 47.01 -2.38 34.14
CA HIS ZB 30 46.19 -2.41 35.35
C HIS ZB 30 44.70 -2.40 35.08
N LEU ZB 31 44.26 -2.35 33.82
CA LEU ZB 31 42.83 -2.41 33.55
C LEU ZB 31 42.33 -3.85 33.47
N GLY ZB 32 43.12 -4.74 32.89
CA GLY ZB 32 42.75 -6.13 32.77
C GLY ZB 32 42.03 -6.48 31.48
N THR ZB 33 41.60 -5.49 30.70
CA THR ZB 33 40.94 -5.79 29.44
C THR ZB 33 41.95 -6.19 28.37
N ALA ZB 34 43.18 -5.67 28.44
CA ALA ZB 34 44.22 -6.10 27.52
C ALA ZB 34 44.64 -7.53 27.80
N LEU ZB 35 44.59 -7.94 29.07
CA LEU ZB 35 44.88 -9.33 29.41
C LEU ZB 35 43.84 -10.26 28.82
N LYS ZB 36 42.56 -9.87 28.86
CA LYS ZB 36 41.50 -10.72 28.30
C LYS ZB 36 41.56 -10.75 26.78
N ALA ZB 37 41.77 -9.58 26.16
CA ALA ZB 37 41.82 -9.52 24.70
C ALA ZB 37 43.04 -10.22 24.12
N ASN ZB 38 44.11 -10.37 24.89
CA ASN ZB 38 45.31 -11.03 24.41
C ASN ZB 38 45.07 -12.54 24.27
N PRO ZB 39 45.27 -13.12 23.08
CA PRO ZB 39 45.05 -14.57 22.95
C PRO ZB 39 45.96 -15.40 23.83
N PHE ZB 40 47.19 -14.96 24.07
CA PHE ZB 40 48.10 -15.72 24.91
C PHE ZB 40 47.70 -15.72 26.37
N GLY ZB 41 46.97 -14.70 26.81
CA GLY ZB 41 46.56 -14.62 28.20
C GLY ZB 41 47.71 -14.46 29.17
N GLY ZB 42 48.66 -13.59 28.87
CA GLY ZB 42 49.77 -13.36 29.76
C GLY ZB 42 50.84 -14.43 29.72
N ALA ZB 43 50.83 -15.27 28.68
CA ALA ZB 43 51.84 -16.30 28.49
C ALA ZB 43 52.85 -15.85 27.44
N SER ZB 44 54.13 -16.16 27.68
CA SER ZB 44 55.15 -15.79 26.71
C SER ZB 44 55.03 -16.60 25.43
N HIS ZB 45 54.69 -17.89 25.56
CA HIS ZB 45 54.54 -18.78 24.42
C HIS ZB 45 53.18 -19.45 24.51
N ALA ZB 46 52.81 -20.15 23.42
CA ALA ZB 46 51.58 -20.92 23.40
C ALA ZB 46 51.71 -22.00 22.34
N LYS ZB 47 50.84 -23.00 22.45
CA LYS ZB 47 50.78 -24.10 21.50
C LYS ZB 47 49.46 -24.06 20.75
N GLY ZB 48 49.50 -24.49 19.49
CA GLY ZB 48 48.29 -24.49 18.68
C GLY ZB 48 48.40 -25.46 17.53
N ILE ZB 49 47.25 -25.73 16.93
CA ILE ZB 49 47.13 -26.65 15.81
C ILE ZB 49 47.02 -25.82 14.54
N VAL ZB 50 47.80 -26.18 13.52
CA VAL ZB 50 47.80 -25.43 12.27
C VAL ZB 50 46.48 -25.68 11.55
N LEU ZB 51 45.63 -24.65 11.50
CA LEU ZB 51 44.36 -24.77 10.78
C LEU ZB 51 44.57 -24.67 9.28
N GLU ZB 52 45.51 -23.84 8.85
CA GLU ZB 52 45.64 -23.48 7.45
C GLU ZB 52 46.97 -22.78 7.25
N LYS ZB 53 47.40 -22.71 5.98
CA LYS ZB 53 48.56 -21.92 5.59
C LYS ZB 53 48.07 -20.77 4.73
N VAL ZB 54 48.42 -19.54 5.12
CA VAL ZB 54 47.90 -18.35 4.48
C VAL ZB 54 49.05 -17.48 4.00
N GLY ZB 55 48.77 -16.68 2.98
CA GLY ZB 55 49.73 -15.72 2.46
C GLY ZB 55 49.24 -14.31 2.72
N VAL ZB 56 50.11 -13.49 3.32
CA VAL ZB 56 49.78 -12.14 3.73
C VAL ZB 56 50.62 -11.17 2.91
N GLU ZB 57 49.96 -10.22 2.26
CA GLU ZB 57 50.66 -9.20 1.49
C GLU ZB 57 51.48 -8.30 2.40
N ALA ZB 58 52.51 -7.68 1.83
CA ALA ZB 58 53.28 -6.69 2.57
C ALA ZB 58 52.51 -5.37 2.64
N LYS ZB 59 53.17 -4.34 3.16
CA LYS ZB 59 52.56 -3.02 3.26
C LYS ZB 59 52.70 -2.31 1.91
N GLN ZB 60 52.37 -1.02 1.89
CA GLN ZB 60 52.47 -0.24 0.66
C GLN ZB 60 53.89 -0.13 0.12
N PRO ZB 61 54.91 0.28 0.90
CA PRO ZB 61 56.23 0.47 0.28
C PRO ZB 61 56.91 -0.83 -0.12
N ASN ZB 62 56.54 -1.94 0.50
CA ASN ZB 62 57.11 -3.23 0.14
C ASN ZB 62 56.15 -4.01 -0.76
N SER ZB 63 56.62 -5.12 -1.29
CA SER ZB 63 55.81 -5.98 -2.14
C SER ZB 63 56.34 -7.40 -2.00
N ALA ZB 64 55.70 -8.17 -1.14
CA ALA ZB 64 56.09 -9.55 -0.91
C ALA ZB 64 54.93 -10.28 -0.26
N ILE ZB 65 54.96 -11.61 -0.36
CA ILE ZB 65 53.97 -12.46 0.27
C ILE ZB 65 54.61 -13.04 1.52
N ARG ZB 66 54.17 -12.57 2.68
CA ARG ZB 66 54.68 -13.13 3.93
C ARG ZB 66 53.95 -14.43 4.23
N LYS ZB 67 54.73 -15.48 4.47
CA LYS ZB 67 54.17 -16.82 4.63
C LYS ZB 67 53.79 -17.03 6.09
N CYS ZB 68 52.49 -17.16 6.34
CA CYS ZB 68 51.96 -17.30 7.68
C CYS ZB 68 51.07 -18.52 7.74
N VAL ZB 69 50.68 -18.90 8.96
CA VAL ZB 69 49.79 -20.02 9.20
C VAL ZB 69 48.70 -19.57 10.17
N ARG ZB 70 47.46 -19.95 9.88
CA ARG ZB 70 46.37 -19.71 10.81
C ARG ZB 70 46.36 -20.80 11.86
N VAL ZB 71 46.53 -20.43 13.12
CA VAL ZB 71 46.75 -21.37 14.21
C VAL ZB 71 45.66 -21.19 15.24
N GLN ZB 72 45.05 -22.30 15.65
CA GLN ZB 72 44.07 -22.30 16.73
C GLN ZB 72 44.73 -22.82 17.99
N LEU ZB 73 44.75 -22.00 19.04
CA LEU ZB 73 45.48 -22.35 20.25
C LEU ZB 73 44.77 -23.45 21.02
N ILE ZB 74 45.55 -24.34 21.62
CA ILE ZB 74 44.98 -25.49 22.34
C ILE ZB 74 44.19 -25.00 23.54
N LYS ZB 75 44.78 -24.14 24.36
CA LYS ZB 75 44.04 -23.48 25.42
C LYS ZB 75 43.17 -22.39 24.81
N ASN ZB 76 41.98 -22.20 25.40
CA ASN ZB 76 41.03 -21.11 25.14
C ASN ZB 76 40.56 -21.05 23.69
N GLY ZB 77 41.00 -21.98 22.86
CA GLY ZB 77 40.44 -22.18 21.52
C GLY ZB 77 40.46 -20.98 20.61
N LYS ZB 78 41.38 -20.04 20.81
CA LYS ZB 78 41.41 -18.84 19.98
C LYS ZB 78 42.23 -19.08 18.71
N LYS ZB 79 41.83 -18.41 17.64
CA LYS ZB 79 42.48 -18.54 16.34
C LYS ZB 79 43.34 -17.31 16.08
N ILE ZB 80 44.63 -17.53 15.80
CA ILE ZB 80 45.57 -16.45 15.54
C ILE ZB 80 46.33 -16.78 14.25
N THR ZB 81 46.94 -15.74 13.69
CA THR ZB 81 47.80 -15.86 12.52
C THR ZB 81 49.23 -15.60 12.95
N ALA ZB 82 50.12 -16.56 12.69
CA ALA ZB 82 51.50 -16.50 13.13
C ALA ZB 82 52.43 -16.60 11.93
N PHE ZB 83 53.46 -15.76 11.92
CA PHE ZB 83 54.41 -15.73 10.82
C PHE ZB 83 55.39 -16.90 10.93
N VAL ZB 84 55.93 -17.32 9.78
CA VAL ZB 84 56.92 -18.39 9.74
C VAL ZB 84 58.23 -17.80 9.26
N PRO ZB 85 59.15 -17.46 10.17
CA PRO ZB 85 60.26 -16.53 9.86
C PRO ZB 85 61.56 -17.15 9.37
N ASN ZB 86 61.56 -17.65 8.13
CA ASN ZB 86 62.80 -17.95 7.41
C ASN ZB 86 62.46 -18.20 5.94
N ASP ZB 87 63.46 -18.62 5.17
CA ASP ZB 87 63.35 -18.66 3.71
C ASP ZB 87 62.41 -19.76 3.24
N GLY ZB 88 62.55 -20.97 3.79
CA GLY ZB 88 61.77 -22.09 3.29
C GLY ZB 88 61.06 -22.87 4.37
N CYS ZB 89 60.83 -22.24 5.52
CA CYS ZB 89 60.25 -22.96 6.64
C CYS ZB 89 58.74 -23.17 6.51
N LEU ZB 90 58.10 -22.61 5.48
CA LEU ZB 90 56.69 -22.93 5.27
C LEU ZB 90 56.51 -24.36 4.79
N ASN ZB 91 57.52 -24.92 4.12
CA ASN ZB 91 57.45 -26.31 3.68
C ASN ZB 91 57.42 -27.27 4.86
N PHE ZB 92 58.18 -26.99 5.91
CA PHE ZB 92 58.17 -27.81 7.11
C PHE ZB 92 56.83 -27.79 7.85
N ILE ZB 93 55.99 -26.79 7.57
CA ILE ZB 93 54.66 -26.69 8.16
C ILE ZB 93 53.69 -27.43 7.27
N GLU ZB 94 52.92 -28.34 7.86
CA GLU ZB 94 51.78 -28.95 7.18
C GLU ZB 94 50.56 -28.84 8.07
N GLU ZB 95 49.45 -29.39 7.60
CA GLU ZB 95 48.20 -29.32 8.35
C GLU ZB 95 48.30 -30.10 9.65
N ASN ZB 96 47.50 -29.68 10.64
CA ASN ZB 96 47.32 -30.37 11.90
C ASN ZB 96 48.62 -30.50 12.70
N ASP ZB 97 49.55 -29.58 12.52
CA ASP ZB 97 50.77 -29.60 13.32
C ASP ZB 97 50.58 -28.85 14.63
N GLU ZB 98 51.12 -29.41 15.70
CA GLU ZB 98 51.11 -28.76 17.00
C GLU ZB 98 52.33 -27.85 17.05
N VAL ZB 99 52.13 -26.57 16.75
CA VAL ZB 99 53.22 -25.61 16.67
C VAL ZB 99 53.31 -24.83 17.97
N LEU ZB 100 54.51 -24.35 18.28
CA LEU ZB 100 54.75 -23.43 19.38
C LEU ZB 100 54.95 -22.04 18.82
N VAL ZB 101 54.15 -21.08 19.27
CA VAL ZB 101 54.21 -19.71 18.80
C VAL ZB 101 54.57 -18.79 19.95
N ALA ZB 102 55.43 -17.82 19.68
CA ALA ZB 102 55.85 -16.81 20.62
C ALA ZB 102 55.45 -15.44 20.11
N GLY ZB 103 55.78 -14.41 20.89
CA GLY ZB 103 55.55 -13.06 20.44
C GLY ZB 103 56.40 -12.71 19.22
N PHE ZB 104 55.95 -11.70 18.49
CA PHE ZB 104 56.60 -11.34 17.24
C PHE ZB 104 57.49 -10.11 17.37
N GLY ZB 105 57.67 -9.61 18.60
CA GLY ZB 105 58.73 -8.65 18.84
C GLY ZB 105 58.43 -7.45 19.73
N ARG ZB 106 57.22 -6.91 19.67
CA ARG ZB 106 56.93 -5.64 20.34
C ARG ZB 106 55.58 -5.69 21.05
N LYS ZB 107 55.33 -6.79 21.75
CA LYS ZB 107 54.29 -6.87 22.78
C LYS ZB 107 52.89 -6.61 22.23
N GLY ZB 108 52.45 -7.51 21.35
CA GLY ZB 108 51.11 -7.42 20.82
C GLY ZB 108 50.90 -6.36 19.76
N HIS ZB 109 51.97 -5.88 19.14
CA HIS ZB 109 51.89 -4.89 18.09
C HIS ZB 109 52.46 -5.48 16.81
N ALA ZB 110 51.87 -5.10 15.68
CA ALA ZB 110 52.35 -5.57 14.38
C ALA ZB 110 53.75 -5.06 14.10
N VAL ZB 111 54.57 -5.91 13.49
CA VAL ZB 111 55.98 -5.63 13.26
C VAL ZB 111 56.22 -5.57 11.76
N GLY ZB 112 56.92 -4.53 11.30
CA GLY ZB 112 57.37 -4.47 9.93
C GLY ZB 112 56.23 -4.32 8.94
N ASP ZB 113 56.46 -4.84 7.73
CA ASP ZB 113 55.53 -4.70 6.63
C ASP ZB 113 54.39 -5.71 6.68
N ILE ZB 114 54.30 -6.51 7.74
CA ILE ZB 114 53.29 -7.55 7.85
C ILE ZB 114 52.10 -6.97 8.61
N PRO ZB 115 50.93 -6.82 7.99
CA PRO ZB 115 49.80 -6.17 8.66
C PRO ZB 115 49.06 -7.13 9.59
N GLY ZB 116 48.89 -6.70 10.83
CA GLY ZB 116 48.05 -7.42 11.77
C GLY ZB 116 48.52 -8.82 12.13
N VAL ZB 117 49.83 -9.02 12.20
CA VAL ZB 117 50.40 -10.29 12.62
C VAL ZB 117 51.28 -10.01 13.84
N ARG ZB 118 50.97 -10.68 14.95
CA ARG ZB 118 51.63 -10.39 16.22
C ARG ZB 118 52.28 -11.63 16.83
N PHE ZB 119 52.41 -12.71 16.07
CA PHE ZB 119 53.02 -13.93 16.56
C PHE ZB 119 53.90 -14.55 15.48
N LYS ZB 120 54.85 -15.37 15.90
CA LYS ZB 120 55.69 -16.11 14.98
C LYS ZB 120 55.91 -17.52 15.51
N VAL ZB 121 56.10 -18.45 14.58
CA VAL ZB 121 56.26 -19.85 14.92
C VAL ZB 121 57.70 -20.10 15.35
N VAL ZB 122 57.86 -20.80 16.47
CA VAL ZB 122 59.17 -21.17 16.98
C VAL ZB 122 59.46 -22.65 16.74
N LYS ZB 123 58.52 -23.51 17.09
CA LYS ZB 123 58.68 -24.95 16.93
C LYS ZB 123 57.47 -25.51 16.21
N VAL ZB 124 57.69 -26.59 15.45
CA VAL ZB 124 56.64 -27.36 14.82
C VAL ZB 124 56.89 -28.84 15.10
N ALA ZB 125 55.84 -29.55 15.52
CA ALA ZB 125 55.92 -30.98 15.84
C ALA ZB 125 57.03 -31.26 16.87
N ASN ZB 126 57.18 -30.34 17.82
CA ASN ZB 126 58.15 -30.44 18.91
C ASN ZB 126 59.58 -30.56 18.38
N VAL ZB 127 59.86 -29.87 17.26
CA VAL ZB 127 61.23 -29.66 16.81
C VAL ZB 127 61.36 -28.21 16.37
N SER ZB 128 62.47 -27.59 16.75
CA SER ZB 128 62.66 -26.16 16.50
C SER ZB 128 62.75 -25.85 15.02
N LEU ZB 129 62.16 -24.70 14.64
CA LEU ZB 129 62.27 -24.26 13.24
C LEU ZB 129 63.71 -23.95 12.87
N LEU ZB 130 64.51 -23.44 13.80
CA LEU ZB 130 65.91 -23.19 13.52
C LEU ZB 130 66.67 -24.48 13.24
N ALA ZB 131 66.37 -25.54 14.00
CA ALA ZB 131 67.01 -26.82 13.78
C ALA ZB 131 66.66 -27.39 12.41
N LEU ZB 132 65.41 -27.25 12.00
CA LEU ZB 132 65.01 -27.73 10.68
C LEU ZB 132 65.61 -26.88 9.57
N TYR ZB 133 65.70 -25.56 9.80
CA TYR ZB 133 66.28 -24.67 8.82
C TYR ZB 133 67.76 -24.95 8.60
N LYS ZB 134 68.51 -25.17 9.67
CA LYS ZB 134 69.92 -25.49 9.55
C LYS ZB 134 70.17 -26.94 9.18
N GLY ZB 135 69.12 -27.76 9.13
CA GLY ZB 135 69.29 -29.17 8.82
C GLY ZB 135 69.96 -29.98 9.90
N LYS ZB 136 70.02 -29.45 11.13
CA LYS ZB 136 70.65 -30.17 12.22
C LYS ZB 136 69.89 -31.43 12.60
N LYS ZB 137 68.56 -31.44 12.42
CA LYS ZB 137 67.77 -32.63 12.63
C LYS ZB 137 66.55 -32.56 11.72
N GLU ZB 138 65.97 -33.73 11.46
CA GLU ZB 138 65.01 -33.91 10.39
C GLU ZB 138 63.60 -34.02 10.97
N ARG ZB 139 62.61 -33.83 10.10
CA ARG ZB 139 61.22 -33.95 10.50
C ARG ZB 139 60.92 -35.36 11.02
N PRO ZB 140 60.16 -35.49 12.10
CA PRO ZB 140 59.80 -36.82 12.64
C PRO ZB 140 58.74 -37.51 11.78
N ARG ZB 141 59.20 -38.16 10.71
CA ARG ZB 141 58.33 -38.91 9.81
C ARG ZB 141 57.69 -40.10 10.52
N ASN AC 1 106.35 -44.93 54.24
CA ASN AC 1 106.71 -45.19 55.63
C ASN AC 1 108.01 -44.47 56.00
N ASP AC 2 108.82 -44.17 54.98
CA ASP AC 2 110.10 -43.50 55.24
C ASP AC 2 109.89 -42.07 55.73
N THR AC 3 109.02 -41.30 55.07
CA THR AC 3 108.75 -39.91 55.44
C THR AC 3 107.26 -39.77 55.72
N VAL AC 4 106.86 -40.11 56.95
CA VAL AC 4 105.49 -40.03 57.43
C VAL AC 4 105.56 -39.74 58.92
N THR AC 5 104.86 -38.71 59.38
CA THR AC 5 104.87 -38.36 60.79
C THR AC 5 103.47 -37.99 61.26
N ILE AC 6 103.22 -38.17 62.55
CA ILE AC 6 101.97 -37.80 63.19
C ILE AC 6 102.24 -36.65 64.14
N ARG AC 7 101.44 -35.60 64.04
CA ARG AC 7 101.48 -34.49 65.00
C ARG AC 7 100.07 -34.26 65.51
N THR AC 8 99.93 -34.16 66.82
CA THR AC 8 98.63 -33.98 67.44
C THR AC 8 98.46 -32.54 67.93
N ARG AC 9 97.22 -32.08 67.92
CA ARG AC 9 96.90 -30.74 68.40
C ARG AC 9 95.46 -30.75 68.90
N LYS AC 10 95.12 -29.71 69.66
CA LYS AC 10 93.82 -29.60 70.33
C LYS AC 10 93.56 -30.82 71.20
N PHE AC 11 94.63 -31.34 71.81
CA PHE AC 11 94.53 -32.50 72.66
C PHE AC 11 93.81 -32.17 73.96
N MET AC 12 92.86 -33.02 74.34
CA MET AC 12 92.17 -32.85 75.60
C MET AC 12 91.64 -34.21 76.04
N THR AC 13 91.70 -34.45 77.34
CA THR AC 13 91.25 -35.69 77.94
C THR AC 13 89.95 -35.45 78.69
N ASN AC 14 89.08 -36.46 78.71
CA ASN AC 14 87.83 -36.38 79.45
C ASN AC 14 87.48 -37.74 80.03
N ARG AC 15 87.06 -37.73 81.29
CA ARG AC 15 86.60 -38.95 81.93
C ARG AC 15 85.11 -39.20 81.72
N LEU AC 16 84.38 -38.24 81.16
CA LEU AC 16 82.95 -38.41 80.99
C LEU AC 16 82.63 -39.53 80.00
N LEU AC 17 83.39 -39.60 78.90
CA LEU AC 17 83.32 -40.73 77.99
C LEU AC 17 84.55 -41.63 78.11
N GLN AC 18 85.38 -41.40 79.12
CA GLN AC 18 86.53 -42.24 79.44
C GLN AC 18 87.43 -42.45 78.22
N ARG AC 19 87.99 -41.34 77.74
CA ARG AC 19 88.80 -41.37 76.53
C ARG AC 19 89.65 -40.10 76.49
N LYS AC 20 90.54 -40.05 75.50
CA LYS AC 20 91.24 -38.83 75.15
C LYS AC 20 91.03 -38.57 73.66
N GLN AC 21 90.49 -37.41 73.33
CA GLN AC 21 90.17 -37.06 71.96
C GLN AC 21 91.07 -35.94 71.49
N MET AC 22 91.42 -35.97 70.21
CA MET AC 22 92.34 -35.00 69.63
C MET AC 22 92.15 -34.98 68.12
N VAL AC 23 92.56 -33.89 67.51
CA VAL AC 23 92.62 -33.76 66.07
C VAL AC 23 94.08 -33.91 65.65
N ILE AC 24 94.32 -34.73 64.63
CA ILE AC 24 95.68 -35.07 64.22
C ILE AC 24 95.81 -34.86 62.71
N ASP AC 25 97.05 -34.67 62.29
CA ASP AC 25 97.38 -34.57 60.87
C ASP AC 25 98.65 -35.34 60.58
N VAL AC 26 98.65 -36.05 59.46
CA VAL AC 26 99.80 -36.85 59.03
C VAL AC 26 100.40 -36.20 57.79
N LEU AC 27 101.73 -36.12 57.76
CA LEU AC 27 102.46 -35.46 56.69
C LEU AC 27 102.93 -36.52 55.70
N HIS AC 28 102.36 -36.49 54.50
CA HIS AC 28 102.80 -37.35 53.41
C HIS AC 28 103.22 -36.47 52.25
N PRO AC 29 104.48 -36.04 52.19
CA PRO AC 29 104.90 -35.06 51.17
C PRO AC 29 104.75 -35.56 49.74
N GLY AC 30 104.93 -36.86 49.49
CA GLY AC 30 104.87 -37.35 48.13
C GLY AC 30 104.06 -38.62 47.95
N LYS AC 31 103.27 -38.98 48.96
CA LYS AC 31 102.48 -40.20 48.93
C LYS AC 31 101.00 -39.88 48.97
N ALA AC 32 100.19 -40.91 48.78
CA ALA AC 32 98.74 -40.77 48.87
C ALA AC 32 98.32 -40.54 50.32
N THR AC 33 97.00 -40.41 50.52
CA THR AC 33 96.49 -40.34 51.87
C THR AC 33 96.78 -41.63 52.61
N VAL AC 34 97.37 -41.52 53.78
CA VAL AC 34 97.85 -42.70 54.51
C VAL AC 34 96.65 -43.53 54.97
N PRO AC 35 96.65 -44.85 54.77
CA PRO AC 35 95.50 -45.66 55.20
C PRO AC 35 95.31 -45.59 56.71
N LYS AC 36 94.04 -45.60 57.13
CA LYS AC 36 93.70 -45.33 58.53
C LYS AC 36 94.35 -46.31 59.49
N THR AC 37 94.60 -47.54 59.05
CA THR AC 37 95.27 -48.52 59.91
C THR AC 37 96.64 -48.02 60.32
N GLU AC 38 97.43 -47.54 59.35
CA GLU AC 38 98.77 -47.05 59.64
C GLU AC 38 98.75 -45.93 60.66
N ILE AC 39 97.78 -45.02 60.54
CA ILE AC 39 97.58 -44.02 61.59
C ILE AC 39 97.30 -44.69 62.92
N ARG AC 40 96.52 -45.78 62.91
CA ARG AC 40 96.15 -46.43 64.15
C ARG AC 40 97.37 -46.97 64.90
N GLU AC 41 98.21 -47.76 64.22
CA GLU AC 41 99.35 -48.28 64.98
C GLU AC 41 100.44 -47.23 65.19
N LYS AC 42 100.57 -46.24 64.30
CA LYS AC 42 101.56 -45.19 64.55
C LYS AC 42 101.17 -44.36 65.77
N LEU AC 43 99.87 -44.04 65.90
CA LEU AC 43 99.41 -43.32 67.08
C LEU AC 43 99.47 -44.22 68.32
N ALA AC 44 99.30 -45.53 68.15
CA ALA AC 44 99.47 -46.45 69.27
C ALA AC 44 100.90 -46.42 69.79
N LYS AC 45 101.87 -46.40 68.87
CA LYS AC 45 103.27 -46.20 69.28
C LYS AC 45 103.46 -44.83 69.91
N MET AC 46 102.73 -43.83 69.41
CA MET AC 46 102.88 -42.47 69.93
C MET AC 46 102.44 -42.35 71.38
N TYR AC 47 101.33 -42.99 71.75
CA TYR AC 47 100.78 -42.88 73.10
C TYR AC 47 100.93 -44.17 73.90
N LYS AC 48 101.79 -45.09 73.45
CA LYS AC 48 102.15 -46.29 74.20
C LYS AC 48 100.94 -47.17 74.51
N THR AC 49 100.02 -47.23 73.56
CA THR AC 49 98.83 -48.07 73.67
C THR AC 49 98.83 -49.09 72.54
N THR AC 50 97.73 -49.83 72.43
CA THR AC 50 97.63 -50.85 71.41
C THR AC 50 96.71 -50.40 70.28
N PRO AC 51 96.98 -50.82 69.03
CA PRO AC 51 96.13 -50.38 67.92
C PRO AC 51 94.84 -51.16 67.79
N ASP AC 52 94.18 -51.40 68.92
CA ASP AC 52 92.81 -51.89 68.94
C ASP AC 52 91.84 -50.95 69.63
N VAL AC 53 92.35 -50.05 70.47
CA VAL AC 53 91.54 -49.02 71.11
C VAL AC 53 91.58 -47.71 70.35
N ILE AC 54 92.48 -47.57 69.39
CA ILE AC 54 92.60 -46.35 68.59
C ILE AC 54 91.36 -46.21 67.72
N PHE AC 55 90.89 -44.96 67.56
CA PHE AC 55 89.75 -44.67 66.69
C PHE AC 55 90.03 -43.39 65.93
N VAL AC 56 90.03 -43.47 64.61
CA VAL AC 56 90.23 -42.31 63.75
C VAL AC 56 89.16 -42.27 62.68
N PHE AC 57 88.91 -41.08 62.15
CA PHE AC 57 87.93 -40.86 61.09
C PHE AC 57 88.09 -39.42 60.59
N GLY AC 58 87.36 -39.09 59.54
CA GLY AC 58 87.29 -37.72 59.07
C GLY AC 58 88.59 -37.15 58.56
N PHE AC 59 89.32 -37.90 57.73
CA PHE AC 59 90.59 -37.45 57.19
C PHE AC 59 90.36 -36.75 55.85
N ARG AC 60 90.44 -35.43 55.86
CA ARG AC 60 90.34 -34.62 54.66
C ARG AC 60 91.72 -34.10 54.29
N THR AC 61 92.06 -34.20 53.02
CA THR AC 61 93.40 -33.86 52.54
C THR AC 61 93.42 -32.45 51.98
N HIS AC 62 94.42 -31.67 52.40
CA HIS AC 62 94.59 -30.33 51.86
C HIS AC 62 94.96 -30.39 50.38
N PHE AC 63 94.70 -29.30 49.68
CA PHE AC 63 94.96 -29.23 48.25
C PHE AC 63 96.44 -29.37 47.97
N GLY AC 64 96.78 -30.16 46.94
CA GLY AC 64 98.16 -30.36 46.56
C GLY AC 64 98.91 -31.41 47.35
N GLY AC 65 98.22 -32.23 48.14
CA GLY AC 65 98.90 -33.25 48.89
C GLY AC 65 99.66 -32.68 50.07
N GLY AC 66 100.48 -33.53 50.68
CA GLY AC 66 101.20 -33.14 51.87
C GLY AC 66 100.41 -33.41 53.13
N LYS AC 67 99.71 -32.39 53.61
CA LYS AC 67 98.96 -32.50 54.86
C LYS AC 67 97.55 -33.03 54.62
N THR AC 68 97.11 -33.91 55.52
CA THR AC 68 95.70 -34.28 55.65
C THR AC 68 95.37 -34.32 57.14
N THR AC 69 94.17 -33.89 57.49
CA THR AC 69 93.79 -33.69 58.88
C THR AC 69 92.57 -34.52 59.24
N GLY AC 70 92.62 -35.16 60.40
CA GLY AC 70 91.51 -35.95 60.90
C GLY AC 70 91.46 -35.90 62.42
N PHE AC 71 90.36 -36.41 62.95
CA PHE AC 71 90.09 -36.35 64.39
C PHE AC 71 90.33 -37.73 65.00
N GLY AC 72 91.24 -37.80 65.96
CA GLY AC 72 91.62 -39.05 66.59
C GLY AC 72 90.91 -39.28 67.91
N MET AC 73 90.76 -40.55 68.28
CA MET AC 73 90.03 -40.95 69.47
C MET AC 73 90.74 -42.13 70.09
N ILE AC 74 91.14 -42.01 71.36
CA ILE AC 74 91.76 -43.10 72.10
C ILE AC 74 91.03 -43.25 73.42
N TYR AC 75 90.67 -44.49 73.76
CA TYR AC 75 89.97 -44.80 75.01
C TYR AC 75 90.93 -45.42 76.02
N ASP AC 76 90.50 -45.41 77.27
CA ASP AC 76 91.29 -46.02 78.33
C ASP AC 76 91.20 -47.54 78.31
N SER AC 77 90.11 -48.09 77.79
CA SER AC 77 89.91 -49.54 77.78
C SER AC 77 89.02 -49.91 76.60
N LEU AC 78 89.12 -51.17 76.18
CA LEU AC 78 88.34 -51.64 75.05
C LEU AC 78 86.86 -51.81 75.39
N ASP AC 79 86.54 -52.16 76.64
CA ASP AC 79 85.14 -52.30 77.03
C ASP AC 79 84.41 -50.97 76.95
N TYR AC 80 85.05 -49.90 77.41
CA TYR AC 80 84.46 -48.57 77.27
C TYR AC 80 84.30 -48.19 75.81
N ALA AC 81 85.30 -48.52 74.99
CA ALA AC 81 85.22 -48.26 73.55
C ALA AC 81 84.04 -49.00 72.93
N LYS AC 82 83.74 -50.20 73.44
CA LYS AC 82 82.53 -50.89 73.00
C LYS AC 82 81.28 -50.23 73.57
N LYS AC 83 81.42 -49.52 74.69
CA LYS AC 83 80.25 -48.95 75.35
C LYS AC 83 79.81 -47.65 74.69
N ASN AC 84 80.70 -46.68 74.57
CA ASN AC 84 80.35 -45.34 74.05
C ASN AC 84 81.20 -44.99 72.84
N GLU AC 85 80.72 -45.40 71.67
CA GLU AC 85 81.33 -45.16 70.36
C GLU AC 85 80.31 -45.54 69.29
N PRO AC 86 80.18 -44.76 68.22
CA PRO AC 86 79.17 -45.07 67.20
C PRO AC 86 79.36 -46.45 66.59
N LYS AC 87 78.22 -47.11 66.32
CA LYS AC 87 78.24 -48.52 65.95
C LYS AC 87 78.90 -48.76 64.60
N HIS AC 88 78.85 -47.76 63.71
CA HIS AC 88 79.49 -47.94 62.41
C HIS AC 88 81.01 -47.92 62.53
N ARG AC 89 81.55 -47.14 63.46
CA ARG AC 89 82.99 -47.16 63.68
C ARG AC 89 83.42 -48.47 64.34
N LEU AC 90 82.54 -49.07 65.15
CA LEU AC 90 82.80 -50.42 65.63
C LEU AC 90 82.80 -51.41 64.47
N ALA AC 91 81.84 -51.26 63.55
CA ALA AC 91 81.78 -52.15 62.39
C ALA AC 91 82.99 -51.97 61.47
N ARG AC 92 83.57 -50.78 61.44
CA ARG AC 92 84.79 -50.56 60.67
C ARG AC 92 85.92 -51.43 61.20
N HIS AC 93 86.00 -51.59 62.52
CA HIS AC 93 86.97 -52.48 63.14
C HIS AC 93 86.47 -53.92 63.22
N GLY AC 94 85.24 -54.19 62.77
CA GLY AC 94 84.68 -55.52 62.80
C GLY AC 94 84.07 -55.95 64.12
N LEU AC 95 83.99 -55.06 65.10
CA LEU AC 95 83.41 -55.37 66.40
C LEU AC 95 81.90 -55.27 66.41
N TYR AC 96 81.29 -54.81 65.32
CA TYR AC 96 79.84 -54.69 65.23
C TYR AC 96 79.39 -55.26 63.91
N GLU AC 97 78.28 -56.01 63.93
CA GLU AC 97 77.71 -56.61 62.74
C GLU AC 97 76.35 -56.00 62.45
N LYS AC 98 76.13 -55.65 61.18
CA LYS AC 98 74.90 -55.01 60.73
C LYS AC 98 74.14 -55.92 59.76
N LYS AC 99 74.27 -57.23 59.95
CA LYS AC 99 73.65 -58.20 59.05
C LYS AC 99 72.15 -58.23 59.33
N LYS AC 100 71.43 -57.32 58.66
CA LYS AC 100 69.99 -57.18 58.81
C LYS AC 100 69.39 -56.83 57.46
N THR AC 101 68.07 -56.72 57.42
CA THR AC 101 67.35 -56.49 56.18
C THR AC 101 67.32 -55.01 55.85
N SER AC 102 66.79 -54.70 54.67
CA SER AC 102 66.64 -53.32 54.24
C SER AC 102 65.53 -52.62 55.02
N ARG AC 103 65.56 -51.29 54.98
CA ARG AC 103 64.55 -50.50 55.66
C ARG AC 103 63.18 -50.69 55.02
N LYS AC 104 63.15 -50.83 53.69
CA LYS AC 104 61.89 -51.05 52.99
C LYS AC 104 61.23 -52.34 53.42
N GLN AC 105 61.99 -53.44 53.44
CA GLN AC 105 61.44 -54.73 53.84
C GLN AC 105 60.99 -54.70 55.29
N ARG AC 106 61.75 -54.03 56.15
CA ARG AC 106 61.37 -53.89 57.55
C ARG AC 106 60.05 -53.14 57.70
N LYS AC 107 59.86 -52.08 56.91
CA LYS AC 107 58.59 -51.37 56.93
C LYS AC 107 57.45 -52.24 56.41
N GLU AC 108 57.71 -53.04 55.37
CA GLU AC 108 56.68 -53.94 54.86
C GLU AC 108 56.24 -54.93 55.92
N ARG AC 109 57.21 -55.51 56.63
CA ARG AC 109 56.89 -56.43 57.72
C ARG AC 109 56.11 -55.72 58.83
N LYS AC 110 56.53 -54.50 59.19
CA LYS AC 110 55.86 -53.77 60.25
C LYS AC 110 54.41 -53.46 59.88
N ASN AC 111 54.17 -53.06 58.63
CA ASN AC 111 52.82 -52.70 58.23
C ASN AC 111 51.93 -53.92 58.02
N ARG AC 112 52.51 -55.05 57.57
CA ARG AC 112 51.70 -56.25 57.44
C ARG AC 112 51.29 -56.79 58.81
N MET AC 113 52.10 -56.56 59.84
CA MET AC 113 51.74 -56.98 61.19
C MET AC 113 50.57 -56.19 61.75
N LYS AC 114 50.26 -55.04 61.17
CA LYS AC 114 49.14 -54.24 61.66
C LYS AC 114 47.79 -54.81 61.23
N LYS AC 115 47.76 -55.66 60.21
CA LYS AC 115 46.52 -56.29 59.80
C LYS AC 115 46.10 -57.41 60.74
N VAL AC 116 47.05 -58.03 61.43
CA VAL AC 116 46.78 -59.16 62.32
C VAL AC 116 46.76 -58.64 63.75
N ARG AC 117 45.71 -58.98 64.49
CA ARG AC 117 45.51 -58.49 65.85
C ARG AC 117 45.70 -59.62 66.84
N GLY AC 118 46.53 -59.38 67.85
CA GLY AC 118 46.58 -60.26 69.01
C GLY AC 118 47.28 -61.59 68.81
N THR AC 119 46.85 -62.35 67.80
CA THR AC 119 47.29 -63.73 67.65
C THR AC 119 48.79 -63.80 67.39
N ALA AC 120 49.54 -64.26 68.40
CA ALA AC 120 50.99 -64.24 68.34
C ALA AC 120 51.52 -65.13 67.21
N LYS AC 121 50.93 -66.32 67.04
CA LYS AC 121 51.38 -67.23 65.99
C LYS AC 121 51.18 -66.63 64.61
N ALA AC 122 50.06 -65.92 64.40
CA ALA AC 122 49.82 -65.26 63.13
C ALA AC 122 50.42 -63.87 63.06
N ASN AC 123 50.76 -63.26 64.19
CA ASN AC 123 51.45 -61.97 64.16
C ASN AC 123 52.92 -62.14 63.81
N VAL AC 124 53.55 -63.23 64.27
CA VAL AC 124 54.93 -63.50 63.88
C VAL AC 124 55.01 -64.27 62.57
N GLY AC 125 53.94 -64.94 62.16
CA GLY AC 125 53.88 -65.62 60.89
C GLY AC 125 53.37 -64.78 59.75
N ALA AC 126 53.10 -63.50 59.98
CA ALA AC 126 52.58 -62.64 58.93
C ALA AC 126 53.60 -62.43 57.81
N GLY AC 127 54.86 -62.20 58.18
CA GLY AC 127 55.92 -61.96 57.22
C GLY AC 127 56.58 -63.19 56.65
N LYS AC 128 56.13 -64.38 57.05
CA LYS AC 128 56.73 -65.61 56.54
C LYS AC 128 56.38 -65.84 55.07
N LYS AC 129 55.10 -65.68 54.72
CA LYS AC 129 54.62 -65.99 53.38
C LYS AC 129 55.11 -64.97 52.35
N PRO AC 130 54.87 -63.64 52.52
CA PRO AC 130 55.39 -62.73 51.48
C PRO AC 130 56.83 -62.30 51.74
N LYS AC 131 57.75 -63.20 51.44
CA LYS AC 131 59.18 -62.95 51.62
C LYS AC 131 59.69 -61.87 50.67
N THR BC 1 49.85 30.98 14.38
CA THR BC 1 50.59 32.08 14.97
C THR BC 1 49.73 33.32 15.09
N LYS BC 2 49.88 34.05 16.19
CA LYS BC 2 49.13 35.29 16.40
C LYS BC 2 49.68 36.35 15.46
N LYS BC 3 48.88 36.74 14.47
CA LYS BC 3 49.36 37.68 13.47
C LYS BC 3 49.44 39.09 14.03
N ARG BC 4 48.49 39.49 14.86
CA ARG BC 4 48.43 40.84 15.41
C ARG BC 4 48.22 40.79 16.90
N ARG BC 5 48.83 41.74 17.61
CA ARG BC 5 48.69 41.78 19.06
C ARG BC 5 47.28 42.17 19.48
N ASN BC 6 46.71 43.17 18.81
CA ASN BC 6 45.35 43.61 19.09
C ASN BC 6 44.31 42.77 18.38
N ASN BC 7 44.72 41.69 17.73
CA ASN BC 7 43.83 40.78 17.00
C ASN BC 7 43.04 41.49 15.92
N GLY BC 8 43.64 42.50 15.30
CA GLY BC 8 43.01 43.19 14.20
C GLY BC 8 41.82 44.05 14.57
N ARG BC 9 41.70 44.45 15.83
CA ARG BC 9 40.57 45.25 16.27
C ARG BC 9 40.99 46.06 17.48
N ALA BC 10 40.17 47.05 17.83
CA ALA BC 10 40.47 47.97 18.92
C ALA BC 10 39.81 47.59 20.23
N LYS BC 11 39.15 46.44 20.30
CA LYS BC 11 38.49 46.02 21.53
C LYS BC 11 39.54 45.62 22.57
N LYS BC 12 39.66 46.39 23.64
CA LYS BC 12 40.63 46.10 24.69
C LYS BC 12 39.96 45.73 26.01
N GLY BC 13 39.11 46.60 26.55
CA GLY BC 13 38.51 46.33 27.84
C GLY BC 13 37.02 46.09 27.76
N ARG BC 14 36.58 45.50 26.66
CA ARG BC 14 35.16 45.25 26.42
C ARG BC 14 34.94 43.76 26.30
N GLY BC 15 33.68 43.35 26.44
CA GLY BC 15 33.31 41.99 26.15
C GLY BC 15 32.71 41.87 24.77
N HIS BC 16 31.77 42.77 24.45
CA HIS BC 16 31.07 42.74 23.18
C HIS BC 16 31.00 44.15 22.61
N VAL BC 17 31.15 44.25 21.29
CA VAL BC 17 31.00 45.50 20.56
C VAL BC 17 29.91 45.31 19.52
N GLN BC 18 29.04 46.31 19.40
CA GLN BC 18 27.89 46.18 18.51
C GLN BC 18 28.34 46.08 17.05
N PRO BC 19 27.67 45.26 16.25
CA PRO BC 19 28.06 45.10 14.85
C PRO BC 19 27.46 46.16 13.95
N ILE BC 20 28.15 46.39 12.83
CA ILE BC 20 27.68 47.28 11.78
C ILE BC 20 27.71 46.51 10.46
N ARG BC 21 27.00 47.06 9.48
CA ARG BC 21 26.91 46.44 8.15
C ARG BC 21 27.90 47.11 7.22
N CYS BC 22 28.65 46.28 6.48
CA CYS BC 22 29.60 46.81 5.50
C CYS BC 22 28.86 47.59 4.44
N THR BC 23 29.38 48.78 4.11
CA THR BC 23 28.72 49.62 3.12
C THR BC 23 28.80 49.03 1.72
N ASN BC 24 29.68 48.06 1.49
CA ASN BC 24 29.84 47.45 0.17
C ASN BC 24 29.05 46.17 0.00
N CYS BC 25 29.12 45.25 0.97
CA CYS BC 25 28.49 43.95 0.85
C CYS BC 25 27.48 43.64 1.95
N ALA BC 26 27.24 44.58 2.87
CA ALA BC 26 26.27 44.41 3.96
C ALA BC 26 26.60 43.20 4.85
N ARG BC 27 27.88 42.99 5.09
CA ARG BC 27 28.32 42.00 6.07
C ARG BC 27 28.29 42.58 7.47
N CYS BC 28 27.85 41.77 8.43
CA CYS BC 28 27.87 42.16 9.84
C CYS BC 28 29.30 42.14 10.34
N VAL BC 29 29.86 43.33 10.55
CA VAL BC 29 31.23 43.48 11.05
C VAL BC 29 31.17 44.18 12.40
N PRO BC 30 31.98 43.78 13.38
CA PRO BC 30 32.05 44.55 14.62
C PRO BC 30 32.51 45.97 14.34
N LYS BC 31 31.98 46.91 15.13
CA LYS BC 31 32.24 48.32 14.86
C LYS BC 31 33.72 48.66 15.00
N ASP BC 32 34.38 48.08 16.00
CA ASP BC 32 35.79 48.36 16.23
C ASP BC 32 36.72 47.65 15.25
N LYS BC 33 36.20 46.70 14.47
CA LYS BC 33 37.01 45.96 13.50
C LYS BC 33 36.93 46.52 12.10
N ALA BC 34 35.80 47.09 11.72
CA ALA BC 34 35.59 47.56 10.35
C ALA BC 34 36.50 48.75 10.04
N ILE BC 35 36.89 48.85 8.78
CA ILE BC 35 37.72 49.96 8.31
C ILE BC 35 36.81 51.14 8.01
N LYS BC 36 37.10 52.28 8.62
CA LYS BC 36 36.27 53.47 8.51
C LYS BC 36 37.00 54.52 7.68
N LYS BC 37 36.29 55.07 6.69
CA LYS BC 37 36.80 56.19 5.90
C LYS BC 37 35.74 57.28 5.89
N PHE BC 38 36.10 58.45 6.36
CA PHE BC 38 35.19 59.60 6.39
C PHE BC 38 35.53 60.46 5.18
N VAL BC 39 34.78 60.26 4.09
CA VAL BC 39 35.04 60.96 2.85
C VAL BC 39 34.30 62.30 2.86
N ILE BC 40 35.02 63.36 2.57
CA ILE BC 40 34.47 64.72 2.53
C ILE BC 40 34.69 65.21 1.10
N ARG BC 41 33.72 64.97 0.25
CA ARG BC 41 33.85 65.25 -1.17
C ARG BC 41 32.98 66.43 -1.57
N ASN BC 42 33.52 67.28 -2.44
CA ASN BC 42 32.72 68.32 -3.06
C ASN BC 42 31.57 67.68 -3.80
N ILE BC 43 30.37 68.28 -3.64
CA ILE BC 43 29.16 67.67 -4.19
C ILE BC 43 29.18 67.65 -5.71
N VAL BC 44 30.06 68.43 -6.35
CA VAL BC 44 30.21 68.41 -7.79
C VAL BC 44 31.66 68.08 -8.11
N GLU BC 45 31.86 67.50 -9.30
CA GLU BC 45 33.20 67.15 -9.75
C GLU BC 45 34.03 68.39 -10.02
N ALA BC 46 35.35 68.23 -9.96
CA ALA BC 46 36.26 69.33 -10.26
C ALA BC 46 36.15 69.78 -11.71
N ALA BC 47 35.65 68.94 -12.60
CA ALA BC 47 35.44 69.35 -13.97
C ALA BC 47 34.23 70.28 -14.11
N ALA BC 48 33.26 70.17 -13.21
CA ALA BC 48 32.01 70.90 -13.33
C ALA BC 48 31.90 72.10 -12.40
N VAL BC 49 32.92 72.37 -11.58
CA VAL BC 49 32.83 73.49 -10.65
C VAL BC 49 32.69 74.82 -11.40
N ARG BC 50 33.46 74.98 -12.48
CA ARG BC 50 33.38 76.21 -13.27
C ARG BC 50 32.02 76.35 -13.92
N ASP BC 51 31.46 75.26 -14.45
CA ASP BC 51 30.18 75.34 -15.15
C ASP BC 51 29.04 75.64 -14.17
N ILE BC 52 29.08 75.06 -12.98
CA ILE BC 52 28.08 75.37 -11.97
C ILE BC 52 28.22 76.82 -11.51
N SER BC 53 29.47 77.30 -11.41
CA SER BC 53 29.68 78.71 -11.07
C SER BC 53 29.12 79.62 -12.15
N GLU BC 54 29.28 79.23 -13.42
CA GLU BC 54 28.72 80.02 -14.52
C GLU BC 54 27.19 80.02 -14.48
N ALA BC 55 26.59 78.87 -14.23
CA ALA BC 55 25.14 78.75 -14.27
C ALA BC 55 24.47 79.16 -12.97
N SER BC 56 25.24 79.50 -11.94
CA SER BC 56 24.64 79.88 -10.66
C SER BC 56 23.98 81.25 -10.76
N VAL BC 57 22.82 81.38 -10.10
CA VAL BC 57 22.18 82.69 -9.97
C VAL BC 57 22.85 83.57 -8.93
N PHE BC 58 23.72 83.00 -8.11
CA PHE BC 58 24.42 83.74 -7.06
C PHE BC 58 25.82 84.08 -7.54
N ASP BC 59 26.45 85.03 -6.85
CA ASP BC 59 27.83 85.38 -7.15
C ASP BC 59 28.80 84.70 -6.19
N ALA BC 60 28.65 84.93 -4.90
CA ALA BC 60 29.48 84.29 -3.88
C ALA BC 60 28.76 83.10 -3.26
N TYR BC 61 28.59 82.05 -4.06
CA TYR BC 61 27.93 80.83 -3.60
C TYR BC 61 28.99 79.75 -3.36
N VAL BC 62 29.08 79.29 -2.13
CA VAL BC 62 30.00 78.22 -1.76
C VAL BC 62 29.32 76.89 -2.07
N LEU BC 63 30.00 76.05 -2.86
CA LEU BC 63 29.43 74.75 -3.19
C LEU BC 63 29.38 73.87 -1.94
N PRO BC 64 28.25 73.24 -1.66
CA PRO BC 64 28.13 72.41 -0.46
C PRO BC 64 28.98 71.15 -0.59
N LYS BC 65 29.39 70.63 0.56
CA LYS BC 65 30.14 69.39 0.63
C LYS BC 65 29.18 68.21 0.72
N LEU BC 66 29.76 67.00 0.69
CA LEU BC 66 29.00 65.77 0.80
C LEU BC 66 29.69 64.88 1.81
N TYR BC 67 29.08 64.72 2.98
CA TYR BC 67 29.69 64.02 4.10
C TYR BC 67 29.12 62.61 4.18
N VAL BC 68 29.97 61.62 3.97
CA VAL BC 68 29.60 60.21 4.01
C VAL BC 68 30.64 59.46 4.83
N LYS BC 69 30.19 58.65 5.78
CA LYS BC 69 31.07 57.79 6.54
C LYS BC 69 30.91 56.35 6.04
N LEU BC 70 32.02 55.74 5.62
CA LEU BC 70 32.01 54.42 5.02
C LEU BC 70 32.62 53.40 5.97
N HIS BC 71 32.01 52.22 6.01
CA HIS BC 71 32.52 51.09 6.79
C HIS BC 71 32.72 49.91 5.86
N TYR BC 72 33.87 49.26 6.00
CA TYR BC 72 34.23 48.12 5.16
C TYR BC 72 34.64 46.95 6.03
N CYS BC 73 34.20 45.76 5.65
CA CYS BC 73 34.87 44.56 6.13
C CYS BC 73 36.25 44.47 5.46
N VAL BC 74 37.14 43.71 6.09
CA VAL BC 74 38.52 43.68 5.59
C VAL BC 74 38.56 43.03 4.21
N SER BC 75 37.58 42.16 3.91
CA SER BC 75 37.50 41.58 2.57
C SER BC 75 37.26 42.66 1.52
N CYS BC 76 36.22 43.47 1.72
CA CYS BC 76 35.94 44.55 0.78
C CYS BC 76 36.99 45.65 0.84
N ALA BC 77 37.57 45.86 2.02
CA ALA BC 77 38.63 46.86 2.14
C ALA BC 77 39.84 46.48 1.32
N ILE BC 78 40.25 45.21 1.38
CA ILE BC 78 41.38 44.75 0.60
C ILE BC 78 41.04 44.69 -0.89
N HIS BC 79 39.82 44.23 -1.21
CA HIS BC 79 39.45 44.11 -2.62
C HIS BC 79 39.29 45.47 -3.28
N SER BC 80 38.89 46.49 -2.53
CA SER BC 80 38.75 47.84 -3.06
C SER BC 80 40.01 48.68 -2.87
N LYS BC 81 41.09 48.07 -2.37
CA LYS BC 81 42.42 48.67 -2.29
C LYS BC 81 42.48 49.90 -1.39
N VAL BC 82 41.54 50.08 -0.47
CA VAL BC 82 41.70 51.13 0.52
C VAL BC 82 42.81 50.76 1.50
N VAL BC 83 42.90 49.48 1.85
CA VAL BC 83 44.00 48.97 2.67
C VAL BC 83 44.76 47.93 1.85
N ARG BC 84 46.04 47.79 2.16
CA ARG BC 84 46.92 46.87 1.47
C ARG BC 84 47.65 46.01 2.47
N ASN BC 85 48.00 44.79 2.06
CA ASN BC 85 48.85 43.96 2.89
C ASN BC 85 50.24 44.58 3.01
N ARG BC 86 50.85 44.41 4.18
CA ARG BC 86 52.13 45.04 4.47
C ARG BC 86 53.08 43.99 5.04
N SER BC 87 54.35 44.35 5.12
CA SER BC 87 55.35 43.45 5.65
C SER BC 87 55.17 43.28 7.15
N ARG BC 88 55.89 42.31 7.71
CA ARG BC 88 55.72 41.97 9.12
C ARG BC 88 56.04 43.14 10.02
N GLU BC 89 57.12 43.87 9.73
CA GLU BC 89 57.46 45.05 10.51
C GLU BC 89 56.60 46.24 10.11
N ALA BC 90 56.12 46.28 8.86
CA ALA BC 90 55.32 47.40 8.40
C ALA BC 90 53.87 47.31 8.84
N ARG BC 91 53.43 46.15 9.34
CA ARG BC 91 52.09 46.05 9.90
C ARG BC 91 51.96 46.80 11.22
N LYS BC 92 53.09 47.04 11.90
CA LYS BC 92 53.05 47.51 13.28
C LYS BC 92 52.70 48.98 13.41
N ASP BC 93 53.09 49.82 12.46
CA ASP BC 93 52.85 51.25 12.60
C ASP BC 93 51.38 51.58 12.32
N ARG BC 94 50.91 52.64 12.98
CA ARG BC 94 49.51 53.06 12.88
C ARG BC 94 49.35 54.44 12.27
N THR BC 95 50.43 55.02 11.75
CA THR BC 95 50.34 56.36 11.19
C THR BC 95 49.57 56.31 9.87
N PRO BC 96 48.50 57.10 9.74
CA PRO BC 96 47.78 57.16 8.46
C PRO BC 96 48.65 57.74 7.38
N PRO BC 97 48.46 57.32 6.12
CA PRO BC 97 49.26 57.89 5.04
C PRO BC 97 49.02 59.38 4.94
N PRO BC 98 50.05 60.15 4.62
CA PRO BC 98 49.93 61.61 4.65
C PRO BC 98 48.97 62.11 3.59
N ARG BC 99 48.42 63.31 3.83
CA ARG BC 99 47.42 63.87 2.94
C ARG BC 99 47.98 64.23 1.57
N PHE BC 100 49.30 64.40 1.45
CA PHE BC 100 49.96 64.83 0.22
C PHE BC 100 49.36 66.12 -0.31
N ARG BC 101 49.45 67.17 0.52
CA ARG BC 101 48.91 68.47 0.13
C ARG BC 101 49.58 69.09 -1.10
N PRO BC 102 50.92 69.01 -1.30
CA PRO BC 102 51.38 69.76 -2.48
C PRO BC 102 51.14 69.00 -3.79
N PRO CC 1 68.93 53.98 38.74
CA PRO CC 1 69.92 54.25 39.78
C PRO CC 1 70.17 53.04 40.67
N LEU CC 2 71.42 52.59 40.74
CA LEU CC 2 71.75 51.41 41.52
C LEU CC 2 72.08 51.72 42.98
N ALA CC 3 72.39 52.98 43.29
CA ALA CC 3 72.85 53.35 44.62
C ALA CC 3 72.01 54.48 45.21
N LYS CC 4 70.70 54.45 44.97
CA LYS CC 4 69.81 55.40 45.60
C LYS CC 4 69.71 55.10 47.10
N ASP CC 5 69.90 56.13 47.91
CA ASP CC 5 69.94 55.96 49.37
C ASP CC 5 68.49 55.80 49.82
N LEU CC 6 68.12 54.57 50.19
CA LEU CC 6 66.78 54.31 50.67
C LEU CC 6 66.62 54.64 52.15
N LEU CC 7 67.74 54.76 52.87
CA LEU CC 7 67.66 55.05 54.31
C LEU CC 7 67.31 56.52 54.56
N HIS CC 8 67.87 57.43 53.79
CA HIS CC 8 67.71 58.87 54.01
C HIS CC 8 67.27 59.53 52.72
N PRO CC 9 66.01 59.39 52.34
CA PRO CC 9 65.49 60.19 51.21
C PRO CC 9 65.24 61.62 51.65
N SER CC 10 65.47 62.55 50.73
CA SER CC 10 65.24 63.95 51.02
C SER CC 10 63.73 64.20 51.18
N PRO CC 11 63.35 65.25 51.91
CA PRO CC 11 61.92 65.43 52.22
C PRO CC 11 61.02 65.64 51.00
N GLU CC 12 61.57 66.04 49.85
CA GLU CC 12 60.71 66.27 48.69
C GLU CC 12 60.07 64.98 48.20
N GLU CC 13 60.87 63.95 47.95
CA GLU CC 13 60.30 62.69 47.48
C GLU CC 13 59.63 61.94 48.62
N GLU CC 14 60.01 62.24 49.86
CA GLU CC 14 59.27 61.71 51.00
C GLU CC 14 57.85 62.25 51.03
N LYS CC 15 57.67 63.53 50.68
CA LYS CC 15 56.34 64.11 50.61
C LYS CC 15 55.57 63.60 49.39
N ARG CC 16 56.22 63.51 48.23
CA ARG CC 16 55.47 63.15 47.03
C ARG CC 16 54.98 61.71 47.05
N LYS CC 17 55.58 60.84 47.86
CA LYS CC 17 55.17 59.45 47.89
C LYS CC 17 53.82 59.30 48.58
N HIS CC 18 53.18 58.16 48.31
CA HIS CC 18 51.89 57.86 48.92
C HIS CC 18 52.05 57.72 50.43
N LYS CC 19 50.96 58.00 51.14
CA LYS CC 19 51.00 58.00 52.61
C LYS CC 19 51.42 56.65 53.16
N LYS CC 20 50.99 55.56 52.51
CA LYS CC 20 51.36 54.23 52.98
C LYS CC 20 52.72 53.80 52.48
N LYS CC 21 53.13 54.28 51.30
CA LYS CC 21 54.37 53.85 50.68
C LYS CC 21 55.59 54.65 51.12
N ARG CC 22 55.43 55.55 52.07
CA ARG CC 22 56.57 56.24 52.65
C ARG CC 22 57.41 55.26 53.46
N LEU CC 23 58.58 55.73 53.91
CA LEU CC 23 59.41 54.93 54.79
C LEU CC 23 58.67 54.63 56.10
N VAL CC 24 58.07 55.66 56.68
CA VAL CC 24 57.16 55.51 57.81
C VAL CC 24 55.87 56.22 57.47
N GLN CC 25 54.74 55.60 57.79
CA GLN CC 25 53.45 56.18 57.46
C GLN CC 25 53.28 57.54 58.11
N SER CC 26 52.84 58.51 57.32
CA SER CC 26 52.56 59.85 57.80
C SER CC 26 51.29 60.33 57.13
N PRO CC 27 50.25 60.65 57.89
CA PRO CC 27 49.00 61.12 57.27
C PRO CC 27 49.19 62.46 56.58
N ASN CC 28 48.47 62.63 55.48
CA ASN CC 28 48.47 63.89 54.76
C ASN CC 28 47.57 64.93 55.41
N SER CC 29 46.63 64.52 56.24
CA SER CC 29 45.68 65.42 56.87
C SER CC 29 46.31 66.04 58.13
N TYR CC 30 45.55 66.92 58.77
CA TYR CC 30 46.01 67.64 59.94
C TYR CC 30 44.79 68.20 60.66
N PHE CC 31 45.04 69.08 61.63
CA PHE CC 31 43.99 69.78 62.34
C PHE CC 31 44.24 71.28 62.23
N MET CC 32 43.17 72.06 62.26
CA MET CC 32 43.26 73.50 62.07
C MET CC 32 42.36 74.23 63.05
N ASP CC 33 42.77 75.43 63.45
CA ASP CC 33 41.90 76.33 64.20
C ASP CC 33 41.18 77.25 63.24
N VAL CC 34 39.85 77.24 63.29
CA VAL CC 34 39.02 78.02 62.39
C VAL CC 34 38.39 79.17 63.15
N LYS CC 35 38.55 80.39 62.63
CA LYS CC 35 37.97 81.59 63.22
C LYS CC 35 36.76 82.01 62.38
N CYS CC 36 35.61 82.02 62.99
CA CYS CC 36 34.40 82.47 62.31
C CYS CC 36 34.21 83.96 62.52
N PRO CC 37 33.96 84.74 61.47
CA PRO CC 37 33.72 86.17 61.65
C PRO CC 37 32.47 86.41 62.48
N GLY CC 38 32.54 87.43 63.34
CA GLY CC 38 31.46 87.69 64.27
C GLY CC 38 31.43 86.79 65.49
N CYS CC 39 32.44 85.94 65.66
CA CYS CC 39 32.51 85.02 66.79
C CYS CC 39 33.88 85.11 67.44
N TYR CC 40 33.94 84.73 68.72
CA TYR CC 40 35.17 84.81 69.50
C TYR CC 40 35.84 83.45 69.69
N LYS CC 41 35.07 82.38 69.80
CA LYS CC 41 35.62 81.09 70.16
C LYS CC 41 36.33 80.44 68.97
N ILE CC 42 37.13 79.43 69.28
CA ILE CC 42 37.94 78.72 68.30
C ILE CC 42 37.51 77.26 68.26
N THR CC 43 37.29 76.74 67.06
CA THR CC 43 36.91 75.34 66.86
C THR CC 43 38.02 74.63 66.10
N THR CC 44 38.43 73.47 66.61
CA THR CC 44 39.45 72.65 65.97
C THR CC 44 38.78 71.70 64.98
N VAL CC 45 39.08 71.88 63.70
CA VAL CC 45 38.39 71.18 62.63
C VAL CC 45 39.39 70.30 61.90
N PHE CC 46 39.02 69.02 61.70
CA PHE CC 46 39.79 68.13 60.87
C PHE CC 46 39.87 68.67 59.44
N SER CC 47 41.06 68.56 58.85
CA SER CC 47 41.26 69.09 57.51
C SER CC 47 40.43 68.34 56.47
N HIS CC 48 40.23 67.05 56.67
CA HIS CC 48 39.45 66.21 55.76
C HIS CC 48 38.13 65.80 56.40
N ALA CC 49 37.49 66.73 57.10
CA ALA CC 49 36.26 66.44 57.82
C ALA CC 49 35.16 66.00 56.86
N GLN CC 50 34.42 64.97 57.27
CA GLN CC 50 33.32 64.43 56.48
C GLN CC 50 31.96 64.99 56.88
N THR CC 51 31.89 65.79 57.94
CA THR CC 51 30.63 66.30 58.44
C THR CC 51 30.65 67.81 58.48
N VAL CC 52 29.46 68.40 58.39
CA VAL CC 52 29.33 69.86 58.41
C VAL CC 52 29.58 70.33 59.85
N VAL CC 53 30.64 71.10 60.04
CA VAL CC 53 31.01 71.57 61.37
C VAL CC 53 30.36 72.92 61.62
N LEU CC 54 29.79 73.07 62.80
CA LEU CC 54 29.01 74.26 63.17
C LEU CC 54 29.58 74.88 64.43
N CYS CC 55 29.45 76.19 64.54
CA CYS CC 55 29.70 76.86 65.81
C CYS CC 55 28.55 76.59 66.77
N VAL CC 56 28.88 76.32 68.03
CA VAL CC 56 27.83 76.09 69.02
C VAL CC 56 27.17 77.39 69.46
N GLY CC 57 27.87 78.51 69.34
CA GLY CC 57 27.33 79.81 69.69
C GLY CC 57 26.67 80.56 68.55
N CYS CC 58 26.76 80.06 67.32
CA CYS CC 58 26.14 80.70 66.18
C CYS CC 58 25.73 79.65 65.17
N SER CC 59 24.52 79.79 64.63
CA SER CC 59 23.98 78.82 63.66
C SER CC 59 24.59 79.10 62.29
N THR CC 60 25.90 78.89 62.21
CA THR CC 60 26.65 79.10 60.98
C THR CC 60 27.55 77.90 60.71
N VAL CC 61 27.64 77.53 59.43
CA VAL CC 61 28.43 76.39 59.02
C VAL CC 61 29.87 76.84 58.79
N LEU CC 62 30.82 75.98 59.13
CA LEU CC 62 32.23 76.30 58.96
C LEU CC 62 32.84 75.63 57.74
N CYS CC 63 32.60 74.34 57.55
CA CYS CC 63 33.20 73.60 56.45
C CYS CC 63 32.15 72.73 55.78
N GLN CC 64 32.28 72.55 54.47
CA GLN CC 64 31.43 71.68 53.69
C GLN CC 64 32.24 70.48 53.23
N PRO CC 65 31.76 69.26 53.44
CA PRO CC 65 32.53 68.08 53.02
C PRO CC 65 32.61 67.98 51.51
N THR CC 66 33.80 67.61 51.02
CA THR CC 66 34.04 67.37 49.60
C THR CC 66 34.68 66.01 49.44
N GLY CC 67 35.21 65.73 48.25
CA GLY CC 67 35.83 64.43 48.02
C GLY CC 67 37.07 64.21 48.89
N GLY CC 68 37.99 65.18 48.88
CA GLY CC 68 39.19 65.01 49.66
C GLY CC 68 39.33 65.87 50.90
N LYS CC 69 38.98 67.15 50.80
CA LYS CC 69 39.20 68.12 51.87
C LYS CC 69 37.91 68.87 52.15
N ALA CC 70 37.67 69.12 53.44
CA ALA CC 70 36.56 69.98 53.82
C ALA CC 70 36.83 71.40 53.31
N ARG CC 71 35.82 72.02 52.71
CA ARG CC 71 35.99 73.36 52.16
C ARG CC 71 35.45 74.38 53.15
N LEU CC 72 36.32 75.29 53.59
CA LEU CC 72 35.93 76.27 54.59
C LEU CC 72 35.02 77.33 53.99
N THR CC 73 34.05 77.78 54.78
CA THR CC 73 33.21 78.88 54.36
C THR CC 73 34.01 80.18 54.30
N GLU CC 74 33.63 81.05 53.37
CA GLU CC 74 34.39 82.27 53.14
C GLU CC 74 34.28 83.21 54.34
N GLY CC 75 35.31 84.03 54.53
CA GLY CC 75 35.43 84.89 55.67
C GLY CC 75 36.02 84.23 56.90
N CYS CC 76 36.33 82.94 56.83
CA CYS CC 76 36.87 82.20 57.96
C CYS CC 76 38.38 82.05 57.81
N SER CC 77 39.10 82.35 58.88
CA SER CC 77 40.54 82.21 58.93
C SER CC 77 40.92 80.84 59.48
N PHE CC 78 42.14 80.41 59.17
CA PHE CC 78 42.60 79.12 59.67
C PHE CC 78 44.12 79.12 59.77
N ARG CC 79 44.62 78.39 60.76
CA ARG CC 79 46.04 78.13 60.89
C ARG CC 79 46.27 76.64 61.11
N ARG CC 80 47.53 76.28 61.34
CA ARG CC 80 47.89 74.87 61.47
C ARG CC 80 48.01 74.47 62.95
N LYS CC 81 48.15 73.17 63.17
CA LYS CC 81 48.43 72.60 64.48
C LYS CC 81 49.79 71.92 64.44
N GLN CC 82 50.76 72.49 65.16
CA GLN CC 82 52.14 72.00 65.32
C GLN CC 82 52.74 71.45 64.02
N HIS CC 83 52.45 72.12 62.91
CA HIS CC 83 52.93 71.75 61.57
C HIS CC 83 52.58 70.31 61.20
N VAL DC 1 42.70 -18.59 0.22
CA VAL DC 1 44.05 -18.08 -0.02
C VAL DC 1 44.19 -17.70 -1.50
N HIS DC 2 44.95 -16.64 -1.76
CA HIS DC 2 45.13 -16.17 -3.13
C HIS DC 2 46.11 -17.02 -3.93
N GLY DC 3 46.79 -17.97 -3.30
CA GLY DC 3 47.63 -18.90 -4.02
C GLY DC 3 49.00 -18.37 -4.40
N SER DC 4 49.75 -17.86 -3.43
CA SER DC 4 51.11 -17.39 -3.66
C SER DC 4 52.12 -18.09 -2.77
N LEU DC 5 51.74 -19.24 -2.21
CA LEU DC 5 52.58 -19.99 -1.29
C LEU DC 5 53.51 -20.96 -2.02
N ALA DC 6 53.37 -21.09 -3.34
CA ALA DC 6 54.15 -22.06 -4.10
C ALA DC 6 55.61 -21.68 -4.24
N ARG DC 7 55.98 -20.43 -3.94
CA ARG DC 7 57.35 -19.97 -4.14
C ARG DC 7 58.17 -19.98 -2.86
N ALA DC 8 57.73 -20.71 -1.84
CA ALA DC 8 58.47 -20.76 -0.59
C ALA DC 8 59.84 -21.39 -0.79
N GLY DC 9 60.87 -20.76 -0.24
CA GLY DC 9 62.23 -21.26 -0.35
C GLY DC 9 62.77 -21.26 -1.75
N LYS DC 10 62.34 -20.32 -2.60
CA LYS DC 10 62.77 -20.31 -4.00
C LYS DC 10 64.25 -20.01 -4.12
N VAL DC 11 64.71 -18.92 -3.49
CA VAL DC 11 66.11 -18.52 -3.61
C VAL DC 11 67.02 -19.50 -2.88
N ARG DC 12 66.60 -19.97 -1.70
CA ARG DC 12 67.39 -20.98 -1.01
C ARG DC 12 67.37 -22.30 -1.76
N GLY DC 13 66.41 -22.48 -2.68
CA GLY DC 13 66.45 -23.63 -3.56
C GLY DC 13 67.43 -23.44 -4.70
N GLN DC 14 67.43 -22.26 -5.31
CA GLN DC 14 68.34 -21.99 -6.43
C GLN DC 14 69.74 -21.58 -5.97
N THR DC 15 69.99 -21.53 -4.68
CA THR DC 15 71.32 -21.15 -4.19
C THR DC 15 72.32 -22.24 -4.56
N PRO DC 16 73.39 -21.91 -5.28
CA PRO DC 16 74.39 -22.93 -5.61
C PRO DC 16 75.13 -23.38 -4.35
N LYS DC 17 75.06 -24.69 -4.09
CA LYS DC 17 75.67 -25.26 -2.89
C LYS DC 17 77.18 -25.30 -3.06
N VAL DC 18 77.89 -24.64 -2.16
CA VAL DC 18 79.34 -24.66 -2.10
C VAL DC 18 79.77 -25.03 -0.69
N ALA DC 19 80.76 -25.92 -0.59
CA ALA DC 19 81.20 -26.41 0.70
C ALA DC 19 82.11 -25.41 1.39
N LYS DC 20 82.15 -25.49 2.72
CA LYS DC 20 83.04 -24.64 3.49
C LYS DC 20 84.48 -25.10 3.32
N GLN DC 21 85.37 -24.14 3.10
CA GLN DC 21 86.78 -24.44 2.94
C GLN DC 21 87.39 -24.82 4.29
N GLU DC 22 87.98 -26.01 4.37
CA GLU DC 22 88.57 -26.47 5.61
C GLU DC 22 89.76 -25.59 5.97
N LYS DC 23 89.89 -25.27 7.24
CA LYS DC 23 90.87 -24.30 7.71
C LYS DC 23 91.39 -24.70 9.09
N LYS DC 24 92.54 -24.13 9.44
CA LYS DC 24 93.13 -24.36 10.74
C LYS DC 24 92.23 -23.81 11.84
N LYS DC 25 92.22 -24.51 12.98
CA LYS DC 25 91.32 -24.14 14.07
C LYS DC 25 91.66 -22.76 14.61
N LYS DC 26 90.64 -22.09 15.13
CA LYS DC 26 90.79 -20.78 15.74
C LYS DC 26 91.12 -20.95 17.21
N LYS DC 27 92.18 -20.27 17.66
CA LYS DC 27 92.50 -20.27 19.07
C LYS DC 27 91.39 -19.60 19.86
N THR DC 28 91.13 -20.13 21.06
CA THR DC 28 89.99 -19.71 21.85
C THR DC 28 90.43 -19.34 23.26
N GLY DC 29 89.69 -18.42 23.87
CA GLY DC 29 89.95 -18.06 25.25
C GLY DC 29 91.05 -17.04 25.36
N ARG DC 30 92.00 -17.31 26.26
CA ARG DC 30 93.09 -16.37 26.51
C ARG DC 30 93.98 -16.20 25.28
N ALA DC 31 94.18 -17.28 24.53
CA ALA DC 31 95.00 -17.19 23.32
C ALA DC 31 94.35 -16.29 22.27
N LYS DC 32 93.03 -16.38 22.12
CA LYS DC 32 92.34 -15.52 21.16
C LYS DC 32 92.47 -14.05 21.55
N ARG DC 33 92.29 -13.75 22.83
CA ARG DC 33 92.44 -12.38 23.29
C ARG DC 33 93.86 -11.89 23.11
N ARG DC 34 94.85 -12.75 23.37
CA ARG DC 34 96.24 -12.39 23.15
C ARG DC 34 96.51 -12.07 21.68
N MET DC 35 96.00 -12.92 20.78
CA MET DC 35 96.24 -12.72 19.35
C MET DC 35 95.57 -11.44 18.85
N GLN DC 36 94.33 -11.20 19.27
CA GLN DC 36 93.65 -10.02 18.74
C GLN DC 36 94.06 -8.74 19.46
N TYR DC 37 94.72 -8.84 20.61
CA TYR DC 37 95.39 -7.68 21.17
C TYR DC 37 96.69 -7.40 20.42
N ASN DC 38 97.41 -8.46 20.06
CA ASN DC 38 98.67 -8.31 19.35
C ASN DC 38 98.43 -7.69 17.97
N ARG DC 39 97.35 -8.09 17.30
CA ARG DC 39 97.09 -7.56 15.96
C ARG DC 39 96.87 -6.06 15.97
N ARG DC 40 96.11 -5.56 16.93
CA ARG DC 40 95.60 -4.20 16.88
C ARG DC 40 96.23 -3.27 17.91
N PHE DC 41 97.23 -3.74 18.68
CA PHE DC 41 97.89 -2.83 19.60
C PHE DC 41 99.40 -2.77 19.44
N VAL DC 42 100.01 -3.85 18.99
CA VAL DC 42 101.46 -3.88 18.79
C VAL DC 42 101.73 -4.18 17.32
N ASN DC 43 101.87 -3.10 16.55
CA ASN DC 43 102.21 -3.11 15.14
C ASN DC 43 102.45 -1.67 14.70
N VAL DC 44 103.42 -1.48 13.81
CA VAL DC 44 103.71 -0.19 13.22
C VAL DC 44 103.72 -0.36 11.70
N VAL DC 45 102.86 0.40 11.03
CA VAL DC 45 102.72 0.33 9.58
C VAL DC 45 103.15 1.67 8.99
N PRO DC 46 104.02 1.69 7.99
CA PRO DC 46 104.37 2.94 7.31
C PRO DC 46 103.43 3.35 6.19
N THR DC 47 102.23 2.79 6.13
CA THR DC 47 101.33 2.95 5.00
C THR DC 47 100.21 3.92 5.35
N PHE DC 48 99.85 4.76 4.38
CA PHE DC 48 98.72 5.67 4.51
C PHE DC 48 97.41 4.89 4.41
N GLY DC 49 96.29 5.59 4.56
CA GLY DC 49 94.99 4.96 4.49
C GLY DC 49 93.99 5.54 5.47
N LYS DC 50 94.45 6.49 6.28
CA LYS DC 50 93.63 7.16 7.29
C LYS DC 50 92.98 6.17 8.26
N LYS DC 51 93.77 5.19 8.69
CA LYS DC 51 93.37 4.22 9.72
C LYS DC 51 92.12 3.44 9.31
N LYS DC 52 92.27 2.66 8.25
CA LYS DC 52 91.17 1.87 7.72
C LYS DC 52 90.83 0.73 8.68
N GLY DC 53 89.58 0.27 8.62
CA GLY DC 53 89.08 -0.74 9.52
C GLY DC 53 89.76 -2.09 9.36
N PRO DC 54 89.47 -3.02 10.27
CA PRO DC 54 90.17 -4.31 10.25
C PRO DC 54 89.74 -5.22 9.10
N ASN DC 55 88.66 -4.89 8.39
CA ASN DC 55 88.19 -5.74 7.30
C ASN DC 55 88.30 -5.00 5.98
N ALA DC 56 89.45 -4.35 5.75
CA ALA DC 56 89.64 -3.56 4.55
C ALA DC 56 89.53 -4.41 3.29
N ASN DC 57 88.53 -4.12 2.48
CA ASN DC 57 88.29 -4.87 1.24
C ASN DC 57 88.89 -4.10 0.06
N SER DC 58 90.22 -4.07 0.04
CA SER DC 58 90.96 -3.41 -1.04
C SER DC 58 91.68 -4.45 -1.89
N ILE FC 1 -61.41 -28.26 96.17
CA ILE FC 1 -60.21 -28.93 96.67
C ILE FC 1 -59.73 -29.96 95.65
N MET FC 2 -58.51 -30.45 95.83
CA MET FC 2 -57.89 -31.37 94.88
C MET FC 2 -57.85 -32.76 95.48
N ASN FC 3 -58.30 -33.75 94.70
CA ASN FC 3 -58.08 -35.15 95.02
C ASN FC 3 -57.36 -35.80 93.84
N GLN FC 4 -57.10 -37.11 93.97
CA GLN FC 4 -56.27 -37.81 92.99
C GLN FC 4 -56.92 -37.82 91.61
N GLU FC 5 -58.24 -37.99 91.56
CA GLU FC 5 -58.94 -37.99 90.28
C GLU FC 5 -58.85 -36.62 89.62
N LYS FC 6 -59.01 -35.55 90.40
CA LYS FC 6 -58.96 -34.20 89.86
C LYS FC 6 -57.56 -33.83 89.40
N LEU FC 7 -56.54 -34.26 90.15
CA LEU FC 7 -55.16 -33.93 89.79
C LEU FC 7 -54.73 -34.60 88.49
N ALA FC 8 -55.06 -35.89 88.32
CA ALA FC 8 -54.58 -36.63 87.17
C ALA FC 8 -55.15 -36.08 85.86
N LYS FC 9 -56.34 -35.52 85.90
CA LYS FC 9 -56.92 -34.91 84.70
C LYS FC 9 -56.52 -33.45 84.57
N LEU FC 10 -56.21 -32.78 85.69
CA LEU FC 10 -55.74 -31.40 85.63
C LEU FC 10 -54.44 -31.28 84.86
N GLN FC 11 -53.55 -32.27 85.00
CA GLN FC 11 -52.30 -32.26 84.27
C GLN FC 11 -52.53 -32.14 82.76
N ALA FC 12 -53.63 -32.70 82.27
CA ALA FC 12 -53.90 -32.64 80.84
C ALA FC 12 -54.24 -31.22 80.40
N GLN FC 13 -55.19 -30.57 81.09
CA GLN FC 13 -55.70 -29.30 80.57
C GLN FC 13 -54.67 -28.18 80.67
N VAL FC 14 -53.79 -28.23 81.67
CA VAL FC 14 -52.80 -27.17 81.80
C VAL FC 14 -51.72 -27.27 80.73
N ARG FC 15 -51.52 -28.44 80.15
CA ARG FC 15 -50.54 -28.64 79.08
C ARG FC 15 -51.23 -28.38 77.75
N ILE FC 16 -50.85 -27.28 77.09
CA ILE FC 16 -51.39 -26.94 75.77
C ILE FC 16 -50.31 -27.01 74.71
N GLY FC 17 -49.21 -27.72 75.00
CA GLY FC 17 -48.14 -27.83 74.04
C GLY FC 17 -47.05 -28.74 74.58
N GLY FC 18 -46.03 -28.94 73.76
CA GLY FC 18 -44.91 -29.76 74.12
C GLY FC 18 -43.96 -29.04 75.06
N LYS FC 19 -42.80 -29.66 75.27
CA LYS FC 19 -41.80 -29.10 76.17
C LYS FC 19 -41.32 -27.75 75.66
N GLY FC 20 -41.27 -26.77 76.55
CA GLY FC 20 -40.83 -25.45 76.20
C GLY FC 20 -41.92 -24.46 75.87
N THR FC 21 -43.18 -24.79 76.14
CA THR FC 21 -44.29 -23.88 75.92
C THR FC 21 -44.94 -23.53 77.25
N ALA FC 22 -45.51 -22.32 77.31
CA ALA FC 22 -46.11 -21.84 78.54
C ALA FC 22 -47.34 -22.67 78.91
N ARG FC 23 -47.55 -22.83 80.21
CA ARG FC 23 -48.69 -23.60 80.69
C ARG FC 23 -49.95 -22.75 80.68
N ARG FC 24 -51.09 -23.42 80.54
CA ARG FC 24 -52.37 -22.75 80.64
C ARG FC 24 -52.62 -22.27 82.06
N LYS FC 25 -53.11 -21.04 82.18
CA LYS FC 25 -53.32 -20.47 83.50
C LYS FC 25 -54.70 -20.78 84.05
N LYS FC 26 -55.75 -20.60 83.23
CA LYS FC 26 -57.10 -20.78 83.71
C LYS FC 26 -58.03 -21.08 82.53
N LYS FC 27 -59.18 -21.66 82.85
CA LYS FC 27 -60.28 -21.80 81.90
C LYS FC 27 -61.56 -21.61 82.70
N VAL FC 28 -62.07 -20.39 82.74
CA VAL FC 28 -63.18 -20.01 83.59
C VAL FC 28 -64.39 -19.71 82.71
N VAL FC 29 -65.52 -20.29 83.05
CA VAL FC 29 -66.79 -20.00 82.40
C VAL FC 29 -67.60 -19.09 83.31
N HIS FC 30 -68.20 -18.05 82.73
CA HIS FC 30 -69.04 -17.12 83.46
C HIS FC 30 -70.11 -16.60 82.52
N ARG FC 31 -71.36 -16.68 82.94
CA ARG FC 31 -72.46 -16.18 82.12
C ARG FC 31 -73.04 -14.91 82.74
#